data_9LR9
#
_entry.id   9LR9
#
loop_
_entity.id
_entity.type
_entity.pdbx_description
1 polymer 'Hexon protein'
2 polymer PVI
3 polymer 'Pre-histone-like nucleoprotein'
4 polymer PX
5 polymer 'Pre-hexon-linking protein IIIa'
6 polymer PV
7 polymer 'Pre-hexon-linking protein VIII'
8 polymer PIX
9 polymer 'Penton protein'
#
loop_
_entity_poly.entity_id
_entity_poly.type
_entity_poly.pdbx_seq_one_letter_code
_entity_poly.pdbx_strand_id
1 'polypeptide(L)'
;MATPSMLPQWSYMHIAGQDASEYLSPGLVQFAQATESYFNIGNKFRNPTVAPTHDVTTERSQRLQLRFVPVDREDTQYSY
KTRFQLAVGDNRVLDMASTYFDIRGTLDRGASFKPYSGTAYNSFAPKSAPNNTQFRQANNGHPAQTIAQASYVATIGGAN
NDLQMGVDERQLPVYANTTYQPEPQLGIEGWTAGSMAVIDQAGGRVLRNPTQTPCYGSYAKPTNEHGGITKANTQVEKKY
YRTGDNGNPETVFYTEEADVLTPDTHLVHAVPAADRAKVEGLSQHAAPNRPNFIGFRDCFVGLMYYNSGGNLGVLAGQSS
QLNAVVDLQDRNTELSYQMLLANTTDRSRYFSMWNQAMDSYDPEVRVIDNVGVEDEMPNYCFPLSGVQIGNRSHEVQRNQ
QQWQNVANSDNNYIGKGNLPAMEINLAANLWRSFLYSNVALYLPDNLKFTPHNIQLPPNTNTYEYMNGRIPVSGLIDTYV
NIGTRWSPDVMDNVNPFNHHRNSGLRYRSQLLGNGRFCDFHIQVPQKFFAIRNLLLLPGTYTYEWSFRKDVNMILQSTLG
NDLRVDGATVNITSVNLYASFFPMSHNTASTLEAMLRNDTNDQSFNDYLSAANMLYPIPPNATQLPIPSRNWAAFRGWSL
TRLKQRETPALGSPFDPYFTYSGTIPYLDGTFYLSHTFRKVAIQFDSSVTWPGNDRLLTPNEFEIKISVDGEGYNVAQSN
MTKDWFLVQMLANYNIGYQGYHLPPDYKDRTFSFLHNFIPMCRQVPNPATEGYFGLGIVNHRTTPAYWFRFCRAPREGHP
YPQLALPPHWDPRHALRDPERKFLCDRTLWRIPFSSNFMSMGSLTDLGQNLLYANAAHALDMTFEMDPINEPTLLYVLFE
VFDVARVHQPHRGVIEVVYLRTPFSAGNATT
;
A,D,F,G,H,I,J,X,Y,g,h,i
2 'polypeptide(L)'
;MDEYNYAALAPRQGSRPMLSQWSGIGTHEMHGGRFNLGSLWSGIRNVGSALRTGALGPGTAMRASVARPAEKDGLARKDI
EGVSAGIHGAVDLGRQQLEKAIEQRLERRPTAAGVEDLPLPPGTVLEADRLPPSYAEAVAERPPPADVLLPASSKPPVAV
VTLPPKKRVSEEPVEEVVIRSSAPPSYDEVMAPQPTLVAEQGAMKAVPVIKPAQPFTPAVHETQRIVTNLPITTAVTRRR
GWQGTLNDIVGLGVRTVKRRRCY
;
B,L,S,T,Z,a,b,c,d
3 'polypeptide(L)'
;MAILISPSNNTGWGLGCNKMYGGARIRSDLHPVKVRSHYRAAWGSRTGRVGRRATAALADAVAATGDPVADTIEAVVADA
RQYRRRRRRGVRRVRRLRRSPRTALQRRVRSVRRQVARARRVGRRAAAIAADAAMAMAAPARRRRNIYWVRDAATGARVP
VTTRPTVSNTV
;
C,U,e,f
4 'polypeptide(L)' MSPRGNLTYRLRIPVALSGRRRRRTGLRGGSAYLLGRRRRRAGGGRLRGGFLPLLAPIIAAAIGAIPGIASVAIQAAHNK E
5 'polypeptide(L)'
;MSDADPRIFQLVSRQETVAMAEAPRSLGPAPSNPSLQALFQSQPSAEQEWHGVLERVMALNKNGDFGSQPQANRFGAILE
AVVPPRSDPTHEKVLAIVNALLETQAIRRDEAGQMYTALLQRVARYNSVNVQGNLDRLIQDVKEALAQRERTGPGAGLGS
VVALNAFLSTQPAVVERGQENYVAFVSALKLMVTEAPQSEVYQAGPSFFFQTSRHGSQTVNLSQAFDNLRPLWGVRAPVH
ERTTISSLLTPNTRLLLLLIAPFTDSVGISRDSYLGHLLTLYRETIGNTRVDETTYNEITEVSRALGAEDASNLQATLNY
LLTNKQSKLPQEFSLSPEEERVLRYVQQSVSLFLMQDGHTATTALDQAAANIAPSFYASHRDFINRLMDYFQRAAAMAPD
YFLQAVMNPHWLPPPGFFTQEFDFPEPNEGFLWDDLDSALLRAHVKEEEDQGAVGGTPAASAPASRAHTPPPPPGAADLF
APNAFRNVQNNGVDELIDGLSRWKTYAQERQEVVERHRRREARRRAREARLESSDDDDSDLGPFLRGTGHLVHNQFMHLK
PRGPRQFW
;
K
6 'polypeptide(L)'
;MASSRLIKEEMLDIVAPEIYKRKRPRRERAAPYAVKQEEKPLVKAERKIKRGSRKRALSGVDVPLPDDGFEDDEPHIEFV
SAPRRPYQWKGRRVRRVLRPGVAVSFTPGARSLRPSSKRVYDEVYADDDFLEAAAAREGEFAYGKRGREAAQAQLLPAVA
VPEPTYVVLDESNPTPSYKPVTEQKVILSRKRGVGKVEPTIQVLASKKRRMAENEDDRGAGSVAEVQMREVKPVTAALGI
QTVDVSVPDHSTPMEVVQSLSRAAQVAQRLTQQQVRPSAKIKVEAMDLSAPVDAKPLDLKPVDVKPTPTFVLPSFRSLST
QTDSLPAAVVVPRKPRVHRATRRTARGLLPYYRLHPSITPTPGYRGSVYTSSGVRLPAVRAPPSPPYPQGDSPPQRCRGR
GAAARRALSP
;
M
7 'polypeptide(L)'
;MSKEIPTPYVWTFQPQMGAAAGASQDYSTRMNWFSAGPDMIHDVNNIRDAQNRILMTQSAITATPRNLIDPRQWAAHLIK
QPVVGTTHVEMPRNEVLEQHLTSHGAQIAGGGAAGDYFKSPTSARTLIPLTASCLRPDGVFQLGGGSRSSFNPLQTDFAF
HALPSRPRHGGIGSRQFVEEFVPAVYLNPYSGPPDSYPDQFIRHYNVYSNSVSGYS
;
N,R
8 'polypeptide(L)'
;MAEEGRIYVPYVTARLPKWSGSVQDKTGSNMLGGVVLPPNSQAHRTETVGTEATRDNLHAEGARRPEDQTPYMILVEDSL
GGLKRRMDLLEESNQQLLATLNRLRTGLAAYVQANLVGGQVNPFV
;
O,P,Q,V
9 'polypeptide(L)'
;MLQPELQPIPLSRRRLMRRWWLGPSRRFLFDEIHVPPRYAAASAGRNSIRYSMLPPLYDTTKIYLIDNKSSDIQTLNYQN
DHSDYLTTIVQNSDFTPLEASNHSIELDERSRWGGNLKTILYTNLPNITQHMFSNSFRVKMMASKKDGVPQYEWFPLRLP
EGNFSETMVIDLMNNAIVELYLALGRQEGVKEEDIGVKIDTRNFSLGYDPQTQLVTPGVYTNEAMHADIVLLPGCAIDFT
HSRLNNLLGIRKRFPYQEGFVISYEDLKGGNIPALMDVEEFNKSKTVRALREDPKGRSYHVGEDPEARENETAYRSWYLA
YNYGDPEKGVRATTLLTTGDVTCGVEQIYWSLPDMALDPVTFKASLKTSNYPVVGTELLPLVPRSFYNAQAVYSQWIQEK
TNQTHVFNRFPENQILVRPPAPTITSISENKPSLTDHGIVPLRNRLGGVQRVTLTDARRRSCPYVYKSLGIVTPQVLSSR
TF
;
j
#
# COMPACT_ATOMS: atom_id res chain seq x y z
N PRO A 4 -103.46 -20.47 35.84
CA PRO A 4 -103.21 -19.52 34.75
C PRO A 4 -102.28 -18.38 35.17
N SER A 5 -101.79 -17.62 34.19
CA SER A 5 -100.90 -16.50 34.48
C SER A 5 -101.15 -15.41 33.46
N MET A 6 -100.88 -14.17 33.86
CA MET A 6 -101.05 -13.01 32.99
C MET A 6 -99.73 -12.51 32.41
N LEU A 7 -98.64 -13.25 32.61
CA LEU A 7 -97.37 -12.88 32.01
C LEU A 7 -97.46 -13.02 30.49
N PRO A 8 -96.60 -12.32 29.75
CA PRO A 8 -96.69 -12.36 28.28
C PRO A 8 -96.65 -13.76 27.70
N GLN A 9 -95.83 -14.65 28.28
CA GLN A 9 -95.56 -16.05 27.94
C GLN A 9 -94.06 -16.20 27.67
N TRP A 10 -93.49 -15.25 26.95
CA TRP A 10 -92.05 -15.24 26.69
C TRP A 10 -91.25 -15.01 27.97
N SER A 11 -91.88 -14.46 29.00
CA SER A 11 -91.23 -14.26 30.29
C SER A 11 -91.68 -15.23 31.35
N TYR A 12 -92.93 -15.71 31.29
CA TYR A 12 -93.37 -16.76 32.22
C TYR A 12 -92.53 -18.01 32.03
N MET A 13 -92.43 -18.49 30.80
CA MET A 13 -91.42 -19.47 30.43
C MET A 13 -90.18 -18.71 29.99
N HIS A 14 -89.07 -18.93 30.69
CA HIS A 14 -87.94 -18.03 30.58
C HIS A 14 -87.23 -18.16 29.25
N ILE A 15 -87.87 -17.65 28.19
CA ILE A 15 -87.27 -17.62 26.86
C ILE A 15 -86.46 -16.34 26.66
N ALA A 16 -87.03 -15.19 27.03
CA ALA A 16 -86.35 -13.91 26.89
C ALA A 16 -86.62 -13.01 28.10
N GLY A 17 -86.79 -13.60 29.28
CA GLY A 17 -87.17 -12.82 30.45
C GLY A 17 -85.99 -12.25 31.21
N GLN A 18 -85.92 -12.54 32.50
CA GLN A 18 -84.90 -12.01 33.39
C GLN A 18 -83.92 -13.11 33.79
N ASP A 19 -82.76 -12.67 34.27
CA ASP A 19 -81.72 -13.61 34.69
C ASP A 19 -82.16 -14.38 35.92
N ALA A 20 -81.55 -15.55 36.12
CA ALA A 20 -81.93 -16.41 37.24
C ALA A 20 -81.65 -15.73 38.57
N SER A 21 -80.51 -15.05 38.69
CA SER A 21 -80.17 -14.35 39.92
C SER A 21 -81.03 -13.11 40.15
N GLU A 22 -81.85 -12.72 39.17
CA GLU A 22 -82.60 -11.47 39.25
C GLU A 22 -84.11 -11.71 39.32
N TYR A 23 -84.59 -12.87 38.89
CA TYR A 23 -86.01 -13.17 39.01
C TYR A 23 -86.34 -14.10 40.17
N LEU A 24 -85.35 -14.71 40.81
CA LEU A 24 -85.59 -15.51 41.99
C LEU A 24 -85.64 -14.62 43.24
N SER A 25 -86.18 -15.17 44.31
CA SER A 25 -86.23 -14.44 45.56
C SER A 25 -84.81 -14.25 46.09
N PRO A 26 -84.52 -13.13 46.76
CA PRO A 26 -83.17 -12.93 47.30
C PRO A 26 -82.78 -13.99 48.31
N GLY A 27 -83.74 -14.49 49.11
CA GLY A 27 -83.43 -15.57 50.03
C GLY A 27 -82.99 -16.83 49.32
N LEU A 28 -83.69 -17.19 48.24
CA LEU A 28 -83.31 -18.38 47.48
C LEU A 28 -81.97 -18.18 46.79
N VAL A 29 -81.72 -16.98 46.27
CA VAL A 29 -80.42 -16.70 45.66
C VAL A 29 -79.31 -16.84 46.68
N GLN A 30 -79.52 -16.30 47.89
CA GLN A 30 -78.51 -16.42 48.94
C GLN A 30 -78.29 -17.87 49.34
N PHE A 31 -79.37 -18.64 49.48
CA PHE A 31 -79.23 -20.04 49.85
C PHE A 31 -78.47 -20.83 48.78
N ALA A 32 -78.80 -20.60 47.52
CA ALA A 32 -78.10 -21.29 46.43
C ALA A 32 -76.63 -20.90 46.41
N GLN A 33 -76.32 -19.62 46.60
CA GLN A 33 -74.94 -19.18 46.65
C GLN A 33 -74.20 -19.82 47.81
N ALA A 34 -74.88 -20.00 48.95
CA ALA A 34 -74.24 -20.60 50.12
C ALA A 34 -73.98 -22.08 49.90
N THR A 35 -74.91 -22.79 49.27
CA THR A 35 -74.79 -24.24 49.08
C THR A 35 -74.34 -24.61 47.67
N GLU A 36 -73.53 -23.76 47.04
CA GLU A 36 -73.01 -24.09 45.71
C GLU A 36 -72.00 -25.22 45.78
N SER A 37 -71.33 -25.40 46.92
CA SER A 37 -70.22 -26.33 47.00
C SER A 37 -70.69 -27.79 47.07
N TYR A 38 -71.79 -28.06 47.77
CA TYR A 38 -72.19 -29.42 48.04
C TYR A 38 -73.61 -29.78 47.62
N PHE A 39 -74.52 -28.81 47.52
CA PHE A 39 -75.91 -29.07 47.15
C PHE A 39 -76.37 -28.09 46.07
N ASN A 40 -75.59 -28.00 44.99
CA ASN A 40 -75.82 -27.02 43.95
C ASN A 40 -77.26 -27.11 43.42
N ILE A 41 -77.91 -25.96 43.34
CA ILE A 41 -79.29 -25.87 42.86
C ILE A 41 -79.40 -25.04 41.59
N GLY A 42 -78.36 -24.28 41.22
CA GLY A 42 -78.45 -23.32 40.14
C GLY A 42 -78.77 -23.92 38.79
N ASN A 43 -78.62 -25.22 38.61
CA ASN A 43 -78.95 -25.86 37.35
C ASN A 43 -80.44 -26.12 37.19
N LYS A 44 -81.24 -25.87 38.22
CA LYS A 44 -82.67 -26.09 38.16
C LYS A 44 -83.47 -24.82 37.84
N PHE A 45 -82.80 -23.71 37.58
CA PHE A 45 -83.45 -22.44 37.26
C PHE A 45 -82.89 -21.92 35.96
N ARG A 46 -83.73 -21.88 34.93
CA ARG A 46 -83.29 -21.45 33.61
C ARG A 46 -83.12 -19.95 33.55
N ASN A 47 -82.06 -19.50 32.90
CA ASN A 47 -81.81 -18.09 32.65
C ASN A 47 -81.64 -17.86 31.16
N PRO A 48 -82.43 -16.99 30.54
CA PRO A 48 -82.36 -16.81 29.09
C PRO A 48 -81.09 -16.10 28.65
N THR A 49 -80.74 -16.31 27.39
CA THR A 49 -79.62 -15.63 26.73
C THR A 49 -80.15 -15.08 25.41
N VAL A 50 -80.41 -13.78 25.38
CA VAL A 50 -81.02 -13.13 24.24
C VAL A 50 -79.93 -12.44 23.42
N ALA A 51 -79.95 -12.65 22.11
CA ALA A 51 -78.96 -12.08 21.21
C ALA A 51 -79.26 -10.60 20.96
N PRO A 52 -78.24 -9.82 20.58
CA PRO A 52 -78.49 -8.42 20.21
C PRO A 52 -79.34 -8.35 18.95
N THR A 53 -80.51 -7.73 19.08
CA THR A 53 -81.49 -7.72 18.00
C THR A 53 -81.30 -6.59 17.00
N HIS A 54 -80.41 -5.64 17.27
CA HIS A 54 -80.23 -4.51 16.38
C HIS A 54 -78.81 -4.00 16.49
N ASP A 55 -78.41 -3.21 15.49
CA ASP A 55 -77.10 -2.57 15.44
C ASP A 55 -75.96 -3.59 15.46
N VAL A 56 -76.23 -4.82 15.01
CA VAL A 56 -75.19 -5.84 14.96
C VAL A 56 -75.12 -6.55 13.61
N THR A 57 -76.14 -6.48 12.76
CA THR A 57 -76.12 -7.16 11.48
C THR A 57 -76.61 -6.21 10.39
N THR A 58 -76.15 -6.46 9.15
CA THR A 58 -76.33 -5.50 8.07
C THR A 58 -77.80 -5.30 7.74
N GLU A 59 -78.53 -6.39 7.48
CA GLU A 59 -79.88 -6.35 6.95
C GLU A 59 -79.96 -5.59 5.63
N ARG A 60 -78.86 -5.52 4.89
CA ARG A 60 -78.78 -4.71 3.68
C ARG A 60 -78.08 -5.46 2.56
N SER A 61 -78.26 -6.77 2.50
CA SER A 61 -77.85 -7.59 1.34
C SER A 61 -76.36 -7.46 1.05
N GLN A 62 -75.56 -7.95 1.99
CA GLN A 62 -74.11 -7.95 1.88
C GLN A 62 -73.62 -9.39 1.86
N ARG A 63 -72.78 -9.71 0.87
CA ARG A 63 -72.29 -11.07 0.69
C ARG A 63 -71.28 -11.44 1.77
N LEU A 64 -71.28 -12.73 2.14
CA LEU A 64 -70.38 -13.20 3.18
C LEU A 64 -68.99 -13.53 2.64
N GLN A 65 -68.91 -14.07 1.42
CA GLN A 65 -67.65 -14.47 0.83
C GLN A 65 -67.50 -13.84 -0.55
N LEU A 66 -66.35 -13.25 -0.80
CA LEU A 66 -66.02 -12.65 -2.09
C LEU A 66 -64.80 -13.34 -2.67
N ARG A 67 -64.80 -13.55 -3.99
CA ARG A 67 -63.64 -14.06 -4.70
C ARG A 67 -63.16 -12.99 -5.67
N PHE A 68 -61.87 -12.72 -5.64
CA PHE A 68 -61.26 -11.69 -6.47
C PHE A 68 -60.33 -12.35 -7.48
N VAL A 69 -60.76 -12.40 -8.74
CA VAL A 69 -59.90 -12.93 -9.80
C VAL A 69 -58.76 -11.95 -10.04
N PRO A 70 -57.56 -12.42 -10.38
CA PRO A 70 -56.43 -11.51 -10.57
C PRO A 70 -56.67 -10.55 -11.74
N VAL A 71 -56.28 -9.30 -11.55
CA VAL A 71 -56.42 -8.30 -12.62
C VAL A 71 -55.41 -8.59 -13.73
N ASP A 72 -54.20 -8.97 -13.37
CA ASP A 72 -53.19 -9.35 -14.34
C ASP A 72 -52.27 -10.39 -13.72
N ARG A 73 -51.58 -11.13 -14.58
CA ARG A 73 -50.75 -12.23 -14.13
C ARG A 73 -49.48 -12.28 -14.99
N GLU A 74 -48.35 -12.57 -14.34
CA GLU A 74 -47.09 -12.77 -15.03
C GLU A 74 -46.26 -13.76 -14.23
N ASP A 75 -45.51 -14.60 -14.96
CA ASP A 75 -44.76 -15.66 -14.31
C ASP A 75 -43.60 -16.08 -15.20
N THR A 76 -42.49 -16.41 -14.57
CA THR A 76 -41.34 -16.99 -15.23
C THR A 76 -41.34 -18.50 -14.99
N GLN A 77 -40.27 -19.17 -15.41
CA GLN A 77 -40.13 -20.59 -15.13
C GLN A 77 -39.64 -20.85 -13.71
N TYR A 78 -39.52 -19.81 -12.88
CA TYR A 78 -39.10 -19.93 -11.50
C TYR A 78 -40.14 -19.50 -10.50
N SER A 79 -40.89 -18.42 -10.79
CA SER A 79 -41.87 -17.87 -9.88
C SER A 79 -43.20 -17.73 -10.59
N TYR A 80 -44.22 -17.29 -9.84
CA TYR A 80 -45.58 -17.16 -10.34
C TYR A 80 -46.24 -16.04 -9.54
N LYS A 81 -46.43 -14.89 -10.18
CA LYS A 81 -46.89 -13.68 -9.51
C LYS A 81 -48.28 -13.30 -10.01
N THR A 82 -49.19 -13.06 -9.08
CA THR A 82 -50.55 -12.63 -9.39
C THR A 82 -50.89 -11.37 -8.61
N ARG A 83 -51.60 -10.46 -9.25
CA ARG A 83 -52.04 -9.21 -8.64
C ARG A 83 -53.56 -9.20 -8.56
N PHE A 84 -54.07 -8.93 -7.36
CA PHE A 84 -55.50 -8.80 -7.12
C PHE A 84 -55.82 -7.39 -6.65
N GLN A 85 -57.07 -6.98 -6.86
CA GLN A 85 -57.55 -5.68 -6.42
C GLN A 85 -58.77 -5.94 -5.54
N LEU A 86 -58.52 -6.18 -4.25
CA LEU A 86 -59.60 -6.44 -3.32
C LEU A 86 -60.23 -5.12 -2.86
N ALA A 87 -61.56 -5.11 -2.79
CA ALA A 87 -62.32 -3.96 -2.35
C ALA A 87 -63.01 -4.30 -1.04
N VAL A 88 -62.86 -3.44 -0.04
CA VAL A 88 -63.43 -3.67 1.27
C VAL A 88 -64.76 -2.93 1.32
N GLY A 89 -65.22 -2.49 0.15
CA GLY A 89 -66.52 -1.86 0.07
C GLY A 89 -66.52 -0.48 0.71
N ASP A 90 -67.71 -0.07 1.15
CA ASP A 90 -67.91 1.25 1.73
C ASP A 90 -68.14 1.20 3.24
N ASN A 91 -69.10 0.39 3.69
CA ASN A 91 -69.40 0.27 5.11
C ASN A 91 -68.92 -1.02 5.73
N ARG A 92 -68.84 -2.11 4.96
CA ARG A 92 -68.35 -3.37 5.49
C ARG A 92 -66.87 -3.29 5.80
N VAL A 93 -66.42 -4.14 6.71
CA VAL A 93 -65.03 -4.14 7.18
C VAL A 93 -64.47 -5.55 7.07
N LEU A 94 -63.24 -5.65 6.59
CA LEU A 94 -62.57 -6.94 6.36
C LEU A 94 -61.30 -7.01 7.18
N ASP A 95 -61.11 -8.12 7.88
CA ASP A 95 -59.84 -8.43 8.54
C ASP A 95 -59.12 -9.51 7.76
N MET A 96 -57.86 -9.26 7.44
CA MET A 96 -57.14 -10.17 6.55
C MET A 96 -56.58 -11.36 7.34
N ALA A 97 -57.44 -12.00 8.12
CA ALA A 97 -57.16 -13.32 8.67
C ALA A 97 -57.94 -14.41 7.96
N SER A 98 -59.09 -14.07 7.39
CA SER A 98 -59.89 -14.97 6.58
C SER A 98 -59.49 -14.94 5.11
N THR A 99 -58.57 -14.06 4.72
CA THR A 99 -58.11 -14.00 3.34
C THR A 99 -57.13 -15.14 3.07
N TYR A 100 -57.35 -15.84 1.96
CA TYR A 100 -56.47 -16.93 1.57
C TYR A 100 -56.52 -17.09 0.06
N PHE A 101 -55.38 -17.45 -0.52
CA PHE A 101 -55.28 -17.70 -1.95
C PHE A 101 -55.73 -19.12 -2.24
N ASP A 102 -56.57 -19.29 -3.24
CA ASP A 102 -57.06 -20.60 -3.67
C ASP A 102 -56.37 -20.95 -4.98
N ILE A 103 -55.50 -21.97 -4.93
CA ILE A 103 -54.66 -22.35 -6.05
C ILE A 103 -55.17 -23.67 -6.59
N ARG A 104 -55.48 -23.71 -7.89
CA ARG A 104 -55.91 -24.91 -8.58
C ARG A 104 -54.91 -25.25 -9.68
N GLY A 105 -54.58 -26.53 -9.80
CA GLY A 105 -53.65 -26.93 -10.83
C GLY A 105 -53.50 -28.43 -10.86
N THR A 106 -52.63 -28.91 -11.74
CA THR A 106 -52.35 -30.32 -11.93
C THR A 106 -50.86 -30.55 -11.71
N LEU A 107 -50.50 -31.13 -10.57
CA LEU A 107 -49.11 -31.43 -10.31
C LEU A 107 -48.78 -32.86 -10.70
N ASP A 108 -47.51 -33.07 -11.04
CA ASP A 108 -46.96 -34.41 -11.27
C ASP A 108 -45.91 -34.63 -10.20
N ARG A 109 -46.01 -35.74 -9.48
CA ARG A 109 -45.06 -36.01 -8.41
C ARG A 109 -43.81 -36.72 -8.89
N GLY A 110 -43.77 -37.14 -10.16
CA GLY A 110 -42.60 -37.75 -10.74
C GLY A 110 -42.64 -39.26 -10.61
N ALA A 111 -41.62 -39.88 -11.21
CA ALA A 111 -41.49 -41.33 -11.22
C ALA A 111 -40.93 -41.91 -9.93
N SER A 112 -40.92 -41.12 -8.86
CA SER A 112 -40.38 -41.55 -7.56
C SER A 112 -41.35 -41.18 -6.44
N PHE A 113 -42.63 -41.48 -6.64
CA PHE A 113 -43.67 -41.23 -5.65
C PHE A 113 -44.30 -42.57 -5.27
N LYS A 114 -43.69 -43.26 -4.31
CA LYS A 114 -44.26 -44.52 -3.85
C LYS A 114 -44.95 -44.30 -2.52
N PRO A 115 -46.29 -44.34 -2.47
CA PRO A 115 -46.99 -44.05 -1.23
C PRO A 115 -47.18 -45.24 -0.31
N TYR A 116 -46.45 -46.33 -0.50
CA TYR A 116 -46.71 -47.53 0.27
C TYR A 116 -45.44 -48.37 0.38
N SER A 117 -45.27 -48.96 1.55
CA SER A 117 -44.23 -49.97 1.75
C SER A 117 -44.69 -51.30 1.19
N GLY A 118 -43.73 -52.12 0.79
CA GLY A 118 -44.06 -53.37 0.15
C GLY A 118 -44.46 -53.17 -1.30
N THR A 119 -45.17 -54.16 -1.83
CA THR A 119 -45.58 -54.17 -3.23
C THR A 119 -47.06 -54.45 -3.34
N ALA A 120 -47.67 -53.96 -4.42
CA ALA A 120 -49.08 -54.15 -4.69
C ALA A 120 -49.36 -55.43 -5.46
N TYR A 121 -48.38 -55.96 -6.18
CA TYR A 121 -48.53 -57.19 -6.96
C TYR A 121 -47.66 -58.25 -6.31
N ASN A 122 -48.21 -59.45 -6.14
CA ASN A 122 -47.52 -60.57 -5.48
C ASN A 122 -46.94 -60.15 -4.13
N SER A 123 -47.80 -59.63 -3.28
CA SER A 123 -47.38 -59.35 -1.92
C SER A 123 -47.04 -60.65 -1.18
N PHE A 124 -47.81 -61.71 -1.43
CA PHE A 124 -47.60 -62.98 -0.74
C PHE A 124 -46.53 -63.85 -1.37
N ALA A 125 -46.12 -63.56 -2.61
CA ALA A 125 -45.15 -64.41 -3.28
C ALA A 125 -43.82 -64.37 -2.55
N PRO A 126 -43.17 -65.52 -2.37
CA PRO A 126 -41.80 -65.51 -1.85
C PRO A 126 -40.90 -64.68 -2.76
N LYS A 127 -40.07 -63.85 -2.13
CA LYS A 127 -39.33 -62.85 -2.89
C LYS A 127 -38.30 -63.48 -3.81
N SER A 128 -37.88 -64.71 -3.51
CA SER A 128 -36.98 -65.45 -4.39
C SER A 128 -37.70 -66.40 -5.33
N ALA A 129 -39.02 -66.52 -5.21
CA ALA A 129 -39.77 -67.47 -6.01
C ALA A 129 -39.90 -66.97 -7.44
N PRO A 130 -39.64 -67.81 -8.45
CA PRO A 130 -39.93 -67.43 -9.83
C PRO A 130 -41.28 -67.91 -10.29
N ASN A 131 -41.93 -67.08 -11.10
CA ASN A 131 -43.18 -67.48 -11.72
C ASN A 131 -42.91 -68.48 -12.85
N ASN A 132 -43.98 -69.04 -13.42
CA ASN A 132 -43.87 -70.06 -14.46
C ASN A 132 -43.16 -69.52 -15.67
N THR A 133 -41.89 -69.85 -15.84
CA THR A 133 -41.10 -69.34 -16.94
C THR A 133 -40.26 -70.46 -17.53
N GLN A 134 -39.56 -70.16 -18.61
CA GLN A 134 -38.65 -71.08 -19.27
C GLN A 134 -37.22 -70.62 -19.04
N PHE A 135 -36.37 -71.52 -18.57
CA PHE A 135 -34.95 -71.23 -18.38
C PHE A 135 -34.14 -71.97 -19.43
N ARG A 136 -33.21 -71.27 -20.04
CA ARG A 136 -32.39 -71.84 -21.10
C ARG A 136 -31.36 -72.81 -20.54
N GLN A 137 -30.98 -73.79 -21.36
CA GLN A 137 -29.97 -74.74 -20.97
C GLN A 137 -28.59 -74.09 -20.96
N ALA A 138 -27.62 -74.81 -20.40
CA ALA A 138 -26.27 -74.27 -20.29
C ALA A 138 -25.66 -74.00 -21.66
N ASN A 139 -25.84 -74.92 -22.61
CA ASN A 139 -25.23 -74.76 -23.93
C ASN A 139 -26.00 -73.77 -24.80
N ASN A 140 -27.20 -73.37 -24.40
CA ASN A 140 -28.05 -72.49 -25.19
C ASN A 140 -28.35 -73.12 -26.55
N GLY A 141 -28.40 -74.45 -26.61
CA GLY A 141 -28.73 -75.12 -27.84
C GLY A 141 -29.98 -75.98 -27.74
N HIS A 142 -30.19 -76.55 -26.55
CA HIS A 142 -31.38 -77.35 -26.29
C HIS A 142 -32.58 -76.45 -26.08
N PRO A 143 -33.79 -76.98 -26.32
CA PRO A 143 -35.00 -76.18 -26.06
C PRO A 143 -35.12 -75.83 -24.59
N ALA A 144 -35.74 -74.68 -24.32
CA ALA A 144 -35.88 -74.19 -22.96
C ALA A 144 -36.76 -75.12 -22.14
N GLN A 145 -36.45 -75.20 -20.85
CA GLN A 145 -37.16 -76.08 -19.92
C GLN A 145 -38.12 -75.25 -19.07
N THR A 146 -39.33 -75.76 -18.86
CA THR A 146 -40.36 -75.04 -18.15
C THR A 146 -40.39 -75.48 -16.69
N ILE A 147 -40.22 -74.52 -15.77
CA ILE A 147 -40.50 -74.72 -14.36
C ILE A 147 -41.85 -74.10 -14.06
N ALA A 148 -42.82 -74.92 -13.69
CA ALA A 148 -44.20 -74.45 -13.63
C ALA A 148 -45.01 -75.34 -12.72
N GLN A 149 -46.23 -74.87 -12.41
CA GLN A 149 -47.17 -75.60 -11.56
C GLN A 149 -48.50 -75.74 -12.30
N ALA A 150 -48.75 -76.92 -12.84
CA ALA A 150 -50.02 -77.17 -13.52
C ALA A 150 -51.15 -77.14 -12.49
N SER A 151 -51.94 -76.08 -12.51
CA SER A 151 -52.95 -75.85 -11.48
C SER A 151 -54.32 -76.42 -11.88
N TYR A 152 -54.88 -75.92 -12.97
CA TYR A 152 -56.23 -76.31 -13.36
C TYR A 152 -56.20 -77.68 -14.03
N VAL A 153 -57.01 -78.60 -13.54
CA VAL A 153 -57.05 -79.96 -14.07
C VAL A 153 -58.18 -80.03 -15.09
N ALA A 154 -57.99 -80.92 -16.07
CA ALA A 154 -58.96 -81.11 -17.15
C ALA A 154 -58.61 -82.38 -17.88
N THR A 155 -59.28 -82.62 -19.01
CA THR A 155 -58.98 -83.72 -19.89
C THR A 155 -58.39 -83.16 -21.18
N ILE A 156 -57.27 -83.74 -21.63
CA ILE A 156 -56.57 -83.24 -22.81
C ILE A 156 -57.19 -83.96 -24.01
N GLY A 157 -58.28 -83.39 -24.54
CA GLY A 157 -59.02 -83.98 -25.63
C GLY A 157 -59.16 -83.03 -26.79
N GLY A 158 -59.86 -83.52 -27.82
CA GLY A 158 -60.08 -82.75 -29.03
C GLY A 158 -58.98 -82.95 -30.06
N ALA A 159 -59.26 -82.46 -31.27
CA ALA A 159 -58.26 -82.53 -32.33
C ALA A 159 -57.01 -81.75 -31.96
N ASN A 160 -57.19 -80.56 -31.40
CA ASN A 160 -56.09 -79.77 -30.83
C ASN A 160 -56.07 -80.08 -29.34
N ASN A 161 -55.13 -80.94 -28.92
CA ASN A 161 -55.04 -81.37 -27.54
C ASN A 161 -54.84 -80.19 -26.60
N ASP A 162 -55.84 -79.90 -25.77
CA ASP A 162 -55.79 -78.78 -24.84
C ASP A 162 -56.72 -79.07 -23.68
N LEU A 163 -56.70 -78.18 -22.69
CA LEU A 163 -57.53 -78.35 -21.50
C LEU A 163 -59.01 -78.20 -21.84
N GLN A 164 -59.85 -78.88 -21.06
CA GLN A 164 -61.29 -78.78 -21.17
C GLN A 164 -61.83 -77.96 -20.01
N MET A 165 -62.62 -76.93 -20.33
CA MET A 165 -63.11 -76.01 -19.30
C MET A 165 -64.42 -76.49 -18.69
N GLY A 166 -65.45 -76.68 -19.50
CA GLY A 166 -66.75 -77.05 -18.98
C GLY A 166 -67.64 -77.76 -19.97
N VAL A 167 -68.93 -77.84 -19.65
CA VAL A 167 -69.91 -78.55 -20.45
C VAL A 167 -70.97 -77.56 -20.91
N ASP A 168 -71.23 -77.56 -22.22
CA ASP A 168 -72.22 -76.67 -22.80
C ASP A 168 -73.58 -77.38 -22.82
N GLU A 169 -74.56 -76.77 -23.50
CA GLU A 169 -75.89 -77.37 -23.57
C GLU A 169 -75.91 -78.66 -24.38
N ARG A 170 -74.94 -78.86 -25.28
CA ARG A 170 -74.87 -80.05 -26.10
C ARG A 170 -74.01 -81.16 -25.48
N GLN A 171 -73.51 -80.96 -24.27
CA GLN A 171 -72.67 -81.93 -23.57
C GLN A 171 -71.37 -82.24 -24.34
N LEU A 172 -70.84 -81.25 -25.06
CA LEU A 172 -69.51 -81.36 -25.64
C LEU A 172 -68.48 -80.63 -24.77
N PRO A 173 -67.22 -81.07 -24.80
CA PRO A 173 -66.18 -80.38 -24.02
C PRO A 173 -65.83 -79.02 -24.58
N VAL A 174 -66.11 -77.96 -23.83
CA VAL A 174 -65.74 -76.61 -24.22
C VAL A 174 -64.27 -76.39 -23.86
N TYR A 175 -63.41 -76.36 -24.86
CA TYR A 175 -61.97 -76.26 -24.63
C TYR A 175 -61.57 -74.82 -24.35
N ALA A 176 -60.36 -74.67 -23.79
CA ALA A 176 -59.91 -73.39 -23.28
C ALA A 176 -59.60 -72.43 -24.43
N ASN A 177 -60.10 -71.20 -24.31
CA ASN A 177 -59.67 -70.12 -25.20
C ASN A 177 -58.21 -69.79 -24.92
N THR A 178 -57.41 -69.73 -26.00
CA THR A 178 -55.97 -69.59 -25.84
C THR A 178 -55.53 -68.24 -25.30
N THR A 179 -56.43 -67.24 -25.30
CA THR A 179 -56.04 -65.92 -24.84
C THR A 179 -55.90 -65.88 -23.32
N TYR A 180 -56.97 -66.23 -22.60
CA TYR A 180 -56.97 -66.12 -21.14
C TYR A 180 -57.57 -67.30 -20.41
N GLN A 181 -58.26 -68.21 -21.09
CA GLN A 181 -59.15 -69.14 -20.40
C GLN A 181 -58.45 -70.06 -19.41
N PRO A 182 -57.30 -70.68 -19.71
CA PRO A 182 -56.59 -71.42 -18.65
C PRO A 182 -55.97 -70.45 -17.64
N GLU A 183 -56.84 -69.68 -16.99
CA GLU A 183 -56.41 -68.57 -16.16
C GLU A 183 -55.75 -69.08 -14.88
N PRO A 184 -54.71 -68.39 -14.40
CA PRO A 184 -53.97 -68.90 -13.24
C PRO A 184 -54.72 -68.79 -11.93
N GLN A 185 -55.78 -67.99 -11.86
CA GLN A 185 -56.45 -67.78 -10.57
C GLN A 185 -57.08 -69.06 -10.06
N LEU A 186 -57.70 -69.84 -10.94
CA LEU A 186 -58.43 -71.04 -10.54
C LEU A 186 -57.47 -72.19 -10.25
N GLY A 187 -58.02 -73.23 -9.63
CA GLY A 187 -57.23 -74.40 -9.27
C GLY A 187 -58.06 -75.40 -8.50
N ILE A 188 -57.38 -76.40 -7.95
CA ILE A 188 -58.05 -77.46 -7.20
C ILE A 188 -58.37 -76.96 -5.79
N GLU A 189 -59.66 -76.95 -5.47
CA GLU A 189 -60.14 -76.50 -4.16
C GLU A 189 -60.29 -77.74 -3.30
N GLY A 190 -59.39 -77.89 -2.34
CA GLY A 190 -59.35 -79.09 -1.52
C GLY A 190 -57.99 -79.79 -1.57
N TRP A 191 -57.46 -80.16 -0.40
CA TRP A 191 -56.12 -80.73 -0.34
C TRP A 191 -56.08 -82.20 -0.73
N THR A 192 -57.22 -82.88 -0.75
CA THR A 192 -57.21 -84.32 -1.03
C THR A 192 -56.70 -84.60 -2.43
N ALA A 193 -57.14 -83.83 -3.41
CA ALA A 193 -56.65 -83.99 -4.77
C ALA A 193 -55.22 -83.47 -4.87
N GLY A 194 -54.35 -84.24 -5.53
CA GLY A 194 -52.95 -83.93 -5.61
C GLY A 194 -52.10 -84.56 -4.54
N SER A 195 -52.71 -85.03 -3.45
CA SER A 195 -52.01 -85.74 -2.39
C SER A 195 -52.49 -87.18 -2.25
N MET A 196 -53.81 -87.38 -2.21
CA MET A 196 -54.40 -88.71 -2.22
C MET A 196 -54.99 -89.07 -3.58
N ALA A 197 -55.76 -88.16 -4.16
CA ALA A 197 -56.24 -88.36 -5.52
C ALA A 197 -55.09 -88.18 -6.52
N VAL A 198 -55.15 -88.99 -7.58
CA VAL A 198 -54.04 -89.04 -8.53
C VAL A 198 -53.94 -87.76 -9.35
N ILE A 199 -55.08 -87.23 -9.80
CA ILE A 199 -55.16 -86.18 -10.81
C ILE A 199 -54.54 -86.69 -12.10
N ASP A 200 -55.38 -86.99 -13.09
CA ASP A 200 -54.89 -87.55 -14.35
C ASP A 200 -54.11 -86.51 -15.14
N GLN A 201 -54.76 -85.40 -15.51
CA GLN A 201 -54.14 -84.37 -16.33
C GLN A 201 -54.44 -83.00 -15.76
N ALA A 202 -53.50 -82.08 -15.93
CA ALA A 202 -53.65 -80.70 -15.47
C ALA A 202 -53.03 -79.78 -16.50
N GLY A 203 -53.08 -78.47 -16.21
CA GLY A 203 -52.56 -77.50 -17.15
C GLY A 203 -52.27 -76.17 -16.46
N GLY A 204 -51.72 -75.26 -17.25
CA GLY A 204 -51.36 -73.96 -16.73
C GLY A 204 -50.81 -73.06 -17.81
N ARG A 205 -50.26 -71.93 -17.40
CA ARG A 205 -49.71 -70.94 -18.31
C ARG A 205 -48.27 -70.64 -17.93
N VAL A 206 -47.40 -70.51 -18.92
CA VAL A 206 -45.97 -70.30 -18.72
C VAL A 206 -45.50 -69.15 -19.60
N LEU A 207 -44.58 -68.34 -19.07
CA LEU A 207 -43.93 -67.32 -19.87
C LEU A 207 -42.81 -67.93 -20.70
N ARG A 208 -42.72 -67.52 -21.96
CA ARG A 208 -41.66 -67.96 -22.85
C ARG A 208 -40.78 -66.78 -23.24
N ASN A 209 -39.47 -67.02 -23.28
CA ASN A 209 -38.48 -66.00 -23.52
C ASN A 209 -38.68 -64.77 -22.63
N PRO A 210 -38.69 -64.95 -21.30
CA PRO A 210 -38.94 -63.81 -20.41
C PRO A 210 -37.66 -63.09 -20.01
N THR A 211 -37.79 -62.09 -19.15
CA THR A 211 -36.63 -61.44 -18.54
C THR A 211 -36.21 -62.11 -17.24
N GLN A 212 -36.87 -63.21 -16.87
CA GLN A 212 -36.54 -63.98 -15.67
C GLN A 212 -36.59 -63.12 -14.41
N THR A 213 -37.56 -62.21 -14.37
CA THR A 213 -37.77 -61.43 -13.16
C THR A 213 -38.39 -62.30 -12.07
N PRO A 214 -38.10 -62.01 -10.80
CA PRO A 214 -38.75 -62.75 -9.72
C PRO A 214 -40.24 -62.47 -9.69
N CYS A 215 -40.97 -63.40 -9.08
CA CYS A 215 -42.42 -63.31 -9.04
C CYS A 215 -42.91 -62.12 -8.21
N TYR A 216 -42.05 -61.48 -7.42
CA TYR A 216 -42.50 -60.46 -6.49
C TYR A 216 -43.13 -59.27 -7.23
N GLY A 217 -42.41 -58.70 -8.20
CA GLY A 217 -43.00 -57.60 -8.93
C GLY A 217 -44.04 -58.05 -9.94
N SER A 218 -43.58 -58.70 -11.00
CA SER A 218 -44.39 -59.48 -11.95
C SER A 218 -45.74 -58.81 -12.26
N TYR A 219 -45.67 -57.63 -12.87
CA TYR A 219 -46.86 -56.96 -13.37
C TYR A 219 -46.85 -56.94 -14.89
N ALA A 220 -48.03 -57.06 -15.49
CA ALA A 220 -48.16 -56.99 -16.94
C ALA A 220 -49.52 -56.40 -17.28
N LYS A 221 -49.52 -55.40 -18.16
CA LYS A 221 -50.76 -54.75 -18.55
C LYS A 221 -51.65 -55.72 -19.32
N PRO A 222 -52.96 -55.67 -19.13
CA PRO A 222 -53.87 -56.50 -19.93
C PRO A 222 -53.77 -56.18 -21.41
N THR A 223 -53.93 -57.22 -22.23
CA THR A 223 -53.99 -57.08 -23.68
C THR A 223 -55.42 -57.14 -24.22
N ASN A 224 -56.22 -58.07 -23.71
CA ASN A 224 -57.62 -58.20 -24.06
C ASN A 224 -58.49 -57.91 -22.84
N GLU A 225 -59.78 -57.72 -23.08
CA GLU A 225 -60.71 -57.43 -21.99
C GLU A 225 -61.16 -58.70 -21.28
N HIS A 226 -60.20 -59.57 -20.97
CA HIS A 226 -60.48 -60.80 -20.26
C HIS A 226 -59.44 -61.17 -19.22
N GLY A 227 -58.41 -60.33 -19.01
CA GLY A 227 -57.36 -60.63 -18.07
C GLY A 227 -56.09 -61.17 -18.70
N GLY A 228 -56.10 -61.48 -19.99
CA GLY A 228 -54.90 -61.97 -20.64
C GLY A 228 -53.84 -60.90 -20.76
N ILE A 229 -52.59 -61.34 -20.64
CA ILE A 229 -51.44 -60.43 -20.70
C ILE A 229 -50.49 -60.81 -21.84
N THR A 230 -50.96 -61.62 -22.78
CA THR A 230 -50.11 -62.02 -23.90
C THR A 230 -49.74 -60.80 -24.75
N LYS A 231 -48.49 -60.77 -25.20
CA LYS A 231 -47.99 -59.63 -25.94
C LYS A 231 -48.71 -59.50 -27.28
N ALA A 232 -48.92 -58.26 -27.71
CA ALA A 232 -49.58 -58.00 -28.98
C ALA A 232 -48.74 -58.56 -30.13
N ASN A 233 -49.44 -59.07 -31.15
CA ASN A 233 -48.80 -59.68 -32.32
C ASN A 233 -47.88 -60.83 -31.92
N THR A 234 -48.30 -61.59 -30.91
CA THR A 234 -47.56 -62.75 -30.44
C THR A 234 -48.52 -63.92 -30.27
N GLN A 235 -48.18 -65.06 -30.86
CA GLN A 235 -49.01 -66.25 -30.77
C GLN A 235 -48.64 -67.07 -29.54
N VAL A 236 -49.52 -68.01 -29.19
CA VAL A 236 -49.33 -68.88 -28.05
C VAL A 236 -49.15 -70.31 -28.55
N GLU A 237 -48.18 -71.02 -27.98
CA GLU A 237 -47.92 -72.40 -28.33
C GLU A 237 -48.01 -73.25 -27.08
N LYS A 238 -48.76 -74.35 -27.15
CA LYS A 238 -48.95 -75.24 -26.02
C LYS A 238 -47.94 -76.38 -26.08
N LYS A 239 -47.23 -76.60 -24.98
CA LYS A 239 -46.19 -77.61 -24.89
C LYS A 239 -46.60 -78.67 -23.89
N TYR A 240 -46.52 -79.93 -24.28
CA TYR A 240 -47.03 -81.04 -23.48
C TYR A 240 -45.90 -81.71 -22.73
N TYR A 241 -46.19 -82.12 -21.49
CA TYR A 241 -45.15 -82.66 -20.62
C TYR A 241 -45.69 -83.87 -19.87
N ARG A 242 -44.77 -84.75 -19.47
CA ARG A 242 -45.12 -85.93 -18.70
C ARG A 242 -43.88 -86.40 -17.95
N THR A 243 -44.11 -87.14 -16.86
CA THR A 243 -43.03 -87.69 -16.07
C THR A 243 -42.80 -89.18 -16.29
N GLY A 244 -43.84 -89.91 -16.71
CA GLY A 244 -43.74 -91.33 -16.97
C GLY A 244 -43.73 -91.59 -18.47
N ASP A 245 -42.74 -92.35 -18.92
CA ASP A 245 -42.60 -92.63 -20.35
C ASP A 245 -43.71 -93.55 -20.82
N ASN A 246 -43.97 -93.49 -22.13
CA ASN A 246 -44.98 -94.32 -22.80
C ASN A 246 -46.36 -94.12 -22.16
N GLY A 247 -46.86 -92.90 -22.28
CA GLY A 247 -48.17 -92.58 -21.75
C GLY A 247 -48.62 -91.22 -22.24
N ASN A 248 -49.88 -90.92 -21.94
CA ASN A 248 -50.45 -89.63 -22.33
C ASN A 248 -49.81 -88.50 -21.53
N PRO A 249 -49.70 -87.31 -22.11
CA PRO A 249 -49.13 -86.18 -21.36
C PRO A 249 -49.97 -85.84 -20.14
N GLU A 250 -49.28 -85.42 -19.08
CA GLU A 250 -49.94 -85.09 -17.82
C GLU A 250 -50.18 -83.60 -17.66
N THR A 251 -49.33 -82.75 -18.20
CA THR A 251 -49.46 -81.30 -18.07
C THR A 251 -49.37 -80.65 -19.43
N VAL A 252 -50.25 -79.68 -19.68
CA VAL A 252 -50.28 -78.91 -20.91
C VAL A 252 -50.19 -77.44 -20.54
N PHE A 253 -49.16 -76.77 -21.05
CA PHE A 253 -48.88 -75.38 -20.69
C PHE A 253 -48.97 -74.50 -21.91
N TYR A 254 -49.93 -73.57 -21.91
CA TYR A 254 -50.08 -72.60 -22.99
C TYR A 254 -49.02 -71.52 -22.81
N THR A 255 -47.85 -71.74 -23.38
CA THR A 255 -46.74 -70.80 -23.22
C THR A 255 -47.01 -69.54 -24.04
N GLU A 256 -46.99 -68.38 -23.38
CA GLU A 256 -47.21 -67.11 -24.04
C GLU A 256 -46.11 -66.14 -23.63
N GLU A 257 -45.90 -65.13 -24.47
CA GLU A 257 -44.89 -64.11 -24.23
C GLU A 257 -45.57 -62.85 -23.72
N ALA A 258 -45.05 -62.30 -22.63
CA ALA A 258 -45.60 -61.10 -22.02
C ALA A 258 -44.46 -60.18 -21.62
N ASP A 259 -44.66 -58.88 -21.82
CA ASP A 259 -43.68 -57.88 -21.41
C ASP A 259 -43.87 -57.58 -19.93
N VAL A 260 -43.47 -58.55 -19.11
CA VAL A 260 -43.63 -58.44 -17.67
C VAL A 260 -42.71 -57.35 -17.14
N LEU A 261 -43.25 -56.47 -16.31
CA LEU A 261 -42.50 -55.37 -15.73
C LEU A 261 -42.82 -55.29 -14.24
N THR A 262 -41.87 -54.79 -13.46
CA THR A 262 -41.96 -54.77 -12.01
C THR A 262 -41.84 -53.34 -11.53
N PRO A 263 -42.95 -52.60 -11.48
CA PRO A 263 -42.89 -51.21 -10.98
C PRO A 263 -42.51 -51.15 -9.51
N ASP A 264 -43.29 -51.80 -8.65
CA ASP A 264 -43.17 -51.61 -7.21
C ASP A 264 -41.98 -52.32 -6.60
N THR A 265 -41.14 -53.01 -7.37
CA THR A 265 -40.03 -53.76 -6.82
C THR A 265 -38.76 -53.46 -7.59
N HIS A 266 -37.64 -53.46 -6.87
CA HIS A 266 -36.31 -53.41 -7.47
C HIS A 266 -35.53 -54.62 -7.00
N LEU A 267 -34.76 -55.23 -7.90
CA LEU A 267 -34.06 -56.45 -7.56
C LEU A 267 -32.88 -56.18 -6.65
N VAL A 268 -32.68 -57.07 -5.69
CA VAL A 268 -31.48 -57.12 -4.86
C VAL A 268 -30.82 -58.47 -5.09
N HIS A 269 -29.50 -58.49 -5.16
CA HIS A 269 -28.74 -59.66 -5.60
C HIS A 269 -29.19 -60.06 -7.02
N ALA A 270 -28.89 -59.17 -7.95
CA ALA A 270 -29.14 -59.46 -9.35
C ALA A 270 -28.06 -60.39 -9.89
N VAL A 271 -28.38 -61.03 -11.01
CA VAL A 271 -27.43 -61.92 -11.68
C VAL A 271 -27.01 -61.26 -12.98
N PRO A 272 -25.84 -61.57 -13.53
CA PRO A 272 -25.42 -60.93 -14.78
C PRO A 272 -26.40 -61.21 -15.90
N ALA A 273 -26.56 -60.21 -16.78
CA ALA A 273 -27.50 -60.33 -17.89
C ALA A 273 -27.11 -61.45 -18.85
N ALA A 274 -25.84 -61.86 -18.86
CA ALA A 274 -25.42 -62.96 -19.73
C ALA A 274 -26.10 -64.26 -19.34
N ASP A 275 -26.22 -64.53 -18.04
CA ASP A 275 -26.80 -65.77 -17.56
C ASP A 275 -28.07 -65.53 -16.76
N ARG A 276 -28.74 -64.40 -16.99
CA ARG A 276 -30.01 -64.14 -16.34
C ARG A 276 -31.10 -65.09 -16.82
N ALA A 277 -31.09 -65.43 -18.11
CA ALA A 277 -32.15 -66.25 -18.68
C ALA A 277 -32.06 -67.71 -18.26
N LYS A 278 -30.84 -68.23 -18.08
CA LYS A 278 -30.65 -69.64 -17.76
C LYS A 278 -30.87 -69.86 -16.26
N VAL A 279 -30.41 -71.02 -15.77
CA VAL A 279 -30.52 -71.36 -14.36
C VAL A 279 -29.71 -70.38 -13.53
N GLU A 280 -29.91 -70.41 -12.21
CA GLU A 280 -29.41 -69.41 -11.25
C GLU A 280 -29.76 -67.99 -11.67
N GLY A 281 -30.74 -67.84 -12.56
CA GLY A 281 -31.35 -66.55 -12.82
C GLY A 281 -32.74 -66.56 -12.20
N LEU A 282 -33.23 -67.77 -11.90
CA LEU A 282 -34.46 -67.91 -11.15
C LEU A 282 -34.29 -67.45 -9.71
N SER A 283 -33.11 -67.70 -9.14
CA SER A 283 -32.82 -67.32 -7.75
C SER A 283 -32.44 -65.84 -7.71
N GLN A 284 -33.44 -65.00 -7.94
CA GLN A 284 -33.28 -63.55 -7.91
C GLN A 284 -34.21 -62.98 -6.86
N HIS A 285 -33.69 -62.09 -6.03
CA HIS A 285 -34.45 -61.49 -4.94
C HIS A 285 -34.94 -60.11 -5.35
N ALA A 286 -36.19 -59.80 -4.99
CA ALA A 286 -36.80 -58.51 -5.29
C ALA A 286 -37.06 -57.77 -3.98
N ALA A 287 -36.75 -56.48 -3.96
CA ALA A 287 -36.95 -55.68 -2.78
C ALA A 287 -38.21 -54.83 -2.91
N PRO A 288 -38.83 -54.45 -1.78
CA PRO A 288 -40.11 -53.73 -1.85
C PRO A 288 -40.04 -52.31 -2.36
N ASN A 289 -38.85 -51.78 -2.69
CA ASN A 289 -38.72 -50.47 -3.31
C ASN A 289 -39.30 -49.37 -2.40
N ARG A 290 -38.57 -49.13 -1.30
CA ARG A 290 -38.92 -48.29 -0.16
C ARG A 290 -39.70 -47.03 -0.55
N PRO A 291 -40.74 -46.69 0.20
CA PRO A 291 -41.67 -45.64 -0.24
C PRO A 291 -41.07 -44.25 -0.15
N ASN A 292 -41.76 -43.31 -0.79
CA ASN A 292 -41.30 -41.92 -0.88
C ASN A 292 -42.25 -40.91 -0.27
N PHE A 293 -43.56 -41.05 -0.49
CA PHE A 293 -44.57 -40.18 0.12
C PHE A 293 -44.34 -38.70 -0.24
N ILE A 294 -44.47 -38.42 -1.53
CA ILE A 294 -44.34 -37.05 -2.02
C ILE A 294 -45.65 -36.31 -1.81
N GLY A 295 -45.57 -35.11 -1.25
CA GLY A 295 -46.76 -34.31 -1.03
C GLY A 295 -46.37 -32.88 -0.67
N PHE A 296 -47.39 -32.05 -0.50
CA PHE A 296 -47.16 -30.66 -0.14
C PHE A 296 -46.57 -30.56 1.27
N ARG A 297 -45.85 -29.47 1.51
CA ARG A 297 -45.16 -29.30 2.78
C ARG A 297 -46.15 -28.86 3.86
N ASP A 298 -45.67 -28.82 5.10
CA ASP A 298 -46.52 -28.50 6.24
C ASP A 298 -47.01 -27.06 6.17
N CYS A 299 -48.31 -26.87 6.40
CA CYS A 299 -48.96 -25.57 6.34
C CYS A 299 -48.65 -24.87 5.02
N PHE A 300 -48.43 -25.64 3.95
CA PHE A 300 -48.03 -25.13 2.66
C PHE A 300 -46.85 -24.18 2.78
N VAL A 301 -45.85 -24.57 3.55
CA VAL A 301 -44.68 -23.73 3.78
C VAL A 301 -43.75 -23.85 2.59
N GLY A 302 -43.11 -22.74 2.23
CA GLY A 302 -42.25 -22.69 1.08
C GLY A 302 -42.95 -22.44 -0.24
N LEU A 303 -44.29 -22.49 -0.26
CA LEU A 303 -45.01 -22.27 -1.51
C LEU A 303 -45.07 -20.80 -1.88
N MET A 304 -45.17 -19.92 -0.91
CA MET A 304 -45.24 -18.48 -1.14
C MET A 304 -43.90 -17.84 -0.82
N TYR A 305 -43.51 -16.86 -1.64
CA TYR A 305 -42.22 -16.21 -1.50
C TYR A 305 -42.26 -15.32 -0.27
N TYR A 306 -41.65 -15.79 0.82
CA TYR A 306 -41.59 -15.10 2.09
C TYR A 306 -40.15 -14.70 2.40
N ASN A 307 -39.94 -13.42 2.70
CA ASN A 307 -38.63 -12.89 3.05
C ASN A 307 -37.61 -13.18 1.96
N SER A 308 -38.07 -13.10 0.71
CA SER A 308 -37.24 -13.37 -0.45
C SER A 308 -36.60 -12.07 -0.93
N GLY A 309 -36.07 -12.09 -2.15
CA GLY A 309 -35.45 -10.91 -2.72
C GLY A 309 -36.38 -10.18 -3.66
N GLY A 310 -36.23 -10.40 -4.96
CA GLY A 310 -37.07 -9.71 -5.93
C GLY A 310 -38.53 -10.05 -5.80
N ASN A 311 -38.85 -11.26 -5.34
CA ASN A 311 -40.24 -11.69 -5.20
C ASN A 311 -40.79 -11.21 -3.87
N LEU A 312 -41.25 -9.96 -3.87
CA LEU A 312 -41.81 -9.32 -2.69
C LEU A 312 -43.28 -9.00 -2.94
N GLY A 313 -44.14 -9.43 -2.02
CA GLY A 313 -45.55 -9.11 -2.09
C GLY A 313 -45.84 -7.71 -1.57
N VAL A 314 -46.95 -7.14 -2.03
CA VAL A 314 -47.32 -5.78 -1.67
C VAL A 314 -48.79 -5.75 -1.27
N LEU A 315 -49.09 -4.94 -0.26
CA LEU A 315 -50.47 -4.64 0.15
C LEU A 315 -50.79 -3.16 -0.04
N ALA A 316 -49.98 -2.47 -0.85
CA ALA A 316 -50.12 -1.03 -1.01
C ALA A 316 -51.51 -0.65 -1.49
N GLY A 317 -52.09 0.37 -0.87
CA GLY A 317 -53.32 0.93 -1.37
C GLY A 317 -53.10 1.72 -2.64
N GLN A 318 -54.21 2.06 -3.29
CA GLN A 318 -54.14 2.82 -4.54
C GLN A 318 -53.75 4.28 -4.32
N SER A 319 -53.66 4.73 -3.07
CA SER A 319 -53.39 6.14 -2.80
C SER A 319 -52.02 6.56 -3.34
N SER A 320 -50.95 6.01 -2.77
CA SER A 320 -49.61 6.49 -3.06
C SER A 320 -48.67 5.41 -3.57
N GLN A 321 -49.18 4.20 -3.85
CA GLN A 321 -48.38 3.09 -4.35
C GLN A 321 -47.23 2.75 -3.40
N LEU A 322 -47.41 3.07 -2.11
CA LEU A 322 -46.40 2.83 -1.09
C LEU A 322 -46.67 1.48 -0.45
N ASN A 323 -45.76 0.53 -0.67
CA ASN A 323 -45.97 -0.83 -0.18
C ASN A 323 -45.99 -0.85 1.34
N ALA A 324 -46.95 -1.60 1.89
CA ALA A 324 -47.07 -1.77 3.33
C ALA A 324 -46.36 -3.02 3.84
N VAL A 325 -45.65 -3.73 2.96
CA VAL A 325 -44.96 -4.96 3.30
C VAL A 325 -43.47 -4.75 3.07
N VAL A 326 -42.66 -5.00 4.09
CA VAL A 326 -41.21 -4.95 3.97
C VAL A 326 -40.64 -6.27 4.46
N ASP A 327 -39.69 -6.82 3.72
CA ASP A 327 -39.00 -8.04 4.11
C ASP A 327 -37.51 -7.74 4.22
N LEU A 328 -36.85 -8.40 5.17
CA LEU A 328 -35.47 -8.09 5.51
C LEU A 328 -34.49 -9.21 5.22
N GLN A 329 -34.95 -10.41 4.87
CA GLN A 329 -34.11 -11.58 4.63
C GLN A 329 -33.38 -12.01 5.89
N ASP A 330 -33.62 -11.31 7.00
CA ASP A 330 -33.13 -11.69 8.31
C ASP A 330 -34.25 -12.14 9.23
N ARG A 331 -35.47 -12.23 8.70
CA ARG A 331 -36.65 -12.62 9.46
C ARG A 331 -37.21 -13.90 8.86
N ASN A 332 -37.63 -14.82 9.73
CA ASN A 332 -38.13 -16.13 9.30
C ASN A 332 -39.61 -16.22 9.65
N THR A 333 -40.45 -15.72 8.74
CA THR A 333 -41.89 -15.71 9.00
C THR A 333 -42.49 -17.12 8.94
N GLU A 334 -41.90 -18.01 8.14
CA GLU A 334 -42.36 -19.39 8.13
C GLU A 334 -42.20 -20.05 9.50
N LEU A 335 -40.99 -19.95 10.06
CA LEU A 335 -40.75 -20.51 11.38
C LEU A 335 -41.57 -19.79 12.44
N SER A 336 -41.76 -18.48 12.27
CA SER A 336 -42.58 -17.74 13.23
C SER A 336 -44.02 -18.25 13.22
N TYR A 337 -44.58 -18.50 12.04
CA TYR A 337 -45.93 -19.03 11.95
C TYR A 337 -46.01 -20.44 12.51
N GLN A 338 -44.99 -21.26 12.25
CA GLN A 338 -44.98 -22.62 12.81
C GLN A 338 -44.98 -22.57 14.33
N MET A 339 -44.13 -21.72 14.91
CA MET A 339 -44.09 -21.59 16.36
C MET A 339 -45.41 -21.04 16.90
N LEU A 340 -46.00 -20.07 16.19
CA LEU A 340 -47.27 -19.50 16.63
C LEU A 340 -48.37 -20.56 16.67
N LEU A 341 -48.47 -21.38 15.62
CA LEU A 341 -49.45 -22.45 15.65
C LEU A 341 -49.15 -23.46 16.76
N ALA A 342 -47.89 -23.85 16.90
CA ALA A 342 -47.53 -24.84 17.91
C ALA A 342 -47.82 -24.35 19.32
N ASN A 343 -47.78 -23.03 19.53
CA ASN A 343 -48.05 -22.48 20.85
C ASN A 343 -49.51 -22.17 21.09
N THR A 344 -50.28 -21.82 20.05
CA THR A 344 -51.68 -21.48 20.27
C THR A 344 -52.60 -22.69 20.17
N THR A 345 -52.45 -23.50 19.14
CA THR A 345 -53.36 -24.61 18.88
C THR A 345 -52.68 -25.94 19.17
N ASP A 346 -53.52 -26.95 19.43
CA ASP A 346 -53.04 -28.32 19.60
C ASP A 346 -52.73 -28.87 18.22
N ARG A 347 -51.48 -28.74 17.79
CA ARG A 347 -51.07 -29.10 16.45
C ARG A 347 -51.08 -30.61 16.21
N SER A 348 -51.22 -31.41 17.26
CA SER A 348 -51.28 -32.87 17.10
C SER A 348 -52.55 -33.32 16.37
N ARG A 349 -53.53 -32.45 16.20
CA ARG A 349 -54.74 -32.77 15.46
C ARG A 349 -54.62 -32.24 14.04
N TYR A 350 -54.82 -33.12 13.06
CA TYR A 350 -54.61 -32.76 11.66
C TYR A 350 -55.78 -31.93 11.14
N PHE A 351 -55.44 -30.92 10.33
CA PHE A 351 -56.41 -30.03 9.71
C PHE A 351 -56.22 -30.07 8.20
N SER A 352 -57.32 -29.97 7.47
CA SER A 352 -57.28 -30.12 6.02
C SER A 352 -57.52 -28.82 5.24
N MET A 353 -58.10 -27.80 5.88
CA MET A 353 -58.25 -26.52 5.19
C MET A 353 -56.91 -25.97 4.75
N TRP A 354 -55.93 -26.02 5.65
CA TRP A 354 -54.53 -25.84 5.29
C TRP A 354 -53.77 -27.08 5.73
N ASN A 355 -52.62 -27.32 5.12
CA ASN A 355 -51.91 -28.57 5.37
C ASN A 355 -51.28 -28.57 6.75
N GLN A 356 -52.12 -28.55 7.79
CA GLN A 356 -51.64 -28.64 9.16
C GLN A 356 -51.39 -30.10 9.48
N ALA A 357 -50.12 -30.47 9.65
CA ALA A 357 -49.76 -31.85 9.91
C ALA A 357 -48.43 -31.87 10.65
N MET A 358 -48.47 -32.26 11.92
CA MET A 358 -47.25 -32.40 12.70
C MET A 358 -46.30 -33.36 12.02
N ASP A 359 -45.13 -32.85 11.62
CA ASP A 359 -44.07 -33.73 11.14
C ASP A 359 -43.60 -34.55 12.32
N SER A 360 -44.01 -35.82 12.36
CA SER A 360 -43.71 -36.69 13.49
C SER A 360 -42.50 -37.56 13.19
N TYR A 361 -42.04 -38.27 14.21
CA TYR A 361 -40.86 -39.10 14.08
C TYR A 361 -40.96 -40.46 14.76
N ASP A 362 -42.13 -40.83 15.29
CA ASP A 362 -42.37 -42.17 15.82
C ASP A 362 -41.37 -42.50 16.92
N PRO A 363 -41.53 -41.92 18.12
CA PRO A 363 -40.47 -42.02 19.14
C PRO A 363 -40.01 -43.44 19.46
N GLU A 364 -40.66 -44.47 18.93
CA GLU A 364 -40.14 -45.83 19.04
C GLU A 364 -39.12 -46.15 17.96
N VAL A 365 -38.85 -45.22 17.06
CA VAL A 365 -37.88 -45.41 15.99
C VAL A 365 -36.62 -44.59 16.22
N ARG A 366 -36.76 -43.34 16.66
CA ARG A 366 -35.60 -42.52 16.96
C ARG A 366 -34.76 -43.14 18.07
N VAL A 367 -35.40 -43.62 19.12
CA VAL A 367 -34.72 -44.27 20.25
C VAL A 367 -35.28 -45.68 20.34
N ILE A 368 -34.63 -46.62 19.68
CA ILE A 368 -35.10 -48.00 19.68
C ILE A 368 -34.81 -48.62 21.05
N ASP A 369 -35.87 -49.02 21.74
CA ASP A 369 -35.76 -49.66 23.05
C ASP A 369 -35.87 -51.17 22.86
N ASN A 370 -34.74 -51.85 22.94
CA ASN A 370 -34.70 -53.30 22.79
C ASN A 370 -35.20 -53.96 24.07
N VAL A 371 -36.50 -53.81 24.30
CA VAL A 371 -37.15 -54.50 25.40
C VAL A 371 -37.07 -56.00 25.21
N GLY A 372 -36.92 -56.45 23.97
CA GLY A 372 -36.73 -57.84 23.66
C GLY A 372 -37.62 -58.25 22.50
N VAL A 373 -37.69 -59.55 22.28
CA VAL A 373 -38.56 -60.10 21.23
C VAL A 373 -39.82 -60.74 21.80
N GLU A 374 -39.93 -60.88 23.12
CA GLU A 374 -41.16 -61.26 23.81
C GLU A 374 -41.47 -62.74 23.58
N ASP A 375 -40.69 -63.42 22.73
CA ASP A 375 -40.99 -64.80 22.41
C ASP A 375 -40.66 -65.73 23.58
N GLU A 376 -41.59 -66.63 23.88
CA GLU A 376 -41.34 -67.71 24.84
C GLU A 376 -41.85 -69.02 24.25
N MET A 377 -42.88 -68.92 23.43
CA MET A 377 -43.61 -70.04 22.85
C MET A 377 -43.10 -70.38 21.46
N PRO A 378 -42.85 -71.65 21.18
CA PRO A 378 -42.72 -72.07 19.78
C PRO A 378 -44.05 -71.91 19.05
N ASN A 379 -43.97 -71.58 17.77
CA ASN A 379 -45.14 -71.23 16.99
C ASN A 379 -45.68 -72.38 16.15
N TYR A 380 -44.82 -72.98 15.30
CA TYR A 380 -45.13 -74.18 14.52
C TYR A 380 -46.08 -73.89 13.37
N CYS A 381 -45.80 -74.47 12.21
CA CYS A 381 -46.69 -74.45 11.07
C CYS A 381 -46.94 -75.88 10.63
N PHE A 382 -48.20 -76.21 10.34
CA PHE A 382 -48.56 -77.59 10.08
C PHE A 382 -49.08 -77.75 8.66
N PRO A 383 -48.93 -78.94 8.06
CA PRO A 383 -49.44 -79.16 6.71
C PRO A 383 -50.96 -79.07 6.68
N LEU A 384 -51.47 -78.73 5.49
CA LEU A 384 -52.89 -78.46 5.32
C LEU A 384 -53.75 -79.64 5.74
N SER A 385 -53.20 -80.86 5.69
CA SER A 385 -53.95 -82.07 5.99
C SER A 385 -53.76 -82.55 7.42
N GLY A 386 -53.29 -81.68 8.32
CA GLY A 386 -53.00 -82.14 9.66
C GLY A 386 -51.84 -83.11 9.63
N VAL A 387 -52.14 -84.40 9.81
CA VAL A 387 -51.15 -85.43 9.55
C VAL A 387 -50.67 -85.33 8.11
N GLN A 388 -49.37 -85.55 7.91
CA GLN A 388 -48.80 -85.54 6.58
C GLN A 388 -49.20 -86.82 5.83
N ILE A 389 -49.37 -86.68 4.52
CA ILE A 389 -49.70 -87.83 3.67
C ILE A 389 -48.40 -88.49 3.22
N GLY A 390 -48.22 -89.75 3.60
CA GLY A 390 -47.01 -90.47 3.26
C GLY A 390 -47.27 -91.88 2.80
N ASN A 391 -46.43 -92.82 3.23
CA ASN A 391 -46.60 -94.21 2.85
C ASN A 391 -47.88 -94.78 3.43
N ARG A 392 -48.62 -95.52 2.60
CA ARG A 392 -49.86 -96.12 3.04
C ARG A 392 -49.59 -97.29 3.99
N SER A 393 -50.61 -97.64 4.76
CA SER A 393 -50.52 -98.73 5.72
C SER A 393 -51.68 -99.70 5.49
N HIS A 394 -51.46 -100.94 5.93
CA HIS A 394 -52.43 -102.02 5.74
C HIS A 394 -53.07 -102.37 7.07
N GLU A 395 -54.40 -102.45 7.08
CA GLU A 395 -55.09 -102.90 8.28
C GLU A 395 -54.82 -104.37 8.53
N VAL A 396 -54.54 -104.71 9.79
CA VAL A 396 -54.14 -106.06 10.17
C VAL A 396 -54.99 -106.49 11.36
N GLN A 397 -55.56 -107.69 11.28
CA GLN A 397 -56.37 -108.25 12.34
C GLN A 397 -55.83 -109.62 12.74
N ARG A 398 -55.99 -109.96 14.01
CA ARG A 398 -55.42 -111.18 14.60
C ARG A 398 -56.49 -112.27 14.57
N ASN A 399 -56.58 -112.98 13.45
CA ASN A 399 -57.47 -114.13 13.37
C ASN A 399 -56.82 -115.38 13.94
N GLN A 400 -55.73 -115.82 13.34
CA GLN A 400 -54.94 -116.94 13.86
C GLN A 400 -53.82 -116.39 14.74
N GLN A 401 -52.84 -117.24 15.06
CA GLN A 401 -51.78 -116.83 15.98
C GLN A 401 -50.97 -115.67 15.42
N GLN A 402 -50.66 -115.71 14.12
CA GLN A 402 -49.87 -114.64 13.51
C GLN A 402 -50.80 -113.58 12.91
N TRP A 403 -50.19 -112.51 12.40
CA TRP A 403 -50.90 -111.35 11.90
C TRP A 403 -51.00 -111.41 10.38
N GLN A 404 -52.20 -111.18 9.85
CA GLN A 404 -52.40 -111.14 8.41
C GLN A 404 -53.17 -109.89 8.02
N ASN A 405 -52.93 -109.41 6.81
CA ASN A 405 -53.57 -108.20 6.32
C ASN A 405 -55.06 -108.41 6.12
N VAL A 406 -55.82 -107.33 6.29
CA VAL A 406 -57.25 -107.35 6.02
C VAL A 406 -57.47 -107.10 4.53
N ALA A 407 -58.47 -107.79 3.97
CA ALA A 407 -58.74 -107.70 2.54
C ALA A 407 -59.17 -106.29 2.15
N ASN A 408 -58.73 -105.87 0.97
CA ASN A 408 -59.06 -104.58 0.35
C ASN A 408 -59.11 -103.44 1.36
N SER A 409 -58.06 -103.38 2.19
CA SER A 409 -57.91 -102.34 3.20
C SER A 409 -56.50 -101.78 3.18
N ASP A 410 -56.01 -101.47 1.98
CA ASP A 410 -54.65 -100.99 1.78
C ASP A 410 -54.59 -99.50 1.45
N ASN A 411 -55.64 -98.74 1.77
CA ASN A 411 -55.71 -97.33 1.44
C ASN A 411 -55.58 -96.43 2.67
N ASN A 412 -55.08 -96.97 3.79
CA ASN A 412 -54.92 -96.16 4.99
C ASN A 412 -53.77 -95.18 4.84
N TYR A 413 -53.84 -94.09 5.60
CA TYR A 413 -52.80 -93.06 5.63
C TYR A 413 -52.50 -92.76 7.09
N ILE A 414 -51.53 -93.48 7.65
CA ILE A 414 -51.19 -93.37 9.06
C ILE A 414 -49.70 -93.05 9.18
N GLY A 415 -49.38 -92.00 9.91
CA GLY A 415 -47.99 -91.68 10.20
C GLY A 415 -47.72 -91.63 11.69
N LYS A 416 -46.98 -92.59 12.21
CA LYS A 416 -46.70 -92.63 13.64
C LYS A 416 -45.75 -91.52 14.04
N GLY A 417 -45.95 -91.00 15.25
CA GLY A 417 -45.13 -89.92 15.77
C GLY A 417 -45.97 -88.67 16.04
N ASN A 418 -45.37 -87.52 15.81
CA ASN A 418 -46.05 -86.23 15.96
C ASN A 418 -46.22 -85.58 14.59
N LEU A 419 -47.14 -84.63 14.54
CA LEU A 419 -47.42 -83.95 13.28
C LEU A 419 -46.19 -83.18 12.83
N PRO A 420 -45.73 -83.36 11.59
CA PRO A 420 -44.51 -82.68 11.15
C PRO A 420 -44.71 -81.17 11.02
N ALA A 421 -44.01 -80.40 11.85
CA ALA A 421 -44.18 -78.96 11.90
C ALA A 421 -42.81 -78.29 11.85
N MET A 422 -42.82 -76.99 11.62
CA MET A 422 -41.61 -76.18 11.54
C MET A 422 -41.78 -74.90 12.34
N GLU A 423 -40.76 -74.53 13.11
CA GLU A 423 -40.79 -73.34 13.93
C GLU A 423 -40.43 -72.11 13.12
N ILE A 424 -41.02 -70.98 13.47
CA ILE A 424 -40.83 -69.76 12.70
C ILE A 424 -40.40 -68.60 13.60
N ASN A 425 -40.77 -68.66 14.88
CA ASN A 425 -40.49 -67.59 15.84
C ASN A 425 -41.09 -66.26 15.37
N LEU A 426 -42.42 -66.24 15.37
CA LEU A 426 -43.17 -65.11 14.81
C LEU A 426 -42.79 -63.78 15.45
N ALA A 427 -42.71 -63.75 16.78
CA ALA A 427 -42.46 -62.49 17.47
C ALA A 427 -41.08 -61.92 17.13
N ALA A 428 -40.06 -62.77 17.16
CA ALA A 428 -38.72 -62.32 16.81
C ALA A 428 -38.63 -61.90 15.35
N ASN A 429 -39.30 -62.63 14.46
CA ASN A 429 -39.32 -62.25 13.05
C ASN A 429 -39.96 -60.87 12.87
N LEU A 430 -41.07 -60.62 13.56
CA LEU A 430 -41.74 -59.33 13.46
C LEU A 430 -40.85 -58.22 14.01
N TRP A 431 -40.19 -58.47 15.14
CA TRP A 431 -39.32 -57.44 15.71
C TRP A 431 -38.17 -57.12 14.77
N ARG A 432 -37.53 -58.15 14.19
CA ARG A 432 -36.41 -57.89 13.29
C ARG A 432 -36.88 -57.22 12.00
N SER A 433 -38.06 -57.58 11.50
CA SER A 433 -38.59 -56.92 10.32
C SER A 433 -38.84 -55.45 10.58
N PHE A 434 -39.44 -55.13 11.74
CA PHE A 434 -39.65 -53.73 12.11
C PHE A 434 -38.32 -53.00 12.21
N LEU A 435 -37.34 -53.61 12.90
CA LEU A 435 -36.05 -52.97 13.08
C LEU A 435 -35.39 -52.68 11.74
N TYR A 436 -35.38 -53.67 10.84
CA TYR A 436 -34.79 -53.46 9.53
C TYR A 436 -35.51 -52.35 8.78
N SER A 437 -36.82 -52.54 8.54
CA SER A 437 -37.55 -51.62 7.67
C SER A 437 -37.65 -50.23 8.25
N ASN A 438 -37.35 -50.03 9.54
CA ASN A 438 -37.47 -48.70 10.12
C ASN A 438 -36.14 -48.05 10.48
N VAL A 439 -35.08 -48.80 10.73
CA VAL A 439 -33.85 -48.18 11.22
C VAL A 439 -32.69 -48.55 10.29
N ALA A 440 -32.79 -49.69 9.61
CA ALA A 440 -31.69 -50.14 8.77
C ALA A 440 -31.67 -49.46 7.42
N LEU A 441 -32.83 -49.30 6.79
CA LEU A 441 -32.89 -48.68 5.47
C LEU A 441 -32.50 -47.20 5.51
N TYR A 442 -32.64 -46.55 6.67
CA TYR A 442 -32.37 -45.12 6.78
C TYR A 442 -30.97 -44.83 7.29
N LEU A 443 -30.07 -45.80 7.20
CA LEU A 443 -28.68 -45.57 7.57
C LEU A 443 -28.03 -44.60 6.59
N PRO A 444 -26.99 -43.89 7.02
CA PRO A 444 -26.27 -43.00 6.09
C PRO A 444 -25.64 -43.79 4.96
N ASP A 445 -25.41 -43.08 3.85
CA ASP A 445 -25.00 -43.74 2.61
C ASP A 445 -23.66 -44.46 2.78
N ASN A 446 -22.72 -43.86 3.53
CA ASN A 446 -21.41 -44.48 3.70
C ASN A 446 -21.47 -45.77 4.51
N LEU A 447 -22.59 -46.05 5.17
CA LEU A 447 -22.80 -47.30 5.88
C LEU A 447 -23.60 -48.30 5.05
N LYS A 448 -23.83 -48.02 3.78
CA LYS A 448 -24.58 -48.89 2.89
C LYS A 448 -23.73 -49.21 1.66
N PHE A 449 -24.01 -50.36 1.06
CA PHE A 449 -23.28 -50.82 -0.11
C PHE A 449 -24.25 -51.08 -1.26
N THR A 450 -23.77 -50.83 -2.47
CA THR A 450 -24.56 -51.18 -3.64
C THR A 450 -24.42 -52.67 -3.94
N PRO A 451 -25.52 -53.38 -4.17
CA PRO A 451 -25.42 -54.81 -4.46
C PRO A 451 -24.73 -55.07 -5.79
N HIS A 452 -24.08 -56.23 -5.87
CA HIS A 452 -23.34 -56.60 -7.07
C HIS A 452 -24.26 -56.79 -8.26
N ASN A 453 -23.70 -56.62 -9.45
CA ASN A 453 -24.41 -56.81 -10.72
C ASN A 453 -25.60 -55.85 -10.85
N ILE A 454 -25.48 -54.66 -10.28
CA ILE A 454 -26.52 -53.64 -10.36
C ILE A 454 -25.85 -52.30 -10.61
N GLN A 455 -26.36 -51.56 -11.59
CA GLN A 455 -25.81 -50.25 -11.95
C GLN A 455 -26.73 -49.15 -11.41
N LEU A 456 -26.14 -48.22 -10.67
CA LEU A 456 -26.87 -47.12 -10.06
C LEU A 456 -26.52 -45.80 -10.74
N PRO A 457 -27.43 -44.83 -10.73
CA PRO A 457 -27.12 -43.54 -11.34
C PRO A 457 -25.98 -42.88 -10.60
N PRO A 458 -25.14 -42.13 -11.31
CA PRO A 458 -24.03 -41.43 -10.63
C PRO A 458 -24.49 -40.40 -9.62
N ASN A 459 -25.64 -39.77 -9.85
CA ASN A 459 -26.14 -38.75 -8.95
C ASN A 459 -26.62 -39.38 -7.65
N THR A 460 -25.89 -39.12 -6.56
CA THR A 460 -26.21 -39.73 -5.27
C THR A 460 -27.48 -39.17 -4.65
N ASN A 461 -28.02 -38.07 -5.18
CA ASN A 461 -29.26 -37.50 -4.68
C ASN A 461 -30.50 -38.05 -5.36
N THR A 462 -30.33 -38.97 -6.32
CA THR A 462 -31.46 -39.51 -7.06
C THR A 462 -32.15 -40.61 -6.25
N TYR A 463 -33.48 -40.66 -6.39
CA TYR A 463 -34.25 -41.69 -5.72
C TYR A 463 -33.81 -43.08 -6.16
N GLU A 464 -33.42 -43.22 -7.42
CA GLU A 464 -32.99 -44.53 -7.90
C GLU A 464 -31.75 -45.00 -7.16
N TYR A 465 -30.78 -44.12 -6.97
CA TYR A 465 -29.60 -44.46 -6.18
C TYR A 465 -29.96 -44.75 -4.73
N MET A 466 -30.81 -43.90 -4.15
CA MET A 466 -31.19 -44.08 -2.74
C MET A 466 -31.86 -45.44 -2.52
N ASN A 467 -32.71 -45.85 -3.46
CA ASN A 467 -33.38 -47.14 -3.35
C ASN A 467 -32.43 -48.29 -3.66
N GLY A 468 -31.50 -48.09 -4.61
CA GLY A 468 -30.59 -49.17 -4.98
C GLY A 468 -29.63 -49.53 -3.87
N ARG A 469 -29.16 -48.53 -3.11
CA ARG A 469 -28.24 -48.83 -2.02
C ARG A 469 -28.91 -49.72 -0.98
N ILE A 470 -28.11 -50.61 -0.39
CA ILE A 470 -28.61 -51.62 0.55
C ILE A 470 -27.84 -51.50 1.86
N PRO A 471 -28.52 -51.54 3.01
CA PRO A 471 -27.82 -51.44 4.30
C PRO A 471 -26.91 -52.63 4.55
N VAL A 472 -25.84 -52.37 5.28
CA VAL A 472 -24.85 -53.41 5.61
C VAL A 472 -25.26 -54.10 6.90
N SER A 473 -25.17 -55.43 6.90
CA SER A 473 -25.54 -56.22 8.07
C SER A 473 -24.54 -56.00 9.21
N GLY A 474 -24.86 -56.59 10.36
CA GLY A 474 -23.97 -56.55 11.51
C GLY A 474 -23.99 -55.26 12.29
N LEU A 475 -24.86 -54.31 11.94
CA LEU A 475 -24.90 -53.02 12.59
C LEU A 475 -26.20 -52.77 13.34
N ILE A 476 -27.34 -53.02 12.71
CA ILE A 476 -28.64 -52.89 13.35
C ILE A 476 -29.33 -54.25 13.27
N ASP A 477 -29.65 -54.80 14.43
CA ASP A 477 -30.22 -56.15 14.51
C ASP A 477 -30.94 -56.29 15.84
N THR A 478 -31.59 -57.44 16.03
CA THR A 478 -32.38 -57.70 17.22
C THR A 478 -31.55 -57.87 18.48
N TYR A 479 -30.22 -57.74 18.41
CA TYR A 479 -29.37 -57.90 19.57
C TYR A 479 -28.60 -56.65 19.97
N VAL A 480 -28.45 -55.68 19.07
CA VAL A 480 -27.62 -54.52 19.36
C VAL A 480 -28.28 -53.66 20.44
N ASN A 481 -27.49 -53.26 21.44
CA ASN A 481 -27.96 -52.40 22.52
C ASN A 481 -29.21 -52.97 23.18
N ILE A 482 -29.21 -54.28 23.41
CA ILE A 482 -30.40 -54.96 23.91
C ILE A 482 -30.55 -54.67 25.40
N GLY A 483 -31.77 -54.33 25.81
CA GLY A 483 -32.08 -54.07 27.20
C GLY A 483 -32.13 -52.60 27.58
N THR A 484 -31.97 -51.68 26.63
CA THR A 484 -32.02 -50.26 26.93
C THR A 484 -32.51 -49.50 25.72
N ARG A 485 -33.03 -48.30 25.97
CA ARG A 485 -33.42 -47.39 24.90
C ARG A 485 -32.22 -46.53 24.55
N TRP A 486 -31.78 -46.60 23.29
CA TRP A 486 -30.54 -45.94 22.88
C TRP A 486 -30.54 -45.80 21.37
N SER A 487 -30.56 -44.56 20.88
CA SER A 487 -30.42 -44.34 19.46
C SER A 487 -29.02 -44.74 19.00
N PRO A 488 -28.90 -45.41 17.86
CA PRO A 488 -27.57 -45.79 17.38
C PRO A 488 -26.71 -44.56 17.16
N ASP A 489 -25.40 -44.71 17.44
CA ASP A 489 -24.49 -43.58 17.36
C ASP A 489 -24.41 -42.99 15.96
N VAL A 490 -24.77 -43.77 14.92
CA VAL A 490 -24.77 -43.27 13.56
C VAL A 490 -26.11 -42.73 13.11
N MET A 491 -27.18 -42.97 13.87
CA MET A 491 -28.52 -42.57 13.48
C MET A 491 -28.99 -41.30 14.18
N ASP A 492 -28.09 -40.57 14.83
CA ASP A 492 -28.45 -39.30 15.44
C ASP A 492 -28.34 -38.13 14.48
N ASN A 493 -27.33 -38.15 13.62
CA ASN A 493 -27.08 -37.05 12.70
C ASN A 493 -27.95 -37.13 11.45
N VAL A 494 -28.69 -38.21 11.26
CA VAL A 494 -29.61 -38.35 10.14
C VAL A 494 -30.96 -37.82 10.57
N ASN A 495 -31.66 -37.17 9.65
CA ASN A 495 -32.95 -36.58 9.96
C ASN A 495 -33.96 -37.66 10.28
N PRO A 496 -34.59 -37.65 11.46
CA PRO A 496 -35.61 -38.66 11.76
C PRO A 496 -36.97 -38.34 11.17
N PHE A 497 -37.19 -37.08 10.78
CA PHE A 497 -38.46 -36.68 10.19
C PHE A 497 -38.53 -37.00 8.70
N ASN A 498 -37.40 -37.33 8.09
CA ASN A 498 -37.37 -37.84 6.72
C ASN A 498 -37.62 -39.34 6.72
N HIS A 499 -38.80 -39.71 7.22
CA HIS A 499 -39.14 -41.10 7.51
C HIS A 499 -40.49 -41.43 6.92
N HIS A 500 -40.68 -42.70 6.54
CA HIS A 500 -41.96 -43.13 6.00
C HIS A 500 -43.02 -43.28 7.09
N ARG A 501 -42.62 -43.31 8.36
CA ARG A 501 -43.56 -43.31 9.47
C ARG A 501 -43.88 -41.90 9.95
N ASN A 502 -43.41 -40.88 9.25
CA ASN A 502 -43.75 -39.50 9.56
C ASN A 502 -45.22 -39.30 9.23
N SER A 503 -46.06 -39.32 10.26
CA SER A 503 -47.50 -39.29 10.05
C SER A 503 -47.94 -38.01 9.36
N GLY A 504 -47.29 -36.88 9.66
CA GLY A 504 -47.65 -35.63 9.01
C GLY A 504 -47.42 -35.66 7.51
N LEU A 505 -46.25 -36.13 7.10
CA LEU A 505 -45.97 -36.26 5.67
C LEU A 505 -46.88 -37.28 5.02
N ARG A 506 -47.14 -38.39 5.72
CA ARG A 506 -48.06 -39.40 5.21
C ARG A 506 -49.43 -38.79 4.92
N TYR A 507 -49.97 -38.03 5.90
CA TYR A 507 -51.28 -37.43 5.75
C TYR A 507 -51.29 -36.38 4.64
N ARG A 508 -50.25 -35.56 4.57
CA ARG A 508 -50.20 -34.55 3.52
C ARG A 508 -49.98 -35.15 2.15
N SER A 509 -49.50 -36.40 2.08
CA SER A 509 -49.38 -37.09 0.80
C SER A 509 -50.69 -37.74 0.38
N GLN A 510 -51.28 -38.56 1.25
CA GLN A 510 -52.53 -39.23 0.86
C GLN A 510 -53.73 -38.29 0.87
N LEU A 511 -53.59 -37.08 1.42
CA LEU A 511 -54.66 -36.11 1.32
C LEU A 511 -54.79 -35.59 -0.11
N LEU A 512 -53.71 -35.63 -0.88
CA LEU A 512 -53.76 -35.34 -2.31
C LEU A 512 -54.20 -36.53 -3.13
N GLY A 513 -54.01 -37.74 -2.63
CA GLY A 513 -54.35 -38.96 -3.34
C GLY A 513 -53.11 -39.76 -3.72
N ASN A 514 -53.36 -40.93 -4.28
CA ASN A 514 -52.30 -41.82 -4.75
C ASN A 514 -52.19 -41.71 -6.26
N GLY A 515 -50.98 -41.50 -6.75
CA GLY A 515 -50.77 -41.38 -8.18
C GLY A 515 -49.60 -40.51 -8.56
N ARG A 516 -48.88 -40.91 -9.62
CA ARG A 516 -47.76 -40.11 -10.10
C ARG A 516 -48.21 -38.71 -10.45
N PHE A 517 -49.32 -38.60 -11.18
CA PHE A 517 -49.95 -37.32 -11.45
C PHE A 517 -51.06 -37.07 -10.44
N CYS A 518 -51.42 -35.80 -10.27
CA CYS A 518 -52.43 -35.45 -9.28
C CYS A 518 -53.02 -34.09 -9.62
N ASP A 519 -54.24 -33.86 -9.12
CA ASP A 519 -54.92 -32.58 -9.24
C ASP A 519 -55.11 -32.02 -7.85
N PHE A 520 -54.65 -30.80 -7.61
CA PHE A 520 -54.68 -30.20 -6.29
C PHE A 520 -55.55 -28.95 -6.29
N HIS A 521 -56.37 -28.82 -5.26
CA HIS A 521 -57.18 -27.63 -4.99
C HIS A 521 -56.89 -27.24 -3.55
N ILE A 522 -55.89 -26.39 -3.36
CA ILE A 522 -55.41 -26.04 -2.03
C ILE A 522 -55.71 -24.57 -1.75
N GLN A 523 -55.78 -24.25 -0.46
CA GLN A 523 -55.94 -22.89 0.02
C GLN A 523 -54.80 -22.58 0.96
N VAL A 524 -54.04 -21.53 0.66
CA VAL A 524 -52.88 -21.13 1.45
C VAL A 524 -53.25 -19.89 2.25
N PRO A 525 -52.93 -19.83 3.53
CA PRO A 525 -53.25 -18.65 4.34
C PRO A 525 -52.17 -17.58 4.18
N GLN A 526 -52.34 -16.49 4.91
CA GLN A 526 -51.37 -15.40 4.93
C GLN A 526 -50.54 -15.53 6.21
N LYS A 527 -49.23 -15.61 6.07
CA LYS A 527 -48.34 -15.88 7.19
C LYS A 527 -47.51 -14.69 7.62
N PHE A 528 -47.57 -13.57 6.89
CA PHE A 528 -46.86 -12.37 7.32
C PHE A 528 -47.50 -11.82 8.59
N PHE A 529 -46.66 -11.44 9.55
CA PHE A 529 -47.16 -11.07 10.88
C PHE A 529 -48.00 -9.81 10.82
N ALA A 530 -47.63 -8.85 9.99
CA ALA A 530 -48.32 -7.57 9.93
C ALA A 530 -49.59 -7.61 9.08
N ILE A 531 -49.87 -8.72 8.40
CA ILE A 531 -51.02 -8.78 7.51
C ILE A 531 -52.01 -9.83 7.99
N ARG A 532 -51.49 -10.88 8.64
CA ARG A 532 -52.34 -12.03 8.98
C ARG A 532 -53.40 -11.70 10.02
N ASN A 533 -53.31 -10.56 10.70
CA ASN A 533 -54.31 -10.16 11.67
C ASN A 533 -54.80 -8.74 11.46
N LEU A 534 -54.38 -8.07 10.39
CA LEU A 534 -54.74 -6.68 10.18
C LEU A 534 -56.22 -6.54 9.88
N LEU A 535 -56.90 -5.69 10.64
CA LEU A 535 -58.31 -5.39 10.41
C LEU A 535 -58.38 -4.27 9.39
N LEU A 536 -58.44 -4.65 8.12
CA LEU A 536 -58.39 -3.69 7.03
C LEU A 536 -59.71 -2.91 6.96
N LEU A 537 -59.63 -1.68 6.50
CA LEU A 537 -60.76 -0.76 6.51
C LEU A 537 -61.19 -0.41 5.10
N PRO A 538 -62.44 0.07 4.91
CA PRO A 538 -62.98 0.34 3.56
C PRO A 538 -62.03 1.06 2.62
N GLY A 539 -62.13 0.73 1.34
CA GLY A 539 -61.23 1.23 0.33
C GLY A 539 -60.73 0.11 -0.55
N THR A 540 -60.10 0.44 -1.68
CA THR A 540 -59.59 -0.56 -2.60
C THR A 540 -58.07 -0.65 -2.46
N TYR A 541 -57.57 -1.89 -2.33
CA TYR A 541 -56.15 -2.13 -2.13
C TYR A 541 -55.66 -3.12 -3.17
N THR A 542 -54.47 -2.85 -3.71
CA THR A 542 -53.87 -3.71 -4.73
C THR A 542 -53.07 -4.78 -4.02
N TYR A 543 -53.73 -5.91 -3.73
CA TYR A 543 -53.07 -7.03 -3.09
C TYR A 543 -52.38 -7.89 -4.14
N GLU A 544 -51.05 -7.92 -4.10
CA GLU A 544 -50.24 -8.63 -5.09
C GLU A 544 -49.27 -9.52 -4.36
N TRP A 545 -49.13 -10.76 -4.83
CA TRP A 545 -48.23 -11.69 -4.18
C TRP A 545 -47.63 -12.63 -5.22
N SER A 546 -46.42 -13.11 -4.93
CA SER A 546 -45.69 -13.99 -5.83
C SER A 546 -45.56 -15.37 -5.21
N PHE A 547 -45.92 -16.40 -5.97
CA PHE A 547 -45.91 -17.77 -5.50
C PHE A 547 -44.74 -18.52 -6.11
N ARG A 548 -44.10 -19.36 -5.30
CA ARG A 548 -42.96 -20.13 -5.77
C ARG A 548 -43.41 -21.25 -6.70
N LYS A 549 -42.51 -21.65 -7.60
CA LYS A 549 -42.76 -22.75 -8.50
C LYS A 549 -41.64 -23.79 -8.46
N ASP A 550 -40.74 -23.71 -7.49
CA ASP A 550 -39.65 -24.67 -7.38
C ASP A 550 -40.15 -25.95 -6.71
N VAL A 551 -39.92 -27.09 -7.38
CA VAL A 551 -40.48 -28.35 -6.91
C VAL A 551 -39.86 -28.78 -5.61
N ASN A 552 -38.55 -28.55 -5.43
CA ASN A 552 -37.89 -28.95 -4.20
C ASN A 552 -38.46 -28.22 -3.00
N MET A 553 -38.67 -26.91 -3.14
CA MET A 553 -39.19 -26.14 -2.01
C MET A 553 -40.66 -26.41 -1.78
N ILE A 554 -41.46 -26.49 -2.84
CA ILE A 554 -42.90 -26.67 -2.69
C ILE A 554 -43.23 -28.02 -2.08
N LEU A 555 -42.65 -29.08 -2.64
CA LEU A 555 -43.04 -30.44 -2.29
C LEU A 555 -42.10 -31.05 -1.26
N GLN A 556 -42.58 -32.10 -0.60
CA GLN A 556 -41.84 -32.80 0.44
C GLN A 556 -41.88 -34.29 0.17
N SER A 557 -40.80 -34.97 0.54
CA SER A 557 -40.69 -36.41 0.35
C SER A 557 -39.94 -37.01 1.53
N THR A 558 -40.26 -38.28 1.83
CA THR A 558 -39.60 -38.95 2.96
C THR A 558 -38.11 -39.10 2.71
N LEU A 559 -37.72 -39.40 1.48
CA LEU A 559 -36.31 -39.45 1.11
C LEU A 559 -35.83 -38.06 0.73
N GLY A 560 -34.55 -37.82 0.94
CA GLY A 560 -33.97 -36.52 0.66
C GLY A 560 -33.61 -36.32 -0.79
N ASN A 561 -34.31 -36.99 -1.69
CA ASN A 561 -34.03 -36.85 -3.12
C ASN A 561 -34.51 -35.50 -3.63
N ASP A 562 -33.85 -35.02 -4.68
CA ASP A 562 -34.30 -33.83 -5.36
C ASP A 562 -35.33 -34.17 -6.43
N LEU A 563 -36.39 -33.37 -6.50
CA LEU A 563 -37.46 -33.64 -7.44
C LEU A 563 -37.25 -32.98 -8.80
N ARG A 564 -36.36 -32.00 -8.90
CA ARG A 564 -36.04 -31.41 -10.19
C ARG A 564 -35.42 -32.45 -11.12
N VAL A 565 -34.49 -33.24 -10.60
CA VAL A 565 -33.89 -34.30 -11.40
C VAL A 565 -34.89 -35.41 -11.66
N ASP A 566 -35.67 -35.79 -10.63
CA ASP A 566 -36.68 -36.83 -10.80
C ASP A 566 -37.79 -36.42 -11.75
N GLY A 567 -37.90 -35.14 -12.08
CA GLY A 567 -38.88 -34.70 -13.05
C GLY A 567 -40.29 -34.72 -12.53
N ALA A 568 -40.57 -33.92 -11.49
CA ALA A 568 -41.92 -33.84 -10.96
C ALA A 568 -42.71 -32.70 -11.58
N THR A 569 -42.25 -31.46 -11.37
CA THR A 569 -42.87 -30.25 -11.91
C THR A 569 -44.28 -30.02 -11.37
N VAL A 570 -44.73 -28.77 -11.40
CA VAL A 570 -46.08 -28.41 -10.98
C VAL A 570 -46.63 -27.39 -11.96
N ASN A 571 -47.91 -27.55 -12.31
CA ASN A 571 -48.59 -26.64 -13.22
C ASN A 571 -49.76 -26.00 -12.49
N ILE A 572 -49.83 -24.67 -12.52
CA ILE A 572 -50.87 -23.92 -11.82
C ILE A 572 -51.89 -23.46 -12.85
N THR A 573 -53.15 -23.80 -12.62
CA THR A 573 -54.22 -23.45 -13.54
C THR A 573 -54.82 -22.08 -13.23
N SER A 574 -55.13 -21.83 -11.96
CA SER A 574 -55.74 -20.56 -11.58
C SER A 574 -55.43 -20.27 -10.12
N VAL A 575 -55.35 -18.98 -9.80
CA VAL A 575 -55.18 -18.51 -8.43
C VAL A 575 -56.27 -17.49 -8.15
N ASN A 576 -57.01 -17.71 -7.06
CA ASN A 576 -58.10 -16.82 -6.68
C ASN A 576 -57.96 -16.44 -5.21
N LEU A 577 -58.42 -15.24 -4.89
CA LEU A 577 -58.34 -14.71 -3.53
C LEU A 577 -59.74 -14.66 -2.95
N TYR A 578 -59.93 -15.34 -1.81
CA TYR A 578 -61.19 -15.36 -1.10
C TYR A 578 -61.07 -14.59 0.21
N ALA A 579 -62.14 -13.91 0.58
CA ALA A 579 -62.19 -13.16 1.83
C ALA A 579 -63.59 -13.27 2.42
N SER A 580 -63.65 -13.28 3.75
CA SER A 580 -64.91 -13.39 4.47
C SER A 580 -65.20 -12.09 5.19
N PHE A 581 -66.36 -11.51 4.91
CA PHE A 581 -66.78 -10.25 5.51
C PHE A 581 -67.81 -10.53 6.58
N PHE A 582 -67.57 -10.06 7.79
CA PHE A 582 -68.55 -10.20 8.86
C PHE A 582 -69.71 -9.26 8.59
N PRO A 583 -70.94 -9.76 8.49
CA PRO A 583 -72.08 -8.89 8.16
C PRO A 583 -72.59 -8.12 9.36
N MET A 584 -71.82 -7.12 9.78
CA MET A 584 -72.18 -6.28 10.91
C MET A 584 -72.87 -5.01 10.42
N SER A 585 -73.81 -4.53 11.24
CA SER A 585 -74.67 -3.42 10.84
C SER A 585 -73.87 -2.27 10.27
N HIS A 586 -74.45 -1.58 9.29
CA HIS A 586 -73.71 -0.55 8.57
C HIS A 586 -73.37 0.63 9.47
N ASN A 587 -74.30 1.04 10.33
CA ASN A 587 -74.03 2.15 11.23
C ASN A 587 -72.91 1.81 12.20
N THR A 588 -72.98 0.64 12.83
CA THR A 588 -71.96 0.23 13.78
C THR A 588 -70.61 0.05 13.08
N ALA A 589 -70.63 -0.52 11.87
CA ALA A 589 -69.39 -0.71 11.12
C ALA A 589 -68.74 0.61 10.74
N SER A 590 -69.56 1.59 10.34
CA SER A 590 -69.01 2.90 10.03
C SER A 590 -68.47 3.59 11.27
N THR A 591 -69.16 3.43 12.41
CA THR A 591 -68.64 3.98 13.66
C THR A 591 -67.29 3.36 14.01
N LEU A 592 -67.19 2.03 13.88
CA LEU A 592 -65.94 1.34 14.17
C LEU A 592 -64.84 1.77 13.21
N GLU A 593 -65.19 1.95 11.93
CA GLU A 593 -64.21 2.41 10.96
C GLU A 593 -63.71 3.81 11.29
N ALA A 594 -64.62 4.71 11.67
CA ALA A 594 -64.20 6.05 12.05
C ALA A 594 -63.31 6.03 13.28
N MET A 595 -63.65 5.18 14.26
CA MET A 595 -62.85 5.11 15.48
C MET A 595 -61.47 4.51 15.20
N LEU A 596 -61.39 3.49 14.36
CA LEU A 596 -60.13 2.84 14.04
C LEU A 596 -59.29 3.61 13.04
N ARG A 597 -59.87 4.58 12.33
CA ARG A 597 -59.10 5.42 11.44
C ARG A 597 -58.32 6.48 12.17
N ASN A 598 -58.56 6.65 13.47
CA ASN A 598 -57.84 7.65 14.25
C ASN A 598 -56.41 7.19 14.52
N ASP A 599 -55.52 8.17 14.72
CA ASP A 599 -54.12 7.87 14.89
C ASP A 599 -53.81 7.27 16.25
N THR A 600 -54.69 7.43 17.22
CA THR A 600 -54.49 6.85 18.55
C THR A 600 -55.00 5.42 18.65
N ASN A 601 -55.73 4.92 17.65
CA ASN A 601 -56.27 3.58 17.66
C ASN A 601 -55.61 2.68 16.61
N ASP A 602 -54.35 2.96 16.28
CA ASP A 602 -53.64 2.16 15.30
C ASP A 602 -53.41 0.75 15.84
N GLN A 603 -53.47 -0.22 14.94
CA GLN A 603 -53.27 -1.62 15.30
C GLN A 603 -51.78 -1.94 15.33
N SER A 604 -51.40 -2.82 16.25
CA SER A 604 -50.01 -3.20 16.44
C SER A 604 -49.88 -4.71 16.37
N PHE A 605 -48.85 -5.18 15.67
CA PHE A 605 -48.59 -6.60 15.54
C PHE A 605 -47.10 -6.87 15.75
N ASN A 606 -46.80 -8.03 16.32
CA ASN A 606 -45.42 -8.43 16.59
C ASN A 606 -45.18 -9.81 16.03
N ASP A 607 -44.07 -9.96 15.30
CA ASP A 607 -43.69 -11.28 14.80
C ASP A 607 -43.42 -12.21 15.97
N TYR A 608 -43.98 -13.43 15.91
CA TYR A 608 -43.84 -14.36 17.03
C TYR A 608 -42.37 -14.74 17.24
N LEU A 609 -41.70 -15.18 16.18
CA LEU A 609 -40.26 -15.40 16.23
C LEU A 609 -39.52 -14.11 15.90
N SER A 610 -39.72 -13.11 16.76
CA SER A 610 -39.12 -11.81 16.56
C SER A 610 -37.62 -11.94 16.80
N ALA A 611 -36.86 -12.06 15.71
CA ALA A 611 -35.43 -12.27 15.81
C ALA A 611 -34.77 -11.94 14.49
N ALA A 612 -33.46 -11.76 14.53
CA ALA A 612 -32.64 -11.62 13.34
C ALA A 612 -31.94 -12.95 13.10
N ASN A 613 -32.34 -13.67 12.09
CA ASN A 613 -31.81 -14.96 11.88
C ASN A 613 -30.51 -14.90 11.12
N MET A 614 -29.45 -15.42 11.69
CA MET A 614 -28.18 -15.40 11.02
C MET A 614 -27.69 -16.82 10.94
N LEU A 615 -27.26 -17.28 9.77
CA LEU A 615 -26.78 -18.62 9.62
C LEU A 615 -25.33 -18.57 9.30
N TYR A 616 -24.48 -19.08 10.18
CA TYR A 616 -23.06 -19.06 9.96
C TYR A 616 -22.54 -20.42 9.60
N PRO A 617 -21.97 -20.57 8.42
CA PRO A 617 -21.53 -21.89 7.95
C PRO A 617 -20.49 -22.50 8.87
N ILE A 618 -20.49 -23.82 8.93
CA ILE A 618 -19.64 -24.58 9.82
C ILE A 618 -18.88 -25.62 8.98
N PRO A 619 -17.56 -25.55 8.89
CA PRO A 619 -16.81 -26.67 8.33
C PRO A 619 -16.96 -27.88 9.23
N PRO A 620 -16.85 -29.08 8.68
CA PRO A 620 -17.32 -30.26 9.42
C PRO A 620 -16.42 -30.65 10.59
N ASN A 621 -16.01 -29.67 11.40
CA ASN A 621 -15.22 -29.88 12.61
C ASN A 621 -15.28 -28.62 13.46
N ALA A 622 -14.94 -28.79 14.75
CA ALA A 622 -14.45 -27.72 15.61
C ALA A 622 -15.48 -26.66 15.98
N THR A 623 -15.04 -25.39 16.00
CA THR A 623 -15.79 -24.28 16.57
C THR A 623 -15.96 -23.14 15.58
N GLN A 624 -16.48 -22.00 16.04
CA GLN A 624 -16.67 -20.83 15.18
C GLN A 624 -16.91 -19.60 16.04
N LEU A 625 -16.73 -18.42 15.44
CA LEU A 625 -16.82 -17.15 16.18
C LEU A 625 -17.52 -16.06 15.37
N PRO A 626 -18.73 -15.64 15.75
CA PRO A 626 -19.48 -14.64 14.97
C PRO A 626 -19.38 -13.18 15.43
N ILE A 627 -20.01 -12.31 14.63
CA ILE A 627 -20.63 -11.01 14.94
C ILE A 627 -19.67 -9.87 15.28
N PRO A 628 -19.81 -8.71 14.59
CA PRO A 628 -19.13 -7.47 14.97
C PRO A 628 -19.94 -6.60 15.94
N SER A 629 -19.66 -5.28 15.97
CA SER A 629 -20.28 -4.30 16.94
C SER A 629 -21.67 -3.74 16.73
N ARG A 630 -22.18 -2.88 17.64
CA ARG A 630 -23.56 -2.39 17.56
C ARG A 630 -24.04 -1.88 18.89
N ASN A 631 -25.26 -1.35 18.95
CA ASN A 631 -25.99 -1.12 20.21
C ASN A 631 -26.94 -2.24 20.49
N TRP A 632 -26.89 -2.83 21.66
CA TRP A 632 -27.72 -3.97 21.99
C TRP A 632 -28.81 -3.61 22.92
N ALA A 633 -29.56 -2.59 22.57
CA ALA A 633 -30.65 -2.12 23.40
C ALA A 633 -31.91 -2.94 23.12
N ALA A 634 -32.65 -3.25 24.18
CA ALA A 634 -33.88 -4.04 24.10
C ALA A 634 -33.63 -5.42 23.50
N PHE A 635 -32.42 -5.93 23.66
CA PHE A 635 -32.13 -7.31 23.28
C PHE A 635 -32.91 -8.25 24.18
N ARG A 636 -33.28 -9.40 23.63
CA ARG A 636 -34.16 -10.33 24.35
C ARG A 636 -33.57 -11.72 24.52
N GLY A 637 -32.55 -12.09 23.74
CA GLY A 637 -31.86 -13.34 23.97
C GLY A 637 -31.36 -14.04 22.72
N TRP A 638 -30.75 -15.20 22.89
CA TRP A 638 -30.26 -16.02 21.79
C TRP A 638 -31.08 -17.30 21.67
N SER A 639 -30.97 -17.92 20.49
CA SER A 639 -31.51 -19.27 20.30
C SER A 639 -30.65 -19.96 19.24
N LEU A 640 -29.64 -20.69 19.68
CA LEU A 640 -28.74 -21.41 18.78
C LEU A 640 -29.32 -22.76 18.41
N THR A 641 -28.94 -23.23 17.21
CA THR A 641 -29.26 -24.57 16.73
C THR A 641 -28.36 -24.86 15.54
N ARG A 642 -28.12 -26.15 15.29
CA ARG A 642 -27.28 -26.60 14.19
C ARG A 642 -28.14 -27.13 13.06
N LEU A 643 -27.81 -26.73 11.83
CA LEU A 643 -28.52 -27.17 10.64
C LEU A 643 -27.51 -27.69 9.62
N LYS A 644 -27.92 -28.71 8.88
CA LYS A 644 -27.09 -29.22 7.79
C LYS A 644 -27.26 -28.33 6.57
N GLN A 645 -26.13 -28.04 5.91
CA GLN A 645 -26.16 -27.10 4.80
C GLN A 645 -26.94 -27.66 3.62
N ARG A 646 -26.88 -28.97 3.41
CA ARG A 646 -27.63 -29.58 2.32
C ARG A 646 -29.12 -29.35 2.46
N GLU A 647 -29.64 -29.44 3.69
CA GLU A 647 -31.07 -29.26 3.90
C GLU A 647 -31.46 -27.79 3.82
N THR A 648 -30.61 -26.89 4.30
CA THR A 648 -30.96 -25.48 4.35
C THR A 648 -30.85 -24.86 2.96
N PRO A 649 -31.92 -24.24 2.45
CA PRO A 649 -31.82 -23.55 1.16
C PRO A 649 -31.27 -22.14 1.31
N ALA A 650 -31.24 -21.38 0.21
CA ALA A 650 -30.82 -19.98 0.21
C ALA A 650 -32.05 -19.14 -0.10
N LEU A 651 -32.76 -18.71 0.95
CA LEU A 651 -34.00 -17.95 0.76
C LEU A 651 -33.76 -16.54 0.25
N GLY A 652 -32.51 -16.08 0.21
CA GLY A 652 -32.23 -14.75 -0.32
C GLY A 652 -32.43 -14.62 -1.81
N SER A 653 -32.69 -15.71 -2.50
CA SER A 653 -32.87 -15.72 -3.94
C SER A 653 -34.17 -16.43 -4.31
N PRO A 654 -34.78 -16.05 -5.43
CA PRO A 654 -35.97 -16.79 -5.89
C PRO A 654 -35.71 -18.25 -6.17
N PHE A 655 -34.51 -18.59 -6.64
CA PHE A 655 -34.18 -19.96 -7.02
C PHE A 655 -32.83 -20.33 -6.45
N ASP A 656 -32.73 -21.56 -5.95
CA ASP A 656 -31.47 -22.08 -5.41
C ASP A 656 -30.99 -23.22 -6.29
N PRO A 657 -30.08 -22.98 -7.24
CA PRO A 657 -29.64 -24.06 -8.13
C PRO A 657 -28.92 -25.18 -7.41
N TYR A 658 -28.37 -24.93 -6.22
CA TYR A 658 -27.60 -25.92 -5.49
C TYR A 658 -28.40 -26.55 -4.35
N PHE A 659 -29.70 -26.28 -4.27
CA PHE A 659 -30.52 -26.86 -3.20
C PHE A 659 -30.58 -28.37 -3.33
N THR A 660 -30.99 -28.86 -4.51
CA THR A 660 -31.00 -30.27 -4.89
C THR A 660 -31.37 -31.20 -3.72
N TYR A 661 -32.45 -30.84 -3.02
CA TYR A 661 -32.89 -31.64 -1.88
C TYR A 661 -34.35 -31.35 -1.60
N SER A 662 -35.08 -32.37 -1.18
CA SER A 662 -36.47 -32.24 -0.76
C SER A 662 -36.67 -33.03 0.53
N GLY A 663 -37.25 -32.38 1.53
CA GLY A 663 -37.43 -32.99 2.82
C GLY A 663 -37.76 -31.95 3.86
N THR A 664 -37.73 -32.38 5.12
CA THR A 664 -38.03 -31.47 6.21
C THR A 664 -36.90 -30.47 6.38
N ILE A 665 -37.02 -29.30 5.77
CA ILE A 665 -35.96 -28.30 5.83
C ILE A 665 -36.11 -27.51 7.13
N PRO A 666 -35.14 -27.63 8.04
CA PRO A 666 -35.31 -27.07 9.39
C PRO A 666 -35.43 -25.55 9.42
N TYR A 667 -34.76 -24.84 8.51
CA TYR A 667 -34.66 -23.40 8.62
C TYR A 667 -36.03 -22.74 8.58
N LEU A 668 -37.01 -23.36 7.91
CA LEU A 668 -38.34 -22.80 7.83
C LEU A 668 -39.43 -23.83 8.12
N ASP A 669 -39.05 -25.01 8.61
CA ASP A 669 -40.03 -26.02 8.99
C ASP A 669 -40.11 -26.24 10.50
N GLY A 670 -39.14 -25.73 11.26
CA GLY A 670 -39.12 -25.96 12.69
C GLY A 670 -38.85 -27.41 13.04
N THR A 671 -37.84 -28.00 12.40
CA THR A 671 -37.47 -29.40 12.57
C THR A 671 -35.97 -29.46 12.86
N PHE A 672 -35.62 -29.30 14.13
CA PHE A 672 -34.22 -29.12 14.54
C PHE A 672 -33.75 -30.36 15.29
N TYR A 673 -33.22 -31.32 14.54
CA TYR A 673 -32.75 -32.58 15.10
C TYR A 673 -31.29 -32.58 15.50
N LEU A 674 -30.56 -31.50 15.24
CA LEU A 674 -29.13 -31.44 15.48
C LEU A 674 -28.77 -30.63 16.71
N SER A 675 -29.75 -30.21 17.52
CA SER A 675 -29.48 -29.38 18.68
C SER A 675 -28.73 -30.12 19.78
N HIS A 676 -28.60 -31.44 19.69
CA HIS A 676 -27.93 -32.22 20.72
C HIS A 676 -26.43 -32.32 20.50
N THR A 677 -25.91 -31.78 19.41
CA THR A 677 -24.49 -31.89 19.11
C THR A 677 -23.64 -30.82 19.80
N PHE A 678 -24.26 -29.82 20.41
CA PHE A 678 -23.50 -28.73 21.01
C PHE A 678 -22.81 -29.21 22.29
N ARG A 679 -21.63 -28.64 22.55
CA ARG A 679 -20.88 -28.95 23.76
C ARG A 679 -20.83 -27.78 24.74
N LYS A 680 -20.44 -26.59 24.29
CA LYS A 680 -20.44 -25.43 25.16
C LYS A 680 -20.52 -24.17 24.32
N VAL A 681 -21.03 -23.11 24.95
CA VAL A 681 -21.18 -21.81 24.31
C VAL A 681 -20.53 -20.77 25.20
N ALA A 682 -19.68 -19.93 24.61
CA ALA A 682 -18.98 -18.87 25.34
C ALA A 682 -19.36 -17.53 24.74
N ILE A 683 -20.25 -16.81 25.42
CA ILE A 683 -20.65 -15.47 25.01
C ILE A 683 -19.74 -14.46 25.68
N GLN A 684 -19.16 -13.57 24.90
CA GLN A 684 -18.17 -12.62 25.40
C GLN A 684 -18.42 -11.26 24.78
N PHE A 685 -18.81 -10.30 25.62
CA PHE A 685 -19.07 -8.94 25.17
C PHE A 685 -17.79 -8.12 25.18
N ASP A 686 -17.61 -7.27 24.17
CA ASP A 686 -16.47 -6.37 24.03
C ASP A 686 -15.14 -7.13 24.04
N SER A 687 -15.16 -8.41 23.69
CA SER A 687 -13.99 -9.28 23.63
C SER A 687 -13.27 -9.41 24.97
N SER A 688 -13.86 -8.90 26.05
CA SER A 688 -13.24 -8.99 27.38
C SER A 688 -14.19 -9.40 28.48
N VAL A 689 -15.51 -9.26 28.31
CA VAL A 689 -16.48 -9.53 29.35
C VAL A 689 -17.23 -10.79 28.97
N THR A 690 -17.04 -11.87 29.73
CA THR A 690 -17.90 -13.03 29.57
C THR A 690 -19.32 -12.65 29.97
N TRP A 691 -20.31 -13.19 29.26
CA TRP A 691 -21.65 -12.65 29.43
C TRP A 691 -22.24 -12.85 30.82
N PRO A 692 -22.49 -14.09 31.28
CA PRO A 692 -23.18 -14.23 32.57
C PRO A 692 -22.43 -13.57 33.71
N GLY A 693 -21.11 -13.71 33.72
CA GLY A 693 -20.25 -13.07 34.71
C GLY A 693 -20.68 -13.32 36.14
N ASN A 694 -20.13 -12.54 37.07
CA ASN A 694 -20.57 -12.52 38.45
C ASN A 694 -20.59 -13.90 39.09
N ASP A 695 -19.85 -14.85 38.53
CA ASP A 695 -19.86 -16.25 38.98
C ASP A 695 -21.28 -16.78 39.07
N ARG A 696 -22.08 -16.49 38.04
CA ARG A 696 -23.50 -16.85 38.08
C ARG A 696 -23.68 -18.36 38.05
N LEU A 697 -23.02 -19.04 37.12
CA LEU A 697 -23.21 -20.46 36.90
C LEU A 697 -22.15 -21.27 37.65
N LEU A 698 -22.34 -22.60 37.64
CA LEU A 698 -21.34 -23.48 38.22
C LEU A 698 -20.04 -23.44 37.43
N THR A 699 -20.12 -23.10 36.15
CA THR A 699 -18.96 -22.83 35.31
C THR A 699 -19.18 -21.45 34.70
N PRO A 700 -18.84 -20.39 35.43
CA PRO A 700 -19.19 -19.03 35.00
C PRO A 700 -18.58 -18.63 33.67
N ASN A 701 -17.51 -19.29 33.24
CA ASN A 701 -16.78 -18.83 32.07
C ASN A 701 -17.57 -19.04 30.78
N GLU A 702 -18.19 -20.21 30.62
CA GLU A 702 -19.01 -20.48 29.46
C GLU A 702 -20.18 -21.38 29.83
N PHE A 703 -21.20 -21.36 28.99
CA PHE A 703 -22.36 -22.23 29.14
C PHE A 703 -21.97 -23.61 28.65
N GLU A 704 -21.62 -24.51 29.57
CA GLU A 704 -21.27 -25.88 29.22
C GLU A 704 -22.55 -26.67 29.02
N ILE A 705 -22.82 -27.04 27.76
CA ILE A 705 -24.04 -27.78 27.46
C ILE A 705 -23.88 -29.26 27.78
N LYS A 706 -22.86 -29.89 27.23
CA LYS A 706 -22.57 -31.30 27.50
C LYS A 706 -21.21 -31.43 28.16
N ILE A 707 -21.08 -32.44 29.02
CA ILE A 707 -19.82 -32.74 29.69
C ILE A 707 -19.48 -34.19 29.39
N SER A 708 -18.18 -34.46 29.20
CA SER A 708 -17.69 -35.79 28.88
C SER A 708 -16.87 -36.39 30.01
N VAL A 709 -15.85 -35.67 30.48
CA VAL A 709 -15.05 -36.15 31.60
C VAL A 709 -15.87 -36.16 32.88
N ASP A 710 -16.67 -35.10 33.10
CA ASP A 710 -17.50 -34.95 34.30
C ASP A 710 -16.67 -35.20 35.56
N GLY A 711 -15.74 -34.29 35.80
CA GLY A 711 -14.83 -34.47 36.92
C GLY A 711 -15.50 -34.58 38.27
N GLU A 712 -15.99 -33.47 38.81
CA GLU A 712 -16.49 -33.47 40.19
C GLU A 712 -17.94 -33.91 40.32
N GLY A 713 -18.89 -33.11 39.84
CA GLY A 713 -20.28 -33.50 40.02
C GLY A 713 -21.31 -33.05 39.01
N TYR A 714 -20.91 -32.39 37.92
CA TYR A 714 -21.85 -31.64 37.09
C TYR A 714 -22.36 -32.51 35.96
N ASN A 715 -23.38 -33.32 36.25
CA ASN A 715 -24.07 -34.10 35.21
C ASN A 715 -25.51 -34.27 35.70
N VAL A 716 -26.39 -33.43 35.19
CA VAL A 716 -27.76 -33.38 35.69
C VAL A 716 -28.57 -34.54 35.09
N ALA A 717 -29.60 -34.95 35.83
CA ALA A 717 -30.48 -36.04 35.42
C ALA A 717 -29.72 -37.34 35.23
N GLN A 718 -30.42 -38.42 34.88
CA GLN A 718 -29.73 -39.67 34.59
C GLN A 718 -28.99 -39.64 33.27
N SER A 719 -29.22 -38.62 32.45
CA SER A 719 -28.60 -38.49 31.14
C SER A 719 -27.32 -37.66 31.25
N ASN A 720 -26.81 -37.24 30.09
CA ASN A 720 -25.70 -36.30 30.00
C ASN A 720 -26.21 -34.89 30.23
N MET A 721 -25.41 -33.89 29.86
CA MET A 721 -25.77 -32.47 29.94
C MET A 721 -25.69 -31.99 31.39
N THR A 722 -25.25 -30.74 31.57
CA THR A 722 -24.80 -30.26 32.86
C THR A 722 -25.91 -29.59 33.66
N LYS A 723 -25.68 -29.47 34.96
CA LYS A 723 -26.67 -28.90 35.86
C LYS A 723 -26.96 -27.44 35.53
N ASP A 724 -25.92 -26.67 35.22
CA ASP A 724 -26.13 -25.26 34.90
C ASP A 724 -26.96 -25.10 33.63
N TRP A 725 -26.68 -25.92 32.60
CA TRP A 725 -27.46 -25.84 31.37
C TRP A 725 -28.91 -26.28 31.61
N PHE A 726 -29.11 -27.31 32.43
CA PHE A 726 -30.48 -27.72 32.75
C PHE A 726 -31.22 -26.60 33.48
N LEU A 727 -30.55 -25.95 34.43
CA LEU A 727 -31.17 -24.84 35.14
C LEU A 727 -31.51 -23.70 34.19
N VAL A 728 -30.59 -23.37 33.28
CA VAL A 728 -30.83 -22.29 32.34
C VAL A 728 -32.01 -22.61 31.44
N GLN A 729 -32.07 -23.84 30.93
CA GLN A 729 -33.16 -24.23 30.05
C GLN A 729 -34.50 -24.22 30.79
N MET A 730 -34.52 -24.74 32.02
CA MET A 730 -35.76 -24.74 32.80
C MET A 730 -36.23 -23.32 33.08
N LEU A 731 -35.31 -22.44 33.45
CA LEU A 731 -35.69 -21.05 33.74
C LEU A 731 -36.16 -20.35 32.47
N ALA A 732 -35.52 -20.60 31.34
CA ALA A 732 -35.89 -19.93 30.10
C ALA A 732 -37.24 -20.40 29.58
N ASN A 733 -37.55 -21.69 29.77
CA ASN A 733 -38.77 -22.22 29.18
C ASN A 733 -39.97 -22.15 30.12
N TYR A 734 -39.76 -22.34 31.43
CA TYR A 734 -40.88 -22.46 32.35
C TYR A 734 -40.74 -21.67 33.65
N ASN A 735 -39.56 -21.09 33.93
CA ASN A 735 -39.29 -20.43 35.20
C ASN A 735 -39.48 -21.39 36.37
N ILE A 736 -38.65 -22.43 36.40
CA ILE A 736 -38.79 -23.54 37.33
C ILE A 736 -37.63 -23.63 38.31
N GLY A 737 -36.39 -23.52 37.82
CA GLY A 737 -35.22 -23.96 38.55
C GLY A 737 -34.93 -23.36 39.91
N TYR A 738 -35.75 -22.42 40.39
CA TYR A 738 -35.50 -21.80 41.68
C TYR A 738 -36.37 -22.32 42.79
N GLN A 739 -37.62 -22.70 42.51
CA GLN A 739 -38.53 -23.25 43.51
C GLN A 739 -38.70 -24.75 43.34
N GLY A 740 -37.63 -25.45 43.05
CA GLY A 740 -37.71 -26.88 42.79
C GLY A 740 -37.63 -27.20 41.31
N TYR A 741 -37.76 -28.48 41.01
CA TYR A 741 -37.70 -28.98 39.64
C TYR A 741 -38.92 -29.82 39.32
N HIS A 742 -40.10 -29.32 39.66
CA HIS A 742 -41.32 -30.03 39.36
C HIS A 742 -41.59 -30.03 37.86
N LEU A 743 -42.39 -30.99 37.42
CA LEU A 743 -42.77 -31.07 36.02
C LEU A 743 -43.64 -29.87 35.65
N PRO A 744 -43.41 -29.22 34.51
CA PRO A 744 -44.23 -28.07 34.15
C PRO A 744 -45.64 -28.50 33.81
N PRO A 745 -46.61 -27.60 33.90
CA PRO A 745 -47.99 -27.97 33.57
C PRO A 745 -48.12 -28.31 32.10
N ASP A 746 -49.20 -29.04 31.78
CA ASP A 746 -49.39 -29.56 30.43
C ASP A 746 -49.52 -28.43 29.42
N TYR A 747 -50.21 -27.35 29.77
CA TYR A 747 -50.41 -26.26 28.82
C TYR A 747 -49.11 -25.55 28.49
N LYS A 748 -48.15 -25.54 29.42
CA LYS A 748 -46.86 -24.91 29.14
C LYS A 748 -45.97 -25.80 28.29
N ASP A 749 -46.25 -27.09 28.24
CA ASP A 749 -45.42 -28.05 27.51
C ASP A 749 -45.97 -28.20 26.09
N ARG A 750 -45.26 -27.65 25.12
CA ARG A 750 -45.68 -27.66 23.73
C ARG A 750 -44.65 -28.41 22.88
N THR A 751 -44.91 -28.48 21.57
CA THR A 751 -44.03 -29.24 20.68
C THR A 751 -42.64 -28.64 20.61
N PHE A 752 -42.53 -27.32 20.58
CA PHE A 752 -41.24 -26.65 20.49
C PHE A 752 -40.58 -26.46 21.85
N SER A 753 -41.18 -26.96 22.92
CA SER A 753 -40.64 -26.77 24.26
C SER A 753 -39.42 -27.67 24.46
N PHE A 754 -38.86 -27.66 25.68
CA PHE A 754 -37.62 -28.38 25.98
C PHE A 754 -37.90 -29.75 26.59
N LEU A 755 -38.64 -29.80 27.70
CA LEU A 755 -38.89 -31.08 28.36
C LEU A 755 -39.78 -31.99 27.53
N HIS A 756 -40.57 -31.43 26.60
CA HIS A 756 -41.39 -32.27 25.73
C HIS A 756 -40.56 -33.11 24.78
N ASN A 757 -39.34 -32.68 24.46
CA ASN A 757 -38.48 -33.40 23.54
C ASN A 757 -37.19 -33.91 24.17
N PHE A 758 -36.94 -33.62 25.45
CA PHE A 758 -35.70 -34.03 26.11
C PHE A 758 -35.79 -35.51 26.44
N ILE A 759 -35.12 -36.34 25.65
CA ILE A 759 -35.13 -37.79 25.81
C ILE A 759 -33.79 -38.21 26.41
N PRO A 760 -33.77 -38.73 27.65
CA PRO A 760 -32.52 -39.22 28.22
C PRO A 760 -32.27 -40.67 27.86
N MET A 761 -30.99 -41.01 27.66
CA MET A 761 -30.60 -42.35 27.25
C MET A 761 -29.33 -42.75 27.97
N CYS A 762 -29.11 -44.06 28.08
CA CYS A 762 -27.90 -44.59 28.68
C CYS A 762 -27.73 -46.04 28.25
N ARG A 763 -26.69 -46.31 27.47
CA ARG A 763 -26.30 -47.67 27.13
C ARG A 763 -24.97 -48.00 27.79
N GLN A 764 -24.56 -49.26 27.68
CA GLN A 764 -23.36 -49.73 28.36
C GLN A 764 -22.67 -50.77 27.50
N VAL A 765 -21.45 -50.48 27.08
CA VAL A 765 -20.70 -51.33 26.16
C VAL A 765 -19.54 -51.98 26.91
N PRO A 766 -19.08 -53.16 26.50
CA PRO A 766 -17.97 -53.82 27.20
C PRO A 766 -16.71 -52.97 27.21
N ASN A 767 -15.97 -53.06 28.29
CA ASN A 767 -14.74 -52.28 28.46
C ASN A 767 -13.67 -52.80 27.51
N PRO A 768 -13.15 -51.97 26.60
CA PRO A 768 -12.09 -52.42 25.68
C PRO A 768 -10.70 -52.44 26.32
N ALA A 769 -10.64 -52.90 27.57
CA ALA A 769 -9.36 -53.10 28.24
C ALA A 769 -9.29 -54.40 29.03
N THR A 770 -10.35 -55.19 29.08
CA THR A 770 -10.33 -56.45 29.79
C THR A 770 -9.58 -57.51 28.97
N GLU A 771 -8.82 -58.34 29.67
CA GLU A 771 -8.16 -59.46 29.02
C GLU A 771 -9.20 -60.39 28.41
N GLY A 772 -8.96 -60.81 27.17
CA GLY A 772 -9.88 -61.66 26.46
C GLY A 772 -10.95 -60.92 25.68
N TYR A 773 -10.93 -59.59 25.66
CA TYR A 773 -11.87 -58.80 24.88
C TYR A 773 -11.30 -58.60 23.49
N PHE A 774 -11.96 -59.14 22.48
CA PHE A 774 -11.57 -58.98 21.09
C PHE A 774 -12.65 -58.17 20.38
N GLY A 775 -12.39 -56.88 20.18
CA GLY A 775 -13.30 -56.07 19.41
C GLY A 775 -13.35 -56.54 17.98
N LEU A 776 -14.44 -57.18 17.59
CA LEU A 776 -14.55 -57.78 16.27
C LEU A 776 -15.07 -56.77 15.26
N GLY A 777 -14.68 -56.97 14.01
CA GLY A 777 -15.20 -56.15 12.94
C GLY A 777 -16.65 -56.46 12.65
N ILE A 778 -17.24 -55.64 11.78
CA ILE A 778 -18.63 -55.83 11.41
C ILE A 778 -18.82 -57.17 10.70
N VAL A 779 -17.87 -57.54 9.84
CA VAL A 779 -17.99 -58.79 9.10
C VAL A 779 -17.88 -59.99 10.04
N ASN A 780 -17.06 -59.89 11.08
CA ASN A 780 -16.87 -61.00 12.00
C ASN A 780 -17.85 -60.91 13.18
N HIS A 781 -19.13 -60.79 12.82
CA HIS A 781 -20.22 -60.76 13.79
C HIS A 781 -21.26 -61.77 13.34
N ARG A 782 -21.38 -62.89 14.04
CA ARG A 782 -22.38 -63.89 13.73
C ARG A 782 -23.35 -64.04 14.89
N THR A 783 -24.64 -64.05 14.56
CA THR A 783 -25.70 -64.44 15.47
C THR A 783 -26.87 -64.84 14.59
N THR A 784 -27.66 -65.82 15.06
CA THR A 784 -28.66 -66.49 14.25
C THR A 784 -28.09 -66.92 12.88
N PRO A 785 -26.96 -67.63 12.86
CA PRO A 785 -26.38 -68.02 11.57
C PRO A 785 -27.27 -69.03 10.88
N ALA A 786 -27.39 -68.90 9.56
CA ALA A 786 -28.30 -69.68 8.73
C ALA A 786 -29.75 -69.35 9.04
N TYR A 787 -30.00 -68.16 9.57
CA TYR A 787 -31.37 -67.67 9.70
C TYR A 787 -31.40 -66.17 9.42
N CYS A 792 -27.60 -56.49 4.87
CA CYS A 792 -28.50 -57.28 5.70
C CYS A 792 -29.57 -57.95 4.85
N ARG A 793 -30.76 -58.12 5.43
CA ARG A 793 -31.85 -58.85 4.80
C ARG A 793 -31.29 -60.20 4.34
N ALA A 794 -31.04 -60.34 3.03
CA ALA A 794 -30.46 -61.53 2.41
C ALA A 794 -31.36 -62.75 2.61
N PRO A 795 -31.13 -63.84 1.90
CA PRO A 795 -31.73 -65.11 2.29
C PRO A 795 -31.05 -65.69 3.51
N ARG A 796 -31.46 -66.90 3.86
CA ARG A 796 -30.98 -67.62 5.04
C ARG A 796 -29.64 -68.31 4.85
N GLU A 797 -28.83 -67.81 3.92
CA GLU A 797 -27.45 -68.28 3.76
C GLU A 797 -26.70 -68.33 5.07
N GLY A 798 -26.23 -69.51 5.45
CA GLY A 798 -25.45 -69.63 6.67
C GLY A 798 -25.35 -71.09 7.11
N HIS A 799 -24.80 -71.27 8.30
CA HIS A 799 -24.55 -72.57 8.89
C HIS A 799 -24.85 -72.51 10.39
N PRO A 800 -25.83 -73.26 10.88
CA PRO A 800 -26.18 -73.17 12.31
C PRO A 800 -24.97 -73.48 13.18
N TYR A 801 -24.79 -72.66 14.21
CA TYR A 801 -23.56 -72.70 15.00
C TYR A 801 -23.70 -71.83 16.23
N PRO A 802 -23.03 -72.15 17.33
CA PRO A 802 -22.90 -71.19 18.42
C PRO A 802 -22.26 -69.92 17.92
N GLN A 803 -22.75 -68.79 18.39
CA GLN A 803 -22.49 -67.50 17.79
C GLN A 803 -21.64 -66.63 18.71
N LEU A 804 -21.33 -65.43 18.22
CA LEU A 804 -20.62 -64.43 19.02
C LEU A 804 -20.98 -63.06 18.44
N ALA A 805 -21.84 -62.33 19.13
CA ALA A 805 -22.30 -61.03 18.66
C ALA A 805 -21.94 -59.91 19.61
N LEU A 806 -22.27 -60.05 20.89
CA LEU A 806 -22.00 -59.06 21.90
C LEU A 806 -21.74 -59.77 23.22
N PRO A 807 -20.69 -59.37 23.95
CA PRO A 807 -20.41 -60.00 25.22
C PRO A 807 -21.58 -59.85 26.17
N PRO A 808 -21.83 -60.84 27.01
CA PRO A 808 -23.05 -60.82 27.84
C PRO A 808 -22.96 -59.81 28.97
N HIS A 809 -24.13 -59.50 29.51
CA HIS A 809 -24.29 -58.68 30.71
C HIS A 809 -25.32 -59.30 31.64
N TRP A 810 -25.40 -60.63 31.65
CA TRP A 810 -26.40 -61.34 32.42
C TRP A 810 -25.80 -62.24 33.49
N ASP A 811 -24.91 -63.13 33.12
CA ASP A 811 -24.45 -64.23 33.95
C ASP A 811 -23.15 -63.91 34.68
N PRO A 812 -22.71 -64.78 35.60
CA PRO A 812 -21.37 -64.64 36.17
C PRO A 812 -20.27 -64.56 35.12
N ARG A 813 -20.58 -65.02 33.90
CA ARG A 813 -19.69 -64.88 32.76
C ARG A 813 -19.86 -63.53 32.06
N HIS A 814 -20.30 -62.52 32.78
CA HIS A 814 -20.41 -61.17 32.26
C HIS A 814 -19.03 -60.63 31.88
N ALA A 815 -19.03 -59.46 31.26
CA ALA A 815 -17.80 -58.76 30.91
C ALA A 815 -17.73 -57.44 31.66
N LEU A 816 -16.58 -57.18 32.27
CA LEU A 816 -16.33 -55.89 32.90
C LEU A 816 -16.47 -54.79 31.87
N ARG A 817 -17.42 -53.86 32.17
CA ARG A 817 -17.78 -52.78 31.23
C ARG A 817 -17.96 -51.33 31.70
N ASP A 818 -18.20 -50.40 30.76
CA ASP A 818 -18.29 -48.97 31.07
C ASP A 818 -19.55 -48.28 30.57
N PRO A 819 -20.08 -47.29 31.30
CA PRO A 819 -21.36 -46.68 30.92
C PRO A 819 -21.23 -45.52 29.96
N GLU A 820 -22.27 -45.22 29.22
CA GLU A 820 -22.24 -44.12 28.30
C GLU A 820 -23.58 -43.43 28.37
N ARG A 821 -23.58 -42.13 28.49
CA ARG A 821 -24.80 -41.35 28.66
C ARG A 821 -24.87 -40.28 27.59
N LYS A 822 -26.09 -39.96 27.18
CA LYS A 822 -26.34 -38.92 26.18
C LYS A 822 -27.81 -38.56 26.23
N PHE A 823 -28.21 -37.69 25.30
CA PHE A 823 -29.60 -37.26 25.23
C PHE A 823 -29.89 -36.78 23.81
N LEU A 824 -31.17 -36.68 23.49
CA LEU A 824 -31.62 -36.20 22.19
C LEU A 824 -32.73 -35.18 22.40
N CYS A 825 -32.62 -34.05 21.71
CA CYS A 825 -33.65 -33.02 21.67
C CYS A 825 -33.96 -32.75 20.21
N ASP A 826 -35.17 -33.13 19.77
CA ASP A 826 -35.46 -33.23 18.35
C ASP A 826 -36.16 -32.01 17.77
N ARG A 827 -36.80 -31.18 18.59
CA ARG A 827 -37.48 -29.99 18.09
C ARG A 827 -37.27 -28.82 19.03
N THR A 828 -36.07 -28.66 19.55
CA THR A 828 -35.78 -27.65 20.55
C THR A 828 -34.80 -26.62 20.01
N LEU A 829 -35.07 -25.36 20.32
CA LEU A 829 -34.12 -24.28 20.12
C LEU A 829 -33.50 -23.97 21.48
N TRP A 830 -32.19 -24.22 21.60
CA TRP A 830 -31.51 -23.95 22.85
C TRP A 830 -31.59 -22.46 23.17
N ARG A 831 -32.26 -22.12 24.27
CA ARG A 831 -32.56 -20.74 24.60
C ARG A 831 -31.65 -20.23 25.70
N ILE A 832 -31.05 -19.08 25.49
CA ILE A 832 -30.25 -18.39 26.50
C ILE A 832 -30.86 -17.01 26.69
N PRO A 833 -31.80 -16.82 27.61
CA PRO A 833 -32.48 -15.54 27.73
C PRO A 833 -31.54 -14.43 28.19
N PHE A 834 -31.79 -13.23 27.70
CA PHE A 834 -30.97 -12.06 28.00
C PHE A 834 -31.40 -11.41 29.31
N SER A 835 -31.50 -12.22 30.37
CA SER A 835 -32.01 -11.75 31.65
C SER A 835 -30.96 -11.95 32.73
N SER A 836 -31.06 -11.14 33.78
CA SER A 836 -30.09 -11.20 34.87
C SER A 836 -30.15 -12.56 35.58
N ASN A 837 -31.36 -13.07 35.82
CA ASN A 837 -31.54 -14.35 36.49
C ASN A 837 -32.15 -15.42 35.58
N PHE A 838 -32.07 -15.22 34.26
CA PHE A 838 -32.47 -16.20 33.26
C PHE A 838 -33.98 -16.46 33.28
N MET A 839 -34.71 -15.75 34.14
CA MET A 839 -36.16 -15.89 34.14
C MET A 839 -36.78 -15.01 33.07
N SER A 840 -38.09 -15.18 32.90
CA SER A 840 -38.87 -14.43 31.90
C SER A 840 -39.97 -13.69 32.63
N MET A 841 -39.67 -12.48 33.10
CA MET A 841 -40.64 -11.64 33.80
C MET A 841 -41.06 -10.44 32.96
N GLY A 842 -41.10 -10.60 31.66
CA GLY A 842 -41.50 -9.54 30.75
C GLY A 842 -40.82 -9.71 29.41
N SER A 843 -41.54 -9.31 28.35
CA SER A 843 -40.98 -9.37 27.01
C SER A 843 -39.73 -8.50 26.91
N LEU A 844 -39.82 -7.27 27.39
CA LEU A 844 -38.64 -6.40 27.52
C LEU A 844 -37.88 -6.88 28.75
N THR A 845 -36.82 -7.65 28.53
CA THR A 845 -36.15 -8.35 29.61
C THR A 845 -35.55 -7.37 30.62
N ASP A 846 -35.10 -7.94 31.74
CA ASP A 846 -34.63 -7.14 32.86
C ASP A 846 -33.50 -6.21 32.45
N LEU A 847 -32.37 -6.78 32.05
CA LEU A 847 -31.19 -5.98 31.74
C LEU A 847 -31.15 -5.49 30.29
N GLY A 848 -32.06 -5.97 29.44
CA GLY A 848 -32.18 -5.39 28.12
C GLY A 848 -32.66 -3.96 28.17
N GLN A 849 -33.60 -3.67 29.08
CA GLN A 849 -33.98 -2.30 29.38
C GLN A 849 -32.85 -1.54 30.07
N ASN A 850 -31.90 -2.25 30.68
CA ASN A 850 -30.78 -1.65 31.39
C ASN A 850 -29.62 -1.32 30.45
N LEU A 851 -29.77 -1.58 29.15
CA LEU A 851 -28.77 -1.21 28.16
C LEU A 851 -29.21 0.01 27.34
N LEU A 852 -29.98 0.89 27.98
CA LEU A 852 -30.48 2.09 27.32
C LEU A 852 -30.10 3.36 28.05
N TYR A 853 -29.34 3.27 29.14
CA TYR A 853 -29.03 4.44 29.97
C TYR A 853 -28.03 5.34 29.25
N ALA A 854 -28.44 5.91 28.12
CA ALA A 854 -27.54 6.61 27.22
C ALA A 854 -26.34 5.71 26.90
N ASN A 855 -26.65 4.44 26.67
CA ASN A 855 -25.63 3.40 26.62
C ASN A 855 -24.74 3.56 25.39
N ALA A 856 -23.63 2.83 25.42
CA ALA A 856 -22.65 2.86 24.34
C ALA A 856 -22.85 1.62 23.45
N ALA A 857 -21.93 1.43 22.50
CA ALA A 857 -21.98 0.31 21.59
C ALA A 857 -21.06 -0.80 22.09
N HIS A 858 -21.52 -2.04 21.93
CA HIS A 858 -20.77 -3.20 22.38
C HIS A 858 -20.54 -4.16 21.21
N ALA A 859 -19.45 -4.91 21.29
CA ALA A 859 -19.11 -5.93 20.31
C ALA A 859 -19.32 -7.30 20.94
N LEU A 860 -19.96 -8.19 20.20
CA LEU A 860 -20.35 -9.50 20.71
C LEU A 860 -19.59 -10.61 19.99
N ASP A 861 -19.03 -11.53 20.77
CA ASP A 861 -18.28 -12.66 20.25
C ASP A 861 -18.77 -13.93 20.94
N MET A 862 -19.11 -14.94 20.15
CA MET A 862 -19.56 -16.22 20.68
C MET A 862 -18.70 -17.33 20.09
N THR A 863 -18.14 -18.15 20.97
CA THR A 863 -17.33 -19.30 20.56
C THR A 863 -18.14 -20.58 20.79
N PHE A 864 -18.47 -21.27 19.70
CA PHE A 864 -19.26 -22.49 19.78
C PHE A 864 -18.37 -23.69 19.57
N GLU A 865 -18.46 -24.67 20.47
CA GLU A 865 -17.82 -25.96 20.31
C GLU A 865 -18.89 -27.03 20.30
N MET A 866 -18.85 -27.89 19.28
CA MET A 866 -19.88 -28.91 19.07
C MET A 866 -19.25 -30.18 18.55
N ASP A 867 -19.98 -31.27 18.67
CA ASP A 867 -19.48 -32.55 18.17
C ASP A 867 -19.33 -32.49 16.66
N PRO A 868 -18.23 -33.02 16.11
CA PRO A 868 -18.00 -32.92 14.67
C PRO A 868 -18.80 -33.94 13.89
N ILE A 869 -19.33 -33.50 12.75
CA ILE A 869 -20.02 -34.37 11.80
C ILE A 869 -19.50 -34.06 10.41
N ASN A 870 -19.37 -35.11 9.58
CA ASN A 870 -18.65 -34.98 8.32
C ASN A 870 -19.36 -34.04 7.35
N GLU A 871 -20.68 -34.09 7.28
CA GLU A 871 -21.40 -33.28 6.33
C GLU A 871 -21.21 -31.79 6.66
N PRO A 872 -21.05 -30.94 5.65
CA PRO A 872 -20.93 -29.50 5.92
C PRO A 872 -22.23 -28.95 6.47
N THR A 873 -22.14 -28.29 7.62
CA THR A 873 -23.30 -27.77 8.32
C THR A 873 -23.16 -26.27 8.52
N LEU A 874 -24.23 -25.66 9.02
CA LEU A 874 -24.26 -24.22 9.25
C LEU A 874 -25.03 -23.93 10.53
N LEU A 875 -24.50 -23.02 11.33
CA LEU A 875 -25.12 -22.66 12.60
C LEU A 875 -26.35 -21.80 12.37
N TYR A 876 -27.34 -21.94 13.23
CA TYR A 876 -28.58 -21.19 13.15
C TYR A 876 -28.75 -20.40 14.45
N VAL A 877 -28.13 -19.23 14.50
CA VAL A 877 -28.29 -18.32 15.62
C VAL A 877 -29.31 -17.26 15.24
N LEU A 878 -30.37 -17.14 16.04
CA LEU A 878 -31.36 -16.10 15.87
C LEU A 878 -31.35 -15.24 17.11
N PHE A 879 -30.97 -13.96 16.93
CA PHE A 879 -30.86 -13.02 18.03
C PHE A 879 -32.25 -12.47 18.32
N GLU A 880 -32.80 -12.79 19.49
CA GLU A 880 -34.16 -12.41 19.79
C GLU A 880 -34.27 -10.89 19.92
N VAL A 881 -35.15 -10.30 19.12
CA VAL A 881 -35.33 -8.86 19.04
C VAL A 881 -36.80 -8.54 19.23
N PHE A 882 -37.14 -7.26 19.09
CA PHE A 882 -38.51 -6.78 19.14
C PHE A 882 -38.91 -6.39 17.71
N ASP A 883 -39.50 -7.33 16.98
CA ASP A 883 -39.97 -7.09 15.63
C ASP A 883 -41.46 -6.76 15.71
N VAL A 884 -41.78 -5.47 15.61
CA VAL A 884 -43.13 -4.97 15.80
C VAL A 884 -43.48 -4.04 14.66
N ALA A 885 -44.74 -4.07 14.22
CA ALA A 885 -45.24 -3.21 13.17
C ALA A 885 -46.52 -2.54 13.62
N ARG A 886 -46.71 -1.30 13.21
CA ARG A 886 -47.90 -0.51 13.56
C ARG A 886 -48.56 -0.02 12.28
N VAL A 887 -49.86 -0.27 12.15
CA VAL A 887 -50.61 0.02 10.93
C VAL A 887 -51.55 1.17 11.19
N HIS A 888 -51.49 2.18 10.33
CA HIS A 888 -52.36 3.36 10.41
C HIS A 888 -53.12 3.49 9.11
N GLN A 889 -54.45 3.63 9.20
CA GLN A 889 -55.34 3.75 8.05
C GLN A 889 -56.12 5.04 8.18
N PRO A 890 -55.59 6.16 7.69
CA PRO A 890 -56.26 7.44 7.98
C PRO A 890 -57.53 7.69 7.20
N HIS A 891 -57.55 7.42 5.88
CA HIS A 891 -58.70 7.86 5.08
C HIS A 891 -58.88 6.95 3.87
N ARG A 892 -59.80 5.98 3.99
CA ARG A 892 -60.42 5.27 2.87
C ARG A 892 -59.44 4.82 1.79
N GLY A 893 -58.58 3.86 2.11
CA GLY A 893 -57.75 3.22 1.11
C GLY A 893 -56.29 3.62 1.14
N VAL A 894 -55.90 4.52 2.03
CA VAL A 894 -54.49 4.83 2.24
C VAL A 894 -54.05 4.11 3.51
N ILE A 895 -52.96 3.35 3.41
CA ILE A 895 -52.45 2.55 4.52
C ILE A 895 -50.99 2.92 4.74
N GLU A 896 -50.66 3.27 5.98
CA GLU A 896 -49.30 3.61 6.37
C GLU A 896 -48.89 2.69 7.50
N VAL A 897 -47.78 1.98 7.34
CA VAL A 897 -47.33 0.99 8.29
C VAL A 897 -45.91 1.36 8.72
N VAL A 898 -45.66 1.33 10.03
CA VAL A 898 -44.35 1.65 10.58
C VAL A 898 -43.76 0.37 11.16
N TYR A 899 -42.48 0.14 10.89
CA TYR A 899 -41.76 -1.03 11.39
C TYR A 899 -40.66 -0.59 12.34
N LEU A 900 -40.36 -1.46 13.31
CA LEU A 900 -39.29 -1.17 14.27
C LEU A 900 -38.70 -2.47 14.76
N ARG A 901 -37.39 -2.60 14.64
CA ARG A 901 -36.62 -3.71 15.18
C ARG A 901 -35.52 -3.10 16.03
N THR A 902 -35.71 -3.09 17.35
CA THR A 902 -34.89 -2.21 18.20
C THR A 902 -33.45 -2.69 18.40
N PRO A 903 -33.16 -3.98 18.63
CA PRO A 903 -31.75 -4.37 18.76
C PRO A 903 -31.01 -4.26 17.43
N PHE A 904 -31.58 -4.86 16.39
CA PHE A 904 -31.00 -4.85 15.04
C PHE A 904 -31.87 -3.93 14.19
N SER A 905 -31.47 -2.66 14.10
CA SER A 905 -32.28 -1.67 13.42
C SER A 905 -32.41 -1.99 11.94
N ALA A 906 -33.57 -1.67 11.37
CA ALA A 906 -33.84 -1.84 9.95
C ALA A 906 -34.00 -0.52 9.21
N GLY A 907 -34.66 0.46 9.80
CA GLY A 907 -34.86 1.75 9.17
C GLY A 907 -36.01 2.55 9.77
N TYR B 4 -10.62 30.94 20.02
CA TYR B 4 -11.38 31.53 18.94
C TYR B 4 -11.05 33.02 18.86
N ASN B 5 -11.00 33.57 17.65
CA ASN B 5 -10.85 35.02 17.49
C ASN B 5 -11.60 35.42 16.21
N TYR B 6 -12.87 35.77 16.38
CA TYR B 6 -13.75 36.19 15.29
C TYR B 6 -13.63 35.23 14.09
N ALA B 7 -13.70 33.93 14.39
CA ALA B 7 -13.59 32.86 13.41
C ALA B 7 -12.24 32.89 12.69
N ALA B 8 -12.06 32.00 11.71
CA ALA B 8 -10.83 31.97 10.96
C ALA B 8 -10.72 33.19 10.04
N LEU B 9 -9.49 33.59 9.76
CA LEU B 9 -9.26 34.73 8.88
C LEU B 9 -9.62 34.36 7.43
N ALA B 10 -10.01 35.38 6.68
CA ALA B 10 -10.30 35.25 5.26
C ALA B 10 -9.07 35.60 4.44
N PRO B 11 -8.96 35.07 3.21
CA PRO B 11 -7.85 35.46 2.34
C PRO B 11 -7.75 36.97 2.18
N ARG B 12 -6.68 37.56 2.68
CA ARG B 12 -6.54 39.00 2.70
C ARG B 12 -6.27 39.53 1.30
N GLN B 13 -6.47 40.83 1.13
CA GLN B 13 -6.29 41.49 -0.16
C GLN B 13 -5.26 42.60 -0.06
N SER B 23 -26.94 35.27 -1.83
CA SER B 23 -27.01 34.84 -0.43
C SER B 23 -25.74 34.10 -0.02
N GLY B 24 -25.03 34.66 0.96
CA GLY B 24 -23.81 34.01 1.42
C GLY B 24 -24.06 32.65 2.05
N ILE B 25 -25.15 32.52 2.80
CA ILE B 25 -25.50 31.30 3.50
C ILE B 25 -26.86 30.83 3.00
N GLY B 26 -26.96 29.57 2.63
CA GLY B 26 -28.23 29.01 2.27
C GLY B 26 -28.34 28.71 0.79
N THR B 27 -29.11 27.68 0.46
CA THR B 27 -29.38 27.30 -0.92
C THR B 27 -30.88 27.10 -1.10
N HIS B 28 -31.35 27.37 -2.31
CA HIS B 28 -32.77 27.25 -2.64
C HIS B 28 -32.95 26.56 -3.98
N GLU B 29 -32.13 25.56 -4.25
CA GLU B 29 -32.15 24.85 -5.52
C GLU B 29 -33.20 23.75 -5.47
N MET B 30 -34.19 23.83 -6.36
CA MET B 30 -35.31 22.90 -6.41
C MET B 30 -35.75 22.76 -7.86
N HIS B 31 -36.98 22.28 -8.06
CA HIS B 31 -37.66 22.14 -9.35
C HIS B 31 -37.11 20.98 -10.16
N GLY B 32 -38.00 20.23 -10.81
CA GLY B 32 -37.61 19.10 -11.61
C GLY B 32 -38.76 18.52 -12.41
N LEU C 15 -7.71 51.44 -8.12
CA LEU C 15 -7.90 50.01 -8.31
C LEU C 15 -6.60 49.36 -8.76
N GLY C 16 -6.50 48.03 -8.65
CA GLY C 16 -5.29 47.33 -9.01
C GLY C 16 -5.52 45.92 -9.52
N CYS C 17 -4.44 45.23 -9.87
CA CYS C 17 -4.50 43.86 -10.36
C CYS C 17 -3.60 42.98 -9.51
N ASN C 18 -4.01 41.71 -9.36
CA ASN C 18 -3.29 40.77 -8.51
C ASN C 18 -3.21 39.38 -9.13
N LYS C 19 -3.15 39.31 -10.46
CA LYS C 19 -3.19 38.03 -11.15
C LYS C 19 -1.80 37.54 -11.51
N MET C 20 -1.55 36.25 -11.26
CA MET C 20 -0.38 35.55 -11.78
C MET C 20 -0.63 34.06 -11.64
N TYR C 21 0.36 33.27 -12.05
CA TYR C 21 0.26 31.81 -12.05
C TYR C 21 0.32 31.30 -10.62
N GLY C 22 -0.76 30.70 -10.16
CA GLY C 22 -0.83 30.16 -8.82
C GLY C 22 -1.81 30.89 -7.92
N SER D 5 47.37 32.21 39.32
CA SER D 5 47.63 33.07 38.18
C SER D 5 46.90 32.58 36.94
N MET D 6 46.22 31.44 37.08
CA MET D 6 45.43 30.89 36.00
C MET D 6 44.00 30.58 36.45
N LEU D 7 43.57 31.16 37.57
CA LEU D 7 42.20 30.98 38.05
C LEU D 7 41.14 31.41 37.05
N PRO D 8 41.26 32.54 36.33
CA PRO D 8 40.22 32.86 35.34
C PRO D 8 40.04 31.78 34.29
N GLN D 9 41.12 31.12 33.87
CA GLN D 9 41.01 30.04 32.90
C GLN D 9 40.44 28.79 33.53
N TRP D 10 40.89 28.44 34.74
CA TRP D 10 40.41 27.22 35.38
C TRP D 10 38.93 27.32 35.70
N SER D 11 38.48 28.48 36.16
CA SER D 11 37.07 28.67 36.43
C SER D 11 36.26 28.64 35.14
N TYR D 12 36.80 29.20 34.06
CA TYR D 12 36.11 29.17 32.78
C TYR D 12 35.92 27.75 32.29
N MET D 13 36.95 26.91 32.43
CA MET D 13 36.87 25.52 31.99
C MET D 13 36.29 24.60 33.04
N HIS D 14 35.80 25.16 34.15
CA HIS D 14 35.16 24.38 35.22
C HIS D 14 36.10 23.32 35.79
N ILE D 15 37.38 23.68 35.92
CA ILE D 15 38.32 22.86 36.67
C ILE D 15 38.25 23.18 38.16
N ALA D 16 38.10 24.45 38.49
CA ALA D 16 37.97 24.90 39.87
C ALA D 16 36.96 26.02 39.95
N GLY D 17 36.00 25.91 40.88
CA GLY D 17 35.01 26.95 41.04
C GLY D 17 33.63 26.46 41.39
N GLN D 18 32.63 26.88 40.63
CA GLN D 18 31.24 26.56 40.91
C GLN D 18 30.84 25.24 40.28
N ASP D 19 29.85 24.59 40.90
CA ASP D 19 29.29 23.38 40.34
C ASP D 19 28.24 23.71 39.27
N ALA D 20 27.89 22.69 38.48
CA ALA D 20 26.93 22.88 37.40
C ALA D 20 25.55 23.27 37.92
N SER D 21 25.27 23.03 39.20
CA SER D 21 24.02 23.49 39.80
C SER D 21 24.08 24.96 40.18
N GLU D 22 25.23 25.61 40.04
CA GLU D 22 25.39 27.00 40.42
C GLU D 22 25.76 27.89 39.23
N TYR D 23 26.74 27.49 38.41
CA TYR D 23 27.14 28.36 37.33
C TYR D 23 26.20 28.30 36.12
N LEU D 24 25.31 27.32 36.06
CA LEU D 24 24.36 27.24 34.98
C LEU D 24 23.15 28.13 35.25
N SER D 25 22.34 28.30 34.22
CA SER D 25 21.09 29.02 34.39
C SER D 25 20.16 28.23 35.31
N PRO D 26 19.49 28.88 36.26
CA PRO D 26 18.53 28.14 37.11
C PRO D 26 17.44 27.47 36.31
N GLY D 27 17.03 28.08 35.19
CA GLY D 27 16.09 27.42 34.32
C GLY D 27 16.62 26.13 33.73
N LEU D 28 17.89 26.13 33.33
CA LEU D 28 18.48 24.91 32.79
C LEU D 28 18.63 23.85 33.87
N VAL D 29 18.98 24.26 35.09
CA VAL D 29 19.07 23.31 36.19
C VAL D 29 17.70 22.70 36.47
N GLN D 30 16.65 23.53 36.47
CA GLN D 30 15.31 23.01 36.69
C GLN D 30 14.88 22.06 35.58
N PHE D 31 15.17 22.42 34.33
CA PHE D 31 14.82 21.54 33.21
C PHE D 31 15.54 20.21 33.31
N ALA D 32 16.84 20.23 33.64
CA ALA D 32 17.59 19.00 33.77
C ALA D 32 17.08 18.14 34.92
N GLN D 33 16.76 18.77 36.05
CA GLN D 33 16.26 18.01 37.20
C GLN D 33 14.84 17.51 36.97
N ALA D 34 14.11 18.11 36.02
CA ALA D 34 12.80 17.58 35.65
C ALA D 34 12.94 16.40 34.70
N THR D 35 13.58 16.62 33.56
CA THR D 35 13.74 15.58 32.55
C THR D 35 15.01 14.76 32.80
N GLU D 36 15.06 14.16 33.99
CA GLU D 36 16.16 13.26 34.32
C GLU D 36 15.87 11.82 33.98
N SER D 37 14.62 11.37 34.15
CA SER D 37 14.28 9.97 34.00
C SER D 37 14.29 9.52 32.54
N TYR D 38 14.27 10.46 31.59
CA TYR D 38 14.27 10.07 30.19
C TYR D 38 15.21 10.85 29.28
N PHE D 39 15.68 12.03 29.67
CA PHE D 39 16.48 12.80 28.72
C PHE D 39 17.87 13.14 29.28
N ASN D 40 17.95 13.62 30.53
CA ASN D 40 19.15 13.53 31.35
C ASN D 40 20.37 14.19 30.69
N ILE D 41 20.32 15.53 30.65
CA ILE D 41 21.46 16.32 30.22
C ILE D 41 22.43 16.53 31.38
N GLY D 42 22.23 15.82 32.48
CA GLY D 42 23.06 16.02 33.66
C GLY D 42 24.54 15.74 33.40
N ASN D 43 24.82 14.75 32.54
CA ASN D 43 26.19 14.38 32.28
C ASN D 43 26.89 15.28 31.27
N LYS D 44 26.25 16.36 30.84
CA LYS D 44 26.82 17.26 29.83
C LYS D 44 27.62 18.41 30.43
N PHE D 45 27.72 18.49 31.76
CA PHE D 45 28.40 19.61 32.41
C PHE D 45 29.35 19.07 33.47
N ARG D 46 30.39 19.87 33.75
CA ARG D 46 31.49 19.45 34.61
C ARG D 46 31.36 20.07 36.00
N ASN D 47 31.96 19.39 36.98
CA ASN D 47 32.05 19.86 38.36
C ASN D 47 33.51 19.93 38.80
N PRO D 48 33.87 20.93 39.59
CA PRO D 48 35.30 21.13 39.90
C PRO D 48 35.90 20.06 40.79
N THR D 49 35.16 19.60 41.80
CA THR D 49 35.63 18.65 42.82
C THR D 49 37.08 18.92 43.23
N VAL D 50 37.31 20.14 43.73
CA VAL D 50 38.63 20.57 44.15
C VAL D 50 38.94 20.04 45.54
N ALA D 51 40.13 19.49 45.73
CA ALA D 51 40.55 18.95 47.01
C ALA D 51 40.92 20.07 47.98
N PRO D 52 40.66 19.90 49.28
CA PRO D 52 41.09 20.89 50.26
C PRO D 52 42.59 20.86 50.47
N THR D 53 43.11 21.98 50.98
CA THR D 53 44.55 22.11 51.23
C THR D 53 44.86 22.83 52.52
N HIS D 54 43.87 23.18 53.32
CA HIS D 54 44.10 23.93 54.56
C HIS D 54 43.84 23.02 55.76
N ASP D 55 44.85 22.90 56.62
CA ASP D 55 44.75 22.12 57.85
C ASP D 55 44.33 20.68 57.57
N VAL D 56 44.89 20.09 56.52
CA VAL D 56 44.54 18.72 56.14
C VAL D 56 45.80 17.85 56.07
N THR D 57 46.95 18.48 55.84
CA THR D 57 48.20 17.73 55.72
C THR D 57 49.36 18.64 56.07
N THR D 58 50.35 18.09 56.77
CA THR D 58 51.52 18.83 57.20
C THR D 58 52.62 18.79 56.15
N GLU D 59 53.69 19.55 56.40
CA GLU D 59 54.88 19.54 55.56
C GLU D 59 56.15 19.53 56.42
N ARG D 60 56.07 19.00 57.64
CA ARG D 60 57.16 19.08 58.60
C ARG D 60 57.95 17.78 58.72
N SER D 61 58.02 17.00 57.64
CA SER D 61 58.95 15.88 57.51
C SER D 61 58.73 14.83 58.60
N GLN D 62 57.56 14.20 58.54
CA GLN D 62 57.27 13.03 59.35
C GLN D 62 56.98 11.83 58.45
N ARG D 63 57.43 10.66 58.89
CA ARG D 63 57.32 9.45 58.09
C ARG D 63 55.89 8.93 58.05
N LEU D 64 55.52 8.34 56.92
CA LEU D 64 54.20 7.71 56.81
C LEU D 64 54.17 6.38 57.56
N GLN D 65 55.24 5.59 57.44
CA GLN D 65 55.33 4.29 58.09
C GLN D 65 56.56 4.24 58.98
N LEU D 66 56.40 3.64 60.15
CA LEU D 66 57.51 3.45 61.09
C LEU D 66 57.64 1.98 61.43
N ARG D 67 58.89 1.50 61.45
CA ARG D 67 59.21 0.14 61.84
C ARG D 67 59.89 0.17 63.20
N PHE D 68 59.31 -0.51 64.18
CA PHE D 68 59.80 -0.50 65.55
C PHE D 68 60.53 -1.82 65.82
N VAL D 69 61.85 -1.75 65.92
CA VAL D 69 62.63 -2.91 66.35
C VAL D 69 62.26 -3.24 67.79
N PRO D 70 62.04 -4.52 68.13
CA PRO D 70 61.63 -4.85 69.51
C PRO D 70 62.67 -4.42 70.53
N VAL D 71 62.18 -3.95 71.67
CA VAL D 71 63.06 -3.55 72.76
C VAL D 71 63.80 -4.76 73.32
N ASP D 72 63.06 -5.83 73.60
CA ASP D 72 63.67 -7.08 74.01
C ASP D 72 62.86 -8.24 73.45
N ARG D 73 63.54 -9.37 73.26
CA ARG D 73 62.92 -10.57 72.74
C ARG D 73 63.36 -11.75 73.58
N GLU D 74 62.45 -12.70 73.77
CA GLU D 74 62.77 -13.94 74.48
C GLU D 74 61.96 -15.07 73.86
N ASP D 75 62.63 -16.17 73.57
CA ASP D 75 62.01 -17.33 72.96
C ASP D 75 61.98 -18.50 73.92
N THR D 76 61.03 -19.40 73.69
CA THR D 76 60.85 -20.59 74.51
C THR D 76 60.33 -21.70 73.61
N GLN D 77 60.33 -22.93 74.12
CA GLN D 77 59.77 -24.04 73.37
C GLN D 77 58.27 -23.90 73.16
N TYR D 78 57.61 -22.98 73.87
CA TYR D 78 56.17 -22.79 73.78
C TYR D 78 55.77 -21.54 73.02
N SER D 79 56.46 -20.42 73.23
CA SER D 79 56.01 -19.14 72.70
C SER D 79 57.20 -18.25 72.39
N TYR D 80 56.96 -17.22 71.59
CA TYR D 80 57.94 -16.22 71.22
C TYR D 80 57.39 -14.85 71.58
N LYS D 81 57.95 -14.24 72.62
CA LYS D 81 57.45 -12.98 73.16
C LYS D 81 58.38 -11.84 72.78
N THR D 82 57.82 -10.78 72.23
CA THR D 82 58.56 -9.59 71.83
C THR D 82 57.92 -8.36 72.44
N ARG D 83 58.74 -7.38 72.82
CA ARG D 83 58.27 -6.15 73.41
C ARG D 83 58.69 -4.96 72.56
N PHE D 84 57.73 -4.10 72.23
CA PHE D 84 57.98 -2.91 71.44
C PHE D 84 57.61 -1.68 72.24
N GLN D 85 58.37 -0.61 72.05
CA GLN D 85 58.12 0.68 72.68
C GLN D 85 57.82 1.67 71.56
N LEU D 86 56.55 1.76 71.20
CA LEU D 86 56.11 2.64 70.12
C LEU D 86 55.73 4.00 70.71
N ALA D 87 56.21 5.05 70.06
CA ALA D 87 55.91 6.42 70.46
C ALA D 87 55.09 7.08 69.36
N VAL D 88 53.91 7.58 69.73
CA VAL D 88 53.02 8.22 68.74
C VAL D 88 53.41 9.70 68.72
N GLY D 89 54.49 10.00 68.00
CA GLY D 89 54.94 11.34 67.73
C GLY D 89 54.84 12.34 68.86
N ASP D 90 54.57 13.60 68.51
CA ASP D 90 54.23 14.63 69.49
C ASP D 90 52.99 15.38 69.03
N ASN D 91 52.80 15.48 67.72
CA ASN D 91 51.67 16.17 67.12
C ASN D 91 51.06 15.33 66.01
N ARG D 92 50.96 14.02 66.23
CA ARG D 92 50.33 13.13 65.27
C ARG D 92 49.56 12.07 66.03
N VAL D 93 48.54 11.52 65.38
CA VAL D 93 47.66 10.53 65.98
C VAL D 93 47.77 9.23 65.20
N LEU D 94 47.91 8.13 65.92
CA LEU D 94 48.03 6.80 65.33
C LEU D 94 46.69 6.07 65.44
N ASP D 95 46.34 5.35 64.38
CA ASP D 95 45.19 4.46 64.38
C ASP D 95 45.70 3.04 64.42
N MET D 96 45.20 2.25 65.37
CA MET D 96 45.67 0.89 65.56
C MET D 96 45.07 -0.11 64.57
N ALA D 97 44.29 0.37 63.58
CA ALA D 97 43.95 -0.49 62.47
C ALA D 97 45.19 -0.86 61.66
N SER D 98 46.18 0.03 61.67
CA SER D 98 47.55 -0.26 61.25
C SER D 98 48.27 -0.97 62.39
N THR D 99 49.60 -0.99 62.36
CA THR D 99 50.43 -1.67 63.35
C THR D 99 50.20 -3.18 63.34
N TYR D 100 50.51 -3.77 62.20
CA TYR D 100 50.50 -5.22 62.05
C TYR D 100 51.88 -5.78 62.34
N PHE D 101 51.93 -6.89 63.06
CA PHE D 101 53.21 -7.53 63.36
C PHE D 101 53.75 -8.21 62.10
N ASP D 102 55.04 -8.00 61.84
CA ASP D 102 55.72 -8.58 60.69
C ASP D 102 56.65 -9.67 61.20
N ILE D 103 56.24 -10.92 61.03
CA ILE D 103 57.00 -12.07 61.50
C ILE D 103 57.72 -12.68 60.31
N ARG D 104 59.03 -12.85 60.43
CA ARG D 104 59.86 -13.40 59.36
C ARG D 104 60.76 -14.48 59.95
N GLY D 105 60.76 -15.65 59.31
CA GLY D 105 61.58 -16.73 59.79
C GLY D 105 61.58 -17.88 58.81
N THR D 106 62.19 -18.98 59.24
CA THR D 106 62.27 -20.20 58.45
C THR D 106 61.23 -21.19 58.94
N LEU D 107 60.48 -21.78 58.03
CA LEU D 107 59.42 -22.72 58.37
C LEU D 107 59.68 -24.06 57.70
N ASP D 108 59.81 -25.11 58.51
CA ASP D 108 59.76 -26.48 58.06
C ASP D 108 58.38 -27.01 58.37
N ARG D 109 57.75 -27.67 57.40
CA ARG D 109 56.37 -28.12 57.57
C ARG D 109 56.22 -29.62 57.49
N GLY D 110 57.29 -30.36 57.78
CA GLY D 110 57.15 -31.78 58.03
C GLY D 110 57.28 -32.62 56.77
N ALA D 111 57.79 -33.84 56.96
CA ALA D 111 57.90 -34.80 55.87
C ALA D 111 56.54 -35.34 55.42
N SER D 112 55.48 -35.04 56.15
CA SER D 112 54.13 -35.48 55.81
C SER D 112 53.39 -34.49 54.94
N PHE D 113 54.11 -33.66 54.20
CA PHE D 113 53.51 -32.54 53.45
C PHE D 113 53.62 -32.83 51.96
N LYS D 114 52.51 -33.24 51.35
CA LYS D 114 52.44 -33.37 49.90
C LYS D 114 51.51 -32.31 49.34
N PRO D 115 52.02 -31.32 48.61
CA PRO D 115 51.16 -30.22 48.15
C PRO D 115 50.47 -30.51 46.83
N TYR D 116 50.42 -31.77 46.40
CA TYR D 116 49.82 -32.09 45.12
C TYR D 116 49.17 -33.46 45.18
N SER D 117 48.17 -33.67 44.33
CA SER D 117 47.55 -34.97 44.19
C SER D 117 48.31 -35.82 43.18
N GLY D 118 48.27 -37.13 43.37
CA GLY D 118 48.98 -37.99 42.46
C GLY D 118 50.49 -37.92 42.67
N THR D 119 51.22 -38.44 41.70
CA THR D 119 52.67 -38.45 41.72
C THR D 119 53.22 -37.45 40.72
N ALA D 120 54.55 -37.40 40.62
CA ALA D 120 55.21 -36.46 39.73
C ALA D 120 56.33 -37.09 38.92
N TYR D 121 56.61 -38.34 39.24
CA TYR D 121 57.75 -39.00 38.66
C TYR D 121 57.48 -40.07 37.64
N ASN D 122 56.28 -40.58 37.53
CA ASN D 122 56.02 -41.51 36.47
C ASN D 122 54.56 -41.60 36.40
N SER D 123 53.93 -40.47 36.28
CA SER D 123 52.51 -40.48 36.36
C SER D 123 51.90 -41.31 35.32
N PHE D 124 52.41 -41.27 34.11
CA PHE D 124 51.72 -41.96 33.04
C PHE D 124 51.90 -43.45 33.11
N ALA D 125 52.87 -43.90 33.86
CA ALA D 125 53.14 -45.32 33.95
C ALA D 125 51.93 -46.06 34.54
N PRO D 126 51.66 -47.28 34.07
CA PRO D 126 50.68 -48.12 34.76
C PRO D 126 51.13 -48.40 36.18
N LYS D 127 50.15 -48.46 37.08
CA LYS D 127 50.46 -48.53 38.51
C LYS D 127 51.13 -49.85 38.86
N SER D 128 50.80 -50.93 38.15
CA SER D 128 51.42 -52.22 38.40
C SER D 128 52.63 -52.49 37.50
N ALA D 129 52.98 -51.58 36.61
CA ALA D 129 54.05 -51.82 35.66
C ALA D 129 55.41 -51.81 36.36
N PRO D 130 56.24 -52.83 36.17
CA PRO D 130 57.58 -52.81 36.75
C PRO D 130 58.48 -51.83 36.02
N ASN D 131 59.45 -51.30 36.75
CA ASN D 131 60.38 -50.29 36.25
C ASN D 131 61.64 -50.90 35.64
N ASN D 132 61.50 -51.90 34.76
CA ASN D 132 62.67 -52.62 34.12
C ASN D 132 63.47 -53.30 35.19
N THR D 133 62.86 -54.21 35.93
CA THR D 133 63.46 -54.79 37.12
C THR D 133 64.05 -56.15 36.77
N GLN D 134 65.10 -56.54 37.51
CA GLN D 134 65.62 -57.90 37.44
C GLN D 134 64.99 -58.72 38.55
N PHE D 135 64.42 -59.86 38.20
CA PHE D 135 63.71 -60.71 39.16
C PHE D 135 64.40 -62.06 39.25
N ARG D 136 64.41 -62.61 40.47
CA ARG D 136 65.00 -63.92 40.71
C ARG D 136 64.02 -65.02 40.33
N GLN D 137 64.49 -66.26 40.39
CA GLN D 137 63.66 -67.43 40.14
C GLN D 137 63.24 -68.05 41.46
N ALA D 138 62.40 -69.09 41.37
CA ALA D 138 61.96 -69.79 42.57
C ALA D 138 63.12 -70.49 43.27
N ASN D 139 64.02 -71.09 42.49
CA ASN D 139 65.16 -71.79 43.07
C ASN D 139 66.15 -70.83 43.71
N ASN D 140 66.32 -69.64 43.11
CA ASN D 140 67.24 -68.58 43.52
C ASN D 140 68.69 -68.94 43.26
N GLY D 141 68.99 -70.16 42.80
CA GLY D 141 70.34 -70.49 42.40
C GLY D 141 70.66 -70.12 40.97
N HIS D 142 69.64 -69.97 40.12
CA HIS D 142 69.83 -69.58 38.74
C HIS D 142 70.09 -68.07 38.65
N PRO D 143 70.73 -67.62 37.58
CA PRO D 143 70.94 -66.17 37.41
C PRO D 143 69.62 -65.44 37.31
N ALA D 144 69.60 -64.21 37.83
CA ALA D 144 68.39 -63.40 37.83
C ALA D 144 67.98 -63.06 36.40
N GLN D 145 66.69 -63.20 36.12
CA GLN D 145 66.15 -62.89 34.81
C GLN D 145 65.74 -61.43 34.72
N THR D 146 65.45 -60.99 33.51
CA THR D 146 65.09 -59.60 33.23
C THR D 146 63.71 -59.55 32.61
N ILE D 147 62.92 -58.55 33.01
CA ILE D 147 61.61 -58.31 32.44
C ILE D 147 61.66 -57.09 31.51
N ALA D 148 62.84 -56.83 30.93
CA ALA D 148 63.16 -55.55 30.32
C ALA D 148 62.48 -55.38 28.97
N GLN D 149 62.82 -54.28 28.30
CA GLN D 149 62.42 -54.02 26.91
C GLN D 149 63.42 -53.07 26.30
N ALA D 150 64.17 -53.54 25.30
CA ALA D 150 65.19 -52.71 24.66
C ALA D 150 64.53 -51.71 23.73
N SER D 151 64.76 -50.42 23.98
CA SER D 151 64.14 -49.35 23.21
C SER D 151 65.07 -48.79 22.14
N TYR D 152 66.25 -48.34 22.54
CA TYR D 152 67.19 -47.77 21.58
C TYR D 152 67.61 -48.82 20.57
N VAL D 153 67.63 -48.42 19.29
CA VAL D 153 67.98 -49.30 18.19
C VAL D 153 69.30 -48.86 17.61
N ALA D 154 70.26 -49.77 17.55
CA ALA D 154 71.59 -49.49 17.04
C ALA D 154 72.35 -50.79 16.92
N THR D 155 73.38 -50.78 16.07
CA THR D 155 74.20 -51.97 15.88
C THR D 155 75.01 -52.27 17.13
N ILE D 156 75.32 -53.55 17.32
CA ILE D 156 76.11 -54.02 18.46
C ILE D 156 77.39 -54.62 17.88
N GLY D 157 78.49 -53.86 17.96
CA GLY D 157 79.74 -54.32 17.39
C GLY D 157 80.92 -53.67 18.08
N GLY D 158 82.11 -54.01 17.59
CA GLY D 158 83.34 -53.49 18.15
C GLY D 158 83.75 -54.24 19.41
N ALA D 159 84.83 -53.77 20.00
CA ALA D 159 85.31 -54.33 21.25
C ALA D 159 84.28 -54.12 22.35
N ASN D 160 84.10 -55.14 23.19
CA ASN D 160 83.15 -55.19 24.29
C ASN D 160 81.70 -55.24 23.81
N ASN D 161 81.45 -55.22 22.50
CA ASN D 161 80.11 -55.28 21.93
C ASN D 161 79.21 -54.19 22.50
N ASP D 162 79.73 -52.97 22.53
CA ASP D 162 78.98 -51.83 23.02
C ASP D 162 77.92 -51.41 22.01
N LEU D 163 76.91 -50.68 22.50
CA LEU D 163 75.84 -50.19 21.65
C LEU D 163 76.33 -49.02 20.81
N GLN D 164 75.90 -49.00 19.54
CA GLN D 164 76.23 -47.90 18.65
C GLN D 164 75.50 -46.63 19.07
N MET D 165 76.14 -45.50 18.85
CA MET D 165 75.57 -44.20 19.20
C MET D 165 75.57 -43.21 18.05
N GLY D 166 76.60 -43.23 17.21
CA GLY D 166 76.69 -42.27 16.13
C GLY D 166 78.04 -42.37 15.45
N VAL D 167 78.41 -41.30 14.77
CA VAL D 167 79.69 -41.22 14.07
C VAL D 167 80.32 -39.87 14.35
N ASP D 168 81.64 -39.87 14.53
CA ASP D 168 82.38 -38.62 14.73
C ASP D 168 82.53 -37.90 13.40
N GLU D 169 83.34 -36.83 13.39
CA GLU D 169 83.67 -36.17 12.13
C GLU D 169 84.36 -37.14 11.19
N ARG D 170 85.29 -37.94 11.71
CA ARG D 170 85.83 -39.05 10.97
C ARG D 170 84.81 -40.19 10.91
N GLN D 171 84.84 -40.94 9.80
CA GLN D 171 83.88 -42.03 9.60
C GLN D 171 84.27 -43.20 10.49
N LEU D 172 83.95 -43.06 11.79
CA LEU D 172 84.22 -44.08 12.78
C LEU D 172 83.01 -44.22 13.68
N PRO D 173 82.68 -45.44 14.13
CA PRO D 173 81.54 -45.62 15.02
C PRO D 173 81.79 -45.00 16.38
N VAL D 174 80.70 -44.57 17.03
CA VAL D 174 80.73 -44.02 18.37
C VAL D 174 79.91 -44.94 19.26
N TYR D 175 80.52 -45.43 20.34
CA TYR D 175 79.87 -46.39 21.22
C TYR D 175 79.36 -45.70 22.48
N ALA D 176 78.49 -46.40 23.19
CA ALA D 176 77.75 -45.82 24.30
C ALA D 176 78.63 -45.69 25.54
N ASN D 177 78.63 -44.50 26.13
CA ASN D 177 79.16 -44.33 27.48
C ASN D 177 78.36 -45.18 28.45
N THR D 178 79.06 -45.97 29.26
CA THR D 178 78.39 -46.96 30.09
C THR D 178 77.53 -46.30 31.16
N THR D 179 77.89 -45.10 31.61
CA THR D 179 77.20 -44.48 32.73
C THR D 179 75.78 -44.08 32.37
N TYR D 180 75.59 -43.38 31.25
CA TYR D 180 74.29 -42.82 30.92
C TYR D 180 73.87 -43.00 29.47
N GLN D 181 74.80 -43.22 28.54
CA GLN D 181 74.53 -42.97 27.13
C GLN D 181 73.37 -43.78 26.56
N PRO D 182 73.22 -45.09 26.84
CA PRO D 182 71.98 -45.75 26.40
C PRO D 182 70.84 -45.21 27.23
N GLU D 183 70.05 -44.32 26.62
CA GLU D 183 69.22 -43.40 27.37
C GLU D 183 67.78 -43.86 27.33
N PRO D 184 67.08 -43.93 28.47
CA PRO D 184 65.71 -44.47 28.47
C PRO D 184 64.75 -43.72 27.57
N GLN D 185 64.92 -42.41 27.40
CA GLN D 185 63.93 -41.66 26.62
C GLN D 185 64.00 -42.02 25.14
N LEU D 186 65.20 -42.24 24.63
CA LEU D 186 65.40 -42.36 23.19
C LEU D 186 64.91 -43.70 22.68
N GLY D 187 64.68 -43.77 21.38
CA GLY D 187 64.22 -44.99 20.75
C GLY D 187 63.99 -44.79 19.28
N ILE D 188 63.40 -45.79 18.64
CA ILE D 188 63.04 -45.71 17.23
C ILE D 188 61.73 -44.95 17.10
N GLU D 189 61.65 -44.08 16.10
CA GLU D 189 60.55 -43.14 15.97
C GLU D 189 59.66 -43.57 14.81
N GLY D 190 58.37 -43.73 15.09
CA GLY D 190 57.43 -44.24 14.12
C GLY D 190 57.03 -45.67 14.44
N TRP D 191 55.77 -45.99 14.18
CA TRP D 191 55.22 -47.30 14.51
C TRP D 191 55.64 -48.38 13.52
N THR D 192 56.19 -48.01 12.36
CA THR D 192 56.52 -49.01 11.35
C THR D 192 57.61 -49.96 11.86
N ALA D 193 58.63 -49.42 12.52
CA ALA D 193 59.71 -50.25 13.03
C ALA D 193 59.21 -51.10 14.19
N GLY D 194 59.14 -52.41 13.98
CA GLY D 194 58.61 -53.31 14.98
C GLY D 194 57.55 -54.23 14.41
N SER D 195 56.75 -53.70 13.48
CA SER D 195 55.72 -54.48 12.81
C SER D 195 56.00 -54.63 11.33
N MET D 196 56.19 -53.53 10.60
CA MET D 196 56.47 -53.61 9.17
C MET D 196 57.96 -53.80 8.91
N ALA D 197 58.81 -53.13 9.69
CA ALA D 197 60.25 -53.27 9.60
C ALA D 197 60.78 -53.86 10.89
N VAL D 198 61.61 -54.90 10.77
CA VAL D 198 62.13 -55.63 11.92
C VAL D 198 63.39 -54.95 12.42
N ILE D 199 63.48 -54.80 13.74
CA ILE D 199 64.69 -54.31 14.38
C ILE D 199 65.66 -55.48 14.57
N ASP D 200 66.88 -55.32 14.07
CA ASP D 200 67.88 -56.38 14.22
C ASP D 200 68.54 -56.32 15.59
N GLN D 201 69.11 -55.18 15.95
CA GLN D 201 69.83 -55.02 17.21
C GLN D 201 69.24 -53.85 17.98
N ALA D 202 69.11 -54.03 19.30
CA ALA D 202 68.54 -53.00 20.16
C ALA D 202 69.24 -53.02 21.51
N GLY D 203 69.08 -51.93 22.25
CA GLY D 203 69.73 -51.78 23.54
C GLY D 203 68.82 -51.14 24.57
N GLY D 204 69.26 -51.19 25.82
CA GLY D 204 68.49 -50.62 26.90
C GLY D 204 69.27 -50.61 28.18
N ARG D 205 68.57 -50.25 29.27
CA ARG D 205 69.15 -50.15 30.59
C ARG D 205 68.24 -50.86 31.59
N VAL D 206 68.87 -51.63 32.50
CA VAL D 206 68.13 -52.48 33.43
C VAL D 206 68.69 -52.30 34.83
N LEU D 207 67.83 -52.41 35.83
CA LEU D 207 68.26 -52.44 37.22
C LEU D 207 68.66 -53.86 37.62
N ARG D 208 69.74 -53.97 38.39
CA ARG D 208 70.18 -55.25 38.94
C ARG D 208 70.30 -55.13 40.45
N ASN D 209 69.99 -56.24 41.14
CA ASN D 209 69.85 -56.28 42.59
C ASN D 209 68.94 -55.13 43.00
N PRO D 210 67.66 -55.18 42.64
CA PRO D 210 66.79 -54.03 42.85
C PRO D 210 65.99 -54.09 44.15
N THR D 211 65.25 -53.03 44.43
CA THR D 211 64.37 -52.96 45.59
C THR D 211 62.98 -53.52 45.29
N GLN D 212 62.69 -53.82 44.02
CA GLN D 212 61.40 -54.38 43.59
C GLN D 212 60.26 -53.41 43.88
N THR D 213 60.33 -52.23 43.26
CA THR D 213 59.29 -51.25 43.39
C THR D 213 58.61 -51.02 42.04
N PRO D 214 57.30 -50.77 42.04
CA PRO D 214 56.60 -50.47 40.79
C PRO D 214 57.09 -49.17 40.18
N CYS D 215 56.90 -49.06 38.87
CA CYS D 215 57.42 -47.89 38.15
C CYS D 215 56.73 -46.60 38.60
N TYR D 216 55.50 -46.69 39.11
CA TYR D 216 54.66 -45.51 39.29
C TYR D 216 55.35 -44.43 40.12
N GLY D 217 56.20 -44.83 41.07
CA GLY D 217 57.04 -43.86 41.77
C GLY D 217 58.43 -43.87 41.20
N SER D 218 59.36 -44.54 41.88
CA SER D 218 60.66 -44.89 41.33
C SER D 218 61.44 -43.65 40.86
N TYR D 219 61.79 -42.82 41.83
CA TYR D 219 62.70 -41.71 41.61
C TYR D 219 64.07 -42.05 42.15
N ALA D 220 65.11 -41.74 41.38
CA ALA D 220 66.49 -41.95 41.81
C ALA D 220 67.29 -40.69 41.55
N LYS D 221 68.00 -40.22 42.57
CA LYS D 221 68.75 -38.98 42.45
C LYS D 221 69.89 -39.14 41.45
N PRO D 222 70.15 -38.12 40.63
CA PRO D 222 71.31 -38.19 39.72
C PRO D 222 72.61 -38.29 40.48
N THR D 223 73.57 -38.99 39.87
CA THR D 223 74.92 -39.09 40.42
C THR D 223 75.99 -38.53 39.50
N ASN D 224 75.65 -38.20 38.26
CA ASN D 224 76.57 -37.57 37.33
C ASN D 224 75.83 -36.48 36.57
N GLU D 225 76.58 -35.51 36.05
CA GLU D 225 75.96 -34.38 35.38
C GLU D 225 75.59 -34.72 33.94
N HIS D 226 74.96 -35.88 33.74
CA HIS D 226 74.51 -36.29 32.42
C HIS D 226 73.15 -36.97 32.42
N GLY D 227 72.54 -37.18 33.58
CA GLY D 227 71.25 -37.84 33.65
C GLY D 227 71.29 -39.30 34.04
N GLY D 228 72.39 -39.79 34.60
CA GLY D 228 72.51 -41.19 34.98
C GLY D 228 72.27 -41.40 36.46
N ILE D 229 71.83 -42.61 36.79
CA ILE D 229 71.59 -43.02 38.18
C ILE D 229 72.35 -44.32 38.43
N THR D 230 73.35 -44.25 39.31
CA THR D 230 74.13 -45.41 39.71
C THR D 230 74.55 -45.23 41.16
N LYS D 231 74.62 -46.35 41.89
CA LYS D 231 75.14 -46.30 43.24
C LYS D 231 76.63 -45.98 43.23
N ALA D 232 77.09 -45.31 44.28
CA ALA D 232 78.48 -44.92 44.36
C ALA D 232 79.38 -46.15 44.41
N ASN D 233 80.48 -46.11 43.65
CA ASN D 233 81.45 -47.20 43.58
C ASN D 233 80.79 -48.50 43.15
N THR D 234 79.85 -48.42 42.21
CA THR D 234 79.18 -49.57 41.65
C THR D 234 79.33 -49.55 40.14
N GLN D 235 79.87 -50.64 39.58
CA GLN D 235 80.11 -50.70 38.16
C GLN D 235 78.84 -51.09 37.40
N VAL D 236 78.87 -50.87 36.09
CA VAL D 236 77.77 -51.22 35.21
C VAL D 236 78.25 -52.30 34.24
N GLU D 237 77.57 -53.44 34.25
CA GLU D 237 77.92 -54.55 33.38
C GLU D 237 76.76 -54.83 32.43
N LYS D 238 77.11 -55.30 31.23
CA LYS D 238 76.14 -55.54 30.17
C LYS D 238 75.84 -57.02 30.05
N LYS D 239 74.56 -57.33 29.80
CA LYS D 239 74.10 -58.70 29.59
C LYS D 239 73.45 -58.80 28.22
N TYR D 240 73.74 -59.89 27.51
CA TYR D 240 73.30 -60.07 26.13
C TYR D 240 72.21 -61.13 26.08
N TYR D 241 71.19 -60.87 25.26
CA TYR D 241 70.05 -61.77 25.14
C TYR D 241 69.66 -61.91 23.68
N ARG D 242 69.01 -63.04 23.37
CA ARG D 242 68.47 -63.28 22.04
C ARG D 242 67.22 -64.15 22.17
N THR D 243 66.35 -64.05 21.17
CA THR D 243 65.08 -64.75 21.18
C THR D 243 65.15 -66.12 20.52
N GLY D 244 66.30 -66.50 19.95
CA GLY D 244 66.43 -67.79 19.30
C GLY D 244 67.86 -68.26 19.35
N ASP D 245 68.02 -69.58 19.36
CA ASP D 245 69.35 -70.17 19.43
C ASP D 245 70.08 -70.02 18.10
N ASN D 246 71.41 -70.09 18.17
CA ASN D 246 72.29 -70.00 17.01
C ASN D 246 72.07 -68.70 16.24
N GLY D 247 72.36 -67.61 16.93
CA GLY D 247 72.23 -66.29 16.32
C GLY D 247 73.01 -65.24 17.06
N ASN D 248 73.29 -64.16 16.34
CA ASN D 248 73.95 -63.00 16.94
C ASN D 248 72.99 -62.36 17.94
N PRO D 249 73.44 -62.05 19.16
CA PRO D 249 72.53 -61.44 20.13
C PRO D 249 71.94 -60.14 19.62
N GLU D 250 70.66 -59.93 19.93
CA GLU D 250 69.91 -58.80 19.40
C GLU D 250 69.61 -57.72 20.43
N THR D 251 69.72 -58.02 21.72
CA THR D 251 69.44 -57.04 22.76
C THR D 251 70.63 -56.95 23.71
N VAL D 252 71.05 -55.73 24.02
CA VAL D 252 72.12 -55.47 24.98
C VAL D 252 71.54 -54.60 26.08
N PHE D 253 71.72 -55.02 27.33
CA PHE D 253 71.17 -54.30 28.47
C PHE D 253 72.30 -53.96 29.43
N TYR D 254 72.45 -52.67 29.73
CA TYR D 254 73.47 -52.19 30.66
C TYR D 254 72.85 -52.25 32.06
N THR D 255 73.08 -53.35 32.76
CA THR D 255 72.52 -53.53 34.09
C THR D 255 73.34 -52.76 35.12
N GLU D 256 72.66 -51.94 35.91
CA GLU D 256 73.31 -51.13 36.93
C GLU D 256 72.53 -51.22 38.23
N GLU D 257 73.25 -51.14 39.34
CA GLU D 257 72.67 -51.15 40.67
C GLU D 257 72.53 -49.71 41.13
N ALA D 258 71.30 -49.19 41.10
CA ALA D 258 71.02 -47.82 41.49
C ALA D 258 69.94 -47.83 42.56
N ASP D 259 70.18 -47.10 43.66
CA ASP D 259 69.16 -46.98 44.69
C ASP D 259 67.94 -46.24 44.16
N VAL D 260 66.76 -46.77 44.47
CA VAL D 260 65.51 -46.23 43.98
C VAL D 260 64.61 -45.95 45.17
N LEU D 261 64.09 -44.73 45.26
CA LEU D 261 63.23 -44.32 46.36
C LEU D 261 61.93 -43.78 45.78
N THR D 262 60.84 -43.94 46.55
CA THR D 262 59.51 -43.51 46.13
C THR D 262 59.07 -42.37 47.03
N PRO D 263 59.24 -41.12 46.62
CA PRO D 263 58.85 -39.99 47.47
C PRO D 263 57.37 -39.66 47.37
N ASP D 264 56.75 -39.99 46.24
CA ASP D 264 55.39 -39.58 45.97
C ASP D 264 54.35 -40.65 46.24
N THR D 265 54.73 -41.93 46.21
CA THR D 265 53.76 -43.02 46.25
C THR D 265 54.07 -43.96 47.40
N HIS D 266 53.05 -44.74 47.77
CA HIS D 266 53.17 -45.78 48.78
C HIS D 266 52.57 -47.07 48.23
N LEU D 267 53.14 -48.19 48.64
CA LEU D 267 52.69 -49.48 48.14
C LEU D 267 51.29 -49.81 48.64
N VAL D 268 50.50 -50.43 47.79
CA VAL D 268 49.21 -51.02 48.15
C VAL D 268 49.16 -52.43 47.56
N HIS D 269 48.70 -53.38 48.37
CA HIS D 269 48.75 -54.80 48.00
C HIS D 269 50.18 -55.22 47.68
N ALA D 270 51.04 -55.12 48.69
CA ALA D 270 52.44 -55.48 48.54
C ALA D 270 52.65 -56.95 48.93
N VAL D 271 53.56 -57.60 48.22
CA VAL D 271 53.90 -58.99 48.49
C VAL D 271 54.86 -59.02 49.68
N PRO D 272 54.96 -60.14 50.40
CA PRO D 272 55.91 -60.20 51.53
C PRO D 272 57.34 -59.99 51.05
N ALA D 273 58.16 -59.40 51.93
CA ALA D 273 59.52 -59.05 51.57
C ALA D 273 60.33 -60.29 51.20
N ALA D 274 59.96 -61.46 51.71
CA ALA D 274 60.67 -62.69 51.34
C ALA D 274 60.49 -63.01 49.87
N ASP D 275 59.27 -62.86 49.36
CA ASP D 275 58.97 -63.16 47.96
C ASP D 275 59.02 -61.91 47.08
N ARG D 276 59.40 -60.77 47.63
CA ARG D 276 59.44 -59.54 46.85
C ARG D 276 60.44 -59.63 45.72
N ALA D 277 61.67 -60.06 46.01
CA ALA D 277 62.74 -60.01 45.01
C ALA D 277 62.44 -60.92 43.83
N LYS D 278 61.85 -62.09 44.08
CA LYS D 278 61.60 -63.06 43.03
C LYS D 278 60.39 -62.70 42.19
N VAL D 279 59.88 -63.66 41.41
CA VAL D 279 58.74 -63.41 40.54
C VAL D 279 57.52 -63.07 41.40
N GLU D 280 56.48 -62.57 40.73
CA GLU D 280 55.22 -62.07 41.28
C GLU D 280 55.42 -60.97 42.33
N GLY D 281 56.66 -60.52 42.52
CA GLY D 281 56.91 -59.23 43.14
C GLY D 281 56.88 -58.08 42.19
N LEU D 282 56.80 -58.38 40.90
CA LEU D 282 56.68 -57.37 39.84
C LEU D 282 55.26 -56.85 39.69
N SER D 283 54.29 -57.50 40.34
CA SER D 283 52.89 -57.13 40.22
C SER D 283 52.41 -56.22 41.34
N GLN D 284 53.32 -55.70 42.16
CA GLN D 284 52.94 -54.79 43.23
C GLN D 284 52.21 -53.58 42.68
N HIS D 285 51.10 -53.25 43.31
CA HIS D 285 50.30 -52.08 42.92
C HIS D 285 50.76 -50.86 43.69
N ALA D 286 50.83 -49.73 43.00
CA ALA D 286 51.26 -48.48 43.61
C ALA D 286 50.12 -47.49 43.60
N ALA D 287 49.97 -46.77 44.72
CA ALA D 287 48.95 -45.76 44.84
C ALA D 287 49.63 -44.47 45.31
N PRO D 288 49.19 -43.33 44.79
CA PRO D 288 49.81 -42.06 45.21
C PRO D 288 49.57 -41.80 46.69
N ASN D 289 50.49 -41.07 47.29
CA ASN D 289 50.29 -40.64 48.66
C ASN D 289 49.06 -39.73 48.76
N ARG D 290 48.64 -39.47 49.97
CA ARG D 290 47.44 -38.64 50.06
C ARG D 290 47.83 -37.18 50.22
N PRO D 291 47.24 -36.28 49.44
CA PRO D 291 47.61 -34.86 49.53
C PRO D 291 47.38 -34.31 50.94
N ASN D 292 48.29 -33.47 51.40
CA ASN D 292 48.14 -32.90 52.72
C ASN D 292 47.90 -31.41 52.68
N PHE D 293 48.70 -30.64 51.99
CA PHE D 293 48.47 -29.19 51.86
C PHE D 293 48.60 -28.48 53.21
N ILE D 294 49.81 -28.52 53.75
CA ILE D 294 50.10 -27.88 55.03
C ILE D 294 50.40 -26.40 54.79
N GLY D 295 49.70 -25.53 55.50
CA GLY D 295 49.90 -24.10 55.37
C GLY D 295 49.37 -23.37 56.59
N PHE D 296 49.52 -22.06 56.57
CA PHE D 296 49.04 -21.24 57.67
C PHE D 296 47.52 -21.23 57.72
N ARG D 297 46.99 -20.82 58.87
CA ARG D 297 45.56 -20.85 59.09
C ARG D 297 44.88 -19.63 58.46
N ASP D 298 43.55 -19.63 58.51
CA ASP D 298 42.79 -18.51 57.98
C ASP D 298 43.00 -17.28 58.86
N CYS D 299 43.30 -16.14 58.22
CA CYS D 299 43.52 -14.87 58.92
C CYS D 299 44.58 -15.00 59.99
N PHE D 300 45.52 -15.94 59.80
CA PHE D 300 46.59 -16.21 60.76
C PHE D 300 46.03 -16.54 62.14
N VAL D 301 44.87 -17.20 62.17
CA VAL D 301 44.21 -17.49 63.43
C VAL D 301 45.04 -18.50 64.22
N GLY D 302 45.01 -18.35 65.55
CA GLY D 302 45.76 -19.23 66.43
C GLY D 302 47.23 -18.92 66.56
N LEU D 303 47.71 -17.85 65.92
CA LEU D 303 49.15 -17.55 65.93
C LEU D 303 49.56 -16.68 67.10
N MET D 304 48.68 -15.81 67.60
CA MET D 304 48.97 -14.95 68.73
C MET D 304 48.11 -15.33 69.92
N TYR D 305 48.72 -15.38 71.10
CA TYR D 305 47.98 -15.68 72.33
C TYR D 305 46.99 -14.57 72.59
N TYR D 306 45.70 -14.86 72.38
CA TYR D 306 44.66 -13.85 72.55
C TYR D 306 43.90 -14.02 73.87
N ASN D 307 43.32 -15.18 74.10
CA ASN D 307 42.47 -15.40 75.26
C ASN D 307 43.12 -16.31 76.31
N SER D 308 44.40 -16.61 76.16
CA SER D 308 45.10 -17.37 77.18
C SER D 308 45.34 -16.51 78.42
N GLY D 309 45.52 -17.17 79.55
CA GLY D 309 45.72 -16.46 80.80
C GLY D 309 47.14 -15.97 81.03
N GLY D 310 48.09 -16.91 81.05
CA GLY D 310 49.47 -16.53 81.32
C GLY D 310 50.09 -15.66 80.24
N ASN D 311 49.88 -16.02 78.98
CA ASN D 311 50.49 -15.30 77.86
C ASN D 311 49.56 -14.20 77.39
N LEU D 312 49.52 -13.12 78.18
CA LEU D 312 48.65 -11.99 77.93
C LEU D 312 49.48 -10.80 77.47
N GLY D 313 49.16 -10.27 76.28
CA GLY D 313 49.85 -9.09 75.79
C GLY D 313 49.30 -7.82 76.41
N VAL D 314 50.13 -6.78 76.43
CA VAL D 314 49.79 -5.52 77.09
C VAL D 314 49.94 -4.39 76.08
N LEU D 315 49.14 -3.34 76.26
CA LEU D 315 49.33 -2.06 75.59
C LEU D 315 49.17 -1.00 76.67
N ALA D 316 50.29 -0.58 77.27
CA ALA D 316 50.26 0.28 78.43
C ALA D 316 51.18 1.47 78.22
N GLY D 317 50.86 2.57 78.90
CA GLY D 317 51.77 3.70 78.91
C GLY D 317 53.10 3.33 79.52
N GLN D 318 54.17 3.94 79.01
CA GLN D 318 55.51 3.59 79.45
C GLN D 318 55.69 3.86 80.95
N SER D 319 55.27 5.05 81.40
CA SER D 319 55.38 5.38 82.81
C SER D 319 54.31 4.68 83.65
N SER D 320 53.09 4.61 83.14
CA SER D 320 51.99 4.08 83.94
C SER D 320 52.13 2.59 84.20
N GLN D 321 52.51 1.82 83.17
CA GLN D 321 52.62 0.36 83.28
C GLN D 321 51.31 -0.26 83.73
N LEU D 322 50.20 0.32 83.30
CA LEU D 322 48.86 -0.17 83.60
C LEU D 322 48.29 -0.85 82.38
N ASN D 323 48.13 -2.17 82.46
CA ASN D 323 47.64 -2.95 81.33
C ASN D 323 46.29 -2.45 80.87
N ALA D 324 46.16 -2.24 79.56
CA ALA D 324 44.88 -1.87 78.95
C ALA D 324 44.23 -3.04 78.23
N VAL D 325 44.79 -4.23 78.29
CA VAL D 325 44.24 -5.42 77.67
C VAL D 325 44.07 -6.47 78.76
N VAL D 326 42.83 -6.85 79.03
CA VAL D 326 42.53 -7.91 79.99
C VAL D 326 41.59 -8.91 79.32
N ASP D 327 41.93 -10.18 79.41
CA ASP D 327 41.14 -11.26 78.85
C ASP D 327 40.72 -12.21 79.98
N LEU D 328 39.51 -12.76 79.86
CA LEU D 328 38.89 -13.50 80.97
C LEU D 328 38.52 -14.92 80.59
N GLN D 329 39.10 -15.46 79.51
CA GLN D 329 38.97 -16.85 79.11
C GLN D 329 37.54 -17.21 78.67
N ASP D 330 36.60 -16.27 78.78
CA ASP D 330 35.26 -16.48 78.26
C ASP D 330 35.06 -15.85 76.89
N ARG D 331 35.86 -14.85 76.53
CA ARG D 331 35.78 -14.25 75.22
C ARG D 331 36.33 -15.21 74.17
N ASN D 332 35.93 -14.97 72.91
CA ASN D 332 36.48 -15.69 71.76
C ASN D 332 36.86 -14.63 70.74
N THR D 333 38.06 -14.07 70.90
CA THR D 333 38.49 -12.98 70.04
C THR D 333 38.65 -13.43 68.59
N GLU D 334 39.19 -14.62 68.39
CA GLU D 334 39.50 -15.08 67.04
C GLU D 334 38.23 -15.42 66.26
N LEU D 335 37.27 -16.10 66.89
CA LEU D 335 35.98 -16.33 66.25
C LEU D 335 35.24 -15.01 66.03
N SER D 336 35.36 -14.09 66.98
CA SER D 336 34.75 -12.78 66.82
C SER D 336 35.27 -12.09 65.56
N TYR D 337 36.59 -12.10 65.37
CA TYR D 337 37.17 -11.51 64.17
C TYR D 337 36.74 -12.26 62.92
N GLN D 338 36.67 -13.58 62.99
CA GLN D 338 36.26 -14.36 61.83
C GLN D 338 34.86 -13.96 61.35
N MET D 339 33.90 -13.94 62.27
CA MET D 339 32.54 -13.58 61.85
C MET D 339 32.42 -12.09 61.54
N LEU D 340 33.22 -11.25 62.19
CA LEU D 340 33.24 -9.83 61.82
C LEU D 340 33.65 -9.65 60.37
N LEU D 341 34.74 -10.30 59.96
CA LEU D 341 35.16 -10.23 58.56
C LEU D 341 34.10 -10.83 57.65
N ALA D 342 33.55 -12.00 58.03
CA ALA D 342 32.55 -12.65 57.20
C ALA D 342 31.32 -11.79 57.00
N ASN D 343 31.01 -10.92 57.95
CA ASN D 343 29.86 -10.04 57.80
C ASN D 343 30.18 -8.75 57.04
N THR D 344 31.30 -8.10 57.36
CA THR D 344 31.62 -6.84 56.67
C THR D 344 31.97 -7.07 55.21
N THR D 345 32.84 -8.02 54.92
CA THR D 345 33.28 -8.27 53.54
C THR D 345 32.74 -9.61 53.06
N ASP D 346 32.95 -9.88 51.77
CA ASP D 346 32.58 -11.14 51.15
C ASP D 346 33.80 -12.05 51.14
N ARG D 347 33.70 -13.20 51.81
CA ARG D 347 34.84 -14.11 51.92
C ARG D 347 34.92 -15.06 50.73
N SER D 348 34.89 -14.47 49.54
CA SER D 348 35.10 -15.21 48.30
C SER D 348 36.29 -14.69 47.49
N ARG D 349 36.80 -13.51 47.82
CA ARG D 349 37.99 -12.95 47.17
C ARG D 349 39.16 -13.09 48.13
N TYR D 350 40.25 -13.68 47.66
CA TYR D 350 41.39 -13.97 48.51
C TYR D 350 42.27 -12.74 48.67
N PHE D 351 42.59 -12.39 49.91
CA PHE D 351 43.55 -11.34 50.21
C PHE D 351 44.80 -11.97 50.80
N SER D 352 45.93 -11.82 50.10
CA SER D 352 47.16 -12.50 50.48
C SER D 352 47.84 -11.89 51.69
N MET D 353 47.57 -10.63 52.01
CA MET D 353 48.30 -9.96 53.08
C MET D 353 47.99 -10.58 54.44
N TRP D 354 46.72 -10.85 54.73
CA TRP D 354 46.31 -11.38 56.01
C TRP D 354 46.00 -12.86 55.93
N ASN D 355 46.36 -13.50 54.82
CA ASN D 355 45.98 -14.88 54.53
C ASN D 355 44.47 -15.05 54.63
N GLN D 356 43.76 -14.12 54.01
CA GLN D 356 42.30 -14.12 54.00
C GLN D 356 41.84 -15.09 52.92
N ALA D 357 41.77 -16.36 53.28
CA ALA D 357 41.29 -17.41 52.38
C ALA D 357 40.34 -18.29 53.17
N MET D 358 39.04 -18.04 53.02
CA MET D 358 38.05 -18.72 53.84
C MET D 358 38.05 -20.21 53.55
N ASP D 359 38.05 -21.02 54.61
CA ASP D 359 37.98 -22.46 54.45
C ASP D 359 36.67 -22.85 53.79
N SER D 360 36.75 -23.69 52.77
CA SER D 360 35.58 -24.08 52.00
C SER D 360 35.64 -25.57 51.68
N TYR D 361 34.47 -26.13 51.43
CA TYR D 361 34.35 -27.48 50.91
C TYR D 361 33.71 -27.44 49.54
N ASP D 362 34.05 -28.38 48.69
CA ASP D 362 33.43 -28.44 47.38
C ASP D 362 31.97 -28.86 47.55
N PRO D 363 31.02 -28.05 47.08
CA PRO D 363 29.60 -28.41 47.28
C PRO D 363 29.22 -29.73 46.64
N GLU D 364 29.81 -30.07 45.49
CA GLU D 364 29.54 -31.36 44.85
C GLU D 364 30.22 -32.52 45.56
N VAL D 365 31.12 -32.25 46.50
CA VAL D 365 31.72 -33.29 47.32
C VAL D 365 30.98 -33.47 48.64
N ARG D 366 30.55 -32.36 49.26
CA ARG D 366 29.80 -32.47 50.50
C ARG D 366 28.49 -33.23 50.29
N VAL D 367 27.70 -32.79 49.32
CA VAL D 367 26.48 -33.51 48.92
C VAL D 367 26.74 -34.10 47.55
N ILE D 368 26.63 -35.43 47.43
CA ILE D 368 26.95 -36.12 46.19
C ILE D 368 25.70 -36.15 45.34
N ASP D 369 25.60 -35.20 44.41
CA ASP D 369 24.50 -35.17 43.44
C ASP D 369 24.79 -36.19 42.34
N ASN D 370 24.50 -37.45 42.64
CA ASN D 370 24.82 -38.55 41.73
C ASN D 370 23.90 -38.51 40.52
N VAL D 371 24.06 -37.48 39.69
CA VAL D 371 23.26 -37.33 38.48
C VAL D 371 23.58 -38.43 37.49
N GLY D 372 24.70 -39.12 37.67
CA GLY D 372 25.08 -40.19 36.78
C GLY D 372 26.19 -39.78 35.84
N VAL D 373 26.32 -40.55 34.76
CA VAL D 373 27.34 -40.33 33.75
C VAL D 373 26.67 -40.26 32.38
N GLU D 374 27.06 -39.27 31.58
CA GLU D 374 26.52 -39.13 30.23
C GLU D 374 27.37 -39.96 29.26
N ASP D 375 27.24 -41.27 29.39
CA ASP D 375 27.99 -42.22 28.58
C ASP D 375 27.01 -42.99 27.70
N GLU D 376 26.66 -42.38 26.57
CA GLU D 376 25.89 -43.07 25.56
C GLU D 376 26.73 -43.50 24.37
N MET D 377 27.84 -42.83 24.13
CA MET D 377 28.76 -43.12 23.04
C MET D 377 29.91 -43.98 23.53
N PRO D 378 30.17 -45.11 22.87
CA PRO D 378 31.39 -45.87 23.17
C PRO D 378 32.63 -45.14 22.67
N ASN D 379 33.80 -45.64 23.06
CA ASN D 379 35.04 -44.90 22.90
C ASN D 379 36.05 -45.56 21.96
N TYR D 380 36.37 -46.84 22.17
CA TYR D 380 37.13 -47.62 21.21
C TYR D 380 38.52 -47.04 20.95
N CYS D 381 39.38 -47.13 21.96
CA CYS D 381 40.78 -46.79 21.75
C CYS D 381 41.37 -47.66 20.64
N PHE D 382 42.08 -47.02 19.69
CA PHE D 382 42.55 -47.66 18.47
C PHE D 382 44.07 -47.78 18.42
N PRO D 383 44.59 -48.81 17.78
CA PRO D 383 46.05 -49.00 17.76
C PRO D 383 46.77 -47.93 16.96
N LEU D 384 48.05 -47.76 17.28
CA LEU D 384 48.92 -46.83 16.55
C LEU D 384 48.79 -47.03 15.05
N SER D 385 49.13 -48.22 14.57
CA SER D 385 48.82 -48.58 13.19
C SER D 385 47.31 -48.67 13.04
N GLY D 386 46.81 -48.18 11.91
CA GLY D 386 45.37 -48.14 11.71
C GLY D 386 44.74 -49.47 11.37
N VAL D 387 45.54 -50.52 11.16
CA VAL D 387 44.99 -51.78 10.68
C VAL D 387 45.48 -52.96 11.50
N GLN D 388 46.23 -52.69 12.57
CA GLN D 388 46.69 -53.73 13.50
C GLN D 388 47.51 -54.78 12.75
N ILE D 389 48.72 -54.34 12.37
CA ILE D 389 49.65 -55.14 11.58
C ILE D 389 49.70 -56.58 12.07
N GLY D 390 49.52 -57.53 11.15
CA GLY D 390 49.53 -58.93 11.49
C GLY D 390 50.13 -59.80 10.40
N ASN D 391 49.42 -60.88 10.04
CA ASN D 391 49.90 -61.76 8.99
C ASN D 391 49.78 -61.09 7.62
N ARG D 392 50.71 -61.45 6.74
CA ARG D 392 50.76 -60.87 5.40
C ARG D 392 49.74 -61.55 4.49
N SER D 393 49.51 -60.93 3.33
CA SER D 393 48.65 -61.47 2.30
C SER D 393 49.32 -61.30 0.95
N HIS D 394 48.95 -62.16 0.00
CA HIS D 394 49.54 -62.17 -1.33
C HIS D 394 48.58 -61.53 -2.33
N GLU D 395 49.08 -60.63 -3.15
CA GLU D 395 48.28 -60.09 -4.24
C GLU D 395 48.00 -61.18 -5.26
N VAL D 396 46.77 -61.20 -5.77
CA VAL D 396 46.30 -62.27 -6.63
C VAL D 396 45.56 -61.68 -7.82
N GLN D 397 45.87 -62.17 -9.02
CA GLN D 397 45.17 -61.78 -10.23
C GLN D 397 44.77 -63.02 -11.01
N ARG D 398 43.58 -62.98 -11.60
CA ARG D 398 43.13 -64.09 -12.43
C ARG D 398 43.84 -64.06 -13.78
N ASN D 399 44.37 -65.22 -14.20
CA ASN D 399 45.12 -65.31 -15.44
C ASN D 399 44.28 -65.85 -16.58
N GLN D 400 43.78 -67.09 -16.46
CA GLN D 400 42.86 -67.63 -17.46
C GLN D 400 41.51 -68.01 -16.83
N GLN D 401 41.50 -68.86 -15.82
CA GLN D 401 40.26 -69.18 -15.11
C GLN D 401 40.41 -69.26 -13.59
N GLN D 402 41.61 -69.52 -13.07
CA GLN D 402 41.85 -69.63 -11.64
C GLN D 402 42.63 -68.41 -11.16
N TRP D 403 43.02 -68.44 -9.89
CA TRP D 403 43.69 -67.33 -9.24
C TRP D 403 45.14 -67.69 -8.92
N GLN D 404 46.07 -66.93 -9.49
CA GLN D 404 47.49 -67.13 -9.25
C GLN D 404 48.07 -65.92 -8.53
N ASN D 405 49.06 -66.17 -7.68
CA ASN D 405 49.70 -65.08 -6.93
C ASN D 405 50.49 -64.18 -7.85
N VAL D 406 50.42 -62.87 -7.59
CA VAL D 406 51.22 -61.91 -8.34
C VAL D 406 52.68 -62.02 -7.91
N ALA D 407 53.59 -61.84 -8.86
CA ALA D 407 55.01 -62.01 -8.59
C ALA D 407 55.49 -60.98 -7.57
N ASN D 408 56.34 -61.45 -6.65
CA ASN D 408 57.03 -60.64 -5.64
C ASN D 408 56.15 -59.52 -5.08
N SER D 409 54.94 -59.89 -4.68
CA SER D 409 53.98 -58.98 -4.05
C SER D 409 53.38 -59.63 -2.83
N ASP D 410 54.22 -60.23 -1.99
CA ASP D 410 53.80 -60.97 -0.81
C ASP D 410 54.05 -60.19 0.48
N ASN D 411 53.88 -58.88 0.45
CA ASN D 411 54.12 -58.02 1.60
C ASN D 411 52.94 -57.07 1.81
N ASN D 412 51.73 -57.62 1.78
CA ASN D 412 50.50 -56.84 1.92
C ASN D 412 49.93 -57.09 3.31
N TYR D 413 49.95 -56.06 4.16
CA TYR D 413 49.36 -56.13 5.49
C TYR D 413 47.89 -55.75 5.37
N ILE D 414 47.01 -56.75 5.34
CA ILE D 414 45.58 -56.53 5.13
C ILE D 414 44.81 -57.25 6.22
N GLY D 415 43.89 -56.53 6.87
CA GLY D 415 42.94 -57.11 7.77
C GLY D 415 41.54 -57.07 7.18
N LYS D 416 40.64 -57.80 7.80
CA LYS D 416 39.25 -57.83 7.38
C LYS D 416 38.34 -57.69 8.58
N GLY D 417 37.14 -57.19 8.33
CA GLY D 417 36.22 -56.86 9.41
C GLY D 417 36.30 -55.40 9.79
N ASN D 418 36.31 -55.12 11.08
CA ASN D 418 36.40 -53.76 11.59
C ASN D 418 37.75 -53.56 12.29
N LEU D 419 38.06 -52.30 12.56
CA LEU D 419 39.30 -51.97 13.25
C LEU D 419 39.25 -52.53 14.66
N PRO D 420 40.23 -53.31 15.09
CA PRO D 420 40.19 -53.88 16.44
C PRO D 420 40.52 -52.87 17.51
N ALA D 421 39.53 -52.52 18.33
CA ALA D 421 39.67 -51.53 19.38
C ALA D 421 39.30 -52.14 20.73
N MET D 422 39.30 -51.29 21.75
CA MET D 422 38.84 -51.67 23.08
C MET D 422 38.11 -50.48 23.72
N GLU D 423 36.91 -50.74 24.24
CA GLU D 423 36.07 -49.70 24.81
C GLU D 423 36.38 -49.51 26.29
N ILE D 424 36.21 -48.28 26.77
CA ILE D 424 36.63 -47.90 28.12
C ILE D 424 35.47 -47.39 28.96
N ASN D 425 34.57 -46.59 28.38
CA ASN D 425 33.58 -45.82 29.13
C ASN D 425 34.27 -44.85 30.09
N LEU D 426 35.01 -43.92 29.48
CA LEU D 426 35.88 -43.04 30.25
C LEU D 426 35.07 -42.02 31.05
N ALA D 427 33.84 -41.73 30.65
CA ALA D 427 33.00 -40.86 31.46
C ALA D 427 32.70 -41.49 32.82
N ALA D 428 32.29 -42.76 32.81
CA ALA D 428 32.09 -43.47 34.07
C ALA D 428 33.40 -43.62 34.82
N ASN D 429 34.51 -43.84 34.10
CA ASN D 429 35.81 -43.93 34.77
C ASN D 429 36.14 -42.64 35.50
N LEU D 430 35.92 -41.49 34.84
CA LEU D 430 36.21 -40.20 35.46
C LEU D 430 35.31 -39.95 36.66
N TRP D 431 34.02 -40.27 36.53
CA TRP D 431 33.11 -40.04 37.66
C TRP D 431 33.46 -40.92 38.85
N ARG D 432 33.80 -42.19 38.61
CA ARG D 432 34.18 -43.05 39.72
C ARG D 432 35.52 -42.63 40.31
N SER D 433 36.44 -42.14 39.49
CA SER D 433 37.70 -41.63 40.03
C SER D 433 37.47 -40.42 40.92
N PHE D 434 36.59 -39.51 40.49
CA PHE D 434 36.22 -38.38 41.32
C PHE D 434 35.63 -38.87 42.65
N LEU D 435 34.66 -39.78 42.58
CA LEU D 435 34.02 -40.28 43.79
C LEU D 435 35.04 -40.89 44.74
N TYR D 436 35.90 -41.78 44.23
CA TYR D 436 36.90 -42.40 45.08
C TYR D 436 37.81 -41.34 45.71
N SER D 437 38.52 -40.59 44.86
CA SER D 437 39.54 -39.67 45.36
C SER D 437 38.97 -38.56 46.23
N ASN D 438 37.66 -38.32 46.21
CA ASN D 438 37.11 -37.22 46.97
C ASN D 438 36.19 -37.61 48.12
N VAL D 439 35.67 -38.84 48.14
CA VAL D 439 34.75 -39.24 49.20
C VAL D 439 35.23 -40.51 49.87
N ALA D 440 35.96 -41.35 49.14
CA ALA D 440 36.36 -42.65 49.67
C ALA D 440 37.55 -42.53 50.61
N LEU D 441 38.58 -41.79 50.19
CA LEU D 441 39.77 -41.65 51.02
C LEU D 441 39.50 -40.86 52.30
N TYR D 442 38.40 -40.10 52.34
CA TYR D 442 38.05 -39.30 53.50
C TYR D 442 37.02 -39.97 54.40
N LEU D 443 36.81 -41.28 54.23
CA LEU D 443 35.89 -42.00 55.07
C LEU D 443 36.42 -42.09 56.49
N PRO D 444 35.55 -42.29 57.47
CA PRO D 444 36.02 -42.50 58.85
C PRO D 444 36.90 -43.74 58.94
N ASP D 445 37.86 -43.68 59.87
CA ASP D 445 38.91 -44.68 59.91
C ASP D 445 38.38 -46.09 60.19
N ASN D 446 37.25 -46.20 60.88
CA ASN D 446 36.69 -47.52 61.14
C ASN D 446 36.11 -48.17 59.90
N LEU D 447 35.96 -47.44 58.81
CA LEU D 447 35.44 -47.98 57.56
C LEU D 447 36.54 -48.27 56.55
N LYS D 448 37.80 -48.20 56.97
CA LYS D 448 38.92 -48.49 56.09
C LYS D 448 39.71 -49.66 56.65
N PHE D 449 40.41 -50.37 55.76
CA PHE D 449 41.19 -51.54 56.13
C PHE D 449 42.64 -51.33 55.72
N THR D 450 43.55 -51.91 56.49
CA THR D 450 44.96 -51.84 56.15
C THR D 450 45.30 -52.96 55.16
N PRO D 451 46.12 -52.67 54.15
CA PRO D 451 46.44 -53.68 53.14
C PRO D 451 47.36 -54.75 53.70
N HIS D 452 47.41 -55.87 52.97
CA HIS D 452 48.20 -57.02 53.40
C HIS D 452 49.69 -56.74 53.31
N ASN D 453 50.45 -57.37 54.21
CA ASN D 453 51.91 -57.35 54.19
C ASN D 453 52.47 -55.93 54.29
N ILE D 454 51.73 -55.04 54.95
CA ILE D 454 52.16 -53.66 55.16
C ILE D 454 51.98 -53.32 56.64
N GLN D 455 53.04 -52.85 57.27
CA GLN D 455 53.03 -52.52 58.69
C GLN D 455 52.85 -51.01 58.84
N LEU D 456 51.77 -50.61 59.50
CA LEU D 456 51.50 -49.21 59.74
C LEU D 456 51.76 -48.86 61.21
N PRO D 457 52.19 -47.64 61.49
CA PRO D 457 52.47 -47.24 62.87
C PRO D 457 51.23 -47.33 63.73
N PRO D 458 51.36 -47.74 65.00
CA PRO D 458 50.18 -47.79 65.88
C PRO D 458 49.54 -46.44 66.10
N ASN D 459 50.30 -45.35 65.98
CA ASN D 459 49.76 -44.01 66.20
C ASN D 459 48.74 -43.69 65.11
N THR D 460 47.47 -43.65 65.49
CA THR D 460 46.40 -43.40 64.51
C THR D 460 46.54 -42.03 63.87
N ASN D 461 46.92 -41.02 64.65
CA ASN D 461 47.01 -39.66 64.15
C ASN D 461 48.13 -39.46 63.13
N THR D 462 49.01 -40.44 62.97
CA THR D 462 50.16 -40.27 62.08
C THR D 462 49.73 -40.28 60.62
N TYR D 463 50.37 -39.40 59.84
CA TYR D 463 50.12 -39.34 58.41
C TYR D 463 50.43 -40.67 57.75
N GLU D 464 51.48 -41.36 58.19
CA GLU D 464 51.80 -42.66 57.62
C GLU D 464 50.64 -43.63 57.79
N TYR D 465 50.06 -43.70 58.98
CA TYR D 465 48.93 -44.59 59.22
C TYR D 465 47.74 -44.20 58.37
N MET D 466 47.33 -42.93 58.44
CA MET D 466 46.10 -42.54 57.78
C MET D 466 46.28 -42.31 56.29
N ASN D 467 47.49 -42.48 55.77
CA ASN D 467 47.74 -42.53 54.33
C ASN D 467 47.84 -43.97 53.84
N GLY D 468 48.39 -44.86 54.65
CA GLY D 468 48.47 -46.26 54.29
C GLY D 468 47.17 -47.03 54.42
N ARG D 469 46.23 -46.55 55.23
CA ARG D 469 44.94 -47.22 55.30
C ARG D 469 44.15 -47.00 54.02
N ILE D 470 43.40 -48.02 53.61
CA ILE D 470 42.70 -48.05 52.34
C ILE D 470 41.21 -48.19 52.63
N PRO D 471 40.34 -47.42 52.00
CA PRO D 471 38.90 -47.60 52.20
C PRO D 471 38.42 -48.92 51.63
N VAL D 472 37.37 -49.46 52.27
CA VAL D 472 36.76 -50.70 51.79
C VAL D 472 35.83 -50.38 50.62
N SER D 473 35.66 -51.36 49.73
CA SER D 473 34.83 -51.15 48.55
C SER D 473 33.38 -51.45 48.86
N GLY D 474 32.54 -51.31 47.83
CA GLY D 474 31.13 -51.59 47.97
C GLY D 474 30.37 -50.62 48.85
N LEU D 475 30.92 -49.44 49.09
CA LEU D 475 30.31 -48.47 49.99
C LEU D 475 30.06 -47.13 49.34
N ILE D 476 31.00 -46.61 48.56
CA ILE D 476 30.88 -45.28 47.98
C ILE D 476 31.09 -45.36 46.48
N ASP D 477 30.76 -46.50 45.89
CA ASP D 477 30.96 -46.71 44.47
C ASP D 477 29.99 -45.82 43.68
N THR D 478 30.05 -45.91 42.35
CA THR D 478 29.35 -44.97 41.47
C THR D 478 27.83 -45.12 41.52
N TYR D 479 27.30 -46.17 42.14
CA TYR D 479 25.88 -46.44 42.07
C TYR D 479 25.10 -46.05 43.32
N VAL D 480 25.79 -45.73 44.43
CA VAL D 480 25.09 -45.53 45.69
C VAL D 480 24.30 -44.22 45.64
N ASN D 481 23.03 -44.30 46.04
CA ASN D 481 22.14 -43.14 46.11
C ASN D 481 22.11 -42.37 44.79
N ILE D 482 22.08 -43.12 43.69
CA ILE D 482 22.07 -42.50 42.37
C ILE D 482 20.72 -41.84 42.14
N GLY D 483 20.73 -40.71 41.43
CA GLY D 483 19.52 -39.97 41.14
C GLY D 483 19.18 -38.87 42.13
N THR D 484 19.87 -38.79 43.26
CA THR D 484 19.64 -37.74 44.24
C THR D 484 20.95 -37.15 44.72
N ARG D 485 20.86 -35.95 45.27
CA ARG D 485 21.94 -35.36 46.05
C ARG D 485 21.72 -35.75 47.50
N TRP D 486 22.62 -36.57 48.04
CA TRP D 486 22.45 -37.12 49.38
C TRP D 486 23.83 -37.44 49.94
N SER D 487 24.26 -36.65 50.91
CA SER D 487 25.55 -36.90 51.53
C SER D 487 25.52 -38.24 52.27
N PRO D 488 26.60 -39.01 52.21
CA PRO D 488 26.62 -40.29 52.93
C PRO D 488 26.45 -40.10 54.43
N ASP D 489 25.69 -41.01 55.04
CA ASP D 489 25.45 -40.93 56.48
C ASP D 489 26.75 -41.06 57.25
N VAL D 490 27.62 -41.96 56.82
CA VAL D 490 28.92 -42.12 57.48
C VAL D 490 29.79 -40.89 57.28
N MET D 491 29.59 -40.14 56.21
CA MET D 491 30.38 -38.96 55.92
C MET D 491 29.77 -37.68 56.45
N ASP D 492 28.55 -37.73 57.01
CA ASP D 492 27.94 -36.53 57.55
C ASP D 492 28.75 -35.97 58.72
N ASN D 493 29.04 -36.81 59.71
CA ASN D 493 29.80 -36.38 60.88
C ASN D 493 31.29 -36.55 60.67
N VAL D 494 31.78 -36.02 59.55
CA VAL D 494 33.20 -35.96 59.23
C VAL D 494 33.50 -34.56 58.75
N ASN D 495 34.56 -33.95 59.28
CA ASN D 495 34.92 -32.58 58.98
C ASN D 495 35.08 -32.39 57.48
N PRO D 496 34.16 -31.68 56.83
CA PRO D 496 34.23 -31.53 55.37
C PRO D 496 35.30 -30.54 54.93
N PHE D 497 35.75 -29.67 55.82
CA PHE D 497 36.78 -28.70 55.50
C PHE D 497 38.18 -29.29 55.57
N ASN D 498 38.32 -30.50 56.13
CA ASN D 498 39.58 -31.23 56.07
C ASN D 498 39.65 -32.04 54.77
N HIS D 499 39.66 -31.29 53.67
CA HIS D 499 39.61 -31.86 52.33
C HIS D 499 40.69 -31.21 51.47
N HIS D 500 41.24 -31.98 50.54
CA HIS D 500 42.21 -31.41 49.61
C HIS D 500 41.56 -30.53 48.56
N ARG D 501 40.23 -30.51 48.48
CA ARG D 501 39.51 -29.59 47.62
C ARG D 501 39.19 -28.28 48.34
N ASN D 502 39.67 -28.11 49.56
CA ASN D 502 39.49 -26.85 50.29
C ASN D 502 40.32 -25.79 49.60
N SER D 503 39.64 -24.91 48.86
CA SER D 503 40.35 -23.90 48.08
C SER D 503 41.09 -22.92 48.98
N GLY D 504 40.50 -22.57 50.11
CA GLY D 504 41.17 -21.65 51.01
C GLY D 504 42.48 -22.21 51.55
N LEU D 505 42.45 -23.45 52.02
CA LEU D 505 43.68 -24.08 52.51
C LEU D 505 44.67 -24.30 51.39
N ARG D 506 44.19 -24.64 50.19
CA ARG D 506 45.08 -24.81 49.05
C ARG D 506 45.81 -23.51 48.74
N TYR D 507 45.09 -22.39 48.72
CA TYR D 507 45.71 -21.10 48.48
C TYR D 507 46.68 -20.74 49.60
N ARG D 508 46.30 -20.98 50.85
CA ARG D 508 47.16 -20.62 51.98
C ARG D 508 48.41 -21.49 52.03
N SER D 509 48.35 -22.70 51.48
CA SER D 509 49.52 -23.57 51.46
C SER D 509 50.42 -23.26 50.28
N GLN D 510 49.84 -22.94 49.12
CA GLN D 510 50.63 -22.55 47.96
C GLN D 510 51.19 -21.14 48.09
N LEU D 511 50.66 -20.34 49.01
CA LEU D 511 51.06 -18.95 49.09
C LEU D 511 52.46 -18.79 49.66
N LEU D 512 52.89 -19.70 50.53
CA LEU D 512 54.25 -19.67 51.07
C LEU D 512 55.14 -20.73 50.42
N GLY D 513 54.70 -21.33 49.32
CA GLY D 513 55.53 -22.22 48.55
C GLY D 513 55.33 -23.69 48.87
N ASN D 514 55.93 -24.53 48.03
CA ASN D 514 55.91 -25.97 48.23
C ASN D 514 57.14 -26.39 49.01
N GLY D 515 57.43 -27.69 49.03
CA GLY D 515 58.63 -28.16 49.67
C GLY D 515 58.54 -28.25 51.17
N ARG D 516 59.30 -29.17 51.75
CA ARG D 516 59.26 -29.38 53.20
C ARG D 516 59.65 -28.11 53.95
N PHE D 517 60.64 -27.38 53.44
CA PHE D 517 61.12 -26.16 54.06
C PHE D 517 60.63 -24.95 53.26
N CYS D 518 60.60 -23.80 53.93
CA CYS D 518 60.22 -22.55 53.28
C CYS D 518 60.59 -21.39 54.19
N ASP D 519 60.60 -20.20 53.60
CA ASP D 519 60.79 -18.96 54.33
C ASP D 519 59.53 -18.13 54.23
N PHE D 520 58.98 -17.72 55.38
CA PHE D 520 57.73 -16.98 55.43
C PHE D 520 57.98 -15.55 55.88
N HIS D 521 57.23 -14.62 55.29
CA HIS D 521 57.33 -13.19 55.58
C HIS D 521 55.95 -12.65 55.90
N ILE D 522 55.24 -13.34 56.77
CA ILE D 522 53.83 -13.04 57.03
C ILE D 522 53.69 -11.72 57.77
N GLN D 523 52.49 -11.14 57.68
CA GLN D 523 52.12 -9.94 58.41
C GLN D 523 50.83 -10.22 59.16
N VAL D 524 50.93 -10.34 60.48
CA VAL D 524 49.78 -10.72 61.31
C VAL D 524 49.10 -9.46 61.84
N PRO D 525 47.78 -9.33 61.70
CA PRO D 525 47.10 -8.15 62.21
C PRO D 525 46.76 -8.27 63.69
N GLN D 526 46.07 -7.28 64.22
CA GLN D 526 45.57 -7.33 65.59
C GLN D 526 44.08 -7.61 65.57
N LYS D 527 43.65 -8.56 66.40
CA LYS D 527 42.27 -9.01 66.39
C LYS D 527 41.48 -8.64 67.64
N PHE D 528 42.14 -8.16 68.69
CA PHE D 528 41.43 -7.81 69.91
C PHE D 528 40.49 -6.63 69.65
N PHE D 529 39.28 -6.72 70.23
CA PHE D 529 38.25 -5.75 69.89
C PHE D 529 38.56 -4.37 70.45
N ALA D 530 39.16 -4.29 71.63
CA ALA D 530 39.42 -3.01 72.27
C ALA D 530 40.74 -2.37 71.82
N ILE D 531 41.48 -3.02 70.92
CA ILE D 531 42.78 -2.51 70.51
C ILE D 531 42.81 -2.36 69.00
N ARG D 532 41.98 -3.13 68.29
CA ARG D 532 42.03 -3.15 66.83
C ARG D 532 41.69 -1.79 66.23
N ASN D 533 40.66 -1.13 66.74
CA ASN D 533 40.19 0.13 66.18
C ASN D 533 40.54 1.33 67.06
N LEU D 534 41.39 1.15 68.05
CA LEU D 534 41.74 2.26 68.94
C LEU D 534 42.48 3.34 68.19
N LEU D 535 42.10 4.60 68.47
CA LEU D 535 42.78 5.77 67.92
C LEU D 535 43.75 6.26 68.99
N LEU D 536 45.00 5.85 68.88
CA LEU D 536 46.00 6.12 69.91
C LEU D 536 46.46 7.57 69.83
N LEU D 537 46.22 8.32 70.91
CA LEU D 537 46.64 9.71 71.00
C LEU D 537 48.15 9.78 71.28
N PRO D 538 48.76 10.94 71.06
CA PRO D 538 50.22 11.04 71.21
C PRO D 538 50.71 10.60 72.58
N GLY D 539 51.85 9.92 72.59
CA GLY D 539 52.43 9.41 73.81
C GLY D 539 53.42 8.31 73.49
N THR D 540 53.94 7.70 74.55
CA THR D 540 54.83 6.55 74.45
C THR D 540 54.24 5.37 75.20
N TYR D 541 54.29 4.20 74.58
CA TYR D 541 53.59 3.03 75.09
C TYR D 541 54.46 1.79 74.94
N THR D 542 54.16 0.78 75.75
CA THR D 542 54.75 -0.54 75.60
C THR D 542 53.69 -1.51 75.08
N TYR D 543 54.07 -2.30 74.08
CA TYR D 543 53.10 -3.10 73.31
C TYR D 543 53.62 -4.51 73.12
N GLU D 544 54.07 -5.16 74.20
CA GLU D 544 54.61 -6.50 74.07
C GLU D 544 53.48 -7.50 73.83
N TRP D 545 53.73 -8.45 72.93
CA TRP D 545 52.78 -9.52 72.64
C TRP D 545 53.57 -10.80 72.41
N SER D 546 52.94 -11.93 72.70
CA SER D 546 53.56 -13.23 72.58
C SER D 546 52.90 -14.02 71.46
N PHE D 547 53.71 -14.57 70.56
CA PHE D 547 53.23 -15.33 69.42
C PHE D 547 53.39 -16.81 69.70
N ARG D 548 52.33 -17.57 69.42
CA ARG D 548 52.37 -19.01 69.64
C ARG D 548 53.40 -19.65 68.71
N LYS D 549 54.00 -20.74 69.20
CA LYS D 549 54.94 -21.52 68.40
C LYS D 549 54.49 -22.96 68.21
N ASP D 550 53.36 -23.35 68.78
CA ASP D 550 52.85 -24.70 68.58
C ASP D 550 52.42 -24.89 67.14
N VAL D 551 52.88 -25.97 66.53
CA VAL D 551 52.65 -26.17 65.09
C VAL D 551 51.18 -26.48 64.82
N ASN D 552 50.56 -27.31 65.66
CA ASN D 552 49.17 -27.69 65.43
C ASN D 552 48.25 -26.47 65.45
N MET D 553 48.50 -25.54 66.37
CA MET D 553 47.72 -24.31 66.39
C MET D 553 48.10 -23.39 65.25
N ILE D 554 49.40 -23.29 64.95
CA ILE D 554 49.87 -22.36 63.93
C ILE D 554 49.42 -22.80 62.56
N LEU D 555 49.76 -24.04 62.18
CA LEU D 555 49.56 -24.51 60.82
C LEU D 555 48.23 -25.25 60.68
N GLN D 556 47.92 -25.62 59.44
CA GLN D 556 46.69 -26.33 59.14
C GLN D 556 46.96 -27.28 57.98
N SER D 557 46.37 -28.47 58.06
CA SER D 557 46.58 -29.52 57.07
C SER D 557 45.24 -30.11 56.67
N THR D 558 45.14 -30.56 55.41
CA THR D 558 43.89 -31.16 54.93
C THR D 558 43.57 -32.45 55.69
N LEU D 559 44.56 -33.11 56.26
CA LEU D 559 44.36 -34.30 57.08
C LEU D 559 44.59 -33.93 58.54
N GLY D 560 43.68 -34.35 59.41
CA GLY D 560 43.80 -34.03 60.81
C GLY D 560 44.89 -34.82 61.50
N ASN D 561 46.12 -34.71 60.99
CA ASN D 561 47.25 -35.45 61.51
C ASN D 561 48.08 -34.57 62.44
N ASP D 562 48.56 -35.17 63.53
CA ASP D 562 49.43 -34.45 64.45
C ASP D 562 50.71 -34.06 63.74
N LEU D 563 51.11 -32.80 63.88
CA LEU D 563 52.30 -32.29 63.21
C LEU D 563 53.53 -32.29 64.11
N ARG D 564 53.35 -32.39 65.43
CA ARG D 564 54.51 -32.52 66.32
C ARG D 564 55.28 -33.79 66.03
N VAL D 565 54.57 -34.90 65.82
CA VAL D 565 55.22 -36.18 65.61
C VAL D 565 55.95 -36.19 64.27
N ASP D 566 55.32 -35.66 63.22
CA ASP D 566 55.98 -35.60 61.92
C ASP D 566 57.17 -34.65 61.95
N GLY D 567 57.05 -33.54 62.66
CA GLY D 567 58.17 -32.64 62.88
C GLY D 567 58.14 -31.44 61.96
N ALA D 568 57.65 -30.30 62.46
CA ALA D 568 57.64 -29.08 61.69
C ALA D 568 58.54 -28.01 62.30
N THR D 569 58.33 -27.65 63.56
CA THR D 569 59.23 -26.78 64.31
C THR D 569 59.42 -25.44 63.60
N VAL D 570 58.32 -24.67 63.54
CA VAL D 570 58.39 -23.33 63.00
C VAL D 570 59.45 -22.52 63.74
N ASN D 571 60.24 -21.76 63.00
CA ASN D 571 61.34 -20.98 63.54
C ASN D 571 61.11 -19.51 63.22
N ILE D 572 61.17 -18.67 64.25
CA ILE D 572 60.93 -17.24 64.12
C ILE D 572 62.23 -16.51 64.38
N THR D 573 62.64 -15.68 63.41
CA THR D 573 63.90 -14.95 63.52
C THR D 573 63.69 -13.55 64.09
N SER D 574 62.89 -12.73 63.41
CA SER D 574 62.66 -11.36 63.83
C SER D 574 61.19 -11.01 63.72
N VAL D 575 60.74 -10.14 64.61
CA VAL D 575 59.35 -9.68 64.63
C VAL D 575 59.36 -8.16 64.76
N ASN D 576 58.70 -7.47 63.83
CA ASN D 576 58.53 -6.03 63.88
C ASN D 576 57.07 -5.71 63.65
N LEU D 577 56.67 -4.49 64.03
CA LEU D 577 55.36 -3.97 63.70
C LEU D 577 55.52 -2.67 62.93
N TYR D 578 54.63 -2.46 61.96
CA TYR D 578 54.71 -1.32 61.06
C TYR D 578 53.49 -0.43 61.28
N ALA D 579 53.71 0.70 61.93
CA ALA D 579 52.64 1.68 62.13
C ALA D 579 52.44 2.51 60.87
N SER D 580 51.26 3.09 60.74
CA SER D 580 50.95 4.03 59.67
C SER D 580 50.35 5.28 60.29
N PHE D 581 50.96 6.43 60.00
CA PHE D 581 50.50 7.71 60.50
C PHE D 581 49.94 8.52 59.35
N PHE D 582 48.69 8.94 59.47
CA PHE D 582 48.12 9.84 58.49
C PHE D 582 48.81 11.19 58.62
N PRO D 583 49.42 11.72 57.56
CA PRO D 583 50.09 13.01 57.66
C PRO D 583 49.07 14.15 57.65
N MET D 584 48.84 14.74 58.82
CA MET D 584 47.94 15.87 58.95
C MET D 584 48.69 17.03 59.57
N SER D 585 48.26 18.24 59.25
CA SER D 585 48.88 19.43 59.82
C SER D 585 48.80 19.38 61.34
N HIS D 586 49.91 19.73 61.99
CA HIS D 586 49.92 19.70 63.45
C HIS D 586 48.88 20.65 64.05
N ASN D 587 48.49 21.70 63.31
CA ASN D 587 47.46 22.61 63.80
C ASN D 587 46.15 21.87 64.07
N THR D 588 45.74 21.01 63.13
CA THR D 588 44.53 20.23 63.34
C THR D 588 44.77 18.96 64.15
N ALA D 589 45.99 18.44 64.12
CA ALA D 589 46.29 17.26 64.93
C ALA D 589 46.21 17.58 66.42
N SER D 590 46.74 18.74 66.83
CA SER D 590 46.66 19.14 68.22
C SER D 590 45.21 19.37 68.64
N THR D 591 44.41 19.98 67.76
CA THR D 591 42.99 20.18 68.06
C THR D 591 42.26 18.86 68.23
N LEU D 592 42.52 17.91 67.33
CA LEU D 592 41.90 16.60 67.44
C LEU D 592 42.33 15.88 68.72
N GLU D 593 43.61 15.99 69.06
CA GLU D 593 44.10 15.38 70.29
C GLU D 593 43.45 16.01 71.52
N ALA D 594 43.31 17.33 71.52
CA ALA D 594 42.69 18.01 72.65
C ALA D 594 41.22 17.64 72.78
N MET D 595 40.53 17.44 71.65
CA MET D 595 39.13 17.02 71.73
C MET D 595 38.99 15.57 72.16
N LEU D 596 39.92 14.70 71.74
CA LEU D 596 39.82 13.28 72.09
C LEU D 596 40.33 12.98 73.48
N ARG D 597 41.13 13.87 74.09
CA ARG D 597 41.53 13.71 75.47
C ARG D 597 40.42 14.09 76.45
N ASN D 598 39.33 14.66 75.96
CA ASN D 598 38.24 15.06 76.82
C ASN D 598 37.54 13.84 77.43
N ASP D 599 36.98 14.04 78.62
CA ASP D 599 36.31 12.94 79.31
C ASP D 599 35.07 12.47 78.56
N THR D 600 34.32 13.39 77.99
CA THR D 600 33.09 13.04 77.29
C THR D 600 33.33 12.47 75.89
N ASN D 601 34.57 12.54 75.39
CA ASN D 601 34.90 12.05 74.05
C ASN D 601 35.67 10.74 74.10
N ASP D 602 35.35 9.88 75.07
CA ASP D 602 35.97 8.58 75.13
C ASP D 602 35.47 7.70 73.98
N GLN D 603 36.36 6.85 73.48
CA GLN D 603 36.03 5.94 72.40
C GLN D 603 35.61 4.60 72.97
N SER D 604 34.45 4.13 72.55
CA SER D 604 33.90 2.86 73.03
C SER D 604 33.86 1.85 71.88
N PHE D 605 34.30 0.63 72.16
CA PHE D 605 34.41 -0.42 71.17
C PHE D 605 33.57 -1.62 71.60
N ASN D 606 33.15 -2.42 70.62
CA ASN D 606 32.24 -3.52 70.85
C ASN D 606 32.75 -4.76 70.12
N ASP D 607 32.96 -5.84 70.88
CA ASP D 607 33.31 -7.12 70.27
C ASP D 607 32.15 -7.62 69.43
N TYR D 608 32.46 -8.11 68.23
CA TYR D 608 31.40 -8.54 67.33
C TYR D 608 30.65 -9.74 67.90
N LEU D 609 31.38 -10.79 68.29
CA LEU D 609 30.80 -11.90 69.03
C LEU D 609 31.01 -11.57 70.51
N SER D 610 30.02 -10.90 71.09
CA SER D 610 30.05 -10.54 72.50
C SER D 610 29.28 -11.62 73.25
N ALA D 611 30.02 -12.58 73.80
CA ALA D 611 29.38 -13.73 74.43
C ALA D 611 30.32 -14.34 75.44
N ALA D 612 29.74 -15.12 76.36
CA ALA D 612 30.48 -15.90 77.33
C ALA D 612 30.61 -17.31 76.76
N ASN D 613 31.69 -17.55 76.04
CA ASN D 613 31.88 -18.82 75.34
C ASN D 613 32.16 -19.92 76.36
N MET D 614 31.18 -20.81 76.55
CA MET D 614 31.31 -21.92 77.47
C MET D 614 31.25 -23.24 76.72
N LEU D 615 32.06 -24.21 77.15
CA LEU D 615 32.14 -25.51 76.54
C LEU D 615 31.75 -26.58 77.57
N TYR D 616 30.80 -27.43 77.19
CA TYR D 616 30.34 -28.51 78.06
C TYR D 616 30.66 -29.84 77.40
N PRO D 617 31.40 -30.73 78.07
CA PRO D 617 31.79 -31.99 77.42
C PRO D 617 30.60 -32.92 77.27
N ILE D 618 30.40 -33.42 76.06
CA ILE D 618 29.35 -34.38 75.77
C ILE D 618 30.00 -35.76 75.68
N PRO D 619 29.80 -36.65 76.66
CA PRO D 619 30.22 -38.03 76.46
C PRO D 619 29.43 -38.67 75.34
N PRO D 620 29.99 -39.67 74.67
CA PRO D 620 29.29 -40.29 73.54
C PRO D 620 27.92 -40.81 73.96
N ASN D 621 26.92 -40.58 73.09
CA ASN D 621 25.56 -41.08 73.29
C ASN D 621 24.95 -40.53 74.59
N ALA D 622 24.81 -39.20 74.65
CA ALA D 622 24.40 -38.59 75.91
C ALA D 622 23.54 -37.35 75.65
N THR D 623 23.29 -36.57 76.72
CA THR D 623 22.55 -35.32 76.70
C THR D 623 23.25 -34.30 77.61
N GLN D 624 22.58 -33.21 77.99
CA GLN D 624 23.26 -32.08 78.62
C GLN D 624 22.64 -31.69 79.97
N LEU D 625 23.20 -30.65 80.57
CA LEU D 625 22.96 -30.25 81.95
C LEU D 625 23.00 -28.73 82.07
N PRO D 626 22.35 -28.16 83.12
CA PRO D 626 22.20 -26.70 83.24
C PRO D 626 23.30 -25.95 84.00
N ILE D 627 23.08 -24.64 84.19
CA ILE D 627 24.02 -23.73 84.86
C ILE D 627 23.41 -23.25 86.17
N PRO D 628 24.17 -22.52 87.03
CA PRO D 628 23.57 -21.94 88.23
C PRO D 628 22.89 -20.60 88.00
N SER D 629 22.44 -19.96 89.07
CA SER D 629 21.69 -18.71 88.99
C SER D 629 22.58 -17.54 88.59
N ARG D 630 21.95 -16.48 88.09
CA ARG D 630 22.67 -15.30 87.61
C ARG D 630 21.67 -14.14 87.56
N ASN D 631 22.10 -12.99 87.00
CA ASN D 631 21.31 -11.77 86.97
C ASN D 631 20.45 -11.65 85.72
N TRP D 632 21.03 -11.89 84.55
CA TRP D 632 20.34 -11.98 83.27
C TRP D 632 19.87 -10.64 82.73
N ALA D 633 20.33 -9.53 83.30
CA ALA D 633 19.97 -8.22 82.76
C ALA D 633 20.69 -7.97 81.44
N ALA D 634 19.99 -7.36 80.49
CA ALA D 634 20.54 -7.02 79.18
C ALA D 634 21.00 -8.26 78.41
N PHE D 635 20.36 -9.40 78.64
CA PHE D 635 20.65 -10.59 77.87
C PHE D 635 20.22 -10.42 76.42
N ARG D 636 20.90 -11.13 75.52
CA ARG D 636 20.61 -11.02 74.09
C ARG D 636 20.15 -12.32 73.44
N GLY D 637 20.65 -13.46 73.86
CA GLY D 637 20.20 -14.72 73.32
C GLY D 637 21.27 -15.78 73.45
N TRP D 638 20.96 -16.95 72.89
CA TRP D 638 21.84 -18.10 72.90
C TRP D 638 22.29 -18.44 71.48
N SER D 639 23.47 -19.03 71.38
CA SER D 639 23.96 -19.60 70.12
C SER D 639 24.59 -20.95 70.44
N LEU D 640 23.95 -22.03 70.00
CA LEU D 640 24.34 -23.37 70.37
C LEU D 640 24.86 -24.11 69.15
N THR D 641 25.91 -24.91 69.34
CA THR D 641 26.54 -25.64 68.25
C THR D 641 27.43 -26.72 68.83
N ARG D 642 27.46 -27.87 68.16
CA ARG D 642 28.28 -29.00 68.60
C ARG D 642 29.67 -28.93 67.96
N LEU D 643 30.68 -29.29 68.75
CA LEU D 643 32.05 -29.39 68.29
C LEU D 643 32.56 -30.80 68.54
N LYS D 644 33.86 -31.00 68.32
CA LYS D 644 34.51 -32.27 68.64
C LYS D 644 35.62 -32.01 69.65
N GLN D 645 35.67 -32.84 70.69
CA GLN D 645 36.69 -32.66 71.72
C GLN D 645 38.09 -32.89 71.18
N ARG D 646 38.23 -33.74 70.15
CA ARG D 646 39.53 -33.94 69.53
C ARG D 646 40.00 -32.68 68.81
N GLU D 647 39.06 -31.89 68.27
CA GLU D 647 39.40 -30.72 67.49
C GLU D 647 39.52 -29.45 68.31
N THR D 648 39.16 -29.48 69.59
CA THR D 648 39.17 -28.29 70.43
C THR D 648 40.42 -28.28 71.31
N PRO D 649 41.28 -27.28 71.21
CA PRO D 649 42.48 -27.22 72.06
C PRO D 649 42.15 -26.64 73.43
N ALA D 650 43.18 -26.58 74.27
CA ALA D 650 43.04 -25.99 75.60
C ALA D 650 42.98 -24.47 75.51
N LEU D 651 42.24 -23.88 76.45
CA LEU D 651 42.00 -22.44 76.39
C LEU D 651 43.17 -21.64 76.97
N GLY D 652 43.46 -21.83 78.26
CA GLY D 652 44.40 -20.98 78.95
C GLY D 652 45.81 -21.52 79.06
N SER D 653 45.99 -22.78 78.73
CA SER D 653 47.33 -23.38 78.81
C SER D 653 48.23 -22.78 77.74
N PRO D 654 49.46 -22.40 78.07
CA PRO D 654 50.38 -21.92 77.02
C PRO D 654 50.66 -22.96 75.96
N PHE D 655 50.66 -24.24 76.32
CA PHE D 655 50.88 -25.33 75.39
C PHE D 655 49.87 -26.43 75.66
N ASP D 656 49.48 -27.14 74.60
CA ASP D 656 48.51 -28.22 74.69
C ASP D 656 49.15 -29.49 74.14
N PRO D 657 49.86 -30.26 74.98
CA PRO D 657 50.47 -31.51 74.49
C PRO D 657 49.45 -32.54 74.03
N TYR D 658 48.20 -32.43 74.47
CA TYR D 658 47.17 -33.40 74.16
C TYR D 658 46.24 -32.94 73.03
N PHE D 659 46.66 -31.94 72.26
CA PHE D 659 45.88 -31.52 71.10
C PHE D 659 45.97 -32.55 69.99
N THR D 660 47.18 -32.77 69.47
CA THR D 660 47.46 -33.82 68.49
C THR D 660 46.49 -33.78 67.31
N TYR D 661 46.23 -32.59 66.80
CA TYR D 661 45.31 -32.42 65.68
C TYR D 661 45.66 -31.16 64.91
N SER D 662 45.52 -31.23 63.60
CA SER D 662 45.68 -30.08 62.72
C SER D 662 44.48 -30.02 61.78
N GLY D 663 44.32 -28.88 61.14
CA GLY D 663 43.16 -28.65 60.29
C GLY D 663 42.21 -27.65 60.93
N THR D 664 41.10 -27.43 60.23
CA THR D 664 40.10 -26.47 60.70
C THR D 664 39.57 -26.85 62.07
N ILE D 665 39.85 -26.03 63.08
CA ILE D 665 39.37 -26.26 64.43
C ILE D 665 38.15 -25.35 64.66
N PRO D 666 36.97 -25.91 64.88
CA PRO D 666 35.74 -25.10 64.89
C PRO D 666 35.71 -24.03 65.96
N TYR D 667 36.31 -24.27 67.12
CA TYR D 667 36.11 -23.38 68.27
C TYR D 667 36.57 -21.96 67.95
N LEU D 668 37.58 -21.82 67.10
CA LEU D 668 38.10 -20.50 66.76
C LEU D 668 38.34 -20.34 65.26
N ASP D 669 37.78 -21.22 64.42
CA ASP D 669 37.89 -21.05 62.99
C ASP D 669 36.54 -20.80 62.31
N GLY D 670 35.44 -20.84 63.05
CA GLY D 670 34.13 -20.64 62.45
C GLY D 670 33.76 -21.72 61.46
N THR D 671 33.99 -22.98 61.85
CA THR D 671 33.78 -24.14 60.99
C THR D 671 32.91 -25.14 61.75
N PHE D 672 31.60 -24.96 61.67
CA PHE D 672 30.66 -25.69 62.52
C PHE D 672 29.85 -26.65 61.68
N TYR D 673 30.38 -27.85 61.48
CA TYR D 673 29.76 -28.85 60.62
C TYR D 673 28.83 -29.82 61.36
N LEU D 674 28.81 -29.77 62.70
CA LEU D 674 28.02 -30.71 63.47
C LEU D 674 26.71 -30.10 63.97
N SER D 675 26.35 -28.90 63.49
CA SER D 675 25.15 -28.25 63.98
C SER D 675 23.87 -28.94 63.53
N HIS D 676 23.95 -29.90 62.61
CA HIS D 676 22.78 -30.63 62.15
C HIS D 676 22.42 -31.80 63.04
N THR D 677 23.18 -32.07 64.09
CA THR D 677 22.94 -33.21 64.98
C THR D 677 22.24 -32.79 66.27
N PHE D 678 21.37 -31.79 66.21
CA PHE D 678 20.61 -31.33 67.37
C PHE D 678 19.14 -31.69 67.17
N ARG D 679 18.54 -32.34 68.16
CA ARG D 679 17.16 -32.75 68.07
C ARG D 679 16.21 -31.81 68.81
N LYS D 680 16.41 -31.63 70.11
CA LYS D 680 15.52 -30.79 70.90
C LYS D 680 16.33 -29.98 71.90
N VAL D 681 15.82 -28.79 72.22
CA VAL D 681 16.42 -27.91 73.22
C VAL D 681 15.31 -27.41 74.13
N ALA D 682 15.49 -27.57 75.43
CA ALA D 682 14.48 -27.19 76.43
C ALA D 682 15.10 -26.16 77.36
N ILE D 683 14.70 -24.91 77.20
CA ILE D 683 15.19 -23.80 78.03
C ILE D 683 14.18 -23.57 79.15
N GLN D 684 14.65 -23.55 80.39
CA GLN D 684 13.79 -23.40 81.55
C GLN D 684 14.43 -22.43 82.54
N PHE D 685 13.62 -21.51 83.06
CA PHE D 685 14.05 -20.52 84.04
C PHE D 685 13.50 -20.88 85.41
N ASP D 686 14.38 -20.88 86.41
CA ASP D 686 14.00 -21.10 87.81
C ASP D 686 13.30 -22.46 88.00
N SER D 687 13.62 -23.42 87.14
CA SER D 687 13.12 -24.80 87.26
C SER D 687 11.61 -24.90 87.11
N SER D 688 10.94 -23.78 86.83
CA SER D 688 9.49 -23.81 86.65
C SER D 688 8.99 -23.00 85.47
N VAL D 689 9.80 -22.12 84.88
CA VAL D 689 9.38 -21.24 83.80
C VAL D 689 10.11 -21.67 82.53
N THR D 690 9.35 -22.10 81.52
CA THR D 690 9.95 -22.42 80.23
C THR D 690 10.05 -21.16 79.39
N TRP D 691 11.21 -20.94 78.77
CA TRP D 691 11.44 -19.68 78.07
C TRP D 691 10.45 -19.40 76.94
N PRO D 692 10.20 -20.32 75.97
CA PRO D 692 9.21 -20.01 74.94
C PRO D 692 7.89 -19.60 75.57
N GLY D 693 7.31 -20.51 76.35
CA GLY D 693 6.15 -20.20 77.17
C GLY D 693 4.96 -19.64 76.42
N ASN D 694 3.90 -19.29 77.17
CA ASN D 694 2.75 -18.59 76.61
C ASN D 694 2.14 -19.33 75.43
N ASP D 695 2.51 -20.60 75.24
CA ASP D 695 2.13 -21.37 74.06
C ASP D 695 2.41 -20.57 72.78
N ARG D 696 3.70 -20.30 72.56
CA ARG D 696 4.13 -19.52 71.41
C ARG D 696 4.39 -20.38 70.19
N LEU D 697 5.06 -21.52 70.36
CA LEU D 697 5.44 -22.38 69.26
C LEU D 697 4.44 -23.52 69.10
N LEU D 698 4.61 -24.32 68.05
CA LEU D 698 3.77 -25.49 67.84
C LEU D 698 4.05 -26.57 68.88
N THR D 699 5.21 -26.54 69.51
CA THR D 699 5.55 -27.42 70.63
C THR D 699 6.03 -26.52 71.76
N PRO D 700 5.09 -25.95 72.53
CA PRO D 700 5.46 -24.90 73.48
C PRO D 700 6.45 -25.34 74.55
N ASN D 701 6.51 -26.63 74.86
CA ASN D 701 7.32 -27.07 75.99
C ASN D 701 8.82 -26.98 75.71
N GLU D 702 9.22 -27.16 74.44
CA GLU D 702 10.64 -27.12 74.12
C GLU D 702 10.83 -26.77 72.65
N PHE D 703 12.05 -26.35 72.32
CA PHE D 703 12.44 -26.13 70.94
C PHE D 703 12.72 -27.46 70.27
N GLU D 704 11.98 -27.79 69.22
CA GLU D 704 12.19 -29.00 68.46
C GLU D 704 12.91 -28.64 67.16
N ILE D 705 14.14 -29.12 67.02
CA ILE D 705 14.94 -28.83 65.83
C ILE D 705 14.75 -29.88 64.76
N LYS D 706 14.82 -31.15 65.12
CA LYS D 706 14.61 -32.25 64.19
C LYS D 706 13.54 -33.18 64.75
N ILE D 707 12.62 -33.60 63.89
CA ILE D 707 11.60 -34.57 64.24
C ILE D 707 11.67 -35.73 63.24
N SER D 708 11.77 -36.94 63.75
CA SER D 708 12.00 -38.11 62.90
C SER D 708 10.69 -38.78 62.49
N VAL D 709 9.90 -39.22 63.46
CA VAL D 709 8.64 -39.90 63.15
C VAL D 709 7.69 -38.97 62.43
N ASP D 710 7.48 -37.78 62.99
CA ASP D 710 6.67 -36.72 62.36
C ASP D 710 5.25 -37.22 62.08
N GLY D 711 4.53 -37.53 63.15
CA GLY D 711 3.14 -37.95 62.99
C GLY D 711 2.27 -36.87 62.40
N GLU D 712 2.40 -35.65 62.91
CA GLU D 712 1.68 -34.50 62.38
C GLU D 712 2.45 -33.96 61.18
N GLY D 713 2.05 -32.79 60.68
CA GLY D 713 2.81 -32.17 59.61
C GLY D 713 4.18 -31.73 60.10
N TYR D 714 4.19 -30.68 60.92
CA TYR D 714 5.34 -30.28 61.75
C TYR D 714 6.67 -30.50 61.05
N ASN D 715 6.74 -30.07 59.80
CA ASN D 715 7.97 -30.15 59.02
C ASN D 715 7.93 -29.04 57.98
N VAL D 716 9.09 -28.53 57.63
CA VAL D 716 9.19 -27.31 56.83
C VAL D 716 10.09 -27.59 55.64
N ALA D 717 9.92 -26.79 54.59
CA ALA D 717 10.61 -26.95 53.32
C ALA D 717 10.36 -28.38 52.85
N GLN D 718 11.37 -29.11 52.41
CA GLN D 718 11.23 -30.52 52.06
C GLN D 718 12.34 -31.32 52.73
N SER D 719 12.52 -31.08 54.02
CA SER D 719 13.65 -31.62 54.76
C SER D 719 13.17 -32.07 56.14
N ASN D 720 14.12 -32.31 57.03
CA ASN D 720 13.86 -32.88 58.34
C ASN D 720 13.47 -31.85 59.39
N MET D 721 13.85 -30.60 59.22
CA MET D 721 13.76 -29.60 60.29
C MET D 721 12.30 -29.20 60.53
N THR D 722 12.00 -28.86 61.79
CA THR D 722 10.64 -28.56 62.20
C THR D 722 10.21 -27.16 61.76
N LYS D 723 8.90 -26.98 61.62
CA LYS D 723 8.35 -25.71 61.16
C LYS D 723 8.66 -24.59 62.14
N ASP D 724 8.47 -24.84 63.43
CA ASP D 724 8.72 -23.79 64.41
C ASP D 724 10.19 -23.40 64.48
N TRP D 725 11.10 -24.38 64.39
CA TRP D 725 12.52 -24.06 64.37
C TRP D 725 12.90 -23.29 63.11
N PHE D 726 12.29 -23.64 61.97
CA PHE D 726 12.50 -22.84 60.76
C PHE D 726 12.06 -21.40 60.98
N LEU D 727 10.88 -21.21 61.56
CA LEU D 727 10.39 -19.87 61.81
C LEU D 727 11.33 -19.10 62.73
N VAL D 728 11.78 -19.75 63.80
CA VAL D 728 12.66 -19.08 64.75
C VAL D 728 13.99 -18.71 64.09
N GLN D 729 14.56 -19.62 63.31
CA GLN D 729 15.85 -19.32 62.68
C GLN D 729 15.72 -18.23 61.63
N MET D 730 14.68 -18.29 60.79
CA MET D 730 14.49 -17.24 59.81
C MET D 730 14.26 -15.89 60.46
N LEU D 731 13.47 -15.85 61.54
CA LEU D 731 13.33 -14.61 62.28
C LEU D 731 14.67 -14.11 62.80
N ALA D 732 15.33 -14.90 63.63
CA ALA D 732 16.58 -14.47 64.28
C ALA D 732 17.64 -14.07 63.25
N ASN D 733 17.57 -14.62 62.04
CA ASN D 733 18.60 -14.31 61.06
C ASN D 733 18.26 -13.13 60.18
N TYR D 734 17.01 -12.98 59.72
CA TYR D 734 16.70 -11.97 58.73
C TYR D 734 15.42 -11.18 58.96
N ASN D 735 14.65 -11.44 60.01
CA ASN D 735 13.34 -10.82 60.22
C ASN D 735 12.42 -11.08 59.03
N ILE D 736 12.09 -12.36 58.84
CA ILE D 736 11.34 -12.82 57.66
C ILE D 736 10.02 -13.46 58.06
N GLY D 737 10.04 -14.35 59.04
CA GLY D 737 8.98 -15.30 59.31
C GLY D 737 7.53 -14.82 59.29
N TYR D 738 7.28 -13.57 59.67
CA TYR D 738 5.91 -13.12 59.86
C TYR D 738 5.25 -12.61 58.58
N GLN D 739 6.02 -12.04 57.66
CA GLN D 739 5.48 -11.49 56.42
C GLN D 739 5.78 -12.38 55.22
N GLY D 740 5.73 -13.68 55.41
CA GLY D 740 6.07 -14.61 54.35
C GLY D 740 7.42 -15.24 54.56
N TYR D 741 7.85 -15.98 53.54
CA TYR D 741 9.12 -16.71 53.58
C TYR D 741 9.90 -16.48 52.30
N HIS D 742 10.00 -15.22 51.88
CA HIS D 742 10.75 -14.91 50.68
C HIS D 742 12.24 -15.10 50.93
N LEU D 743 12.99 -15.24 49.84
CA LEU D 743 14.43 -15.39 49.94
C LEU D 743 15.05 -14.07 50.39
N PRO D 744 15.92 -14.07 51.39
CA PRO D 744 16.49 -12.82 51.89
C PRO D 744 17.41 -12.19 50.87
N PRO D 745 17.65 -10.88 50.97
CA PRO D 745 18.57 -10.23 50.04
C PRO D 745 19.99 -10.75 50.20
N ASP D 746 20.79 -10.54 49.14
CA ASP D 746 22.13 -11.11 49.09
C ASP D 746 23.02 -10.60 50.23
N TYR D 747 22.93 -9.31 50.55
CA TYR D 747 23.80 -8.76 51.58
C TYR D 747 23.48 -9.34 52.95
N LYS D 748 22.23 -9.72 53.19
CA LYS D 748 21.87 -10.37 54.45
C LYS D 748 22.28 -11.84 54.47
N ASP D 749 22.53 -12.44 53.31
CA ASP D 749 22.88 -13.86 53.22
C ASP D 749 24.39 -13.97 53.16
N ARG D 750 25.02 -14.00 54.34
CA ARG D 750 26.47 -14.07 54.45
C ARG D 750 26.88 -15.52 54.74
N THR D 751 28.19 -15.71 54.92
CA THR D 751 28.70 -17.07 55.12
C THR D 751 28.17 -17.69 56.40
N PHE D 752 28.09 -16.91 57.48
CA PHE D 752 27.54 -17.39 58.74
C PHE D 752 26.05 -17.13 58.83
N SER D 753 25.31 -17.57 57.82
CA SER D 753 23.87 -17.37 57.76
C SER D 753 23.16 -18.71 57.61
N PHE D 754 21.92 -18.75 58.09
CA PHE D 754 21.15 -19.98 58.08
C PHE D 754 20.89 -20.47 56.66
N LEU D 755 20.36 -19.60 55.80
CA LEU D 755 19.94 -20.03 54.48
C LEU D 755 21.11 -20.17 53.51
N HIS D 756 22.27 -19.59 53.84
CA HIS D 756 23.44 -19.77 52.98
C HIS D 756 24.00 -21.17 53.08
N ASN D 757 23.79 -21.84 54.22
CA ASN D 757 24.33 -23.16 54.45
C ASN D 757 23.27 -24.25 54.56
N PHE D 758 22.00 -23.89 54.65
CA PHE D 758 20.94 -24.89 54.75
C PHE D 758 20.85 -25.69 53.46
N ILE D 759 20.87 -27.02 53.58
CA ILE D 759 20.82 -27.91 52.42
C ILE D 759 19.85 -29.04 52.68
N PRO D 760 18.64 -28.99 52.12
CA PRO D 760 17.72 -30.13 52.25
C PRO D 760 18.12 -31.27 51.34
N MET D 761 17.82 -32.49 51.79
CA MET D 761 18.13 -33.70 51.02
C MET D 761 17.01 -34.70 51.19
N CYS D 762 16.90 -35.61 50.22
CA CYS D 762 15.91 -36.67 50.25
C CYS D 762 16.39 -37.82 49.39
N ARG D 763 16.01 -39.03 49.78
CA ARG D 763 16.43 -40.23 49.06
C ARG D 763 15.45 -41.35 49.37
N GLN D 764 15.49 -42.39 48.53
CA GLN D 764 14.72 -43.60 48.73
C GLN D 764 15.64 -44.79 48.88
N VAL D 765 15.24 -45.73 49.73
CA VAL D 765 15.93 -47.00 49.89
C VAL D 765 14.88 -48.10 49.81
N PRO D 766 15.24 -49.30 49.38
CA PRO D 766 14.23 -50.38 49.34
C PRO D 766 13.69 -50.67 50.73
N ASN D 767 12.40 -50.96 50.80
CA ASN D 767 11.75 -51.20 52.08
C ASN D 767 12.14 -52.57 52.60
N PRO D 768 12.74 -52.66 53.80
CA PRO D 768 13.13 -53.96 54.36
C PRO D 768 11.96 -54.72 54.96
N ALA D 769 10.82 -54.71 54.26
CA ALA D 769 9.66 -55.50 54.67
C ALA D 769 9.02 -56.28 53.53
N THR D 770 9.21 -55.88 52.28
CA THR D 770 8.64 -56.63 51.17
C THR D 770 9.34 -57.98 51.05
N GLU D 771 8.55 -59.03 50.79
CA GLU D 771 9.11 -60.36 50.64
C GLU D 771 9.99 -60.41 49.40
N GLY D 772 11.17 -61.00 49.54
CA GLY D 772 12.16 -61.05 48.47
C GLY D 772 13.27 -60.03 48.62
N TYR D 773 13.23 -59.17 49.63
CA TYR D 773 14.29 -58.19 49.87
C TYR D 773 15.36 -58.84 50.73
N PHE D 774 16.52 -59.10 50.13
CA PHE D 774 17.66 -59.67 50.84
C PHE D 774 18.68 -58.54 51.03
N GLY D 775 18.56 -57.84 52.14
CA GLY D 775 19.51 -56.79 52.46
C GLY D 775 20.90 -57.36 52.61
N LEU D 776 21.75 -57.09 51.63
CA LEU D 776 23.07 -57.70 51.59
C LEU D 776 24.06 -56.95 52.47
N GLY D 777 25.19 -57.59 52.72
CA GLY D 777 26.31 -56.96 53.40
C GLY D 777 27.15 -56.17 52.43
N ILE D 778 28.37 -55.86 52.86
CA ILE D 778 29.30 -55.10 52.02
C ILE D 778 30.09 -56.03 51.10
N VAL D 779 30.45 -57.21 51.59
CA VAL D 779 31.30 -58.11 50.82
C VAL D 779 30.57 -58.65 49.59
N ASN D 780 29.27 -58.92 49.72
CA ASN D 780 28.50 -59.52 48.64
C ASN D 780 27.79 -58.49 47.77
N HIS D 781 27.93 -57.20 48.07
CA HIS D 781 27.18 -56.15 47.37
C HIS D 781 27.98 -55.80 46.12
N ARG D 782 27.77 -56.57 45.05
CA ARG D 782 28.62 -56.51 43.88
C ARG D 782 27.96 -55.80 42.71
N THR D 783 28.76 -55.08 41.94
CA THR D 783 28.37 -54.56 40.65
C THR D 783 29.62 -54.34 39.82
N THR D 784 29.45 -54.36 38.51
CA THR D 784 30.54 -54.25 37.55
C THR D 784 31.74 -55.14 37.91
N PRO D 785 31.54 -56.46 38.00
CA PRO D 785 32.69 -57.34 38.22
C PRO D 785 33.54 -57.42 36.96
N ALA D 786 34.76 -57.91 37.14
CA ALA D 786 35.79 -58.01 36.11
C ALA D 786 36.29 -56.65 35.64
N TYR D 787 35.82 -55.56 36.25
CA TYR D 787 36.23 -54.23 35.87
C TYR D 787 36.76 -53.39 37.02
N TRP D 788 36.68 -53.89 38.26
CA TRP D 788 37.32 -53.26 39.41
C TRP D 788 37.42 -54.29 40.53
N PHE D 789 38.23 -53.95 41.53
CA PHE D 789 38.67 -54.88 42.56
C PHE D 789 37.94 -54.59 43.87
N ARG D 790 37.38 -55.62 44.49
CA ARG D 790 36.89 -55.47 45.86
C ARG D 790 38.04 -55.06 46.77
N PHE D 791 37.76 -54.16 47.71
CA PHE D 791 38.80 -53.33 48.33
C PHE D 791 39.46 -52.45 47.26
N CYS D 792 38.67 -51.49 46.80
CA CYS D 792 38.90 -50.71 45.59
C CYS D 792 40.26 -50.01 45.61
N ARG D 793 40.60 -49.42 44.46
CA ARG D 793 41.95 -48.95 44.12
C ARG D 793 42.91 -50.14 44.03
N ALA D 794 42.61 -51.03 43.09
CA ALA D 794 43.43 -52.19 42.81
C ALA D 794 43.05 -52.73 41.44
N PRO D 795 43.91 -53.53 40.81
CA PRO D 795 43.59 -54.07 39.49
C PRO D 795 42.33 -54.91 39.51
N ARG D 796 41.57 -54.85 38.41
CA ARG D 796 40.27 -55.51 38.34
C ARG D 796 40.41 -57.00 38.62
N GLU D 797 39.28 -57.62 38.94
CA GLU D 797 39.23 -59.06 39.18
C GLU D 797 37.83 -59.56 38.90
N GLY D 798 37.72 -60.84 38.59
CA GLY D 798 36.45 -61.46 38.35
C GLY D 798 36.11 -61.59 36.88
N HIS D 799 34.88 -62.01 36.63
CA HIS D 799 34.33 -62.18 35.31
C HIS D 799 33.00 -61.44 35.21
N PRO D 800 32.60 -61.02 34.01
CA PRO D 800 31.32 -60.32 33.87
C PRO D 800 30.17 -61.20 34.32
N TYR D 801 29.16 -60.57 34.92
CA TYR D 801 28.02 -61.31 35.42
C TYR D 801 26.87 -60.36 35.71
N PRO D 802 25.62 -60.84 35.68
CA PRO D 802 24.50 -60.00 36.09
C PRO D 802 24.68 -59.50 37.52
N GLN D 803 24.25 -58.27 37.75
CA GLN D 803 24.51 -57.57 39.00
C GLN D 803 23.29 -57.62 39.90
N LEU D 804 23.55 -57.38 41.19
CA LEU D 804 22.47 -57.37 42.17
C LEU D 804 22.57 -56.20 43.15
N ALA D 805 23.57 -55.33 42.99
CA ALA D 805 23.68 -54.15 43.83
C ALA D 805 22.64 -53.11 43.42
N LEU D 806 22.21 -52.33 44.41
CA LEU D 806 21.30 -51.21 44.18
C LEU D 806 20.01 -51.68 43.53
N PRO D 807 19.13 -52.36 44.27
CA PRO D 807 17.84 -52.78 43.69
C PRO D 807 17.11 -51.59 43.11
N PRO D 808 16.56 -51.72 41.91
CA PRO D 808 15.99 -50.55 41.22
C PRO D 808 14.83 -49.95 42.01
N HIS D 809 14.76 -48.62 41.99
CA HIS D 809 13.66 -47.87 42.58
C HIS D 809 12.64 -47.44 41.54
N TRP D 810 13.10 -47.13 40.33
CA TRP D 810 12.22 -46.86 39.22
C TRP D 810 12.00 -48.14 38.42
N ASP D 811 11.31 -48.02 37.27
CA ASP D 811 11.05 -49.10 36.33
C ASP D 811 10.04 -50.07 36.95
N PRO D 812 9.09 -50.59 36.17
CA PRO D 812 8.30 -51.72 36.67
C PRO D 812 9.19 -52.85 37.13
N ARG D 813 8.70 -53.58 38.14
CA ARG D 813 9.51 -54.50 38.94
C ARG D 813 10.56 -53.74 39.73
N HIS D 814 10.09 -52.76 40.50
CA HIS D 814 10.83 -52.02 41.51
C HIS D 814 10.93 -52.85 42.78
N ALA D 815 11.30 -52.24 43.90
CA ALA D 815 11.14 -52.89 45.20
C ALA D 815 10.11 -52.19 46.06
N LEU D 816 10.36 -50.93 46.49
CA LEU D 816 9.38 -50.08 47.16
C LEU D 816 10.04 -48.74 47.49
N ARG D 817 9.32 -47.82 48.12
CA ARG D 817 9.80 -46.44 48.28
C ARG D 817 10.66 -46.22 49.52
N ASP D 818 10.07 -46.39 50.70
CA ASP D 818 10.66 -46.01 51.99
C ASP D 818 11.50 -44.74 51.91
N PRO D 819 10.90 -43.57 51.67
CA PRO D 819 11.70 -42.34 51.54
C PRO D 819 12.35 -41.96 52.86
N GLU D 820 13.48 -41.26 52.74
CA GLU D 820 14.23 -40.76 53.89
C GLU D 820 14.59 -39.29 53.64
N ARG D 821 14.36 -38.46 54.65
CA ARG D 821 14.60 -37.03 54.55
C ARG D 821 15.60 -36.59 55.61
N LYS D 822 16.46 -35.65 55.25
CA LYS D 822 17.43 -35.08 56.18
C LYS D 822 17.91 -33.75 55.64
N PHE D 823 18.47 -32.95 56.53
CA PHE D 823 19.05 -31.66 56.17
C PHE D 823 20.48 -31.59 56.70
N LEU D 824 21.23 -30.62 56.22
CA LEU D 824 22.66 -30.56 56.51
C LEU D 824 23.16 -29.14 56.32
N CYS D 825 23.54 -28.48 57.40
CA CYS D 825 24.14 -27.14 57.38
C CYS D 825 25.51 -27.21 58.04
N ASP D 826 26.49 -26.55 57.42
CA ASP D 826 27.89 -26.75 57.79
C ASP D 826 28.58 -25.54 58.39
N ARG D 827 27.93 -24.38 58.46
CA ARG D 827 28.60 -23.24 59.07
C ARG D 827 27.64 -22.38 59.88
N THR D 828 26.55 -22.95 60.39
CA THR D 828 25.50 -22.19 61.03
C THR D 828 25.54 -22.37 62.54
N LEU D 829 25.52 -21.25 63.26
CA LEU D 829 25.28 -21.27 64.70
C LEU D 829 23.78 -21.14 64.93
N TRP D 830 23.19 -22.14 65.56
CA TRP D 830 21.76 -22.09 65.87
C TRP D 830 21.51 -20.92 66.82
N ARG D 831 20.54 -20.09 66.48
CA ARG D 831 20.28 -18.85 67.21
C ARG D 831 18.91 -18.92 67.89
N ILE D 832 18.88 -18.58 69.18
CA ILE D 832 17.63 -18.47 69.92
C ILE D 832 17.62 -17.08 70.56
N PRO D 833 17.17 -16.05 69.87
CA PRO D 833 17.29 -14.70 70.39
C PRO D 833 16.44 -14.51 71.64
N PHE D 834 16.95 -13.69 72.56
CA PHE D 834 16.24 -13.35 73.78
C PHE D 834 15.32 -12.16 73.57
N SER D 835 14.41 -12.28 72.61
CA SER D 835 13.43 -11.25 72.33
C SER D 835 12.04 -11.89 72.36
N SER D 836 11.03 -11.06 72.63
CA SER D 836 9.69 -11.58 72.83
C SER D 836 9.13 -12.23 71.57
N ASN D 837 9.36 -11.62 70.41
CA ASN D 837 8.84 -12.14 69.16
C ASN D 837 9.92 -12.76 68.28
N PHE D 838 11.04 -13.17 68.87
CA PHE D 838 12.15 -13.83 68.20
C PHE D 838 12.80 -12.99 67.12
N MET D 839 12.48 -11.70 67.05
CA MET D 839 12.97 -10.85 65.98
C MET D 839 14.07 -9.93 66.49
N SER D 840 14.87 -9.42 65.56
CA SER D 840 16.05 -8.62 65.87
C SER D 840 15.71 -7.15 65.65
N MET D 841 15.14 -6.52 66.67
CA MET D 841 14.99 -5.08 66.72
C MET D 841 15.94 -4.52 67.77
N GLY D 842 16.90 -3.71 67.35
CA GLY D 842 17.88 -3.16 68.26
C GLY D 842 18.85 -4.19 68.79
N SER D 843 20.03 -3.74 69.24
CA SER D 843 20.99 -4.68 69.83
C SER D 843 20.53 -5.14 71.19
N LEU D 844 20.06 -4.22 72.03
CA LEU D 844 19.54 -4.54 73.35
C LEU D 844 18.07 -4.92 73.18
N THR D 845 17.76 -6.19 73.38
CA THR D 845 16.50 -6.76 72.93
C THR D 845 15.32 -6.22 73.75
N ASP D 846 14.12 -6.67 73.36
CA ASP D 846 12.91 -6.32 74.12
C ASP D 846 13.00 -6.80 75.55
N LEU D 847 13.44 -8.04 75.74
CA LEU D 847 13.72 -8.54 77.08
C LEU D 847 15.15 -8.20 77.46
N GLY D 848 15.44 -8.27 78.75
CA GLY D 848 16.61 -7.64 79.31
C GLY D 848 16.38 -6.21 79.75
N GLN D 849 15.31 -5.57 79.26
CA GLN D 849 14.79 -4.35 79.82
C GLN D 849 13.65 -4.59 80.80
N ASN D 850 12.96 -5.71 80.68
CA ASN D 850 11.84 -6.00 81.57
C ASN D 850 12.32 -6.08 83.01
N LEU D 851 11.52 -5.53 83.92
CA LEU D 851 11.90 -5.51 85.33
C LEU D 851 12.12 -6.91 85.88
N LEU D 852 11.36 -7.89 85.40
CA LEU D 852 11.51 -9.26 85.88
C LEU D 852 12.91 -9.81 85.62
N TYR D 853 13.44 -9.57 84.43
CA TYR D 853 14.77 -10.04 84.07
C TYR D 853 15.86 -9.01 84.33
N ALA D 854 15.52 -7.84 84.87
CA ALA D 854 16.50 -6.82 85.18
C ALA D 854 16.69 -6.57 86.66
N ASN D 855 15.78 -7.02 87.52
CA ASN D 855 15.90 -6.79 88.95
C ASN D 855 16.06 -8.06 89.77
N ALA D 856 15.48 -9.17 89.33
CA ALA D 856 15.53 -10.42 90.07
C ALA D 856 16.54 -11.38 89.44
N ALA D 857 16.99 -12.34 90.25
CA ALA D 857 17.93 -13.36 89.80
C ALA D 857 17.18 -14.59 89.31
N HIS D 858 17.79 -15.29 88.36
CA HIS D 858 17.17 -16.45 87.75
C HIS D 858 18.26 -17.45 87.36
N ALA D 859 17.85 -18.70 87.17
CA ALA D 859 18.76 -19.77 86.78
C ALA D 859 18.20 -20.49 85.57
N LEU D 860 19.07 -20.82 84.61
CA LEU D 860 18.68 -21.61 83.46
C LEU D 860 18.71 -23.09 83.80
N ASP D 861 17.83 -23.84 83.14
CA ASP D 861 17.78 -25.30 83.22
C ASP D 861 17.76 -25.90 81.83
N MET D 862 18.67 -25.44 80.98
CA MET D 862 18.72 -25.92 79.61
C MET D 862 19.07 -27.40 79.56
N THR D 863 18.42 -28.12 78.65
CA THR D 863 18.69 -29.52 78.41
C THR D 863 18.71 -29.74 76.90
N PHE D 864 19.79 -30.33 76.40
CA PHE D 864 19.97 -30.55 74.98
C PHE D 864 19.82 -32.04 74.69
N GLU D 865 18.85 -32.38 73.84
CA GLU D 865 18.68 -33.73 73.33
C GLU D 865 19.11 -33.70 71.87
N MET D 866 20.09 -34.53 71.53
CA MET D 866 20.80 -34.39 70.27
C MET D 866 21.08 -35.77 69.67
N ASP D 867 21.44 -35.76 68.39
CA ASP D 867 21.77 -37.00 67.70
C ASP D 867 23.06 -37.57 68.28
N PRO D 868 23.08 -38.83 68.66
CA PRO D 868 24.25 -39.38 69.33
C PRO D 868 25.29 -39.89 68.35
N ILE D 869 26.55 -39.51 68.54
CA ILE D 869 27.64 -39.95 67.68
C ILE D 869 28.76 -40.51 68.55
N ASN D 870 29.61 -41.34 67.93
CA ASN D 870 30.55 -42.16 68.69
C ASN D 870 31.71 -41.33 69.24
N GLU D 871 32.22 -40.39 68.46
CA GLU D 871 33.39 -39.62 68.89
C GLU D 871 33.03 -38.75 70.09
N PRO D 872 33.98 -38.55 71.02
CA PRO D 872 33.71 -37.66 72.15
C PRO D 872 33.62 -36.21 71.72
N THR D 873 32.46 -35.60 71.90
CA THR D 873 32.21 -34.23 71.49
C THR D 873 32.02 -33.34 72.71
N LEU D 874 31.77 -32.06 72.46
CA LEU D 874 31.53 -31.12 73.54
C LEU D 874 30.64 -29.99 73.01
N LEU D 875 29.70 -29.56 73.85
CA LEU D 875 28.76 -28.51 73.49
C LEU D 875 29.46 -27.15 73.51
N TYR D 876 29.01 -26.26 72.63
CA TYR D 876 29.60 -24.93 72.48
C TYR D 876 28.52 -23.86 72.61
N VAL D 877 27.70 -23.98 73.66
CA VAL D 877 26.70 -22.93 73.91
C VAL D 877 27.41 -21.65 74.32
N LEU D 878 27.05 -20.55 73.67
CA LEU D 878 27.62 -19.25 73.98
C LEU D 878 26.47 -18.27 74.19
N PHE D 879 26.52 -17.55 75.31
CA PHE D 879 25.44 -16.65 75.72
C PHE D 879 25.74 -15.26 75.18
N GLU D 880 24.97 -14.82 74.18
CA GLU D 880 25.19 -13.49 73.60
C GLU D 880 24.95 -12.43 74.66
N VAL D 881 25.97 -11.61 74.91
CA VAL D 881 25.95 -10.61 75.95
C VAL D 881 26.38 -9.28 75.34
N PHE D 882 26.49 -8.25 76.19
CA PHE D 882 27.00 -6.95 75.79
C PHE D 882 28.42 -6.81 76.32
N ASP D 883 29.40 -6.91 75.41
CA ASP D 883 30.81 -6.79 75.76
C ASP D 883 31.33 -5.51 75.12
N VAL D 884 31.52 -4.47 75.93
CA VAL D 884 31.97 -3.18 75.46
C VAL D 884 33.21 -2.76 76.25
N ALA D 885 33.99 -1.86 75.66
CA ALA D 885 35.17 -1.31 76.30
C ALA D 885 35.25 0.16 75.95
N ARG D 886 35.34 1.00 76.97
CA ARG D 886 35.42 2.45 76.80
C ARG D 886 36.84 2.90 77.15
N VAL D 887 37.51 3.52 76.19
CA VAL D 887 38.92 3.89 76.34
C VAL D 887 38.99 5.36 76.70
N HIS D 888 39.62 5.66 77.84
CA HIS D 888 39.81 7.01 78.31
C HIS D 888 41.29 7.30 78.41
N GLN D 889 41.73 8.40 77.80
CA GLN D 889 43.15 8.76 77.72
C GLN D 889 43.32 10.17 78.26
N PRO D 890 43.48 10.33 79.58
CA PRO D 890 43.51 11.67 80.18
C PRO D 890 44.64 12.57 79.69
N HIS D 891 45.89 12.18 79.88
CA HIS D 891 47.01 13.10 79.64
C HIS D 891 48.23 12.35 79.13
N ARG D 892 48.57 12.55 77.86
CA ARG D 892 49.91 12.33 77.32
C ARG D 892 50.47 10.96 77.71
N GLY D 893 49.85 9.93 77.15
CA GLY D 893 50.38 8.59 77.24
C GLY D 893 49.87 7.73 78.36
N VAL D 894 48.61 7.88 78.76
CA VAL D 894 47.98 7.02 79.74
C VAL D 894 46.69 6.48 79.14
N ILE D 895 46.49 5.17 79.26
CA ILE D 895 45.28 4.52 78.75
C ILE D 895 44.55 3.89 79.92
N GLU D 896 43.29 4.29 80.11
CA GLU D 896 42.43 3.71 81.13
C GLU D 896 41.19 3.17 80.42
N VAL D 897 41.07 1.85 80.37
CA VAL D 897 39.97 1.18 79.68
C VAL D 897 39.06 0.55 80.73
N VAL D 898 37.76 0.73 80.55
CA VAL D 898 36.75 0.14 81.42
C VAL D 898 36.03 -0.94 80.64
N TYR D 899 36.13 -2.18 81.10
CA TYR D 899 35.47 -3.31 80.47
C TYR D 899 34.22 -3.66 81.26
N LEU D 900 33.07 -3.69 80.58
CA LEU D 900 31.83 -4.11 81.19
C LEU D 900 31.13 -5.13 80.31
N ARG D 901 30.73 -6.25 80.92
CA ARG D 901 29.95 -7.29 80.27
C ARG D 901 28.71 -7.51 81.13
N THR D 902 27.62 -6.81 80.80
CA THR D 902 26.51 -6.73 81.74
C THR D 902 25.89 -8.07 82.11
N PRO D 903 25.69 -9.04 81.21
CA PRO D 903 25.60 -10.42 81.70
C PRO D 903 26.98 -11.05 81.79
N PHE D 904 27.17 -11.86 82.82
CA PHE D 904 28.43 -12.59 83.03
C PHE D 904 29.61 -11.63 83.12
N SER D 905 29.50 -10.67 84.03
CA SER D 905 30.54 -9.68 84.23
C SER D 905 31.80 -10.32 84.81
N ALA D 906 32.95 -9.73 84.48
CA ALA D 906 34.23 -10.19 85.00
C ALA D 906 34.50 -9.73 86.42
N GLY D 907 33.74 -8.77 86.94
CA GLY D 907 33.93 -8.27 88.28
C GLY D 907 32.63 -7.96 89.00
N ARG E 4 -6.85 23.90 29.10
CA ARG E 4 -7.74 24.49 30.10
C ARG E 4 -8.64 25.55 29.48
N GLY E 5 -8.06 26.72 29.21
CA GLY E 5 -8.82 27.84 28.65
C GLY E 5 -8.29 29.14 29.23
N ASN E 6 -8.37 30.20 28.43
CA ASN E 6 -7.88 31.50 28.86
C ASN E 6 -8.73 32.06 30.00
N LEU E 7 -10.05 31.88 29.93
CA LEU E 7 -10.97 32.47 30.89
C LEU E 7 -11.36 31.44 31.93
N THR E 8 -11.33 31.85 33.20
CA THR E 8 -11.78 31.04 34.32
C THR E 8 -12.79 31.85 35.13
N TYR E 9 -13.93 31.24 35.43
CA TYR E 9 -14.99 31.91 36.17
C TYR E 9 -14.98 31.47 37.63
N ARG E 10 -15.20 32.42 38.53
CA ARG E 10 -15.16 32.18 39.96
C ARG E 10 -16.47 32.61 40.59
N LEU E 11 -17.06 31.72 41.38
CA LEU E 11 -18.26 32.02 42.15
C LEU E 11 -17.93 31.89 43.64
N ARG E 12 -18.34 32.87 44.42
CA ARG E 12 -18.12 32.88 45.86
C ARG E 12 -19.48 32.78 46.54
N ILE E 13 -19.95 31.56 46.72
CA ILE E 13 -21.27 31.34 47.34
C ILE E 13 -21.16 31.59 48.85
N PRO E 14 -22.11 32.30 49.46
CA PRO E 14 -22.00 32.59 50.90
C PRO E 14 -22.07 31.35 51.78
N VAL E 15 -22.60 30.24 51.28
CA VAL E 15 -22.82 28.97 52.01
C VAL E 15 -23.20 29.21 53.47
N PHE E 51 -24.19 15.73 55.10
CA PHE E 51 -24.99 14.77 54.35
C PHE E 51 -24.37 14.46 53.00
N LEU E 52 -24.86 15.13 51.96
CA LEU E 52 -24.39 14.92 50.60
C LEU E 52 -24.14 16.27 49.94
N PRO E 53 -22.96 16.48 49.34
CA PRO E 53 -22.71 17.75 48.65
C PRO E 53 -23.65 17.93 47.46
N LEU E 54 -24.03 19.18 47.21
CA LEU E 54 -24.94 19.51 46.12
C LEU E 54 -24.46 20.63 45.21
N LEU E 55 -23.63 21.56 45.71
CA LEU E 55 -23.18 22.67 44.90
C LEU E 55 -22.36 22.20 43.70
N ALA E 56 -21.44 21.27 43.93
CA ALA E 56 -20.64 20.74 42.82
C ALA E 56 -21.48 20.00 41.79
N PRO E 57 -22.39 19.10 42.16
CA PRO E 57 -23.28 18.53 41.14
C PRO E 57 -24.13 19.56 40.42
N ILE E 58 -24.59 20.60 41.13
CA ILE E 58 -25.39 21.64 40.48
C ILE E 58 -24.58 22.36 39.43
N ILE E 59 -23.35 22.74 39.77
CA ILE E 59 -22.49 23.44 38.83
C ILE E 59 -22.14 22.53 37.65
N ALA E 60 -21.90 21.24 37.93
CA ALA E 60 -21.58 20.31 36.86
C ALA E 60 -22.75 20.16 35.89
N ALA E 61 -23.98 20.06 36.42
CA ALA E 61 -25.15 19.96 35.56
C ALA E 61 -25.34 21.24 34.74
N ALA E 62 -25.13 22.40 35.36
CA ALA E 62 -25.25 23.65 34.64
C ALA E 62 -24.24 23.75 33.50
N ILE E 63 -23.00 23.34 33.75
CA ILE E 63 -21.98 23.36 32.72
C ILE E 63 -22.32 22.37 31.61
N GLY E 64 -22.76 21.16 31.97
CA GLY E 64 -23.15 20.17 30.98
C GLY E 64 -24.35 20.60 30.16
N ALA E 65 -25.18 21.51 30.68
CA ALA E 65 -26.28 22.03 29.90
C ALA E 65 -25.81 22.83 28.69
N ILE E 66 -24.58 23.34 28.71
CA ILE E 66 -24.05 24.08 27.57
C ILE E 66 -23.83 23.12 26.41
N PRO E 67 -24.38 23.39 25.22
CA PRO E 67 -24.27 22.43 24.11
C PRO E 67 -22.84 22.14 23.69
N GLY E 68 -21.96 23.13 23.72
CA GLY E 68 -20.60 22.96 23.25
C GLY E 68 -19.63 22.35 24.22
N ILE E 69 -20.07 21.99 25.43
CA ILE E 69 -19.20 21.49 26.48
C ILE E 69 -19.68 20.09 26.86
N ALA E 70 -18.74 19.14 26.92
CA ALA E 70 -19.04 17.77 27.30
C ALA E 70 -17.99 17.28 28.28
N SER E 71 -18.36 16.23 29.03
CA SER E 71 -17.48 15.58 30.00
C SER E 71 -16.99 16.57 31.06
N VAL E 72 -17.95 17.07 31.84
CA VAL E 72 -17.63 17.97 32.94
C VAL E 72 -16.89 17.20 34.02
N ALA E 73 -15.79 17.76 34.50
CA ALA E 73 -14.96 17.14 35.53
C ALA E 73 -15.11 17.89 36.84
N ILE E 74 -15.32 17.15 37.93
CA ILE E 74 -15.45 17.71 39.27
C ILE E 74 -14.23 17.29 40.08
N GLN E 75 -13.53 18.27 40.64
CA GLN E 75 -12.33 18.02 41.42
C GLN E 75 -12.36 18.86 42.69
N ALA E 76 -11.91 18.27 43.79
CA ALA E 76 -11.91 18.95 45.08
C ALA E 76 -10.58 18.78 45.80
N PRO F 4 15.64 0.15 85.43
CA PRO F 4 16.51 -0.70 86.27
C PRO F 4 17.61 0.09 86.97
N SER F 5 18.27 -0.52 87.94
CA SER F 5 19.39 0.12 88.62
C SER F 5 20.68 0.06 87.83
N MET F 6 20.72 -0.70 86.74
CA MET F 6 21.90 -0.83 85.90
C MET F 6 21.94 0.21 84.78
N LEU F 7 20.87 0.99 84.63
CA LEU F 7 20.81 1.99 83.58
C LEU F 7 21.93 3.03 83.62
N PRO F 8 22.37 3.55 84.78
CA PRO F 8 23.52 4.45 84.77
C PRO F 8 24.76 3.84 84.15
N GLN F 9 25.06 2.57 84.45
CA GLN F 9 26.22 1.94 83.84
C GLN F 9 26.00 1.64 82.36
N TRP F 10 24.76 1.31 81.97
CA TRP F 10 24.46 1.17 80.55
C TRP F 10 24.71 2.47 79.80
N SER F 11 24.29 3.60 80.38
CA SER F 11 24.52 4.89 79.75
C SER F 11 26.01 5.24 79.72
N TYR F 12 26.73 4.88 80.79
CA TYR F 12 28.17 5.13 80.82
C TYR F 12 28.88 4.37 79.71
N MET F 13 28.52 3.11 79.51
CA MET F 13 29.18 2.27 78.52
C MET F 13 28.54 2.35 77.15
N HIS F 14 27.55 3.23 76.97
CA HIS F 14 26.86 3.43 75.70
C HIS F 14 26.14 2.17 75.24
N ILE F 15 25.81 1.28 76.16
CA ILE F 15 24.96 0.14 75.83
C ILE F 15 23.54 0.59 75.55
N ALA F 16 23.03 1.50 76.36
CA ALA F 16 21.71 2.09 76.17
C ALA F 16 21.79 3.56 76.56
N GLY F 17 21.29 4.44 75.69
CA GLY F 17 21.35 5.86 75.97
C GLY F 17 21.34 6.73 74.72
N GLN F 18 22.30 7.64 74.62
CA GLN F 18 22.34 8.63 73.57
C GLN F 18 23.18 8.17 72.38
N ASP F 19 22.81 8.65 71.20
CA ASP F 19 23.60 8.42 69.99
C ASP F 19 24.94 9.16 70.09
N ALA F 20 25.89 8.72 69.28
CA ALA F 20 27.20 9.35 69.28
C ALA F 20 27.11 10.83 68.92
N SER F 21 26.30 11.18 67.94
CA SER F 21 26.14 12.56 67.52
C SER F 21 25.59 13.45 68.62
N GLU F 22 24.99 12.87 69.67
CA GLU F 22 24.44 13.67 70.75
C GLU F 22 25.12 13.47 72.10
N TYR F 23 26.03 12.50 72.24
CA TYR F 23 26.85 12.49 73.45
C TYR F 23 28.30 12.92 73.20
N LEU F 24 28.69 13.13 71.94
CA LEU F 24 30.01 13.67 71.67
C LEU F 24 29.98 15.19 71.70
N SER F 25 31.15 15.78 71.82
CA SER F 25 31.25 17.23 71.76
C SER F 25 30.85 17.71 70.37
N PRO F 26 30.17 18.85 70.27
CA PRO F 26 29.82 19.37 68.93
C PRO F 26 31.03 19.63 68.05
N GLY F 27 32.13 20.09 68.64
CA GLY F 27 33.35 20.26 67.87
C GLY F 27 33.85 18.95 67.29
N LEU F 28 33.84 17.88 68.10
CA LEU F 28 34.28 16.58 67.60
C LEU F 28 33.32 16.06 66.53
N VAL F 29 32.02 16.29 66.71
CA VAL F 29 31.05 15.84 65.71
C VAL F 29 31.30 16.54 64.38
N GLN F 30 31.51 17.86 64.42
CA GLN F 30 31.79 18.60 63.19
C GLN F 30 33.11 18.13 62.57
N PHE F 31 34.12 17.90 63.39
CA PHE F 31 35.40 17.41 62.88
C PHE F 31 35.24 16.06 62.21
N ALA F 32 34.44 15.16 62.81
CA ALA F 32 34.24 13.84 62.23
C ALA F 32 33.50 13.93 60.91
N GLN F 33 32.42 14.71 60.86
CA GLN F 33 31.68 14.82 59.61
C GLN F 33 32.41 15.64 58.56
N ALA F 34 33.46 16.37 58.94
CA ALA F 34 34.27 17.08 57.95
C ALA F 34 35.42 16.23 57.43
N THR F 35 36.03 15.40 58.28
CA THR F 35 37.16 14.57 57.89
C THR F 35 36.78 13.12 57.64
N GLU F 36 35.48 12.81 57.54
CA GLU F 36 35.07 11.45 57.22
C GLU F 36 35.47 11.05 55.80
N SER F 37 35.85 12.01 54.96
CA SER F 37 36.21 11.67 53.58
C SER F 37 37.54 10.96 53.49
N TYR F 38 38.47 11.25 54.40
CA TYR F 38 39.80 10.66 54.29
C TYR F 38 40.28 9.97 55.56
N PHE F 39 39.79 10.38 56.73
CA PHE F 39 40.23 9.77 57.98
C PHE F 39 39.17 8.95 58.69
N ASN F 40 37.94 9.46 58.81
CA ASN F 40 36.78 8.65 59.21
C ASN F 40 36.98 8.03 60.60
N ILE F 41 36.98 8.90 61.61
CA ILE F 41 37.04 8.48 63.00
C ILE F 41 35.68 7.97 63.45
N GLY F 42 34.72 7.90 62.53
CA GLY F 42 33.35 7.63 62.91
C GLY F 42 33.14 6.31 63.62
N ASN F 43 33.86 5.27 63.21
CA ASN F 43 33.63 3.94 63.76
C ASN F 43 34.27 3.73 65.13
N LYS F 44 34.89 4.75 65.71
CA LYS F 44 35.50 4.63 67.02
C LYS F 44 34.52 4.84 68.16
N PHE F 45 33.28 5.19 67.88
CA PHE F 45 32.27 5.43 68.90
C PHE F 45 31.05 4.57 68.61
N ARG F 46 30.38 4.15 69.68
CA ARG F 46 29.30 3.17 69.61
C ARG F 46 27.96 3.83 69.92
N ASN F 47 26.90 3.40 69.17
CA ASN F 47 25.52 3.81 69.36
C ASN F 47 24.74 2.72 70.09
N PRO F 48 23.79 3.10 70.94
CA PRO F 48 23.10 2.10 71.77
C PRO F 48 22.22 1.13 70.98
N THR F 49 21.34 1.65 70.13
CA THR F 49 20.38 0.85 69.37
C THR F 49 19.49 0.01 70.31
N VAL F 50 18.72 0.73 71.11
CA VAL F 50 17.81 0.14 72.07
C VAL F 50 16.50 -0.22 71.38
N ALA F 51 15.91 -1.34 71.79
CA ALA F 51 14.64 -1.81 71.25
C ALA F 51 13.47 -1.19 72.01
N PRO F 52 12.30 -1.10 71.38
CA PRO F 52 11.11 -0.69 72.12
C PRO F 52 10.74 -1.74 73.15
N THR F 53 10.16 -1.29 74.27
CA THR F 53 9.88 -2.16 75.39
C THR F 53 8.40 -2.31 75.72
N HIS F 54 7.53 -1.48 75.17
CA HIS F 54 6.12 -1.55 75.50
C HIS F 54 5.28 -1.34 74.25
N ASP F 55 4.04 -1.84 74.30
CA ASP F 55 3.07 -1.71 73.22
C ASP F 55 3.58 -2.31 71.92
N VAL F 56 4.42 -3.34 72.02
CA VAL F 56 4.99 -4.01 70.85
C VAL F 56 4.62 -5.49 70.82
N THR F 57 4.68 -6.17 71.96
CA THR F 57 4.42 -7.61 72.03
C THR F 57 3.22 -7.88 72.93
N THR F 58 2.45 -8.92 72.57
CA THR F 58 1.19 -9.21 73.26
C THR F 58 1.43 -9.59 74.72
N GLU F 59 2.48 -10.35 75.01
CA GLU F 59 2.82 -10.84 76.35
C GLU F 59 1.63 -11.53 77.04
N ARG F 60 0.61 -11.93 76.29
CA ARG F 60 -0.58 -12.54 76.89
C ARG F 60 -0.95 -13.84 76.20
N SER F 61 0.05 -14.71 75.96
CA SER F 61 -0.15 -16.13 75.70
C SER F 61 -1.02 -16.37 74.46
N GLN F 62 -0.47 -16.00 73.31
CA GLN F 62 -1.09 -16.33 72.03
C GLN F 62 -0.07 -16.98 71.11
N ARG F 63 -0.57 -17.81 70.20
CA ARG F 63 0.27 -18.61 69.32
C ARG F 63 0.97 -17.74 68.27
N LEU F 64 2.06 -18.28 67.73
CA LEU F 64 2.73 -17.71 66.57
C LEU F 64 2.38 -18.45 65.28
N GLN F 65 2.41 -19.78 65.30
CA GLN F 65 2.04 -20.59 64.16
C GLN F 65 0.69 -21.25 64.46
N LEU F 66 -0.25 -21.10 63.53
CA LEU F 66 -1.59 -21.67 63.70
C LEU F 66 -1.88 -22.62 62.55
N ARG F 67 -2.29 -23.84 62.89
CA ARG F 67 -2.66 -24.85 61.90
C ARG F 67 -4.17 -24.99 61.87
N PHE F 68 -4.76 -24.87 60.68
CA PHE F 68 -6.19 -24.96 60.49
C PHE F 68 -6.50 -26.27 59.77
N VAL F 69 -7.09 -27.22 60.49
CA VAL F 69 -7.53 -28.46 59.85
C VAL F 69 -8.70 -28.15 58.91
N PRO F 70 -8.83 -28.85 57.78
CA PRO F 70 -9.93 -28.55 56.87
C PRO F 70 -11.27 -28.92 57.48
N VAL F 71 -12.24 -28.01 57.36
CA VAL F 71 -13.58 -28.28 57.86
C VAL F 71 -14.21 -29.44 57.10
N ASP F 72 -14.11 -29.40 55.76
CA ASP F 72 -14.56 -30.51 54.93
C ASP F 72 -13.63 -30.64 53.74
N ARG F 73 -13.57 -31.84 53.19
CA ARG F 73 -12.70 -32.13 52.06
C ARG F 73 -13.40 -33.08 51.10
N GLU F 74 -13.05 -32.96 49.83
CA GLU F 74 -13.48 -33.92 48.82
C GLU F 74 -12.29 -34.25 47.93
N ASP F 75 -12.20 -35.50 47.52
CA ASP F 75 -11.09 -35.97 46.69
C ASP F 75 -11.62 -36.56 45.39
N THR F 76 -11.88 -35.68 44.43
CA THR F 76 -12.20 -36.12 43.07
C THR F 76 -10.94 -36.63 42.40
N GLN F 77 -11.11 -37.64 41.54
CA GLN F 77 -9.96 -38.23 40.85
C GLN F 77 -9.38 -37.32 39.77
N TYR F 78 -9.87 -36.09 39.65
CA TYR F 78 -9.22 -35.03 38.89
C TYR F 78 -8.78 -33.83 39.73
N SER F 79 -9.44 -33.56 40.86
CA SER F 79 -9.10 -32.39 41.65
C SER F 79 -9.38 -32.67 43.13
N TYR F 80 -8.72 -31.90 43.98
CA TYR F 80 -8.82 -32.05 45.43
C TYR F 80 -9.24 -30.72 46.03
N LYS F 81 -10.37 -30.70 46.73
CA LYS F 81 -10.94 -29.48 47.28
C LYS F 81 -11.08 -29.60 48.78
N THR F 82 -10.59 -28.59 49.51
CA THR F 82 -10.71 -28.52 50.96
C THR F 82 -11.20 -27.14 51.35
N ARG F 83 -11.96 -27.09 52.44
CA ARG F 83 -12.48 -25.84 52.98
C ARG F 83 -11.96 -25.64 54.40
N PHE F 84 -11.40 -24.46 54.65
CA PHE F 84 -10.92 -24.10 55.98
C PHE F 84 -11.68 -22.86 56.46
N GLN F 85 -11.88 -22.79 57.77
CA GLN F 85 -12.30 -21.54 58.41
C GLN F 85 -11.17 -21.08 59.30
N LEU F 86 -10.68 -19.87 59.05
CA LEU F 86 -9.59 -19.29 59.83
C LEU F 86 -10.13 -18.10 60.62
N ALA F 87 -9.95 -18.14 61.93
CA ALA F 87 -10.43 -17.10 62.82
C ALA F 87 -9.26 -16.19 63.18
N VAL F 88 -9.38 -14.91 62.83
CA VAL F 88 -8.31 -13.95 63.09
C VAL F 88 -8.60 -13.35 64.47
N GLY F 89 -8.24 -14.11 65.51
CA GLY F 89 -8.26 -13.64 66.88
C GLY F 89 -9.42 -12.75 67.27
N ASP F 90 -9.14 -11.73 68.07
CA ASP F 90 -10.07 -10.65 68.31
C ASP F 90 -9.36 -9.32 68.14
N ASN F 91 -8.04 -9.32 68.34
CA ASN F 91 -7.24 -8.12 68.20
C ASN F 91 -6.10 -8.32 67.21
N ARG F 92 -5.53 -9.52 67.20
CA ARG F 92 -4.38 -9.79 66.34
C ARG F 92 -4.79 -9.76 64.87
N VAL F 93 -3.81 -9.43 64.02
CA VAL F 93 -3.98 -9.44 62.58
C VAL F 93 -2.86 -10.26 61.96
N LEU F 94 -3.10 -10.73 60.74
CA LEU F 94 -2.09 -11.45 59.98
C LEU F 94 -2.09 -10.95 58.55
N ASP F 95 -0.96 -11.11 57.89
CA ASP F 95 -0.90 -10.91 56.45
C ASP F 95 -0.87 -12.27 55.73
N MET F 96 -1.49 -12.31 54.56
CA MET F 96 -1.57 -13.53 53.79
C MET F 96 -0.33 -13.80 52.96
N ALA F 97 0.75 -13.03 53.16
CA ALA F 97 2.04 -13.45 52.65
C ALA F 97 2.49 -14.73 53.31
N SER F 98 2.09 -14.93 54.57
CA SER F 98 2.15 -16.21 55.23
C SER F 98 0.95 -17.06 54.80
N THR F 99 0.64 -18.10 55.55
CA THR F 99 -0.50 -18.98 55.28
C THR F 99 -0.34 -19.72 53.95
N TYR F 100 0.71 -20.52 53.89
CA TYR F 100 0.88 -21.46 52.80
C TYR F 100 -0.06 -22.65 52.98
N PHE F 101 -0.12 -23.50 51.96
CA PHE F 101 -0.90 -24.73 52.00
C PHE F 101 0.05 -25.90 52.18
N ASP F 102 -0.14 -26.65 53.27
CA ASP F 102 0.73 -27.79 53.58
C ASP F 102 0.07 -29.05 53.05
N ILE F 103 0.67 -29.64 52.02
CA ILE F 103 0.12 -30.81 51.35
C ILE F 103 1.04 -31.99 51.59
N ARG F 104 0.48 -33.11 52.05
CA ARG F 104 1.21 -34.34 52.27
C ARG F 104 0.53 -35.47 51.50
N GLY F 105 1.33 -36.45 51.09
CA GLY F 105 0.78 -37.59 50.38
C GLY F 105 1.89 -38.41 49.77
N THR F 106 1.46 -39.42 49.01
CA THR F 106 2.37 -40.29 48.28
C THR F 106 2.01 -40.23 46.80
N LEU F 107 3.00 -39.99 45.95
CA LEU F 107 2.78 -39.93 44.52
C LEU F 107 3.76 -40.85 43.81
N ASP F 108 3.23 -41.70 42.95
CA ASP F 108 4.06 -42.48 42.04
C ASP F 108 4.57 -41.56 40.95
N ARG F 109 5.86 -41.66 40.64
CA ARG F 109 6.50 -40.77 39.68
C ARG F 109 6.54 -41.38 38.28
N GLY F 110 5.90 -42.52 38.08
CA GLY F 110 5.73 -43.10 36.77
C GLY F 110 6.85 -44.04 36.39
N ALA F 111 6.51 -44.99 35.52
CA ALA F 111 7.50 -45.94 35.01
C ALA F 111 8.56 -45.26 34.16
N SER F 112 8.26 -44.06 33.65
CA SER F 112 9.18 -43.32 32.81
C SER F 112 10.21 -42.54 33.60
N PHE F 113 10.11 -42.50 34.93
CA PHE F 113 11.00 -41.66 35.74
C PHE F 113 12.38 -42.30 35.82
N LYS F 114 13.33 -41.75 35.07
CA LYS F 114 14.74 -42.14 35.16
C LYS F 114 15.57 -40.90 35.47
N PRO F 115 15.92 -40.66 36.73
CA PRO F 115 16.62 -39.42 37.07
C PRO F 115 18.02 -39.36 36.48
N TYR F 116 18.82 -40.39 36.72
CA TYR F 116 20.23 -40.36 36.37
C TYR F 116 20.45 -40.61 34.88
N SER F 117 21.60 -40.18 34.40
CA SER F 117 22.07 -40.51 33.06
C SER F 117 22.85 -41.81 33.08
N GLY F 118 22.98 -42.42 31.90
CA GLY F 118 23.72 -43.68 31.83
C GLY F 118 23.00 -44.80 32.55
N THR F 119 23.78 -45.77 33.02
CA THR F 119 23.26 -46.90 33.77
C THR F 119 23.94 -46.94 35.14
N ALA F 120 23.43 -47.83 35.99
CA ALA F 120 23.94 -47.96 37.35
C ALA F 120 24.34 -49.39 37.69
N TYR F 121 24.42 -50.28 36.72
CA TYR F 121 24.70 -51.68 37.00
C TYR F 121 25.96 -52.20 36.32
N ASN F 122 26.19 -51.86 35.07
CA ASN F 122 27.42 -52.23 34.37
C ASN F 122 27.96 -51.05 33.60
N SER F 123 28.06 -49.90 34.27
CA SER F 123 28.56 -48.69 33.62
C SER F 123 29.96 -48.90 33.04
N PHE F 124 30.75 -49.80 33.63
CA PHE F 124 32.11 -50.01 33.17
C PHE F 124 32.20 -51.03 32.04
N ALA F 125 31.20 -51.90 31.90
CA ALA F 125 31.25 -52.94 30.89
C ALA F 125 31.17 -52.33 29.48
N PRO F 126 31.86 -52.93 28.51
CA PRO F 126 31.63 -52.55 27.12
C PRO F 126 30.18 -52.82 26.73
N LYS F 127 29.63 -51.94 25.90
CA LYS F 127 28.19 -51.97 25.66
C LYS F 127 27.76 -53.21 24.89
N SER F 128 28.70 -53.88 24.22
CA SER F 128 28.38 -55.07 23.44
C SER F 128 28.91 -56.35 24.06
N ALA F 129 29.56 -56.27 25.22
CA ALA F 129 30.17 -57.45 25.81
C ALA F 129 29.10 -58.36 26.41
N PRO F 130 29.11 -59.66 26.10
CA PRO F 130 28.19 -60.58 26.78
C PRO F 130 28.60 -60.78 28.23
N ASN F 131 27.62 -61.09 29.06
CA ASN F 131 27.84 -61.20 30.50
C ASN F 131 28.07 -62.66 30.91
N ASN F 132 29.09 -63.27 30.29
CA ASN F 132 29.55 -64.61 30.67
C ASN F 132 28.39 -65.62 30.61
N THR F 133 27.91 -65.81 29.39
CA THR F 133 26.69 -66.56 29.12
C THR F 133 27.00 -67.79 28.26
N GLN F 134 25.93 -68.46 27.83
CA GLN F 134 26.02 -69.60 26.94
C GLN F 134 25.20 -69.32 25.68
N PHE F 135 25.77 -69.63 24.52
CA PHE F 135 25.14 -69.37 23.23
C PHE F 135 24.90 -70.67 22.50
N ARG F 136 23.70 -70.82 21.95
CA ARG F 136 23.35 -72.02 21.20
C ARG F 136 24.07 -72.04 19.86
N GLN F 137 24.37 -73.25 19.39
CA GLN F 137 25.00 -73.41 18.09
C GLN F 137 23.92 -73.46 17.00
N ALA F 138 24.35 -73.44 15.74
CA ALA F 138 23.43 -73.21 14.63
C ALA F 138 22.34 -74.28 14.56
N ASN F 139 22.71 -75.55 14.72
CA ASN F 139 21.73 -76.62 14.58
C ASN F 139 20.74 -76.60 15.75
N ASN F 140 21.19 -76.15 16.92
CA ASN F 140 20.39 -76.06 18.14
C ASN F 140 20.15 -77.45 18.74
N GLY F 141 20.57 -78.50 18.03
CA GLY F 141 20.57 -79.82 18.59
C GLY F 141 21.86 -80.09 19.33
N HIS F 142 22.88 -79.29 19.02
CA HIS F 142 24.16 -79.39 19.68
C HIS F 142 24.04 -78.94 21.14
N PRO F 143 24.88 -79.47 22.02
CA PRO F 143 24.99 -78.91 23.37
C PRO F 143 25.43 -77.46 23.30
N ALA F 144 24.88 -76.63 24.18
CA ALA F 144 25.17 -75.21 24.15
C ALA F 144 26.62 -74.95 24.57
N GLN F 145 27.36 -74.25 23.71
CA GLN F 145 28.70 -73.82 24.06
C GLN F 145 28.63 -72.60 24.98
N THR F 146 29.79 -72.14 25.44
CA THR F 146 29.85 -71.04 26.39
C THR F 146 30.88 -70.02 25.95
N ILE F 147 30.64 -68.77 26.35
CA ILE F 147 31.53 -67.65 26.09
C ILE F 147 32.16 -67.19 27.42
N ALA F 148 32.34 -68.11 28.35
CA ALA F 148 32.65 -67.79 29.73
C ALA F 148 34.09 -67.32 29.88
N GLN F 149 34.46 -67.03 31.12
CA GLN F 149 35.83 -66.72 31.50
C GLN F 149 36.03 -67.06 32.96
N ALA F 150 36.93 -68.00 33.23
CA ALA F 150 37.20 -68.46 34.59
C ALA F 150 38.12 -67.47 35.27
N SER F 151 37.66 -66.93 36.41
CA SER F 151 38.39 -65.91 37.13
C SER F 151 38.93 -66.43 38.46
N TYR F 152 38.08 -66.96 39.32
CA TYR F 152 38.54 -67.50 40.59
C TYR F 152 39.39 -68.74 40.37
N VAL F 153 40.57 -68.77 40.97
CA VAL F 153 41.53 -69.86 40.80
C VAL F 153 41.49 -70.73 42.05
N ALA F 154 41.44 -72.04 41.85
CA ALA F 154 41.37 -72.99 42.95
C ALA F 154 41.63 -74.39 42.41
N THR F 155 42.14 -75.25 43.29
CA THR F 155 42.34 -76.64 42.93
C THR F 155 40.99 -77.35 42.79
N ILE F 156 40.90 -78.23 41.79
CA ILE F 156 39.67 -78.97 41.52
C ILE F 156 39.87 -80.40 42.00
N GLY F 157 39.09 -80.82 42.98
CA GLY F 157 39.25 -82.14 43.53
C GLY F 157 38.09 -82.53 44.42
N GLY F 158 38.26 -83.65 45.11
CA GLY F 158 37.22 -84.14 45.99
C GLY F 158 36.04 -84.72 45.22
N ALA F 159 34.93 -84.88 45.93
CA ALA F 159 33.72 -85.40 45.32
C ALA F 159 33.19 -84.42 44.27
N ASN F 160 32.78 -84.96 43.13
CA ASN F 160 32.17 -84.22 42.01
C ASN F 160 32.98 -83.00 41.58
N ASN F 161 34.27 -82.96 41.95
CA ASN F 161 35.24 -82.01 41.40
C ASN F 161 34.79 -80.55 41.60
N ASP F 162 34.71 -80.15 42.86
CA ASP F 162 34.38 -78.77 43.21
C ASP F 162 35.64 -77.92 43.33
N LEU F 163 35.44 -76.61 43.34
CA LEU F 163 36.53 -75.67 43.56
C LEU F 163 36.93 -75.66 45.04
N GLN F 164 38.19 -75.35 45.29
CA GLN F 164 38.74 -75.32 46.66
C GLN F 164 38.80 -73.87 47.11
N MET F 165 37.76 -73.43 47.82
CA MET F 165 37.73 -72.05 48.32
C MET F 165 38.82 -71.82 49.37
N GLY F 166 39.03 -72.77 50.26
CA GLY F 166 40.02 -72.59 51.31
C GLY F 166 40.10 -73.80 52.19
N VAL F 167 40.83 -73.66 53.29
CA VAL F 167 41.08 -74.74 54.24
C VAL F 167 40.47 -74.35 55.57
N ASP F 168 39.72 -75.28 56.17
CA ASP F 168 39.04 -75.03 57.44
C ASP F 168 40.02 -75.14 58.60
N GLU F 169 39.51 -75.12 59.82
CA GLU F 169 40.36 -75.23 61.00
C GLU F 169 40.99 -76.61 61.09
N ARG F 170 40.24 -77.66 60.73
CA ARG F 170 40.70 -79.04 60.84
C ARG F 170 41.66 -79.43 59.72
N GLN F 171 42.20 -78.45 58.98
CA GLN F 171 43.15 -78.70 57.90
C GLN F 171 42.55 -79.59 56.81
N LEU F 172 41.36 -79.26 56.35
CA LEU F 172 40.71 -79.94 55.25
C LEU F 172 40.20 -78.94 54.23
N PRO F 173 40.19 -79.28 52.94
CA PRO F 173 39.70 -78.33 51.95
C PRO F 173 38.22 -78.05 52.10
N VAL F 174 37.83 -76.81 51.80
CA VAL F 174 36.44 -76.37 51.86
C VAL F 174 36.01 -76.07 50.43
N TYR F 175 34.96 -76.75 49.98
CA TYR F 175 34.51 -76.65 48.60
C TYR F 175 33.40 -75.61 48.46
N ALA F 176 33.20 -75.17 47.23
CA ALA F 176 32.32 -74.04 46.96
C ALA F 176 30.86 -74.45 47.07
N ASN F 177 30.09 -73.65 47.81
CA ASN F 177 28.65 -73.77 47.75
C ASN F 177 28.17 -73.45 46.34
N THR F 178 27.33 -74.34 45.80
CA THR F 178 26.89 -74.17 44.42
C THR F 178 26.00 -72.95 44.23
N THR F 179 25.49 -72.36 45.32
CA THR F 179 24.61 -71.21 45.21
C THR F 179 25.39 -69.97 44.77
N TYR F 180 26.38 -69.56 45.56
CA TYR F 180 27.08 -68.30 45.31
C TYR F 180 28.58 -68.36 45.44
N GLN F 181 29.16 -69.43 46.01
CA GLN F 181 30.54 -69.36 46.49
C GLN F 181 31.56 -69.01 45.42
N PRO F 182 31.56 -69.61 44.22
CA PRO F 182 32.48 -69.12 43.18
C PRO F 182 32.01 -67.76 42.71
N GLU F 183 32.71 -66.72 43.14
CA GLU F 183 32.04 -65.44 42.98
C GLU F 183 32.62 -64.66 41.80
N PRO F 184 31.76 -64.00 41.03
CA PRO F 184 32.26 -63.05 40.02
C PRO F 184 32.98 -61.88 40.64
N GLN F 185 32.77 -61.62 41.94
CA GLN F 185 33.46 -60.53 42.60
C GLN F 185 34.96 -60.78 42.67
N LEU F 186 35.35 -61.99 43.04
CA LEU F 186 36.74 -62.28 43.36
C LEU F 186 37.52 -62.73 42.12
N GLY F 187 38.83 -62.72 42.26
CA GLY F 187 39.71 -63.14 41.18
C GLY F 187 41.12 -63.29 41.69
N ILE F 188 42.07 -63.24 40.76
CA ILE F 188 43.49 -63.34 41.08
C ILE F 188 44.09 -61.95 41.12
N GLU F 189 45.15 -61.79 41.91
CA GLU F 189 45.80 -60.51 42.13
C GLU F 189 47.08 -60.44 41.31
N GLY F 190 47.28 -59.31 40.64
CA GLY F 190 48.51 -59.09 39.89
C GLY F 190 48.43 -59.60 38.47
N TRP F 191 49.21 -58.95 37.60
CA TRP F 191 49.26 -59.34 36.20
C TRP F 191 50.24 -60.47 35.94
N THR F 192 51.13 -60.78 36.89
CA THR F 192 52.08 -61.87 36.68
C THR F 192 51.36 -63.22 36.58
N ALA F 193 50.35 -63.43 37.40
CA ALA F 193 49.58 -64.66 37.33
C ALA F 193 48.80 -64.71 36.03
N GLY F 194 49.00 -65.78 35.26
CA GLY F 194 48.37 -65.95 33.98
C GLY F 194 49.25 -65.55 32.80
N SER F 195 50.28 -64.75 33.03
CA SER F 195 51.19 -64.35 31.97
C SER F 195 52.61 -64.84 32.21
N MET F 196 53.19 -64.56 33.38
CA MET F 196 54.52 -65.06 33.72
C MET F 196 54.49 -66.32 34.56
N ALA F 197 53.48 -66.49 35.41
CA ALA F 197 53.29 -67.70 36.19
C ALA F 197 52.12 -68.48 35.61
N VAL F 198 52.35 -69.76 35.31
CA VAL F 198 51.33 -70.56 34.65
C VAL F 198 50.12 -70.72 35.54
N ILE F 199 48.95 -70.51 34.97
CA ILE F 199 47.67 -70.66 35.67
C ILE F 199 47.08 -72.01 35.26
N ASP F 200 46.91 -72.90 36.24
CA ASP F 200 46.55 -74.28 35.91
C ASP F 200 45.04 -74.50 35.91
N GLN F 201 44.36 -74.15 36.99
CA GLN F 201 42.92 -74.38 37.11
C GLN F 201 42.25 -73.15 37.67
N ALA F 202 41.01 -72.92 37.21
CA ALA F 202 40.24 -71.76 37.63
C ALA F 202 38.76 -72.08 37.50
N GLY F 203 37.93 -71.27 38.16
CA GLY F 203 36.50 -71.47 38.16
C GLY F 203 35.76 -70.20 37.78
N GLY F 204 34.45 -70.33 37.68
CA GLY F 204 33.62 -69.21 37.30
C GLY F 204 32.15 -69.54 37.39
N ARG F 205 31.34 -68.69 36.78
CA ARG F 205 29.89 -68.81 36.80
C ARG F 205 29.33 -68.41 35.45
N VAL F 206 28.37 -69.20 34.94
CA VAL F 206 27.80 -68.98 33.62
C VAL F 206 26.28 -69.02 33.72
N LEU F 207 25.62 -68.26 32.85
CA LEU F 207 24.17 -68.35 32.71
C LEU F 207 23.79 -69.53 31.84
N ARG F 208 22.62 -70.09 32.12
CA ARG F 208 22.09 -71.22 31.35
C ARG F 208 20.73 -70.84 30.79
N ASN F 209 20.54 -71.07 29.50
CA ASN F 209 19.30 -70.76 28.80
C ASN F 209 18.83 -69.33 29.11
N PRO F 210 19.62 -68.32 28.81
CA PRO F 210 19.33 -66.96 29.26
C PRO F 210 18.47 -66.19 28.25
N THR F 211 18.02 -65.01 28.69
CA THR F 211 17.38 -64.08 27.78
C THR F 211 18.37 -63.45 26.82
N GLN F 212 19.67 -63.62 27.08
CA GLN F 212 20.76 -63.17 26.21
C GLN F 212 20.72 -61.65 26.00
N THR F 213 20.92 -60.96 27.10
CA THR F 213 21.08 -59.51 27.05
C THR F 213 22.54 -59.14 27.24
N PRO F 214 22.99 -58.02 26.67
CA PRO F 214 24.37 -57.59 26.89
C PRO F 214 24.62 -57.22 28.34
N CYS F 215 25.90 -57.23 28.70
CA CYS F 215 26.29 -57.01 30.09
C CYS F 215 25.93 -55.61 30.58
N TYR F 216 25.88 -54.63 29.67
CA TYR F 216 25.78 -53.22 30.06
C TYR F 216 24.62 -52.97 31.02
N GLY F 217 23.50 -53.65 30.83
CA GLY F 217 22.42 -53.60 31.80
C GLY F 217 22.55 -54.78 32.74
N SER F 218 21.67 -55.77 32.56
CA SER F 218 21.84 -57.09 33.14
C SER F 218 21.92 -57.03 34.66
N TYR F 219 20.82 -56.61 35.26
CA TYR F 219 20.60 -56.72 36.70
C TYR F 219 19.87 -58.01 37.01
N ALA F 220 20.06 -58.50 38.23
CA ALA F 220 19.40 -59.72 38.67
C ALA F 220 19.14 -59.62 40.16
N LYS F 221 17.87 -59.69 40.55
CA LYS F 221 17.52 -59.55 41.96
C LYS F 221 18.09 -60.71 42.76
N PRO F 222 18.67 -60.45 43.92
CA PRO F 222 19.20 -61.54 44.75
C PRO F 222 18.10 -62.49 45.18
N THR F 223 18.47 -63.77 45.29
CA THR F 223 17.54 -64.80 45.72
C THR F 223 17.99 -65.52 46.99
N ASN F 224 19.10 -65.12 47.59
CA ASN F 224 19.55 -65.68 48.86
C ASN F 224 20.31 -64.62 49.63
N GLU F 225 20.46 -64.87 50.93
CA GLU F 225 21.11 -63.92 51.82
C GLU F 225 22.58 -63.70 51.49
N HIS F 226 23.20 -64.59 50.74
CA HIS F 226 24.62 -64.49 50.41
C HIS F 226 24.89 -63.76 49.11
N GLY F 227 23.86 -63.38 48.38
CA GLY F 227 24.04 -62.64 47.14
C GLY F 227 24.02 -63.47 45.87
N GLY F 228 23.64 -64.74 45.94
CA GLY F 228 23.52 -65.53 44.73
C GLY F 228 22.27 -65.18 43.95
N ILE F 229 22.37 -65.30 42.63
CA ILE F 229 21.24 -65.06 41.74
C ILE F 229 20.95 -66.36 41.00
N THR F 230 19.74 -66.89 41.20
CA THR F 230 19.29 -68.11 40.56
C THR F 230 17.79 -68.24 40.75
N LYS F 231 17.10 -68.67 39.69
CA LYS F 231 15.65 -68.74 39.73
C LYS F 231 15.20 -69.77 40.76
N ALA F 232 14.03 -69.51 41.35
CA ALA F 232 13.46 -70.42 42.33
C ALA F 232 13.12 -71.76 41.69
N ASN F 233 13.33 -72.83 42.45
CA ASN F 233 13.08 -74.20 41.98
C ASN F 233 13.90 -74.50 40.71
N THR F 234 15.12 -73.97 40.66
CA THR F 234 16.04 -74.24 39.57
C THR F 234 17.37 -74.68 40.15
N GLN F 235 17.99 -75.68 39.53
CA GLN F 235 19.19 -76.32 40.04
C GLN F 235 20.40 -75.89 39.23
N VAL F 236 21.50 -75.62 39.92
CA VAL F 236 22.76 -75.21 39.30
C VAL F 236 23.67 -76.43 39.19
N GLU F 237 24.25 -76.63 38.00
CA GLU F 237 25.16 -77.73 37.75
C GLU F 237 26.43 -77.20 37.11
N LYS F 238 27.52 -77.94 37.29
CA LYS F 238 28.84 -77.52 36.86
C LYS F 238 29.23 -78.20 35.56
N LYS F 239 29.88 -77.43 34.69
CA LYS F 239 30.39 -77.93 33.41
C LYS F 239 31.89 -77.73 33.35
N TYR F 240 32.61 -78.76 32.92
CA TYR F 240 34.06 -78.75 32.89
C TYR F 240 34.56 -78.57 31.47
N TYR F 241 35.62 -77.79 31.30
CA TYR F 241 36.21 -77.53 30.00
C TYR F 241 37.72 -77.60 30.11
N ARG F 242 38.37 -77.90 28.99
CA ARG F 242 39.83 -77.90 28.93
C ARG F 242 40.26 -77.46 27.54
N THR F 243 41.46 -76.90 27.46
CA THR F 243 41.95 -76.31 26.22
C THR F 243 42.54 -77.34 25.26
N GLY F 244 42.94 -78.51 25.75
CA GLY F 244 43.55 -79.51 24.90
C GLY F 244 43.13 -80.91 25.30
N ASP F 245 43.20 -81.82 24.33
CA ASP F 245 42.82 -83.19 24.57
C ASP F 245 43.84 -83.88 25.48
N ASN F 246 43.37 -84.95 26.13
CA ASN F 246 44.21 -85.77 27.01
C ASN F 246 44.82 -84.92 28.14
N GLY F 247 43.94 -84.40 28.98
CA GLY F 247 44.39 -83.59 30.10
C GLY F 247 43.32 -83.45 31.15
N ASN F 248 43.76 -83.11 32.36
CA ASN F 248 42.83 -82.85 33.45
C ASN F 248 42.07 -81.55 33.16
N PRO F 249 40.79 -81.46 33.50
CA PRO F 249 40.06 -80.22 33.24
C PRO F 249 40.69 -79.03 33.96
N GLU F 250 40.67 -77.88 33.28
CA GLU F 250 41.30 -76.68 33.80
C GLU F 250 40.29 -75.59 34.18
N THR F 251 39.01 -75.77 33.86
CA THR F 251 38.00 -74.78 34.19
C THR F 251 36.74 -75.48 34.69
N VAL F 252 36.14 -74.93 35.74
CA VAL F 252 34.85 -75.38 36.26
C VAL F 252 33.89 -74.20 36.22
N PHE F 253 32.73 -74.39 35.61
CA PHE F 253 31.76 -73.33 35.45
C PHE F 253 30.42 -73.80 36.00
N TYR F 254 29.92 -73.09 37.01
CA TYR F 254 28.65 -73.42 37.65
C TYR F 254 27.54 -72.73 36.87
N THR F 255 26.90 -73.46 35.96
CA THR F 255 25.86 -72.88 35.12
C THR F 255 24.54 -72.86 35.89
N GLU F 256 23.95 -71.66 36.00
CA GLU F 256 22.70 -71.48 36.70
C GLU F 256 21.74 -70.65 35.85
N GLU F 257 20.45 -70.89 36.06
CA GLU F 257 19.40 -70.17 35.34
C GLU F 257 18.88 -69.07 36.26
N ALA F 258 19.27 -67.83 35.99
CA ALA F 258 18.83 -66.68 36.76
C ALA F 258 18.18 -65.68 35.82
N ASP F 259 16.97 -65.26 36.14
CA ASP F 259 16.31 -64.23 35.35
C ASP F 259 17.10 -62.93 35.39
N VAL F 260 17.25 -62.31 34.23
CA VAL F 260 18.12 -61.15 34.06
C VAL F 260 17.29 -60.03 33.47
N LEU F 261 16.93 -59.06 34.30
CA LEU F 261 16.24 -57.85 33.85
C LEU F 261 17.26 -56.74 33.59
N THR F 262 16.96 -55.89 32.61
CA THR F 262 17.76 -54.72 32.29
C THR F 262 16.96 -53.49 32.69
N PRO F 263 17.09 -53.01 33.92
CA PRO F 263 16.25 -51.88 34.36
C PRO F 263 16.65 -50.56 33.74
N ASP F 264 17.92 -50.36 33.43
CA ASP F 264 18.43 -49.05 33.04
C ASP F 264 18.65 -48.89 31.54
N THR F 265 18.83 -49.97 30.79
CA THR F 265 19.25 -49.87 29.41
C THR F 265 18.19 -50.42 28.47
N HIS F 266 18.32 -50.02 27.20
CA HIS F 266 17.52 -50.55 26.10
C HIS F 266 18.46 -50.91 24.96
N LEU F 267 18.04 -51.85 24.13
CA LEU F 267 18.91 -52.43 23.11
C LEU F 267 18.79 -51.64 21.81
N VAL F 268 19.92 -51.16 21.32
CA VAL F 268 20.05 -50.65 19.95
C VAL F 268 20.83 -51.69 19.17
N HIS F 269 20.42 -51.91 17.91
CA HIS F 269 20.93 -53.02 17.11
C HIS F 269 20.67 -54.34 17.84
N ALA F 270 19.39 -54.65 17.98
CA ALA F 270 18.97 -55.89 18.60
C ALA F 270 18.84 -56.97 17.54
N VAL F 271 19.39 -58.14 17.82
CA VAL F 271 19.28 -59.30 16.94
C VAL F 271 17.82 -59.72 16.94
N PRO F 272 17.28 -60.23 15.82
CA PRO F 272 15.88 -60.69 15.83
C PRO F 272 15.64 -61.73 16.90
N ALA F 273 14.42 -61.72 17.45
CA ALA F 273 14.12 -62.51 18.63
C ALA F 273 14.29 -64.01 18.38
N ALA F 274 14.08 -64.47 17.14
CA ALA F 274 14.21 -65.90 16.86
C ALA F 274 15.63 -66.38 17.09
N ASP F 275 16.60 -65.74 16.46
CA ASP F 275 18.01 -66.09 16.64
C ASP F 275 18.67 -65.19 17.68
N ARG F 276 18.06 -65.06 18.85
CA ARG F 276 18.60 -64.19 19.89
C ARG F 276 19.56 -64.90 20.84
N ALA F 277 19.69 -66.22 20.73
CA ALA F 277 20.57 -66.98 21.60
C ALA F 277 21.75 -67.60 20.86
N LYS F 278 21.85 -67.42 19.55
CA LYS F 278 22.93 -68.01 18.77
C LYS F 278 24.19 -67.15 18.90
N VAL F 279 25.19 -67.44 18.07
CA VAL F 279 26.49 -66.78 18.19
C VAL F 279 26.36 -65.28 17.91
N GLU F 280 25.55 -64.91 16.92
CA GLU F 280 25.39 -63.49 16.60
C GLU F 280 24.55 -62.75 17.61
N GLY F 281 23.91 -63.45 18.54
CA GLY F 281 23.18 -62.80 19.62
C GLY F 281 24.04 -62.30 20.75
N LEU F 282 25.34 -62.56 20.71
CA LEU F 282 26.28 -62.10 21.71
C LEU F 282 26.81 -60.70 21.42
N SER F 283 26.42 -60.10 20.29
CA SER F 283 26.89 -58.79 19.89
C SER F 283 25.74 -57.79 19.86
N GLN F 284 24.85 -57.86 20.85
CA GLN F 284 23.73 -56.95 20.96
C GLN F 284 24.20 -55.69 21.67
N HIS F 285 24.22 -54.58 20.95
CA HIS F 285 24.62 -53.31 21.55
C HIS F 285 23.57 -52.84 22.55
N ALA F 286 24.01 -52.20 23.62
CA ALA F 286 23.14 -51.73 24.68
C ALA F 286 23.29 -50.23 24.84
N ALA F 287 22.18 -49.56 25.09
CA ALA F 287 22.17 -48.12 25.26
C ALA F 287 21.39 -47.75 26.51
N PRO F 288 21.88 -46.79 27.29
CA PRO F 288 21.15 -46.37 28.49
C PRO F 288 19.87 -45.66 28.13
N ASN F 289 18.89 -45.77 29.02
CA ASN F 289 17.65 -45.02 28.86
C ASN F 289 17.90 -43.53 29.02
N ARG F 290 17.12 -42.73 28.31
CA ARG F 290 17.27 -41.29 28.41
C ARG F 290 16.86 -40.81 29.80
N PRO F 291 17.58 -39.84 30.37
CA PRO F 291 17.16 -39.29 31.66
C PRO F 291 15.82 -38.57 31.52
N ASN F 292 15.01 -38.64 32.57
CA ASN F 292 13.67 -38.09 32.50
C ASN F 292 13.42 -37.00 33.54
N PHE F 293 13.83 -37.23 34.78
CA PHE F 293 13.74 -36.22 35.84
C PHE F 293 12.32 -35.71 36.06
N ILE F 294 11.42 -36.59 36.51
CA ILE F 294 10.04 -36.20 36.80
C ILE F 294 9.99 -35.63 38.20
N GLY F 295 9.45 -34.42 38.33
CA GLY F 295 9.36 -33.78 39.63
C GLY F 295 8.31 -32.69 39.61
N PHE F 296 8.15 -32.06 40.77
CA PHE F 296 7.18 -30.99 40.87
C PHE F 296 7.60 -29.80 40.02
N ARG F 297 6.62 -29.02 39.59
CA ARG F 297 6.86 -27.95 38.63
C ARG F 297 7.30 -26.69 39.38
N ASP F 298 7.72 -25.67 38.62
CA ASP F 298 8.40 -24.53 39.21
C ASP F 298 7.47 -23.76 40.15
N CYS F 299 7.97 -23.45 41.36
CA CYS F 299 7.19 -22.73 42.37
C CYS F 299 5.82 -23.36 42.61
N PHE F 300 5.71 -24.66 42.35
CA PHE F 300 4.44 -25.38 42.45
C PHE F 300 3.39 -24.72 41.55
N VAL F 301 3.81 -24.25 40.39
CA VAL F 301 2.89 -23.63 39.44
C VAL F 301 2.03 -24.71 38.80
N GLY F 302 0.74 -24.40 38.63
CA GLY F 302 -0.21 -25.35 38.09
C GLY F 302 -0.82 -26.30 39.09
N LEU F 303 -0.40 -26.27 40.36
CA LEU F 303 -0.95 -27.19 41.34
C LEU F 303 -2.33 -26.73 41.83
N MET F 304 -2.53 -25.42 41.96
CA MET F 304 -3.80 -24.89 42.40
C MET F 304 -4.61 -24.35 41.23
N TYR F 305 -5.91 -24.51 41.29
CA TYR F 305 -6.72 -24.07 40.20
C TYR F 305 -6.93 -22.64 40.45
N TYR F 306 -6.29 -21.80 39.67
CA TYR F 306 -6.39 -20.36 39.89
C TYR F 306 -7.41 -19.70 38.98
N ASN F 307 -7.20 -19.76 37.67
CA ASN F 307 -8.03 -19.01 36.75
C ASN F 307 -9.19 -19.83 36.18
N SER F 308 -9.37 -21.06 36.62
CA SER F 308 -10.53 -21.84 36.23
C SER F 308 -11.76 -21.32 36.95
N GLY F 309 -12.78 -20.95 36.17
CA GLY F 309 -14.00 -20.45 36.78
C GLY F 309 -14.75 -21.51 37.57
N GLY F 310 -14.80 -22.74 37.04
CA GLY F 310 -15.50 -23.79 37.75
C GLY F 310 -14.85 -24.14 39.08
N ASN F 311 -13.52 -24.30 39.08
CA ASN F 311 -12.77 -24.58 40.30
C ASN F 311 -12.16 -23.28 40.79
N LEU F 312 -12.99 -22.45 41.40
CA LEU F 312 -12.59 -21.13 41.86
C LEU F 312 -12.46 -21.14 43.37
N GLY F 313 -11.32 -20.67 43.87
CA GLY F 313 -11.13 -20.56 45.30
C GLY F 313 -12.04 -19.51 45.90
N VAL F 314 -12.33 -19.67 47.20
CA VAL F 314 -13.25 -18.80 47.90
C VAL F 314 -12.58 -18.29 49.17
N LEU F 315 -12.50 -16.98 49.31
CA LEU F 315 -12.14 -16.34 50.58
C LEU F 315 -13.25 -15.34 50.90
N ALA F 316 -14.09 -15.68 51.86
CA ALA F 316 -15.25 -14.86 52.17
C ALA F 316 -15.53 -14.93 53.66
N GLY F 317 -16.16 -13.88 54.18
CA GLY F 317 -16.54 -13.88 55.58
C GLY F 317 -17.55 -14.98 55.88
N GLN F 318 -17.46 -15.50 57.10
CA GLN F 318 -18.36 -16.58 57.49
C GLN F 318 -19.81 -16.13 57.47
N SER F 319 -20.07 -14.91 57.94
CA SER F 319 -21.45 -14.41 57.95
C SER F 319 -21.94 -14.09 56.55
N SER F 320 -21.12 -13.40 55.75
CA SER F 320 -21.59 -12.95 54.44
C SER F 320 -21.67 -14.09 53.43
N GLN F 321 -20.67 -14.96 53.41
CA GLN F 321 -20.57 -16.06 52.44
C GLN F 321 -20.65 -15.55 51.01
N LEU F 322 -20.12 -14.35 50.76
CA LEU F 322 -20.03 -13.79 49.42
C LEU F 322 -18.56 -13.77 49.02
N ASN F 323 -18.22 -14.57 48.02
CA ASN F 323 -16.82 -14.75 47.65
C ASN F 323 -16.18 -13.43 47.26
N ALA F 324 -15.01 -13.16 47.83
CA ALA F 324 -14.25 -11.95 47.54
C ALA F 324 -13.16 -12.19 46.50
N VAL F 325 -13.13 -13.38 45.91
CA VAL F 325 -12.13 -13.73 44.91
C VAL F 325 -12.86 -13.97 43.60
N VAL F 326 -12.46 -13.25 42.56
CA VAL F 326 -13.02 -13.44 41.22
C VAL F 326 -11.87 -13.60 40.24
N ASP F 327 -11.98 -14.60 39.36
CA ASP F 327 -11.00 -14.86 38.32
C ASP F 327 -11.73 -14.98 36.99
N LEU F 328 -11.24 -14.26 35.98
CA LEU F 328 -11.99 -14.06 34.74
C LEU F 328 -11.33 -14.72 33.53
N GLN F 329 -10.39 -15.65 33.75
CA GLN F 329 -9.84 -16.49 32.68
C GLN F 329 -8.96 -15.69 31.72
N ASP F 330 -8.92 -14.38 31.86
CA ASP F 330 -7.97 -13.58 31.10
C ASP F 330 -6.72 -13.23 31.89
N ARG F 331 -6.85 -13.11 33.21
CA ARG F 331 -5.70 -12.94 34.07
C ARG F 331 -4.83 -14.18 34.07
N ASN F 332 -3.53 -14.00 34.03
CA ASN F 332 -2.56 -15.09 34.15
C ASN F 332 -1.80 -14.87 35.45
N THR F 333 -2.39 -15.35 36.55
CA THR F 333 -1.79 -15.15 37.86
C THR F 333 -0.64 -16.09 38.14
N GLU F 334 -0.38 -17.05 37.25
CA GLU F 334 0.81 -17.90 37.41
C GLU F 334 2.03 -17.24 36.80
N LEU F 335 1.95 -16.86 35.52
CA LEU F 335 3.00 -16.07 34.91
C LEU F 335 3.18 -14.74 35.62
N SER F 336 2.10 -14.17 36.16
CA SER F 336 2.21 -12.95 36.95
C SER F 336 3.13 -13.14 38.14
N TYR F 337 2.88 -14.21 38.92
CA TYR F 337 3.72 -14.48 40.08
C TYR F 337 5.15 -14.80 39.68
N GLN F 338 5.31 -15.55 38.59
CA GLN F 338 6.65 -15.87 38.11
C GLN F 338 7.43 -14.60 37.80
N MET F 339 6.84 -13.69 37.02
CA MET F 339 7.52 -12.45 36.67
C MET F 339 7.76 -11.58 37.90
N LEU F 340 6.77 -11.50 38.80
CA LEU F 340 6.94 -10.70 40.00
C LEU F 340 8.12 -11.17 40.83
N LEU F 341 8.15 -12.46 41.15
CA LEU F 341 9.22 -12.96 42.00
C LEU F 341 10.56 -12.97 41.28
N ALA F 342 10.57 -13.12 39.96
CA ALA F 342 11.82 -13.03 39.21
C ALA F 342 12.37 -11.61 39.20
N ASN F 343 11.50 -10.60 39.14
CA ASN F 343 11.96 -9.22 39.13
C ASN F 343 12.23 -8.67 40.52
N THR F 344 11.73 -9.33 41.58
CA THR F 344 12.10 -8.93 42.94
C THR F 344 13.32 -9.68 43.46
N THR F 345 13.26 -11.01 43.53
CA THR F 345 14.36 -11.78 44.06
C THR F 345 15.35 -12.15 42.96
N ASP F 346 16.62 -12.27 43.35
CA ASP F 346 17.68 -12.70 42.44
C ASP F 346 17.64 -14.22 42.33
N ARG F 347 16.86 -14.70 41.36
CA ARG F 347 16.55 -16.12 41.27
C ARG F 347 17.67 -16.86 40.53
N SER F 348 18.81 -16.91 41.20
CA SER F 348 19.86 -17.87 40.89
C SER F 348 20.08 -18.86 42.02
N ARG F 349 19.52 -18.59 43.20
CA ARG F 349 19.57 -19.48 44.35
C ARG F 349 18.27 -20.26 44.45
N TYR F 350 18.36 -21.50 44.94
CA TYR F 350 17.20 -22.38 45.01
C TYR F 350 16.66 -22.39 46.43
N PHE F 351 15.35 -22.14 46.56
CA PHE F 351 14.67 -22.15 47.85
C PHE F 351 13.74 -23.37 47.88
N SER F 352 14.15 -24.41 48.62
CA SER F 352 13.42 -25.66 48.58
C SER F 352 12.01 -25.57 49.15
N MET F 353 11.72 -24.53 49.95
CA MET F 353 10.40 -24.46 50.56
C MET F 353 9.32 -24.16 49.53
N TRP F 354 9.56 -23.19 48.65
CA TRP F 354 8.66 -22.90 47.53
C TRP F 354 9.22 -23.42 46.22
N ASN F 355 10.14 -24.39 46.28
CA ASN F 355 10.83 -24.92 45.10
C ASN F 355 11.68 -23.82 44.46
N GLN F 356 11.04 -22.84 43.84
CA GLN F 356 11.68 -21.62 43.32
C GLN F 356 12.97 -21.93 42.56
N ALA F 357 12.79 -22.63 41.43
CA ALA F 357 13.93 -22.95 40.58
C ALA F 357 13.56 -22.67 39.12
N MET F 358 14.13 -21.61 38.56
CA MET F 358 14.17 -21.44 37.10
C MET F 358 14.48 -22.74 36.39
N ASP F 359 13.56 -23.15 35.53
CA ASP F 359 13.93 -24.07 34.47
C ASP F 359 15.00 -23.41 33.63
N SER F 360 16.16 -24.02 33.56
CA SER F 360 17.30 -23.41 32.89
C SER F 360 17.74 -24.29 31.72
N TYR F 361 18.48 -23.66 30.81
CA TYR F 361 19.09 -24.38 29.70
C TYR F 361 20.56 -24.01 29.65
N ASP F 362 21.40 -25.01 29.46
CA ASP F 362 22.83 -24.77 29.41
C ASP F 362 23.14 -23.89 28.20
N PRO F 363 23.80 -22.75 28.39
CA PRO F 363 24.17 -21.92 27.23
C PRO F 363 25.09 -22.64 26.26
N GLU F 364 25.90 -23.59 26.74
CA GLU F 364 26.75 -24.37 25.85
C GLU F 364 26.00 -25.44 25.09
N VAL F 365 24.77 -25.76 25.51
CA VAL F 365 23.95 -26.75 24.82
C VAL F 365 22.96 -26.09 23.88
N ARG F 366 22.33 -24.99 24.31
CA ARG F 366 21.37 -24.30 23.45
C ARG F 366 22.06 -23.78 22.19
N VAL F 367 22.99 -22.84 22.35
CA VAL F 367 23.78 -22.33 21.24
C VAL F 367 25.10 -23.09 21.26
N ILE F 368 25.24 -24.06 20.36
CA ILE F 368 26.46 -24.84 20.29
C ILE F 368 27.61 -23.94 19.90
N ASP F 369 28.73 -24.06 20.59
CA ASP F 369 29.87 -23.18 20.37
C ASP F 369 31.07 -23.98 19.91
N ASN F 370 30.86 -24.84 18.91
CA ASN F 370 31.89 -25.76 18.45
C ASN F 370 33.18 -25.00 18.18
N VAL F 371 34.18 -25.26 19.01
CA VAL F 371 35.42 -24.47 19.02
C VAL F 371 36.58 -25.44 18.93
N GLY F 372 36.29 -26.67 18.51
CA GLY F 372 37.29 -27.70 18.43
C GLY F 372 37.39 -28.48 19.72
N VAL F 373 38.30 -29.45 19.72
CA VAL F 373 38.44 -30.37 20.84
C VAL F 373 39.70 -30.12 21.65
N GLU F 374 40.67 -29.38 21.11
CA GLU F 374 41.92 -29.07 21.81
C GLU F 374 42.72 -30.34 22.11
N ASP F 375 43.03 -31.09 21.06
CA ASP F 375 43.86 -32.29 21.17
C ASP F 375 45.14 -32.08 20.36
N GLU F 376 46.29 -32.20 21.04
CA GLU F 376 47.57 -32.15 20.35
C GLU F 376 48.55 -33.20 20.82
N MET F 377 48.24 -33.95 21.88
CA MET F 377 49.08 -35.01 22.41
C MET F 377 48.33 -36.34 22.35
N PRO F 378 49.00 -37.41 21.94
CA PRO F 378 48.37 -38.73 21.98
C PRO F 378 48.16 -39.21 23.41
N ASN F 379 47.39 -40.29 23.54
CA ASN F 379 46.97 -40.78 24.84
C ASN F 379 47.59 -42.10 25.24
N TYR F 380 47.59 -43.11 24.36
CA TYR F 380 48.46 -44.28 24.51
C TYR F 380 48.18 -45.06 25.79
N CYS F 381 47.03 -45.74 25.80
CA CYS F 381 46.79 -46.76 26.81
C CYS F 381 47.87 -47.84 26.74
N PHE F 382 48.44 -48.17 27.90
CA PHE F 382 49.55 -49.14 27.96
C PHE F 382 49.15 -50.36 28.77
N PRO F 383 49.69 -51.53 28.44
CA PRO F 383 49.39 -52.74 29.21
C PRO F 383 49.93 -52.65 30.64
N LEU F 384 49.26 -53.36 31.54
CA LEU F 384 49.68 -53.38 32.94
C LEU F 384 51.12 -53.87 33.04
N SER F 385 51.41 -55.00 32.43
CA SER F 385 52.80 -55.37 32.19
C SER F 385 53.39 -54.42 31.16
N GLY F 386 54.44 -53.72 31.56
CA GLY F 386 54.98 -52.66 30.71
C GLY F 386 55.75 -53.14 29.51
N VAL F 387 55.88 -54.44 29.32
CA VAL F 387 56.75 -54.95 28.26
C VAL F 387 56.06 -56.00 27.40
N GLN F 388 54.73 -56.11 27.51
CA GLN F 388 53.93 -56.92 26.58
C GLN F 388 54.39 -58.39 26.61
N ILE F 389 54.04 -59.05 27.71
CA ILE F 389 54.57 -60.39 27.98
C ILE F 389 54.21 -61.32 26.82
N GLY F 390 55.23 -61.70 26.04
CA GLY F 390 55.04 -62.55 24.89
C GLY F 390 55.83 -63.84 24.95
N ASN F 391 56.88 -63.92 24.12
CA ASN F 391 57.73 -65.09 24.02
C ASN F 391 59.02 -64.88 24.80
N ARG F 392 59.48 -65.93 25.46
CA ARG F 392 60.69 -65.86 26.26
C ARG F 392 61.92 -65.75 25.36
N SER F 393 63.00 -65.20 25.94
CA SER F 393 64.27 -65.07 25.26
C SER F 393 65.39 -65.56 26.17
N HIS F 394 66.45 -66.08 25.56
CA HIS F 394 67.57 -66.66 26.29
C HIS F 394 68.67 -65.63 26.48
N GLU F 395 69.53 -65.90 27.46
CA GLU F 395 70.69 -65.07 27.74
C GLU F 395 71.94 -65.78 27.20
N VAL F 396 72.76 -65.03 26.47
CA VAL F 396 73.96 -65.58 25.85
C VAL F 396 75.16 -64.76 26.29
N GLN F 397 76.20 -65.44 26.74
CA GLN F 397 77.50 -64.82 27.02
C GLN F 397 78.48 -65.19 25.92
N ARG F 398 79.45 -64.30 25.71
CA ARG F 398 80.38 -64.47 24.61
C ARG F 398 81.39 -65.56 24.93
N ASN F 399 81.38 -66.62 24.12
CA ASN F 399 82.38 -67.67 24.17
C ASN F 399 83.57 -67.19 23.32
N GLN F 400 84.59 -68.03 23.08
CA GLN F 400 85.79 -67.50 22.43
C GLN F 400 85.47 -66.88 21.08
N GLN F 401 84.55 -67.46 20.33
CA GLN F 401 84.06 -66.76 19.15
C GLN F 401 82.54 -66.66 19.08
N GLN F 402 81.82 -67.70 19.50
CA GLN F 402 80.39 -67.76 19.35
C GLN F 402 79.68 -67.36 20.64
N TRP F 403 78.36 -67.29 20.58
CA TRP F 403 77.53 -66.85 21.70
C TRP F 403 76.78 -68.04 22.29
N GLN F 404 77.42 -68.71 23.24
CA GLN F 404 76.78 -69.84 23.91
C GLN F 404 75.68 -69.36 24.85
N ASN F 405 74.64 -70.17 24.99
CA ASN F 405 73.54 -69.83 25.89
C ASN F 405 73.98 -70.00 27.34
N VAL F 406 73.68 -69.00 28.16
CA VAL F 406 73.94 -69.11 29.60
C VAL F 406 73.00 -70.16 30.19
N ALA F 407 73.54 -71.01 31.06
CA ALA F 407 72.78 -72.13 31.59
C ALA F 407 71.57 -71.64 32.38
N ASN F 408 70.46 -72.37 32.22
CA ASN F 408 69.21 -72.18 32.96
C ASN F 408 68.89 -70.69 33.18
N SER F 409 68.89 -69.94 32.09
CA SER F 409 68.57 -68.51 32.09
C SER F 409 67.62 -68.18 30.95
N ASP F 410 66.56 -68.97 30.81
CA ASP F 410 65.63 -68.87 29.69
C ASP F 410 64.24 -68.46 30.15
N ASN F 411 64.17 -67.50 31.07
CA ASN F 411 62.89 -66.97 31.54
C ASN F 411 62.76 -65.47 31.32
N ASN F 412 63.63 -64.89 30.49
CA ASN F 412 63.56 -63.47 30.21
C ASN F 412 62.34 -63.15 29.33
N TYR F 413 61.80 -61.95 29.51
CA TYR F 413 60.62 -61.49 28.79
C TYR F 413 60.90 -60.16 28.08
N ILE F 414 62.01 -60.13 27.37
CA ILE F 414 62.51 -58.89 26.77
C ILE F 414 61.75 -58.60 25.49
N GLY F 415 61.23 -57.38 25.37
CA GLY F 415 60.67 -56.89 24.14
C GLY F 415 61.62 -55.96 23.42
N LYS F 416 61.24 -55.59 22.20
CA LYS F 416 62.05 -54.71 21.36
C LYS F 416 61.21 -53.54 20.87
N GLY F 417 61.87 -52.41 20.67
CA GLY F 417 61.19 -51.22 20.21
C GLY F 417 60.42 -50.53 21.33
N ASN F 418 59.53 -49.62 20.91
CA ASN F 418 58.74 -48.86 21.86
C ASN F 418 57.64 -49.74 22.46
N LEU F 419 57.04 -49.25 23.53
CA LEU F 419 55.97 -49.98 24.19
C LEU F 419 54.74 -50.05 23.30
N PRO F 420 54.08 -51.20 23.23
CA PRO F 420 52.81 -51.28 22.49
C PRO F 420 51.73 -50.46 23.18
N ALA F 421 50.83 -49.90 22.38
CA ALA F 421 49.79 -49.03 22.92
C ALA F 421 48.69 -48.85 21.87
N MET F 422 47.62 -48.20 22.28
CA MET F 422 46.55 -47.79 21.38
C MET F 422 46.14 -46.36 21.67
N GLU F 423 45.86 -45.60 20.61
CA GLU F 423 45.38 -44.23 20.76
C GLU F 423 43.89 -44.22 21.06
N ILE F 424 43.44 -43.18 21.75
CA ILE F 424 42.02 -43.01 22.04
C ILE F 424 41.51 -41.60 21.76
N ASN F 425 42.36 -40.58 21.71
CA ASN F 425 41.97 -39.20 21.38
C ASN F 425 40.89 -38.69 22.34
N LEU F 426 41.32 -38.50 23.59
CA LEU F 426 40.41 -38.18 24.68
C LEU F 426 39.59 -36.92 24.41
N ALA F 427 40.23 -35.89 23.84
CA ALA F 427 39.54 -34.62 23.69
C ALA F 427 38.33 -34.75 22.76
N ALA F 428 38.53 -35.34 21.58
CA ALA F 428 37.39 -35.55 20.68
C ALA F 428 36.41 -36.55 21.24
N ASN F 429 36.89 -37.54 22.01
CA ASN F 429 35.96 -38.47 22.63
C ASN F 429 34.99 -37.73 23.56
N LEU F 430 35.53 -36.92 24.48
CA LEU F 430 34.67 -36.14 25.37
C LEU F 430 33.76 -35.21 24.60
N TRP F 431 34.31 -34.49 23.61
CA TRP F 431 33.53 -33.48 22.90
C TRP F 431 32.38 -34.12 22.14
N ARG F 432 32.65 -35.22 21.42
CA ARG F 432 31.62 -35.86 20.64
C ARG F 432 30.58 -36.53 21.53
N SER F 433 31.01 -37.11 22.66
CA SER F 433 30.02 -37.64 23.60
C SER F 433 29.12 -36.53 24.11
N PHE F 434 29.70 -35.36 24.41
CA PHE F 434 28.91 -34.23 24.87
C PHE F 434 27.86 -33.84 23.83
N LEU F 435 28.29 -33.60 22.58
CA LEU F 435 27.33 -33.24 21.54
C LEU F 435 26.27 -34.31 21.34
N TYR F 436 26.66 -35.58 21.27
CA TYR F 436 25.65 -36.62 21.09
C TYR F 436 24.62 -36.54 22.22
N SER F 437 25.06 -36.81 23.45
CA SER F 437 24.15 -36.96 24.58
C SER F 437 23.42 -35.67 24.94
N ASN F 438 23.84 -34.51 24.44
CA ASN F 438 23.19 -33.27 24.81
C ASN F 438 22.39 -32.60 23.69
N VAL F 439 22.70 -32.88 22.42
CA VAL F 439 22.02 -32.26 21.30
C VAL F 439 21.38 -33.31 20.39
N ALA F 440 22.14 -34.36 20.05
CA ALA F 440 21.63 -35.30 19.05
C ALA F 440 20.44 -36.07 19.60
N LEU F 441 20.49 -36.41 20.89
CA LEU F 441 19.39 -37.13 21.51
C LEU F 441 18.12 -36.30 21.59
N TYR F 442 18.21 -34.97 21.53
CA TYR F 442 17.07 -34.08 21.63
C TYR F 442 16.63 -33.54 20.28
N LEU F 443 17.08 -34.15 19.19
CA LEU F 443 16.62 -33.73 17.88
C LEU F 443 15.12 -33.98 17.74
N PRO F 444 14.43 -33.18 16.92
CA PRO F 444 13.01 -33.43 16.69
C PRO F 444 12.78 -34.81 16.10
N ASP F 445 11.61 -35.38 16.41
CA ASP F 445 11.35 -36.78 16.09
C ASP F 445 11.43 -37.08 14.59
N ASN F 446 11.25 -36.08 13.74
CA ASN F 446 11.34 -36.30 12.31
C ASN F 446 12.77 -36.55 11.82
N LEU F 447 13.78 -36.34 12.67
CA LEU F 447 15.17 -36.63 12.31
C LEU F 447 15.72 -37.82 13.09
N LYS F 448 14.85 -38.66 13.65
CA LYS F 448 15.27 -39.84 14.37
C LYS F 448 14.63 -41.07 13.73
N PHE F 449 15.37 -42.18 13.75
CA PHE F 449 14.91 -43.42 13.15
C PHE F 449 14.75 -44.48 14.24
N THR F 450 13.80 -45.37 14.04
CA THR F 450 13.67 -46.49 14.96
C THR F 450 14.61 -47.62 14.55
N PRO F 451 15.41 -48.15 15.48
CA PRO F 451 16.33 -49.23 15.12
C PRO F 451 15.58 -50.49 14.70
N HIS F 452 16.22 -51.28 13.85
CA HIS F 452 15.59 -52.48 13.33
C HIS F 452 15.46 -53.54 14.42
N ASN F 453 14.49 -54.42 14.24
CA ASN F 453 14.24 -55.57 15.11
C ASN F 453 13.87 -55.16 16.54
N ILE F 454 13.35 -53.96 16.72
CA ILE F 454 12.80 -53.54 18.01
C ILE F 454 11.43 -52.94 17.75
N GLN F 455 10.57 -53.00 18.76
CA GLN F 455 9.19 -52.55 18.66
C GLN F 455 8.94 -51.42 19.65
N LEU F 456 8.21 -50.41 19.20
CA LEU F 456 7.87 -49.26 20.02
C LEU F 456 6.36 -49.03 20.00
N PRO F 457 5.79 -48.50 21.07
CA PRO F 457 4.36 -48.23 21.08
C PRO F 457 4.00 -47.21 20.03
N PRO F 458 2.82 -47.32 19.44
CA PRO F 458 2.41 -46.33 18.43
C PRO F 458 2.23 -44.93 18.98
N ASN F 459 2.03 -44.78 20.28
CA ASN F 459 1.83 -43.46 20.87
C ASN F 459 3.15 -42.71 20.90
N THR F 460 3.22 -41.59 20.17
CA THR F 460 4.46 -40.82 20.08
C THR F 460 4.86 -40.27 21.44
N ASN F 461 3.88 -39.82 22.23
CA ASN F 461 4.16 -39.22 23.53
C ASN F 461 4.73 -40.22 24.53
N THR F 462 4.64 -41.52 24.26
CA THR F 462 5.10 -42.51 25.22
C THR F 462 6.62 -42.43 25.41
N TYR F 463 7.04 -42.58 26.66
CA TYR F 463 8.46 -42.60 26.97
C TYR F 463 9.17 -43.75 26.28
N GLU F 464 8.49 -44.89 26.14
CA GLU F 464 9.08 -46.02 25.44
C GLU F 464 9.41 -45.64 24.00
N TYR F 465 8.49 -44.96 23.32
CA TYR F 465 8.75 -44.52 21.95
C TYR F 465 9.88 -43.50 21.91
N MET F 466 9.78 -42.45 22.74
CA MET F 466 10.78 -41.39 22.72
C MET F 466 12.16 -41.88 23.14
N ASN F 467 12.24 -43.03 23.81
CA ASN F 467 13.51 -43.63 24.18
C ASN F 467 14.02 -44.57 23.09
N GLY F 468 13.13 -45.37 22.51
CA GLY F 468 13.56 -46.29 21.47
C GLY F 468 14.04 -45.58 20.21
N ARG F 469 13.41 -44.46 19.86
CA ARG F 469 13.83 -43.74 18.67
C ARG F 469 15.26 -43.21 18.85
N ILE F 470 16.06 -43.33 17.80
CA ILE F 470 17.48 -43.02 17.86
C ILE F 470 17.79 -41.95 16.80
N PRO F 471 18.59 -40.93 17.13
CA PRO F 471 18.88 -39.88 16.15
C PRO F 471 19.66 -40.40 14.96
N VAL F 472 19.45 -39.76 13.82
CA VAL F 472 20.17 -40.10 12.59
C VAL F 472 21.52 -39.38 12.61
N SER F 473 22.59 -40.12 12.31
CA SER F 473 23.92 -39.54 12.29
C SER F 473 24.08 -38.61 11.10
N GLY F 474 25.02 -37.67 11.23
CA GLY F 474 25.34 -36.72 10.19
C GLY F 474 24.77 -35.33 10.41
N LEU F 475 23.81 -35.19 11.32
CA LEU F 475 23.20 -33.89 11.60
C LEU F 475 23.98 -33.12 12.67
N ILE F 476 24.17 -33.73 13.84
CA ILE F 476 24.93 -33.14 14.93
C ILE F 476 26.18 -33.99 15.12
N ASP F 477 27.34 -33.36 15.01
CA ASP F 477 28.61 -34.08 15.11
C ASP F 477 29.71 -33.08 15.45
N THR F 478 30.92 -33.60 15.64
CA THR F 478 32.03 -32.80 16.13
C THR F 478 32.61 -31.87 15.07
N TYR F 479 31.94 -31.68 13.93
CA TYR F 479 32.42 -30.77 12.91
C TYR F 479 31.38 -29.79 12.40
N VAL F 480 30.10 -29.99 12.69
CA VAL F 480 29.06 -29.14 12.13
C VAL F 480 29.17 -27.74 12.72
N ASN F 481 29.17 -26.73 11.84
CA ASN F 481 29.27 -25.34 12.25
C ASN F 481 30.47 -25.10 13.16
N ILE F 482 31.60 -25.72 12.81
CA ILE F 482 32.79 -25.64 13.64
C ILE F 482 33.41 -24.25 13.51
N GLY F 483 34.02 -23.79 14.60
CA GLY F 483 34.65 -22.48 14.63
C GLY F 483 33.72 -21.32 14.90
N THR F 484 32.44 -21.58 15.14
CA THR F 484 31.48 -20.51 15.42
C THR F 484 30.40 -21.04 16.35
N ARG F 485 29.76 -20.12 17.06
CA ARG F 485 28.65 -20.46 17.93
C ARG F 485 27.36 -20.35 17.13
N TRP F 486 26.68 -21.47 16.92
CA TRP F 486 25.51 -21.50 16.05
C TRP F 486 24.70 -22.75 16.38
N SER F 487 23.52 -22.54 16.96
CA SER F 487 22.62 -23.65 17.22
C SER F 487 22.06 -24.19 15.90
N PRO F 488 21.81 -25.50 15.82
CA PRO F 488 21.27 -26.05 14.58
C PRO F 488 19.90 -25.46 14.27
N ASP F 489 19.62 -25.30 12.97
CA ASP F 489 18.35 -24.72 12.56
C ASP F 489 17.18 -25.56 13.03
N VAL F 490 17.32 -26.88 13.03
CA VAL F 490 16.25 -27.75 13.48
C VAL F 490 16.00 -27.60 14.98
N MET F 491 17.05 -27.28 15.74
CA MET F 491 16.94 -27.23 17.20
C MET F 491 16.54 -25.87 17.73
N ASP F 492 16.27 -24.89 16.86
CA ASP F 492 15.76 -23.60 17.33
C ASP F 492 14.36 -23.74 17.90
N ASN F 493 13.49 -24.44 17.20
CA ASN F 493 12.07 -24.52 17.54
C ASN F 493 11.76 -25.58 18.58
N VAL F 494 12.70 -26.47 18.89
CA VAL F 494 12.48 -27.47 19.93
C VAL F 494 12.64 -26.80 21.29
N ASN F 495 11.91 -27.30 22.27
CA ASN F 495 11.91 -26.71 23.60
C ASN F 495 13.28 -26.85 24.25
N PRO F 496 14.02 -25.75 24.46
CA PRO F 496 15.37 -25.88 25.02
C PRO F 496 15.36 -26.18 26.51
N PHE F 497 14.26 -25.91 27.20
CA PHE F 497 14.18 -26.15 28.63
C PHE F 497 13.76 -27.58 28.96
N ASN F 498 13.32 -28.34 27.98
CA ASN F 498 13.01 -29.76 28.16
C ASN F 498 14.27 -30.61 27.95
N HIS F 499 15.27 -30.31 28.79
CA HIS F 499 16.59 -30.90 28.68
C HIS F 499 16.98 -31.48 30.03
N HIS F 500 17.81 -32.53 30.01
CA HIS F 500 18.23 -33.17 31.24
C HIS F 500 19.30 -32.37 31.98
N ARG F 501 19.86 -31.33 31.37
CA ARG F 501 20.77 -30.43 32.04
C ARG F 501 20.06 -29.24 32.66
N ASN F 502 18.73 -29.24 32.64
CA ASN F 502 17.95 -28.21 33.30
C ASN F 502 18.20 -28.27 34.80
N SER F 503 18.93 -27.29 35.33
CA SER F 503 19.30 -27.30 36.74
C SER F 503 18.07 -27.20 37.63
N GLY F 504 17.10 -26.38 37.25
CA GLY F 504 15.91 -26.23 38.06
C GLY F 504 15.12 -27.51 38.18
N LEU F 505 14.89 -28.18 37.04
CA LEU F 505 14.18 -29.45 37.07
C LEU F 505 14.98 -30.53 37.78
N ARG F 506 16.30 -30.53 37.61
CA ARG F 506 17.14 -31.49 38.33
C ARG F 506 17.00 -31.31 39.83
N TYR F 507 17.05 -30.07 40.30
CA TYR F 507 16.89 -29.81 41.73
C TYR F 507 15.50 -30.19 42.21
N ARG F 508 14.46 -29.83 41.45
CA ARG F 508 13.10 -30.13 41.88
C ARG F 508 12.78 -31.61 41.84
N SER F 509 13.50 -32.38 41.02
CA SER F 509 13.31 -33.83 40.99
C SER F 509 14.12 -34.54 42.06
N GLN F 510 15.36 -34.08 42.30
CA GLN F 510 16.15 -34.65 43.39
C GLN F 510 15.61 -34.26 44.76
N LEU F 511 14.78 -33.22 44.82
CA LEU F 511 14.20 -32.78 46.08
C LEU F 511 13.11 -33.72 46.58
N LEU F 512 12.60 -34.62 45.74
CA LEU F 512 11.64 -35.63 46.15
C LEU F 512 12.28 -37.00 46.34
N GLY F 513 13.25 -37.36 45.51
CA GLY F 513 13.96 -38.61 45.64
C GLY F 513 14.29 -39.19 44.28
N ASN F 514 14.78 -40.43 44.30
CA ASN F 514 15.18 -41.14 43.10
C ASN F 514 14.33 -42.39 42.87
N GLY F 515 13.14 -42.43 43.46
CA GLY F 515 12.29 -43.59 43.31
C GLY F 515 11.02 -43.31 42.56
N ARG F 516 10.38 -44.36 42.06
CA ARG F 516 9.06 -44.19 41.45
C ARG F 516 8.06 -43.69 42.47
N PHE F 517 8.10 -44.22 43.68
CA PHE F 517 7.18 -43.86 44.75
C PHE F 517 7.89 -42.93 45.72
N CYS F 518 7.24 -41.84 46.08
CA CYS F 518 7.81 -40.87 46.99
C CYS F 518 6.72 -40.32 47.89
N ASP F 519 7.13 -39.86 49.08
CA ASP F 519 6.26 -39.14 49.98
C ASP F 519 6.68 -37.68 49.94
N PHE F 520 5.77 -36.81 49.50
CA PHE F 520 6.06 -35.41 49.33
C PHE F 520 5.41 -34.60 50.45
N HIS F 521 6.20 -33.73 51.05
CA HIS F 521 5.75 -32.83 52.12
C HIS F 521 6.04 -31.42 51.64
N ILE F 522 5.12 -30.85 50.89
CA ILE F 522 5.33 -29.57 50.23
C ILE F 522 4.48 -28.51 50.90
N GLN F 523 4.90 -27.25 50.76
CA GLN F 523 4.18 -26.09 51.26
C GLN F 523 3.94 -25.16 50.08
N VAL F 524 2.70 -25.03 49.65
CA VAL F 524 2.35 -24.30 48.45
C VAL F 524 1.92 -22.89 48.85
N PRO F 525 2.47 -21.85 48.26
CA PRO F 525 2.08 -20.49 48.61
C PRO F 525 0.84 -20.05 47.86
N GLN F 526 0.39 -18.83 48.18
CA GLN F 526 -0.75 -18.22 47.51
C GLN F 526 -0.24 -17.22 46.47
N LYS F 527 -0.79 -17.28 45.26
CA LYS F 527 -0.29 -16.48 44.15
C LYS F 527 -1.31 -15.50 43.59
N PHE F 528 -2.56 -15.52 44.06
CA PHE F 528 -3.54 -14.55 43.58
C PHE F 528 -3.14 -13.16 44.05
N PHE F 529 -3.28 -12.17 43.16
CA PHE F 529 -2.75 -10.84 43.46
C PHE F 529 -3.54 -10.15 44.56
N ALA F 530 -4.86 -10.32 44.56
CA ALA F 530 -5.70 -9.62 45.54
C ALA F 530 -5.68 -10.27 46.92
N ILE F 531 -5.11 -11.47 47.05
CA ILE F 531 -5.09 -12.18 48.32
C ILE F 531 -3.69 -12.41 48.86
N ARG F 532 -2.65 -12.38 48.01
CA ARG F 532 -1.32 -12.75 48.45
C ARG F 532 -0.78 -11.80 49.52
N ASN F 533 -1.25 -10.56 49.55
CA ASN F 533 -0.67 -9.56 50.44
C ASN F 533 -1.73 -8.84 51.29
N LEU F 534 -2.91 -9.43 51.46
CA LEU F 534 -3.90 -8.84 52.34
C LEU F 534 -3.37 -8.78 53.77
N LEU F 535 -3.77 -7.74 54.48
CA LEU F 535 -3.67 -7.69 55.94
C LEU F 535 -5.06 -8.03 56.46
N LEU F 536 -5.29 -9.30 56.76
CA LEU F 536 -6.63 -9.77 57.09
C LEU F 536 -7.01 -9.30 58.49
N LEU F 537 -8.03 -8.46 58.57
CA LEU F 537 -8.46 -7.93 59.84
C LEU F 537 -9.20 -9.00 60.65
N PRO F 538 -9.35 -8.80 61.95
CA PRO F 538 -10.01 -9.81 62.78
C PRO F 538 -11.39 -10.21 62.27
N GLY F 539 -11.69 -11.48 62.39
CA GLY F 539 -12.93 -12.06 61.90
C GLY F 539 -12.74 -13.49 61.45
N THR F 540 -13.82 -14.20 61.14
CA THR F 540 -13.75 -15.58 60.68
C THR F 540 -14.11 -15.63 59.20
N TYR F 541 -13.28 -16.30 58.42
CA TYR F 541 -13.45 -16.38 56.98
C TYR F 541 -13.33 -17.83 56.52
N THR F 542 -14.05 -18.15 55.45
CA THR F 542 -13.91 -19.45 54.79
C THR F 542 -12.89 -19.30 53.66
N TYR F 543 -11.94 -20.22 53.61
CA TYR F 543 -10.79 -20.13 52.71
C TYR F 543 -10.61 -21.41 51.91
N GLU F 544 -11.69 -21.88 51.29
CA GLU F 544 -11.59 -23.10 50.51
C GLU F 544 -10.82 -22.87 49.22
N TRP F 545 -10.01 -23.85 48.84
CA TRP F 545 -9.28 -23.82 47.57
C TRP F 545 -9.22 -25.22 47.02
N SER F 546 -9.15 -25.33 45.70
CA SER F 546 -9.16 -26.62 45.01
C SER F 546 -7.80 -26.86 44.39
N PHE F 547 -7.18 -27.97 44.73
CA PHE F 547 -5.86 -28.33 44.23
C PHE F 547 -5.99 -29.27 43.04
N ARG F 548 -5.21 -29.00 42.00
CA ARG F 548 -5.22 -29.84 40.81
C ARG F 548 -4.65 -31.22 41.13
N LYS F 549 -5.11 -32.23 40.39
CA LYS F 549 -4.58 -33.57 40.49
C LYS F 549 -4.19 -34.12 39.12
N ASP F 550 -4.38 -33.36 38.05
CA ASP F 550 -3.89 -33.76 36.74
C ASP F 550 -2.37 -33.79 36.75
N VAL F 551 -1.81 -34.95 36.41
CA VAL F 551 -0.38 -35.16 36.56
C VAL F 551 0.42 -34.31 35.59
N ASN F 552 -0.09 -34.15 34.35
CA ASN F 552 0.64 -33.37 33.36
C ASN F 552 0.81 -31.93 33.81
N MET F 553 -0.24 -31.34 34.40
CA MET F 553 -0.13 -29.97 34.89
C MET F 553 0.66 -29.91 36.19
N ILE F 554 0.54 -30.94 37.03
CA ILE F 554 1.26 -30.94 38.31
C ILE F 554 2.75 -31.15 38.08
N LEU F 555 3.12 -32.30 37.53
CA LEU F 555 4.51 -32.70 37.44
C LEU F 555 5.14 -32.19 36.14
N GLN F 556 6.47 -32.21 36.12
CA GLN F 556 7.24 -31.76 34.98
C GLN F 556 8.34 -32.77 34.70
N SER F 557 8.61 -33.00 33.41
CA SER F 557 9.61 -33.96 32.99
C SER F 557 10.49 -33.35 31.91
N THR F 558 11.73 -33.84 31.83
CA THR F 558 12.63 -33.36 30.77
C THR F 558 12.11 -33.75 29.39
N LEU F 559 11.36 -34.85 29.32
CA LEU F 559 10.72 -35.26 28.09
C LEU F 559 9.25 -34.89 28.14
N GLY F 560 8.67 -34.61 26.97
CA GLY F 560 7.27 -34.29 26.90
C GLY F 560 6.37 -35.51 26.87
N ASN F 561 6.63 -36.46 27.77
CA ASN F 561 5.89 -37.72 27.79
C ASN F 561 4.59 -37.56 28.57
N ASP F 562 3.52 -38.12 28.03
CA ASP F 562 2.23 -38.05 28.70
C ASP F 562 2.25 -38.90 29.96
N LEU F 563 2.18 -38.25 31.12
CA LEU F 563 2.18 -38.97 32.38
C LEU F 563 0.84 -39.63 32.67
N ARG F 564 -0.23 -39.24 31.98
CA ARG F 564 -1.48 -39.98 32.08
C ARG F 564 -1.29 -41.42 31.61
N VAL F 565 -0.62 -41.60 30.47
CA VAL F 565 -0.36 -42.94 29.97
C VAL F 565 0.89 -43.53 30.60
N ASP F 566 1.76 -42.72 31.18
CA ASP F 566 2.91 -43.24 31.91
C ASP F 566 2.56 -43.69 33.32
N GLY F 567 1.38 -43.34 33.82
CA GLY F 567 0.91 -43.85 35.09
C GLY F 567 1.62 -43.31 36.31
N ALA F 568 1.42 -42.02 36.62
CA ALA F 568 2.01 -41.42 37.81
C ALA F 568 1.00 -41.35 38.96
N THR F 569 -0.15 -40.71 38.73
CA THR F 569 -1.31 -40.77 39.64
C THR F 569 -0.94 -40.28 41.04
N VAL F 570 -0.61 -38.99 41.13
CA VAL F 570 -0.39 -38.36 42.42
C VAL F 570 -1.60 -38.57 43.32
N ASN F 571 -1.35 -38.77 44.62
CA ASN F 571 -2.39 -39.04 45.59
C ASN F 571 -2.15 -38.20 46.84
N ILE F 572 -3.04 -37.24 47.10
CA ILE F 572 -2.96 -36.37 48.26
C ILE F 572 -3.72 -37.03 49.41
N THR F 573 -3.14 -36.99 50.61
CA THR F 573 -3.77 -37.59 51.78
C THR F 573 -4.17 -36.59 52.86
N SER F 574 -3.58 -35.39 52.88
CA SER F 574 -3.93 -34.40 53.90
C SER F 574 -3.45 -33.04 53.44
N VAL F 575 -4.32 -32.03 53.55
CA VAL F 575 -4.00 -30.65 53.24
C VAL F 575 -4.28 -29.80 54.46
N ASN F 576 -3.29 -29.03 54.89
CA ASN F 576 -3.43 -28.16 56.05
C ASN F 576 -3.06 -26.73 55.66
N LEU F 577 -3.70 -25.78 56.33
CA LEU F 577 -3.46 -24.36 56.11
C LEU F 577 -2.82 -23.78 57.36
N TYR F 578 -1.52 -23.50 57.28
CA TYR F 578 -0.81 -22.90 58.39
C TYR F 578 -0.99 -21.38 58.36
N ALA F 579 -0.44 -20.71 59.35
CA ALA F 579 -0.56 -19.25 59.46
C ALA F 579 0.44 -18.75 60.47
N SER F 580 0.99 -17.57 60.20
CA SER F 580 1.91 -16.91 61.11
C SER F 580 1.33 -15.57 61.54
N PHE F 581 1.24 -15.36 62.84
CA PHE F 581 0.66 -14.15 63.41
C PHE F 581 1.74 -13.37 64.15
N PHE F 582 1.90 -12.11 63.80
CA PHE F 582 2.80 -11.24 64.56
C PHE F 582 2.18 -10.99 65.93
N PRO F 583 2.89 -11.27 67.02
CA PRO F 583 2.29 -11.18 68.36
C PRO F 583 2.32 -9.76 68.92
N MET F 584 1.77 -8.82 68.17
CA MET F 584 1.72 -7.44 68.63
C MET F 584 0.78 -7.31 69.81
N SER F 585 1.07 -6.33 70.67
CA SER F 585 0.24 -6.11 71.85
C SER F 585 -1.17 -5.74 71.43
N HIS F 586 -2.15 -6.13 72.26
CA HIS F 586 -3.53 -5.94 71.89
C HIS F 586 -3.91 -4.48 71.75
N ASN F 587 -3.25 -3.57 72.47
CA ASN F 587 -3.54 -2.15 72.34
C ASN F 587 -3.20 -1.65 70.94
N THR F 588 -1.97 -1.90 70.49
CA THR F 588 -1.58 -1.44 69.16
C THR F 588 -2.28 -2.24 68.08
N ALA F 589 -2.63 -3.50 68.36
CA ALA F 589 -3.39 -4.30 67.40
C ALA F 589 -4.78 -3.72 67.20
N SER F 590 -5.44 -3.33 68.29
CA SER F 590 -6.75 -2.68 68.18
C SER F 590 -6.64 -1.34 67.49
N THR F 591 -5.58 -0.58 67.77
CA THR F 591 -5.37 0.68 67.08
C THR F 591 -5.22 0.46 65.58
N LEU F 592 -4.42 -0.52 65.18
CA LEU F 592 -4.23 -0.82 63.77
C LEU F 592 -5.52 -1.30 63.13
N GLU F 593 -6.28 -2.13 63.84
CA GLU F 593 -7.56 -2.60 63.32
C GLU F 593 -8.52 -1.44 63.07
N ALA F 594 -8.61 -0.53 64.04
CA ALA F 594 -9.51 0.61 63.90
C ALA F 594 -9.06 1.53 62.78
N MET F 595 -7.75 1.72 62.62
CA MET F 595 -7.27 2.63 61.59
C MET F 595 -7.34 1.99 60.20
N LEU F 596 -7.32 0.66 60.12
CA LEU F 596 -7.41 -0.01 58.83
C LEU F 596 -8.84 -0.33 58.41
N ARG F 597 -9.78 -0.34 59.35
CA ARG F 597 -11.18 -0.49 58.98
C ARG F 597 -11.80 0.81 58.49
N ASN F 598 -11.04 1.91 58.54
CA ASN F 598 -11.53 3.18 58.01
C ASN F 598 -11.68 3.11 56.50
N ASP F 599 -12.61 3.90 55.97
CA ASP F 599 -12.91 3.86 54.55
C ASP F 599 -11.71 4.29 53.71
N THR F 600 -10.99 5.33 54.15
CA THR F 600 -9.90 5.87 53.36
C THR F 600 -8.66 4.99 53.38
N ASN F 601 -8.56 4.04 54.30
CA ASN F 601 -7.38 3.19 54.45
C ASN F 601 -7.56 1.82 53.81
N ASP F 602 -8.32 1.74 52.73
CA ASP F 602 -8.46 0.48 52.01
C ASP F 602 -7.14 0.10 51.35
N GLN F 603 -6.81 -1.19 51.38
CA GLN F 603 -5.58 -1.69 50.79
C GLN F 603 -5.81 -2.04 49.33
N SER F 604 -4.92 -1.55 48.46
CA SER F 604 -5.04 -1.74 47.04
C SER F 604 -3.88 -2.58 46.53
N PHE F 605 -4.19 -3.56 45.69
CA PHE F 605 -3.19 -4.47 45.15
C PHE F 605 -3.27 -4.48 43.63
N ASN F 606 -2.15 -4.78 43.00
CA ASN F 606 -2.03 -4.74 41.54
C ASN F 606 -1.33 -5.99 41.06
N ASP F 607 -1.87 -6.59 40.01
CA ASP F 607 -1.27 -7.77 39.39
C ASP F 607 0.00 -7.34 38.68
N TYR F 608 1.10 -8.06 38.92
CA TYR F 608 2.37 -7.68 38.32
C TYR F 608 2.30 -7.74 36.80
N LEU F 609 1.86 -8.88 36.27
CA LEU F 609 1.57 -9.00 34.84
C LEU F 609 0.11 -8.58 34.63
N SER F 610 -0.12 -7.28 34.79
CA SER F 610 -1.47 -6.74 34.62
C SER F 610 -1.79 -6.67 33.14
N ALA F 611 -2.47 -7.70 32.63
CA ALA F 611 -2.73 -7.78 31.20
C ALA F 611 -3.94 -8.66 30.97
N ALA F 612 -4.48 -8.57 29.75
CA ALA F 612 -5.56 -9.43 29.29
C ALA F 612 -4.97 -10.39 28.27
N ASN F 613 -4.60 -11.57 28.73
CA ASN F 613 -3.95 -12.52 27.89
C ASN F 613 -4.87 -13.13 26.90
N MET F 614 -4.59 -12.96 25.62
CA MET F 614 -5.43 -13.51 24.59
C MET F 614 -4.61 -14.43 23.73
N LEU F 615 -4.98 -15.70 23.65
CA LEU F 615 -4.24 -16.65 22.87
C LEU F 615 -4.97 -16.90 21.59
N TYR F 616 -4.35 -16.65 20.45
CA TYR F 616 -4.98 -16.80 19.17
C TYR F 616 -4.31 -17.89 18.41
N PRO F 617 -5.06 -18.88 17.95
CA PRO F 617 -4.44 -20.04 17.29
C PRO F 617 -3.82 -19.66 15.95
N ILE F 618 -2.76 -20.38 15.60
CA ILE F 618 -1.99 -20.13 14.39
C ILE F 618 -1.89 -21.43 13.60
N PRO F 619 -2.46 -21.50 12.40
CA PRO F 619 -2.14 -22.64 11.53
C PRO F 619 -0.67 -22.59 11.15
N PRO F 620 -0.08 -23.75 10.86
CA PRO F 620 1.40 -23.80 10.82
C PRO F 620 2.02 -23.10 9.63
N ASN F 621 1.55 -21.89 9.32
CA ASN F 621 2.10 -21.04 8.25
C ASN F 621 1.59 -19.62 8.45
N ALA F 622 2.30 -18.69 7.80
CA ALA F 622 1.77 -17.37 7.43
C ALA F 622 1.49 -16.43 8.59
N THR F 623 0.38 -15.69 8.51
CA THR F 623 0.08 -14.56 9.38
C THR F 623 -1.28 -14.70 10.05
N GLN F 624 -1.73 -13.65 10.74
CA GLN F 624 -3.04 -13.69 11.41
C GLN F 624 -3.44 -12.26 11.77
N LEU F 625 -4.74 -12.06 12.03
CA LEU F 625 -5.29 -10.73 12.29
C LEU F 625 -6.34 -10.74 13.40
N PRO F 626 -6.03 -10.15 14.57
CA PRO F 626 -6.98 -10.18 15.70
C PRO F 626 -7.89 -8.97 15.89
N ILE F 627 -8.78 -9.09 16.89
CA ILE F 627 -9.40 -8.06 17.74
C ILE F 627 -10.44 -7.16 17.07
N PRO F 628 -11.50 -6.73 17.92
CA PRO F 628 -12.55 -5.76 17.53
C PRO F 628 -12.49 -4.45 18.30
N SER F 629 -13.57 -3.65 18.39
CA SER F 629 -13.52 -2.28 19.01
C SER F 629 -13.90 -2.00 20.46
N ARG F 630 -13.20 -1.07 21.11
CA ARG F 630 -13.44 -0.78 22.53
C ARG F 630 -13.11 0.64 22.94
N ASN F 631 -12.53 0.84 24.12
CA ASN F 631 -12.22 2.17 24.64
C ASN F 631 -10.76 2.53 24.66
N TRP F 632 -9.89 1.65 25.09
CA TRP F 632 -8.45 1.94 25.03
C TRP F 632 -7.95 3.00 25.97
N ALA F 633 -8.76 3.37 26.95
CA ALA F 633 -8.33 4.33 27.96
C ALA F 633 -7.40 3.64 28.95
N ALA F 634 -6.36 4.36 29.37
CA ALA F 634 -5.37 3.86 30.32
C ALA F 634 -4.65 2.62 29.80
N PHE F 635 -4.57 2.47 28.48
CA PHE F 635 -3.83 1.37 27.89
C PHE F 635 -2.34 1.54 28.18
N ARG F 636 -1.64 0.41 28.22
CA ARG F 636 -0.24 0.41 28.62
C ARG F 636 0.71 -0.10 27.54
N GLY F 637 0.30 -1.05 26.72
CA GLY F 637 1.15 -1.55 25.66
C GLY F 637 0.79 -2.98 25.31
N TRP F 638 1.58 -3.56 24.41
CA TRP F 638 1.39 -4.91 23.94
C TRP F 638 2.56 -5.79 24.37
N SER F 639 2.36 -7.10 24.26
CA SER F 639 3.42 -8.07 24.52
C SER F 639 3.09 -9.35 23.77
N LEU F 640 3.81 -9.61 22.69
CA LEU F 640 3.57 -10.75 21.81
C LEU F 640 4.67 -11.79 21.96
N THR F 641 4.28 -13.05 21.83
CA THR F 641 5.20 -14.19 21.88
C THR F 641 4.47 -15.42 21.38
N ARG F 642 5.16 -16.24 20.60
CA ARG F 642 4.59 -17.43 20.00
C ARG F 642 4.66 -18.60 20.97
N LEU F 643 3.57 -19.36 21.06
CA LEU F 643 3.50 -20.56 21.87
C LEU F 643 3.11 -21.76 21.01
N LYS F 644 3.29 -22.95 21.57
CA LYS F 644 2.93 -24.20 20.91
C LYS F 644 1.68 -24.77 21.55
N GLN F 645 0.70 -25.13 20.71
CA GLN F 645 -0.57 -25.62 21.22
C GLN F 645 -0.40 -26.95 21.96
N ARG F 646 0.55 -27.79 21.53
CA ARG F 646 0.77 -29.04 22.22
C ARG F 646 1.24 -28.82 23.65
N GLU F 647 2.12 -27.84 23.87
CA GLU F 647 2.62 -27.56 25.20
C GLU F 647 1.68 -26.70 26.03
N THR F 648 0.91 -25.84 25.40
CA THR F 648 -0.01 -25.00 26.13
C THR F 648 -1.28 -25.79 26.46
N PRO F 649 -1.71 -25.81 27.72
CA PRO F 649 -3.02 -26.42 28.02
C PRO F 649 -4.13 -25.69 27.29
N ALA F 650 -5.29 -26.34 27.21
CA ALA F 650 -6.39 -25.79 26.43
C ALA F 650 -6.72 -24.38 26.88
N LEU F 651 -7.24 -24.26 28.10
CA LEU F 651 -7.42 -22.98 28.78
C LEU F 651 -7.82 -23.32 30.21
N GLY F 652 -8.26 -22.31 30.97
CA GLY F 652 -8.57 -22.54 32.38
C GLY F 652 -9.82 -23.37 32.57
N SER F 653 -9.72 -24.68 32.21
CA SER F 653 -10.66 -25.79 32.22
C SER F 653 -10.40 -26.71 33.41
N PRO F 654 -11.43 -27.34 33.96
CA PRO F 654 -11.21 -28.26 35.08
C PRO F 654 -10.31 -29.43 34.73
N PHE F 655 -10.35 -29.91 33.50
CA PHE F 655 -9.49 -31.03 33.09
C PHE F 655 -9.30 -30.94 31.58
N ASP F 656 -8.06 -31.13 31.13
CA ASP F 656 -7.75 -31.04 29.70
C ASP F 656 -7.39 -32.41 29.16
N PRO F 657 -8.30 -33.10 28.49
CA PRO F 657 -7.98 -34.44 27.97
C PRO F 657 -6.97 -34.43 26.85
N TYR F 658 -6.88 -33.33 26.09
CA TYR F 658 -5.99 -33.26 24.93
C TYR F 658 -4.66 -32.58 25.26
N PHE F 659 -4.23 -32.64 26.51
CA PHE F 659 -2.95 -32.03 26.87
C PHE F 659 -1.78 -32.94 26.51
N THR F 660 -1.70 -34.10 27.15
CA THR F 660 -0.74 -35.15 26.80
C THR F 660 0.68 -34.62 26.66
N TYR F 661 1.07 -33.75 27.59
CA TYR F 661 2.41 -33.16 27.55
C TYR F 661 2.83 -32.80 28.97
N SER F 662 3.87 -33.47 29.47
CA SER F 662 4.47 -33.14 30.75
C SER F 662 5.80 -32.46 30.50
N GLY F 663 5.87 -31.17 30.81
CA GLY F 663 7.09 -30.42 30.59
C GLY F 663 6.84 -28.96 30.90
N THR F 664 7.91 -28.17 30.74
CA THR F 664 7.81 -26.73 30.97
C THR F 664 6.80 -26.13 30.00
N ILE F 665 5.72 -25.60 30.52
CA ILE F 665 4.62 -25.08 29.71
C ILE F 665 4.75 -23.56 29.63
N PRO F 666 5.00 -23.00 28.45
CA PRO F 666 5.30 -21.56 28.34
C PRO F 666 4.18 -20.66 28.84
N TYR F 667 2.92 -21.07 28.69
CA TYR F 667 1.82 -20.15 28.94
C TYR F 667 1.82 -19.67 30.39
N LEU F 668 2.00 -20.59 31.33
CA LEU F 668 1.96 -20.24 32.75
C LEU F 668 3.23 -20.63 33.48
N ASP F 669 4.33 -20.88 32.77
CA ASP F 669 5.60 -21.14 33.41
C ASP F 669 6.59 -20.00 33.28
N GLY F 670 6.46 -19.15 32.26
CA GLY F 670 7.43 -18.11 32.03
C GLY F 670 8.65 -18.66 31.32
N THR F 671 8.42 -19.39 30.25
CA THR F 671 9.49 -20.11 29.53
C THR F 671 9.17 -20.03 28.04
N PHE F 672 9.72 -19.01 27.38
CA PHE F 672 9.42 -18.74 25.98
C PHE F 672 10.68 -18.93 25.14
N TYR F 673 10.52 -19.55 23.98
CA TYR F 673 11.64 -19.77 23.07
C TYR F 673 11.32 -19.51 21.61
N LEU F 674 10.05 -19.38 21.24
CA LEU F 674 9.67 -19.12 19.86
C LEU F 674 9.59 -17.64 19.54
N SER F 675 9.94 -16.77 20.48
CA SER F 675 9.83 -15.33 20.26
C SER F 675 10.75 -14.83 19.16
N HIS F 676 11.76 -15.62 18.77
CA HIS F 676 12.67 -15.22 17.70
C HIS F 676 12.12 -15.53 16.32
N THR F 677 10.97 -16.19 16.23
CA THR F 677 10.41 -16.56 14.94
C THR F 677 9.53 -15.48 14.33
N PHE F 678 9.30 -14.38 15.03
CA PHE F 678 8.52 -13.29 14.48
C PHE F 678 9.34 -12.53 13.44
N ARG F 679 8.63 -11.91 12.50
CA ARG F 679 9.27 -11.13 11.45
C ARG F 679 8.82 -9.69 11.41
N LYS F 680 7.53 -9.42 11.60
CA LYS F 680 7.04 -8.05 11.52
C LYS F 680 5.65 -7.98 12.15
N VAL F 681 5.31 -6.80 12.64
CA VAL F 681 4.01 -6.52 13.25
C VAL F 681 3.47 -5.24 12.62
N ALA F 682 2.18 -5.24 12.31
CA ALA F 682 1.52 -4.07 11.72
C ALA F 682 0.28 -3.75 12.55
N ILE F 683 0.34 -2.64 13.28
CA ILE F 683 -0.77 -2.19 14.11
C ILE F 683 -1.54 -1.12 13.35
N GLN F 684 -2.86 -1.13 13.48
CA GLN F 684 -3.71 -0.23 12.69
C GLN F 684 -4.95 0.10 13.51
N PHE F 685 -4.94 1.27 14.15
CA PHE F 685 -6.09 1.72 14.92
C PHE F 685 -7.19 2.26 14.00
N ASP F 686 -8.43 2.08 14.42
CA ASP F 686 -9.62 2.55 13.70
C ASP F 686 -9.68 2.00 12.28
N SER F 687 -8.90 0.96 11.98
CA SER F 687 -8.84 0.33 10.66
C SER F 687 -8.46 1.31 9.56
N SER F 688 -7.90 2.47 9.93
CA SER F 688 -7.56 3.47 8.92
C SER F 688 -6.15 4.03 9.11
N VAL F 689 -5.65 4.04 10.34
CA VAL F 689 -4.39 4.68 10.66
C VAL F 689 -3.51 3.70 11.43
N THR F 690 -2.26 3.58 11.03
CA THR F 690 -1.30 2.79 11.79
C THR F 690 -0.99 3.48 13.10
N TRP F 691 -0.83 2.68 14.17
CA TRP F 691 -0.58 3.28 15.49
C TRP F 691 0.71 4.08 15.54
N PRO F 692 1.85 3.60 15.03
CA PRO F 692 3.03 4.49 14.98
C PRO F 692 2.73 5.78 14.24
N GLY F 693 1.91 5.72 13.20
CA GLY F 693 1.35 6.93 12.63
C GLY F 693 2.40 7.83 12.04
N ASN F 694 2.83 8.80 12.85
CA ASN F 694 3.76 9.78 12.38
C ASN F 694 5.04 9.14 11.99
N ASP F 695 5.75 9.76 11.10
CA ASP F 695 6.97 9.15 10.59
C ASP F 695 7.95 8.99 11.73
N ARG F 696 8.08 7.78 12.25
CA ARG F 696 8.85 7.52 13.45
C ARG F 696 9.91 6.45 13.26
N LEU F 697 9.63 5.41 12.49
CA LEU F 697 10.54 4.30 12.28
C LEU F 697 11.11 4.34 10.87
N LEU F 698 12.15 3.53 10.65
CA LEU F 698 12.74 3.44 9.33
C LEU F 698 11.72 2.93 8.31
N THR F 699 10.92 1.95 8.70
CA THR F 699 9.74 1.58 7.94
C THR F 699 8.53 2.12 8.69
N PRO F 700 7.97 3.26 8.27
CA PRO F 700 7.01 3.98 9.13
C PRO F 700 5.73 3.22 9.44
N ASN F 701 5.32 2.28 8.58
CA ASN F 701 4.00 1.67 8.71
C ASN F 701 4.02 0.30 9.38
N GLU F 702 5.19 -0.23 9.73
CA GLU F 702 5.24 -1.62 10.16
C GLU F 702 6.39 -1.81 11.14
N PHE F 703 6.20 -2.74 12.07
CA PHE F 703 7.20 -3.07 13.09
C PHE F 703 8.01 -4.28 12.62
N GLU F 704 8.92 -4.04 11.69
CA GLU F 704 9.80 -5.11 11.25
C GLU F 704 10.65 -5.61 12.43
N ILE F 705 10.78 -6.92 12.54
CA ILE F 705 11.55 -7.51 13.63
C ILE F 705 12.75 -8.25 13.06
N LYS F 706 12.60 -8.80 11.87
CA LYS F 706 13.67 -9.53 11.21
C LYS F 706 13.63 -9.22 9.72
N ILE F 707 14.77 -8.77 9.18
CA ILE F 707 14.89 -8.47 7.76
C ILE F 707 15.96 -9.38 7.18
N SER F 708 15.66 -9.97 6.02
CA SER F 708 16.56 -10.94 5.40
C SER F 708 17.19 -10.43 4.12
N VAL F 709 16.41 -9.85 3.20
CA VAL F 709 16.99 -9.36 1.95
C VAL F 709 17.94 -8.21 2.23
N ASP F 710 17.52 -7.24 3.05
CA ASP F 710 18.39 -6.19 3.58
C ASP F 710 19.07 -5.40 2.47
N GLY F 711 18.27 -4.69 1.69
CA GLY F 711 18.83 -3.85 0.63
C GLY F 711 19.74 -2.77 1.20
N GLU F 712 19.27 -2.05 2.21
CA GLU F 712 20.07 -1.10 2.95
C GLU F 712 20.59 -1.78 4.23
N GLY F 713 21.17 -0.99 5.13
CA GLY F 713 21.76 -1.56 6.32
C GLY F 713 20.76 -2.22 7.24
N TYR F 714 19.94 -1.40 7.92
CA TYR F 714 18.78 -1.84 8.69
C TYR F 714 19.03 -3.16 9.44
N ASN F 715 20.18 -3.24 10.10
CA ASN F 715 20.50 -4.38 10.96
C ASN F 715 21.35 -3.89 12.11
N VAL F 716 20.96 -4.25 13.31
CA VAL F 716 21.66 -3.85 14.53
C VAL F 716 22.56 -4.99 14.96
N ALA F 717 23.65 -4.65 15.66
CA ALA F 717 24.62 -5.64 16.11
C ALA F 717 25.08 -6.49 14.94
N GLN F 718 25.16 -7.79 15.14
CA GLN F 718 25.43 -8.75 14.06
C GLN F 718 24.36 -9.83 14.16
N SER F 719 23.21 -9.57 13.57
CA SER F 719 22.06 -10.47 13.66
C SER F 719 20.99 -10.00 12.68
N ASN F 720 19.88 -10.72 12.65
CA ASN F 720 18.75 -10.38 11.81
C ASN F 720 17.95 -9.20 12.31
N MET F 721 18.02 -8.90 13.61
CA MET F 721 17.22 -7.83 14.18
C MET F 721 17.52 -6.50 13.50
N THR F 722 16.46 -5.75 13.22
CA THR F 722 16.61 -4.46 12.55
C THR F 722 16.78 -3.34 13.57
N LYS F 723 17.27 -2.20 13.08
CA LYS F 723 17.65 -1.11 13.97
C LYS F 723 16.44 -0.52 14.69
N ASP F 724 15.32 -0.36 13.98
CA ASP F 724 14.14 0.23 14.61
C ASP F 724 13.58 -0.69 15.69
N TRP F 725 13.53 -1.99 15.42
CA TRP F 725 13.05 -2.93 16.43
C TRP F 725 13.99 -2.97 17.62
N PHE F 726 15.30 -2.93 17.39
CA PHE F 726 16.24 -2.88 18.50
C PHE F 726 16.02 -1.62 19.34
N LEU F 727 15.81 -0.48 18.68
CA LEU F 727 15.53 0.76 19.40
C LEU F 727 14.27 0.63 20.25
N VAL F 728 13.21 0.06 19.66
CA VAL F 728 11.95 -0.09 20.39
C VAL F 728 12.13 -0.99 21.60
N GLN F 729 12.79 -2.13 21.41
CA GLN F 729 12.98 -3.07 22.52
C GLN F 729 13.85 -2.46 23.61
N MET F 730 14.94 -1.79 23.22
CA MET F 730 15.81 -1.15 24.20
C MET F 730 15.07 -0.09 24.98
N LEU F 731 14.29 0.75 24.30
CA LEU F 731 13.51 1.76 25.01
C LEU F 731 12.53 1.12 25.98
N ALA F 732 11.76 0.13 25.50
CA ALA F 732 10.72 -0.47 26.32
C ALA F 732 11.31 -1.16 27.55
N ASN F 733 12.49 -1.75 27.41
CA ASN F 733 13.03 -2.55 28.51
C ASN F 733 13.97 -1.78 29.43
N TYR F 734 14.66 -0.76 28.94
CA TYR F 734 15.70 -0.10 29.72
C TYR F 734 15.66 1.41 29.66
N ASN F 735 14.82 2.01 28.83
CA ASN F 735 14.82 3.46 28.58
C ASN F 735 16.17 3.92 28.05
N ILE F 736 16.80 3.10 27.22
CA ILE F 736 18.09 3.42 26.63
C ILE F 736 17.94 3.26 25.12
N GLY F 737 17.52 4.31 24.43
CA GLY F 737 17.52 4.29 22.98
C GLY F 737 17.97 5.57 22.33
N TYR F 738 18.08 6.65 23.11
CA TYR F 738 18.26 7.98 22.56
C TYR F 738 19.59 8.63 22.91
N GLN F 739 20.33 8.05 23.85
CA GLN F 739 21.59 8.59 24.32
C GLN F 739 22.67 7.52 24.24
N GLY F 740 22.75 6.86 23.09
CA GLY F 740 23.69 5.79 22.88
C GLY F 740 23.17 4.45 23.38
N TYR F 741 23.71 3.39 22.82
CA TYR F 741 23.35 2.03 23.20
C TYR F 741 24.46 1.49 24.09
N HIS F 742 24.29 1.66 25.40
CA HIS F 742 25.23 1.13 26.37
C HIS F 742 24.59 -0.02 27.13
N LEU F 743 25.43 -0.83 27.73
CA LEU F 743 24.95 -2.01 28.43
C LEU F 743 24.17 -1.56 29.67
N PRO F 744 22.91 -1.99 29.82
CA PRO F 744 22.07 -1.48 30.91
C PRO F 744 22.62 -1.90 32.27
N PRO F 745 22.21 -1.21 33.34
CA PRO F 745 22.72 -1.56 34.67
C PRO F 745 22.33 -2.99 35.06
N ASP F 746 23.12 -3.54 35.99
CA ASP F 746 22.94 -4.93 36.38
C ASP F 746 21.57 -5.16 37.01
N TYR F 747 21.11 -4.22 37.84
CA TYR F 747 19.85 -4.41 38.54
C TYR F 747 18.64 -4.32 37.62
N LYS F 748 18.76 -3.64 36.47
CA LYS F 748 17.66 -3.54 35.52
C LYS F 748 17.60 -4.70 34.54
N ASP F 749 18.59 -5.58 34.53
CA ASP F 749 18.68 -6.68 33.57
C ASP F 749 18.30 -7.96 34.29
N ARG F 750 17.00 -8.27 34.30
CA ARG F 750 16.48 -9.44 34.99
C ARG F 750 16.48 -10.64 34.05
N THR F 751 15.87 -11.74 34.50
CA THR F 751 15.82 -12.95 33.68
C THR F 751 14.85 -12.84 32.52
N PHE F 752 13.79 -12.04 32.66
CA PHE F 752 12.81 -11.84 31.61
C PHE F 752 13.13 -10.64 30.73
N SER F 753 14.32 -10.07 30.86
CA SER F 753 14.70 -8.86 30.14
C SER F 753 15.04 -9.21 28.69
N PHE F 754 15.56 -8.23 27.96
CA PHE F 754 15.84 -8.38 26.53
C PHE F 754 17.30 -8.77 26.29
N LEU F 755 18.25 -7.96 26.77
CA LEU F 755 19.65 -8.26 26.53
C LEU F 755 20.18 -9.38 27.40
N HIS F 756 19.42 -9.80 28.43
CA HIS F 756 19.83 -10.96 29.21
C HIS F 756 19.70 -12.25 28.44
N ASN F 757 18.94 -12.22 27.33
CA ASN F 757 18.71 -13.42 26.52
C ASN F 757 19.03 -13.24 25.05
N PHE F 758 19.17 -12.01 24.57
CA PHE F 758 19.43 -11.77 23.15
C PHE F 758 20.82 -12.28 22.80
N ILE F 759 20.89 -13.29 21.95
CA ILE F 759 22.14 -13.94 21.57
C ILE F 759 22.28 -13.84 20.06
N PRO F 760 23.13 -12.93 19.57
CA PRO F 760 23.39 -12.88 18.12
C PRO F 760 24.26 -14.05 17.68
N MET F 761 24.00 -14.53 16.47
CA MET F 761 24.69 -15.69 15.93
C MET F 761 24.98 -15.46 14.46
N CYS F 762 26.03 -16.12 13.98
CA CYS F 762 26.45 -15.99 12.59
C CYS F 762 27.25 -17.21 12.19
N ARG F 763 27.12 -17.60 10.93
CA ARG F 763 27.87 -18.73 10.40
C ARG F 763 28.01 -18.56 8.89
N GLN F 764 28.92 -19.34 8.32
CA GLN F 764 29.20 -19.31 6.89
C GLN F 764 28.89 -20.67 6.30
N VAL F 765 28.15 -20.69 5.20
CA VAL F 765 27.79 -21.93 4.52
C VAL F 765 28.50 -21.97 3.17
N PRO F 766 28.69 -23.13 2.56
CA PRO F 766 29.58 -23.26 1.40
C PRO F 766 29.09 -22.61 0.12
N ASN F 767 28.03 -21.79 0.15
CA ASN F 767 27.61 -21.02 -1.03
C ASN F 767 27.29 -21.94 -2.20
N PRO F 768 26.16 -22.64 -2.18
CA PRO F 768 25.91 -23.67 -3.20
C PRO F 768 25.75 -23.13 -4.61
N ALA F 769 26.75 -22.38 -5.07
CA ALA F 769 26.81 -21.94 -6.46
C ALA F 769 28.19 -22.08 -7.09
N THR F 770 29.24 -22.30 -6.31
CA THR F 770 30.59 -22.45 -6.86
C THR F 770 30.68 -23.73 -7.68
N GLU F 771 31.36 -23.65 -8.82
CA GLU F 771 31.60 -24.83 -9.64
C GLU F 771 32.45 -25.84 -8.88
N GLY F 772 31.90 -27.02 -8.67
CA GLY F 772 32.57 -28.06 -7.91
C GLY F 772 31.94 -28.38 -6.57
N TYR F 773 30.88 -27.68 -6.19
CA TYR F 773 30.20 -27.95 -4.94
C TYR F 773 29.07 -28.95 -5.18
N PHE F 774 28.98 -29.96 -4.31
CA PHE F 774 27.93 -30.96 -4.37
C PHE F 774 27.17 -30.95 -3.06
N GLY F 775 25.85 -30.84 -3.14
CA GLY F 775 25.01 -30.87 -1.96
C GLY F 775 24.76 -32.29 -1.48
N LEU F 776 25.78 -32.90 -0.88
CA LEU F 776 25.68 -34.31 -0.50
C LEU F 776 24.61 -34.51 0.55
N GLY F 777 23.95 -35.65 0.49
CA GLY F 777 22.95 -36.02 1.45
C GLY F 777 23.56 -36.43 2.78
N ILE F 778 22.69 -36.70 3.74
CA ILE F 778 23.14 -37.08 5.08
C ILE F 778 23.83 -38.44 5.04
N VAL F 779 23.36 -39.34 4.18
CA VAL F 779 23.91 -40.69 4.12
C VAL F 779 25.36 -40.66 3.65
N ASN F 780 25.65 -39.85 2.63
CA ASN F 780 26.96 -39.87 2.00
C ASN F 780 28.02 -39.10 2.79
N HIS F 781 27.64 -38.40 3.86
CA HIS F 781 28.62 -37.68 4.66
C HIS F 781 29.58 -38.66 5.30
N ARG F 782 30.88 -38.44 5.10
CA ARG F 782 31.92 -39.29 5.66
C ARG F 782 32.70 -38.52 6.71
N THR F 783 32.93 -39.17 7.85
CA THR F 783 33.68 -38.55 8.93
C THR F 783 34.23 -39.64 9.83
N THR F 784 35.55 -39.72 9.92
CA THR F 784 36.25 -40.70 10.74
C THR F 784 35.70 -42.11 10.54
N PRO F 785 35.75 -42.66 9.33
CA PRO F 785 35.28 -44.03 9.13
C PRO F 785 36.21 -45.01 9.85
N ALA F 786 35.64 -46.13 10.28
CA ALA F 786 36.31 -47.13 11.12
C ALA F 786 36.68 -46.57 12.48
N TYR F 787 36.03 -45.50 12.91
CA TYR F 787 36.26 -44.94 14.23
C TYR F 787 34.92 -44.76 14.93
N TRP F 788 33.86 -44.61 14.13
CA TRP F 788 32.48 -44.73 14.59
C TRP F 788 31.58 -44.79 13.37
N PHE F 789 30.44 -45.44 13.55
CA PHE F 789 29.56 -45.83 12.46
C PHE F 789 28.41 -44.85 12.29
N ARG F 790 27.88 -44.78 11.06
CA ARG F 790 26.64 -44.09 10.79
C ARG F 790 25.54 -44.57 11.74
N PHE F 791 24.46 -43.80 11.82
CA PHE F 791 23.38 -44.07 12.77
C PHE F 791 23.95 -44.08 14.20
N CYS F 792 24.36 -42.88 14.62
CA CYS F 792 25.28 -42.66 15.73
C CYS F 792 24.87 -43.39 17.01
N ARG F 793 25.82 -43.53 17.93
CA ARG F 793 25.85 -44.38 19.11
C ARG F 793 26.15 -45.84 18.72
N ALA F 794 26.18 -46.16 17.43
CA ALA F 794 26.50 -47.52 17.02
C ALA F 794 27.99 -47.80 17.28
N PRO F 795 28.34 -49.07 17.48
CA PRO F 795 29.76 -49.42 17.62
C PRO F 795 30.53 -49.06 16.35
N ARG F 796 31.81 -48.77 16.53
CA ARG F 796 32.63 -48.31 15.42
C ARG F 796 32.72 -49.38 14.34
N GLU F 797 32.80 -48.94 13.09
CA GLU F 797 33.24 -49.80 12.01
C GLU F 797 33.35 -48.94 10.75
N GLY F 798 34.10 -49.44 9.80
CA GLY F 798 34.28 -48.74 8.54
C GLY F 798 35.68 -48.96 8.02
N HIS F 799 36.18 -47.95 7.33
CA HIS F 799 37.44 -48.09 6.60
C HIS F 799 38.21 -46.78 6.67
N PRO F 800 39.40 -46.76 7.29
CA PRO F 800 40.14 -45.49 7.40
C PRO F 800 40.38 -44.85 6.05
N TYR F 801 39.76 -43.70 5.83
CA TYR F 801 39.73 -43.11 4.50
C TYR F 801 39.66 -41.60 4.65
N PRO F 802 40.15 -40.84 3.67
CA PRO F 802 39.97 -39.39 3.68
C PRO F 802 38.50 -39.01 3.69
N GLN F 803 38.20 -37.92 4.37
CA GLN F 803 36.83 -37.45 4.50
C GLN F 803 36.39 -36.60 3.31
N LEU F 804 35.09 -36.36 3.29
CA LEU F 804 34.42 -35.52 2.33
C LEU F 804 33.52 -34.45 2.96
N ALA F 805 33.08 -34.63 4.20
CA ALA F 805 32.12 -33.76 4.86
C ALA F 805 32.76 -32.46 5.31
N LEU F 806 31.93 -31.43 5.46
CA LEU F 806 32.34 -30.11 5.90
C LEU F 806 33.42 -29.57 4.98
N PRO F 807 33.08 -29.15 3.77
CA PRO F 807 34.08 -28.55 2.89
C PRO F 807 34.77 -27.39 3.56
N PRO F 808 36.09 -27.29 3.44
CA PRO F 808 36.83 -26.33 4.26
C PRO F 808 36.49 -24.89 3.91
N HIS F 809 36.49 -24.05 4.94
CA HIS F 809 36.35 -22.61 4.77
C HIS F 809 37.57 -21.87 5.28
N TRP F 810 38.50 -22.61 5.85
CA TRP F 810 39.67 -22.03 6.40
C TRP F 810 40.73 -22.83 5.73
N ASP F 811 41.43 -22.26 4.76
CA ASP F 811 42.39 -23.02 3.97
C ASP F 811 42.85 -22.13 2.82
N PRO F 812 44.09 -22.28 2.35
CA PRO F 812 44.45 -21.63 1.07
C PRO F 812 43.49 -21.95 -0.07
N ARG F 813 42.93 -23.15 -0.11
CA ARG F 813 41.91 -23.49 -1.10
C ARG F 813 40.63 -23.84 -0.35
N HIS F 814 39.51 -23.29 -0.82
CA HIS F 814 38.32 -23.19 0.01
C HIS F 814 37.09 -22.93 -0.84
N ALA F 815 35.99 -23.60 -0.49
CA ALA F 815 34.71 -23.28 -1.10
C ALA F 815 34.23 -21.92 -0.64
N LEU F 816 33.49 -21.23 -1.51
CA LEU F 816 33.07 -19.86 -1.23
C LEU F 816 32.01 -19.84 -0.13
N ARG F 817 31.73 -18.63 0.31
CA ARG F 817 30.79 -18.51 1.38
C ARG F 817 29.82 -17.37 1.26
N ASP F 818 28.75 -17.43 2.02
CA ASP F 818 27.74 -16.38 2.09
C ASP F 818 27.14 -16.43 3.50
N PRO F 819 27.46 -15.47 4.35
CA PRO F 819 27.07 -15.56 5.77
C PRO F 819 25.56 -15.66 5.97
N GLU F 820 25.17 -16.41 6.99
CA GLU F 820 23.81 -16.43 7.51
C GLU F 820 23.83 -15.90 8.92
N ARG F 821 22.91 -15.01 9.25
CA ARG F 821 22.82 -14.40 10.56
C ARG F 821 21.48 -14.72 11.21
N LYS F 822 21.46 -14.72 12.53
CA LYS F 822 20.25 -15.05 13.28
C LYS F 822 20.47 -14.64 14.73
N PHE F 823 19.38 -14.68 15.50
CA PHE F 823 19.45 -14.40 16.93
C PHE F 823 18.42 -15.26 17.65
N LEU F 824 18.75 -15.63 18.89
CA LEU F 824 17.87 -16.40 19.75
C LEU F 824 17.59 -15.57 20.99
N CYS F 825 16.30 -15.30 21.23
CA CYS F 825 15.86 -14.50 22.38
C CYS F 825 14.88 -15.35 23.18
N ASP F 826 15.40 -16.11 24.14
CA ASP F 826 14.60 -17.04 24.92
C ASP F 826 14.02 -16.36 26.14
N ARG F 827 12.86 -16.84 26.58
CA ARG F 827 12.21 -16.39 27.82
C ARG F 827 11.94 -14.90 27.80
N THR F 828 11.75 -14.32 26.61
CA THR F 828 11.61 -12.87 26.47
C THR F 828 10.27 -12.56 25.80
N LEU F 829 9.48 -11.72 26.45
CA LEU F 829 8.27 -11.18 25.87
C LEU F 829 8.63 -9.92 25.09
N TRP F 830 8.31 -9.90 23.79
CA TRP F 830 8.51 -8.68 23.02
C TRP F 830 7.63 -7.58 23.58
N ARG F 831 8.14 -6.35 23.60
CA ARG F 831 7.44 -5.23 24.19
C ARG F 831 7.25 -4.13 23.15
N ILE F 832 6.00 -3.69 23.00
CA ILE F 832 5.67 -2.55 22.16
C ILE F 832 4.84 -1.58 23.00
N PRO F 833 5.48 -0.77 23.85
CA PRO F 833 4.72 0.03 24.82
C PRO F 833 3.86 1.07 24.14
N PHE F 834 2.71 1.33 24.75
CA PHE F 834 1.76 2.31 24.23
C PHE F 834 2.17 3.72 24.64
N SER F 835 3.40 4.09 24.34
CA SER F 835 3.91 5.42 24.62
C SER F 835 4.22 6.14 23.31
N SER F 836 4.10 7.47 23.33
CA SER F 836 4.32 8.26 22.14
C SER F 836 5.78 8.25 21.71
N ASN F 837 6.71 8.13 22.66
CA ASN F 837 8.14 8.08 22.36
C ASN F 837 8.76 6.73 22.67
N PHE F 838 7.94 5.70 22.92
CA PHE F 838 8.34 4.34 23.27
C PHE F 838 9.03 4.26 24.62
N MET F 839 9.22 5.38 25.32
CA MET F 839 9.85 5.39 26.63
C MET F 839 8.83 4.98 27.70
N SER F 840 9.35 4.62 28.87
CA SER F 840 8.52 4.24 30.01
C SER F 840 8.71 5.30 31.09
N MET F 841 7.85 6.31 31.09
CA MET F 841 7.92 7.43 32.01
C MET F 841 6.79 7.40 33.04
N GLY F 842 6.25 6.22 33.31
CA GLY F 842 5.18 6.08 34.28
C GLY F 842 4.28 4.92 33.92
N SER F 843 3.63 4.36 34.94
CA SER F 843 2.72 3.23 34.71
C SER F 843 1.55 3.65 33.83
N LEU F 844 0.97 4.82 34.10
CA LEU F 844 -0.06 5.39 33.23
C LEU F 844 0.66 6.15 32.14
N THR F 845 0.71 5.55 30.94
CA THR F 845 1.58 6.04 29.89
C THR F 845 1.09 7.38 29.35
N ASP F 846 1.95 8.01 28.53
CA ASP F 846 1.60 9.26 27.88
C ASP F 846 0.31 9.09 27.06
N LEU F 847 0.34 8.20 26.08
CA LEU F 847 -0.89 7.77 25.45
C LEU F 847 -1.70 6.94 26.44
N GLY F 848 -3.00 6.83 26.17
CA GLY F 848 -3.93 6.34 27.15
C GLY F 848 -4.45 7.40 28.10
N GLN F 849 -3.87 8.60 28.06
CA GLN F 849 -4.40 9.77 28.72
C GLN F 849 -4.86 10.84 27.73
N ASN F 850 -4.37 10.79 26.49
CA ASN F 850 -4.77 11.75 25.48
C ASN F 850 -6.27 11.61 25.17
N LEU F 851 -6.90 12.72 24.83
CA LEU F 851 -8.31 12.71 24.48
C LEU F 851 -8.58 11.93 23.20
N LEU F 852 -7.55 11.64 22.40
CA LEU F 852 -7.75 10.81 21.21
C LEU F 852 -8.18 9.40 21.58
N TYR F 853 -7.58 8.83 22.62
CA TYR F 853 -7.84 7.45 23.01
C TYR F 853 -8.67 7.32 24.28
N ALA F 854 -9.01 8.43 24.94
CA ALA F 854 -9.68 8.37 26.22
C ALA F 854 -11.20 8.33 26.09
N ASN F 855 -11.79 9.37 25.50
CA ASN F 855 -13.24 9.50 25.44
C ASN F 855 -13.85 8.87 24.19
N ALA F 856 -13.05 8.42 23.25
CA ALA F 856 -13.54 7.86 22.00
C ALA F 856 -13.43 6.34 22.02
N ALA F 857 -13.97 5.71 20.98
CA ALA F 857 -13.93 4.27 20.80
C ALA F 857 -13.20 3.95 19.51
N HIS F 858 -12.19 3.08 19.59
CA HIS F 858 -11.37 2.73 18.44
C HIS F 858 -11.29 1.22 18.31
N ALA F 859 -11.13 0.76 17.07
CA ALA F 859 -11.01 -0.66 16.75
C ALA F 859 -9.56 -0.96 16.38
N LEU F 860 -9.03 -2.04 16.94
CA LEU F 860 -7.64 -2.43 16.74
C LEU F 860 -7.58 -3.59 15.75
N ASP F 861 -6.85 -3.40 14.66
CA ASP F 861 -6.58 -4.44 13.67
C ASP F 861 -5.08 -4.57 13.54
N MET F 862 -4.50 -5.56 14.21
CA MET F 862 -3.06 -5.79 14.18
C MET F 862 -2.78 -7.12 13.50
N THR F 863 -1.73 -7.16 12.68
CA THR F 863 -1.39 -8.32 11.88
C THR F 863 0.04 -8.74 12.19
N PHE F 864 0.28 -10.05 12.17
CA PHE F 864 1.59 -10.59 12.51
C PHE F 864 2.10 -11.47 11.36
N GLU F 865 3.41 -11.42 11.13
CA GLU F 865 4.07 -12.30 10.19
C GLU F 865 5.25 -12.94 10.90
N MET F 866 5.30 -14.28 10.89
CA MET F 866 6.31 -15.02 11.62
C MET F 866 6.84 -16.16 10.78
N ASP F 867 7.98 -16.70 11.19
CA ASP F 867 8.59 -17.82 10.50
C ASP F 867 7.70 -19.06 10.65
N PRO F 868 7.35 -19.74 9.56
CA PRO F 868 6.41 -20.86 9.66
C PRO F 868 7.02 -22.05 10.37
N ILE F 869 6.19 -22.78 11.11
CA ILE F 869 6.57 -24.04 11.72
C ILE F 869 5.49 -25.07 11.41
N ASN F 870 5.92 -26.31 11.15
CA ASN F 870 4.99 -27.35 10.73
C ASN F 870 4.00 -27.67 11.83
N GLU F 871 4.47 -27.79 13.07
CA GLU F 871 3.62 -28.16 14.18
C GLU F 871 2.64 -27.02 14.53
N PRO F 872 1.43 -27.36 14.98
CA PRO F 872 0.44 -26.33 15.27
C PRO F 872 0.86 -25.44 16.44
N THR F 873 0.77 -24.13 16.20
CA THR F 873 1.19 -23.15 17.20
C THR F 873 0.18 -22.08 17.35
N LEU F 874 0.20 -21.40 18.48
CA LEU F 874 -0.77 -20.35 18.78
C LEU F 874 -0.06 -19.09 19.23
N LEU F 875 -0.57 -17.94 18.78
CA LEU F 875 -0.02 -16.65 19.19
C LEU F 875 -0.50 -16.30 20.59
N TYR F 876 0.40 -15.72 21.39
CA TYR F 876 0.12 -15.32 22.76
C TYR F 876 0.44 -13.84 22.89
N VAL F 877 -0.53 -12.99 22.55
CA VAL F 877 -0.42 -11.55 22.74
C VAL F 877 -1.21 -11.18 23.99
N LEU F 878 -0.59 -10.41 24.86
CA LEU F 878 -1.21 -9.98 26.11
C LEU F 878 -1.20 -8.45 26.16
N PHE F 879 -2.38 -7.86 26.31
CA PHE F 879 -2.53 -6.42 26.28
C PHE F 879 -2.29 -5.87 27.67
N GLU F 880 -1.20 -5.14 27.85
CA GLU F 880 -0.86 -4.60 29.16
C GLU F 880 -1.93 -3.60 29.60
N VAL F 881 -2.55 -3.85 30.75
CA VAL F 881 -3.65 -3.05 31.25
C VAL F 881 -3.41 -2.74 32.72
N PHE F 882 -4.39 -2.10 33.36
CA PHE F 882 -4.34 -1.83 34.79
C PHE F 882 -5.30 -2.79 35.49
N ASP F 883 -4.76 -3.81 36.13
CA ASP F 883 -5.56 -4.81 36.84
C ASP F 883 -5.33 -4.60 38.34
N VAL F 884 -6.11 -3.71 38.93
CA VAL F 884 -5.94 -3.28 40.31
C VAL F 884 -7.23 -3.57 41.08
N ALA F 885 -7.07 -4.03 42.32
CA ALA F 885 -8.18 -4.34 43.19
C ALA F 885 -8.04 -3.60 44.52
N ARG F 886 -9.16 -3.09 45.02
CA ARG F 886 -9.21 -2.35 46.27
C ARG F 886 -10.04 -3.14 47.27
N VAL F 887 -9.47 -3.41 48.44
CA VAL F 887 -10.07 -4.27 49.44
C VAL F 887 -10.50 -3.41 50.62
N HIS F 888 -11.80 -3.47 50.96
CA HIS F 888 -12.36 -2.73 52.08
C HIS F 888 -12.94 -3.72 53.07
N GLN F 889 -12.54 -3.59 54.34
CA GLN F 889 -13.01 -4.46 55.42
C GLN F 889 -13.69 -3.60 56.46
N PRO F 890 -15.02 -3.43 56.38
CA PRO F 890 -15.71 -2.51 57.29
C PRO F 890 -15.62 -2.91 58.76
N HIS F 891 -16.09 -4.09 59.12
CA HIS F 891 -16.12 -4.48 60.54
C HIS F 891 -16.31 -5.98 60.69
N ARG F 892 -15.37 -6.62 61.37
CA ARG F 892 -15.56 -7.94 61.99
C ARG F 892 -15.98 -8.99 60.97
N GLY F 893 -15.05 -9.29 60.07
CA GLY F 893 -15.24 -10.41 59.16
C GLY F 893 -16.09 -10.13 57.94
N VAL F 894 -16.10 -8.89 57.47
CA VAL F 894 -16.77 -8.51 56.23
C VAL F 894 -15.70 -8.03 55.27
N ILE F 895 -15.58 -8.68 54.12
CA ILE F 895 -14.59 -8.34 53.12
C ILE F 895 -15.31 -7.93 51.85
N GLU F 896 -15.03 -6.73 51.37
CA GLU F 896 -15.51 -6.25 50.08
C GLU F 896 -14.31 -5.89 49.23
N VAL F 897 -14.23 -6.48 48.04
CA VAL F 897 -13.15 -6.22 47.11
C VAL F 897 -13.75 -5.74 45.80
N VAL F 898 -13.24 -4.63 45.29
CA VAL F 898 -13.70 -4.04 44.03
C VAL F 898 -12.58 -4.21 43.02
N TYR F 899 -12.83 -4.98 41.96
CA TYR F 899 -11.86 -5.21 40.91
C TYR F 899 -12.15 -4.28 39.74
N LEU F 900 -11.10 -3.77 39.12
CA LEU F 900 -11.27 -2.84 38.00
C LEU F 900 -10.10 -3.02 37.04
N ARG F 901 -10.37 -3.60 35.87
CA ARG F 901 -9.41 -3.68 34.78
C ARG F 901 -9.83 -2.61 33.77
N THR F 902 -9.07 -1.51 33.71
CA THR F 902 -9.59 -0.31 33.05
C THR F 902 -9.69 -0.47 31.54
N PRO F 903 -8.63 -0.79 30.80
CA PRO F 903 -8.80 -0.90 29.34
C PRO F 903 -9.71 -2.03 28.92
N PHE F 904 -9.44 -3.25 29.40
CA PHE F 904 -10.25 -4.42 29.09
C PHE F 904 -11.10 -4.72 30.32
N SER F 905 -12.28 -4.10 30.39
CA SER F 905 -13.12 -4.22 31.57
C SER F 905 -13.69 -5.63 31.70
N ALA F 906 -14.20 -5.93 32.89
CA ALA F 906 -14.84 -7.20 33.18
C ALA F 906 -16.31 -7.04 33.53
N GLY F 907 -16.92 -5.92 33.16
CA GLY F 907 -18.33 -5.71 33.42
C GLY F 907 -18.87 -4.61 32.54
N ASN F 908 -20.18 -4.65 32.33
CA ASN F 908 -20.86 -3.66 31.50
C ASN F 908 -22.26 -3.36 32.02
N PRO G 4 87.59 65.24 26.63
CA PRO G 4 88.85 65.24 25.86
C PRO G 4 89.60 66.56 25.96
N SER G 5 90.92 66.53 25.79
CA SER G 5 91.73 67.73 25.83
C SER G 5 91.85 68.42 24.47
N MET G 6 91.35 67.79 23.40
CA MET G 6 91.39 68.35 22.07
C MET G 6 90.02 68.90 21.63
N LEU G 7 89.09 69.06 22.57
CA LEU G 7 87.75 69.53 22.21
C LEU G 7 87.74 70.91 21.58
N PRO G 8 88.46 71.93 22.08
CA PRO G 8 88.47 73.21 21.36
C PRO G 8 89.01 73.11 19.95
N GLN G 9 90.03 72.28 19.73
CA GLN G 9 90.57 72.11 18.39
C GLN G 9 89.56 71.40 17.49
N TRP G 10 88.85 70.40 18.02
CA TRP G 10 87.80 69.76 17.24
C TRP G 10 86.69 70.75 16.90
N SER G 11 86.35 71.63 17.84
CA SER G 11 85.34 72.64 17.57
C SER G 11 85.79 73.59 16.46
N TYR G 12 87.06 74.01 16.50
CA TYR G 12 87.57 74.87 15.44
C TYR G 12 87.57 74.16 14.09
N MET G 13 87.93 72.88 14.07
CA MET G 13 87.94 72.11 12.84
C MET G 13 86.57 71.64 12.40
N HIS G 14 85.54 71.86 13.23
CA HIS G 14 84.17 71.41 12.99
C HIS G 14 84.06 69.89 12.98
N ILE G 15 85.06 69.20 13.54
CA ILE G 15 84.94 67.75 13.73
C ILE G 15 83.87 67.45 14.78
N ALA G 16 83.92 68.15 15.91
CA ALA G 16 82.92 68.04 16.95
C ALA G 16 82.62 69.43 17.48
N GLY G 17 81.35 69.83 17.45
CA GLY G 17 81.00 71.18 17.82
C GLY G 17 79.54 71.51 17.55
N GLN G 18 79.29 72.62 16.87
CA GLN G 18 77.94 73.07 16.58
C GLN G 18 77.65 72.96 15.08
N ASP G 19 76.36 72.96 14.75
CA ASP G 19 75.91 72.76 13.39
C ASP G 19 76.25 73.95 12.52
N ALA G 20 76.30 73.70 11.20
CA ALA G 20 76.57 74.76 10.23
C ALA G 20 75.51 75.84 10.23
N SER G 21 74.27 75.51 10.57
CA SER G 21 73.20 76.49 10.66
C SER G 21 73.32 77.35 11.91
N GLU G 22 74.24 77.05 12.82
CA GLU G 22 74.36 77.79 14.06
C GLU G 22 75.76 78.29 14.38
N TYR G 23 76.78 77.92 13.61
CA TYR G 23 78.06 78.62 13.74
C TYR G 23 78.32 79.61 12.61
N LEU G 24 77.53 79.58 11.55
CA LEU G 24 77.66 80.56 10.48
C LEU G 24 76.97 81.87 10.88
N SER G 25 77.29 82.92 10.13
CA SER G 25 76.60 84.18 10.32
C SER G 25 75.13 84.03 9.92
N PRO G 26 74.20 84.59 10.69
CA PRO G 26 72.78 84.49 10.30
C PRO G 26 72.48 85.05 8.92
N GLY G 27 73.16 86.13 8.54
CA GLY G 27 72.99 86.66 7.20
C GLY G 27 73.41 85.66 6.14
N LEU G 28 74.54 84.98 6.35
CA LEU G 28 74.97 83.96 5.40
C LEU G 28 74.00 82.79 5.37
N VAL G 29 73.42 82.43 6.53
CA VAL G 29 72.44 81.35 6.55
C VAL G 29 71.22 81.71 5.73
N GLN G 30 70.72 82.94 5.90
CA GLN G 30 69.57 83.38 5.09
C GLN G 30 69.92 83.44 3.61
N PHE G 31 71.14 83.88 3.29
CA PHE G 31 71.56 83.92 1.89
C PHE G 31 71.59 82.52 1.28
N ALA G 32 72.15 81.56 2.01
CA ALA G 32 72.19 80.18 1.52
C ALA G 32 70.79 79.61 1.36
N GLN G 33 69.90 79.91 2.31
CA GLN G 33 68.53 79.44 2.20
C GLN G 33 67.82 80.04 0.99
N ALA G 34 68.04 81.33 0.73
CA ALA G 34 67.37 81.99 -0.38
C ALA G 34 67.89 81.52 -1.72
N THR G 35 69.21 81.40 -1.87
CA THR G 35 69.83 81.01 -3.12
C THR G 35 70.05 79.50 -3.23
N GLU G 36 69.37 78.71 -2.40
CA GLU G 36 69.54 77.26 -2.45
C GLU G 36 69.01 76.69 -3.76
N SER G 37 68.04 77.34 -4.38
CA SER G 37 67.42 76.79 -5.58
C SER G 37 68.37 76.79 -6.77
N TYR G 38 69.26 77.77 -6.86
CA TYR G 38 70.11 77.91 -8.04
C TYR G 38 71.59 78.12 -7.74
N PHE G 39 72.00 78.22 -6.48
CA PHE G 39 73.43 78.39 -6.19
C PHE G 39 73.98 77.41 -5.17
N ASN G 40 73.18 76.97 -4.20
CA ASN G 40 73.51 75.86 -3.30
C ASN G 40 74.87 76.07 -2.60
N ILE G 41 74.89 77.12 -1.76
CA ILE G 41 76.07 77.38 -0.95
C ILE G 41 76.30 76.29 0.08
N GLY G 42 75.22 75.73 0.64
CA GLY G 42 75.29 74.87 1.81
C GLY G 42 76.17 73.64 1.68
N ASN G 43 76.70 73.38 0.49
CA ASN G 43 77.57 72.22 0.31
C ASN G 43 78.95 72.47 0.93
N LYS G 44 79.33 73.73 1.11
CA LYS G 44 80.70 74.08 1.45
C LYS G 44 81.00 74.02 2.94
N PHE G 45 80.02 73.68 3.78
CA PHE G 45 80.20 73.70 5.22
C PHE G 45 79.87 72.35 5.81
N ARG G 46 80.49 72.05 6.95
CA ARG G 46 80.46 70.74 7.57
C ARG G 46 79.52 70.72 8.78
N ASN G 47 79.08 69.51 9.13
CA ASN G 47 78.29 69.26 10.33
C ASN G 47 78.99 68.19 11.16
N PRO G 48 79.13 68.42 12.47
CA PRO G 48 79.91 67.47 13.29
C PRO G 48 79.30 66.07 13.34
N THR G 49 78.00 65.96 13.58
CA THR G 49 77.30 64.67 13.70
C THR G 49 78.01 63.75 14.70
N VAL G 50 78.00 64.20 15.95
CA VAL G 50 78.69 63.50 17.03
C VAL G 50 77.74 62.46 17.63
N ALA G 51 78.23 61.24 17.77
CA ALA G 51 77.44 60.18 18.39
C ALA G 51 77.40 60.36 19.91
N PRO G 52 76.34 59.90 20.56
CA PRO G 52 76.28 60.00 22.02
C PRO G 52 77.38 59.18 22.67
N THR G 53 77.88 59.69 23.80
CA THR G 53 79.04 59.11 24.47
C THR G 53 78.70 58.46 25.80
N HIS G 54 77.45 58.53 26.26
CA HIS G 54 77.09 57.93 27.54
C HIS G 54 75.64 57.49 27.50
N ASP G 55 75.32 56.52 28.38
CA ASP G 55 73.98 55.98 28.53
C ASP G 55 73.48 55.33 27.24
N VAL G 56 74.39 54.86 26.40
CA VAL G 56 74.06 54.18 25.15
C VAL G 56 74.71 52.80 25.08
N THR G 57 75.97 52.70 25.46
CA THR G 57 76.69 51.44 25.43
C THR G 57 76.74 50.80 26.83
N THR G 58 76.95 49.49 26.84
CA THR G 58 76.88 48.70 28.07
C THR G 58 78.21 48.60 28.80
N GLU G 59 79.30 48.29 28.09
CA GLU G 59 80.64 48.07 28.64
C GLU G 59 80.60 47.27 29.94
N ARG G 60 79.78 46.23 29.99
CA ARG G 60 79.63 45.41 31.20
C ARG G 60 79.83 43.93 30.89
N SER G 61 80.63 43.62 29.86
CA SER G 61 81.01 42.24 29.53
C SER G 61 79.79 41.38 29.23
N GLN G 62 79.10 41.72 28.15
CA GLN G 62 77.91 41.00 27.73
C GLN G 62 78.01 40.64 26.25
N ARG G 63 77.31 39.58 25.87
CA ARG G 63 77.44 38.96 24.56
C ARG G 63 76.39 39.52 23.61
N LEU G 64 76.78 39.65 22.33
CA LEU G 64 75.87 40.13 21.29
C LEU G 64 75.04 38.99 20.70
N GLN G 65 75.71 38.00 20.13
CA GLN G 65 75.03 36.84 19.54
C GLN G 65 75.04 35.69 20.53
N LEU G 66 73.85 35.21 20.90
CA LEU G 66 73.71 34.08 21.79
C LEU G 66 72.99 32.96 21.08
N ARG G 67 73.47 31.73 21.26
CA ARG G 67 72.84 30.54 20.72
C ARG G 67 72.26 29.71 21.86
N PHE G 68 71.04 29.22 21.67
CA PHE G 68 70.34 28.43 22.67
C PHE G 68 70.16 27.01 22.15
N VAL G 69 70.85 26.07 22.78
CA VAL G 69 70.69 24.66 22.44
C VAL G 69 69.37 24.18 23.04
N PRO G 70 68.60 23.34 22.34
CA PRO G 70 67.31 22.92 22.87
C PRO G 70 67.48 22.08 24.13
N VAL G 71 66.56 22.26 25.08
CA VAL G 71 66.58 21.46 26.30
C VAL G 71 66.16 20.03 26.01
N ASP G 72 65.24 19.84 25.07
CA ASP G 72 64.89 18.51 24.61
C ASP G 72 64.42 18.57 23.17
N ARG G 73 64.44 17.43 22.51
CA ARG G 73 64.03 17.34 21.11
C ARG G 73 63.41 15.97 20.88
N GLU G 74 62.36 15.93 20.06
CA GLU G 74 61.76 14.68 19.62
C GLU G 74 61.60 14.71 18.12
N ASP G 75 62.04 13.64 17.46
CA ASP G 75 62.06 13.56 16.00
C ASP G 75 61.08 12.49 15.52
N THR G 76 59.83 12.88 15.38
CA THR G 76 58.85 12.03 14.71
C THR G 76 59.13 12.02 13.21
N GLN G 77 58.66 10.96 12.53
CA GLN G 77 58.93 10.82 11.11
C GLN G 77 58.32 11.95 10.28
N TYR G 78 57.37 12.69 10.84
CA TYR G 78 56.71 13.76 10.10
C TYR G 78 56.97 15.14 10.67
N SER G 79 57.47 15.25 11.91
CA SER G 79 57.71 16.55 12.52
C SER G 79 58.94 16.48 13.40
N TYR G 80 59.59 17.62 13.58
CA TYR G 80 60.80 17.75 14.39
C TYR G 80 60.58 18.90 15.36
N LYS G 81 60.26 18.58 16.61
CA LYS G 81 59.95 19.59 17.62
C LYS G 81 61.15 19.80 18.52
N THR G 82 61.57 21.05 18.66
CA THR G 82 62.67 21.44 19.53
C THR G 82 62.17 22.46 20.53
N ARG G 83 62.63 22.35 21.77
CA ARG G 83 62.21 23.24 22.85
C ARG G 83 63.43 23.99 23.38
N PHE G 84 63.40 25.31 23.28
CA PHE G 84 64.42 26.16 23.86
C PHE G 84 63.86 26.91 25.04
N GLN G 85 64.75 27.37 25.93
CA GLN G 85 64.38 28.28 26.99
C GLN G 85 65.33 29.47 26.90
N LEU G 86 64.98 30.43 26.03
CA LEU G 86 65.79 31.63 25.90
C LEU G 86 65.54 32.53 27.11
N ALA G 87 66.61 33.06 27.67
CA ALA G 87 66.55 33.84 28.89
C ALA G 87 67.11 35.23 28.60
N VAL G 88 66.22 36.20 28.41
CA VAL G 88 66.65 37.59 28.31
C VAL G 88 67.26 37.99 29.65
N GLY G 89 68.42 38.63 29.60
CA GLY G 89 69.21 38.87 30.79
C GLY G 89 68.52 39.73 31.83
N ASP G 90 69.24 39.91 32.94
CA ASP G 90 68.67 40.65 34.06
C ASP G 90 68.41 42.10 33.71
N ASN G 91 69.22 42.69 32.82
CA ASN G 91 69.02 44.05 32.37
C ASN G 91 69.26 44.18 30.88
N ARG G 92 68.77 43.23 30.11
CA ARG G 92 68.87 43.26 28.66
C ARG G 92 67.50 43.45 28.04
N VAL G 93 67.48 43.67 26.73
CA VAL G 93 66.24 43.79 25.98
C VAL G 93 66.42 43.07 24.64
N LEU G 94 65.41 42.29 24.26
CA LEU G 94 65.48 41.47 23.06
C LEU G 94 64.26 41.75 22.19
N ASP G 95 64.49 41.86 20.89
CA ASP G 95 63.41 41.91 19.91
C ASP G 95 63.40 40.62 19.12
N MET G 96 62.23 39.98 19.05
CA MET G 96 62.13 38.64 18.46
C MET G 96 62.38 38.65 16.96
N ALA G 97 62.41 39.81 16.32
CA ALA G 97 62.77 39.87 14.91
C ALA G 97 64.22 39.49 14.67
N SER G 98 65.04 39.48 15.70
CA SER G 98 66.45 39.11 15.59
C SER G 98 66.69 37.64 15.89
N THR G 99 65.65 36.86 16.13
CA THR G 99 65.78 35.45 16.48
C THR G 99 65.43 34.58 15.27
N TYR G 100 66.28 33.60 14.98
CA TYR G 100 66.04 32.66 13.91
C TYR G 100 66.55 31.28 14.32
N PHE G 101 66.01 30.25 13.69
CA PHE G 101 66.41 28.89 13.96
C PHE G 101 67.49 28.48 12.96
N ASP G 102 68.60 27.95 13.46
CA ASP G 102 69.73 27.55 12.64
C ASP G 102 69.68 26.04 12.46
N ILE G 103 68.93 25.61 11.43
CA ILE G 103 68.75 24.20 11.15
C ILE G 103 69.92 23.69 10.33
N ARG G 104 70.51 22.57 10.75
CA ARG G 104 71.62 21.94 10.08
C ARG G 104 71.29 20.48 9.86
N GLY G 105 71.51 19.99 8.64
CA GLY G 105 71.19 18.61 8.35
C GLY G 105 71.58 18.25 6.92
N THR G 106 71.22 17.02 6.55
CA THR G 106 71.52 16.48 5.22
C THR G 106 70.23 15.99 4.59
N LEU G 107 70.18 16.03 3.26
CA LEU G 107 69.02 15.52 2.54
C LEU G 107 69.44 14.99 1.17
N ASP G 108 68.93 13.81 0.82
CA ASP G 108 69.04 13.25 -0.52
C ASP G 108 67.79 13.65 -1.30
N ARG G 109 67.89 14.72 -2.06
CA ARG G 109 66.69 15.29 -2.68
C ARG G 109 66.08 14.39 -3.77
N GLY G 110 66.55 13.17 -3.97
CA GLY G 110 65.83 12.20 -4.78
C GLY G 110 66.48 11.99 -6.14
N ALA G 111 66.24 10.78 -6.68
CA ALA G 111 66.70 10.45 -8.02
C ALA G 111 66.02 11.29 -9.08
N SER G 112 64.88 11.90 -8.76
CA SER G 112 64.15 12.77 -9.67
C SER G 112 64.84 14.09 -9.93
N PHE G 113 66.02 14.33 -9.35
CA PHE G 113 66.61 15.65 -9.32
C PHE G 113 67.58 15.83 -10.48
N LYS G 114 67.20 16.67 -11.44
CA LYS G 114 68.09 17.07 -12.53
C LYS G 114 68.26 18.57 -12.49
N PRO G 115 69.40 19.09 -12.05
CA PRO G 115 69.59 20.53 -11.91
C PRO G 115 70.03 21.26 -13.17
N TYR G 116 69.95 20.65 -14.35
CA TYR G 116 70.45 21.29 -15.54
C TYR G 116 69.74 20.74 -16.76
N SER G 117 69.43 21.63 -17.71
CA SER G 117 68.84 21.20 -18.97
C SER G 117 69.92 20.60 -19.86
N GLY G 118 69.48 19.81 -20.83
CA GLY G 118 70.41 19.15 -21.72
C GLY G 118 71.14 18.02 -21.02
N THR G 119 72.21 17.57 -21.66
CA THR G 119 73.03 16.48 -21.15
C THR G 119 74.41 17.01 -20.77
N ALA G 120 75.14 16.20 -19.99
CA ALA G 120 76.44 16.57 -19.47
C ALA G 120 77.59 15.82 -20.11
N TYR G 121 77.34 14.60 -20.59
CA TYR G 121 78.43 13.72 -21.02
C TYR G 121 78.77 13.90 -22.49
N ASN G 122 77.78 13.73 -23.37
CA ASN G 122 77.96 13.97 -24.80
C ASN G 122 77.07 15.13 -25.22
N SER G 123 77.56 16.35 -25.03
CA SER G 123 76.81 17.51 -25.46
C SER G 123 76.81 17.64 -26.98
N PHE G 124 77.95 17.37 -27.62
CA PHE G 124 78.10 17.62 -29.05
C PHE G 124 77.77 16.41 -29.91
N ALA G 125 77.57 15.24 -29.32
CA ALA G 125 77.28 14.06 -30.10
C ALA G 125 75.91 14.19 -30.77
N PRO G 126 75.76 13.74 -32.02
CA PRO G 126 74.43 13.72 -32.61
C PRO G 126 73.48 12.84 -31.81
N LYS G 127 72.22 13.27 -31.73
CA LYS G 127 71.28 12.63 -30.82
C LYS G 127 70.94 11.20 -31.24
N SER G 128 71.24 10.82 -32.48
CA SER G 128 71.02 9.46 -32.94
C SER G 128 72.31 8.73 -33.31
N ALA G 129 73.44 9.40 -33.30
CA ALA G 129 74.69 8.75 -33.64
C ALA G 129 75.05 7.71 -32.58
N PRO G 130 75.50 6.53 -32.99
CA PRO G 130 75.95 5.53 -32.02
C PRO G 130 77.44 5.60 -31.75
N ASN G 131 77.80 5.30 -30.51
CA ASN G 131 79.21 5.14 -30.16
C ASN G 131 79.78 3.91 -30.86
N ASN G 132 81.11 3.77 -30.79
CA ASN G 132 81.81 2.77 -31.57
C ASN G 132 81.54 1.39 -30.96
N THR G 133 80.51 0.72 -31.49
CA THR G 133 80.08 -0.57 -30.92
C THR G 133 80.00 -1.64 -31.99
N GLN G 134 79.44 -2.80 -31.61
CA GLN G 134 79.24 -3.93 -32.51
C GLN G 134 77.75 -4.22 -32.61
N PHE G 135 77.27 -4.40 -33.83
CA PHE G 135 75.87 -4.73 -34.07
C PHE G 135 75.77 -6.13 -34.68
N ARG G 136 74.93 -6.97 -34.10
CA ARG G 136 74.77 -8.32 -34.60
C ARG G 136 74.02 -8.33 -35.93
N GLN G 137 74.41 -9.23 -36.82
CA GLN G 137 73.73 -9.38 -38.09
C GLN G 137 72.35 -10.01 -37.89
N ALA G 138 71.53 -9.95 -38.94
CA ALA G 138 70.21 -10.55 -38.88
C ALA G 138 70.26 -12.06 -38.70
N ASN G 139 71.36 -12.70 -39.10
CA ASN G 139 71.50 -14.15 -38.91
C ASN G 139 71.56 -14.50 -37.44
N ASN G 140 72.21 -13.66 -36.62
CA ASN G 140 72.45 -13.83 -35.20
C ASN G 140 73.44 -14.95 -34.89
N GLY G 141 73.93 -15.66 -35.90
CA GLY G 141 74.96 -16.67 -35.68
C GLY G 141 76.30 -16.22 -36.21
N HIS G 142 76.28 -15.32 -37.19
CA HIS G 142 77.51 -14.78 -37.75
C HIS G 142 78.17 -13.85 -36.73
N PRO G 143 79.49 -13.69 -36.82
CA PRO G 143 80.18 -12.77 -35.89
C PRO G 143 79.66 -11.34 -36.04
N ALA G 144 79.63 -10.63 -34.92
CA ALA G 144 79.11 -9.27 -34.92
C ALA G 144 80.04 -8.33 -35.67
N GLN G 145 79.44 -7.48 -36.50
CA GLN G 145 80.20 -6.49 -37.26
C GLN G 145 80.33 -5.20 -36.46
N THR G 146 81.33 -4.40 -36.82
CA THR G 146 81.68 -3.20 -36.07
C THR G 146 81.45 -1.96 -36.91
N ILE G 147 80.71 -1.01 -36.36
CA ILE G 147 80.68 0.36 -36.85
C ILE G 147 81.62 1.17 -35.97
N ALA G 148 82.64 1.76 -36.57
CA ALA G 148 83.68 2.40 -35.77
C ALA G 148 84.44 3.40 -36.63
N GLN G 149 85.20 4.26 -35.95
CA GLN G 149 86.03 5.28 -36.58
C GLN G 149 87.45 5.13 -36.06
N ALA G 150 88.34 4.58 -36.90
CA ALA G 150 89.74 4.48 -36.53
C ALA G 150 90.34 5.88 -36.45
N SER G 151 90.71 6.30 -35.24
CA SER G 151 91.16 7.66 -34.99
C SER G 151 92.68 7.75 -34.81
N TYR G 152 93.24 6.98 -33.87
CA TYR G 152 94.66 7.04 -33.60
C TYR G 152 95.42 6.40 -34.75
N VAL G 153 96.16 7.21 -35.49
CA VAL G 153 96.93 6.74 -36.63
C VAL G 153 98.33 6.34 -36.12
N ALA G 154 98.71 5.09 -36.38
CA ALA G 154 100.00 4.59 -35.93
C ALA G 154 100.35 3.34 -36.72
N THR G 155 101.64 3.02 -36.73
CA THR G 155 102.09 1.82 -37.41
C THR G 155 101.73 0.59 -36.60
N ILE G 156 101.13 -0.39 -37.26
CA ILE G 156 100.70 -1.63 -36.62
C ILE G 156 101.76 -2.68 -36.93
N GLY G 157 102.41 -3.19 -35.89
CA GLY G 157 103.46 -4.17 -36.09
C GLY G 157 103.93 -4.75 -34.78
N GLY G 158 104.98 -5.55 -34.87
CA GLY G 158 105.56 -6.19 -33.70
C GLY G 158 104.74 -7.37 -33.23
N ALA G 159 105.14 -7.89 -32.07
CA ALA G 159 104.41 -8.99 -31.46
C ALA G 159 103.00 -8.55 -31.09
N ASN G 160 102.03 -9.42 -31.35
CA ASN G 160 100.60 -9.23 -31.12
C ASN G 160 99.99 -8.17 -32.03
N ASN G 161 100.79 -7.51 -32.87
CA ASN G 161 100.30 -6.53 -33.85
C ASN G 161 99.48 -5.43 -33.17
N ASP G 162 100.14 -4.67 -32.31
CA ASP G 162 99.52 -3.59 -31.57
C ASP G 162 99.80 -2.26 -32.25
N LEU G 163 99.42 -1.17 -31.59
CA LEU G 163 99.58 0.18 -32.13
C LEU G 163 100.85 0.81 -31.59
N GLN G 164 101.64 1.41 -32.48
CA GLN G 164 102.88 2.08 -32.09
C GLN G 164 102.54 3.47 -31.58
N MET G 165 102.36 3.58 -30.27
CA MET G 165 101.91 4.84 -29.69
C MET G 165 103.05 5.84 -29.52
N GLY G 166 104.30 5.40 -29.66
CA GLY G 166 105.42 6.31 -29.56
C GLY G 166 106.72 5.56 -29.63
N VAL G 167 107.79 6.26 -29.29
CA VAL G 167 109.14 5.69 -29.24
C VAL G 167 109.71 5.93 -27.85
N ASP G 168 110.34 4.91 -27.28
CA ASP G 168 110.99 5.04 -25.98
C ASP G 168 112.23 5.91 -26.11
N GLU G 169 112.93 6.12 -24.98
CA GLU G 169 114.23 6.77 -25.06
C GLU G 169 115.21 5.95 -25.89
N ARG G 170 115.15 4.63 -25.77
CA ARG G 170 115.78 3.77 -26.75
C ARG G 170 114.94 3.73 -28.03
N GLN G 171 115.58 3.38 -29.14
CA GLN G 171 114.91 3.40 -30.42
C GLN G 171 113.80 2.37 -30.56
N LEU G 172 113.72 1.41 -29.64
CA LEU G 172 112.67 0.40 -29.71
C LEU G 172 111.31 1.04 -29.47
N PRO G 173 110.32 0.77 -30.32
CA PRO G 173 109.00 1.40 -30.14
C PRO G 173 108.25 0.83 -28.95
N VAL G 174 107.32 1.63 -28.44
CA VAL G 174 106.46 1.25 -27.32
C VAL G 174 105.04 1.10 -27.86
N TYR G 175 104.39 -0.01 -27.50
CA TYR G 175 103.07 -0.32 -28.00
C TYR G 175 102.01 0.14 -27.02
N ALA G 176 100.75 -0.18 -27.30
CA ALA G 176 99.62 0.36 -26.56
C ALA G 176 99.29 -0.52 -25.36
N ASN G 177 99.25 0.11 -24.18
CA ASN G 177 98.67 -0.53 -23.00
C ASN G 177 97.18 -0.73 -23.24
N THR G 178 96.76 -2.00 -23.33
CA THR G 178 95.42 -2.30 -23.81
C THR G 178 94.33 -1.80 -22.88
N THR G 179 94.66 -1.40 -21.65
CA THR G 179 93.63 -0.90 -20.74
C THR G 179 93.05 0.42 -21.23
N TYR G 180 93.91 1.39 -21.55
CA TYR G 180 93.42 2.72 -21.93
C TYR G 180 94.13 3.36 -23.11
N GLN G 181 95.28 2.84 -23.57
CA GLN G 181 96.13 3.61 -24.47
C GLN G 181 95.45 4.05 -25.75
N PRO G 182 94.64 3.24 -26.45
CA PRO G 182 93.91 3.78 -27.60
C PRO G 182 92.86 4.77 -27.15
N GLU G 183 93.32 5.93 -26.69
CA GLU G 183 92.45 6.93 -26.13
C GLU G 183 91.53 7.50 -27.21
N PRO G 184 90.22 7.50 -26.99
CA PRO G 184 89.29 7.90 -28.04
C PRO G 184 89.31 9.38 -28.38
N GLN G 185 90.17 10.18 -27.76
CA GLN G 185 90.19 11.62 -28.02
C GLN G 185 91.36 12.06 -28.89
N LEU G 186 92.50 11.37 -28.86
CA LEU G 186 93.62 11.75 -29.70
C LEU G 186 93.36 11.37 -31.17
N GLY G 187 94.30 11.72 -32.03
CA GLY G 187 94.17 11.47 -33.44
C GLY G 187 95.15 12.32 -34.23
N ILE G 188 95.06 12.21 -35.55
CA ILE G 188 95.89 13.02 -36.43
C ILE G 188 95.28 14.42 -36.54
N GLU G 189 96.10 15.44 -36.33
CA GLU G 189 95.62 16.81 -36.22
C GLU G 189 95.79 17.50 -37.57
N GLY G 190 94.68 17.98 -38.12
CA GLY G 190 94.70 18.61 -39.42
C GLY G 190 93.83 17.88 -40.43
N TRP G 191 93.19 18.61 -41.33
CA TRP G 191 92.33 18.01 -42.33
C TRP G 191 93.09 17.41 -43.51
N THR G 192 94.38 17.70 -43.62
CA THR G 192 95.16 17.18 -44.75
C THR G 192 95.23 15.66 -44.71
N ALA G 193 95.41 15.09 -43.53
CA ALA G 193 95.46 13.63 -43.40
C ALA G 193 94.09 13.03 -43.68
N GLY G 194 94.05 12.04 -44.56
CA GLY G 194 92.81 11.39 -44.95
C GLY G 194 92.15 11.99 -46.18
N SER G 195 92.49 13.23 -46.55
CA SER G 195 91.97 13.85 -47.75
C SER G 195 93.08 14.17 -48.75
N MET G 196 94.11 14.90 -48.33
CA MET G 196 95.24 15.17 -49.21
C MET G 196 96.24 14.02 -49.19
N ALA G 197 96.76 13.69 -48.02
CA ALA G 197 97.65 12.54 -47.87
C ALA G 197 96.81 11.29 -47.67
N VAL G 198 97.46 10.16 -47.42
CA VAL G 198 96.79 8.89 -47.22
C VAL G 198 97.19 8.33 -45.86
N ILE G 199 96.19 7.85 -45.11
CA ILE G 199 96.43 7.26 -43.80
C ILE G 199 96.78 5.79 -44.01
N ASP G 200 98.00 5.42 -43.61
CA ASP G 200 98.46 4.06 -43.82
C ASP G 200 97.73 3.08 -42.90
N GLN G 201 97.87 3.28 -41.59
CA GLN G 201 97.22 2.41 -40.61
C GLN G 201 96.72 3.27 -39.45
N ALA G 202 95.54 2.92 -38.93
CA ALA G 202 94.93 3.65 -37.84
C ALA G 202 94.30 2.65 -36.87
N GLY G 203 94.07 3.12 -35.64
CA GLY G 203 93.54 2.26 -34.61
C GLY G 203 92.47 2.97 -33.80
N GLY G 204 91.86 2.23 -32.88
CA GLY G 204 90.81 2.79 -32.05
C GLY G 204 90.35 1.80 -31.02
N ARG G 205 89.24 2.14 -30.38
CA ARG G 205 88.63 1.31 -29.34
C ARG G 205 87.15 1.13 -29.65
N VAL G 206 86.65 -0.08 -29.44
CA VAL G 206 85.29 -0.43 -29.83
C VAL G 206 84.62 -1.14 -28.67
N LEU G 207 83.38 -0.75 -28.38
CA LEU G 207 82.56 -1.51 -27.44
C LEU G 207 82.16 -2.84 -28.06
N ARG G 208 82.27 -3.91 -27.28
CA ARG G 208 81.85 -5.23 -27.71
C ARG G 208 80.77 -5.76 -26.79
N ASN G 209 79.82 -6.49 -27.37
CA ASN G 209 78.63 -6.97 -26.68
C ASN G 209 77.94 -5.85 -25.90
N PRO G 210 77.51 -4.79 -26.58
CA PRO G 210 76.93 -3.64 -25.88
C PRO G 210 75.41 -3.74 -25.77
N THR G 211 74.84 -2.81 -25.01
CA THR G 211 73.41 -2.63 -24.93
C THR G 211 72.89 -1.58 -25.91
N GLN G 212 73.77 -1.05 -26.77
CA GLN G 212 73.41 -0.10 -27.81
C GLN G 212 72.80 1.17 -27.23
N THR G 213 73.55 1.83 -26.36
CA THR G 213 73.17 3.16 -25.92
C THR G 213 73.58 4.18 -26.97
N PRO G 214 72.66 5.04 -27.42
CA PRO G 214 73.05 6.12 -28.34
C PRO G 214 74.09 7.02 -27.70
N CYS G 215 74.98 7.56 -28.54
CA CYS G 215 76.15 8.26 -28.03
C CYS G 215 75.81 9.50 -27.22
N TYR G 216 74.61 10.06 -27.38
CA TYR G 216 74.27 11.31 -26.71
C TYR G 216 74.41 11.21 -25.20
N GLY G 217 74.13 10.04 -24.63
CA GLY G 217 74.39 9.81 -23.22
C GLY G 217 75.68 9.04 -23.05
N SER G 218 75.57 7.74 -22.77
CA SER G 218 76.70 6.82 -22.79
C SER G 218 77.81 7.24 -21.82
N TYR G 219 77.47 7.20 -20.53
CA TYR G 219 78.47 7.37 -19.49
C TYR G 219 78.89 6.01 -18.96
N ALA G 220 80.18 5.88 -18.66
CA ALA G 220 80.72 4.67 -18.06
C ALA G 220 81.70 5.04 -16.97
N LYS G 221 81.50 4.50 -15.78
CA LYS G 221 82.36 4.82 -14.66
C LYS G 221 83.77 4.29 -14.90
N PRO G 222 84.80 5.11 -14.64
CA PRO G 222 86.18 4.62 -14.83
C PRO G 222 86.47 3.45 -13.92
N THR G 223 87.26 2.50 -14.43
CA THR G 223 87.62 1.31 -13.68
C THR G 223 89.10 1.23 -13.34
N ASN G 224 89.95 1.98 -14.01
CA ASN G 224 91.37 2.06 -13.69
C ASN G 224 91.73 3.51 -13.33
N GLU G 225 93.00 3.71 -13.02
CA GLU G 225 93.50 5.03 -12.65
C GLU G 225 93.86 5.89 -13.85
N HIS G 226 93.81 5.33 -15.05
CA HIS G 226 94.15 6.06 -16.27
C HIS G 226 92.94 6.49 -17.08
N GLY G 227 91.75 6.42 -16.50
CA GLY G 227 90.55 6.77 -17.22
C GLY G 227 90.24 5.83 -18.37
N GLY G 228 90.31 4.54 -18.11
CA GLY G 228 89.95 3.55 -19.11
C GLY G 228 88.80 2.69 -18.65
N ILE G 229 87.66 2.81 -19.31
CA ILE G 229 86.46 2.07 -18.92
C ILE G 229 86.55 0.65 -19.46
N THR G 230 86.37 -0.33 -18.58
CA THR G 230 86.34 -1.73 -18.96
C THR G 230 85.77 -2.53 -17.79
N LYS G 231 84.81 -3.41 -18.09
CA LYS G 231 84.15 -4.16 -17.03
C LYS G 231 85.17 -5.06 -16.32
N ALA G 232 85.03 -5.14 -15.00
CA ALA G 232 85.96 -5.94 -14.21
C ALA G 232 85.84 -7.42 -14.57
N ASN G 233 86.98 -8.11 -14.48
CA ASN G 233 87.07 -9.54 -14.82
C ASN G 233 86.63 -9.79 -16.26
N THR G 234 86.94 -8.84 -17.14
CA THR G 234 86.66 -8.97 -18.57
C THR G 234 87.87 -8.49 -19.34
N GLN G 235 88.30 -9.28 -20.32
CA GLN G 235 89.50 -8.96 -21.09
C GLN G 235 89.14 -8.16 -22.33
N VAL G 236 90.16 -7.50 -22.88
CA VAL G 236 90.02 -6.71 -24.10
C VAL G 236 90.73 -7.45 -25.23
N GLU G 237 90.05 -7.59 -26.36
CA GLU G 237 90.56 -8.30 -27.52
C GLU G 237 90.56 -7.38 -28.73
N LYS G 238 91.62 -7.46 -29.52
CA LYS G 238 91.80 -6.60 -30.67
C LYS G 238 91.32 -7.29 -31.94
N LYS G 239 90.57 -6.56 -32.76
CA LYS G 239 90.05 -7.06 -34.03
C LYS G 239 90.67 -6.27 -35.17
N TYR G 240 91.03 -6.99 -36.24
CA TYR G 240 91.75 -6.40 -37.36
C TYR G 240 90.82 -6.30 -38.56
N TYR G 241 90.90 -5.17 -39.27
CA TYR G 241 90.01 -4.92 -40.40
C TYR G 241 90.80 -4.31 -41.55
N ARG G 242 90.28 -4.50 -42.76
CA ARG G 242 90.84 -3.89 -43.96
C ARG G 242 89.73 -3.77 -44.99
N THR G 243 89.91 -2.83 -45.92
CA THR G 243 88.90 -2.55 -46.93
C THR G 243 89.15 -3.26 -48.26
N GLY G 244 90.40 -3.59 -48.57
CA GLY G 244 90.75 -4.27 -49.81
C GLY G 244 91.31 -5.64 -49.50
N ASP G 245 90.93 -6.62 -50.34
CA ASP G 245 91.39 -7.99 -50.14
C ASP G 245 92.88 -8.10 -50.44
N ASN G 246 93.51 -9.08 -49.79
CA ASN G 246 94.93 -9.40 -49.99
C ASN G 246 95.81 -8.19 -49.68
N GLY G 247 95.78 -7.79 -48.41
CA GLY G 247 96.58 -6.66 -47.97
C GLY G 247 96.82 -6.69 -46.49
N ASN G 248 97.83 -5.92 -46.08
CA ASN G 248 98.12 -5.75 -44.66
C ASN G 248 96.95 -5.03 -44.00
N PRO G 249 96.48 -5.49 -42.83
CA PRO G 249 95.37 -4.80 -42.18
C PRO G 249 95.65 -3.33 -41.93
N GLU G 250 94.63 -2.51 -42.18
CA GLU G 250 94.74 -1.07 -42.05
C GLU G 250 94.02 -0.52 -40.82
N THR G 251 93.47 -1.39 -39.98
CA THR G 251 92.70 -0.94 -38.82
C THR G 251 92.78 -1.97 -37.71
N VAL G 252 93.06 -1.51 -36.50
CA VAL G 252 93.07 -2.34 -35.30
C VAL G 252 92.10 -1.73 -34.30
N PHE G 253 91.22 -2.55 -33.74
CA PHE G 253 90.19 -2.08 -32.81
C PHE G 253 90.24 -2.93 -31.55
N TYR G 254 90.64 -2.32 -30.44
CA TYR G 254 90.69 -3.01 -29.14
C TYR G 254 89.27 -3.10 -28.61
N THR G 255 88.58 -4.17 -28.98
CA THR G 255 87.20 -4.37 -28.55
C THR G 255 87.16 -4.79 -27.09
N GLU G 256 86.55 -3.96 -26.26
CA GLU G 256 86.42 -4.22 -24.84
C GLU G 256 84.94 -4.26 -24.46
N GLU G 257 84.68 -4.57 -23.20
CA GLU G 257 83.34 -4.64 -22.65
C GLU G 257 83.21 -3.68 -21.48
N ALA G 258 82.16 -2.86 -21.50
CA ALA G 258 81.93 -1.90 -20.44
C ALA G 258 80.43 -1.72 -20.24
N ASP G 259 80.06 -1.33 -19.03
CA ASP G 259 78.65 -1.09 -18.70
C ASP G 259 78.35 0.40 -18.87
N VAL G 260 77.81 0.75 -20.03
CA VAL G 260 77.49 2.13 -20.36
C VAL G 260 76.19 2.50 -19.66
N LEU G 261 76.05 3.78 -19.32
CA LEU G 261 74.92 4.26 -18.55
C LEU G 261 74.28 5.45 -19.24
N THR G 262 73.09 5.82 -18.76
CA THR G 262 72.38 7.01 -19.21
C THR G 262 71.98 7.82 -17.98
N PRO G 263 72.96 8.44 -17.30
CA PRO G 263 72.64 9.17 -16.07
C PRO G 263 71.75 10.38 -16.29
N ASP G 264 71.69 10.92 -17.51
CA ASP G 264 70.89 12.12 -17.74
C ASP G 264 70.16 12.10 -19.08
N THR G 265 69.88 10.92 -19.64
CA THR G 265 69.16 10.82 -20.90
C THR G 265 68.16 9.67 -20.82
N HIS G 266 67.11 9.78 -21.64
CA HIS G 266 66.15 8.71 -21.82
C HIS G 266 65.99 8.45 -23.31
N LEU G 267 65.16 7.47 -23.66
CA LEU G 267 65.03 7.02 -25.04
C LEU G 267 63.73 7.51 -25.64
N VAL G 268 63.82 8.19 -26.77
CA VAL G 268 62.69 8.48 -27.65
C VAL G 268 62.94 7.75 -28.96
N HIS G 269 61.88 7.16 -29.52
CA HIS G 269 62.02 6.25 -30.66
C HIS G 269 62.97 5.10 -30.31
N ALA G 270 62.54 4.30 -29.34
CA ALA G 270 63.31 3.14 -28.94
C ALA G 270 62.99 1.97 -29.87
N VAL G 271 63.64 0.84 -29.62
CA VAL G 271 63.41 -0.38 -30.40
C VAL G 271 63.16 -1.52 -29.43
N PRO G 272 62.44 -2.55 -29.88
CA PRO G 272 62.19 -3.70 -28.99
C PRO G 272 63.49 -4.34 -28.54
N ALA G 273 63.48 -4.88 -27.31
CA ALA G 273 64.68 -5.45 -26.72
C ALA G 273 65.27 -6.55 -27.59
N ALA G 274 64.43 -7.25 -28.36
CA ALA G 274 64.95 -8.26 -29.27
C ALA G 274 65.81 -7.64 -30.37
N ASP G 275 65.39 -6.49 -30.89
CA ASP G 275 66.09 -5.83 -31.99
C ASP G 275 67.07 -4.77 -31.51
N ARG G 276 67.23 -4.61 -30.19
CA ARG G 276 68.05 -3.56 -29.63
C ARG G 276 69.55 -3.85 -29.76
N ALA G 277 69.93 -5.03 -30.25
CA ALA G 277 71.33 -5.38 -30.39
C ALA G 277 71.73 -5.65 -31.84
N LYS G 278 70.89 -5.24 -32.80
CA LYS G 278 71.15 -5.48 -34.20
C LYS G 278 71.05 -4.20 -35.01
N VAL G 279 71.03 -4.31 -36.33
CA VAL G 279 70.74 -3.16 -37.17
C VAL G 279 69.36 -2.63 -36.80
N GLU G 280 69.16 -1.32 -37.03
CA GLU G 280 67.96 -0.57 -36.64
C GLU G 280 67.97 -0.35 -35.13
N GLY G 281 68.93 -0.95 -34.44
CA GLY G 281 69.18 -0.63 -33.05
C GLY G 281 70.30 0.39 -32.96
N LEU G 282 70.96 0.62 -34.08
CA LEU G 282 72.00 1.65 -34.18
C LEU G 282 71.43 3.05 -34.34
N SER G 283 70.14 3.17 -34.66
CA SER G 283 69.52 4.46 -34.93
C SER G 283 68.58 4.89 -33.80
N GLN G 284 68.81 4.40 -32.59
CA GLN G 284 68.02 4.83 -31.45
C GLN G 284 68.29 6.30 -31.17
N HIS G 285 67.23 7.04 -30.88
CA HIS G 285 67.31 8.48 -30.63
C HIS G 285 67.36 8.73 -29.14
N ALA G 286 68.30 9.56 -28.71
CA ALA G 286 68.48 9.91 -27.31
C ALA G 286 68.06 11.36 -27.09
N ALA G 287 67.22 11.58 -26.10
CA ALA G 287 66.80 12.92 -25.74
C ALA G 287 67.24 13.24 -24.33
N PRO G 288 67.68 14.48 -24.07
CA PRO G 288 68.13 14.83 -22.72
C PRO G 288 67.01 14.70 -21.71
N ASN G 289 67.38 14.30 -20.50
CA ASN G 289 66.42 14.14 -19.42
C ASN G 289 65.82 15.50 -19.04
N ARG G 290 64.61 15.46 -18.51
CA ARG G 290 63.89 16.69 -18.23
C ARG G 290 64.33 17.28 -16.88
N PRO G 291 64.72 18.56 -16.84
CA PRO G 291 65.22 19.13 -15.60
C PRO G 291 64.14 19.23 -14.53
N ASN G 292 64.57 19.16 -13.27
CA ASN G 292 63.64 19.16 -12.14
C ASN G 292 63.86 20.33 -11.19
N PHE G 293 65.11 20.62 -10.81
CA PHE G 293 65.45 21.75 -9.94
C PHE G 293 64.72 21.64 -8.59
N ILE G 294 65.07 20.59 -7.86
CA ILE G 294 64.54 20.40 -6.51
C ILE G 294 65.33 21.25 -5.53
N GLY G 295 64.62 22.02 -4.71
CA GLY G 295 65.27 22.87 -3.73
C GLY G 295 64.28 23.36 -2.70
N PHE G 296 64.80 24.14 -1.74
CA PHE G 296 63.97 24.70 -0.69
C PHE G 296 63.03 25.76 -1.26
N ARG G 297 61.89 25.94 -0.59
CA ARG G 297 60.89 26.88 -1.04
C ARG G 297 61.33 28.31 -0.73
N ASP G 298 60.60 29.27 -1.30
CA ASP G 298 60.82 30.67 -1.00
C ASP G 298 60.58 30.94 0.47
N CYS G 299 61.43 31.77 1.07
CA CYS G 299 61.29 32.21 2.46
C CYS G 299 61.18 31.04 3.44
N PHE G 300 61.62 29.85 3.01
CA PHE G 300 61.47 28.63 3.81
C PHE G 300 60.01 28.39 4.18
N VAL G 301 59.11 28.76 3.26
CA VAL G 301 57.68 28.57 3.50
C VAL G 301 57.35 27.09 3.52
N GLY G 302 56.56 26.69 4.51
CA GLY G 302 56.14 25.31 4.66
C GLY G 302 57.11 24.45 5.45
N LEU G 303 58.32 24.92 5.71
CA LEU G 303 59.30 24.11 6.43
C LEU G 303 58.97 24.03 7.92
N MET G 304 58.33 25.06 8.46
CA MET G 304 58.14 25.16 9.90
C MET G 304 56.67 25.37 10.23
N TYR G 305 56.11 24.53 11.07
CA TYR G 305 54.69 24.54 11.32
C TYR G 305 54.12 25.78 11.86
N TYR G 306 53.18 26.35 11.14
CA TYR G 306 52.48 27.57 11.57
C TYR G 306 50.99 27.34 11.84
N ASN G 307 50.22 26.95 10.84
CA ASN G 307 48.76 26.87 10.97
C ASN G 307 48.31 25.42 11.12
N SER G 308 48.70 24.80 12.22
CA SER G 308 48.42 23.40 12.46
C SER G 308 47.69 23.22 13.79
N GLY G 309 47.54 21.95 14.18
CA GLY G 309 46.85 21.61 15.41
C GLY G 309 47.80 21.30 16.54
N GLY G 310 48.06 20.01 16.77
CA GLY G 310 48.91 19.62 17.88
C GLY G 310 50.33 20.17 17.77
N ASN G 311 50.88 20.16 16.56
CA ASN G 311 52.23 20.70 16.34
C ASN G 311 52.16 22.21 16.50
N LEU G 312 52.56 22.69 17.68
CA LEU G 312 52.38 24.08 18.06
C LEU G 312 53.74 24.78 18.18
N GLY G 313 53.67 26.07 18.44
CA GLY G 313 54.86 26.91 18.55
C GLY G 313 54.86 27.77 19.80
N VAL G 314 54.41 27.22 20.92
CA VAL G 314 54.11 28.03 22.09
C VAL G 314 55.33 28.85 22.50
N LEU G 315 55.08 30.12 22.84
CA LEU G 315 56.08 31.00 23.43
C LEU G 315 55.48 31.60 24.69
N ALA G 316 56.13 31.34 25.82
CA ALA G 316 55.58 31.77 27.10
C ALA G 316 56.71 31.79 28.13
N GLY G 317 56.39 32.33 29.30
CA GLY G 317 57.33 32.28 30.41
C GLY G 317 57.45 30.88 30.97
N GLN G 318 58.54 30.65 31.70
CA GLN G 318 58.82 29.34 32.25
C GLN G 318 57.84 28.94 33.35
N SER G 319 57.04 29.86 33.85
CA SER G 319 56.11 29.57 34.94
C SER G 319 54.76 30.21 34.68
N SER G 320 54.26 30.10 33.44
CA SER G 320 53.03 30.77 33.05
C SER G 320 51.94 29.80 32.60
N GLN G 321 52.27 28.83 31.75
CA GLN G 321 51.32 27.98 31.04
C GLN G 321 50.43 28.76 30.07
N LEU G 322 50.72 30.02 29.84
CA LEU G 322 49.91 30.89 29.00
C LEU G 322 50.67 31.13 27.69
N ASN G 323 50.38 30.30 26.69
CA ASN G 323 51.00 30.47 25.38
C ASN G 323 50.62 31.82 24.79
N ALA G 324 51.63 32.55 24.29
CA ALA G 324 51.41 33.82 23.64
C ALA G 324 51.20 33.70 22.14
N VAL G 325 51.20 32.48 21.61
CA VAL G 325 51.00 32.23 20.19
C VAL G 325 49.72 31.42 20.03
N VAL G 326 48.70 32.02 19.43
CA VAL G 326 47.47 31.32 19.14
C VAL G 326 47.37 31.10 17.64
N ASP G 327 47.05 29.87 17.24
CA ASP G 327 46.87 29.53 15.83
C ASP G 327 45.52 28.84 15.70
N LEU G 328 44.65 29.37 14.85
CA LEU G 328 43.26 28.91 14.77
C LEU G 328 42.88 28.47 13.36
N GLN G 329 43.87 28.20 12.50
CA GLN G 329 43.68 27.51 11.23
C GLN G 329 42.95 28.35 10.19
N ASP G 330 42.46 29.53 10.58
CA ASP G 330 41.88 30.46 9.63
C ASP G 330 42.88 31.50 9.16
N ARG G 331 43.93 31.73 9.94
CA ARG G 331 45.02 32.60 9.51
C ARG G 331 45.87 31.90 8.47
N ASN G 332 46.45 32.69 7.56
CA ASN G 332 47.44 32.19 6.61
C ASN G 332 48.66 33.09 6.77
N THR G 333 49.50 32.76 7.75
CA THR G 333 50.65 33.60 8.04
C THR G 333 51.76 33.46 7.01
N GLU G 334 51.81 32.35 6.27
CA GLU G 334 52.79 32.24 5.19
C GLU G 334 52.47 33.24 4.08
N LEU G 335 51.22 33.26 3.62
CA LEU G 335 50.81 34.27 2.64
C LEU G 335 50.89 35.66 3.22
N SER G 336 50.63 35.81 4.52
CA SER G 336 50.76 37.12 5.16
C SER G 336 52.19 37.63 5.06
N TYR G 337 53.16 36.77 5.39
CA TYR G 337 54.56 37.15 5.30
C TYR G 337 54.96 37.43 3.85
N GLN G 338 54.46 36.64 2.91
CA GLN G 338 54.77 36.87 1.50
C GLN G 338 54.29 38.25 1.07
N MET G 339 53.04 38.58 1.38
CA MET G 339 52.50 39.90 1.02
C MET G 339 53.26 41.01 1.73
N LEU G 340 53.57 40.81 3.01
CA LEU G 340 54.28 41.83 3.77
C LEU G 340 55.64 42.12 3.16
N LEU G 341 56.39 41.07 2.80
CA LEU G 341 57.69 41.29 2.18
C LEU G 341 57.54 41.98 0.83
N ALA G 342 56.63 41.47 -0.02
CA ALA G 342 56.47 42.03 -1.35
C ALA G 342 56.05 43.50 -1.30
N ASN G 343 55.35 43.90 -0.24
CA ASN G 343 54.92 45.29 -0.13
C ASN G 343 55.97 46.18 0.54
N THR G 344 56.71 45.66 1.52
CA THR G 344 57.71 46.47 2.19
C THR G 344 58.96 46.65 1.34
N THR G 345 59.62 45.54 0.98
CA THR G 345 60.87 45.64 0.25
C THR G 345 60.65 45.41 -1.23
N ASP G 346 61.64 45.80 -2.02
CA ASP G 346 61.63 45.58 -3.47
C ASP G 346 62.12 44.16 -3.71
N ARG G 347 61.19 43.21 -3.65
CA ARG G 347 61.53 41.79 -3.70
C ARG G 347 61.83 41.35 -5.13
N SER G 348 62.91 41.90 -5.66
CA SER G 348 63.49 41.47 -6.93
C SER G 348 64.95 41.12 -6.81
N ARG G 349 65.57 41.33 -5.65
CA ARG G 349 66.95 40.98 -5.39
C ARG G 349 67.00 39.78 -4.46
N TYR G 350 67.88 38.83 -4.77
CA TYR G 350 67.94 37.58 -4.04
C TYR G 350 68.75 37.74 -2.77
N PHE G 351 68.14 37.40 -1.63
CA PHE G 351 68.81 37.40 -0.34
C PHE G 351 68.96 35.94 0.10
N SER G 352 70.19 35.45 0.09
CA SER G 352 70.44 34.03 0.30
C SER G 352 70.15 33.58 1.72
N MET G 353 70.16 34.50 2.70
CA MET G 353 70.02 34.10 4.09
C MET G 353 68.64 33.50 4.35
N TRP G 354 67.59 34.15 3.86
CA TRP G 354 66.22 33.68 4.04
C TRP G 354 65.67 32.97 2.82
N ASN G 355 66.51 32.68 1.82
CA ASN G 355 66.06 32.21 0.52
C ASN G 355 65.01 33.14 -0.09
N GLN G 356 65.26 34.44 0.01
CA GLN G 356 64.36 35.43 -0.57
C GLN G 356 64.52 35.40 -2.08
N ALA G 357 63.69 34.58 -2.75
CA ALA G 357 63.76 34.45 -4.21
C ALA G 357 62.34 34.22 -4.70
N MET G 358 61.71 35.27 -5.23
CA MET G 358 60.36 35.14 -5.74
C MET G 358 60.28 34.08 -6.83
N ASP G 359 59.31 33.18 -6.69
CA ASP G 359 58.98 32.29 -7.79
C ASP G 359 58.51 33.12 -8.97
N SER G 360 59.22 33.03 -10.08
CA SER G 360 58.91 33.86 -11.24
C SER G 360 58.71 33.02 -12.48
N TYR G 361 58.47 33.68 -13.61
CA TYR G 361 58.27 33.01 -14.88
C TYR G 361 58.66 33.95 -16.00
N ASP G 362 59.25 33.41 -17.05
CA ASP G 362 59.67 34.23 -18.16
C ASP G 362 58.44 34.78 -18.89
N PRO G 363 58.32 36.10 -19.05
CA PRO G 363 57.13 36.65 -19.72
C PRO G 363 56.95 36.11 -21.13
N GLU G 364 58.03 35.98 -21.90
CA GLU G 364 57.91 35.46 -23.26
C GLU G 364 57.69 33.97 -23.32
N VAL G 365 57.78 33.28 -22.18
CA VAL G 365 57.39 31.88 -22.08
C VAL G 365 55.93 31.76 -21.67
N ARG G 366 55.48 32.60 -20.74
CA ARG G 366 54.07 32.58 -20.33
C ARG G 366 53.18 33.01 -21.48
N VAL G 367 53.49 34.14 -22.12
CA VAL G 367 52.79 34.58 -23.32
C VAL G 367 53.80 34.57 -24.46
N ILE G 368 53.49 33.81 -25.51
CA ILE G 368 54.44 33.57 -26.60
C ILE G 368 54.29 34.70 -27.60
N ASP G 369 55.21 35.66 -27.56
CA ASP G 369 55.25 36.77 -28.52
C ASP G 369 55.90 36.29 -29.82
N ASN G 370 55.11 35.57 -30.62
CA ASN G 370 55.60 34.98 -31.85
C ASN G 370 55.82 36.10 -32.87
N VAL G 371 56.90 36.86 -32.63
CA VAL G 371 57.26 37.98 -33.48
C VAL G 371 57.98 37.54 -34.75
N GLY G 372 58.26 36.25 -34.89
CA GLY G 372 58.96 35.72 -36.03
C GLY G 372 60.30 35.16 -35.62
N VAL G 373 61.16 34.94 -36.62
CA VAL G 373 62.47 34.36 -36.39
C VAL G 373 63.61 35.21 -36.91
N GLU G 374 63.37 36.14 -37.83
CA GLU G 374 64.38 37.07 -38.33
C GLU G 374 65.51 36.32 -39.04
N ASP G 375 65.13 35.45 -40.00
CA ASP G 375 66.09 34.70 -40.79
C ASP G 375 66.13 35.29 -42.21
N GLU G 376 67.05 36.22 -42.41
CA GLU G 376 67.08 36.95 -43.67
C GLU G 376 68.21 36.49 -44.59
N MET G 377 69.25 35.85 -44.06
CA MET G 377 70.28 35.26 -44.88
C MET G 377 70.46 33.79 -44.52
N PRO G 378 71.00 32.98 -45.43
CA PRO G 378 71.38 31.61 -45.08
C PRO G 378 72.63 31.57 -44.21
N ASN G 379 73.06 30.37 -43.82
CA ASN G 379 74.17 30.21 -42.88
C ASN G 379 75.36 29.50 -43.49
N TYR G 380 75.14 28.42 -44.25
CA TYR G 380 76.16 27.82 -45.10
C TYR G 380 77.38 27.34 -44.32
N CYS G 381 77.17 26.32 -43.51
CA CYS G 381 78.30 25.58 -42.98
C CYS G 381 79.12 25.03 -44.14
N PHE G 382 80.43 25.24 -44.07
CA PHE G 382 81.35 24.95 -45.17
C PHE G 382 82.32 23.85 -44.80
N PRO G 383 82.80 23.08 -45.78
CA PRO G 383 83.70 21.96 -45.47
C PRO G 383 84.95 22.45 -44.77
N LEU G 384 85.42 21.63 -43.82
CA LEU G 384 86.63 21.99 -43.08
C LEU G 384 87.84 22.13 -44.00
N SER G 385 87.87 21.33 -45.06
CA SER G 385 88.91 21.48 -46.07
C SER G 385 88.67 22.78 -46.84
N GLY G 386 89.54 23.09 -47.79
CA GLY G 386 89.37 24.31 -48.54
C GLY G 386 88.30 24.22 -49.59
N VAL G 387 88.47 23.28 -50.53
CA VAL G 387 87.65 23.27 -51.74
C VAL G 387 87.02 21.90 -51.97
N GLN G 388 86.71 21.17 -50.90
CA GLN G 388 86.08 19.85 -51.00
C GLN G 388 86.98 18.89 -51.78
N ILE G 389 88.07 18.50 -51.10
CA ILE G 389 89.17 17.78 -51.76
C ILE G 389 88.68 16.40 -52.17
N GLY G 390 88.31 16.26 -53.43
CA GLY G 390 87.84 15.01 -53.99
C GLY G 390 88.68 14.52 -55.15
N ASN G 391 88.15 14.64 -56.36
CA ASN G 391 88.84 14.19 -57.55
C ASN G 391 90.07 15.04 -57.83
N ARG G 392 91.06 14.43 -58.49
CA ARG G 392 92.32 15.07 -58.81
C ARG G 392 92.32 15.56 -60.26
N SER G 393 93.11 16.60 -60.51
CA SER G 393 93.18 17.22 -61.83
C SER G 393 94.62 17.41 -62.23
N HIS G 394 94.85 17.43 -63.55
CA HIS G 394 96.19 17.55 -64.12
C HIS G 394 96.42 18.95 -64.66
N GLU G 395 97.69 19.29 -64.81
CA GLU G 395 98.11 20.58 -65.36
C GLU G 395 98.56 20.40 -66.80
N VAL G 396 98.19 21.35 -67.66
CA VAL G 396 98.46 21.28 -69.09
C VAL G 396 99.22 22.52 -69.53
N GLN G 397 99.64 22.51 -70.80
CA GLN G 397 100.45 23.59 -71.34
C GLN G 397 100.45 23.49 -72.87
N ARG G 398 100.32 24.64 -73.53
CA ARG G 398 100.40 24.71 -74.98
C ARG G 398 101.83 24.45 -75.44
N ASN G 399 102.05 23.33 -76.13
CA ASN G 399 103.37 23.05 -76.68
C ASN G 399 103.46 23.53 -78.14
N GLN G 400 102.67 22.93 -79.02
CA GLN G 400 102.60 23.39 -80.41
C GLN G 400 101.18 23.85 -80.79
N GLN G 401 100.19 22.97 -80.69
CA GLN G 401 98.81 23.34 -80.97
C GLN G 401 97.81 22.67 -80.04
N GLN G 402 98.26 21.88 -79.07
CA GLN G 402 97.37 21.16 -78.17
C GLN G 402 97.87 21.34 -76.74
N TRP G 403 97.14 20.71 -75.80
CA TRP G 403 97.45 20.82 -74.38
C TRP G 403 98.06 19.50 -73.93
N GLN G 404 99.34 19.53 -73.56
CA GLN G 404 100.03 18.35 -73.06
C GLN G 404 100.19 18.45 -71.55
N ASN G 405 100.01 17.33 -70.86
CA ASN G 405 100.09 17.31 -69.41
C ASN G 405 101.50 17.65 -68.95
N VAL G 406 101.59 18.50 -67.93
CA VAL G 406 102.88 18.87 -67.36
C VAL G 406 103.45 17.69 -66.59
N ALA G 407 104.75 17.47 -66.74
CA ALA G 407 105.40 16.32 -66.11
C ALA G 407 105.32 16.42 -64.60
N ASN G 408 105.04 15.28 -63.97
CA ASN G 408 104.91 15.13 -62.51
C ASN G 408 104.20 16.32 -61.87
N SER G 409 103.07 16.71 -62.46
CA SER G 409 102.26 17.81 -61.97
C SER G 409 100.79 17.42 -61.99
N ASP G 410 100.48 16.20 -61.58
CA ASP G 410 99.12 15.67 -61.60
C ASP G 410 98.57 15.49 -60.19
N ASN G 411 98.89 16.42 -59.29
CA ASN G 411 98.42 16.37 -57.91
C ASN G 411 97.55 17.56 -57.54
N ASN G 412 97.11 18.36 -58.52
CA ASN G 412 96.28 19.51 -58.22
C ASN G 412 94.89 19.07 -57.79
N TYR G 413 94.28 19.85 -56.90
CA TYR G 413 92.95 19.59 -56.37
C TYR G 413 92.07 20.79 -56.68
N ILE G 414 91.30 20.70 -57.76
CA ILE G 414 90.47 21.80 -58.24
C ILE G 414 89.06 21.28 -58.47
N GLY G 415 88.07 22.01 -57.95
CA GLY G 415 86.68 21.71 -58.21
C GLY G 415 85.92 22.91 -58.72
N LYS G 416 85.44 22.85 -59.96
CA LYS G 416 84.79 24.01 -60.57
C LYS G 416 83.48 24.34 -59.87
N GLY G 417 83.13 25.62 -59.90
CA GLY G 417 81.90 26.10 -59.30
C GLY G 417 82.12 26.68 -57.92
N ASN G 418 81.02 27.13 -57.32
CA ASN G 418 81.07 27.70 -55.99
C ASN G 418 81.34 26.61 -54.96
N LEU G 419 81.61 27.04 -53.72
CA LEU G 419 81.88 26.10 -52.66
C LEU G 419 80.66 25.24 -52.37
N PRO G 420 80.83 23.93 -52.22
CA PRO G 420 79.72 23.11 -51.73
C PRO G 420 79.32 23.55 -50.32
N ALA G 421 78.03 23.62 -50.08
CA ALA G 421 77.54 24.15 -48.81
C ALA G 421 76.15 23.60 -48.56
N MET G 422 75.58 23.99 -47.42
CA MET G 422 74.27 23.50 -47.02
C MET G 422 73.76 24.30 -45.82
N GLU G 423 72.47 24.64 -45.87
CA GLU G 423 71.88 25.63 -44.97
C GLU G 423 71.53 25.02 -43.62
N ILE G 424 71.45 25.90 -42.62
CA ILE G 424 71.06 25.47 -41.29
C ILE G 424 69.94 26.34 -40.81
N ASN G 425 69.78 27.54 -41.36
CA ASN G 425 68.79 28.48 -40.82
C ASN G 425 68.87 28.48 -39.33
N LEU G 426 69.87 29.13 -38.78
CA LEU G 426 70.07 29.09 -37.36
C LEU G 426 68.88 29.71 -36.70
N ALA G 427 68.53 30.91 -37.09
CA ALA G 427 67.45 31.60 -36.44
C ALA G 427 66.32 30.68 -36.13
N ALA G 428 65.58 30.30 -37.15
CA ALA G 428 64.43 29.47 -36.91
C ALA G 428 64.83 28.38 -36.02
N ASN G 429 65.94 27.72 -36.30
CA ASN G 429 66.26 26.58 -35.45
C ASN G 429 66.30 26.98 -33.98
N LEU G 430 66.93 28.11 -33.68
CA LEU G 430 67.00 28.58 -32.30
C LEU G 430 65.62 28.90 -31.75
N TRP G 431 64.80 29.60 -32.55
CA TRP G 431 63.46 29.93 -32.09
C TRP G 431 62.63 28.69 -31.83
N ARG G 432 62.71 27.70 -32.73
CA ARG G 432 61.92 26.50 -32.53
C ARG G 432 62.41 25.69 -31.33
N SER G 433 63.73 25.63 -31.13
CA SER G 433 64.25 24.94 -29.96
C SER G 433 63.77 25.59 -28.68
N PHE G 434 63.85 26.93 -28.62
CA PHE G 434 63.34 27.67 -27.47
C PHE G 434 61.86 27.36 -27.24
N LEU G 435 61.05 27.50 -28.29
CA LEU G 435 59.60 27.35 -28.14
C LEU G 435 59.25 25.93 -27.71
N TYR G 436 59.88 24.93 -28.33
CA TYR G 436 59.62 23.55 -27.94
C TYR G 436 59.99 23.33 -26.48
N SER G 437 61.27 23.52 -26.15
CA SER G 437 61.75 23.17 -24.82
C SER G 437 61.13 24.00 -23.72
N ASN G 438 60.44 25.10 -24.05
CA ASN G 438 59.81 25.91 -23.02
C ASN G 438 58.29 25.86 -23.01
N VAL G 439 57.64 25.30 -24.03
CA VAL G 439 56.18 25.24 -24.02
C VAL G 439 55.69 23.81 -24.19
N ALA G 440 56.26 23.09 -25.16
CA ALA G 440 55.73 21.78 -25.50
C ALA G 440 55.93 20.78 -24.37
N LEU G 441 57.11 20.81 -23.74
CA LEU G 441 57.36 19.90 -22.63
C LEU G 441 56.46 20.16 -21.44
N TYR G 442 56.01 21.40 -21.26
CA TYR G 442 55.15 21.77 -20.14
C TYR G 442 53.67 21.76 -20.52
N LEU G 443 53.36 21.45 -21.78
CA LEU G 443 51.98 21.16 -22.14
C LEU G 443 51.34 20.18 -21.17
N PRO G 444 50.02 20.24 -20.99
CA PRO G 444 49.35 19.32 -20.06
C PRO G 444 49.52 17.87 -20.50
N ASP G 445 49.37 16.97 -19.54
CA ASP G 445 49.66 15.56 -19.79
C ASP G 445 48.74 14.95 -20.84
N ASN G 446 47.47 15.37 -20.86
CA ASN G 446 46.53 14.82 -21.83
C ASN G 446 46.87 15.18 -23.27
N LEU G 447 47.76 16.15 -23.49
CA LEU G 447 48.22 16.50 -24.82
C LEU G 447 49.54 15.84 -25.18
N LYS G 448 50.00 14.90 -24.36
CA LYS G 448 51.27 14.23 -24.57
C LYS G 448 51.04 12.73 -24.73
N PHE G 449 51.90 12.08 -25.51
CA PHE G 449 51.80 10.66 -25.80
C PHE G 449 53.03 9.95 -25.26
N THR G 450 52.85 8.71 -24.86
CA THR G 450 54.01 7.88 -24.52
C THR G 450 54.61 7.29 -25.80
N PRO G 451 55.92 7.34 -25.97
CA PRO G 451 56.52 6.79 -27.19
C PRO G 451 56.44 5.27 -27.21
N HIS G 452 56.56 4.72 -28.42
CA HIS G 452 56.47 3.28 -28.59
C HIS G 452 57.71 2.58 -28.05
N ASN G 453 57.52 1.32 -27.65
CA ASN G 453 58.61 0.44 -27.22
C ASN G 453 59.28 0.94 -25.95
N ILE G 454 58.57 1.71 -25.12
CA ILE G 454 59.07 2.14 -23.83
C ILE G 454 57.97 1.93 -22.79
N GLN G 455 58.40 1.75 -21.54
CA GLN G 455 57.49 1.48 -20.43
C GLN G 455 57.62 2.59 -19.40
N LEU G 456 56.48 3.00 -18.84
CA LEU G 456 56.44 4.06 -17.85
C LEU G 456 55.70 3.59 -16.61
N PRO G 457 56.05 4.12 -15.44
CA PRO G 457 55.36 3.70 -14.22
C PRO G 457 53.91 4.10 -14.27
N PRO G 458 53.03 3.29 -13.67
CA PRO G 458 51.60 3.63 -13.66
C PRO G 458 51.29 4.94 -12.96
N ASN G 459 52.06 5.32 -11.95
CA ASN G 459 51.79 6.53 -11.19
C ASN G 459 52.09 7.76 -12.05
N THR G 460 51.05 8.53 -12.36
CA THR G 460 51.21 9.68 -13.25
C THR G 460 51.98 10.82 -12.62
N ASN G 461 52.16 10.80 -11.30
CA ASN G 461 52.91 11.84 -10.62
C ASN G 461 54.41 11.56 -10.58
N THR G 462 54.84 10.38 -11.03
CA THR G 462 56.25 10.04 -10.96
C THR G 462 57.06 10.81 -11.99
N TYR G 463 58.31 11.13 -11.63
CA TYR G 463 59.20 11.82 -12.54
C TYR G 463 59.49 10.98 -13.77
N GLU G 464 59.59 9.65 -13.61
CA GLU G 464 59.83 8.79 -14.75
C GLU G 464 58.70 8.90 -15.77
N TYR G 465 57.46 8.89 -15.30
CA TYR G 465 56.32 9.06 -16.19
C TYR G 465 56.31 10.44 -16.83
N MET G 466 56.46 11.49 -16.01
CA MET G 466 56.44 12.87 -16.51
C MET G 466 57.54 13.12 -17.54
N ASN G 467 58.66 12.41 -17.43
CA ASN G 467 59.75 12.55 -18.39
C ASN G 467 59.55 11.67 -19.62
N GLY G 468 58.98 10.48 -19.43
CA GLY G 468 58.75 9.58 -20.55
C GLY G 468 57.72 10.11 -21.53
N ARG G 469 56.68 10.77 -21.02
CA ARG G 469 55.66 11.32 -21.92
C ARG G 469 56.25 12.39 -22.81
N ILE G 470 55.87 12.36 -24.08
CA ILE G 470 56.41 13.26 -25.11
C ILE G 470 55.25 14.08 -25.65
N PRO G 471 55.40 15.40 -25.81
CA PRO G 471 54.30 16.21 -26.34
C PRO G 471 53.98 15.85 -27.78
N VAL G 472 52.70 15.97 -28.14
CA VAL G 472 52.26 15.74 -29.51
C VAL G 472 52.47 17.01 -30.31
N SER G 473 53.13 16.90 -31.45
CA SER G 473 53.41 18.06 -32.29
C SER G 473 52.14 18.47 -33.04
N GLY G 474 52.22 19.63 -33.69
CA GLY G 474 51.14 20.15 -34.49
C GLY G 474 50.28 21.20 -33.83
N LEU G 475 50.34 21.30 -32.50
CA LEU G 475 49.53 22.26 -31.76
C LEU G 475 50.34 23.41 -31.16
N ILE G 476 51.59 23.16 -30.79
CA ILE G 476 52.51 24.22 -30.39
C ILE G 476 53.77 24.09 -31.25
N ASP G 477 54.18 25.20 -31.85
CA ASP G 477 55.23 25.18 -32.86
C ASP G 477 55.51 26.63 -33.27
N THR G 478 56.51 26.83 -34.12
CA THR G 478 56.80 28.17 -34.59
C THR G 478 55.90 28.55 -35.76
N TYR G 479 54.60 28.29 -35.63
CA TYR G 479 53.61 28.84 -36.54
C TYR G 479 52.29 29.17 -35.86
N VAL G 480 52.15 28.97 -34.56
CA VAL G 480 50.87 29.14 -33.89
C VAL G 480 50.75 30.57 -33.40
N ASN G 481 49.62 31.21 -33.74
CA ASN G 481 49.35 32.59 -33.33
C ASN G 481 50.51 33.51 -33.68
N ILE G 482 51.07 33.32 -34.87
CA ILE G 482 52.25 34.06 -35.26
C ILE G 482 51.89 35.50 -35.53
N GLY G 483 52.63 36.42 -34.94
CA GLY G 483 52.38 37.84 -35.07
C GLY G 483 51.62 38.48 -33.94
N THR G 484 51.40 37.76 -32.84
CA THR G 484 50.67 38.31 -31.70
C THR G 484 51.15 37.65 -30.43
N ARG G 485 50.86 38.32 -29.30
CA ARG G 485 51.12 37.76 -27.98
C ARG G 485 49.87 37.01 -27.54
N TRP G 486 49.98 35.70 -27.42
CA TRP G 486 48.82 34.88 -27.08
C TRP G 486 49.30 33.60 -26.43
N SER G 487 49.08 33.47 -25.12
CA SER G 487 49.36 32.23 -24.44
C SER G 487 48.42 31.14 -24.97
N PRO G 488 48.92 29.93 -25.21
CA PRO G 488 48.06 28.87 -25.73
C PRO G 488 46.90 28.58 -24.79
N ASP G 489 45.76 28.22 -25.38
CA ASP G 489 44.55 28.01 -24.59
C ASP G 489 44.73 26.87 -23.59
N VAL G 490 45.41 25.79 -24.00
CA VAL G 490 45.64 24.68 -23.10
C VAL G 490 46.60 25.08 -21.97
N MET G 491 47.58 25.94 -22.27
CA MET G 491 48.59 26.30 -21.29
C MET G 491 48.12 27.35 -20.31
N ASP G 492 46.92 27.90 -20.48
CA ASP G 492 46.42 28.92 -19.56
C ASP G 492 46.25 28.36 -18.16
N ASN G 493 45.58 27.22 -18.03
CA ASN G 493 45.29 26.64 -16.73
C ASN G 493 46.37 25.66 -16.31
N VAL G 494 47.61 26.11 -16.37
CA VAL G 494 48.78 25.33 -15.99
C VAL G 494 49.72 26.26 -15.24
N ASN G 495 50.21 25.81 -14.09
CA ASN G 495 51.08 26.61 -13.22
C ASN G 495 52.30 27.09 -14.01
N PRO G 496 52.39 28.40 -14.31
CA PRO G 496 53.55 28.89 -15.05
C PRO G 496 54.80 28.98 -14.21
N PHE G 497 54.66 28.97 -12.88
CA PHE G 497 55.81 29.01 -11.99
C PHE G 497 56.47 27.66 -11.81
N ASN G 498 55.83 26.60 -12.31
CA ASN G 498 56.43 25.26 -12.33
C ASN G 498 57.17 25.05 -13.65
N HIS G 499 58.21 25.85 -13.85
CA HIS G 499 58.94 25.90 -15.09
C HIS G 499 60.43 25.88 -14.81
N HIS G 500 61.21 25.34 -15.77
CA HIS G 500 62.63 25.14 -15.51
C HIS G 500 63.42 26.44 -15.45
N ARG G 501 62.97 27.47 -16.18
CA ARG G 501 63.62 28.77 -16.11
C ARG G 501 62.96 29.69 -15.09
N ASN G 502 62.30 29.11 -14.09
CA ASN G 502 61.87 29.86 -12.92
C ASN G 502 63.12 30.32 -12.17
N SER G 503 63.41 31.63 -12.24
CA SER G 503 64.66 32.14 -11.69
C SER G 503 64.77 31.94 -10.19
N GLY G 504 63.69 32.18 -9.45
CA GLY G 504 63.73 31.99 -8.01
C GLY G 504 63.99 30.56 -7.60
N LEU G 505 63.27 29.62 -8.22
CA LEU G 505 63.49 28.22 -7.91
C LEU G 505 64.88 27.76 -8.33
N ARG G 506 65.36 28.26 -9.47
CA ARG G 506 66.72 27.94 -9.91
C ARG G 506 67.75 28.41 -8.89
N TYR G 507 67.61 29.65 -8.43
CA TYR G 507 68.55 30.17 -7.43
C TYR G 507 68.47 29.39 -6.14
N ARG G 508 67.25 29.07 -5.68
CA ARG G 508 67.11 28.36 -4.42
C ARG G 508 67.62 26.93 -4.52
N SER G 509 67.54 26.32 -5.70
CA SER G 509 68.07 24.97 -5.87
C SER G 509 69.59 24.98 -5.96
N GLN G 510 70.15 25.97 -6.64
CA GLN G 510 71.61 26.06 -6.72
C GLN G 510 72.23 26.54 -5.41
N LEU G 511 71.45 27.16 -4.53
CA LEU G 511 72.01 27.72 -3.31
C LEU G 511 72.51 26.64 -2.36
N LEU G 512 71.82 25.49 -2.31
CA LEU G 512 72.28 24.37 -1.49
C LEU G 512 73.01 23.32 -2.30
N GLY G 513 73.38 23.64 -3.55
CA GLY G 513 74.24 22.80 -4.34
C GLY G 513 73.47 21.88 -5.28
N ASN G 514 74.21 21.34 -6.25
CA ASN G 514 73.69 20.34 -7.17
C ASN G 514 73.71 18.97 -6.49
N GLY G 515 73.54 17.91 -7.26
CA GLY G 515 73.74 16.58 -6.71
C GLY G 515 72.56 16.04 -5.92
N ARG G 516 72.39 14.71 -5.95
CA ARG G 516 71.29 14.08 -5.26
C ARG G 516 71.36 14.32 -3.75
N PHE G 517 72.55 14.15 -3.17
CA PHE G 517 72.77 14.39 -1.76
C PHE G 517 73.34 15.79 -1.57
N CYS G 518 72.88 16.48 -0.52
CA CYS G 518 73.42 17.78 -0.18
C CYS G 518 73.29 18.00 1.32
N ASP G 519 74.15 18.85 1.85
CA ASP G 519 74.11 19.26 3.25
C ASP G 519 73.66 20.71 3.31
N PHE G 520 72.56 20.96 4.01
CA PHE G 520 71.99 22.29 4.12
C PHE G 520 72.23 22.86 5.51
N HIS G 521 72.66 24.12 5.55
CA HIS G 521 72.84 24.87 6.79
C HIS G 521 72.01 26.15 6.61
N ILE G 522 70.76 26.10 7.03
CA ILE G 522 69.79 27.14 6.74
C ILE G 522 69.40 27.85 8.02
N GLN G 523 68.92 29.08 7.87
CA GLN G 523 68.39 29.87 8.98
C GLN G 523 66.99 30.32 8.61
N VAL G 524 65.99 29.82 9.32
CA VAL G 524 64.60 30.16 9.04
C VAL G 524 64.15 31.28 9.97
N PRO G 525 63.41 32.26 9.48
CA PRO G 525 62.95 33.34 10.36
C PRO G 525 61.64 33.01 11.03
N GLN G 526 61.12 33.94 11.82
CA GLN G 526 59.82 33.80 12.46
C GLN G 526 58.81 34.67 11.72
N LYS G 527 57.67 34.10 11.35
CA LYS G 527 56.70 34.79 10.51
C LYS G 527 55.39 35.12 11.21
N PHE G 528 55.14 34.58 12.40
CA PHE G 528 53.90 34.89 13.09
C PHE G 528 53.84 36.38 13.42
N PHE G 529 52.66 36.98 13.27
CA PHE G 529 52.55 38.43 13.37
C PHE G 529 52.75 38.91 14.80
N ALA G 530 52.20 38.19 15.77
CA ALA G 530 52.29 38.61 17.17
C ALA G 530 53.65 38.34 17.79
N ILE G 531 54.51 37.58 17.11
CA ILE G 531 55.81 37.21 17.65
C ILE G 531 56.97 37.85 16.89
N ARG G 532 56.86 38.00 15.57
CA ARG G 532 57.99 38.41 14.76
C ARG G 532 58.54 39.77 15.20
N ASN G 533 57.67 40.74 15.38
CA ASN G 533 58.09 42.09 15.72
C ASN G 533 58.02 42.38 17.22
N LEU G 534 57.72 41.38 18.02
CA LEU G 534 57.58 41.58 19.46
C LEU G 534 58.94 41.92 20.08
N LEU G 535 58.92 42.85 21.03
CA LEU G 535 60.11 43.24 21.78
C LEU G 535 60.04 42.61 23.16
N LEU G 536 60.91 41.63 23.40
CA LEU G 536 60.85 40.84 24.63
C LEU G 536 61.60 41.55 25.76
N LEU G 537 60.97 41.63 26.92
CA LEU G 537 61.54 42.26 28.10
C LEU G 537 62.32 41.23 28.90
N PRO G 538 63.07 41.66 29.93
CA PRO G 538 63.85 40.70 30.71
C PRO G 538 62.99 39.59 31.31
N GLY G 539 63.55 38.40 31.35
CA GLY G 539 62.87 37.24 31.90
C GLY G 539 63.34 35.97 31.20
N THR G 540 62.78 34.86 31.66
CA THR G 540 63.05 33.55 31.08
C THR G 540 61.82 33.05 30.35
N TYR G 541 61.97 32.71 29.08
CA TYR G 541 60.86 32.34 28.22
C TYR G 541 61.14 31.00 27.56
N THR G 542 60.09 30.21 27.36
CA THR G 542 60.18 28.97 26.59
C THR G 542 59.69 29.23 25.18
N TYR G 543 60.42 28.73 24.20
CA TYR G 543 60.18 29.06 22.80
C TYR G 543 60.24 27.81 21.93
N GLU G 544 59.56 26.74 22.35
CA GLU G 544 59.57 25.53 21.55
C GLU G 544 58.79 25.75 20.26
N TRP G 545 59.33 25.22 19.17
CA TRP G 545 58.63 25.21 17.90
C TRP G 545 58.90 23.88 17.21
N SER G 546 57.95 23.44 16.39
CA SER G 546 58.05 22.17 15.68
C SER G 546 58.22 22.46 14.19
N PHE G 547 59.24 21.86 13.60
CA PHE G 547 59.53 22.04 12.18
C PHE G 547 58.96 20.87 11.38
N ARG G 548 58.40 21.18 10.22
CA ARG G 548 57.84 20.16 9.35
C ARG G 548 58.95 19.29 8.79
N LYS G 549 58.61 18.03 8.50
CA LYS G 549 59.53 17.11 7.85
C LYS G 549 58.94 16.52 6.57
N ASP G 550 57.73 16.89 6.20
CA ASP G 550 57.15 16.42 4.94
C ASP G 550 57.88 17.03 3.76
N VAL G 551 58.36 16.17 2.86
CA VAL G 551 59.21 16.63 1.76
C VAL G 551 58.42 17.49 0.79
N ASN G 552 57.19 17.10 0.48
CA ASN G 552 56.39 17.85 -0.48
C ASN G 552 56.19 19.29 -0.02
N MET G 553 55.89 19.49 1.26
CA MET G 553 55.73 20.84 1.78
C MET G 553 57.07 21.55 1.91
N ILE G 554 58.13 20.84 2.30
CA ILE G 554 59.43 21.47 2.47
C ILE G 554 60.04 21.83 1.12
N LEU G 555 60.28 20.82 0.28
CA LEU G 555 61.03 21.01 -0.95
C LEU G 555 60.09 21.36 -2.10
N GLN G 556 60.67 21.99 -3.13
CA GLN G 556 59.95 22.44 -4.30
C GLN G 556 60.71 22.07 -5.55
N SER G 557 59.98 21.66 -6.59
CA SER G 557 60.58 21.24 -7.85
C SER G 557 59.82 21.88 -9.01
N THR G 558 60.52 22.04 -10.14
CA THR G 558 59.88 22.62 -11.31
C THR G 558 58.74 21.74 -11.81
N LEU G 559 58.93 20.43 -11.80
CA LEU G 559 57.86 19.50 -12.11
C LEU G 559 57.08 19.18 -10.85
N GLY G 560 55.76 19.16 -10.95
CA GLY G 560 54.92 18.83 -9.81
C GLY G 560 54.90 17.35 -9.52
N ASN G 561 56.07 16.74 -9.38
CA ASN G 561 56.17 15.31 -9.17
C ASN G 561 56.18 14.99 -7.68
N ASP G 562 55.45 13.95 -7.30
CA ASP G 562 55.40 13.51 -5.92
C ASP G 562 56.81 13.13 -5.46
N LEU G 563 57.21 13.64 -4.29
CA LEU G 563 58.54 13.37 -3.78
C LEU G 563 58.57 12.28 -2.72
N ARG G 564 57.42 11.92 -2.14
CA ARG G 564 57.38 10.75 -1.27
C ARG G 564 57.75 9.49 -2.04
N VAL G 565 57.20 9.32 -3.24
CA VAL G 565 57.50 8.16 -4.06
C VAL G 565 58.95 8.17 -4.50
N ASP G 566 59.44 9.33 -4.95
CA ASP G 566 60.81 9.43 -5.42
C ASP G 566 61.81 9.17 -4.30
N GLY G 567 61.52 9.66 -3.10
CA GLY G 567 62.37 9.39 -1.96
C GLY G 567 63.35 10.51 -1.69
N ALA G 568 63.09 11.30 -0.65
CA ALA G 568 63.98 12.40 -0.30
C ALA G 568 64.57 12.26 1.10
N THR G 569 63.74 11.98 2.11
CA THR G 569 64.18 11.69 3.47
C THR G 569 65.08 12.80 4.01
N VAL G 570 64.47 13.98 4.17
CA VAL G 570 65.18 15.10 4.78
C VAL G 570 65.56 14.74 6.20
N ASN G 571 66.85 14.86 6.52
CA ASN G 571 67.38 14.51 7.82
C ASN G 571 67.89 15.77 8.51
N ILE G 572 67.41 16.02 9.72
CA ILE G 572 67.75 17.22 10.47
C ILE G 572 68.75 16.82 11.56
N THR G 573 69.99 17.24 11.40
CA THR G 573 71.03 16.88 12.38
C THR G 573 70.86 17.65 13.68
N SER G 574 70.64 18.96 13.59
CA SER G 574 70.55 19.78 14.79
C SER G 574 69.78 21.05 14.47
N VAL G 575 69.18 21.63 15.52
CA VAL G 575 68.47 22.90 15.44
C VAL G 575 68.93 23.77 16.60
N ASN G 576 69.29 25.02 16.29
CA ASN G 576 69.74 25.97 17.30
C ASN G 576 68.98 27.28 17.15
N LEU G 577 68.74 27.94 18.27
CA LEU G 577 68.07 29.22 18.30
C LEU G 577 69.11 30.31 18.53
N TYR G 578 69.23 31.22 17.57
CA TYR G 578 70.18 32.32 17.65
C TYR G 578 69.44 33.62 17.91
N ALA G 579 70.00 34.46 18.77
CA ALA G 579 69.43 35.76 19.09
C ALA G 579 70.54 36.79 19.22
N SER G 580 70.22 38.03 18.88
CA SER G 580 71.16 39.14 19.00
C SER G 580 70.56 40.18 19.93
N PHE G 581 71.34 40.59 20.92
CA PHE G 581 70.91 41.56 21.93
C PHE G 581 71.63 42.88 21.69
N PHE G 582 70.87 43.95 21.60
CA PHE G 582 71.48 45.27 21.46
C PHE G 582 72.25 45.62 22.74
N PRO G 583 73.49 46.09 22.63
CA PRO G 583 74.27 46.40 23.84
C PRO G 583 74.02 47.81 24.34
N MET G 584 72.84 48.02 24.92
CA MET G 584 72.47 49.29 25.52
C MET G 584 72.78 49.28 27.01
N SER G 585 73.11 50.46 27.54
CA SER G 585 73.57 50.55 28.93
C SER G 585 72.52 50.01 29.88
N HIS G 586 72.97 49.52 31.03
CA HIS G 586 72.07 48.93 32.00
C HIS G 586 71.07 49.95 32.53
N ASN G 587 71.49 51.20 32.71
CA ASN G 587 70.57 52.23 33.19
C ASN G 587 69.41 52.45 32.23
N THR G 588 69.74 52.68 30.95
CA THR G 588 68.67 52.92 29.98
C THR G 588 67.87 51.65 29.71
N ALA G 589 68.49 50.48 29.84
CA ALA G 589 67.74 49.23 29.67
C ALA G 589 66.73 49.05 30.79
N SER G 590 67.13 49.34 32.03
CA SER G 590 66.19 49.27 33.15
C SER G 590 65.08 50.31 33.00
N THR G 591 65.44 51.52 32.55
CA THR G 591 64.42 52.54 32.33
C THR G 591 63.41 52.10 31.28
N LEU G 592 63.90 51.60 30.13
CA LEU G 592 63.01 51.16 29.07
C LEU G 592 62.16 49.97 29.52
N GLU G 593 62.75 49.05 30.27
CA GLU G 593 61.99 47.91 30.77
C GLU G 593 60.87 48.37 31.70
N ALA G 594 61.21 49.14 32.73
CA ALA G 594 60.21 49.61 33.68
C ALA G 594 59.16 50.50 33.03
N MET G 595 59.50 51.14 31.91
CA MET G 595 58.54 51.97 31.21
C MET G 595 57.66 51.18 30.25
N LEU G 596 58.15 50.05 29.74
CA LEU G 596 57.35 49.19 28.89
C LEU G 596 56.57 48.15 29.68
N ARG G 597 56.82 48.02 30.97
CA ARG G 597 56.01 47.16 31.83
C ARG G 597 54.68 47.80 32.20
N ASN G 598 54.45 49.04 31.76
CA ASN G 598 53.21 49.75 32.08
C ASN G 598 52.03 49.13 31.35
N ASP G 599 50.83 49.41 31.86
CA ASP G 599 49.61 48.94 31.23
C ASP G 599 49.27 49.69 29.94
N THR G 600 49.79 50.90 29.78
CA THR G 600 49.51 51.69 28.59
C THR G 600 50.54 51.50 27.50
N ASN G 601 51.76 51.14 27.86
CA ASN G 601 52.82 50.90 26.87
C ASN G 601 52.79 49.44 26.41
N ASP G 602 51.64 49.05 25.89
CA ASP G 602 51.42 47.68 25.43
C ASP G 602 51.67 47.61 23.93
N GLN G 603 52.54 46.69 23.52
CA GLN G 603 52.81 46.51 22.10
C GLN G 603 51.62 45.84 21.43
N SER G 604 51.19 46.38 20.31
CA SER G 604 50.05 45.86 19.56
C SER G 604 50.50 45.55 18.13
N PHE G 605 50.15 44.36 17.66
CA PHE G 605 50.54 43.91 16.33
C PHE G 605 49.32 43.44 15.57
N ASN G 606 49.41 43.50 14.25
CA ASN G 606 48.33 43.09 13.37
C ASN G 606 48.89 42.23 12.25
N ASP G 607 48.18 41.16 11.91
CA ASP G 607 48.54 40.36 10.75
C ASP G 607 48.42 41.21 9.50
N TYR G 608 49.44 41.13 8.63
CA TYR G 608 49.41 41.95 7.42
C TYR G 608 48.25 41.55 6.52
N LEU G 609 48.09 40.25 6.27
CA LEU G 609 46.96 39.78 5.48
C LEU G 609 45.65 40.04 6.20
N SER G 610 45.58 39.69 7.48
CA SER G 610 44.40 39.92 8.31
C SER G 610 43.13 39.44 7.62
N ALA G 611 43.08 38.12 7.41
CA ALA G 611 42.00 37.53 6.63
C ALA G 611 41.49 36.27 7.29
N ALA G 612 40.24 35.94 6.99
CA ALA G 612 39.64 34.67 7.37
C ALA G 612 39.66 33.79 6.13
N ASN G 613 40.69 32.97 6.04
CA ASN G 613 40.86 32.17 4.87
C ASN G 613 39.94 31.01 4.80
N MET G 614 39.00 31.04 3.88
CA MET G 614 38.08 29.97 3.71
C MET G 614 38.23 29.40 2.32
N LEU G 615 38.53 28.11 2.19
CA LEU G 615 38.68 27.48 0.89
C LEU G 615 37.52 26.56 0.61
N TYR G 616 36.68 26.88 -0.35
CA TYR G 616 35.51 26.08 -0.62
C TYR G 616 35.72 25.24 -1.87
N PRO G 617 35.50 23.92 -1.81
CA PRO G 617 35.78 23.05 -2.95
C PRO G 617 34.85 23.32 -4.11
N ILE G 618 35.36 23.08 -5.36
CA ILE G 618 34.60 23.38 -6.56
C ILE G 618 34.56 22.14 -7.43
N PRO G 619 33.40 21.51 -7.64
CA PRO G 619 33.31 20.49 -8.67
C PRO G 619 33.63 21.08 -10.02
N PRO G 620 34.19 20.29 -10.94
CA PRO G 620 34.80 20.89 -12.13
C PRO G 620 33.80 21.51 -13.10
N ASN G 621 32.90 22.36 -12.57
CA ASN G 621 31.89 23.08 -13.33
C ASN G 621 31.18 24.07 -12.42
N ALA G 622 30.42 24.98 -13.04
CA ALA G 622 29.30 25.68 -12.42
C ALA G 622 29.68 26.71 -11.34
N THR G 623 28.84 26.82 -10.30
CA THR G 623 28.90 27.88 -9.32
C THR G 623 28.94 27.33 -7.89
N GLN G 624 28.79 28.21 -6.90
CA GLN G 624 28.77 27.78 -5.50
C GLN G 624 28.22 28.91 -4.65
N LEU G 625 27.76 28.57 -3.42
CA LEU G 625 27.02 29.50 -2.56
C LEU G 625 27.32 29.32 -1.07
N PRO G 626 28.26 30.07 -0.49
CA PRO G 626 28.59 29.91 0.94
C PRO G 626 27.92 30.86 1.93
N ILE G 627 28.15 30.59 3.22
CA ILE G 627 28.15 31.52 4.37
C ILE G 627 26.80 31.68 5.08
N PRO G 628 26.78 31.49 6.42
CA PRO G 628 25.60 31.82 7.23
C PRO G 628 25.63 33.22 7.83
N SER G 629 24.66 33.54 8.68
CA SER G 629 24.54 34.84 9.31
C SER G 629 25.54 35.02 10.45
N ARG G 630 25.94 36.28 10.65
CA ARG G 630 26.82 36.68 11.75
C ARG G 630 26.90 38.20 11.86
N ASN G 631 27.76 38.73 12.73
CA ASN G 631 27.90 40.19 12.92
C ASN G 631 29.06 40.75 12.14
N TRP G 632 28.79 41.46 11.05
CA TRP G 632 29.87 41.91 10.17
C TRP G 632 30.48 43.23 10.54
N ALA G 633 31.15 43.29 11.68
CA ALA G 633 31.75 44.53 12.13
C ALA G 633 33.14 44.70 11.61
N ALA G 634 33.70 45.89 11.77
CA ALA G 634 35.04 46.15 11.31
C ALA G 634 35.44 45.34 10.10
N PHE G 635 34.51 45.11 9.20
CA PHE G 635 34.80 44.37 7.98
C PHE G 635 35.56 45.25 6.99
N ARG G 636 36.37 44.62 6.16
CA ARG G 636 37.19 45.33 5.20
C ARG G 636 36.89 45.03 3.74
N GLY G 637 36.50 43.80 3.42
CA GLY G 637 36.18 43.45 2.05
C GLY G 637 36.47 41.98 1.81
N TRP G 638 36.45 41.61 0.53
CA TRP G 638 36.68 40.25 0.10
C TRP G 638 37.88 40.20 -0.83
N SER G 639 38.48 39.02 -0.94
CA SER G 639 39.58 38.78 -1.87
C SER G 639 39.48 37.33 -2.35
N LEU G 640 38.87 37.14 -3.51
CA LEU G 640 38.66 35.82 -4.08
C LEU G 640 39.78 35.43 -5.02
N THR G 641 40.09 34.14 -5.06
CA THR G 641 41.05 33.57 -5.99
C THR G 641 40.71 32.09 -6.16
N ARG G 642 41.23 31.49 -7.23
CA ARG G 642 40.97 30.10 -7.55
C ARG G 642 42.26 29.30 -7.44
N LEU G 643 42.17 28.13 -6.79
CA LEU G 643 43.31 27.24 -6.63
C LEU G 643 42.92 25.83 -7.04
N LYS G 644 43.90 25.07 -7.52
CA LYS G 644 43.71 23.66 -7.81
C LYS G 644 43.84 22.84 -6.54
N GLN G 645 42.96 21.85 -6.38
CA GLN G 645 42.99 21.02 -5.18
C GLN G 645 44.28 20.21 -5.09
N ARG G 646 44.80 19.75 -6.23
CA ARG G 646 46.03 18.96 -6.22
C ARG G 646 47.19 19.76 -5.65
N GLU G 647 47.24 21.05 -5.92
CA GLU G 647 48.34 21.91 -5.48
C GLU G 647 48.08 22.55 -4.13
N THR G 648 46.96 22.25 -3.48
CA THR G 648 46.64 22.84 -2.18
C THR G 648 46.62 21.76 -1.12
N PRO G 649 47.48 21.84 -0.10
CA PRO G 649 47.44 20.84 0.96
C PRO G 649 46.24 21.02 1.88
N ALA G 650 46.15 20.21 2.93
CA ALA G 650 45.06 20.35 3.89
C ALA G 650 45.14 21.71 4.58
N LEU G 651 43.96 22.28 4.87
CA LEU G 651 43.91 23.59 5.52
C LEU G 651 44.67 23.59 6.83
N GLY G 652 44.41 22.60 7.68
CA GLY G 652 45.20 22.43 8.89
C GLY G 652 45.37 20.97 9.27
N SER G 653 46.61 20.52 9.35
CA SER G 653 46.94 19.15 9.72
C SER G 653 48.46 19.02 9.89
N PRO G 654 48.92 18.22 10.85
CA PRO G 654 50.37 17.98 10.95
C PRO G 654 50.95 17.32 9.72
N PHE G 655 50.17 16.48 9.04
CA PHE G 655 50.65 15.76 7.87
C PHE G 655 49.48 15.60 6.90
N ASP G 656 49.78 15.71 5.61
CA ASP G 656 48.77 15.54 4.56
C ASP G 656 49.13 14.35 3.69
N PRO G 657 48.51 13.18 3.91
CA PRO G 657 48.83 12.01 3.09
C PRO G 657 48.35 12.11 1.66
N TYR G 658 47.52 13.10 1.33
CA TYR G 658 46.89 13.19 0.02
C TYR G 658 47.49 14.27 -0.86
N PHE G 659 48.65 14.82 -0.47
CA PHE G 659 49.21 15.94 -1.21
C PHE G 659 49.81 15.49 -2.54
N THR G 660 50.87 14.66 -2.47
CA THR G 660 51.48 14.06 -3.66
C THR G 660 51.80 15.10 -4.73
N TYR G 661 52.30 16.26 -4.30
CA TYR G 661 52.63 17.34 -5.21
C TYR G 661 53.79 18.12 -4.62
N SER G 662 54.69 18.61 -5.48
CA SER G 662 55.90 19.25 -4.99
C SER G 662 56.25 20.53 -5.75
N GLY G 663 55.30 21.15 -6.42
CA GLY G 663 55.52 22.42 -7.09
C GLY G 663 55.20 23.59 -6.18
N THR G 664 54.96 24.74 -6.80
CA THR G 664 54.53 25.90 -6.05
C THR G 664 53.17 25.64 -5.40
N ILE G 665 53.00 26.16 -4.19
CA ILE G 665 51.73 25.98 -3.48
C ILE G 665 50.98 27.31 -3.49
N PRO G 666 49.97 27.47 -4.34
CA PRO G 666 49.31 28.77 -4.44
C PRO G 666 48.71 29.26 -3.13
N TYR G 667 48.22 28.34 -2.28
CA TYR G 667 47.51 28.74 -1.08
C TYR G 667 48.41 29.50 -0.12
N LEU G 668 49.66 29.04 0.05
CA LEU G 668 50.53 29.58 1.10
C LEU G 668 51.88 30.06 0.55
N ASP G 669 51.98 30.32 -0.75
CA ASP G 669 53.19 30.86 -1.33
C ASP G 669 52.96 32.17 -2.05
N GLY G 670 51.70 32.58 -2.24
CA GLY G 670 51.40 33.77 -3.01
C GLY G 670 51.72 33.59 -4.48
N THR G 671 51.32 32.46 -5.04
CA THR G 671 51.60 32.10 -6.43
C THR G 671 50.26 31.71 -7.07
N PHE G 672 49.54 32.70 -7.58
CA PHE G 672 48.21 32.50 -8.13
C PHE G 672 48.23 32.71 -9.64
N TYR G 673 47.54 31.83 -10.37
CA TYR G 673 47.49 31.93 -11.81
C TYR G 673 46.11 31.66 -12.39
N LEU G 674 45.12 31.30 -11.59
CA LEU G 674 43.78 31.01 -12.07
C LEU G 674 42.81 32.15 -11.83
N SER G 675 43.30 33.34 -11.51
CA SER G 675 42.42 34.48 -11.26
C SER G 675 41.66 34.88 -12.52
N HIS G 676 42.22 34.60 -13.70
CA HIS G 676 41.57 34.99 -14.95
C HIS G 676 40.37 34.12 -15.28
N THR G 677 40.21 32.98 -14.62
CA THR G 677 39.12 32.07 -14.94
C THR G 677 37.79 32.50 -14.33
N PHE G 678 37.78 33.50 -13.45
CA PHE G 678 36.54 33.97 -12.89
C PHE G 678 35.72 34.73 -13.92
N ARG G 679 34.40 34.67 -13.77
CA ARG G 679 33.49 35.36 -14.68
C ARG G 679 32.61 36.37 -13.98
N LYS G 680 32.22 36.11 -12.74
CA LYS G 680 31.14 36.88 -12.14
C LYS G 680 31.07 36.64 -10.64
N VAL G 681 30.78 37.69 -9.89
CA VAL G 681 30.59 37.64 -8.44
C VAL G 681 29.29 38.34 -8.11
N ALA G 682 28.54 37.79 -7.15
CA ALA G 682 27.27 38.38 -6.73
C ALA G 682 27.18 38.28 -5.21
N ILE G 683 27.43 39.39 -4.52
CA ILE G 683 27.35 39.45 -3.07
C ILE G 683 25.93 39.83 -2.68
N GLN G 684 25.41 39.19 -1.64
CA GLN G 684 24.06 39.45 -1.18
C GLN G 684 23.99 39.33 0.34
N PHE G 685 23.40 40.33 0.98
CA PHE G 685 23.22 40.32 2.42
C PHE G 685 21.77 39.99 2.76
N ASP G 686 21.60 39.06 3.71
CA ASP G 686 20.28 38.61 4.15
C ASP G 686 19.47 38.01 3.00
N SER G 687 20.16 37.47 2.00
CA SER G 687 19.60 36.67 0.93
C SER G 687 18.80 37.51 -0.09
N SER G 688 18.62 38.79 0.19
CA SER G 688 17.94 39.63 -0.80
C SER G 688 18.68 40.93 -1.09
N VAL G 689 19.28 41.55 -0.08
CA VAL G 689 19.90 42.86 -0.25
C VAL G 689 21.26 42.65 -0.89
N THR G 690 21.38 42.97 -2.17
CA THR G 690 22.68 43.00 -2.82
C THR G 690 23.57 44.01 -2.12
N TRP G 691 24.81 43.63 -1.83
CA TRP G 691 25.67 44.52 -1.07
C TRP G 691 25.92 45.86 -1.77
N PRO G 692 26.26 45.92 -3.06
CA PRO G 692 26.29 47.23 -3.72
C PRO G 692 24.98 47.96 -3.59
N GLY G 693 23.86 47.25 -3.65
CA GLY G 693 22.58 47.83 -3.23
C GLY G 693 22.04 48.82 -4.27
N ASN G 694 22.17 50.10 -3.94
CA ASN G 694 21.83 51.18 -4.85
C ASN G 694 22.47 50.94 -6.22
N ASP G 695 21.84 51.47 -7.25
CA ASP G 695 22.34 51.27 -8.62
C ASP G 695 23.69 51.93 -8.73
N ARG G 696 24.75 51.12 -8.71
CA ARG G 696 26.12 51.62 -8.64
C ARG G 696 26.93 51.23 -9.87
N LEU G 697 26.86 49.97 -10.29
CA LEU G 697 27.64 49.45 -11.39
C LEU G 697 26.82 49.47 -12.68
N LEU G 698 27.53 49.36 -13.80
CA LEU G 698 26.84 49.24 -15.09
C LEU G 698 25.97 47.99 -15.13
N THR G 699 26.52 46.87 -14.67
CA THR G 699 25.68 45.70 -14.42
C THR G 699 24.79 45.97 -13.21
N PRO G 700 23.54 45.51 -13.23
CA PRO G 700 22.58 45.98 -12.23
C PRO G 700 22.84 45.51 -10.81
N ASN G 701 22.96 44.20 -10.59
CA ASN G 701 23.03 43.61 -9.26
C ASN G 701 24.22 42.69 -9.12
N GLU G 702 25.26 42.90 -9.92
CA GLU G 702 26.16 41.79 -10.16
C GLU G 702 27.54 42.31 -10.53
N PHE G 703 28.57 41.78 -9.86
CA PHE G 703 29.97 42.05 -10.21
C PHE G 703 30.33 41.12 -11.35
N GLU G 704 30.28 41.62 -12.57
CA GLU G 704 30.55 40.82 -13.76
C GLU G 704 31.99 41.09 -14.19
N ILE G 705 32.86 40.10 -13.97
CA ILE G 705 34.29 40.29 -14.20
C ILE G 705 34.63 40.19 -15.69
N LYS G 706 34.11 39.17 -16.37
CA LYS G 706 34.52 38.86 -17.73
C LYS G 706 33.31 38.43 -18.54
N ILE G 707 33.13 39.04 -19.71
CA ILE G 707 32.04 38.71 -20.62
C ILE G 707 32.65 38.25 -21.94
N SER G 708 32.15 37.12 -22.44
CA SER G 708 32.72 36.54 -23.65
C SER G 708 32.35 37.31 -24.92
N VAL G 709 31.10 37.75 -25.05
CA VAL G 709 30.61 38.37 -26.29
C VAL G 709 30.44 39.89 -26.12
N ASP G 710 29.58 40.33 -25.20
CA ASP G 710 29.41 41.73 -24.84
C ASP G 710 29.15 42.62 -26.07
N GLY G 711 27.96 42.43 -26.65
CA GLY G 711 27.59 43.29 -27.76
C GLY G 711 27.31 44.73 -27.38
N GLU G 712 27.30 45.05 -26.08
CA GLU G 712 26.94 46.38 -25.60
C GLU G 712 28.13 47.29 -25.35
N GLY G 713 29.36 46.83 -25.56
CA GLY G 713 30.52 47.63 -25.24
C GLY G 713 31.30 47.07 -24.08
N TYR G 714 31.23 47.74 -22.93
CA TYR G 714 31.55 47.17 -21.62
C TYR G 714 32.79 46.29 -21.59
N ASN G 715 33.80 46.61 -22.38
CA ASN G 715 35.04 45.83 -22.43
C ASN G 715 36.20 46.79 -22.23
N VAL G 716 36.60 46.95 -20.96
CA VAL G 716 37.64 47.89 -20.63
C VAL G 716 38.98 47.39 -21.17
N ALA G 717 39.92 48.32 -21.35
CA ALA G 717 41.22 48.03 -21.95
C ALA G 717 40.93 47.40 -23.31
N GLN G 718 41.60 46.31 -23.69
CA GLN G 718 41.30 45.62 -24.94
C GLN G 718 41.24 44.11 -24.69
N SER G 719 40.51 43.72 -23.64
CA SER G 719 40.40 42.32 -23.26
C SER G 719 38.94 42.04 -22.87
N ASN G 720 38.70 40.88 -22.25
CA ASN G 720 37.34 40.54 -21.85
C ASN G 720 36.83 41.40 -20.71
N MET G 721 37.73 41.83 -19.82
CA MET G 721 37.31 42.40 -18.54
C MET G 721 36.40 43.61 -18.75
N THR G 722 35.37 43.70 -17.93
CA THR G 722 34.35 44.73 -18.06
C THR G 722 34.80 46.02 -17.40
N LYS G 723 34.16 47.12 -17.83
CA LYS G 723 34.55 48.44 -17.34
C LYS G 723 34.26 48.61 -15.85
N ASP G 724 33.16 48.01 -15.37
CA ASP G 724 32.84 48.15 -13.96
C ASP G 724 33.81 47.38 -13.09
N TRP G 725 34.32 46.24 -13.59
CA TRP G 725 35.31 45.49 -12.82
C TRP G 725 36.66 46.18 -12.81
N PHE G 726 37.03 46.84 -13.91
CA PHE G 726 38.25 47.63 -13.94
C PHE G 726 38.18 48.76 -12.93
N LEU G 727 37.04 49.45 -12.88
CA LEU G 727 36.87 50.55 -11.94
C LEU G 727 37.00 50.05 -10.50
N VAL G 728 36.39 48.91 -10.19
CA VAL G 728 36.47 48.38 -8.83
C VAL G 728 37.90 47.98 -8.51
N GLN G 729 38.59 47.31 -9.44
CA GLN G 729 39.93 46.83 -9.18
C GLN G 729 40.93 47.97 -9.05
N MET G 730 40.80 48.99 -9.89
CA MET G 730 41.69 50.15 -9.78
C MET G 730 41.46 50.90 -8.47
N LEU G 731 40.21 51.08 -8.08
CA LEU G 731 39.91 51.72 -6.80
C LEU G 731 40.42 50.89 -5.63
N ALA G 732 40.24 49.56 -5.70
CA ALA G 732 40.60 48.71 -4.57
C ALA G 732 42.10 48.73 -4.31
N ASN G 733 42.90 48.98 -5.33
CA ASN G 733 44.35 48.86 -5.19
C ASN G 733 45.05 50.21 -5.18
N TYR G 734 44.81 51.04 -6.21
CA TYR G 734 45.52 52.29 -6.37
C TYR G 734 44.64 53.52 -6.18
N ASN G 735 43.34 53.33 -5.93
CA ASN G 735 42.38 54.42 -5.73
C ASN G 735 42.21 55.31 -6.96
N ILE G 736 42.69 54.89 -8.12
CA ILE G 736 42.57 55.67 -9.35
C ILE G 736 41.38 55.14 -10.12
N GLY G 737 40.20 55.64 -9.80
CA GLY G 737 39.02 55.27 -10.57
C GLY G 737 38.18 56.42 -11.11
N TYR G 738 38.22 57.57 -10.45
CA TYR G 738 37.28 58.65 -10.74
C TYR G 738 37.90 59.86 -11.41
N GLN G 739 39.22 59.89 -11.58
CA GLN G 739 39.90 61.02 -12.20
C GLN G 739 40.81 60.54 -13.33
N GLY G 740 40.28 59.62 -14.13
CA GLY G 740 41.02 59.11 -15.27
C GLY G 740 41.97 58.00 -14.90
N TYR G 741 41.91 56.89 -15.64
CA TYR G 741 42.76 55.73 -15.35
C TYR G 741 44.17 56.03 -15.83
N HIS G 742 44.96 56.65 -14.95
CA HIS G 742 46.36 56.86 -15.22
C HIS G 742 47.19 55.75 -14.57
N LEU G 743 48.43 55.64 -15.03
CA LEU G 743 49.32 54.62 -14.48
C LEU G 743 49.67 54.96 -13.04
N PRO G 744 49.53 54.03 -12.10
CA PRO G 744 49.85 54.32 -10.71
C PRO G 744 51.35 54.50 -10.51
N PRO G 745 51.76 55.17 -9.44
CA PRO G 745 53.19 55.34 -9.19
C PRO G 745 53.86 54.00 -8.93
N ASP G 746 55.17 53.96 -9.21
CA ASP G 746 55.92 52.71 -9.14
C ASP G 746 55.88 52.11 -7.73
N TYR G 747 55.91 52.95 -6.71
CA TYR G 747 55.92 52.44 -5.34
C TYR G 747 54.61 51.77 -4.95
N LYS G 748 53.52 52.03 -5.68
CA LYS G 748 52.27 51.35 -5.43
C LYS G 748 52.04 50.13 -6.32
N ASP G 749 52.80 50.02 -7.42
CA ASP G 749 52.68 48.89 -8.34
C ASP G 749 53.72 47.85 -7.95
N ARG G 750 53.29 46.86 -7.18
CA ARG G 750 54.19 45.82 -6.65
C ARG G 750 53.75 44.46 -7.19
N THR G 751 54.40 43.41 -6.67
CA THR G 751 54.18 42.07 -7.21
C THR G 751 52.73 41.62 -7.02
N PHE G 752 52.16 41.86 -5.84
CA PHE G 752 50.78 41.48 -5.56
C PHE G 752 49.81 42.61 -5.90
N SER G 753 49.90 43.12 -7.12
CA SER G 753 49.06 44.22 -7.58
C SER G 753 48.23 43.76 -8.79
N PHE G 754 47.49 44.69 -9.37
CA PHE G 754 46.62 44.41 -10.50
C PHE G 754 47.24 44.78 -11.84
N LEU G 755 47.64 46.04 -12.01
CA LEU G 755 48.23 46.46 -13.28
C LEU G 755 49.64 45.91 -13.48
N HIS G 756 50.31 45.53 -12.41
CA HIS G 756 51.61 44.88 -12.54
C HIS G 756 51.51 43.52 -13.21
N ASN G 757 50.31 42.93 -13.23
CA ASN G 757 50.11 41.59 -13.76
C ASN G 757 49.09 41.52 -14.88
N PHE G 758 48.35 42.59 -15.14
CA PHE G 758 47.33 42.59 -16.19
C PHE G 758 48.00 42.51 -17.55
N ILE G 759 47.79 41.42 -18.28
CA ILE G 759 48.39 41.22 -19.58
C ILE G 759 47.28 41.00 -20.62
N PRO G 760 46.81 42.04 -21.29
CA PRO G 760 45.80 41.84 -22.34
C PRO G 760 46.39 41.12 -23.55
N MET G 761 45.54 40.34 -24.21
CA MET G 761 45.94 39.58 -25.38
C MET G 761 44.83 39.60 -26.41
N CYS G 762 45.19 39.37 -27.67
CA CYS G 762 44.22 39.32 -28.74
C CYS G 762 44.81 38.52 -29.90
N ARG G 763 43.97 37.73 -30.55
CA ARG G 763 44.38 36.92 -31.69
C ARG G 763 43.19 36.74 -32.62
N GLN G 764 43.47 36.36 -33.86
CA GLN G 764 42.45 36.16 -34.87
C GLN G 764 42.49 34.70 -35.33
N VAL G 765 41.33 34.05 -35.30
CA VAL G 765 41.20 32.68 -35.80
C VAL G 765 40.63 32.75 -37.21
N PRO G 766 40.79 31.71 -38.03
CA PRO G 766 40.43 31.85 -39.46
C PRO G 766 38.94 31.72 -39.77
N ASN G 767 38.07 31.88 -38.76
CA ASN G 767 36.64 32.00 -38.99
C ASN G 767 36.05 30.78 -39.69
N PRO G 768 35.90 29.64 -38.99
CA PRO G 768 35.45 28.41 -39.63
C PRO G 768 34.18 28.52 -40.48
N ALA G 769 33.44 29.62 -40.34
CA ALA G 769 32.21 29.78 -41.10
C ALA G 769 32.45 30.08 -42.58
N THR G 770 33.65 30.52 -42.94
CA THR G 770 33.91 30.92 -44.32
C THR G 770 33.97 29.69 -45.23
N GLU G 771 33.68 29.92 -46.51
CA GLU G 771 33.70 28.86 -47.51
C GLU G 771 35.13 28.48 -47.88
N GLY G 772 35.32 27.20 -48.18
CA GLY G 772 36.63 26.69 -48.50
C GLY G 772 37.53 26.44 -47.31
N TYR G 773 37.00 26.54 -46.10
CA TYR G 773 37.78 26.34 -44.88
C TYR G 773 37.61 24.90 -44.41
N PHE G 774 38.72 24.24 -44.11
CA PHE G 774 38.72 22.88 -43.63
C PHE G 774 39.39 22.81 -42.26
N GLY G 775 38.70 22.24 -41.29
CA GLY G 775 39.23 22.09 -39.96
C GLY G 775 40.20 20.93 -39.85
N LEU G 776 41.40 21.12 -40.40
CA LEU G 776 42.39 20.05 -40.43
C LEU G 776 42.73 19.59 -39.02
N GLY G 777 42.88 18.28 -38.86
CA GLY G 777 43.24 17.72 -37.58
C GLY G 777 44.68 17.98 -37.22
N ILE G 778 45.05 17.56 -36.01
CA ILE G 778 46.42 17.76 -35.53
C ILE G 778 47.40 16.93 -36.36
N VAL G 779 46.99 15.74 -36.77
CA VAL G 779 47.88 14.86 -37.52
C VAL G 779 48.08 15.31 -38.95
N ASN G 780 47.19 16.14 -39.49
CA ASN G 780 47.27 16.58 -40.88
C ASN G 780 47.92 17.96 -41.02
N HIS G 781 48.40 18.56 -39.94
CA HIS G 781 49.07 19.85 -40.00
C HIS G 781 50.48 19.62 -40.49
N ARG G 782 50.72 19.87 -41.77
CA ARG G 782 52.03 19.68 -42.39
C ARG G 782 52.65 21.03 -42.70
N THR G 783 53.78 21.32 -42.06
CA THR G 783 54.62 22.44 -42.44
C THR G 783 56.07 22.02 -42.30
N THR G 784 56.92 22.61 -43.13
CA THR G 784 58.34 22.27 -43.21
C THR G 784 58.56 20.76 -43.25
N PRO G 785 57.98 20.04 -44.23
CA PRO G 785 58.19 18.60 -44.29
C PRO G 785 59.63 18.28 -44.66
N ALA G 786 60.07 17.10 -44.25
CA ALA G 786 61.43 16.61 -44.40
C ALA G 786 62.44 17.41 -43.59
N TYR G 787 61.98 18.39 -42.81
CA TYR G 787 62.84 19.17 -41.94
C TYR G 787 62.58 18.91 -40.47
N TRP G 788 61.40 18.41 -40.12
CA TRP G 788 61.15 17.77 -38.84
C TRP G 788 59.91 16.90 -39.00
N PHE G 789 59.71 16.00 -38.05
CA PHE G 789 58.67 14.99 -38.14
C PHE G 789 57.60 15.26 -37.08
N ARG G 790 56.40 14.75 -37.35
CA ARG G 790 55.34 14.68 -36.34
C ARG G 790 55.90 14.16 -35.02
N PHE G 791 55.29 14.58 -33.92
CA PHE G 791 55.77 14.24 -32.58
C PHE G 791 57.20 14.76 -32.40
N CYS G 792 57.27 16.09 -32.34
CA CYS G 792 58.48 16.86 -32.60
C CYS G 792 59.66 16.44 -31.73
N ARG G 793 60.83 16.95 -32.11
CA ARG G 793 62.19 16.58 -31.71
C ARG G 793 62.58 15.21 -32.25
N ALA G 794 61.69 14.52 -32.94
CA ALA G 794 62.03 13.30 -33.65
C ALA G 794 62.87 13.63 -34.87
N PRO G 795 63.64 12.66 -35.38
CA PRO G 795 64.43 12.91 -36.58
C PRO G 795 63.57 13.30 -37.76
N ARG G 796 64.10 14.20 -38.59
CA ARG G 796 63.38 14.68 -39.76
C ARG G 796 63.07 13.52 -40.70
N GLU G 797 61.91 13.61 -41.35
CA GLU G 797 61.54 12.63 -42.38
C GLU G 797 60.41 13.15 -43.24
N GLY G 798 60.48 12.86 -44.53
CA GLY G 798 59.49 13.37 -45.47
C GLY G 798 60.19 13.84 -46.73
N HIS G 799 59.47 14.67 -47.49
CA HIS G 799 60.03 15.32 -48.65
C HIS G 799 59.51 16.75 -48.72
N PRO G 800 60.29 17.69 -49.24
CA PRO G 800 59.82 19.07 -49.33
C PRO G 800 58.53 19.16 -50.13
N TYR G 801 57.62 19.99 -49.65
CA TYR G 801 56.30 20.11 -50.29
C TYR G 801 55.60 21.36 -49.81
N PRO G 802 54.72 21.95 -50.62
CA PRO G 802 53.92 23.08 -50.15
C PRO G 802 53.11 22.70 -48.91
N GLN G 803 52.77 23.74 -48.13
CA GLN G 803 52.06 23.55 -46.89
C GLN G 803 50.60 23.90 -46.90
N LEU G 804 49.86 23.41 -45.94
CA LEU G 804 48.44 23.60 -45.82
C LEU G 804 48.01 24.22 -44.50
N ALA G 805 48.81 24.11 -43.45
CA ALA G 805 48.45 24.70 -42.18
C ALA G 805 48.54 26.22 -42.26
N LEU G 806 47.91 26.87 -41.28
CA LEU G 806 47.85 28.33 -41.20
C LEU G 806 47.17 28.93 -42.41
N PRO G 807 45.85 28.81 -42.54
CA PRO G 807 45.14 29.59 -43.55
C PRO G 807 45.53 31.05 -43.42
N PRO G 808 46.24 31.59 -44.41
CA PRO G 808 46.91 32.88 -44.21
C PRO G 808 45.91 33.99 -43.97
N HIS G 809 46.15 34.77 -42.94
CA HIS G 809 45.45 36.03 -42.74
C HIS G 809 46.48 37.12 -42.45
N TRP G 810 47.17 37.54 -43.52
CA TRP G 810 47.87 38.82 -43.57
C TRP G 810 47.84 39.44 -44.95
N ASP G 811 47.52 38.70 -46.00
CA ASP G 811 47.74 39.07 -47.39
C ASP G 811 46.45 39.00 -48.19
N PRO G 812 46.45 39.35 -49.51
CA PRO G 812 45.26 39.18 -50.34
C PRO G 812 44.49 37.88 -50.10
N ARG G 813 45.21 36.78 -49.86
CA ARG G 813 44.57 35.53 -49.45
C ARG G 813 44.40 35.58 -47.94
N HIS G 814 43.31 36.21 -47.51
CA HIS G 814 43.12 36.57 -46.11
C HIS G 814 42.34 35.53 -45.31
N ALA G 815 41.41 34.82 -45.93
CA ALA G 815 40.60 33.80 -45.26
C ALA G 815 39.87 34.35 -44.04
N LEU G 816 39.41 35.60 -44.13
CA LEU G 816 38.52 36.21 -43.14
C LEU G 816 39.14 36.30 -41.75
N ARG G 817 38.32 36.62 -40.75
CA ARG G 817 38.78 36.84 -39.39
C ARG G 817 37.72 36.36 -38.41
N ASP G 818 38.14 36.20 -37.15
CA ASP G 818 37.21 36.13 -36.03
C ASP G 818 37.99 36.48 -34.78
N PRO G 819 38.12 37.76 -34.46
CA PRO G 819 38.93 38.17 -33.30
C PRO G 819 38.39 37.59 -32.00
N GLU G 820 39.32 37.21 -31.13
CA GLU G 820 38.98 36.80 -29.77
C GLU G 820 40.02 37.35 -28.83
N ARG G 821 39.56 37.97 -27.74
CA ARG G 821 40.42 38.62 -26.78
C ARG G 821 40.30 37.92 -25.43
N LYS G 822 41.44 37.82 -24.73
CA LYS G 822 41.44 37.29 -23.38
C LYS G 822 42.58 37.93 -22.61
N PHE G 823 42.40 38.03 -21.30
CA PHE G 823 43.39 38.64 -20.42
C PHE G 823 43.96 37.59 -19.48
N LEU G 824 45.21 37.81 -19.08
CA LEU G 824 45.95 36.84 -18.26
C LEU G 824 46.64 37.60 -17.14
N CYS G 825 46.12 37.47 -15.92
CA CYS G 825 46.72 38.05 -14.74
C CYS G 825 47.14 36.93 -13.80
N ASP G 826 48.37 37.02 -13.30
CA ASP G 826 48.94 36.00 -12.42
C ASP G 826 49.43 36.66 -11.15
N ARG G 827 49.49 35.85 -10.07
CA ARG G 827 50.00 36.30 -8.78
C ARG G 827 49.24 37.52 -8.26
N THR G 828 47.93 37.53 -8.48
CA THR G 828 47.08 38.62 -8.01
C THR G 828 45.80 38.07 -7.44
N LEU G 829 45.24 38.78 -6.47
CA LEU G 829 43.96 38.43 -5.85
C LEU G 829 42.93 39.46 -6.26
N TRP G 830 41.81 39.00 -6.79
CA TRP G 830 40.70 39.90 -7.10
C TRP G 830 40.16 40.48 -5.80
N ARG G 831 40.10 41.80 -5.70
CA ARG G 831 39.77 42.49 -4.46
C ARG G 831 38.46 43.25 -4.61
N ILE G 832 37.56 43.07 -3.64
CA ILE G 832 36.30 43.80 -3.59
C ILE G 832 36.18 44.45 -2.22
N PRO G 833 36.66 45.68 -2.06
CA PRO G 833 36.66 46.30 -0.73
C PRO G 833 35.25 46.60 -0.25
N PHE G 834 35.07 46.54 1.08
CA PHE G 834 33.78 46.77 1.70
C PHE G 834 33.44 48.25 1.83
N SER G 835 34.34 49.14 1.43
CA SER G 835 34.07 50.56 1.52
C SER G 835 32.90 50.95 0.62
N SER G 836 32.36 52.14 0.86
CA SER G 836 31.20 52.60 0.09
C SER G 836 31.59 52.83 -1.37
N ASN G 837 32.48 53.76 -1.62
CA ASN G 837 32.94 54.02 -2.99
C ASN G 837 34.21 53.23 -3.31
N PHE G 838 34.20 51.94 -2.99
CA PHE G 838 35.23 50.97 -3.38
C PHE G 838 36.66 51.48 -3.15
N MET G 839 36.87 52.43 -2.25
CA MET G 839 38.19 52.96 -2.02
C MET G 839 38.81 52.38 -0.74
N SER G 840 39.97 52.92 -0.38
CA SER G 840 40.72 52.53 0.81
C SER G 840 41.07 53.76 1.63
N MET G 841 40.07 54.61 1.86
CA MET G 841 40.27 55.84 2.62
C MET G 841 40.29 55.57 4.12
N GLY G 842 41.10 54.60 4.54
CA GLY G 842 41.18 54.22 5.93
C GLY G 842 41.13 52.71 6.09
N SER G 843 41.94 52.18 7.02
CA SER G 843 41.98 50.74 7.22
C SER G 843 40.63 50.22 7.69
N LEU G 844 39.99 50.92 8.62
CA LEU G 844 38.64 50.59 9.06
C LEU G 844 37.67 51.32 8.15
N THR G 845 37.01 50.58 7.27
CA THR G 845 36.26 51.17 6.16
C THR G 845 35.04 51.93 6.68
N ASP G 846 34.44 52.69 5.76
CA ASP G 846 33.21 53.41 6.08
C ASP G 846 32.11 52.45 6.52
N LEU G 847 31.85 51.42 5.72
CA LEU G 847 30.99 50.34 6.14
C LEU G 847 31.76 49.40 7.06
N GLY G 848 31.04 48.74 7.96
CA GLY G 848 31.66 48.04 9.07
C GLY G 848 31.82 48.90 10.29
N GLN G 849 31.86 50.22 10.12
CA GLN G 849 31.69 51.16 11.22
C GLN G 849 30.25 51.63 11.35
N ASN G 850 29.44 51.42 10.32
CA ASN G 850 28.04 51.79 10.34
C ASN G 850 27.29 50.94 11.36
N LEU G 851 26.26 51.53 11.96
CA LEU G 851 25.48 50.80 12.96
C LEU G 851 24.73 49.63 12.35
N LEU G 852 24.38 49.72 11.06
CA LEU G 852 23.64 48.64 10.42
C LEU G 852 24.46 47.35 10.38
N TYR G 853 25.75 47.46 10.09
CA TYR G 853 26.61 46.30 9.99
C TYR G 853 27.41 46.02 11.25
N ALA G 854 27.26 46.84 12.29
CA ALA G 854 27.97 46.63 13.55
C ALA G 854 27.05 46.36 14.72
N ASN G 855 25.77 46.71 14.64
CA ASN G 855 24.81 46.46 15.70
C ASN G 855 23.77 45.42 15.30
N ALA G 856 23.87 44.87 14.10
CA ALA G 856 22.91 43.88 13.62
C ALA G 856 23.65 42.74 12.95
N ALA G 857 23.02 41.57 12.93
CA ALA G 857 23.57 40.38 12.32
C ALA G 857 23.00 40.22 10.92
N HIS G 858 23.84 39.84 9.96
CA HIS G 858 23.45 39.70 8.58
C HIS G 858 23.93 38.37 8.02
N ALA G 859 23.21 37.85 7.03
CA ALA G 859 23.56 36.61 6.35
C ALA G 859 24.21 36.94 5.02
N LEU G 860 25.36 36.33 4.75
CA LEU G 860 26.09 36.55 3.51
C LEU G 860 25.91 35.34 2.60
N ASP G 861 25.52 35.60 1.35
CA ASP G 861 25.23 34.55 0.38
C ASP G 861 25.89 34.86 -0.96
N MET G 862 27.17 35.22 -0.91
CA MET G 862 27.90 35.54 -2.13
C MET G 862 28.14 34.29 -2.96
N THR G 863 27.96 34.42 -4.27
CA THR G 863 28.10 33.30 -5.21
C THR G 863 29.03 33.70 -6.33
N PHE G 864 29.76 32.72 -6.86
CA PHE G 864 30.72 32.92 -7.94
C PHE G 864 30.42 31.94 -9.07
N GLU G 865 30.50 32.44 -10.31
CA GLU G 865 30.53 31.54 -11.46
C GLU G 865 31.78 31.85 -12.26
N MET G 866 32.49 30.79 -12.66
CA MET G 866 33.80 30.93 -13.28
C MET G 866 33.89 29.97 -14.45
N ASP G 867 34.98 30.11 -15.21
CA ASP G 867 35.20 29.24 -16.35
C ASP G 867 35.44 27.81 -15.87
N PRO G 868 34.94 26.82 -16.61
CA PRO G 868 35.10 25.42 -16.16
C PRO G 868 36.41 24.81 -16.61
N ILE G 869 37.12 24.16 -15.69
CA ILE G 869 38.34 23.44 -16.02
C ILE G 869 38.21 22.01 -15.49
N ASN G 870 38.80 21.06 -16.20
CA ASN G 870 38.53 19.65 -15.95
C ASN G 870 39.03 19.22 -14.58
N GLU G 871 40.25 19.61 -14.22
CA GLU G 871 40.81 19.17 -12.95
C GLU G 871 40.05 19.80 -11.78
N PRO G 872 39.74 19.03 -10.74
CA PRO G 872 39.01 19.60 -9.60
C PRO G 872 39.80 20.73 -8.95
N THR G 873 39.07 21.78 -8.57
CA THR G 873 39.67 22.97 -7.99
C THR G 873 38.89 23.38 -6.75
N LEU G 874 39.48 24.31 -5.99
CA LEU G 874 38.87 24.82 -4.78
C LEU G 874 38.95 26.34 -4.78
N LEU G 875 37.87 26.99 -4.34
CA LEU G 875 37.81 28.44 -4.28
C LEU G 875 38.52 28.95 -3.04
N TYR G 876 39.19 30.09 -3.19
CA TYR G 876 40.00 30.63 -2.10
C TYR G 876 39.51 32.02 -1.69
N VAL G 877 38.20 32.18 -1.50
CA VAL G 877 37.68 33.44 -0.98
C VAL G 877 38.16 33.62 0.45
N LEU G 878 38.72 34.78 0.74
CA LEU G 878 39.22 35.09 2.07
C LEU G 878 38.61 36.41 2.53
N PHE G 879 37.98 36.40 3.69
CA PHE G 879 37.31 37.57 4.22
C PHE G 879 38.31 38.43 4.98
N GLU G 880 38.42 39.70 4.59
CA GLU G 880 39.42 40.60 5.17
C GLU G 880 38.96 41.06 6.54
N VAL G 881 39.19 40.20 7.53
CA VAL G 881 38.89 40.51 8.92
C VAL G 881 39.88 41.56 9.43
N PHE G 882 39.63 42.10 10.61
CA PHE G 882 40.54 43.08 11.23
C PHE G 882 41.23 42.36 12.37
N ASP G 883 42.38 41.76 12.09
CA ASP G 883 43.07 40.91 13.05
C ASP G 883 44.18 41.69 13.74
N VAL G 884 44.10 41.77 15.08
CA VAL G 884 45.04 42.54 15.88
C VAL G 884 45.27 41.81 17.20
N ALA G 885 46.52 41.79 17.65
CA ALA G 885 46.89 41.21 18.94
C ALA G 885 47.58 42.26 19.79
N ARG G 886 47.24 42.29 21.08
CA ARG G 886 47.83 43.23 22.03
C ARG G 886 48.69 42.46 23.02
N VAL G 887 49.93 42.90 23.17
CA VAL G 887 50.92 42.22 24.01
C VAL G 887 51.22 43.07 25.23
N HIS G 888 50.99 42.51 26.42
CA HIS G 888 51.30 43.16 27.67
C HIS G 888 52.16 42.23 28.50
N GLN G 889 53.26 42.76 29.05
CA GLN G 889 54.21 41.99 29.84
C GLN G 889 54.29 42.62 31.22
N PRO G 890 53.51 42.12 32.19
CA PRO G 890 53.49 42.76 33.52
C PRO G 890 54.85 42.86 34.20
N HIS G 891 55.51 41.73 34.46
CA HIS G 891 56.77 41.78 35.19
C HIS G 891 57.59 40.49 35.13
N ARG G 892 58.85 40.61 34.71
CA ARG G 892 59.89 39.62 34.93
C ARG G 892 59.52 38.24 34.39
N GLY G 893 59.42 38.18 33.07
CA GLY G 893 59.32 36.92 32.38
C GLY G 893 57.93 36.37 32.20
N VAL G 894 56.90 37.14 32.51
CA VAL G 894 55.52 36.76 32.22
C VAL G 894 55.04 37.59 31.04
N ILE G 895 54.48 36.92 30.04
CA ILE G 895 53.97 37.56 28.84
C ILE G 895 52.54 37.09 28.62
N GLU G 896 51.63 38.04 28.46
CA GLU G 896 50.22 37.73 28.26
C GLU G 896 49.67 38.59 27.13
N VAL G 897 48.89 37.96 26.25
CA VAL G 897 48.39 38.62 25.05
C VAL G 897 46.91 38.35 24.91
N VAL G 898 46.24 39.21 24.12
CA VAL G 898 44.84 39.04 23.76
C VAL G 898 44.72 39.23 22.26
N TYR G 899 43.78 38.52 21.66
CA TYR G 899 43.57 38.55 20.22
C TYR G 899 42.16 38.99 19.91
N LEU G 900 42.01 39.69 18.79
CA LEU G 900 40.69 40.14 18.34
C LEU G 900 40.67 40.10 16.82
N ARG G 901 39.81 39.26 16.26
CA ARG G 901 39.55 39.22 14.82
C ARG G 901 38.09 39.63 14.66
N THR G 902 37.87 40.94 14.53
CA THR G 902 36.53 41.50 14.76
C THR G 902 35.43 40.86 13.92
N PRO G 903 35.57 40.66 12.61
CA PRO G 903 34.46 40.01 11.88
C PRO G 903 34.36 38.52 12.12
N PHE G 904 35.49 37.81 12.21
CA PHE G 904 35.51 36.35 12.38
C PHE G 904 36.43 36.02 13.53
N SER G 905 35.91 35.98 14.76
CA SER G 905 36.73 35.80 15.94
C SER G 905 36.45 34.46 16.60
N ALA G 906 37.45 33.95 17.30
CA ALA G 906 37.32 32.81 18.20
C ALA G 906 37.48 33.38 19.61
N GLY G 907 36.38 33.86 20.17
CA GLY G 907 36.39 34.59 21.42
C GLY G 907 36.09 33.73 22.62
N ASN G 908 35.89 34.41 23.76
CA ASN G 908 35.62 33.74 25.02
C ASN G 908 34.62 34.55 25.82
N ALA G 909 33.98 33.90 26.78
CA ALA G 909 33.01 34.55 27.65
C ALA G 909 33.74 35.41 28.68
N THR G 910 33.00 35.97 29.62
CA THR G 910 33.58 36.79 30.68
C THR G 910 33.72 35.98 31.96
N LEU H 7 -30.27 71.26 -24.10
CA LEU H 7 -31.56 71.69 -24.64
C LEU H 7 -32.72 71.06 -23.87
N PRO H 8 -33.80 71.83 -23.70
CA PRO H 8 -35.00 71.25 -23.07
C PRO H 8 -35.61 70.12 -23.88
N GLN H 9 -35.46 70.14 -25.21
CA GLN H 9 -36.03 69.08 -26.04
C GLN H 9 -35.38 67.73 -25.73
N TRP H 10 -34.04 67.72 -25.60
CA TRP H 10 -33.36 66.47 -25.29
C TRP H 10 -33.76 65.94 -23.92
N SER H 11 -33.91 66.84 -22.94
CA SER H 11 -34.38 66.42 -21.62
C SER H 11 -35.79 65.86 -21.70
N TYR H 12 -36.65 66.47 -22.50
CA TYR H 12 -38.00 65.96 -22.68
C TYR H 12 -37.98 64.56 -23.31
N MET H 13 -37.10 64.35 -24.28
CA MET H 13 -36.99 63.06 -24.95
C MET H 13 -36.03 62.11 -24.25
N HIS H 14 -35.47 62.52 -23.11
CA HIS H 14 -34.54 61.71 -22.31
C HIS H 14 -33.27 61.37 -23.07
N ILE H 15 -32.96 62.13 -24.12
CA ILE H 15 -31.68 61.97 -24.81
C ILE H 15 -30.53 62.36 -23.89
N ALA H 16 -30.69 63.47 -23.18
CA ALA H 16 -29.64 63.95 -22.27
C ALA H 16 -30.18 64.46 -20.95
N GLY H 17 -31.45 64.21 -20.64
CA GLY H 17 -32.06 64.84 -19.49
C GLY H 17 -31.66 64.30 -18.14
N GLN H 18 -32.02 63.05 -17.84
CA GLN H 18 -31.87 62.55 -16.49
C GLN H 18 -32.12 61.04 -16.49
N ASP H 19 -31.54 60.37 -15.50
CA ASP H 19 -31.69 58.92 -15.39
C ASP H 19 -33.13 58.56 -15.06
N ALA H 20 -33.54 57.37 -15.50
CA ALA H 20 -34.93 56.94 -15.33
C ALA H 20 -35.32 56.86 -13.86
N SER H 21 -34.45 56.29 -13.03
CA SER H 21 -34.75 56.13 -11.61
C SER H 21 -34.89 57.46 -10.89
N GLU H 22 -34.47 58.57 -11.51
CA GLU H 22 -34.55 59.87 -10.87
C GLU H 22 -35.36 60.89 -11.67
N TYR H 23 -35.97 60.50 -12.79
CA TYR H 23 -37.05 61.31 -13.35
C TYR H 23 -38.40 60.61 -13.33
N LEU H 24 -38.46 59.34 -12.98
CA LEU H 24 -39.75 58.69 -12.78
C LEU H 24 -40.31 59.06 -11.41
N SER H 25 -41.59 58.76 -11.22
CA SER H 25 -42.20 58.97 -9.91
C SER H 25 -41.61 57.99 -8.90
N PRO H 26 -41.43 58.41 -7.64
CA PRO H 26 -40.89 57.48 -6.64
C PRO H 26 -41.75 56.24 -6.47
N GLY H 27 -43.08 56.39 -6.54
CA GLY H 27 -43.95 55.23 -6.45
C GLY H 27 -43.74 54.26 -7.59
N LEU H 28 -43.60 54.78 -8.82
CA LEU H 28 -43.35 53.91 -9.96
C LEU H 28 -41.99 53.25 -9.87
N VAL H 29 -40.98 53.96 -9.37
CA VAL H 29 -39.67 53.37 -9.21
C VAL H 29 -39.72 52.22 -8.20
N GLN H 30 -40.41 52.44 -7.07
CA GLN H 30 -40.54 51.38 -6.08
C GLN H 30 -41.33 50.20 -6.63
N PHE H 31 -42.39 50.46 -7.38
CA PHE H 31 -43.17 49.39 -7.98
C PHE H 31 -42.33 48.58 -8.96
N ALA H 32 -41.55 49.24 -9.79
CA ALA H 32 -40.69 48.53 -10.73
C ALA H 32 -39.63 47.71 -10.00
N GLN H 33 -39.05 48.28 -8.94
CA GLN H 33 -38.05 47.55 -8.17
C GLN H 33 -38.66 46.31 -7.52
N ALA H 34 -39.89 46.42 -7.02
CA ALA H 34 -40.52 45.29 -6.37
C ALA H 34 -40.91 44.21 -7.38
N THR H 35 -41.73 44.58 -8.36
CA THR H 35 -42.22 43.63 -9.34
C THR H 35 -41.20 43.42 -10.46
N GLU H 36 -39.95 43.15 -10.10
CA GLU H 36 -38.90 43.00 -11.10
C GLU H 36 -38.72 41.56 -11.55
N SER H 37 -39.08 40.60 -10.70
CA SER H 37 -38.89 39.20 -11.03
C SER H 37 -39.89 38.74 -12.08
N TYR H 38 -41.14 39.20 -11.98
CA TYR H 38 -42.21 38.69 -12.82
C TYR H 38 -42.67 39.67 -13.91
N PHE H 39 -43.01 40.90 -13.56
CA PHE H 39 -43.50 41.87 -14.55
C PHE H 39 -42.46 42.98 -14.70
N ASN H 40 -41.48 42.75 -15.58
CA ASN H 40 -40.41 43.72 -15.78
C ASN H 40 -40.93 44.98 -16.46
N ILE H 41 -40.52 46.12 -15.93
CA ILE H 41 -40.89 47.42 -16.49
C ILE H 41 -39.68 48.24 -16.93
N GLY H 42 -38.46 47.80 -16.60
CA GLY H 42 -37.29 48.64 -16.81
C GLY H 42 -37.04 48.99 -18.26
N ASN H 43 -37.28 48.04 -19.17
CA ASN H 43 -36.95 48.26 -20.57
C ASN H 43 -37.86 49.28 -21.24
N LYS H 44 -38.91 49.75 -20.56
CA LYS H 44 -39.84 50.70 -21.14
C LYS H 44 -39.40 52.15 -20.97
N PHE H 45 -38.26 52.41 -20.33
CA PHE H 45 -37.80 53.76 -20.05
C PHE H 45 -36.34 53.90 -20.48
N ARG H 46 -35.97 55.13 -20.86
CA ARG H 46 -34.68 55.42 -21.46
C ARG H 46 -33.75 56.12 -20.47
N ASN H 47 -32.46 55.84 -20.60
CA ASN H 47 -31.41 56.55 -19.87
C ASN H 47 -30.56 57.36 -20.84
N PRO H 48 -30.12 58.56 -20.44
CA PRO H 48 -29.38 59.42 -21.38
C PRO H 48 -28.04 58.86 -21.81
N THR H 49 -27.18 58.49 -20.86
CA THR H 49 -25.82 58.00 -21.13
C THR H 49 -25.05 59.00 -21.99
N VAL H 50 -24.83 60.17 -21.41
CA VAL H 50 -24.16 61.27 -22.10
C VAL H 50 -22.67 61.19 -21.82
N ALA H 51 -21.86 61.35 -22.87
CA ALA H 51 -20.40 61.36 -22.72
C ALA H 51 -19.91 62.72 -22.24
N PRO H 52 -18.76 62.77 -21.57
CA PRO H 52 -18.21 64.06 -21.16
C PRO H 52 -17.88 64.94 -22.35
N THR H 53 -18.03 66.25 -22.15
CA THR H 53 -17.85 67.22 -23.23
C THR H 53 -16.64 68.11 -23.06
N HIS H 54 -15.92 68.01 -21.94
CA HIS H 54 -14.76 68.86 -21.71
C HIS H 54 -13.75 68.11 -20.87
N ASP H 55 -12.49 68.54 -20.97
CA ASP H 55 -11.37 67.94 -20.25
C ASP H 55 -11.22 66.46 -20.56
N VAL H 56 -11.56 66.06 -21.79
CA VAL H 56 -11.43 64.68 -22.23
C VAL H 56 -10.49 64.55 -23.43
N THR H 57 -10.55 65.50 -24.37
CA THR H 57 -9.75 65.45 -25.58
C THR H 57 -9.03 66.79 -25.78
N THR H 58 -7.86 66.71 -26.41
CA THR H 58 -6.99 67.87 -26.50
C THR H 58 -7.54 68.92 -27.47
N GLU H 59 -8.02 68.50 -28.63
CA GLU H 59 -8.45 69.41 -29.69
C GLU H 59 -7.35 70.42 -30.01
N ARG H 60 -6.12 69.93 -30.11
CA ARG H 60 -4.97 70.80 -30.34
C ARG H 60 -4.03 70.19 -31.39
N SER H 61 -4.59 69.45 -32.34
CA SER H 61 -3.90 69.02 -33.54
C SER H 61 -2.65 68.18 -33.21
N GLN H 62 -2.90 67.01 -32.62
CA GLN H 62 -1.84 66.03 -32.39
C GLN H 62 -2.24 64.70 -33.01
N ARG H 63 -1.24 63.86 -33.25
CA ARG H 63 -1.42 62.59 -33.93
C ARG H 63 -1.88 61.50 -32.98
N LEU H 64 -2.37 60.41 -33.58
CA LEU H 64 -2.74 59.20 -32.85
C LEU H 64 -1.72 58.09 -33.06
N GLN H 65 -1.41 57.75 -34.31
CA GLN H 65 -0.34 56.82 -34.63
C GLN H 65 0.92 57.60 -34.94
N LEU H 66 2.04 57.17 -34.35
CA LEU H 66 3.34 57.72 -34.66
C LEU H 66 4.28 56.62 -35.09
N ARG H 67 5.07 56.88 -36.13
CA ARG H 67 6.06 55.95 -36.64
C ARG H 67 7.44 56.49 -36.32
N PHE H 68 8.24 55.71 -35.61
CA PHE H 68 9.59 56.09 -35.23
C PHE H 68 10.57 55.25 -36.04
N VAL H 69 11.22 55.88 -37.02
CA VAL H 69 12.24 55.22 -37.82
C VAL H 69 13.45 54.96 -36.93
N PRO H 70 14.20 53.87 -37.14
CA PRO H 70 15.35 53.59 -36.27
C PRO H 70 16.45 54.62 -36.44
N VAL H 71 17.00 55.06 -35.31
CA VAL H 71 18.11 56.00 -35.34
C VAL H 71 19.36 55.34 -35.88
N ASP H 72 19.68 54.15 -35.38
CA ASP H 72 20.80 53.37 -35.88
C ASP H 72 20.42 51.90 -35.89
N ARG H 73 21.14 51.13 -36.72
CA ARG H 73 20.86 49.72 -36.85
C ARG H 73 22.14 48.98 -37.23
N GLU H 74 22.21 47.71 -36.84
CA GLU H 74 23.28 46.83 -37.25
C GLU H 74 22.71 45.45 -37.53
N ASP H 75 23.20 44.82 -38.59
CA ASP H 75 22.67 43.53 -39.05
C ASP H 75 23.78 42.47 -39.07
N THR H 76 24.03 41.89 -37.91
CA THR H 76 24.93 40.75 -37.82
C THR H 76 24.24 39.51 -38.37
N GLN H 77 25.05 38.57 -38.88
CA GLN H 77 24.49 37.35 -39.47
C GLN H 77 23.81 36.46 -38.45
N TYR H 78 23.77 36.85 -37.18
CA TYR H 78 23.04 36.12 -36.14
C TYR H 78 21.92 36.92 -35.50
N SER H 79 22.09 38.25 -35.37
CA SER H 79 21.10 39.09 -34.71
C SER H 79 20.94 40.38 -35.49
N TYR H 80 19.78 41.01 -35.31
CA TYR H 80 19.48 42.29 -35.94
C TYR H 80 19.04 43.26 -34.85
N LYS H 81 19.89 44.23 -34.54
CA LYS H 81 19.65 45.19 -33.47
C LYS H 81 19.27 46.54 -34.07
N THR H 82 18.16 47.10 -33.61
CA THR H 82 17.67 48.39 -34.04
C THR H 82 17.48 49.30 -32.84
N ARG H 83 17.90 50.56 -32.97
CA ARG H 83 17.77 51.53 -31.89
C ARG H 83 16.77 52.60 -32.30
N PHE H 84 15.75 52.79 -31.49
CA PHE H 84 14.75 53.83 -31.69
C PHE H 84 14.79 54.78 -30.51
N GLN H 85 14.70 56.07 -30.79
CA GLN H 85 14.47 57.08 -29.75
C GLN H 85 13.04 57.58 -29.90
N LEU H 86 12.26 57.44 -28.84
CA LEU H 86 10.86 57.83 -28.85
C LEU H 86 10.67 59.00 -27.89
N ALA H 87 10.09 60.09 -28.39
CA ALA H 87 9.84 61.28 -27.60
C ALA H 87 8.37 61.31 -27.22
N VAL H 88 8.09 61.27 -25.92
CA VAL H 88 6.71 61.29 -25.43
C VAL H 88 6.33 62.76 -25.28
N GLY H 89 6.02 63.41 -26.40
CA GLY H 89 5.42 64.72 -26.44
C GLY H 89 5.92 65.71 -25.41
N ASP H 90 4.98 66.49 -24.87
CA ASP H 90 5.21 67.27 -23.65
C ASP H 90 4.11 67.13 -22.63
N ASN H 91 2.90 66.73 -23.02
CA ASN H 91 1.81 66.52 -22.07
C ASN H 91 1.19 65.13 -22.26
N ARG H 92 1.21 64.62 -23.49
CA ARG H 92 0.57 63.35 -23.79
C ARG H 92 1.30 62.20 -23.10
N VAL H 93 0.54 61.15 -22.79
CA VAL H 93 1.03 59.99 -22.07
C VAL H 93 0.55 58.73 -22.80
N LEU H 94 1.45 57.77 -22.99
CA LEU H 94 1.10 56.50 -23.62
C LEU H 94 1.42 55.35 -22.68
N ASP H 95 0.71 54.25 -22.88
CA ASP H 95 1.06 52.99 -22.23
C ASP H 95 1.76 52.10 -23.25
N MET H 96 2.78 51.38 -22.79
CA MET H 96 3.56 50.54 -23.69
C MET H 96 2.84 49.26 -24.08
N ALA H 97 1.54 49.14 -23.78
CA ALA H 97 0.74 48.10 -24.42
C ALA H 97 0.65 48.34 -25.92
N SER H 98 0.81 49.59 -26.34
CA SER H 98 1.06 49.96 -27.73
C SER H 98 2.53 49.75 -28.04
N THR H 99 3.01 50.35 -29.13
CA THR H 99 4.41 50.26 -29.55
C THR H 99 4.79 48.82 -29.90
N TYR H 100 4.09 48.27 -30.88
CA TYR H 100 4.50 47.02 -31.49
C TYR H 100 5.55 47.29 -32.55
N PHE H 101 6.43 46.32 -32.76
CA PHE H 101 7.50 46.45 -33.73
C PHE H 101 7.00 45.93 -35.09
N ASP H 102 7.02 46.80 -36.08
CA ASP H 102 6.59 46.45 -37.43
C ASP H 102 7.81 46.05 -38.25
N ILE H 103 7.89 44.77 -38.61
CA ILE H 103 9.04 44.21 -39.32
C ILE H 103 8.61 43.86 -40.73
N ARG H 104 9.35 44.35 -41.72
CA ARG H 104 9.11 44.04 -43.12
C ARG H 104 10.34 43.39 -43.72
N GLY H 105 10.13 42.40 -44.56
CA GLY H 105 11.25 41.74 -45.21
C GLY H 105 10.78 40.60 -46.08
N THR H 106 11.75 39.86 -46.60
CA THR H 106 11.52 38.70 -47.43
C THR H 106 12.12 37.48 -46.74
N LEU H 107 11.35 36.40 -46.63
CA LEU H 107 11.87 35.16 -46.07
C LEU H 107 11.61 34.03 -47.04
N ASP H 108 12.64 33.22 -47.26
CA ASP H 108 12.55 31.99 -48.03
C ASP H 108 12.30 30.84 -47.07
N ARG H 109 11.43 29.91 -47.46
CA ARG H 109 11.10 28.78 -46.61
C ARG H 109 11.78 27.49 -47.04
N GLY H 110 12.52 27.50 -48.15
CA GLY H 110 13.36 26.38 -48.52
C GLY H 110 12.61 25.25 -49.19
N ALA H 111 13.41 24.29 -49.69
CA ALA H 111 12.85 23.12 -50.35
C ALA H 111 11.98 22.29 -49.44
N SER H 112 12.21 22.37 -48.12
CA SER H 112 11.45 21.58 -47.17
C SER H 112 10.01 22.04 -47.03
N PHE H 113 9.65 23.19 -47.58
CA PHE H 113 8.29 23.70 -47.43
C PHE H 113 7.30 22.84 -48.20
N LYS H 114 6.17 22.56 -47.56
CA LYS H 114 5.11 21.74 -48.14
C LYS H 114 3.80 22.09 -47.46
N PRO H 115 3.02 23.00 -48.03
CA PRO H 115 1.85 23.53 -47.31
C PRO H 115 0.58 22.71 -47.50
N TYR H 116 0.68 21.49 -48.02
CA TYR H 116 -0.52 20.70 -48.27
C TYR H 116 -0.18 19.22 -48.25
N SER H 117 -1.17 18.42 -47.84
CA SER H 117 -1.04 16.98 -47.93
C SER H 117 -1.38 16.50 -49.32
N GLY H 118 -1.03 15.24 -49.61
CA GLY H 118 -1.30 14.72 -50.93
C GLY H 118 -0.43 15.38 -51.98
N THR H 119 -0.94 15.36 -53.21
CA THR H 119 -0.26 15.98 -54.34
C THR H 119 -1.18 16.99 -55.01
N ALA H 120 -0.69 17.64 -56.05
CA ALA H 120 -1.42 18.71 -56.70
C ALA H 120 -1.47 18.61 -58.22
N TYR H 121 -0.91 17.56 -58.81
CA TYR H 121 -0.82 17.47 -60.27
C TYR H 121 -1.60 16.31 -60.86
N ASN H 122 -1.55 15.14 -60.22
CA ASN H 122 -2.32 13.99 -60.65
C ASN H 122 -2.97 13.30 -59.46
N SER H 123 -3.64 14.10 -58.62
CA SER H 123 -4.29 13.55 -57.43
C SER H 123 -5.32 12.49 -57.81
N PHE H 124 -5.89 12.58 -59.01
CA PHE H 124 -6.89 11.62 -59.44
C PHE H 124 -6.29 10.40 -60.13
N ALA H 125 -5.01 10.42 -60.46
CA ALA H 125 -4.38 9.34 -61.18
C ALA H 125 -4.06 8.17 -60.25
N PRO H 126 -4.05 6.95 -60.78
CA PRO H 126 -3.54 5.83 -59.99
C PRO H 126 -2.07 6.03 -59.67
N LYS H 127 -1.66 5.59 -58.48
CA LYS H 127 -0.33 5.88 -58.00
C LYS H 127 0.74 5.19 -58.85
N SER H 128 0.49 3.95 -59.24
CA SER H 128 1.46 3.18 -60.01
C SER H 128 1.23 3.25 -61.52
N ALA H 129 0.25 4.03 -61.98
CA ALA H 129 -0.05 4.08 -63.39
C ALA H 129 1.07 4.79 -64.16
N PRO H 130 1.32 4.36 -65.40
CA PRO H 130 2.31 5.06 -66.23
C PRO H 130 1.69 6.22 -66.99
N ASN H 131 2.52 7.23 -67.20
CA ASN H 131 2.09 8.48 -67.84
C ASN H 131 2.37 8.46 -69.34
N ASN H 132 1.78 7.47 -70.00
CA ASN H 132 1.96 7.25 -71.44
C ASN H 132 3.44 7.10 -71.80
N THR H 133 4.20 6.49 -70.91
CA THR H 133 5.63 6.35 -71.07
C THR H 133 5.95 5.34 -72.18
N GLN H 134 6.94 5.66 -73.00
CA GLN H 134 7.49 4.72 -73.96
C GLN H 134 8.63 3.95 -73.28
N PHE H 135 8.51 2.64 -73.22
CA PHE H 135 9.42 1.79 -72.46
C PHE H 135 10.30 0.98 -73.40
N ARG H 136 11.57 0.80 -73.01
CA ARG H 136 12.52 0.06 -73.80
C ARG H 136 12.30 -1.44 -73.64
N GLN H 137 12.67 -2.19 -74.67
CA GLN H 137 12.57 -3.65 -74.61
C GLN H 137 13.72 -4.22 -73.78
N ALA H 138 13.59 -5.52 -73.47
CA ALA H 138 14.57 -6.16 -72.60
C ALA H 138 15.96 -6.18 -73.21
N ASN H 139 16.05 -6.46 -74.52
CA ASN H 139 17.35 -6.55 -75.18
C ASN H 139 18.05 -5.20 -75.26
N ASN H 140 17.30 -4.10 -75.22
CA ASN H 140 17.77 -2.73 -75.34
C ASN H 140 18.31 -2.41 -76.73
N GLY H 141 18.25 -3.33 -77.67
CA GLY H 141 18.63 -3.06 -79.04
C GLY H 141 17.43 -2.82 -79.92
N HIS H 142 16.32 -3.48 -79.58
CA HIS H 142 15.08 -3.30 -80.33
C HIS H 142 14.52 -1.90 -80.07
N PRO H 143 13.72 -1.38 -81.01
CA PRO H 143 13.06 -0.08 -80.76
C PRO H 143 12.13 -0.17 -79.57
N ALA H 144 12.08 0.91 -78.79
CA ALA H 144 11.26 0.95 -77.59
C ALA H 144 9.79 0.91 -77.94
N GLN H 145 9.03 0.11 -77.19
CA GLN H 145 7.60 0.02 -77.38
C GLN H 145 6.87 1.07 -76.54
N THR H 146 5.62 1.32 -76.88
CA THR H 146 4.83 2.36 -76.24
C THR H 146 3.63 1.76 -75.51
N ILE H 147 3.24 2.45 -74.44
CA ILE H 147 2.05 2.08 -73.67
C ILE H 147 0.93 3.10 -73.84
N ALA H 148 1.21 4.25 -74.44
CA ALA H 148 0.26 5.35 -74.49
C ALA H 148 -1.07 4.90 -75.08
N GLN H 149 -2.12 5.58 -74.65
CA GLN H 149 -3.49 5.28 -75.07
C GLN H 149 -4.03 6.45 -75.89
N ALA H 150 -4.51 6.15 -77.10
CA ALA H 150 -5.01 7.16 -78.00
C ALA H 150 -6.43 7.55 -77.61
N SER H 151 -6.60 8.80 -77.20
CA SER H 151 -7.91 9.31 -76.77
C SER H 151 -8.60 10.11 -77.87
N TYR H 152 -7.92 11.11 -78.41
CA TYR H 152 -8.48 11.88 -79.52
C TYR H 152 -8.63 11.01 -80.75
N VAL H 153 -9.76 11.15 -81.43
CA VAL H 153 -10.04 10.41 -82.65
C VAL H 153 -10.15 11.38 -83.81
N ALA H 154 -9.68 10.95 -84.97
CA ALA H 154 -9.70 11.76 -86.18
C ALA H 154 -9.24 10.89 -87.34
N THR H 155 -9.72 11.24 -88.53
CA THR H 155 -9.26 10.57 -89.74
C THR H 155 -7.81 10.96 -90.01
N ILE H 156 -7.02 9.99 -90.48
CA ILE H 156 -5.59 10.17 -90.71
C ILE H 156 -5.36 10.25 -92.20
N GLY H 157 -4.82 11.38 -92.66
CA GLY H 157 -4.59 11.55 -94.08
C GLY H 157 -3.75 12.78 -94.35
N GLY H 158 -3.64 13.11 -95.64
CA GLY H 158 -2.85 14.24 -96.06
C GLY H 158 -1.36 13.95 -95.99
N ALA H 159 -0.59 15.04 -96.01
CA ALA H 159 0.87 14.93 -95.93
C ALA H 159 1.28 14.41 -94.55
N ASN H 160 2.20 13.43 -94.56
CA ASN H 160 2.81 12.85 -93.35
C ASN H 160 1.79 12.36 -92.34
N ASN H 161 0.53 12.19 -92.75
CA ASN H 161 -0.50 11.49 -91.99
C ASN H 161 -0.69 12.09 -90.59
N ASP H 162 -1.14 13.33 -90.57
CA ASP H 162 -1.48 14.00 -89.34
C ASP H 162 -2.92 13.66 -88.95
N LEU H 163 -3.46 14.36 -87.95
CA LEU H 163 -4.81 14.12 -87.46
C LEU H 163 -5.78 15.14 -88.02
N GLN H 164 -7.03 14.73 -88.17
CA GLN H 164 -8.11 15.59 -88.67
C GLN H 164 -8.71 16.33 -87.48
N MET H 165 -8.08 17.46 -87.14
CA MET H 165 -8.52 18.22 -85.98
C MET H 165 -9.85 18.92 -86.24
N GLY H 166 -10.02 19.49 -87.42
CA GLY H 166 -11.24 20.20 -87.73
C GLY H 166 -11.27 20.64 -89.17
N VAL H 167 -12.17 21.58 -89.45
CA VAL H 167 -12.32 22.15 -90.78
C VAL H 167 -12.15 23.66 -90.68
N ASP H 168 -11.33 24.23 -91.56
CA ASP H 168 -11.11 25.67 -91.58
C ASP H 168 -12.26 26.35 -92.31
N GLU H 169 -12.04 27.61 -92.73
CA GLU H 169 -13.11 28.38 -93.35
C GLU H 169 -13.61 27.71 -94.62
N ARG H 170 -12.70 27.29 -95.48
CA ARG H 170 -13.06 26.40 -96.58
C ARG H 170 -13.37 25.02 -96.03
N GLN H 171 -14.14 24.24 -96.80
CA GLN H 171 -14.42 22.86 -96.43
C GLN H 171 -13.19 22.01 -96.77
N LEU H 172 -12.12 22.25 -96.03
CA LEU H 172 -10.82 21.61 -96.18
C LEU H 172 -10.33 21.11 -94.84
N PRO H 173 -9.52 20.06 -94.83
CA PRO H 173 -9.04 19.52 -93.54
C PRO H 173 -8.03 20.42 -92.86
N VAL H 174 -8.01 20.33 -91.53
CA VAL H 174 -7.02 21.00 -90.69
C VAL H 174 -6.25 19.94 -89.92
N TYR H 175 -4.93 20.00 -90.00
CA TYR H 175 -4.06 19.00 -89.40
C TYR H 175 -3.42 19.53 -88.14
N ALA H 176 -3.11 18.61 -87.23
CA ALA H 176 -2.71 18.98 -85.87
C ALA H 176 -1.35 19.65 -85.85
N ASN H 177 -1.27 20.78 -85.15
CA ASN H 177 0.02 21.39 -84.84
C ASN H 177 0.79 20.49 -83.89
N THR H 178 2.01 20.12 -84.28
CA THR H 178 2.76 19.12 -83.52
C THR H 178 3.09 19.57 -82.11
N THR H 179 3.12 20.88 -81.85
CA THR H 179 3.54 21.36 -80.53
C THR H 179 2.53 20.96 -79.45
N TYR H 180 1.26 21.25 -79.65
CA TYR H 180 0.26 21.02 -78.62
C TYR H 180 -1.06 20.42 -79.11
N GLN H 181 -1.33 20.42 -80.41
CA GLN H 181 -2.69 20.17 -80.87
C GLN H 181 -3.27 18.83 -80.44
N PRO H 182 -2.54 17.70 -80.48
CA PRO H 182 -3.14 16.46 -79.97
C PRO H 182 -3.37 16.55 -78.48
N GLU H 183 -4.39 17.30 -78.12
CA GLU H 183 -4.65 17.70 -76.74
C GLU H 183 -4.99 16.49 -75.88
N PRO H 184 -4.30 16.28 -74.76
CA PRO H 184 -4.66 15.18 -73.87
C PRO H 184 -6.00 15.34 -73.16
N GLN H 185 -6.80 16.36 -73.51
CA GLN H 185 -8.07 16.56 -72.83
C GLN H 185 -9.26 16.51 -73.78
N LEU H 186 -9.01 16.42 -75.08
CA LEU H 186 -10.06 16.42 -76.08
C LEU H 186 -10.17 15.04 -76.73
N GLY H 187 -11.39 14.66 -77.09
CA GLY H 187 -11.61 13.39 -77.75
C GLY H 187 -12.98 12.79 -77.54
N ILE H 188 -13.02 11.46 -77.38
CA ILE H 188 -14.28 10.73 -77.19
C ILE H 188 -14.96 11.19 -75.92
N GLU H 189 -16.13 11.80 -76.07
CA GLU H 189 -17.02 12.10 -74.95
C GLU H 189 -18.30 11.29 -75.14
N GLY H 190 -18.68 10.54 -74.11
CA GLY H 190 -19.75 9.57 -74.23
C GLY H 190 -19.22 8.16 -74.28
N TRP H 191 -19.84 7.25 -73.51
CA TRP H 191 -19.32 5.89 -73.39
C TRP H 191 -19.61 5.02 -74.60
N THR H 192 -20.60 5.38 -75.42
CA THR H 192 -20.99 4.53 -76.53
C THR H 192 -19.85 4.38 -77.54
N ALA H 193 -19.16 5.47 -77.86
CA ALA H 193 -18.06 5.41 -78.82
C ALA H 193 -16.91 4.61 -78.24
N GLY H 194 -16.40 3.66 -79.02
CA GLY H 194 -15.34 2.79 -78.58
C GLY H 194 -15.81 1.51 -77.90
N SER H 195 -17.06 1.45 -77.46
CA SER H 195 -17.61 0.26 -76.84
C SER H 195 -18.73 -0.34 -77.69
N MET H 196 -19.76 0.43 -78.03
CA MET H 196 -20.80 -0.04 -78.94
C MET H 196 -20.45 0.30 -80.38
N ALA H 197 -20.26 1.59 -80.67
CA ALA H 197 -19.74 2.01 -81.96
C ALA H 197 -18.23 1.81 -82.00
N VAL H 198 -17.72 1.51 -83.18
CA VAL H 198 -16.31 1.22 -83.36
C VAL H 198 -15.61 2.46 -83.90
N ILE H 199 -14.57 2.91 -83.20
CA ILE H 199 -13.75 4.02 -83.65
C ILE H 199 -12.63 3.46 -84.53
N ASP H 200 -12.51 4.00 -85.75
CA ASP H 200 -11.56 3.45 -86.70
C ASP H 200 -10.14 3.93 -86.41
N GLN H 201 -9.96 5.23 -86.21
CA GLN H 201 -8.63 5.81 -86.02
C GLN H 201 -8.65 6.76 -84.83
N ALA H 202 -7.50 6.87 -84.18
CA ALA H 202 -7.37 7.72 -83.00
C ALA H 202 -5.94 8.23 -82.89
N GLY H 203 -5.76 9.29 -82.11
CA GLY H 203 -4.46 9.90 -81.93
C GLY H 203 -4.13 10.10 -80.46
N GLY H 204 -2.86 10.37 -80.20
CA GLY H 204 -2.39 10.57 -78.85
C GLY H 204 -1.04 11.23 -78.83
N ARG H 205 -0.44 11.28 -77.64
CA ARG H 205 0.86 11.92 -77.43
C ARG H 205 1.69 11.05 -76.49
N VAL H 206 2.99 10.95 -76.79
CA VAL H 206 3.87 10.00 -76.11
C VAL H 206 5.13 10.71 -75.62
N LEU H 207 5.63 10.26 -74.47
CA LEU H 207 6.94 10.64 -74.00
C LEU H 207 7.99 9.71 -74.60
N ARG H 208 9.05 10.28 -75.14
CA ARG H 208 10.13 9.48 -75.69
C ARG H 208 11.43 9.82 -74.97
N ASN H 209 12.28 8.81 -74.78
CA ASN H 209 13.49 8.92 -73.97
C ASN H 209 13.20 9.54 -72.60
N PRO H 210 12.30 8.94 -71.81
CA PRO H 210 11.90 9.56 -70.55
C PRO H 210 12.72 9.08 -69.36
N THR H 211 12.42 9.63 -68.18
CA THR H 211 13.05 9.21 -66.94
C THR H 211 12.27 8.13 -66.21
N GLN H 212 11.19 7.62 -66.82
CA GLN H 212 10.35 6.56 -66.25
C GLN H 212 9.77 6.99 -64.90
N THR H 213 8.97 8.02 -64.95
CA THR H 213 8.35 8.45 -63.70
C THR H 213 6.87 8.04 -63.67
N PRO H 214 6.34 7.71 -62.49
CA PRO H 214 4.92 7.40 -62.39
C PRO H 214 4.06 8.64 -62.65
N CYS H 215 2.81 8.38 -63.03
CA CYS H 215 1.91 9.46 -63.40
C CYS H 215 1.54 10.38 -62.25
N TYR H 216 1.81 9.99 -61.00
CA TYR H 216 1.30 10.73 -59.86
C TYR H 216 1.85 12.15 -59.81
N GLY H 217 3.17 12.31 -59.87
CA GLY H 217 3.72 13.64 -59.95
C GLY H 217 3.64 14.23 -61.34
N SER H 218 4.44 13.68 -62.25
CA SER H 218 4.37 13.93 -63.69
C SER H 218 4.04 15.38 -64.02
N TYR H 219 4.89 16.29 -63.57
CA TYR H 219 4.75 17.69 -63.92
C TYR H 219 5.83 18.07 -64.94
N ALA H 220 5.46 18.98 -65.85
CA ALA H 220 6.41 19.48 -66.83
C ALA H 220 6.10 20.94 -67.11
N LYS H 221 7.11 21.80 -66.98
CA LYS H 221 6.91 23.22 -67.20
C LYS H 221 6.60 23.50 -68.66
N PRO H 222 5.67 24.42 -68.95
CA PRO H 222 5.36 24.75 -70.33
C PRO H 222 6.56 25.35 -71.05
N THR H 223 6.61 25.12 -72.37
CA THR H 223 7.63 25.71 -73.22
C THR H 223 7.03 26.50 -74.37
N ASN H 224 5.71 26.56 -74.49
CA ASN H 224 5.05 27.39 -75.49
C ASN H 224 3.73 27.88 -74.91
N GLU H 225 3.21 28.96 -75.48
CA GLU H 225 1.98 29.54 -74.97
C GLU H 225 0.75 28.81 -75.51
N HIS H 226 0.79 27.47 -75.47
CA HIS H 226 -0.36 26.68 -75.89
C HIS H 226 -0.60 25.48 -75.00
N GLY H 227 0.15 25.31 -73.91
CA GLY H 227 0.01 24.16 -73.05
C GLY H 227 0.92 23.00 -73.37
N GLY H 228 1.68 23.07 -74.45
CA GLY H 228 2.58 21.99 -74.80
C GLY H 228 3.82 21.94 -73.94
N ILE H 229 4.41 20.75 -73.85
CA ILE H 229 5.64 20.53 -73.12
C ILE H 229 6.61 19.77 -74.02
N THR H 230 7.83 20.28 -74.14
CA THR H 230 8.89 19.63 -74.90
C THR H 230 10.19 20.35 -74.62
N LYS H 231 11.29 19.58 -74.56
CA LYS H 231 12.59 20.17 -74.33
C LYS H 231 12.95 21.13 -75.46
N ALA H 232 13.64 22.21 -75.11
CA ALA H 232 14.06 23.18 -76.10
C ALA H 232 15.05 22.55 -77.07
N ASN H 233 14.96 22.96 -78.34
CA ASN H 233 15.82 22.44 -79.42
C ASN H 233 15.69 20.93 -79.56
N THR H 234 14.51 20.39 -79.27
CA THR H 234 14.22 18.98 -79.43
C THR H 234 12.99 18.83 -80.31
N GLN H 235 13.09 17.97 -81.32
CA GLN H 235 12.02 17.78 -82.29
C GLN H 235 11.01 16.77 -81.76
N VAL H 236 9.83 16.77 -82.38
CA VAL H 236 8.77 15.81 -82.10
C VAL H 236 8.48 15.03 -83.37
N GLU H 237 8.48 13.70 -83.26
CA GLU H 237 8.22 12.83 -84.40
C GLU H 237 7.07 11.90 -84.06
N LYS H 238 6.40 11.41 -85.10
CA LYS H 238 5.19 10.62 -84.94
C LYS H 238 5.45 9.17 -85.28
N LYS H 239 4.77 8.28 -84.56
CA LYS H 239 4.84 6.84 -84.76
C LYS H 239 3.45 6.29 -84.99
N TYR H 240 3.36 5.30 -85.88
CA TYR H 240 2.08 4.71 -86.27
C TYR H 240 1.98 3.29 -85.74
N TYR H 241 0.76 2.90 -85.35
CA TYR H 241 0.53 1.59 -84.77
C TYR H 241 -0.79 1.03 -85.27
N ARG H 242 -0.89 -0.29 -85.28
CA ARG H 242 -2.13 -0.98 -85.62
C ARG H 242 -2.14 -2.34 -84.93
N THR H 243 -3.35 -2.81 -84.62
CA THR H 243 -3.51 -4.09 -83.95
C THR H 243 -3.61 -5.27 -84.91
N GLY H 244 -3.78 -5.00 -86.22
CA GLY H 244 -3.86 -6.03 -87.21
C GLY H 244 -2.63 -6.11 -88.08
N ASP H 245 -2.80 -6.71 -89.26
CA ASP H 245 -1.73 -6.84 -90.24
C ASP H 245 -2.25 -6.49 -91.61
N ASN H 246 -1.42 -5.82 -92.41
CA ASN H 246 -1.74 -5.43 -93.78
C ASN H 246 -3.03 -4.61 -93.82
N GLY H 247 -2.98 -3.44 -93.19
CA GLY H 247 -4.14 -2.56 -93.16
C GLY H 247 -3.75 -1.14 -92.82
N ASN H 248 -4.74 -0.27 -92.89
CA ASN H 248 -4.54 1.14 -92.58
C ASN H 248 -4.28 1.29 -91.08
N PRO H 249 -3.20 1.92 -90.66
CA PRO H 249 -2.89 2.03 -89.23
C PRO H 249 -4.01 2.74 -88.47
N GLU H 250 -4.23 2.30 -87.23
CA GLU H 250 -5.32 2.78 -86.41
C GLU H 250 -4.91 3.93 -85.49
N THR H 251 -3.69 3.87 -84.96
CA THR H 251 -3.26 4.79 -83.91
C THR H 251 -2.06 5.60 -84.39
N VAL H 252 -2.11 6.92 -84.17
CA VAL H 252 -1.01 7.82 -84.43
C VAL H 252 -0.61 8.48 -83.12
N PHE H 253 0.68 8.44 -82.80
CA PHE H 253 1.23 9.01 -81.59
C PHE H 253 2.31 10.02 -81.92
N TYR H 254 2.23 11.19 -81.29
CA TYR H 254 3.23 12.25 -81.45
C TYR H 254 4.19 12.14 -80.27
N THR H 255 5.29 11.41 -80.48
CA THR H 255 6.25 11.17 -79.41
C THR H 255 7.16 12.38 -79.26
N GLU H 256 7.19 12.97 -78.06
CA GLU H 256 8.04 14.11 -77.77
C GLU H 256 8.79 13.85 -76.47
N GLU H 257 9.97 14.46 -76.36
CA GLU H 257 10.83 14.31 -75.20
C GLU H 257 10.76 15.60 -74.38
N ALA H 258 10.40 15.46 -73.11
CA ALA H 258 10.20 16.60 -72.23
C ALA H 258 10.90 16.37 -70.90
N ASP H 259 11.25 17.47 -70.24
CA ASP H 259 11.92 17.41 -68.93
C ASP H 259 10.87 17.23 -67.84
N VAL H 260 10.32 16.01 -67.79
CA VAL H 260 9.26 15.69 -66.84
C VAL H 260 9.87 15.57 -65.45
N LEU H 261 9.47 16.46 -64.56
CA LEU H 261 9.91 16.48 -63.18
C LEU H 261 8.75 16.16 -62.26
N THR H 262 9.09 15.81 -61.00
CA THR H 262 8.11 15.48 -59.97
C THR H 262 8.35 16.39 -58.78
N PRO H 263 7.98 17.67 -58.91
CA PRO H 263 8.24 18.61 -57.81
C PRO H 263 7.50 18.26 -56.54
N ASP H 264 6.41 17.51 -56.63
CA ASP H 264 5.55 17.27 -55.49
C ASP H 264 5.88 15.97 -54.76
N THR H 265 5.80 14.85 -55.46
CA THR H 265 5.86 13.54 -54.82
C THR H 265 7.26 12.95 -54.87
N HIS H 266 7.49 11.93 -54.04
CA HIS H 266 8.69 11.11 -54.05
C HIS H 266 8.30 9.67 -54.37
N LEU H 267 9.31 8.81 -54.48
CA LEU H 267 9.13 7.44 -54.93
C LEU H 267 9.15 6.47 -53.76
N VAL H 268 8.15 5.60 -53.71
CA VAL H 268 8.12 4.46 -52.80
C VAL H 268 8.11 3.21 -53.67
N HIS H 269 8.95 2.23 -53.32
CA HIS H 269 9.21 1.06 -54.16
C HIS H 269 9.72 1.50 -55.53
N ALA H 270 10.90 2.11 -55.50
CA ALA H 270 11.58 2.52 -56.72
C ALA H 270 12.46 1.38 -57.20
N VAL H 271 12.47 1.15 -58.51
CA VAL H 271 13.28 0.10 -59.12
C VAL H 271 14.69 0.63 -59.29
N PRO H 272 15.71 -0.23 -59.33
CA PRO H 272 17.08 0.25 -59.55
C PRO H 272 17.22 0.94 -60.90
N ALA H 273 18.09 1.95 -60.94
CA ALA H 273 18.24 2.76 -62.15
C ALA H 273 18.82 1.99 -63.32
N ALA H 274 19.43 0.82 -63.07
CA ALA H 274 19.99 0.03 -64.15
C ALA H 274 18.90 -0.43 -65.11
N ASP H 275 17.77 -0.89 -64.58
CA ASP H 275 16.65 -1.36 -65.38
C ASP H 275 15.39 -0.55 -65.11
N ARG H 276 15.55 0.70 -64.67
CA ARG H 276 14.39 1.53 -64.36
C ARG H 276 13.61 1.88 -65.62
N ALA H 277 14.31 2.26 -66.69
CA ALA H 277 13.65 2.82 -67.86
C ALA H 277 13.13 1.77 -68.84
N LYS H 278 13.64 0.53 -68.78
CA LYS H 278 13.27 -0.43 -69.82
C LYS H 278 11.92 -1.09 -69.53
N VAL H 279 11.84 -1.88 -68.46
CA VAL H 279 10.65 -2.65 -68.13
C VAL H 279 10.56 -2.67 -66.61
N GLU H 280 9.34 -2.91 -66.10
CA GLU H 280 9.01 -3.09 -64.69
C GLU H 280 9.42 -1.90 -63.85
N GLY H 281 9.95 -0.85 -64.48
CA GLY H 281 9.98 0.46 -63.88
C GLY H 281 8.68 1.21 -64.05
N LEU H 282 7.78 0.65 -64.84
CA LEU H 282 6.43 1.17 -65.01
C LEU H 282 5.59 0.98 -63.75
N SER H 283 5.96 0.02 -62.91
CA SER H 283 5.21 -0.31 -61.70
C SER H 283 5.58 0.56 -60.52
N GLN H 284 6.49 1.51 -60.69
CA GLN H 284 6.80 2.46 -59.64
C GLN H 284 5.55 3.23 -59.25
N HIS H 285 5.31 3.34 -57.94
CA HIS H 285 4.18 4.10 -57.43
C HIS H 285 4.67 5.22 -56.55
N ALA H 286 4.24 6.44 -56.84
CA ALA H 286 4.67 7.61 -56.09
C ALA H 286 3.76 7.84 -54.89
N ALA H 287 4.25 8.63 -53.94
CA ALA H 287 3.54 8.89 -52.71
C ALA H 287 3.57 10.37 -52.37
N PRO H 288 2.54 10.87 -51.68
CA PRO H 288 2.58 12.26 -51.19
C PRO H 288 3.84 12.55 -50.39
N ASN H 289 4.11 13.84 -50.15
CA ASN H 289 5.43 14.27 -49.71
C ASN H 289 5.44 14.81 -48.27
N ARG H 290 4.58 14.27 -47.40
CA ARG H 290 4.69 14.54 -45.97
C ARG H 290 4.60 16.03 -45.65
N PRO H 291 3.41 16.62 -45.67
CA PRO H 291 3.29 18.08 -45.56
C PRO H 291 4.03 18.66 -44.36
N ASN H 292 4.64 19.82 -44.58
CA ASN H 292 5.58 20.42 -43.63
C ASN H 292 5.01 21.63 -42.90
N PHE H 293 4.37 22.57 -43.61
CA PHE H 293 3.71 23.72 -43.00
C PHE H 293 4.70 24.56 -42.18
N ILE H 294 5.67 25.13 -42.89
CA ILE H 294 6.64 26.03 -42.26
C ILE H 294 6.01 27.41 -42.12
N GLY H 295 6.04 27.97 -40.91
CA GLY H 295 5.47 29.28 -40.67
C GLY H 295 6.09 29.92 -39.46
N PHE H 296 5.61 31.13 -39.17
CA PHE H 296 6.09 31.87 -38.01
C PHE H 296 5.64 31.19 -36.71
N ARG H 297 6.34 31.50 -35.63
CA ARG H 297 6.05 30.90 -34.34
C ARG H 297 4.78 31.50 -33.75
N ASP H 298 4.27 30.82 -32.71
CA ASP H 298 3.10 31.31 -32.00
C ASP H 298 3.42 32.62 -31.29
N CYS H 299 2.53 33.61 -31.43
CA CYS H 299 2.72 34.95 -30.87
C CYS H 299 4.07 35.53 -31.22
N PHE H 300 4.66 35.11 -32.34
CA PHE H 300 5.99 35.53 -32.77
C PHE H 300 7.02 35.25 -31.66
N VAL H 301 6.86 34.12 -30.98
CA VAL H 301 7.78 33.77 -29.91
C VAL H 301 9.15 33.44 -30.49
N GLY H 302 10.19 33.76 -29.73
CA GLY H 302 11.55 33.53 -30.18
C GLY H 302 12.09 34.56 -31.14
N LEU H 303 11.26 35.52 -31.58
CA LEU H 303 11.70 36.53 -32.53
C LEU H 303 12.49 37.65 -31.88
N MET H 304 12.43 37.79 -30.55
CA MET H 304 13.18 38.82 -29.83
C MET H 304 14.07 38.17 -28.79
N TYR H 305 15.28 38.72 -28.66
CA TYR H 305 16.23 38.29 -27.62
C TYR H 305 15.76 38.81 -26.28
N TYR H 306 15.04 37.99 -25.54
CA TYR H 306 14.47 38.38 -24.25
C TYR H 306 15.37 38.02 -23.07
N ASN H 307 15.63 36.73 -22.88
CA ASN H 307 16.32 36.27 -21.69
C ASN H 307 17.78 35.92 -21.94
N SER H 308 18.30 36.26 -23.12
CA SER H 308 19.71 36.04 -23.40
C SER H 308 20.55 37.14 -22.76
N GLY H 309 21.69 36.75 -22.20
CA GLY H 309 22.55 37.73 -21.54
C GLY H 309 23.32 38.62 -22.50
N GLY H 310 23.46 38.19 -23.75
CA GLY H 310 24.21 38.97 -24.73
C GLY H 310 23.42 40.08 -25.40
N ASN H 311 22.11 40.16 -25.14
CA ASN H 311 21.26 41.18 -25.76
C ASN H 311 20.21 41.62 -24.76
N LEU H 312 20.03 42.93 -24.63
CA LEU H 312 19.13 43.49 -23.63
C LEU H 312 18.29 44.61 -24.22
N GLY H 313 17.15 44.86 -23.58
CA GLY H 313 16.27 45.96 -23.91
C GLY H 313 16.69 47.25 -23.26
N VAL H 314 17.64 47.95 -23.87
CA VAL H 314 18.38 49.03 -23.21
C VAL H 314 17.47 50.21 -22.91
N LEU H 315 16.17 50.07 -23.20
CA LEU H 315 15.18 51.13 -22.99
C LEU H 315 15.43 51.90 -21.70
N ALA H 316 15.62 53.20 -21.83
CA ALA H 316 16.08 54.04 -20.72
C ALA H 316 15.91 55.50 -21.11
N GLY H 317 16.11 56.37 -20.14
CA GLY H 317 16.07 57.79 -20.40
C GLY H 317 17.23 58.25 -21.26
N GLN H 318 17.01 59.34 -21.98
CA GLN H 318 18.04 59.86 -22.88
C GLN H 318 19.18 60.53 -22.13
N SER H 319 18.90 61.14 -20.98
CA SER H 319 19.92 61.89 -20.24
C SER H 319 20.67 61.01 -19.24
N SER H 320 19.94 60.44 -18.28
CA SER H 320 20.58 59.60 -17.28
C SER H 320 21.13 58.32 -17.89
N GLN H 321 20.39 57.72 -18.83
CA GLN H 321 20.84 56.56 -19.61
C GLN H 321 21.09 55.34 -18.73
N LEU H 322 20.31 55.15 -17.68
CA LEU H 322 20.40 53.94 -16.87
C LEU H 322 19.31 52.98 -17.31
N ASN H 323 19.69 51.74 -17.60
CA ASN H 323 18.77 50.77 -18.19
C ASN H 323 17.59 50.49 -17.25
N ALA H 324 16.39 50.49 -17.81
CA ALA H 324 15.19 50.14 -17.07
C ALA H 324 14.79 48.68 -17.23
N VAL H 325 15.55 47.91 -18.01
CA VAL H 325 15.25 46.51 -18.27
C VAL H 325 16.48 45.69 -17.89
N VAL H 326 16.29 44.71 -17.03
CA VAL H 326 17.35 43.76 -16.68
C VAL H 326 16.79 42.35 -16.83
N ASP H 327 17.57 41.47 -17.44
CA ASP H 327 17.22 40.07 -17.59
C ASP H 327 18.32 39.21 -17.01
N LEU H 328 17.94 38.21 -16.21
CA LEU H 328 18.90 37.43 -15.43
C LEU H 328 18.84 35.94 -15.75
N GLN H 329 18.36 35.57 -16.94
CA GLN H 329 18.55 34.26 -17.53
C GLN H 329 17.77 33.15 -16.82
N ASP H 330 17.08 33.48 -15.73
CA ASP H 330 16.21 32.52 -15.08
C ASP H 330 14.73 32.77 -15.37
N ARG H 331 14.37 34.01 -15.68
CA ARG H 331 13.01 34.32 -16.08
C ARG H 331 12.71 33.68 -17.43
N ASN H 332 11.45 33.28 -17.61
CA ASN H 332 10.97 32.74 -18.88
C ASN H 332 9.78 33.59 -19.30
N THR H 333 10.08 34.73 -19.93
CA THR H 333 9.03 35.67 -20.31
C THR H 333 8.19 35.18 -21.48
N GLU H 334 8.73 34.34 -22.35
CA GLU H 334 7.94 33.78 -23.44
C GLU H 334 6.82 32.90 -22.89
N LEU H 335 7.17 31.97 -22.00
CA LEU H 335 6.16 31.14 -21.36
C LEU H 335 5.26 31.98 -20.46
N SER H 336 5.80 33.03 -19.84
CA SER H 336 4.97 33.93 -19.04
C SER H 336 3.88 34.56 -19.89
N TYR H 337 4.24 35.10 -21.05
CA TYR H 337 3.26 35.71 -21.94
C TYR H 337 2.27 34.67 -22.45
N GLN H 338 2.76 33.47 -22.79
CA GLN H 338 1.87 32.42 -23.28
C GLN H 338 0.80 32.08 -22.24
N MET H 339 1.23 31.82 -21.00
CA MET H 339 0.28 31.48 -19.95
C MET H 339 -0.62 32.66 -19.61
N LEU H 340 -0.08 33.88 -19.65
CA LEU H 340 -0.91 35.07 -19.40
C LEU H 340 -2.03 35.17 -20.41
N LEU H 341 -1.72 35.00 -21.70
CA LEU H 341 -2.75 35.03 -22.73
C LEU H 341 -3.76 33.91 -22.52
N ALA H 342 -3.26 32.69 -22.28
CA ALA H 342 -4.15 31.54 -22.15
C ALA H 342 -5.08 31.67 -20.95
N ASN H 343 -4.65 32.38 -19.90
CA ASN H 343 -5.49 32.54 -18.72
C ASN H 343 -6.42 33.75 -18.81
N THR H 344 -5.94 34.86 -19.36
CA THR H 344 -6.80 36.05 -19.43
C THR H 344 -7.87 35.89 -20.50
N THR H 345 -7.51 35.40 -21.68
CA THR H 345 -8.46 35.31 -22.78
C THR H 345 -8.58 33.87 -23.26
N ASP H 346 -9.79 33.49 -23.65
CA ASP H 346 -9.96 32.24 -24.37
C ASP H 346 -9.22 32.30 -25.69
N ARG H 347 -8.51 31.24 -26.02
CA ARG H 347 -7.59 31.28 -27.16
C ARG H 347 -7.90 30.18 -28.18
N SER H 348 -9.18 29.80 -28.29
CA SER H 348 -9.63 29.01 -29.43
C SER H 348 -9.83 29.85 -30.68
N ARG H 349 -9.74 31.16 -30.56
CA ARG H 349 -9.88 32.09 -31.67
C ARG H 349 -8.50 32.52 -32.16
N TYR H 350 -8.42 32.82 -33.45
CA TYR H 350 -7.16 33.22 -34.08
C TYR H 350 -7.16 34.72 -34.33
N PHE H 351 -6.08 35.38 -33.96
CA PHE H 351 -5.91 36.80 -34.16
C PHE H 351 -4.80 37.06 -35.17
N SER H 352 -5.08 37.92 -36.15
CA SER H 352 -4.14 38.14 -37.24
C SER H 352 -2.96 39.01 -36.85
N MET H 353 -3.16 40.04 -36.02
CA MET H 353 -2.08 40.94 -35.64
C MET H 353 -0.91 40.17 -35.06
N TRP H 354 -1.14 39.52 -33.93
CA TRP H 354 -0.18 38.60 -33.34
C TRP H 354 -0.81 37.22 -33.42
N ASN H 355 -0.06 36.27 -33.99
CA ASN H 355 -0.58 34.98 -34.44
C ASN H 355 -1.57 34.37 -33.46
N GLN H 356 -1.15 34.21 -32.21
CA GLN H 356 -2.03 33.77 -31.11
C GLN H 356 -2.82 32.51 -31.47
N ALA H 357 -2.31 31.70 -32.39
CA ALA H 357 -2.97 30.47 -32.80
C ALA H 357 -2.27 29.32 -32.07
N MET H 358 -2.94 28.80 -31.04
CA MET H 358 -2.34 27.75 -30.22
C MET H 358 -1.96 26.54 -31.05
N ASP H 359 -0.77 26.01 -30.76
CA ASP H 359 -0.41 24.70 -31.29
C ASP H 359 -1.33 23.67 -30.68
N SER H 360 -2.24 23.12 -31.51
CA SER H 360 -3.32 22.28 -31.01
C SER H 360 -3.34 20.99 -31.80
N TYR H 361 -3.12 19.87 -31.12
CA TYR H 361 -3.28 18.57 -31.74
C TYR H 361 -4.76 18.23 -31.87
N ASP H 362 -5.06 17.36 -32.81
CA ASP H 362 -6.42 16.81 -32.90
C ASP H 362 -6.58 15.70 -31.87
N PRO H 363 -7.57 15.78 -30.97
CA PRO H 363 -7.71 14.72 -29.97
C PRO H 363 -7.89 13.33 -30.58
N GLU H 364 -8.60 13.23 -31.69
CA GLU H 364 -8.77 11.94 -32.36
C GLU H 364 -7.48 11.39 -32.92
N VAL H 365 -6.43 12.20 -33.02
CA VAL H 365 -5.12 11.75 -33.43
C VAL H 365 -4.22 11.49 -32.23
N ARG H 366 -4.28 12.35 -31.21
CA ARG H 366 -3.48 12.14 -30.01
C ARG H 366 -3.88 10.85 -29.30
N VAL H 367 -5.18 10.61 -29.17
CA VAL H 367 -5.70 9.35 -28.67
C VAL H 367 -6.58 8.75 -29.76
N ILE H 368 -6.26 7.53 -30.18
CA ILE H 368 -6.97 6.84 -31.23
C ILE H 368 -8.00 5.93 -30.60
N ASP H 369 -9.28 6.19 -30.89
CA ASP H 369 -10.39 5.39 -30.40
C ASP H 369 -10.93 4.57 -31.57
N ASN H 370 -10.48 3.32 -31.67
CA ASN H 370 -10.99 2.45 -32.71
C ASN H 370 -12.41 2.02 -32.35
N VAL H 371 -13.38 2.79 -32.83
CA VAL H 371 -14.79 2.52 -32.57
C VAL H 371 -15.41 1.69 -33.70
N GLY H 372 -14.60 1.26 -34.65
CA GLY H 372 -15.12 0.58 -35.82
C GLY H 372 -15.21 1.50 -37.01
N VAL H 373 -15.92 1.03 -38.03
CA VAL H 373 -16.00 1.76 -39.30
C VAL H 373 -17.44 1.88 -39.77
N GLU H 374 -18.34 1.12 -39.15
CA GLU H 374 -19.77 1.04 -39.51
C GLU H 374 -19.93 0.89 -41.02
N ASP H 375 -19.44 -0.23 -41.54
CA ASP H 375 -19.46 -0.55 -42.97
C ASP H 375 -20.39 -1.72 -43.26
N GLU H 376 -21.55 -1.75 -42.60
CA GLU H 376 -22.46 -2.88 -42.73
C GLU H 376 -23.01 -3.06 -44.14
N MET H 377 -22.96 -2.04 -45.00
CA MET H 377 -23.51 -2.26 -46.32
C MET H 377 -22.43 -2.17 -47.39
N PRO H 378 -22.55 -2.95 -48.45
CA PRO H 378 -21.55 -2.95 -49.53
C PRO H 378 -21.74 -1.76 -50.47
N ASN H 379 -20.80 -1.62 -51.41
CA ASN H 379 -20.70 -0.42 -52.24
C ASN H 379 -20.89 -0.71 -53.73
N TYR H 380 -20.12 -1.63 -54.31
CA TYR H 380 -20.30 -2.07 -55.70
C TYR H 380 -20.16 -0.93 -56.70
N CYS H 381 -18.93 -0.45 -56.84
CA CYS H 381 -18.62 0.45 -57.95
C CYS H 381 -19.08 -0.18 -59.26
N PHE H 382 -19.79 0.60 -60.07
CA PHE H 382 -20.55 0.02 -61.16
C PHE H 382 -20.03 0.49 -62.51
N PRO H 383 -20.19 -0.31 -63.57
CA PRO H 383 -19.55 0.02 -64.85
C PRO H 383 -20.06 1.33 -65.42
N LEU H 384 -19.16 2.01 -66.15
CA LEU H 384 -19.51 3.27 -66.79
C LEU H 384 -20.68 3.10 -67.75
N SER H 385 -20.66 2.03 -68.54
CA SER H 385 -21.77 1.74 -69.42
C SER H 385 -22.96 1.23 -68.62
N GLY H 386 -24.02 0.87 -69.31
CA GLY H 386 -25.20 0.36 -68.65
C GLY H 386 -25.03 -1.06 -68.14
N VAL H 387 -24.73 -1.99 -69.05
CA VAL H 387 -24.79 -3.41 -68.72
C VAL H 387 -23.50 -4.13 -69.12
N GLN H 388 -22.37 -3.42 -69.08
CA GLN H 388 -21.05 -4.02 -69.33
C GLN H 388 -21.00 -4.66 -70.70
N ILE H 389 -21.03 -3.80 -71.71
CA ILE H 389 -21.06 -4.18 -73.12
C ILE H 389 -20.12 -5.33 -73.43
N GLY H 390 -20.65 -6.38 -74.06
CA GLY H 390 -19.87 -7.56 -74.39
C GLY H 390 -20.31 -8.21 -75.68
N ASN H 391 -20.48 -9.53 -75.65
CA ASN H 391 -20.92 -10.25 -76.84
C ASN H 391 -22.35 -9.87 -77.21
N ARG H 392 -22.62 -9.81 -78.50
CA ARG H 392 -23.93 -9.40 -78.99
C ARG H 392 -24.92 -10.56 -78.91
N SER H 393 -26.17 -10.29 -79.25
CA SER H 393 -27.23 -11.29 -79.18
C SER H 393 -28.15 -11.13 -80.39
N HIS H 394 -28.87 -12.20 -80.71
CA HIS H 394 -29.74 -12.26 -81.87
C HIS H 394 -31.19 -12.27 -81.44
N GLU H 395 -32.00 -11.39 -82.03
CA GLU H 395 -33.44 -11.43 -81.80
C GLU H 395 -34.02 -12.70 -82.40
N VAL H 396 -34.94 -13.32 -81.68
CA VAL H 396 -35.46 -14.63 -82.03
C VAL H 396 -36.98 -14.65 -81.85
N GLN H 397 -37.67 -15.26 -82.81
CA GLN H 397 -39.12 -15.41 -82.74
C GLN H 397 -39.51 -16.79 -83.25
N ARG H 398 -40.68 -17.25 -82.83
CA ARG H 398 -41.23 -18.51 -83.30
C ARG H 398 -41.95 -18.30 -84.62
N ASN H 399 -41.48 -18.97 -85.67
CA ASN H 399 -42.17 -18.91 -86.96
C ASN H 399 -43.33 -19.90 -87.00
N GLN H 400 -43.02 -21.20 -86.92
CA GLN H 400 -44.05 -22.22 -86.85
C GLN H 400 -43.97 -23.07 -85.59
N GLN H 401 -42.83 -23.70 -85.32
CA GLN H 401 -42.66 -24.52 -84.13
C GLN H 401 -41.34 -24.31 -83.40
N GLN H 402 -40.30 -23.84 -84.07
CA GLN H 402 -38.98 -23.67 -83.48
C GLN H 402 -38.59 -22.20 -83.47
N TRP H 403 -37.35 -21.94 -83.06
CA TRP H 403 -36.84 -20.58 -82.90
C TRP H 403 -35.89 -20.25 -84.04
N GLN H 404 -36.14 -19.12 -84.70
CA GLN H 404 -35.28 -18.64 -85.77
C GLN H 404 -34.91 -17.19 -85.55
N ASN H 405 -33.78 -16.79 -86.14
CA ASN H 405 -33.30 -15.42 -85.98
C ASN H 405 -34.18 -14.43 -86.73
N VAL H 406 -34.39 -13.27 -86.12
CA VAL H 406 -35.13 -12.19 -86.77
C VAL H 406 -34.21 -11.50 -87.77
N ALA H 407 -34.79 -11.06 -88.88
CA ALA H 407 -34.00 -10.50 -89.97
C ALA H 407 -33.28 -9.24 -89.55
N ASN H 408 -32.00 -9.14 -89.92
CA ASN H 408 -31.14 -7.98 -89.71
C ASN H 408 -31.33 -7.35 -88.32
N SER H 409 -31.33 -8.20 -87.30
CA SER H 409 -31.37 -7.76 -85.90
C SER H 409 -30.32 -8.56 -85.14
N ASP H 410 -29.09 -8.03 -85.11
CA ASP H 410 -27.97 -8.72 -84.48
C ASP H 410 -27.10 -7.77 -83.67
N ASN H 411 -27.69 -6.66 -83.20
CA ASN H 411 -26.93 -5.66 -82.45
C ASN H 411 -27.40 -5.55 -81.00
N ASN H 412 -28.13 -6.55 -80.51
CA ASN H 412 -28.52 -6.55 -79.11
C ASN H 412 -27.30 -6.75 -78.20
N TYR H 413 -27.35 -6.13 -77.03
CA TYR H 413 -26.22 -6.14 -76.10
C TYR H 413 -26.66 -6.65 -74.73
N ILE H 414 -27.35 -7.77 -74.72
CA ILE H 414 -27.92 -8.34 -73.50
C ILE H 414 -26.87 -9.22 -72.83
N GLY H 415 -26.56 -8.90 -71.57
CA GLY H 415 -25.73 -9.76 -70.75
C GLY H 415 -26.50 -10.30 -69.57
N LYS H 416 -26.77 -11.60 -69.57
CA LYS H 416 -27.61 -12.20 -68.54
C LYS H 416 -26.91 -12.15 -67.18
N GLY H 417 -27.71 -12.07 -66.13
CA GLY H 417 -27.21 -11.99 -64.76
C GLY H 417 -27.17 -10.57 -64.24
N ASN H 418 -26.76 -10.46 -62.97
CA ASN H 418 -26.65 -9.16 -62.34
C ASN H 418 -25.49 -8.36 -62.95
N LEU H 419 -25.53 -7.06 -62.73
CA LEU H 419 -24.47 -6.19 -63.24
C LEU H 419 -23.14 -6.54 -62.58
N PRO H 420 -22.06 -6.67 -63.34
CA PRO H 420 -20.74 -6.93 -62.73
C PRO H 420 -20.20 -5.66 -62.08
N ALA H 421 -19.96 -5.74 -60.78
CA ALA H 421 -19.46 -4.62 -60.00
C ALA H 421 -18.26 -5.07 -59.18
N MET H 422 -17.72 -4.16 -58.38
CA MET H 422 -16.62 -4.47 -57.47
C MET H 422 -16.86 -3.77 -56.14
N GLU H 423 -16.79 -4.52 -55.06
CA GLU H 423 -16.97 -3.95 -53.73
C GLU H 423 -15.72 -3.20 -53.27
N ILE H 424 -15.93 -2.21 -52.41
CA ILE H 424 -14.88 -1.26 -52.05
C ILE H 424 -14.61 -1.24 -50.55
N ASN H 425 -15.67 -1.27 -49.73
CA ASN H 425 -15.59 -1.04 -48.28
C ASN H 425 -15.05 0.37 -47.98
N LEU H 426 -15.88 1.35 -48.37
CA LEU H 426 -15.51 2.76 -48.27
C LEU H 426 -15.20 3.16 -46.84
N ALA H 427 -16.01 2.71 -45.88
CA ALA H 427 -15.86 3.17 -44.51
C ALA H 427 -14.52 2.75 -43.93
N ALA H 428 -14.21 1.45 -44.01
CA ALA H 428 -12.94 0.96 -43.50
C ALA H 428 -11.78 1.51 -44.31
N ASN H 429 -11.98 1.74 -45.61
CA ASN H 429 -10.91 2.29 -46.44
C ASN H 429 -10.55 3.70 -46.00
N LEU H 430 -11.56 4.55 -45.79
CA LEU H 430 -11.32 5.91 -45.32
C LEU H 430 -10.72 5.91 -43.92
N TRP H 431 -11.22 5.04 -43.04
CA TRP H 431 -10.68 4.98 -41.69
C TRP H 431 -9.21 4.57 -41.70
N ARG H 432 -8.86 3.57 -42.51
CA ARG H 432 -7.46 3.16 -42.60
C ARG H 432 -6.59 4.25 -43.20
N SER H 433 -7.10 4.96 -44.21
CA SER H 433 -6.34 6.06 -44.79
C SER H 433 -6.05 7.13 -43.76
N PHE H 434 -7.08 7.56 -43.02
CA PHE H 434 -6.90 8.55 -41.96
C PHE H 434 -5.90 8.07 -40.93
N LEU H 435 -6.10 6.85 -40.44
CA LEU H 435 -5.26 6.32 -39.35
C LEU H 435 -3.80 6.23 -39.78
N TYR H 436 -3.56 5.70 -40.98
CA TYR H 436 -2.20 5.63 -41.51
C TYR H 436 -1.61 7.03 -41.61
N SER H 437 -2.22 7.89 -42.42
CA SER H 437 -1.63 9.19 -42.71
C SER H 437 -1.51 10.08 -41.48
N ASN H 438 -2.19 9.76 -40.38
CA ASN H 438 -2.13 10.59 -39.21
C ASN H 438 -1.37 9.99 -38.03
N VAL H 439 -1.01 8.70 -38.08
CA VAL H 439 -0.23 8.08 -37.01
C VAL H 439 1.04 7.42 -37.55
N ALA H 440 0.90 6.58 -38.58
CA ALA H 440 2.04 5.77 -39.02
C ALA H 440 3.16 6.64 -39.54
N LEU H 441 2.83 7.70 -40.29
CA LEU H 441 3.84 8.60 -40.78
C LEU H 441 4.58 9.32 -39.66
N TYR H 442 3.90 9.59 -38.54
CA TYR H 442 4.50 10.28 -37.41
C TYR H 442 5.07 9.33 -36.37
N LEU H 443 5.04 8.03 -36.64
CA LEU H 443 5.77 7.09 -35.81
C LEU H 443 7.26 7.45 -35.81
N PRO H 444 7.96 7.23 -34.68
CA PRO H 444 9.36 7.63 -34.60
C PRO H 444 10.23 6.91 -35.63
N ASP H 445 11.44 7.44 -35.78
CA ASP H 445 12.30 7.03 -36.90
C ASP H 445 12.69 5.56 -36.80
N ASN H 446 13.00 5.07 -35.60
CA ASN H 446 13.50 3.70 -35.47
C ASN H 446 12.45 2.66 -35.88
N LEU H 447 11.16 2.99 -35.79
CA LEU H 447 10.14 2.08 -36.29
C LEU H 447 10.04 2.12 -37.81
N LYS H 448 10.20 3.31 -38.40
CA LYS H 448 10.13 3.43 -39.85
C LYS H 448 11.36 2.80 -40.50
N PHE H 449 11.21 2.45 -41.77
CA PHE H 449 12.28 1.81 -42.54
C PHE H 449 12.42 2.52 -43.89
N THR H 450 13.63 2.49 -44.41
CA THR H 450 13.74 3.14 -45.73
C THR H 450 13.52 2.11 -46.84
N PRO H 451 12.82 2.50 -47.90
CA PRO H 451 12.56 1.55 -48.99
C PRO H 451 13.83 1.20 -49.74
N HIS H 452 13.77 0.10 -50.47
CA HIS H 452 14.90 -0.40 -51.24
C HIS H 452 15.10 0.41 -52.51
N ASN H 453 16.35 0.46 -52.97
CA ASN H 453 16.72 1.18 -54.20
C ASN H 453 16.37 2.67 -54.12
N ILE H 454 16.60 3.27 -52.95
CA ILE H 454 16.44 4.71 -52.79
C ILE H 454 17.56 5.21 -51.87
N GLN H 455 17.94 6.47 -52.04
CA GLN H 455 19.01 7.08 -51.27
C GLN H 455 18.48 8.26 -50.48
N LEU H 456 18.93 8.38 -49.24
CA LEU H 456 18.56 9.50 -48.38
C LEU H 456 19.81 10.13 -47.79
N PRO H 457 19.76 11.43 -47.50
CA PRO H 457 20.91 12.10 -46.88
C PRO H 457 21.23 11.48 -45.54
N PRO H 458 22.51 11.40 -45.17
CA PRO H 458 22.88 10.82 -43.87
C PRO H 458 22.30 11.59 -42.69
N ASN H 459 22.13 12.90 -42.81
CA ASN H 459 21.60 13.70 -41.71
C ASN H 459 20.14 13.32 -41.45
N THR H 460 19.89 12.73 -40.28
CA THR H 460 18.55 12.28 -39.94
C THR H 460 17.57 13.41 -39.68
N ASN H 461 18.06 14.65 -39.54
CA ASN H 461 17.19 15.79 -39.34
C ASN H 461 16.72 16.41 -40.65
N THR H 462 17.26 15.99 -41.78
CA THR H 462 16.90 16.58 -43.06
C THR H 462 15.48 16.18 -43.46
N TYR H 463 14.80 17.11 -44.15
CA TYR H 463 13.45 16.83 -44.63
C TYR H 463 13.46 15.67 -45.61
N GLU H 464 14.49 15.56 -46.45
CA GLU H 464 14.55 14.45 -47.39
C GLU H 464 14.58 13.10 -46.66
N TYR H 465 15.40 13.01 -45.61
CA TYR H 465 15.44 11.78 -44.83
C TYR H 465 14.12 11.50 -44.14
N MET H 466 13.60 12.49 -43.41
CA MET H 466 12.37 12.30 -42.64
C MET H 466 11.15 12.10 -43.53
N ASN H 467 11.26 12.39 -44.82
CA ASN H 467 10.21 12.12 -45.79
C ASN H 467 10.38 10.79 -46.50
N GLY H 468 11.62 10.41 -46.82
CA GLY H 468 11.87 9.14 -47.47
C GLY H 468 11.72 7.94 -46.56
N ARG H 469 11.86 8.13 -45.24
CA ARG H 469 11.62 7.03 -44.32
C ARG H 469 10.14 6.65 -44.34
N ILE H 470 9.88 5.36 -44.44
CA ILE H 470 8.52 4.83 -44.59
C ILE H 470 8.21 3.97 -43.37
N PRO H 471 7.04 4.12 -42.76
CA PRO H 471 6.71 3.31 -41.58
C PRO H 471 6.51 1.85 -41.95
N VAL H 472 6.80 0.98 -40.98
CA VAL H 472 6.52 -0.45 -41.13
C VAL H 472 5.03 -0.69 -40.91
N SER H 473 4.59 -1.89 -41.28
CA SER H 473 3.19 -2.26 -41.18
C SER H 473 2.97 -3.19 -39.99
N GLY H 474 1.70 -3.43 -39.68
CA GLY H 474 1.33 -4.36 -38.64
C GLY H 474 1.43 -3.82 -37.22
N LEU H 475 1.84 -2.57 -37.04
CA LEU H 475 1.98 -2.00 -35.70
C LEU H 475 0.93 -0.92 -35.46
N ILE H 476 0.68 -0.07 -36.44
CA ILE H 476 -0.40 0.90 -36.39
C ILE H 476 -1.32 0.61 -37.58
N ASP H 477 -2.54 0.15 -37.29
CA ASP H 477 -3.45 -0.25 -38.36
C ASP H 477 -4.88 -0.15 -37.82
N THR H 478 -5.84 -0.46 -38.69
CA THR H 478 -7.26 -0.28 -38.39
C THR H 478 -7.77 -1.22 -37.29
N TYR H 479 -7.01 -2.24 -36.90
CA TYR H 479 -7.48 -3.19 -35.92
C TYR H 479 -6.79 -3.10 -34.57
N VAL H 480 -5.65 -2.40 -34.48
CA VAL H 480 -4.89 -2.39 -33.24
C VAL H 480 -5.67 -1.64 -32.16
N ASN H 481 -5.72 -2.22 -30.97
CA ASN H 481 -6.40 -1.63 -29.81
C ASN H 481 -7.84 -1.25 -30.16
N ILE H 482 -8.54 -2.17 -30.82
CA ILE H 482 -9.89 -1.89 -31.28
C ILE H 482 -10.85 -1.93 -30.10
N GLY H 483 -11.88 -1.07 -30.15
CA GLY H 483 -12.88 -1.01 -29.11
C GLY H 483 -12.57 -0.07 -27.97
N THR H 484 -11.40 0.54 -27.94
CA THR H 484 -11.01 1.42 -26.85
C THR H 484 -10.20 2.58 -27.38
N ARG H 485 -10.15 3.65 -26.60
CA ARG H 485 -9.31 4.81 -26.90
C ARG H 485 -7.98 4.64 -26.14
N TRP H 486 -6.90 4.48 -26.89
CA TRP H 486 -5.62 4.18 -26.26
C TRP H 486 -4.50 4.61 -27.22
N SER H 487 -3.80 5.68 -26.87
CA SER H 487 -2.66 6.09 -27.67
C SER H 487 -1.57 5.04 -27.57
N PRO H 488 -0.87 4.75 -28.67
CA PRO H 488 0.18 3.72 -28.63
C PRO H 488 1.28 4.08 -27.64
N ASP H 489 1.84 3.05 -27.00
CA ASP H 489 2.90 3.27 -26.03
C ASP H 489 4.12 3.91 -26.69
N VAL H 490 4.44 3.50 -27.92
CA VAL H 490 5.53 4.13 -28.65
C VAL H 490 5.17 5.57 -29.00
N MET H 491 3.90 5.82 -29.31
CA MET H 491 3.41 7.15 -29.65
C MET H 491 3.29 8.07 -28.43
N ASP H 492 3.42 7.54 -27.22
CA ASP H 492 3.24 8.37 -26.03
C ASP H 492 4.25 9.50 -25.98
N ASN H 493 5.54 9.17 -26.10
CA ASN H 493 6.62 10.15 -25.87
C ASN H 493 7.10 10.79 -27.18
N VAL H 494 6.18 11.38 -27.93
CA VAL H 494 6.52 12.09 -29.15
C VAL H 494 5.63 13.33 -29.25
N ASN H 495 6.15 14.37 -29.91
CA ASN H 495 5.44 15.63 -30.11
C ASN H 495 4.05 15.41 -30.69
N PRO H 496 2.99 15.69 -29.93
CA PRO H 496 1.65 15.67 -30.52
C PRO H 496 1.32 16.93 -31.28
N PHE H 497 2.05 18.02 -31.05
CA PHE H 497 1.82 19.27 -31.75
C PHE H 497 2.62 19.40 -33.03
N ASN H 498 3.64 18.56 -33.21
CA ASN H 498 4.40 18.52 -34.47
C ASN H 498 3.66 17.63 -35.45
N HIS H 499 2.48 18.11 -35.86
CA HIS H 499 1.56 17.36 -36.68
C HIS H 499 1.01 18.26 -37.77
N HIS H 500 0.73 17.68 -38.94
CA HIS H 500 0.15 18.47 -40.02
C HIS H 500 -1.29 18.86 -39.73
N ARG H 501 -1.93 18.25 -38.74
CA ARG H 501 -3.27 18.63 -38.34
C ARG H 501 -3.28 19.73 -37.28
N ASN H 502 -2.11 20.26 -36.94
CA ASN H 502 -2.01 21.37 -36.00
C ASN H 502 -2.65 22.60 -36.62
N SER H 503 -3.86 22.94 -36.16
CA SER H 503 -4.60 24.04 -36.76
C SER H 503 -3.89 25.36 -36.56
N GLY H 504 -3.26 25.54 -35.39
CA GLY H 504 -2.52 26.77 -35.14
C GLY H 504 -1.39 26.97 -36.12
N LEU H 505 -0.59 25.92 -36.34
CA LEU H 505 0.50 26.03 -37.29
C LEU H 505 0.00 26.17 -38.72
N ARG H 506 -1.12 25.51 -39.06
CA ARG H 506 -1.70 25.70 -40.39
C ARG H 506 -2.07 27.15 -40.61
N TYR H 507 -2.76 27.77 -39.63
CA TYR H 507 -3.15 29.16 -39.77
C TYR H 507 -1.94 30.08 -39.83
N ARG H 508 -0.92 29.80 -39.01
CA ARG H 508 0.29 30.63 -39.00
C ARG H 508 1.01 30.53 -40.33
N SER H 509 1.07 29.34 -40.93
CA SER H 509 1.74 29.19 -42.21
C SER H 509 0.93 29.80 -43.35
N GLN H 510 -0.39 29.74 -43.28
CA GLN H 510 -1.23 30.32 -44.32
C GLN H 510 -1.37 31.83 -44.19
N LEU H 511 -1.04 32.41 -43.03
CA LEU H 511 -1.11 33.85 -42.88
C LEU H 511 -0.15 34.56 -43.82
N LEU H 512 1.07 34.03 -43.96
CA LEU H 512 2.06 34.61 -44.87
C LEU H 512 2.08 33.89 -46.21
N GLY H 513 1.15 32.98 -46.46
CA GLY H 513 0.98 32.38 -47.77
C GLY H 513 1.75 31.10 -47.97
N ASN H 514 1.56 30.53 -49.16
CA ASN H 514 2.26 29.32 -49.56
C ASN H 514 3.51 29.71 -50.35
N GLY H 515 4.17 28.74 -50.94
CA GLY H 515 5.32 29.08 -51.76
C GLY H 515 6.61 29.07 -50.98
N ARG H 516 7.70 28.72 -51.68
CA ARG H 516 9.00 28.71 -51.05
C ARG H 516 9.42 30.10 -50.60
N PHE H 517 9.20 31.10 -51.43
CA PHE H 517 9.53 32.48 -51.13
C PHE H 517 8.28 33.25 -50.79
N CYS H 518 8.42 34.28 -49.96
CA CYS H 518 7.27 35.08 -49.55
C CYS H 518 7.77 36.40 -48.96
N ASP H 519 6.84 37.34 -48.85
CA ASP H 519 7.09 38.63 -48.22
C ASP H 519 6.17 38.77 -47.02
N PHE H 520 6.74 39.06 -45.87
CA PHE H 520 5.99 39.11 -44.62
C PHE H 520 5.95 40.52 -44.07
N HIS H 521 4.77 40.92 -43.60
CA HIS H 521 4.54 42.21 -42.95
C HIS H 521 3.90 41.92 -41.61
N ILE H 522 4.73 41.81 -40.58
CA ILE H 522 4.29 41.34 -39.28
C ILE H 522 4.43 42.45 -38.25
N GLN H 523 3.63 42.33 -37.18
CA GLN H 523 3.72 43.18 -36.00
C GLN H 523 4.08 42.30 -34.82
N VAL H 524 5.09 42.70 -34.07
CA VAL H 524 5.63 41.92 -32.96
C VAL H 524 5.44 42.73 -31.69
N PRO H 525 4.88 42.16 -30.63
CA PRO H 525 4.56 42.95 -29.44
C PRO H 525 5.73 42.95 -28.45
N GLN H 526 5.51 43.64 -27.34
CA GLN H 526 6.44 43.64 -26.23
C GLN H 526 5.95 42.67 -25.17
N LYS H 527 6.80 41.72 -24.78
CA LYS H 527 6.41 40.67 -23.85
C LYS H 527 7.04 40.79 -22.47
N PHE H 528 8.00 41.69 -22.28
CA PHE H 528 8.62 41.86 -20.98
C PHE H 528 7.58 42.36 -19.98
N PHE H 529 7.60 41.79 -18.78
CA PHE H 529 6.55 42.08 -17.81
C PHE H 529 6.63 43.51 -17.29
N ALA H 530 7.84 44.04 -17.11
CA ALA H 530 8.01 45.37 -16.57
C ALA H 530 7.80 46.47 -17.60
N ILE H 531 7.64 46.12 -18.88
CA ILE H 531 7.54 47.10 -19.95
C ILE H 531 6.19 47.05 -20.65
N ARG H 532 5.65 45.84 -20.89
CA ARG H 532 4.47 45.69 -21.72
C ARG H 532 3.25 46.42 -21.16
N ASN H 533 3.21 46.68 -19.86
CA ASN H 533 2.09 47.38 -19.24
C ASN H 533 2.49 48.75 -18.70
N LEU H 534 3.72 49.19 -18.94
CA LEU H 534 4.19 50.44 -18.36
C LEU H 534 3.49 51.63 -19.00
N LEU H 535 3.00 52.55 -18.16
CA LEU H 535 2.42 53.80 -18.62
C LEU H 535 3.54 54.83 -18.66
N LEU H 536 4.00 55.13 -19.87
CA LEU H 536 5.22 55.93 -20.02
C LEU H 536 4.90 57.41 -19.91
N LEU H 537 5.62 58.10 -19.03
CA LEU H 537 5.43 59.52 -18.81
C LEU H 537 6.20 60.34 -19.85
N PRO H 538 5.85 61.61 -20.01
CA PRO H 538 6.52 62.44 -21.03
C PRO H 538 8.02 62.50 -20.82
N GLY H 539 8.74 62.52 -21.93
CA GLY H 539 10.19 62.55 -21.89
C GLY H 539 10.75 62.19 -23.26
N THR H 540 11.97 61.64 -23.24
CA THR H 540 12.63 61.16 -24.45
C THR H 540 13.45 59.94 -24.08
N TYR H 541 13.10 58.79 -24.66
CA TYR H 541 13.70 57.52 -24.28
C TYR H 541 14.21 56.80 -25.52
N THR H 542 15.37 56.16 -25.39
CA THR H 542 15.87 55.26 -26.41
C THR H 542 15.31 53.87 -26.15
N TYR H 543 14.82 53.20 -27.19
CA TYR H 543 14.13 51.93 -27.08
C TYR H 543 14.77 50.89 -27.98
N GLU H 544 16.09 50.78 -27.90
CA GLU H 544 16.80 49.83 -28.75
C GLU H 544 16.51 48.40 -28.34
N TRP H 545 16.16 47.57 -29.32
CA TRP H 545 15.95 46.15 -29.11
C TRP H 545 16.63 45.37 -30.22
N SER H 546 16.99 44.13 -29.93
CA SER H 546 17.64 43.25 -30.90
C SER H 546 16.71 42.11 -31.26
N PHE H 547 16.59 41.82 -32.54
CA PHE H 547 15.69 40.78 -33.03
C PHE H 547 16.50 39.58 -33.47
N ARG H 548 16.08 38.39 -33.04
CA ARG H 548 16.77 37.17 -33.37
C ARG H 548 16.65 36.88 -34.87
N LYS H 549 17.71 36.34 -35.44
CA LYS H 549 17.71 35.91 -36.84
C LYS H 549 17.95 34.42 -36.99
N ASP H 550 17.87 33.66 -35.91
CA ASP H 550 18.05 32.21 -35.97
C ASP H 550 16.82 31.57 -36.60
N VAL H 551 17.03 30.78 -37.66
CA VAL H 551 15.91 30.32 -38.46
C VAL H 551 15.08 29.29 -37.71
N ASN H 552 15.71 28.39 -36.96
CA ASN H 552 14.95 27.40 -36.21
C ASN H 552 14.07 28.07 -35.16
N MET H 553 14.59 29.11 -34.50
CA MET H 553 13.81 29.76 -33.45
C MET H 553 12.72 30.64 -34.03
N ILE H 554 12.98 31.32 -35.14
CA ILE H 554 11.97 32.18 -35.74
C ILE H 554 10.82 31.37 -36.31
N LEU H 555 11.14 30.34 -37.09
CA LEU H 555 10.15 29.59 -37.85
C LEU H 555 9.85 28.25 -37.19
N GLN H 556 8.71 27.68 -37.57
CA GLN H 556 8.25 26.42 -37.02
C GLN H 556 7.68 25.56 -38.14
N SER H 557 7.96 24.26 -38.07
CA SER H 557 7.48 23.30 -39.06
C SER H 557 6.82 22.13 -38.35
N THR H 558 5.91 21.45 -39.06
CA THR H 558 5.28 20.27 -38.49
C THR H 558 6.30 19.18 -38.21
N LEU H 559 7.27 19.00 -39.12
CA LEU H 559 8.39 18.11 -38.87
C LEU H 559 9.53 18.88 -38.25
N GLY H 560 10.29 18.21 -37.39
CA GLY H 560 11.40 18.86 -36.73
C GLY H 560 12.66 18.94 -37.58
N ASN H 561 12.51 19.28 -38.85
CA ASN H 561 13.64 19.35 -39.76
C ASN H 561 14.51 20.55 -39.43
N ASP H 562 15.82 20.39 -39.62
CA ASP H 562 16.75 21.47 -39.36
C ASP H 562 16.70 22.47 -40.51
N LEU H 563 16.14 23.65 -40.23
CA LEU H 563 15.95 24.65 -41.27
C LEU H 563 17.25 25.30 -41.71
N ARG H 564 18.33 25.22 -40.91
CA ARG H 564 19.62 25.68 -41.39
C ARG H 564 20.10 24.83 -42.56
N VAL H 565 20.13 23.52 -42.39
CA VAL H 565 20.63 22.63 -43.43
C VAL H 565 19.63 22.58 -44.59
N ASP H 566 18.34 22.65 -44.30
CA ASP H 566 17.36 22.72 -45.38
C ASP H 566 17.55 23.99 -46.20
N GLY H 567 17.75 25.12 -45.52
CA GLY H 567 18.07 26.39 -46.14
C GLY H 567 16.83 27.25 -46.25
N ALA H 568 16.61 28.14 -45.28
CA ALA H 568 15.46 29.04 -45.32
C ALA H 568 15.89 30.51 -45.35
N THR H 569 16.62 30.96 -44.32
CA THR H 569 17.08 32.35 -44.18
C THR H 569 15.91 33.32 -44.05
N VAL H 570 16.17 34.48 -43.45
CA VAL H 570 15.20 35.56 -43.39
C VAL H 570 15.94 36.87 -43.63
N ASN H 571 15.36 37.74 -44.45
CA ASN H 571 16.00 39.00 -44.83
C ASN H 571 15.12 40.14 -44.31
N ILE H 572 15.46 40.66 -43.14
CA ILE H 572 14.74 41.77 -42.55
C ILE H 572 15.22 43.07 -43.18
N THR H 573 14.30 43.84 -43.73
CA THR H 573 14.63 45.09 -44.42
C THR H 573 14.41 46.31 -43.54
N SER H 574 13.20 46.49 -43.03
CA SER H 574 12.85 47.68 -42.26
C SER H 574 12.15 47.26 -40.96
N VAL H 575 12.53 47.91 -39.86
CA VAL H 575 11.91 47.69 -38.57
C VAL H 575 11.51 49.03 -37.99
N ASN H 576 10.22 49.20 -37.70
CA ASN H 576 9.69 50.39 -37.08
C ASN H 576 8.74 49.98 -35.96
N LEU H 577 8.54 50.89 -35.01
CA LEU H 577 7.54 50.70 -33.97
C LEU H 577 6.49 51.79 -34.09
N TYR H 578 5.23 51.41 -33.83
CA TYR H 578 4.09 52.31 -33.97
C TYR H 578 3.50 52.55 -32.60
N ALA H 579 3.60 53.79 -32.13
CA ALA H 579 3.05 54.17 -30.84
C ALA H 579 1.67 54.79 -31.01
N SER H 580 0.73 54.36 -30.16
CA SER H 580 -0.61 54.91 -30.15
C SER H 580 -0.78 55.76 -28.90
N PHE H 581 -1.12 57.03 -29.10
CA PHE H 581 -1.30 57.97 -28.00
C PHE H 581 -2.78 58.31 -27.86
N PHE H 582 -3.31 58.16 -26.66
CA PHE H 582 -4.69 58.55 -26.41
C PHE H 582 -4.78 60.07 -26.44
N PRO H 583 -5.58 60.66 -27.33
CA PRO H 583 -5.67 62.13 -27.37
C PRO H 583 -6.52 62.64 -26.23
N MET H 584 -5.89 63.21 -25.21
CA MET H 584 -6.56 63.63 -24.01
C MET H 584 -6.19 65.08 -23.71
N SER H 585 -7.12 65.80 -23.09
CA SER H 585 -6.92 67.22 -22.84
C SER H 585 -5.64 67.47 -22.08
N HIS H 586 -4.86 68.45 -22.54
CA HIS H 586 -3.54 68.67 -21.97
C HIS H 586 -3.59 69.00 -20.48
N ASN H 587 -4.66 69.64 -20.01
CA ASN H 587 -4.77 69.91 -18.58
C ASN H 587 -4.82 68.62 -17.77
N THR H 588 -5.71 67.71 -18.16
CA THR H 588 -5.81 66.44 -17.45
C THR H 588 -4.57 65.58 -17.67
N ALA H 589 -3.95 65.67 -18.84
CA ALA H 589 -2.72 64.92 -19.07
C ALA H 589 -1.59 65.41 -18.17
N SER H 590 -1.46 66.73 -18.01
CA SER H 590 -0.47 67.28 -17.10
C SER H 590 -0.79 66.92 -15.65
N THR H 591 -2.06 66.94 -15.28
CA THR H 591 -2.44 66.53 -13.94
C THR H 591 -2.07 65.08 -13.67
N LEU H 592 -2.37 64.19 -14.62
CA LEU H 592 -2.02 62.79 -14.47
C LEU H 592 -0.52 62.59 -14.41
N GLU H 593 0.23 63.34 -15.24
CA GLU H 593 1.68 63.23 -15.21
C GLU H 593 2.24 63.67 -13.87
N ALA H 594 1.73 64.79 -13.34
CA ALA H 594 2.21 65.26 -12.05
C ALA H 594 1.86 64.28 -10.93
N MET H 595 0.68 63.66 -11.01
CA MET H 595 0.29 62.68 -10.01
C MET H 595 1.17 61.43 -10.07
N LEU H 596 1.52 61.00 -11.28
CA LEU H 596 2.30 59.79 -11.46
C LEU H 596 3.80 60.00 -11.30
N ARG H 597 4.27 61.24 -11.31
CA ARG H 597 5.69 61.51 -11.05
C ARG H 597 6.06 61.35 -9.60
N ASN H 598 5.09 61.13 -8.71
CA ASN H 598 5.34 61.07 -7.28
C ASN H 598 5.81 59.68 -6.87
N ASP H 599 6.46 59.64 -5.70
CA ASP H 599 7.03 58.37 -5.22
C ASP H 599 5.93 57.38 -4.87
N THR H 600 4.85 57.85 -4.24
CA THR H 600 3.80 56.95 -3.79
C THR H 600 2.92 56.44 -4.92
N ASN H 601 3.03 57.01 -6.12
CA ASN H 601 2.24 56.58 -7.26
C ASN H 601 3.07 55.76 -8.25
N ASP H 602 4.08 55.05 -7.74
CA ASP H 602 4.91 54.22 -8.59
C ASP H 602 4.11 53.06 -9.16
N GLN H 603 4.31 52.78 -10.43
CA GLN H 603 3.65 51.66 -11.09
C GLN H 603 4.46 50.39 -10.87
N SER H 604 3.81 49.37 -10.32
CA SER H 604 4.46 48.10 -10.02
C SER H 604 3.81 47.00 -10.86
N PHE H 605 4.63 46.19 -11.51
CA PHE H 605 4.17 45.15 -12.40
C PHE H 605 4.71 43.79 -11.95
N ASN H 606 4.01 42.75 -12.37
CA ASN H 606 4.35 41.38 -11.97
C ASN H 606 4.38 40.50 -13.21
N ASP H 607 5.35 39.59 -13.24
CA ASP H 607 5.46 38.59 -14.29
C ASP H 607 4.49 37.46 -13.99
N TYR H 608 3.64 37.13 -14.96
CA TYR H 608 2.59 36.15 -14.70
C TYR H 608 3.19 34.80 -14.30
N LEU H 609 4.16 34.32 -15.07
CA LEU H 609 4.93 33.14 -14.67
C LEU H 609 6.09 33.59 -13.79
N SER H 610 5.75 34.10 -12.61
CA SER H 610 6.76 34.50 -11.66
C SER H 610 7.45 33.26 -11.11
N ALA H 611 8.62 32.95 -11.66
CA ALA H 611 9.28 31.69 -11.34
C ALA H 611 10.74 31.79 -11.77
N ALA H 612 11.56 30.93 -11.18
CA ALA H 612 12.95 30.75 -11.57
C ALA H 612 13.08 29.41 -12.27
N ASN H 613 13.25 29.45 -13.57
CA ASN H 613 13.28 28.26 -14.32
C ASN H 613 14.61 27.62 -14.24
N MET H 614 14.66 26.38 -13.82
CA MET H 614 15.89 25.68 -13.69
C MET H 614 15.76 24.37 -14.40
N LEU H 615 16.44 24.20 -15.52
CA LEU H 615 16.37 22.97 -16.29
C LEU H 615 17.54 22.07 -16.01
N TYR H 616 17.32 20.90 -15.43
CA TYR H 616 18.39 20.00 -15.08
C TYR H 616 18.43 18.86 -16.02
N PRO H 617 19.61 18.50 -16.50
CA PRO H 617 19.71 17.44 -17.51
C PRO H 617 19.44 16.07 -16.92
N ILE H 618 18.89 15.19 -17.75
CA ILE H 618 18.50 13.86 -17.34
C ILE H 618 19.14 12.85 -18.29
N PRO H 619 20.03 11.97 -17.82
CA PRO H 619 20.44 10.86 -18.66
C PRO H 619 19.27 9.94 -18.90
N PRO H 620 19.26 9.21 -20.02
CA PRO H 620 18.00 8.58 -20.46
C PRO H 620 17.56 7.40 -19.61
N ASN H 621 17.63 7.54 -18.29
CA ASN H 621 17.16 6.54 -17.33
C ASN H 621 17.00 7.19 -15.97
N ALA H 622 16.24 6.51 -15.10
CA ALA H 622 16.34 6.65 -13.64
C ALA H 622 15.86 7.99 -13.08
N THR H 623 16.59 8.49 -12.09
CA THR H 623 16.16 9.62 -11.25
C THR H 623 17.19 10.73 -11.22
N GLN H 624 16.97 11.74 -10.37
CA GLN H 624 17.85 12.92 -10.35
C GLN H 624 18.20 13.56 -8.98
N LEU H 625 18.30 14.89 -8.92
CA LEU H 625 18.88 15.63 -7.77
C LEU H 625 18.51 17.16 -7.60
N PRO H 626 18.96 17.82 -6.50
CA PRO H 626 18.42 19.06 -5.93
C PRO H 626 19.38 20.18 -5.44
N ILE H 627 18.82 21.21 -4.78
CA ILE H 627 19.50 22.52 -4.53
C ILE H 627 20.19 22.78 -3.19
N PRO H 628 20.95 23.90 -3.08
CA PRO H 628 21.71 24.17 -1.85
C PRO H 628 20.92 24.96 -0.85
N SER H 629 21.60 25.65 0.09
CA SER H 629 20.89 26.36 1.14
C SER H 629 20.35 27.67 0.64
N ARG H 630 19.32 28.19 1.28
CA ARG H 630 18.67 29.39 0.80
C ARG H 630 17.64 29.85 1.81
N ASN H 631 16.96 30.96 1.55
CA ASN H 631 16.01 31.53 2.52
C ASN H 631 14.59 31.02 2.42
N TRP H 632 14.14 30.73 1.25
CA TRP H 632 12.82 30.13 1.03
C TRP H 632 11.69 30.99 1.58
N ALA H 633 11.88 32.30 1.61
CA ALA H 633 10.83 33.22 2.03
C ALA H 633 10.01 33.64 0.82
N ALA H 634 8.69 33.74 1.02
CA ALA H 634 7.74 34.11 -0.04
C ALA H 634 7.74 33.09 -1.17
N PHE H 635 8.16 31.86 -0.89
CA PHE H 635 8.09 30.80 -1.87
C PHE H 635 6.63 30.44 -2.15
N ARG H 636 6.36 29.96 -3.36
CA ARG H 636 5.00 29.69 -3.78
C ARG H 636 4.74 28.28 -4.29
N GLY H 637 5.77 27.49 -4.57
CA GLY H 637 5.56 26.10 -4.93
C GLY H 637 6.49 25.70 -6.05
N TRP H 638 6.37 24.42 -6.43
CA TRP H 638 7.15 23.84 -7.51
C TRP H 638 6.26 23.53 -8.70
N SER H 639 6.84 23.58 -9.89
CA SER H 639 6.16 23.16 -11.11
C SER H 639 7.16 22.38 -11.94
N LEU H 640 6.91 21.07 -12.08
CA LEU H 640 7.86 20.15 -12.69
C LEU H 640 7.29 19.59 -13.98
N THR H 641 8.16 19.42 -14.98
CA THR H 641 7.79 18.85 -16.27
C THR H 641 9.06 18.51 -17.03
N ARG H 642 9.02 17.40 -17.77
CA ARG H 642 10.14 16.94 -18.56
C ARG H 642 10.08 17.49 -19.98
N LEU H 643 11.22 17.92 -20.49
CA LEU H 643 11.36 18.33 -21.88
C LEU H 643 12.38 17.44 -22.58
N LYS H 644 12.36 17.49 -23.91
CA LYS H 644 13.35 16.82 -24.73
C LYS H 644 14.57 17.74 -24.88
N GLN H 645 15.76 17.17 -24.69
CA GLN H 645 16.97 17.97 -24.81
C GLN H 645 17.16 18.48 -26.23
N ARG H 646 16.78 17.68 -27.23
CA ARG H 646 16.90 18.11 -28.62
C ARG H 646 16.02 19.33 -28.89
N GLU H 647 14.89 19.46 -28.22
CA GLU H 647 13.94 20.52 -28.48
C GLU H 647 14.19 21.79 -27.69
N THR H 648 15.00 21.73 -26.63
CA THR H 648 15.27 22.91 -25.82
C THR H 648 16.55 23.57 -26.29
N PRO H 649 16.51 24.83 -26.70
CA PRO H 649 17.73 25.52 -27.15
C PRO H 649 18.50 26.13 -25.98
N ALA H 650 19.71 26.59 -26.29
CA ALA H 650 20.49 27.33 -25.31
C ALA H 650 19.93 28.73 -25.14
N LEU H 651 20.15 29.30 -23.96
CA LEU H 651 19.56 30.58 -23.59
C LEU H 651 20.58 31.72 -23.56
N GLY H 652 21.70 31.53 -22.86
CA GLY H 652 22.64 32.62 -22.70
C GLY H 652 23.29 33.06 -24.01
N SER H 653 23.68 32.09 -24.83
CA SER H 653 24.37 32.42 -26.07
C SER H 653 23.41 33.08 -27.05
N PRO H 654 23.86 34.07 -27.82
CA PRO H 654 23.00 34.64 -28.86
C PRO H 654 22.59 33.64 -29.92
N PHE H 655 23.43 32.65 -30.20
CA PHE H 655 23.18 31.66 -31.23
C PHE H 655 23.47 30.27 -30.68
N ASP H 656 22.71 29.29 -31.15
CA ASP H 656 22.84 27.91 -30.71
C ASP H 656 23.26 27.03 -31.88
N PRO H 657 24.54 26.71 -32.02
CA PRO H 657 24.97 25.84 -33.13
C PRO H 657 24.44 24.43 -33.04
N TYR H 658 24.03 23.97 -31.86
CA TYR H 658 23.62 22.58 -31.65
C TYR H 658 22.11 22.44 -31.51
N PHE H 659 21.33 23.37 -32.06
CA PHE H 659 19.88 23.26 -31.96
C PHE H 659 19.33 22.30 -33.01
N THR H 660 19.45 22.67 -34.28
CA THR H 660 19.10 21.80 -35.41
C THR H 660 17.71 21.17 -35.24
N TYR H 661 16.74 21.98 -34.82
CA TYR H 661 15.39 21.46 -34.60
C TYR H 661 14.39 22.60 -34.73
N SER H 662 13.60 22.58 -35.80
CA SER H 662 12.47 23.48 -35.93
C SER H 662 11.28 22.89 -35.18
N GLY H 663 10.10 23.44 -35.38
CA GLY H 663 8.93 22.94 -34.70
C GLY H 663 8.75 23.54 -33.33
N THR H 664 7.77 23.01 -32.60
CA THR H 664 7.41 23.55 -31.30
C THR H 664 8.56 23.38 -30.31
N ILE H 665 8.84 24.45 -29.58
CA ILE H 665 9.75 24.39 -28.44
C ILE H 665 8.90 24.44 -27.18
N PRO H 666 8.76 23.34 -26.45
CA PRO H 666 7.91 23.36 -25.25
C PRO H 666 8.35 24.39 -24.22
N TYR H 667 9.66 24.58 -24.04
CA TYR H 667 10.17 25.39 -22.95
C TYR H 667 9.68 26.84 -23.04
N LEU H 668 9.72 27.41 -24.24
CA LEU H 668 9.27 28.78 -24.44
C LEU H 668 8.00 28.86 -25.28
N ASP H 669 7.28 27.75 -25.43
CA ASP H 669 6.04 27.74 -26.19
C ASP H 669 4.84 27.26 -25.40
N GLY H 670 5.04 26.46 -24.34
CA GLY H 670 3.93 26.01 -23.53
C GLY H 670 3.21 24.82 -24.08
N THR H 671 3.92 23.96 -24.80
CA THR H 671 3.38 22.73 -25.37
C THR H 671 4.12 21.56 -24.73
N PHE H 672 3.67 21.16 -23.55
CA PHE H 672 4.32 20.10 -22.78
C PHE H 672 3.55 18.81 -22.99
N TYR H 673 4.28 17.70 -23.14
CA TYR H 673 3.67 16.41 -23.41
C TYR H 673 4.28 15.26 -22.62
N LEU H 674 5.50 15.42 -22.11
CA LEU H 674 6.18 14.37 -21.37
C LEU H 674 5.88 14.40 -19.88
N SER H 675 4.97 15.28 -19.45
CA SER H 675 4.64 15.42 -18.03
C SER H 675 3.94 14.19 -17.47
N HIS H 676 3.48 13.27 -18.31
CA HIS H 676 2.86 12.05 -17.84
C HIS H 676 3.86 10.95 -17.51
N THR H 677 5.15 11.19 -17.74
CA THR H 677 6.19 10.20 -17.49
C THR H 677 6.85 10.36 -16.13
N PHE H 678 6.12 10.89 -15.15
CA PHE H 678 6.63 11.07 -13.80
C PHE H 678 6.01 10.00 -12.90
N ARG H 679 6.85 9.28 -12.16
CA ARG H 679 6.36 8.25 -11.27
C ARG H 679 6.13 8.78 -9.86
N LYS H 680 7.14 9.40 -9.27
CA LYS H 680 6.99 9.97 -7.94
C LYS H 680 8.07 11.02 -7.71
N VAL H 681 7.82 11.89 -6.74
CA VAL H 681 8.76 12.94 -6.36
C VAL H 681 8.81 13.03 -4.84
N ALA H 682 10.00 13.22 -4.31
CA ALA H 682 10.22 13.36 -2.87
C ALA H 682 10.95 14.67 -2.61
N ILE H 683 10.43 15.45 -1.66
CA ILE H 683 11.00 16.75 -1.32
C ILE H 683 11.47 16.69 0.12
N GLN H 684 12.75 17.00 0.34
CA GLN H 684 13.37 16.97 1.65
C GLN H 684 13.99 18.33 1.93
N PHE H 685 13.76 18.84 3.15
CA PHE H 685 14.37 20.06 3.62
C PHE H 685 15.41 19.73 4.68
N ASP H 686 16.58 20.35 4.57
CA ASP H 686 17.72 20.13 5.47
C ASP H 686 18.21 18.69 5.46
N SER H 687 17.88 17.93 4.40
CA SER H 687 18.24 16.52 4.28
C SER H 687 17.78 15.71 5.49
N SER H 688 16.83 16.23 6.25
CA SER H 688 16.34 15.59 7.46
C SER H 688 14.82 15.47 7.49
N VAL H 689 14.10 16.45 6.97
CA VAL H 689 12.65 16.52 7.10
C VAL H 689 12.03 16.44 5.72
N THR H 690 11.07 15.52 5.56
CA THR H 690 10.29 15.46 4.33
C THR H 690 9.28 16.60 4.30
N TRP H 691 9.12 17.22 3.13
CA TRP H 691 8.10 18.25 2.97
C TRP H 691 6.70 17.77 3.30
N PRO H 692 6.07 16.84 2.56
CA PRO H 692 4.69 16.48 2.86
C PRO H 692 4.56 15.64 4.13
N GLY H 693 5.20 16.13 5.21
CA GLY H 693 5.18 15.44 6.47
C GLY H 693 3.86 15.60 7.17
N ASN H 694 3.85 15.48 8.50
CA ASN H 694 2.63 15.58 9.29
C ASN H 694 1.57 14.58 8.83
N ASP H 695 2.02 13.51 8.17
CA ASP H 695 1.12 12.48 7.63
C ASP H 695 0.07 13.05 6.71
N ARG H 696 0.42 14.10 5.95
CA ARG H 696 -0.56 14.76 5.11
C ARG H 696 -1.07 13.84 4.00
N LEU H 697 -0.18 13.12 3.36
CA LEU H 697 -0.52 12.38 2.14
C LEU H 697 -0.79 10.92 2.49
N LEU H 698 -1.39 10.21 1.52
CA LEU H 698 -1.63 8.78 1.71
C LEU H 698 -0.31 8.02 1.85
N THR H 699 0.67 8.36 1.00
CA THR H 699 2.05 7.96 1.22
C THR H 699 2.75 9.16 1.84
N PRO H 700 2.90 9.21 3.17
CA PRO H 700 3.29 10.48 3.81
C PRO H 700 4.73 10.88 3.57
N ASN H 701 5.58 9.97 3.06
CA ASN H 701 6.99 10.28 2.90
C ASN H 701 7.29 11.03 1.61
N GLU H 702 6.46 10.86 0.58
CA GLU H 702 6.77 11.42 -0.73
C GLU H 702 5.55 11.37 -1.62
N PHE H 703 5.51 12.27 -2.61
CA PHE H 703 4.41 12.37 -3.54
C PHE H 703 4.52 11.30 -4.61
N GLU H 704 3.57 10.36 -4.62
CA GLU H 704 3.43 9.43 -5.72
C GLU H 704 2.57 10.05 -6.81
N ILE H 705 2.97 9.85 -8.06
CA ILE H 705 2.20 10.30 -9.21
C ILE H 705 1.54 9.13 -9.93
N LYS H 706 2.34 8.14 -10.34
CA LYS H 706 1.84 6.91 -10.94
C LYS H 706 2.25 5.73 -10.08
N ILE H 707 1.31 4.85 -9.78
CA ILE H 707 1.58 3.60 -9.11
C ILE H 707 1.11 2.48 -10.02
N SER H 708 2.00 1.53 -10.31
CA SER H 708 1.72 0.49 -11.29
C SER H 708 1.42 -0.86 -10.67
N VAL H 709 1.93 -1.15 -9.48
CA VAL H 709 1.69 -2.43 -8.85
C VAL H 709 0.20 -2.60 -8.53
N ASP H 710 -0.41 -1.57 -7.96
CA ASP H 710 -1.85 -1.56 -7.68
C ASP H 710 -2.29 -2.77 -6.85
N GLY H 711 -1.40 -3.27 -6.00
CA GLY H 711 -1.77 -4.39 -5.14
C GLY H 711 -2.88 -4.01 -4.19
N GLU H 712 -2.67 -2.96 -3.42
CA GLU H 712 -3.71 -2.31 -2.65
C GLU H 712 -4.30 -1.19 -3.50
N GLY H 713 -5.07 -0.30 -2.88
CA GLY H 713 -5.78 0.72 -3.63
C GLY H 713 -4.91 1.90 -4.02
N TYR H 714 -5.39 3.12 -3.75
CA TYR H 714 -4.71 4.36 -4.09
C TYR H 714 -4.52 4.49 -5.60
N ASN H 715 -5.66 4.48 -6.30
CA ASN H 715 -5.73 4.84 -7.71
C ASN H 715 -7.06 5.54 -7.94
N VAL H 716 -6.99 6.67 -8.64
CA VAL H 716 -8.11 7.61 -8.69
C VAL H 716 -8.68 7.60 -10.11
N ALA H 717 -9.93 8.04 -10.21
CA ALA H 717 -10.67 8.05 -11.48
C ALA H 717 -10.65 6.60 -11.99
N GLN H 718 -10.33 6.37 -13.25
CA GLN H 718 -10.11 5.02 -13.76
C GLN H 718 -8.83 4.98 -14.57
N SER H 719 -7.78 5.63 -14.03
CA SER H 719 -6.51 5.73 -14.72
C SER H 719 -5.36 5.27 -13.82
N ASN H 720 -4.13 5.49 -14.28
CA ASN H 720 -2.95 5.05 -13.54
C ASN H 720 -2.64 5.96 -12.36
N MET H 721 -3.04 7.23 -12.42
CA MET H 721 -2.64 8.20 -11.41
C MET H 721 -3.26 7.87 -10.05
N THR H 722 -2.53 8.20 -9.00
CA THR H 722 -2.93 7.86 -7.64
C THR H 722 -3.72 8.98 -6.96
N LYS H 723 -4.42 8.60 -5.89
CA LYS H 723 -5.42 9.47 -5.28
C LYS H 723 -4.79 10.70 -4.63
N ASP H 724 -3.66 10.52 -3.94
CA ASP H 724 -3.05 11.66 -3.25
C ASP H 724 -2.58 12.71 -4.25
N TRP H 725 -1.99 12.28 -5.36
CA TRP H 725 -1.60 13.22 -6.40
C TRP H 725 -2.82 13.87 -7.03
N PHE H 726 -3.90 13.11 -7.23
CA PHE H 726 -5.11 13.72 -7.77
C PHE H 726 -5.63 14.82 -6.86
N LEU H 727 -5.68 14.55 -5.55
CA LEU H 727 -6.14 15.56 -4.60
C LEU H 727 -5.22 16.77 -4.59
N VAL H 728 -3.91 16.54 -4.67
CA VAL H 728 -2.96 17.65 -4.70
C VAL H 728 -3.21 18.51 -5.93
N GLN H 729 -3.43 17.88 -7.09
CA GLN H 729 -3.66 18.64 -8.31
C GLN H 729 -4.99 19.39 -8.26
N MET H 730 -6.03 18.76 -7.72
CA MET H 730 -7.31 19.46 -7.56
C MET H 730 -7.17 20.69 -6.69
N LEU H 731 -6.47 20.56 -5.56
CA LEU H 731 -6.30 21.72 -4.69
C LEU H 731 -5.45 22.79 -5.36
N ALA H 732 -4.37 22.39 -6.04
CA ALA H 732 -3.48 23.36 -6.66
C ALA H 732 -4.18 24.13 -7.77
N ASN H 733 -5.00 23.45 -8.57
CA ASN H 733 -5.58 24.09 -9.75
C ASN H 733 -6.91 24.76 -9.46
N TYR H 734 -7.78 24.16 -8.66
CA TYR H 734 -9.14 24.65 -8.49
C TYR H 734 -9.61 24.74 -7.05
N ASN H 735 -8.85 24.24 -6.08
CA ASN H 735 -9.27 24.21 -4.67
C ASN H 735 -10.59 23.45 -4.52
N ILE H 736 -10.55 22.15 -4.86
CA ILE H 736 -11.74 21.33 -4.95
C ILE H 736 -11.71 20.17 -3.96
N GLY H 737 -10.55 19.54 -3.78
CA GLY H 737 -10.46 18.25 -3.12
C GLY H 737 -11.14 18.06 -1.78
N TYR H 738 -11.21 19.11 -0.96
CA TYR H 738 -11.70 18.95 0.41
C TYR H 738 -13.22 18.86 0.50
N GLN H 739 -13.95 19.60 -0.33
CA GLN H 739 -15.41 19.62 -0.29
C GLN H 739 -16.03 18.69 -1.33
N GLY H 740 -15.37 17.58 -1.63
CA GLY H 740 -15.82 16.69 -2.67
C GLY H 740 -15.30 17.11 -4.03
N TYR H 741 -15.21 16.13 -4.93
CA TYR H 741 -14.67 16.34 -6.26
C TYR H 741 -15.80 16.66 -7.22
N HIS H 742 -15.64 17.72 -8.00
CA HIS H 742 -16.62 18.09 -9.00
C HIS H 742 -15.92 18.82 -10.13
N LEU H 743 -16.60 18.93 -11.25
CA LEU H 743 -16.03 19.59 -12.40
C LEU H 743 -15.88 21.08 -12.12
N PRO H 744 -14.68 21.63 -12.27
CA PRO H 744 -14.48 23.07 -12.04
C PRO H 744 -15.21 23.87 -13.11
N PRO H 745 -15.56 25.13 -12.81
CA PRO H 745 -16.28 25.94 -13.80
C PRO H 745 -15.43 26.23 -15.02
N ASP H 746 -16.11 26.65 -16.08
CA ASP H 746 -15.45 26.84 -17.37
C ASP H 746 -14.37 27.91 -17.30
N TYR H 747 -14.64 29.01 -16.59
CA TYR H 747 -13.63 30.07 -16.50
C TYR H 747 -12.38 29.61 -15.77
N LYS H 748 -12.53 28.75 -14.78
CA LYS H 748 -11.37 28.22 -14.06
C LYS H 748 -10.72 27.05 -14.78
N ASP H 749 -11.38 26.46 -15.77
CA ASP H 749 -10.82 25.36 -16.55
C ASP H 749 -10.32 25.92 -17.88
N ARG H 750 -9.01 26.05 -18.02
CA ARG H 750 -8.44 26.67 -19.21
C ARG H 750 -7.39 25.77 -19.87
N THR H 751 -6.67 26.30 -20.86
CA THR H 751 -5.80 25.46 -21.68
C THR H 751 -4.67 24.84 -20.86
N PHE H 752 -4.08 25.60 -19.95
CA PHE H 752 -3.01 25.11 -19.10
C PHE H 752 -3.52 24.48 -17.82
N SER H 753 -4.83 24.33 -17.66
CA SER H 753 -5.39 23.71 -16.47
C SER H 753 -5.13 22.21 -16.52
N PHE H 754 -5.63 21.49 -15.52
CA PHE H 754 -5.34 20.06 -15.39
C PHE H 754 -6.41 19.20 -16.05
N LEU H 755 -7.67 19.35 -15.63
CA LEU H 755 -8.74 18.52 -16.17
C LEU H 755 -9.02 18.81 -17.64
N HIS H 756 -8.58 19.97 -18.14
CA HIS H 756 -8.73 20.27 -19.56
C HIS H 756 -7.88 19.35 -20.43
N ASN H 757 -6.82 18.76 -19.89
CA ASN H 757 -5.93 17.89 -20.64
C ASN H 757 -5.86 16.48 -20.09
N PHE H 758 -6.46 16.20 -18.94
CA PHE H 758 -6.39 14.87 -18.34
C PHE H 758 -7.22 13.88 -19.14
N ILE H 759 -6.57 12.87 -19.70
CA ILE H 759 -7.25 11.86 -20.51
C ILE H 759 -6.91 10.46 -20.00
N PRO H 760 -7.76 9.85 -19.18
CA PRO H 760 -7.51 8.47 -18.76
C PRO H 760 -7.67 7.50 -19.93
N MET H 761 -7.09 6.32 -19.76
CA MET H 761 -7.01 5.34 -20.83
C MET H 761 -7.14 3.95 -20.24
N CYS H 762 -7.54 2.99 -21.08
CA CYS H 762 -7.63 1.60 -20.65
C CYS H 762 -7.72 0.69 -21.87
N ARG H 763 -7.08 -0.47 -21.77
CA ARG H 763 -7.10 -1.47 -22.84
C ARG H 763 -6.78 -2.82 -22.22
N GLN H 764 -6.79 -3.86 -23.06
CA GLN H 764 -6.48 -5.21 -22.63
C GLN H 764 -5.39 -5.81 -23.51
N VAL H 765 -4.45 -6.50 -22.87
CA VAL H 765 -3.42 -7.28 -23.54
C VAL H 765 -3.68 -8.74 -23.24
N PRO H 766 -3.76 -9.62 -24.24
CA PRO H 766 -4.28 -10.97 -23.98
C PRO H 766 -3.33 -11.88 -23.19
N ASN H 767 -2.80 -11.38 -22.07
CA ASN H 767 -2.13 -12.16 -21.03
C ASN H 767 -1.16 -13.19 -21.58
N PRO H 768 0.04 -12.78 -22.00
CA PRO H 768 0.99 -13.71 -22.62
C PRO H 768 1.27 -14.98 -21.84
N ALA H 769 0.80 -15.06 -20.60
CA ALA H 769 0.93 -16.29 -19.81
C ALA H 769 -0.18 -17.30 -20.11
N THR H 770 -1.12 -16.95 -20.97
CA THR H 770 -2.22 -17.86 -21.30
C THR H 770 -1.70 -19.07 -22.06
N GLU H 771 -2.23 -20.24 -21.72
CA GLU H 771 -1.88 -21.46 -22.43
C GLU H 771 -2.36 -21.39 -23.88
N GLY H 772 -1.49 -21.77 -24.80
CA GLY H 772 -1.82 -21.72 -26.21
C GLY H 772 -1.67 -20.35 -26.85
N TYR H 773 -1.12 -19.37 -26.13
CA TYR H 773 -0.91 -18.04 -26.67
C TYR H 773 0.45 -17.97 -27.32
N PHE H 774 0.47 -17.75 -28.63
CA PHE H 774 1.71 -17.59 -29.40
C PHE H 774 1.84 -16.12 -29.75
N GLY H 775 2.59 -15.38 -28.92
CA GLY H 775 2.83 -13.99 -29.18
C GLY H 775 3.64 -13.81 -30.46
N LEU H 776 2.98 -13.34 -31.52
CA LEU H 776 3.63 -13.22 -32.81
C LEU H 776 4.48 -11.95 -32.86
N GLY H 777 5.38 -11.92 -33.83
CA GLY H 777 6.16 -10.72 -34.07
C GLY H 777 5.37 -9.70 -34.86
N ILE H 778 6.06 -8.90 -35.67
CA ILE H 778 5.40 -7.91 -36.51
C ILE H 778 5.20 -8.42 -37.93
N VAL H 779 6.15 -9.21 -38.44
CA VAL H 779 6.05 -9.72 -39.80
C VAL H 779 4.91 -10.71 -39.94
N ASN H 780 4.65 -11.50 -38.90
CA ASN H 780 3.71 -12.61 -39.01
C ASN H 780 2.25 -12.20 -38.92
N HIS H 781 1.95 -10.93 -38.65
CA HIS H 781 0.56 -10.49 -38.63
C HIS H 781 -0.02 -10.54 -40.04
N ARG H 782 -1.27 -10.99 -40.14
CA ARG H 782 -1.95 -11.15 -41.43
C ARG H 782 -3.37 -10.64 -41.31
N THR H 783 -3.60 -9.38 -41.67
CA THR H 783 -4.92 -8.80 -41.75
C THR H 783 -5.19 -8.37 -43.17
N THR H 784 -6.34 -8.77 -43.71
CA THR H 784 -6.74 -8.46 -45.07
C THR H 784 -5.63 -8.77 -46.09
N PRO H 785 -5.17 -10.01 -46.17
CA PRO H 785 -4.18 -10.34 -47.20
C PRO H 785 -4.81 -10.24 -48.58
N ALA H 786 -3.97 -9.87 -49.55
CA ALA H 786 -4.33 -9.57 -50.93
C ALA H 786 -5.10 -8.26 -51.07
N TYR H 787 -5.36 -7.55 -49.98
CA TYR H 787 -6.02 -6.25 -50.04
C TYR H 787 -5.09 -5.10 -49.67
N TRP H 788 -3.99 -5.38 -48.99
CA TRP H 788 -2.85 -4.48 -48.90
C TRP H 788 -1.65 -5.27 -48.42
N PHE H 789 -0.46 -4.74 -48.69
CA PHE H 789 0.79 -5.45 -48.48
C PHE H 789 1.47 -4.96 -47.21
N ARG H 790 2.34 -5.80 -46.66
CA ARG H 790 3.24 -5.37 -45.59
C ARG H 790 4.03 -4.15 -46.05
N PHE H 791 4.60 -3.43 -45.09
CA PHE H 791 5.24 -2.13 -45.36
C PHE H 791 4.22 -1.18 -46.00
N CYS H 792 3.27 -0.77 -45.16
CA CYS H 792 2.05 -0.08 -45.57
C CYS H 792 2.31 1.11 -46.48
N ARG H 793 1.26 1.57 -47.18
CA ARG H 793 1.37 2.38 -48.39
C ARG H 793 2.03 1.55 -49.50
N ALA H 794 1.46 0.38 -49.74
CA ALA H 794 1.96 -0.55 -50.74
C ALA H 794 0.77 -1.11 -51.52
N PRO H 795 0.98 -1.51 -52.77
CA PRO H 795 -0.12 -2.08 -53.55
C PRO H 795 -0.63 -3.37 -52.91
N ARG H 796 -1.92 -3.63 -53.10
CA ARG H 796 -2.50 -4.86 -52.58
C ARG H 796 -1.79 -6.06 -53.15
N GLU H 797 -1.43 -7.00 -52.28
CA GLU H 797 -0.61 -8.15 -52.65
C GLU H 797 -0.91 -9.28 -51.69
N GLY H 798 -0.91 -10.49 -52.21
CA GLY H 798 -1.15 -11.66 -51.41
C GLY H 798 -2.34 -12.43 -51.93
N HIS H 799 -2.88 -13.32 -51.08
CA HIS H 799 -4.08 -14.06 -51.42
C HIS H 799 -5.03 -14.06 -50.23
N PRO H 800 -6.35 -14.03 -50.47
CA PRO H 800 -7.31 -14.01 -49.36
C PRO H 800 -7.16 -15.20 -48.42
N TYR H 801 -6.78 -14.94 -47.17
CA TYR H 801 -6.55 -15.99 -46.20
C TYR H 801 -7.06 -15.53 -44.84
N PRO H 802 -7.47 -16.46 -43.97
CA PRO H 802 -8.01 -16.06 -42.67
C PRO H 802 -7.02 -15.25 -41.83
N GLN H 803 -7.56 -14.28 -41.12
CA GLN H 803 -6.83 -13.51 -40.13
C GLN H 803 -6.37 -14.39 -38.97
N LEU H 804 -5.25 -14.01 -38.36
CA LEU H 804 -4.84 -14.58 -37.09
C LEU H 804 -4.36 -13.56 -36.07
N ALA H 805 -4.06 -12.34 -36.49
CA ALA H 805 -3.60 -11.31 -35.56
C ALA H 805 -4.77 -10.73 -34.78
N LEU H 806 -4.43 -10.04 -33.68
CA LEU H 806 -5.40 -9.46 -32.78
C LEU H 806 -6.33 -10.55 -32.23
N PRO H 807 -5.85 -11.40 -31.32
CA PRO H 807 -6.72 -12.43 -30.75
C PRO H 807 -7.95 -11.80 -30.11
N PRO H 808 -9.11 -12.43 -30.25
CA PRO H 808 -10.36 -11.79 -29.82
C PRO H 808 -10.44 -11.61 -28.31
N HIS H 809 -10.45 -10.35 -27.86
CA HIS H 809 -10.62 -10.08 -26.44
C HIS H 809 -12.05 -10.32 -25.99
N TRP H 810 -12.99 -10.33 -26.93
CA TRP H 810 -14.39 -10.63 -26.65
C TRP H 810 -14.85 -11.71 -27.62
N ASP H 811 -15.45 -12.77 -27.08
CA ASP H 811 -15.97 -13.86 -27.88
C ASP H 811 -16.64 -14.88 -26.97
N PRO H 812 -17.41 -15.83 -27.50
CA PRO H 812 -17.65 -17.07 -26.74
C PRO H 812 -16.35 -17.79 -26.41
N ARG H 813 -15.29 -17.60 -27.20
CA ARG H 813 -13.96 -18.09 -26.87
C ARG H 813 -12.98 -16.92 -26.93
N HIS H 814 -12.65 -16.38 -25.76
CA HIS H 814 -11.75 -15.25 -25.59
C HIS H 814 -10.30 -15.73 -25.65
N ALA H 815 -9.37 -14.87 -25.23
CA ALA H 815 -8.04 -15.33 -24.86
C ALA H 815 -7.76 -15.15 -23.38
N LEU H 816 -7.72 -13.91 -22.88
CA LEU H 816 -7.77 -13.56 -21.46
C LEU H 816 -7.63 -12.04 -21.40
N ARG H 817 -7.76 -11.46 -20.21
CA ARG H 817 -7.90 -10.02 -20.10
C ARG H 817 -6.59 -9.26 -19.91
N ASP H 818 -5.91 -9.49 -18.78
CA ASP H 818 -4.74 -8.73 -18.33
C ASP H 818 -4.87 -7.24 -18.65
N PRO H 819 -5.79 -6.51 -18.00
CA PRO H 819 -5.96 -5.09 -18.31
C PRO H 819 -4.79 -4.24 -17.82
N GLU H 820 -4.55 -3.14 -18.52
CA GLU H 820 -3.56 -2.16 -18.12
C GLU H 820 -4.13 -0.77 -18.33
N ARG H 821 -3.69 0.17 -17.50
CA ARG H 821 -4.22 1.52 -17.52
C ARG H 821 -3.08 2.53 -17.65
N LYS H 822 -3.43 3.70 -18.18
CA LYS H 822 -2.51 4.83 -18.27
C LYS H 822 -3.33 6.09 -18.39
N PHE H 823 -2.66 7.23 -18.17
CA PHE H 823 -3.27 8.53 -18.39
C PHE H 823 -2.33 9.38 -19.24
N LEU H 824 -2.90 10.33 -19.97
CA LEU H 824 -2.13 11.15 -20.90
C LEU H 824 -2.66 12.58 -20.81
N CYS H 825 -1.97 13.40 -20.02
CA CYS H 825 -2.22 14.83 -19.97
C CYS H 825 -1.02 15.56 -20.58
N ASP H 826 -1.28 16.36 -21.61
CA ASP H 826 -0.21 16.98 -22.40
C ASP H 826 -0.51 18.46 -22.66
N ARG H 827 -0.11 19.30 -21.71
CA ARG H 827 0.04 20.75 -21.82
C ARG H 827 0.02 21.37 -20.42
N THR H 828 0.04 20.53 -19.40
CA THR H 828 -0.09 20.99 -18.02
C THR H 828 1.23 20.80 -17.29
N LEU H 829 1.54 21.75 -16.41
CA LEU H 829 2.68 21.64 -15.51
C LEU H 829 2.19 21.06 -14.19
N TRP H 830 2.85 20.00 -13.71
CA TRP H 830 2.51 19.46 -12.41
C TRP H 830 2.78 20.51 -11.33
N ARG H 831 1.86 20.66 -10.40
CA ARG H 831 1.95 21.68 -9.36
C ARG H 831 2.02 21.02 -8.00
N ILE H 832 2.93 21.51 -7.16
CA ILE H 832 3.00 21.13 -5.76
C ILE H 832 2.99 22.43 -4.96
N PRO H 833 1.81 22.97 -4.66
CA PRO H 833 1.74 24.30 -4.03
C PRO H 833 2.40 24.31 -2.66
N PHE H 834 3.07 25.43 -2.38
CA PHE H 834 3.83 25.58 -1.15
C PHE H 834 2.91 26.08 -0.04
N SER H 835 1.89 25.27 0.24
CA SER H 835 0.87 25.58 1.23
C SER H 835 0.73 24.42 2.20
N SER H 836 0.22 24.73 3.38
CA SER H 836 -0.01 23.70 4.39
C SER H 836 -1.15 22.76 3.99
N ASN H 837 -2.23 23.31 3.45
CA ASN H 837 -3.38 22.52 3.04
C ASN H 837 -3.45 22.31 1.54
N PHE H 838 -2.37 22.64 0.82
CA PHE H 838 -2.26 22.50 -0.63
C PHE H 838 -3.25 23.37 -1.40
N MET H 839 -4.04 24.18 -0.70
CA MET H 839 -4.95 25.11 -1.36
C MET H 839 -4.19 26.36 -1.79
N SER H 840 -4.89 27.26 -2.47
CA SER H 840 -4.34 28.58 -2.83
C SER H 840 -5.33 29.62 -2.30
N MET H 841 -5.20 29.95 -1.02
CA MET H 841 -6.04 30.97 -0.39
C MET H 841 -5.31 32.30 -0.32
N GLY H 842 -4.86 32.75 -1.48
CA GLY H 842 -4.09 33.99 -1.56
C GLY H 842 -2.81 33.85 -2.34
N SER H 843 -2.24 34.99 -2.75
CA SER H 843 -1.02 34.97 -3.55
C SER H 843 0.18 34.53 -2.71
N LEU H 844 0.51 35.30 -1.69
CA LEU H 844 1.60 34.96 -0.77
C LEU H 844 1.10 33.88 0.18
N THR H 845 1.59 32.66 -0.02
CA THR H 845 0.97 31.48 0.56
C THR H 845 1.05 31.49 2.09
N ASP H 846 0.33 30.54 2.69
CA ASP H 846 0.38 30.36 4.14
C ASP H 846 1.80 30.21 4.63
N LEU H 847 2.55 29.29 4.03
CA LEU H 847 3.98 29.20 4.27
C LEU H 847 4.71 30.17 3.37
N GLY H 848 5.97 30.38 3.65
CA GLY H 848 6.68 31.52 3.06
C GLY H 848 6.58 32.71 3.97
N GLN H 849 5.36 33.01 4.43
CA GLN H 849 5.19 33.88 5.59
C GLN H 849 5.52 33.16 6.88
N ASN H 850 5.62 31.84 6.83
CA ASN H 850 6.00 31.07 8.01
C ASN H 850 7.36 31.52 8.50
N LEU H 851 7.47 31.77 9.81
CA LEU H 851 8.70 32.32 10.34
C LEU H 851 9.87 31.36 10.19
N LEU H 852 9.58 30.05 10.15
CA LEU H 852 10.63 29.07 9.93
C LEU H 852 11.28 29.24 8.56
N TYR H 853 10.48 29.47 7.53
CA TYR H 853 10.98 29.60 6.18
C TYR H 853 11.30 31.05 5.81
N ALA H 854 11.21 31.97 6.76
CA ALA H 854 11.55 33.36 6.51
C ALA H 854 12.75 33.84 7.31
N ASN H 855 12.93 33.34 8.53
CA ASN H 855 14.00 33.81 9.40
C ASN H 855 15.26 32.98 9.30
N ALA H 856 15.22 31.80 8.69
CA ALA H 856 16.35 30.89 8.64
C ALA H 856 16.53 30.34 7.23
N ALA H 857 17.75 29.93 6.93
CA ALA H 857 18.09 29.33 5.65
C ALA H 857 18.00 27.81 5.75
N HIS H 858 17.37 27.19 4.76
CA HIS H 858 17.12 25.75 4.76
C HIS H 858 17.57 25.16 3.44
N ALA H 859 18.24 24.01 3.51
CA ALA H 859 18.61 23.28 2.31
C ALA H 859 17.44 22.48 1.78
N LEU H 860 17.44 22.26 0.47
CA LEU H 860 16.36 21.55 -0.20
C LEU H 860 16.93 20.44 -1.08
N ASP H 861 16.26 19.29 -1.04
CA ASP H 861 16.64 18.13 -1.84
C ASP H 861 15.39 17.54 -2.47
N MET H 862 15.44 17.30 -3.78
CA MET H 862 14.32 16.70 -4.50
C MET H 862 14.82 15.53 -5.33
N THR H 863 14.09 14.42 -5.30
CA THR H 863 14.43 13.24 -6.08
C THR H 863 13.23 12.86 -6.94
N PHE H 864 13.48 12.60 -8.22
CA PHE H 864 12.44 12.26 -9.17
C PHE H 864 12.66 10.84 -9.68
N GLU H 865 11.60 10.03 -9.62
CA GLU H 865 11.57 8.72 -10.26
C GLU H 865 10.65 8.81 -11.46
N MET H 866 11.10 8.29 -12.60
CA MET H 866 10.47 8.59 -13.88
C MET H 866 10.30 7.33 -14.71
N ASP H 867 9.55 7.48 -15.79
CA ASP H 867 9.46 6.43 -16.81
C ASP H 867 10.60 6.61 -17.80
N PRO H 868 11.51 5.64 -17.93
CA PRO H 868 12.69 5.85 -18.77
C PRO H 868 12.32 5.96 -20.24
N ILE H 869 13.05 6.83 -20.95
CA ILE H 869 12.95 6.96 -22.39
C ILE H 869 14.36 7.04 -22.96
N ASN H 870 14.57 6.40 -24.11
CA ASN H 870 15.91 6.14 -24.61
C ASN H 870 16.66 7.44 -24.91
N GLU H 871 16.00 8.39 -25.54
CA GLU H 871 16.67 9.61 -25.97
C GLU H 871 17.04 10.47 -24.76
N PRO H 872 18.11 11.26 -24.86
CA PRO H 872 18.50 12.15 -23.76
C PRO H 872 17.51 13.29 -23.62
N THR H 873 16.89 13.39 -22.44
CA THR H 873 15.93 14.44 -22.13
C THR H 873 16.38 15.19 -20.89
N LEU H 874 15.55 16.13 -20.46
CA LEU H 874 15.90 16.98 -19.31
C LEU H 874 14.64 17.41 -18.58
N LEU H 875 14.76 17.64 -17.26
CA LEU H 875 13.65 18.09 -16.41
C LEU H 875 13.50 19.56 -16.52
N TYR H 876 12.49 20.13 -15.89
CA TYR H 876 12.28 21.57 -15.91
C TYR H 876 11.47 22.00 -14.74
N VAL H 877 12.11 22.26 -13.61
CA VAL H 877 11.41 22.69 -12.43
C VAL H 877 11.33 24.17 -12.43
N LEU H 878 10.11 24.69 -12.30
CA LEU H 878 9.91 26.11 -12.27
C LEU H 878 9.57 26.35 -10.85
N PHE H 879 10.41 27.07 -10.13
CA PHE H 879 10.12 27.39 -8.79
C PHE H 879 9.22 28.61 -8.76
N GLU H 880 8.03 28.48 -8.22
CA GLU H 880 7.07 29.58 -8.17
C GLU H 880 7.48 30.59 -7.12
N VAL H 881 7.78 31.81 -7.56
CA VAL H 881 8.33 32.85 -6.70
C VAL H 881 7.57 34.15 -6.93
N PHE H 882 8.05 35.23 -6.31
CA PHE H 882 7.50 36.57 -6.51
C PHE H 882 8.49 37.36 -7.36
N ASP H 883 8.10 37.68 -8.59
CA ASP H 883 8.93 38.46 -9.50
C ASP H 883 8.22 39.78 -9.76
N VAL H 884 8.57 40.80 -8.98
CA VAL H 884 7.90 42.09 -9.00
C VAL H 884 8.91 43.17 -9.39
N ALA H 885 8.45 44.13 -10.19
CA ALA H 885 9.25 45.27 -10.58
C ALA H 885 8.48 46.55 -10.32
N ARG H 886 9.12 47.52 -9.70
CA ARG H 886 8.51 48.81 -9.38
C ARG H 886 9.15 49.88 -10.24
N VAL H 887 8.32 50.59 -11.00
CA VAL H 887 8.80 51.60 -11.94
C VAL H 887 8.57 52.98 -11.33
N HIS H 888 9.64 53.74 -11.16
CA HIS H 888 9.60 55.07 -10.59
C HIS H 888 10.19 56.06 -11.58
N GLN H 889 9.40 57.07 -11.93
CA GLN H 889 9.80 58.10 -12.89
C GLN H 889 9.68 59.45 -12.20
N PRO H 890 10.75 59.93 -11.55
CA PRO H 890 10.66 61.17 -10.79
C PRO H 890 10.49 62.42 -11.66
N HIS H 891 11.33 62.57 -12.66
CA HIS H 891 11.34 63.76 -13.51
C HIS H 891 11.08 63.36 -14.96
N ARG H 892 11.22 64.34 -15.86
CA ARG H 892 11.00 64.09 -17.28
C ARG H 892 12.17 63.30 -17.85
N GLY H 893 11.86 62.23 -18.58
CA GLY H 893 12.88 61.48 -19.29
C GLY H 893 13.82 60.68 -18.43
N VAL H 894 13.43 60.33 -17.21
CA VAL H 894 14.22 59.50 -16.32
C VAL H 894 13.36 58.35 -15.82
N ILE H 895 13.87 57.13 -15.91
CA ILE H 895 13.18 55.93 -15.45
C ILE H 895 14.11 55.16 -14.53
N GLU H 896 13.62 54.86 -13.33
CA GLU H 896 14.32 53.98 -12.39
C GLU H 896 13.40 52.84 -12.04
N VAL H 897 13.81 51.62 -12.39
CA VAL H 897 13.01 50.42 -12.13
C VAL H 897 13.82 49.51 -11.22
N VAL H 898 13.21 49.11 -10.11
CA VAL H 898 13.84 48.21 -9.15
C VAL H 898 13.16 46.85 -9.26
N TYR H 899 13.96 45.80 -9.39
CA TYR H 899 13.46 44.45 -9.52
C TYR H 899 13.70 43.68 -8.23
N LEU H 900 12.86 42.70 -7.98
CA LEU H 900 13.00 41.87 -6.77
C LEU H 900 12.34 40.52 -7.03
N ARG H 901 13.15 39.48 -7.13
CA ARG H 901 12.67 38.10 -7.05
C ARG H 901 13.03 37.59 -5.66
N THR H 902 12.01 37.29 -4.85
CA THR H 902 12.20 37.18 -3.42
C THR H 902 12.96 35.92 -3.00
N PRO H 903 12.50 34.71 -3.32
CA PRO H 903 13.24 33.53 -2.85
C PRO H 903 14.54 33.31 -3.57
N PHE H 904 14.60 33.58 -4.87
CA PHE H 904 15.81 33.43 -5.67
C PHE H 904 16.17 34.82 -6.19
N SER H 905 16.92 35.57 -5.39
CA SER H 905 17.28 36.95 -5.72
C SER H 905 18.60 36.95 -6.48
N ALA H 906 18.54 37.28 -7.77
CA ALA H 906 19.72 37.37 -8.62
C ALA H 906 20.57 36.11 -8.53
N GLY H 907 21.61 36.16 -7.71
CA GLY H 907 22.48 35.01 -7.50
C GLY H 907 21.98 34.08 -6.41
N PRO I 4 -51.01 30.02 8.40
CA PRO I 4 -50.92 30.28 9.85
C PRO I 4 -50.80 29.00 10.66
N SER I 5 -51.63 28.00 10.34
CA SER I 5 -51.59 26.74 11.07
C SER I 5 -50.30 25.97 10.77
N MET I 6 -49.84 26.01 9.53
CA MET I 6 -48.63 25.29 9.13
C MET I 6 -47.37 26.11 9.31
N LEU I 7 -47.50 27.35 9.79
CA LEU I 7 -46.34 28.23 9.92
C LEU I 7 -45.28 27.70 10.88
N PRO I 8 -45.62 27.22 12.09
CA PRO I 8 -44.55 26.67 12.94
C PRO I 8 -43.80 25.52 12.31
N GLN I 9 -44.52 24.60 11.65
CA GLN I 9 -43.86 23.47 11.01
C GLN I 9 -42.95 23.94 9.89
N TRP I 10 -43.44 24.84 9.04
CA TRP I 10 -42.63 25.31 7.91
C TRP I 10 -41.43 26.12 8.39
N SER I 11 -41.58 26.85 9.50
CA SER I 11 -40.46 27.61 10.03
C SER I 11 -39.42 26.70 10.66
N TYR I 12 -39.85 25.63 11.33
CA TYR I 12 -38.89 24.67 11.87
C TYR I 12 -38.14 23.97 10.76
N MET I 13 -38.83 23.54 9.71
CA MET I 13 -38.19 22.85 8.60
C MET I 13 -37.68 23.81 7.53
N HIS I 14 -37.66 25.12 7.83
CA HIS I 14 -37.10 26.13 6.94
C HIS I 14 -37.80 26.13 5.57
N ILE I 15 -39.13 26.18 5.61
CA ILE I 15 -39.91 26.33 4.40
C ILE I 15 -40.51 27.74 4.29
N ALA I 16 -40.58 28.49 5.38
CA ALA I 16 -41.21 29.80 5.36
C ALA I 16 -40.45 30.76 6.26
N GLY I 17 -39.90 31.82 5.67
CA GLY I 17 -39.35 32.93 6.40
C GLY I 17 -38.07 32.62 7.16
N GLN I 18 -37.43 33.68 7.66
CA GLN I 18 -36.28 33.59 8.56
C GLN I 18 -35.11 32.87 7.89
N ASP I 19 -34.54 33.55 6.89
CA ASP I 19 -33.43 33.03 6.11
C ASP I 19 -32.24 32.64 6.98
N ALA I 20 -31.28 31.97 6.34
CA ALA I 20 -30.11 31.46 7.05
C ALA I 20 -29.29 32.56 7.69
N SER I 21 -29.28 33.75 7.10
CA SER I 21 -28.58 34.86 7.72
C SER I 21 -29.26 35.35 8.99
N GLU I 22 -30.48 34.88 9.27
CA GLU I 22 -31.24 35.30 10.44
C GLU I 22 -31.41 34.20 11.48
N TYR I 23 -31.80 32.99 11.06
CA TYR I 23 -32.06 31.95 12.06
C TYR I 23 -30.78 31.30 12.56
N LEU I 24 -29.65 31.49 11.89
CA LEU I 24 -28.38 31.00 12.40
C LEU I 24 -27.87 31.93 13.50
N SER I 25 -26.91 31.41 14.27
CA SER I 25 -26.24 32.24 15.25
C SER I 25 -25.36 33.27 14.54
N PRO I 26 -25.24 34.47 15.11
CA PRO I 26 -24.35 35.47 14.50
C PRO I 26 -22.91 35.01 14.41
N GLY I 27 -22.44 34.23 15.39
CA GLY I 27 -21.10 33.68 15.31
C GLY I 27 -20.94 32.74 14.13
N LEU I 28 -21.92 31.87 13.90
CA LEU I 28 -21.84 30.95 12.77
C LEU I 28 -21.95 31.70 11.45
N VAL I 29 -22.76 32.77 11.40
CA VAL I 29 -22.86 33.56 10.18
C VAL I 29 -21.52 34.23 9.88
N GLN I 30 -20.88 34.79 10.91
CA GLN I 30 -19.56 35.39 10.70
C GLN I 30 -18.54 34.35 10.28
N PHE I 31 -18.60 33.15 10.86
CA PHE I 31 -17.70 32.07 10.48
C PHE I 31 -17.88 31.71 9.00
N ALA I 32 -19.13 31.55 8.57
CA ALA I 32 -19.40 31.18 7.18
C ALA I 32 -18.93 32.28 6.24
N GLN I 33 -19.17 33.54 6.59
CA GLN I 33 -18.74 34.63 5.73
C GLN I 33 -17.22 34.72 5.66
N ALA I 34 -16.53 34.44 6.77
CA ALA I 34 -15.08 34.53 6.77
C ALA I 34 -14.45 33.38 6.00
N THR I 35 -14.93 32.16 6.19
CA THR I 35 -14.33 30.98 5.60
C THR I 35 -15.02 30.54 4.32
N GLU I 36 -15.79 31.43 3.68
CA GLU I 36 -16.48 31.08 2.45
C GLU I 36 -15.52 30.85 1.29
N SER I 37 -14.27 31.33 1.40
CA SER I 37 -13.33 31.22 0.29
C SER I 37 -12.77 29.80 0.17
N TYR I 38 -12.56 29.11 1.28
CA TYR I 38 -11.90 27.81 1.25
C TYR I 38 -12.68 26.69 1.92
N PHE I 39 -13.74 26.98 2.66
CA PHE I 39 -14.55 25.92 3.27
C PHE I 39 -16.01 25.98 2.84
N ASN I 40 -16.64 27.16 2.93
CA ASN I 40 -17.96 27.40 2.36
C ASN I 40 -19.01 26.44 2.94
N ILE I 41 -19.30 26.64 4.22
CA ILE I 41 -20.35 25.88 4.90
C ILE I 41 -21.75 26.37 4.58
N GLY I 42 -21.89 27.38 3.73
CA GLY I 42 -23.20 27.96 3.46
C GLY I 42 -24.14 27.05 2.68
N ASN I 43 -23.61 25.99 2.07
CA ASN I 43 -24.45 25.06 1.33
C ASN I 43 -25.36 24.28 2.28
N LYS I 44 -24.90 24.03 3.50
CA LYS I 44 -25.55 23.10 4.41
C LYS I 44 -26.87 23.63 4.97
N PHE I 45 -27.21 24.89 4.72
CA PHE I 45 -28.42 25.49 5.28
C PHE I 45 -29.36 25.92 4.16
N ARG I 46 -30.61 26.19 4.53
CA ARG I 46 -31.68 26.46 3.59
C ARG I 46 -32.30 27.83 3.79
N ASN I 47 -32.67 28.47 2.67
CA ASN I 47 -33.47 29.68 2.61
C ASN I 47 -34.85 29.38 2.03
N PRO I 48 -35.92 29.91 2.62
CA PRO I 48 -37.27 29.51 2.24
C PRO I 48 -37.71 29.90 0.83
N THR I 49 -37.55 31.18 0.47
CA THR I 49 -38.02 31.71 -0.82
C THR I 49 -39.51 31.49 -1.01
N VAL I 50 -40.27 32.17 -0.15
CA VAL I 50 -41.73 32.09 -0.19
C VAL I 50 -42.28 33.12 -1.18
N ALA I 51 -43.16 32.67 -2.06
CA ALA I 51 -43.77 33.57 -3.03
C ALA I 51 -44.80 34.47 -2.34
N PRO I 52 -45.05 35.66 -2.88
CA PRO I 52 -46.08 36.54 -2.30
C PRO I 52 -47.46 35.93 -2.46
N THR I 53 -48.33 36.24 -1.50
CA THR I 53 -49.69 35.71 -1.48
C THR I 53 -50.75 36.73 -1.87
N HIS I 54 -50.55 38.00 -1.53
CA HIS I 54 -51.56 39.02 -1.74
C HIS I 54 -51.07 40.10 -2.70
N ASP I 55 -52.03 40.69 -3.42
CA ASP I 55 -51.77 41.83 -4.31
C ASP I 55 -50.75 41.48 -5.39
N VAL I 56 -50.81 40.26 -5.91
CA VAL I 56 -49.95 39.81 -6.99
C VAL I 56 -50.75 39.28 -8.18
N THR I 57 -51.78 38.47 -7.93
CA THR I 57 -52.50 37.78 -8.98
C THR I 57 -53.98 38.15 -8.90
N THR I 58 -54.66 38.03 -10.04
CA THR I 58 -56.03 38.52 -10.18
C THR I 58 -57.02 37.70 -9.35
N GLU I 59 -57.18 36.42 -9.69
CA GLU I 59 -58.21 35.55 -9.12
C GLU I 59 -59.60 36.17 -9.23
N ARG I 60 -59.92 36.71 -10.40
CA ARG I 60 -61.31 37.09 -10.68
C ARG I 60 -61.68 36.68 -12.11
N SER I 61 -61.28 35.47 -12.49
CA SER I 61 -61.76 34.78 -13.69
C SER I 61 -61.52 35.61 -14.95
N GLN I 62 -60.23 35.77 -15.27
CA GLN I 62 -59.83 36.46 -16.49
C GLN I 62 -58.84 35.59 -17.26
N ARG I 63 -58.78 35.82 -18.57
CA ARG I 63 -58.02 34.98 -19.48
C ARG I 63 -56.54 35.35 -19.47
N LEU I 64 -55.72 34.43 -19.97
CA LEU I 64 -54.30 34.65 -20.17
C LEU I 64 -53.96 35.02 -21.61
N GLN I 65 -54.56 34.34 -22.59
CA GLN I 65 -54.38 34.66 -24.00
C GLN I 65 -55.72 35.04 -24.60
N LEU I 66 -55.70 36.00 -25.52
CA LEU I 66 -56.90 36.44 -26.21
C LEU I 66 -56.65 36.35 -27.72
N ARG I 67 -57.60 35.78 -28.44
CA ARG I 67 -57.55 35.69 -29.89
C ARG I 67 -58.56 36.67 -30.47
N PHE I 68 -58.07 37.64 -31.26
CA PHE I 68 -58.90 38.68 -31.83
C PHE I 68 -59.06 38.42 -33.32
N VAL I 69 -60.28 38.11 -33.74
CA VAL I 69 -60.61 37.98 -35.16
C VAL I 69 -60.68 39.38 -35.76
N PRO I 70 -60.27 39.58 -37.01
CA PRO I 70 -60.33 40.92 -37.58
C PRO I 70 -61.75 41.43 -37.73
N VAL I 71 -61.94 42.72 -37.45
CA VAL I 71 -63.25 43.32 -37.60
C VAL I 71 -63.63 43.40 -39.07
N ASP I 72 -62.72 43.88 -39.91
CA ASP I 72 -62.90 43.88 -41.35
C ASP I 72 -61.53 43.71 -42.01
N ARG I 73 -61.55 43.25 -43.26
CA ARG I 73 -60.32 42.95 -43.96
C ARG I 73 -60.54 43.07 -45.45
N GLU I 74 -59.46 43.40 -46.16
CA GLU I 74 -59.46 43.43 -47.61
C GLU I 74 -58.25 42.67 -48.12
N ASP I 75 -58.41 41.99 -49.25
CA ASP I 75 -57.34 41.21 -49.87
C ASP I 75 -57.18 41.68 -51.32
N THR I 76 -56.39 42.73 -51.50
CA THR I 76 -56.06 43.18 -52.84
C THR I 76 -54.97 42.28 -53.43
N GLN I 77 -54.67 42.52 -54.70
CA GLN I 77 -53.67 41.70 -55.37
C GLN I 77 -52.27 41.90 -54.80
N TYR I 78 -52.01 43.07 -54.19
CA TYR I 78 -50.69 43.36 -53.66
C TYR I 78 -50.52 42.92 -52.21
N SER I 79 -51.54 43.11 -51.38
CA SER I 79 -51.38 42.99 -49.94
C SER I 79 -52.57 42.27 -49.33
N TYR I 80 -52.61 42.24 -48.00
CA TYR I 80 -53.71 41.65 -47.24
C TYR I 80 -53.83 42.42 -45.94
N LYS I 81 -54.72 43.41 -45.92
CA LYS I 81 -54.87 44.32 -44.80
C LYS I 81 -56.03 43.89 -43.92
N THR I 82 -55.78 43.77 -42.62
CA THR I 82 -56.78 43.38 -41.64
C THR I 82 -56.79 44.37 -40.50
N ARG I 83 -57.98 44.71 -40.03
CA ARG I 83 -58.15 45.64 -38.92
C ARG I 83 -58.65 44.89 -37.69
N PHE I 84 -57.93 45.04 -36.58
CA PHE I 84 -58.26 44.39 -35.34
C PHE I 84 -58.68 45.43 -34.30
N GLN I 85 -59.65 45.05 -33.47
CA GLN I 85 -60.14 45.91 -32.38
C GLN I 85 -59.82 45.20 -31.07
N LEU I 86 -58.63 45.43 -30.55
CA LEU I 86 -58.22 44.85 -29.28
C LEU I 86 -58.65 45.75 -28.13
N ALA I 87 -59.35 45.18 -27.15
CA ALA I 87 -59.86 45.92 -26.00
C ALA I 87 -59.08 45.48 -24.77
N VAL I 88 -58.44 46.44 -24.11
CA VAL I 88 -57.60 46.12 -22.94
C VAL I 88 -58.50 46.24 -21.72
N GLY I 89 -59.26 45.17 -21.48
CA GLY I 89 -59.98 44.95 -20.23
C GLY I 89 -60.61 46.16 -19.57
N ASP I 90 -60.53 46.19 -18.24
CA ASP I 90 -60.89 47.39 -17.47
C ASP I 90 -59.78 47.69 -16.47
N ASN I 91 -59.06 46.65 -16.04
CA ASN I 91 -57.97 46.83 -15.10
C ASN I 91 -56.70 46.14 -15.60
N ARG I 92 -56.86 45.04 -16.33
CA ARG I 92 -55.69 44.30 -16.81
C ARG I 92 -54.93 45.09 -17.86
N VAL I 93 -53.62 44.87 -17.89
CA VAL I 93 -52.71 45.63 -18.73
C VAL I 93 -51.75 44.66 -19.43
N LEU I 94 -51.37 45.00 -20.67
CA LEU I 94 -50.46 44.18 -21.44
C LEU I 94 -49.33 45.04 -21.99
N ASP I 95 -48.26 44.38 -22.41
CA ASP I 95 -47.20 44.99 -23.20
C ASP I 95 -47.12 44.26 -24.53
N MET I 96 -46.85 45.01 -25.59
CA MET I 96 -46.88 44.45 -26.94
C MET I 96 -45.60 43.72 -27.31
N ALA I 97 -44.78 43.31 -26.34
CA ALA I 97 -43.81 42.26 -26.63
C ALA I 97 -44.51 40.98 -27.01
N SER I 98 -45.68 40.74 -26.42
CA SER I 98 -46.65 39.76 -26.88
C SER I 98 -47.44 40.35 -28.05
N THR I 99 -48.59 39.76 -28.36
CA THR I 99 -49.45 40.21 -29.47
C THR I 99 -48.75 40.01 -30.81
N TYR I 100 -48.42 38.75 -31.08
CA TYR I 100 -47.93 38.36 -32.39
C TYR I 100 -49.11 38.09 -33.33
N PHE I 101 -48.91 38.35 -34.61
CA PHE I 101 -49.92 38.07 -35.62
C PHE I 101 -49.81 36.61 -36.05
N ASP I 102 -50.95 35.92 -36.05
CA ASP I 102 -51.03 34.53 -36.45
C ASP I 102 -51.56 34.46 -37.87
N ILE I 103 -50.80 33.84 -38.77
CA ILE I 103 -51.16 33.77 -40.18
C ILE I 103 -51.31 32.30 -40.57
N ARG I 104 -52.42 31.99 -41.22
CA ARG I 104 -52.71 30.66 -41.72
C ARG I 104 -53.06 30.74 -43.20
N GLY I 105 -52.55 29.80 -43.99
CA GLY I 105 -52.84 29.83 -45.41
C GLY I 105 -52.13 28.71 -46.14
N THR I 106 -52.23 28.76 -47.46
CA THR I 106 -51.63 27.78 -48.36
C THR I 106 -50.73 28.51 -49.34
N LEU I 107 -49.50 28.02 -49.50
CA LEU I 107 -48.59 28.59 -50.49
C LEU I 107 -48.03 27.49 -51.38
N ASP I 108 -48.09 27.72 -52.68
CA ASP I 108 -47.32 26.97 -53.66
C ASP I 108 -46.03 27.73 -53.92
N ARG I 109 -44.90 27.14 -53.54
CA ARG I 109 -43.62 27.83 -53.64
C ARG I 109 -42.92 27.58 -54.97
N GLY I 110 -43.67 27.20 -56.00
CA GLY I 110 -43.17 27.20 -57.36
C GLY I 110 -42.44 25.92 -57.73
N ALA I 111 -42.40 25.66 -59.05
CA ALA I 111 -41.69 24.50 -59.57
C ALA I 111 -40.19 24.61 -59.38
N SER I 112 -39.67 25.82 -59.10
CA SER I 112 -38.26 26.00 -58.83
C SER I 112 -37.83 25.37 -57.52
N PHE I 113 -38.77 24.96 -56.68
CA PHE I 113 -38.43 24.37 -55.39
C PHE I 113 -37.68 23.07 -55.57
N LYS I 114 -36.66 22.86 -54.72
CA LYS I 114 -35.94 21.60 -54.67
C LYS I 114 -35.29 21.44 -53.30
N PRO I 115 -35.96 20.72 -52.38
CA PRO I 115 -35.52 20.70 -50.99
C PRO I 115 -34.20 20.00 -50.75
N TYR I 116 -33.57 19.42 -51.76
CA TYR I 116 -32.45 18.54 -51.52
C TYR I 116 -31.44 18.63 -52.66
N SER I 117 -30.20 18.27 -52.35
CA SER I 117 -29.14 18.17 -53.34
C SER I 117 -29.12 16.77 -53.94
N GLY I 118 -28.59 16.68 -55.14
CA GLY I 118 -28.58 15.41 -55.82
C GLY I 118 -29.97 15.01 -56.27
N THR I 119 -30.10 13.72 -56.59
CA THR I 119 -31.38 13.15 -57.01
C THR I 119 -31.90 12.22 -55.92
N ALA I 120 -33.17 11.85 -56.06
CA ALA I 120 -33.84 11.01 -55.09
C ALA I 120 -34.33 9.70 -55.65
N TYR I 121 -34.24 9.48 -56.97
CA TYR I 121 -34.87 8.32 -57.59
C TYR I 121 -33.85 7.25 -57.95
N ASN I 122 -32.82 7.63 -58.69
CA ASN I 122 -31.83 6.67 -59.20
C ASN I 122 -30.42 7.14 -58.93
N SER I 123 -30.12 7.48 -57.68
CA SER I 123 -28.83 8.05 -57.30
C SER I 123 -27.67 7.09 -57.58
N PHE I 124 -27.82 5.82 -57.21
CA PHE I 124 -26.74 4.86 -57.39
C PHE I 124 -26.46 4.55 -58.86
N ALA I 125 -27.43 4.78 -59.72
CA ALA I 125 -27.25 4.48 -61.12
C ALA I 125 -26.14 5.34 -61.71
N PRO I 126 -25.30 4.75 -62.56
CA PRO I 126 -24.30 5.55 -63.26
C PRO I 126 -24.97 6.63 -64.09
N LYS I 127 -24.34 7.81 -64.12
CA LYS I 127 -24.98 8.98 -64.72
C LYS I 127 -25.24 8.78 -66.20
N SER I 128 -24.30 8.18 -66.92
CA SER I 128 -24.43 7.97 -68.35
C SER I 128 -25.02 6.62 -68.71
N ALA I 129 -25.35 5.78 -67.73
CA ALA I 129 -25.88 4.47 -68.03
C ALA I 129 -27.30 4.57 -68.56
N PRO I 130 -27.64 3.82 -69.61
CA PRO I 130 -29.03 3.75 -70.04
C PRO I 130 -29.85 2.87 -69.12
N ASN I 131 -31.14 3.17 -69.01
CA ASN I 131 -32.03 2.47 -68.09
C ASN I 131 -32.76 1.30 -68.77
N ASN I 132 -32.01 0.40 -69.41
CA ASN I 132 -32.57 -0.78 -70.05
C ASN I 132 -33.67 -0.40 -71.04
N THR I 133 -33.23 0.29 -72.09
CA THR I 133 -34.12 0.84 -73.09
C THR I 133 -33.84 0.24 -74.45
N GLN I 134 -34.66 0.63 -75.43
CA GLN I 134 -34.52 0.18 -76.80
C GLN I 134 -34.00 1.33 -77.66
N PHE I 135 -33.00 1.06 -78.48
CA PHE I 135 -32.42 2.07 -79.36
C PHE I 135 -32.58 1.63 -80.82
N ARG I 136 -32.65 2.62 -81.71
CA ARG I 136 -32.88 2.38 -83.12
C ARG I 136 -31.55 2.26 -83.87
N GLN I 137 -31.64 1.81 -85.12
CA GLN I 137 -30.49 1.67 -85.98
C GLN I 137 -30.30 2.91 -86.84
N ALA I 138 -29.14 2.97 -87.51
CA ALA I 138 -28.88 4.06 -88.44
C ALA I 138 -29.85 4.03 -89.61
N ASN I 139 -30.15 2.84 -90.13
CA ASN I 139 -31.08 2.70 -91.24
C ASN I 139 -32.50 3.07 -90.81
N ASN I 140 -32.86 2.79 -89.55
CA ASN I 140 -34.14 3.06 -88.93
C ASN I 140 -35.27 2.18 -89.47
N GLY I 141 -35.01 1.36 -90.47
CA GLY I 141 -36.00 0.39 -90.92
C GLY I 141 -35.83 -0.94 -90.22
N HIS I 142 -34.66 -1.13 -89.62
CA HIS I 142 -34.38 -2.36 -88.89
C HIS I 142 -35.14 -2.37 -87.57
N PRO I 143 -35.45 -3.54 -87.04
CA PRO I 143 -36.04 -3.61 -85.69
C PRO I 143 -35.09 -3.00 -84.66
N ALA I 144 -35.67 -2.29 -83.70
CA ALA I 144 -34.87 -1.63 -82.68
C ALA I 144 -34.26 -2.66 -81.73
N GLN I 145 -32.96 -2.55 -81.51
CA GLN I 145 -32.27 -3.45 -80.61
C GLN I 145 -32.45 -3.00 -79.16
N THR I 146 -31.88 -3.76 -78.24
CA THR I 146 -32.01 -3.48 -76.82
C THR I 146 -30.64 -3.41 -76.17
N ILE I 147 -30.53 -2.54 -75.16
CA ILE I 147 -29.38 -2.50 -74.28
C ILE I 147 -29.71 -3.22 -72.96
N ALA I 148 -30.66 -4.15 -73.01
CA ALA I 148 -31.32 -4.69 -71.82
C ALA I 148 -30.36 -5.53 -70.99
N GLN I 149 -30.89 -6.03 -69.87
CA GLN I 149 -30.16 -6.97 -69.01
C GLN I 149 -31.18 -7.87 -68.33
N ALA I 150 -31.18 -9.14 -68.68
CA ALA I 150 -32.08 -10.09 -68.04
C ALA I 150 -31.55 -10.43 -66.65
N SER I 151 -32.36 -10.20 -65.63
CA SER I 151 -31.95 -10.41 -64.24
C SER I 151 -32.66 -11.57 -63.58
N TYR I 152 -33.99 -11.63 -63.65
CA TYR I 152 -34.72 -12.70 -63.01
C TYR I 152 -34.48 -14.00 -63.77
N VAL I 153 -33.85 -14.96 -63.11
CA VAL I 153 -33.49 -16.23 -63.73
C VAL I 153 -34.58 -17.25 -63.44
N ALA I 154 -35.12 -17.85 -64.50
CA ALA I 154 -36.18 -18.84 -64.40
C ALA I 154 -36.31 -19.53 -65.74
N THR I 155 -36.97 -20.69 -65.73
CA THR I 155 -37.22 -21.42 -66.96
C THR I 155 -38.28 -20.73 -67.79
N ILE I 156 -38.14 -20.85 -69.11
CA ILE I 156 -39.08 -20.27 -70.06
C ILE I 156 -39.70 -21.40 -70.86
N GLY I 157 -41.03 -21.46 -70.87
CA GLY I 157 -41.71 -22.53 -71.59
C GLY I 157 -43.19 -22.52 -71.28
N GLY I 158 -43.84 -23.65 -71.60
CA GLY I 158 -45.27 -23.75 -71.40
C GLY I 158 -46.04 -22.91 -72.40
N ALA I 159 -47.18 -22.39 -71.96
CA ALA I 159 -47.98 -21.53 -72.81
C ALA I 159 -47.22 -20.26 -73.17
N ASN I 160 -47.23 -19.93 -74.46
CA ASN I 160 -46.74 -18.68 -75.07
C ASN I 160 -45.46 -18.14 -74.43
N ASN I 161 -44.59 -19.04 -73.98
CA ASN I 161 -43.23 -18.72 -73.57
C ASN I 161 -43.17 -17.59 -72.53
N ASP I 162 -43.74 -17.87 -71.36
CA ASP I 162 -43.64 -16.97 -70.23
C ASP I 162 -42.50 -17.40 -69.32
N LEU I 163 -42.35 -16.71 -68.20
CA LEU I 163 -41.32 -17.02 -67.20
C LEU I 163 -41.94 -17.72 -66.00
N GLN I 164 -41.12 -18.53 -65.33
CA GLN I 164 -41.56 -19.33 -64.20
C GLN I 164 -41.37 -18.51 -62.93
N MET I 165 -42.45 -17.88 -62.45
CA MET I 165 -42.38 -17.15 -61.20
C MET I 165 -42.33 -18.08 -60.00
N GLY I 166 -43.15 -19.13 -60.03
CA GLY I 166 -43.20 -20.05 -58.90
C GLY I 166 -44.18 -21.16 -59.18
N VAL I 167 -44.62 -21.82 -58.11
CA VAL I 167 -45.54 -22.94 -58.22
C VAL I 167 -46.73 -22.69 -57.30
N ASP I 168 -47.86 -23.27 -57.67
CA ASP I 168 -49.07 -23.20 -56.87
C ASP I 168 -49.02 -24.26 -55.78
N GLU I 169 -50.16 -24.50 -55.11
CA GLU I 169 -50.24 -25.61 -54.18
C GLU I 169 -49.98 -26.93 -54.90
N ARG I 170 -50.58 -27.11 -56.06
CA ARG I 170 -50.21 -28.20 -56.96
C ARG I 170 -48.89 -27.86 -57.64
N GLN I 171 -48.09 -28.90 -57.91
CA GLN I 171 -46.80 -28.69 -58.53
C GLN I 171 -46.95 -28.34 -60.01
N LEU I 172 -47.49 -27.15 -60.28
CA LEU I 172 -47.71 -26.65 -61.63
C LEU I 172 -47.04 -25.29 -61.79
N PRO I 173 -46.58 -24.96 -62.99
CA PRO I 173 -45.94 -23.65 -63.20
C PRO I 173 -46.91 -22.50 -63.01
N VAL I 174 -46.40 -21.40 -62.47
CA VAL I 174 -47.13 -20.14 -62.38
C VAL I 174 -46.35 -19.11 -63.17
N TYR I 175 -46.98 -18.52 -64.17
CA TYR I 175 -46.30 -17.65 -65.11
C TYR I 175 -46.53 -16.18 -64.76
N ALA I 176 -45.62 -15.35 -65.27
CA ALA I 176 -45.56 -13.95 -64.86
C ALA I 176 -46.72 -13.15 -65.45
N ASN I 177 -47.34 -12.34 -64.60
CA ASN I 177 -48.29 -11.33 -65.08
C ASN I 177 -47.55 -10.29 -65.90
N THR I 178 -48.08 -9.99 -67.08
CA THR I 178 -47.39 -9.11 -68.02
C THR I 178 -47.29 -7.67 -67.55
N THR I 179 -48.05 -7.27 -66.53
CA THR I 179 -48.05 -5.89 -66.08
C THR I 179 -46.80 -5.57 -65.27
N TYR I 180 -46.54 -6.33 -64.22
CA TYR I 180 -45.45 -6.02 -63.30
C TYR I 180 -44.61 -7.23 -62.87
N GLN I 181 -45.07 -8.46 -63.11
CA GLN I 181 -44.50 -9.60 -62.41
C GLN I 181 -43.00 -9.82 -62.64
N PRO I 182 -42.45 -9.71 -63.86
CA PRO I 182 -40.98 -9.81 -63.99
C PRO I 182 -40.32 -8.62 -63.33
N GLU I 183 -40.31 -8.65 -62.00
CA GLU I 183 -40.03 -7.46 -61.21
C GLU I 183 -38.56 -7.06 -61.33
N PRO I 184 -38.26 -5.81 -61.68
CA PRO I 184 -36.86 -5.37 -61.71
C PRO I 184 -36.20 -5.34 -60.35
N GLN I 185 -36.97 -5.36 -59.25
CA GLN I 185 -36.35 -5.32 -57.93
C GLN I 185 -35.46 -6.53 -57.70
N LEU I 186 -35.95 -7.71 -58.04
CA LEU I 186 -35.31 -8.97 -57.69
C LEU I 186 -34.38 -9.45 -58.79
N GLY I 187 -33.64 -10.52 -58.48
CA GLY I 187 -32.68 -11.07 -59.40
C GLY I 187 -31.96 -12.28 -58.83
N ILE I 188 -30.72 -12.51 -59.28
CA ILE I 188 -29.95 -13.65 -58.83
C ILE I 188 -29.52 -13.43 -57.39
N GLU I 189 -29.60 -14.49 -56.59
CA GLU I 189 -29.19 -14.47 -55.18
C GLU I 189 -27.77 -15.03 -55.10
N GLY I 190 -26.81 -14.15 -54.87
CA GLY I 190 -25.41 -14.51 -54.79
C GLY I 190 -24.66 -14.15 -56.06
N TRP I 191 -23.35 -14.39 -56.01
CA TRP I 191 -22.47 -14.10 -57.14
C TRP I 191 -22.01 -15.34 -57.89
N THR I 192 -22.18 -16.53 -57.33
CA THR I 192 -21.69 -17.74 -57.98
C THR I 192 -22.39 -17.96 -59.32
N ALA I 193 -23.70 -17.75 -59.37
CA ALA I 193 -24.43 -17.92 -60.62
C ALA I 193 -24.02 -16.85 -61.62
N GLY I 194 -23.77 -17.27 -62.86
CA GLY I 194 -23.33 -16.41 -63.92
C GLY I 194 -21.84 -16.44 -64.18
N SER I 195 -21.04 -16.77 -63.16
CA SER I 195 -19.60 -16.86 -63.29
C SER I 195 -19.11 -18.30 -63.12
N MET I 196 -19.44 -18.94 -62.00
CA MET I 196 -19.06 -20.33 -61.79
C MET I 196 -20.15 -21.29 -62.22
N ALA I 197 -21.40 -21.04 -61.82
CA ALA I 197 -22.55 -21.80 -62.27
C ALA I 197 -23.26 -20.99 -63.34
N VAL I 198 -23.34 -21.55 -64.55
CA VAL I 198 -23.88 -20.82 -65.69
C VAL I 198 -25.41 -20.83 -65.60
N ILE I 199 -26.01 -19.65 -65.66
CA ILE I 199 -27.46 -19.53 -65.72
C ILE I 199 -27.92 -19.78 -67.16
N ASP I 200 -28.97 -20.59 -67.31
CA ASP I 200 -29.42 -21.01 -68.63
C ASP I 200 -30.46 -20.06 -69.22
N GLN I 201 -31.49 -19.72 -68.45
CA GLN I 201 -32.56 -18.87 -68.93
C GLN I 201 -32.87 -17.78 -67.91
N ALA I 202 -33.07 -16.56 -68.39
CA ALA I 202 -33.37 -15.42 -67.54
C ALA I 202 -34.36 -14.51 -68.26
N GLY I 203 -34.76 -13.44 -67.59
CA GLY I 203 -35.71 -12.51 -68.18
C GLY I 203 -35.61 -11.15 -67.54
N GLY I 204 -36.36 -10.22 -68.12
CA GLY I 204 -36.34 -8.85 -67.64
C GLY I 204 -37.40 -8.01 -68.29
N ARG I 205 -37.29 -6.70 -68.10
CA ARG I 205 -38.25 -5.74 -68.62
C ARG I 205 -37.52 -4.61 -69.33
N VAL I 206 -38.06 -4.18 -70.47
CA VAL I 206 -37.43 -3.17 -71.32
C VAL I 206 -38.46 -2.11 -71.68
N LEU I 207 -37.98 -0.90 -71.93
CA LEU I 207 -38.80 0.17 -72.45
C LEU I 207 -38.69 0.21 -73.97
N ARG I 208 -39.83 0.28 -74.65
CA ARG I 208 -39.88 0.33 -76.10
C ARG I 208 -40.46 1.68 -76.54
N ASN I 209 -39.99 2.15 -77.69
CA ASN I 209 -40.34 3.46 -78.22
C ASN I 209 -40.15 4.54 -77.15
N PRO I 210 -38.92 4.73 -76.66
CA PRO I 210 -38.70 5.62 -75.52
C PRO I 210 -38.42 7.05 -75.93
N THR I 211 -38.20 7.91 -74.93
CA THR I 211 -37.66 9.24 -75.14
C THR I 211 -36.17 9.31 -74.85
N GLN I 212 -35.54 8.16 -74.59
CA GLN I 212 -34.11 8.06 -74.29
C GLN I 212 -33.73 8.91 -73.07
N THR I 213 -34.30 8.54 -71.96
CA THR I 213 -34.01 9.14 -70.66
C THR I 213 -32.83 8.42 -70.00
N PRO I 214 -31.78 9.13 -69.60
CA PRO I 214 -30.69 8.48 -68.87
C PRO I 214 -31.19 7.91 -67.55
N CYS I 215 -30.51 6.86 -67.09
CA CYS I 215 -30.97 6.12 -65.92
C CYS I 215 -31.00 6.98 -64.66
N TYR I 216 -30.30 8.11 -64.64
CA TYR I 216 -30.14 8.88 -63.42
C TYR I 216 -31.47 9.43 -62.91
N GLY I 217 -32.24 10.10 -63.77
CA GLY I 217 -33.53 10.58 -63.33
C GLY I 217 -34.57 9.49 -63.26
N SER I 218 -34.99 9.00 -64.42
CA SER I 218 -35.76 7.77 -64.59
C SER I 218 -36.86 7.60 -63.54
N TYR I 219 -37.82 8.52 -63.56
CA TYR I 219 -39.03 8.35 -62.76
C TYR I 219 -40.22 8.13 -63.68
N ALA I 220 -41.15 7.29 -63.23
CA ALA I 220 -42.39 7.05 -63.96
C ALA I 220 -43.49 6.73 -62.96
N LYS I 221 -44.63 7.40 -63.10
CA LYS I 221 -45.71 7.23 -62.15
C LYS I 221 -46.35 5.85 -62.31
N PRO I 222 -46.75 5.20 -61.22
CA PRO I 222 -47.45 3.93 -61.32
C PRO I 222 -48.79 4.08 -62.02
N THR I 223 -49.20 3.02 -62.71
CA THR I 223 -50.52 2.96 -63.32
C THR I 223 -51.35 1.79 -62.79
N ASN I 224 -50.79 0.93 -61.95
CA ASN I 224 -51.52 -0.13 -61.31
C ASN I 224 -50.99 -0.29 -59.88
N GLU I 225 -51.80 -0.93 -59.04
CA GLU I 225 -51.46 -1.05 -57.62
C GLU I 225 -50.49 -2.20 -57.36
N HIS I 226 -49.43 -2.28 -58.18
CA HIS I 226 -48.42 -3.30 -57.99
C HIS I 226 -47.02 -2.79 -58.23
N GLY I 227 -46.83 -1.48 -58.42
CA GLY I 227 -45.53 -0.93 -58.70
C GLY I 227 -45.14 -0.96 -60.17
N GLY I 228 -46.05 -1.32 -61.06
CA GLY I 228 -45.75 -1.37 -62.47
C GLY I 228 -46.04 -0.06 -63.17
N ILE I 229 -45.24 0.23 -64.20
CA ILE I 229 -45.37 1.44 -65.00
C ILE I 229 -45.65 1.03 -66.44
N THR I 230 -46.71 1.60 -67.02
CA THR I 230 -47.05 1.35 -68.41
C THR I 230 -48.06 2.40 -68.87
N LYS I 231 -47.93 2.86 -70.10
CA LYS I 231 -48.84 3.85 -70.63
C LYS I 231 -50.25 3.29 -70.72
N ALA I 232 -51.23 4.17 -70.50
CA ALA I 232 -52.62 3.75 -70.53
C ALA I 232 -53.03 3.29 -71.92
N ASN I 233 -53.80 2.21 -71.97
CA ASN I 233 -54.26 1.61 -73.22
C ASN I 233 -53.10 1.25 -74.14
N THR I 234 -52.01 0.78 -73.53
CA THR I 234 -50.85 0.32 -74.27
C THR I 234 -50.48 -1.07 -73.78
N GLN I 235 -50.34 -2.00 -74.72
CA GLN I 235 -50.05 -3.38 -74.39
C GLN I 235 -48.54 -3.63 -74.36
N VAL I 236 -48.14 -4.65 -73.61
CA VAL I 236 -46.75 -5.06 -73.49
C VAL I 236 -46.57 -6.38 -74.23
N GLU I 237 -45.58 -6.44 -75.11
CA GLU I 237 -45.26 -7.65 -75.84
C GLU I 237 -43.83 -8.06 -75.54
N LYS I 238 -43.60 -9.37 -75.53
CA LYS I 238 -42.32 -9.94 -75.12
C LYS I 238 -41.45 -10.25 -76.33
N LYS I 239 -40.15 -10.13 -76.14
CA LYS I 239 -39.17 -10.41 -77.18
C LYS I 239 -38.15 -11.42 -76.66
N TYR I 240 -37.65 -12.25 -77.56
CA TYR I 240 -36.76 -13.35 -77.22
C TYR I 240 -35.40 -13.16 -77.88
N TYR I 241 -34.34 -13.46 -77.13
CA TYR I 241 -32.98 -13.29 -77.62
C TYR I 241 -32.14 -14.49 -77.18
N ARG I 242 -31.10 -14.77 -77.96
CA ARG I 242 -30.14 -15.81 -77.62
C ARG I 242 -28.76 -15.39 -78.11
N THR I 243 -27.73 -15.82 -77.37
CA THR I 243 -26.36 -15.43 -77.69
C THR I 243 -25.76 -16.28 -78.81
N GLY I 244 -26.35 -17.42 -79.13
CA GLY I 244 -25.81 -18.27 -80.18
C GLY I 244 -26.88 -18.81 -81.09
N ASP I 245 -26.55 -18.97 -82.38
CA ASP I 245 -27.51 -19.44 -83.35
C ASP I 245 -27.87 -20.90 -83.09
N ASN I 246 -29.09 -21.28 -83.49
CA ASN I 246 -29.61 -22.64 -83.38
C ASN I 246 -29.58 -23.11 -81.92
N GLY I 247 -30.37 -22.41 -81.11
CA GLY I 247 -30.48 -22.77 -79.70
C GLY I 247 -31.76 -22.23 -79.10
N ASN I 248 -32.09 -22.75 -77.93
CA ASN I 248 -33.26 -22.29 -77.19
C ASN I 248 -33.00 -20.86 -76.71
N PRO I 249 -34.01 -19.98 -76.71
CA PRO I 249 -33.79 -18.61 -76.25
C PRO I 249 -33.36 -18.57 -74.79
N GLU I 250 -32.50 -17.61 -74.47
CA GLU I 250 -31.97 -17.45 -73.12
C GLU I 250 -32.63 -16.32 -72.35
N THR I 251 -32.98 -15.22 -73.01
CA THR I 251 -33.55 -14.05 -72.35
C THR I 251 -34.89 -13.72 -72.96
N VAL I 252 -35.87 -13.41 -72.11
CA VAL I 252 -37.19 -12.95 -72.52
C VAL I 252 -37.40 -11.56 -71.92
N PHE I 253 -37.80 -10.61 -72.75
CA PHE I 253 -37.91 -9.22 -72.33
C PHE I 253 -39.30 -8.71 -72.64
N TYR I 254 -40.00 -8.25 -71.60
CA TYR I 254 -41.34 -7.69 -71.74
C TYR I 254 -41.20 -6.22 -72.08
N THR I 255 -41.21 -5.91 -73.37
CA THR I 255 -41.02 -4.53 -73.84
C THR I 255 -42.32 -3.77 -73.67
N GLU I 256 -42.34 -2.81 -72.75
CA GLU I 256 -43.51 -2.00 -72.47
C GLU I 256 -43.20 -0.53 -72.73
N GLU I 257 -44.24 0.26 -72.85
CA GLU I 257 -44.14 1.70 -73.08
C GLU I 257 -44.50 2.46 -71.81
N ALA I 258 -43.60 3.33 -71.37
CA ALA I 258 -43.79 4.08 -70.14
C ALA I 258 -43.46 5.54 -70.39
N ASP I 259 -44.17 6.43 -69.71
CA ASP I 259 -43.95 7.87 -69.82
C ASP I 259 -42.90 8.38 -68.82
N VAL I 260 -41.74 7.71 -68.85
CA VAL I 260 -40.66 8.03 -67.94
C VAL I 260 -40.19 9.48 -68.16
N LEU I 261 -39.89 10.15 -67.05
CA LEU I 261 -39.45 11.55 -67.08
C LEU I 261 -38.38 11.75 -66.03
N THR I 262 -37.74 12.93 -66.09
CA THR I 262 -36.73 13.32 -65.11
C THR I 262 -37.23 14.51 -64.31
N PRO I 263 -37.83 14.29 -63.14
CA PRO I 263 -38.30 15.41 -62.32
C PRO I 263 -37.23 15.92 -61.38
N ASP I 264 -36.17 15.13 -61.20
CA ASP I 264 -35.08 15.52 -60.31
C ASP I 264 -33.86 16.04 -61.04
N THR I 265 -33.65 15.66 -62.29
CA THR I 265 -32.39 15.92 -62.98
C THR I 265 -32.66 16.69 -64.27
N HIS I 266 -31.59 17.30 -64.78
CA HIS I 266 -31.61 17.99 -66.06
C HIS I 266 -30.49 17.41 -66.92
N LEU I 267 -30.65 17.54 -68.23
CA LEU I 267 -29.74 16.93 -69.18
C LEU I 267 -28.55 17.84 -69.43
N VAL I 268 -27.35 17.33 -69.17
CA VAL I 268 -26.10 17.96 -69.57
C VAL I 268 -25.42 17.02 -70.55
N HIS I 269 -24.89 17.58 -71.64
CA HIS I 269 -24.43 16.80 -72.79
C HIS I 269 -25.57 15.95 -73.34
N ALA I 270 -26.56 16.66 -73.89
CA ALA I 270 -27.69 16.05 -74.57
C ALA I 270 -27.41 16.02 -76.06
N VAL I 271 -27.59 14.85 -76.67
CA VAL I 271 -27.40 14.69 -78.12
C VAL I 271 -28.56 15.39 -78.82
N PRO I 272 -28.42 15.76 -80.10
CA PRO I 272 -29.52 16.43 -80.79
C PRO I 272 -30.77 15.57 -80.80
N ALA I 273 -31.92 16.24 -80.75
CA ALA I 273 -33.18 15.53 -80.60
C ALA I 273 -33.46 14.61 -81.78
N ALA I 274 -32.97 14.95 -82.97
CA ALA I 274 -33.21 14.11 -84.14
C ALA I 274 -32.56 12.74 -83.99
N ASP I 275 -31.26 12.71 -83.68
CA ASP I 275 -30.54 11.46 -83.47
C ASP I 275 -30.44 11.11 -81.99
N ARG I 276 -31.59 11.06 -81.30
CA ARG I 276 -31.61 10.76 -79.87
C ARG I 276 -32.02 9.32 -79.60
N ALA I 277 -33.08 8.84 -80.26
CA ALA I 277 -33.55 7.48 -80.01
C ALA I 277 -32.57 6.44 -80.52
N LYS I 278 -31.77 6.77 -81.51
CA LYS I 278 -30.87 5.81 -82.14
C LYS I 278 -29.61 5.63 -81.29
N VAL I 279 -28.59 5.00 -81.88
CA VAL I 279 -27.32 4.80 -81.19
C VAL I 279 -26.71 6.16 -80.85
N GLU I 280 -25.79 6.16 -79.88
CA GLU I 280 -25.05 7.30 -79.34
C GLU I 280 -25.99 8.32 -78.72
N GLY I 281 -27.29 8.01 -78.70
CA GLY I 281 -28.22 8.71 -77.83
C GLY I 281 -28.27 8.12 -76.44
N LEU I 282 -27.57 6.99 -76.25
CA LEU I 282 -27.44 6.36 -74.94
C LEU I 282 -26.36 7.00 -74.09
N SER I 283 -25.49 7.81 -74.68
CA SER I 283 -24.37 8.41 -73.96
C SER I 283 -24.77 9.63 -73.15
N GLN I 284 -26.02 10.08 -73.26
CA GLN I 284 -26.47 11.21 -72.45
C GLN I 284 -26.34 10.87 -70.97
N HIS I 285 -25.73 11.77 -70.22
CA HIS I 285 -25.57 11.62 -68.79
C HIS I 285 -26.26 12.78 -68.09
N ALA I 286 -27.17 12.46 -67.18
CA ALA I 286 -27.93 13.47 -66.47
C ALA I 286 -27.14 14.00 -65.29
N ALA I 287 -27.49 15.20 -64.86
CA ALA I 287 -26.93 15.81 -63.67
C ALA I 287 -28.08 16.31 -62.80
N PRO I 288 -27.95 16.22 -61.48
CA PRO I 288 -29.04 16.66 -60.61
C PRO I 288 -29.24 18.16 -60.70
N ASN I 289 -30.48 18.59 -60.49
CA ASN I 289 -30.79 20.01 -60.47
C ASN I 289 -30.13 20.68 -59.28
N ARG I 290 -29.91 21.97 -59.41
CA ARG I 290 -29.32 22.73 -58.32
C ARG I 290 -30.35 22.92 -57.21
N PRO I 291 -30.03 22.58 -55.96
CA PRO I 291 -31.01 22.75 -54.88
C PRO I 291 -31.39 24.21 -54.69
N ASN I 292 -32.64 24.42 -54.28
CA ASN I 292 -33.18 25.77 -54.16
C ASN I 292 -33.49 26.18 -52.73
N PHE I 293 -34.13 25.31 -51.95
CA PHE I 293 -34.43 25.57 -50.54
C PHE I 293 -35.26 26.85 -50.38
N ILE I 294 -36.45 26.84 -50.96
CA ILE I 294 -37.35 27.98 -50.82
C ILE I 294 -38.03 27.92 -49.46
N GLY I 295 -37.95 29.00 -48.71
CA GLY I 295 -38.56 29.06 -47.40
C GLY I 295 -38.82 30.48 -46.99
N PHE I 296 -39.42 30.64 -45.82
CA PHE I 296 -39.73 31.97 -45.31
C PHE I 296 -38.46 32.72 -44.95
N ARG I 297 -38.58 34.05 -44.93
CA ARG I 297 -37.44 34.90 -44.62
C ARG I 297 -37.06 34.78 -43.15
N ASP I 298 -35.85 35.22 -42.83
CA ASP I 298 -35.40 35.22 -41.44
C ASP I 298 -36.28 36.15 -40.61
N CYS I 299 -36.76 35.64 -39.47
CA CYS I 299 -37.60 36.40 -38.56
C CYS I 299 -38.80 37.02 -39.26
N PHE I 300 -39.27 36.38 -40.34
CA PHE I 300 -40.40 36.87 -41.13
C PHE I 300 -40.20 38.31 -41.58
N VAL I 301 -38.96 38.64 -41.98
CA VAL I 301 -38.68 39.95 -42.54
C VAL I 301 -39.28 40.06 -43.93
N GLY I 302 -39.97 41.18 -44.18
CA GLY I 302 -40.62 41.41 -45.45
C GLY I 302 -42.09 41.03 -45.49
N LEU I 303 -42.55 40.20 -44.56
CA LEU I 303 -43.96 39.84 -44.48
C LEU I 303 -44.80 41.01 -43.98
N MET I 304 -44.18 42.03 -43.42
CA MET I 304 -44.87 43.17 -42.82
C MET I 304 -44.50 44.43 -43.57
N TYR I 305 -45.50 45.21 -43.96
CA TYR I 305 -45.21 46.54 -44.52
C TYR I 305 -44.61 47.43 -43.45
N TYR I 306 -43.32 47.70 -43.59
CA TYR I 306 -42.58 48.60 -42.72
C TYR I 306 -41.93 49.67 -43.58
N ASN I 307 -41.98 50.92 -43.11
CA ASN I 307 -41.27 52.03 -43.74
C ASN I 307 -41.73 52.27 -45.16
N SER I 308 -42.99 51.95 -45.45
CA SER I 308 -43.52 52.05 -46.81
C SER I 308 -44.36 53.30 -47.05
N GLY I 309 -44.97 53.86 -46.02
CA GLY I 309 -45.79 55.05 -46.20
C GLY I 309 -47.16 54.83 -46.79
N GLY I 310 -47.25 54.11 -47.91
CA GLY I 310 -48.54 53.82 -48.50
C GLY I 310 -49.41 52.98 -47.59
N ASN I 311 -48.82 51.96 -46.96
CA ASN I 311 -49.52 51.12 -46.00
C ASN I 311 -48.74 51.17 -44.69
N LEU I 312 -49.43 51.47 -43.60
CA LEU I 312 -48.78 51.59 -42.30
C LEU I 312 -49.77 51.25 -41.21
N GLY I 313 -49.24 50.93 -40.03
CA GLY I 313 -50.10 50.61 -38.91
C GLY I 313 -50.94 51.79 -38.47
N VAL I 314 -52.13 51.48 -37.98
CA VAL I 314 -53.06 52.52 -37.55
C VAL I 314 -53.41 52.22 -36.09
N LEU I 315 -52.45 51.69 -35.34
CA LEU I 315 -52.66 51.48 -33.92
C LEU I 315 -53.08 52.79 -33.25
N ALA I 316 -54.32 52.84 -32.75
CA ALA I 316 -54.86 54.08 -32.23
C ALA I 316 -56.12 53.76 -31.44
N GLY I 317 -56.48 54.69 -30.56
CA GLY I 317 -57.75 54.57 -29.86
C GLY I 317 -58.92 54.67 -30.80
N GLN I 318 -59.97 53.89 -30.51
CA GLN I 318 -61.14 53.89 -31.37
C GLN I 318 -61.88 55.22 -31.33
N SER I 319 -61.72 55.99 -30.24
CA SER I 319 -62.40 57.27 -30.14
C SER I 319 -61.62 58.37 -30.86
N SER I 320 -60.35 58.55 -30.48
CA SER I 320 -59.55 59.62 -31.08
C SER I 320 -59.29 59.35 -32.56
N GLN I 321 -58.99 58.09 -32.91
CA GLN I 321 -58.72 57.70 -34.29
C GLN I 321 -57.55 58.48 -34.89
N LEU I 322 -56.59 58.89 -34.06
CA LEU I 322 -55.38 59.52 -34.53
C LEU I 322 -54.24 58.51 -34.41
N ASN I 323 -53.53 58.28 -35.52
CA ASN I 323 -52.53 57.23 -35.56
C ASN I 323 -51.43 57.48 -34.54
N ALA I 324 -51.10 56.45 -33.76
CA ALA I 324 -50.04 56.54 -32.77
C ALA I 324 -48.67 56.21 -33.34
N VAL I 325 -48.58 55.85 -34.62
CA VAL I 325 -47.32 55.61 -35.28
C VAL I 325 -47.24 56.48 -36.52
N VAL I 326 -46.10 57.15 -36.71
CA VAL I 326 -45.78 57.82 -37.95
C VAL I 326 -44.42 57.29 -38.40
N ASP I 327 -44.34 56.91 -39.67
CA ASP I 327 -43.15 56.26 -40.22
C ASP I 327 -42.71 57.04 -41.45
N LEU I 328 -41.42 57.35 -41.52
CA LEU I 328 -40.93 58.41 -42.40
C LEU I 328 -39.99 57.90 -43.49
N GLN I 329 -40.04 56.62 -43.81
CA GLN I 329 -39.41 56.01 -44.99
C GLN I 329 -37.89 56.16 -45.02
N ASP I 330 -37.30 56.79 -44.00
CA ASP I 330 -35.85 56.72 -43.81
C ASP I 330 -35.45 55.72 -42.74
N ARG I 331 -36.38 55.36 -41.86
CA ARG I 331 -36.12 54.33 -40.86
C ARG I 331 -35.95 52.97 -41.54
N ASN I 332 -35.18 52.10 -40.90
CA ASN I 332 -35.01 50.72 -41.35
C ASN I 332 -35.26 49.81 -40.14
N THR I 333 -36.53 49.52 -39.87
CA THR I 333 -36.87 48.75 -38.69
C THR I 333 -36.56 47.27 -38.84
N GLU I 334 -36.58 46.72 -40.06
CA GLU I 334 -36.18 45.33 -40.23
C GLU I 334 -34.72 45.13 -39.85
N LEU I 335 -33.83 45.95 -40.41
CA LEU I 335 -32.42 45.87 -40.04
C LEU I 335 -32.22 46.24 -38.58
N SER I 336 -33.04 47.16 -38.06
CA SER I 336 -32.95 47.51 -36.65
C SER I 336 -33.24 46.32 -35.76
N TYR I 337 -34.31 45.58 -36.09
CA TYR I 337 -34.64 44.37 -35.33
C TYR I 337 -33.57 43.31 -35.47
N GLN I 338 -33.01 43.15 -36.68
CA GLN I 338 -31.93 42.19 -36.86
C GLN I 338 -30.75 42.53 -35.98
N MET I 339 -30.35 43.80 -35.96
CA MET I 339 -29.23 44.22 -35.13
C MET I 339 -29.54 44.04 -33.65
N LEU I 340 -30.76 44.39 -33.24
CA LEU I 340 -31.15 44.26 -31.84
C LEU I 340 -31.09 42.79 -31.39
N LEU I 341 -31.63 41.89 -32.20
CA LEU I 341 -31.55 40.47 -31.86
C LEU I 341 -30.11 39.99 -31.81
N ALA I 342 -29.32 40.33 -32.83
CA ALA I 342 -27.95 39.85 -32.89
C ALA I 342 -27.12 40.36 -31.72
N ASN I 343 -27.44 41.54 -31.21
CA ASN I 343 -26.68 42.11 -30.12
C ASN I 343 -27.20 41.71 -28.74
N THR I 344 -28.48 41.34 -28.62
CA THR I 344 -28.99 40.96 -27.32
C THR I 344 -29.00 39.46 -27.09
N THR I 345 -29.61 38.68 -27.98
CA THR I 345 -29.72 37.25 -27.79
C THR I 345 -28.57 36.54 -28.51
N ASP I 346 -28.54 35.22 -28.46
CA ASP I 346 -27.51 34.41 -29.10
C ASP I 346 -28.09 33.93 -30.42
N ARG I 347 -27.72 34.61 -31.52
CA ARG I 347 -28.22 34.24 -32.83
C ARG I 347 -27.44 33.08 -33.43
N SER I 348 -27.30 32.01 -32.65
CA SER I 348 -26.80 30.73 -33.15
C SER I 348 -27.74 29.58 -32.86
N ARG I 349 -28.65 29.72 -31.90
CA ARG I 349 -29.70 28.74 -31.66
C ARG I 349 -30.92 29.09 -32.51
N TYR I 350 -31.51 28.07 -33.11
CA TYR I 350 -32.65 28.26 -34.01
C TYR I 350 -33.94 28.20 -33.20
N PHE I 351 -34.44 29.37 -32.81
CA PHE I 351 -35.78 29.45 -32.23
C PHE I 351 -36.81 29.16 -33.31
N SER I 352 -37.81 28.36 -32.97
CA SER I 352 -38.73 27.85 -33.97
C SER I 352 -40.04 28.63 -34.07
N MET I 353 -40.48 29.28 -33.00
CA MET I 353 -41.75 30.02 -33.05
C MET I 353 -41.71 31.05 -34.17
N TRP I 354 -40.79 32.01 -34.06
CA TRP I 354 -40.41 32.77 -35.23
C TRP I 354 -39.31 32.03 -35.98
N ASN I 355 -38.98 32.52 -37.17
CA ASN I 355 -37.98 31.83 -37.98
C ASN I 355 -36.64 31.79 -37.26
N GLN I 356 -36.03 32.94 -37.04
CA GLN I 356 -34.86 33.07 -36.18
C GLN I 356 -33.66 32.28 -36.69
N ALA I 357 -33.82 31.60 -37.83
CA ALA I 357 -32.71 30.86 -38.46
C ALA I 357 -32.08 31.81 -39.45
N MET I 358 -31.13 32.61 -38.98
CA MET I 358 -30.55 33.69 -39.75
C MET I 358 -29.62 33.13 -40.80
N ASP I 359 -29.51 33.88 -41.91
CA ASP I 359 -28.67 33.46 -43.01
C ASP I 359 -27.20 33.38 -42.57
N SER I 360 -26.53 32.31 -43.00
CA SER I 360 -25.13 32.11 -42.69
C SER I 360 -24.48 31.39 -43.86
N TYR I 361 -23.17 31.16 -43.75
CA TYR I 361 -22.45 30.45 -44.79
C TYR I 361 -21.43 29.54 -44.13
N ASP I 362 -21.04 28.51 -44.87
CA ASP I 362 -19.97 27.64 -44.40
C ASP I 362 -18.64 28.36 -44.57
N PRO I 363 -17.85 28.51 -43.50
CA PRO I 363 -16.54 29.18 -43.67
C PRO I 363 -15.63 28.47 -44.64
N GLU I 364 -15.69 27.14 -44.72
CA GLU I 364 -14.79 26.41 -45.59
C GLU I 364 -15.11 26.64 -47.07
N VAL I 365 -16.33 27.06 -47.39
CA VAL I 365 -16.68 27.33 -48.77
C VAL I 365 -16.55 28.83 -49.03
N ARG I 366 -16.74 29.65 -47.99
CA ARG I 366 -16.48 31.08 -48.15
C ARG I 366 -15.01 31.34 -48.43
N VAL I 367 -14.12 30.68 -47.70
CA VAL I 367 -12.69 30.73 -47.97
C VAL I 367 -12.20 29.30 -48.10
N ILE I 368 -11.75 28.94 -49.31
CA ILE I 368 -11.32 27.57 -49.57
C ILE I 368 -9.91 27.38 -49.00
N ASP I 369 -9.83 26.68 -47.87
CA ASP I 369 -8.55 26.37 -47.25
C ASP I 369 -7.98 25.10 -47.86
N ASN I 370 -7.40 25.26 -49.05
CA ASN I 370 -6.90 24.11 -49.80
C ASN I 370 -5.69 23.53 -49.10
N VAL I 371 -5.92 22.58 -48.20
CA VAL I 371 -4.87 21.97 -47.42
C VAL I 371 -4.46 20.62 -48.01
N GLY I 372 -4.78 20.39 -49.27
CA GLY I 372 -4.55 19.09 -49.87
C GLY I 372 -5.72 18.17 -49.62
N VAL I 373 -5.53 16.91 -50.02
CA VAL I 373 -6.59 15.92 -49.91
C VAL I 373 -6.22 14.77 -48.97
N GLU I 374 -4.95 14.60 -48.62
CA GLU I 374 -4.51 13.55 -47.69
C GLU I 374 -4.87 12.15 -48.23
N ASP I 375 -4.30 11.83 -49.39
CA ASP I 375 -4.44 10.51 -50.00
C ASP I 375 -3.09 9.80 -49.96
N GLU I 376 -2.79 9.19 -48.82
CA GLU I 376 -1.50 8.54 -48.65
C GLU I 376 -1.51 7.08 -49.09
N MET I 377 -2.63 6.39 -48.95
CA MET I 377 -2.69 5.00 -49.38
C MET I 377 -3.70 4.83 -50.50
N PRO I 378 -3.51 3.81 -51.36
CA PRO I 378 -4.49 3.54 -52.42
C PRO I 378 -5.78 2.94 -51.87
N ASN I 379 -6.74 2.67 -52.74
CA ASN I 379 -8.07 2.24 -52.30
C ASN I 379 -8.49 0.87 -52.79
N TYR I 380 -8.21 0.53 -54.05
CA TYR I 380 -8.25 -0.86 -54.53
C TYR I 380 -9.63 -1.49 -54.36
N CYS I 381 -10.58 -1.01 -55.15
CA CYS I 381 -11.86 -1.70 -55.25
C CYS I 381 -11.67 -3.11 -55.80
N PHE I 382 -12.30 -4.09 -55.14
CA PHE I 382 -12.10 -5.49 -55.47
C PHE I 382 -13.40 -6.13 -55.97
N PRO I 383 -13.31 -7.12 -56.85
CA PRO I 383 -14.51 -7.75 -57.39
C PRO I 383 -15.22 -8.60 -56.33
N LEU I 384 -16.51 -8.84 -56.58
CA LEU I 384 -17.32 -9.64 -55.67
C LEU I 384 -16.70 -11.02 -55.48
N SER I 385 -16.43 -11.72 -56.59
CA SER I 385 -15.62 -12.92 -56.53
C SER I 385 -14.22 -12.52 -56.11
N GLY I 386 -13.66 -13.21 -55.11
CA GLY I 386 -12.38 -12.80 -54.58
C GLY I 386 -11.21 -13.02 -55.53
N VAL I 387 -11.41 -13.85 -56.57
CA VAL I 387 -10.31 -14.26 -57.42
C VAL I 387 -10.60 -14.00 -58.89
N GLN I 388 -11.69 -13.29 -59.18
CA GLN I 388 -12.04 -12.91 -60.54
C GLN I 388 -12.18 -14.15 -61.43
N ILE I 389 -13.24 -14.90 -61.14
CA ILE I 389 -13.57 -16.14 -61.85
C ILE I 389 -13.41 -15.96 -63.35
N GLY I 390 -12.58 -16.81 -63.97
CA GLY I 390 -12.31 -16.72 -65.39
C GLY I 390 -12.04 -18.08 -66.00
N ASN I 391 -10.96 -18.17 -66.79
CA ASN I 391 -10.60 -19.45 -67.41
C ASN I 391 -10.23 -20.47 -66.35
N ARG I 392 -10.64 -21.71 -66.57
CA ARG I 392 -10.44 -22.77 -65.59
C ARG I 392 -9.02 -23.34 -65.70
N SER I 393 -8.73 -24.30 -64.83
CA SER I 393 -7.44 -24.97 -64.83
C SER I 393 -7.63 -26.41 -64.36
N HIS I 394 -6.67 -27.26 -64.71
CA HIS I 394 -6.74 -28.69 -64.41
C HIS I 394 -5.78 -29.03 -63.28
N GLU I 395 -6.27 -29.76 -62.28
CA GLU I 395 -5.40 -30.30 -61.26
C GLU I 395 -4.51 -31.38 -61.86
N VAL I 396 -3.23 -31.35 -61.51
CA VAL I 396 -2.23 -32.21 -62.12
C VAL I 396 -1.45 -32.90 -61.01
N GLN I 397 -1.27 -34.22 -61.15
CA GLN I 397 -0.51 -35.03 -60.20
C GLN I 397 0.64 -35.71 -60.93
N ARG I 398 1.80 -35.72 -60.28
CA ARG I 398 3.00 -36.36 -60.84
C ARG I 398 2.97 -37.85 -60.53
N ASN I 399 2.90 -38.68 -61.58
CA ASN I 399 2.81 -40.12 -61.36
C ASN I 399 4.18 -40.74 -61.10
N GLN I 400 5.05 -40.74 -62.10
CA GLN I 400 6.41 -41.24 -61.92
C GLN I 400 7.47 -40.17 -62.19
N GLN I 401 7.43 -39.52 -63.35
CA GLN I 401 8.37 -38.45 -63.66
C GLN I 401 7.74 -37.28 -64.39
N GLN I 402 6.54 -37.42 -64.97
CA GLN I 402 5.89 -36.37 -65.73
C GLN I 402 4.66 -35.87 -64.98
N TRP I 403 3.98 -34.92 -65.61
CA TRP I 403 2.79 -34.30 -65.03
C TRP I 403 1.59 -34.58 -65.92
N GLN I 404 0.55 -35.16 -65.32
CA GLN I 404 -0.67 -35.51 -66.06
C GLN I 404 -1.89 -35.09 -65.25
N ASN I 405 -3.00 -34.93 -65.96
CA ASN I 405 -4.23 -34.44 -65.34
C ASN I 405 -4.81 -35.48 -64.39
N VAL I 406 -5.49 -34.99 -63.36
CA VAL I 406 -6.22 -35.83 -62.42
C VAL I 406 -7.62 -36.04 -62.94
N ALA I 407 -8.17 -37.23 -62.70
CA ALA I 407 -9.47 -37.59 -63.25
C ALA I 407 -10.57 -36.68 -62.72
N ASN I 408 -11.50 -36.31 -63.60
CA ASN I 408 -12.68 -35.50 -63.31
C ASN I 408 -12.37 -34.36 -62.33
N SER I 409 -11.28 -33.64 -62.62
CA SER I 409 -10.90 -32.45 -61.86
C SER I 409 -10.53 -31.37 -62.88
N ASP I 410 -11.52 -30.61 -63.33
CA ASP I 410 -11.29 -29.57 -64.33
C ASP I 410 -12.05 -28.29 -64.02
N ASN I 411 -12.63 -28.14 -62.82
CA ASN I 411 -13.38 -26.96 -62.46
C ASN I 411 -12.62 -26.04 -61.51
N ASN I 412 -11.29 -26.15 -61.48
CA ASN I 412 -10.50 -25.24 -60.68
C ASN I 412 -10.57 -23.83 -61.27
N TYR I 413 -10.55 -22.83 -60.39
CA TYR I 413 -10.70 -21.45 -60.81
C TYR I 413 -9.53 -20.61 -60.30
N ILE I 414 -8.31 -21.12 -60.52
CA ILE I 414 -7.11 -20.55 -59.92
C ILE I 414 -6.59 -19.42 -60.80
N GLY I 415 -6.33 -18.27 -60.18
CA GLY I 415 -5.63 -17.18 -60.83
C GLY I 415 -4.28 -16.99 -60.19
N LYS I 416 -3.30 -16.57 -60.98
CA LYS I 416 -1.94 -16.39 -60.51
C LYS I 416 -1.57 -14.91 -60.49
N GLY I 417 -0.80 -14.52 -59.47
CA GLY I 417 -0.44 -13.14 -59.27
C GLY I 417 -1.23 -12.50 -58.15
N ASN I 418 -1.52 -11.21 -58.28
CA ASN I 418 -2.32 -10.50 -57.28
C ASN I 418 -3.75 -10.38 -57.76
N LEU I 419 -4.64 -10.08 -56.82
CA LEU I 419 -6.05 -9.92 -57.17
C LEU I 419 -6.22 -8.72 -58.08
N PRO I 420 -6.89 -8.88 -59.23
CA PRO I 420 -7.17 -7.71 -60.07
C PRO I 420 -8.05 -6.71 -59.34
N ALA I 421 -7.76 -5.42 -59.53
CA ALA I 421 -8.44 -4.37 -58.79
C ALA I 421 -8.30 -3.07 -59.58
N MET I 422 -8.92 -2.02 -59.05
CA MET I 422 -8.82 -0.69 -59.62
C MET I 422 -8.72 0.32 -58.49
N GLU I 423 -7.94 1.38 -58.71
CA GLU I 423 -7.75 2.42 -57.71
C GLU I 423 -8.81 3.50 -57.86
N ILE I 424 -9.01 4.26 -56.78
CA ILE I 424 -10.08 5.24 -56.69
C ILE I 424 -9.53 6.62 -56.34
N ASN I 425 -8.64 6.69 -55.34
CA ASN I 425 -8.25 7.93 -54.67
C ASN I 425 -9.47 8.62 -54.05
N LEU I 426 -9.99 7.93 -53.03
CA LEU I 426 -11.20 8.37 -52.33
C LEU I 426 -11.10 9.81 -51.85
N ALA I 427 -9.98 10.17 -51.23
CA ALA I 427 -9.86 11.49 -50.62
C ALA I 427 -9.92 12.61 -51.66
N ALA I 428 -9.13 12.48 -52.71
CA ALA I 428 -9.13 13.49 -53.77
C ALA I 428 -10.49 13.54 -54.46
N ASN I 429 -11.11 12.38 -54.67
CA ASN I 429 -12.42 12.34 -55.31
C ASN I 429 -13.45 13.09 -54.48
N LEU I 430 -13.49 12.82 -53.18
CA LEU I 430 -14.44 13.48 -52.30
C LEU I 430 -14.18 14.98 -52.24
N TRP I 431 -12.91 15.38 -52.12
CA TRP I 431 -12.62 16.80 -52.00
C TRP I 431 -12.94 17.54 -53.28
N ARG I 432 -12.65 16.96 -54.44
CA ARG I 432 -12.99 17.60 -55.71
C ARG I 432 -14.50 17.68 -55.89
N SER I 433 -15.24 16.66 -55.47
CA SER I 433 -16.70 16.73 -55.54
C SER I 433 -17.23 17.86 -54.65
N PHE I 434 -16.70 17.98 -53.43
CA PHE I 434 -17.08 19.07 -52.55
C PHE I 434 -16.79 20.42 -53.21
N LEU I 435 -15.57 20.58 -53.71
CA LEU I 435 -15.15 21.86 -54.27
C LEU I 435 -16.03 22.23 -55.47
N TYR I 436 -16.27 21.28 -56.37
CA TYR I 436 -17.15 21.55 -57.50
C TYR I 436 -18.53 21.95 -57.02
N SER I 437 -19.21 21.06 -56.29
CA SER I 437 -20.60 21.27 -55.93
C SER I 437 -20.81 22.49 -55.05
N ASN I 438 -19.76 23.02 -54.43
CA ASN I 438 -19.94 24.19 -53.57
C ASN I 438 -19.33 25.47 -54.09
N VAL I 439 -18.53 25.43 -55.16
CA VAL I 439 -17.92 26.63 -55.72
C VAL I 439 -18.26 26.80 -57.20
N ALA I 440 -18.04 25.74 -57.98
CA ALA I 440 -18.19 25.87 -59.43
C ALA I 440 -19.63 26.17 -59.82
N LEU I 441 -20.59 25.51 -59.18
CA LEU I 441 -21.99 25.77 -59.48
C LEU I 441 -22.43 27.15 -59.01
N TYR I 442 -21.70 27.74 -58.04
CA TYR I 442 -22.01 29.07 -57.55
C TYR I 442 -21.12 30.14 -58.15
N LEU I 443 -20.32 29.78 -59.16
CA LEU I 443 -19.56 30.77 -59.90
C LEU I 443 -20.51 31.75 -60.59
N PRO I 444 -20.05 32.98 -60.84
CA PRO I 444 -20.91 33.96 -61.50
C PRO I 444 -21.34 33.50 -62.88
N ASP I 445 -22.49 34.02 -63.32
CA ASP I 445 -23.16 33.49 -64.50
C ASP I 445 -22.30 33.62 -65.75
N ASN I 446 -21.64 34.77 -65.94
CA ASN I 446 -20.96 35.02 -67.21
C ASN I 446 -19.68 34.19 -67.36
N LEU I 447 -19.19 33.58 -66.27
CA LEU I 447 -18.08 32.64 -66.42
C LEU I 447 -18.55 31.30 -66.97
N LYS I 448 -19.73 30.85 -66.56
CA LYS I 448 -20.24 29.55 -66.96
C LYS I 448 -20.70 29.58 -68.41
N PHE I 449 -20.73 28.40 -69.03
CA PHE I 449 -21.21 28.24 -70.39
C PHE I 449 -22.52 27.47 -70.40
N THR I 450 -23.10 27.31 -71.58
CA THR I 450 -24.28 26.50 -71.73
C THR I 450 -23.96 25.24 -72.53
N PRO I 451 -24.49 24.09 -72.11
CA PRO I 451 -24.20 22.85 -72.85
C PRO I 451 -24.80 22.87 -74.24
N HIS I 452 -24.12 22.20 -75.16
CA HIS I 452 -24.56 22.16 -76.54
C HIS I 452 -25.84 21.34 -76.69
N ASN I 453 -26.65 21.72 -77.69
CA ASN I 453 -27.93 21.09 -77.97
C ASN I 453 -28.89 21.17 -76.78
N ILE I 454 -28.80 22.27 -76.03
CA ILE I 454 -29.71 22.54 -74.92
C ILE I 454 -30.27 23.95 -75.10
N GLN I 455 -31.59 24.08 -75.04
CA GLN I 455 -32.26 25.36 -75.20
C GLN I 455 -32.59 25.91 -73.82
N LEU I 456 -32.11 27.12 -73.55
CA LEU I 456 -32.37 27.78 -72.28
C LEU I 456 -33.21 29.03 -72.48
N PRO I 457 -34.10 29.35 -71.55
CA PRO I 457 -34.90 30.56 -71.69
C PRO I 457 -34.00 31.79 -71.68
N PRO I 458 -34.35 32.81 -72.47
CA PRO I 458 -33.55 34.05 -72.46
C PRO I 458 -33.58 34.78 -71.12
N ASN I 459 -34.57 34.51 -70.27
CA ASN I 459 -34.66 35.16 -68.98
C ASN I 459 -33.59 34.60 -68.04
N THR I 460 -32.57 35.41 -67.73
CA THR I 460 -31.47 34.94 -66.91
C THR I 460 -31.88 34.76 -65.45
N ASN I 461 -33.01 35.29 -65.04
CA ASN I 461 -33.48 35.18 -63.66
C ASN I 461 -34.33 33.94 -63.42
N THR I 462 -34.50 33.09 -64.43
CA THR I 462 -35.32 31.91 -64.29
C THR I 462 -34.51 30.74 -63.75
N TYR I 463 -35.17 29.91 -62.95
CA TYR I 463 -34.49 28.75 -62.37
C TYR I 463 -33.98 27.81 -63.45
N GLU I 464 -34.75 27.62 -64.52
CA GLU I 464 -34.30 26.77 -65.60
C GLU I 464 -33.01 27.29 -66.23
N TYR I 465 -32.92 28.60 -66.47
CA TYR I 465 -31.70 29.17 -67.04
C TYR I 465 -30.53 29.02 -66.09
N MET I 466 -30.71 29.41 -64.82
CA MET I 466 -29.58 29.37 -63.91
C MET I 466 -29.25 27.97 -63.43
N ASN I 467 -30.08 26.98 -63.78
CA ASN I 467 -29.77 25.58 -63.49
C ASN I 467 -29.09 24.90 -64.67
N GLY I 468 -29.57 25.14 -65.89
CA GLY I 468 -29.04 24.47 -67.05
C GLY I 468 -27.79 25.09 -67.61
N ARG I 469 -26.94 25.63 -66.74
CA ARG I 469 -25.67 26.22 -67.15
C ARG I 469 -24.54 25.60 -66.34
N ILE I 470 -23.49 25.18 -67.03
CA ILE I 470 -22.39 24.44 -66.40
C ILE I 470 -21.16 25.35 -66.35
N PRO I 471 -20.45 25.38 -65.22
CA PRO I 471 -19.24 26.20 -65.13
C PRO I 471 -18.13 25.68 -66.03
N VAL I 472 -17.27 26.60 -66.46
CA VAL I 472 -16.10 26.25 -67.25
C VAL I 472 -15.10 25.55 -66.36
N SER I 473 -14.11 24.89 -66.95
CA SER I 473 -13.10 24.16 -66.22
C SER I 473 -11.79 24.95 -66.17
N GLY I 474 -11.13 24.92 -65.02
CA GLY I 474 -9.85 25.57 -64.81
C GLY I 474 -9.90 26.66 -63.76
N LEU I 475 -11.06 27.29 -63.57
CA LEU I 475 -11.17 28.34 -62.56
C LEU I 475 -11.04 27.77 -61.15
N ILE I 476 -11.77 26.71 -60.86
CA ILE I 476 -11.78 26.09 -59.54
C ILE I 476 -11.57 24.59 -59.71
N ASP I 477 -10.64 24.04 -58.93
CA ASP I 477 -10.32 22.61 -58.95
C ASP I 477 -9.41 22.35 -57.77
N THR I 478 -9.06 21.07 -57.57
CA THR I 478 -8.23 20.72 -56.43
C THR I 478 -6.75 20.94 -56.72
N TYR I 479 -6.41 22.08 -57.31
CA TYR I 479 -5.03 22.54 -57.36
C TYR I 479 -4.87 24.04 -57.17
N VAL I 480 -5.94 24.83 -57.28
CA VAL I 480 -5.83 26.27 -57.26
C VAL I 480 -5.62 26.75 -55.83
N ASN I 481 -4.69 27.67 -55.65
CA ASN I 481 -4.40 28.29 -54.36
C ASN I 481 -4.12 27.24 -53.29
N ILE I 482 -3.36 26.21 -53.67
CA ILE I 482 -3.11 25.09 -52.76
C ILE I 482 -2.20 25.54 -51.63
N GLY I 483 -2.50 25.07 -50.42
CA GLY I 483 -1.71 25.40 -49.26
C GLY I 483 -2.13 26.66 -48.52
N THR I 484 -3.14 27.38 -49.00
CA THR I 484 -3.58 28.60 -48.36
C THR I 484 -5.09 28.65 -48.33
N ARG I 485 -5.63 29.37 -47.35
CA ARG I 485 -7.04 29.73 -47.32
C ARG I 485 -7.18 31.06 -48.06
N TRP I 486 -7.82 31.03 -49.21
CA TRP I 486 -7.92 32.22 -50.06
C TRP I 486 -9.16 32.06 -50.93
N SER I 487 -10.16 32.89 -50.69
CA SER I 487 -11.39 32.81 -51.46
C SER I 487 -11.10 33.10 -52.93
N PRO I 488 -11.79 32.44 -53.85
CA PRO I 488 -11.54 32.69 -55.28
C PRO I 488 -11.76 34.16 -55.63
N ASP I 489 -10.92 34.68 -56.51
CA ASP I 489 -10.98 36.09 -56.85
C ASP I 489 -12.28 36.43 -57.56
N VAL I 490 -12.84 35.49 -58.32
CA VAL I 490 -14.02 35.75 -59.14
C VAL I 490 -15.27 35.40 -58.33
N MET I 491 -15.10 35.05 -57.06
CA MET I 491 -16.20 34.68 -56.19
C MET I 491 -16.09 35.45 -54.87
N ASP I 492 -15.88 36.76 -54.98
CA ASP I 492 -15.88 37.66 -53.83
C ASP I 492 -17.10 38.55 -53.78
N ASN I 493 -17.57 39.03 -54.93
CA ASN I 493 -18.75 39.87 -55.02
C ASN I 493 -20.03 39.06 -55.21
N VAL I 494 -20.03 37.79 -54.80
CA VAL I 494 -21.19 36.91 -54.93
C VAL I 494 -21.61 36.50 -53.53
N ASN I 495 -22.91 36.61 -53.24
CA ASN I 495 -23.50 36.31 -51.94
C ASN I 495 -23.04 34.96 -51.40
N PRO I 496 -22.23 34.93 -50.35
CA PRO I 496 -21.93 33.66 -49.69
C PRO I 496 -23.14 33.06 -49.00
N PHE I 497 -24.16 33.87 -48.72
CA PHE I 497 -25.38 33.42 -48.05
C PHE I 497 -26.40 32.86 -49.03
N ASN I 498 -26.21 33.05 -50.32
CA ASN I 498 -27.04 32.41 -51.35
C ASN I 498 -26.49 31.04 -51.71
N HIS I 499 -26.29 30.22 -50.68
CA HIS I 499 -25.66 28.91 -50.81
C HIS I 499 -26.62 27.84 -50.30
N HIS I 500 -26.58 26.67 -50.92
CA HIS I 500 -27.49 25.60 -50.52
C HIS I 500 -27.18 25.05 -49.14
N ARG I 501 -25.96 25.27 -48.63
CA ARG I 501 -25.61 24.85 -47.29
C ARG I 501 -25.73 25.99 -46.27
N ASN I 502 -26.51 27.02 -46.59
CA ASN I 502 -26.89 28.02 -45.61
C ASN I 502 -27.82 27.34 -44.60
N SER I 503 -27.28 27.09 -43.39
CA SER I 503 -28.03 26.31 -42.41
C SER I 503 -29.31 27.01 -41.99
N GLY I 504 -29.27 28.35 -41.88
CA GLY I 504 -30.47 29.08 -41.53
C GLY I 504 -31.57 28.93 -42.57
N LEU I 505 -31.21 29.08 -43.84
CA LEU I 505 -32.20 28.92 -44.91
C LEU I 505 -32.71 27.49 -44.98
N ARG I 506 -31.82 26.51 -44.78
CA ARG I 506 -32.26 25.11 -44.79
C ARG I 506 -33.27 24.86 -43.68
N TYR I 507 -32.99 25.34 -42.47
CA TYR I 507 -33.90 25.15 -41.36
C TYR I 507 -35.23 25.87 -41.61
N ARG I 508 -35.17 27.09 -42.15
CA ARG I 508 -36.39 27.84 -42.40
C ARG I 508 -37.25 27.17 -43.47
N SER I 509 -36.60 26.61 -44.50
CA SER I 509 -37.36 25.94 -45.56
C SER I 509 -37.92 24.61 -45.08
N GLN I 510 -37.18 23.89 -44.25
CA GLN I 510 -37.64 22.62 -43.71
C GLN I 510 -38.68 22.80 -42.61
N LEU I 511 -38.78 23.98 -42.02
CA LEU I 511 -39.78 24.22 -40.97
C LEU I 511 -41.20 24.12 -41.52
N LEU I 512 -41.43 24.55 -42.76
CA LEU I 512 -42.75 24.47 -43.37
C LEU I 512 -42.85 23.31 -44.36
N GLY I 513 -41.88 22.41 -44.37
CA GLY I 513 -41.99 21.17 -45.12
C GLY I 513 -41.42 21.23 -46.51
N ASN I 514 -41.50 20.09 -47.19
CA ASN I 514 -41.04 19.93 -48.56
C ASN I 514 -42.23 19.98 -49.51
N GLY I 515 -41.95 19.88 -50.80
CA GLY I 515 -43.03 19.86 -51.76
C GLY I 515 -43.44 21.24 -52.22
N ARG I 516 -43.97 21.29 -53.43
CA ARG I 516 -44.42 22.56 -54.00
C ARG I 516 -45.52 23.19 -53.16
N PHE I 517 -46.50 22.39 -52.76
CA PHE I 517 -47.66 22.87 -52.01
C PHE I 517 -47.48 22.53 -50.54
N CYS I 518 -47.76 23.51 -49.67
CA CYS I 518 -47.61 23.30 -48.25
C CYS I 518 -48.57 24.22 -47.50
N ASP I 519 -48.98 23.78 -46.31
CA ASP I 519 -49.80 24.60 -45.41
C ASP I 519 -48.88 25.19 -44.36
N PHE I 520 -48.88 26.51 -44.24
CA PHE I 520 -48.01 27.20 -43.31
C PHE I 520 -48.84 27.80 -42.18
N HIS I 521 -48.38 27.60 -40.95
CA HIS I 521 -48.99 28.18 -39.76
C HIS I 521 -47.87 28.91 -39.03
N ILE I 522 -47.84 30.23 -39.16
CA ILE I 522 -46.73 31.03 -38.67
C ILE I 522 -47.24 32.13 -37.75
N GLN I 523 -46.35 32.61 -36.90
CA GLN I 523 -46.60 33.76 -36.05
C GLN I 523 -45.52 34.79 -36.30
N VAL I 524 -45.91 36.01 -36.64
CA VAL I 524 -44.93 37.05 -36.94
C VAL I 524 -44.91 38.06 -35.80
N PRO I 525 -43.77 38.69 -35.53
CA PRO I 525 -43.71 39.61 -34.39
C PRO I 525 -43.97 41.05 -34.79
N GLN I 526 -44.06 41.94 -33.81
CA GLN I 526 -44.08 43.37 -34.07
C GLN I 526 -42.66 43.91 -33.98
N LYS I 527 -42.23 44.60 -35.03
CA LYS I 527 -40.85 45.06 -35.12
C LYS I 527 -40.70 46.58 -35.07
N PHE I 528 -41.80 47.32 -35.01
CA PHE I 528 -41.70 48.77 -34.83
C PHE I 528 -41.17 49.08 -33.44
N PHE I 529 -40.25 50.04 -33.37
CA PHE I 529 -39.57 50.30 -32.10
C PHE I 529 -40.51 50.93 -31.08
N ALA I 530 -41.42 51.80 -31.52
CA ALA I 530 -42.33 52.47 -30.60
C ALA I 530 -43.49 51.59 -30.16
N ILE I 531 -43.63 50.38 -30.74
CA ILE I 531 -44.78 49.52 -30.49
C ILE I 531 -44.37 48.21 -29.83
N ARG I 532 -43.23 47.63 -30.24
CA ARG I 532 -42.88 46.29 -29.80
C ARG I 532 -42.62 46.19 -28.30
N ASN I 533 -42.40 47.32 -27.62
CA ASN I 533 -42.21 47.31 -26.18
C ASN I 533 -43.22 48.14 -25.42
N LEU I 534 -44.18 48.77 -26.12
CA LEU I 534 -45.16 49.60 -25.46
C LEU I 534 -46.01 48.78 -24.50
N LEU I 535 -46.22 49.31 -23.30
CA LEU I 535 -47.06 48.68 -22.29
C LEU I 535 -48.42 49.38 -22.34
N LEU I 536 -49.36 48.79 -23.06
CA LEU I 536 -50.61 49.47 -23.42
C LEU I 536 -51.57 49.48 -22.23
N LEU I 537 -51.99 50.67 -21.84
CA LEU I 537 -52.90 50.85 -20.72
C LEU I 537 -54.32 50.46 -21.12
N PRO I 538 -55.21 50.24 -20.14
CA PRO I 538 -56.57 49.82 -20.47
C PRO I 538 -57.29 50.80 -21.40
N GLY I 539 -58.09 50.25 -22.27
CA GLY I 539 -58.81 51.03 -23.26
C GLY I 539 -59.10 50.19 -24.49
N THR I 540 -59.87 50.78 -25.40
CA THR I 540 -60.23 50.12 -26.65
C THR I 540 -59.46 50.76 -27.79
N TYR I 541 -58.66 49.96 -28.49
CA TYR I 541 -57.75 50.45 -29.52
C TYR I 541 -57.98 49.69 -30.81
N THR I 542 -57.93 50.41 -31.94
CA THR I 542 -57.93 49.79 -33.25
C THR I 542 -56.49 49.60 -33.70
N TYR I 543 -56.15 48.37 -34.07
CA TYR I 543 -54.76 47.99 -34.36
C TYR I 543 -54.76 47.17 -35.65
N GLU I 544 -54.57 47.84 -36.78
CA GLU I 544 -54.56 47.20 -38.08
C GLU I 544 -53.16 47.24 -38.67
N TRP I 545 -52.81 46.17 -39.39
CA TRP I 545 -51.54 46.11 -40.10
C TRP I 545 -51.79 45.46 -41.45
N SER I 546 -50.94 45.80 -42.41
CA SER I 546 -51.03 45.27 -43.76
C SER I 546 -49.87 44.33 -44.02
N PHE I 547 -50.18 43.11 -44.44
CA PHE I 547 -49.18 42.08 -44.66
C PHE I 547 -48.87 41.99 -46.15
N ARG I 548 -47.58 41.98 -46.48
CA ARG I 548 -47.16 41.91 -47.86
C ARG I 548 -47.46 40.53 -48.45
N LYS I 549 -47.56 40.49 -49.78
CA LYS I 549 -47.84 39.26 -50.50
C LYS I 549 -46.88 39.00 -51.65
N ASP I 550 -45.99 39.94 -51.97
CA ASP I 550 -45.01 39.75 -53.03
C ASP I 550 -44.06 38.63 -52.67
N VAL I 551 -44.05 37.57 -53.48
CA VAL I 551 -43.36 36.33 -53.10
C VAL I 551 -41.86 36.57 -52.95
N ASN I 552 -41.28 37.43 -53.79
CA ASN I 552 -39.86 37.69 -53.71
C ASN I 552 -39.47 38.27 -52.35
N MET I 553 -40.28 39.19 -51.83
CA MET I 553 -40.03 39.72 -50.50
C MET I 553 -40.38 38.70 -49.42
N ILE I 554 -41.48 37.96 -49.60
CA ILE I 554 -41.97 37.08 -48.55
C ILE I 554 -41.05 35.88 -48.38
N LEU I 555 -40.64 35.26 -49.48
CA LEU I 555 -39.90 34.00 -49.45
C LEU I 555 -38.45 34.22 -49.88
N GLN I 556 -37.62 33.23 -49.56
CA GLN I 556 -36.19 33.27 -49.85
C GLN I 556 -35.75 31.95 -50.44
N SER I 557 -34.85 32.01 -51.42
CA SER I 557 -34.30 30.84 -52.07
C SER I 557 -32.79 30.94 -52.14
N THR I 558 -32.12 29.79 -52.15
CA THR I 558 -30.66 29.80 -52.22
C THR I 558 -30.16 30.42 -53.52
N LEU I 559 -30.94 30.33 -54.59
CA LEU I 559 -30.63 31.00 -55.84
C LEU I 559 -31.51 32.23 -55.98
N GLY I 560 -30.91 33.32 -56.47
CA GLY I 560 -31.65 34.54 -56.63
C GLY I 560 -32.55 34.55 -57.84
N ASN I 561 -33.40 33.53 -57.97
CA ASN I 561 -34.30 33.42 -59.10
C ASN I 561 -35.61 34.12 -58.81
N ASP I 562 -36.20 34.71 -59.84
CA ASP I 562 -37.47 35.41 -59.71
C ASP I 562 -38.56 34.40 -59.41
N LEU I 563 -39.07 34.41 -58.18
CA LEU I 563 -40.08 33.43 -57.77
C LEU I 563 -41.47 33.76 -58.31
N ARG I 564 -41.69 34.98 -58.80
CA ARG I 564 -42.99 35.30 -59.36
C ARG I 564 -43.18 34.61 -60.71
N VAL I 565 -42.17 34.66 -61.57
CA VAL I 565 -42.23 33.96 -62.86
C VAL I 565 -42.02 32.46 -62.72
N ASP I 566 -41.59 32.00 -61.56
CA ASP I 566 -41.44 30.57 -61.30
C ASP I 566 -42.71 29.92 -60.82
N GLY I 567 -43.82 30.65 -60.78
CA GLY I 567 -45.09 30.08 -60.38
C GLY I 567 -45.27 29.88 -58.90
N ALA I 568 -44.69 30.76 -58.09
CA ALA I 568 -44.83 30.71 -56.64
C ALA I 568 -45.85 31.74 -56.19
N THR I 569 -46.85 31.30 -55.43
CA THR I 569 -47.86 32.19 -54.88
C THR I 569 -48.11 31.81 -53.43
N VAL I 570 -48.58 32.79 -52.66
CA VAL I 570 -48.98 32.59 -51.28
C VAL I 570 -50.43 33.05 -51.12
N ASN I 571 -51.24 32.20 -50.49
CA ASN I 571 -52.65 32.48 -50.27
C ASN I 571 -52.90 32.49 -48.76
N ILE I 572 -53.38 33.62 -48.25
CA ILE I 572 -53.63 33.79 -46.83
C ILE I 572 -55.11 33.60 -46.56
N THR I 573 -55.44 32.70 -45.63
CA THR I 573 -56.83 32.38 -45.32
C THR I 573 -57.37 33.16 -44.13
N SER I 574 -56.58 33.29 -43.05
CA SER I 574 -57.04 34.00 -41.87
C SER I 574 -55.84 34.56 -41.13
N VAL I 575 -56.03 35.72 -40.50
CA VAL I 575 -55.00 36.38 -39.71
C VAL I 575 -55.61 36.81 -38.39
N ASN I 576 -54.99 36.39 -37.29
CA ASN I 576 -55.38 36.78 -35.95
C ASN I 576 -54.14 37.20 -35.17
N LEU I 577 -54.36 37.93 -34.07
CA LEU I 577 -53.27 38.25 -33.15
C LEU I 577 -53.62 37.74 -31.77
N TYR I 578 -52.61 37.24 -31.06
CA TYR I 578 -52.79 36.61 -29.76
C TYR I 578 -52.14 37.47 -28.69
N ALA I 579 -52.97 38.23 -27.97
CA ALA I 579 -52.49 39.04 -26.86
C ALA I 579 -52.34 38.17 -25.62
N SER I 580 -51.33 38.49 -24.81
CA SER I 580 -51.10 37.81 -23.54
C SER I 580 -51.23 38.81 -22.42
N PHE I 581 -52.11 38.53 -21.47
CA PHE I 581 -52.37 39.40 -20.33
C PHE I 581 -51.84 38.75 -19.07
N PHE I 582 -50.99 39.46 -18.35
CA PHE I 582 -50.52 38.96 -17.07
C PHE I 582 -51.65 39.05 -16.04
N PRO I 583 -52.01 37.96 -15.36
CA PRO I 583 -53.05 38.07 -14.34
C PRO I 583 -52.53 38.70 -13.07
N MET I 584 -52.90 39.96 -12.83
CA MET I 584 -52.46 40.70 -11.67
C MET I 584 -53.68 41.27 -10.96
N SER I 585 -53.62 41.28 -9.63
CA SER I 585 -54.77 41.69 -8.84
C SER I 585 -55.21 43.09 -9.25
N HIS I 586 -56.53 43.26 -9.38
CA HIS I 586 -57.05 44.50 -9.96
C HIS I 586 -56.66 45.73 -9.16
N ASN I 587 -56.45 45.59 -7.84
CA ASN I 587 -56.02 46.74 -7.05
C ASN I 587 -54.67 47.27 -7.52
N THR I 588 -53.67 46.38 -7.61
CA THR I 588 -52.36 46.82 -8.05
C THR I 588 -52.34 47.12 -9.55
N ALA I 589 -53.21 46.48 -10.32
CA ALA I 589 -53.32 46.81 -11.74
C ALA I 589 -53.82 48.24 -11.91
N SER I 590 -54.84 48.63 -11.15
CA SER I 590 -55.34 50.00 -11.20
C SER I 590 -54.30 50.98 -10.67
N THR I 591 -53.56 50.59 -9.63
CA THR I 591 -52.49 51.45 -9.12
C THR I 591 -51.43 51.70 -10.20
N LEU I 592 -51.00 50.64 -10.88
CA LEU I 592 -50.03 50.78 -11.95
C LEU I 592 -50.59 51.61 -13.10
N GLU I 593 -51.86 51.41 -13.43
CA GLU I 593 -52.47 52.20 -14.49
C GLU I 593 -52.47 53.69 -14.14
N ALA I 594 -52.88 54.01 -12.91
CA ALA I 594 -52.90 55.41 -12.48
C ALA I 594 -51.50 56.00 -12.48
N MET I 595 -50.50 55.22 -12.05
CA MET I 595 -49.13 55.71 -12.05
C MET I 595 -48.61 55.96 -13.45
N LEU I 596 -48.96 55.08 -14.40
CA LEU I 596 -48.46 55.21 -15.76
C LEU I 596 -49.26 56.19 -16.61
N ARG I 597 -50.45 56.60 -16.16
CA ARG I 597 -51.19 57.67 -16.82
C ARG I 597 -50.63 59.04 -16.49
N ASN I 598 -49.67 59.12 -15.56
CA ASN I 598 -49.13 60.40 -15.15
C ASN I 598 -48.30 61.04 -16.26
N ASP I 599 -48.25 62.37 -16.26
CA ASP I 599 -47.52 63.09 -17.29
C ASP I 599 -46.01 62.90 -17.13
N THR I 600 -45.54 62.60 -15.93
CA THR I 600 -44.11 62.43 -15.68
C THR I 600 -43.66 60.99 -15.80
N ASN I 601 -44.54 60.07 -16.17
CA ASN I 601 -44.20 58.65 -16.29
C ASN I 601 -44.48 58.13 -17.69
N ASP I 602 -44.22 58.94 -18.70
CA ASP I 602 -44.34 58.45 -20.07
C ASP I 602 -43.24 57.43 -20.37
N GLN I 603 -43.54 56.54 -21.30
CA GLN I 603 -42.60 55.51 -21.72
C GLN I 603 -41.89 55.97 -22.99
N SER I 604 -40.56 55.88 -22.98
CA SER I 604 -39.75 56.34 -24.10
C SER I 604 -39.02 55.15 -24.71
N PHE I 605 -39.04 55.09 -26.05
CA PHE I 605 -38.41 54.01 -26.78
C PHE I 605 -37.50 54.58 -27.86
N ASN I 606 -36.45 53.84 -28.19
CA ASN I 606 -35.50 54.26 -29.19
C ASN I 606 -35.27 53.13 -30.17
N ASP I 607 -35.22 53.46 -31.46
CA ASP I 607 -34.85 52.47 -32.46
C ASP I 607 -33.40 52.04 -32.24
N TYR I 608 -33.15 50.73 -32.32
CA TYR I 608 -31.79 50.25 -32.10
C TYR I 608 -30.85 50.78 -33.17
N LEU I 609 -31.12 50.46 -34.43
CA LEU I 609 -30.37 51.05 -35.54
C LEU I 609 -30.96 52.45 -35.76
N SER I 610 -30.67 53.34 -34.81
CA SER I 610 -31.16 54.70 -34.88
C SER I 610 -30.37 55.47 -35.91
N ALA I 611 -30.91 55.61 -37.11
CA ALA I 611 -30.20 56.26 -38.20
C ALA I 611 -31.21 56.68 -39.26
N ALA I 612 -30.74 57.49 -40.19
CA ALA I 612 -31.51 57.93 -41.35
C ALA I 612 -30.87 57.31 -42.58
N ASN I 613 -31.35 56.14 -42.98
CA ASN I 613 -30.78 55.44 -44.12
C ASN I 613 -30.91 56.28 -45.38
N MET I 614 -29.82 56.33 -46.16
CA MET I 614 -29.72 57.18 -47.34
C MET I 614 -29.10 56.33 -48.45
N LEU I 615 -29.94 55.73 -49.28
CA LEU I 615 -29.45 54.89 -50.36
C LEU I 615 -29.00 55.77 -51.53
N TYR I 616 -27.85 55.42 -52.11
CA TYR I 616 -27.24 56.22 -53.17
C TYR I 616 -26.82 55.28 -54.28
N PRO I 617 -27.27 55.49 -55.52
CA PRO I 617 -26.97 54.54 -56.59
C PRO I 617 -25.55 54.69 -57.12
N ILE I 618 -24.95 53.57 -57.49
CA ILE I 618 -23.60 53.55 -58.06
C ILE I 618 -23.66 52.94 -59.46
N PRO I 619 -23.38 53.71 -60.52
CA PRO I 619 -23.19 53.09 -61.82
C PRO I 619 -21.96 52.21 -61.81
N PRO I 620 -21.91 51.17 -62.65
CA PRO I 620 -20.80 50.23 -62.60
C PRO I 620 -19.46 50.90 -62.86
N ASN I 621 -18.43 50.43 -62.14
CA ASN I 621 -17.05 50.90 -62.30
C ASN I 621 -16.94 52.41 -62.04
N ALA I 622 -17.22 52.78 -60.78
CA ALA I 622 -17.32 54.20 -60.44
C ALA I 622 -16.84 54.48 -59.03
N THR I 623 -16.63 55.77 -58.76
CA THR I 623 -16.45 56.33 -57.42
C THR I 623 -17.43 57.48 -57.25
N GLN I 624 -17.96 57.65 -56.05
CA GLN I 624 -19.20 58.41 -55.87
C GLN I 624 -19.00 59.63 -54.97
N LEU I 625 -19.92 60.59 -55.09
CA LEU I 625 -19.83 61.88 -54.39
C LEU I 625 -21.19 62.28 -53.83
N PRO I 626 -21.55 61.83 -52.63
CA PRO I 626 -22.78 62.32 -52.00
C PRO I 626 -22.54 63.56 -51.15
N ILE I 627 -23.61 64.35 -50.97
CA ILE I 627 -23.54 65.63 -50.26
C ILE I 627 -24.87 65.97 -49.57
N PRO I 628 -24.91 65.98 -48.24
CA PRO I 628 -25.98 66.71 -47.53
C PRO I 628 -25.59 68.17 -47.32
N SER I 629 -26.56 68.98 -46.88
CA SER I 629 -26.33 70.43 -46.90
C SER I 629 -26.93 71.20 -45.72
N ARG I 630 -27.03 70.62 -44.53
CA ARG I 630 -27.65 71.39 -43.43
C ARG I 630 -27.16 70.86 -42.08
N ASN I 631 -27.83 71.30 -41.01
CA ASN I 631 -27.39 71.17 -39.62
C ASN I 631 -27.09 69.71 -39.24
N TRP I 632 -26.19 69.56 -38.26
CA TRP I 632 -25.84 68.26 -37.69
C TRP I 632 -25.78 68.30 -36.17
N ALA I 633 -26.82 68.87 -35.54
CA ALA I 633 -26.88 68.86 -34.09
C ALA I 633 -27.05 67.45 -33.56
N ALA I 634 -26.31 67.13 -32.49
CA ALA I 634 -26.42 65.84 -31.79
C ALA I 634 -26.11 64.65 -32.71
N PHE I 635 -25.21 64.82 -33.66
CA PHE I 635 -24.83 63.73 -34.55
C PHE I 635 -24.10 62.64 -33.78
N ARG I 636 -24.18 61.41 -34.29
CA ARG I 636 -23.61 60.26 -33.61
C ARG I 636 -22.50 59.56 -34.39
N GLY I 637 -22.62 59.47 -35.70
CA GLY I 637 -21.60 58.82 -36.49
C GLY I 637 -22.16 58.35 -37.82
N TRP I 638 -21.29 57.66 -38.56
CA TRP I 638 -21.61 57.13 -39.88
C TRP I 638 -21.54 55.61 -39.88
N SER I 639 -22.08 55.01 -40.94
CA SER I 639 -21.95 53.59 -41.19
C SER I 639 -22.22 53.36 -42.67
N LEU I 640 -21.23 52.86 -43.39
CA LEU I 640 -21.26 52.79 -44.85
C LEU I 640 -21.10 51.35 -45.30
N THR I 641 -21.83 50.97 -46.34
CA THR I 641 -21.80 49.60 -46.82
C THR I 641 -22.36 49.56 -48.24
N ARG I 642 -21.76 48.74 -49.08
CA ARG I 642 -22.15 48.61 -50.48
C ARG I 642 -23.12 47.46 -50.67
N LEU I 643 -24.15 47.69 -51.48
CA LEU I 643 -25.11 46.64 -51.84
C LEU I 643 -25.33 46.63 -53.34
N LYS I 644 -25.73 45.47 -53.84
CA LYS I 644 -26.12 45.33 -55.24
C LYS I 644 -27.54 45.85 -55.44
N GLN I 645 -27.73 46.68 -56.47
CA GLN I 645 -29.06 47.22 -56.74
C GLN I 645 -30.04 46.12 -57.16
N ARG I 646 -29.54 45.06 -57.79
CA ARG I 646 -30.40 43.94 -58.16
C ARG I 646 -31.04 43.31 -56.93
N GLU I 647 -30.37 43.39 -55.78
CA GLU I 647 -30.84 42.76 -54.55
C GLU I 647 -31.53 43.74 -53.60
N THR I 648 -31.64 45.01 -53.96
CA THR I 648 -32.26 46.00 -53.10
C THR I 648 -33.64 46.35 -53.64
N PRO I 649 -34.72 46.04 -52.93
CA PRO I 649 -36.06 46.35 -53.41
C PRO I 649 -36.38 47.84 -53.20
N ALA I 650 -37.44 48.28 -53.87
CA ALA I 650 -37.97 49.63 -53.70
C ALA I 650 -39.15 49.50 -52.73
N LEU I 651 -38.84 49.39 -51.45
CA LEU I 651 -39.84 49.14 -50.42
C LEU I 651 -40.63 50.38 -50.04
N GLY I 652 -40.44 51.49 -50.75
CA GLY I 652 -41.25 52.68 -50.58
C GLY I 652 -42.52 52.66 -51.39
N SER I 653 -42.83 51.55 -52.05
CA SER I 653 -44.02 51.38 -52.87
C SER I 653 -44.77 50.14 -52.41
N PRO I 654 -46.09 50.11 -52.59
CA PRO I 654 -46.85 48.92 -52.17
C PRO I 654 -46.38 47.63 -52.84
N PHE I 655 -45.94 47.70 -54.09
CA PHE I 655 -45.50 46.52 -54.82
C PHE I 655 -44.35 46.93 -55.73
N ASP I 656 -43.35 46.05 -55.84
CA ASP I 656 -42.15 46.32 -56.62
C ASP I 656 -42.07 45.31 -57.77
N PRO I 657 -42.67 45.62 -58.92
CA PRO I 657 -42.58 44.69 -60.06
C PRO I 657 -41.16 44.42 -60.53
N TYR I 658 -40.29 45.42 -60.45
CA TYR I 658 -38.95 45.34 -61.02
C TYR I 658 -37.92 44.80 -60.03
N PHE I 659 -38.34 44.05 -59.02
CA PHE I 659 -37.40 43.44 -58.10
C PHE I 659 -36.77 42.20 -58.70
N THR I 660 -37.59 41.18 -58.98
CA THR I 660 -37.17 39.98 -59.71
C THR I 660 -35.91 39.36 -59.10
N TYR I 661 -35.91 39.20 -57.79
CA TYR I 661 -34.77 38.60 -57.11
C TYR I 661 -35.20 38.07 -55.75
N SER I 662 -35.09 36.77 -55.55
CA SER I 662 -35.28 36.15 -54.25
C SER I 662 -33.91 36.00 -53.57
N GLY I 663 -33.89 35.35 -52.42
CA GLY I 663 -32.65 35.21 -51.69
C GLY I 663 -32.49 36.28 -50.64
N THR I 664 -31.28 36.32 -50.07
CA THR I 664 -30.99 37.30 -49.02
C THR I 664 -31.09 38.71 -49.57
N ILE I 665 -31.75 39.58 -48.80
CA ILE I 665 -31.83 41.00 -49.12
C ILE I 665 -30.88 41.73 -48.18
N PRO I 666 -29.72 42.19 -48.66
CA PRO I 666 -28.76 42.84 -47.76
C PRO I 666 -29.31 44.06 -47.04
N TYR I 667 -30.10 44.87 -47.72
CA TYR I 667 -30.52 46.15 -47.16
C TYR I 667 -31.36 45.97 -45.89
N LEU I 668 -32.28 45.02 -45.91
CA LEU I 668 -33.24 44.84 -44.84
C LEU I 668 -33.16 43.44 -44.24
N ASP I 669 -32.00 42.78 -44.36
CA ASP I 669 -31.77 41.49 -43.75
C ASP I 669 -30.51 41.47 -42.88
N GLY I 670 -29.55 42.36 -43.12
CA GLY I 670 -28.32 42.38 -42.37
C GLY I 670 -27.27 41.42 -42.92
N THR I 671 -27.11 41.44 -44.25
CA THR I 671 -26.25 40.50 -44.97
C THR I 671 -25.36 41.34 -45.90
N PHE I 672 -24.22 41.80 -45.38
CA PHE I 672 -23.41 42.80 -46.08
C PHE I 672 -22.09 42.17 -46.51
N TYR I 673 -22.10 41.52 -47.67
CA TYR I 673 -20.93 40.82 -48.17
C TYR I 673 -19.99 41.72 -48.98
N LEU I 674 -20.38 42.95 -49.29
CA LEU I 674 -19.61 43.83 -50.14
C LEU I 674 -18.87 44.91 -49.38
N SER I 675 -18.76 44.78 -48.06
CA SER I 675 -18.10 45.81 -47.27
C SER I 675 -16.60 45.88 -47.50
N HIS I 676 -16.02 44.90 -48.17
CA HIS I 676 -14.58 44.86 -48.42
C HIS I 676 -14.16 45.60 -49.68
N THR I 677 -15.12 46.12 -50.46
CA THR I 677 -14.81 46.78 -51.72
C THR I 677 -14.66 48.29 -51.57
N PHE I 678 -14.27 48.76 -50.39
CA PHE I 678 -14.09 50.19 -50.14
C PHE I 678 -12.60 50.49 -50.07
N ARG I 679 -12.15 51.45 -50.88
CA ARG I 679 -10.74 51.83 -50.91
C ARG I 679 -10.44 52.92 -49.89
N LYS I 680 -11.11 54.06 -50.00
CA LYS I 680 -10.90 55.15 -49.06
C LYS I 680 -12.16 56.00 -49.02
N VAL I 681 -12.32 56.72 -47.91
CA VAL I 681 -13.48 57.57 -47.66
C VAL I 681 -12.99 58.94 -47.25
N ALA I 682 -13.50 59.98 -47.90
CA ALA I 682 -13.17 61.37 -47.59
C ALA I 682 -14.40 62.07 -47.06
N ILE I 683 -14.25 62.73 -45.92
CA ILE I 683 -15.34 63.46 -45.27
C ILE I 683 -14.93 64.92 -45.15
N GLN I 684 -15.78 65.83 -45.62
CA GLN I 684 -15.49 67.25 -45.60
C GLN I 684 -16.73 68.03 -45.19
N PHE I 685 -16.53 69.09 -44.42
CA PHE I 685 -17.59 69.97 -43.96
C PHE I 685 -17.42 71.34 -44.59
N ASP I 686 -18.51 71.86 -45.17
CA ASP I 686 -18.55 73.19 -45.79
C ASP I 686 -17.55 73.33 -46.93
N SER I 687 -17.10 72.20 -47.50
CA SER I 687 -16.14 72.18 -48.61
C SER I 687 -14.82 72.85 -48.26
N SER I 688 -14.54 73.03 -46.97
CA SER I 688 -13.32 73.68 -46.53
C SER I 688 -12.52 72.87 -45.53
N VAL I 689 -13.18 72.17 -44.61
CA VAL I 689 -12.51 71.46 -43.53
C VAL I 689 -12.88 69.98 -43.61
N THR I 690 -11.86 69.13 -43.56
CA THR I 690 -12.10 67.70 -43.36
C THR I 690 -12.46 67.45 -41.90
N TRP I 691 -13.38 66.52 -41.67
CA TRP I 691 -13.93 66.34 -40.32
C TRP I 691 -12.85 65.98 -39.30
N PRO I 692 -12.11 64.85 -39.45
CA PRO I 692 -11.10 64.51 -38.45
C PRO I 692 -9.76 65.20 -38.71
N GLY I 693 -9.81 66.49 -39.02
CA GLY I 693 -8.60 67.18 -39.36
C GLY I 693 -7.95 67.85 -38.16
N ASN I 694 -7.06 67.09 -37.53
CA ASN I 694 -6.12 67.60 -36.53
C ASN I 694 -4.81 66.84 -36.65
N ASP I 695 -4.49 66.36 -37.84
CA ASP I 695 -3.46 65.34 -38.05
C ASP I 695 -3.75 64.12 -37.17
N ARG I 696 -5.03 63.81 -36.99
CA ARG I 696 -5.42 62.74 -36.08
C ARG I 696 -4.99 61.38 -36.62
N LEU I 697 -5.28 61.09 -37.88
CA LEU I 697 -5.01 59.78 -38.45
C LEU I 697 -3.60 59.74 -39.04
N LEU I 698 -3.16 58.52 -39.34
CA LEU I 698 -1.86 58.33 -39.97
C LEU I 698 -1.82 58.94 -41.37
N THR I 699 -2.96 58.95 -42.05
CA THR I 699 -3.14 59.73 -43.27
C THR I 699 -4.15 60.82 -42.98
N PRO I 700 -3.72 62.05 -42.71
CA PRO I 700 -4.65 63.06 -42.16
C PRO I 700 -5.81 63.41 -43.07
N ASN I 701 -5.62 63.40 -44.39
CA ASN I 701 -6.61 64.00 -45.28
C ASN I 701 -7.88 63.17 -45.38
N GLU I 702 -7.74 61.86 -45.57
CA GLU I 702 -8.93 61.00 -45.62
C GLU I 702 -8.65 59.68 -44.92
N PHE I 703 -9.72 59.01 -44.54
CA PHE I 703 -9.62 57.61 -44.12
C PHE I 703 -9.22 56.76 -45.31
N GLU I 704 -8.32 55.81 -45.08
CA GLU I 704 -7.83 54.92 -46.14
C GLU I 704 -8.10 53.49 -45.70
N ILE I 705 -9.19 52.92 -46.20
CA ILE I 705 -9.61 51.59 -45.77
C ILE I 705 -8.64 50.52 -46.28
N LYS I 706 -8.24 50.62 -47.54
CA LYS I 706 -7.29 49.68 -48.13
C LYS I 706 -6.22 50.45 -48.89
N ILE I 707 -5.03 49.86 -48.96
CA ILE I 707 -3.95 50.37 -49.77
C ILE I 707 -3.48 49.26 -50.69
N SER I 708 -3.38 49.56 -51.98
CA SER I 708 -3.09 48.54 -52.99
C SER I 708 -1.62 48.47 -53.37
N VAL I 709 -0.79 49.39 -52.87
CA VAL I 709 0.63 49.40 -53.15
C VAL I 709 1.46 49.29 -51.88
N ASP I 710 1.11 50.05 -50.84
CA ASP I 710 1.76 50.02 -49.54
C ASP I 710 3.26 50.30 -49.67
N GLY I 711 3.56 51.49 -50.22
CA GLY I 711 4.94 51.91 -50.32
C GLY I 711 5.61 52.04 -48.96
N GLU I 712 4.91 52.65 -48.02
CA GLU I 712 5.36 52.70 -46.63
C GLU I 712 4.94 51.40 -45.94
N GLY I 713 4.97 51.38 -44.61
CA GLY I 713 4.56 50.21 -43.87
C GLY I 713 3.13 50.26 -43.39
N TYR I 714 2.30 51.09 -44.02
CA TYR I 714 0.92 51.29 -43.58
C TYR I 714 0.08 50.09 -43.99
N ASN I 715 0.19 49.02 -43.21
CA ASN I 715 -0.71 47.87 -43.32
C ASN I 715 -0.74 47.17 -41.97
N VAL I 716 -1.92 46.72 -41.58
CA VAL I 716 -2.15 46.24 -40.24
C VAL I 716 -2.39 44.73 -40.29
N ALA I 717 -2.05 44.06 -39.18
CA ALA I 717 -2.13 42.60 -39.07
C ALA I 717 -1.34 42.02 -40.24
N GLN I 718 -1.90 41.11 -41.02
CA GLN I 718 -1.27 40.57 -42.22
C GLN I 718 -2.25 40.58 -43.38
N SER I 719 -2.91 41.72 -43.57
CA SER I 719 -3.95 41.83 -44.58
C SER I 719 -3.82 43.12 -45.39
N ASN I 720 -4.85 43.42 -46.19
CA ASN I 720 -4.83 44.55 -47.10
C ASN I 720 -5.17 45.87 -46.42
N MET I 721 -5.68 45.83 -45.19
CA MET I 721 -6.26 47.00 -44.57
C MET I 721 -5.19 47.79 -43.82
N THR I 722 -5.43 49.11 -43.69
CA THR I 722 -4.43 50.01 -43.15
C THR I 722 -4.54 50.12 -41.63
N LYS I 723 -3.44 50.58 -41.02
CA LYS I 723 -3.37 50.68 -39.57
C LYS I 723 -4.36 51.69 -39.02
N ASP I 724 -4.50 52.84 -39.68
CA ASP I 724 -5.41 53.87 -39.18
C ASP I 724 -6.85 53.38 -39.22
N TRP I 725 -7.25 52.72 -40.32
CA TRP I 725 -8.60 52.19 -40.40
C TRP I 725 -8.83 51.06 -39.40
N PHE I 726 -7.81 50.23 -39.18
CA PHE I 726 -7.92 49.20 -38.16
C PHE I 726 -8.15 49.82 -36.78
N LEU I 727 -7.39 50.85 -36.44
CA LEU I 727 -7.57 51.52 -35.16
C LEU I 727 -8.95 52.16 -35.06
N VAL I 728 -9.41 52.78 -36.15
CA VAL I 728 -10.73 53.41 -36.14
C VAL I 728 -11.81 52.37 -35.89
N GLN I 729 -11.72 51.22 -36.58
CA GLN I 729 -12.72 50.17 -36.39
C GLN I 729 -12.65 49.58 -34.99
N MET I 730 -11.43 49.37 -34.47
CA MET I 730 -11.29 48.83 -33.12
C MET I 730 -11.90 49.76 -32.09
N LEU I 731 -11.66 51.07 -32.22
CA LEU I 731 -12.25 52.01 -31.27
C LEU I 731 -13.77 52.09 -31.45
N ALA I 732 -14.25 52.11 -32.69
CA ALA I 732 -15.68 52.25 -32.94
C ALA I 732 -16.46 51.05 -32.43
N ASN I 733 -15.88 49.87 -32.49
CA ASN I 733 -16.63 48.70 -32.13
C ASN I 733 -16.36 48.21 -30.72
N TYR I 734 -15.13 48.24 -30.26
CA TYR I 734 -14.83 47.71 -28.95
C TYR I 734 -14.04 48.60 -28.03
N ASN I 735 -13.54 49.73 -28.49
CA ASN I 735 -12.72 50.60 -27.67
C ASN I 735 -11.48 49.86 -27.26
N ILE I 736 -10.57 49.58 -28.19
CA ILE I 736 -9.40 48.78 -27.85
C ILE I 736 -8.08 49.38 -28.30
N GLY I 737 -8.04 50.25 -29.27
CA GLY I 737 -6.82 50.76 -29.87
C GLY I 737 -5.74 51.37 -29.00
N TYR I 738 -6.13 52.27 -28.09
CA TYR I 738 -5.12 53.06 -27.37
C TYR I 738 -4.36 52.21 -26.35
N GLN I 739 -5.05 51.29 -25.68
CA GLN I 739 -4.46 50.47 -24.62
C GLN I 739 -3.94 49.14 -25.13
N GLY I 740 -3.48 49.08 -26.38
CA GLY I 740 -3.06 47.83 -26.99
C GLY I 740 -4.14 47.25 -27.86
N TYR I 741 -3.83 46.10 -28.45
CA TYR I 741 -4.76 45.38 -29.34
C TYR I 741 -4.94 43.97 -28.77
N HIS I 742 -5.88 43.83 -27.85
CA HIS I 742 -6.21 42.51 -27.30
C HIS I 742 -7.50 42.03 -27.93
N LEU I 743 -7.66 40.71 -27.96
CA LEU I 743 -8.88 40.14 -28.52
C LEU I 743 -10.05 40.45 -27.60
N PRO I 744 -11.12 41.05 -28.12
CA PRO I 744 -12.21 41.50 -27.26
C PRO I 744 -12.94 40.33 -26.62
N PRO I 745 -13.60 40.54 -25.48
CA PRO I 745 -14.30 39.43 -24.81
C PRO I 745 -15.43 38.88 -25.67
N ASP I 746 -15.86 37.67 -25.30
CA ASP I 746 -16.85 36.95 -26.12
C ASP I 746 -18.17 37.70 -26.18
N TYR I 747 -18.63 38.24 -25.05
CA TYR I 747 -19.96 38.85 -25.00
C TYR I 747 -20.03 40.12 -25.86
N LYS I 748 -18.91 40.77 -26.08
CA LYS I 748 -18.89 41.98 -26.90
C LYS I 748 -18.67 41.68 -28.38
N ASP I 749 -18.17 40.49 -28.71
CA ASP I 749 -17.91 40.09 -30.09
C ASP I 749 -19.10 39.29 -30.61
N ARG I 750 -20.01 39.98 -31.28
CA ARG I 750 -21.23 39.38 -31.81
C ARG I 750 -21.20 39.40 -33.34
N THR I 751 -22.31 38.97 -33.95
CA THR I 751 -22.33 38.76 -35.39
C THR I 751 -22.11 40.06 -36.15
N PHE I 752 -22.78 41.14 -35.75
CA PHE I 752 -22.70 42.41 -36.46
C PHE I 752 -21.54 43.25 -35.91
N SER I 753 -20.37 42.65 -35.87
CA SER I 753 -19.18 43.29 -35.32
C SER I 753 -18.05 43.22 -36.35
N PHE I 754 -16.86 43.65 -35.93
CA PHE I 754 -15.71 43.76 -36.83
C PHE I 754 -14.84 42.50 -36.84
N LEU I 755 -14.30 42.12 -35.68
CA LEU I 755 -13.38 41.00 -35.63
C LEU I 755 -14.07 39.65 -35.74
N HIS I 756 -15.40 39.59 -35.61
CA HIS I 756 -16.11 38.35 -35.83
C HIS I 756 -16.17 37.98 -37.30
N ASN I 757 -15.95 38.95 -38.19
CA ASN I 757 -16.02 38.70 -39.63
C ASN I 757 -14.74 39.05 -40.36
N PHE I 758 -13.71 39.56 -39.67
CA PHE I 758 -12.47 39.96 -40.33
C PHE I 758 -11.62 38.74 -40.62
N ILE I 759 -11.49 38.38 -41.89
CA ILE I 759 -10.75 37.19 -42.30
C ILE I 759 -9.59 37.60 -43.20
N PRO I 760 -8.37 37.68 -42.68
CA PRO I 760 -7.21 37.94 -43.55
C PRO I 760 -6.83 36.70 -44.35
N MET I 761 -6.47 36.93 -45.61
CA MET I 761 -6.06 35.86 -46.51
C MET I 761 -4.81 36.29 -47.27
N CYS I 762 -4.04 35.30 -47.70
CA CYS I 762 -2.79 35.57 -48.42
C CYS I 762 -2.53 34.46 -49.42
N ARG I 763 -2.44 34.83 -50.69
CA ARG I 763 -2.08 33.93 -51.78
C ARG I 763 -0.85 34.49 -52.46
N GLN I 764 -0.07 33.62 -53.09
CA GLN I 764 1.15 34.04 -53.77
C GLN I 764 1.16 33.47 -55.17
N VAL I 765 1.37 34.32 -56.17
CA VAL I 765 1.26 33.96 -57.58
C VAL I 765 2.65 33.67 -58.14
N PRO I 766 2.76 33.03 -59.31
CA PRO I 766 4.09 32.63 -59.81
C PRO I 766 4.89 33.73 -60.47
N ASN I 767 4.56 35.00 -60.24
CA ASN I 767 5.35 36.13 -60.74
C ASN I 767 5.42 36.12 -62.26
N PRO I 768 4.33 36.49 -62.95
CA PRO I 768 4.31 36.39 -64.42
C PRO I 768 5.42 37.14 -65.13
N ALA I 769 6.21 37.94 -64.43
CA ALA I 769 7.32 38.64 -65.05
C ALA I 769 8.56 37.76 -65.17
N THR I 770 8.51 36.53 -64.69
CA THR I 770 9.66 35.63 -64.74
C THR I 770 10.02 35.32 -66.19
N GLU I 771 11.33 35.26 -66.45
CA GLU I 771 11.80 34.81 -67.77
C GLU I 771 11.48 33.33 -67.94
N GLY I 772 10.90 32.99 -69.09
CA GLY I 772 10.46 31.64 -69.35
C GLY I 772 9.07 31.32 -68.84
N TYR I 773 8.43 32.23 -68.12
CA TYR I 773 7.06 32.03 -67.67
C TYR I 773 6.10 32.17 -68.84
N PHE I 774 5.04 31.38 -68.82
CA PHE I 774 4.01 31.42 -69.86
C PHE I 774 2.65 31.58 -69.19
N GLY I 775 1.91 32.60 -69.59
CA GLY I 775 0.57 32.79 -69.08
C GLY I 775 -0.44 32.00 -69.89
N LEU I 776 -0.83 30.83 -69.38
CA LEU I 776 -1.69 29.92 -70.10
C LEU I 776 -3.15 30.35 -70.02
N GLY I 777 -3.88 30.06 -71.08
CA GLY I 777 -5.31 30.31 -71.10
C GLY I 777 -6.06 29.29 -70.26
N ILE I 778 -7.38 29.50 -70.19
CA ILE I 778 -8.23 28.60 -69.42
C ILE I 778 -8.48 27.28 -70.13
N VAL I 779 -8.18 27.20 -71.43
CA VAL I 779 -8.41 25.98 -72.20
C VAL I 779 -7.17 25.08 -72.29
N ASN I 780 -5.97 25.64 -72.13
CA ASN I 780 -4.73 24.87 -72.20
C ASN I 780 -4.12 24.63 -70.83
N HIS I 781 -4.96 24.49 -69.81
CA HIS I 781 -4.53 24.45 -68.42
C HIS I 781 -4.97 23.09 -67.85
N ARG I 782 -4.08 22.10 -67.92
CA ARG I 782 -4.43 20.71 -67.69
C ARG I 782 -3.86 20.18 -66.38
N THR I 783 -4.67 19.37 -65.70
CA THR I 783 -4.20 18.49 -64.64
C THR I 783 -5.17 17.32 -64.57
N THR I 784 -4.62 16.13 -64.30
CA THR I 784 -5.38 14.88 -64.40
C THR I 784 -6.13 14.84 -65.72
N PRO I 785 -5.42 14.75 -66.85
CA PRO I 785 -6.11 14.90 -68.14
C PRO I 785 -7.01 13.73 -68.48
N ALA I 786 -6.73 12.55 -67.93
CA ALA I 786 -7.50 11.35 -68.23
C ALA I 786 -8.43 10.95 -67.10
N TYR I 787 -8.60 11.79 -66.10
CA TYR I 787 -9.39 11.44 -64.93
C TYR I 787 -10.33 12.57 -64.51
N ALA I 794 -18.31 16.53 -65.86
CA ALA I 794 -17.76 15.96 -67.10
C ALA I 794 -17.44 14.48 -66.92
N PRO I 795 -17.69 13.69 -67.96
CA PRO I 795 -17.48 12.24 -67.85
C PRO I 795 -16.04 11.81 -68.05
N ARG I 796 -15.11 12.76 -67.97
CA ARG I 796 -13.67 12.65 -68.24
C ARG I 796 -13.34 11.98 -69.57
N GLU I 797 -12.18 12.32 -70.12
CA GLU I 797 -11.57 11.64 -71.26
C GLU I 797 -10.23 12.30 -71.54
N GLY I 798 -9.36 11.54 -72.20
CA GLY I 798 -7.99 11.93 -72.44
C GLY I 798 -7.07 10.76 -72.18
N HIS I 799 -5.77 11.05 -72.08
CA HIS I 799 -4.78 10.03 -71.79
C HIS I 799 -3.85 10.54 -70.70
N PRO I 800 -3.33 9.65 -69.86
CA PRO I 800 -2.40 10.08 -68.80
C PRO I 800 -1.16 10.73 -69.39
N TYR I 801 -0.96 12.01 -69.08
CA TYR I 801 0.13 12.79 -69.61
C TYR I 801 0.68 13.69 -68.51
N PRO I 802 1.94 14.10 -68.61
CA PRO I 802 2.46 15.10 -67.66
C PRO I 802 1.66 16.40 -67.75
N GLN I 803 1.60 17.09 -66.63
CA GLN I 803 0.74 18.26 -66.50
C GLN I 803 1.58 19.52 -66.38
N LEU I 804 0.90 20.67 -66.53
CA LEU I 804 1.56 21.96 -66.41
C LEU I 804 0.72 22.97 -65.64
N ALA I 805 -0.43 22.56 -65.11
CA ALA I 805 -1.21 23.46 -64.27
C ALA I 805 -0.53 23.68 -62.94
N LEU I 806 -0.78 24.86 -62.35
CA LEU I 806 -0.23 25.22 -61.05
C LEU I 806 1.29 25.07 -61.04
N PRO I 807 2.03 25.98 -61.67
CA PRO I 807 3.49 25.91 -61.63
C PRO I 807 3.97 25.86 -60.20
N PRO I 808 4.95 25.01 -59.89
CA PRO I 808 5.30 24.75 -58.49
C PRO I 808 5.82 26.01 -57.82
N HIS I 809 5.45 26.17 -56.55
CA HIS I 809 5.87 27.33 -55.80
C HIS I 809 7.01 27.00 -54.84
N TRP I 810 6.93 25.84 -54.19
CA TRP I 810 8.00 25.34 -53.35
C TRP I 810 8.90 24.44 -54.20
N ASP I 811 9.83 23.71 -53.55
CA ASP I 811 10.77 22.79 -54.19
C ASP I 811 11.80 23.59 -54.97
N PRO I 812 13.03 23.08 -55.14
CA PRO I 812 14.06 23.83 -55.89
C PRO I 812 13.60 24.34 -57.25
N ARG I 813 12.58 23.73 -57.84
CA ARG I 813 11.97 24.26 -59.05
C ARG I 813 10.74 25.06 -58.62
N HIS I 814 10.84 26.38 -58.72
CA HIS I 814 9.83 27.29 -58.17
C HIS I 814 9.36 28.37 -59.12
N ALA I 815 10.12 28.71 -60.16
CA ALA I 815 9.76 29.74 -61.13
C ALA I 815 9.50 31.08 -60.45
N LEU I 816 10.35 31.43 -59.47
CA LEU I 816 10.26 32.71 -58.76
C LEU I 816 8.93 32.86 -58.04
N ARG I 817 8.72 34.01 -57.39
CA ARG I 817 7.56 34.16 -56.52
C ARG I 817 7.05 35.59 -56.55
N ASP I 818 5.77 35.74 -56.23
CA ASP I 818 5.11 37.04 -56.07
C ASP I 818 3.92 36.91 -55.12
N PRO I 819 4.03 37.39 -53.89
CA PRO I 819 2.93 37.23 -52.93
C PRO I 819 1.84 38.26 -53.14
N GLU I 820 0.79 38.13 -52.34
CA GLU I 820 -0.43 38.91 -52.51
C GLU I 820 -1.29 38.75 -51.26
N ARG I 821 -1.93 39.83 -50.83
CA ARG I 821 -2.74 39.80 -49.62
C ARG I 821 -4.04 40.55 -49.84
N LYS I 822 -5.10 40.05 -49.23
CA LYS I 822 -6.39 40.74 -49.20
C LYS I 822 -7.21 40.19 -48.05
N PHE I 823 -8.19 40.97 -47.63
CA PHE I 823 -9.05 40.61 -46.50
C PHE I 823 -10.49 40.51 -46.96
N LEU I 824 -11.34 39.99 -46.08
CA LEU I 824 -12.72 39.71 -46.44
C LEU I 824 -13.59 39.81 -45.19
N CYS I 825 -14.49 40.80 -45.18
CA CYS I 825 -15.48 40.97 -44.12
C CYS I 825 -16.86 40.80 -44.74
N ASP I 826 -17.70 39.97 -44.12
CA ASP I 826 -18.93 39.52 -44.76
C ASP I 826 -20.21 39.99 -44.09
N ARG I 827 -20.16 40.50 -42.87
CA ARG I 827 -21.36 41.00 -42.21
C ARG I 827 -21.04 42.26 -41.42
N THR I 828 -20.23 43.13 -42.00
CA THR I 828 -19.70 44.29 -41.30
C THR I 828 -20.28 45.58 -41.84
N LEU I 829 -20.55 46.51 -40.93
CA LEU I 829 -20.86 47.90 -41.27
C LEU I 829 -19.65 48.74 -40.89
N TRP I 830 -19.06 49.42 -41.88
CA TRP I 830 -17.90 50.26 -41.62
C TRP I 830 -18.34 51.47 -40.78
N ARG I 831 -17.96 51.47 -39.51
CA ARG I 831 -18.39 52.50 -38.58
C ARG I 831 -17.33 53.59 -38.47
N ILE I 832 -17.76 54.84 -38.58
CA ILE I 832 -16.90 56.00 -38.38
C ILE I 832 -17.56 56.88 -37.32
N PRO I 833 -17.33 56.62 -36.03
CA PRO I 833 -18.06 57.34 -34.99
C PRO I 833 -17.71 58.82 -34.98
N PHE I 834 -18.70 59.64 -34.63
CA PHE I 834 -18.53 61.08 -34.57
C PHE I 834 -18.00 61.52 -33.22
N SER I 835 -16.88 60.92 -32.80
CA SER I 835 -16.25 61.24 -31.54
C SER I 835 -14.84 61.76 -31.80
N SER I 836 -14.35 62.58 -30.86
CA SER I 836 -13.02 63.17 -31.00
C SER I 836 -11.94 62.10 -30.95
N ASN I 837 -12.04 61.15 -30.02
CA ASN I 837 -11.05 60.10 -29.86
C ASN I 837 -11.51 58.76 -30.44
N PHE I 838 -12.61 58.76 -31.18
CA PHE I 838 -13.18 57.59 -31.87
C PHE I 838 -13.76 56.56 -30.93
N MET I 839 -13.65 56.73 -29.61
CA MET I 839 -14.31 55.83 -28.68
C MET I 839 -15.82 56.11 -28.64
N SER I 840 -16.52 55.32 -27.83
CA SER I 840 -17.95 55.51 -27.58
C SER I 840 -18.10 55.64 -26.06
N MET I 841 -17.97 56.87 -25.55
CA MET I 841 -18.08 57.14 -24.14
C MET I 841 -19.51 57.47 -23.73
N GLY I 842 -20.46 57.32 -24.64
CA GLY I 842 -21.86 57.58 -24.33
C GLY I 842 -22.67 57.67 -25.59
N SER I 843 -23.99 57.74 -25.40
CA SER I 843 -24.89 57.89 -26.53
C SER I 843 -24.60 59.18 -27.29
N LEU I 844 -24.78 60.33 -26.62
CA LEU I 844 -24.27 61.59 -27.15
C LEU I 844 -22.75 61.56 -27.11
N THR I 845 -22.13 61.79 -28.26
CA THR I 845 -20.68 61.73 -28.34
C THR I 845 -20.06 62.99 -27.73
N ASP I 846 -18.72 63.02 -27.72
CA ASP I 846 -18.03 64.24 -27.33
C ASP I 846 -18.42 65.40 -28.22
N LEU I 847 -18.41 65.18 -29.53
CA LEU I 847 -18.99 66.11 -30.48
C LEU I 847 -20.51 65.89 -30.52
N GLY I 848 -21.17 66.54 -31.47
CA GLY I 848 -22.63 66.45 -31.51
C GLY I 848 -23.29 67.31 -30.46
N GLN I 849 -22.95 67.11 -29.19
CA GLN I 849 -23.33 68.04 -28.14
C GLN I 849 -22.32 69.18 -28.00
N ASN I 850 -21.24 69.15 -28.76
CA ASN I 850 -20.41 70.32 -28.95
C ASN I 850 -21.02 71.28 -29.98
N LEU I 851 -22.08 70.86 -30.66
CA LEU I 851 -22.78 71.68 -31.64
C LEU I 851 -24.20 72.00 -31.23
N LEU I 852 -24.60 71.69 -29.99
CA LEU I 852 -25.93 72.03 -29.53
C LEU I 852 -26.13 73.54 -29.38
N TYR I 853 -25.05 74.32 -29.45
CA TYR I 853 -25.15 75.76 -29.38
C TYR I 853 -25.91 76.36 -30.56
N ALA I 854 -26.11 75.59 -31.63
CA ALA I 854 -26.75 76.07 -32.86
C ALA I 854 -25.98 77.27 -33.42
N ASN I 855 -24.66 77.24 -33.25
CA ASN I 855 -23.82 78.35 -33.74
C ASN I 855 -23.89 78.45 -35.26
N ALA I 856 -23.86 77.32 -35.95
CA ALA I 856 -23.92 77.33 -37.41
C ALA I 856 -24.36 75.96 -37.90
N ALA I 857 -24.81 75.93 -39.15
CA ALA I 857 -25.15 74.70 -39.85
C ALA I 857 -24.13 74.45 -40.94
N HIS I 858 -23.60 73.23 -40.99
CA HIS I 858 -22.50 72.90 -41.89
C HIS I 858 -22.97 71.90 -42.95
N ALA I 859 -22.70 72.22 -44.21
CA ALA I 859 -22.93 71.25 -45.28
C ALA I 859 -21.82 70.20 -45.27
N LEU I 860 -22.19 68.97 -45.63
CA LEU I 860 -21.27 67.85 -45.60
C LEU I 860 -21.03 67.34 -47.01
N ASP I 861 -19.75 67.16 -47.36
CA ASP I 861 -19.35 66.58 -48.63
C ASP I 861 -18.55 65.32 -48.36
N MET I 862 -19.09 64.18 -48.76
CA MET I 862 -18.45 62.90 -48.55
C MET I 862 -18.03 62.31 -49.90
N THR I 863 -16.87 61.65 -49.92
CA THR I 863 -16.32 61.06 -51.13
C THR I 863 -15.94 59.62 -50.84
N PHE I 864 -16.37 58.71 -51.73
CA PHE I 864 -16.05 57.29 -51.60
C PHE I 864 -15.31 56.84 -52.86
N GLU I 865 -14.07 56.40 -52.67
CA GLU I 865 -13.35 55.65 -53.70
C GLU I 865 -13.45 54.18 -53.36
N MET I 866 -13.84 53.36 -54.33
CA MET I 866 -14.22 52.00 -54.04
C MET I 866 -13.83 51.10 -55.21
N ASP I 867 -13.68 49.81 -54.90
CA ASP I 867 -13.35 48.85 -55.92
C ASP I 867 -14.49 48.73 -56.93
N PRO I 868 -14.20 48.63 -58.22
CA PRO I 868 -15.25 48.56 -59.23
C PRO I 868 -15.69 47.12 -59.49
N ILE I 869 -17.00 46.93 -59.55
CA ILE I 869 -17.58 45.65 -59.91
C ILE I 869 -18.63 45.89 -60.99
N ASN I 870 -18.78 44.90 -61.88
CA ASN I 870 -19.57 45.11 -63.09
C ASN I 870 -21.05 45.26 -62.79
N GLU I 871 -21.56 44.58 -61.77
CA GLU I 871 -22.99 44.66 -61.47
C GLU I 871 -23.34 46.07 -61.00
N PRO I 872 -24.49 46.59 -61.40
CA PRO I 872 -24.90 47.92 -60.92
C PRO I 872 -25.27 47.87 -59.44
N THR I 873 -24.48 48.58 -58.61
CA THR I 873 -24.67 48.54 -57.15
C THR I 873 -25.07 49.83 -56.46
N LEU I 874 -25.28 49.80 -55.15
CA LEU I 874 -25.71 51.00 -54.40
C LEU I 874 -25.01 51.17 -53.06
N LEU I 875 -24.71 52.41 -52.67
CA LEU I 875 -24.08 52.69 -51.39
C LEU I 875 -25.13 52.89 -50.35
N TYR I 876 -24.91 52.41 -49.15
CA TYR I 876 -25.92 52.49 -48.13
C TYR I 876 -25.37 53.16 -46.92
N VAL I 877 -25.25 54.47 -46.94
CA VAL I 877 -24.78 55.22 -45.80
C VAL I 877 -25.88 55.39 -44.81
N LEU I 878 -25.59 55.20 -43.54
CA LEU I 878 -26.57 55.32 -42.51
C LEU I 878 -26.13 56.42 -41.61
N PHE I 879 -26.52 57.65 -41.89
CA PHE I 879 -26.20 58.73 -41.00
C PHE I 879 -26.88 58.40 -39.71
N GLU I 880 -26.13 58.13 -38.66
CA GLU I 880 -26.71 57.70 -37.40
C GLU I 880 -27.21 58.86 -36.58
N VAL I 881 -28.25 58.66 -35.80
CA VAL I 881 -28.84 59.72 -35.05
C VAL I 881 -29.53 59.27 -33.79
N PHE I 882 -30.35 60.12 -33.19
CA PHE I 882 -31.15 59.78 -32.03
C PHE I 882 -32.61 59.72 -32.48
N ASP I 883 -33.13 58.50 -32.59
CA ASP I 883 -34.52 58.26 -33.00
C ASP I 883 -35.26 57.77 -31.76
N VAL I 884 -35.87 58.70 -31.04
CA VAL I 884 -36.51 58.43 -29.76
C VAL I 884 -37.98 58.79 -29.86
N ALA I 885 -38.84 57.90 -29.38
CA ALA I 885 -40.28 58.13 -29.34
C ALA I 885 -40.75 58.04 -27.90
N ARG I 886 -41.61 58.98 -27.49
CA ARG I 886 -42.15 59.04 -26.14
C ARG I 886 -43.67 58.94 -26.22
N VAL I 887 -44.21 57.84 -25.70
CA VAL I 887 -45.65 57.58 -25.75
C VAL I 887 -46.30 58.19 -24.51
N HIS I 888 -47.42 58.86 -24.72
CA HIS I 888 -48.18 59.47 -23.63
C HIS I 888 -49.62 58.97 -23.70
N GLN I 889 -50.09 58.36 -22.61
CA GLN I 889 -51.45 57.84 -22.51
C GLN I 889 -52.14 58.60 -21.39
N PRO I 890 -52.85 59.69 -21.71
CA PRO I 890 -53.46 60.50 -20.65
C PRO I 890 -54.59 59.80 -19.91
N HIS I 891 -55.59 59.28 -20.63
CA HIS I 891 -56.75 58.71 -19.96
C HIS I 891 -57.52 57.79 -20.89
N ARG I 892 -57.56 56.50 -20.56
CA ARG I 892 -58.60 55.55 -20.97
C ARG I 892 -58.72 55.46 -22.49
N GLY I 893 -57.67 54.92 -23.10
CA GLY I 893 -57.75 54.50 -24.49
C GLY I 893 -57.39 55.52 -25.53
N VAL I 894 -56.67 56.56 -25.16
CA VAL I 894 -56.14 57.53 -26.12
C VAL I 894 -54.63 57.57 -25.96
N ILE I 895 -53.93 57.51 -27.09
CA ILE I 895 -52.47 57.46 -27.11
C ILE I 895 -51.96 58.67 -27.88
N GLU I 896 -51.09 59.45 -27.25
CA GLU I 896 -50.40 60.56 -27.89
C GLU I 896 -48.91 60.22 -27.92
N VAL I 897 -48.38 59.96 -29.11
CA VAL I 897 -46.99 59.58 -29.28
C VAL I 897 -46.28 60.69 -30.02
N VAL I 898 -45.15 61.14 -29.47
CA VAL I 898 -44.36 62.21 -30.05
C VAL I 898 -42.98 61.66 -30.40
N TYR I 899 -42.54 61.94 -31.62
CA TYR I 899 -41.26 61.45 -32.13
C TYR I 899 -40.27 62.60 -32.27
N LEU I 900 -38.99 62.28 -32.15
CA LEU I 900 -37.95 63.28 -32.36
C LEU I 900 -36.70 62.56 -32.86
N ARG I 901 -36.36 62.76 -34.12
CA ARG I 901 -35.07 62.38 -34.68
C ARG I 901 -34.24 63.64 -34.74
N THR I 902 -33.31 63.81 -33.78
CA THR I 902 -32.71 65.13 -33.58
C THR I 902 -31.81 65.55 -34.73
N PRO I 903 -30.76 64.81 -35.10
CA PRO I 903 -29.92 65.27 -36.21
C PRO I 903 -30.64 65.34 -37.55
N PHE I 904 -31.61 64.46 -37.79
CA PHE I 904 -32.37 64.43 -39.05
C PHE I 904 -33.85 64.44 -38.70
N SER I 905 -34.41 65.64 -38.51
CA SER I 905 -35.78 65.79 -38.07
C SER I 905 -36.76 65.53 -39.20
N ALA I 906 -38.04 65.38 -38.83
CA ALA I 906 -39.12 65.21 -39.79
C ALA I 906 -40.29 66.13 -39.53
N GLY I 907 -40.20 67.02 -38.54
CA GLY I 907 -41.29 67.93 -38.24
C GLY I 907 -41.55 68.94 -39.34
N ASN I 908 -42.76 68.93 -39.89
CA ASN I 908 -43.12 69.84 -40.97
C ASN I 908 -43.93 71.01 -40.45
N ALA J 2 16.25 53.13 -1.08
CA ALA J 2 15.01 53.23 -0.31
C ALA J 2 14.29 51.88 -0.26
N THR J 3 14.87 50.87 -0.93
CA THR J 3 14.22 49.56 -0.96
C THR J 3 14.33 48.83 0.38
N PRO J 4 15.52 48.57 0.92
CA PRO J 4 15.60 47.86 2.21
C PRO J 4 15.68 48.75 3.43
N SER J 5 15.99 50.05 3.27
CA SER J 5 16.28 50.91 4.42
C SER J 5 15.05 51.64 4.92
N MET J 6 14.40 52.42 4.05
CA MET J 6 13.24 53.19 4.48
C MET J 6 12.00 52.33 4.66
N LEU J 7 11.83 51.31 3.84
CA LEU J 7 10.69 50.41 3.88
C LEU J 7 11.17 48.97 3.88
N PRO J 8 10.35 48.05 4.38
CA PRO J 8 10.62 46.63 4.11
C PRO J 8 10.39 46.33 2.64
N GLN J 9 11.06 45.28 2.15
CA GLN J 9 11.03 45.00 0.72
C GLN J 9 9.64 44.59 0.25
N TRP J 10 8.93 43.77 1.02
CA TRP J 10 7.60 43.34 0.62
C TRP J 10 6.65 44.54 0.53
N SER J 11 6.69 45.43 1.51
CA SER J 11 5.84 46.61 1.47
C SER J 11 6.24 47.55 0.34
N TYR J 12 7.54 47.67 0.06
CA TYR J 12 7.99 48.53 -1.02
C TYR J 12 7.54 48.02 -2.37
N MET J 13 7.62 46.71 -2.59
CA MET J 13 7.23 46.11 -3.86
C MET J 13 5.77 45.74 -3.91
N HIS J 14 4.99 46.09 -2.88
CA HIS J 14 3.56 45.81 -2.82
C HIS J 14 3.28 44.32 -2.92
N ILE J 15 4.12 43.52 -2.25
CA ILE J 15 3.87 42.09 -2.16
C ILE J 15 2.95 41.76 -0.99
N ALA J 16 3.10 42.47 0.13
CA ALA J 16 2.27 42.22 1.29
C ALA J 16 1.82 43.48 2.02
N GLY J 17 2.14 44.67 1.53
CA GLY J 17 1.88 45.87 2.29
C GLY J 17 0.44 46.35 2.37
N GLN J 18 -0.11 46.82 1.26
CA GLN J 18 -1.41 47.48 1.28
C GLN J 18 -2.03 47.43 -0.12
N ASP J 19 -3.34 47.63 -0.17
CA ASP J 19 -4.05 47.64 -1.43
C ASP J 19 -3.77 48.94 -2.19
N ALA J 20 -3.93 48.86 -3.52
CA ALA J 20 -3.65 50.02 -4.37
C ALA J 20 -4.54 51.20 -4.01
N SER J 21 -5.82 50.95 -3.75
CA SER J 21 -6.74 52.02 -3.41
C SER J 21 -6.40 52.71 -2.10
N GLU J 22 -5.51 52.13 -1.29
CA GLU J 22 -5.13 52.73 -0.02
C GLU J 22 -3.66 53.06 0.10
N TYR J 23 -2.83 52.74 -0.91
CA TYR J 23 -1.49 53.32 -0.94
C TYR J 23 -1.28 54.30 -2.08
N LEU J 24 -2.24 54.44 -2.99
CA LEU J 24 -2.13 55.48 -4.00
C LEU J 24 -2.64 56.81 -3.43
N SER J 25 -2.31 57.88 -4.13
CA SER J 25 -2.81 59.18 -3.73
C SER J 25 -4.33 59.22 -3.91
N PRO J 26 -5.07 59.90 -3.04
CA PRO J 26 -6.52 60.00 -3.23
C PRO J 26 -6.90 60.63 -4.55
N GLY J 27 -6.14 61.64 -5.00
CA GLY J 27 -6.41 62.23 -6.30
C GLY J 27 -6.22 61.24 -7.43
N LEU J 28 -5.16 60.43 -7.36
CA LEU J 28 -4.93 59.42 -8.39
C LEU J 28 -6.02 58.35 -8.38
N VAL J 29 -6.46 57.96 -7.18
CA VAL J 29 -7.55 56.98 -7.10
C VAL J 29 -8.82 57.54 -7.71
N GLN J 30 -9.15 58.80 -7.40
CA GLN J 30 -10.33 59.42 -7.98
C GLN J 30 -10.22 59.53 -9.50
N PHE J 31 -9.03 59.90 -9.99
CA PHE J 31 -8.82 59.99 -11.44
C PHE J 31 -8.99 58.63 -12.11
N ALA J 32 -8.44 57.58 -11.49
CA ALA J 32 -8.57 56.24 -12.05
C ALA J 32 -10.02 55.79 -12.08
N GLN J 33 -10.77 56.10 -11.01
CA GLN J 33 -12.19 55.76 -11.01
C GLN J 33 -12.95 56.54 -12.09
N ALA J 34 -12.62 57.83 -12.26
CA ALA J 34 -13.32 58.65 -13.24
C ALA J 34 -13.04 58.19 -14.66
N THR J 35 -11.80 57.85 -14.97
CA THR J 35 -11.40 57.48 -16.32
C THR J 35 -11.28 55.97 -16.51
N GLU J 36 -11.88 55.18 -15.63
CA GLU J 36 -11.82 53.73 -15.78
C GLU J 36 -12.54 53.26 -17.04
N SER J 37 -13.57 54.00 -17.48
CA SER J 37 -14.38 53.55 -18.60
C SER J 37 -13.58 53.56 -19.90
N TYR J 38 -12.73 54.56 -20.11
CA TYR J 38 -12.03 54.70 -21.38
C TYR J 38 -10.51 54.68 -21.29
N PHE J 39 -9.92 54.74 -20.12
CA PHE J 39 -8.46 54.70 -20.16
C PHE J 39 -7.85 53.67 -19.22
N ASN J 40 -8.53 53.33 -18.13
CA ASN J 40 -8.24 52.16 -17.30
C ASN J 40 -6.81 52.20 -16.74
N ILE J 41 -6.60 53.16 -15.85
CA ILE J 41 -5.35 53.25 -15.10
C ILE J 41 -5.11 52.03 -14.22
N GLY J 42 -6.19 51.38 -13.76
CA GLY J 42 -6.09 50.43 -12.67
C GLY J 42 -5.20 49.22 -12.93
N ASN J 43 -4.85 48.96 -14.18
CA ASN J 43 -4.00 47.81 -14.49
C ASN J 43 -2.60 47.99 -13.93
N LYS J 44 -2.08 49.21 -13.95
CA LYS J 44 -0.66 49.43 -13.73
C LYS J 44 -0.22 49.24 -12.28
N PHE J 45 -1.15 49.12 -11.35
CA PHE J 45 -0.81 49.04 -9.93
C PHE J 45 -1.19 47.68 -9.36
N ARG J 46 -0.39 47.22 -8.40
CA ARG J 46 -0.43 45.85 -7.91
C ARG J 46 -0.91 45.82 -6.46
N ASN J 47 -1.80 44.82 -6.15
CA ASN J 47 -2.35 44.51 -4.84
C ASN J 47 -1.60 43.34 -4.19
N PRO J 48 -1.50 43.30 -2.86
CA PRO J 48 -0.69 42.27 -2.21
C PRO J 48 -1.28 40.87 -2.26
N THR J 49 -2.57 40.74 -1.95
CA THR J 49 -3.26 39.45 -1.91
C THR J 49 -2.54 38.48 -0.98
N VAL J 50 -2.57 38.83 0.31
CA VAL J 50 -1.92 38.05 1.35
C VAL J 50 -2.84 36.92 1.80
N ALA J 51 -2.23 35.76 2.17
CA ALA J 51 -2.99 34.65 2.72
C ALA J 51 -2.94 34.67 4.24
N PRO J 52 -4.00 34.20 4.91
CA PRO J 52 -3.97 34.14 6.38
C PRO J 52 -2.88 33.19 6.85
N THR J 53 -2.28 33.54 8.00
CA THR J 53 -1.14 32.80 8.53
C THR J 53 -1.41 32.21 9.90
N HIS J 54 -2.64 32.26 10.40
CA HIS J 54 -2.94 31.69 11.70
C HIS J 54 -4.41 31.34 11.78
N ASP J 55 -4.71 30.34 12.62
CA ASP J 55 -6.08 29.89 12.89
C ASP J 55 -6.80 29.45 11.61
N VAL J 56 -6.05 28.93 10.64
CA VAL J 56 -6.61 28.43 9.39
C VAL J 56 -6.28 26.96 9.17
N THR J 57 -5.05 26.54 9.45
CA THR J 57 -4.64 25.16 9.30
C THR J 57 -3.95 24.69 10.58
N THR J 58 -3.89 23.37 10.76
CA THR J 58 -3.54 22.83 12.06
C THR J 58 -2.03 22.70 12.26
N GLU J 59 -1.34 22.11 11.30
CA GLU J 59 0.07 21.75 11.44
C GLU J 59 0.29 20.93 12.72
N ARG J 60 -0.61 19.98 12.95
CA ARG J 60 -0.55 19.09 14.12
C ARG J 60 -0.58 17.64 13.68
N SER J 61 -0.03 17.35 12.51
CA SER J 61 0.20 15.99 12.03
C SER J 61 -1.11 15.19 11.94
N GLN J 62 -1.97 15.65 11.04
CA GLN J 62 -3.22 14.95 10.74
C GLN J 62 -3.32 14.72 9.25
N ARG J 63 -4.03 13.66 8.87
CA ARG J 63 -4.08 13.20 7.49
C ARG J 63 -5.22 13.84 6.72
N LEU J 64 -5.04 13.93 5.40
CA LEU J 64 -6.07 14.46 4.52
C LEU J 64 -7.00 13.36 4.01
N GLN J 65 -6.44 12.28 3.47
CA GLN J 65 -7.20 11.13 3.02
C GLN J 65 -7.12 10.02 4.05
N LEU J 66 -8.21 9.27 4.19
CA LEU J 66 -8.26 8.13 5.09
C LEU J 66 -8.88 6.94 4.36
N ARG J 67 -8.27 5.77 4.52
CA ARG J 67 -8.78 4.53 3.97
C ARG J 67 -9.43 3.73 5.09
N PHE J 68 -10.74 3.55 5.01
CA PHE J 68 -11.48 2.75 5.98
C PHE J 68 -11.81 1.40 5.35
N VAL J 69 -11.43 0.33 6.03
CA VAL J 69 -11.78 -1.02 5.57
C VAL J 69 -13.01 -1.47 6.37
N PRO J 70 -13.91 -2.24 5.78
CA PRO J 70 -15.13 -2.61 6.49
C PRO J 70 -14.84 -3.49 7.69
N VAL J 71 -15.64 -3.29 8.74
CA VAL J 71 -15.51 -4.14 9.92
C VAL J 71 -16.07 -5.54 9.64
N ASP J 72 -17.10 -5.64 8.80
CA ASP J 72 -17.57 -6.92 8.32
C ASP J 72 -18.27 -6.72 6.97
N ARG J 73 -18.37 -7.80 6.22
CA ARG J 73 -19.02 -7.76 4.91
C ARG J 73 -19.81 -9.04 4.71
N GLU J 74 -21.00 -8.92 4.14
CA GLU J 74 -21.82 -10.05 3.75
C GLU J 74 -22.27 -9.85 2.32
N ASP J 75 -22.27 -10.92 1.54
CA ASP J 75 -22.55 -10.84 0.11
C ASP J 75 -23.45 -11.99 -0.32
N THR J 76 -24.75 -11.71 -0.43
CA THR J 76 -25.61 -12.57 -1.22
C THR J 76 -25.27 -12.38 -2.70
N GLN J 77 -25.74 -13.32 -3.52
CA GLN J 77 -25.44 -13.25 -4.94
C GLN J 77 -26.31 -12.22 -5.69
N TYR J 78 -27.03 -11.36 -4.96
CA TYR J 78 -27.69 -10.18 -5.51
C TYR J 78 -27.17 -8.87 -4.95
N SER J 79 -26.66 -8.84 -3.73
CA SER J 79 -26.23 -7.59 -3.11
C SER J 79 -24.91 -7.81 -2.37
N TYR J 80 -24.13 -6.74 -2.26
CA TYR J 80 -22.83 -6.77 -1.58
C TYR J 80 -22.86 -5.68 -0.51
N LYS J 81 -23.10 -6.09 0.73
CA LYS J 81 -23.25 -5.16 1.84
C LYS J 81 -21.93 -5.03 2.60
N THR J 82 -21.49 -3.80 2.81
CA THR J 82 -20.30 -3.50 3.58
C THR J 82 -20.65 -2.56 4.72
N ARG J 83 -20.11 -2.84 5.91
CA ARG J 83 -20.35 -2.03 7.10
C ARG J 83 -19.04 -1.38 7.52
N PHE J 84 -19.05 -0.05 7.60
CA PHE J 84 -17.90 0.71 8.06
C PHE J 84 -18.28 1.49 9.31
N GLN J 85 -17.27 1.78 10.13
CA GLN J 85 -17.38 2.77 11.19
C GLN J 85 -16.26 3.78 11.00
N LEU J 86 -16.61 5.01 10.64
CA LEU J 86 -15.64 6.06 10.40
C LEU J 86 -15.56 6.97 11.62
N ALA J 87 -14.36 7.14 12.14
CA ALA J 87 -14.11 7.95 13.32
C ALA J 87 -13.70 9.35 12.88
N VAL J 88 -14.49 10.34 13.25
CA VAL J 88 -14.22 11.74 12.86
C VAL J 88 -13.34 12.31 13.97
N GLY J 89 -12.04 12.00 13.89
CA GLY J 89 -11.01 12.62 14.70
C GLY J 89 -11.38 12.90 16.15
N ASP J 90 -10.93 14.05 16.66
CA ASP J 90 -11.39 14.55 17.95
C ASP J 90 -11.82 16.00 17.81
N ASN J 91 -11.20 16.71 16.87
CA ASN J 91 -11.54 18.10 16.60
C ASN J 91 -11.89 18.37 15.14
N ARG J 92 -11.38 17.60 14.19
CA ARG J 92 -11.63 17.85 12.78
C ARG J 92 -13.07 17.54 12.42
N VAL J 93 -13.53 18.15 11.32
CA VAL J 93 -14.86 17.90 10.77
C VAL J 93 -14.72 17.63 9.28
N LEU J 94 -15.65 16.86 8.74
CA LEU J 94 -15.68 16.59 7.32
C LEU J 94 -17.10 16.73 6.80
N ASP J 95 -17.24 17.07 5.53
CA ASP J 95 -18.52 17.06 4.86
C ASP J 95 -18.62 15.81 4.00
N MET J 96 -19.79 15.19 4.01
CA MET J 96 -19.94 13.93 3.30
C MET J 96 -19.99 14.10 1.79
N ALA J 97 -19.68 15.27 1.23
CA ALA J 97 -19.45 15.37 -0.20
C ALA J 97 -18.23 14.54 -0.60
N SER J 98 -17.28 14.39 0.30
CA SER J 98 -16.21 13.41 0.19
C SER J 98 -16.74 12.06 0.63
N THR J 99 -15.84 11.11 0.92
CA THR J 99 -16.21 9.76 1.36
C THR J 99 -16.98 9.03 0.26
N TYR J 100 -16.31 8.86 -0.87
CA TYR J 100 -16.80 8.04 -1.95
C TYR J 100 -16.41 6.58 -1.72
N PHE J 101 -17.30 5.67 -2.14
CA PHE J 101 -17.02 4.25 -2.02
C PHE J 101 -16.11 3.81 -3.16
N ASP J 102 -14.99 3.17 -2.81
CA ASP J 102 -14.02 2.69 -3.78
C ASP J 102 -14.21 1.19 -3.96
N ILE J 103 -14.54 0.76 -5.17
CA ILE J 103 -14.89 -0.61 -5.46
C ILE J 103 -13.89 -1.19 -6.46
N ARG J 104 -13.33 -2.34 -6.13
CA ARG J 104 -12.41 -3.05 -7.01
C ARG J 104 -12.93 -4.46 -7.25
N GLY J 105 -12.70 -4.99 -8.44
CA GLY J 105 -13.12 -6.33 -8.75
C GLY J 105 -12.94 -6.63 -10.22
N THR J 106 -13.43 -7.80 -10.61
CA THR J 106 -13.38 -8.29 -11.98
C THR J 106 -14.80 -8.52 -12.47
N LEU J 107 -15.07 -8.16 -13.72
CA LEU J 107 -16.38 -8.41 -14.30
C LEU J 107 -16.23 -8.95 -15.72
N ASP J 108 -17.09 -9.90 -16.06
CA ASP J 108 -17.29 -10.33 -17.43
C ASP J 108 -18.44 -9.54 -18.04
N ARG J 109 -18.29 -9.18 -19.31
CA ARG J 109 -19.36 -8.47 -20.01
C ARG J 109 -20.18 -9.39 -20.92
N GLY J 110 -19.84 -10.67 -20.98
CA GLY J 110 -20.58 -11.61 -21.78
C GLY J 110 -20.13 -11.65 -23.24
N ALA J 111 -20.50 -12.74 -23.91
CA ALA J 111 -20.21 -12.87 -25.33
C ALA J 111 -20.93 -11.82 -26.17
N SER J 112 -21.94 -11.16 -25.59
CA SER J 112 -22.67 -10.11 -26.29
C SER J 112 -21.88 -8.82 -26.42
N PHE J 113 -20.73 -8.71 -25.76
CA PHE J 113 -19.98 -7.45 -25.72
C PHE J 113 -19.18 -7.29 -27.00
N LYS J 114 -19.59 -6.35 -27.84
CA LYS J 114 -18.84 -5.97 -29.04
C LYS J 114 -18.61 -4.47 -29.01
N PRO J 115 -17.42 -4.02 -28.63
CA PRO J 115 -17.18 -2.59 -28.42
C PRO J 115 -16.89 -1.77 -29.66
N TYR J 116 -17.18 -2.28 -30.86
CA TYR J 116 -16.87 -1.52 -32.07
C TYR J 116 -17.82 -1.92 -33.19
N SER J 117 -17.94 -1.04 -34.17
CA SER J 117 -18.69 -1.32 -35.38
C SER J 117 -17.81 -2.07 -36.38
N GLY J 118 -18.46 -2.57 -37.44
CA GLY J 118 -17.70 -3.25 -38.47
C GLY J 118 -17.04 -4.52 -37.94
N THR J 119 -15.86 -4.82 -38.48
CA THR J 119 -15.10 -5.97 -38.07
C THR J 119 -13.62 -5.60 -37.98
N ALA J 120 -12.89 -6.37 -37.18
CA ALA J 120 -11.46 -6.18 -37.02
C ALA J 120 -10.62 -7.11 -37.87
N TYR J 121 -11.19 -8.23 -38.31
CA TYR J 121 -10.48 -9.23 -39.10
C TYR J 121 -10.96 -9.18 -40.54
N ASN J 122 -10.02 -9.05 -41.47
CA ASN J 122 -10.32 -9.10 -42.91
C ASN J 122 -11.42 -8.11 -43.30
N SER J 123 -11.32 -6.89 -42.77
CA SER J 123 -12.36 -5.90 -43.01
C SER J 123 -12.37 -5.43 -44.46
N PHE J 124 -11.19 -5.39 -45.10
CA PHE J 124 -11.12 -4.90 -46.47
C PHE J 124 -11.67 -5.91 -47.48
N ALA J 125 -11.85 -7.17 -47.08
CA ALA J 125 -12.30 -8.18 -48.00
C ALA J 125 -13.72 -7.91 -48.46
N PRO J 126 -14.05 -8.27 -49.69
CA PRO J 126 -15.47 -8.25 -50.10
C PRO J 126 -16.28 -9.19 -49.24
N LYS J 127 -17.53 -8.79 -48.96
CA LYS J 127 -18.32 -9.51 -47.97
C LYS J 127 -18.65 -10.92 -48.44
N SER J 128 -18.87 -11.10 -49.74
CA SER J 128 -19.21 -12.42 -50.29
C SER J 128 -17.99 -13.18 -50.80
N ALA J 129 -16.80 -12.61 -50.72
CA ALA J 129 -15.63 -13.26 -51.28
C ALA J 129 -15.24 -14.48 -50.44
N PRO J 130 -14.85 -15.58 -51.06
CA PRO J 130 -14.31 -16.72 -50.32
C PRO J 130 -12.81 -16.62 -50.14
N ASN J 131 -12.35 -17.18 -49.01
CA ASN J 131 -10.93 -17.08 -48.64
C ASN J 131 -10.18 -18.34 -49.07
N ASN J 132 -10.07 -18.49 -50.39
CA ASN J 132 -9.29 -19.57 -51.01
C ASN J 132 -9.74 -20.93 -50.50
N THR J 133 -10.98 -21.26 -50.81
CA THR J 133 -11.66 -22.42 -50.24
C THR J 133 -11.71 -23.56 -51.24
N GLN J 134 -11.57 -24.79 -50.74
CA GLN J 134 -11.81 -25.98 -51.54
C GLN J 134 -13.30 -26.32 -51.47
N PHE J 135 -13.97 -26.27 -52.63
CA PHE J 135 -15.39 -26.56 -52.70
C PHE J 135 -15.62 -27.87 -53.46
N ARG J 136 -16.57 -28.66 -52.97
CA ARG J 136 -16.84 -29.97 -53.53
C ARG J 136 -17.82 -29.86 -54.71
N GLN J 137 -17.81 -30.91 -55.54
CA GLN J 137 -18.73 -30.98 -56.67
C GLN J 137 -20.10 -31.47 -56.20
N ALA J 138 -21.06 -31.43 -57.14
CA ALA J 138 -22.40 -31.95 -56.84
C ALA J 138 -22.37 -33.45 -56.62
N ASN J 139 -21.52 -34.17 -57.36
CA ASN J 139 -21.44 -35.63 -57.23
C ASN J 139 -20.88 -36.02 -55.87
N ASN J 140 -19.95 -35.24 -55.33
CA ASN J 140 -19.25 -35.47 -54.07
C ASN J 140 -18.28 -36.63 -54.14
N GLY J 141 -18.16 -37.31 -55.28
CA GLY J 141 -17.16 -38.35 -55.45
C GLY J 141 -15.88 -37.80 -56.04
N HIS J 142 -16.02 -36.81 -56.91
CA HIS J 142 -14.86 -36.16 -57.49
C HIS J 142 -14.13 -35.35 -56.42
N PRO J 143 -12.81 -35.19 -56.55
CA PRO J 143 -12.07 -34.40 -55.57
C PRO J 143 -12.49 -32.94 -55.60
N ALA J 144 -12.38 -32.30 -54.43
CA ALA J 144 -12.78 -30.90 -54.31
C ALA J 144 -11.86 -29.99 -55.12
N GLN J 145 -12.46 -29.02 -55.80
CA GLN J 145 -11.71 -28.05 -56.57
C GLN J 145 -11.39 -26.83 -55.73
N THR J 146 -10.48 -26.01 -56.24
CA THR J 146 -10.00 -24.83 -55.55
C THR J 146 -10.43 -23.56 -56.28
N ILE J 147 -10.85 -22.56 -55.51
CA ILE J 147 -11.16 -21.25 -56.05
C ILE J 147 -10.04 -20.31 -55.60
N ALA J 148 -8.88 -20.90 -55.30
CA ALA J 148 -7.78 -20.15 -54.71
C ALA J 148 -7.17 -19.19 -55.73
N GLN J 149 -6.13 -18.47 -55.28
CA GLN J 149 -5.48 -17.46 -56.11
C GLN J 149 -4.00 -17.45 -55.72
N ALA J 150 -3.17 -18.11 -56.52
CA ALA J 150 -1.74 -18.21 -56.24
C ALA J 150 -1.08 -16.84 -56.34
N SER J 151 -0.54 -16.36 -55.23
CA SER J 151 0.04 -15.02 -55.17
C SER J 151 1.56 -15.06 -55.24
N TYR J 152 2.20 -15.75 -54.30
CA TYR J 152 3.65 -15.71 -54.21
C TYR J 152 4.28 -16.45 -55.37
N VAL J 153 5.11 -15.74 -56.14
CA VAL J 153 5.71 -16.28 -57.36
C VAL J 153 7.09 -16.81 -57.03
N ALA J 154 7.39 -18.01 -57.53
CA ALA J 154 8.67 -18.66 -57.28
C ALA J 154 8.81 -19.81 -58.26
N THR J 155 10.00 -20.39 -58.29
CA THR J 155 10.26 -21.56 -59.13
C THR J 155 9.98 -22.83 -58.34
N ILE J 156 9.34 -23.79 -58.99
CA ILE J 156 8.98 -25.06 -58.38
C ILE J 156 9.96 -26.13 -58.85
N GLY J 157 10.56 -26.85 -57.91
CA GLY J 157 11.51 -27.88 -58.27
C GLY J 157 11.99 -28.62 -57.04
N GLY J 158 13.13 -29.28 -57.18
CA GLY J 158 13.74 -29.96 -56.06
C GLY J 158 12.92 -31.16 -55.59
N ALA J 159 13.19 -31.56 -54.35
CA ALA J 159 12.46 -32.67 -53.75
C ALA J 159 11.00 -32.30 -53.53
N ASN J 160 10.10 -33.22 -53.88
CA ASN J 160 8.65 -33.09 -53.71
C ASN J 160 8.10 -31.74 -54.17
N ASN J 161 8.82 -31.07 -55.08
CA ASN J 161 8.34 -29.90 -55.81
C ASN J 161 7.74 -28.84 -54.88
N ASP J 162 8.59 -28.28 -54.03
CA ASP J 162 8.19 -27.19 -53.16
C ASP J 162 8.39 -25.85 -53.88
N LEU J 163 8.24 -24.76 -53.15
CA LEU J 163 8.47 -23.42 -53.69
C LEU J 163 9.87 -22.95 -53.34
N GLN J 164 10.34 -21.96 -54.09
CA GLN J 164 11.67 -21.40 -53.91
C GLN J 164 11.56 -20.11 -53.11
N MET J 165 12.23 -20.05 -51.96
CA MET J 165 12.15 -18.87 -51.10
C MET J 165 13.32 -17.92 -51.29
N GLY J 166 14.52 -18.43 -51.52
CA GLY J 166 15.68 -17.58 -51.70
C GLY J 166 16.99 -18.34 -51.81
N VAL J 167 18.09 -17.69 -51.46
CA VAL J 167 19.41 -18.27 -51.53
C VAL J 167 20.08 -18.11 -50.17
N ASP J 168 20.75 -19.17 -49.72
CA ASP J 168 21.46 -19.16 -48.45
C ASP J 168 22.78 -18.41 -48.60
N GLU J 169 23.66 -18.52 -47.60
CA GLU J 169 24.99 -17.93 -47.72
C GLU J 169 25.74 -18.53 -48.90
N ARG J 170 25.65 -19.84 -49.07
CA ARG J 170 26.13 -20.50 -50.27
C ARG J 170 25.04 -20.46 -51.33
N GLN J 171 25.46 -20.48 -52.60
CA GLN J 171 24.51 -20.34 -53.70
C GLN J 171 23.72 -21.62 -53.90
N LEU J 172 22.90 -21.98 -52.92
CA LEU J 172 22.04 -23.15 -52.99
C LEU J 172 20.60 -22.75 -52.69
N PRO J 173 19.63 -23.38 -53.35
CA PRO J 173 18.23 -23.04 -53.08
C PRO J 173 17.81 -23.45 -51.67
N VAL J 174 16.89 -22.66 -51.11
CA VAL J 174 16.24 -22.98 -49.84
C VAL J 174 14.74 -22.98 -50.10
N TYR J 175 14.06 -24.01 -49.63
CA TYR J 175 12.67 -24.26 -50.00
C TYR J 175 11.74 -23.90 -48.86
N ALA J 176 10.45 -23.85 -49.19
CA ALA J 176 9.45 -23.31 -48.28
C ALA J 176 9.16 -24.27 -47.14
N ASN J 177 9.23 -23.75 -45.91
CA ASN J 177 8.71 -24.48 -44.76
C ASN J 177 7.22 -24.74 -44.94
N THR J 178 6.81 -25.97 -44.66
CA THR J 178 5.42 -26.35 -44.94
C THR J 178 4.44 -25.64 -44.03
N THR J 179 4.84 -25.34 -42.79
CA THR J 179 3.91 -24.80 -41.81
C THR J 179 3.38 -23.43 -42.22
N TYR J 180 4.27 -22.49 -42.55
CA TYR J 180 3.84 -21.12 -42.82
C TYR J 180 4.54 -20.44 -43.98
N GLN J 181 5.64 -20.99 -44.49
CA GLN J 181 6.55 -20.20 -45.33
C GLN J 181 5.90 -19.64 -46.60
N PRO J 182 5.05 -20.36 -47.35
CA PRO J 182 4.34 -19.69 -48.45
C PRO J 182 3.37 -18.68 -47.89
N GLU J 183 3.92 -17.57 -47.43
CA GLU J 183 3.24 -16.66 -46.52
C GLU J 183 2.20 -15.84 -47.29
N PRO J 184 0.96 -15.75 -46.80
CA PRO J 184 -0.12 -15.17 -47.60
C PRO J 184 -0.07 -13.66 -47.79
N GLN J 185 0.74 -12.91 -47.04
CA GLN J 185 0.69 -11.46 -47.21
C GLN J 185 1.52 -11.00 -48.39
N LEU J 186 2.55 -11.76 -48.74
CA LEU J 186 3.52 -11.33 -49.74
C LEU J 186 3.05 -11.68 -51.15
N GLY J 187 3.84 -11.25 -52.12
CA GLY J 187 3.56 -11.53 -53.52
C GLY J 187 4.44 -10.66 -54.39
N ILE J 188 4.32 -10.87 -55.70
CA ILE J 188 5.09 -10.07 -56.65
C ILE J 188 4.66 -8.61 -56.52
N GLU J 189 5.59 -7.70 -56.83
CA GLU J 189 5.38 -6.28 -56.59
C GLU J 189 5.25 -5.54 -57.91
N GLY J 190 4.16 -4.79 -58.06
CA GLY J 190 3.87 -4.04 -59.26
C GLY J 190 2.85 -4.74 -60.13
N TRP J 191 2.16 -3.95 -60.94
CA TRP J 191 1.19 -4.48 -61.87
C TRP J 191 1.81 -4.97 -63.17
N THR J 192 3.09 -4.68 -63.40
CA THR J 192 3.74 -5.12 -64.62
C THR J 192 3.81 -6.64 -64.70
N ALA J 193 4.13 -7.29 -63.59
CA ALA J 193 4.17 -8.75 -63.55
C ALA J 193 2.75 -9.30 -63.54
N GLY J 194 2.45 -10.17 -64.51
CA GLY J 194 1.14 -10.74 -64.67
C GLY J 194 0.27 -10.07 -65.71
N SER J 195 0.60 -8.83 -66.10
CA SER J 195 -0.12 -8.12 -67.13
C SER J 195 0.74 -7.89 -68.37
N MET J 196 1.90 -7.26 -68.21
CA MET J 196 2.85 -7.11 -69.31
C MET J 196 3.85 -8.27 -69.32
N ALA J 197 4.58 -8.43 -68.22
CA ALA J 197 5.40 -9.61 -68.05
C ALA J 197 4.52 -10.79 -67.62
N VAL J 198 4.97 -11.99 -67.97
CA VAL J 198 4.23 -13.22 -67.70
C VAL J 198 4.95 -13.98 -66.59
N ILE J 199 4.24 -14.24 -65.50
CA ILE J 199 4.77 -15.04 -64.40
C ILE J 199 4.55 -16.51 -64.72
N ASP J 200 5.58 -17.32 -64.51
CA ASP J 200 5.52 -18.72 -64.91
C ASP J 200 4.88 -19.57 -63.82
N GLN J 201 5.40 -19.50 -62.60
CA GLN J 201 4.94 -20.35 -61.51
C GLN J 201 4.64 -19.50 -60.28
N ALA J 202 3.63 -19.91 -59.52
CA ALA J 202 3.22 -19.19 -58.33
C ALA J 202 2.78 -20.21 -57.27
N GLY J 203 2.51 -19.70 -56.07
CA GLY J 203 2.13 -20.56 -54.96
C GLY J 203 1.18 -19.86 -54.00
N GLY J 204 0.79 -20.58 -52.98
CA GLY J 204 -0.13 -20.04 -52.00
C GLY J 204 -0.61 -21.11 -51.04
N ARG J 205 -1.63 -20.77 -50.26
CA ARG J 205 -2.24 -21.68 -49.30
C ARG J 205 -3.73 -21.78 -49.54
N VAL J 206 -4.28 -22.96 -49.26
CA VAL J 206 -5.70 -23.24 -49.46
C VAL J 206 -6.24 -23.94 -48.24
N LEU J 207 -7.48 -23.62 -47.86
CA LEU J 207 -8.17 -24.37 -46.82
C LEU J 207 -8.82 -25.61 -47.42
N ARG J 208 -8.60 -26.75 -46.80
CA ARG J 208 -9.19 -28.01 -47.24
C ARG J 208 -10.18 -28.52 -46.20
N ASN J 209 -11.34 -28.96 -46.67
CA ASN J 209 -12.44 -29.40 -45.81
C ASN J 209 -12.77 -28.36 -44.73
N PRO J 210 -13.17 -27.15 -45.12
CA PRO J 210 -13.36 -26.09 -44.14
C PRO J 210 -14.78 -26.00 -43.60
N THR J 211 -15.01 -25.07 -42.68
CA THR J 211 -16.34 -24.76 -42.19
C THR J 211 -17.16 -23.96 -43.22
N GLN J 212 -16.50 -23.47 -44.28
CA GLN J 212 -17.13 -22.66 -45.31
C GLN J 212 -17.71 -21.36 -44.73
N THR J 213 -16.80 -20.54 -44.22
CA THR J 213 -17.14 -19.19 -43.85
C THR J 213 -16.59 -18.20 -44.87
N PRO J 214 -17.28 -17.10 -45.14
CA PRO J 214 -16.76 -16.11 -46.08
C PRO J 214 -15.52 -15.44 -45.54
N CYS J 215 -14.78 -14.79 -46.44
CA CYS J 215 -13.52 -14.17 -46.09
C CYS J 215 -13.68 -12.99 -45.14
N TYR J 216 -14.91 -12.49 -44.94
CA TYR J 216 -15.10 -11.30 -44.12
C TYR J 216 -14.69 -11.55 -42.67
N GLY J 217 -15.23 -12.59 -42.05
CA GLY J 217 -14.83 -12.90 -40.69
C GLY J 217 -13.45 -13.53 -40.63
N SER J 218 -13.37 -14.78 -41.10
CA SER J 218 -12.12 -15.46 -41.44
C SER J 218 -11.01 -15.19 -40.42
N TYR J 219 -11.24 -15.64 -39.19
CA TYR J 219 -10.21 -15.61 -38.16
C TYR J 219 -9.85 -17.03 -37.76
N ALA J 220 -8.58 -17.23 -37.42
CA ALA J 220 -8.09 -18.53 -36.96
C ALA J 220 -6.93 -18.31 -36.01
N LYS J 221 -7.02 -18.88 -34.82
CA LYS J 221 -5.97 -18.69 -33.82
C LYS J 221 -4.67 -19.34 -34.30
N PRO J 222 -3.54 -18.65 -34.15
CA PRO J 222 -2.26 -19.24 -34.54
C PRO J 222 -1.93 -20.46 -33.69
N THR J 223 -1.26 -21.43 -34.33
CA THR J 223 -0.87 -22.65 -33.66
C THR J 223 0.65 -22.82 -33.56
N ASN J 224 1.42 -21.89 -34.11
CA ASN J 224 2.87 -21.91 -33.98
C ASN J 224 3.37 -20.48 -33.95
N GLU J 225 4.58 -20.31 -33.44
CA GLU J 225 5.14 -18.97 -33.29
C GLU J 225 5.75 -18.48 -34.59
N HIS J 226 5.04 -18.70 -35.70
CA HIS J 226 5.46 -18.19 -37.00
C HIS J 226 4.36 -17.54 -37.80
N GLY J 227 3.10 -17.66 -37.38
CA GLY J 227 1.99 -17.10 -38.14
C GLY J 227 1.15 -18.11 -38.90
N GLY J 228 1.38 -19.40 -38.70
CA GLY J 228 0.60 -20.41 -39.39
C GLY J 228 -0.67 -20.76 -38.66
N ILE J 229 -1.66 -21.20 -39.43
CA ILE J 229 -2.95 -21.65 -38.89
C ILE J 229 -3.24 -23.04 -39.43
N THR J 230 -2.85 -24.07 -38.67
CA THR J 230 -3.11 -25.45 -39.02
C THR J 230 -3.71 -26.16 -37.81
N LYS J 231 -4.71 -26.99 -38.05
CA LYS J 231 -5.35 -27.73 -36.96
C LYS J 231 -4.33 -28.65 -36.30
N ALA J 232 -4.48 -28.83 -35.00
CA ALA J 232 -3.54 -29.65 -34.24
C ALA J 232 -3.55 -31.09 -34.74
N ASN J 233 -2.34 -31.66 -34.88
CA ASN J 233 -2.17 -33.03 -35.35
C ASN J 233 -2.82 -33.25 -36.72
N THR J 234 -2.66 -32.26 -37.59
CA THR J 234 -3.17 -32.33 -38.96
C THR J 234 -2.04 -32.00 -39.92
N GLN J 235 -1.82 -32.88 -40.90
CA GLN J 235 -0.73 -32.68 -41.85
C GLN J 235 -1.15 -31.74 -42.96
N VAL J 236 -0.15 -31.13 -43.59
CA VAL J 236 -0.35 -30.19 -44.69
C VAL J 236 0.15 -30.86 -45.96
N GLU J 237 -0.74 -31.01 -46.95
CA GLU J 237 -0.39 -31.59 -48.22
C GLU J 237 -0.54 -30.55 -49.33
N LYS J 238 0.25 -30.70 -50.38
CA LYS J 238 0.29 -29.76 -51.48
C LYS J 238 -0.34 -30.36 -52.72
N LYS J 239 -1.09 -29.55 -53.46
CA LYS J 239 -1.76 -29.96 -54.68
C LYS J 239 -1.30 -29.09 -55.83
N TYR J 240 -0.96 -29.73 -56.95
CA TYR J 240 -0.41 -29.05 -58.11
C TYR J 240 -1.49 -28.87 -59.18
N TYR J 241 -1.48 -27.71 -59.83
CA TYR J 241 -2.48 -27.37 -60.82
C TYR J 241 -1.80 -26.78 -62.05
N ARG J 242 -2.44 -26.99 -63.20
CA ARG J 242 -1.93 -26.50 -64.48
C ARG J 242 -3.08 -26.00 -65.32
N THR J 243 -2.92 -24.84 -65.93
CA THR J 243 -3.97 -24.25 -66.75
C THR J 243 -3.99 -24.78 -68.18
N GLY J 244 -3.00 -25.57 -68.57
CA GLY J 244 -2.97 -26.13 -69.91
C GLY J 244 -2.79 -27.63 -69.92
N ASP J 245 -2.27 -28.16 -71.03
CA ASP J 245 -2.03 -29.58 -71.17
C ASP J 245 -0.58 -29.82 -71.56
N ASN J 246 0.02 -30.86 -70.99
CA ASN J 246 1.41 -31.25 -71.26
C ASN J 246 2.37 -30.11 -70.94
N GLY J 247 2.40 -29.74 -69.65
CA GLY J 247 3.28 -28.67 -69.22
C GLY J 247 3.62 -28.78 -67.75
N ASN J 248 4.67 -28.06 -67.37
CA ASN J 248 5.06 -27.98 -65.97
C ASN J 248 3.95 -27.28 -65.18
N PRO J 249 3.59 -27.78 -64.00
CA PRO J 249 2.48 -27.17 -63.25
C PRO J 249 2.76 -25.70 -62.94
N GLU J 250 1.69 -24.91 -62.99
CA GLU J 250 1.78 -23.47 -62.80
C GLU J 250 1.71 -23.07 -61.33
N THR J 251 0.79 -23.67 -60.57
CA THR J 251 0.52 -23.25 -59.21
C THR J 251 0.71 -24.42 -58.24
N VAL J 252 1.30 -24.11 -57.09
CA VAL J 252 1.45 -25.06 -55.99
C VAL J 252 0.66 -24.51 -54.80
N PHE J 253 -0.18 -25.35 -54.21
CA PHE J 253 -1.07 -24.92 -53.14
C PHE J 253 -0.91 -25.86 -51.95
N TYR J 254 -0.38 -25.31 -50.85
CA TYR J 254 -0.19 -26.07 -49.62
C TYR J 254 -1.51 -26.10 -48.88
N THR J 255 -2.34 -27.09 -49.20
CA THR J 255 -3.66 -27.19 -48.58
C THR J 255 -3.53 -27.63 -47.13
N GLU J 256 -4.18 -26.90 -46.23
CA GLU J 256 -4.15 -27.20 -44.81
C GLU J 256 -5.55 -27.04 -44.22
N GLU J 257 -5.76 -27.67 -43.08
CA GLU J 257 -7.03 -27.61 -42.37
C GLU J 257 -6.86 -26.76 -41.12
N ALA J 258 -7.72 -25.77 -40.97
CA ALA J 258 -7.70 -24.87 -39.83
C ALA J 258 -9.10 -24.69 -39.27
N ASP J 259 -9.18 -24.42 -37.97
CA ASP J 259 -10.45 -24.18 -37.30
C ASP J 259 -10.82 -22.70 -37.45
N VAL J 260 -11.14 -22.34 -38.69
CA VAL J 260 -11.51 -20.96 -39.00
C VAL J 260 -12.82 -20.63 -38.32
N LEU J 261 -12.87 -19.47 -37.68
CA LEU J 261 -14.06 -19.01 -36.98
C LEU J 261 -14.26 -17.53 -37.25
N THR J 262 -15.45 -17.04 -36.92
CA THR J 262 -15.83 -15.65 -37.15
C THR J 262 -16.28 -15.03 -35.85
N PRO J 263 -15.33 -14.67 -34.97
CA PRO J 263 -15.71 -14.00 -33.71
C PRO J 263 -16.38 -12.65 -33.94
N ASP J 264 -16.02 -11.95 -35.02
CA ASP J 264 -16.54 -10.60 -35.25
C ASP J 264 -17.94 -10.61 -35.83
N THR J 265 -18.14 -11.37 -36.90
CA THR J 265 -19.33 -11.24 -37.73
C THR J 265 -20.26 -12.43 -37.57
N HIS J 266 -21.44 -12.29 -38.15
CA HIS J 266 -22.43 -13.35 -38.31
C HIS J 266 -22.75 -13.52 -39.79
N LEU J 267 -23.72 -14.37 -40.10
CA LEU J 267 -24.06 -14.71 -41.48
C LEU J 267 -25.45 -14.22 -41.82
N VAL J 268 -25.56 -13.49 -42.92
CA VAL J 268 -26.83 -13.15 -43.54
C VAL J 268 -26.83 -13.70 -44.96
N HIS J 269 -27.94 -14.32 -45.35
CA HIS J 269 -28.02 -15.12 -46.57
C HIS J 269 -26.98 -16.25 -46.52
N ALA J 270 -27.22 -17.16 -45.58
CA ALA J 270 -26.43 -18.37 -45.45
C ALA J 270 -27.19 -19.53 -46.07
N VAL J 271 -26.55 -20.22 -47.01
CA VAL J 271 -27.15 -21.37 -47.67
C VAL J 271 -27.22 -22.53 -46.67
N PRO J 272 -28.13 -23.48 -46.85
CA PRO J 272 -28.27 -24.56 -45.87
C PRO J 272 -26.99 -25.40 -45.77
N ALA J 273 -26.77 -25.98 -44.59
CA ALA J 273 -25.56 -26.74 -44.35
C ALA J 273 -25.47 -27.98 -45.23
N ALA J 274 -26.57 -28.39 -45.85
CA ALA J 274 -26.53 -29.54 -46.76
C ALA J 274 -25.63 -29.26 -47.95
N ASP J 275 -25.71 -28.05 -48.51
CA ASP J 275 -24.90 -27.66 -49.66
C ASP J 275 -24.01 -26.46 -49.32
N ARG J 276 -23.73 -26.27 -48.03
CA ARG J 276 -22.81 -25.20 -47.64
C ARG J 276 -21.42 -25.42 -48.22
N ALA J 277 -20.88 -26.63 -48.08
CA ALA J 277 -19.53 -26.91 -48.54
C ALA J 277 -19.43 -27.02 -50.06
N LYS J 278 -20.55 -27.09 -50.76
CA LYS J 278 -20.56 -27.25 -52.20
C LYS J 278 -20.52 -25.88 -52.88
N VAL J 279 -20.81 -25.86 -54.18
CA VAL J 279 -20.94 -24.62 -54.94
C VAL J 279 -22.22 -23.94 -54.48
N GLU J 280 -22.40 -22.65 -54.84
CA GLU J 280 -23.28 -21.69 -54.17
C GLU J 280 -23.17 -21.84 -52.65
N GLY J 281 -21.98 -22.10 -52.16
CA GLY J 281 -21.69 -22.02 -50.74
C GLY J 281 -20.60 -21.00 -50.52
N LEU J 282 -19.89 -20.67 -51.61
CA LEU J 282 -18.91 -19.60 -51.62
C LEU J 282 -19.55 -18.22 -51.73
N SER J 283 -20.83 -18.15 -52.07
CA SER J 283 -21.54 -16.89 -52.23
C SER J 283 -22.09 -16.35 -50.93
N GLN J 284 -21.88 -17.05 -49.82
CA GLN J 284 -22.29 -16.53 -48.52
C GLN J 284 -21.56 -15.24 -48.22
N HIS J 285 -22.30 -14.23 -47.78
CA HIS J 285 -21.74 -12.92 -47.45
C HIS J 285 -22.05 -12.60 -45.99
N ALA J 286 -21.03 -12.22 -45.24
CA ALA J 286 -21.16 -11.98 -43.82
C ALA J 286 -21.32 -10.49 -43.55
N ALA J 287 -22.10 -10.19 -42.51
CA ALA J 287 -22.32 -8.82 -42.10
C ALA J 287 -21.79 -8.62 -40.68
N PRO J 288 -21.19 -7.47 -40.38
CA PRO J 288 -20.64 -7.24 -39.05
C PRO J 288 -21.73 -7.30 -37.98
N ASN J 289 -21.36 -7.82 -36.81
CA ASN J 289 -22.29 -7.87 -35.70
C ASN J 289 -22.55 -6.46 -35.18
N ARG J 290 -23.76 -6.28 -34.65
CA ARG J 290 -24.14 -4.97 -34.15
C ARG J 290 -23.30 -4.60 -32.91
N PRO J 291 -22.86 -3.35 -32.82
CA PRO J 291 -22.10 -2.92 -31.65
C PRO J 291 -22.96 -2.98 -30.40
N ASN J 292 -22.32 -3.28 -29.27
CA ASN J 292 -23.04 -3.44 -28.01
C ASN J 292 -22.61 -2.42 -26.96
N PHE J 293 -21.31 -2.23 -26.77
CA PHE J 293 -20.78 -1.22 -25.87
C PHE J 293 -21.31 -1.37 -24.45
N ILE J 294 -20.98 -2.48 -23.80
CA ILE J 294 -21.43 -2.71 -22.43
C ILE J 294 -20.48 -2.00 -21.46
N GLY J 295 -21.04 -1.20 -20.57
CA GLY J 295 -20.24 -0.48 -19.60
C GLY J 295 -21.09 -0.03 -18.43
N PHE J 296 -20.45 0.65 -17.50
CA PHE J 296 -21.14 1.14 -16.31
C PHE J 296 -22.12 2.24 -16.68
N ARG J 297 -23.10 2.45 -15.81
CA ARG J 297 -24.10 3.49 -16.02
C ARG J 297 -23.49 4.88 -15.83
N ASP J 298 -24.26 5.89 -16.24
CA ASP J 298 -23.85 7.27 -16.02
C ASP J 298 -23.85 7.59 -14.53
N CYS J 299 -22.78 8.22 -14.06
CA CYS J 299 -22.60 8.56 -12.65
C CYS J 299 -22.77 7.35 -11.74
N PHE J 300 -22.55 6.14 -12.28
CA PHE J 300 -22.77 4.90 -11.54
C PHE J 300 -24.18 4.81 -10.98
N VAL J 301 -25.15 5.26 -11.76
CA VAL J 301 -26.53 5.25 -11.32
C VAL J 301 -27.04 3.82 -11.25
N GLY J 302 -27.78 3.51 -10.19
CA GLY J 302 -28.32 2.18 -10.01
C GLY J 302 -27.38 1.19 -9.38
N LEU J 303 -26.11 1.55 -9.17
CA LEU J 303 -25.15 0.61 -8.62
C LEU J 303 -25.34 0.40 -7.11
N MET J 304 -25.86 1.41 -6.40
CA MET J 304 -26.06 1.31 -4.97
C MET J 304 -27.55 1.36 -4.63
N TYR J 305 -27.91 0.63 -3.59
CA TYR J 305 -29.31 0.49 -3.20
C TYR J 305 -29.77 1.76 -2.50
N TYR J 306 -30.49 2.61 -3.22
CA TYR J 306 -30.97 3.87 -2.66
C TYR J 306 -32.39 3.77 -2.12
N ASN J 307 -33.35 3.46 -2.98
CA ASN J 307 -34.77 3.57 -2.64
C ASN J 307 -35.42 2.21 -2.38
N SER J 308 -34.63 1.14 -2.30
CA SER J 308 -35.17 -0.15 -1.93
C SER J 308 -35.52 -0.18 -0.44
N GLY J 309 -36.36 -1.15 -0.07
CA GLY J 309 -36.75 -1.30 1.31
C GLY J 309 -35.89 -2.26 2.10
N GLY J 310 -35.59 -3.41 1.50
CA GLY J 310 -34.80 -4.43 2.17
C GLY J 310 -33.36 -4.03 2.41
N ASN J 311 -32.62 -3.79 1.34
CA ASN J 311 -31.22 -3.41 1.41
C ASN J 311 -31.11 -1.89 1.37
N LEU J 312 -30.55 -1.30 2.43
CA LEU J 312 -30.50 0.15 2.54
C LEU J 312 -29.37 0.54 3.48
N GLY J 313 -28.99 1.81 3.41
CA GLY J 313 -27.93 2.32 4.26
C GLY J 313 -28.45 2.77 5.62
N VAL J 314 -27.58 2.62 6.63
CA VAL J 314 -28.01 2.81 8.01
C VAL J 314 -27.09 3.79 8.74
N LEU J 315 -26.51 4.74 8.00
CA LEU J 315 -25.59 5.72 8.59
C LEU J 315 -26.20 6.35 9.83
N ALA J 316 -25.55 6.12 10.97
CA ALA J 316 -26.05 6.60 12.25
C ALA J 316 -24.90 6.55 13.25
N GLY J 317 -25.13 7.13 14.42
CA GLY J 317 -24.14 7.05 15.48
C GLY J 317 -23.89 5.62 15.90
N GLN J 318 -22.66 5.35 16.35
CA GLN J 318 -22.28 3.98 16.67
C GLN J 318 -23.15 3.41 17.79
N SER J 319 -23.43 4.22 18.81
CA SER J 319 -24.31 3.83 19.89
C SER J 319 -25.72 4.38 19.75
N SER J 320 -26.00 5.10 18.66
CA SER J 320 -27.29 5.77 18.52
C SER J 320 -28.40 4.76 18.25
N GLN J 321 -28.15 3.81 17.34
CA GLN J 321 -29.07 2.71 17.04
C GLN J 321 -30.29 3.19 16.26
N LEU J 322 -30.47 4.49 16.11
CA LEU J 322 -31.56 5.05 15.32
C LEU J 322 -30.98 5.60 14.03
N ASN J 323 -31.45 5.06 12.90
CA ASN J 323 -30.86 5.38 11.61
C ASN J 323 -31.18 6.82 11.21
N ALA J 324 -30.20 7.49 10.60
CA ALA J 324 -30.35 8.86 10.13
C ALA J 324 -30.74 8.94 8.66
N VAL J 325 -30.98 7.80 8.02
CA VAL J 325 -31.34 7.75 6.60
C VAL J 325 -32.68 7.03 6.49
N VAL J 326 -33.65 7.68 5.86
CA VAL J 326 -34.94 7.07 5.56
C VAL J 326 -35.17 7.13 4.06
N ASP J 327 -35.66 6.03 3.50
CA ASP J 327 -35.99 5.97 2.09
C ASP J 327 -37.35 5.29 1.97
N LEU J 328 -38.29 5.95 1.28
CA LEU J 328 -39.68 5.53 1.29
C LEU J 328 -40.21 5.24 -0.11
N GLN J 329 -39.31 4.88 -1.03
CA GLN J 329 -39.69 4.29 -2.32
C GLN J 329 -40.44 5.26 -3.22
N ASP J 330 -40.73 6.46 -2.72
CA ASP J 330 -41.32 7.52 -3.53
C ASP J 330 -40.29 8.54 -3.95
N ARG J 331 -39.28 8.78 -3.12
CA ARG J 331 -38.15 9.61 -3.51
C ARG J 331 -37.38 8.94 -4.64
N ASN J 332 -36.95 9.73 -5.61
CA ASN J 332 -36.11 9.24 -6.71
C ASN J 332 -34.80 10.03 -6.65
N THR J 333 -33.88 9.55 -5.80
CA THR J 333 -32.62 10.24 -5.61
C THR J 333 -31.68 10.08 -6.80
N GLU J 334 -31.85 9.02 -7.60
CA GLU J 334 -31.05 8.89 -8.81
C GLU J 334 -31.36 10.02 -9.79
N LEU J 335 -32.66 10.22 -10.09
CA LEU J 335 -33.06 11.34 -10.92
C LEU J 335 -32.74 12.67 -10.25
N SER J 336 -32.77 12.70 -8.91
CA SER J 336 -32.40 13.92 -8.20
C SER J 336 -30.96 14.30 -8.49
N TYR J 337 -30.03 13.35 -8.33
CA TYR J 337 -28.63 13.62 -8.62
C TYR J 337 -28.43 13.97 -10.10
N GLN J 338 -29.15 13.27 -10.99
CA GLN J 338 -29.03 13.57 -12.41
C GLN J 338 -29.39 15.02 -12.70
N MET J 339 -30.56 15.46 -12.23
CA MET J 339 -30.99 16.83 -12.50
C MET J 339 -30.12 17.84 -11.78
N LEU J 340 -29.67 17.51 -10.57
CA LEU J 340 -28.78 18.41 -9.84
C LEU J 340 -27.50 18.66 -10.60
N LEU J 341 -26.87 17.60 -11.11
CA LEU J 341 -25.68 17.78 -11.93
C LEU J 341 -26.00 18.56 -13.21
N ALA J 342 -27.11 18.22 -13.86
CA ALA J 342 -27.46 18.86 -15.12
C ALA J 342 -27.65 20.36 -14.95
N ASN J 343 -28.16 20.79 -13.79
CA ASN J 343 -28.35 22.22 -13.58
C ASN J 343 -27.11 22.92 -13.03
N THR J 344 -26.39 22.30 -12.10
CA THR J 344 -25.25 22.98 -11.50
C THR J 344 -24.03 23.02 -12.40
N THR J 345 -23.79 21.96 -13.16
CA THR J 345 -22.55 21.84 -13.93
C THR J 345 -22.85 21.72 -15.42
N ASP J 346 -21.86 22.08 -16.22
CA ASP J 346 -21.94 21.84 -17.65
C ASP J 346 -21.73 20.36 -17.93
N ARG J 347 -22.65 19.77 -18.69
CA ARG J 347 -22.69 18.33 -18.88
C ARG J 347 -22.08 17.89 -20.21
N SER J 348 -21.49 18.81 -20.96
CA SER J 348 -20.80 18.45 -22.20
C SER J 348 -19.38 18.00 -21.97
N ARG J 349 -18.89 18.06 -20.74
CA ARG J 349 -17.54 17.65 -20.39
C ARG J 349 -17.59 16.34 -19.60
N TYR J 350 -16.71 15.41 -19.94
CA TYR J 350 -16.69 14.09 -19.32
C TYR J 350 -15.72 14.10 -18.15
N PHE J 351 -16.23 13.79 -16.96
CA PHE J 351 -15.42 13.70 -15.75
C PHE J 351 -15.22 12.23 -15.38
N SER J 352 -13.99 11.76 -15.49
CA SER J 352 -13.69 10.34 -15.50
C SER J 352 -13.96 9.62 -14.20
N MET J 353 -13.91 10.31 -13.05
CA MET J 353 -14.11 9.62 -11.78
C MET J 353 -15.49 9.00 -11.70
N TRP J 354 -16.54 9.81 -11.69
CA TRP J 354 -17.89 9.30 -11.57
C TRP J 354 -18.54 9.29 -12.96
N ASN J 355 -17.90 8.55 -13.88
CA ASN J 355 -18.34 8.48 -15.27
C ASN J 355 -18.76 9.84 -15.81
N GLN J 356 -19.92 10.32 -15.39
CA GLN J 356 -20.47 11.62 -15.80
C GLN J 356 -20.43 11.81 -17.31
N ALA J 357 -20.79 10.75 -18.04
CA ALA J 357 -20.92 10.81 -19.50
C ALA J 357 -22.38 10.49 -19.81
N MET J 358 -23.19 11.53 -20.00
CA MET J 358 -24.61 11.32 -20.24
C MET J 358 -24.85 10.54 -21.52
N ASP J 359 -25.85 9.65 -21.48
CA ASP J 359 -26.40 9.13 -22.71
C ASP J 359 -26.92 10.27 -23.58
N SER J 360 -26.60 10.22 -24.87
CA SER J 360 -26.91 11.34 -25.75
C SER J 360 -26.95 10.84 -27.18
N TYR J 361 -28.12 10.96 -27.81
CA TYR J 361 -28.25 10.61 -29.22
C TYR J 361 -27.51 11.62 -30.09
N ASP J 362 -27.24 11.21 -31.32
CA ASP J 362 -26.66 12.12 -32.30
C ASP J 362 -27.79 12.88 -32.96
N PRO J 363 -27.79 14.22 -32.92
CA PRO J 363 -28.93 14.99 -33.47
C PRO J 363 -29.12 14.83 -34.97
N GLU J 364 -28.31 14.01 -35.64
CA GLU J 364 -28.51 13.71 -37.05
C GLU J 364 -29.08 12.32 -37.29
N VAL J 365 -29.09 11.45 -36.29
CA VAL J 365 -29.72 10.15 -36.42
C VAL J 365 -31.08 10.07 -35.72
N ARG J 366 -31.27 10.83 -34.64
CA ARG J 366 -32.60 10.91 -34.03
C ARG J 366 -33.59 11.56 -34.98
N VAL J 367 -33.17 12.61 -35.66
CA VAL J 367 -34.04 13.36 -36.58
C VAL J 367 -33.32 13.39 -37.92
N ILE J 368 -33.64 12.43 -38.78
CA ILE J 368 -32.98 12.34 -40.07
C ILE J 368 -33.38 13.53 -40.93
N ASP J 369 -32.40 14.21 -41.52
CA ASP J 369 -32.61 15.39 -42.36
C ASP J 369 -32.00 15.15 -43.74
N ASN J 370 -32.82 14.68 -44.67
CA ASN J 370 -32.34 14.40 -46.01
C ASN J 370 -32.09 15.69 -46.76
N VAL J 371 -31.04 16.42 -46.34
CA VAL J 371 -30.62 17.64 -47.02
C VAL J 371 -30.23 17.39 -48.47
N GLY J 372 -29.88 16.16 -48.80
CA GLY J 372 -29.42 15.80 -50.12
C GLY J 372 -28.13 15.02 -50.04
N VAL J 373 -27.49 14.87 -51.20
CA VAL J 373 -26.26 14.08 -51.26
C VAL J 373 -25.19 14.82 -52.04
N GLU J 374 -25.60 15.86 -52.78
CA GLU J 374 -24.74 16.67 -53.65
C GLU J 374 -23.69 15.84 -54.37
N ASP J 375 -24.17 14.83 -55.08
CA ASP J 375 -23.31 13.98 -55.91
C ASP J 375 -23.30 14.48 -57.35
N GLU J 376 -22.85 15.73 -57.50
CA GLU J 376 -22.92 16.39 -58.80
C GLU J 376 -21.90 15.82 -59.78
N MET J 377 -20.77 15.32 -59.28
CA MET J 377 -19.74 14.86 -60.18
C MET J 377 -19.51 13.36 -60.04
N PRO J 378 -19.01 12.70 -61.09
CA PRO J 378 -18.76 11.25 -61.01
C PRO J 378 -17.55 10.90 -60.14
N ASN J 379 -17.26 9.61 -60.02
CA ASN J 379 -16.18 9.14 -59.14
C ASN J 379 -15.09 8.39 -59.89
N TYR J 380 -15.47 7.45 -60.77
CA TYR J 380 -14.56 6.95 -61.81
C TYR J 380 -13.31 6.28 -61.22
N CYS J 381 -13.52 5.12 -60.60
CA CYS J 381 -12.39 4.29 -60.22
C CYS J 381 -11.67 3.81 -61.48
N PHE J 382 -10.33 3.86 -61.45
CA PHE J 382 -9.51 3.55 -62.61
C PHE J 382 -8.59 2.38 -62.34
N PRO J 383 -8.22 1.62 -63.36
CA PRO J 383 -7.36 0.45 -63.15
C PRO J 383 -5.95 0.86 -62.74
N LEU J 384 -5.27 -0.10 -62.09
CA LEU J 384 -3.89 0.14 -61.65
C LEU J 384 -3.00 0.51 -62.83
N SER J 385 -3.01 -0.31 -63.87
CA SER J 385 -2.39 0.08 -65.12
C SER J 385 -3.15 1.24 -65.74
N GLY J 386 -2.42 2.15 -66.37
CA GLY J 386 -3.06 3.33 -66.94
C GLY J 386 -3.99 3.00 -68.09
N VAL J 387 -3.63 2.01 -68.90
CA VAL J 387 -4.28 1.80 -70.19
C VAL J 387 -4.95 0.44 -70.30
N GLN J 388 -5.08 -0.30 -69.19
CA GLN J 388 -5.76 -1.59 -69.19
C GLN J 388 -5.09 -2.56 -70.17
N ILE J 389 -3.87 -2.96 -69.80
CA ILE J 389 -3.03 -3.84 -70.60
C ILE J 389 -3.84 -5.01 -71.15
N GLY J 390 -3.84 -5.15 -72.48
CA GLY J 390 -4.62 -6.18 -73.14
C GLY J 390 -3.93 -6.69 -74.40
N ASN J 391 -4.68 -6.75 -75.51
CA ASN J 391 -4.10 -7.18 -76.77
C ASN J 391 -3.04 -6.18 -77.24
N ARG J 392 -1.99 -6.72 -77.87
CA ARG J 392 -0.86 -5.92 -78.29
C ARG J 392 -1.10 -5.31 -79.67
N SER J 393 -0.12 -4.56 -80.16
CA SER J 393 -0.20 -3.94 -81.47
C SER J 393 1.20 -3.81 -82.04
N HIS J 394 1.29 -3.64 -83.35
CA HIS J 394 2.55 -3.63 -84.08
C HIS J 394 2.84 -2.21 -84.57
N GLU J 395 4.07 -1.76 -84.35
CA GLU J 395 4.50 -0.48 -84.90
C GLU J 395 4.58 -0.56 -86.42
N VAL J 396 4.12 0.48 -87.08
CA VAL J 396 3.96 0.48 -88.54
C VAL J 396 4.59 1.75 -89.10
N GLN J 397 5.26 1.63 -90.24
CA GLN J 397 5.85 2.77 -90.92
C GLN J 397 5.54 2.69 -92.41
N ARG J 398 5.49 3.85 -93.06
CA ARG J 398 5.20 3.95 -94.48
C ARG J 398 6.51 3.89 -95.25
N ASN J 399 6.70 2.81 -96.02
CA ASN J 399 7.95 2.66 -96.77
C ASN J 399 7.91 3.43 -98.08
N GLN J 400 7.09 2.99 -99.03
CA GLN J 400 6.93 3.72 -100.29
C GLN J 400 5.49 4.16 -100.52
N GLN J 401 4.52 3.24 -100.49
CA GLN J 401 3.12 3.59 -100.72
C GLN J 401 2.15 2.85 -99.82
N GLN J 402 2.56 1.77 -99.15
CA GLN J 402 1.70 1.01 -98.27
C GLN J 402 2.42 0.79 -96.94
N TRP J 403 1.73 0.16 -96.01
CA TRP J 403 2.17 0.07 -94.62
C TRP J 403 2.79 -1.29 -94.33
N GLN J 404 3.96 -1.27 -93.70
CA GLN J 404 4.64 -2.48 -93.27
C GLN J 404 4.93 -2.39 -91.77
N ASN J 405 4.95 -3.55 -91.13
CA ASN J 405 5.28 -3.61 -89.71
C ASN J 405 6.75 -3.25 -89.49
N VAL J 406 7.00 -2.43 -88.46
CA VAL J 406 8.37 -2.10 -88.09
C VAL J 406 9.03 -3.35 -87.50
N ALA J 407 10.32 -3.52 -87.81
CA ALA J 407 11.02 -4.75 -87.43
C ALA J 407 11.03 -4.93 -85.92
N ASN J 408 10.70 -6.16 -85.49
CA ASN J 408 10.72 -6.60 -84.09
C ASN J 408 10.23 -5.51 -83.13
N SER J 409 9.03 -5.02 -83.39
CA SER J 409 8.34 -4.09 -82.49
C SER J 409 6.89 -4.56 -82.39
N ASP J 410 6.63 -5.46 -81.43
CA ASP J 410 5.31 -6.06 -81.31
C ASP J 410 4.83 -6.15 -79.87
N ASN J 411 5.43 -5.38 -78.95
CA ASN J 411 5.06 -5.42 -77.54
C ASN J 411 4.32 -4.15 -77.11
N ASN J 412 3.76 -3.40 -78.05
CA ASN J 412 2.97 -2.23 -77.72
C ASN J 412 1.68 -2.64 -77.00
N TYR J 413 1.15 -1.72 -76.21
CA TYR J 413 -0.04 -1.97 -75.40
C TYR J 413 -1.02 -0.82 -75.54
N ILE J 414 -1.29 -0.42 -76.78
CA ILE J 414 -2.14 0.72 -77.07
C ILE J 414 -3.59 0.25 -77.20
N GLY J 415 -4.47 0.88 -76.43
CA GLY J 415 -5.90 0.62 -76.55
C GLY J 415 -6.67 1.87 -76.88
N LYS J 416 -7.26 1.93 -78.07
CA LYS J 416 -7.89 3.15 -78.55
C LYS J 416 -9.11 3.51 -77.69
N GLY J 417 -9.37 4.82 -77.59
CA GLY J 417 -10.54 5.31 -76.90
C GLY J 417 -10.25 5.79 -75.49
N ASN J 418 -11.35 6.10 -74.79
CA ASN J 418 -11.28 6.59 -73.42
C ASN J 418 -10.84 5.47 -72.48
N LEU J 419 -10.42 5.86 -71.27
CA LEU J 419 -9.99 4.90 -70.29
C LEU J 419 -11.18 4.05 -69.83
N PRO J 420 -10.94 2.78 -69.52
CA PRO J 420 -11.99 1.98 -68.87
C PRO J 420 -12.08 2.34 -67.39
N ALA J 421 -13.32 2.53 -66.94
CA ALA J 421 -13.54 2.95 -65.55
C ALA J 421 -14.96 2.56 -65.16
N MET J 422 -15.21 2.62 -63.85
CA MET J 422 -16.50 2.24 -63.30
C MET J 422 -16.95 3.30 -62.30
N GLU J 423 -18.20 3.73 -62.40
CA GLU J 423 -18.72 4.75 -61.50
C GLU J 423 -18.99 4.16 -60.12
N ILE J 424 -19.01 5.04 -59.12
CA ILE J 424 -19.18 4.65 -57.73
C ILE J 424 -20.38 5.34 -57.09
N ASN J 425 -20.51 6.65 -57.30
CA ASN J 425 -21.40 7.53 -56.54
C ASN J 425 -21.06 7.49 -55.05
N LEU J 426 -19.87 8.02 -54.76
CA LEU J 426 -19.30 7.97 -53.43
C LEU J 426 -20.21 8.61 -52.39
N ALA J 427 -20.73 9.79 -52.69
CA ALA J 427 -21.55 10.51 -51.72
C ALA J 427 -22.80 9.73 -51.38
N ALA J 428 -23.49 9.20 -52.40
CA ALA J 428 -24.70 8.43 -52.15
C ALA J 428 -24.40 7.14 -51.39
N ASN J 429 -23.29 6.48 -51.72
CA ASN J 429 -22.91 5.27 -51.01
C ASN J 429 -22.66 5.55 -49.54
N LEU J 430 -21.91 6.61 -49.25
CA LEU J 430 -21.63 6.98 -47.87
C LEU J 430 -22.90 7.35 -47.13
N TRP J 431 -23.77 8.14 -47.77
CA TRP J 431 -25.01 8.56 -47.11
C TRP J 431 -25.91 7.38 -46.81
N ARG J 432 -26.05 6.45 -47.77
CA ARG J 432 -26.90 5.29 -47.52
C ARG J 432 -26.29 4.38 -46.46
N SER J 433 -24.97 4.23 -46.45
CA SER J 433 -24.34 3.44 -45.40
C SER J 433 -24.61 4.04 -44.04
N PHE J 434 -24.43 5.36 -43.91
CA PHE J 434 -24.77 6.05 -42.67
C PHE J 434 -26.22 5.80 -42.26
N LEU J 435 -27.14 6.06 -43.18
CA LEU J 435 -28.56 6.01 -42.83
C LEU J 435 -28.98 4.59 -42.46
N TYR J 436 -28.57 3.61 -43.25
CA TYR J 436 -28.86 2.21 -42.92
C TYR J 436 -28.30 1.87 -41.55
N SER J 437 -26.96 1.95 -41.42
CA SER J 437 -26.30 1.50 -40.20
C SER J 437 -26.77 2.22 -38.95
N ASN J 438 -27.37 3.41 -39.09
CA ASN J 438 -27.77 4.16 -37.91
C ASN J 438 -29.26 4.21 -37.65
N VAL J 439 -30.11 3.84 -38.60
CA VAL J 439 -31.56 3.85 -38.41
C VAL J 439 -32.18 2.50 -38.68
N ALA J 440 -31.81 1.86 -39.80
CA ALA J 440 -32.45 0.62 -40.18
C ALA J 440 -32.17 -0.50 -39.18
N LEU J 441 -30.93 -0.60 -38.72
CA LEU J 441 -30.58 -1.62 -37.75
C LEU J 441 -31.20 -1.37 -36.39
N TYR J 442 -31.71 -0.17 -36.13
CA TYR J 442 -32.34 0.16 -34.86
C TYR J 442 -33.86 0.25 -34.99
N LEU J 443 -34.38 0.06 -36.20
CA LEU J 443 -35.82 -0.05 -36.41
C LEU J 443 -36.44 -1.07 -35.44
N PRO J 444 -37.72 -0.90 -35.11
CA PRO J 444 -38.35 -1.82 -34.16
C PRO J 444 -38.38 -3.25 -34.69
N ASP J 445 -38.38 -4.20 -33.76
CA ASP J 445 -38.21 -5.61 -34.12
C ASP J 445 -39.35 -6.15 -34.98
N ASN J 446 -40.57 -5.61 -34.82
CA ASN J 446 -41.67 -6.09 -35.63
C ASN J 446 -41.52 -5.73 -37.10
N LEU J 447 -40.63 -4.81 -37.43
CA LEU J 447 -40.39 -4.36 -38.79
C LEU J 447 -39.16 -5.01 -39.40
N LYS J 448 -38.58 -5.99 -38.72
CA LYS J 448 -37.41 -6.72 -39.19
C LYS J 448 -37.76 -8.19 -39.36
N PHE J 449 -37.01 -8.87 -40.22
CA PHE J 449 -37.24 -10.28 -40.50
C PHE J 449 -35.93 -11.06 -40.38
N THR J 450 -36.04 -12.29 -39.90
CA THR J 450 -34.86 -13.15 -39.81
C THR J 450 -34.50 -13.69 -41.18
N PRO J 451 -33.21 -13.80 -41.49
CA PRO J 451 -32.81 -14.33 -42.80
C PRO J 451 -33.13 -15.81 -42.94
N HIS J 452 -33.31 -16.25 -44.18
CA HIS J 452 -33.61 -17.64 -44.45
C HIS J 452 -32.43 -18.53 -44.12
N ASN J 453 -32.74 -19.76 -43.67
CA ASN J 453 -31.73 -20.77 -43.34
C ASN J 453 -30.82 -20.31 -42.21
N ILE J 454 -31.33 -19.45 -41.33
CA ILE J 454 -30.60 -19.01 -40.16
C ILE J 454 -31.49 -19.23 -38.94
N GLN J 455 -30.96 -19.90 -37.93
CA GLN J 455 -31.70 -20.23 -36.72
C GLN J 455 -31.26 -19.32 -35.59
N LEU J 456 -32.24 -18.77 -34.86
CA LEU J 456 -31.99 -17.83 -33.78
C LEU J 456 -32.62 -18.33 -32.48
N PRO J 457 -32.10 -17.90 -31.34
CA PRO J 457 -32.70 -18.31 -30.07
C PRO J 457 -34.10 -17.76 -29.95
N PRO J 458 -34.99 -18.45 -29.25
CA PRO J 458 -36.37 -17.97 -29.12
C PRO J 458 -36.51 -16.77 -28.20
N ASN J 459 -35.52 -16.51 -27.35
CA ASN J 459 -35.57 -15.35 -26.45
C ASN J 459 -35.34 -14.08 -27.26
N THR J 460 -36.38 -13.25 -27.37
CA THR J 460 -36.28 -12.02 -28.16
C THR J 460 -35.42 -10.96 -27.49
N ASN J 461 -35.03 -11.16 -26.24
CA ASN J 461 -34.19 -10.22 -25.52
C ASN J 461 -32.71 -10.55 -25.62
N THR J 462 -32.32 -11.51 -26.46
CA THR J 462 -30.94 -11.92 -26.55
C THR J 462 -30.21 -11.16 -27.65
N TYR J 463 -28.89 -10.98 -27.44
CA TYR J 463 -28.06 -10.33 -28.44
C TYR J 463 -28.05 -11.14 -29.74
N GLU J 464 -28.01 -12.46 -29.64
CA GLU J 464 -28.01 -13.29 -30.84
C GLU J 464 -29.28 -13.05 -31.66
N TYR J 465 -30.43 -12.97 -30.99
CA TYR J 465 -31.68 -12.71 -31.70
C TYR J 465 -31.70 -11.32 -32.32
N MET J 466 -31.39 -10.28 -31.53
CA MET J 466 -31.44 -8.92 -32.04
C MET J 466 -30.34 -8.66 -33.08
N ASN J 467 -29.35 -9.53 -33.17
CA ASN J 467 -28.34 -9.45 -34.21
C ASN J 467 -28.73 -10.20 -35.47
N GLY J 468 -29.34 -11.37 -35.32
CA GLY J 468 -29.82 -12.13 -36.44
C GLY J 468 -30.91 -11.42 -37.20
N ARG J 469 -31.84 -10.78 -36.48
CA ARG J 469 -32.89 -10.04 -37.14
C ARG J 469 -32.30 -8.89 -37.96
N ILE J 470 -32.77 -8.73 -39.19
CA ILE J 470 -32.29 -7.67 -40.08
C ILE J 470 -33.49 -6.89 -40.59
N PRO J 471 -33.35 -5.60 -40.88
CA PRO J 471 -34.51 -4.79 -41.29
C PRO J 471 -34.94 -5.09 -42.71
N VAL J 472 -36.21 -4.80 -42.99
CA VAL J 472 -36.75 -4.94 -44.34
C VAL J 472 -36.38 -3.69 -45.14
N SER J 473 -36.45 -3.82 -46.46
CA SER J 473 -36.08 -2.72 -47.36
C SER J 473 -37.31 -1.95 -47.81
N GLY J 474 -37.06 -0.86 -48.54
CA GLY J 474 -38.13 -0.06 -49.10
C GLY J 474 -38.84 0.84 -48.13
N LEU J 475 -38.37 0.94 -46.90
CA LEU J 475 -39.04 1.73 -45.87
C LEU J 475 -38.20 2.87 -45.32
N ILE J 476 -36.91 2.64 -45.11
CA ILE J 476 -36.04 3.64 -44.51
C ILE J 476 -34.89 3.92 -45.47
N ASP J 477 -35.16 3.80 -46.77
CA ASP J 477 -34.13 3.99 -47.78
C ASP J 477 -33.72 5.45 -47.87
N THR J 478 -32.86 5.75 -48.85
CA THR J 478 -32.26 7.08 -48.97
C THR J 478 -33.23 8.14 -49.44
N TYR J 479 -34.45 7.78 -49.84
CA TYR J 479 -35.37 8.76 -50.40
C TYR J 479 -36.43 9.24 -49.42
N VAL J 480 -36.64 8.51 -48.31
CA VAL J 480 -37.82 8.74 -47.49
C VAL J 480 -37.76 10.13 -46.86
N ASN J 481 -38.87 10.85 -46.97
CA ASN J 481 -39.03 12.17 -46.35
C ASN J 481 -37.87 13.09 -46.71
N ILE J 482 -37.55 13.13 -47.99
CA ILE J 482 -36.37 13.85 -48.46
C ILE J 482 -36.65 15.35 -48.41
N GLY J 483 -35.64 16.11 -48.00
CA GLY J 483 -35.74 17.55 -47.93
C GLY J 483 -36.34 18.11 -46.67
N THR J 484 -36.61 17.28 -45.67
CA THR J 484 -37.17 17.74 -44.40
C THR J 484 -36.54 17.00 -43.24
N ARG J 485 -36.54 17.66 -42.09
CA ARG J 485 -36.16 17.01 -40.82
C ARG J 485 -37.40 16.30 -40.29
N TRP J 486 -37.45 14.98 -40.47
CA TRP J 486 -38.62 14.22 -40.04
C TRP J 486 -38.15 12.85 -39.57
N SER J 487 -38.13 12.65 -38.25
CA SER J 487 -37.89 11.33 -37.72
C SER J 487 -39.05 10.40 -38.07
N PRO J 488 -38.78 9.18 -38.49
CA PRO J 488 -39.87 8.27 -38.88
C PRO J 488 -40.81 7.98 -37.71
N ASP J 489 -42.09 7.78 -38.05
CA ASP J 489 -43.09 7.53 -37.02
C ASP J 489 -42.77 6.26 -36.25
N VAL J 490 -42.25 5.23 -36.93
CA VAL J 490 -41.89 4.00 -36.25
C VAL J 490 -40.71 4.23 -35.31
N MET J 491 -39.75 5.05 -35.73
CA MET J 491 -38.54 5.28 -34.95
C MET J 491 -38.73 6.33 -33.86
N ASP J 492 -39.87 7.03 -33.84
CA ASP J 492 -40.10 8.03 -32.80
C ASP J 492 -40.14 7.39 -31.42
N ASN J 493 -40.96 6.35 -31.26
CA ASN J 493 -41.15 5.73 -29.95
C ASN J 493 -40.13 4.62 -29.70
N VAL J 494 -38.86 4.94 -29.94
CA VAL J 494 -37.73 4.05 -29.68
C VAL J 494 -36.60 4.88 -29.09
N ASN J 495 -35.96 4.36 -28.04
CA ASN J 495 -34.83 5.03 -27.42
C ASN J 495 -33.79 5.48 -28.44
N PRO J 496 -33.62 6.79 -28.62
CA PRO J 496 -32.47 7.27 -29.40
C PRO J 496 -31.16 7.19 -28.63
N PHE J 497 -31.23 6.89 -27.34
CA PHE J 497 -30.05 6.76 -26.49
C PHE J 497 -29.50 5.34 -26.48
N ASN J 498 -30.30 4.36 -26.88
CA ASN J 498 -29.84 2.98 -27.07
C ASN J 498 -29.24 2.83 -28.46
N HIS J 499 -28.22 3.65 -28.72
CA HIS J 499 -27.59 3.74 -30.03
C HIS J 499 -26.10 3.53 -29.89
N HIS J 500 -25.48 2.97 -30.94
CA HIS J 500 -24.05 2.68 -30.88
C HIS J 500 -23.21 3.95 -30.89
N ARG J 501 -23.74 5.04 -31.44
CA ARG J 501 -23.04 6.32 -31.43
C ARG J 501 -23.44 7.18 -30.25
N ASN J 502 -23.99 6.58 -29.20
CA ASN J 502 -24.19 7.28 -27.93
C ASN J 502 -22.83 7.62 -27.34
N SER J 503 -22.47 8.91 -27.37
CA SER J 503 -21.13 9.31 -26.98
C SER J 503 -20.85 8.98 -25.52
N GLY J 504 -21.83 9.21 -24.64
CA GLY J 504 -21.63 8.90 -23.23
C GLY J 504 -21.40 7.42 -22.99
N LEU J 505 -22.21 6.56 -23.62
CA LEU J 505 -22.04 5.12 -23.45
C LEU J 505 -20.72 4.65 -24.05
N ARG J 506 -20.33 5.21 -25.20
CA ARG J 506 -19.03 4.86 -25.77
C ARG J 506 -17.90 5.22 -24.82
N TYR J 507 -17.93 6.42 -24.27
CA TYR J 507 -16.89 6.83 -23.34
C TYR J 507 -16.87 5.95 -22.10
N ARG J 508 -18.05 5.65 -21.55
CA ARG J 508 -18.11 4.84 -20.34
C ARG J 508 -17.61 3.42 -20.60
N SER J 509 -17.96 2.83 -21.74
CA SER J 509 -17.49 1.49 -22.06
C SER J 509 -15.99 1.47 -22.31
N GLN J 510 -15.47 2.46 -23.04
CA GLN J 510 -14.04 2.51 -23.29
C GLN J 510 -13.24 2.87 -22.05
N LEU J 511 -13.88 3.46 -21.04
CA LEU J 511 -13.15 3.94 -19.87
C LEU J 511 -12.61 2.79 -19.03
N LEU J 512 -13.32 1.67 -18.99
CA LEU J 512 -12.81 0.47 -18.33
C LEU J 512 -12.24 -0.53 -19.33
N GLY J 513 -12.02 -0.11 -20.57
CA GLY J 513 -11.33 -0.91 -21.56
C GLY J 513 -12.27 -1.75 -22.41
N ASN J 514 -11.70 -2.29 -23.48
CA ASN J 514 -12.39 -3.25 -24.33
C ASN J 514 -12.31 -4.63 -23.67
N GLY J 515 -12.62 -5.68 -24.43
CA GLY J 515 -12.44 -7.02 -23.92
C GLY J 515 -13.55 -7.50 -23.02
N ARG J 516 -13.83 -8.81 -23.07
CA ARG J 516 -14.91 -9.38 -22.27
C ARG J 516 -14.62 -9.23 -20.78
N PHE J 517 -13.40 -9.54 -20.37
CA PHE J 517 -12.98 -9.39 -18.98
C PHE J 517 -12.14 -8.14 -18.81
N CYS J 518 -12.33 -7.47 -17.68
CA CYS J 518 -11.56 -6.27 -17.36
C CYS J 518 -11.62 -6.04 -15.87
N ASP J 519 -10.57 -5.41 -15.34
CA ASP J 519 -10.51 -5.04 -13.93
C ASP J 519 -11.00 -3.60 -13.81
N PHE J 520 -12.03 -3.40 -12.99
CA PHE J 520 -12.61 -2.08 -12.81
C PHE J 520 -12.24 -1.54 -11.44
N HIS J 521 -11.78 -0.30 -11.40
CA HIS J 521 -11.46 0.42 -10.17
C HIS J 521 -12.29 1.70 -10.20
N ILE J 522 -13.45 1.67 -9.55
CA ILE J 522 -14.42 2.75 -9.66
C ILE J 522 -14.65 3.37 -8.30
N GLN J 523 -15.09 4.63 -8.31
CA GLN J 523 -15.48 5.35 -7.11
C GLN J 523 -16.94 5.78 -7.24
N VAL J 524 -17.74 5.46 -6.22
CA VAL J 524 -19.17 5.68 -6.25
C VAL J 524 -19.49 6.73 -5.18
N PRO J 525 -20.29 7.75 -5.48
CA PRO J 525 -20.53 8.81 -4.51
C PRO J 525 -21.76 8.49 -3.66
N GLN J 526 -22.01 9.36 -2.70
CA GLN J 526 -23.26 9.34 -1.94
C GLN J 526 -24.22 10.33 -2.59
N LYS J 527 -25.40 9.85 -2.96
CA LYS J 527 -26.37 10.67 -3.66
C LYS J 527 -27.61 11.00 -2.85
N PHE J 528 -27.78 10.38 -1.68
CA PHE J 528 -28.91 10.71 -0.82
C PHE J 528 -28.82 12.17 -0.41
N PHE J 529 -29.96 12.87 -0.45
CA PHE J 529 -29.95 14.31 -0.25
C PHE J 529 -29.56 14.68 1.18
N ALA J 530 -30.06 13.93 2.16
CA ALA J 530 -29.80 14.27 3.56
C ALA J 530 -28.36 13.99 3.98
N ILE J 531 -27.58 13.29 3.16
CA ILE J 531 -26.23 12.85 3.53
C ILE J 531 -25.16 13.49 2.66
N ARG J 532 -25.41 13.61 1.35
CA ARG J 532 -24.35 13.97 0.42
C ARG J 532 -23.74 15.34 0.70
N ASN J 533 -24.44 16.21 1.44
CA ASN J 533 -23.91 17.52 1.80
C ASN J 533 -23.77 17.71 3.29
N LEU J 534 -23.90 16.64 4.08
CA LEU J 534 -23.88 16.75 5.53
C LEU J 534 -22.47 17.03 6.02
N LEU J 535 -22.34 18.06 6.85
CA LEU J 535 -21.08 18.37 7.53
C LEU J 535 -21.08 17.59 8.84
N LEU J 536 -20.23 16.57 8.93
CA LEU J 536 -20.27 15.60 10.02
C LEU J 536 -19.31 16.03 11.12
N LEU J 537 -19.84 16.20 12.33
CA LEU J 537 -19.07 16.60 13.48
C LEU J 537 -18.32 15.41 14.06
N PRO J 538 -17.34 15.65 14.95
CA PRO J 538 -16.57 14.54 15.50
C PRO J 538 -17.43 13.51 16.20
N GLY J 539 -17.03 12.26 16.07
CA GLY J 539 -17.77 11.14 16.61
C GLY J 539 -17.60 9.92 15.74
N THR J 540 -17.97 8.77 16.29
CA THR J 540 -17.89 7.50 15.58
C THR J 540 -19.26 7.14 15.03
N TYR J 541 -19.34 6.93 13.72
CA TYR J 541 -20.60 6.68 13.03
C TYR J 541 -20.48 5.38 12.24
N THR J 542 -21.48 4.52 12.36
CA THR J 542 -21.53 3.28 11.59
C THR J 542 -22.14 3.61 10.22
N TYR J 543 -21.37 3.40 9.16
CA TYR J 543 -21.77 3.75 7.80
C TYR J 543 -21.82 2.47 6.97
N GLU J 544 -22.97 1.79 7.02
CA GLU J 544 -23.22 0.66 6.15
C GLU J 544 -23.80 1.12 4.83
N TRP J 545 -23.56 0.34 3.79
CA TRP J 545 -24.24 0.56 2.52
C TRP J 545 -24.20 -0.74 1.74
N SER J 546 -25.32 -1.06 1.10
CA SER J 546 -25.44 -2.29 0.33
C SER J 546 -25.31 -1.96 -1.16
N PHE J 547 -24.38 -2.62 -1.83
CA PHE J 547 -24.09 -2.38 -3.24
C PHE J 547 -24.83 -3.41 -4.09
N ARG J 548 -25.52 -2.94 -5.12
CA ARG J 548 -26.25 -3.82 -6.01
C ARG J 548 -25.28 -4.67 -6.82
N LYS J 549 -25.63 -5.93 -7.02
CA LYS J 549 -24.88 -6.82 -7.88
C LYS J 549 -25.68 -7.27 -9.09
N ASP J 550 -26.88 -6.73 -9.29
CA ASP J 550 -27.68 -7.06 -10.46
C ASP J 550 -27.06 -6.44 -11.70
N VAL J 551 -26.73 -7.29 -12.68
CA VAL J 551 -25.98 -6.83 -13.84
C VAL J 551 -26.80 -5.87 -14.68
N ASN J 552 -28.11 -6.13 -14.83
CA ASN J 552 -28.94 -5.28 -15.67
C ASN J 552 -28.96 -3.85 -15.15
N MET J 553 -29.08 -3.67 -13.83
CA MET J 553 -29.06 -2.32 -13.28
C MET J 553 -27.65 -1.74 -13.28
N ILE J 554 -26.63 -2.55 -12.98
CA ILE J 554 -25.27 -2.04 -12.92
C ILE J 554 -24.80 -1.58 -14.31
N LEU J 555 -24.95 -2.44 -15.30
CA LEU J 555 -24.35 -2.21 -16.61
C LEU J 555 -25.36 -1.64 -17.59
N GLN J 556 -24.84 -1.11 -18.70
CA GLN J 556 -25.66 -0.54 -19.76
C GLN J 556 -25.08 -0.95 -21.10
N SER J 557 -25.95 -1.26 -22.05
CA SER J 557 -25.55 -1.66 -23.40
C SER J 557 -26.35 -0.87 -24.42
N THR J 558 -25.74 -0.67 -25.60
CA THR J 558 -26.44 0.04 -26.66
C THR J 558 -27.70 -0.70 -27.08
N LEU J 559 -27.69 -2.02 -26.95
CA LEU J 559 -28.89 -2.82 -27.19
C LEU J 559 -29.54 -3.16 -25.86
N GLY J 560 -30.87 -3.16 -25.85
CA GLY J 560 -31.58 -3.49 -24.63
C GLY J 560 -31.65 -4.98 -24.39
N ASN J 561 -30.55 -5.69 -24.64
CA ASN J 561 -30.52 -7.13 -24.47
C ASN J 561 -30.37 -7.51 -23.01
N ASP J 562 -31.11 -8.53 -22.60
CA ASP J 562 -30.96 -9.06 -21.24
C ASP J 562 -29.56 -9.58 -21.04
N LEU J 563 -28.94 -9.20 -19.92
CA LEU J 563 -27.58 -9.61 -19.63
C LEU J 563 -27.51 -10.80 -18.68
N ARG J 564 -28.60 -11.14 -17.98
CA ARG J 564 -28.60 -12.36 -17.19
C ARG J 564 -28.35 -13.58 -18.06
N VAL J 565 -29.07 -13.67 -19.19
CA VAL J 565 -28.94 -14.83 -20.07
C VAL J 565 -27.59 -14.83 -20.77
N ASP J 566 -27.11 -13.66 -21.17
CA ASP J 566 -25.80 -13.58 -21.81
C ASP J 566 -24.69 -14.00 -20.85
N GLY J 567 -24.77 -13.55 -19.61
CA GLY J 567 -23.80 -13.96 -18.59
C GLY J 567 -22.73 -12.92 -18.36
N ALA J 568 -22.87 -12.12 -17.31
CA ALA J 568 -21.89 -11.11 -16.98
C ALA J 568 -21.25 -11.35 -15.62
N THR J 569 -22.05 -11.49 -14.57
CA THR J 569 -21.57 -11.92 -13.26
C THR J 569 -20.43 -11.04 -12.75
N VAL J 570 -20.77 -9.77 -12.51
CA VAL J 570 -19.81 -8.85 -11.92
C VAL J 570 -19.39 -9.37 -10.55
N ASN J 571 -18.08 -9.38 -10.31
CA ASN J 571 -17.50 -9.89 -9.08
C ASN J 571 -16.75 -8.77 -8.39
N ILE J 572 -17.06 -8.53 -7.11
CA ILE J 572 -16.51 -7.43 -6.35
C ILE J 572 -15.49 -7.99 -5.36
N THR J 573 -14.28 -7.43 -5.38
CA THR J 573 -13.20 -7.90 -4.52
C THR J 573 -13.19 -7.18 -3.17
N SER J 574 -13.07 -5.86 -3.19
CA SER J 574 -13.00 -5.07 -1.97
C SER J 574 -13.76 -3.77 -2.14
N VAL J 575 -14.27 -3.24 -1.03
CA VAL J 575 -14.97 -1.97 -1.01
C VAL J 575 -14.44 -1.15 0.16
N ASN J 576 -13.91 0.04 -0.14
CA ASN J 576 -13.45 0.98 0.88
C ASN J 576 -14.05 2.35 0.57
N LEU J 577 -14.21 3.16 1.62
CA LEU J 577 -14.57 4.56 1.44
C LEU J 577 -13.39 5.44 1.85
N TYR J 578 -13.25 6.56 1.16
CA TYR J 578 -12.10 7.44 1.32
C TYR J 578 -12.59 8.80 1.79
N ALA J 579 -12.48 9.05 3.09
CA ALA J 579 -12.86 10.34 3.65
C ALA J 579 -11.74 11.35 3.44
N SER J 580 -12.13 12.59 3.12
CA SER J 580 -11.19 13.68 2.95
C SER J 580 -11.50 14.74 4.00
N PHE J 581 -10.49 15.12 4.78
CA PHE J 581 -10.65 16.08 5.86
C PHE J 581 -9.88 17.35 5.53
N PHE J 582 -10.53 18.49 5.68
CA PHE J 582 -9.84 19.76 5.57
C PHE J 582 -8.95 19.95 6.79
N PRO J 583 -7.65 20.12 6.63
CA PRO J 583 -6.80 20.36 7.80
C PRO J 583 -6.93 21.79 8.29
N MET J 584 -7.64 21.99 9.38
CA MET J 584 -7.87 23.32 9.92
C MET J 584 -7.43 23.34 11.38
N SER J 585 -7.07 24.53 11.84
CA SER J 585 -6.59 24.69 13.21
C SER J 585 -7.60 24.11 14.19
N HIS J 586 -7.10 23.45 15.23
CA HIS J 586 -7.99 22.83 16.20
C HIS J 586 -8.86 23.87 16.90
N ASN J 587 -8.34 25.08 17.10
CA ASN J 587 -9.16 26.12 17.72
C ASN J 587 -10.41 26.39 16.90
N THR J 588 -10.23 26.69 15.60
CA THR J 588 -11.37 27.01 14.76
C THR J 588 -12.22 25.78 14.48
N ALA J 589 -11.62 24.59 14.45
CA ALA J 589 -12.40 23.37 14.27
C ALA J 589 -13.33 23.13 15.45
N SER J 590 -12.80 23.28 16.66
CA SER J 590 -13.63 23.08 17.85
C SER J 590 -14.66 24.19 17.99
N THR J 591 -14.30 25.41 17.56
CA THR J 591 -15.27 26.51 17.56
C THR J 591 -16.43 26.23 16.61
N LEU J 592 -16.12 25.75 15.40
CA LEU J 592 -17.15 25.40 14.43
C LEU J 592 -18.00 24.25 14.96
N GLU J 593 -17.36 23.26 15.60
CA GLU J 593 -18.11 22.19 16.23
C GLU J 593 -19.05 22.73 17.30
N ALA J 594 -18.58 23.69 18.10
CA ALA J 594 -19.40 24.24 19.17
C ALA J 594 -20.63 24.95 18.62
N MET J 595 -20.46 25.75 17.56
CA MET J 595 -21.64 26.35 16.94
C MET J 595 -22.56 25.32 16.30
N LEU J 596 -21.99 24.34 15.58
CA LEU J 596 -22.83 23.39 14.86
C LEU J 596 -23.53 22.40 15.77
N ARG J 597 -23.06 22.22 17.01
CA ARG J 597 -23.77 21.40 17.97
C ARG J 597 -24.96 22.11 18.60
N ASN J 598 -25.13 23.40 18.32
CA ASN J 598 -26.21 24.16 18.92
C ASN J 598 -27.55 23.78 18.32
N ASP J 599 -28.61 23.99 19.09
CA ASP J 599 -29.95 23.63 18.64
C ASP J 599 -30.39 24.47 17.44
N THR J 600 -30.09 25.76 17.46
CA THR J 600 -30.56 26.64 16.40
C THR J 600 -29.69 26.59 15.14
N ASN J 601 -28.57 25.88 15.17
CA ASN J 601 -27.66 25.79 14.03
C ASN J 601 -27.75 24.45 13.33
N ASP J 602 -28.92 23.80 13.40
CA ASP J 602 -29.11 22.52 12.74
C ASP J 602 -29.01 22.68 11.24
N GLN J 603 -28.38 21.70 10.60
CA GLN J 603 -28.20 21.71 9.15
C GLN J 603 -29.44 21.10 8.49
N SER J 604 -30.00 21.83 7.52
CA SER J 604 -31.21 21.42 6.84
C SER J 604 -30.94 21.28 5.35
N PHE J 605 -31.37 20.17 4.77
CA PHE J 605 -31.14 19.85 3.37
C PHE J 605 -32.45 19.60 2.66
N ASN J 606 -32.39 19.61 1.32
CA ASN J 606 -33.56 19.30 0.50
C ASN J 606 -33.16 18.32 -0.60
N ASP J 607 -34.13 17.53 -1.04
CA ASP J 607 -33.97 16.82 -2.29
C ASP J 607 -34.07 17.81 -3.44
N TYR J 608 -33.31 17.66 -4.50
CA TYR J 608 -33.47 18.63 -5.57
C TYR J 608 -34.80 18.33 -6.13
N LEU J 609 -34.88 17.58 -7.21
CA LEU J 609 -36.18 17.18 -7.69
C LEU J 609 -36.77 16.73 -6.47
N SER J 610 -37.75 17.46 -5.97
CA SER J 610 -38.33 17.09 -4.72
C SER J 610 -39.69 16.70 -5.08
N ALA J 611 -39.99 15.42 -5.01
CA ALA J 611 -41.28 14.98 -5.47
C ALA J 611 -41.62 13.59 -5.08
N ALA J 612 -42.88 13.24 -5.20
CA ALA J 612 -43.31 11.91 -4.91
C ALA J 612 -43.55 11.22 -6.21
N ASN J 613 -42.73 10.26 -6.55
CA ASN J 613 -42.77 9.57 -7.83
C ASN J 613 -43.83 8.49 -7.80
N MET J 614 -44.85 8.63 -8.65
CA MET J 614 -45.91 7.65 -8.78
C MET J 614 -45.91 7.11 -10.21
N LEU J 615 -45.94 5.79 -10.34
CA LEU J 615 -45.92 5.13 -11.65
C LEU J 615 -47.25 4.41 -11.84
N TYR J 616 -48.07 4.92 -12.76
CA TYR J 616 -49.38 4.34 -13.02
C TYR J 616 -49.34 3.52 -14.30
N PRO J 617 -49.64 2.22 -14.26
CA PRO J 617 -49.56 1.40 -15.48
C PRO J 617 -50.60 1.83 -16.50
N ILE J 618 -50.25 1.64 -17.76
CA ILE J 618 -51.07 2.05 -18.89
C ILE J 618 -51.28 0.85 -19.80
N PRO J 619 -52.50 0.36 -19.98
CA PRO J 619 -52.74 -0.60 -21.05
C PRO J 619 -52.50 0.05 -22.39
N PRO J 620 -52.13 -0.72 -23.41
CA PRO J 620 -51.58 -0.09 -24.62
C PRO J 620 -52.60 0.64 -25.48
N ASN J 621 -53.46 1.44 -24.84
CA ASN J 621 -54.45 2.28 -25.51
C ASN J 621 -54.96 3.33 -24.53
N ALA J 622 -55.56 4.38 -25.09
CA ALA J 622 -56.53 5.23 -24.39
C ALA J 622 -55.96 6.10 -23.28
N THR J 623 -56.71 6.21 -22.18
CA THR J 623 -56.46 7.18 -21.12
C THR J 623 -56.37 6.53 -19.75
N GLN J 624 -56.30 7.33 -18.68
CA GLN J 624 -56.22 6.80 -17.33
C GLN J 624 -56.56 7.91 -16.34
N LEU J 625 -56.91 7.51 -15.10
CA LEU J 625 -57.35 8.46 -14.07
C LEU J 625 -56.79 8.12 -12.69
N PRO J 626 -55.87 8.94 -12.14
CA PRO J 626 -55.25 8.64 -10.84
C PRO J 626 -55.86 9.30 -9.61
N ILE J 627 -55.30 8.92 -8.45
CA ILE J 627 -55.17 9.65 -7.17
C ILE J 627 -56.45 9.87 -6.38
N PRO J 628 -56.45 9.48 -5.08
CA PRO J 628 -57.53 9.86 -4.15
C PRO J 628 -57.25 11.17 -3.41
N SER J 629 -58.10 11.46 -2.42
CA SER J 629 -58.02 12.70 -1.65
C SER J 629 -56.74 12.78 -0.80
N ARG J 630 -56.41 14.00 -0.40
CA ARG J 630 -55.19 14.33 0.34
C ARG J 630 -55.39 15.74 0.88
N ASN J 631 -54.34 16.34 1.46
CA ASN J 631 -54.39 17.68 2.02
C ASN J 631 -53.86 18.76 1.09
N TRP J 632 -52.80 18.47 0.35
CA TRP J 632 -52.26 19.35 -0.71
C TRP J 632 -51.68 20.65 -0.15
N ALA J 633 -51.22 20.64 1.09
CA ALA J 633 -50.58 21.83 1.65
C ALA J 633 -49.14 21.93 1.18
N ALA J 634 -48.72 23.15 0.85
CA ALA J 634 -47.37 23.42 0.35
C ALA J 634 -47.08 22.66 -0.94
N PHE J 635 -48.11 22.40 -1.73
CA PHE J 635 -47.94 21.74 -3.02
C PHE J 635 -47.22 22.68 -3.98
N ARG J 636 -46.56 22.10 -4.98
CA ARG J 636 -45.73 22.87 -5.88
C ARG J 636 -46.08 22.71 -7.36
N GLY J 637 -46.61 21.57 -7.76
CA GLY J 637 -47.00 21.39 -9.15
C GLY J 637 -46.87 19.93 -9.56
N TRP J 638 -47.21 19.69 -10.82
CA TRP J 638 -47.18 18.36 -11.40
C TRP J 638 -46.15 18.30 -12.52
N SER J 639 -45.35 17.24 -12.52
CA SER J 639 -44.48 16.90 -13.64
C SER J 639 -44.87 15.53 -14.14
N LEU J 640 -45.03 15.39 -15.46
CA LEU J 640 -45.61 14.20 -16.05
C LEU J 640 -44.78 13.77 -17.25
N THR J 641 -44.60 12.45 -17.39
CA THR J 641 -43.85 11.89 -18.50
C THR J 641 -44.26 10.42 -18.64
N ARG J 642 -44.03 9.86 -19.82
CA ARG J 642 -44.40 8.49 -20.14
C ARG J 642 -43.14 7.63 -20.24
N LEU J 643 -43.17 6.47 -19.60
CA LEU J 643 -42.09 5.49 -19.66
C LEU J 643 -42.63 4.15 -20.13
N LYS J 644 -41.72 3.33 -20.65
CA LYS J 644 -42.07 2.00 -21.12
C LYS J 644 -41.92 0.98 -19.98
N GLN J 645 -42.90 0.08 -19.87
CA GLN J 645 -42.91 -0.87 -18.77
C GLN J 645 -41.75 -1.84 -18.85
N ARG J 646 -41.35 -2.23 -20.06
CA ARG J 646 -40.21 -3.13 -20.23
C ARG J 646 -38.93 -2.54 -19.65
N GLU J 647 -38.85 -1.20 -19.59
CA GLU J 647 -37.61 -0.53 -19.22
C GLU J 647 -37.59 -0.07 -17.77
N THR J 648 -38.75 0.17 -17.17
CA THR J 648 -38.79 0.60 -15.78
C THR J 648 -38.67 -0.60 -14.85
N PRO J 649 -37.68 -0.64 -13.96
CA PRO J 649 -37.55 -1.79 -13.06
C PRO J 649 -38.46 -1.70 -11.84
N ALA J 650 -38.42 -2.73 -10.99
CA ALA J 650 -39.15 -2.69 -9.73
C ALA J 650 -38.38 -1.88 -8.70
N LEU J 651 -39.12 -1.08 -7.93
CA LEU J 651 -38.49 -0.12 -7.01
C LEU J 651 -38.18 -0.73 -5.66
N GLY J 652 -39.20 -1.24 -4.97
CA GLY J 652 -39.02 -1.67 -3.59
C GLY J 652 -38.09 -2.86 -3.45
N SER J 653 -38.25 -3.86 -4.30
CA SER J 653 -37.51 -5.10 -4.13
C SER J 653 -36.02 -4.89 -4.43
N PRO J 654 -35.13 -5.57 -3.70
CA PRO J 654 -33.70 -5.50 -4.04
C PRO J 654 -33.36 -6.10 -5.39
N PHE J 655 -34.26 -6.91 -5.96
CA PHE J 655 -34.01 -7.60 -7.22
C PHE J 655 -35.24 -7.46 -8.10
N ASP J 656 -35.04 -7.63 -9.40
CA ASP J 656 -36.14 -7.61 -10.36
C ASP J 656 -36.05 -8.82 -11.27
N PRO J 657 -36.71 -9.93 -10.90
CA PRO J 657 -36.70 -11.11 -11.77
C PRO J 657 -37.39 -10.88 -13.10
N TYR J 658 -38.23 -9.86 -13.22
CA TYR J 658 -38.98 -9.59 -14.45
C TYR J 658 -38.40 -8.44 -15.25
N PHE J 659 -37.18 -8.00 -14.93
CA PHE J 659 -36.60 -6.85 -15.63
C PHE J 659 -36.12 -7.24 -17.02
N THR J 660 -35.10 -8.11 -17.08
CA THR J 660 -34.57 -8.66 -18.33
C THR J 660 -34.34 -7.56 -19.38
N TYR J 661 -33.63 -6.52 -18.97
CA TYR J 661 -33.39 -5.39 -19.86
C TYR J 661 -32.14 -4.64 -19.40
N SER J 662 -31.36 -4.17 -20.36
CA SER J 662 -30.20 -3.32 -20.10
C SER J 662 -30.33 -2.07 -20.96
N GLY J 663 -29.38 -1.17 -20.80
CA GLY J 663 -29.44 0.11 -21.47
C GLY J 663 -30.01 1.20 -20.57
N THR J 664 -30.32 2.32 -21.21
CA THR J 664 -30.80 3.49 -20.47
C THR J 664 -32.14 3.18 -19.82
N ILE J 665 -32.26 3.53 -18.54
CA ILE J 665 -33.52 3.42 -17.80
C ILE J 665 -34.09 4.83 -17.66
N PRO J 666 -35.22 5.13 -18.32
CA PRO J 666 -35.79 6.48 -18.21
C PRO J 666 -36.16 6.88 -16.79
N TYR J 667 -36.62 5.94 -15.97
CA TYR J 667 -37.14 6.28 -14.65
C TYR J 667 -36.06 6.88 -13.76
N LEU J 668 -34.86 6.29 -13.76
CA LEU J 668 -33.82 6.70 -12.83
C LEU J 668 -32.55 7.15 -13.55
N ASP J 669 -32.63 7.45 -14.84
CA ASP J 669 -31.48 7.91 -15.59
C ASP J 669 -31.66 9.31 -16.19
N GLY J 670 -32.87 9.86 -16.12
CA GLY J 670 -33.12 11.14 -16.75
C GLY J 670 -33.14 11.09 -18.26
N THR J 671 -33.78 10.09 -18.85
CA THR J 671 -33.79 9.85 -20.29
C THR J 671 -35.25 9.65 -20.71
N PHE J 672 -35.95 10.75 -20.99
CA PHE J 672 -37.40 10.73 -21.21
C PHE J 672 -37.68 11.08 -22.66
N TYR J 673 -37.72 10.07 -23.51
CA TYR J 673 -37.90 10.25 -24.96
C TYR J 673 -39.36 10.17 -25.39
N LEU J 674 -40.28 9.85 -24.49
CA LEU J 674 -41.67 9.62 -24.86
C LEU J 674 -42.59 10.76 -24.42
N SER J 675 -42.02 11.92 -24.10
CA SER J 675 -42.85 13.03 -23.64
C SER J 675 -43.75 13.60 -24.74
N HIS J 676 -43.47 13.29 -26.00
CA HIS J 676 -44.20 13.85 -27.12
C HIS J 676 -45.49 13.11 -27.44
N THR J 677 -45.79 12.02 -26.72
CA THR J 677 -46.97 11.21 -27.00
C THR J 677 -48.14 11.54 -26.08
N PHE J 678 -48.26 12.80 -25.67
CA PHE J 678 -49.35 13.25 -24.81
C PHE J 678 -50.28 14.14 -25.63
N ARG J 679 -51.57 13.80 -25.65
CA ARG J 679 -52.54 14.63 -26.34
C ARG J 679 -53.03 15.76 -25.45
N LYS J 680 -53.53 15.43 -24.26
CA LYS J 680 -54.05 16.44 -23.36
C LYS J 680 -54.03 15.88 -21.94
N VAL J 681 -54.10 16.78 -20.97
CA VAL J 681 -54.21 16.41 -19.56
C VAL J 681 -55.26 17.31 -18.90
N ALA J 682 -56.08 16.70 -18.05
CA ALA J 682 -57.14 17.40 -17.34
C ALA J 682 -56.94 17.21 -15.85
N ILE J 683 -57.02 18.31 -15.10
CA ILE J 683 -56.85 18.28 -13.64
C ILE J 683 -58.11 18.85 -13.01
N GLN J 684 -58.67 18.12 -12.05
CA GLN J 684 -59.85 18.55 -11.33
C GLN J 684 -59.69 18.25 -9.85
N PHE J 685 -60.32 19.07 -9.02
CA PHE J 685 -60.36 18.87 -7.58
C PHE J 685 -61.77 18.49 -7.18
N ASP J 686 -61.91 17.38 -6.47
CA ASP J 686 -63.20 16.81 -6.08
C ASP J 686 -64.08 16.48 -7.28
N SER J 687 -63.46 16.25 -8.44
CA SER J 687 -64.14 15.86 -9.68
C SER J 687 -65.20 16.85 -10.11
N SER J 688 -65.16 18.07 -9.61
CA SER J 688 -66.16 19.06 -10.02
C SER J 688 -65.56 20.36 -10.52
N VAL J 689 -64.46 20.81 -9.92
CA VAL J 689 -63.85 22.09 -10.27
C VAL J 689 -62.49 21.83 -10.91
N THR J 690 -62.28 22.38 -12.10
CA THR J 690 -60.97 22.35 -12.73
C THR J 690 -60.05 23.32 -12.01
N TRP J 691 -58.80 22.89 -11.80
CA TRP J 691 -57.87 23.72 -11.03
C TRP J 691 -57.60 25.07 -11.69
N PRO J 692 -57.27 25.17 -13.00
CA PRO J 692 -57.17 26.49 -13.65
C PRO J 692 -58.52 26.96 -14.16
N GLY J 693 -59.53 26.89 -13.29
CA GLY J 693 -60.90 27.12 -13.68
C GLY J 693 -61.33 28.55 -13.79
N ASN J 694 -60.45 29.50 -13.46
CA ASN J 694 -60.82 30.91 -13.60
C ASN J 694 -60.61 31.38 -15.03
N ASP J 695 -61.11 30.60 -16.00
CA ASP J 695 -61.04 30.94 -17.41
C ASP J 695 -59.61 31.31 -17.84
N ARG J 696 -58.63 30.61 -17.28
CA ARG J 696 -57.25 31.00 -17.52
C ARG J 696 -56.76 30.65 -18.91
N LEU J 697 -57.09 29.45 -19.40
CA LEU J 697 -56.54 28.94 -20.65
C LEU J 697 -57.49 29.19 -21.81
N LEU J 698 -56.95 29.03 -23.02
CA LEU J 698 -57.79 29.11 -24.21
C LEU J 698 -58.80 27.97 -24.24
N THR J 699 -58.34 26.75 -23.95
CA THR J 699 -59.26 25.63 -23.82
C THR J 699 -59.90 25.68 -22.45
N PRO J 700 -61.23 25.80 -22.36
CA PRO J 700 -61.85 26.14 -21.06
C PRO J 700 -61.61 25.12 -19.96
N ASN J 701 -61.56 23.83 -20.28
CA ASN J 701 -61.68 22.80 -19.26
C ASN J 701 -60.47 21.91 -19.07
N GLU J 702 -59.45 22.00 -19.92
CA GLU J 702 -58.31 21.10 -19.78
C GLU J 702 -57.08 21.69 -20.44
N PHE J 703 -55.92 21.16 -20.05
CA PHE J 703 -54.68 21.46 -20.73
C PHE J 703 -54.59 20.62 -22.00
N GLU J 704 -54.52 21.27 -23.15
CA GLU J 704 -54.27 20.59 -24.41
C GLU J 704 -52.78 20.64 -24.69
N ILE J 705 -52.21 19.52 -25.12
CA ILE J 705 -50.79 19.43 -25.44
C ILE J 705 -50.56 19.29 -26.94
N LYS J 706 -51.43 18.54 -27.63
CA LYS J 706 -51.35 18.40 -29.07
C LYS J 706 -52.74 18.53 -29.67
N ILE J 707 -52.82 19.20 -30.82
CA ILE J 707 -54.06 19.32 -31.57
C ILE J 707 -53.77 18.89 -33.00
N SER J 708 -54.59 17.97 -33.52
CA SER J 708 -54.37 17.41 -34.84
C SER J 708 -55.11 18.18 -35.94
N VAL J 709 -56.37 18.55 -35.70
CA VAL J 709 -57.16 19.23 -36.71
C VAL J 709 -56.94 20.73 -36.68
N ASP J 710 -56.97 21.34 -35.49
CA ASP J 710 -56.69 22.76 -35.29
C ASP J 710 -57.59 23.64 -36.17
N GLY J 711 -58.89 23.54 -35.92
CA GLY J 711 -59.82 24.41 -36.62
C GLY J 711 -59.66 25.87 -36.25
N GLU J 712 -59.51 26.15 -34.95
CA GLU J 712 -59.37 27.53 -34.50
C GLU J 712 -58.05 28.13 -34.94
N GLY J 713 -56.96 27.38 -34.82
CA GLY J 713 -55.64 27.88 -35.18
C GLY J 713 -54.68 27.91 -34.00
N TYR J 714 -55.01 27.19 -32.93
CA TYR J 714 -54.17 27.14 -31.74
C TYR J 714 -53.02 26.17 -31.99
N ASN J 715 -52.09 26.58 -32.85
CA ASN J 715 -50.89 25.80 -33.16
C ASN J 715 -49.69 26.74 -33.03
N VAL J 716 -49.14 26.82 -31.81
CA VAL J 716 -47.99 27.67 -31.57
C VAL J 716 -46.78 27.09 -32.27
N ALA J 717 -45.78 27.94 -32.50
CA ALA J 717 -44.55 27.57 -33.22
C ALA J 717 -44.99 27.00 -34.57
N GLN J 718 -44.40 25.91 -35.03
CA GLN J 718 -44.80 25.28 -36.28
C GLN J 718 -44.88 23.77 -36.10
N SER J 719 -45.53 23.33 -35.02
CA SER J 719 -45.68 21.92 -34.71
C SER J 719 -47.09 21.69 -34.16
N ASN J 720 -47.32 20.50 -33.60
CA ASN J 720 -48.63 20.20 -33.03
C ASN J 720 -48.92 21.01 -31.77
N MET J 721 -47.88 21.35 -31.01
CA MET J 721 -48.08 21.95 -29.69
C MET J 721 -48.94 23.20 -29.80
N THR J 722 -49.86 23.35 -28.86
CA THR J 722 -50.82 24.44 -28.86
C THR J 722 -50.36 25.59 -27.98
N LYS J 723 -51.00 26.75 -28.18
CA LYS J 723 -50.49 28.00 -27.64
C LYS J 723 -50.53 28.02 -26.12
N ASP J 724 -51.64 27.56 -25.52
CA ASP J 724 -51.73 27.61 -24.07
C ASP J 724 -50.71 26.69 -23.41
N TRP J 725 -50.48 25.51 -23.99
CA TRP J 725 -49.46 24.62 -23.45
C TRP J 725 -48.07 25.19 -23.62
N PHE J 726 -47.81 25.84 -24.76
CA PHE J 726 -46.50 26.47 -24.94
C PHE J 726 -46.29 27.57 -23.90
N LEU J 727 -47.32 28.38 -23.65
CA LEU J 727 -47.22 29.41 -22.63
C LEU J 727 -46.99 28.80 -21.24
N VAL J 728 -47.70 27.71 -20.92
CA VAL J 728 -47.54 27.07 -19.62
C VAL J 728 -46.11 26.56 -19.46
N GLN J 729 -45.58 25.88 -20.47
CA GLN J 729 -44.22 25.36 -20.41
C GLN J 729 -43.20 26.48 -20.32
N MET J 730 -43.39 27.54 -21.10
CA MET J 730 -42.47 28.67 -21.07
C MET J 730 -42.46 29.32 -19.69
N LEU J 731 -43.63 29.52 -19.10
CA LEU J 731 -43.68 30.13 -17.76
C LEU J 731 -43.04 29.21 -16.73
N ALA J 732 -43.32 27.91 -16.81
CA ALA J 732 -42.78 26.98 -15.83
C ALA J 732 -41.26 26.89 -15.90
N ASN J 733 -40.70 26.93 -17.11
CA ASN J 733 -39.28 26.70 -17.25
C ASN J 733 -38.45 27.98 -17.18
N TYR J 734 -38.89 29.06 -17.82
CA TYR J 734 -38.08 30.26 -17.93
C TYR J 734 -38.78 31.55 -17.55
N ASN J 735 -40.09 31.52 -17.24
CA ASN J 735 -40.85 32.71 -16.88
C ASN J 735 -40.80 33.76 -18.00
N ILE J 736 -41.36 33.39 -19.15
CA ILE J 736 -41.20 34.17 -20.36
C ILE J 736 -42.52 34.59 -20.99
N GLY J 737 -43.61 33.83 -20.81
CA GLY J 737 -44.77 33.99 -21.66
C GLY J 737 -45.35 35.38 -21.70
N TYR J 738 -45.49 36.02 -20.53
CA TYR J 738 -46.21 37.29 -20.47
C TYR J 738 -45.44 38.44 -21.09
N GLN J 739 -44.12 38.47 -20.94
CA GLN J 739 -43.31 39.56 -21.47
C GLN J 739 -42.87 39.33 -22.91
N GLY J 740 -43.63 38.56 -23.66
CA GLY J 740 -43.27 38.21 -25.02
C GLY J 740 -42.78 36.77 -25.12
N TYR J 741 -41.97 36.53 -26.14
CA TYR J 741 -41.33 35.23 -26.33
C TYR J 741 -39.94 35.49 -26.90
N HIS J 742 -38.92 34.98 -26.23
CA HIS J 742 -37.54 35.11 -26.67
C HIS J 742 -36.76 33.87 -26.23
N LEU J 743 -35.57 33.74 -26.77
CA LEU J 743 -34.71 32.62 -26.39
C LEU J 743 -34.19 32.85 -24.98
N PRO J 744 -34.43 31.92 -24.05
CA PRO J 744 -33.92 32.10 -22.70
C PRO J 744 -32.39 32.06 -22.69
N PRO J 745 -31.76 32.70 -21.72
CA PRO J 745 -30.29 32.72 -21.69
C PRO J 745 -29.71 31.31 -21.54
N ASP J 746 -28.46 31.17 -21.97
CA ASP J 746 -27.83 29.85 -22.01
C ASP J 746 -27.74 29.23 -20.61
N TYR J 747 -27.40 30.04 -19.61
CA TYR J 747 -27.33 29.51 -18.25
C TYR J 747 -28.68 29.04 -17.74
N LYS J 748 -29.78 29.55 -18.30
CA LYS J 748 -31.11 29.09 -17.95
C LYS J 748 -31.58 27.91 -18.80
N ASP J 749 -31.03 27.76 -20.00
CA ASP J 749 -31.41 26.67 -20.91
C ASP J 749 -30.40 25.55 -20.77
N ARG J 750 -30.82 24.46 -20.12
CA ARG J 750 -29.91 23.34 -19.87
C ARG J 750 -30.49 22.03 -20.39
N THR J 751 -29.83 20.91 -20.07
CA THR J 751 -30.20 19.63 -20.68
C THR J 751 -31.63 19.22 -20.30
N PHE J 752 -31.99 19.37 -19.03
CA PHE J 752 -33.34 19.01 -18.59
C PHE J 752 -34.30 20.18 -18.69
N SER J 753 -34.37 20.80 -19.87
CA SER J 753 -35.23 21.93 -20.12
C SER J 753 -36.23 21.59 -21.21
N PHE J 754 -37.01 22.59 -21.61
CA PHE J 754 -38.05 22.43 -22.62
C PHE J 754 -37.57 22.86 -24.01
N LEU J 755 -37.05 24.08 -24.15
CA LEU J 755 -36.60 24.55 -25.44
C LEU J 755 -35.31 23.90 -25.89
N HIS J 756 -34.50 23.40 -24.96
CA HIS J 756 -33.28 22.70 -25.32
C HIS J 756 -33.57 21.38 -26.02
N ASN J 757 -34.76 20.83 -25.84
CA ASN J 757 -35.14 19.54 -26.41
C ASN J 757 -36.30 19.61 -27.37
N PHE J 758 -36.94 20.76 -27.53
CA PHE J 758 -38.11 20.89 -28.40
C PHE J 758 -37.67 20.98 -29.85
N ILE J 759 -38.02 19.97 -30.65
CA ILE J 759 -37.65 19.93 -32.06
C ILE J 759 -38.90 19.75 -32.91
N PRO J 760 -39.33 20.77 -33.64
CA PRO J 760 -40.51 20.63 -34.50
C PRO J 760 -40.18 19.96 -35.82
N MET J 761 -41.21 19.42 -36.45
CA MET J 761 -41.09 18.72 -37.72
C MET J 761 -42.09 19.29 -38.72
N CYS J 762 -41.91 18.89 -39.98
CA CYS J 762 -42.89 19.17 -41.02
C CYS J 762 -42.59 18.34 -42.25
N ARG J 763 -43.59 17.65 -42.79
CA ARG J 763 -43.41 16.87 -44.01
C ARG J 763 -44.70 16.87 -44.79
N GLN J 764 -44.58 16.67 -46.10
CA GLN J 764 -45.72 16.58 -46.99
C GLN J 764 -45.81 15.17 -47.57
N VAL J 765 -46.98 14.57 -47.45
CA VAL J 765 -47.20 13.24 -48.01
C VAL J 765 -48.16 13.39 -49.19
N PRO J 766 -48.11 12.51 -50.18
CA PRO J 766 -49.05 12.61 -51.30
C PRO J 766 -50.49 12.47 -50.83
N ASN J 767 -51.38 13.23 -51.44
CA ASN J 767 -52.78 13.19 -51.05
C ASN J 767 -53.40 11.88 -51.49
N PRO J 768 -53.93 11.07 -50.57
CA PRO J 768 -54.53 9.79 -50.99
C PRO J 768 -55.74 9.95 -51.89
N ALA J 769 -56.39 11.11 -51.88
CA ALA J 769 -57.58 11.34 -52.71
C ALA J 769 -57.23 11.74 -54.13
N THR J 770 -55.95 11.87 -54.47
CA THR J 770 -55.57 12.23 -55.83
C THR J 770 -56.00 11.15 -56.81
N GLU J 771 -56.55 11.57 -57.95
CA GLU J 771 -56.98 10.65 -58.99
C GLU J 771 -55.75 10.12 -59.70
N GLY J 772 -55.27 8.96 -59.26
CA GLY J 772 -54.11 8.34 -59.85
C GLY J 772 -53.06 7.93 -58.83
N TYR J 773 -53.28 8.30 -57.57
CA TYR J 773 -52.34 7.95 -56.51
C TYR J 773 -52.53 6.50 -56.14
N PHE J 774 -51.56 5.66 -56.52
CA PHE J 774 -51.60 4.23 -56.22
C PHE J 774 -50.70 3.97 -55.01
N GLY J 775 -51.31 3.90 -53.83
CA GLY J 775 -50.56 3.60 -52.63
C GLY J 775 -49.93 2.21 -52.68
N LEU J 776 -48.62 2.16 -52.84
CA LEU J 776 -47.92 0.90 -53.03
C LEU J 776 -47.51 0.31 -51.69
N GLY J 777 -47.37 -1.02 -51.67
CA GLY J 777 -46.88 -1.71 -50.51
C GLY J 777 -45.38 -1.55 -50.36
N ILE J 778 -44.87 -2.11 -49.26
CA ILE J 778 -43.44 -2.03 -48.98
C ILE J 778 -42.64 -2.84 -50.00
N VAL J 779 -43.21 -3.93 -50.51
CA VAL J 779 -42.46 -4.83 -51.39
C VAL J 779 -42.20 -4.18 -52.74
N ASN J 780 -43.23 -3.55 -53.32
CA ASN J 780 -43.15 -3.01 -54.67
C ASN J 780 -42.59 -1.59 -54.72
N HIS J 781 -42.22 -1.01 -53.58
CA HIS J 781 -41.79 0.38 -53.50
C HIS J 781 -40.31 0.43 -53.88
N ARG J 782 -40.05 0.40 -55.18
CA ARG J 782 -38.70 0.21 -55.70
C ARG J 782 -38.00 1.53 -55.98
N THR J 783 -36.68 1.50 -55.83
CA THR J 783 -35.82 2.55 -56.36
C THR J 783 -34.47 1.92 -56.64
N THR J 784 -33.72 2.57 -57.53
CA THR J 784 -32.36 2.16 -57.90
C THR J 784 -32.19 0.65 -58.00
N PRO J 785 -33.02 -0.06 -58.77
CA PRO J 785 -32.82 -1.50 -58.91
C PRO J 785 -31.53 -1.80 -59.64
N ALA J 786 -30.96 -2.96 -59.34
CA ALA J 786 -29.65 -3.42 -59.82
C ALA J 786 -28.51 -2.71 -59.11
N TYR J 787 -28.77 -2.05 -57.99
CA TYR J 787 -27.74 -1.39 -57.22
C TYR J 787 -27.82 -1.67 -55.72
N TRP J 788 -28.85 -2.40 -55.27
CA TRP J 788 -28.97 -2.83 -53.89
C TRP J 788 -30.08 -3.87 -53.81
N PHE J 789 -30.10 -4.60 -52.71
CA PHE J 789 -30.89 -5.82 -52.57
C PHE J 789 -32.15 -5.54 -51.77
N ARG J 790 -33.30 -5.99 -52.28
CA ARG J 790 -34.51 -6.00 -51.48
C ARG J 790 -34.28 -6.89 -50.27
N PHE J 791 -34.70 -6.44 -49.09
CA PHE J 791 -34.14 -6.91 -47.83
C PHE J 791 -32.65 -6.55 -47.79
N CYS J 792 -32.38 -5.26 -47.66
CA CYS J 792 -31.06 -4.66 -47.84
C CYS J 792 -30.03 -5.26 -46.88
N ARG J 793 -28.77 -4.83 -47.07
CA ARG J 793 -27.53 -5.34 -46.47
C ARG J 793 -27.01 -6.54 -47.24
N ALA J 794 -27.54 -6.80 -48.43
CA ALA J 794 -27.12 -7.93 -49.25
C ALA J 794 -26.70 -7.44 -50.64
N PRO J 795 -25.98 -8.25 -51.41
CA PRO J 795 -25.47 -7.78 -52.71
C PRO J 795 -26.60 -7.37 -53.65
N ARG J 796 -26.27 -6.41 -54.51
CA ARG J 796 -27.20 -5.87 -55.49
C ARG J 796 -27.74 -6.98 -56.40
N GLU J 797 -28.83 -6.66 -57.09
CA GLU J 797 -29.46 -7.55 -58.05
C GLU J 797 -30.54 -6.77 -58.79
N GLY J 798 -30.87 -7.22 -59.99
CA GLY J 798 -31.88 -6.58 -60.80
C GLY J 798 -31.28 -6.01 -62.05
N HIS J 799 -32.07 -5.19 -62.74
CA HIS J 799 -31.62 -4.48 -63.93
C HIS J 799 -32.04 -3.03 -63.81
N PRO J 800 -31.26 -2.10 -64.38
CA PRO J 800 -31.65 -0.69 -64.33
C PRO J 800 -33.00 -0.46 -64.97
N TYR J 801 -33.83 0.41 -64.37
CA TYR J 801 -35.19 0.60 -64.86
C TYR J 801 -35.73 1.87 -64.23
N PRO J 802 -36.64 2.58 -64.90
CA PRO J 802 -37.27 3.76 -64.28
C PRO J 802 -37.93 3.41 -62.96
N GLN J 803 -37.81 4.31 -62.00
CA GLN J 803 -38.27 4.05 -60.64
C GLN J 803 -39.57 4.79 -60.37
N LEU J 804 -40.24 4.38 -59.29
CA LEU J 804 -41.52 5.00 -58.94
C LEU J 804 -41.68 5.22 -57.45
N ALA J 805 -40.65 5.01 -56.64
CA ALA J 805 -40.72 5.34 -55.23
C ALA J 805 -40.72 6.85 -55.03
N LEU J 806 -41.34 7.28 -53.93
CA LEU J 806 -41.34 8.68 -53.54
C LEU J 806 -41.94 9.55 -54.64
N PRO J 807 -43.26 9.51 -54.84
CA PRO J 807 -43.87 10.32 -55.90
C PRO J 807 -43.49 11.78 -55.73
N PRO J 808 -43.23 12.49 -56.84
CA PRO J 808 -42.57 13.80 -56.73
C PRO J 808 -43.44 14.82 -56.00
N HIS J 809 -42.88 15.37 -54.93
CA HIS J 809 -43.55 16.45 -54.20
C HIS J 809 -43.34 17.81 -54.85
N TRP J 810 -42.25 17.99 -55.59
CA TRP J 810 -42.02 19.20 -56.36
C TRP J 810 -41.75 18.81 -57.81
N ASP J 811 -42.54 19.36 -58.74
CA ASP J 811 -42.36 19.14 -60.17
C ASP J 811 -43.39 19.95 -60.94
N PRO J 812 -43.16 20.23 -62.23
CA PRO J 812 -44.30 20.57 -63.09
C PRO J 812 -45.35 19.49 -63.10
N ARG J 813 -44.96 18.21 -63.06
CA ARG J 813 -45.88 17.11 -62.83
C ARG J 813 -45.80 16.65 -61.38
N HIS J 814 -46.21 17.53 -60.48
CA HIS J 814 -46.24 17.26 -59.05
C HIS J 814 -47.35 16.26 -58.73
N ALA J 815 -47.50 15.95 -57.44
CA ALA J 815 -48.65 15.17 -56.97
C ALA J 815 -49.15 15.79 -55.67
N LEU J 816 -50.00 16.80 -55.79
CA LEU J 816 -50.75 17.41 -54.68
C LEU J 816 -49.91 17.62 -53.43
N ARG J 817 -50.54 17.48 -52.26
CA ARG J 817 -49.86 17.67 -50.98
C ARG J 817 -50.81 17.26 -49.86
N ASP J 818 -50.23 16.99 -48.70
CA ASP J 818 -50.97 16.78 -47.47
C ASP J 818 -50.03 16.93 -46.28
N PRO J 819 -49.72 18.17 -45.89
CA PRO J 819 -48.72 18.37 -44.84
C PRO J 819 -49.20 17.89 -43.49
N GLU J 820 -48.26 17.38 -42.70
CA GLU J 820 -48.50 16.95 -41.33
C GLU J 820 -47.31 17.34 -40.48
N ARG J 821 -47.58 17.95 -39.33
CA ARG J 821 -46.54 18.49 -38.46
C ARG J 821 -46.50 17.69 -37.17
N LYS J 822 -45.33 17.66 -36.54
CA LYS J 822 -45.17 17.04 -35.24
C LYS J 822 -43.93 17.63 -34.57
N PHE J 823 -43.84 17.42 -33.26
CA PHE J 823 -42.67 17.85 -32.49
C PHE J 823 -42.10 16.64 -31.77
N LEU J 824 -40.91 16.82 -31.20
CA LEU J 824 -40.20 15.69 -30.59
C LEU J 824 -39.37 16.21 -29.42
N CYS J 825 -39.91 16.09 -28.21
CA CYS J 825 -39.16 16.32 -27.00
C CYS J 825 -38.50 15.01 -26.56
N ASP J 826 -37.22 15.09 -26.21
CA ASP J 826 -36.43 13.89 -25.99
C ASP J 826 -35.89 13.74 -24.57
N ARG J 827 -35.89 14.80 -23.76
CA ARG J 827 -35.47 14.67 -22.37
C ARG J 827 -36.30 15.52 -21.42
N THR J 828 -37.44 16.04 -21.86
CA THR J 828 -38.17 17.05 -21.10
C THR J 828 -39.30 16.44 -20.29
N LEU J 829 -39.38 16.83 -19.02
CA LEU J 829 -40.54 16.56 -18.19
C LEU J 829 -41.54 17.70 -18.37
N TRP J 830 -42.76 17.36 -18.78
CA TRP J 830 -43.81 18.37 -18.86
C TRP J 830 -44.10 18.92 -17.47
N ARG J 831 -44.20 20.24 -17.37
CA ARG J 831 -44.31 20.92 -16.08
C ARG J 831 -45.63 21.69 -16.01
N ILE J 832 -46.36 21.49 -14.94
CA ILE J 832 -47.58 22.25 -14.66
C ILE J 832 -47.48 22.77 -13.22
N PRO J 833 -46.80 23.88 -12.98
CA PRO J 833 -46.61 24.34 -11.60
C PRO J 833 -47.91 24.77 -10.95
N PHE J 834 -47.99 24.56 -9.64
CA PHE J 834 -49.19 24.85 -8.87
C PHE J 834 -49.21 26.32 -8.45
N SER J 835 -49.13 27.19 -9.46
CA SER J 835 -49.11 28.62 -9.25
C SER J 835 -50.29 29.25 -9.98
N SER J 836 -50.78 30.37 -9.43
CA SER J 836 -51.97 31.00 -10.00
C SER J 836 -51.71 31.52 -11.40
N ASN J 837 -50.53 32.10 -11.64
CA ASN J 837 -50.15 32.60 -12.95
C ASN J 837 -49.16 31.70 -13.66
N PHE J 838 -49.03 30.45 -13.21
CA PHE J 838 -48.17 29.42 -13.81
C PHE J 838 -46.69 29.73 -13.70
N MET J 839 -46.31 30.82 -13.05
CA MET J 839 -44.89 31.17 -12.98
C MET J 839 -44.30 30.74 -11.64
N SER J 840 -42.97 30.69 -11.60
CA SER J 840 -42.23 30.28 -10.42
C SER J 840 -41.68 31.54 -9.75
N MET J 841 -42.35 31.97 -8.68
CA MET J 841 -41.91 33.11 -7.88
C MET J 841 -41.42 32.67 -6.50
N GLY J 842 -40.86 31.47 -6.41
CA GLY J 842 -40.37 30.96 -5.14
C GLY J 842 -40.68 29.48 -4.96
N SER J 843 -40.05 28.87 -3.96
CA SER J 843 -40.31 27.46 -3.67
C SER J 843 -41.78 27.24 -3.32
N LEU J 844 -42.23 27.84 -2.22
CA LEU J 844 -43.66 27.90 -1.96
C LEU J 844 -44.33 28.77 -3.01
N THR J 845 -45.50 28.32 -3.46
CA THR J 845 -46.18 29.00 -4.56
C THR J 845 -47.27 29.93 -4.04
N ASP J 846 -47.96 30.61 -4.96
CA ASP J 846 -49.09 31.43 -4.57
C ASP J 846 -50.17 30.58 -3.92
N LEU J 847 -50.48 29.42 -4.49
CA LEU J 847 -51.31 28.43 -3.85
C LEU J 847 -50.41 27.53 -2.99
N GLY J 848 -50.98 26.46 -2.45
CA GLY J 848 -50.19 25.62 -1.56
C GLY J 848 -50.11 26.14 -0.15
N GLN J 849 -49.82 27.44 0.02
CA GLN J 849 -49.91 28.10 1.30
C GLN J 849 -51.24 28.82 1.49
N ASN J 850 -52.12 28.77 0.50
CA ASN J 850 -53.46 29.31 0.64
C ASN J 850 -54.26 28.49 1.65
N LEU J 851 -55.22 29.13 2.28
CA LEU J 851 -56.08 28.43 3.23
C LEU J 851 -56.87 27.33 2.55
N LEU J 852 -57.38 27.58 1.34
CA LEU J 852 -58.23 26.60 0.67
C LEU J 852 -57.48 25.30 0.41
N TYR J 853 -56.17 25.38 0.16
CA TYR J 853 -55.37 24.20 -0.17
C TYR J 853 -54.44 23.78 0.94
N ALA J 854 -54.49 24.46 2.09
CA ALA J 854 -53.66 24.08 3.24
C ALA J 854 -54.46 23.73 4.49
N ASN J 855 -55.71 24.16 4.61
CA ASN J 855 -56.53 23.88 5.76
C ASN J 855 -57.67 22.91 5.47
N ALA J 856 -57.91 22.60 4.19
CA ALA J 856 -59.00 21.73 3.80
C ALA J 856 -58.46 20.62 2.90
N ALA J 857 -59.02 19.43 3.05
CA ALA J 857 -58.64 18.29 2.24
C ALA J 857 -59.35 18.33 0.90
N HIS J 858 -58.64 17.94 -0.16
CA HIS J 858 -59.18 17.95 -1.51
C HIS J 858 -58.92 16.61 -2.17
N ALA J 859 -59.83 16.21 -3.05
CA ALA J 859 -59.72 14.97 -3.80
C ALA J 859 -59.33 15.29 -5.22
N LEU J 860 -58.08 15.00 -5.58
CA LEU J 860 -57.60 15.25 -6.93
C LEU J 860 -58.08 14.16 -7.87
N ASP J 861 -58.40 14.54 -9.11
CA ASP J 861 -58.86 13.61 -10.13
C ASP J 861 -58.27 14.06 -11.47
N MET J 862 -57.19 13.42 -11.89
CA MET J 862 -56.49 13.77 -13.11
C MET J 862 -56.89 12.84 -14.24
N THR J 863 -56.63 13.29 -15.47
CA THR J 863 -57.02 12.54 -16.66
C THR J 863 -56.00 12.81 -17.77
N PHE J 864 -55.34 11.76 -18.23
CA PHE J 864 -54.31 11.86 -19.26
C PHE J 864 -54.81 11.20 -20.54
N GLU J 865 -54.90 11.97 -21.61
CA GLU J 865 -55.18 11.43 -22.94
C GLU J 865 -53.89 11.46 -23.75
N MET J 866 -53.50 10.32 -24.29
CA MET J 866 -52.17 10.17 -24.87
C MET J 866 -52.23 9.34 -26.14
N ASP J 867 -51.16 9.44 -26.93
CA ASP J 867 -51.04 8.61 -28.12
C ASP J 867 -50.87 7.15 -27.73
N PRO J 868 -51.49 6.23 -28.47
CA PRO J 868 -51.34 4.80 -28.16
C PRO J 868 -50.15 4.17 -28.87
N ILE J 869 -49.42 3.33 -28.13
CA ILE J 869 -48.34 2.55 -28.70
C ILE J 869 -48.51 1.10 -28.27
N ASN J 870 -47.96 0.19 -29.08
CA ASN J 870 -48.28 -1.23 -28.93
C ASN J 870 -47.74 -1.81 -27.63
N GLU J 871 -46.49 -1.49 -27.28
CA GLU J 871 -45.90 -2.08 -26.08
C GLU J 871 -46.52 -1.47 -24.83
N PRO J 872 -46.81 -2.28 -23.81
CA PRO J 872 -47.36 -1.71 -22.56
C PRO J 872 -46.39 -0.71 -21.94
N THR J 873 -46.95 0.37 -21.43
CA THR J 873 -46.19 1.45 -20.82
C THR J 873 -46.76 1.75 -19.44
N LEU J 874 -46.24 2.81 -18.82
CA LEU J 874 -46.72 3.22 -17.51
C LEU J 874 -46.46 4.71 -17.34
N LEU J 875 -47.45 5.42 -16.84
CA LEU J 875 -47.33 6.85 -16.59
C LEU J 875 -46.32 7.10 -15.48
N TYR J 876 -45.71 8.29 -15.52
CA TYR J 876 -44.72 8.69 -14.54
C TYR J 876 -45.01 10.10 -14.03
N VAL J 877 -46.26 10.34 -13.66
CA VAL J 877 -46.60 11.61 -13.03
C VAL J 877 -46.00 11.64 -11.63
N LEU J 878 -45.16 12.63 -11.37
CA LEU J 878 -44.54 12.82 -10.06
C LEU J 878 -44.96 14.17 -9.51
N PHE J 879 -45.52 14.15 -8.31
CA PHE J 879 -46.09 15.34 -7.68
C PHE J 879 -44.98 16.11 -6.98
N GLU J 880 -44.73 17.34 -7.41
CA GLU J 880 -43.67 18.14 -6.82
C GLU J 880 -44.07 18.57 -5.42
N VAL J 881 -43.24 18.25 -4.44
CA VAL J 881 -43.54 18.44 -3.02
C VAL J 881 -42.38 19.17 -2.36
N PHE J 882 -42.42 19.29 -1.04
CA PHE J 882 -41.29 19.75 -0.26
C PHE J 882 -40.71 18.55 0.49
N ASP J 883 -39.43 18.27 0.27
CA ASP J 883 -38.75 17.16 0.92
C ASP J 883 -37.51 17.73 1.61
N VAL J 884 -37.61 17.96 2.92
CA VAL J 884 -36.54 18.58 3.68
C VAL J 884 -36.22 17.69 4.88
N ALA J 885 -34.97 17.77 5.34
CA ALA J 885 -34.49 17.03 6.49
C ALA J 885 -33.67 17.95 7.38
N ARG J 886 -33.97 17.95 8.67
CA ARG J 886 -33.25 18.76 9.64
C ARG J 886 -32.33 17.85 10.45
N VAL J 887 -31.03 17.99 10.22
CA VAL J 887 -30.04 17.13 10.86
C VAL J 887 -29.46 17.89 12.05
N HIS J 888 -29.72 17.40 13.25
CA HIS J 888 -29.23 17.99 14.48
C HIS J 888 -28.31 17.00 15.18
N GLN J 889 -27.12 17.45 15.53
CA GLN J 889 -26.12 16.61 16.20
C GLN J 889 -25.90 17.13 17.61
N PRO J 890 -26.54 16.55 18.62
CA PRO J 890 -26.43 17.13 19.96
C PRO J 890 -25.03 17.08 20.55
N HIS J 891 -24.41 15.90 20.60
CA HIS J 891 -23.06 15.81 21.15
C HIS J 891 -22.36 14.49 20.84
N ARG J 892 -21.16 14.58 20.27
CA ARG J 892 -20.17 13.51 20.24
C ARG J 892 -20.73 12.23 19.62
N GLY J 893 -21.02 12.32 18.33
CA GLY J 893 -21.38 11.14 17.58
C GLY J 893 -22.83 10.74 17.64
N VAL J 894 -23.74 11.69 17.80
CA VAL J 894 -25.17 11.45 17.78
C VAL J 894 -25.77 12.24 16.63
N ILE J 895 -26.50 11.56 15.76
CA ILE J 895 -27.19 12.20 14.64
C ILE J 895 -28.68 12.01 14.84
N GLU J 896 -29.43 13.11 14.86
CA GLU J 896 -30.88 13.08 14.96
C GLU J 896 -31.45 13.88 13.81
N VAL J 897 -32.30 13.24 13.01
CA VAL J 897 -32.83 13.84 11.79
C VAL J 897 -34.35 13.77 11.83
N VAL J 898 -35.00 14.82 11.36
CA VAL J 898 -36.45 14.85 11.18
C VAL J 898 -36.73 15.17 9.72
N TYR J 899 -37.57 14.34 9.09
CA TYR J 899 -37.92 14.50 7.69
C TYR J 899 -39.35 15.01 7.57
N LEU J 900 -39.58 15.85 6.56
CA LEU J 900 -40.91 16.37 6.29
C LEU J 900 -41.18 16.36 4.79
N ARG J 901 -42.34 15.86 4.40
CA ARG J 901 -42.81 15.89 3.02
C ARG J 901 -44.23 16.43 3.04
N THR J 902 -44.37 17.75 3.01
CA THR J 902 -45.63 18.39 3.38
C THR J 902 -46.82 17.87 2.58
N PRO J 903 -46.78 17.73 1.25
CA PRO J 903 -47.95 17.19 0.55
C PRO J 903 -48.09 15.68 0.63
N PHE J 904 -46.99 14.93 0.59
CA PHE J 904 -47.02 13.46 0.59
C PHE J 904 -46.02 12.95 1.63
N SER J 905 -46.46 12.83 2.87
CA SER J 905 -45.55 12.49 3.96
C SER J 905 -45.85 11.09 4.52
N ALA J 906 -44.86 10.56 5.24
CA ALA J 906 -45.00 9.36 6.05
C ALA J 906 -44.41 9.70 7.41
N GLY J 907 -45.23 10.26 8.29
CA GLY J 907 -44.79 10.73 9.58
C GLY J 907 -45.32 9.89 10.73
N ASN J 908 -45.34 10.50 11.91
CA ASN J 908 -45.75 9.82 13.12
C ASN J 908 -46.58 10.78 13.97
N ALA J 909 -47.36 10.21 14.88
CA ALA J 909 -48.28 11.03 15.68
C ALA J 909 -47.54 11.78 16.78
N THR J 910 -46.95 11.06 17.72
CA THR J 910 -46.27 11.67 18.87
C THR J 910 -45.58 10.62 19.71
N GLU K 22 -82.04 14.38 14.38
CA GLU K 22 -83.00 15.47 14.51
C GLU K 22 -84.30 15.14 13.79
N ALA K 23 -84.45 13.88 13.40
CA ALA K 23 -85.67 13.45 12.74
C ALA K 23 -86.84 13.46 13.72
N PRO K 24 -88.05 13.73 13.23
CA PRO K 24 -89.22 13.71 14.13
C PRO K 24 -89.48 12.32 14.66
N ARG K 25 -89.46 12.19 15.99
CA ARG K 25 -89.64 10.89 16.61
C ARG K 25 -91.03 10.32 16.33
N SER K 26 -92.05 11.17 16.34
CA SER K 26 -93.42 10.76 16.06
C SER K 26 -94.03 11.71 15.03
N LEU K 27 -95.11 11.26 14.40
CA LEU K 27 -95.69 11.99 13.28
C LEU K 27 -96.40 13.26 13.73
N GLY K 28 -96.96 13.27 14.94
CA GLY K 28 -97.77 14.37 15.40
C GLY K 28 -97.02 15.69 15.44
N PRO K 29 -97.74 16.80 15.19
CA PRO K 29 -97.10 18.11 15.24
C PRO K 29 -96.61 18.52 16.62
N ALA K 30 -97.15 17.92 17.68
CA ALA K 30 -96.70 18.20 19.04
C ALA K 30 -95.87 17.04 19.53
N PRO K 31 -94.54 17.20 19.68
CA PRO K 31 -93.73 16.07 20.15
C PRO K 31 -94.17 15.55 21.51
N SER K 32 -94.60 16.42 22.40
CA SER K 32 -95.15 16.00 23.69
C SER K 32 -96.65 15.76 23.52
N ASN K 33 -97.34 15.47 24.62
CA ASN K 33 -98.77 15.18 24.64
C ASN K 33 -99.08 14.01 23.72
N PRO K 34 -98.71 12.78 24.10
CA PRO K 34 -99.02 11.62 23.25
C PRO K 34 -100.50 11.45 23.00
N SER K 35 -101.37 11.84 23.94
CA SER K 35 -102.79 11.80 23.68
C SER K 35 -103.17 12.74 22.54
N LEU K 36 -102.57 13.94 22.52
CA LEU K 36 -102.81 14.87 21.42
C LEU K 36 -102.27 14.31 20.10
N GLN K 37 -101.13 13.62 20.16
CA GLN K 37 -100.58 13.01 18.95
C GLN K 37 -101.50 11.92 18.41
N ALA K 38 -102.06 11.10 19.31
CA ALA K 38 -103.03 10.09 18.89
C ALA K 38 -104.29 10.73 18.33
N LEU K 39 -104.72 11.85 18.92
CA LEU K 39 -105.82 12.62 18.36
C LEU K 39 -105.50 13.04 16.92
N PHE K 40 -104.28 13.54 16.69
CA PHE K 40 -103.89 13.98 15.36
C PHE K 40 -103.85 12.81 14.39
N GLN K 41 -103.38 11.65 14.83
CA GLN K 41 -103.14 10.53 13.92
C GLN K 41 -104.43 9.78 13.59
N SER K 42 -105.23 9.44 14.60
CA SER K 42 -106.35 8.53 14.39
C SER K 42 -107.69 9.15 14.74
N GLN K 43 -107.94 10.37 14.29
CA GLN K 43 -109.25 10.99 14.43
C GLN K 43 -109.59 11.74 13.15
N PRO K 44 -110.87 11.86 12.82
CA PRO K 44 -111.24 12.59 11.61
C PRO K 44 -110.84 14.05 11.71
N SER K 45 -110.48 14.63 10.56
CA SER K 45 -110.11 16.04 10.52
C SER K 45 -111.35 16.91 10.42
N ALA K 46 -112.33 16.66 11.30
CA ALA K 46 -113.47 17.53 11.47
C ALA K 46 -113.83 17.72 12.94
N GLU K 47 -113.18 16.99 13.84
CA GLU K 47 -113.31 17.18 15.28
C GLU K 47 -112.11 17.91 15.87
N GLN K 48 -110.94 17.78 15.25
CA GLN K 48 -109.71 18.39 15.73
C GLN K 48 -109.77 19.90 15.56
N GLU K 49 -108.97 20.59 16.38
CA GLU K 49 -108.76 22.02 16.24
C GLU K 49 -107.27 22.30 16.39
N TRP K 50 -106.73 23.11 15.47
CA TRP K 50 -105.31 23.44 15.48
C TRP K 50 -105.16 24.89 15.02
N HIS K 51 -104.92 25.79 15.97
CA HIS K 51 -104.75 27.20 15.66
C HIS K 51 -103.98 27.92 16.75
N GLY K 64 -120.06 25.82 4.38
CA GLY K 64 -120.74 26.05 5.65
C GLY K 64 -122.21 26.37 5.50
N ASP K 65 -122.75 27.14 6.44
CA ASP K 65 -124.15 27.56 6.45
C ASP K 65 -125.08 26.34 6.44
N PHE K 66 -125.03 25.61 7.56
CA PHE K 66 -125.93 24.48 7.75
C PHE K 66 -127.37 24.94 7.61
N GLY K 67 -128.16 24.17 6.86
CA GLY K 67 -129.52 24.54 6.49
C GLY K 67 -129.72 24.63 5.00
N SER K 68 -128.70 25.04 4.26
CA SER K 68 -128.71 25.02 2.81
C SER K 68 -128.08 23.76 2.24
N GLN K 69 -127.62 22.85 3.10
CA GLN K 69 -127.02 21.60 2.66
C GLN K 69 -128.10 20.66 2.12
N PRO K 70 -127.71 19.68 1.32
CA PRO K 70 -128.70 18.72 0.80
C PRO K 70 -129.36 17.93 1.92
N GLN K 71 -130.52 17.34 1.57
CA GLN K 71 -131.35 16.67 2.56
C GLN K 71 -130.62 15.51 3.21
N ALA K 72 -129.89 14.73 2.42
CA ALA K 72 -129.19 13.57 2.98
C ALA K 72 -128.17 13.98 4.03
N ASN K 73 -127.33 14.97 3.69
CA ASN K 73 -126.32 15.44 4.64
C ASN K 73 -126.97 16.04 5.88
N ARG K 74 -128.02 16.85 5.69
CA ARG K 74 -128.68 17.47 6.82
C ARG K 74 -129.27 16.43 7.76
N PHE K 75 -129.97 15.43 7.20
CA PHE K 75 -130.60 14.41 8.02
C PHE K 75 -129.55 13.54 8.72
N GLY K 76 -128.47 13.21 8.03
CA GLY K 76 -127.41 12.44 8.68
C GLY K 76 -126.80 13.18 9.85
N ALA K 77 -126.49 14.47 9.65
CA ALA K 77 -125.93 15.26 10.74
C ALA K 77 -126.91 15.39 11.90
N ILE K 78 -128.19 15.60 11.59
CA ILE K 78 -129.20 15.76 12.64
C ILE K 78 -129.33 14.46 13.45
N LEU K 79 -129.39 13.32 12.77
CA LEU K 79 -129.50 12.05 13.48
C LEU K 79 -128.27 11.77 14.34
N GLU K 80 -127.08 12.03 13.79
CA GLU K 80 -125.87 11.81 14.56
C GLU K 80 -125.82 12.71 15.78
N ALA K 81 -126.26 13.97 15.64
CA ALA K 81 -126.28 14.87 16.78
C ALA K 81 -127.29 14.43 17.83
N VAL K 82 -128.49 14.01 17.40
CA VAL K 82 -129.54 13.64 18.35
C VAL K 82 -129.14 12.38 19.11
N VAL K 83 -128.69 11.36 18.40
CA VAL K 83 -128.24 10.13 19.05
C VAL K 83 -126.78 9.89 18.69
N PRO K 84 -125.85 10.36 19.51
CA PRO K 84 -124.42 10.21 19.18
C PRO K 84 -124.02 8.75 19.12
N PRO K 85 -123.15 8.39 18.18
CA PRO K 85 -122.67 6.99 18.09
C PRO K 85 -121.52 6.76 19.06
N ARG K 86 -121.69 5.78 19.94
CA ARG K 86 -120.65 5.42 20.89
C ARG K 86 -119.61 4.55 20.22
N SER K 87 -118.34 4.81 20.53
CA SER K 87 -117.23 4.07 19.96
C SER K 87 -116.25 3.68 21.06
N ASP K 88 -115.51 2.61 20.82
CA ASP K 88 -114.54 2.13 21.80
C ASP K 88 -113.27 2.96 21.77
N PRO K 89 -112.86 3.56 22.87
CA PRO K 89 -111.58 4.28 22.94
C PRO K 89 -110.42 3.38 23.36
N THR K 90 -110.29 2.24 22.72
CA THR K 90 -109.22 1.31 23.02
C THR K 90 -108.04 1.49 22.06
N HIS K 91 -108.33 1.55 20.76
CA HIS K 91 -107.28 1.75 19.77
C HIS K 91 -106.64 3.13 19.94
N GLU K 92 -107.44 4.14 20.26
CA GLU K 92 -106.89 5.47 20.52
C GLU K 92 -105.97 5.46 21.74
N LYS K 93 -106.38 4.78 22.82
CA LYS K 93 -105.54 4.70 24.01
C LYS K 93 -104.23 3.99 23.71
N VAL K 94 -104.29 2.88 22.97
CA VAL K 94 -103.08 2.13 22.67
C VAL K 94 -102.17 2.93 21.74
N LEU K 95 -102.76 3.68 20.81
CA LEU K 95 -101.96 4.54 19.94
C LEU K 95 -101.27 5.64 20.74
N ALA K 96 -101.97 6.23 21.71
CA ALA K 96 -101.34 7.22 22.57
C ALA K 96 -100.19 6.60 23.37
N ILE K 97 -100.40 5.38 23.87
CA ILE K 97 -99.35 4.72 24.64
C ILE K 97 -98.14 4.44 23.77
N VAL K 98 -98.36 3.97 22.54
CA VAL K 98 -97.21 3.66 21.68
C VAL K 98 -96.53 4.94 21.22
N ASN K 99 -97.26 6.03 21.06
CA ASN K 99 -96.62 7.32 20.76
C ASN K 99 -95.77 7.77 21.93
N ALA K 100 -96.26 7.58 23.16
CA ALA K 100 -95.46 7.91 24.33
C ALA K 100 -94.19 7.07 24.39
N LEU K 101 -94.31 5.78 24.06
CA LEU K 101 -93.14 4.91 24.04
C LEU K 101 -92.14 5.36 22.97
N LEU K 102 -92.65 5.76 21.81
CA LEU K 102 -91.78 6.27 20.75
C LEU K 102 -91.05 7.52 21.20
N GLU K 103 -91.75 8.43 21.89
CA GLU K 103 -91.11 9.64 22.39
C GLU K 103 -90.06 9.31 23.44
N THR K 104 -90.34 8.34 24.31
CA THR K 104 -89.41 7.92 25.34
C THR K 104 -88.21 7.16 24.79
N GLN K 105 -88.29 6.71 23.52
CA GLN K 105 -87.28 5.89 22.86
C GLN K 105 -87.18 4.49 23.45
N ALA K 106 -88.22 4.03 24.15
CA ALA K 106 -88.29 2.62 24.53
C ALA K 106 -88.64 1.75 23.33
N ILE K 107 -89.18 2.33 22.27
CA ILE K 107 -89.60 1.61 21.07
C ILE K 107 -89.03 2.34 19.87
N ARG K 108 -88.36 1.60 18.98
CA ARG K 108 -87.78 2.21 17.80
C ARG K 108 -88.88 2.60 16.82
N ARG K 109 -88.50 3.43 15.84
CA ARG K 109 -89.49 3.99 14.91
C ARG K 109 -90.13 2.90 14.05
N ASP K 110 -89.35 1.93 13.61
CA ASP K 110 -89.83 0.95 12.64
C ASP K 110 -90.56 -0.23 13.27
N GLU K 111 -90.57 -0.35 14.60
CA GLU K 111 -91.33 -1.39 15.28
C GLU K 111 -92.55 -0.83 16.00
N ALA K 112 -92.94 0.40 15.66
CA ALA K 112 -94.13 1.00 16.27
C ALA K 112 -95.38 0.22 15.93
N GLY K 113 -95.53 -0.20 14.67
CA GLY K 113 -96.68 -1.00 14.30
C GLY K 113 -96.71 -2.35 14.99
N GLN K 114 -95.55 -2.99 15.11
CA GLN K 114 -95.46 -4.27 15.80
C GLN K 114 -95.88 -4.13 17.26
N MET K 115 -95.36 -3.11 17.94
CA MET K 115 -95.73 -2.92 19.34
C MET K 115 -97.20 -2.53 19.47
N TYR K 116 -97.71 -1.75 18.52
CA TYR K 116 -99.12 -1.38 18.53
C TYR K 116 -100.00 -2.61 18.44
N THR K 117 -99.70 -3.51 17.50
CA THR K 117 -100.49 -4.72 17.34
C THR K 117 -100.37 -5.63 18.55
N ALA K 118 -99.17 -5.76 19.11
CA ALA K 118 -98.98 -6.60 20.30
C ALA K 118 -99.79 -6.06 21.47
N LEU K 119 -99.74 -4.74 21.68
CA LEU K 119 -100.50 -4.14 22.77
C LEU K 119 -102.00 -4.30 22.57
N LEU K 120 -102.48 -4.13 21.33
CA LEU K 120 -103.89 -4.36 21.05
C LEU K 120 -104.27 -5.80 21.35
N GLN K 121 -103.44 -6.76 20.95
CA GLN K 121 -103.74 -8.16 21.20
C GLN K 121 -103.81 -8.44 22.70
N ARG K 122 -102.85 -7.93 23.47
CA ARG K 122 -102.86 -8.16 24.91
C ARG K 122 -104.07 -7.53 25.57
N VAL K 123 -104.38 -6.28 25.20
CA VAL K 123 -105.52 -5.59 25.81
C VAL K 123 -106.81 -6.32 25.47
N ALA K 124 -106.98 -6.74 24.22
CA ALA K 124 -108.18 -7.48 23.85
C ALA K 124 -108.25 -8.82 24.58
N ARG K 125 -107.11 -9.47 24.80
CA ARG K 125 -107.10 -10.72 25.54
C ARG K 125 -107.58 -10.50 26.98
N TYR K 126 -107.11 -9.43 27.62
CA TYR K 126 -107.45 -9.16 29.01
C TYR K 126 -108.24 -7.87 29.17
N ASN K 127 -109.23 -7.68 28.31
CA ASN K 127 -110.03 -6.45 28.36
C ASN K 127 -110.97 -6.46 29.56
N SER K 128 -111.04 -5.32 30.24
CA SER K 128 -111.93 -5.14 31.37
C SER K 128 -112.02 -3.65 31.69
N VAL K 129 -113.00 -3.30 32.52
CA VAL K 129 -113.14 -1.91 32.94
C VAL K 129 -111.94 -1.48 33.77
N ASN K 130 -111.43 -2.38 34.61
CA ASN K 130 -110.22 -2.08 35.38
C ASN K 130 -109.03 -1.86 34.45
N VAL K 131 -108.93 -2.66 33.39
CA VAL K 131 -107.83 -2.51 32.45
C VAL K 131 -107.94 -1.19 31.70
N GLN K 132 -109.15 -0.80 31.31
CA GLN K 132 -109.33 0.49 30.65
C GLN K 132 -108.98 1.64 31.59
N GLY K 133 -109.39 1.55 32.85
CA GLY K 133 -109.02 2.56 33.81
C GLY K 133 -107.52 2.65 34.01
N ASN K 134 -106.85 1.50 34.08
CA ASN K 134 -105.39 1.49 34.21
C ASN K 134 -104.73 2.09 32.98
N LEU K 135 -105.28 1.82 31.80
CA LEU K 135 -104.75 2.43 30.58
C LEU K 135 -104.88 3.95 30.62
N ASP K 136 -106.05 4.45 31.05
CA ASP K 136 -106.22 5.89 31.15
C ASP K 136 -105.26 6.50 32.16
N ARG K 137 -105.09 5.84 33.31
CA ARG K 137 -104.16 6.34 34.33
C ARG K 137 -102.74 6.36 33.80
N LEU K 138 -102.34 5.31 33.07
CA LEU K 138 -100.99 5.25 32.52
C LEU K 138 -100.77 6.35 31.50
N ILE K 139 -101.78 6.61 30.65
CA ILE K 139 -101.65 7.69 29.67
C ILE K 139 -101.50 9.02 30.37
N GLN K 140 -102.32 9.27 31.39
CA GLN K 140 -102.20 10.54 32.13
C GLN K 140 -100.83 10.68 32.77
N ASP K 141 -100.35 9.60 33.41
CA ASP K 141 -99.06 9.66 34.08
C ASP K 141 -97.92 9.88 33.10
N VAL K 142 -97.95 9.19 31.96
CA VAL K 142 -96.86 9.35 30.99
C VAL K 142 -96.91 10.72 30.34
N LYS K 143 -98.11 11.27 30.11
CA LYS K 143 -98.21 12.63 29.58
C LYS K 143 -97.63 13.63 30.58
N GLU K 144 -97.97 13.48 31.87
CA GLU K 144 -97.44 14.38 32.88
C GLU K 144 -95.92 14.26 32.97
N ALA K 145 -95.40 13.03 32.92
CA ALA K 145 -93.95 12.83 33.01
C ALA K 145 -93.24 13.44 31.80
N LEU K 146 -93.80 13.25 30.60
CA LEU K 146 -93.20 13.85 29.42
C LEU K 146 -93.21 15.37 29.48
N ALA K 147 -94.32 15.95 29.94
CA ALA K 147 -94.40 17.40 30.07
C ALA K 147 -93.38 17.91 31.08
N GLN K 148 -93.24 17.22 32.21
CA GLN K 148 -92.28 17.63 33.23
C GLN K 148 -90.84 17.52 32.71
N ARG K 149 -90.53 16.43 32.01
CA ARG K 149 -89.18 16.26 31.49
C ARG K 149 -88.86 17.30 30.42
N GLU K 150 -89.83 17.63 29.58
CA GLU K 150 -89.64 18.63 28.54
C GLU K 150 -89.53 20.03 29.15
N SER K 160 -75.64 13.45 34.38
CA SER K 160 -74.43 14.28 34.31
C SER K 160 -74.05 14.80 35.70
N VAL K 161 -75.04 15.35 36.41
CA VAL K 161 -74.79 15.89 37.73
C VAL K 161 -74.37 14.79 38.69
N VAL K 162 -75.03 13.63 38.63
CA VAL K 162 -74.69 12.53 39.51
C VAL K 162 -73.29 11.99 39.18
N ALA K 163 -72.93 11.97 37.90
CA ALA K 163 -71.59 11.56 37.53
C ALA K 163 -70.54 12.52 38.07
N LEU K 164 -70.81 13.82 38.00
CA LEU K 164 -69.88 14.80 38.58
C LEU K 164 -69.79 14.63 40.09
N ASN K 165 -70.92 14.34 40.75
CA ASN K 165 -70.90 14.11 42.18
C ASN K 165 -70.04 12.90 42.54
N ALA K 166 -70.16 11.82 41.77
CA ALA K 166 -69.31 10.65 42.00
C ALA K 166 -67.84 10.97 41.74
N PHE K 167 -67.56 11.76 40.70
CA PHE K 167 -66.19 12.15 40.40
C PHE K 167 -65.60 12.98 41.52
N LEU K 168 -66.37 13.93 42.06
CA LEU K 168 -65.90 14.73 43.18
C LEU K 168 -65.71 13.87 44.42
N SER K 169 -66.60 12.89 44.63
CA SER K 169 -66.46 12.00 45.77
C SER K 169 -65.17 11.19 45.69
N THR K 170 -64.85 10.68 44.50
CA THR K 170 -63.61 9.91 44.36
C THR K 170 -62.38 10.81 44.34
N GLN K 171 -62.55 12.09 44.02
CA GLN K 171 -61.44 13.04 44.10
C GLN K 171 -61.19 13.43 45.56
N PRO K 172 -59.94 13.48 46.00
CA PRO K 172 -59.68 13.93 47.38
C PRO K 172 -60.13 15.37 47.59
N ALA K 173 -60.66 15.63 48.78
CA ALA K 173 -61.21 16.94 49.11
C ALA K 173 -60.29 17.77 50.00
N VAL K 174 -59.12 17.25 50.35
CA VAL K 174 -58.17 17.96 51.21
C VAL K 174 -56.80 17.96 50.54
N VAL K 175 -56.21 19.14 50.41
CA VAL K 175 -54.85 19.29 49.90
C VAL K 175 -54.06 20.15 50.87
N GLU K 176 -52.74 20.02 50.80
CA GLU K 176 -51.83 20.70 51.71
C GLU K 176 -51.33 22.03 51.18
N ARG K 177 -51.99 22.60 50.18
CA ARG K 177 -51.55 23.84 49.55
C ARG K 177 -52.72 24.80 49.38
N GLY K 178 -53.54 24.89 50.43
CA GLY K 178 -54.64 25.84 50.44
C GLY K 178 -55.96 25.26 49.99
N GLN K 179 -56.90 25.09 50.91
CA GLN K 179 -58.23 24.59 50.59
C GLN K 179 -59.21 25.73 50.30
N GLU K 180 -58.81 26.65 49.46
CA GLU K 180 -59.75 27.66 48.95
C GLU K 180 -59.71 27.79 47.44
N ASN K 181 -58.53 27.69 46.83
CA ASN K 181 -58.46 27.65 45.37
C ASN K 181 -59.14 26.40 44.84
N TYR K 182 -58.88 25.24 45.45
CA TYR K 182 -59.53 24.01 45.02
C TYR K 182 -61.03 24.08 45.21
N VAL K 183 -61.49 24.62 46.34
CA VAL K 183 -62.92 24.70 46.62
C VAL K 183 -63.60 25.62 45.61
N ALA K 184 -63.01 26.78 45.34
CA ALA K 184 -63.62 27.70 44.39
C ALA K 184 -63.57 27.15 42.97
N PHE K 185 -62.50 26.42 42.61
CA PHE K 185 -62.45 25.79 41.31
C PHE K 185 -63.53 24.72 41.15
N VAL K 186 -63.74 23.92 42.19
CA VAL K 186 -64.79 22.92 42.15
C VAL K 186 -66.16 23.59 42.02
N SER K 187 -66.37 24.69 42.76
CA SER K 187 -67.62 25.42 42.64
C SER K 187 -67.83 25.95 41.24
N ALA K 188 -66.78 26.50 40.62
CA ALA K 188 -66.88 27.00 39.26
C ALA K 188 -67.19 25.86 38.28
N LEU K 189 -66.56 24.70 38.47
CA LEU K 189 -66.82 23.55 37.61
C LEU K 189 -68.27 23.12 37.71
N LYS K 190 -68.80 23.01 38.93
CA LYS K 190 -70.20 22.63 39.10
C LYS K 190 -71.12 23.67 38.49
N LEU K 191 -70.81 24.95 38.69
CA LEU K 191 -71.65 26.01 38.12
C LEU K 191 -71.67 25.93 36.60
N MET K 192 -70.52 25.70 35.98
CA MET K 192 -70.47 25.67 34.52
C MET K 192 -71.14 24.43 33.96
N VAL K 193 -70.98 23.28 34.62
CA VAL K 193 -71.63 22.06 34.12
C VAL K 193 -73.14 22.16 34.31
N THR K 194 -73.59 22.86 35.35
CA THR K 194 -75.03 23.03 35.55
C THR K 194 -75.60 24.02 34.55
N GLU K 195 -74.91 25.12 34.30
CA GLU K 195 -75.42 26.16 33.41
C GLU K 195 -75.24 25.84 31.94
N ALA K 196 -74.39 24.86 31.60
CA ALA K 196 -74.24 24.48 30.20
C ALA K 196 -75.52 23.83 29.70
N PRO K 197 -76.05 24.24 28.54
CA PRO K 197 -77.31 23.67 28.07
C PRO K 197 -77.22 22.18 27.78
N GLN K 198 -76.28 21.78 26.92
CA GLN K 198 -76.09 20.38 26.54
C GLN K 198 -74.63 20.00 26.80
N SER K 199 -74.36 19.57 28.02
CA SER K 199 -73.04 19.09 28.42
C SER K 199 -73.18 17.79 29.19
N GLU K 200 -72.19 16.91 29.00
CA GLU K 200 -72.23 15.59 29.61
C GLU K 200 -70.96 15.33 30.40
N VAL K 201 -71.13 14.72 31.58
CA VAL K 201 -70.03 14.20 32.37
C VAL K 201 -70.27 12.71 32.55
N TYR K 202 -69.27 11.90 32.24
CA TYR K 202 -69.45 10.45 32.24
C TYR K 202 -68.14 9.78 32.59
N GLN K 203 -68.25 8.52 33.02
CA GLN K 203 -67.09 7.70 33.36
C GLN K 203 -66.79 6.75 32.21
N ALA K 204 -65.52 6.69 31.82
CA ALA K 204 -65.05 5.80 30.76
C ALA K 204 -63.88 5.00 31.33
N GLY K 205 -64.19 3.88 31.96
CA GLY K 205 -63.18 3.06 32.60
C GLY K 205 -62.74 3.64 33.92
N PRO K 206 -61.46 3.96 34.04
CA PRO K 206 -60.92 4.52 35.29
C PRO K 206 -60.84 6.04 35.35
N SER K 207 -61.40 6.74 34.36
CA SER K 207 -61.30 8.20 34.30
C SER K 207 -62.65 8.81 34.01
N PHE K 208 -62.80 10.07 34.39
CA PHE K 208 -64.02 10.83 34.17
C PHE K 208 -63.77 11.88 33.10
N PHE K 209 -64.70 12.01 32.15
CA PHE K 209 -64.56 12.92 31.03
C PHE K 209 -65.64 13.98 31.07
N PHE K 210 -65.32 15.14 30.52
CA PHE K 210 -66.25 16.26 30.39
C PHE K 210 -66.29 16.66 28.92
N GLN K 211 -67.49 16.65 28.34
CA GLN K 211 -67.69 16.99 26.94
C GLN K 211 -68.62 18.18 26.84
N THR K 212 -68.23 19.16 26.01
CA THR K 212 -68.99 20.41 25.94
C THR K 212 -70.32 20.26 25.22
N SER K 213 -70.48 19.26 24.36
CA SER K 213 -71.72 19.09 23.63
C SER K 213 -71.86 17.64 23.19
N ARG K 214 -73.09 17.27 22.83
CA ARG K 214 -73.38 15.89 22.48
C ARG K 214 -72.63 15.46 21.22
N HIS K 215 -72.58 16.31 20.21
CA HIS K 215 -71.96 15.98 18.93
C HIS K 215 -70.78 16.89 18.65
N GLY K 216 -70.09 17.34 19.70
CA GLY K 216 -68.96 18.23 19.56
C GLY K 216 -67.64 17.48 19.52
N SER K 217 -66.56 18.25 19.60
CA SER K 217 -65.21 17.73 19.57
C SER K 217 -64.34 18.39 20.64
N GLN K 218 -64.91 18.56 21.84
CA GLN K 218 -64.20 19.16 22.97
C GLN K 218 -64.45 18.28 24.20
N THR K 219 -63.56 17.30 24.40
CA THR K 219 -63.65 16.39 25.54
C THR K 219 -62.44 16.60 26.43
N VAL K 220 -62.69 16.75 27.72
CA VAL K 220 -61.64 17.02 28.71
C VAL K 220 -61.61 15.85 29.68
N ASN K 221 -60.44 15.24 29.84
CA ASN K 221 -60.23 14.17 30.81
C ASN K 221 -60.08 14.83 32.17
N LEU K 222 -61.18 14.87 32.94
CA LEU K 222 -61.18 15.58 34.22
C LEU K 222 -60.23 14.93 35.21
N SER K 223 -60.16 13.59 35.23
CA SER K 223 -59.32 12.91 36.19
C SER K 223 -57.85 13.29 36.02
N GLN K 224 -57.33 13.18 34.80
CA GLN K 224 -55.94 13.54 34.55
C GLN K 224 -55.71 15.04 34.71
N ALA K 225 -56.70 15.86 34.35
CA ALA K 225 -56.55 17.30 34.52
C ALA K 225 -56.38 17.67 36.00
N PHE K 226 -57.22 17.09 36.86
CA PHE K 226 -57.07 17.37 38.29
C PHE K 226 -55.82 16.72 38.87
N ASP K 227 -55.41 15.56 38.35
CA ASP K 227 -54.17 14.95 38.81
C ASP K 227 -52.97 15.83 38.47
N ASN K 228 -53.01 16.52 37.32
CA ASN K 228 -51.96 17.46 36.97
C ASN K 228 -52.05 18.75 37.78
N LEU K 229 -53.27 19.20 38.06
CA LEU K 229 -53.46 20.45 38.80
C LEU K 229 -53.14 20.30 40.28
N ARG K 230 -53.22 19.09 40.83
CA ARG K 230 -53.07 18.90 42.27
C ARG K 230 -51.72 19.35 42.82
N PRO K 231 -50.58 19.03 42.19
CA PRO K 231 -49.30 19.49 42.77
C PRO K 231 -49.13 21.00 42.80
N LEU K 232 -49.99 21.77 42.14
CA LEU K 232 -49.76 23.20 41.95
C LEU K 232 -51.01 24.05 42.15
N TRP K 233 -51.86 23.70 43.13
CA TRP K 233 -53.01 24.55 43.43
C TRP K 233 -52.56 25.94 43.89
N GLY K 234 -51.88 26.00 45.03
CA GLY K 234 -51.49 27.26 45.64
C GLY K 234 -50.10 27.76 45.29
N VAL K 235 -49.41 27.11 44.38
CA VAL K 235 -48.05 27.52 44.01
C VAL K 235 -48.09 28.85 43.26
N SER K 247 -47.27 26.61 30.82
CA SER K 247 -45.92 26.20 30.43
C SER K 247 -45.65 24.76 30.86
N LEU K 248 -46.02 24.44 32.09
CA LEU K 248 -45.84 23.10 32.65
C LEU K 248 -47.15 22.31 32.69
N LEU K 249 -48.18 22.78 32.01
CA LEU K 249 -49.48 22.12 32.00
C LEU K 249 -49.72 21.42 30.67
N THR K 250 -50.28 20.23 30.73
CA THR K 250 -50.59 19.46 29.54
C THR K 250 -51.75 20.11 28.78
N PRO K 251 -51.88 19.81 27.48
CA PRO K 251 -53.01 20.38 26.72
C PRO K 251 -54.37 20.05 27.29
N ASN K 252 -54.52 18.89 27.94
CA ASN K 252 -55.82 18.53 28.52
C ASN K 252 -56.22 19.52 29.62
N THR K 253 -55.33 19.75 30.59
CA THR K 253 -55.66 20.68 31.65
C THR K 253 -55.68 22.12 31.15
N ARG K 254 -54.89 22.43 30.12
CA ARG K 254 -54.99 23.75 29.50
C ARG K 254 -56.38 23.97 28.90
N LEU K 255 -56.91 22.95 28.22
CA LEU K 255 -58.26 23.05 27.67
C LEU K 255 -59.30 23.16 28.79
N LEU K 256 -59.10 22.42 29.88
CA LEU K 256 -60.02 22.53 31.01
C LEU K 256 -60.04 23.94 31.57
N LEU K 257 -58.84 24.53 31.75
CA LEU K 257 -58.77 25.89 32.27
C LEU K 257 -59.40 26.88 31.29
N LEU K 258 -59.16 26.70 29.99
CA LEU K 258 -59.75 27.60 29.01
C LEU K 258 -61.26 27.49 28.98
N LEU K 259 -61.80 26.30 29.25
CA LEU K 259 -63.25 26.13 29.29
C LEU K 259 -63.84 26.73 30.55
N ILE K 260 -63.15 26.60 31.68
CA ILE K 260 -63.72 27.04 32.95
C ILE K 260 -63.48 28.52 33.21
N ALA K 261 -62.54 29.15 32.49
CA ALA K 261 -62.26 30.56 32.72
C ALA K 261 -63.48 31.48 32.54
N PRO K 262 -64.30 31.34 31.50
CA PRO K 262 -65.48 32.22 31.40
C PRO K 262 -66.49 32.02 32.51
N PHE K 263 -66.43 30.91 33.24
CA PHE K 263 -67.40 30.59 34.28
C PHE K 263 -66.77 30.55 35.67
N THR K 264 -65.90 31.53 35.95
CA THR K 264 -65.27 31.61 37.26
C THR K 264 -64.94 33.06 37.62
N GLY K 268 -63.78 33.99 42.47
CA GLY K 268 -63.50 33.49 43.80
C GLY K 268 -62.05 33.06 43.98
N ILE K 269 -61.37 32.79 42.87
CA ILE K 269 -59.98 32.39 42.91
C ILE K 269 -59.11 33.57 43.30
N SER K 270 -58.23 33.37 44.27
CA SER K 270 -57.28 34.41 44.65
C SER K 270 -56.30 34.68 43.52
N ARG K 271 -56.09 35.95 43.20
CA ARG K 271 -55.22 36.31 42.08
C ARG K 271 -53.75 36.10 42.37
N ASP K 272 -53.37 35.94 43.64
CA ASP K 272 -51.96 35.75 43.98
C ASP K 272 -51.48 34.36 43.58
N SER K 273 -52.35 33.36 43.63
CA SER K 273 -51.95 31.99 43.34
C SER K 273 -51.64 31.81 41.86
N TYR K 274 -50.91 30.73 41.56
CA TYR K 274 -50.57 30.44 40.18
C TYR K 274 -51.82 30.17 39.34
N LEU K 275 -52.78 29.43 39.90
CA LEU K 275 -54.02 29.19 39.18
C LEU K 275 -54.81 30.47 38.99
N GLY K 276 -54.78 31.36 39.98
CA GLY K 276 -55.42 32.65 39.81
C GLY K 276 -54.82 33.45 38.68
N HIS K 277 -53.48 33.50 38.62
CA HIS K 277 -52.80 34.19 37.54
C HIS K 277 -53.14 33.57 36.19
N LEU K 278 -53.13 32.24 36.12
CA LEU K 278 -53.43 31.56 34.87
C LEU K 278 -54.86 31.84 34.42
N LEU K 279 -55.81 31.85 35.36
CA LEU K 279 -57.19 32.15 35.02
C LEU K 279 -57.35 33.59 34.55
N THR K 280 -56.63 34.53 35.18
CA THR K 280 -56.71 35.91 34.72
C THR K 280 -56.16 36.07 33.31
N LEU K 281 -55.01 35.45 33.02
CA LEU K 281 -54.46 35.52 31.67
C LEU K 281 -55.37 34.80 30.66
N TYR K 282 -56.00 33.69 31.03
CA TYR K 282 -56.92 33.04 30.11
C TYR K 282 -58.16 33.88 29.86
N ARG K 283 -58.68 34.55 30.89
CA ARG K 283 -59.79 35.47 30.68
C ARG K 283 -59.39 36.60 29.74
N GLU K 284 -58.19 37.16 29.94
CA GLU K 284 -57.71 38.23 29.06
C GLU K 284 -57.56 37.73 27.63
N THR K 285 -57.03 36.52 27.46
CA THR K 285 -56.86 35.96 26.12
C THR K 285 -58.21 35.71 25.45
N ILE K 286 -59.19 35.23 26.20
CA ILE K 286 -60.52 34.97 25.64
C ILE K 286 -61.20 36.28 25.25
N GLY K 287 -61.07 37.31 26.10
CA GLY K 287 -61.62 38.61 25.74
C GLY K 287 -60.94 39.20 24.51
N ASN K 288 -59.61 39.05 24.42
CA ASN K 288 -58.90 39.47 23.22
C ASN K 288 -59.37 38.69 22.01
N THR K 289 -59.66 37.40 22.16
CA THR K 289 -60.16 36.60 21.05
C THR K 289 -61.52 37.08 20.58
N ARG K 290 -62.42 37.40 21.51
CA ARG K 290 -63.73 37.92 21.12
C ARG K 290 -63.62 39.27 20.42
N VAL K 291 -62.84 40.20 21.00
CA VAL K 291 -62.71 41.50 20.36
C VAL K 291 -62.02 41.35 19.01
N ASP K 292 -61.10 40.39 18.89
CA ASP K 292 -60.42 40.15 17.62
C ASP K 292 -61.38 39.57 16.59
N GLU K 293 -62.29 38.70 17.03
CA GLU K 293 -63.33 38.20 16.14
C GLU K 293 -64.20 39.34 15.62
N THR K 294 -64.60 40.26 16.50
CA THR K 294 -65.41 41.39 16.07
C THR K 294 -64.66 42.24 15.06
N THR K 295 -63.39 42.55 15.34
CA THR K 295 -62.60 43.34 14.42
C THR K 295 -62.40 42.63 13.08
N TYR K 296 -62.17 41.31 13.12
CA TYR K 296 -62.00 40.55 11.88
C TYR K 296 -63.27 40.60 11.05
N ASN K 297 -64.43 40.39 11.69
CA ASN K 297 -65.69 40.45 10.95
C ASN K 297 -65.90 41.81 10.32
N GLU K 298 -65.66 42.87 11.10
CA GLU K 298 -65.84 44.23 10.56
C GLU K 298 -64.91 44.47 9.38
N ILE K 299 -63.63 44.14 9.53
CA ILE K 299 -62.64 44.41 8.48
C ILE K 299 -62.97 43.64 7.22
N THR K 300 -63.32 42.35 7.38
CA THR K 300 -63.62 41.53 6.21
C THR K 300 -64.88 42.03 5.50
N GLU K 301 -65.94 42.34 6.25
CA GLU K 301 -67.18 42.79 5.62
C GLU K 301 -66.97 44.12 4.91
N VAL K 302 -66.16 45.02 5.49
CA VAL K 302 -65.86 46.27 4.81
C VAL K 302 -65.04 46.02 3.55
N SER K 303 -64.04 45.13 3.64
CA SER K 303 -63.14 44.91 2.51
C SER K 303 -63.79 44.12 1.38
N ARG K 304 -64.94 43.48 1.63
CA ARG K 304 -65.68 42.81 0.58
C ARG K 304 -66.65 43.75 -0.14
N ALA K 305 -66.39 45.06 -0.10
CA ALA K 305 -67.22 46.06 -0.76
C ALA K 305 -68.68 45.98 -0.31
N ASP K 310 -61.97 39.15 -1.42
CA ASP K 310 -60.90 38.27 -1.89
C ASP K 310 -60.46 37.31 -0.79
N ALA K 311 -60.31 36.03 -1.13
CA ALA K 311 -59.77 35.08 -0.17
C ALA K 311 -58.34 35.43 0.20
N SER K 312 -57.60 36.06 -0.72
CA SER K 312 -56.27 36.56 -0.39
C SER K 312 -56.32 37.61 0.70
N ASN K 313 -57.37 38.45 0.70
CA ASN K 313 -57.52 39.43 1.77
C ASN K 313 -57.75 38.75 3.11
N LEU K 314 -58.55 37.68 3.13
CA LEU K 314 -58.74 36.91 4.35
C LEU K 314 -57.43 36.28 4.82
N GLN K 315 -56.65 35.73 3.88
CA GLN K 315 -55.33 35.22 4.22
C GLN K 315 -54.47 36.29 4.87
N ALA K 316 -54.41 37.48 4.24
CA ALA K 316 -53.54 38.54 4.75
C ALA K 316 -53.98 38.99 6.13
N THR K 317 -55.29 39.22 6.32
CA THR K 317 -55.75 39.70 7.61
C THR K 317 -55.57 38.64 8.70
N LEU K 318 -55.82 37.36 8.39
CA LEU K 318 -55.63 36.33 9.39
C LEU K 318 -54.16 36.19 9.77
N ASN K 319 -53.26 36.25 8.78
CA ASN K 319 -51.84 36.14 9.07
C ASN K 319 -51.35 37.33 9.90
N TYR K 320 -51.78 38.54 9.55
CA TYR K 320 -51.41 39.71 10.33
C TYR K 320 -52.10 39.73 11.68
N LEU K 321 -53.17 38.96 11.85
CA LEU K 321 -54.03 39.05 13.01
C LEU K 321 -53.74 37.97 14.05
N LEU K 322 -53.12 36.87 13.66
CA LEU K 322 -52.74 35.83 14.62
C LEU K 322 -51.27 35.92 14.97
N GLU L 189 14.62 53.90 32.31
CA GLU L 189 15.54 53.71 33.42
C GLU L 189 16.38 52.46 33.23
N VAL L 190 17.69 52.65 33.07
CA VAL L 190 18.62 51.55 32.83
C VAL L 190 18.75 50.71 34.09
N MET L 191 18.85 49.39 33.91
CA MET L 191 19.03 48.48 35.03
C MET L 191 20.29 48.83 35.81
N ALA L 192 20.19 48.80 37.14
CA ALA L 192 21.34 49.03 37.99
C ALA L 192 22.37 47.91 37.79
N PRO L 193 23.65 48.26 37.80
CA PRO L 193 24.69 47.23 37.61
C PRO L 193 24.66 46.18 38.71
N GLN L 194 24.97 44.96 38.32
CA GLN L 194 25.04 43.85 39.26
C GLN L 194 26.49 43.62 39.70
N PRO L 195 26.72 43.39 40.99
CA PRO L 195 28.09 43.20 41.47
C PRO L 195 28.67 41.88 41.00
N THR L 196 29.93 41.90 40.57
CA THR L 196 30.62 40.69 40.18
C THR L 196 31.11 39.95 41.42
N LEU L 197 31.15 38.63 41.33
CA LEU L 197 31.48 37.77 42.46
C LEU L 197 32.83 37.08 42.24
N VAL L 198 33.59 36.96 43.32
CA VAL L 198 34.87 36.24 43.32
C VAL L 198 34.93 35.48 44.64
N ALA L 199 34.91 34.16 44.58
CA ALA L 199 34.85 33.34 45.77
C ALA L 199 36.23 32.78 46.12
N GLU L 200 36.27 31.98 47.17
CA GLU L 200 37.49 31.36 47.65
C GLU L 200 37.25 29.86 47.84
N GLN L 201 38.22 29.06 47.43
CA GLN L 201 38.09 27.60 47.50
C GLN L 201 39.49 26.99 47.57
N GLY L 202 39.79 26.35 48.69
CA GLY L 202 41.14 25.84 48.89
C GLY L 202 42.12 27.00 49.06
N ALA L 203 43.36 26.75 48.62
CA ALA L 203 44.36 27.82 48.65
C ALA L 203 43.99 28.93 47.67
N MET L 204 43.26 28.58 46.62
CA MET L 204 42.77 29.52 45.63
C MET L 204 41.85 30.55 46.27
N LYS L 205 42.30 31.80 46.31
CA LYS L 205 41.61 32.85 47.05
C LYS L 205 40.94 33.89 46.15
N ALA L 206 41.08 33.78 44.83
CA ALA L 206 40.50 34.75 43.92
C ALA L 206 39.89 34.10 42.69
N VAL L 207 39.18 32.99 42.87
CA VAL L 207 38.57 32.33 41.70
C VAL L 207 37.41 33.16 41.19
N PRO L 208 37.37 33.51 39.91
CA PRO L 208 36.17 34.15 39.37
C PRO L 208 34.98 33.21 39.48
N VAL L 209 33.84 33.75 39.90
CA VAL L 209 32.67 32.95 40.22
C VAL L 209 31.42 33.70 39.77
N ILE L 210 30.54 33.00 39.05
CA ILE L 210 29.28 33.58 38.63
C ILE L 210 28.28 33.51 39.78
N LYS L 211 27.24 34.33 39.71
CA LYS L 211 26.24 34.32 40.76
C LYS L 211 25.54 32.96 40.82
N PRO L 212 25.31 32.41 42.01
CA PRO L 212 24.74 31.06 42.11
C PRO L 212 23.32 31.01 41.58
N ALA L 213 22.96 29.86 41.03
CA ALA L 213 21.63 29.66 40.48
C ALA L 213 20.65 29.31 41.59
N GLN L 214 19.49 29.95 41.55
CA GLN L 214 18.42 29.70 42.51
C GLN L 214 17.09 29.55 41.77
N PRO L 215 16.27 28.56 42.16
CA PRO L 215 14.94 28.44 41.55
C PRO L 215 14.11 29.69 41.84
N PHE L 216 13.32 30.10 40.87
CA PHE L 216 12.53 31.32 41.00
C PHE L 216 11.49 31.17 42.10
N THR L 217 11.42 32.16 42.98
CA THR L 217 10.44 32.19 44.06
C THR L 217 9.83 33.58 44.14
N PRO L 218 8.51 33.71 44.05
CA PRO L 218 7.89 35.04 44.09
C PRO L 218 8.18 35.81 45.37
N ALA L 219 8.31 35.12 46.50
CA ALA L 219 8.61 35.80 47.75
C ALA L 219 9.99 36.43 47.75
N VAL L 220 10.96 35.74 47.16
CA VAL L 220 12.35 36.20 47.16
C VAL L 220 12.71 36.92 45.87
N HIS L 221 12.27 36.40 44.72
CA HIS L 221 12.65 36.95 43.43
C HIS L 221 11.45 37.60 42.75
N GLU L 222 11.74 38.63 41.96
CA GLU L 222 10.73 39.32 41.17
C GLU L 222 11.29 39.60 39.78
N THR L 223 10.40 39.71 38.81
CA THR L 223 10.78 39.96 37.43
C THR L 223 10.82 41.46 37.18
N GLN L 224 12.00 41.96 36.77
CA GLN L 224 12.19 43.37 36.51
C GLN L 224 12.83 43.53 35.14
N ARG L 225 12.28 44.46 34.34
CA ARG L 225 12.82 44.72 33.01
C ARG L 225 14.25 45.26 33.12
N ILE L 226 15.13 44.74 32.25
CA ILE L 226 16.48 45.28 32.17
C ILE L 226 16.44 46.72 31.65
N VAL L 227 15.70 46.95 30.57
CA VAL L 227 15.47 48.28 30.03
C VAL L 227 13.97 48.51 29.98
N THR L 228 13.53 49.65 30.50
CA THR L 228 12.10 49.91 30.60
C THR L 228 11.45 50.01 29.22
N ASN L 229 12.20 50.42 28.20
CA ASN L 229 11.62 50.63 26.88
C ASN L 229 11.12 49.31 26.28
N LEU L 230 11.97 48.29 26.27
CA LEU L 230 11.57 47.03 25.67
C LEU L 230 11.57 45.92 26.72
N PRO L 231 10.59 45.02 26.68
CA PRO L 231 10.47 44.03 27.75
C PRO L 231 11.46 42.88 27.64
N ILE L 232 12.50 42.91 28.48
CA ILE L 232 13.39 41.78 28.67
C ILE L 232 13.40 41.51 30.17
N THR L 233 12.48 40.65 30.62
CA THR L 233 12.32 40.40 32.05
C THR L 233 13.40 39.48 32.56
N THR L 234 13.78 39.69 33.82
CA THR L 234 14.79 38.87 34.47
C THR L 234 14.55 38.89 35.97
N ALA L 235 15.12 37.91 36.66
CA ALA L 235 14.90 37.73 38.09
C ALA L 235 15.91 38.56 38.88
N VAL L 236 15.43 39.23 39.93
CA VAL L 236 16.26 39.98 40.84
C VAL L 236 15.86 39.64 42.27
N THR L 237 16.78 39.91 43.20
CA THR L 237 16.60 39.56 44.61
C THR L 237 15.83 40.62 45.38
N ARG L 238 15.07 41.47 44.69
CA ARG L 238 14.28 42.52 45.32
C ARG L 238 15.14 43.44 46.18
N VAL M 167 -21.16 44.13 51.14
CA VAL M 167 -21.02 44.01 49.69
C VAL M 167 -19.56 43.72 49.34
N VAL M 168 -19.33 42.58 48.68
CA VAL M 168 -18.01 42.12 48.28
C VAL M 168 -17.14 41.90 49.52
N LEU M 169 -17.02 40.65 49.94
CA LEU M 169 -16.33 40.31 51.18
C LEU M 169 -14.91 39.80 50.94
N ASP M 170 -14.71 38.91 49.97
CA ASP M 170 -13.43 38.26 49.77
C ASP M 170 -12.84 38.68 48.42
N GLU M 171 -11.61 39.20 48.45
CA GLU M 171 -10.83 39.49 47.26
C GLU M 171 -9.43 38.92 47.53
N SER M 172 -9.24 37.65 47.19
CA SER M 172 -8.02 36.94 47.53
C SER M 172 -7.21 36.48 46.32
N ASN M 173 -7.87 36.08 45.24
CA ASN M 173 -7.21 35.54 44.05
C ASN M 173 -6.29 34.39 44.43
N PRO M 174 -6.84 33.22 44.79
CA PRO M 174 -5.98 32.10 45.23
C PRO M 174 -4.96 31.67 44.20
N THR M 175 -5.28 31.77 42.90
CA THR M 175 -4.34 31.41 41.86
C THR M 175 -3.61 32.64 41.35
N PRO M 176 -2.28 32.66 41.43
CA PRO M 176 -1.55 33.83 40.91
C PRO M 176 -1.46 33.86 39.39
N SER M 177 -1.53 32.70 38.74
CA SER M 177 -1.36 32.66 37.29
C SER M 177 -2.54 33.29 36.57
N TYR M 178 -3.72 33.33 37.19
CA TYR M 178 -4.90 33.93 36.60
C TYR M 178 -5.14 35.30 37.23
N LYS M 179 -5.36 36.30 36.37
CA LYS M 179 -5.61 37.66 36.83
C LYS M 179 -7.07 38.03 36.60
N PRO M 180 -7.66 38.85 37.48
CA PRO M 180 -9.04 39.28 37.27
C PRO M 180 -9.18 40.17 36.04
N VAL M 181 -10.33 40.06 35.38
CA VAL M 181 -10.66 40.93 34.26
C VAL M 181 -11.93 41.74 34.50
N THR M 182 -12.83 41.28 35.36
CA THR M 182 -14.03 42.01 35.74
C THR M 182 -14.18 41.97 37.25
N GLU M 183 -14.87 42.99 37.79
CA GLU M 183 -15.06 43.06 39.23
C GLU M 183 -16.04 41.97 39.68
N GLN M 184 -16.12 41.79 41.00
CA GLN M 184 -16.95 40.75 41.60
C GLN M 184 -18.41 41.18 41.51
N LYS M 185 -19.00 40.98 40.34
CA LYS M 185 -20.40 41.30 40.13
C LYS M 185 -21.28 40.40 41.00
N VAL M 186 -22.33 41.00 41.56
CA VAL M 186 -23.18 40.30 42.52
C VAL M 186 -24.36 39.68 41.78
N ILE M 187 -24.91 38.61 42.36
CA ILE M 187 -26.07 37.91 41.82
C ILE M 187 -27.26 38.31 42.68
N LEU M 188 -28.24 38.97 42.07
CA LEU M 188 -29.42 39.42 42.79
C LEU M 188 -30.45 38.30 42.90
N PRO M 199 -25.00 35.23 45.61
CA PRO M 199 -23.53 35.15 45.57
C PRO M 199 -22.91 36.20 44.67
N THR M 200 -21.59 36.09 44.45
CA THR M 200 -20.89 36.97 43.54
C THR M 200 -20.09 36.15 42.55
N ILE M 201 -19.95 36.66 41.34
CA ILE M 201 -19.26 35.98 40.25
C ILE M 201 -18.13 36.88 39.75
N GLN M 202 -16.95 36.30 39.62
CA GLN M 202 -15.77 37.02 39.13
C GLN M 202 -15.18 36.25 37.96
N VAL M 203 -14.95 36.96 36.85
CA VAL M 203 -14.35 36.38 35.65
C VAL M 203 -12.86 36.71 35.66
N LEU M 204 -12.03 35.68 35.55
CA LEU M 204 -10.58 35.85 35.54
C LEU M 204 -10.01 35.28 34.25
N ALA M 205 -9.28 36.11 33.52
CA ALA M 205 -8.51 35.63 32.38
C ALA M 205 -7.18 35.07 32.86
N SER M 206 -6.44 34.43 31.95
CA SER M 206 -5.16 33.83 32.28
C SER M 206 -4.04 34.70 31.74
N LYS M 207 -2.98 34.85 32.53
CA LYS M 207 -1.83 35.61 32.11
C LYS M 207 -1.10 34.87 30.98
N LYS M 208 0.02 35.41 30.56
CA LYS M 208 0.76 34.73 29.53
C LYS M 208 1.23 33.43 30.08
N ARG M 209 1.46 32.48 29.21
CA ARG M 209 1.98 31.19 29.62
C ARG M 209 3.27 30.87 28.88
N ARG M 210 3.76 29.64 29.04
CA ARG M 210 4.94 29.20 28.31
C ARG M 210 4.64 29.15 26.81
N MET M 211 5.64 28.79 26.02
CA MET M 211 5.39 28.53 24.62
C MET M 211 4.46 27.32 24.48
N ALA M 212 3.71 27.33 23.38
CA ALA M 212 2.99 26.14 22.94
C ALA M 212 3.72 25.59 21.73
N GLU M 213 3.58 24.29 21.50
CA GLU M 213 4.19 23.71 20.31
C GLU M 213 3.53 24.27 19.04
N ASN M 214 2.23 24.52 19.11
CA ASN M 214 1.47 25.04 17.99
C ASN M 214 0.26 25.80 18.50
N GLU M 215 -0.23 26.71 17.66
CA GLU M 215 -1.29 27.62 18.08
C GLU M 215 -2.59 26.87 18.37
N ASP M 216 -2.80 25.74 17.70
CA ASP M 216 -4.03 24.97 17.89
C ASP M 216 -3.93 24.06 19.10
N ASP M 217 -3.62 24.63 20.27
CA ASP M 217 -3.48 23.85 21.48
C ASP M 217 -4.22 24.41 22.68
N ARG M 218 -4.53 25.71 22.69
CA ARG M 218 -5.19 26.32 23.85
C ARG M 218 -6.69 26.06 23.86
N GLY M 219 -7.39 26.51 22.81
CA GLY M 219 -8.82 26.29 22.72
C GLY M 219 -9.22 24.89 22.32
N ALA M 220 -8.27 24.06 21.92
CA ALA M 220 -8.57 22.70 21.52
C ALA M 220 -9.02 21.88 22.73
N GLY M 221 -10.25 21.41 22.70
CA GLY M 221 -10.81 20.59 23.77
C GLY M 221 -12.21 21.04 24.11
N SER M 222 -12.91 20.18 24.87
CA SER M 222 -14.27 20.46 25.30
C SER M 222 -14.52 20.17 26.76
N VAL M 223 -13.61 19.52 27.48
CA VAL M 223 -13.84 19.19 28.87
C VAL M 223 -13.74 20.45 29.73
N ALA M 224 -14.61 20.54 30.73
CA ALA M 224 -14.65 21.67 31.65
C ALA M 224 -14.35 21.17 33.06
N GLU M 225 -13.49 21.89 33.77
CA GLU M 225 -13.09 21.53 35.12
C GLU M 225 -13.77 22.44 36.13
N VAL M 226 -14.39 21.85 37.15
CA VAL M 226 -14.99 22.60 38.24
C VAL M 226 -14.20 22.34 39.50
N GLN M 227 -13.22 23.19 39.79
CA GLN M 227 -12.34 23.01 40.94
C GLN M 227 -12.99 23.57 42.19
N MET M 228 -12.80 22.85 43.30
CA MET M 228 -13.36 23.24 44.59
C MET M 228 -12.26 23.90 45.43
N ARG M 229 -12.64 24.95 46.15
CA ARG M 229 -11.72 25.68 47.01
C ARG M 229 -12.16 25.55 48.47
N GLU M 230 -11.19 25.66 49.37
CA GLU M 230 -11.47 25.53 50.79
C GLU M 230 -12.38 26.66 51.26
N VAL M 231 -13.26 26.34 52.22
CA VAL M 231 -14.23 27.30 52.70
C VAL M 231 -13.52 28.42 53.46
N LYS M 232 -13.83 29.66 53.10
CA LYS M 232 -13.27 30.83 53.76
C LYS M 232 -14.34 31.52 54.59
N PRO M 233 -14.26 31.52 55.92
CA PRO M 233 -15.26 32.16 56.78
C PRO M 233 -15.08 33.68 56.85
N ILE M 240 -17.44 31.48 53.40
CA ILE M 240 -17.95 31.37 52.04
C ILE M 240 -17.14 30.34 51.27
N GLN M 241 -17.79 29.69 50.29
CA GLN M 241 -17.13 28.70 49.44
C GLN M 241 -16.83 29.31 48.08
N THR M 242 -15.70 28.91 47.51
CA THR M 242 -15.25 29.39 46.20
C THR M 242 -15.14 28.19 45.27
N VAL M 243 -15.62 28.37 44.04
CA VAL M 243 -15.54 27.34 43.01
C VAL M 243 -14.81 27.90 41.80
N ASP M 244 -13.85 27.14 41.28
CA ASP M 244 -13.12 27.50 40.07
C ASP M 244 -13.68 26.66 38.93
N VAL M 245 -14.53 27.26 38.11
CA VAL M 245 -15.10 26.60 36.94
C VAL M 245 -14.40 27.16 35.71
N SER M 246 -13.83 26.26 34.90
CA SER M 246 -13.11 26.62 33.70
C SER M 246 -13.79 25.99 32.50
N VAL M 247 -14.14 26.81 31.52
CA VAL M 247 -14.83 26.32 30.32
C VAL M 247 -13.91 26.54 29.13
N PRO M 248 -14.05 25.77 28.05
CA PRO M 248 -13.23 26.00 26.87
C PRO M 248 -13.55 27.33 26.22
N ASP M 249 -12.63 27.79 25.36
CA ASP M 249 -12.73 29.14 24.81
C ASP M 249 -14.00 29.34 24.01
N HIS M 250 -14.35 28.38 23.15
CA HIS M 250 -15.43 28.57 22.19
C HIS M 250 -16.78 28.80 22.85
N SER M 251 -16.95 28.44 24.11
CA SER M 251 -18.19 28.69 24.82
C SER M 251 -18.43 30.18 24.96
N THR M 252 -19.67 30.60 24.81
CA THR M 252 -20.01 32.02 24.86
C THR M 252 -19.93 32.51 26.30
N PRO M 253 -19.14 33.57 26.57
CA PRO M 253 -19.04 34.06 27.95
C PRO M 253 -20.36 34.47 28.55
N MET M 254 -21.26 35.08 27.76
CA MET M 254 -22.57 35.46 28.29
C MET M 254 -23.38 34.24 28.71
N GLU M 255 -23.38 33.20 27.87
CA GLU M 255 -24.09 31.98 28.21
C GLU M 255 -23.50 31.32 29.45
N VAL M 256 -22.17 31.28 29.55
CA VAL M 256 -21.53 30.68 30.71
C VAL M 256 -21.88 31.45 31.97
N VAL M 257 -21.83 32.78 31.90
CA VAL M 257 -22.15 33.61 33.08
C VAL M 257 -23.60 33.40 33.50
N GLN M 258 -24.53 33.38 32.53
CA GLN M 258 -25.93 33.20 32.88
C GLN M 258 -26.19 31.82 33.48
N SER M 259 -25.58 30.77 32.91
CA SER M 259 -25.75 29.44 33.46
C SER M 259 -25.18 29.32 34.86
N LEU M 260 -23.99 29.91 35.09
CA LEU M 260 -23.40 29.88 36.42
C LEU M 260 -24.25 30.65 37.42
N SER M 261 -24.81 31.78 36.99
CA SER M 261 -25.69 32.55 37.88
C SER M 261 -26.94 31.76 38.24
N ARG M 262 -27.54 31.09 37.26
CA ARG M 262 -28.72 30.28 37.54
C ARG M 262 -28.39 29.13 38.50
N ALA M 263 -27.24 28.48 38.28
CA ALA M 263 -26.82 27.40 39.17
C ALA M 263 -26.58 27.91 40.58
N ALA M 264 -25.94 29.08 40.70
CA ALA M 264 -25.69 29.66 42.02
C ALA M 264 -27.01 30.00 42.72
N GLN M 265 -27.97 30.54 41.98
CA GLN M 265 -29.27 30.85 42.57
C GLN M 265 -29.96 29.57 43.04
N VAL M 266 -29.91 28.51 42.23
CA VAL M 266 -30.52 27.24 42.63
C VAL M 266 -29.85 26.69 43.88
N ALA M 267 -28.51 26.73 43.92
CA ALA M 267 -27.78 26.22 45.08
C ALA M 267 -28.11 27.03 46.34
N GLN M 268 -28.19 28.35 46.21
CA GLN M 268 -28.53 29.19 47.36
C GLN M 268 -29.94 28.90 47.85
N ARG M 269 -30.89 28.71 46.92
CA ARG M 269 -32.26 28.41 47.32
C ARG M 269 -32.35 27.05 48.01
N LEU M 270 -31.65 26.04 47.49
CA LEU M 270 -31.75 24.68 48.01
C LEU M 270 -30.79 24.39 49.15
N THR M 271 -29.92 25.34 49.51
CA THR M 271 -29.00 25.15 50.63
C THR M 271 -29.08 26.32 51.60
N VAL M 283 -32.53 16.73 49.93
CA VAL M 283 -33.98 16.56 49.95
C VAL M 283 -34.33 15.10 49.74
N GLU M 284 -35.63 14.79 49.81
CA GLU M 284 -36.11 13.43 49.60
C GLU M 284 -36.07 13.01 48.13
N ALA M 285 -36.18 13.97 47.21
CA ALA M 285 -36.13 13.64 45.79
C ALA M 285 -34.77 13.07 45.41
N MET M 286 -33.68 13.67 45.91
CA MET M 286 -32.35 13.13 45.66
C MET M 286 -32.16 11.81 46.36
N ASP M 287 -32.71 11.67 47.57
CA ASP M 287 -32.58 10.41 48.31
C ASP M 287 -33.29 9.28 47.58
N LEU M 288 -34.36 9.58 46.85
CA LEU M 288 -35.07 8.55 46.11
C LEU M 288 -34.19 7.89 45.06
N SER M 289 -33.19 8.61 44.55
CA SER M 289 -32.38 8.13 43.44
C SER M 289 -31.12 7.40 43.90
N ALA M 290 -31.28 6.46 44.85
CA ALA M 290 -30.38 5.35 45.19
C ALA M 290 -30.74 4.76 46.56
N PRO M 291 -30.40 5.42 47.73
CA PRO M 291 -30.46 4.73 49.02
C PRO M 291 -31.83 4.81 49.70
N VAL M 292 -32.89 4.52 48.95
CA VAL M 292 -34.23 4.44 49.54
C VAL M 292 -34.87 3.11 49.15
N ASP M 293 -34.48 2.58 47.99
CA ASP M 293 -34.95 1.29 47.48
C ASP M 293 -36.45 1.31 47.18
N ALA M 294 -36.94 0.27 46.51
CA ALA M 294 -38.35 0.20 46.14
C ALA M 294 -39.08 -0.95 46.84
N LYS M 295 -38.62 -2.18 46.69
CA LYS M 295 -39.22 -3.32 47.37
C LYS M 295 -39.09 -3.20 48.88
N PRO M 296 -37.94 -2.77 49.43
CA PRO M 296 -37.91 -2.46 50.86
C PRO M 296 -38.87 -1.35 51.25
N LEU M 297 -39.28 -0.49 50.32
CA LEU M 297 -40.29 0.51 50.60
C LEU M 297 -41.66 -0.13 50.40
N ASP M 298 -41.86 -1.28 51.05
CA ASP M 298 -43.18 -1.93 51.09
C ASP M 298 -43.56 -2.44 52.48
N LEU M 299 -42.62 -2.57 53.41
CA LEU M 299 -42.96 -2.87 54.79
C LEU M 299 -43.43 -1.62 55.53
N LYS M 300 -42.62 -0.56 55.48
CA LYS M 300 -42.97 0.66 56.18
C LYS M 300 -44.28 1.30 55.72
N PRO M 301 -44.57 1.42 54.42
CA PRO M 301 -45.82 2.12 54.03
C PRO M 301 -47.09 1.49 54.59
N VAL M 302 -47.12 0.17 54.72
CA VAL M 302 -48.32 -0.51 55.18
C VAL M 302 -48.18 -1.06 56.60
N ASP M 303 -46.96 -1.31 57.07
CA ASP M 303 -46.75 -1.82 58.43
C ASP M 303 -45.79 -0.91 59.19
N SER N 2 -51.45 9.89 19.91
CA SER N 2 -51.43 10.45 21.25
C SER N 2 -52.69 11.25 21.53
N LYS N 3 -53.27 11.03 22.71
CA LYS N 3 -54.49 11.75 23.08
C LYS N 3 -54.19 13.18 23.50
N GLU N 4 -53.04 13.42 24.14
CA GLU N 4 -52.73 14.77 24.61
C GLU N 4 -52.53 15.72 23.44
N ILE N 5 -51.72 15.34 22.46
CA ILE N 5 -51.44 16.18 21.30
C ILE N 5 -51.86 15.43 20.05
N PRO N 6 -53.12 15.57 19.60
CA PRO N 6 -53.58 14.82 18.43
C PRO N 6 -53.35 15.58 17.13
N THR N 7 -53.37 14.81 16.04
CA THR N 7 -53.30 15.40 14.71
C THR N 7 -54.65 16.00 14.34
N PRO N 8 -54.68 17.23 13.83
CA PRO N 8 -55.97 17.87 13.53
C PRO N 8 -56.75 17.12 12.46
N TYR N 9 -58.08 17.21 12.57
CA TYR N 9 -58.99 16.59 11.61
C TYR N 9 -59.27 17.59 10.50
N VAL N 10 -58.55 17.47 9.39
CA VAL N 10 -58.73 18.36 8.25
C VAL N 10 -60.00 17.97 7.51
N TRP N 11 -60.85 18.96 7.23
CA TRP N 11 -62.14 18.71 6.60
C TRP N 11 -61.98 18.55 5.09
N THR N 12 -62.99 17.94 4.48
CA THR N 12 -63.04 17.74 3.03
C THR N 12 -64.24 18.51 2.48
N PHE N 13 -64.02 19.26 1.40
CA PHE N 13 -65.04 20.10 0.82
C PHE N 13 -65.72 19.40 -0.34
N GLN N 14 -67.05 19.53 -0.40
CA GLN N 14 -67.85 18.95 -1.48
C GLN N 14 -68.48 20.09 -2.27
N PRO N 15 -67.87 20.50 -3.39
CA PRO N 15 -68.36 21.69 -4.09
C PRO N 15 -69.50 21.42 -5.04
N GLN N 16 -70.49 20.65 -4.61
CA GLN N 16 -71.73 20.51 -5.37
C GLN N 16 -72.91 20.78 -4.45
N MET N 17 -72.81 20.31 -3.21
CA MET N 17 -73.80 20.58 -2.18
C MET N 17 -73.43 21.75 -1.28
N GLY N 18 -72.22 22.29 -1.43
CA GLY N 18 -71.79 23.39 -0.58
C GLY N 18 -71.71 23.04 0.90
N ALA N 19 -71.20 21.85 1.21
CA ALA N 19 -71.08 21.41 2.60
C ALA N 19 -69.90 20.46 2.71
N ALA N 20 -69.40 20.32 3.94
CA ALA N 20 -68.28 19.44 4.19
C ALA N 20 -68.71 17.98 4.07
N ALA N 21 -67.85 17.16 3.48
CA ALA N 21 -68.08 15.74 3.32
C ALA N 21 -67.06 14.98 4.18
N GLY N 22 -67.40 14.81 5.45
CA GLY N 22 -66.55 14.07 6.36
C GLY N 22 -65.23 14.75 6.67
N ALA N 23 -64.52 14.24 7.67
CA ALA N 23 -63.21 14.75 8.03
C ALA N 23 -62.31 13.58 8.37
N SER N 24 -61.01 13.75 8.09
CA SER N 24 -60.01 12.74 8.38
C SER N 24 -58.77 13.42 8.92
N GLN N 25 -57.99 12.66 9.68
CA GLN N 25 -56.78 13.21 10.30
C GLN N 25 -55.79 13.66 9.24
N ASP N 26 -55.03 14.70 9.58
CA ASP N 26 -54.09 15.30 8.63
C ASP N 26 -52.90 14.37 8.49
N TYR N 27 -53.06 13.36 7.65
CA TYR N 27 -52.02 12.37 7.41
C TYR N 27 -51.06 12.77 6.29
N SER N 28 -51.24 13.95 5.71
CA SER N 28 -50.39 14.43 4.63
C SER N 28 -49.29 15.37 5.12
N THR N 29 -49.59 16.30 6.02
CA THR N 29 -48.60 17.22 6.55
C THR N 29 -48.16 16.72 7.93
N ARG N 30 -47.27 15.74 7.92
CA ARG N 30 -46.74 15.18 9.15
C ARG N 30 -45.26 14.90 8.98
N MET N 31 -44.51 15.05 10.07
CA MET N 31 -43.06 14.99 10.04
C MET N 31 -42.57 13.74 10.77
N ASN N 32 -41.67 13.00 10.13
CA ASN N 32 -41.14 11.77 10.69
C ASN N 32 -40.08 12.08 11.74
N TRP N 33 -40.10 11.34 12.85
CA TRP N 33 -39.15 11.57 13.93
C TRP N 33 -38.56 10.28 14.50
N PHE N 34 -38.70 9.15 13.80
CA PHE N 34 -38.03 7.95 14.26
C PHE N 34 -36.51 8.05 14.14
N SER N 35 -36.01 9.02 13.39
CA SER N 35 -34.58 9.26 13.29
C SER N 35 -34.08 10.29 14.29
N ALA N 36 -34.95 10.79 15.16
CA ALA N 36 -34.62 11.88 16.08
C ALA N 36 -34.69 11.39 17.52
N GLY N 37 -33.71 11.82 18.32
CA GLY N 37 -33.72 11.54 19.73
C GLY N 37 -34.61 12.51 20.49
N PRO N 38 -34.65 12.32 21.82
CA PRO N 38 -35.60 13.10 22.63
C PRO N 38 -35.41 14.60 22.52
N ASP N 39 -34.19 15.06 22.26
CA ASP N 39 -33.94 16.50 22.14
C ASP N 39 -34.82 17.10 21.04
N MET N 40 -34.87 16.45 19.88
CA MET N 40 -35.74 16.92 18.80
C MET N 40 -37.18 16.44 18.95
N ILE N 41 -37.41 15.33 19.66
CA ILE N 41 -38.77 14.89 19.91
C ILE N 41 -39.52 15.96 20.70
N HIS N 42 -38.85 16.56 21.69
CA HIS N 42 -39.47 17.64 22.44
C HIS N 42 -39.83 18.81 21.54
N ASP N 43 -38.92 19.17 20.61
CA ASP N 43 -39.20 20.26 19.70
C ASP N 43 -40.39 19.95 18.81
N VAL N 44 -40.46 18.74 18.27
CA VAL N 44 -41.57 18.37 17.38
C VAL N 44 -42.88 18.38 18.15
N ASN N 45 -42.88 17.86 19.38
CA ASN N 45 -44.10 17.87 20.19
C ASN N 45 -44.54 19.29 20.50
N ASN N 46 -43.59 20.18 20.81
CA ASN N 46 -43.93 21.57 21.05
C ASN N 46 -44.51 22.23 19.81
N ILE N 47 -43.96 21.91 18.64
CA ILE N 47 -44.48 22.46 17.39
C ILE N 47 -45.90 21.98 17.14
N ARG N 48 -46.16 20.69 17.37
CA ARG N 48 -47.51 20.17 17.19
C ARG N 48 -48.49 20.81 18.16
N ASP N 49 -48.06 21.02 19.41
CA ASP N 49 -48.92 21.69 20.38
C ASP N 49 -49.21 23.13 19.97
N ALA N 50 -48.19 23.83 19.46
CA ALA N 50 -48.40 25.20 19.00
C ALA N 50 -49.36 25.24 17.81
N GLN N 51 -49.22 24.27 16.89
CA GLN N 51 -50.14 24.20 15.76
C GLN N 51 -51.56 23.94 16.22
N ASN N 52 -51.74 23.05 17.21
CA ASN N 52 -53.08 22.82 17.75
C ASN N 52 -53.65 24.07 18.40
N ARG N 53 -52.82 24.82 19.13
CA ARG N 53 -53.29 26.05 19.75
C ARG N 53 -53.70 27.07 18.69
N ILE N 54 -52.90 27.20 17.62
CA ILE N 54 -53.23 28.12 16.55
C ILE N 54 -54.54 27.73 15.88
N LEU N 55 -54.73 26.42 15.67
CA LEU N 55 -55.99 25.97 15.07
C LEU N 55 -57.18 26.27 15.99
N MET N 56 -57.03 26.07 17.30
CA MET N 56 -58.12 26.34 18.22
C MET N 56 -58.48 27.82 18.22
N THR N 57 -57.47 28.71 18.28
CA THR N 57 -57.79 30.13 18.31
C THR N 57 -58.32 30.60 16.96
N GLN N 58 -57.86 30.02 15.85
CA GLN N 58 -58.42 30.36 14.55
C GLN N 58 -59.88 29.94 14.47
N SER N 59 -60.21 28.78 15.02
CA SER N 59 -61.61 28.37 15.11
C SER N 59 -62.42 29.37 15.90
N ALA N 60 -61.91 29.78 17.07
CA ALA N 60 -62.63 30.72 17.91
C ALA N 60 -62.85 32.05 17.19
N ILE N 61 -61.87 32.49 16.40
CA ILE N 61 -61.98 33.78 15.72
C ILE N 61 -62.94 33.69 14.55
N THR N 62 -62.76 32.71 13.66
CA THR N 62 -63.46 32.74 12.39
C THR N 62 -64.77 31.95 12.41
N ALA N 63 -64.78 30.78 13.06
CA ALA N 63 -65.94 29.92 13.00
C ALA N 63 -67.12 30.55 13.74
N THR N 64 -68.28 30.57 13.08
CA THR N 64 -69.49 31.07 13.73
C THR N 64 -70.04 30.01 14.68
N PRO N 65 -70.51 30.41 15.86
CA PRO N 65 -71.09 29.44 16.79
C PRO N 65 -72.33 28.78 16.21
N ARG N 66 -72.47 27.49 16.49
CA ARG N 66 -73.57 26.69 15.95
C ARG N 66 -73.64 25.37 16.70
N ASN N 67 -74.86 24.88 16.90
CA ASN N 67 -75.03 23.62 17.62
C ASN N 67 -74.47 22.44 16.84
N LEU N 68 -74.86 22.32 15.57
CA LEU N 68 -74.37 21.24 14.73
C LEU N 68 -72.97 21.56 14.22
N ILE N 69 -72.20 20.49 13.97
CA ILE N 69 -70.87 20.66 13.41
C ILE N 69 -70.96 21.13 11.96
N ASP N 70 -71.83 20.51 11.17
CA ASP N 70 -71.96 20.81 9.75
C ASP N 70 -73.43 20.84 9.37
N PRO N 71 -74.10 21.98 9.52
CA PRO N 71 -75.47 22.11 9.01
C PRO N 71 -75.47 22.02 7.49
N ARG N 72 -76.16 21.00 6.96
CA ARG N 72 -76.20 20.82 5.51
C ARG N 72 -76.89 22.00 4.83
N GLN N 73 -78.01 22.45 5.38
CA GLN N 73 -78.71 23.62 4.90
C GLN N 73 -78.49 24.76 5.90
N TRP N 74 -77.98 25.88 5.41
CA TRP N 74 -77.60 26.99 6.26
C TRP N 74 -78.67 28.07 6.25
N ALA N 75 -78.81 28.74 7.40
CA ALA N 75 -79.72 29.87 7.49
C ALA N 75 -79.24 31.00 6.59
N ALA N 76 -80.20 31.81 6.13
CA ALA N 76 -79.89 32.85 5.15
C ALA N 76 -78.91 33.87 5.72
N HIS N 77 -79.10 34.27 6.98
CA HIS N 77 -78.26 35.32 7.55
C HIS N 77 -76.82 34.85 7.77
N LEU N 78 -76.62 33.57 8.09
CA LEU N 78 -75.26 33.06 8.29
C LEU N 78 -74.46 33.08 6.99
N ILE N 79 -75.12 32.80 5.87
CA ILE N 79 -74.43 32.80 4.58
C ILE N 79 -74.08 34.23 4.19
N LYS N 80 -72.83 34.45 3.82
CA LYS N 80 -72.38 35.78 3.39
C LYS N 80 -72.85 36.02 1.96
N GLN N 81 -73.88 36.84 1.81
CA GLN N 81 -74.41 37.14 0.49
C GLN N 81 -73.43 38.01 -0.29
N PRO N 82 -73.39 37.89 -1.61
CA PRO N 82 -72.52 38.75 -2.41
C PRO N 82 -73.15 40.13 -2.59
N VAL N 83 -72.35 41.17 -2.40
CA VAL N 83 -72.85 42.53 -2.54
C VAL N 83 -73.17 42.82 -4.00
N VAL N 84 -74.18 43.66 -4.22
CA VAL N 84 -74.62 44.04 -5.56
C VAL N 84 -74.63 45.55 -5.65
N GLY N 85 -74.09 46.08 -6.74
CA GLY N 85 -74.06 47.52 -6.93
C GLY N 85 -75.40 48.06 -7.39
N THR N 86 -75.51 49.39 -7.36
CA THR N 86 -76.73 50.05 -7.81
C THR N 86 -76.73 50.17 -9.33
N THR N 87 -77.83 49.76 -9.95
CA THR N 87 -77.94 49.78 -11.40
C THR N 87 -78.61 51.08 -11.83
N HIS N 88 -77.89 51.89 -12.60
CA HIS N 88 -78.42 53.13 -13.14
C HIS N 88 -78.80 52.89 -14.60
N VAL N 89 -80.06 53.17 -14.93
CA VAL N 89 -80.56 53.02 -16.30
C VAL N 89 -81.26 54.31 -16.69
N GLU N 90 -81.11 54.69 -17.95
CA GLU N 90 -81.63 55.94 -18.48
C GLU N 90 -82.73 55.65 -19.49
N MET N 91 -83.89 56.24 -19.31
CA MET N 91 -84.97 56.05 -20.27
C MET N 91 -84.63 56.83 -21.55
N PRO N 92 -84.48 56.14 -22.69
CA PRO N 92 -84.03 56.85 -23.89
C PRO N 92 -85.11 57.71 -24.53
N ARG N 93 -86.34 57.21 -24.62
CA ARG N 93 -87.38 57.84 -25.42
C ARG N 93 -88.60 58.13 -24.56
N ASN N 94 -89.29 59.23 -24.89
CA ASN N 94 -90.53 59.61 -24.25
C ASN N 94 -91.68 59.12 -25.13
N GLU N 95 -92.35 58.05 -24.70
CA GLU N 95 -93.30 57.36 -25.56
C GLU N 95 -94.50 58.23 -25.91
N VAL N 96 -95.04 58.97 -24.93
CA VAL N 96 -96.24 59.75 -25.19
C VAL N 96 -95.95 60.89 -26.16
N LEU N 97 -94.79 61.55 -26.01
CA LEU N 97 -94.47 62.66 -26.90
C LEU N 97 -94.11 62.15 -28.29
N GLU N 98 -93.42 61.01 -28.36
CA GLU N 98 -93.14 60.41 -29.66
C GLU N 98 -94.43 60.01 -30.37
N GLN N 99 -95.39 59.45 -29.61
CA GLN N 99 -96.68 59.10 -30.20
C GLN N 99 -97.41 60.33 -30.70
N HIS N 100 -97.38 61.43 -29.94
CA HIS N 100 -98.01 62.67 -30.38
C HIS N 100 -97.37 63.16 -31.68
N LEU N 101 -96.04 63.17 -31.74
CA LEU N 101 -95.35 63.64 -32.95
C LEU N 101 -95.67 62.74 -34.15
N THR N 102 -95.69 61.42 -33.95
CA THR N 102 -96.01 60.52 -35.05
C THR N 102 -97.45 60.70 -35.51
N SER N 103 -98.38 60.90 -34.57
CA SER N 103 -99.77 61.12 -34.94
C SER N 103 -99.93 62.42 -35.72
N HIS N 104 -99.14 63.44 -35.38
CA HIS N 104 -99.18 64.67 -36.16
C HIS N 104 -98.35 64.61 -37.44
N GLY N 105 -97.91 63.41 -37.85
CA GLY N 105 -97.26 63.25 -39.13
C GLY N 105 -95.76 63.46 -39.12
N ALA N 106 -95.05 62.78 -38.23
CA ALA N 106 -93.60 62.87 -38.15
C ALA N 106 -93.00 61.48 -38.00
N GLN N 107 -91.89 61.24 -38.68
CA GLN N 107 -91.17 59.97 -38.60
C GLN N 107 -89.88 60.18 -37.82
N ILE N 108 -89.65 59.35 -36.80
CA ILE N 108 -88.47 59.43 -35.97
C ILE N 108 -87.59 58.22 -36.26
N ALA N 109 -86.34 58.48 -36.62
CA ALA N 109 -85.35 57.43 -36.91
C ALA N 109 -84.23 57.57 -35.88
N GLY N 110 -84.39 56.90 -34.74
CA GLY N 110 -83.42 57.01 -33.68
C GLY N 110 -82.14 56.25 -33.97
N GLY N 111 -81.16 56.44 -33.09
CA GLY N 111 -79.88 55.80 -33.23
C GLY N 111 -79.46 55.01 -32.00
N ARG N 148 -81.52 62.42 -24.60
CA ARG N 148 -81.68 63.61 -25.41
C ARG N 148 -81.86 63.24 -26.87
N SER N 149 -82.97 63.66 -27.47
CA SER N 149 -83.16 63.54 -28.91
C SER N 149 -83.24 64.91 -29.58
N SER N 150 -84.22 65.73 -29.18
CA SER N 150 -84.46 67.06 -29.71
C SER N 150 -85.79 67.58 -29.17
N PHE N 151 -86.85 66.79 -29.35
CA PHE N 151 -88.21 67.15 -28.98
C PHE N 151 -88.52 66.85 -27.52
N ASN N 152 -87.66 66.11 -26.82
CA ASN N 152 -87.94 65.73 -25.44
C ASN N 152 -87.11 66.59 -24.50
N PRO N 153 -87.70 67.53 -23.77
CA PRO N 153 -86.91 68.36 -22.85
C PRO N 153 -86.58 67.64 -21.55
N LEU N 154 -87.42 66.69 -21.17
CA LEU N 154 -87.23 65.97 -19.92
C LEU N 154 -86.11 64.94 -20.05
N GLN N 155 -85.63 64.48 -18.90
CA GLN N 155 -84.58 63.47 -18.84
C GLN N 155 -84.68 62.77 -17.49
N THR N 156 -85.15 61.53 -17.50
CA THR N 156 -85.38 60.77 -16.28
C THR N 156 -84.44 59.59 -16.19
N ASP N 157 -84.03 59.27 -14.96
CA ASP N 157 -83.15 58.15 -14.68
C ASP N 157 -83.78 57.26 -13.62
N PHE N 158 -83.47 55.97 -13.70
CA PHE N 158 -83.97 54.99 -12.75
C PHE N 158 -82.80 54.34 -12.02
N ALA N 159 -82.87 54.31 -10.70
CA ALA N 159 -81.87 53.68 -9.86
C ALA N 159 -82.56 52.67 -8.95
N PHE N 160 -82.02 51.45 -8.91
CA PHE N 160 -82.61 50.38 -8.11
C PHE N 160 -81.55 49.33 -7.85
N HIS N 161 -81.83 48.49 -6.86
CA HIS N 161 -80.96 47.37 -6.49
C HIS N 161 -81.59 46.08 -6.95
N ALA N 162 -80.84 45.28 -7.72
CA ALA N 162 -81.34 44.02 -8.24
C ALA N 162 -81.05 42.87 -7.28
N LEU N 163 -81.63 42.99 -6.09
CA LEU N 163 -81.47 41.96 -5.07
C LEU N 163 -82.33 40.75 -5.40
N PRO N 164 -81.87 39.54 -5.05
CA PRO N 164 -82.72 38.36 -5.20
C PRO N 164 -83.92 38.46 -4.26
N SER N 165 -85.02 37.81 -4.67
CA SER N 165 -86.25 37.89 -3.88
C SER N 165 -86.04 37.30 -2.49
N ARG N 166 -85.41 36.13 -2.41
CA ARG N 166 -85.07 35.53 -1.13
C ARG N 166 -83.55 35.50 -0.96
N PRO N 167 -83.06 35.59 0.28
CA PRO N 167 -81.60 35.75 0.47
C PRO N 167 -80.82 34.45 0.37
N ARG N 168 -81.14 33.61 -0.61
CA ARG N 168 -80.33 32.46 -1.01
C ARG N 168 -79.85 31.63 0.17
N HIS N 169 -80.81 31.01 0.87
CA HIS N 169 -80.47 30.04 1.89
C HIS N 169 -80.08 28.71 1.25
N GLY N 170 -79.06 28.07 1.81
CA GLY N 170 -78.59 26.81 1.23
C GLY N 170 -77.16 26.46 1.57
N GLY N 171 -76.37 26.14 0.55
CA GLY N 171 -75.02 25.66 0.74
C GLY N 171 -74.02 26.78 1.05
N ILE N 172 -72.76 26.37 1.19
CA ILE N 172 -71.66 27.24 1.57
C ILE N 172 -70.63 27.26 0.46
N GLY N 173 -70.21 28.46 0.07
CA GLY N 173 -69.16 28.58 -0.92
C GLY N 173 -67.81 28.17 -0.36
N SER N 174 -66.82 28.12 -1.26
CA SER N 174 -65.48 27.69 -0.87
C SER N 174 -64.86 28.66 0.12
N ARG N 175 -65.03 29.97 -0.10
CA ARG N 175 -64.42 30.96 0.78
C ARG N 175 -64.97 30.84 2.19
N GLN N 176 -66.29 30.80 2.34
CA GLN N 176 -66.88 30.68 3.67
C GLN N 176 -66.55 29.32 4.29
N PHE N 177 -66.50 28.27 3.48
CA PHE N 177 -66.15 26.95 4.00
C PHE N 177 -64.76 26.95 4.60
N VAL N 178 -63.78 27.50 3.88
CA VAL N 178 -62.43 27.48 4.41
C VAL N 178 -62.30 28.46 5.57
N GLU N 179 -63.12 29.51 5.57
CA GLU N 179 -63.13 30.44 6.71
C GLU N 179 -63.62 29.75 7.98
N GLU N 180 -64.67 28.95 7.88
CA GLU N 180 -65.38 28.47 9.06
C GLU N 180 -65.04 27.04 9.45
N PHE N 181 -64.97 26.11 8.49
CA PHE N 181 -64.63 24.71 8.77
C PHE N 181 -63.11 24.56 8.85
N VAL N 182 -62.54 25.17 9.88
CA VAL N 182 -61.10 25.07 10.12
C VAL N 182 -60.81 23.65 10.63
N PRO N 183 -59.58 23.17 10.52
CA PRO N 183 -59.26 21.83 11.05
C PRO N 183 -59.59 21.75 12.54
N ALA N 184 -60.17 20.63 12.93
CA ALA N 184 -60.62 20.43 14.30
C ALA N 184 -59.61 19.61 15.08
N VAL N 185 -59.34 20.04 16.31
CA VAL N 185 -58.46 19.32 17.21
C VAL N 185 -59.34 18.55 18.18
N TYR N 186 -59.33 17.21 18.07
CA TYR N 186 -60.14 16.34 18.92
C TYR N 186 -59.22 15.79 20.01
N LEU N 187 -59.26 16.42 21.18
CA LEU N 187 -58.31 16.12 22.25
C LEU N 187 -58.43 14.68 22.72
N ASN N 188 -59.55 14.33 23.34
CA ASN N 188 -59.71 12.96 23.83
C ASN N 188 -60.57 12.21 22.85
N PRO N 189 -60.00 11.33 22.03
CA PRO N 189 -60.73 10.82 20.87
C PRO N 189 -61.63 9.64 21.19
N TYR N 190 -62.91 9.78 20.87
CA TYR N 190 -63.88 8.69 20.93
C TYR N 190 -63.91 8.05 22.32
N SER N 191 -64.19 8.88 23.31
CA SER N 191 -64.30 8.45 24.70
C SER N 191 -65.69 8.76 25.20
N GLY N 192 -66.47 7.73 25.50
CA GLY N 192 -67.82 7.91 25.98
C GLY N 192 -68.81 7.06 25.24
N PRO N 193 -70.10 7.34 25.44
CA PRO N 193 -71.15 6.57 24.77
C PRO N 193 -71.14 6.82 23.27
N PRO N 194 -71.64 5.88 22.47
CA PRO N 194 -71.60 6.05 21.02
C PRO N 194 -72.34 7.28 20.52
N ASP N 195 -73.41 7.70 21.20
CA ASP N 195 -74.14 8.88 20.75
C ASP N 195 -73.38 10.17 21.04
N SER N 196 -72.35 10.12 21.88
CA SER N 196 -71.55 11.29 22.20
C SER N 196 -70.37 11.48 21.25
N TYR N 197 -70.17 10.58 20.31
CA TYR N 197 -69.08 10.71 19.37
C TYR N 197 -69.31 11.88 18.43
N PRO N 198 -68.25 12.50 17.92
CA PRO N 198 -68.44 13.53 16.89
C PRO N 198 -68.76 12.89 15.55
N ASP N 199 -70.03 12.93 15.17
CA ASP N 199 -70.40 12.46 13.85
C ASP N 199 -70.10 13.54 12.82
N GLN N 200 -70.42 13.25 11.56
CA GLN N 200 -70.11 14.08 10.40
C GLN N 200 -68.62 14.12 10.11
N PHE N 201 -67.79 13.50 10.95
CA PHE N 201 -66.44 13.14 10.52
C PHE N 201 -66.48 12.01 9.53
N ILE N 202 -67.51 11.16 9.62
CA ILE N 202 -67.71 10.10 8.64
C ILE N 202 -68.21 10.71 7.34
N ARG N 203 -67.61 10.32 6.22
CA ARG N 203 -67.92 10.96 4.95
C ARG N 203 -69.38 10.76 4.57
N HIS N 204 -69.90 9.56 4.79
CA HIS N 204 -71.27 9.20 4.41
C HIS N 204 -72.11 9.11 5.68
N TYR N 205 -72.67 10.23 6.09
CA TYR N 205 -73.48 10.30 7.30
C TYR N 205 -74.41 11.49 7.21
N ASN N 206 -75.70 11.26 7.29
CA ASN N 206 -76.70 12.32 7.27
C ASN N 206 -77.22 12.59 8.68
N VAL N 207 -77.36 13.88 9.01
CA VAL N 207 -77.79 14.25 10.35
C VAL N 207 -79.25 13.88 10.56
N TYR N 208 -80.10 14.16 9.58
CA TYR N 208 -81.50 13.78 9.67
C TYR N 208 -81.64 12.27 9.67
N SER N 209 -82.38 11.74 10.64
CA SER N 209 -82.52 10.30 10.84
C SER N 209 -81.14 9.65 10.94
N ASN N 210 -80.45 10.02 12.02
CA ASN N 210 -79.02 9.71 12.18
C ASN N 210 -78.70 8.25 11.86
N SER N 211 -77.91 8.06 10.82
CA SER N 211 -77.56 6.75 10.27
C SER N 211 -76.57 6.99 9.14
N VAL N 212 -76.05 5.88 8.60
CA VAL N 212 -75.07 5.93 7.51
C VAL N 212 -75.78 5.52 6.23
N SER N 213 -75.69 6.37 5.21
CA SER N 213 -76.33 6.11 3.93
C SER N 213 -75.48 5.14 3.12
N GLY N 214 -76.05 4.00 2.76
CA GLY N 214 -75.38 3.01 1.96
C GLY N 214 -75.64 3.20 0.47
N TYR N 215 -75.37 2.14 -0.29
CA TYR N 215 -75.59 2.16 -1.72
C TYR N 215 -77.08 2.19 -2.05
N GLU O 3 -25.03 50.10 -68.88
CA GLU O 3 -26.23 49.47 -69.42
C GLU O 3 -27.11 48.92 -68.30
N GLU O 4 -26.61 47.92 -67.59
CA GLU O 4 -27.37 47.30 -66.52
C GLU O 4 -27.56 48.26 -65.36
N GLY O 5 -28.79 48.31 -64.84
CA GLY O 5 -29.09 49.14 -63.69
C GLY O 5 -28.81 50.62 -63.89
N ARG O 6 -29.15 51.15 -65.07
CA ARG O 6 -28.91 52.54 -65.39
C ARG O 6 -30.12 53.37 -64.97
N ILE O 7 -29.92 54.31 -64.06
CA ILE O 7 -30.95 55.26 -63.67
C ILE O 7 -30.66 56.55 -64.42
N TYR O 8 -31.54 56.88 -65.37
CA TYR O 8 -31.27 58.01 -66.25
C TYR O 8 -31.46 59.33 -65.48
N VAL O 9 -30.52 60.25 -65.68
CA VAL O 9 -30.38 61.45 -64.88
C VAL O 9 -30.32 61.05 -63.42
N PRO O 10 -29.22 60.47 -62.95
CA PRO O 10 -29.07 60.12 -61.53
C PRO O 10 -28.45 61.22 -60.69
N TYR O 11 -27.98 62.30 -61.31
CA TYR O 11 -27.37 63.43 -60.62
C TYR O 11 -28.41 64.50 -60.36
N VAL O 12 -27.97 65.57 -59.70
CA VAL O 12 -28.80 66.76 -59.51
C VAL O 12 -28.54 67.71 -60.68
N THR O 13 -29.60 68.09 -61.38
CA THR O 13 -29.45 68.89 -62.58
C THR O 13 -29.23 70.36 -62.22
N ALA O 14 -28.31 70.99 -62.94
CA ALA O 14 -28.07 72.41 -62.80
C ALA O 14 -29.06 73.19 -63.67
N ARG O 15 -29.40 74.40 -63.22
CA ARG O 15 -30.37 75.20 -63.94
C ARG O 15 -29.87 75.52 -65.34
N LEU O 16 -30.80 75.56 -66.29
CA LEU O 16 -30.44 75.81 -67.68
C LEU O 16 -29.81 77.20 -67.81
N PRO O 17 -28.62 77.31 -68.40
CA PRO O 17 -28.01 78.63 -68.59
C PRO O 17 -28.87 79.49 -69.51
N LYS O 18 -28.86 80.79 -69.24
CA LYS O 18 -29.72 81.73 -69.93
C LYS O 18 -29.04 82.44 -71.10
N TRP O 19 -27.78 82.11 -71.40
CA TRP O 19 -27.14 82.70 -72.57
C TRP O 19 -27.57 81.98 -73.84
N SER O 20 -27.05 82.44 -74.98
CA SER O 20 -27.55 81.97 -76.26
C SER O 20 -27.09 80.55 -76.56
N GLY O 21 -25.78 80.33 -76.63
CA GLY O 21 -25.27 79.04 -77.02
C GLY O 21 -25.02 78.09 -75.86
N SER O 22 -25.95 77.18 -75.63
CA SER O 22 -25.82 76.18 -74.57
C SER O 22 -25.90 74.76 -75.08
N VAL O 23 -26.81 74.47 -76.01
CA VAL O 23 -26.92 73.12 -76.56
C VAL O 23 -25.69 72.79 -77.38
N GLN O 24 -25.39 71.50 -77.48
CA GLN O 24 -24.20 71.02 -78.17
C GLN O 24 -24.56 70.48 -79.53
N ASP O 25 -23.80 70.87 -80.55
CA ASP O 25 -23.92 70.34 -81.91
C ASP O 25 -25.32 70.57 -82.47
N LYS O 26 -25.71 71.85 -82.52
CA LYS O 26 -27.01 72.24 -83.06
C LYS O 26 -26.81 73.47 -83.95
N THR O 27 -26.99 73.28 -85.25
CA THR O 27 -26.87 74.39 -86.18
C THR O 27 -27.94 75.44 -85.93
N GLY O 28 -27.54 76.71 -85.90
CA GLY O 28 -28.48 77.80 -85.73
C GLY O 28 -28.63 78.64 -86.97
N SER O 29 -28.96 79.92 -86.79
CA SER O 29 -29.11 80.85 -87.91
C SER O 29 -28.90 82.26 -87.40
N ASN O 30 -28.61 83.17 -88.33
CA ASN O 30 -28.44 84.58 -88.01
C ASN O 30 -29.72 85.33 -88.35
N MET O 31 -29.68 86.66 -88.23
CA MET O 31 -30.87 87.46 -88.46
C MET O 31 -31.31 87.44 -89.92
N LEU O 32 -30.37 87.38 -90.84
CA LEU O 32 -30.68 87.37 -92.27
C LEU O 32 -30.96 85.98 -92.81
N GLY O 33 -31.33 85.03 -91.96
CA GLY O 33 -31.64 83.69 -92.41
C GLY O 33 -30.44 82.88 -92.84
N GLY O 34 -29.25 83.21 -92.34
CA GLY O 34 -28.05 82.48 -92.68
C GLY O 34 -27.86 81.23 -91.83
N VAL O 35 -26.62 80.80 -91.74
CA VAL O 35 -26.25 79.62 -90.98
C VAL O 35 -25.09 79.97 -90.06
N VAL O 36 -25.16 79.54 -88.80
CA VAL O 36 -24.11 79.72 -87.82
C VAL O 36 -23.74 78.35 -87.25
N LEU O 37 -22.44 78.14 -87.04
CA LEU O 37 -21.97 76.87 -86.57
C LEU O 37 -22.41 76.64 -85.13
N PRO O 38 -22.50 75.38 -84.70
CA PRO O 38 -22.85 75.11 -83.31
C PRO O 38 -21.75 75.59 -82.38
N PRO O 39 -22.07 75.84 -81.11
CA PRO O 39 -21.06 76.36 -80.19
C PRO O 39 -20.10 75.28 -79.71
N ASN O 40 -19.63 74.45 -80.64
CA ASN O 40 -18.57 73.49 -80.37
C ASN O 40 -17.54 73.41 -81.50
N SER O 41 -17.84 73.95 -82.68
CA SER O 41 -16.90 73.92 -83.78
C SER O 41 -15.71 74.83 -83.48
N GLN O 42 -14.60 74.55 -84.16
CA GLN O 42 -13.39 75.35 -84.02
C GLN O 42 -13.52 76.72 -84.69
N ALA O 43 -14.70 77.05 -85.21
CA ALA O 43 -14.97 78.35 -85.79
C ALA O 43 -15.44 79.37 -84.77
N HIS O 44 -15.56 78.98 -83.49
CA HIS O 44 -15.96 79.89 -82.44
C HIS O 44 -14.83 80.23 -81.48
N ARG O 45 -13.66 79.63 -81.65
CA ARG O 45 -12.50 80.05 -80.87
C ARG O 45 -12.14 81.50 -81.18
N THR O 46 -12.18 81.87 -82.46
CA THR O 46 -11.97 83.24 -82.88
C THR O 46 -13.33 83.94 -82.94
N GLU O 47 -13.36 85.14 -83.54
CA GLU O 47 -14.60 85.90 -83.69
C GLU O 47 -14.57 86.58 -85.05
N THR O 48 -15.19 85.95 -86.04
CA THR O 48 -15.28 86.54 -87.37
C THR O 48 -16.14 87.79 -87.34
N VAL O 49 -15.77 88.77 -88.18
CA VAL O 49 -16.39 90.08 -88.13
C VAL O 49 -17.80 90.04 -88.73
N GLY O 50 -17.91 89.67 -89.99
CA GLY O 50 -19.17 89.76 -90.69
C GLY O 50 -20.05 88.52 -90.60
N THR O 51 -19.97 87.80 -89.48
CA THR O 51 -20.77 86.59 -89.32
C THR O 51 -22.27 86.92 -89.32
N GLU O 52 -22.66 87.97 -88.59
CA GLU O 52 -24.06 88.33 -88.43
C GLU O 52 -24.55 89.36 -89.43
N ALA O 53 -23.93 89.41 -90.62
CA ALA O 53 -24.29 90.43 -91.61
C ALA O 53 -24.57 89.88 -93.00
N THR O 54 -24.40 88.59 -93.24
CA THR O 54 -24.65 88.00 -94.55
C THR O 54 -25.32 86.65 -94.38
N ARG O 55 -26.06 86.25 -95.42
CA ARG O 55 -26.73 84.95 -95.40
C ARG O 55 -25.73 83.81 -95.57
N ASP O 56 -24.80 83.93 -96.50
CA ASP O 56 -23.79 82.90 -96.67
C ASP O 56 -22.84 82.85 -95.49
N ASN O 57 -22.35 81.66 -95.18
CA ASN O 57 -21.42 81.47 -94.08
C ASN O 57 -20.02 81.89 -94.50
N LEU O 58 -19.33 82.62 -93.62
CA LEU O 58 -17.95 83.00 -93.87
C LEU O 58 -16.95 82.01 -93.32
N HIS O 59 -17.40 80.97 -92.64
CA HIS O 59 -16.52 79.94 -92.11
C HIS O 59 -16.26 78.90 -93.20
N ALA O 60 -15.53 77.84 -92.84
CA ALA O 60 -15.25 76.74 -93.75
C ALA O 60 -16.12 75.52 -93.47
N GLU O 61 -16.17 75.08 -92.22
CA GLU O 61 -17.02 73.96 -91.84
C GLU O 61 -18.49 74.37 -91.89
N GLY O 62 -19.31 73.51 -92.47
CA GLY O 62 -20.73 73.77 -92.59
C GLY O 62 -21.15 73.98 -94.03
N ALA O 63 -22.42 73.71 -94.30
CA ALA O 63 -22.96 73.85 -95.63
C ALA O 63 -22.99 75.32 -96.05
N ARG O 64 -22.85 75.55 -97.37
CA ARG O 64 -22.80 76.91 -97.88
C ARG O 64 -24.15 77.59 -97.86
N ARG O 65 -25.24 76.83 -97.76
CA ARG O 65 -26.58 77.41 -97.75
C ARG O 65 -27.35 76.90 -96.54
N PRO O 66 -28.20 77.75 -95.96
CA PRO O 66 -28.99 77.31 -94.79
C PRO O 66 -29.92 76.15 -95.10
N GLU O 67 -30.47 76.08 -96.31
CA GLU O 67 -31.40 75.01 -96.64
C GLU O 67 -30.71 73.66 -96.80
N ASP O 68 -29.41 73.65 -97.07
CA ASP O 68 -28.67 72.42 -97.31
C ASP O 68 -27.93 71.92 -96.06
N GLN O 69 -28.12 72.58 -94.93
CA GLN O 69 -27.42 72.24 -93.70
C GLN O 69 -28.35 71.52 -92.75
N THR O 70 -27.90 70.38 -92.23
CA THR O 70 -28.70 69.62 -91.28
C THR O 70 -28.84 70.40 -89.97
N PRO O 71 -29.98 70.28 -89.29
CA PRO O 71 -30.16 71.03 -88.02
C PRO O 71 -29.14 70.67 -86.96
N TYR O 72 -28.70 69.42 -86.88
CA TYR O 72 -27.73 68.98 -85.90
C TYR O 72 -26.53 68.39 -86.61
N MET O 73 -25.39 69.07 -86.51
CA MET O 73 -24.16 68.59 -87.12
C MET O 73 -23.43 67.65 -86.18
N ILE O 74 -22.71 66.70 -86.76
CA ILE O 74 -21.98 65.68 -86.00
C ILE O 74 -20.57 66.20 -85.77
N LEU O 75 -20.27 66.55 -84.53
CA LEU O 75 -18.95 67.01 -84.13
C LEU O 75 -18.38 66.07 -83.08
N VAL O 76 -17.04 66.05 -83.00
CA VAL O 76 -16.30 65.17 -82.10
C VAL O 76 -16.59 63.72 -82.48
N GLU O 77 -15.69 63.11 -83.25
CA GLU O 77 -15.92 61.76 -83.75
C GLU O 77 -16.01 60.75 -82.61
N ASP O 78 -15.38 61.04 -81.48
CA ASP O 78 -15.45 60.15 -80.33
C ASP O 78 -16.82 60.15 -79.65
N SER O 79 -17.69 61.09 -80.00
CA SER O 79 -19.00 61.20 -79.38
C SER O 79 -19.96 60.17 -79.96
N LEU O 80 -21.18 60.15 -79.39
CA LEU O 80 -22.18 59.19 -79.84
C LEU O 80 -22.61 59.46 -81.28
N GLY O 81 -22.66 60.73 -81.68
CA GLY O 81 -22.96 61.05 -83.07
C GLY O 81 -21.92 60.52 -84.03
N GLY O 82 -20.64 60.67 -83.67
CA GLY O 82 -19.59 60.10 -84.49
C GLY O 82 -19.64 58.58 -84.52
N LEU O 83 -19.99 57.96 -83.39
CA LEU O 83 -20.16 56.52 -83.35
C LEU O 83 -21.28 56.06 -84.27
N LYS O 84 -22.40 56.77 -84.27
CA LYS O 84 -23.50 56.43 -85.16
C LYS O 84 -23.11 56.63 -86.63
N ARG O 85 -22.37 57.70 -86.92
CA ARG O 85 -21.91 57.91 -88.30
C ARG O 85 -20.99 56.79 -88.75
N ARG O 86 -20.08 56.36 -87.86
CA ARG O 86 -19.20 55.24 -88.18
C ARG O 86 -20.01 53.95 -88.37
N MET O 87 -21.06 53.77 -87.56
CA MET O 87 -21.96 52.64 -87.76
C MET O 87 -22.57 52.67 -89.15
N ASP O 88 -23.05 53.84 -89.57
CA ASP O 88 -23.67 53.95 -90.88
C ASP O 88 -22.67 53.69 -91.99
N LEU O 89 -21.45 54.20 -91.84
CA LEU O 89 -20.41 53.93 -92.83
C LEU O 89 -20.11 52.45 -92.94
N LEU O 90 -19.98 51.77 -91.80
CA LEU O 90 -19.70 50.34 -91.80
C LEU O 90 -20.84 49.55 -92.43
N GLU O 91 -22.09 49.93 -92.11
CA GLU O 91 -23.24 49.24 -92.69
C GLU O 91 -23.31 49.45 -94.19
N GLU O 92 -23.02 50.66 -94.66
CA GLU O 92 -23.02 50.91 -96.10
C GLU O 92 -21.91 50.13 -96.79
N SER O 93 -20.74 50.04 -96.15
CA SER O 93 -19.65 49.24 -96.71
C SER O 93 -20.04 47.77 -96.79
N ASN O 94 -20.71 47.25 -95.75
CA ASN O 94 -21.16 45.87 -95.76
C ASN O 94 -22.18 45.63 -96.86
N GLN O 95 -23.11 46.58 -97.05
CA GLN O 95 -24.09 46.45 -98.13
C GLN O 95 -23.41 46.47 -99.49
N GLN O 96 -22.41 47.33 -99.68
CA GLN O 96 -21.68 47.37 -100.94
C GLN O 96 -20.93 46.06 -101.18
N LEU O 97 -20.32 45.51 -100.14
CA LEU O 97 -19.63 44.22 -100.27
C LEU O 97 -20.62 43.12 -100.64
N LEU O 98 -21.79 43.11 -100.01
CA LEU O 98 -22.82 42.14 -100.37
C LEU O 98 -23.26 42.30 -101.81
N ALA O 99 -23.41 43.56 -102.25
CA ALA O 99 -23.84 43.81 -103.63
C ALA O 99 -22.80 43.31 -104.63
N THR O 100 -21.51 43.57 -104.38
CA THR O 100 -20.50 43.12 -105.32
C THR O 100 -20.34 41.60 -105.29
N LEU O 101 -20.52 40.99 -104.11
CA LEU O 101 -20.51 39.53 -104.02
C LEU O 101 -21.67 38.94 -104.82
N ASN O 102 -22.85 39.55 -104.73
CA ASN O 102 -24.00 39.08 -105.50
C ASN O 102 -23.76 39.26 -106.99
N ARG O 103 -23.13 40.37 -107.39
CA ARG O 103 -22.80 40.55 -108.80
C ARG O 103 -21.84 39.47 -109.29
N LEU O 104 -20.83 39.15 -108.50
CA LEU O 104 -19.91 38.09 -108.86
C LEU O 104 -20.63 36.74 -108.94
N ARG O 105 -21.55 36.49 -108.01
CA ARG O 105 -22.30 35.24 -108.02
C ARG O 105 -23.17 35.13 -109.28
N THR O 106 -23.83 36.22 -109.66
CA THR O 106 -24.63 36.20 -110.88
C THR O 106 -23.77 36.05 -112.13
N GLY O 107 -22.58 36.66 -112.14
CA GLY O 107 -21.67 36.45 -113.25
C GLY O 107 -21.23 35.01 -113.36
N LEU O 108 -20.92 34.37 -112.23
CA LEU O 108 -20.57 32.96 -112.24
C LEU O 108 -21.73 32.11 -112.72
N ALA O 109 -22.95 32.42 -112.28
CA ALA O 109 -24.12 31.67 -112.72
C ALA O 109 -24.33 31.80 -114.22
N ALA O 110 -24.13 33.01 -114.76
CA ALA O 110 -24.23 33.20 -116.20
C ALA O 110 -23.14 32.41 -116.93
N TYR O 111 -21.93 32.40 -116.38
CA TYR O 111 -20.83 31.64 -117.00
C TYR O 111 -21.07 30.14 -116.96
N VAL O 112 -21.81 29.65 -115.97
CA VAL O 112 -22.07 28.21 -115.87
C VAL O 112 -22.76 27.71 -117.13
N GLN O 113 -23.76 28.43 -117.61
CA GLN O 113 -24.48 28.05 -118.83
C GLN O 113 -23.61 28.28 -120.06
N GLU P 3 -28.51 62.62 -77.91
CA GLU P 3 -27.75 63.06 -79.07
C GLU P 3 -28.10 64.49 -79.44
N GLU P 4 -29.40 64.77 -79.56
CA GLU P 4 -29.85 66.10 -79.97
C GLU P 4 -29.80 67.08 -78.81
N GLY P 5 -30.58 66.81 -77.76
CA GLY P 5 -30.63 67.71 -76.63
C GLY P 5 -29.55 67.42 -75.60
N ARG P 6 -28.30 67.46 -76.03
CA ARG P 6 -27.16 67.16 -75.17
C ARG P 6 -26.49 68.47 -74.77
N ILE P 7 -26.39 68.71 -73.47
CA ILE P 7 -25.66 69.83 -72.91
C ILE P 7 -24.58 69.23 -72.03
N TYR P 8 -23.34 69.19 -72.53
CA TYR P 8 -22.27 68.50 -71.85
C TYR P 8 -22.00 69.14 -70.50
N VAL P 9 -21.78 68.30 -69.48
CA VAL P 9 -21.80 68.70 -68.08
C VAL P 9 -23.09 69.44 -67.78
N PRO P 10 -24.24 68.76 -67.75
CA PRO P 10 -25.48 69.40 -67.30
C PRO P 10 -25.67 69.34 -65.79
N TYR P 11 -24.91 68.50 -65.11
CA TYR P 11 -24.97 68.37 -63.66
C TYR P 11 -24.11 69.45 -63.01
N VAL P 12 -23.88 69.33 -61.71
CA VAL P 12 -22.93 70.17 -61.00
C VAL P 12 -21.70 69.31 -60.68
N THR P 13 -20.55 69.74 -61.19
CA THR P 13 -19.33 68.96 -61.02
C THR P 13 -18.88 68.99 -59.56
N ALA P 14 -18.42 67.85 -59.07
CA ALA P 14 -17.86 67.75 -57.74
C ALA P 14 -16.35 68.00 -57.80
N ARG P 15 -15.80 68.49 -56.69
CA ARG P 15 -14.39 68.86 -56.66
C ARG P 15 -13.51 67.62 -56.86
N LEU P 16 -12.40 67.82 -57.54
CA LEU P 16 -11.49 66.72 -57.85
C LEU P 16 -10.90 66.15 -56.57
N PRO P 17 -10.95 64.84 -56.36
CA PRO P 17 -10.30 64.25 -55.19
C PRO P 17 -8.80 64.47 -55.22
N LYS P 18 -8.21 64.60 -54.04
CA LYS P 18 -6.81 64.95 -53.89
C LYS P 18 -5.88 63.75 -53.88
N TRP P 19 -6.42 62.54 -54.06
CA TRP P 19 -5.61 61.33 -54.06
C TRP P 19 -5.30 60.91 -55.50
N SER P 20 -4.56 59.81 -55.63
CA SER P 20 -4.16 59.28 -56.92
C SER P 20 -5.03 58.07 -57.26
N GLY P 21 -5.49 58.01 -58.50
CA GLY P 21 -6.32 56.90 -58.94
C GLY P 21 -7.72 57.32 -59.31
N SER P 22 -7.88 58.54 -59.82
CA SER P 22 -9.19 59.07 -60.17
C SER P 22 -9.57 58.76 -61.62
N VAL P 23 -8.64 58.91 -62.56
CA VAL P 23 -8.95 58.69 -63.96
C VAL P 23 -9.28 57.22 -64.18
N GLN P 24 -10.35 56.96 -64.92
CA GLN P 24 -10.91 55.60 -64.98
C GLN P 24 -9.94 54.62 -65.61
N ASP P 25 -9.43 54.93 -66.80
CA ASP P 25 -8.59 54.01 -67.57
C ASP P 25 -7.31 54.72 -67.98
N LYS P 26 -6.30 54.68 -67.11
CA LYS P 26 -5.03 55.34 -67.41
C LYS P 26 -3.91 54.55 -66.76
N THR P 27 -3.06 53.94 -67.59
CA THR P 27 -1.89 53.24 -67.07
C THR P 27 -0.86 54.24 -66.55
N GLY P 28 -0.22 53.88 -65.46
CA GLY P 28 0.83 54.72 -64.89
C GLY P 28 2.16 53.99 -64.81
N SER P 29 3.05 54.49 -63.95
CA SER P 29 4.36 53.88 -63.76
C SER P 29 4.77 54.03 -62.31
N ASN P 30 5.59 53.11 -61.84
CA ASN P 30 6.10 53.18 -60.48
C ASN P 30 7.39 54.01 -60.46
N MET P 31 8.09 54.00 -59.33
CA MET P 31 9.29 54.82 -59.20
C MET P 31 10.41 54.32 -60.11
N LEU P 32 10.44 53.02 -60.40
CA LEU P 32 11.48 52.42 -61.24
C LEU P 32 10.98 52.11 -62.63
N GLY P 33 10.12 52.95 -63.18
CA GLY P 33 9.51 52.70 -64.48
C GLY P 33 8.28 51.82 -64.34
N GLY P 34 8.31 50.65 -64.95
CA GLY P 34 7.24 49.68 -64.79
C GLY P 34 5.88 50.15 -65.27
N VAL P 35 4.86 49.33 -65.07
CA VAL P 35 3.49 49.69 -65.40
C VAL P 35 2.59 49.35 -64.23
N VAL P 36 1.67 50.25 -63.91
CA VAL P 36 0.61 49.99 -62.94
C VAL P 36 -0.71 50.01 -63.69
N LEU P 37 -1.57 49.06 -63.37
CA LEU P 37 -2.83 48.94 -64.07
C LEU P 37 -3.76 50.09 -63.68
N PRO P 38 -4.74 50.40 -64.53
CA PRO P 38 -5.68 51.46 -64.18
C PRO P 38 -6.43 51.12 -62.91
N PRO P 39 -6.85 52.14 -62.14
CA PRO P 39 -7.47 51.87 -60.84
C PRO P 39 -8.74 51.04 -60.92
N ASN P 40 -9.41 51.01 -62.08
CA ASN P 40 -10.62 50.22 -62.23
C ASN P 40 -10.36 48.80 -62.70
N SER P 41 -9.09 48.41 -62.82
CA SER P 41 -8.76 47.05 -63.23
C SER P 41 -9.05 46.07 -62.10
N GLN P 42 -9.25 44.81 -62.48
CA GLN P 42 -9.44 43.75 -61.51
C GLN P 42 -8.10 43.27 -60.98
N ALA P 43 -7.27 44.20 -60.55
CA ALA P 43 -5.96 43.87 -59.98
C ALA P 43 -5.63 44.63 -58.71
N HIS P 44 -6.34 45.71 -58.38
CA HIS P 44 -6.14 46.43 -57.13
C HIS P 44 -7.10 45.99 -56.04
N ARG P 45 -7.92 44.97 -56.30
CA ARG P 45 -8.72 44.37 -55.23
C ARG P 45 -7.86 43.72 -54.18
N THR P 46 -6.62 43.38 -54.52
CA THR P 46 -5.65 42.78 -53.62
C THR P 46 -4.46 43.73 -53.47
N GLU P 47 -3.40 43.24 -52.83
CA GLU P 47 -2.19 44.03 -52.58
C GLU P 47 -0.97 43.21 -53.01
N THR P 48 -0.48 43.47 -54.21
CA THR P 48 0.79 42.90 -54.66
C THR P 48 1.91 43.70 -54.01
N VAL P 49 2.62 43.07 -53.07
CA VAL P 49 3.59 43.82 -52.25
C VAL P 49 4.78 44.26 -53.08
N GLY P 50 5.16 43.50 -54.10
CA GLY P 50 6.36 43.81 -54.85
C GLY P 50 6.14 44.74 -56.02
N THR P 51 4.98 45.43 -56.04
CA THR P 51 4.68 46.33 -57.15
C THR P 51 5.74 47.42 -57.28
N GLU P 52 6.09 48.04 -56.16
CA GLU P 52 7.17 49.03 -56.16
C GLU P 52 8.51 48.32 -56.21
N ALA P 53 9.55 49.06 -56.59
CA ALA P 53 10.94 48.60 -56.62
C ALA P 53 11.16 47.48 -57.62
N THR P 54 10.48 47.56 -58.78
CA THR P 54 10.71 46.61 -59.87
C THR P 54 10.29 47.26 -61.17
N ARG P 55 11.04 46.96 -62.23
CA ARG P 55 10.73 47.48 -63.56
C ARG P 55 9.72 46.62 -64.30
N ASP P 56 9.63 45.33 -63.97
CA ASP P 56 8.75 44.41 -64.68
C ASP P 56 7.36 44.43 -64.07
N ASN P 57 6.39 43.96 -64.85
CA ASN P 57 4.99 43.91 -64.44
C ASN P 57 4.72 42.60 -63.71
N LEU P 58 4.39 42.70 -62.42
CA LEU P 58 4.09 41.51 -61.63
C LEU P 58 2.63 41.09 -61.73
N HIS P 59 1.80 41.81 -62.47
CA HIS P 59 0.41 41.46 -62.67
C HIS P 59 0.23 40.80 -64.04
N ALA P 60 -0.64 39.80 -64.10
CA ALA P 60 -0.87 39.11 -65.36
C ALA P 60 -1.44 40.03 -66.42
N GLU P 61 -2.37 40.90 -66.02
CA GLU P 61 -2.98 41.83 -66.96
C GLU P 61 -1.98 42.91 -67.39
N GLY P 62 -2.22 43.50 -68.55
CA GLY P 62 -1.39 44.57 -69.06
C GLY P 62 -0.14 44.06 -69.76
N ALA P 63 0.57 45.00 -70.37
CA ALA P 63 1.79 44.66 -71.09
C ALA P 63 2.92 44.33 -70.12
N ARG P 64 3.95 43.67 -70.65
CA ARG P 64 5.09 43.27 -69.85
C ARG P 64 6.15 44.36 -69.74
N ARG P 65 6.33 45.14 -70.81
CA ARG P 65 7.37 46.16 -70.80
C ARG P 65 6.76 47.54 -70.84
N PRO P 66 7.29 48.49 -70.04
CA PRO P 66 6.62 49.79 -69.91
C PRO P 66 6.45 50.55 -71.21
N GLU P 67 7.41 50.48 -72.13
CA GLU P 67 7.33 51.22 -73.38
C GLU P 67 6.55 50.46 -74.45
N ASP P 68 5.77 49.46 -74.05
CA ASP P 68 4.86 48.77 -74.97
C ASP P 68 3.40 48.85 -74.54
N GLN P 69 3.11 49.40 -73.37
CA GLN P 69 1.74 49.52 -72.88
C GLN P 69 1.16 50.85 -73.31
N THR P 70 0.01 50.82 -74.00
CA THR P 70 -0.64 52.04 -74.41
C THR P 70 -1.12 52.82 -73.18
N PRO P 71 -1.09 54.15 -73.24
CA PRO P 71 -1.49 54.93 -72.06
C PRO P 71 -2.91 54.65 -71.59
N TYR P 72 -3.86 54.55 -72.51
CA TYR P 72 -5.26 54.31 -72.19
C TYR P 72 -5.61 52.91 -72.68
N MET P 73 -5.90 52.00 -71.76
CA MET P 73 -6.23 50.63 -72.10
C MET P 73 -7.67 50.33 -71.70
N ILE P 74 -8.36 49.59 -72.56
CA ILE P 74 -9.78 49.31 -72.38
C ILE P 74 -9.95 48.10 -71.46
N LEU P 75 -10.82 48.24 -70.46
CA LEU P 75 -11.07 47.18 -69.50
C LEU P 75 -12.54 46.77 -69.39
N VAL P 76 -13.45 47.48 -70.04
CA VAL P 76 -14.88 47.17 -69.99
C VAL P 76 -15.38 47.04 -71.42
N GLU P 77 -15.96 45.89 -71.74
CA GLU P 77 -16.53 45.69 -73.07
C GLU P 77 -17.75 46.56 -73.29
N ASP P 78 -18.50 46.84 -72.22
CA ASP P 78 -19.68 47.69 -72.34
C ASP P 78 -19.32 49.14 -72.58
N SER P 79 -18.09 49.54 -72.26
CA SER P 79 -17.70 50.94 -72.33
C SER P 79 -17.50 51.39 -73.78
N LEU P 80 -17.37 52.70 -73.94
CA LEU P 80 -17.14 53.28 -75.26
C LEU P 80 -15.82 52.81 -75.85
N GLY P 81 -14.80 52.61 -75.00
CA GLY P 81 -13.55 52.07 -75.50
C GLY P 81 -13.71 50.68 -76.09
N GLY P 82 -14.45 49.81 -75.40
CA GLY P 82 -14.71 48.49 -75.93
C GLY P 82 -15.54 48.52 -77.20
N LEU P 83 -16.52 49.43 -77.24
CA LEU P 83 -17.32 49.57 -78.46
C LEU P 83 -16.46 50.01 -79.64
N LYS P 84 -15.54 50.95 -79.40
CA LYS P 84 -14.65 51.40 -80.47
C LYS P 84 -13.69 50.30 -80.88
N ARG P 85 -13.23 49.49 -79.92
CA ARG P 85 -12.39 48.34 -80.26
C ARG P 85 -13.13 47.36 -81.16
N ARG P 86 -14.38 47.06 -80.82
CA ARG P 86 -15.20 46.21 -81.69
C ARG P 86 -15.38 46.84 -83.05
N MET P 87 -15.52 48.17 -83.09
CA MET P 87 -15.66 48.89 -84.35
C MET P 87 -14.43 48.67 -85.23
N ASP P 88 -13.25 48.84 -84.65
CA ASP P 88 -12.00 48.65 -85.39
C ASP P 88 -11.87 47.20 -85.86
N LEU P 89 -12.21 46.25 -84.99
CA LEU P 89 -12.11 44.84 -85.38
C LEU P 89 -13.04 44.52 -86.54
N LEU P 90 -14.27 45.03 -86.51
CA LEU P 90 -15.21 44.74 -87.58
C LEU P 90 -14.83 45.47 -88.87
N GLU P 91 -14.25 46.67 -88.78
CA GLU P 91 -13.73 47.33 -89.97
C GLU P 91 -12.60 46.52 -90.59
N GLU P 92 -11.70 46.00 -89.75
CA GLU P 92 -10.64 45.14 -90.26
C GLU P 92 -11.23 43.87 -90.90
N SER P 93 -12.30 43.35 -90.32
CA SER P 93 -12.97 42.20 -90.91
C SER P 93 -13.54 42.52 -92.29
N ASN P 94 -14.16 43.70 -92.43
CA ASN P 94 -14.66 44.10 -93.74
C ASN P 94 -13.52 44.24 -94.75
N GLN P 95 -12.38 44.78 -94.31
CA GLN P 95 -11.22 44.87 -95.20
C GLN P 95 -10.75 43.50 -95.63
N GLN P 96 -10.72 42.54 -94.70
CA GLN P 96 -10.28 41.19 -95.03
C GLN P 96 -11.25 40.52 -96.02
N LEU P 97 -12.55 40.68 -95.80
CA LEU P 97 -13.52 40.14 -96.75
C LEU P 97 -13.39 40.80 -98.12
N LEU P 98 -13.15 42.10 -98.16
CA LEU P 98 -12.96 42.77 -99.44
C LEU P 98 -11.73 42.23 -100.16
N ALA P 99 -10.64 42.03 -99.43
CA ALA P 99 -9.43 41.47 -100.05
C ALA P 99 -9.68 40.05 -100.56
N THR P 100 -10.39 39.23 -99.77
CA THR P 100 -10.69 37.88 -100.21
C THR P 100 -11.55 37.88 -101.46
N LEU P 101 -12.56 38.76 -101.51
CA LEU P 101 -13.41 38.85 -102.69
C LEU P 101 -12.61 39.32 -103.89
N ASN P 102 -11.67 40.26 -103.69
CA ASN P 102 -10.85 40.73 -104.79
C ASN P 102 -9.97 39.61 -105.35
N ARG P 103 -9.29 38.87 -104.48
CA ARG P 103 -8.45 37.77 -104.98
C ARG P 103 -9.30 36.68 -105.64
N LEU P 104 -10.50 36.42 -105.10
CA LEU P 104 -11.39 35.48 -105.75
C LEU P 104 -11.81 35.96 -107.13
N ARG P 105 -12.05 37.26 -107.27
CA ARG P 105 -12.41 37.81 -108.57
C ARG P 105 -11.27 37.68 -109.57
N THR P 106 -10.03 37.95 -109.14
CA THR P 106 -8.89 37.74 -110.02
C THR P 106 -8.74 36.28 -110.41
N GLY P 107 -8.95 35.37 -109.46
CA GLY P 107 -8.89 33.96 -109.77
C GLY P 107 -9.95 33.54 -110.78
N LEU P 108 -11.17 34.05 -110.62
CA LEU P 108 -12.23 33.76 -111.58
C LEU P 108 -11.90 34.31 -112.96
N ALA P 109 -11.34 35.52 -113.01
CA ALA P 109 -10.95 36.09 -114.30
C ALA P 109 -9.87 35.25 -114.97
N ALA P 110 -8.88 34.80 -114.20
CA ALA P 110 -7.84 33.94 -114.75
C ALA P 110 -8.41 32.62 -115.24
N TYR P 111 -9.35 32.05 -114.49
CA TYR P 111 -10.00 30.81 -114.93
C TYR P 111 -10.78 31.03 -116.22
N VAL P 112 -11.47 32.16 -116.34
CA VAL P 112 -12.20 32.47 -117.57
C VAL P 112 -11.24 32.60 -118.75
N GLN P 113 -10.14 33.33 -118.54
CA GLN P 113 -9.15 33.51 -119.61
C GLN P 113 -7.97 32.58 -119.41
N GLU Q 3 -13.41 59.01 -73.24
CA GLU Q 3 -12.46 57.95 -72.92
C GLU Q 3 -11.31 58.49 -72.08
N GLU Q 4 -10.62 59.50 -72.59
CA GLU Q 4 -9.51 60.09 -71.87
C GLU Q 4 -10.01 60.89 -70.68
N GLY Q 5 -9.44 60.62 -69.50
CA GLY Q 5 -9.84 61.32 -68.30
C GLY Q 5 -11.31 61.12 -67.97
N ARG Q 6 -11.77 59.87 -68.02
CA ARG Q 6 -13.19 59.59 -67.84
C ARG Q 6 -13.66 60.00 -66.45
N ILE Q 7 -12.87 59.67 -65.42
CA ILE Q 7 -13.20 59.89 -64.01
C ILE Q 7 -14.69 59.63 -63.77
N TYR Q 8 -15.08 58.36 -63.90
CA TYR Q 8 -16.50 58.02 -63.98
C TYR Q 8 -17.25 58.43 -62.73
N VAL Q 9 -18.46 58.93 -62.93
CA VAL Q 9 -19.27 59.60 -61.90
C VAL Q 9 -18.45 60.77 -61.36
N PRO Q 10 -18.28 61.84 -62.14
CA PRO Q 10 -17.67 63.07 -61.61
C PRO Q 10 -18.65 64.00 -60.93
N TYR Q 11 -19.95 63.76 -61.11
CA TYR Q 11 -20.98 64.61 -60.53
C TYR Q 11 -21.24 64.20 -59.08
N VAL Q 12 -22.24 64.82 -58.47
CA VAL Q 12 -22.73 64.44 -57.15
C VAL Q 12 -24.01 63.64 -57.35
N THR Q 13 -24.10 62.50 -56.67
CA THR Q 13 -25.19 61.58 -56.90
C THR Q 13 -26.39 61.92 -56.02
N ALA Q 14 -27.54 62.10 -56.64
CA ALA Q 14 -28.78 62.30 -55.90
C ALA Q 14 -29.20 61.00 -55.22
N ARG Q 15 -30.08 61.13 -54.23
CA ARG Q 15 -30.56 59.96 -53.51
C ARG Q 15 -31.33 59.04 -54.44
N LEU Q 16 -31.23 57.74 -54.18
CA LEU Q 16 -31.99 56.78 -54.95
C LEU Q 16 -33.47 56.92 -54.62
N PRO Q 17 -34.34 57.13 -55.61
CA PRO Q 17 -35.77 57.31 -55.31
C PRO Q 17 -36.36 56.09 -54.62
N LYS Q 18 -37.25 56.34 -53.67
CA LYS Q 18 -37.84 55.27 -52.88
C LYS Q 18 -38.95 54.53 -53.59
N TRP Q 19 -39.48 55.08 -54.69
CA TRP Q 19 -40.56 54.42 -55.41
C TRP Q 19 -40.00 53.36 -56.35
N SER Q 20 -40.90 52.69 -57.06
CA SER Q 20 -40.54 51.61 -57.97
C SER Q 20 -40.61 52.12 -59.41
N GLY Q 21 -39.58 51.82 -60.19
CA GLY Q 21 -39.52 52.26 -61.56
C GLY Q 21 -38.36 53.19 -61.83
N SER Q 22 -37.30 53.06 -61.03
CA SER Q 22 -36.11 53.89 -61.20
C SER Q 22 -35.16 53.35 -62.26
N VAL Q 23 -34.94 52.03 -62.28
CA VAL Q 23 -34.11 51.44 -63.31
C VAL Q 23 -34.76 51.63 -64.67
N GLN Q 24 -33.93 51.95 -65.67
CA GLN Q 24 -34.46 52.36 -66.97
C GLN Q 24 -35.02 51.19 -67.77
N ASP Q 25 -34.33 50.05 -67.79
CA ASP Q 25 -34.64 49.01 -68.76
C ASP Q 25 -34.69 47.62 -68.15
N LYS Q 26 -35.14 47.49 -66.91
CA LYS Q 26 -35.41 46.16 -66.37
C LYS Q 26 -36.82 45.74 -66.71
N THR Q 27 -36.99 44.44 -66.95
CA THR Q 27 -38.26 43.91 -67.43
C THR Q 27 -39.25 43.57 -66.34
N GLY Q 28 -38.86 43.66 -65.07
CA GLY Q 28 -39.80 43.49 -63.98
C GLY Q 28 -40.52 42.14 -63.98
N SER Q 29 -41.58 42.08 -63.18
CA SER Q 29 -42.39 40.88 -63.08
C SER Q 29 -43.76 41.25 -62.53
N ASN Q 30 -44.79 40.55 -63.00
CA ASN Q 30 -46.15 40.78 -62.53
C ASN Q 30 -46.37 40.05 -61.20
N MET Q 31 -47.47 40.38 -60.55
CA MET Q 31 -47.79 39.77 -59.26
C MET Q 31 -48.01 38.27 -59.39
N LEU Q 32 -48.74 37.85 -60.42
CA LEU Q 32 -48.96 36.42 -60.67
C LEU Q 32 -47.87 35.80 -61.53
N GLY Q 33 -46.87 36.58 -61.93
CA GLY Q 33 -45.84 36.07 -62.81
C GLY Q 33 -46.06 36.48 -64.25
N GLY Q 34 -45.31 37.47 -64.70
CA GLY Q 34 -45.47 37.96 -66.06
C GLY Q 34 -44.40 38.97 -66.39
N VAL Q 35 -44.55 39.61 -67.54
CA VAL Q 35 -43.64 40.66 -67.98
C VAL Q 35 -44.36 42.00 -67.86
N VAL Q 36 -43.70 42.96 -67.23
CA VAL Q 36 -44.17 44.33 -67.15
C VAL Q 36 -43.14 45.20 -67.85
N LEU Q 37 -43.60 46.03 -68.78
CA LEU Q 37 -42.67 46.80 -69.60
C LEU Q 37 -41.88 47.77 -68.72
N PRO Q 38 -40.62 48.04 -69.07
CA PRO Q 38 -39.83 48.94 -68.23
C PRO Q 38 -40.43 50.32 -68.22
N PRO Q 39 -40.18 51.09 -67.16
CA PRO Q 39 -40.78 52.44 -67.08
C PRO Q 39 -40.36 53.35 -68.22
N ASN Q 40 -39.23 53.09 -68.85
CA ASN Q 40 -38.81 53.87 -70.01
C ASN Q 40 -39.76 53.66 -71.19
N SER Q 41 -40.40 52.50 -71.25
CA SER Q 41 -41.19 52.12 -72.41
C SER Q 41 -42.41 53.04 -72.58
N GLN Q 42 -43.06 52.90 -73.73
CA GLN Q 42 -44.25 53.66 -74.06
C GLN Q 42 -45.53 52.94 -73.63
N ALA Q 43 -45.43 51.81 -72.95
CA ALA Q 43 -46.59 51.10 -72.45
C ALA Q 43 -47.05 51.63 -71.10
N HIS Q 44 -46.37 52.63 -70.55
CA HIS Q 44 -46.74 53.22 -69.27
C HIS Q 44 -47.25 54.65 -69.40
N ARG Q 45 -47.38 55.16 -70.63
CA ARG Q 45 -47.97 56.48 -70.82
C ARG Q 45 -49.45 56.51 -70.48
N THR Q 46 -50.10 55.36 -70.41
CA THR Q 46 -51.51 55.26 -70.05
C THR Q 46 -51.68 54.16 -69.02
N GLU Q 47 -52.93 53.78 -68.73
CA GLU Q 47 -53.21 52.68 -67.82
C GLU Q 47 -53.92 51.58 -68.58
N THR Q 48 -53.63 50.34 -68.21
CA THR Q 48 -54.34 49.21 -68.75
C THR Q 48 -54.94 48.61 -67.49
N VAL Q 49 -56.21 48.27 -67.48
CA VAL Q 49 -56.91 47.85 -66.28
C VAL Q 49 -56.44 46.47 -65.83
N GLY Q 50 -56.25 45.54 -66.77
CA GLY Q 50 -55.97 44.17 -66.42
C GLY Q 50 -54.50 43.79 -66.35
N THR Q 51 -53.60 44.78 -66.21
CA THR Q 51 -52.18 44.48 -66.14
C THR Q 51 -51.88 43.57 -64.95
N GLU Q 52 -52.41 43.91 -63.78
CA GLU Q 52 -52.27 43.04 -62.62
C GLU Q 52 -53.34 41.95 -62.64
N ALA Q 53 -53.15 40.95 -61.79
CA ALA Q 53 -54.05 39.79 -61.72
C ALA Q 53 -54.20 39.13 -63.08
N THR Q 54 -53.08 39.02 -63.81
CA THR Q 54 -53.08 38.45 -65.14
C THR Q 54 -51.65 38.04 -65.50
N ARG Q 55 -51.46 36.78 -65.85
CA ARG Q 55 -50.12 36.27 -66.11
C ARG Q 55 -49.59 36.74 -67.45
N ASP Q 56 -50.33 36.48 -68.53
CA ASP Q 56 -49.84 36.80 -69.87
C ASP Q 56 -49.82 38.31 -70.11
N ASN Q 57 -48.91 38.73 -70.98
CA ASN Q 57 -48.75 40.15 -71.27
C ASN Q 57 -49.94 40.71 -72.03
N LEU Q 58 -50.20 41.99 -71.83
CA LEU Q 58 -51.28 42.71 -72.51
C LEU Q 58 -50.76 43.89 -73.31
N HIS Q 59 -49.52 43.81 -73.80
CA HIS Q 59 -48.90 44.89 -74.54
C HIS Q 59 -48.24 44.35 -75.80
N ALA Q 60 -48.14 45.21 -76.82
CA ALA Q 60 -47.51 44.81 -78.07
C ALA Q 60 -46.04 44.46 -77.86
N GLU Q 61 -45.32 45.28 -77.10
CA GLU Q 61 -43.92 44.99 -76.81
C GLU Q 61 -43.83 43.88 -75.76
N GLY Q 62 -42.69 43.18 -75.77
CA GLY Q 62 -42.44 42.12 -74.83
C GLY Q 62 -42.79 40.75 -75.39
N ALA Q 63 -42.45 39.74 -74.62
CA ALA Q 63 -42.69 38.35 -74.97
C ALA Q 63 -44.00 37.88 -74.36
N ARG Q 64 -44.68 36.95 -75.05
CA ARG Q 64 -45.97 36.48 -74.58
C ARG Q 64 -45.85 35.67 -73.30
N ARG Q 65 -44.70 35.05 -73.06
CA ARG Q 65 -44.47 34.30 -71.84
C ARG Q 65 -43.39 34.96 -70.99
N PRO Q 66 -43.52 34.93 -69.67
CA PRO Q 66 -42.52 35.59 -68.81
C PRO Q 66 -41.14 34.96 -68.87
N GLU Q 67 -41.02 33.72 -69.32
CA GLU Q 67 -39.73 33.06 -69.43
C GLU Q 67 -39.05 33.32 -70.78
N ASP Q 68 -39.73 33.97 -71.71
CA ASP Q 68 -39.16 34.25 -73.03
C ASP Q 68 -38.68 35.69 -73.16
N GLN Q 69 -38.62 36.43 -72.06
CA GLN Q 69 -38.20 37.83 -72.08
C GLN Q 69 -36.83 37.97 -71.41
N THR Q 70 -35.92 38.64 -72.11
CA THR Q 70 -34.64 38.97 -71.51
C THR Q 70 -34.84 39.94 -70.35
N PRO Q 71 -34.01 39.85 -69.31
CA PRO Q 71 -34.20 40.75 -68.15
C PRO Q 71 -34.06 42.21 -68.49
N TYR Q 72 -33.27 42.57 -69.50
CA TYR Q 72 -32.99 43.96 -69.85
C TYR Q 72 -33.44 44.22 -71.29
N MET Q 73 -34.67 44.68 -71.44
CA MET Q 73 -35.18 45.03 -72.76
C MET Q 73 -34.48 46.27 -73.28
N ILE Q 74 -34.18 46.28 -74.57
CA ILE Q 74 -33.43 47.36 -75.21
C ILE Q 74 -34.42 48.24 -75.96
N LEU Q 75 -34.55 49.48 -75.51
CA LEU Q 75 -35.41 50.48 -76.11
C LEU Q 75 -34.60 51.72 -76.47
N VAL Q 76 -35.13 52.49 -77.41
CA VAL Q 76 -34.51 53.71 -77.91
C VAL Q 76 -33.19 53.38 -78.57
N GLU Q 77 -33.18 53.38 -79.92
CA GLU Q 77 -31.98 53.00 -80.67
C GLU Q 77 -30.82 53.96 -80.41
N ASP Q 78 -31.10 55.18 -79.94
CA ASP Q 78 -30.04 56.13 -79.66
C ASP Q 78 -29.18 55.70 -78.47
N SER Q 79 -29.68 54.78 -77.65
CA SER Q 79 -28.99 54.42 -76.43
C SER Q 79 -27.81 53.48 -76.70
N LEU Q 80 -26.99 53.31 -75.67
CA LEU Q 80 -25.83 52.41 -75.78
C LEU Q 80 -26.28 50.98 -76.02
N GLY Q 81 -27.36 50.55 -75.38
CA GLY Q 81 -27.86 49.20 -75.62
C GLY Q 81 -28.31 49.00 -77.05
N GLY Q 82 -29.02 49.97 -77.61
CA GLY Q 82 -29.42 49.87 -79.01
C GLY Q 82 -28.24 49.88 -79.95
N LEU Q 83 -27.24 50.71 -79.68
CA LEU Q 83 -26.05 50.73 -80.51
C LEU Q 83 -25.31 49.40 -80.44
N LYS Q 84 -25.22 48.81 -79.25
CA LYS Q 84 -24.61 47.49 -79.09
C LYS Q 84 -25.39 46.42 -79.85
N ARG Q 85 -26.72 46.49 -79.79
CA ARG Q 85 -27.54 45.53 -80.55
C ARG Q 85 -27.31 45.66 -82.04
N ARG Q 86 -27.23 46.89 -82.54
CA ARG Q 86 -26.98 47.08 -83.97
C ARG Q 86 -25.57 46.63 -84.35
N MET Q 87 -24.60 46.81 -83.44
CA MET Q 87 -23.27 46.24 -83.63
C MET Q 87 -23.33 44.72 -83.74
N ASP Q 88 -24.08 44.06 -82.87
CA ASP Q 88 -24.20 42.62 -82.92
C ASP Q 88 -24.86 42.17 -84.21
N LEU Q 89 -25.90 42.89 -84.65
CA LEU Q 89 -26.56 42.55 -85.90
C LEU Q 89 -25.61 42.69 -87.09
N LEU Q 90 -24.82 43.77 -87.11
CA LEU Q 90 -23.86 43.96 -88.20
C LEU Q 90 -22.79 42.87 -88.18
N GLU Q 91 -22.33 42.48 -87.00
CA GLU Q 91 -21.34 41.41 -86.91
C GLU Q 91 -21.92 40.08 -87.40
N GLU Q 92 -23.18 39.80 -87.05
CA GLU Q 92 -23.81 38.57 -87.53
C GLU Q 92 -23.97 38.60 -89.05
N SER Q 93 -24.33 39.77 -89.61
CA SER Q 93 -24.42 39.89 -91.05
C SER Q 93 -23.06 39.69 -91.71
N ASN Q 94 -22.00 40.23 -91.10
CA ASN Q 94 -20.65 40.02 -91.64
C ASN Q 94 -20.28 38.54 -91.62
N GLN Q 95 -20.63 37.84 -90.53
CA GLN Q 95 -20.38 36.41 -90.47
C GLN Q 95 -21.16 35.66 -91.54
N GLN Q 96 -22.41 36.07 -91.79
CA GLN Q 96 -23.20 35.45 -92.84
C GLN Q 96 -22.56 35.67 -94.21
N LEU Q 97 -22.06 36.89 -94.47
CA LEU Q 97 -21.36 37.15 -95.72
C LEU Q 97 -20.11 36.29 -95.84
N LEU Q 98 -19.36 36.14 -94.74
CA LEU Q 98 -18.18 35.30 -94.77
C LEU Q 98 -18.54 33.85 -95.10
N ALA Q 99 -19.61 33.34 -94.49
CA ALA Q 99 -20.04 31.97 -94.78
C ALA Q 99 -20.49 31.81 -96.22
N THR Q 100 -21.21 32.80 -96.76
CA THR Q 100 -21.64 32.74 -98.15
C THR Q 100 -20.43 32.76 -99.09
N LEU Q 101 -19.44 33.60 -98.79
CA LEU Q 101 -18.22 33.62 -99.58
C LEU Q 101 -17.48 32.29 -99.50
N ASN Q 102 -17.45 31.68 -98.31
CA ASN Q 102 -16.81 30.39 -98.15
C ASN Q 102 -17.50 29.33 -99.01
N ARG Q 103 -18.83 29.32 -98.99
CA ARG Q 103 -19.58 28.37 -99.81
C ARG Q 103 -19.32 28.60 -101.29
N LEU Q 104 -19.28 29.86 -101.72
CA LEU Q 104 -19.03 30.16 -103.12
C LEU Q 104 -17.63 29.70 -103.53
N ARG Q 105 -16.64 29.91 -102.66
CA ARG Q 105 -15.28 29.45 -102.96
C ARG Q 105 -15.22 27.93 -103.06
N THR Q 106 -15.90 27.22 -102.15
CA THR Q 106 -15.90 25.76 -102.24
C THR Q 106 -16.58 25.29 -103.52
N GLY Q 107 -17.69 25.92 -103.89
CA GLY Q 107 -18.36 25.56 -105.13
C GLY Q 107 -17.49 25.83 -106.35
N LEU Q 108 -16.80 26.97 -106.36
CA LEU Q 108 -15.90 27.28 -107.47
C LEU Q 108 -14.76 26.28 -107.56
N ALA Q 109 -14.20 25.88 -106.42
CA ALA Q 109 -13.14 24.88 -106.43
C ALA Q 109 -13.63 23.55 -106.96
N ALA Q 110 -14.83 23.13 -106.53
CA ALA Q 110 -15.40 21.88 -107.03
C ALA Q 110 -15.65 21.95 -108.53
N TYR Q 111 -16.18 23.09 -109.00
CA TYR Q 111 -16.43 23.25 -110.43
C TYR Q 111 -15.14 23.22 -111.23
N VAL Q 112 -14.09 23.87 -110.73
CA VAL Q 112 -12.80 23.88 -111.43
C VAL Q 112 -12.22 22.48 -111.48
N GLN Q 113 -12.24 21.77 -110.35
CA GLN Q 113 -11.69 20.42 -110.30
C GLN Q 113 -12.65 19.46 -109.62
N SER R 2 28.83 34.34 31.57
CA SER R 2 28.67 34.95 32.88
C SER R 2 27.31 35.61 33.01
N LYS R 3 26.82 35.72 34.25
CA LYS R 3 25.52 36.32 34.52
C LYS R 3 25.61 37.79 34.93
N GLU R 4 26.81 38.31 35.16
CA GLU R 4 26.96 39.71 35.49
C GLU R 4 27.41 40.54 34.29
N ILE R 5 28.29 39.99 33.46
CA ILE R 5 28.76 40.68 32.27
C ILE R 5 28.57 39.72 31.09
N PRO R 6 27.35 39.56 30.58
CA PRO R 6 27.13 38.66 29.46
C PRO R 6 27.30 39.35 28.12
N THR R 7 27.62 38.54 27.11
CA THR R 7 27.71 39.06 25.76
C THR R 7 26.32 39.45 25.25
N PRO R 8 26.21 40.58 24.55
CA PRO R 8 24.89 41.03 24.10
C PRO R 8 24.31 40.13 23.03
N TYR R 9 22.98 40.11 22.96
CA TYR R 9 22.26 39.42 21.89
C TYR R 9 22.10 40.38 20.73
N VAL R 10 22.68 40.03 19.58
CA VAL R 10 22.63 40.87 18.39
C VAL R 10 21.46 40.44 17.54
N TRP R 11 20.60 41.39 17.19
CA TRP R 11 19.40 41.09 16.42
C TRP R 11 19.73 40.86 14.96
N THR R 12 18.92 40.02 14.31
CA THR R 12 19.05 39.72 12.89
C THR R 12 17.89 40.36 12.15
N PHE R 13 18.20 41.09 11.07
CA PHE R 13 17.20 41.84 10.32
C PHE R 13 16.65 40.96 9.22
N GLN R 14 15.33 41.02 9.03
CA GLN R 14 14.64 40.21 8.03
C GLN R 14 14.09 41.16 6.97
N PRO R 15 14.87 41.51 5.95
CA PRO R 15 14.49 42.63 5.08
C PRO R 15 13.22 42.42 4.27
N GLN R 16 12.77 41.19 4.07
CA GLN R 16 11.54 40.98 3.31
C GLN R 16 10.34 41.59 4.02
N MET R 17 10.03 41.08 5.21
CA MET R 17 8.85 41.49 5.94
C MET R 17 9.14 42.49 7.05
N GLY R 18 10.36 43.02 7.09
CA GLY R 18 10.68 44.14 7.97
C GLY R 18 10.50 43.89 9.46
N ALA R 19 11.04 42.79 9.96
CA ALA R 19 10.96 42.47 11.37
C ALA R 19 12.25 41.81 11.81
N ALA R 20 12.45 41.76 13.13
CA ALA R 20 13.63 41.10 13.67
C ALA R 20 13.48 39.59 13.55
N ALA R 21 14.47 38.96 12.91
CA ALA R 21 14.44 37.51 12.69
C ALA R 21 15.20 36.79 13.80
N GLY R 22 14.77 37.01 15.03
CA GLY R 22 15.40 36.39 16.18
C GLY R 22 16.72 37.03 16.55
N ALA R 23 17.29 36.63 17.67
CA ALA R 23 18.55 37.17 18.15
C ALA R 23 19.47 36.04 18.57
N SER R 24 20.76 36.29 18.48
CA SER R 24 21.77 35.31 18.84
C SER R 24 22.94 36.01 19.54
N GLN R 25 23.69 35.24 20.31
CA GLN R 25 24.83 35.78 21.02
C GLN R 25 25.86 36.33 20.03
N ASP R 26 26.49 37.44 20.41
CA ASP R 26 27.45 38.11 19.53
C ASP R 26 28.77 37.35 19.58
N TYR R 27 28.81 36.25 18.83
CA TYR R 27 29.99 35.40 18.76
C TYR R 27 31.02 35.89 17.75
N SER R 28 30.70 36.90 16.96
CA SER R 28 31.61 37.33 15.90
C SER R 28 32.65 38.32 16.43
N THR R 29 32.26 39.22 17.32
CA THR R 29 33.14 40.25 17.87
C THR R 29 33.40 39.91 19.33
N ARG R 30 34.45 39.14 19.59
CA ARG R 30 34.76 38.72 20.95
C ARG R 30 36.27 38.58 21.10
N MET R 31 36.76 38.90 22.29
CA MET R 31 38.18 38.84 22.58
C MET R 31 38.58 37.43 23.00
N ASN R 32 39.88 37.14 22.87
CA ASN R 32 40.45 35.85 23.23
C ASN R 32 41.49 36.11 24.33
N TRP R 33 41.14 35.76 25.56
CA TRP R 33 41.96 36.10 26.72
C TRP R 33 42.56 34.89 27.43
N PHE R 34 42.47 33.69 26.84
CA PHE R 34 43.14 32.54 27.46
C PHE R 34 44.64 32.72 27.53
N SER R 35 45.21 33.55 26.65
CA SER R 35 46.63 33.86 26.69
C SER R 35 46.94 35.01 27.63
N ALA R 36 45.93 35.58 28.28
CA ALA R 36 46.09 36.74 29.14
C ALA R 36 46.13 36.34 30.60
N GLY R 37 46.79 37.17 31.41
CA GLY R 37 46.86 36.97 32.83
C GLY R 37 45.73 37.65 33.55
N PRO R 38 45.76 37.63 34.90
CA PRO R 38 44.67 38.26 35.65
C PRO R 38 44.50 39.74 35.36
N ASP R 39 45.58 40.48 35.16
CA ASP R 39 45.48 41.92 34.90
C ASP R 39 44.75 42.17 33.58
N MET R 40 45.20 41.52 32.50
CA MET R 40 44.59 41.75 31.21
C MET R 40 43.17 41.22 31.17
N ILE R 41 42.90 40.12 31.88
CA ILE R 41 41.53 39.59 31.96
C ILE R 41 40.63 40.57 32.70
N HIS R 42 41.14 41.20 33.75
CA HIS R 42 40.36 42.23 34.45
C HIS R 42 40.08 43.41 33.53
N ASP R 43 41.06 43.82 32.74
CA ASP R 43 40.83 44.91 31.79
C ASP R 43 39.77 44.52 30.75
N VAL R 44 39.82 43.28 30.26
CA VAL R 44 38.85 42.83 29.27
C VAL R 44 37.45 42.78 29.90
N ASN R 45 37.35 42.31 31.14
CA ASN R 45 36.07 42.27 31.81
C ASN R 45 35.51 43.68 32.02
N ASN R 46 36.37 44.63 32.39
CA ASN R 46 35.92 46.01 32.54
C ASN R 46 35.42 46.57 31.21
N ILE R 47 36.10 46.24 30.12
CA ILE R 47 35.70 46.73 28.81
C ILE R 47 34.37 46.13 28.40
N ARG R 48 34.18 44.83 28.66
CA ARG R 48 32.90 44.20 28.35
C ARG R 48 31.76 44.81 29.17
N ASP R 49 32.03 45.09 30.44
CA ASP R 49 31.01 45.73 31.28
C ASP R 49 30.66 47.12 30.76
N ALA R 50 31.68 47.89 30.36
CA ALA R 50 31.43 49.20 29.78
C ALA R 50 30.63 49.09 28.48
N GLN R 51 30.93 48.07 27.68
CA GLN R 51 30.18 47.84 26.45
C GLN R 51 28.71 47.56 26.75
N ASN R 52 28.44 46.71 27.75
CA ASN R 52 27.07 46.41 28.11
C ASN R 52 26.35 47.65 28.64
N ARG R 53 27.05 48.48 29.42
CA ARG R 53 26.45 49.70 29.93
C ARG R 53 26.11 50.65 28.78
N ILE R 54 27.00 50.79 27.81
CA ILE R 54 26.74 51.64 26.65
C ILE R 54 25.53 51.11 25.87
N LEU R 55 25.45 49.79 25.71
CA LEU R 55 24.33 49.21 24.98
C LEU R 55 23.01 49.46 25.69
N MET R 56 22.99 49.29 27.02
CA MET R 56 21.77 49.57 27.76
C MET R 56 21.37 51.04 27.66
N THR R 57 22.36 51.94 27.77
CA THR R 57 22.07 53.37 27.66
C THR R 57 21.51 53.71 26.29
N GLN R 58 22.12 53.17 25.23
CA GLN R 58 21.63 53.44 23.87
C GLN R 58 20.23 52.89 23.68
N SER R 59 19.96 51.69 24.21
CA SER R 59 18.61 51.14 24.13
C SER R 59 17.61 52.05 24.81
N ALA R 60 17.88 52.45 26.05
CA ALA R 60 16.97 53.31 26.79
C ALA R 60 16.79 54.65 26.11
N ILE R 61 17.80 55.13 25.39
CA ILE R 61 17.69 56.41 24.71
C ILE R 61 16.82 56.31 23.46
N THR R 62 17.21 55.44 22.53
CA THR R 62 16.63 55.47 21.19
C THR R 62 15.65 54.34 20.89
N ALA R 63 15.27 53.55 21.88
CA ALA R 63 14.30 52.48 21.67
C ALA R 63 12.91 52.96 22.04
N THR R 64 11.96 52.82 21.12
CA THR R 64 10.59 53.22 21.39
C THR R 64 9.97 52.27 22.42
N PRO R 65 9.40 52.79 23.51
CA PRO R 65 8.82 51.91 24.52
C PRO R 65 7.67 51.09 23.95
N ARG R 66 7.60 49.82 24.38
CA ARG R 66 6.56 48.92 23.91
C ARG R 66 6.48 47.73 24.86
N ASN R 67 5.36 47.03 24.80
CA ASN R 67 5.14 45.85 25.63
C ASN R 67 5.59 44.56 24.97
N LEU R 68 6.01 44.61 23.71
CA LEU R 68 6.47 43.43 22.98
C LEU R 68 7.88 43.70 22.45
N ILE R 69 8.74 42.68 22.53
CA ILE R 69 10.11 42.83 22.06
C ILE R 69 10.14 43.15 20.57
N ASP R 70 9.34 42.42 19.79
CA ASP R 70 9.28 42.63 18.34
C ASP R 70 7.86 42.40 17.87
N PRO R 71 7.11 43.46 17.60
CA PRO R 71 5.82 43.30 16.91
C PRO R 71 6.05 43.29 15.40
N ARG R 72 5.51 42.27 14.73
CA ARG R 72 5.71 42.16 13.29
C ARG R 72 5.13 43.35 12.55
N GLN R 73 3.92 43.77 12.93
CA GLN R 73 3.26 44.93 12.35
C GLN R 73 3.29 46.08 13.35
N TRP R 74 3.58 47.28 12.86
CA TRP R 74 3.72 48.44 13.71
C TRP R 74 2.61 49.45 13.42
N ALA R 75 2.39 50.33 14.39
CA ALA R 75 1.42 51.40 14.23
C ALA R 75 1.90 52.38 13.16
N ALA R 76 0.93 53.03 12.50
CA ALA R 76 1.26 53.92 11.39
C ALA R 76 2.10 55.10 11.85
N HIS R 77 1.77 55.68 13.02
CA HIS R 77 2.48 56.87 13.48
C HIS R 77 3.90 56.54 13.96
N LEU R 78 4.11 55.33 14.47
CA LEU R 78 5.44 54.96 14.94
C LEU R 78 6.43 54.85 13.79
N ILE R 79 6.00 54.31 12.65
CA ILE R 79 6.87 54.17 11.50
C ILE R 79 7.17 55.55 10.92
N LYS R 80 8.44 55.81 10.65
CA LYS R 80 8.87 57.11 10.12
C LYS R 80 8.44 57.21 8.66
N GLN R 81 7.34 57.90 8.41
CA GLN R 81 6.89 58.10 7.04
C GLN R 81 7.83 59.07 6.31
N PRO R 82 7.98 58.89 4.99
CA PRO R 82 8.87 59.79 4.23
C PRO R 82 8.14 61.07 3.85
N VAL R 83 8.85 62.19 3.96
CA VAL R 83 8.26 63.49 3.63
C VAL R 83 8.46 63.77 2.14
N VAL R 84 7.39 64.23 1.49
CA VAL R 84 7.41 64.55 0.07
C VAL R 84 6.96 66.00 -0.10
N GLY R 85 7.66 66.73 -0.96
CA GLY R 85 7.38 68.13 -1.17
C GLY R 85 6.16 68.38 -2.02
N THR R 86 5.83 69.66 -2.18
CA THR R 86 4.68 70.05 -2.98
C THR R 86 4.93 69.82 -4.46
N THR R 87 3.87 69.48 -5.18
CA THR R 87 3.91 69.29 -6.62
C THR R 87 3.12 70.41 -7.28
N HIS R 88 3.78 71.15 -8.18
CA HIS R 88 3.17 72.29 -8.85
C HIS R 88 2.77 71.87 -10.27
N VAL R 89 1.50 72.06 -10.61
CA VAL R 89 0.99 71.75 -11.92
C VAL R 89 0.72 73.07 -12.64
N GLU R 90 1.57 73.38 -13.63
CA GLU R 90 1.41 74.59 -14.42
C GLU R 90 0.46 74.27 -15.57
N MET R 91 -0.80 74.64 -15.42
CA MET R 91 -1.78 74.39 -16.48
C MET R 91 -1.39 75.16 -17.73
N PRO R 92 -1.26 74.51 -18.88
CA PRO R 92 -0.70 75.18 -20.05
C PRO R 92 -1.71 75.95 -20.88
N ARG R 93 -3.00 75.61 -20.81
CA ARG R 93 -3.96 76.20 -21.73
C ARG R 93 -5.36 76.04 -21.19
N ASN R 94 -6.16 77.09 -21.34
CA ASN R 94 -7.59 77.00 -21.07
C ASN R 94 -8.28 76.19 -22.16
N GLU R 95 -9.23 75.36 -21.77
CA GLU R 95 -9.90 74.49 -22.73
C GLU R 95 -11.14 75.12 -23.33
N VAL R 96 -11.92 75.87 -22.54
CA VAL R 96 -13.15 76.46 -23.06
C VAL R 96 -12.84 77.51 -24.12
N LEU R 97 -11.86 78.38 -23.86
CA LEU R 97 -11.51 79.40 -24.83
C LEU R 97 -10.91 78.79 -26.08
N GLU R 98 -10.12 77.72 -25.93
CA GLU R 98 -9.58 77.02 -27.08
C GLU R 98 -10.70 76.38 -27.91
N GLN R 99 -11.71 75.82 -27.25
CA GLN R 99 -12.86 75.28 -27.96
C GLN R 99 -13.60 76.39 -28.71
N HIS R 100 -13.73 77.55 -28.08
CA HIS R 100 -14.38 78.68 -28.73
C HIS R 100 -13.61 79.10 -29.99
N LEU R 101 -12.28 79.20 -29.88
CA LEU R 101 -11.47 79.58 -31.03
C LEU R 101 -11.56 78.53 -32.14
N THR R 102 -11.53 77.25 -31.79
CA THR R 102 -11.63 76.20 -32.79
C THR R 102 -12.99 76.22 -33.47
N SER R 103 -14.06 76.45 -32.70
CA SER R 103 -15.39 76.54 -33.28
C SER R 103 -15.50 77.74 -34.21
N HIS R 104 -14.82 78.84 -33.89
CA HIS R 104 -14.85 80.02 -34.74
C HIS R 104 -13.97 79.87 -35.99
N GLY R 105 -13.35 78.71 -36.20
CA GLY R 105 -12.60 78.47 -37.41
C GLY R 105 -11.13 78.80 -37.33
N ALA R 106 -10.47 78.31 -36.29
CA ALA R 106 -9.04 78.53 -36.10
C ALA R 106 -8.35 77.22 -35.77
N GLN R 107 -7.15 77.03 -36.30
CA GLN R 107 -6.34 75.85 -36.05
C GLN R 107 -5.21 76.24 -35.10
N ILE R 108 -5.09 75.50 -34.00
CA ILE R 108 -4.06 75.75 -33.00
C ILE R 108 -3.10 74.57 -33.01
N ALA R 109 -1.81 74.86 -33.17
CA ALA R 109 -0.77 73.84 -33.22
C ALA R 109 0.39 74.24 -32.33
N GLY R 110 1.13 73.24 -31.87
CA GLY R 110 2.28 73.48 -31.01
C GLY R 110 1.90 73.62 -29.56
N GLY R 111 2.92 73.87 -28.75
CA GLY R 111 2.73 74.03 -27.32
C GLY R 111 3.58 73.08 -26.49
N ARG R 148 1.07 80.75 -21.03
CA ARG R 148 1.81 80.34 -22.22
C ARG R 148 1.10 80.82 -23.48
N SER R 149 -0.11 80.32 -23.69
CA SER R 149 -0.86 80.67 -24.89
C SER R 149 -1.19 82.16 -24.90
N SER R 150 -1.09 82.77 -26.08
CA SER R 150 -1.32 84.21 -26.21
C SER R 150 -2.80 84.56 -26.08
N PHE R 151 -3.68 83.72 -26.64
CA PHE R 151 -5.11 84.07 -26.66
C PHE R 151 -5.71 84.06 -25.26
N ASN R 152 -5.33 83.10 -24.42
CA ASN R 152 -5.95 83.11 -23.10
C ASN R 152 -5.17 84.02 -22.15
N PRO R 153 -5.84 84.99 -21.51
CA PRO R 153 -5.13 85.85 -20.55
C PRO R 153 -4.98 85.21 -19.18
N LEU R 154 -5.97 84.42 -18.77
CA LEU R 154 -5.97 83.83 -17.45
C LEU R 154 -4.94 82.71 -17.34
N GLN R 155 -4.30 82.62 -16.17
CA GLN R 155 -3.36 81.55 -15.87
C GLN R 155 -3.75 80.93 -14.54
N THR R 156 -3.86 79.61 -14.53
CA THR R 156 -4.24 78.87 -13.32
C THR R 156 -3.16 77.85 -12.99
N ASP R 157 -2.90 77.69 -11.69
CA ASP R 157 -1.88 76.78 -11.19
C ASP R 157 -2.45 75.92 -10.08
N PHE R 158 -1.95 74.70 -9.98
CA PHE R 158 -2.38 73.75 -8.96
C PHE R 158 -1.19 73.34 -8.10
N ALA R 159 -1.45 73.11 -6.82
CA ALA R 159 -0.44 72.63 -5.89
C ALA R 159 -1.13 71.77 -4.85
N PHE R 160 -0.57 70.59 -4.58
CA PHE R 160 -1.16 69.65 -3.64
C PHE R 160 -0.08 68.74 -3.11
N HIS R 161 -0.41 68.05 -2.01
CA HIS R 161 0.48 67.04 -1.43
C HIS R 161 -0.03 65.67 -1.86
N ALA R 162 0.80 64.94 -2.61
CA ALA R 162 0.43 63.62 -3.09
C ALA R 162 0.81 62.57 -2.06
N LEU R 163 0.11 62.61 -0.95
CA LEU R 163 0.30 61.66 0.14
C LEU R 163 -0.48 60.38 -0.13
N PRO R 164 -0.03 59.25 0.43
CA PRO R 164 -0.83 58.02 0.34
C PRO R 164 -2.15 58.18 1.09
N SER R 165 -3.15 57.43 0.65
CA SER R 165 -4.46 57.50 1.28
C SER R 165 -4.39 57.11 2.74
N ARG R 166 -3.70 56.02 3.06
CA ARG R 166 -3.43 55.63 4.43
C ARG R 166 -1.92 55.66 4.67
N PRO R 167 -1.48 55.99 5.90
CA PRO R 167 -0.05 56.26 6.16
C PRO R 167 0.80 55.00 6.39
N ARG R 168 0.62 54.00 5.54
CA ARG R 168 1.53 52.86 5.40
C ARG R 168 1.90 52.23 6.74
N HIS R 169 0.89 51.67 7.40
CA HIS R 169 1.15 50.84 8.57
C HIS R 169 1.68 49.49 8.13
N GLY R 170 2.69 48.99 8.84
CA GLY R 170 3.29 47.72 8.46
C GLY R 170 4.58 47.39 9.17
N GLY R 171 5.59 46.99 8.41
CA GLY R 171 6.84 46.53 8.95
C GLY R 171 7.86 47.65 9.11
N ILE R 172 9.04 47.26 9.59
CA ILE R 172 10.12 48.19 9.90
C ILE R 172 11.06 48.27 8.71
N GLY R 173 11.74 49.40 8.58
CA GLY R 173 12.84 49.51 7.65
C GLY R 173 14.17 49.28 8.33
N SER R 174 15.24 49.20 7.52
CA SER R 174 16.56 48.96 8.09
C SER R 174 17.02 50.12 8.97
N ARG R 175 16.84 51.36 8.49
CA ARG R 175 17.31 52.51 9.23
C ARG R 175 16.53 52.71 10.52
N GLN R 176 15.22 52.49 10.48
CA GLN R 176 14.37 52.64 11.66
C GLN R 176 14.34 51.36 12.49
N PHE R 177 15.04 50.32 12.06
CA PHE R 177 15.24 49.10 12.81
C PHE R 177 16.55 49.10 13.58
N VAL R 178 17.62 49.61 12.97
CA VAL R 178 18.92 49.63 13.63
C VAL R 178 18.92 50.57 14.83
N GLU R 179 18.00 51.53 14.87
CA GLU R 179 17.89 52.46 15.99
C GLU R 179 16.93 52.00 17.06
N GLU R 180 16.30 50.84 16.91
CA GLU R 180 15.35 50.34 17.90
C GLU R 180 15.68 48.94 18.38
N PHE R 181 16.14 48.07 17.49
CA PHE R 181 16.59 46.73 17.88
C PHE R 181 18.11 46.72 18.04
N VAL R 182 18.59 47.51 19.01
CA VAL R 182 20.01 47.55 19.35
C VAL R 182 20.36 46.25 20.04
N PRO R 183 21.64 45.84 20.06
CA PRO R 183 22.01 44.61 20.77
C PRO R 183 21.55 44.62 22.22
N ALA R 184 20.61 43.73 22.56
CA ALA R 184 20.02 43.70 23.89
C ALA R 184 20.81 42.74 24.77
N VAL R 185 21.43 43.28 25.82
CA VAL R 185 22.13 42.45 26.79
C VAL R 185 21.12 41.84 27.75
N TYR R 186 21.32 40.57 28.07
CA TYR R 186 20.42 39.82 28.94
C TYR R 186 21.21 39.42 30.17
N LEU R 187 21.02 40.16 31.27
CA LEU R 187 21.88 40.04 32.44
C LEU R 187 21.85 38.65 33.06
N ASN R 188 20.69 38.24 33.59
CA ASN R 188 20.60 36.92 34.21
C ASN R 188 19.97 35.97 33.20
N PRO R 189 20.75 35.13 32.51
CA PRO R 189 20.23 34.38 31.38
C PRO R 189 19.24 33.32 31.83
N TYR R 190 17.99 33.47 31.39
CA TYR R 190 16.93 32.48 31.58
C TYR R 190 16.75 32.14 33.05
N SER R 191 16.77 33.19 33.89
CA SER R 191 16.43 33.08 35.30
C SER R 191 15.05 33.69 35.51
N GLY R 192 14.19 32.96 36.19
CA GLY R 192 12.82 33.39 36.38
C GLY R 192 11.85 32.43 35.73
N PRO R 193 10.56 32.76 35.77
CA PRO R 193 9.56 31.85 35.21
C PRO R 193 9.72 31.73 33.70
N PRO R 194 9.39 30.57 33.13
CA PRO R 194 9.36 30.45 31.67
C PRO R 194 8.38 31.40 31.02
N ASP R 195 7.39 31.88 31.76
CA ASP R 195 6.57 32.99 31.29
C ASP R 195 7.44 34.21 31.01
N SER R 196 8.35 34.54 31.93
CA SER R 196 9.19 35.72 31.81
C SER R 196 10.47 35.45 31.03
N TYR R 197 10.66 34.23 30.54
CA TYR R 197 11.78 33.97 29.64
C TYR R 197 11.70 34.93 28.46
N PRO R 198 12.81 35.51 28.01
CA PRO R 198 12.73 36.44 26.88
C PRO R 198 12.59 35.68 25.58
N ASP R 199 11.38 35.67 25.03
CA ASP R 199 11.15 35.04 23.75
C ASP R 199 11.58 36.00 22.65
N GLN R 200 11.19 35.71 21.42
CA GLN R 200 11.47 36.53 20.26
C GLN R 200 12.94 36.45 19.89
N PHE R 201 13.73 35.80 20.76
CA PHE R 201 15.14 35.55 20.45
C PHE R 201 15.28 34.40 19.48
N ILE R 202 14.43 33.38 19.62
CA ILE R 202 14.42 32.26 18.68
C ILE R 202 13.70 32.71 17.41
N ARG R 203 14.31 32.42 16.27
CA ARG R 203 13.84 32.97 15.00
C ARG R 203 12.47 32.44 14.62
N HIS R 204 12.20 31.16 14.90
CA HIS R 204 10.96 30.53 14.47
C HIS R 204 9.95 30.50 15.61
N TYR R 205 9.53 31.70 16.04
CA TYR R 205 8.57 31.83 17.14
C TYR R 205 7.51 32.83 16.76
N ASN R 206 6.27 32.37 16.65
CA ASN R 206 5.15 33.26 16.38
C ASN R 206 4.93 34.19 17.57
N VAL R 207 4.86 35.49 17.31
CA VAL R 207 4.68 36.46 18.37
C VAL R 207 3.30 36.31 19.00
N TYR R 208 2.26 36.47 18.20
CA TYR R 208 0.90 36.33 18.68
C TYR R 208 0.49 34.87 18.60
N SER R 209 -0.29 34.42 19.59
CA SER R 209 -0.59 33.01 19.78
C SER R 209 0.71 32.21 19.93
N ASN R 210 1.39 32.51 21.03
CA ASN R 210 2.76 32.06 21.26
C ASN R 210 2.92 30.58 20.95
N SER R 211 3.75 30.29 19.95
CA SER R 211 3.96 28.93 19.48
C SER R 211 5.13 28.96 18.52
N VAL R 212 5.86 27.84 18.48
CA VAL R 212 7.00 27.70 17.58
C VAL R 212 6.49 27.20 16.22
N SER R 213 6.92 27.86 15.16
CA SER R 213 6.46 27.56 13.81
C SER R 213 7.26 26.39 13.26
N GLY R 214 6.59 25.25 13.05
CA GLY R 214 7.23 24.07 12.52
C GLY R 214 7.23 24.04 11.00
N TYR R 215 7.67 22.90 10.47
CA TYR R 215 7.74 22.71 9.03
C TYR R 215 6.35 22.63 8.42
N MET S 1 2.39 26.00 41.72
CA MET S 1 3.85 26.12 41.68
C MET S 1 4.36 25.60 40.33
N ASP S 2 3.54 24.80 39.65
CA ASP S 2 3.91 24.23 38.36
C ASP S 2 4.13 25.28 37.27
N GLU S 3 3.88 26.55 37.56
CA GLU S 3 4.11 27.62 36.59
C GLU S 3 5.48 28.28 36.74
N TYR S 4 6.11 28.14 37.90
CA TYR S 4 7.42 28.73 38.14
C TYR S 4 8.57 27.77 37.84
N ASN S 5 8.27 26.53 37.46
CA ASN S 5 9.31 25.55 37.19
C ASN S 5 8.76 24.50 36.24
N TYR S 6 9.67 23.69 35.70
CA TYR S 6 9.29 22.56 34.85
C TYR S 6 8.93 21.40 35.75
N ALA S 7 7.66 21.35 36.16
CA ALA S 7 7.15 20.23 36.94
C ALA S 7 6.16 19.37 36.17
N ALA S 8 5.52 19.92 35.13
CA ALA S 8 4.65 19.11 34.28
C ALA S 8 5.46 18.15 33.41
N LEU S 9 6.73 18.48 33.13
CA LEU S 9 7.55 17.60 32.30
C LEU S 9 7.97 16.35 33.06
N ALA S 10 8.24 16.49 34.35
CA ALA S 10 8.70 15.35 35.13
C ALA S 10 7.55 14.37 35.37
N PRO S 11 7.84 13.07 35.37
CA PRO S 11 6.79 12.08 35.68
C PRO S 11 6.29 12.28 37.10
N ARG S 12 4.98 12.07 37.28
CA ARG S 12 4.36 12.28 38.58
C ARG S 12 4.37 10.99 39.40
N GLN S 13 4.10 11.15 40.69
CA GLN S 13 4.00 10.05 41.65
C GLN S 13 2.73 10.26 42.48
N GLY S 14 1.64 10.48 41.78
CA GLY S 14 0.40 10.89 42.42
C GLY S 14 0.13 12.37 42.17
N SER S 15 0.37 13.21 43.17
CA SER S 15 0.23 14.65 43.01
C SER S 15 1.57 15.38 43.08
N ARG S 16 2.64 14.71 43.50
CA ARG S 16 3.94 15.33 43.65
C ARG S 16 4.86 14.88 42.51
N PRO S 17 5.26 15.78 41.62
CA PRO S 17 6.18 15.38 40.54
C PRO S 17 7.53 14.95 41.09
N MET S 18 8.14 13.97 40.42
CA MET S 18 9.41 13.42 40.85
C MET S 18 10.55 14.17 40.16
N LEU S 19 10.93 15.30 40.77
CA LEU S 19 12.07 16.07 40.32
C LEU S 19 13.35 15.54 40.94
N SER S 20 14.47 15.86 40.30
CA SER S 20 15.78 15.51 40.85
C SER S 20 16.18 16.51 41.93
N GLN S 21 17.21 16.14 42.69
CA GLN S 21 17.80 17.07 43.63
C GLN S 21 18.51 18.20 42.87
N TRP S 22 18.55 19.37 43.49
CA TRP S 22 19.10 20.55 42.82
C TRP S 22 20.57 20.33 42.46
N SER S 23 21.35 19.76 43.38
CA SER S 23 22.74 19.45 43.10
C SER S 23 22.90 18.08 42.45
N GLY S 24 22.17 17.86 41.37
CA GLY S 24 22.23 16.60 40.66
C GLY S 24 22.80 16.75 39.27
N ILE S 25 22.61 17.93 38.67
CA ILE S 25 23.18 18.22 37.36
C ILE S 25 24.70 18.26 37.47
N GLY S 26 25.36 17.94 36.37
CA GLY S 26 26.81 17.91 36.36
C GLY S 26 27.35 16.54 36.72
N THR S 27 28.54 16.25 36.19
CA THR S 27 29.20 14.99 36.47
C THR S 27 30.70 15.19 36.43
N HIS S 28 31.42 14.26 37.03
CA HIS S 28 32.88 14.28 36.99
C HIS S 28 33.38 12.86 37.18
N GLU S 29 33.82 12.24 36.09
CA GLU S 29 34.52 10.96 36.13
C GLU S 29 35.89 11.15 35.48
N MET S 30 36.95 10.94 36.26
CA MET S 30 38.31 11.18 35.80
C MET S 30 39.34 10.51 36.69
N HIS S 31 40.13 9.60 36.12
CA HIS S 31 41.31 9.02 36.74
C HIS S 31 42.19 8.42 35.67
N GLY S 32 43.46 8.24 36.00
CA GLY S 32 44.39 7.57 35.11
C GLY S 32 44.61 6.13 35.50
N GLY S 33 43.69 5.58 36.30
CA GLY S 33 43.81 4.21 36.76
C GLY S 33 42.48 3.54 37.02
N GLU T 3 -2.14 4.14 71.36
CA GLU T 3 -0.90 4.91 71.38
C GLU T 3 -0.99 6.11 70.45
N TYR T 4 -0.80 7.31 71.01
CA TYR T 4 -0.86 8.53 70.22
C TYR T 4 0.48 8.85 69.57
N ASN T 5 1.58 8.60 70.27
CA ASN T 5 2.92 8.82 69.72
C ASN T 5 3.38 7.50 69.11
N TYR T 6 3.12 7.34 67.82
CA TYR T 6 3.46 6.10 67.13
C TYR T 6 4.96 5.88 67.04
N ALA T 7 5.77 6.93 67.21
CA ALA T 7 7.23 6.78 67.16
C ALA T 7 7.75 5.93 68.31
N ALA T 8 6.96 5.72 69.36
CA ALA T 8 7.38 4.88 70.47
C ALA T 8 7.45 3.41 70.11
N LEU T 9 6.93 3.01 68.95
CA LEU T 9 6.96 1.63 68.51
C LEU T 9 8.17 1.30 67.65
N ALA T 10 9.07 2.25 67.44
CA ALA T 10 10.21 2.01 66.57
C ALA T 10 11.48 1.82 67.38
N PRO T 11 12.42 1.03 66.87
CA PRO T 11 13.72 0.90 67.54
C PRO T 11 14.42 2.25 67.65
N ARG T 12 15.12 2.45 68.76
CA ARG T 12 15.75 3.73 69.07
C ARG T 12 17.23 3.65 68.74
N GLN T 13 17.66 4.43 67.74
CA GLN T 13 19.07 4.48 67.40
C GLN T 13 19.89 5.03 68.57
N GLY T 14 19.62 6.26 68.96
CA GLY T 14 20.17 6.82 70.18
C GLY T 14 19.06 7.12 71.16
N SER T 15 18.73 8.41 71.31
CA SER T 15 17.55 8.82 72.03
C SER T 15 16.37 9.09 71.11
N ARG T 16 16.51 8.81 69.81
CA ARG T 16 15.50 9.02 68.80
C ARG T 16 15.18 7.72 68.08
N PRO T 17 13.93 7.51 67.68
CA PRO T 17 13.58 6.27 66.98
C PRO T 17 14.23 6.17 65.61
N MET T 18 14.47 4.94 65.17
CA MET T 18 14.98 4.67 63.84
C MET T 18 13.86 4.85 62.84
N LEU T 19 13.83 5.98 62.15
CA LEU T 19 12.83 6.27 61.13
C LEU T 19 13.53 6.45 59.79
N SER T 20 13.02 5.78 58.77
CA SER T 20 13.59 5.83 57.42
C SER T 20 15.05 5.41 57.42
N SER T 23 12.14 4.15 53.32
CA SER T 23 10.94 4.91 53.60
C SER T 23 9.99 4.89 52.41
N GLY T 24 8.82 5.50 52.56
CA GLY T 24 7.83 5.54 51.51
C GLY T 24 6.81 4.43 51.62
N ILE T 25 5.53 4.77 51.55
CA ILE T 25 4.44 3.81 51.64
C ILE T 25 3.89 3.58 50.24
N GLY T 26 3.71 2.31 49.89
CA GLY T 26 3.12 1.99 48.61
C GLY T 26 4.14 1.43 47.64
N THR T 27 3.65 0.66 46.67
CA THR T 27 4.48 0.06 45.63
C THR T 27 3.88 0.37 44.27
N HIS T 28 4.75 0.62 43.29
CA HIS T 28 4.34 0.87 41.93
C HIS T 28 4.91 -0.15 40.95
N GLU T 29 5.38 -1.29 41.44
CA GLU T 29 6.07 -2.25 40.59
C GLU T 29 5.04 -3.04 39.79
N MET T 30 4.96 -2.74 38.50
CA MET T 30 4.05 -3.44 37.59
C MET T 30 4.48 -3.12 36.16
N HIS T 31 4.83 -4.17 35.40
CA HIS T 31 5.19 -4.05 33.99
C HIS T 31 4.98 -5.42 33.35
N GLY T 32 5.48 -5.57 32.13
CA GLY T 32 5.38 -6.82 31.41
C GLY T 32 3.99 -7.14 30.92
N LEU U 15 29.22 10.78 64.05
CA LEU U 15 28.79 9.50 63.51
C LEU U 15 29.34 8.37 64.36
N GLY U 16 28.58 7.27 64.44
CA GLY U 16 28.96 6.14 65.25
C GLY U 16 28.83 4.83 64.48
N CYS U 17 29.25 3.76 65.16
CA CYS U 17 29.25 2.42 64.59
C CYS U 17 28.41 1.50 65.47
N ASN U 18 27.50 0.76 64.84
CA ASN U 18 26.61 -0.17 65.56
C ASN U 18 26.44 -1.46 64.75
N LYS U 19 27.28 -2.45 65.03
CA LYS U 19 27.08 -3.78 64.49
C LYS U 19 27.66 -4.80 65.45
N MET U 20 26.92 -5.90 65.64
CA MET U 20 27.32 -6.96 66.55
C MET U 20 26.54 -8.21 66.18
N TYR U 21 27.03 -9.36 66.63
CA TYR U 21 26.41 -10.63 66.27
C TYR U 21 25.02 -10.72 66.88
N GLY U 22 23.99 -10.60 66.04
CA GLY U 22 22.62 -10.65 66.50
C GLY U 22 21.96 -9.28 66.59
N GLU V 3 61.30 81.48 -66.92
CA GLU V 3 62.22 82.32 -67.68
C GLU V 3 61.59 83.66 -68.01
N GLU V 4 60.43 83.63 -68.65
CA GLU V 4 59.76 84.86 -69.05
C GLU V 4 59.20 85.59 -67.84
N GLY V 5 59.38 86.91 -67.83
CA GLY V 5 58.85 87.74 -66.75
C GLY V 5 59.41 87.41 -65.39
N ARG V 6 60.73 87.24 -65.29
CA ARG V 6 61.39 86.91 -64.05
C ARG V 6 61.98 88.18 -63.46
N ILE V 7 61.47 88.59 -62.30
CA ILE V 7 62.03 89.70 -61.54
C ILE V 7 63.07 89.10 -60.59
N TYR V 8 64.34 89.23 -60.96
CA TYR V 8 65.39 88.55 -60.22
C TYR V 8 65.53 89.15 -58.82
N VAL V 9 65.69 88.27 -57.84
CA VAL V 9 65.62 88.62 -56.42
C VAL V 9 64.30 89.34 -56.18
N PRO V 10 63.16 88.65 -56.20
CA PRO V 10 61.89 89.29 -55.87
C PRO V 10 61.51 89.21 -54.40
N TYR V 11 62.27 88.47 -53.60
CA TYR V 11 62.01 88.33 -52.18
C TYR V 11 62.73 89.43 -51.41
N VAL V 12 62.51 89.47 -50.10
CA VAL V 12 63.24 90.38 -49.22
C VAL V 12 64.51 89.68 -48.77
N THR V 13 65.65 90.31 -49.00
CA THR V 13 66.93 89.70 -48.68
C THR V 13 67.26 89.89 -47.20
N ALA V 14 67.68 88.80 -46.55
CA ALA V 14 68.11 88.85 -45.17
C ALA V 14 69.58 89.25 -45.11
N ARG V 15 69.98 89.81 -43.98
CA ARG V 15 71.36 90.25 -43.82
C ARG V 15 72.30 89.06 -43.88
N LEU V 16 73.47 89.26 -44.48
CA LEU V 16 74.43 88.19 -44.65
C LEU V 16 74.97 87.75 -43.30
N PRO V 17 74.88 86.47 -42.94
CA PRO V 17 75.44 86.02 -41.67
C PRO V 17 76.95 86.19 -41.65
N LYS V 18 77.48 86.44 -40.46
CA LYS V 18 78.89 86.77 -40.30
C LYS V 18 79.77 85.56 -40.00
N TRP V 19 79.21 84.36 -39.92
CA TRP V 19 80.05 83.19 -39.68
C TRP V 19 80.77 82.78 -40.96
N SER V 20 81.76 81.91 -40.79
CA SER V 20 82.70 81.62 -41.88
C SER V 20 82.02 80.92 -43.04
N GLY V 21 81.26 79.85 -42.77
CA GLY V 21 80.68 79.08 -43.84
C GLY V 21 79.33 79.57 -44.29
N SER V 22 79.30 80.37 -45.36
CA SER V 22 78.05 80.88 -45.92
C SER V 22 77.85 80.48 -47.37
N VAL V 23 78.88 80.64 -48.21
CA VAL V 23 78.75 80.31 -49.63
C VAL V 23 78.52 78.81 -49.79
N GLN V 24 77.62 78.44 -50.69
CA GLN V 24 77.13 77.07 -50.75
C GLN V 24 78.23 76.10 -51.20
N ASP V 25 78.91 76.40 -52.30
CA ASP V 25 79.78 75.41 -52.94
C ASP V 25 81.24 75.84 -53.02
N LYS V 26 81.60 77.02 -52.52
CA LYS V 26 82.97 77.49 -52.60
C LYS V 26 83.87 76.63 -51.71
N THR V 27 85.05 76.31 -52.23
CA THR V 27 86.04 75.55 -51.46
C THR V 27 86.77 76.48 -50.50
N GLY V 28 87.72 75.92 -49.76
CA GLY V 28 88.46 76.69 -48.79
C GLY V 28 89.92 76.30 -48.67
N SER V 29 90.58 76.78 -47.62
CA SER V 29 91.99 76.49 -47.40
C SER V 29 92.31 76.73 -45.94
N ASN V 30 92.88 75.74 -45.26
CA ASN V 30 93.22 75.91 -43.85
C ASN V 30 94.47 76.78 -43.72
N MET V 31 94.89 76.99 -42.47
CA MET V 31 95.96 77.95 -42.20
C MET V 31 97.29 77.54 -42.82
N LEU V 32 97.49 76.25 -43.07
CA LEU V 32 98.70 75.75 -43.68
C LEU V 32 98.54 75.48 -45.18
N GLY V 33 97.69 76.25 -45.84
CA GLY V 33 97.37 76.00 -47.24
C GLY V 33 96.21 75.01 -47.38
N GLY V 34 96.53 73.77 -47.74
CA GLY V 34 95.57 72.69 -47.75
C GLY V 34 94.33 72.95 -48.57
N VAL V 35 93.30 72.13 -48.36
CA VAL V 35 92.02 72.30 -49.03
C VAL V 35 90.91 72.04 -48.02
N VAL V 36 89.86 72.87 -48.09
CA VAL V 36 88.70 72.75 -47.21
C VAL V 36 87.47 72.54 -48.07
N LEU V 37 86.72 71.48 -47.78
CA LEU V 37 85.52 71.18 -48.55
C LEU V 37 84.44 72.23 -48.27
N PRO V 38 83.51 72.43 -49.20
CA PRO V 38 82.47 73.42 -48.98
C PRO V 38 81.58 73.01 -47.81
N PRO V 39 80.95 73.98 -47.15
CA PRO V 39 80.15 73.65 -45.95
C PRO V 39 78.97 72.74 -46.22
N ASN V 40 78.49 72.64 -47.44
CA ASN V 40 77.38 71.75 -47.76
C ASN V 40 77.82 70.32 -48.02
N SER V 41 79.12 70.04 -47.97
CA SER V 41 79.63 68.70 -48.22
C SER V 41 79.29 67.77 -47.06
N GLN V 42 79.17 66.48 -47.38
CA GLN V 42 78.91 65.48 -46.36
C GLN V 42 80.06 65.34 -45.38
N ALA V 43 81.25 65.88 -45.70
CA ALA V 43 82.36 65.84 -44.75
C ALA V 43 82.05 66.67 -43.51
N HIS V 44 81.42 67.82 -43.69
CA HIS V 44 81.16 68.72 -42.57
C HIS V 44 79.87 68.38 -41.83
N ARG V 45 79.73 67.11 -41.46
CA ARG V 45 78.74 66.68 -40.49
C ARG V 45 79.36 66.04 -39.28
N THR V 46 80.68 65.76 -39.32
CA THR V 46 81.44 65.21 -38.21
C THR V 46 82.64 66.12 -37.96
N GLU V 47 83.55 65.67 -37.12
CA GLU V 47 84.75 66.43 -36.78
C GLU V 47 85.98 65.60 -37.10
N THR V 48 86.84 66.12 -37.97
CA THR V 48 88.17 65.57 -38.18
C THR V 48 89.15 66.45 -37.42
N VAL V 49 89.86 65.85 -36.46
CA VAL V 49 90.62 66.64 -35.50
C VAL V 49 91.80 67.34 -36.16
N GLY V 50 92.52 66.65 -37.04
CA GLY V 50 93.73 67.19 -37.61
C GLY V 50 93.54 67.96 -38.89
N THR V 51 92.30 68.36 -39.20
CA THR V 51 92.01 69.01 -40.47
C THR V 51 92.67 70.38 -40.59
N GLU V 52 93.11 70.98 -39.48
CA GLU V 52 93.66 72.32 -39.49
C GLU V 52 95.13 72.34 -39.08
N ALA V 53 95.84 71.24 -39.32
CA ALA V 53 97.25 71.16 -38.94
C ALA V 53 98.16 70.65 -40.04
N THR V 54 97.62 70.13 -41.14
CA THR V 54 98.44 69.57 -42.21
C THR V 54 97.94 70.06 -43.56
N ARG V 55 98.86 70.12 -44.52
CA ARG V 55 98.53 70.57 -45.88
C ARG V 55 98.24 69.36 -46.76
N ASP V 56 97.08 68.74 -46.50
CA ASP V 56 96.63 67.63 -47.30
C ASP V 56 95.14 67.45 -47.07
N ASN V 57 94.46 66.83 -48.03
CA ASN V 57 93.03 66.58 -47.93
C ASN V 57 92.83 65.34 -47.05
N LEU V 58 92.47 65.57 -45.79
CA LEU V 58 92.21 64.47 -44.87
C LEU V 58 90.86 63.83 -45.10
N HIS V 59 90.04 64.38 -45.99
CA HIS V 59 88.75 63.81 -46.33
C HIS V 59 88.85 63.00 -47.61
N ALA V 60 88.00 61.98 -47.72
CA ALA V 60 88.00 61.14 -48.92
C ALA V 60 87.62 61.94 -50.15
N GLU V 61 86.63 62.82 -50.03
CA GLU V 61 86.17 63.62 -51.15
C GLU V 61 87.07 64.83 -51.37
N GLY V 62 87.33 65.12 -52.64
CA GLY V 62 88.16 66.26 -53.01
C GLY V 62 89.56 65.85 -53.41
N ALA V 63 90.21 66.72 -54.18
CA ALA V 63 91.56 66.47 -54.66
C ALA V 63 92.55 66.48 -53.49
N ARG V 64 93.59 65.67 -53.63
CA ARG V 64 94.58 65.55 -52.57
C ARG V 64 95.42 66.81 -52.42
N ARG V 65 95.78 67.44 -53.55
CA ARG V 65 96.64 68.61 -53.39
C ARG V 65 95.84 69.89 -53.50
N PRO V 66 96.22 70.92 -52.72
CA PRO V 66 95.50 72.20 -52.79
C PRO V 66 95.50 72.83 -54.18
N GLU V 67 96.57 72.65 -54.95
CA GLU V 67 96.69 73.25 -56.26
C GLU V 67 95.94 72.47 -57.34
N ASP V 68 95.38 71.32 -56.99
CA ASP V 68 94.62 70.50 -57.92
C ASP V 68 93.12 70.56 -57.66
N GLN V 69 92.67 71.52 -56.85
CA GLN V 69 91.26 71.65 -56.49
C GLN V 69 90.64 72.83 -57.23
N THR V 70 89.51 72.57 -57.90
CA THR V 70 88.75 73.65 -58.51
C THR V 70 88.16 74.55 -57.42
N PRO V 71 88.06 75.86 -57.69
CA PRO V 71 87.53 76.76 -56.65
C PRO V 71 86.13 76.43 -56.19
N TYR V 72 85.26 75.97 -57.09
CA TYR V 72 83.89 75.63 -56.75
C TYR V 72 83.63 74.18 -57.11
N MET V 73 83.32 73.36 -56.11
CA MET V 73 82.95 71.98 -56.35
C MET V 73 81.48 71.89 -56.75
N ILE V 74 81.11 70.74 -57.30
CA ILE V 74 79.75 70.50 -57.78
C ILE V 74 79.20 69.34 -56.95
N LEU V 75 78.32 69.67 -56.01
CA LEU V 75 77.61 68.67 -55.21
C LEU V 75 76.11 68.80 -55.44
N VAL V 76 75.39 67.71 -55.17
CA VAL V 76 73.95 67.61 -55.38
C VAL V 76 73.65 67.70 -56.87
N GLU V 77 73.24 66.57 -57.46
CA GLU V 77 72.97 66.53 -58.90
C GLU V 77 71.84 67.46 -59.30
N ASP V 78 70.91 67.75 -58.38
CA ASP V 78 69.81 68.64 -58.68
C ASP V 78 70.26 70.08 -58.87
N SER V 79 71.48 70.42 -58.47
CA SER V 79 71.94 71.79 -58.57
C SER V 79 72.20 72.17 -60.02
N LEU V 80 72.20 73.49 -60.27
CA LEU V 80 72.46 74.00 -61.61
C LEU V 80 73.86 73.60 -62.09
N GLY V 81 74.83 73.59 -61.19
CA GLY V 81 76.15 73.08 -61.55
C GLY V 81 76.12 71.62 -61.96
N GLY V 82 75.32 70.82 -61.25
CA GLY V 82 75.17 69.43 -61.63
C GLY V 82 74.54 69.26 -63.01
N LEU V 83 73.50 70.03 -63.29
CA LEU V 83 72.89 69.99 -64.62
C LEU V 83 73.88 70.43 -65.70
N LYS V 84 74.67 71.47 -65.42
CA LYS V 84 75.66 71.91 -66.40
C LYS V 84 76.72 70.84 -66.63
N ARG V 85 77.17 70.18 -65.57
CA ARG V 85 78.14 69.10 -65.72
C ARG V 85 77.56 67.95 -66.54
N ARG V 86 76.30 67.59 -66.27
CA ARG V 86 75.66 66.53 -67.02
C ARG V 86 75.51 66.90 -68.50
N MET V 87 75.15 68.16 -68.78
CA MET V 87 75.04 68.61 -70.16
C MET V 87 76.38 68.60 -70.86
N ASP V 88 77.45 69.01 -70.16
CA ASP V 88 78.78 68.95 -70.74
C ASP V 88 79.20 67.51 -71.04
N LEU V 89 78.89 66.59 -70.13
CA LEU V 89 79.20 65.19 -70.36
C LEU V 89 78.43 64.65 -71.57
N LEU V 90 77.15 65.01 -71.69
CA LEU V 90 76.36 64.57 -72.83
C LEU V 90 76.91 65.14 -74.14
N GLU V 91 77.33 66.41 -74.12
CA GLU V 91 77.90 67.02 -75.32
C GLU V 91 79.21 66.35 -75.70
N GLU V 92 80.04 66.02 -74.71
CA GLU V 92 81.29 65.31 -75.00
C GLU V 92 81.01 63.92 -75.57
N SER V 93 80.00 63.24 -75.03
CA SER V 93 79.62 61.93 -75.57
C SER V 93 79.15 62.05 -77.01
N ASN V 94 78.36 63.08 -77.31
CA ASN V 94 77.91 63.29 -78.69
C ASN V 94 79.09 63.59 -79.61
N GLN V 95 80.05 64.37 -79.13
CA GLN V 95 81.25 64.65 -79.93
C GLN V 95 82.03 63.37 -80.20
N GLN V 96 82.17 62.52 -79.18
CA GLN V 96 82.86 61.24 -79.37
C GLN V 96 82.10 60.36 -80.37
N LEU V 97 80.77 60.34 -80.29
CA LEU V 97 79.97 59.58 -81.24
C LEU V 97 80.17 60.09 -82.65
N LEU V 98 80.20 61.42 -82.83
CA LEU V 98 80.42 62.00 -84.14
C LEU V 98 81.81 61.64 -84.67
N ALA V 99 82.83 61.66 -83.80
CA ALA V 99 84.16 61.27 -84.22
C ALA V 99 84.21 59.80 -84.65
N THR V 100 83.53 58.93 -83.89
CA THR V 100 83.46 57.52 -84.26
C THR V 100 82.75 57.34 -85.60
N LEU V 101 81.68 58.10 -85.82
CA LEU V 101 80.98 58.04 -87.10
C LEU V 101 81.88 58.50 -88.24
N ASN V 102 82.69 59.54 -88.00
CA ASN V 102 83.63 60.00 -89.01
C ASN V 102 84.67 58.92 -89.33
N ARG V 103 85.20 58.27 -88.30
CA ARG V 103 86.16 57.18 -88.53
C ARG V 103 85.52 56.06 -89.33
N LEU V 104 84.28 55.70 -89.00
CA LEU V 104 83.59 54.64 -89.74
C LEU V 104 83.35 55.07 -91.19
N ARG V 105 83.01 56.33 -91.41
CA ARG V 105 82.80 56.83 -92.77
C ARG V 105 84.08 56.74 -93.58
N THR V 106 85.21 57.16 -93.00
CA THR V 106 86.49 57.06 -93.71
C THR V 106 86.85 55.61 -94.00
N GLY V 107 86.63 54.73 -93.02
CA GLY V 107 86.92 53.32 -93.24
C GLY V 107 86.07 52.71 -94.33
N LEU V 108 84.78 53.04 -94.36
CA LEU V 108 83.90 52.54 -95.41
C LEU V 108 84.31 53.09 -96.77
N ALA V 109 84.69 54.37 -96.83
CA ALA V 109 85.14 54.94 -98.09
C ALA V 109 86.40 54.24 -98.60
N ALA V 110 87.35 53.97 -97.69
CA ALA V 110 88.56 53.26 -98.09
C ALA V 110 88.24 51.83 -98.54
N TYR V 111 87.32 51.16 -97.83
CA TYR V 111 86.96 49.79 -98.18
C TYR V 111 86.31 49.72 -99.56
N VAL V 112 85.38 50.62 -99.83
CA VAL V 112 84.70 50.61 -101.12
C VAL V 112 85.66 51.01 -102.23
N GLN V 113 86.43 52.07 -102.03
CA GLN V 113 87.37 52.54 -103.04
C GLN V 113 88.66 53.05 -102.39
N PRO W 4 -32.40 6.47 28.56
CA PRO W 4 -33.72 6.51 27.93
C PRO W 4 -33.74 7.35 26.66
N SER W 5 -32.95 6.96 25.66
CA SER W 5 -32.90 7.65 24.38
C SER W 5 -33.79 7.00 23.32
N MET W 6 -34.53 5.95 23.68
CA MET W 6 -35.42 5.27 22.74
C MET W 6 -36.83 5.14 23.28
N LEU W 7 -37.15 5.78 24.41
CA LEU W 7 -38.51 5.71 24.94
C LEU W 7 -39.57 6.24 23.99
N PRO W 8 -39.38 7.36 23.26
CA PRO W 8 -40.43 7.75 22.30
C PRO W 8 -40.73 6.69 21.26
N GLN W 9 -39.69 6.01 20.74
CA GLN W 9 -39.92 4.95 19.77
C GLN W 9 -40.60 3.75 20.41
N TRP W 10 -40.12 3.32 21.58
CA TRP W 10 -40.71 2.17 22.25
C TRP W 10 -42.10 2.46 22.80
N SER W 11 -42.51 3.73 22.83
CA SER W 11 -43.87 4.09 23.18
C SER W 11 -44.78 4.23 21.96
N TYR W 12 -44.26 4.74 20.85
CA TYR W 12 -45.04 4.76 19.62
C TYR W 12 -45.32 3.36 19.13
N MET W 13 -44.29 2.52 19.05
CA MET W 13 -44.45 1.08 18.82
C MET W 13 -44.44 0.43 20.19
N HIS W 14 -45.57 -0.15 20.58
CA HIS W 14 -45.85 -0.44 21.99
C HIS W 14 -44.95 -1.58 22.47
N ILE W 15 -43.71 -1.23 22.77
CA ILE W 15 -42.73 -2.16 23.31
C ILE W 15 -42.58 -1.99 24.81
N ALA W 16 -42.53 -0.75 25.28
CA ALA W 16 -42.35 -0.46 26.70
C ALA W 16 -43.24 0.69 27.17
N GLY W 17 -44.35 0.92 26.47
CA GLY W 17 -45.19 2.05 26.78
C GLY W 17 -46.33 1.75 27.74
N GLN W 18 -47.55 1.91 27.27
CA GLN W 18 -48.75 1.81 28.10
C GLN W 18 -49.62 0.66 27.63
N ASP W 19 -50.42 0.12 28.55
CA ASP W 19 -51.22 -1.05 28.26
C ASP W 19 -52.31 -0.73 27.24
N ALA W 20 -52.69 -1.75 26.46
CA ALA W 20 -53.69 -1.59 25.42
C ALA W 20 -55.04 -1.17 25.98
N SER W 21 -55.35 -1.53 27.22
CA SER W 21 -56.59 -1.10 27.83
C SER W 21 -56.63 0.41 28.09
N GLU W 22 -55.47 1.09 28.11
CA GLU W 22 -55.50 2.51 28.43
C GLU W 22 -54.57 3.37 27.57
N TYR W 23 -54.15 2.92 26.39
CA TYR W 23 -53.77 3.91 25.38
C TYR W 23 -54.76 3.99 24.24
N LEU W 24 -55.68 3.04 24.13
CA LEU W 24 -56.71 3.08 23.11
C LEU W 24 -57.86 3.99 23.55
N SER W 25 -58.75 4.29 22.62
CA SER W 25 -59.93 5.06 22.96
C SER W 25 -60.81 4.24 23.91
N PRO W 26 -61.30 4.85 25.00
CA PRO W 26 -62.19 4.10 25.90
C PRO W 26 -63.41 3.56 25.20
N GLY W 27 -63.95 4.29 24.22
CA GLY W 27 -65.04 3.76 23.43
C GLY W 27 -64.64 2.52 22.65
N LEU W 28 -63.41 2.52 22.11
CA LEU W 28 -62.92 1.36 21.39
C LEU W 28 -62.76 0.16 22.33
N VAL W 29 -62.29 0.42 23.56
CA VAL W 29 -62.16 -0.67 24.53
C VAL W 29 -63.54 -1.22 24.88
N GLN W 30 -64.53 -0.34 25.06
CA GLN W 30 -65.88 -0.80 25.34
C GLN W 30 -66.43 -1.62 24.18
N PHE W 31 -66.20 -1.16 22.94
CA PHE W 31 -66.63 -1.91 21.77
C PHE W 31 -65.99 -3.30 21.74
N ALA W 32 -64.69 -3.37 21.98
CA ALA W 32 -63.99 -4.64 21.93
C ALA W 32 -64.49 -5.59 23.01
N GLN W 33 -64.71 -5.09 24.22
CA GLN W 33 -65.20 -5.96 25.28
C GLN W 33 -66.66 -6.34 25.09
N ALA W 34 -67.43 -5.52 24.36
CA ALA W 34 -68.82 -5.87 24.08
C ALA W 34 -68.92 -6.93 22.99
N THR W 35 -68.08 -6.83 21.96
CA THR W 35 -68.17 -7.72 20.80
C THR W 35 -67.01 -8.70 20.74
N GLU W 36 -66.44 -9.08 21.89
CA GLU W 36 -65.40 -10.09 21.89
C GLU W 36 -65.98 -11.50 21.73
N SER W 37 -67.29 -11.66 21.98
CA SER W 37 -67.90 -12.98 21.88
C SER W 37 -67.88 -13.50 20.45
N TYR W 38 -67.94 -12.62 19.46
CA TYR W 38 -68.02 -13.08 18.07
C TYR W 38 -67.03 -12.39 17.14
N PHE W 39 -66.60 -11.17 17.48
CA PHE W 39 -65.75 -10.42 16.55
C PHE W 39 -64.33 -10.19 17.05
N ASN W 40 -64.11 -10.13 18.36
CA ASN W 40 -62.79 -10.26 18.95
C ASN W 40 -61.75 -9.28 18.42
N ILE W 41 -61.93 -7.98 18.68
CA ILE W 41 -60.92 -6.99 18.33
C ILE W 41 -59.66 -7.12 19.19
N GLY W 42 -59.75 -7.85 20.30
CA GLY W 42 -58.72 -7.76 21.33
C GLY W 42 -57.33 -8.15 20.86
N ASN W 43 -57.21 -9.05 19.88
CA ASN W 43 -55.92 -9.55 19.46
C ASN W 43 -55.24 -8.67 18.43
N LYS W 44 -55.85 -7.56 18.05
CA LYS W 44 -55.31 -6.66 17.04
C LYS W 44 -54.38 -5.59 17.62
N PHE W 45 -54.25 -5.53 18.94
CA PHE W 45 -53.46 -4.50 19.60
C PHE W 45 -52.44 -5.14 20.53
N ARG W 46 -51.22 -4.60 20.51
CA ARG W 46 -50.13 -5.11 21.34
C ARG W 46 -49.99 -4.25 22.59
N ASN W 47 -49.86 -4.90 23.74
CA ASN W 47 -49.64 -4.21 24.99
C ASN W 47 -48.29 -4.63 25.56
N PRO W 48 -47.47 -3.68 26.01
CA PRO W 48 -46.12 -4.02 26.44
C PRO W 48 -46.09 -4.85 27.71
N THR W 49 -45.01 -5.62 27.86
CA THR W 49 -44.72 -6.36 29.08
C THR W 49 -43.28 -6.03 29.46
N VAL W 50 -43.10 -5.26 30.52
CA VAL W 50 -41.80 -4.72 30.90
C VAL W 50 -41.38 -5.37 32.22
N ALA W 51 -40.17 -5.91 32.25
CA ALA W 51 -39.65 -6.53 33.45
C ALA W 51 -39.28 -5.47 34.49
N PRO W 52 -39.42 -5.78 35.78
CA PRO W 52 -38.98 -4.84 36.81
C PRO W 52 -37.47 -4.73 36.84
N THR W 53 -36.96 -3.51 36.65
CA THR W 53 -35.54 -3.27 36.51
C THR W 53 -34.85 -2.89 37.83
N HIS W 54 -35.58 -2.88 38.95
CA HIS W 54 -35.01 -2.47 40.22
C HIS W 54 -35.38 -3.47 41.31
N ASP W 55 -34.40 -3.80 42.15
CA ASP W 55 -34.61 -4.65 43.33
C ASP W 55 -35.12 -6.03 42.93
N VAL W 56 -34.55 -6.60 41.87
CA VAL W 56 -34.89 -7.96 41.48
C VAL W 56 -33.62 -8.80 41.39
N THR W 57 -32.49 -8.15 41.15
CA THR W 57 -31.21 -8.85 41.01
C THR W 57 -30.13 -8.10 41.78
N THR W 58 -29.24 -8.86 42.42
CA THR W 58 -28.25 -8.24 43.29
C THR W 58 -27.13 -7.57 42.50
N GLU W 59 -26.71 -8.17 41.38
CA GLU W 59 -25.59 -7.67 40.58
C GLU W 59 -24.34 -7.50 41.45
N ARG W 60 -24.09 -8.47 42.33
CA ARG W 60 -22.95 -8.39 43.22
C ARG W 60 -22.22 -9.73 43.31
N SER W 61 -22.17 -10.46 42.19
CA SER W 61 -21.29 -11.61 42.01
C SER W 61 -21.57 -12.70 43.06
N GLN W 62 -22.76 -13.28 42.96
CA GLN W 62 -23.13 -14.43 43.77
C GLN W 62 -23.61 -15.56 42.86
N ARG W 63 -23.39 -16.80 43.31
CA ARG W 63 -23.68 -17.97 42.51
C ARG W 63 -25.18 -18.28 42.49
N LEU W 64 -25.58 -19.03 41.47
CA LEU W 64 -26.93 -19.56 41.40
C LEU W 64 -27.02 -20.98 41.98
N GLN W 65 -26.00 -21.79 41.74
CA GLN W 65 -25.92 -23.15 42.27
C GLN W 65 -24.71 -23.27 43.17
N LEU W 66 -24.90 -23.83 44.36
CA LEU W 66 -23.81 -24.12 45.28
C LEU W 66 -23.82 -25.58 45.65
N ARG W 67 -22.65 -26.21 45.65
CA ARG W 67 -22.47 -27.61 45.99
C ARG W 67 -21.80 -27.70 47.35
N PHE W 68 -22.46 -28.37 48.29
CA PHE W 68 -21.94 -28.55 49.64
C PHE W 68 -21.39 -29.96 49.77
N VAL W 69 -20.09 -30.07 50.03
CA VAL W 69 -19.47 -31.35 50.32
C VAL W 69 -19.70 -31.66 51.80
N PRO W 70 -19.94 -32.91 52.16
CA PRO W 70 -20.21 -33.23 53.57
C PRO W 70 -19.01 -32.90 54.45
N VAL W 71 -19.30 -32.38 55.65
CA VAL W 71 -18.23 -32.08 56.59
C VAL W 71 -17.63 -33.37 57.13
N ASP W 72 -18.46 -34.37 57.40
CA ASP W 72 -17.98 -35.71 57.71
C ASP W 72 -18.99 -36.73 57.19
N ARG W 73 -18.48 -37.92 56.89
CA ARG W 73 -19.32 -39.01 56.41
C ARG W 73 -18.90 -40.29 57.11
N GLU W 74 -19.89 -41.07 57.53
CA GLU W 74 -19.65 -42.37 58.15
C GLU W 74 -20.57 -43.38 57.50
N ASP W 75 -20.07 -44.59 57.29
CA ASP W 75 -20.83 -45.65 56.65
C ASP W 75 -20.83 -46.91 57.49
N THR W 76 -22.01 -47.48 57.68
CA THR W 76 -22.20 -48.80 58.24
C THR W 76 -22.39 -49.77 57.07
N GLN W 77 -22.67 -51.04 57.37
CA GLN W 77 -23.02 -51.96 56.28
C GLN W 77 -24.52 -51.97 56.00
N TYR W 78 -25.28 -51.05 56.59
CA TYR W 78 -26.66 -50.82 56.20
C TYR W 78 -26.97 -49.38 55.82
N SER W 79 -26.20 -48.40 56.30
CA SER W 79 -26.54 -47.00 56.08
C SER W 79 -25.28 -46.21 55.72
N TYR W 80 -25.51 -45.06 55.09
CA TYR W 80 -24.44 -44.13 54.69
C TYR W 80 -24.82 -42.74 55.16
N LYS W 81 -24.41 -42.38 56.37
CA LYS W 81 -24.76 -41.10 56.96
C LYS W 81 -23.77 -40.02 56.53
N THR W 82 -24.31 -38.91 56.03
CA THR W 82 -23.50 -37.76 55.63
C THR W 82 -24.06 -36.50 56.29
N ARG W 83 -23.16 -35.65 56.78
CA ARG W 83 -23.54 -34.41 57.42
C ARG W 83 -23.06 -33.24 56.57
N PHE W 84 -23.98 -32.35 56.23
CA PHE W 84 -23.67 -31.14 55.49
C PHE W 84 -23.81 -29.92 56.40
N GLN W 85 -22.96 -28.93 56.17
CA GLN W 85 -23.00 -27.66 56.88
C GLN W 85 -23.26 -26.59 55.83
N LEU W 86 -24.54 -26.34 55.53
CA LEU W 86 -24.91 -25.35 54.53
C LEU W 86 -25.14 -24.01 55.22
N ALA W 87 -24.52 -22.97 54.70
CA ALA W 87 -24.66 -21.62 55.23
C ALA W 87 -25.39 -20.76 54.20
N VAL W 88 -26.50 -20.16 54.62
CA VAL W 88 -27.30 -19.35 53.72
C VAL W 88 -26.82 -17.92 53.75
N GLY W 89 -25.74 -17.64 53.02
CA GLY W 89 -25.24 -16.29 52.81
C GLY W 89 -25.36 -15.36 54.01
N ASP W 90 -25.70 -14.11 53.74
CA ASP W 90 -26.16 -13.19 54.77
C ASP W 90 -27.41 -12.42 54.39
N ASN W 91 -27.70 -12.29 53.10
CA ASN W 91 -28.90 -11.62 52.61
C ASN W 91 -29.82 -12.55 51.84
N ARG W 92 -29.29 -13.37 50.94
CA ARG W 92 -30.11 -14.23 50.11
C ARG W 92 -30.76 -15.32 50.95
N VAL W 93 -31.87 -15.84 50.43
CA VAL W 93 -32.62 -16.93 51.06
C VAL W 93 -32.87 -18.01 50.02
N LEU W 94 -33.11 -19.24 50.48
CA LEU W 94 -33.46 -20.33 49.59
C LEU W 94 -34.61 -21.11 50.22
N ASP W 95 -35.35 -21.82 49.38
CA ASP W 95 -36.33 -22.78 49.84
C ASP W 95 -35.85 -24.20 49.54
N MET W 96 -36.21 -25.13 50.42
CA MET W 96 -35.76 -26.51 50.29
C MET W 96 -36.54 -27.28 49.24
N ALA W 97 -37.32 -26.62 48.39
CA ALA W 97 -37.75 -27.26 47.16
C ALA W 97 -36.55 -27.57 46.28
N SER W 98 -35.50 -26.75 46.38
CA SER W 98 -34.17 -27.06 45.91
C SER W 98 -33.48 -27.95 46.94
N THR W 99 -32.16 -28.05 46.87
CA THR W 99 -31.35 -28.83 47.81
C THR W 99 -31.70 -30.32 47.72
N TYR W 100 -31.49 -30.87 46.54
CA TYR W 100 -31.51 -32.31 46.34
C TYR W 100 -30.14 -32.90 46.68
N PHE W 101 -30.11 -34.21 46.86
CA PHE W 101 -28.87 -34.92 47.12
C PHE W 101 -28.37 -35.54 45.83
N ASP W 102 -27.11 -35.30 45.51
CA ASP W 102 -26.47 -35.85 44.32
C ASP W 102 -25.59 -37.01 44.75
N ILE W 103 -25.98 -38.22 44.37
CA ILE W 103 -25.32 -39.44 44.80
C ILE W 103 -24.64 -40.08 43.59
N ARG W 104 -23.37 -40.42 43.74
CA ARG W 104 -22.60 -41.09 42.70
C ARG W 104 -22.07 -42.41 43.24
N GLY W 105 -21.94 -43.39 42.36
CA GLY W 105 -21.39 -44.66 42.75
C GLY W 105 -21.61 -45.69 41.66
N THR W 106 -21.23 -46.93 42.00
CA THR W 106 -21.40 -48.07 41.12
C THR W 106 -22.18 -49.15 41.87
N LEU W 107 -23.22 -49.67 41.25
CA LEU W 107 -23.98 -50.78 41.83
C LEU W 107 -23.98 -51.95 40.85
N ASP W 108 -23.91 -53.15 41.41
CA ASP W 108 -23.98 -54.40 40.64
C ASP W 108 -25.37 -54.99 40.81
N ARG W 109 -26.05 -55.21 39.70
CA ARG W 109 -27.39 -55.77 39.73
C ARG W 109 -27.41 -57.28 39.88
N GLY W 110 -26.27 -57.95 39.71
CA GLY W 110 -26.17 -59.37 39.93
C GLY W 110 -26.67 -60.19 38.76
N ALA W 111 -26.45 -61.50 38.87
CA ALA W 111 -26.85 -62.42 37.81
C ALA W 111 -28.36 -62.43 37.60
N SER W 112 -29.13 -61.99 38.59
CA SER W 112 -30.58 -61.97 38.45
C SER W 112 -31.07 -60.90 37.47
N PHE W 113 -30.20 -59.99 37.05
CA PHE W 113 -30.60 -58.92 36.15
C PHE W 113 -30.81 -59.44 34.74
N LYS W 114 -31.99 -59.20 34.19
CA LYS W 114 -32.32 -59.62 32.82
C LYS W 114 -33.12 -58.49 32.18
N PRO W 115 -32.48 -57.63 31.39
CA PRO W 115 -33.15 -56.43 30.92
C PRO W 115 -34.09 -56.64 29.74
N TYR W 116 -34.18 -57.85 29.21
CA TYR W 116 -34.95 -58.07 27.99
C TYR W 116 -35.71 -59.39 28.06
N SER W 117 -36.91 -59.41 27.49
CA SER W 117 -37.70 -60.61 27.37
C SER W 117 -37.31 -61.33 26.08
N GLY W 118 -36.90 -62.58 26.20
CA GLY W 118 -36.41 -63.33 25.07
C GLY W 118 -34.92 -63.61 25.17
N THR W 119 -34.24 -63.68 24.04
CA THR W 119 -32.81 -63.92 24.03
C THR W 119 -32.15 -63.00 23.01
N ALA W 120 -30.89 -62.65 23.29
CA ALA W 120 -30.09 -61.84 22.39
C ALA W 120 -29.21 -62.67 21.47
N TYR W 121 -29.13 -63.98 21.69
CA TYR W 121 -28.22 -64.84 20.97
C TYR W 121 -29.04 -65.92 20.27
N ASN W 122 -28.83 -66.06 18.96
CA ASN W 122 -29.46 -67.11 18.16
C ASN W 122 -30.98 -67.15 18.36
N SER W 123 -31.59 -65.97 18.37
CA SER W 123 -33.03 -65.89 18.62
C SER W 123 -33.83 -66.52 17.50
N PHE W 124 -33.33 -66.47 16.26
CA PHE W 124 -34.05 -67.00 15.13
C PHE W 124 -33.81 -68.50 14.96
N ALA W 125 -34.00 -69.27 16.02
CA ALA W 125 -33.77 -70.71 15.91
C ALA W 125 -34.89 -71.46 16.59
N PRO W 126 -35.25 -72.64 16.08
CA PRO W 126 -36.18 -73.50 16.81
C PRO W 126 -35.61 -73.83 18.18
N LYS W 127 -36.47 -73.77 19.20
CA LYS W 127 -36.00 -73.92 20.57
C LYS W 127 -35.51 -75.33 20.86
N SER W 128 -35.94 -76.32 20.08
CA SER W 128 -35.44 -77.68 20.20
C SER W 128 -34.32 -77.99 19.22
N ALA W 129 -33.99 -77.08 18.31
CA ALA W 129 -32.98 -77.35 17.31
C ALA W 129 -31.60 -77.36 17.94
N PRO W 130 -30.75 -78.34 17.65
CA PRO W 130 -29.39 -78.35 18.18
C PRO W 130 -28.40 -77.69 17.24
N ASN W 131 -27.35 -77.15 17.85
CA ASN W 131 -26.26 -76.60 17.06
C ASN W 131 -25.52 -77.71 16.34
N ASN W 132 -24.83 -77.34 15.27
CA ASN W 132 -24.09 -78.31 14.47
C ASN W 132 -22.93 -78.86 15.29
N THR W 133 -23.04 -80.12 15.71
CA THR W 133 -22.11 -80.69 16.68
C THR W 133 -22.07 -82.21 16.50
N GLN W 134 -21.49 -82.90 17.48
CA GLN W 134 -21.36 -84.34 17.47
C GLN W 134 -22.16 -84.96 18.61
N PHE W 135 -22.62 -86.19 18.39
CA PHE W 135 -23.31 -86.96 19.41
C PHE W 135 -22.75 -88.37 19.43
N ARG W 136 -22.70 -88.95 20.63
CA ARG W 136 -22.15 -90.29 20.81
C ARG W 136 -23.21 -91.37 20.58
N GLN W 137 -22.74 -92.57 20.29
CA GLN W 137 -23.63 -93.69 20.06
C GLN W 137 -24.11 -94.27 21.39
N ALA W 138 -25.02 -95.25 21.29
CA ALA W 138 -25.61 -95.83 22.49
C ALA W 138 -24.57 -96.57 23.32
N ASN W 139 -23.68 -97.32 22.67
CA ASN W 139 -22.66 -98.08 23.39
C ASN W 139 -21.45 -97.24 23.78
N ASN W 140 -21.30 -96.04 23.21
CA ASN W 140 -20.21 -95.13 23.55
C ASN W 140 -18.84 -95.79 23.34
N GLY W 141 -18.73 -96.57 22.27
CA GLY W 141 -17.46 -97.19 21.92
C GLY W 141 -17.01 -96.81 20.53
N HIS W 142 -17.96 -96.48 19.67
CA HIS W 142 -17.72 -96.10 18.29
C HIS W 142 -17.49 -94.59 18.19
N PRO W 143 -16.82 -94.13 17.14
CA PRO W 143 -16.61 -92.69 16.99
C PRO W 143 -17.91 -91.92 16.92
N ALA W 144 -17.92 -90.74 17.53
CA ALA W 144 -19.12 -89.92 17.59
C ALA W 144 -19.50 -89.43 16.20
N GLN W 145 -20.80 -89.46 15.91
CA GLN W 145 -21.31 -89.00 14.62
C GLN W 145 -21.69 -87.54 14.69
N THR W 146 -21.92 -86.94 13.53
CA THR W 146 -22.18 -85.52 13.40
C THR W 146 -23.60 -85.28 12.88
N ILE W 147 -24.20 -84.18 13.31
CA ILE W 147 -25.51 -83.74 12.88
C ILE W 147 -25.45 -82.50 12.02
N ALA W 148 -24.24 -81.99 11.76
CA ALA W 148 -24.07 -80.70 11.09
C ALA W 148 -24.50 -80.77 9.64
N GLN W 149 -24.40 -79.62 8.96
CA GLN W 149 -24.52 -79.56 7.52
C GLN W 149 -23.42 -78.67 6.97
N ALA W 150 -23.03 -78.92 5.73
CA ALA W 150 -22.00 -78.14 5.06
C ALA W 150 -22.67 -77.01 4.29
N SER W 151 -22.45 -75.77 4.73
CA SER W 151 -23.08 -74.62 4.10
C SER W 151 -22.20 -74.02 3.00
N TYR W 152 -21.01 -73.57 3.36
CA TYR W 152 -20.14 -72.93 2.39
C TYR W 152 -19.62 -73.95 1.39
N VAL W 153 -19.78 -73.67 0.11
CA VAL W 153 -19.41 -74.60 -0.96
C VAL W 153 -18.05 -74.21 -1.50
N ALA W 154 -17.16 -75.20 -1.60
CA ALA W 154 -15.81 -74.98 -2.12
C ALA W 154 -15.24 -76.32 -2.54
N THR W 155 -14.24 -76.26 -3.42
CA THR W 155 -13.54 -77.46 -3.86
C THR W 155 -12.56 -77.90 -2.77
N ILE W 156 -12.53 -79.20 -2.51
CA ILE W 156 -11.65 -79.76 -1.49
C ILE W 156 -10.35 -80.20 -2.16
N GLY W 157 -9.27 -79.46 -1.92
CA GLY W 157 -8.01 -79.77 -2.54
C GLY W 157 -6.80 -79.46 -1.66
N GLY W 158 -5.62 -79.39 -2.27
CA GLY W 158 -4.39 -79.13 -1.55
C GLY W 158 -3.78 -80.40 -0.98
N ALA W 159 -2.56 -80.23 -0.46
CA ALA W 159 -1.88 -81.35 0.18
C ALA W 159 -2.64 -81.85 1.39
N ASN W 160 -3.15 -80.93 2.21
CA ASN W 160 -4.10 -81.25 3.28
C ASN W 160 -5.50 -80.89 2.79
N ASN W 161 -6.28 -81.93 2.47
CA ASN W 161 -7.58 -81.75 1.84
C ASN W 161 -8.50 -80.89 2.69
N ASP W 162 -8.86 -79.72 2.17
CA ASP W 162 -9.71 -78.77 2.88
C ASP W 162 -10.36 -77.86 1.85
N LEU W 163 -11.23 -76.98 2.32
CA LEU W 163 -11.99 -76.10 1.44
C LEU W 163 -11.09 -75.05 0.80
N GLN W 164 -11.44 -74.68 -0.43
CA GLN W 164 -10.73 -73.64 -1.17
C GLN W 164 -11.51 -72.34 -1.03
N MET W 165 -10.97 -71.40 -0.27
CA MET W 165 -11.72 -70.17 0.03
C MET W 165 -11.79 -69.26 -1.19
N GLY W 166 -10.68 -69.07 -1.89
CA GLY W 166 -10.67 -68.16 -3.00
C GLY W 166 -9.42 -68.31 -3.84
N VAL W 167 -9.16 -67.28 -4.65
CA VAL W 167 -8.04 -67.27 -5.58
C VAL W 167 -7.20 -66.02 -5.28
N ASP W 168 -5.90 -66.22 -5.14
CA ASP W 168 -4.98 -65.13 -4.85
C ASP W 168 -4.63 -64.39 -6.13
N GLU W 169 -3.70 -63.44 -6.05
CA GLU W 169 -3.31 -62.66 -7.22
C GLU W 169 -2.47 -63.47 -8.20
N ARG W 170 -1.85 -64.56 -7.74
CA ARG W 170 -1.06 -65.42 -8.61
C ARG W 170 -1.88 -66.56 -9.20
N GLN W 171 -3.19 -66.58 -8.96
CA GLN W 171 -4.10 -67.60 -9.48
C GLN W 171 -3.76 -68.98 -8.92
N LEU W 172 -3.66 -69.06 -7.60
CA LEU W 172 -3.52 -70.32 -6.88
C LEU W 172 -4.60 -70.41 -5.81
N PRO W 173 -5.05 -71.62 -5.51
CA PRO W 173 -6.13 -71.76 -4.52
C PRO W 173 -5.66 -71.56 -3.09
N VAL W 174 -6.09 -70.47 -2.46
CA VAL W 174 -5.83 -70.25 -1.04
C VAL W 174 -6.89 -70.98 -0.24
N TYR W 175 -6.46 -71.73 0.77
CA TYR W 175 -7.35 -72.62 1.51
C TYR W 175 -7.77 -71.98 2.82
N ALA W 176 -8.57 -72.71 3.58
CA ALA W 176 -9.25 -72.15 4.74
C ALA W 176 -8.32 -72.10 5.95
N ASN W 177 -8.27 -70.93 6.59
CA ASN W 177 -7.63 -70.79 7.90
C ASN W 177 -8.48 -71.54 8.91
N THR W 178 -7.93 -72.61 9.48
CA THR W 178 -8.72 -73.50 10.33
C THR W 178 -9.27 -72.79 11.56
N THR W 179 -8.70 -71.65 11.96
CA THR W 179 -9.18 -70.97 13.16
C THR W 179 -10.61 -70.47 12.98
N TYR W 180 -10.87 -69.71 11.91
CA TYR W 180 -12.19 -69.11 11.73
C TYR W 180 -12.70 -69.12 10.30
N GLN W 181 -11.93 -69.55 9.32
CA GLN W 181 -12.21 -69.15 7.94
C GLN W 181 -13.43 -69.84 7.32
N PRO W 182 -13.69 -71.14 7.58
CA PRO W 182 -14.97 -71.71 7.14
C PRO W 182 -16.11 -71.10 7.92
N GLU W 183 -16.40 -69.83 7.63
CA GLU W 183 -17.26 -69.02 8.46
C GLU W 183 -18.71 -69.52 8.39
N PRO W 184 -19.39 -69.66 9.54
CA PRO W 184 -20.80 -70.07 9.52
C PRO W 184 -21.74 -69.03 8.94
N GLN W 185 -21.33 -67.77 8.82
CA GLN W 185 -22.25 -66.75 8.31
C GLN W 185 -22.58 -66.93 6.85
N LEU W 186 -21.68 -67.51 6.07
CA LEU W 186 -21.78 -67.54 4.63
C LEU W 186 -22.53 -68.78 4.15
N GLY W 187 -22.91 -68.74 2.88
CA GLY W 187 -23.63 -69.86 2.28
C GLY W 187 -23.81 -69.63 0.80
N ILE W 188 -24.56 -70.53 0.18
CA ILE W 188 -24.83 -70.42 -1.25
C ILE W 188 -25.70 -69.20 -1.50
N GLU W 189 -25.31 -68.40 -2.49
CA GLU W 189 -26.06 -67.19 -2.86
C GLU W 189 -27.20 -67.60 -3.79
N GLY W 190 -28.38 -67.82 -3.22
CA GLY W 190 -29.55 -68.22 -3.97
C GLY W 190 -30.10 -69.56 -3.52
N TRP W 191 -31.19 -69.97 -4.17
CA TRP W 191 -31.85 -71.23 -3.85
C TRP W 191 -31.67 -72.30 -4.91
N THR W 192 -31.28 -71.94 -6.14
CA THR W 192 -31.20 -72.92 -7.22
C THR W 192 -30.18 -74.01 -6.92
N ALA W 193 -29.03 -73.63 -6.38
CA ALA W 193 -28.01 -74.62 -6.05
C ALA W 193 -28.49 -75.46 -4.86
N GLY W 194 -28.40 -76.78 -5.01
CA GLY W 194 -28.92 -77.71 -4.05
C GLY W 194 -30.27 -78.28 -4.37
N SER W 195 -31.05 -77.59 -5.21
CA SER W 195 -32.33 -78.10 -5.68
C SER W 195 -32.32 -78.35 -7.18
N MET W 196 -32.00 -77.35 -7.99
CA MET W 196 -31.91 -77.52 -9.44
C MET W 196 -30.47 -77.82 -9.86
N ALA W 197 -29.55 -76.91 -9.57
CA ALA W 197 -28.14 -77.15 -9.79
C ALA W 197 -27.56 -77.93 -8.61
N VAL W 198 -26.84 -78.99 -8.91
CA VAL W 198 -26.33 -79.89 -7.90
C VAL W 198 -24.95 -79.41 -7.43
N ILE W 199 -24.79 -79.26 -6.13
CA ILE W 199 -23.51 -78.94 -5.52
C ILE W 199 -22.85 -80.23 -5.07
N ASP W 200 -21.54 -80.35 -5.31
CA ASP W 200 -20.81 -81.58 -5.05
C ASP W 200 -20.02 -81.53 -3.74
N GLN W 201 -19.27 -80.45 -3.51
CA GLN W 201 -18.39 -80.34 -2.35
C GLN W 201 -18.74 -79.08 -1.57
N ALA W 202 -18.79 -79.22 -0.25
CA ALA W 202 -19.08 -78.11 0.64
C ALA W 202 -18.43 -78.39 1.99
N GLY W 203 -18.49 -77.39 2.87
CA GLY W 203 -17.84 -77.52 4.17
C GLY W 203 -18.57 -76.76 5.26
N GLY W 204 -18.11 -76.97 6.48
CA GLY W 204 -18.72 -76.32 7.62
C GLY W 204 -17.87 -76.51 8.86
N ARG W 205 -18.47 -76.18 10.01
CA ARG W 205 -17.80 -76.26 11.30
C ARG W 205 -18.63 -77.11 12.25
N VAL W 206 -17.95 -77.80 13.17
CA VAL W 206 -18.58 -78.76 14.06
C VAL W 206 -18.00 -78.61 15.45
N LEU W 207 -18.86 -78.69 16.46
CA LEU W 207 -18.40 -78.79 17.85
C LEU W 207 -17.97 -80.21 18.18
N ARG W 208 -16.84 -80.34 18.84
CA ARG W 208 -16.34 -81.62 19.30
C ARG W 208 -16.36 -81.68 20.82
N ASN W 209 -16.82 -82.81 21.36
CA ASN W 209 -16.95 -83.00 22.80
C ASN W 209 -17.77 -81.88 23.45
N PRO W 210 -19.03 -81.72 23.07
CA PRO W 210 -19.81 -80.58 23.57
C PRO W 210 -20.55 -80.88 24.86
N THR W 211 -21.20 -79.87 25.43
CA THR W 211 -22.13 -80.05 26.52
C THR W 211 -23.55 -80.27 26.02
N GLN W 212 -23.74 -80.26 24.69
CA GLN W 212 -25.03 -80.50 24.05
C GLN W 212 -26.07 -79.45 24.43
N THR W 213 -25.64 -78.20 24.43
CA THR W 213 -26.62 -77.14 24.58
C THR W 213 -27.37 -76.92 23.27
N PRO W 214 -28.66 -76.62 23.34
CA PRO W 214 -29.42 -76.37 22.12
C PRO W 214 -28.97 -75.09 21.43
N CYS W 215 -29.36 -74.96 20.16
CA CYS W 215 -28.92 -73.82 19.36
C CYS W 215 -29.49 -72.50 19.87
N TYR W 216 -30.49 -72.53 20.74
CA TYR W 216 -31.19 -71.30 21.12
C TYR W 216 -30.24 -70.31 21.80
N GLY W 217 -29.70 -70.69 22.96
CA GLY W 217 -28.78 -69.78 23.61
C GLY W 217 -27.45 -69.67 22.89
N SER W 218 -26.64 -70.73 22.99
CA SER W 218 -25.47 -70.95 22.13
C SER W 218 -24.61 -69.70 21.94
N TYR W 219 -24.01 -69.25 23.04
CA TYR W 219 -23.02 -68.18 22.99
C TYR W 219 -21.66 -68.75 23.36
N ALA W 220 -20.62 -68.15 22.78
CA ALA W 220 -19.24 -68.51 23.11
C ALA W 220 -18.35 -67.31 22.85
N LYS W 221 -17.51 -66.98 23.82
CA LYS W 221 -16.69 -65.78 23.72
C LYS W 221 -15.60 -65.95 22.66
N PRO W 222 -15.28 -64.90 21.92
CA PRO W 222 -14.19 -64.99 20.94
C PRO W 222 -12.86 -65.30 21.61
N THR W 223 -12.02 -66.04 20.88
CA THR W 223 -10.67 -66.32 21.31
C THR W 223 -9.61 -65.81 20.34
N ASN W 224 -10.01 -65.28 19.20
CA ASN W 224 -9.11 -64.64 18.26
C ASN W 224 -9.82 -63.45 17.63
N GLU W 225 -9.03 -62.52 17.08
CA GLU W 225 -9.60 -61.29 16.54
C GLU W 225 -10.16 -61.51 15.13
N HIS W 226 -10.89 -62.60 14.95
CA HIS W 226 -11.55 -62.88 13.68
C HIS W 226 -12.96 -63.44 13.84
N GLY W 227 -13.49 -63.52 15.07
CA GLY W 227 -14.80 -64.08 15.26
C GLY W 227 -14.85 -65.59 15.36
N GLY W 228 -13.78 -66.23 15.81
CA GLY W 228 -13.74 -67.67 15.96
C GLY W 228 -13.74 -68.05 17.42
N ILE W 229 -14.33 -69.20 17.73
CA ILE W 229 -14.42 -69.71 19.09
C ILE W 229 -13.67 -71.03 19.15
N THR W 230 -12.68 -71.10 20.04
CA THR W 230 -11.89 -72.32 20.23
C THR W 230 -11.19 -72.21 21.57
N LYS W 231 -11.38 -73.21 22.44
CA LYS W 231 -10.74 -73.20 23.74
C LYS W 231 -9.21 -73.18 23.58
N ALA W 232 -8.55 -72.49 24.51
CA ALA W 232 -7.11 -72.38 24.44
C ALA W 232 -6.44 -73.74 24.58
N ASN W 233 -5.31 -73.90 23.90
CA ASN W 233 -4.56 -75.17 23.89
C ASN W 233 -5.43 -76.33 23.42
N THR W 234 -6.26 -76.07 22.42
CA THR W 234 -7.09 -77.09 21.81
C THR W 234 -6.95 -77.02 20.30
N GLN W 235 -6.84 -78.18 19.66
CA GLN W 235 -6.64 -78.27 18.23
C GLN W 235 -7.95 -78.46 17.50
N VAL W 236 -7.94 -78.17 16.20
CA VAL W 236 -9.09 -78.35 15.32
C VAL W 236 -8.75 -79.43 14.30
N GLU W 237 -9.65 -80.37 14.12
CA GLU W 237 -9.45 -81.51 13.24
C GLU W 237 -10.51 -81.51 12.14
N LYS W 238 -10.11 -81.96 10.95
CA LYS W 238 -11.00 -82.02 9.81
C LYS W 238 -11.57 -83.44 9.67
N LYS W 239 -12.88 -83.53 9.49
CA LYS W 239 -13.56 -84.80 9.27
C LYS W 239 -14.30 -84.77 7.95
N TYR W 240 -14.23 -85.87 7.20
CA TYR W 240 -14.78 -85.95 5.86
C TYR W 240 -15.93 -86.94 5.83
N TYR W 241 -17.01 -86.56 5.15
CA TYR W 241 -18.21 -87.38 5.08
C TYR W 241 -18.72 -87.42 3.65
N ARG W 242 -19.19 -88.59 3.23
CA ARG W 242 -19.82 -88.78 1.93
C ARG W 242 -21.05 -89.64 2.08
N THR W 243 -22.13 -89.29 1.39
CA THR W 243 -23.37 -90.05 1.50
C THR W 243 -23.31 -91.36 0.74
N GLY W 244 -22.55 -91.43 -0.35
CA GLY W 244 -22.41 -92.65 -1.12
C GLY W 244 -21.24 -93.50 -0.66
N ASP W 245 -21.00 -94.57 -1.42
CA ASP W 245 -19.87 -95.45 -1.18
C ASP W 245 -18.83 -95.24 -2.28
N ASN W 246 -17.57 -95.09 -1.88
CA ASN W 246 -16.44 -94.86 -2.77
C ASN W 246 -16.54 -93.49 -3.43
N GLY W 247 -15.40 -92.91 -3.78
CA GLY W 247 -15.35 -91.60 -4.42
C GLY W 247 -14.78 -90.56 -3.48
N ASN W 248 -14.65 -89.35 -4.03
CA ASN W 248 -14.11 -88.24 -3.27
C ASN W 248 -15.09 -87.83 -2.17
N PRO W 249 -14.58 -87.30 -1.05
CA PRO W 249 -15.48 -86.85 0.02
C PRO W 249 -16.33 -85.67 -0.44
N GLU W 250 -17.54 -85.60 0.13
CA GLU W 250 -18.50 -84.57 -0.26
C GLU W 250 -18.55 -83.41 0.72
N THR W 251 -18.22 -83.63 1.99
CA THR W 251 -18.30 -82.59 3.01
C THR W 251 -17.05 -82.62 3.88
N VAL W 252 -16.57 -81.43 4.26
CA VAL W 252 -15.44 -81.27 5.16
C VAL W 252 -15.92 -80.49 6.37
N PHE W 253 -15.65 -81.00 7.57
CA PHE W 253 -16.07 -80.34 8.80
C PHE W 253 -14.88 -80.16 9.72
N TYR W 254 -14.68 -78.93 10.20
CA TYR W 254 -13.57 -78.60 11.09
C TYR W 254 -14.07 -78.74 12.52
N THR W 255 -13.97 -79.94 13.07
CA THR W 255 -14.40 -80.18 14.43
C THR W 255 -13.49 -79.44 15.41
N GLU W 256 -14.10 -78.73 16.35
CA GLU W 256 -13.35 -77.95 17.32
C GLU W 256 -14.10 -77.94 18.64
N GLU W 257 -13.37 -77.67 19.72
CA GLU W 257 -13.93 -77.61 21.07
C GLU W 257 -14.23 -76.16 21.42
N ALA W 258 -15.45 -75.92 21.89
CA ALA W 258 -15.88 -74.58 22.27
C ALA W 258 -16.50 -74.61 23.66
N ASP W 259 -16.22 -73.59 24.45
CA ASP W 259 -16.81 -73.45 25.78
C ASP W 259 -18.18 -72.77 25.68
N VAL W 260 -19.08 -73.47 24.98
CA VAL W 260 -20.40 -72.92 24.71
C VAL W 260 -21.17 -72.76 26.02
N LEU W 261 -21.80 -71.60 26.18
CA LEU W 261 -22.56 -71.29 27.38
C LEU W 261 -23.84 -70.55 26.98
N THR W 262 -24.83 -70.64 27.85
CA THR W 262 -26.12 -69.98 27.63
C THR W 262 -26.33 -68.92 28.70
N PRO W 263 -26.06 -67.65 28.41
CA PRO W 263 -26.35 -66.57 29.37
C PRO W 263 -27.75 -65.98 29.25
N ASP W 264 -28.63 -66.59 28.45
CA ASP W 264 -29.99 -66.09 28.26
C ASP W 264 -31.08 -67.13 28.48
N THR W 265 -30.79 -68.43 28.38
CA THR W 265 -31.81 -69.45 28.36
C THR W 265 -31.56 -70.51 29.42
N HIS W 266 -32.64 -71.19 29.81
CA HIS W 266 -32.58 -72.32 30.71
C HIS W 266 -33.39 -73.46 30.11
N LEU W 267 -32.89 -74.68 30.25
CA LEU W 267 -33.52 -75.85 29.65
C LEU W 267 -34.79 -76.20 30.41
N VAL W 268 -35.94 -75.81 29.86
CA VAL W 268 -37.22 -76.19 30.46
C VAL W 268 -37.57 -77.64 30.18
N HIS W 269 -36.83 -78.30 29.28
CA HIS W 269 -36.96 -79.73 29.03
C HIS W 269 -35.55 -80.27 28.81
N ALA W 270 -35.01 -80.92 29.83
CA ALA W 270 -33.65 -81.44 29.77
C ALA W 270 -33.65 -82.95 29.97
N VAL W 271 -32.61 -83.58 29.45
CA VAL W 271 -32.42 -85.02 29.59
C VAL W 271 -31.41 -85.25 30.70
N PRO W 272 -31.34 -86.44 31.30
CA PRO W 272 -30.35 -86.67 32.36
C PRO W 272 -28.93 -86.47 31.85
N ALA W 273 -28.07 -85.99 32.76
CA ALA W 273 -26.68 -85.72 32.39
C ALA W 273 -25.94 -86.99 31.99
N ALA W 274 -26.43 -88.16 32.38
CA ALA W 274 -25.80 -89.40 31.97
C ALA W 274 -25.85 -89.59 30.46
N ASP W 275 -27.00 -89.28 29.85
CA ASP W 275 -27.20 -89.45 28.42
C ASP W 275 -27.44 -88.10 27.74
N ARG W 276 -26.94 -87.03 28.34
CA ARG W 276 -27.00 -85.72 27.69
C ARG W 276 -26.22 -85.71 26.37
N ALA W 277 -25.09 -86.41 26.32
CA ALA W 277 -24.28 -86.44 25.11
C ALA W 277 -24.76 -87.47 24.09
N LYS W 278 -25.78 -88.25 24.43
CA LYS W 278 -26.28 -89.28 23.52
C LYS W 278 -27.21 -88.64 22.48
N VAL W 279 -27.90 -89.49 21.72
CA VAL W 279 -28.83 -88.98 20.71
C VAL W 279 -30.00 -88.26 21.37
N GLU W 280 -30.44 -88.75 22.53
CA GLU W 280 -31.56 -88.13 23.24
C GLU W 280 -31.26 -86.71 23.67
N GLY W 281 -29.98 -86.34 23.80
CA GLY W 281 -29.63 -85.01 24.25
C GLY W 281 -29.67 -83.97 23.15
N LEU W 282 -30.21 -84.35 21.98
CA LEU W 282 -30.40 -83.42 20.89
C LEU W 282 -31.78 -82.77 20.89
N SER W 283 -32.71 -83.27 21.68
CA SER W 283 -34.08 -82.78 21.69
C SER W 283 -34.37 -81.80 22.83
N GLN W 284 -33.34 -81.36 23.54
CA GLN W 284 -33.54 -80.42 24.65
C GLN W 284 -34.18 -79.13 24.13
N HIS W 285 -35.22 -78.69 24.83
CA HIS W 285 -36.01 -77.53 24.43
C HIS W 285 -35.72 -76.39 25.40
N ALA W 286 -35.01 -75.37 24.91
CA ALA W 286 -34.63 -74.24 25.74
C ALA W 286 -35.67 -73.13 25.66
N ALA W 287 -35.79 -72.38 26.75
CA ALA W 287 -36.66 -71.22 26.81
C ALA W 287 -35.91 -70.05 27.43
N PRO W 288 -36.23 -68.82 27.01
CA PRO W 288 -35.52 -67.65 27.55
C PRO W 288 -35.79 -67.46 29.03
N ASN W 289 -34.80 -66.91 29.72
CA ASN W 289 -34.97 -66.55 31.11
C ASN W 289 -35.99 -65.42 31.24
N ARG W 290 -36.73 -65.45 32.34
CA ARG W 290 -37.76 -64.45 32.56
C ARG W 290 -37.12 -63.08 32.78
N PRO W 291 -37.58 -62.03 32.10
CA PRO W 291 -36.98 -60.70 32.28
C PRO W 291 -37.17 -60.20 33.71
N ASN W 292 -36.20 -59.41 34.17
CA ASN W 292 -36.17 -58.98 35.56
C ASN W 292 -36.31 -57.47 35.72
N PHE W 293 -35.57 -56.69 34.93
CA PHE W 293 -35.67 -55.22 34.94
C PHE W 293 -35.38 -54.66 36.34
N ILE W 294 -34.15 -54.86 36.80
CA ILE W 294 -33.74 -54.36 38.10
C ILE W 294 -33.33 -52.90 37.96
N GLY W 295 -33.95 -52.02 38.74
CA GLY W 295 -33.64 -50.60 38.68
C GLY W 295 -34.02 -49.92 39.98
N PHE W 296 -33.77 -48.61 40.02
CA PHE W 296 -34.11 -47.82 41.18
C PHE W 296 -35.63 -47.71 41.32
N ARG W 297 -36.08 -47.53 42.56
CA ARG W 297 -37.50 -47.47 42.84
C ARG W 297 -38.07 -46.12 42.42
N ASP W 298 -39.40 -46.04 42.40
CA ASP W 298 -40.08 -44.84 41.95
C ASP W 298 -39.73 -43.64 42.84
N CYS W 299 -39.39 -42.52 42.22
CA CYS W 299 -39.02 -41.30 42.93
C CYS W 299 -37.91 -41.53 43.95
N PHE W 300 -37.10 -42.57 43.72
CA PHE W 300 -36.05 -42.97 44.65
C PHE W 300 -36.61 -43.25 46.04
N VAL W 301 -37.81 -43.84 46.08
CA VAL W 301 -38.46 -44.14 47.35
C VAL W 301 -37.69 -45.24 48.07
N GLY W 302 -37.64 -45.15 49.40
CA GLY W 302 -36.92 -46.11 50.20
C GLY W 302 -35.42 -45.92 50.23
N LEU W 303 -34.89 -44.97 49.47
CA LEU W 303 -33.44 -44.79 49.43
C LEU W 303 -32.93 -44.05 50.66
N MET W 304 -33.76 -43.22 51.29
CA MET W 304 -33.38 -42.51 52.50
C MET W 304 -34.24 -42.98 53.67
N TYR W 305 -33.66 -42.94 54.87
CA TYR W 305 -34.40 -43.29 56.08
C TYR W 305 -35.37 -42.17 56.41
N TYR W 306 -36.67 -42.44 56.32
CA TYR W 306 -37.68 -41.42 56.59
C TYR W 306 -38.52 -41.74 57.81
N ASN W 307 -39.16 -42.90 57.86
CA ASN W 307 -39.92 -43.30 59.04
C ASN W 307 -39.03 -44.05 60.03
N SER W 308 -37.92 -43.40 60.34
CA SER W 308 -36.82 -43.96 61.11
C SER W 308 -37.01 -43.66 62.59
N GLY W 309 -35.93 -43.71 63.36
CA GLY W 309 -35.94 -43.73 64.79
C GLY W 309 -34.74 -44.54 65.25
N GLY W 310 -34.08 -45.15 64.26
CA GLY W 310 -32.76 -45.70 64.44
C GLY W 310 -31.73 -44.87 63.70
N ASN W 311 -32.15 -44.28 62.57
CA ASN W 311 -31.31 -43.40 61.75
C ASN W 311 -32.12 -42.17 61.40
N LEU W 312 -32.10 -41.17 62.28
CA LEU W 312 -32.91 -39.97 62.11
C LEU W 312 -32.03 -38.82 61.65
N GLY W 313 -32.37 -38.21 60.52
CA GLY W 313 -31.66 -37.04 60.07
C GLY W 313 -32.15 -35.78 60.77
N VAL W 314 -31.25 -34.81 60.91
CA VAL W 314 -31.54 -33.57 61.63
C VAL W 314 -31.20 -32.39 60.74
N LEU W 315 -32.01 -31.34 60.84
CA LEU W 315 -31.73 -30.04 60.22
C LEU W 315 -31.81 -29.00 61.34
N ALA W 316 -30.67 -28.58 61.85
CA ALA W 316 -30.65 -27.71 63.03
C ALA W 316 -29.63 -26.61 62.82
N GLY W 317 -29.80 -25.52 63.58
CA GLY W 317 -28.85 -24.45 63.55
C GLY W 317 -27.50 -24.86 64.12
N GLN W 318 -26.47 -24.14 63.67
CA GLN W 318 -25.11 -24.46 64.11
C GLN W 318 -24.94 -24.26 65.61
N SER W 319 -25.53 -23.18 66.14
CA SER W 319 -25.32 -22.83 67.54
C SER W 319 -26.21 -23.65 68.47
N SER W 320 -27.53 -23.52 68.32
CA SER W 320 -28.45 -24.18 69.24
C SER W 320 -28.42 -25.69 69.08
N GLN W 321 -28.25 -26.17 67.85
CA GLN W 321 -28.29 -27.60 67.55
C GLN W 321 -29.61 -28.23 67.99
N LEU W 322 -30.70 -27.47 67.84
CA LEU W 322 -32.03 -27.95 68.19
C LEU W 322 -32.66 -28.51 66.92
N ASN W 323 -32.90 -29.83 66.91
CA ASN W 323 -33.40 -30.50 65.73
C ASN W 323 -34.77 -29.96 65.33
N ALA W 324 -34.93 -29.67 64.04
CA ALA W 324 -36.20 -29.22 63.49
C ALA W 324 -37.01 -30.35 62.86
N VAL W 325 -36.48 -31.57 62.85
CA VAL W 325 -37.15 -32.73 62.26
C VAL W 325 -37.37 -33.76 63.34
N VAL W 326 -38.64 -34.14 63.55
CA VAL W 326 -38.98 -35.22 64.46
C VAL W 326 -39.86 -36.21 63.71
N ASP W 327 -39.59 -37.50 63.89
CA ASP W 327 -40.37 -38.57 63.29
C ASP W 327 -40.89 -39.47 64.39
N LEU W 328 -42.17 -39.84 64.29
CA LEU W 328 -42.83 -40.64 65.31
C LEU W 328 -43.28 -42.00 64.80
N GLN W 329 -42.90 -42.36 63.57
CA GLN W 329 -43.03 -43.71 63.02
C GLN W 329 -44.48 -44.06 62.70
N ASP W 330 -45.42 -43.21 63.13
CA ASP W 330 -46.81 -43.31 62.67
C ASP W 330 -47.05 -42.35 61.52
N ARG W 331 -46.19 -42.44 60.50
CA ARG W 331 -46.22 -41.51 59.39
C ARG W 331 -45.69 -42.22 58.16
N ASN W 332 -46.07 -41.73 56.99
CA ASN W 332 -45.57 -42.26 55.71
C ASN W 332 -45.24 -41.08 54.81
N THR W 333 -44.00 -40.59 54.92
CA THR W 333 -43.58 -39.50 54.05
C THR W 333 -43.47 -39.97 52.60
N GLU W 334 -43.08 -41.23 52.39
CA GLU W 334 -42.98 -41.77 51.05
C GLU W 334 -44.34 -41.80 50.37
N LEU W 335 -45.34 -42.37 51.04
CA LEU W 335 -46.69 -42.41 50.50
C LEU W 335 -47.26 -41.01 50.36
N SER W 336 -46.93 -40.12 51.30
CA SER W 336 -47.38 -38.73 51.20
C SER W 336 -46.86 -38.08 49.93
N TYR W 337 -45.56 -38.26 49.65
CA TYR W 337 -44.99 -37.68 48.45
C TYR W 337 -45.60 -38.30 47.20
N GLN W 338 -45.81 -39.62 47.20
CA GLN W 338 -46.39 -40.28 46.04
C GLN W 338 -47.78 -39.73 45.74
N MET W 339 -48.61 -39.62 46.77
CA MET W 339 -49.97 -39.12 46.56
C MET W 339 -49.98 -37.63 46.23
N LEU W 340 -49.05 -36.86 46.79
CA LEU W 340 -48.93 -35.45 46.43
C LEU W 340 -48.63 -35.29 44.96
N LEU W 341 -47.66 -36.07 44.45
CA LEU W 341 -47.37 -36.02 43.02
C LEU W 341 -48.58 -36.45 42.20
N ALA W 342 -49.22 -37.55 42.60
CA ALA W 342 -50.35 -38.07 41.83
C ALA W 342 -51.51 -37.07 41.79
N ASN W 343 -51.66 -36.24 42.82
CA ASN W 343 -52.77 -35.30 42.87
C ASN W 343 -52.40 -33.88 42.45
N THR W 344 -51.12 -33.59 42.23
CA THR W 344 -50.75 -32.26 41.75
C THR W 344 -50.25 -32.22 40.32
N THR W 345 -49.58 -33.27 39.83
CA THR W 345 -49.03 -33.25 38.49
C THR W 345 -49.61 -34.39 37.68
N ASP W 346 -49.49 -34.28 36.35
CA ASP W 346 -49.91 -35.33 35.45
C ASP W 346 -48.93 -36.49 35.57
N ARG W 347 -49.25 -37.47 36.41
CA ARG W 347 -48.33 -38.57 36.68
C ARG W 347 -48.41 -39.61 35.56
N SER W 348 -48.26 -39.16 34.31
CA SER W 348 -48.15 -40.04 33.17
C SER W 348 -46.98 -39.69 32.28
N ARG W 349 -46.27 -38.60 32.57
CA ARG W 349 -45.08 -38.18 31.84
C ARG W 349 -43.86 -38.43 32.70
N TYR W 350 -42.87 -39.11 32.15
CA TYR W 350 -41.69 -39.49 32.91
C TYR W 350 -40.71 -38.33 32.99
N PHE W 351 -40.26 -38.03 34.20
CA PHE W 351 -39.27 -36.97 34.44
C PHE W 351 -38.00 -37.63 34.96
N SER W 352 -36.95 -37.62 34.14
CA SER W 352 -35.77 -38.44 34.41
C SER W 352 -35.08 -38.03 35.72
N MET W 353 -35.26 -36.79 36.15
CA MET W 353 -34.52 -36.30 37.32
C MET W 353 -34.88 -37.09 38.57
N TRP W 354 -36.12 -36.98 39.03
CA TRP W 354 -36.57 -37.71 40.21
C TRP W 354 -37.25 -39.01 39.78
N ASN W 355 -36.55 -39.80 38.95
CA ASN W 355 -37.12 -41.01 38.39
C ASN W 355 -38.52 -40.77 37.84
N GLN W 356 -39.52 -40.71 38.73
CA GLN W 356 -40.87 -40.28 38.40
C GLN W 356 -41.46 -41.11 37.26
N ALA W 357 -41.60 -42.41 37.52
CA ALA W 357 -42.23 -43.32 36.57
C ALA W 357 -42.90 -44.42 37.40
N MET W 358 -44.22 -44.30 37.60
CA MET W 358 -44.89 -45.20 38.52
C MET W 358 -44.90 -46.63 38.00
N ASP W 359 -44.97 -47.57 38.93
CA ASP W 359 -45.35 -48.92 38.56
C ASP W 359 -46.76 -48.91 38.00
N SER W 360 -46.93 -49.44 36.79
CA SER W 360 -48.22 -49.40 36.10
C SER W 360 -48.37 -50.68 35.29
N TYR W 361 -49.37 -51.48 35.63
CA TYR W 361 -49.65 -52.70 34.89
C TYR W 361 -50.31 -52.38 33.55
N ASP W 362 -50.23 -53.33 32.63
CA ASP W 362 -51.01 -53.23 31.41
C ASP W 362 -52.47 -53.56 31.72
N PRO W 363 -53.42 -52.70 31.36
CA PRO W 363 -54.84 -53.05 31.59
C PRO W 363 -55.29 -54.24 30.78
N GLU W 364 -54.59 -54.59 29.70
CA GLU W 364 -54.90 -55.80 28.95
C GLU W 364 -54.35 -57.05 29.60
N VAL W 365 -53.45 -56.92 30.57
CA VAL W 365 -52.88 -58.05 31.27
C VAL W 365 -53.49 -58.24 32.66
N ARG W 366 -53.74 -57.13 33.38
CA ARG W 366 -54.38 -57.24 34.68
C ARG W 366 -55.76 -57.89 34.57
N VAL W 367 -56.54 -57.46 33.58
CA VAL W 367 -57.77 -58.13 33.20
C VAL W 367 -57.65 -58.49 31.72
N ILE W 368 -57.90 -59.76 31.40
CA ILE W 368 -57.76 -60.25 30.04
C ILE W 368 -59.13 -60.23 29.36
N ASP W 369 -59.26 -59.39 28.35
CA ASP W 369 -60.48 -59.34 27.53
C ASP W 369 -60.31 -60.36 26.40
N ASN W 370 -60.68 -61.60 26.71
CA ASN W 370 -60.50 -62.68 25.75
C ASN W 370 -61.53 -62.53 24.64
N VAL W 371 -61.38 -61.47 23.85
CA VAL W 371 -62.28 -61.19 22.74
C VAL W 371 -62.16 -62.24 21.65
N GLY W 372 -61.08 -63.02 21.66
CA GLY W 372 -60.85 -63.99 20.62
C GLY W 372 -59.79 -63.50 19.67
N VAL W 373 -59.82 -63.99 18.43
CA VAL W 373 -58.80 -63.64 17.43
C VAL W 373 -59.48 -63.49 16.08
N GLU W 374 -58.98 -62.55 15.28
CA GLU W 374 -59.50 -62.30 13.94
C GLU W 374 -58.82 -63.22 12.93
N ASP W 375 -58.95 -64.52 13.17
CA ASP W 375 -58.37 -65.55 12.31
C ASP W 375 -59.44 -66.13 11.39
N GLU W 376 -59.77 -65.39 10.34
CA GLU W 376 -60.73 -65.84 9.35
C GLU W 376 -60.04 -66.48 8.15
N MET W 377 -58.99 -65.87 7.63
CA MET W 377 -58.36 -66.51 6.49
C MET W 377 -57.13 -67.31 6.92
N PRO W 378 -56.82 -68.39 6.21
CA PRO W 378 -55.59 -69.14 6.51
C PRO W 378 -54.35 -68.39 6.05
N ASN W 379 -53.20 -68.99 6.33
CA ASN W 379 -51.91 -68.35 6.11
C ASN W 379 -51.07 -69.04 5.03
N TYR W 380 -50.88 -70.36 5.14
CA TYR W 380 -50.21 -71.15 4.10
C TYR W 380 -48.77 -70.68 3.87
N CYS W 381 -47.93 -70.88 4.88
CA CYS W 381 -46.50 -70.69 4.71
C CYS W 381 -46.00 -71.50 3.51
N PHE W 382 -45.35 -70.79 2.56
CA PHE W 382 -45.07 -71.30 1.22
C PHE W 382 -43.61 -71.70 1.08
N PRO W 383 -43.31 -72.65 0.20
CA PRO W 383 -41.92 -73.11 0.04
C PRO W 383 -41.00 -71.99 -0.41
N LEU W 384 -39.70 -72.29 -0.38
CA LEU W 384 -38.68 -71.25 -0.55
C LEU W 384 -38.79 -70.59 -1.91
N SER W 385 -39.21 -71.33 -2.94
CA SER W 385 -39.32 -70.75 -4.27
C SER W 385 -40.46 -71.45 -5.02
N GLY W 386 -41.66 -70.86 -4.93
CA GLY W 386 -42.77 -71.25 -5.77
C GLY W 386 -43.11 -72.73 -5.78
N VAL W 387 -42.82 -73.37 -6.90
CA VAL W 387 -43.11 -74.79 -7.08
C VAL W 387 -42.17 -75.61 -6.21
N GLN W 388 -42.46 -76.90 -6.07
CA GLN W 388 -41.60 -77.81 -5.33
C GLN W 388 -40.62 -78.46 -6.30
N ILE W 389 -39.34 -78.45 -5.95
CA ILE W 389 -38.31 -79.09 -6.76
C ILE W 389 -38.31 -80.57 -6.43
N GLY W 390 -38.83 -81.39 -7.34
CA GLY W 390 -38.90 -82.82 -7.14
C GLY W 390 -38.44 -83.60 -8.34
N ASN W 391 -39.23 -84.61 -8.73
CA ASN W 391 -38.89 -85.40 -9.91
C ASN W 391 -38.98 -84.57 -11.17
N ARG W 392 -38.16 -84.92 -12.16
CA ARG W 392 -38.15 -84.21 -13.43
C ARG W 392 -39.16 -84.82 -14.40
N SER W 393 -39.45 -84.08 -15.46
CA SER W 393 -40.41 -84.50 -16.46
C SER W 393 -39.82 -84.25 -17.85
N HIS W 394 -40.31 -85.01 -18.82
CA HIS W 394 -39.82 -84.96 -20.20
C HIS W 394 -40.83 -84.24 -21.09
N GLU W 395 -40.34 -83.31 -21.89
CA GLU W 395 -41.20 -82.64 -22.85
C GLU W 395 -41.58 -83.61 -23.96
N VAL W 396 -42.87 -83.66 -24.28
CA VAL W 396 -43.41 -84.64 -25.22
C VAL W 396 -44.25 -83.90 -26.25
N GLN W 397 -44.02 -84.21 -27.52
CA GLN W 397 -44.75 -83.59 -28.63
C GLN W 397 -45.58 -84.66 -29.35
N ARG W 398 -46.34 -84.21 -30.35
CA ARG W 398 -47.22 -85.07 -31.15
C ARG W 398 -46.79 -84.96 -32.62
N ASN W 399 -45.88 -85.85 -33.05
CA ASN W 399 -45.55 -85.99 -34.45
C ASN W 399 -46.22 -87.21 -35.07
N GLN W 400 -45.93 -88.40 -34.54
CA GLN W 400 -46.69 -89.58 -34.86
C GLN W 400 -47.99 -89.59 -34.06
N GLN W 401 -48.90 -90.51 -34.39
CA GLN W 401 -50.17 -90.59 -33.67
C GLN W 401 -49.94 -90.79 -32.17
N GLN W 402 -48.91 -91.55 -31.81
CA GLN W 402 -48.53 -91.71 -30.42
C GLN W 402 -47.65 -90.55 -29.96
N TRP W 403 -47.42 -90.50 -28.65
CA TRP W 403 -46.61 -89.44 -28.05
C TRP W 403 -45.19 -89.95 -27.83
N GLN W 404 -44.21 -89.18 -28.29
CA GLN W 404 -42.80 -89.50 -28.12
C GLN W 404 -42.07 -88.32 -27.48
N ASN W 405 -40.97 -88.64 -26.80
CA ASN W 405 -40.22 -87.64 -26.05
C ASN W 405 -39.50 -86.68 -27.00
N VAL W 406 -39.03 -85.57 -26.43
CA VAL W 406 -38.23 -84.58 -27.15
C VAL W 406 -36.80 -84.69 -26.64
N ALA W 407 -35.85 -84.72 -27.56
CA ALA W 407 -34.46 -84.93 -27.20
C ALA W 407 -33.92 -83.79 -26.36
N ASN W 408 -32.99 -84.14 -25.47
CA ASN W 408 -32.26 -83.21 -24.59
C ASN W 408 -33.17 -82.10 -24.04
N SER W 409 -34.34 -82.51 -23.55
CA SER W 409 -35.28 -81.61 -22.91
C SER W 409 -35.88 -82.27 -21.67
N ASP W 410 -35.03 -82.92 -20.87
CA ASP W 410 -35.46 -83.70 -19.72
C ASP W 410 -35.06 -83.05 -18.41
N ASN W 411 -34.88 -81.73 -18.40
CA ASN W 411 -34.54 -80.99 -17.19
C ASN W 411 -35.74 -80.24 -16.62
N ASN W 412 -36.94 -80.56 -17.07
CA ASN W 412 -38.13 -79.88 -16.61
C ASN W 412 -38.41 -80.20 -15.15
N TYR W 413 -38.79 -79.18 -14.38
CA TYR W 413 -39.11 -79.33 -12.96
C TYR W 413 -40.60 -79.07 -12.70
N ILE W 414 -41.44 -79.60 -13.59
CA ILE W 414 -42.88 -79.34 -13.50
C ILE W 414 -43.49 -80.14 -12.35
N GLY W 415 -44.30 -79.46 -11.54
CA GLY W 415 -45.14 -80.10 -10.54
C GLY W 415 -46.59 -79.84 -10.88
N LYS W 416 -47.44 -80.84 -10.65
CA LYS W 416 -48.85 -80.76 -10.99
C LYS W 416 -49.69 -80.68 -9.73
N GLY W 417 -50.72 -79.84 -9.77
CA GLY W 417 -51.60 -79.66 -8.63
C GLY W 417 -51.58 -78.25 -8.09
N ASN W 418 -51.33 -78.12 -6.79
CA ASN W 418 -51.25 -76.82 -6.14
C ASN W 418 -49.90 -76.71 -5.44
N LEU W 419 -49.52 -75.48 -5.12
CA LEU W 419 -48.25 -75.24 -4.46
C LEU W 419 -48.24 -75.92 -3.10
N PRO W 420 -47.26 -76.79 -2.82
CA PRO W 420 -47.25 -77.50 -1.53
C PRO W 420 -46.87 -76.58 -0.39
N ALA W 421 -47.84 -76.19 0.43
CA ALA W 421 -47.59 -75.29 1.54
C ALA W 421 -47.98 -75.92 2.86
N MET W 422 -47.90 -75.15 3.94
CA MET W 422 -48.36 -75.62 5.24
C MET W 422 -48.75 -74.40 6.06
N GLU W 423 -49.91 -74.48 6.71
CA GLU W 423 -50.52 -73.30 7.31
C GLU W 423 -49.93 -73.02 8.68
N ILE W 424 -50.24 -71.82 9.18
CA ILE W 424 -49.96 -71.44 10.57
C ILE W 424 -51.04 -70.45 10.97
N ASN W 425 -51.42 -70.44 12.24
CA ASN W 425 -52.44 -69.50 12.70
C ASN W 425 -51.75 -68.30 13.34
N LEU W 426 -51.37 -67.32 12.51
CA LEU W 426 -50.75 -66.10 12.99
C LEU W 426 -51.60 -65.44 14.06
N ALA W 427 -52.87 -65.20 13.76
CA ALA W 427 -53.83 -64.89 14.78
C ALA W 427 -54.05 -66.12 15.65
N ALA W 428 -54.18 -65.88 16.95
CA ALA W 428 -54.23 -66.88 18.02
C ALA W 428 -52.88 -67.52 18.27
N ASN W 429 -51.94 -67.40 17.33
CA ASN W 429 -50.57 -67.80 17.65
C ASN W 429 -49.87 -66.67 18.39
N LEU W 430 -49.87 -65.47 17.82
CA LEU W 430 -49.43 -64.30 18.55
C LEU W 430 -50.23 -64.12 19.82
N TRP W 431 -51.53 -64.44 19.78
CA TRP W 431 -52.39 -64.22 20.94
C TRP W 431 -52.05 -65.20 22.06
N ARG W 432 -51.81 -66.48 21.75
CA ARG W 432 -51.44 -67.40 22.81
C ARG W 432 -50.04 -67.14 23.32
N SER W 433 -49.13 -66.68 22.45
CA SER W 433 -47.82 -66.26 22.93
C SER W 433 -47.95 -65.12 23.94
N PHE W 434 -48.76 -64.12 23.59
CA PHE W 434 -49.05 -63.01 24.49
C PHE W 434 -49.61 -63.51 25.82
N LEU W 435 -50.67 -64.33 25.75
CA LEU W 435 -51.36 -64.76 26.96
C LEU W 435 -50.44 -65.58 27.85
N TYR W 436 -49.71 -66.53 27.26
CA TYR W 436 -48.75 -67.31 28.03
C TYR W 436 -47.73 -66.41 28.69
N SER W 437 -46.94 -65.68 27.90
CA SER W 437 -45.83 -64.93 28.43
C SER W 437 -46.27 -63.82 29.39
N ASN W 438 -47.56 -63.45 29.40
CA ASN W 438 -48.01 -62.38 30.27
C ASN W 438 -48.85 -62.83 31.45
N VAL W 439 -49.38 -64.05 31.46
CA VAL W 439 -50.20 -64.54 32.55
C VAL W 439 -49.65 -65.83 33.14
N ALA W 440 -49.30 -66.79 32.28
CA ALA W 440 -48.90 -68.11 32.79
C ALA W 440 -47.59 -68.03 33.54
N LEU W 441 -46.63 -67.25 33.03
CA LEU W 441 -45.35 -67.10 33.72
C LEU W 441 -45.50 -66.42 35.06
N TYR W 442 -46.47 -65.51 35.20
CA TYR W 442 -46.67 -64.77 36.44
C TYR W 442 -47.69 -65.41 37.36
N LEU W 443 -48.28 -66.54 36.94
CA LEU W 443 -49.09 -67.33 37.84
C LEU W 443 -48.35 -67.62 39.13
N PRO W 444 -49.07 -67.80 40.24
CA PRO W 444 -48.40 -68.05 41.52
C PRO W 444 -47.59 -69.34 41.51
N ASP W 445 -46.71 -69.46 42.50
CA ASP W 445 -45.77 -70.58 42.53
C ASP W 445 -46.46 -71.92 42.73
N ASN W 446 -47.54 -71.95 43.53
CA ASN W 446 -48.20 -73.22 43.81
C ASN W 446 -48.91 -73.80 42.60
N LEU W 447 -49.06 -73.05 41.52
CA LEU W 447 -49.63 -73.55 40.28
C LEU W 447 -48.57 -73.90 39.25
N LYS W 448 -47.31 -73.88 39.62
CA LYS W 448 -46.21 -74.17 38.71
C LYS W 448 -45.48 -75.42 39.18
N PHE W 449 -44.85 -76.11 38.24
CA PHE W 449 -44.18 -77.37 38.51
C PHE W 449 -42.72 -77.31 38.08
N THR W 450 -41.88 -78.03 38.80
CA THR W 450 -40.47 -78.14 38.43
C THR W 450 -40.32 -79.18 37.32
N PRO W 451 -39.73 -78.83 36.18
CA PRO W 451 -39.55 -79.82 35.12
C PRO W 451 -38.59 -80.91 35.53
N HIS W 452 -38.76 -82.09 34.92
CA HIS W 452 -37.94 -83.24 35.25
C HIS W 452 -36.51 -83.02 34.78
N ASN W 453 -35.58 -83.69 35.47
CA ASN W 453 -34.15 -83.69 35.13
C ASN W 453 -33.56 -82.28 35.18
N ILE W 454 -34.02 -81.45 36.12
CA ILE W 454 -33.42 -80.15 36.39
C ILE W 454 -33.33 -79.97 37.90
N GLN W 455 -32.44 -79.08 38.31
CA GLN W 455 -32.23 -78.79 39.73
C GLN W 455 -32.43 -77.30 39.98
N LEU W 456 -33.09 -76.99 41.09
CA LEU W 456 -33.34 -75.61 41.49
C LEU W 456 -32.90 -75.40 42.92
N PRO W 457 -32.50 -74.16 43.27
CA PRO W 457 -32.12 -73.89 44.65
C PRO W 457 -33.31 -74.07 45.58
N PRO W 458 -33.08 -74.48 46.82
CA PRO W 458 -34.20 -74.64 47.75
C PRO W 458 -34.83 -73.34 48.19
N ASN W 459 -34.14 -72.22 48.03
CA ASN W 459 -34.68 -70.91 48.41
C ASN W 459 -35.71 -70.50 47.36
N THR W 460 -36.97 -70.43 47.78
CA THR W 460 -38.05 -70.11 46.84
C THR W 460 -38.05 -68.65 46.41
N ASN W 461 -37.25 -67.80 47.04
CA ASN W 461 -37.15 -66.39 46.67
C ASN W 461 -36.03 -66.13 45.68
N THR W 462 -35.29 -67.15 45.28
CA THR W 462 -34.15 -66.96 44.37
C THR W 462 -34.63 -66.85 42.92
N TYR W 463 -33.94 -66.01 42.15
CA TYR W 463 -34.28 -65.83 40.76
C TYR W 463 -34.19 -67.14 39.98
N GLU W 464 -33.21 -67.98 40.33
CA GLU W 464 -33.10 -69.29 39.68
C GLU W 464 -34.35 -70.13 39.94
N TYR W 465 -34.84 -70.11 41.18
CA TYR W 465 -36.03 -70.89 41.50
C TYR W 465 -37.26 -70.35 40.78
N MET W 466 -37.45 -69.03 40.80
CA MET W 466 -38.62 -68.47 40.12
C MET W 466 -38.49 -68.50 38.60
N ASN W 467 -37.30 -68.78 38.08
CA ASN W 467 -37.09 -68.89 36.64
C ASN W 467 -37.26 -70.31 36.13
N GLY W 468 -36.81 -71.31 36.91
CA GLY W 468 -36.89 -72.68 36.48
C GLY W 468 -38.25 -73.32 36.54
N ARG W 469 -39.19 -72.73 37.28
CA ARG W 469 -40.52 -73.29 37.40
C ARG W 469 -41.36 -72.97 36.17
N ILE W 470 -42.21 -73.91 35.79
CA ILE W 470 -43.00 -73.80 34.56
C ILE W 470 -44.49 -73.83 34.91
N PRO W 471 -45.30 -72.95 34.33
CA PRO W 471 -46.74 -73.00 34.60
C PRO W 471 -47.36 -74.30 34.09
N VAL W 472 -48.37 -74.77 34.80
CA VAL W 472 -49.10 -75.96 34.40
C VAL W 472 -50.17 -75.57 33.40
N SER W 473 -50.20 -76.27 32.26
CA SER W 473 -51.14 -75.94 31.20
C SER W 473 -52.57 -76.24 31.63
N GLY W 474 -53.51 -75.51 31.02
CA GLY W 474 -54.91 -75.64 31.31
C GLY W 474 -55.46 -74.63 32.29
N LEU W 475 -54.59 -74.02 33.11
CA LEU W 475 -55.04 -72.98 34.03
C LEU W 475 -55.36 -71.70 33.28
N ILE W 476 -54.50 -71.31 32.34
CA ILE W 476 -54.73 -70.14 31.50
C ILE W 476 -54.40 -70.51 30.07
N ASP W 477 -55.23 -70.07 29.14
CA ASP W 477 -55.12 -70.42 27.73
C ASP W 477 -56.13 -69.59 26.95
N THR W 478 -56.06 -69.68 25.63
CA THR W 478 -56.98 -68.92 24.80
C THR W 478 -58.31 -69.64 24.63
N TYR W 479 -58.88 -70.12 25.74
CA TYR W 479 -60.28 -70.53 25.76
C TYR W 479 -61.00 -70.14 27.04
N VAL W 480 -60.30 -69.89 28.15
CA VAL W 480 -60.95 -69.66 29.43
C VAL W 480 -61.60 -68.29 29.44
N ASN W 481 -62.87 -68.25 29.85
CA ASN W 481 -63.63 -67.00 29.98
C ASN W 481 -63.61 -66.21 28.67
N ILE W 482 -63.72 -66.93 27.56
CA ILE W 482 -63.68 -66.28 26.25
C ILE W 482 -64.96 -65.49 26.04
N GLY W 483 -64.83 -64.29 25.49
CA GLY W 483 -65.95 -63.40 25.28
C GLY W 483 -66.16 -62.37 26.35
N THR W 484 -65.39 -62.40 27.43
CA THR W 484 -65.49 -61.41 28.50
C THR W 484 -64.10 -60.93 28.89
N ARG W 485 -64.09 -59.85 29.67
CA ARG W 485 -62.89 -59.38 30.35
C ARG W 485 -63.02 -59.81 31.81
N TRP W 486 -62.27 -60.84 32.18
CA TRP W 486 -62.38 -61.45 33.52
C TRP W 486 -60.99 -61.92 33.93
N SER W 487 -60.42 -61.25 34.92
CA SER W 487 -59.10 -61.65 35.42
C SER W 487 -59.21 -63.00 36.11
N PRO W 488 -58.19 -63.85 35.99
CA PRO W 488 -58.24 -65.16 36.65
C PRO W 488 -58.36 -65.03 38.15
N ASP W 489 -59.08 -65.97 38.76
CA ASP W 489 -59.27 -65.93 40.20
C ASP W 489 -57.95 -66.08 40.95
N VAL W 490 -57.07 -66.96 40.47
CA VAL W 490 -55.79 -67.15 41.13
C VAL W 490 -54.90 -65.92 40.97
N MET W 491 -55.00 -65.23 39.83
CA MET W 491 -54.15 -64.07 39.55
C MET W 491 -54.68 -62.79 40.18
N ASP W 492 -55.80 -62.84 40.91
CA ASP W 492 -56.33 -61.64 41.53
C ASP W 492 -55.43 -61.16 42.68
N ASN W 493 -55.05 -62.07 43.57
CA ASN W 493 -54.26 -61.71 44.75
C ASN W 493 -52.77 -61.88 44.50
N VAL W 494 -52.27 -61.24 43.44
CA VAL W 494 -50.84 -61.23 43.13
C VAL W 494 -50.53 -59.91 42.45
N ASN W 495 -49.33 -59.38 42.71
CA ASN W 495 -48.88 -58.11 42.17
C ASN W 495 -49.09 -58.01 40.66
N PRO W 496 -49.99 -57.14 40.20
CA PRO W 496 -50.00 -56.82 38.76
C PRO W 496 -48.87 -55.90 38.36
N PHE W 497 -48.15 -55.34 39.33
CA PHE W 497 -47.06 -54.40 39.06
C PHE W 497 -45.70 -55.08 39.04
N ASN W 498 -45.58 -56.27 39.62
CA ASN W 498 -44.38 -57.09 39.45
C ASN W 498 -44.44 -57.81 38.11
N HIS W 499 -44.41 -57.01 37.05
CA HIS W 499 -44.61 -57.47 35.68
C HIS W 499 -43.54 -56.86 34.79
N HIS W 500 -43.10 -57.63 33.80
CA HIS W 500 -42.14 -57.09 32.83
C HIS W 500 -42.77 -56.06 31.91
N ARG W 501 -44.10 -56.02 31.84
CA ARG W 501 -44.81 -54.99 31.10
C ARG W 501 -45.07 -53.75 31.94
N ASN W 502 -44.34 -53.58 33.03
CA ASN W 502 -44.41 -52.39 33.86
C ASN W 502 -43.58 -51.30 33.20
N SER W 503 -44.25 -50.35 32.55
CA SER W 503 -43.55 -49.32 31.79
C SER W 503 -42.67 -48.46 32.70
N GLY W 504 -43.17 -48.14 33.89
CA GLY W 504 -42.39 -47.33 34.81
C GLY W 504 -41.10 -48.00 35.24
N LEU W 505 -41.18 -49.27 35.62
CA LEU W 505 -39.97 -49.99 36.01
C LEU W 505 -39.05 -50.22 34.83
N ARG W 506 -39.62 -50.43 33.62
CA ARG W 506 -38.79 -50.54 32.43
C ARG W 506 -38.00 -49.26 32.20
N TYR W 507 -38.66 -48.11 32.32
CA TYR W 507 -37.98 -46.84 32.15
C TYR W 507 -36.92 -46.63 33.21
N ARG W 508 -37.24 -46.96 34.47
CA ARG W 508 -36.28 -46.74 35.55
C ARG W 508 -35.07 -47.64 35.41
N SER W 509 -35.25 -48.86 34.90
CA SER W 509 -34.12 -49.76 34.68
C SER W 509 -33.30 -49.32 33.48
N GLN W 510 -33.95 -48.93 32.39
CA GLN W 510 -33.23 -48.49 31.21
C GLN W 510 -32.52 -47.17 31.43
N LEU W 511 -32.96 -46.36 32.40
CA LEU W 511 -32.22 -45.16 32.74
C LEU W 511 -30.83 -45.49 33.25
N LEU W 512 -30.71 -46.51 34.10
CA LEU W 512 -29.39 -46.95 34.53
C LEU W 512 -28.66 -47.68 33.42
N GLY W 513 -29.36 -48.55 32.68
CA GLY W 513 -28.74 -49.18 31.54
C GLY W 513 -29.10 -50.63 31.30
N ASN W 514 -28.17 -51.40 30.71
CA ASN W 514 -28.43 -52.78 30.31
C ASN W 514 -27.29 -53.70 30.70
N GLY W 515 -26.66 -53.46 31.85
CA GLY W 515 -25.57 -54.29 32.30
C GLY W 515 -25.72 -54.65 33.76
N ARG W 516 -24.99 -55.71 34.15
CA ARG W 516 -25.01 -56.15 35.55
C ARG W 516 -24.51 -55.03 36.45
N PHE W 517 -23.26 -54.64 36.30
CA PHE W 517 -22.76 -53.43 36.94
C PHE W 517 -23.35 -52.22 36.23
N CYS W 518 -23.10 -51.04 36.81
CA CYS W 518 -23.33 -49.76 36.14
C CYS W 518 -22.90 -48.65 37.08
N ASP W 519 -22.67 -47.47 36.50
CA ASP W 519 -22.38 -46.26 37.25
C ASP W 519 -23.62 -45.39 37.23
N PHE W 520 -24.13 -45.05 38.41
CA PHE W 520 -25.36 -44.30 38.54
C PHE W 520 -25.07 -42.91 39.10
N HIS W 521 -25.68 -41.90 38.49
CA HIS W 521 -25.57 -40.50 38.92
C HIS W 521 -27.00 -40.00 39.10
N ILE W 522 -27.52 -40.15 40.31
CA ILE W 522 -28.92 -39.87 40.59
C ILE W 522 -29.03 -38.65 41.50
N GLN W 523 -30.16 -37.97 41.41
CA GLN W 523 -30.49 -36.83 42.26
C GLN W 523 -31.71 -37.17 43.09
N VAL W 524 -31.53 -37.30 44.39
CA VAL W 524 -32.57 -37.73 45.31
C VAL W 524 -33.17 -36.48 45.96
N PRO W 525 -34.48 -36.25 45.85
CA PRO W 525 -35.07 -35.05 46.43
C PRO W 525 -35.42 -35.22 47.90
N GLN W 526 -35.86 -34.15 48.55
CA GLN W 526 -36.27 -34.19 49.94
C GLN W 526 -37.78 -34.35 50.00
N LYS W 527 -38.25 -35.30 50.81
CA LYS W 527 -39.66 -35.66 50.84
C LYS W 527 -40.35 -35.34 52.15
N PHE W 528 -39.62 -34.91 53.18
CA PHE W 528 -40.25 -34.58 54.45
C PHE W 528 -41.12 -33.35 54.28
N PHE W 529 -42.33 -33.39 54.86
CA PHE W 529 -43.30 -32.32 54.62
C PHE W 529 -42.85 -31.01 55.25
N ALA W 530 -42.26 -31.07 56.44
CA ALA W 530 -41.88 -29.86 57.15
C ALA W 530 -40.60 -29.22 56.60
N ILE W 531 -39.90 -29.89 55.69
CA ILE W 531 -38.64 -29.38 55.19
C ILE W 531 -38.74 -29.04 53.71
N ARG W 532 -39.44 -29.86 52.95
CA ARG W 532 -39.37 -29.79 51.49
C ARG W 532 -39.82 -28.45 50.92
N ASN W 533 -40.60 -27.68 51.68
CA ASN W 533 -41.04 -26.36 51.23
C ASN W 533 -40.54 -25.25 52.14
N LEU W 534 -39.75 -25.60 53.15
CA LEU W 534 -39.23 -24.60 54.08
C LEU W 534 -38.33 -23.60 53.37
N LEU W 535 -38.47 -22.34 53.72
CA LEU W 535 -37.68 -21.24 53.15
C LEU W 535 -36.71 -20.78 54.23
N LEU W 536 -35.47 -21.26 54.18
CA LEU W 536 -34.49 -20.95 55.21
C LEU W 536 -34.00 -19.52 55.08
N LEU W 537 -34.19 -18.73 56.13
CA LEU W 537 -33.59 -17.42 56.23
C LEU W 537 -32.10 -17.55 56.53
N PRO W 538 -31.32 -16.50 56.29
CA PRO W 538 -29.85 -16.63 56.40
C PRO W 538 -29.40 -17.13 57.76
N GLY W 539 -28.37 -17.96 57.74
CA GLY W 539 -27.81 -18.51 58.97
C GLY W 539 -26.71 -19.50 58.65
N THR W 540 -26.59 -20.52 59.51
CA THR W 540 -25.65 -21.62 59.28
C THR W 540 -26.24 -22.86 59.92
N TYR W 541 -26.58 -23.85 59.09
CA TYR W 541 -27.31 -25.02 59.55
C TYR W 541 -26.51 -26.28 59.32
N THR W 542 -26.72 -27.26 60.18
CA THR W 542 -26.20 -28.62 59.99
C THR W 542 -27.34 -29.48 59.46
N TYR W 543 -27.13 -30.07 58.29
CA TYR W 543 -28.16 -30.83 57.58
C TYR W 543 -27.61 -32.21 57.27
N GLU W 544 -27.74 -33.13 58.21
CA GLU W 544 -27.25 -34.48 58.04
C GLU W 544 -28.42 -35.42 57.78
N TRP W 545 -28.22 -36.37 56.88
CA TRP W 545 -29.23 -37.36 56.55
C TRP W 545 -28.55 -38.69 56.28
N SER W 546 -29.25 -39.77 56.56
CA SER W 546 -28.72 -41.12 56.41
C SER W 546 -29.41 -41.79 55.22
N PHE W 547 -28.61 -42.25 54.27
CA PHE W 547 -29.13 -42.90 53.07
C PHE W 547 -29.10 -44.41 53.27
N ARG W 548 -30.23 -45.06 52.97
CA ARG W 548 -30.30 -46.51 53.08
C ARG W 548 -29.33 -47.16 52.11
N LYS W 549 -28.72 -48.25 52.53
CA LYS W 549 -27.80 -49.01 51.69
C LYS W 549 -28.30 -50.43 51.44
N ASP W 550 -29.42 -50.81 52.06
CA ASP W 550 -30.00 -52.13 51.82
C ASP W 550 -30.47 -52.23 50.37
N VAL W 551 -29.81 -53.09 49.60
CA VAL W 551 -30.09 -53.20 48.18
C VAL W 551 -31.52 -53.69 47.95
N ASN W 552 -32.01 -54.57 48.83
CA ASN W 552 -33.35 -55.11 48.66
C ASN W 552 -34.41 -54.04 48.77
N MET W 553 -34.15 -52.95 49.50
CA MET W 553 -35.10 -51.85 49.62
C MET W 553 -34.81 -50.72 48.65
N ILE W 554 -33.55 -50.49 48.29
CA ILE W 554 -33.23 -49.46 47.32
C ILE W 554 -33.76 -49.80 45.94
N LEU W 555 -33.49 -51.03 45.49
CA LEU W 555 -33.76 -51.41 44.11
C LEU W 555 -35.12 -52.11 43.99
N GLN W 556 -35.59 -52.19 42.75
CA GLN W 556 -36.85 -52.81 42.41
C GLN W 556 -36.66 -53.72 41.20
N SER W 557 -37.39 -54.83 41.18
CA SER W 557 -37.33 -55.77 40.08
C SER W 557 -38.74 -56.23 39.73
N THR W 558 -38.93 -56.66 38.48
CA THR W 558 -40.22 -57.20 38.08
C THR W 558 -40.54 -58.50 38.81
N LEU W 559 -39.54 -59.13 39.42
CA LEU W 559 -39.73 -60.30 40.24
C LEU W 559 -39.44 -59.95 41.69
N GLY W 560 -40.13 -60.61 42.61
CA GLY W 560 -39.90 -60.37 44.02
C GLY W 560 -38.71 -61.14 44.55
N ASN W 561 -37.67 -61.29 43.73
CA ASN W 561 -36.51 -62.07 44.13
C ASN W 561 -35.71 -61.33 45.19
N ASP W 562 -35.14 -62.11 46.12
CA ASP W 562 -34.29 -61.56 47.17
C ASP W 562 -32.95 -61.15 46.56
N LEU W 563 -32.80 -59.86 46.30
CA LEU W 563 -31.54 -59.36 45.73
C LEU W 563 -30.37 -59.55 46.68
N ARG W 564 -30.62 -59.59 47.99
CA ARG W 564 -29.55 -59.77 48.95
C ARG W 564 -28.86 -61.11 48.78
N VAL W 565 -29.61 -62.17 48.51
CA VAL W 565 -29.02 -63.49 48.33
C VAL W 565 -28.65 -63.70 46.88
N ASP W 566 -29.38 -63.04 45.97
CA ASP W 566 -29.02 -63.12 44.56
C ASP W 566 -27.70 -62.45 44.25
N GLY W 567 -27.28 -61.49 45.08
CA GLY W 567 -26.00 -60.84 44.89
C GLY W 567 -26.15 -59.50 44.23
N ALA W 568 -26.11 -58.43 45.02
CA ALA W 568 -26.25 -57.08 44.50
C ALA W 568 -25.78 -56.11 45.56
N THR W 569 -24.88 -55.20 45.18
CA THR W 569 -24.30 -54.25 46.11
C THR W 569 -24.43 -52.84 45.53
N VAL W 570 -24.52 -51.87 46.44
CA VAL W 570 -24.50 -50.46 46.09
C VAL W 570 -23.29 -49.85 46.75
N ASN W 571 -22.38 -49.29 45.94
CA ASN W 571 -21.14 -48.70 46.42
C ASN W 571 -21.22 -47.19 46.21
N ILE W 572 -21.74 -46.49 47.21
CA ILE W 572 -21.90 -45.04 47.11
C ILE W 572 -20.53 -44.39 47.18
N THR W 573 -20.18 -43.63 46.14
CA THR W 573 -18.86 -43.01 46.08
C THR W 573 -18.86 -41.63 46.72
N SER W 574 -19.79 -40.76 46.32
CA SER W 574 -19.84 -39.41 46.84
C SER W 574 -21.29 -38.94 46.92
N VAL W 575 -21.61 -38.24 48.01
CA VAL W 575 -22.91 -37.62 48.20
C VAL W 575 -22.71 -36.12 48.33
N ASN W 576 -23.44 -35.35 47.54
CA ASN W 576 -23.32 -33.90 47.53
C ASN W 576 -24.71 -33.28 47.64
N LEU W 577 -24.75 -32.05 48.12
CA LEU W 577 -25.98 -31.29 48.26
C LEU W 577 -25.89 -30.05 47.37
N TYR W 578 -26.82 -29.94 46.43
CA TYR W 578 -26.86 -28.84 45.47
C TYR W 578 -28.03 -27.95 45.81
N ALA W 579 -27.76 -26.70 46.15
CA ALA W 579 -28.78 -25.73 46.50
C ALA W 579 -28.84 -24.62 45.46
N SER W 580 -30.04 -24.21 45.11
CA SER W 580 -30.26 -23.13 44.14
C SER W 580 -30.81 -21.92 44.86
N PHE W 581 -30.14 -20.78 44.68
CA PHE W 581 -30.50 -19.53 45.32
C PHE W 581 -31.00 -18.54 44.28
N PHE W 582 -32.18 -17.99 44.50
CA PHE W 582 -32.68 -16.93 43.64
C PHE W 582 -31.84 -15.68 43.87
N PRO W 583 -31.24 -15.11 42.83
CA PRO W 583 -30.32 -13.98 43.02
C PRO W 583 -31.06 -12.65 43.20
N MET W 584 -31.95 -12.60 44.19
CA MET W 584 -32.68 -11.38 44.47
C MET W 584 -31.74 -10.32 45.03
N SER W 585 -32.15 -9.06 44.89
CA SER W 585 -31.34 -7.96 45.37
C SER W 585 -31.13 -8.07 46.87
N HIS W 586 -29.97 -7.61 47.34
CA HIS W 586 -29.67 -7.71 48.76
C HIS W 586 -30.65 -6.93 49.61
N ASN W 587 -31.08 -5.76 49.14
CA ASN W 587 -32.01 -4.95 49.92
C ASN W 587 -33.34 -5.67 50.13
N THR W 588 -33.94 -6.15 49.03
CA THR W 588 -35.23 -6.82 49.15
C THR W 588 -35.10 -8.15 49.86
N ALA W 589 -33.96 -8.84 49.69
CA ALA W 589 -33.74 -10.09 50.42
C ALA W 589 -33.64 -9.85 51.91
N SER W 590 -32.93 -8.79 52.32
CA SER W 590 -32.84 -8.47 53.73
C SER W 590 -34.18 -8.05 54.29
N THR W 591 -34.96 -7.28 53.53
CA THR W 591 -36.30 -6.93 53.98
C THR W 591 -37.17 -8.16 54.16
N LEU W 592 -37.12 -9.09 53.20
CA LEU W 592 -37.91 -10.31 53.30
C LEU W 592 -37.47 -11.15 54.50
N GLU W 593 -36.16 -11.25 54.73
CA GLU W 593 -35.67 -12.02 55.88
C GLU W 593 -36.15 -11.39 57.19
N ALA W 594 -36.03 -10.06 57.30
CA ALA W 594 -36.43 -9.39 58.53
C ALA W 594 -37.93 -9.54 58.78
N MET W 595 -38.72 -9.47 57.71
CA MET W 595 -40.17 -9.62 57.86
C MET W 595 -40.56 -11.04 58.19
N LEU W 596 -39.83 -12.02 57.66
CA LEU W 596 -40.11 -13.42 57.93
C LEU W 596 -39.57 -13.90 59.28
N ARG W 597 -38.69 -13.13 59.90
CA ARG W 597 -38.23 -13.47 61.25
C ARG W 597 -39.25 -13.11 62.32
N ASN W 598 -40.30 -12.36 61.98
CA ASN W 598 -41.31 -12.01 62.95
C ASN W 598 -42.19 -13.21 63.26
N ASP W 599 -42.78 -13.19 64.46
CA ASP W 599 -43.55 -14.34 64.93
C ASP W 599 -44.78 -14.57 64.07
N THR W 600 -45.46 -13.50 63.68
CA THR W 600 -46.72 -13.66 62.94
C THR W 600 -46.49 -14.22 61.55
N ASN W 601 -45.31 -14.00 60.96
CA ASN W 601 -45.00 -14.52 59.63
C ASN W 601 -44.36 -15.90 59.70
N ASP W 602 -45.03 -16.82 60.40
CA ASP W 602 -44.54 -18.17 60.53
C ASP W 602 -45.00 -19.02 59.35
N GLN W 603 -44.09 -19.85 58.84
CA GLN W 603 -44.39 -20.74 57.73
C GLN W 603 -45.00 -22.03 58.28
N SER W 604 -46.15 -22.42 57.73
CA SER W 604 -46.87 -23.61 58.16
C SER W 604 -46.92 -24.60 57.02
N PHE W 605 -46.60 -25.85 57.33
CA PHE W 605 -46.61 -26.93 56.35
C PHE W 605 -47.39 -28.11 56.91
N ASN W 606 -48.07 -28.83 56.02
CA ASN W 606 -48.85 -29.99 56.41
C ASN W 606 -48.51 -31.17 55.50
N ASP W 607 -48.38 -32.34 56.09
CA ASP W 607 -48.15 -33.55 55.31
C ASP W 607 -49.38 -33.85 54.47
N TYR W 608 -49.18 -34.18 53.19
CA TYR W 608 -50.31 -34.41 52.30
C TYR W 608 -51.15 -35.59 52.79
N LEU W 609 -50.51 -36.73 53.01
CA LEU W 609 -51.18 -37.87 53.65
C LEU W 609 -51.09 -37.67 55.17
N SER W 610 -51.88 -36.72 55.65
CA SER W 610 -51.90 -36.43 57.07
C SER W 610 -52.68 -37.53 57.79
N ALA W 611 -52.00 -38.63 58.10
CA ALA W 611 -52.65 -39.77 58.72
C ALA W 611 -51.65 -40.52 59.58
N ALA W 612 -52.18 -41.27 60.54
CA ALA W 612 -51.38 -42.15 61.39
C ALA W 612 -51.61 -43.58 60.92
N ASN W 613 -50.54 -44.25 60.53
CA ASN W 613 -50.65 -45.58 59.91
C ASN W 613 -50.51 -46.66 60.96
N MET W 614 -51.46 -47.59 60.97
CA MET W 614 -51.43 -48.75 61.86
C MET W 614 -51.40 -50.02 61.02
N LEU W 615 -50.43 -50.89 61.31
CA LEU W 615 -50.27 -52.15 60.61
C LEU W 615 -50.79 -53.26 61.52
N TYR W 616 -52.01 -53.71 61.28
CA TYR W 616 -52.61 -54.77 62.07
C TYR W 616 -52.43 -56.09 61.35
N PRO W 617 -51.66 -57.03 61.88
CA PRO W 617 -51.46 -58.30 61.17
C PRO W 617 -52.76 -59.07 61.04
N ILE W 618 -52.91 -59.73 59.89
CA ILE W 618 -54.07 -60.57 59.62
C ILE W 618 -53.60 -62.02 59.69
N PRO W 619 -53.98 -62.78 60.72
CA PRO W 619 -53.76 -64.22 60.69
C PRO W 619 -54.48 -64.81 59.49
N PRO W 620 -53.89 -65.81 58.84
CA PRO W 620 -54.49 -66.33 57.60
C PRO W 620 -55.92 -66.78 57.83
N ASN W 621 -56.80 -66.31 56.96
CA ASN W 621 -58.21 -66.72 56.93
C ASN W 621 -58.93 -66.31 58.21
N ALA W 622 -58.94 -65.00 58.49
CA ALA W 622 -59.49 -64.52 59.76
C ALA W 622 -59.93 -63.06 59.63
N THR W 623 -60.24 -62.43 60.78
CA THR W 623 -60.71 -61.06 60.87
C THR W 623 -59.96 -60.30 61.97
N GLN W 624 -60.43 -59.11 62.34
CA GLN W 624 -59.73 -58.30 63.34
C GLN W 624 -60.71 -57.47 64.16
N LEU W 625 -60.20 -56.87 65.25
CA LEU W 625 -60.90 -55.89 66.07
C LEU W 625 -59.90 -54.98 66.80
N PRO W 626 -59.65 -53.77 66.28
CA PRO W 626 -58.63 -52.89 66.88
C PRO W 626 -59.11 -51.79 67.82
N ILE W 627 -58.14 -51.11 68.45
CA ILE W 627 -58.17 -49.71 68.90
C ILE W 627 -58.73 -49.52 70.31
N PRO W 628 -57.97 -48.85 71.21
CA PRO W 628 -58.50 -48.43 72.52
C PRO W 628 -59.16 -47.05 72.49
N SER W 629 -59.58 -46.56 73.65
CA SER W 629 -60.24 -45.26 73.75
C SER W 629 -59.26 -44.11 73.61
N ARG W 630 -59.73 -43.00 73.04
CA ARG W 630 -58.91 -41.81 72.81
C ARG W 630 -59.83 -40.60 72.70
N ASN W 631 -59.21 -39.42 72.53
CA ASN W 631 -59.95 -38.16 72.54
C ASN W 631 -60.78 -37.99 71.27
N TRP W 632 -60.21 -38.27 70.10
CA TRP W 632 -60.90 -38.32 68.82
C TRP W 632 -61.25 -36.94 68.24
N ALA W 633 -60.67 -35.87 68.77
CA ALA W 633 -60.96 -34.55 68.22
C ALA W 633 -60.23 -34.35 66.89
N ALA W 634 -60.82 -33.49 66.05
CA ALA W 634 -60.22 -33.09 64.77
C ALA W 634 -59.99 -34.27 63.84
N PHE W 635 -60.72 -35.36 64.04
CA PHE W 635 -60.59 -36.52 63.18
C PHE W 635 -61.11 -36.20 61.77
N ARG W 636 -60.49 -36.79 60.77
CA ARG W 636 -60.79 -36.43 59.39
C ARG W 636 -61.32 -37.59 58.55
N GLY W 637 -60.98 -38.83 58.87
CA GLY W 637 -61.55 -39.96 58.15
C GLY W 637 -60.73 -41.21 58.36
N TRP W 638 -61.17 -42.27 57.67
CA TRP W 638 -60.50 -43.56 57.66
C TRP W 638 -60.18 -43.97 56.23
N SER W 639 -59.05 -44.64 56.07
CA SER W 639 -58.70 -45.29 54.81
C SER W 639 -58.14 -46.66 55.13
N LEU W 640 -58.67 -47.69 54.47
CA LEU W 640 -58.37 -49.07 54.79
C LEU W 640 -57.95 -49.83 53.54
N THR W 641 -56.93 -50.68 53.69
CA THR W 641 -56.42 -51.47 52.57
C THR W 641 -55.67 -52.66 53.14
N ARG W 642 -55.55 -53.71 52.34
CA ARG W 642 -54.81 -54.91 52.71
C ARG W 642 -53.42 -54.89 52.07
N LEU W 643 -52.43 -55.34 52.83
CA LEU W 643 -51.08 -55.53 52.33
C LEU W 643 -50.60 -56.92 52.70
N LYS W 644 -49.67 -57.45 51.90
CA LYS W 644 -49.08 -58.75 52.17
C LYS W 644 -47.88 -58.57 53.08
N GLN W 645 -47.82 -59.38 54.13
CA GLN W 645 -46.74 -59.25 55.11
C GLN W 645 -45.38 -59.49 54.47
N ARG W 646 -45.30 -60.42 53.52
CA ARG W 646 -44.05 -60.68 52.82
C ARG W 646 -43.55 -59.46 52.05
N GLU W 647 -44.44 -58.53 51.70
CA GLU W 647 -44.08 -57.37 50.92
C GLU W 647 -43.96 -56.09 51.73
N THR W 648 -44.39 -56.10 52.99
CA THR W 648 -44.30 -54.92 53.84
C THR W 648 -43.04 -55.01 54.70
N PRO W 649 -42.11 -54.07 54.59
CA PRO W 649 -40.89 -54.12 55.41
C PRO W 649 -41.18 -53.63 56.82
N ALA W 650 -40.12 -53.58 57.63
CA ALA W 650 -40.17 -53.09 59.01
C ALA W 650 -39.28 -51.85 59.08
N LEU W 651 -39.89 -50.67 58.89
CA LEU W 651 -39.13 -49.43 58.85
C LEU W 651 -38.63 -48.99 60.22
N GLY W 652 -39.11 -49.61 61.30
CA GLY W 652 -38.67 -49.21 62.62
C GLY W 652 -37.18 -49.44 62.83
N SER W 653 -36.69 -50.58 62.39
CA SER W 653 -35.27 -50.91 62.52
C SER W 653 -34.48 -50.35 61.35
N PRO W 654 -33.19 -50.04 61.55
CA PRO W 654 -32.35 -49.62 60.42
C PRO W 654 -32.23 -50.67 59.33
N PHE W 655 -32.30 -51.96 59.70
CA PHE W 655 -32.21 -53.05 58.74
C PHE W 655 -33.31 -54.05 59.02
N ASP W 656 -33.79 -54.70 57.97
CA ASP W 656 -34.87 -55.69 58.06
C ASP W 656 -34.35 -57.06 57.63
N PRO W 657 -33.94 -57.91 58.56
CA PRO W 657 -33.42 -59.23 58.15
C PRO W 657 -34.43 -60.10 57.44
N TYR W 658 -35.71 -59.98 57.78
CA TYR W 658 -36.75 -60.86 57.24
C TYR W 658 -37.56 -60.19 56.13
N PHE W 659 -36.95 -59.31 55.34
CA PHE W 659 -37.66 -58.70 54.24
C PHE W 659 -37.71 -59.62 53.03
N THR W 660 -36.54 -59.91 52.46
CA THR W 660 -36.38 -60.95 51.43
C THR W 660 -37.38 -60.81 50.30
N TYR W 661 -37.61 -59.57 49.84
CA TYR W 661 -38.56 -59.34 48.77
C TYR W 661 -38.25 -58.02 48.09
N SER W 662 -37.82 -58.07 46.84
CA SER W 662 -37.69 -56.88 46.01
C SER W 662 -39.02 -56.64 45.30
N GLY W 663 -39.04 -55.73 44.33
CA GLY W 663 -40.26 -55.40 43.63
C GLY W 663 -41.07 -54.37 44.38
N THR W 664 -42.23 -54.05 43.82
CA THR W 664 -43.06 -52.97 44.35
C THR W 664 -43.57 -53.34 45.74
N ILE W 665 -43.40 -52.44 46.69
CA ILE W 665 -43.82 -52.64 48.07
C ILE W 665 -45.01 -51.72 48.34
N PRO W 666 -46.22 -52.26 48.53
CA PRO W 666 -47.42 -51.41 48.62
C PRO W 666 -47.40 -50.42 49.77
N TYR W 667 -46.75 -50.75 50.88
CA TYR W 667 -46.88 -49.92 52.08
C TYR W 667 -46.38 -48.51 51.84
N LEU W 668 -45.24 -48.36 51.16
CA LEU W 668 -44.65 -47.05 50.93
C LEU W 668 -44.42 -46.74 49.45
N ASP W 669 -44.94 -47.57 48.54
CA ASP W 669 -44.85 -47.28 47.12
C ASP W 669 -46.13 -46.68 46.58
N GLY W 670 -47.21 -46.69 47.36
CA GLY W 670 -48.49 -46.22 46.86
C GLY W 670 -49.05 -47.09 45.77
N THR W 671 -48.99 -48.41 45.94
CA THR W 671 -49.39 -49.35 44.90
C THR W 671 -50.07 -50.53 45.58
N PHE W 672 -51.39 -50.46 45.68
CA PHE W 672 -52.18 -51.45 46.40
C PHE W 672 -53.01 -52.27 45.42
N TYR W 673 -53.17 -53.56 45.71
CA TYR W 673 -53.92 -54.45 44.82
C TYR W 673 -54.89 -55.36 45.55
N LEU W 674 -54.80 -55.51 46.86
CA LEU W 674 -55.69 -56.37 47.63
C LEU W 674 -56.89 -55.64 48.19
N SER W 675 -57.08 -54.36 47.83
CA SER W 675 -58.19 -53.59 48.37
C SER W 675 -59.54 -54.15 47.96
N HIS W 676 -59.59 -54.97 46.92
CA HIS W 676 -60.85 -55.58 46.48
C HIS W 676 -61.26 -56.76 47.34
N THR W 677 -60.39 -57.23 48.23
CA THR W 677 -60.68 -58.40 49.06
C THR W 677 -61.45 -58.07 50.32
N PHE W 678 -61.71 -56.79 50.58
CA PHE W 678 -62.48 -56.42 51.76
C PHE W 678 -63.96 -56.71 51.53
N ARG W 679 -64.62 -57.26 52.54
CA ARG W 679 -66.02 -57.66 52.44
C ARG W 679 -66.95 -56.80 53.27
N LYS W 680 -66.58 -56.47 54.50
CA LYS W 680 -67.51 -55.80 55.40
C LYS W 680 -66.74 -55.23 56.58
N VAL W 681 -67.11 -54.02 56.99
CA VAL W 681 -66.48 -53.34 58.13
C VAL W 681 -67.58 -52.67 58.96
N ALA W 682 -67.44 -52.76 60.28
CA ALA W 682 -68.38 -52.13 61.20
C ALA W 682 -67.60 -51.29 62.19
N ILE W 683 -68.03 -50.03 62.36
CA ILE W 683 -67.37 -49.09 63.25
C ILE W 683 -68.30 -48.80 64.42
N GLN W 684 -67.76 -48.85 65.63
CA GLN W 684 -68.58 -48.78 66.85
C GLN W 684 -67.87 -47.93 67.88
N PHE W 685 -68.55 -46.87 68.35
CA PHE W 685 -68.03 -46.00 69.39
C PHE W 685 -68.61 -46.38 70.75
N ASP W 686 -67.81 -46.19 71.79
CA ASP W 686 -68.23 -46.38 73.18
C ASP W 686 -68.74 -47.80 73.45
N SER W 687 -68.41 -48.75 72.57
CA SER W 687 -68.81 -50.15 72.66
C SER W 687 -70.32 -50.34 72.68
N SER W 688 -71.09 -49.28 72.39
CA SER W 688 -72.55 -49.38 72.37
C SER W 688 -73.20 -48.71 71.17
N VAL W 689 -72.51 -47.80 70.48
CA VAL W 689 -73.10 -47.02 69.39
C VAL W 689 -72.39 -47.39 68.10
N THR W 690 -73.15 -47.83 67.12
CA THR W 690 -72.59 -48.03 65.79
C THR W 690 -72.37 -46.67 65.12
N TRP W 691 -71.27 -46.56 64.38
CA TRP W 691 -70.88 -45.26 63.81
C TRP W 691 -71.94 -44.63 62.91
N PRO W 692 -72.32 -45.24 61.77
CA PRO W 692 -73.21 -44.50 60.86
C PRO W 692 -74.50 -44.07 61.51
N GLY W 693 -75.11 -44.95 62.31
CA GLY W 693 -76.31 -44.64 63.06
C GLY W 693 -77.43 -44.07 62.22
N ASN W 694 -78.50 -43.63 62.89
CA ASN W 694 -79.55 -42.82 62.26
C ASN W 694 -80.14 -43.49 61.03
N ASP W 695 -79.89 -44.80 60.85
CA ASP W 695 -80.31 -45.53 59.66
C ASP W 695 -79.85 -44.82 58.39
N ARG W 696 -78.60 -44.33 58.42
CA ARG W 696 -78.08 -43.52 57.32
C ARG W 696 -78.03 -44.28 56.01
N LEU W 697 -77.19 -45.31 55.93
CA LEU W 697 -76.99 -46.04 54.69
C LEU W 697 -77.93 -47.24 54.63
N LEU W 698 -77.89 -47.95 53.49
CA LEU W 698 -78.87 -49.01 53.25
C LEU W 698 -78.76 -50.12 54.27
N THR W 699 -77.55 -50.56 54.57
CA THR W 699 -77.34 -51.45 55.71
C THR W 699 -77.35 -50.61 56.98
N PRO W 700 -78.28 -50.84 57.91
CA PRO W 700 -78.51 -49.84 58.98
C PRO W 700 -77.30 -49.55 59.85
N ASN W 701 -76.49 -50.55 60.17
CA ASN W 701 -75.46 -50.33 61.18
C ASN W 701 -74.14 -51.02 60.87
N GLU W 702 -73.81 -51.19 59.58
CA GLU W 702 -72.58 -51.89 59.25
C GLU W 702 -72.20 -51.58 57.80
N PHE W 703 -70.97 -51.12 57.60
CA PHE W 703 -70.48 -50.70 56.28
C PHE W 703 -70.18 -51.93 55.45
N GLU W 704 -71.23 -52.60 55.00
CA GLU W 704 -71.06 -53.77 54.15
C GLU W 704 -70.59 -53.34 52.77
N ILE W 705 -69.63 -54.08 52.22
CA ILE W 705 -68.94 -53.65 50.99
C ILE W 705 -69.30 -54.57 49.83
N LYS W 706 -68.97 -55.85 49.95
CA LYS W 706 -69.22 -56.82 48.89
C LYS W 706 -70.34 -57.76 49.30
N ILE W 707 -71.22 -58.08 48.36
CA ILE W 707 -72.31 -59.01 48.60
C ILE W 707 -72.05 -60.28 47.80
N SER W 708 -71.91 -61.39 48.52
CA SER W 708 -71.78 -62.69 47.85
C SER W 708 -73.09 -63.07 47.18
N VAL W 709 -74.20 -62.97 47.91
CA VAL W 709 -75.53 -63.27 47.38
C VAL W 709 -76.54 -62.36 48.05
N ASP W 710 -77.53 -61.91 47.28
CA ASP W 710 -78.57 -61.04 47.80
C ASP W 710 -79.87 -61.26 47.04
N GLY W 711 -80.96 -61.46 47.77
CA GLY W 711 -82.27 -61.53 47.17
C GLY W 711 -82.92 -60.16 47.19
N GLU W 712 -82.33 -59.24 47.95
CA GLU W 712 -82.81 -57.87 48.04
C GLU W 712 -82.18 -56.94 47.02
N GLY W 713 -81.17 -57.41 46.29
CA GLY W 713 -80.61 -56.65 45.18
C GLY W 713 -79.98 -55.32 45.53
N TYR W 714 -79.09 -55.30 46.53
CA TYR W 714 -78.39 -54.08 46.90
C TYR W 714 -77.09 -53.89 46.12
N ASN W 715 -76.78 -54.78 45.18
CA ASN W 715 -75.59 -54.60 44.37
C ASN W 715 -75.74 -53.36 43.49
N VAL W 716 -74.60 -52.73 43.19
CA VAL W 716 -74.58 -51.49 42.42
C VAL W 716 -73.76 -51.73 41.18
N ALA W 717 -73.98 -50.89 40.17
CA ALA W 717 -73.34 -51.01 38.86
C ALA W 717 -73.68 -52.40 38.35
N GLN W 718 -72.71 -53.19 37.88
CA GLN W 718 -72.94 -54.58 37.51
C GLN W 718 -71.83 -55.45 38.08
N SER W 719 -71.51 -55.26 39.36
CA SER W 719 -70.43 -55.97 40.02
C SER W 719 -70.89 -56.35 41.43
N ASN W 720 -69.93 -56.81 42.24
CA ASN W 720 -70.25 -57.25 43.59
C ASN W 720 -70.49 -56.09 44.55
N MET W 721 -69.91 -54.92 44.29
CA MET W 721 -70.02 -53.80 45.21
C MET W 721 -71.48 -53.44 45.44
N THR W 722 -71.80 -53.06 46.68
CA THR W 722 -73.16 -52.73 47.07
C THR W 722 -73.43 -51.23 46.94
N LYS W 723 -74.72 -50.89 46.94
CA LYS W 723 -75.14 -49.55 46.57
C LYS W 723 -74.72 -48.51 47.61
N ASP W 724 -74.90 -48.82 48.89
CA ASP W 724 -74.55 -47.84 49.92
C ASP W 724 -73.05 -47.61 49.97
N TRP W 725 -72.25 -48.67 49.79
CA TRP W 725 -70.80 -48.49 49.77
C TRP W 725 -70.37 -47.72 48.52
N PHE W 726 -71.03 -47.94 47.39
CA PHE W 726 -70.74 -47.14 46.20
C PHE W 726 -71.04 -45.68 46.45
N LEU W 727 -72.18 -45.39 47.10
CA LEU W 727 -72.51 -44.02 47.43
C LEU W 727 -71.46 -43.41 48.35
N VAL W 728 -71.02 -44.17 49.36
CA VAL W 728 -70.03 -43.67 50.30
C VAL W 728 -68.72 -43.36 49.58
N GLN W 729 -68.27 -44.28 48.72
CA GLN W 729 -67.02 -44.07 48.00
C GLN W 729 -67.12 -42.87 47.07
N MET W 730 -68.24 -42.75 46.34
CA MET W 730 -68.40 -41.63 45.42
C MET W 730 -68.44 -40.31 46.16
N LEU W 731 -69.13 -40.26 47.30
CA LEU W 731 -69.17 -39.03 48.09
C LEU W 731 -67.80 -38.69 48.66
N ALA W 732 -67.08 -39.71 49.15
CA ALA W 732 -65.80 -39.44 49.78
C ALA W 732 -64.75 -38.99 48.79
N ASN W 733 -64.73 -39.58 47.60
CA ASN W 733 -63.70 -39.24 46.63
C ASN W 733 -64.08 -38.06 45.75
N TYR W 734 -65.34 -37.98 45.34
CA TYR W 734 -65.76 -37.10 44.27
C TYR W 734 -66.88 -36.14 44.64
N ASN W 735 -67.64 -36.40 45.71
CA ASN W 735 -68.77 -35.56 46.11
C ASN W 735 -69.81 -35.49 44.99
N ILE W 736 -70.34 -36.66 44.62
CA ILE W 736 -71.29 -36.74 43.51
C ILE W 736 -72.58 -37.48 43.87
N GLY W 737 -72.59 -38.36 44.87
CA GLY W 737 -73.67 -39.34 44.97
C GLY W 737 -75.05 -38.73 45.14
N TYR W 738 -75.16 -37.61 45.85
CA TYR W 738 -76.47 -37.11 46.25
C TYR W 738 -77.27 -36.51 45.10
N GLN W 739 -76.61 -36.03 44.04
CA GLN W 739 -77.30 -35.50 42.86
C GLN W 739 -76.78 -36.22 41.63
N GLY W 740 -77.35 -37.38 41.34
CA GLY W 740 -76.98 -38.13 40.15
C GLY W 740 -75.62 -38.79 40.27
N TYR W 741 -75.45 -39.94 39.63
CA TYR W 741 -74.14 -40.59 39.59
C TYR W 741 -73.39 -40.25 38.31
N HIS W 742 -73.26 -38.96 38.02
CA HIS W 742 -72.59 -38.55 36.79
C HIS W 742 -71.09 -38.83 36.87
N LEU W 743 -70.48 -39.00 35.71
CA LEU W 743 -69.04 -39.24 35.64
C LEU W 743 -68.30 -38.00 36.10
N PRO W 744 -67.25 -38.15 36.92
CA PRO W 744 -66.54 -36.98 37.45
C PRO W 744 -65.76 -36.27 36.36
N PRO W 745 -65.41 -35.00 36.58
CA PRO W 745 -64.53 -34.31 35.63
C PRO W 745 -63.15 -34.95 35.60
N ASP W 746 -62.45 -34.73 34.49
CA ASP W 746 -61.16 -35.38 34.27
C ASP W 746 -60.14 -34.98 35.33
N TYR W 747 -60.12 -33.71 35.71
CA TYR W 747 -59.12 -33.23 36.66
C TYR W 747 -59.28 -33.82 38.06
N LYS W 748 -60.41 -34.47 38.35
CA LYS W 748 -60.59 -35.17 39.62
C LYS W 748 -60.28 -36.66 39.53
N ASP W 749 -60.40 -37.26 38.36
CA ASP W 749 -59.97 -38.65 38.16
C ASP W 749 -58.45 -38.69 38.12
N ARG W 750 -57.84 -39.19 39.20
CA ARG W 750 -56.39 -39.20 39.29
C ARG W 750 -55.87 -40.60 39.60
N THR W 751 -54.57 -40.72 39.85
CA THR W 751 -53.93 -42.03 39.94
C THR W 751 -54.48 -42.86 41.09
N PHE W 752 -54.53 -42.29 42.28
CA PHE W 752 -55.01 -43.01 43.46
C PHE W 752 -56.52 -42.95 43.61
N SER W 753 -57.21 -42.34 42.64
CA SER W 753 -58.63 -42.10 42.75
C SER W 753 -59.42 -43.41 42.55
N PHE W 754 -60.71 -43.34 42.85
CA PHE W 754 -61.54 -44.54 42.89
C PHE W 754 -62.01 -44.95 41.49
N LEU W 755 -62.79 -44.10 40.83
CA LEU W 755 -63.36 -44.46 39.54
C LEU W 755 -62.30 -44.61 38.45
N HIS W 756 -61.10 -44.07 38.68
CA HIS W 756 -60.02 -44.27 37.71
C HIS W 756 -59.55 -45.72 37.67
N ASN W 757 -59.67 -46.44 38.79
CA ASN W 757 -59.19 -47.81 38.90
C ASN W 757 -60.29 -48.83 39.05
N PHE W 758 -61.51 -48.42 39.42
CA PHE W 758 -62.60 -49.37 39.61
C PHE W 758 -63.04 -49.94 38.27
N ILE W 759 -62.93 -51.26 38.11
CA ILE W 759 -63.33 -51.95 36.89
C ILE W 759 -64.18 -53.16 37.25
N PRO W 760 -65.41 -53.25 36.78
CA PRO W 760 -66.23 -54.44 37.07
C PRO W 760 -65.99 -55.53 36.05
N MET W 761 -66.24 -56.77 36.49
CA MET W 761 -66.08 -57.94 35.65
C MET W 761 -67.28 -58.85 35.83
N CYS W 762 -67.67 -59.53 34.76
CA CYS W 762 -68.77 -60.48 34.80
C CYS W 762 -68.46 -61.64 33.86
N ARG W 763 -68.85 -62.84 34.25
CA ARG W 763 -68.64 -64.02 33.44
C ARG W 763 -69.70 -65.06 33.78
N GLN W 764 -69.90 -65.99 32.85
CA GLN W 764 -70.81 -67.10 33.05
C GLN W 764 -70.03 -68.41 32.99
N VAL W 765 -70.39 -69.33 33.88
CA VAL W 765 -69.74 -70.64 33.95
C VAL W 765 -70.83 -71.70 33.88
N PRO W 766 -70.53 -72.89 33.35
CA PRO W 766 -71.54 -73.96 33.34
C PRO W 766 -71.97 -74.32 34.75
N ASN W 767 -73.25 -74.59 34.91
CA ASN W 767 -73.79 -74.91 36.22
C ASN W 767 -73.31 -76.29 36.65
N PRO W 768 -72.68 -76.42 37.83
CA PRO W 768 -72.19 -77.74 38.24
C PRO W 768 -73.28 -78.75 38.50
N ALA W 769 -74.53 -78.31 38.69
CA ALA W 769 -75.64 -79.22 38.94
C ALA W 769 -76.37 -79.63 37.66
N THR W 770 -75.90 -79.18 36.50
CA THR W 770 -76.53 -79.55 35.24
C THR W 770 -76.38 -81.04 34.98
N GLU W 771 -77.46 -81.67 34.54
CA GLU W 771 -77.42 -83.09 34.22
C GLU W 771 -76.52 -83.32 33.01
N GLY W 772 -75.61 -84.30 33.12
CA GLY W 772 -74.65 -84.57 32.08
C GLY W 772 -73.43 -83.68 32.09
N TYR W 773 -73.23 -82.90 33.15
CA TYR W 773 -72.06 -82.03 33.27
C TYR W 773 -71.01 -82.72 34.12
N PHE W 774 -69.77 -82.71 33.65
CA PHE W 774 -68.65 -83.32 34.35
C PHE W 774 -67.60 -82.26 34.65
N GLY W 775 -67.20 -82.18 35.92
CA GLY W 775 -66.17 -81.23 36.32
C GLY W 775 -64.78 -81.76 36.01
N LEU W 776 -64.39 -81.70 34.74
CA LEU W 776 -63.12 -82.24 34.30
C LEU W 776 -61.96 -81.58 35.03
N GLY W 777 -60.99 -82.38 35.44
CA GLY W 777 -59.79 -81.87 36.04
C GLY W 777 -58.89 -81.17 35.04
N ILE W 778 -57.86 -80.51 35.58
CA ILE W 778 -56.95 -79.76 34.73
C ILE W 778 -56.17 -80.70 33.80
N VAL W 779 -55.81 -81.88 34.31
CA VAL W 779 -55.04 -82.83 33.51
C VAL W 779 -55.85 -83.38 32.35
N ASN W 780 -57.17 -83.50 32.49
CA ASN W 780 -58.02 -84.10 31.48
C ASN W 780 -58.57 -83.09 30.48
N HIS W 781 -58.23 -81.82 30.61
CA HIS W 781 -58.68 -80.79 29.68
C HIS W 781 -57.96 -80.98 28.35
N ARG W 782 -58.69 -81.40 27.33
CA ARG W 782 -58.15 -81.56 25.98
C ARG W 782 -58.73 -80.49 25.07
N THR W 783 -57.89 -79.60 24.58
CA THR W 783 -58.26 -78.69 23.51
C THR W 783 -57.04 -78.45 22.64
N THR W 784 -57.28 -78.38 21.33
CA THR W 784 -56.23 -78.22 20.33
C THR W 784 -55.03 -79.14 20.61
N PRO W 785 -55.20 -80.45 20.46
CA PRO W 785 -54.06 -81.36 20.61
C PRO W 785 -53.27 -81.49 19.31
N ALA W 786 -52.05 -81.99 19.45
CA ALA W 786 -51.08 -82.14 18.36
C ALA W 786 -50.63 -80.81 17.79
N TYR W 787 -51.00 -79.70 18.43
CA TYR W 787 -50.49 -78.39 18.05
C TYR W 787 -49.88 -77.63 19.21
N TRP W 788 -50.16 -78.02 20.45
CA TRP W 788 -49.36 -77.62 21.60
C TRP W 788 -49.49 -78.71 22.65
N PHE W 789 -48.40 -78.93 23.39
CA PHE W 789 -48.32 -80.01 24.36
C PHE W 789 -48.70 -79.48 25.75
N ARG W 790 -49.23 -80.39 26.57
CA ARG W 790 -49.51 -80.09 27.97
C ARG W 790 -48.25 -79.61 28.67
N PHE W 791 -48.41 -78.89 29.77
CA PHE W 791 -47.30 -78.23 30.46
C PHE W 791 -46.60 -77.26 29.51
N CYS W 792 -47.35 -76.21 29.17
CA CYS W 792 -47.10 -75.35 28.02
C CYS W 792 -45.69 -74.77 27.97
N ARG W 793 -45.33 -74.24 26.79
CA ARG W 793 -44.01 -73.87 26.32
C ARG W 793 -43.21 -75.10 25.91
N ALA W 794 -43.71 -76.31 26.12
CA ALA W 794 -43.07 -77.51 25.64
C ALA W 794 -43.31 -77.66 24.14
N PRO W 795 -42.44 -78.39 23.43
CA PRO W 795 -42.65 -78.61 22.00
C PRO W 795 -43.98 -79.31 21.74
N ARG W 796 -44.61 -78.94 20.63
CA ARG W 796 -45.94 -79.48 20.33
C ARG W 796 -45.87 -80.98 20.12
N GLU W 797 -46.98 -81.64 20.42
CA GLU W 797 -47.15 -83.06 20.13
C GLU W 797 -48.59 -83.42 20.48
N GLY W 798 -49.01 -84.58 20.04
CA GLY W 798 -50.32 -85.08 20.39
C GLY W 798 -51.00 -85.71 19.19
N HIS W 799 -52.32 -85.70 19.24
CA HIS W 799 -53.15 -86.44 18.31
C HIS W 799 -54.42 -85.63 18.02
N PRO W 800 -54.62 -85.15 16.79
CA PRO W 800 -55.83 -84.40 16.49
C PRO W 800 -57.06 -85.22 16.81
N TYR W 801 -58.05 -84.59 17.43
CA TYR W 801 -59.21 -85.30 17.95
C TYR W 801 -60.18 -84.25 18.49
N PRO W 802 -61.48 -84.55 18.53
CA PRO W 802 -62.44 -83.58 19.06
C PRO W 802 -62.09 -83.18 20.50
N GLN W 803 -62.31 -81.91 20.80
CA GLN W 803 -61.76 -81.29 21.99
C GLN W 803 -62.85 -81.04 23.03
N LEU W 804 -62.41 -80.93 24.28
CA LEU W 804 -63.32 -80.65 25.39
C LEU W 804 -62.52 -79.93 26.48
N ALA W 805 -62.66 -78.60 26.51
CA ALA W 805 -62.03 -77.80 27.55
C ALA W 805 -63.06 -77.04 28.37
N LEU W 806 -63.94 -76.28 27.73
CA LEU W 806 -65.03 -75.59 28.39
C LEU W 806 -66.31 -75.93 27.64
N PRO W 807 -67.36 -76.34 28.34
CA PRO W 807 -68.64 -76.63 27.68
C PRO W 807 -69.14 -75.38 26.96
N PRO W 808 -69.72 -75.54 25.77
CA PRO W 808 -70.21 -74.38 25.02
C PRO W 808 -71.51 -73.89 25.62
N HIS W 809 -71.47 -72.72 26.26
CA HIS W 809 -72.64 -72.13 26.89
C HIS W 809 -73.26 -71.04 26.04
N TRP W 810 -73.11 -71.12 24.72
CA TRP W 810 -73.79 -70.22 23.79
C TRP W 810 -74.76 -70.91 22.85
N ASP W 811 -74.31 -71.88 22.06
CA ASP W 811 -75.16 -72.47 21.03
C ASP W 811 -76.21 -73.39 21.65
N PRO W 812 -77.25 -73.76 20.87
CA PRO W 812 -78.33 -74.62 21.39
C PRO W 812 -77.89 -75.76 22.30
N ARG W 813 -76.71 -76.31 22.04
CA ARG W 813 -76.08 -77.24 22.98
C ARG W 813 -75.31 -76.38 23.98
N HIS W 814 -76.04 -75.92 25.00
CA HIS W 814 -75.60 -74.80 25.84
C HIS W 814 -75.29 -75.17 27.28
N ALA W 815 -76.00 -76.13 27.87
CA ALA W 815 -75.98 -76.38 29.31
C ALA W 815 -76.44 -75.12 30.06
N LEU W 816 -76.44 -75.18 31.38
CA LEU W 816 -76.98 -74.08 32.17
C LEU W 816 -75.92 -73.01 32.38
N ARG W 817 -76.20 -72.05 33.27
CA ARG W 817 -75.30 -70.92 33.47
C ARG W 817 -75.32 -70.53 34.95
N ASP W 818 -74.32 -69.77 35.35
CA ASP W 818 -74.21 -69.29 36.73
C ASP W 818 -73.40 -68.00 36.72
N PRO W 819 -74.06 -66.86 36.53
CA PRO W 819 -73.34 -65.58 36.50
C PRO W 819 -72.54 -65.35 37.77
N GLU W 820 -71.30 -64.89 37.58
CA GLU W 820 -70.42 -64.53 38.69
C GLU W 820 -69.91 -63.12 38.45
N ARG W 821 -70.12 -62.24 39.42
CA ARG W 821 -69.70 -60.85 39.31
C ARG W 821 -68.59 -60.56 40.31
N LYS W 822 -67.64 -59.74 39.90
CA LYS W 822 -66.49 -59.42 40.72
C LYS W 822 -65.84 -58.15 40.18
N PHE W 823 -65.56 -57.21 41.06
CA PHE W 823 -64.86 -55.99 40.70
C PHE W 823 -63.42 -56.05 41.16
N LEU W 824 -62.55 -55.34 40.44
CA LEU W 824 -61.11 -55.35 40.70
C LEU W 824 -60.63 -53.91 40.81
N CYS W 825 -60.70 -53.37 42.03
CA CYS W 825 -60.24 -52.01 42.31
C CYS W 825 -58.91 -52.08 43.04
N ASP W 826 -57.89 -51.44 42.46
CA ASP W 826 -56.54 -51.51 43.00
C ASP W 826 -55.90 -50.13 42.97
N ARG W 827 -54.85 -49.98 43.78
CA ARG W 827 -54.19 -48.70 44.03
C ARG W 827 -55.18 -47.66 44.56
N THR W 828 -56.15 -48.10 45.35
CA THR W 828 -57.13 -47.21 45.96
C THR W 828 -57.30 -47.58 47.42
N LEU W 829 -57.44 -46.57 48.26
CA LEU W 829 -57.73 -46.75 49.67
C LEU W 829 -59.22 -46.53 49.90
N TRP W 830 -59.91 -47.54 50.43
CA TRP W 830 -61.32 -47.39 50.73
C TRP W 830 -61.51 -46.29 51.77
N ARG W 831 -62.27 -45.27 51.41
CA ARG W 831 -62.41 -44.08 52.23
C ARG W 831 -63.73 -44.14 53.01
N ILE W 832 -63.66 -43.87 54.30
CA ILE W 832 -64.84 -43.71 55.14
C ILE W 832 -64.73 -42.35 55.82
N PRO W 833 -65.16 -41.28 55.16
CA PRO W 833 -64.93 -39.94 55.70
C PRO W 833 -65.65 -39.73 57.02
N PHE W 834 -65.01 -38.97 57.90
CA PHE W 834 -65.58 -38.68 59.22
C PHE W 834 -66.51 -37.47 59.14
N SER W 835 -67.54 -37.60 58.31
CA SER W 835 -68.53 -36.56 58.11
C SER W 835 -69.92 -37.16 58.22
N SER W 836 -70.89 -36.31 58.56
CA SER W 836 -72.25 -36.79 58.75
C SER W 836 -72.90 -37.15 57.42
N ASN W 837 -72.59 -36.39 56.36
CA ASN W 837 -73.13 -36.67 55.03
C ASN W 837 -72.11 -37.32 54.11
N PHE W 838 -70.98 -37.77 54.65
CA PHE W 838 -69.94 -38.49 53.91
C PHE W 838 -69.29 -37.65 52.83
N MET W 839 -69.55 -36.35 52.79
CA MET W 839 -68.85 -35.45 51.89
C MET W 839 -67.58 -34.90 52.54
N SER W 840 -66.92 -34.01 51.81
CA SER W 840 -65.79 -33.24 52.30
C SER W 840 -66.10 -31.77 52.01
N MET W 841 -66.84 -31.13 52.92
CA MET W 841 -67.15 -29.72 52.80
C MET W 841 -66.00 -28.83 53.23
N GLY W 842 -64.97 -29.40 53.84
CA GLY W 842 -63.80 -28.63 54.24
C GLY W 842 -62.72 -29.59 54.71
N SER W 843 -61.52 -29.04 54.86
CA SER W 843 -60.39 -29.86 55.33
C SER W 843 -60.67 -30.41 56.72
N LEU W 844 -61.20 -29.57 57.61
CA LEU W 844 -61.65 -30.02 58.92
C LEU W 844 -63.12 -30.42 58.80
N THR W 845 -63.42 -31.69 59.05
CA THR W 845 -64.74 -32.22 58.76
C THR W 845 -65.80 -31.62 59.69
N ASP W 846 -67.06 -31.97 59.40
CA ASP W 846 -68.18 -31.48 60.19
C ASP W 846 -68.08 -31.93 61.64
N LEU W 847 -67.76 -33.20 61.85
CA LEU W 847 -67.73 -33.77 63.19
C LEU W 847 -66.37 -33.68 63.85
N GLY W 848 -65.36 -33.15 63.15
CA GLY W 848 -64.14 -32.77 63.83
C GLY W 848 -64.37 -31.64 64.80
N GLN W 849 -65.27 -30.71 64.47
CA GLN W 849 -65.67 -29.64 65.36
C GLN W 849 -66.76 -30.06 66.33
N ASN W 850 -67.34 -31.25 66.17
CA ASN W 850 -68.42 -31.68 67.04
C ASN W 850 -67.96 -31.71 68.49
N LEU W 851 -68.76 -31.12 69.36
CA LEU W 851 -68.39 -31.03 70.76
C LEU W 851 -68.39 -32.38 71.46
N LEU W 852 -69.28 -33.30 71.06
CA LEU W 852 -69.32 -34.61 71.68
C LEU W 852 -68.00 -35.35 71.51
N TYR W 853 -67.36 -35.19 70.35
CA TYR W 853 -66.08 -35.84 70.10
C TYR W 853 -64.90 -35.00 70.55
N ALA W 854 -65.01 -33.66 70.49
CA ALA W 854 -63.88 -32.80 70.83
C ALA W 854 -63.68 -32.69 72.33
N ASN W 855 -64.77 -32.62 73.10
CA ASN W 855 -64.69 -32.32 74.53
C ASN W 855 -64.73 -33.56 75.41
N ALA W 856 -64.72 -34.76 74.83
CA ALA W 856 -64.82 -35.99 75.60
C ALA W 856 -63.88 -37.02 75.00
N ALA W 857 -64.01 -38.26 75.44
CA ALA W 857 -63.20 -39.36 74.95
C ALA W 857 -64.10 -40.54 74.62
N HIS W 858 -63.71 -41.30 73.59
CA HIS W 858 -64.50 -42.43 73.13
C HIS W 858 -63.56 -43.53 72.66
N ALA W 859 -64.10 -44.74 72.57
CA ALA W 859 -63.36 -45.92 72.13
C ALA W 859 -63.89 -46.41 70.79
N LEU W 860 -63.03 -47.01 70.00
CA LEU W 860 -63.39 -47.52 68.68
C LEU W 860 -63.24 -49.04 68.66
N ASP W 861 -64.20 -49.71 68.03
CA ASP W 861 -64.29 -51.16 68.07
C ASP W 861 -64.55 -51.73 66.67
N MET W 862 -63.72 -51.32 65.71
CA MET W 862 -63.88 -51.78 64.34
C MET W 862 -63.85 -53.31 64.25
N THR W 863 -64.58 -53.84 63.27
CA THR W 863 -64.81 -55.28 63.15
C THR W 863 -64.62 -55.71 61.68
N PHE W 864 -63.48 -55.36 61.11
CA PHE W 864 -63.19 -55.68 59.71
C PHE W 864 -63.43 -57.14 59.40
N GLU W 865 -64.16 -57.39 58.32
CA GLU W 865 -64.37 -58.73 57.79
C GLU W 865 -63.98 -58.73 56.31
N MET W 866 -63.18 -59.72 55.92
CA MET W 866 -62.49 -59.67 54.63
C MET W 866 -62.44 -61.05 54.01
N ASP W 867 -62.16 -61.08 52.71
CA ASP W 867 -62.04 -62.34 52.00
C ASP W 867 -60.83 -63.12 52.49
N PRO W 868 -60.94 -64.43 52.61
CA PRO W 868 -59.80 -65.23 53.10
C PRO W 868 -58.64 -65.23 52.12
N ILE W 869 -57.42 -65.24 52.65
CA ILE W 869 -56.20 -65.31 51.85
C ILE W 869 -55.23 -66.26 52.54
N ASN W 870 -54.59 -67.12 51.75
CA ASN W 870 -53.69 -68.12 52.33
C ASN W 870 -52.42 -67.48 52.91
N GLU W 871 -51.78 -66.60 52.14
CA GLU W 871 -50.55 -65.98 52.59
C GLU W 871 -50.83 -65.04 53.76
N PRO W 872 -49.88 -64.92 54.70
CA PRO W 872 -50.08 -64.00 55.84
C PRO W 872 -50.07 -62.56 55.38
N THR W 873 -51.15 -61.84 55.66
CA THR W 873 -51.32 -60.46 55.28
C THR W 873 -51.44 -59.59 56.52
N LEU W 874 -51.41 -58.28 56.32
CA LEU W 874 -51.61 -57.32 57.40
C LEU W 874 -52.50 -56.19 56.91
N LEU W 875 -53.41 -55.75 57.77
CA LEU W 875 -54.35 -54.70 57.42
C LEU W 875 -53.68 -53.33 57.56
N TYR W 876 -54.09 -52.40 56.72
CA TYR W 876 -53.42 -51.10 56.63
C TYR W 876 -54.38 -49.95 56.85
N VAL W 877 -55.16 -50.00 57.94
CA VAL W 877 -55.97 -48.86 58.30
C VAL W 877 -55.06 -47.73 58.74
N LEU W 878 -55.22 -46.55 58.14
CA LEU W 878 -54.50 -45.36 58.54
C LEU W 878 -55.52 -44.28 58.87
N PHE W 879 -55.48 -43.81 60.11
CA PHE W 879 -56.47 -42.85 60.61
C PHE W 879 -56.10 -41.46 60.13
N GLU W 880 -56.95 -40.88 59.28
CA GLU W 880 -56.68 -39.55 58.75
C GLU W 880 -56.71 -38.52 59.86
N VAL W 881 -55.66 -37.70 59.93
CA VAL W 881 -55.47 -36.76 61.03
C VAL W 881 -55.07 -35.41 60.47
N PHE W 882 -54.74 -34.47 61.36
CA PHE W 882 -54.21 -33.17 60.98
C PHE W 882 -52.74 -33.14 61.38
N ASP W 883 -51.87 -33.49 60.46
CA ASP W 883 -50.42 -33.49 60.68
C ASP W 883 -49.87 -32.21 60.07
N VAL W 884 -49.56 -31.24 60.92
CA VAL W 884 -49.16 -29.91 60.49
C VAL W 884 -48.00 -29.43 61.37
N ALA W 885 -47.05 -28.75 60.75
CA ALA W 885 -45.89 -28.20 61.44
C ALA W 885 -45.75 -26.72 61.15
N ARG W 886 -45.30 -25.97 62.16
CA ARG W 886 -45.09 -24.53 62.05
C ARG W 886 -43.62 -24.23 62.34
N VAL W 887 -42.98 -23.51 61.43
CA VAL W 887 -41.55 -23.23 61.53
C VAL W 887 -41.37 -21.77 61.92
N HIS W 888 -40.64 -21.54 63.00
CA HIS W 888 -40.34 -20.21 63.50
C HIS W 888 -38.84 -20.02 63.54
N GLN W 889 -38.36 -18.93 62.93
CA GLN W 889 -36.93 -18.64 62.83
C GLN W 889 -36.71 -17.21 63.33
N PRO W 890 -36.67 -17.02 64.66
CA PRO W 890 -36.61 -15.66 65.21
C PRO W 890 -35.30 -14.94 64.92
N HIS W 891 -34.18 -15.59 65.18
CA HIS W 891 -32.86 -14.98 65.04
C HIS W 891 -32.07 -15.67 63.95
N ARG W 892 -30.92 -15.10 63.63
CA ARG W 892 -30.07 -15.64 62.58
C ARG W 892 -29.46 -16.96 63.03
N GLY W 893 -29.58 -17.98 62.18
CA GLY W 893 -29.05 -19.29 62.49
C GLY W 893 -29.84 -20.08 63.49
N VAL W 894 -31.04 -19.62 63.87
CA VAL W 894 -31.88 -20.29 64.84
C VAL W 894 -33.17 -20.71 64.14
N ILE W 895 -33.47 -22.01 64.18
CA ILE W 895 -34.67 -22.55 63.57
C ILE W 895 -35.33 -23.49 64.58
N GLU W 896 -36.62 -23.28 64.83
CA GLU W 896 -37.38 -24.16 65.70
C GLU W 896 -38.71 -24.46 65.05
N VAL W 897 -39.12 -25.73 65.11
CA VAL W 897 -40.34 -26.21 64.48
C VAL W 897 -41.19 -26.88 65.54
N VAL W 898 -42.48 -26.55 65.57
CA VAL W 898 -43.43 -27.15 66.49
C VAL W 898 -44.38 -28.02 65.70
N TYR W 899 -44.41 -29.31 66.01
CA TYR W 899 -45.27 -30.27 65.34
C TYR W 899 -46.51 -30.53 66.17
N LEU W 900 -47.64 -30.72 65.49
CA LEU W 900 -48.89 -31.02 66.17
C LEU W 900 -49.70 -31.98 65.30
N ARG W 901 -50.13 -33.08 65.90
CA ARG W 901 -51.03 -34.04 65.27
C ARG W 901 -52.22 -34.21 66.21
N THR W 902 -53.31 -33.50 65.94
CA THR W 902 -54.36 -33.35 66.93
C THR W 902 -55.05 -34.66 67.33
N PRO W 903 -55.50 -35.54 66.41
CA PRO W 903 -56.18 -36.75 66.87
C PRO W 903 -55.25 -37.73 67.57
N PHE W 904 -54.14 -38.07 66.91
CA PHE W 904 -53.13 -38.98 67.47
C PHE W 904 -51.86 -38.17 67.72
N SER W 905 -51.71 -37.70 68.95
CA SER W 905 -50.56 -36.89 69.36
C SER W 905 -49.59 -37.74 70.15
N ALA W 906 -48.41 -37.98 69.59
CA ALA W 906 -47.34 -38.72 70.25
C ALA W 906 -47.82 -40.08 70.75
N GLY W 907 -48.57 -40.78 69.90
CA GLY W 907 -49.10 -42.09 70.25
C GLY W 907 -50.23 -42.02 71.25
N PRO X 4 -50.16 -23.44 73.32
CA PRO X 4 -51.41 -23.53 74.06
C PRO X 4 -51.55 -22.44 75.13
N SER X 5 -50.42 -21.88 75.57
CA SER X 5 -50.46 -20.87 76.62
C SER X 5 -51.01 -19.56 76.13
N MET X 6 -50.56 -19.09 74.95
CA MET X 6 -51.00 -17.82 74.41
C MET X 6 -52.07 -17.95 73.35
N LEU X 7 -52.03 -19.00 72.54
CA LEU X 7 -53.01 -19.23 71.49
C LEU X 7 -53.49 -20.67 71.53
N PRO X 8 -54.74 -20.92 71.14
CA PRO X 8 -55.19 -22.30 70.99
C PRO X 8 -54.41 -23.00 69.89
N GLN X 9 -54.33 -24.33 70.01
CA GLN X 9 -53.52 -25.10 69.07
C GLN X 9 -54.05 -25.01 67.65
N TRP X 10 -55.38 -25.01 67.49
CA TRP X 10 -55.96 -24.86 66.16
C TRP X 10 -55.73 -23.48 65.55
N SER X 11 -55.26 -22.52 66.34
CA SER X 11 -54.87 -21.21 65.81
C SER X 11 -53.37 -21.09 65.61
N TYR X 12 -52.58 -21.66 66.51
CA TYR X 12 -51.13 -21.67 66.32
C TYR X 12 -50.77 -22.47 65.07
N MET X 13 -51.26 -23.70 64.97
CA MET X 13 -51.29 -24.42 63.71
C MET X 13 -52.54 -24.01 62.97
N HIS X 14 -52.38 -23.41 61.78
CA HIS X 14 -53.48 -22.74 61.11
C HIS X 14 -54.45 -23.78 60.58
N ILE X 15 -55.26 -24.31 61.50
CA ILE X 15 -56.23 -25.35 61.20
C ILE X 15 -57.66 -24.81 61.25
N ALA X 16 -57.94 -23.88 62.18
CA ALA X 16 -59.27 -23.30 62.32
C ALA X 16 -59.20 -21.81 62.58
N GLY X 17 -58.19 -21.13 62.04
CA GLY X 17 -58.00 -19.72 62.30
C GLY X 17 -58.40 -18.81 61.14
N GLN X 18 -57.49 -17.91 60.76
CA GLN X 18 -57.75 -16.94 59.71
C GLN X 18 -56.95 -17.29 58.45
N ASP X 19 -57.30 -16.60 57.36
CA ASP X 19 -56.59 -16.80 56.11
C ASP X 19 -55.17 -16.27 56.20
N ALA X 20 -54.33 -16.74 55.27
CA ALA X 20 -52.98 -16.21 55.16
C ALA X 20 -52.98 -14.74 54.74
N SER X 21 -54.08 -14.26 54.17
CA SER X 21 -54.25 -12.86 53.87
C SER X 21 -54.67 -12.04 55.10
N GLU X 22 -54.96 -12.71 56.21
CA GLU X 22 -55.39 -12.03 57.42
C GLU X 22 -54.46 -12.22 58.61
N TYR X 23 -53.68 -13.30 58.67
CA TYR X 23 -52.75 -13.48 59.78
C TYR X 23 -51.30 -13.17 59.41
N LEU X 24 -50.98 -13.04 58.13
CA LEU X 24 -49.67 -12.56 57.74
C LEU X 24 -49.59 -11.05 57.93
N SER X 25 -48.36 -10.55 57.96
CA SER X 25 -48.15 -9.11 58.00
C SER X 25 -48.68 -8.50 56.70
N PRO X 26 -49.30 -7.31 56.76
CA PRO X 26 -49.77 -6.68 55.52
C PRO X 26 -48.64 -6.43 54.52
N GLY X 27 -47.46 -6.06 55.02
CA GLY X 27 -46.32 -5.91 54.13
C GLY X 27 -45.94 -7.21 53.46
N LEU X 28 -45.97 -8.31 54.21
CA LEU X 28 -45.64 -9.61 53.62
C LEU X 28 -46.68 -10.02 52.59
N VAL X 29 -47.96 -9.75 52.87
CA VAL X 29 -49.01 -10.05 51.90
C VAL X 29 -48.78 -9.26 50.61
N GLN X 30 -48.48 -7.97 50.74
CA GLN X 30 -48.22 -7.15 49.57
C GLN X 30 -46.98 -7.62 48.81
N PHE X 31 -45.91 -7.98 49.54
CA PHE X 31 -44.71 -8.49 48.89
C PHE X 31 -44.99 -9.77 48.14
N ALA X 32 -45.73 -10.70 48.75
CA ALA X 32 -46.03 -11.97 48.10
C ALA X 32 -46.89 -11.75 46.85
N GLN X 33 -47.88 -10.87 46.92
CA GLN X 33 -48.70 -10.62 45.74
C GLN X 33 -47.95 -9.82 44.68
N ALA X 34 -46.89 -9.10 45.06
CA ALA X 34 -46.12 -8.35 44.08
C ALA X 34 -45.10 -9.24 43.37
N THR X 35 -44.48 -10.17 44.10
CA THR X 35 -43.47 -11.05 43.52
C THR X 35 -44.02 -12.43 43.19
N GLU X 36 -45.35 -12.59 43.17
CA GLU X 36 -45.93 -13.89 42.87
C GLU X 36 -45.55 -14.38 41.48
N SER X 37 -45.23 -13.46 40.56
CA SER X 37 -45.00 -13.86 39.18
C SER X 37 -43.70 -14.65 39.02
N TYR X 38 -42.73 -14.46 39.93
CA TYR X 38 -41.47 -15.17 39.77
C TYR X 38 -40.87 -15.71 41.06
N PHE X 39 -41.51 -15.57 42.21
CA PHE X 39 -40.87 -16.22 43.35
C PHE X 39 -41.84 -17.06 44.18
N ASN X 40 -43.13 -16.71 44.18
CA ASN X 40 -44.20 -17.56 44.69
C ASN X 40 -44.00 -17.96 46.16
N ILE X 41 -44.05 -16.95 47.03
CA ILE X 41 -44.07 -17.18 48.47
C ILE X 41 -45.35 -17.89 48.92
N GLY X 42 -46.41 -17.86 48.10
CA GLY X 42 -47.74 -18.20 48.57
C GLY X 42 -47.86 -19.59 49.18
N ASN X 43 -47.21 -20.59 48.60
CA ASN X 43 -47.37 -21.96 49.06
C ASN X 43 -46.62 -22.26 50.35
N LYS X 44 -46.03 -21.26 50.99
CA LYS X 44 -45.32 -21.46 52.25
C LYS X 44 -46.17 -21.19 53.47
N PHE X 45 -47.45 -20.86 53.29
CA PHE X 45 -48.34 -20.56 54.40
C PHE X 45 -49.63 -21.34 54.24
N ARG X 46 -50.24 -21.69 55.38
CA ARG X 46 -51.40 -22.56 55.42
C ARG X 46 -52.61 -21.79 55.93
N ASN X 47 -53.77 -22.12 55.38
CA ASN X 47 -55.03 -21.51 55.79
C ASN X 47 -56.04 -22.59 56.19
N PRO X 48 -56.96 -22.27 57.10
CA PRO X 48 -57.74 -23.33 57.78
C PRO X 48 -58.63 -24.17 56.87
N THR X 49 -59.55 -23.53 56.14
CA THR X 49 -60.55 -24.21 55.32
C THR X 49 -61.35 -25.23 56.16
N VAL X 50 -62.08 -24.70 57.13
CA VAL X 50 -62.92 -25.53 57.99
C VAL X 50 -64.29 -25.72 57.33
N ALA X 51 -65.07 -26.67 57.84
CA ALA X 51 -66.38 -26.94 57.27
C ALA X 51 -67.48 -26.41 58.17
N PRO X 52 -68.63 -26.03 57.60
CA PRO X 52 -69.73 -25.54 58.43
C PRO X 52 -70.24 -26.64 59.36
N THR X 53 -70.67 -26.22 60.56
CA THR X 53 -71.11 -27.15 61.58
C THR X 53 -72.48 -26.82 62.16
N HIS X 54 -73.18 -25.83 61.60
CA HIS X 54 -74.51 -25.46 62.08
C HIS X 54 -75.50 -25.53 60.93
N ASP X 55 -76.63 -26.19 61.18
CA ASP X 55 -77.76 -26.23 60.24
C ASP X 55 -77.34 -26.77 58.88
N VAL X 56 -76.60 -27.89 58.90
CA VAL X 56 -76.18 -28.53 57.65
C VAL X 56 -76.55 -30.01 57.58
N THR X 57 -76.77 -30.69 58.71
CA THR X 57 -77.12 -32.11 58.70
C THR X 57 -78.29 -32.35 59.65
N THR X 58 -79.21 -33.22 59.23
CA THR X 58 -80.45 -33.40 59.97
C THR X 58 -80.21 -34.03 61.34
N GLU X 59 -79.25 -34.97 61.44
CA GLU X 59 -78.96 -35.75 62.64
C GLU X 59 -80.23 -36.28 63.32
N ARG X 60 -81.31 -36.45 62.56
CA ARG X 60 -82.57 -36.95 63.11
C ARG X 60 -83.02 -38.18 62.33
N SER X 61 -82.09 -39.12 62.16
CA SER X 61 -82.38 -40.51 61.80
C SER X 61 -83.22 -40.61 60.53
N GLN X 62 -82.61 -40.20 59.41
CA GLN X 62 -83.21 -40.42 58.10
C GLN X 62 -82.20 -41.10 57.19
N ARG X 63 -82.71 -41.86 56.23
CA ARG X 63 -81.88 -42.69 55.36
C ARG X 63 -81.32 -41.89 54.20
N LEU X 64 -80.13 -42.31 53.74
CA LEU X 64 -79.54 -41.71 52.56
C LEU X 64 -80.07 -42.32 51.29
N GLN X 65 -80.10 -43.65 51.22
CA GLN X 65 -80.62 -44.38 50.08
C GLN X 65 -81.93 -45.05 50.47
N LEU X 66 -82.97 -44.82 49.67
CA LEU X 66 -84.28 -45.41 49.91
C LEU X 66 -84.65 -46.29 48.72
N ARG X 67 -85.11 -47.50 49.01
CA ARG X 67 -85.55 -48.46 47.99
C ARG X 67 -87.05 -48.64 48.11
N PHE X 68 -87.79 -48.18 47.11
CA PHE X 68 -89.25 -48.29 47.10
C PHE X 68 -89.63 -49.48 46.22
N VAL X 69 -90.16 -50.53 46.83
CA VAL X 69 -90.70 -51.65 46.08
C VAL X 69 -91.95 -51.17 45.36
N PRO X 70 -92.25 -51.69 44.17
CA PRO X 70 -93.46 -51.23 43.47
C PRO X 70 -94.71 -51.55 44.25
N VAL X 71 -95.67 -50.62 44.23
CA VAL X 71 -96.96 -50.87 44.87
C VAL X 71 -97.67 -52.01 44.18
N ASP X 72 -97.66 -52.03 42.85
CA ASP X 72 -98.21 -53.13 42.07
C ASP X 72 -97.45 -53.22 40.76
N ARG X 73 -97.60 -54.35 40.08
CA ARG X 73 -96.89 -54.60 38.83
C ARG X 73 -97.72 -55.48 37.92
N GLU X 74 -97.76 -55.13 36.64
CA GLU X 74 -98.34 -55.96 35.61
C GLU X 74 -97.35 -56.12 34.47
N ASP X 75 -97.41 -57.26 33.80
CA ASP X 75 -96.42 -57.59 32.79
C ASP X 75 -97.10 -58.34 31.64
N THR X 76 -97.50 -57.60 30.60
CA THR X 76 -97.92 -58.22 29.37
C THR X 76 -96.71 -58.70 28.58
N GLN X 77 -96.96 -59.39 27.47
CA GLN X 77 -95.89 -59.93 26.65
C GLN X 77 -95.24 -58.90 25.75
N TYR X 78 -95.57 -57.62 25.91
CA TYR X 78 -94.95 -56.55 25.15
C TYR X 78 -94.30 -55.48 26.02
N SER X 79 -94.82 -55.22 27.21
CA SER X 79 -94.30 -54.14 28.04
C SER X 79 -94.38 -54.56 29.50
N TYR X 80 -93.56 -53.90 30.32
CA TYR X 80 -93.51 -54.13 31.76
C TYR X 80 -93.86 -52.82 32.46
N LYS X 81 -94.95 -52.82 33.22
CA LYS X 81 -95.45 -51.62 33.88
C LYS X 81 -95.43 -51.82 35.39
N THR X 82 -94.87 -50.85 36.11
CA THR X 82 -94.83 -50.86 37.56
C THR X 82 -95.33 -49.53 38.09
N ARG X 83 -96.03 -49.57 39.23
CA ARG X 83 -96.47 -48.36 39.90
C ARG X 83 -96.06 -48.42 41.37
N PHE X 84 -95.59 -47.28 41.88
CA PHE X 84 -95.11 -47.18 43.24
C PHE X 84 -95.28 -45.76 43.73
N GLN X 85 -95.52 -45.62 45.03
CA GLN X 85 -95.66 -44.32 45.66
C GLN X 85 -94.39 -44.02 46.45
N LEU X 86 -93.71 -42.95 46.07
CA LEU X 86 -92.53 -42.48 46.80
C LEU X 86 -92.93 -41.28 47.66
N ALA X 87 -92.57 -41.33 48.93
CA ALA X 87 -92.95 -40.31 49.89
C ALA X 87 -91.70 -39.50 50.26
N VAL X 88 -91.77 -38.19 50.04
CA VAL X 88 -90.63 -37.31 50.34
C VAL X 88 -90.82 -36.82 51.77
N GLY X 89 -90.43 -37.68 52.71
CA GLY X 89 -90.30 -37.35 54.12
C GLY X 89 -91.35 -36.44 54.71
N ASP X 90 -90.91 -35.53 55.58
CA ASP X 90 -91.76 -34.45 56.08
C ASP X 90 -91.03 -33.12 55.89
N ASN X 91 -89.71 -33.16 55.94
CA ASN X 91 -88.87 -31.99 55.68
C ASN X 91 -87.79 -32.23 54.64
N ARG X 92 -87.39 -33.47 54.39
CA ARG X 92 -86.32 -33.74 53.44
C ARG X 92 -86.78 -33.47 52.01
N VAL X 93 -85.80 -33.23 51.15
CA VAL X 93 -86.05 -32.89 49.74
C VAL X 93 -85.02 -33.62 48.89
N LEU X 94 -85.45 -34.13 47.74
CA LEU X 94 -84.54 -34.78 46.80
C LEU X 94 -84.73 -34.17 45.42
N ASP X 95 -83.65 -34.21 44.64
CA ASP X 95 -83.73 -33.94 43.21
C ASP X 95 -83.70 -35.28 42.49
N MET X 96 -84.45 -35.38 41.39
CA MET X 96 -84.58 -36.66 40.72
C MET X 96 -83.44 -36.96 39.77
N ALA X 97 -82.29 -36.31 39.93
CA ALA X 97 -81.07 -36.83 39.33
C ALA X 97 -80.72 -38.18 39.91
N SER X 98 -81.15 -38.44 41.14
CA SER X 98 -81.17 -39.76 41.74
C SER X 98 -82.39 -40.52 41.25
N THR X 99 -82.76 -41.60 41.94
CA THR X 99 -83.93 -42.40 41.62
C THR X 99 -83.78 -43.09 40.28
N TYR X 100 -82.69 -43.84 40.11
CA TYR X 100 -82.54 -44.72 38.96
C TYR X 100 -83.39 -45.98 39.15
N PHE X 101 -83.89 -46.51 38.04
CA PHE X 101 -84.66 -47.75 38.09
C PHE X 101 -83.71 -48.94 38.11
N ASP X 102 -83.82 -49.78 39.12
CA ASP X 102 -83.00 -50.96 39.27
C ASP X 102 -83.81 -52.18 38.83
N ILE X 103 -83.38 -52.81 37.74
CA ILE X 103 -84.11 -53.92 37.14
C ILE X 103 -83.28 -55.19 37.31
N ARG X 104 -83.87 -56.19 37.93
CA ARG X 104 -83.24 -57.50 38.12
C ARG X 104 -84.02 -58.55 37.33
N GLY X 105 -83.31 -59.45 36.68
CA GLY X 105 -83.96 -60.50 35.93
C GLY X 105 -82.93 -61.31 35.16
N THR X 106 -83.45 -62.27 34.39
CA THR X 106 -82.64 -63.12 33.53
C THR X 106 -83.07 -62.91 32.08
N LEU X 107 -82.09 -62.70 31.20
CA LEU X 107 -82.37 -62.52 29.78
C LEU X 107 -81.62 -63.57 28.98
N ASP X 108 -82.17 -63.91 27.82
CA ASP X 108 -81.55 -64.82 26.87
C ASP X 108 -81.18 -64.03 25.62
N ARG X 109 -79.92 -64.11 25.21
CA ARG X 109 -79.44 -63.37 24.06
C ARG X 109 -79.61 -64.14 22.76
N GLY X 110 -80.17 -65.34 22.80
CA GLY X 110 -80.43 -66.10 21.60
C GLY X 110 -79.21 -66.84 21.09
N ALA X 111 -79.45 -67.75 20.15
CA ALA X 111 -78.39 -68.58 19.60
C ALA X 111 -77.42 -67.80 18.73
N SER X 112 -77.71 -66.52 18.44
CA SER X 112 -76.86 -65.72 17.57
C SER X 112 -75.72 -65.03 18.28
N PHE X 113 -75.72 -65.00 19.61
CA PHE X 113 -74.79 -64.17 20.39
C PHE X 113 -73.43 -64.83 20.44
N LYS X 114 -72.57 -64.50 19.48
CA LYS X 114 -71.20 -64.98 19.54
C LYS X 114 -70.31 -63.87 20.06
N PRO X 115 -69.80 -63.96 21.29
CA PRO X 115 -69.01 -62.86 21.85
C PRO X 115 -67.54 -62.89 21.51
N TYR X 116 -67.11 -63.72 20.57
CA TYR X 116 -65.69 -63.81 20.25
C TYR X 116 -65.51 -64.17 18.78
N SER X 117 -64.51 -63.56 18.17
CA SER X 117 -64.10 -63.90 16.81
C SER X 117 -63.21 -65.14 16.85
N GLY X 118 -63.29 -65.95 15.80
CA GLY X 118 -62.55 -67.18 15.76
C GLY X 118 -63.27 -68.28 16.54
N THR X 119 -62.50 -69.30 16.91
CA THR X 119 -63.02 -70.44 17.65
C THR X 119 -62.16 -70.69 18.88
N ALA X 120 -62.76 -71.34 19.87
CA ALA X 120 -62.11 -71.58 21.15
C ALA X 120 -61.73 -73.04 21.37
N TYR X 121 -61.77 -73.86 20.32
CA TYR X 121 -61.53 -75.29 20.47
C TYR X 121 -60.33 -75.79 19.68
N ASN X 122 -60.18 -75.36 18.44
CA ASN X 122 -59.09 -75.79 17.57
C ASN X 122 -58.47 -74.61 16.86
N SER X 123 -58.13 -73.56 17.62
CA SER X 123 -57.59 -72.34 17.02
C SER X 123 -56.35 -72.64 16.20
N PHE X 124 -55.43 -73.44 16.74
CA PHE X 124 -54.17 -73.71 16.06
C PHE X 124 -54.30 -74.77 14.96
N ALA X 125 -55.41 -75.50 14.91
CA ALA X 125 -55.56 -76.56 13.93
C ALA X 125 -55.68 -75.98 12.52
N PRO X 126 -55.19 -76.70 11.51
CA PRO X 126 -55.44 -76.27 10.13
C PRO X 126 -56.93 -76.24 9.85
N LYS X 127 -57.35 -75.24 9.07
CA LYS X 127 -58.77 -75.06 8.82
C LYS X 127 -59.35 -76.19 8.00
N SER X 128 -58.57 -76.78 7.10
CA SER X 128 -59.01 -77.87 6.26
C SER X 128 -58.57 -79.24 6.74
N ALA X 129 -57.89 -79.32 7.88
CA ALA X 129 -57.37 -80.60 8.35
C ALA X 129 -58.52 -81.53 8.75
N PRO X 130 -58.47 -82.79 8.36
CA PRO X 130 -59.47 -83.74 8.85
C PRO X 130 -59.30 -83.99 10.34
N ASN X 131 -60.40 -84.33 11.00
CA ASN X 131 -60.38 -84.53 12.45
C ASN X 131 -59.99 -85.96 12.80
N ASN X 132 -58.90 -86.45 12.20
CA ASN X 132 -58.31 -87.74 12.52
C ASN X 132 -59.37 -88.84 12.59
N THR X 133 -60.02 -89.07 11.45
CA THR X 133 -61.19 -89.92 11.43
C THR X 133 -61.10 -91.04 10.40
N GLN X 134 -62.21 -91.75 10.20
CA GLN X 134 -62.31 -92.81 9.20
C GLN X 134 -63.11 -92.30 8.01
N PHE X 135 -62.66 -92.67 6.81
CA PHE X 135 -63.34 -92.30 5.58
C PHE X 135 -63.65 -93.55 4.77
N ARG X 136 -64.85 -93.59 4.20
CA ARG X 136 -65.30 -94.75 3.45
C ARG X 136 -64.65 -94.78 2.07
N GLN X 137 -64.68 -95.95 1.46
CA GLN X 137 -64.08 -96.12 0.13
C GLN X 137 -65.04 -95.62 -0.96
N ALA X 138 -64.53 -95.60 -2.19
CA ALA X 138 -65.32 -95.11 -3.31
C ALA X 138 -66.53 -96.00 -3.57
N ASN X 139 -66.34 -97.33 -3.51
CA ASN X 139 -67.42 -98.26 -3.78
C ASN X 139 -68.36 -98.46 -2.60
N ASN X 140 -67.99 -97.96 -1.41
CA ASN X 140 -68.84 -98.03 -0.22
C ASN X 140 -69.13 -99.47 0.18
N GLY X 141 -68.26 -100.40 -0.19
CA GLY X 141 -68.42 -101.79 0.22
C GLY X 141 -67.28 -102.27 1.08
N HIS X 142 -66.09 -101.74 0.85
CA HIS X 142 -64.91 -102.12 1.61
C HIS X 142 -64.90 -101.41 2.97
N PRO X 143 -64.21 -101.99 3.95
CA PRO X 143 -64.11 -101.32 5.26
C PRO X 143 -63.43 -99.97 5.14
N ALA X 144 -63.88 -99.02 5.95
CA ALA X 144 -63.36 -97.67 5.89
C ALA X 144 -61.91 -97.61 6.36
N GLN X 145 -61.14 -96.74 5.73
CA GLN X 145 -59.75 -96.51 6.10
C GLN X 145 -59.63 -95.30 7.01
N THR X 146 -58.46 -95.16 7.64
CA THR X 146 -58.23 -94.11 8.61
C THR X 146 -57.21 -93.10 8.08
N ILE X 147 -57.50 -91.83 8.29
CA ILE X 147 -56.56 -90.75 8.02
C ILE X 147 -55.77 -90.39 9.29
N ALA X 148 -55.77 -91.29 10.27
CA ALA X 148 -55.26 -90.98 11.60
C ALA X 148 -53.73 -90.96 11.61
N GLN X 149 -53.19 -90.77 12.80
CA GLN X 149 -51.75 -90.85 13.04
C GLN X 149 -51.53 -91.28 14.48
N ALA X 150 -50.49 -92.08 14.70
CA ALA X 150 -50.20 -92.64 16.02
C ALA X 150 -49.30 -91.69 16.78
N SER X 151 -49.79 -91.19 17.92
CA SER X 151 -49.07 -90.21 18.71
C SER X 151 -48.36 -90.82 19.91
N TYR X 152 -49.11 -91.50 20.78
CA TYR X 152 -48.54 -92.06 22.00
C TYR X 152 -47.75 -93.32 21.66
N VAL X 153 -46.44 -93.28 21.87
CA VAL X 153 -45.56 -94.42 21.62
C VAL X 153 -45.51 -95.29 22.86
N ALA X 154 -45.72 -96.59 22.67
CA ALA X 154 -45.72 -97.54 23.78
C ALA X 154 -45.65 -98.95 23.20
N THR X 155 -45.35 -99.91 24.06
CA THR X 155 -45.29 -101.30 23.65
C THR X 155 -46.69 -101.91 23.57
N ILE X 156 -46.76 -103.05 22.91
CA ILE X 156 -48.03 -103.77 22.71
C ILE X 156 -47.85 -105.21 23.18
N GLY X 157 -48.76 -105.66 24.03
CA GLY X 157 -48.68 -107.02 24.53
C GLY X 157 -49.85 -107.33 25.45
N GLY X 158 -49.83 -108.54 26.00
CA GLY X 158 -50.88 -109.01 26.87
C GLY X 158 -51.91 -109.85 26.15
N ALA X 159 -52.92 -110.25 26.90
CA ALA X 159 -54.02 -111.01 26.31
C ALA X 159 -54.73 -110.20 25.24
N ASN X 160 -54.98 -108.93 25.51
CA ASN X 160 -55.44 -107.98 24.50
C ASN X 160 -54.26 -107.11 24.08
N ASN X 161 -54.22 -106.76 22.81
CA ASN X 161 -53.09 -106.04 22.24
C ASN X 161 -53.14 -104.54 22.50
N ASP X 162 -53.90 -104.11 23.49
CA ASP X 162 -53.97 -102.69 23.82
C ASP X 162 -52.62 -102.19 24.33
N LEU X 163 -52.48 -100.86 24.33
CA LEU X 163 -51.21 -100.24 24.68
C LEU X 163 -50.90 -100.42 26.17
N GLN X 164 -49.61 -100.46 26.48
CA GLN X 164 -49.12 -100.47 27.85
C GLN X 164 -48.66 -99.06 28.20
N MET X 165 -49.22 -98.50 29.28
CA MET X 165 -48.98 -97.10 29.61
C MET X 165 -48.07 -96.90 30.82
N GLY X 166 -47.76 -97.96 31.57
CA GLY X 166 -46.90 -97.79 32.73
C GLY X 166 -46.72 -99.11 33.45
N VAL X 167 -46.05 -99.03 34.59
CA VAL X 167 -45.78 -100.18 35.45
C VAL X 167 -46.32 -99.88 36.83
N ASP X 168 -46.95 -100.87 37.45
CA ASP X 168 -47.49 -100.71 38.80
C ASP X 168 -46.36 -100.83 39.81
N GLU X 169 -46.70 -100.96 41.10
CA GLU X 169 -45.68 -101.15 42.12
C GLU X 169 -44.89 -102.43 41.87
N ARG X 170 -45.58 -103.51 41.51
CA ARG X 170 -44.92 -104.71 41.01
C ARG X 170 -44.54 -104.51 39.54
N GLN X 171 -43.54 -105.25 39.10
CA GLN X 171 -43.01 -105.09 37.74
C GLN X 171 -43.89 -105.87 36.76
N LEU X 172 -45.10 -105.34 36.55
CA LEU X 172 -46.00 -105.85 35.53
C LEU X 172 -46.60 -104.66 34.80
N PRO X 173 -46.82 -104.77 33.49
CA PRO X 173 -47.40 -103.65 32.75
C PRO X 173 -48.86 -103.43 33.11
N VAL X 174 -49.28 -102.18 33.02
CA VAL X 174 -50.69 -101.79 33.16
C VAL X 174 -51.16 -101.27 31.80
N TYR X 175 -52.32 -101.75 31.36
CA TYR X 175 -52.80 -101.50 30.02
C TYR X 175 -53.84 -100.38 30.02
N ALA X 176 -53.96 -99.72 28.87
CA ALA X 176 -54.77 -98.52 28.77
C ALA X 176 -56.25 -98.83 28.94
N ASN X 177 -56.92 -98.02 29.76
CA ASN X 177 -58.37 -98.05 29.83
C ASN X 177 -58.97 -97.65 28.49
N THR X 178 -59.97 -98.41 28.05
CA THR X 178 -60.55 -98.21 26.73
C THR X 178 -61.38 -96.94 26.64
N THR X 179 -61.67 -96.27 27.75
CA THR X 179 -62.54 -95.10 27.73
C THR X 179 -61.76 -93.83 27.40
N TYR X 180 -60.70 -93.55 28.16
CA TYR X 180 -59.97 -92.29 28.03
C TYR X 180 -58.46 -92.43 28.03
N GLN X 181 -57.91 -93.58 28.41
CA GLN X 181 -56.47 -93.65 28.67
C GLN X 181 -55.59 -93.29 27.49
N PRO X 182 -55.84 -93.76 26.25
CA PRO X 182 -54.97 -93.35 25.14
C PRO X 182 -55.14 -91.87 24.85
N GLU X 183 -54.55 -91.05 25.71
CA GLU X 183 -54.80 -89.62 25.71
C GLU X 183 -54.32 -88.98 24.41
N PRO X 184 -55.18 -88.27 23.68
CA PRO X 184 -54.75 -87.66 22.41
C PRO X 184 -53.73 -86.55 22.57
N GLN X 185 -53.58 -85.96 23.75
CA GLN X 185 -52.64 -84.86 23.95
C GLN X 185 -51.35 -85.32 24.63
N LEU X 186 -51.15 -86.62 24.77
CA LEU X 186 -49.94 -87.16 25.37
C LEU X 186 -49.23 -88.05 24.35
N GLY X 187 -47.90 -87.92 24.28
CA GLY X 187 -47.14 -88.70 23.32
C GLY X 187 -45.64 -88.54 23.42
N ILE X 188 -44.98 -88.44 22.27
CA ILE X 188 -43.51 -88.41 22.23
C ILE X 188 -42.99 -87.15 22.89
N GLU X 189 -41.92 -87.31 23.67
CA GLU X 189 -41.22 -86.21 24.30
C GLU X 189 -39.97 -85.91 23.48
N GLY X 190 -39.97 -84.79 22.77
CA GLY X 190 -38.86 -84.39 21.93
C GLY X 190 -39.09 -84.73 20.47
N TRP X 191 -38.10 -84.35 19.66
CA TRP X 191 -38.17 -84.56 18.22
C TRP X 191 -37.26 -85.66 17.70
N THR X 192 -36.27 -86.08 18.49
CA THR X 192 -35.36 -87.13 18.03
C THR X 192 -36.11 -88.44 17.79
N ALA X 193 -37.03 -88.80 18.69
CA ALA X 193 -37.84 -89.99 18.48
C ALA X 193 -38.75 -89.79 17.27
N GLY X 194 -38.81 -90.81 16.43
CA GLY X 194 -39.52 -90.73 15.17
C GLY X 194 -38.68 -90.19 14.02
N SER X 195 -37.47 -89.72 14.29
CA SER X 195 -36.55 -89.25 13.27
C SER X 195 -35.27 -90.07 13.24
N MET X 196 -34.64 -90.28 14.40
CA MET X 196 -33.48 -91.16 14.50
C MET X 196 -33.71 -92.34 15.43
N ALA X 197 -34.82 -92.40 16.13
CA ALA X 197 -35.11 -93.51 17.03
C ALA X 197 -35.88 -94.60 16.30
N VAL X 198 -36.01 -95.74 16.97
CA VAL X 198 -36.68 -96.90 16.36
C VAL X 198 -38.16 -96.63 16.20
N ILE X 199 -38.79 -95.98 17.20
CA ILE X 199 -40.23 -95.75 17.30
C ILE X 199 -40.98 -96.96 16.77
N ASP X 200 -40.83 -98.10 17.45
CA ASP X 200 -41.35 -99.36 16.96
C ASP X 200 -42.87 -99.36 16.92
N GLN X 201 -43.52 -98.98 18.02
CA GLN X 201 -44.97 -99.05 18.13
C GLN X 201 -45.52 -97.78 18.74
N ALA X 202 -46.76 -97.47 18.39
CA ALA X 202 -47.44 -96.29 18.90
C ALA X 202 -48.95 -96.52 18.81
N GLY X 203 -49.72 -95.55 19.30
CA GLY X 203 -51.16 -95.70 19.34
C GLY X 203 -51.87 -94.37 19.24
N GLY X 204 -53.20 -94.45 19.25
CA GLY X 204 -54.02 -93.26 19.13
C GLY X 204 -55.49 -93.63 19.16
N ARG X 205 -56.33 -92.63 18.84
CA ARG X 205 -57.77 -92.80 18.79
C ARG X 205 -58.29 -92.34 17.43
N VAL X 206 -59.39 -92.96 17.00
CA VAL X 206 -59.99 -92.66 15.70
C VAL X 206 -61.50 -92.53 15.86
N LEU X 207 -62.09 -91.56 15.17
CA LEU X 207 -63.54 -91.45 15.11
C LEU X 207 -64.09 -92.49 14.14
N ARG X 208 -65.16 -93.15 14.55
CA ARG X 208 -65.77 -94.21 13.75
C ARG X 208 -67.18 -93.79 13.34
N ASN X 209 -67.45 -93.87 12.04
CA ASN X 209 -68.75 -93.51 11.48
C ASN X 209 -69.22 -92.13 11.93
N PRO X 210 -68.45 -91.08 11.63
CA PRO X 210 -68.81 -89.74 12.13
C PRO X 210 -69.72 -88.98 11.19
N THR X 211 -70.01 -87.73 11.53
CA THR X 211 -70.67 -86.80 10.61
C THR X 211 -69.69 -86.15 9.64
N GLN X 212 -68.39 -86.47 9.77
CA GLN X 212 -67.35 -85.98 8.88
C GLN X 212 -67.27 -84.45 8.89
N THR X 213 -66.90 -83.93 10.04
CA THR X 213 -66.65 -82.52 10.22
C THR X 213 -65.15 -82.25 10.25
N PRO X 214 -64.70 -81.07 9.82
CA PRO X 214 -63.27 -80.74 9.91
C PRO X 214 -62.81 -80.59 11.35
N CYS X 215 -61.52 -80.32 11.54
CA CYS X 215 -60.92 -80.26 12.86
C CYS X 215 -60.76 -78.82 13.34
N TYR X 216 -61.71 -77.94 13.02
CA TYR X 216 -61.65 -76.56 13.48
C TYR X 216 -62.65 -76.28 14.60
N GLY X 217 -63.92 -76.60 14.42
CA GLY X 217 -64.84 -76.54 15.54
C GLY X 217 -64.63 -77.73 16.46
N SER X 218 -65.02 -78.92 15.99
CA SER X 218 -64.64 -80.20 16.57
C SER X 218 -64.78 -80.22 18.09
N TYR X 219 -66.01 -80.05 18.57
CA TYR X 219 -66.29 -80.17 19.99
C TYR X 219 -67.20 -81.37 20.24
N ALA X 220 -66.95 -82.06 21.34
CA ALA X 220 -67.81 -83.14 21.80
C ALA X 220 -67.90 -83.08 23.31
N LYS X 221 -69.13 -83.10 23.83
CA LYS X 221 -69.34 -82.98 25.26
C LYS X 221 -68.77 -84.20 26.00
N PRO X 222 -68.20 -84.01 27.19
CA PRO X 222 -67.69 -85.16 27.95
C PRO X 222 -68.81 -86.10 28.35
N THR X 223 -68.46 -87.38 28.45
CA THR X 223 -69.40 -88.41 28.87
C THR X 223 -68.94 -89.17 30.12
N ASN X 224 -67.68 -89.03 30.52
CA ASN X 224 -67.18 -89.61 31.76
C ASN X 224 -66.30 -88.59 32.45
N GLU X 225 -66.01 -88.84 33.73
CA GLU X 225 -65.20 -87.90 34.50
C GLU X 225 -63.71 -88.14 34.26
N HIS X 226 -63.34 -88.30 32.99
CA HIS X 226 -61.94 -88.46 32.64
C HIS X 226 -61.55 -87.73 31.37
N GLY X 227 -62.45 -86.96 30.75
CA GLY X 227 -62.14 -86.29 29.50
C GLY X 227 -62.37 -87.11 28.26
N GLY X 228 -62.80 -88.36 28.39
CA GLY X 228 -63.12 -89.17 27.24
C GLY X 228 -64.49 -88.86 26.67
N ILE X 229 -64.62 -88.99 25.35
CA ILE X 229 -65.87 -88.74 24.66
C ILE X 229 -66.25 -89.99 23.89
N THR X 230 -67.48 -90.46 24.09
CA THR X 230 -68.03 -91.61 23.40
C THR X 230 -69.53 -91.63 23.60
N LYS X 231 -70.26 -92.05 22.57
CA LYS X 231 -71.71 -92.04 22.65
C LYS X 231 -72.20 -93.03 23.70
N ALA X 232 -73.34 -92.68 24.32
CA ALA X 232 -73.90 -93.54 25.35
C ALA X 232 -74.34 -94.87 24.76
N ASN X 233 -74.18 -95.94 25.55
CA ASN X 233 -74.52 -97.29 25.12
C ASN X 233 -73.79 -97.68 23.84
N THR X 234 -72.54 -97.26 23.73
CA THR X 234 -71.71 -97.57 22.57
C THR X 234 -70.33 -98.04 23.05
N GLN X 235 -69.85 -99.13 22.48
CA GLN X 235 -68.55 -99.67 22.82
C GLN X 235 -67.47 -99.08 21.92
N VAL X 236 -66.22 -99.31 22.31
CA VAL X 236 -65.06 -98.85 21.56
C VAL X 236 -64.23 -100.06 21.17
N GLU X 237 -63.85 -100.12 19.90
CA GLU X 237 -63.09 -101.24 19.35
C GLU X 237 -61.77 -100.74 18.78
N LYS X 238 -60.75 -101.59 18.86
CA LYS X 238 -59.41 -101.25 18.42
C LYS X 238 -59.12 -101.90 17.08
N LYS X 239 -58.41 -101.17 16.22
CA LYS X 239 -58.01 -101.66 14.90
C LYS X 239 -56.51 -101.49 14.74
N TYR X 240 -55.83 -102.56 14.32
CA TYR X 240 -54.38 -102.58 14.22
C TYR X 240 -53.95 -102.34 12.78
N TYR X 241 -52.86 -101.61 12.60
CA TYR X 241 -52.34 -101.28 11.28
C TYR X 241 -50.83 -101.44 11.26
N ARG X 242 -50.30 -101.74 10.08
CA ARG X 242 -48.87 -101.84 9.89
C ARG X 242 -48.54 -101.46 8.45
N THR X 243 -47.29 -101.03 8.24
CA THR X 243 -46.85 -100.56 6.93
C THR X 243 -46.13 -101.61 6.11
N GLY X 244 -45.70 -102.71 6.73
CA GLY X 244 -45.01 -103.76 6.01
C GLY X 244 -45.61 -105.13 6.27
N ASP X 245 -45.83 -105.90 5.21
CA ASP X 245 -46.45 -107.21 5.35
C ASP X 245 -45.55 -108.16 6.11
N ASN X 246 -46.18 -109.13 6.78
CA ASN X 246 -45.49 -110.15 7.58
C ASN X 246 -44.64 -109.48 8.68
N GLY X 247 -45.33 -108.80 9.59
CA GLY X 247 -44.65 -108.14 10.69
C GLY X 247 -45.60 -107.79 11.81
N ASN X 248 -45.00 -107.45 12.94
CA ASN X 248 -45.77 -107.04 14.11
C ASN X 248 -46.43 -105.69 13.84
N PRO X 249 -47.74 -105.57 14.07
CA PRO X 249 -48.41 -104.28 13.82
C PRO X 249 -47.78 -103.15 14.62
N GLU X 250 -47.72 -101.98 14.00
CA GLU X 250 -47.04 -100.81 14.55
C GLU X 250 -47.98 -99.84 15.26
N THR X 251 -49.20 -99.66 14.75
CA THR X 251 -50.13 -98.69 15.29
C THR X 251 -51.40 -99.38 15.78
N VAL X 252 -51.89 -98.94 16.93
CA VAL X 252 -53.16 -99.41 17.48
C VAL X 252 -54.06 -98.18 17.65
N PHE X 253 -55.26 -98.25 17.10
CA PHE X 253 -56.20 -97.13 17.14
C PHE X 253 -57.50 -97.59 17.75
N TYR X 254 -57.92 -96.93 18.83
CA TYR X 254 -59.19 -97.23 19.49
C TYR X 254 -60.27 -96.41 18.79
N THR X 255 -61.07 -97.08 17.98
CA THR X 255 -62.09 -96.42 17.19
C THR X 255 -63.37 -96.30 18.00
N GLU X 256 -63.83 -95.07 18.21
CA GLU X 256 -65.06 -94.80 18.93
C GLU X 256 -65.84 -93.72 18.19
N GLU X 257 -67.15 -93.70 18.41
CA GLU X 257 -68.02 -92.69 17.82
C GLU X 257 -68.47 -91.72 18.90
N ALA X 258 -68.42 -90.43 18.59
CA ALA X 258 -68.83 -89.39 19.51
C ALA X 258 -69.69 -88.37 18.77
N ASP X 259 -70.53 -87.66 19.52
CA ASP X 259 -71.37 -86.63 18.94
C ASP X 259 -70.57 -85.36 18.64
N VAL X 260 -69.52 -85.50 17.81
CA VAL X 260 -68.69 -84.36 17.48
C VAL X 260 -69.52 -83.30 16.77
N LEU X 261 -69.31 -82.05 17.15
CA LEU X 261 -70.14 -80.96 16.70
C LEU X 261 -69.31 -79.67 16.66
N THR X 262 -69.75 -78.73 15.84
CA THR X 262 -69.00 -77.50 15.62
C THR X 262 -69.78 -76.30 16.14
N PRO X 263 -69.55 -75.86 17.36
CA PRO X 263 -70.27 -74.69 17.87
C PRO X 263 -69.88 -73.40 17.17
N ASP X 264 -68.59 -73.09 17.15
CA ASP X 264 -68.10 -71.80 16.73
C ASP X 264 -67.90 -71.67 15.23
N THR X 265 -68.02 -72.75 14.47
CA THR X 265 -67.63 -72.74 13.07
C THR X 265 -68.77 -73.23 12.18
N HIS X 266 -68.75 -72.75 10.94
CA HIS X 266 -69.65 -73.21 9.89
C HIS X 266 -68.81 -73.63 8.69
N LEU X 267 -69.44 -74.40 7.80
CA LEU X 267 -68.74 -75.01 6.68
C LEU X 267 -68.77 -74.09 5.46
N VAL X 268 -67.59 -73.73 4.97
CA VAL X 268 -67.41 -73.15 3.65
C VAL X 268 -66.70 -74.21 2.81
N HIS X 269 -67.16 -74.38 1.57
CA HIS X 269 -66.75 -75.51 0.74
C HIS X 269 -67.09 -76.83 1.43
N ALA X 270 -68.39 -77.01 1.62
CA ALA X 270 -68.93 -78.23 2.19
C ALA X 270 -69.31 -79.18 1.08
N VAL X 271 -68.68 -80.35 1.05
CA VAL X 271 -68.96 -81.36 0.03
C VAL X 271 -70.38 -81.87 0.26
N PRO X 272 -71.10 -82.29 -0.78
CA PRO X 272 -72.48 -82.71 -0.59
C PRO X 272 -72.57 -83.96 0.28
N ALA X 273 -73.70 -84.07 0.99
CA ALA X 273 -73.87 -85.15 1.95
C ALA X 273 -73.87 -86.52 1.30
N ALA X 274 -74.06 -86.59 -0.02
CA ALA X 274 -74.03 -87.88 -0.71
C ALA X 274 -72.66 -88.53 -0.59
N ASP X 275 -71.59 -87.74 -0.77
CA ASP X 275 -70.22 -88.26 -0.69
C ASP X 275 -69.41 -87.55 0.38
N ARG X 276 -70.06 -86.98 1.39
CA ARG X 276 -69.33 -86.29 2.45
C ARG X 276 -68.44 -87.24 3.23
N ALA X 277 -68.96 -88.42 3.57
CA ALA X 277 -68.22 -89.32 4.45
C ALA X 277 -67.09 -90.07 3.75
N LYS X 278 -67.25 -90.39 2.46
CA LYS X 278 -66.34 -91.34 1.83
C LYS X 278 -65.03 -90.68 1.40
N VAL X 279 -65.09 -89.75 0.44
CA VAL X 279 -63.91 -89.15 -0.13
C VAL X 279 -64.13 -87.65 -0.24
N GLU X 280 -63.04 -86.89 -0.13
CA GLU X 280 -63.00 -85.43 -0.22
C GLU X 280 -63.66 -84.76 0.96
N GLY X 281 -64.27 -85.52 1.88
CA GLY X 281 -64.80 -84.92 3.09
C GLY X 281 -63.70 -84.44 4.02
N LEU X 282 -62.52 -85.05 3.92
CA LEU X 282 -61.37 -84.58 4.67
C LEU X 282 -60.86 -83.22 4.18
N SER X 283 -61.34 -82.75 3.03
CA SER X 283 -60.93 -81.46 2.48
C SER X 283 -61.82 -80.31 2.90
N GLN X 284 -62.91 -80.57 3.63
CA GLN X 284 -63.75 -79.49 4.11
C GLN X 284 -62.98 -78.60 5.07
N HIS X 285 -63.15 -77.29 4.91
CA HIS X 285 -62.51 -76.31 5.78
C HIS X 285 -63.59 -75.40 6.38
N ALA X 286 -63.57 -75.25 7.69
CA ALA X 286 -64.59 -74.49 8.40
C ALA X 286 -64.11 -73.05 8.61
N ALA X 287 -65.05 -72.20 9.01
CA ALA X 287 -64.78 -70.79 9.25
C ALA X 287 -65.51 -70.34 10.51
N PRO X 288 -64.97 -69.37 11.25
CA PRO X 288 -65.66 -68.87 12.44
C PRO X 288 -66.99 -68.23 12.08
N ASN X 289 -67.85 -68.15 13.06
CA ASN X 289 -69.06 -67.49 12.80
C ASN X 289 -68.71 -66.09 13.19
N ARG X 290 -69.10 -65.15 12.38
CA ARG X 290 -68.80 -63.80 12.66
C ARG X 290 -69.26 -63.58 14.06
N PRO X 291 -68.46 -62.91 14.89
CA PRO X 291 -68.94 -62.60 16.24
C PRO X 291 -70.03 -61.53 16.28
N ASN X 292 -70.90 -61.66 17.27
CA ASN X 292 -72.14 -60.88 17.34
C ASN X 292 -72.13 -59.81 18.42
N PHE X 293 -71.67 -60.11 19.63
CA PHE X 293 -71.57 -59.15 20.73
C PHE X 293 -72.94 -58.53 21.03
N ILE X 294 -73.85 -59.39 21.48
CA ILE X 294 -75.20 -58.95 21.84
C ILE X 294 -75.18 -58.41 23.27
N GLY X 295 -75.73 -57.22 23.45
CA GLY X 295 -75.77 -56.62 24.78
C GLY X 295 -76.73 -55.45 24.79
N PHE X 296 -76.85 -54.85 25.97
CA PHE X 296 -77.72 -53.69 26.12
C PHE X 296 -77.16 -52.49 25.34
N ARG X 297 -78.04 -51.55 25.05
CA ARG X 297 -77.66 -50.39 24.25
C ARG X 297 -76.91 -49.37 25.10
N ASP X 298 -76.46 -48.30 24.47
CA ASP X 298 -75.73 -47.25 25.16
C ASP X 298 -76.64 -46.49 26.11
N CYS X 299 -76.21 -46.32 27.34
CA CYS X 299 -76.98 -45.62 28.38
C CYS X 299 -78.36 -46.24 28.56
N PHE X 300 -78.49 -47.54 28.26
CA PHE X 300 -79.76 -48.25 28.33
C PHE X 300 -80.83 -47.54 27.50
N VAL X 301 -80.41 -47.06 26.32
CA VAL X 301 -81.32 -46.30 25.47
C VAL X 301 -82.34 -47.22 24.85
N GLY X 302 -83.58 -46.75 24.73
CA GLY X 302 -84.66 -47.54 24.18
C GLY X 302 -85.26 -48.55 25.12
N LEU X 303 -84.78 -48.63 26.37
CA LEU X 303 -85.30 -49.62 27.29
C LEU X 303 -86.66 -49.20 27.84
N MET X 304 -86.89 -47.90 28.01
CA MET X 304 -88.12 -47.40 28.61
C MET X 304 -88.94 -46.65 27.57
N TYR X 305 -90.24 -46.72 27.71
CA TYR X 305 -91.07 -46.06 26.78
C TYR X 305 -90.97 -44.64 27.15
N TYR X 306 -90.88 -43.77 26.17
CA TYR X 306 -90.74 -42.34 26.42
C TYR X 306 -91.75 -41.48 25.68
N ASN X 307 -92.04 -41.78 24.42
CA ASN X 307 -92.93 -40.94 23.64
C ASN X 307 -94.09 -41.70 23.01
N SER X 308 -94.31 -42.95 23.40
CA SER X 308 -95.50 -43.67 22.95
C SER X 308 -96.74 -43.06 23.61
N GLY X 309 -97.83 -43.00 22.85
CA GLY X 309 -99.07 -42.47 23.40
C GLY X 309 -99.65 -43.36 24.47
N GLY X 310 -99.57 -44.68 24.30
CA GLY X 310 -100.17 -45.59 25.26
C GLY X 310 -99.47 -45.58 26.61
N ASN X 311 -98.16 -45.40 26.61
CA ASN X 311 -97.35 -45.51 27.82
C ASN X 311 -96.83 -44.14 28.23
N LEU X 312 -97.12 -43.74 29.47
CA LEU X 312 -96.77 -42.42 29.95
C LEU X 312 -96.32 -42.46 31.40
N GLY X 313 -95.51 -41.47 31.75
CA GLY X 313 -95.01 -41.24 33.11
C GLY X 313 -95.97 -40.47 33.98
N VAL X 314 -96.95 -41.14 34.58
CA VAL X 314 -98.12 -40.48 35.13
C VAL X 314 -97.78 -39.88 36.50
N LEU X 315 -96.49 -39.74 36.79
CA LEU X 315 -96.02 -39.02 37.97
C LEU X 315 -96.90 -37.81 38.27
N ALA X 316 -97.40 -37.75 39.50
CA ALA X 316 -98.33 -36.71 39.91
C ALA X 316 -98.46 -36.73 41.42
N GLY X 317 -98.96 -35.62 41.97
CA GLY X 317 -99.19 -35.54 43.39
C GLY X 317 -100.44 -36.30 43.81
N GLN X 318 -100.58 -36.47 45.13
CA GLN X 318 -101.72 -37.22 45.65
C GLN X 318 -103.02 -36.44 45.47
N SER X 319 -102.96 -35.11 45.54
CA SER X 319 -104.19 -34.32 45.52
C SER X 319 -104.52 -33.81 44.13
N SER X 320 -103.50 -33.47 43.34
CA SER X 320 -103.75 -32.94 42.00
C SER X 320 -104.38 -33.99 41.10
N GLN X 321 -103.85 -35.23 41.14
CA GLN X 321 -104.34 -36.33 40.30
C GLN X 321 -104.30 -35.97 38.82
N LEU X 322 -103.36 -35.12 38.44
CA LEU X 322 -103.18 -34.69 37.05
C LEU X 322 -101.75 -34.96 36.62
N ASN X 323 -101.59 -35.58 35.46
CA ASN X 323 -100.27 -35.95 34.97
C ASN X 323 -99.36 -34.73 34.86
N ALA X 324 -98.14 -34.87 35.37
CA ALA X 324 -97.13 -33.83 35.28
C ALA X 324 -96.13 -34.08 34.18
N VAL X 325 -96.33 -35.12 33.37
CA VAL X 325 -95.43 -35.48 32.28
C VAL X 325 -96.25 -35.61 31.01
N VAL X 326 -95.84 -34.90 29.96
CA VAL X 326 -96.46 -35.03 28.65
C VAL X 326 -95.35 -35.25 27.62
N ASP X 327 -95.57 -36.23 26.75
CA ASP X 327 -94.64 -36.53 25.66
C ASP X 327 -95.44 -36.70 24.39
N LEU X 328 -95.08 -35.97 23.33
CA LEU X 328 -95.89 -35.94 22.11
C LEU X 328 -95.03 -36.19 20.86
N GLN X 329 -94.73 -37.47 20.62
CA GLN X 329 -94.42 -38.02 19.31
C GLN X 329 -93.21 -37.35 18.66
N ASP X 330 -92.62 -36.37 19.31
CA ASP X 330 -91.54 -35.60 18.69
C ASP X 330 -90.31 -35.47 19.55
N ARG X 331 -90.47 -35.37 20.87
CA ARG X 331 -89.33 -35.19 21.76
C ARG X 331 -88.51 -36.47 21.80
N ASN X 332 -87.40 -36.50 21.06
CA ASN X 332 -86.49 -37.64 21.13
C ASN X 332 -85.58 -37.47 22.35
N THR X 333 -86.17 -37.74 23.51
CA THR X 333 -85.44 -37.55 24.77
C THR X 333 -84.25 -38.51 24.86
N GLU X 334 -84.29 -39.61 24.13
CA GLU X 334 -83.13 -40.52 24.11
C GLU X 334 -81.93 -39.85 23.46
N LEU X 335 -82.12 -39.31 22.26
CA LEU X 335 -81.07 -38.54 21.61
C LEU X 335 -80.73 -37.30 22.43
N SER X 336 -81.70 -36.77 23.17
CA SER X 336 -81.43 -35.63 24.04
C SER X 336 -80.43 -35.98 25.12
N TYR X 337 -80.65 -37.11 25.80
CA TYR X 337 -79.70 -37.56 26.81
C TYR X 337 -78.35 -37.89 26.19
N GLN X 338 -78.35 -38.47 25.00
CA GLN X 338 -77.10 -38.77 24.32
C GLN X 338 -76.29 -37.51 24.08
N MET X 339 -76.92 -36.49 23.48
CA MET X 339 -76.21 -35.24 23.21
C MET X 339 -75.82 -34.53 24.51
N LEU X 340 -76.67 -34.59 25.53
CA LEU X 340 -76.36 -33.96 26.80
C LEU X 340 -75.10 -34.55 27.41
N LEU X 341 -75.01 -35.89 27.45
CA LEU X 341 -73.79 -36.51 27.94
C LEU X 341 -72.59 -36.16 27.07
N ALA X 342 -72.74 -36.28 25.74
CA ALA X 342 -71.62 -36.04 24.84
C ALA X 342 -71.11 -34.62 24.93
N ASN X 343 -71.95 -33.67 25.36
CA ASN X 343 -71.50 -32.29 25.50
C ASN X 343 -70.96 -32.00 26.89
N THR X 344 -71.67 -32.40 27.94
CA THR X 344 -71.25 -32.06 29.30
C THR X 344 -69.97 -32.81 29.67
N THR X 345 -69.91 -34.10 29.39
CA THR X 345 -68.77 -34.92 29.81
C THR X 345 -68.13 -35.59 28.60
N ASP X 346 -66.85 -35.89 28.72
CA ASP X 346 -66.20 -36.71 27.72
C ASP X 346 -66.77 -38.13 27.76
N ARG X 347 -66.91 -38.74 26.59
CA ARG X 347 -67.54 -40.05 26.49
C ARG X 347 -66.59 -41.12 25.97
N SER X 348 -65.28 -40.84 25.96
CA SER X 348 -64.30 -41.87 25.66
C SER X 348 -63.99 -42.74 26.86
N ARG X 349 -64.49 -42.38 28.04
CA ARG X 349 -64.29 -43.14 29.27
C ARG X 349 -65.62 -43.80 29.66
N TYR X 350 -65.58 -45.11 29.88
CA TYR X 350 -66.80 -45.88 30.11
C TYR X 350 -67.17 -45.85 31.58
N PHE X 351 -68.40 -45.44 31.86
CA PHE X 351 -68.97 -45.50 33.20
C PHE X 351 -69.85 -46.74 33.29
N SER X 352 -69.51 -47.66 34.18
CA SER X 352 -70.14 -48.97 34.20
C SER X 352 -71.41 -49.04 35.02
N MET X 353 -71.73 -48.03 35.82
CA MET X 353 -72.93 -48.13 36.64
C MET X 353 -74.18 -47.88 35.79
N TRP X 354 -74.12 -46.90 34.88
CA TRP X 354 -74.96 -46.91 33.69
C TRP X 354 -74.26 -47.73 32.63
N ASN X 355 -74.69 -47.64 31.38
CA ASN X 355 -73.89 -48.22 30.30
C ASN X 355 -72.82 -47.24 29.83
N GLN X 356 -73.25 -46.08 29.32
CA GLN X 356 -72.36 -45.00 28.89
C GLN X 356 -71.17 -45.52 28.10
N ALA X 357 -71.46 -46.37 27.12
CA ALA X 357 -70.45 -46.93 26.22
C ALA X 357 -70.82 -46.52 24.80
N MET X 358 -70.19 -45.43 24.32
CA MET X 358 -70.46 -44.94 22.97
C MET X 358 -70.18 -46.00 21.93
N ASP X 359 -71.12 -46.19 21.02
CA ASP X 359 -70.84 -46.94 19.81
C ASP X 359 -69.77 -46.20 19.02
N SER X 360 -68.64 -46.85 18.82
CA SER X 360 -67.49 -46.22 18.17
C SER X 360 -66.91 -47.17 17.13
N TYR X 361 -66.72 -46.67 15.92
CA TYR X 361 -66.09 -47.43 14.84
C TYR X 361 -64.58 -47.17 14.86
N ASP X 362 -63.82 -48.16 14.42
CA ASP X 362 -62.38 -47.99 14.32
C ASP X 362 -62.07 -47.10 13.12
N PRO X 363 -61.42 -45.96 13.31
CA PRO X 363 -61.12 -45.07 12.17
C PRO X 363 -60.30 -45.74 11.09
N GLU X 364 -59.34 -46.59 11.45
CA GLU X 364 -58.54 -47.32 10.48
C GLU X 364 -59.35 -48.35 9.70
N VAL X 365 -60.56 -48.66 10.15
CA VAL X 365 -61.46 -49.54 9.42
C VAL X 365 -62.46 -48.76 8.59
N ARG X 366 -63.00 -47.67 9.14
CA ARG X 366 -63.92 -46.83 8.37
C ARG X 366 -63.21 -46.19 7.19
N VAL X 367 -62.01 -45.68 7.40
CA VAL X 367 -61.20 -45.07 6.35
C VAL X 367 -59.96 -45.93 6.18
N ILE X 368 -59.94 -46.75 5.13
CA ILE X 368 -58.86 -47.70 4.92
C ILE X 368 -57.64 -46.94 4.39
N ASP X 369 -56.61 -46.82 5.22
CA ASP X 369 -55.37 -46.16 4.82
C ASP X 369 -54.33 -47.21 4.41
N ASN X 370 -54.42 -47.64 3.15
CA ASN X 370 -53.55 -48.71 2.66
C ASN X 370 -52.13 -48.19 2.49
N VAL X 371 -51.46 -47.95 3.61
CA VAL X 371 -50.06 -47.50 3.59
C VAL X 371 -49.11 -48.61 3.17
N GLY X 372 -49.62 -49.81 2.99
CA GLY X 372 -48.78 -50.94 2.64
C GLY X 372 -48.70 -51.95 3.76
N VAL X 373 -47.66 -52.78 3.68
CA VAL X 373 -47.50 -53.87 4.63
C VAL X 373 -46.14 -53.86 5.34
N GLU X 374 -45.13 -53.17 4.79
CA GLU X 374 -43.83 -53.04 5.42
C GLU X 374 -43.16 -54.40 5.63
N ASP X 375 -42.92 -55.09 4.52
CA ASP X 375 -42.25 -56.39 4.52
C ASP X 375 -41.00 -56.30 3.64
N GLU X 376 -39.92 -55.79 4.23
CA GLU X 376 -38.65 -55.69 3.51
C GLU X 376 -37.77 -56.90 3.72
N MET X 377 -38.07 -57.74 4.71
CA MET X 377 -37.27 -58.89 5.06
C MET X 377 -38.10 -60.17 4.99
N PRO X 378 -37.52 -61.28 4.53
CA PRO X 378 -38.26 -62.55 4.55
C PRO X 378 -38.49 -63.06 5.97
N ASN X 379 -39.18 -64.18 6.10
CA ASN X 379 -39.53 -64.70 7.42
C ASN X 379 -38.98 -66.09 7.67
N TYR X 380 -38.96 -66.97 6.67
CA TYR X 380 -38.13 -68.16 6.67
C TYR X 380 -38.45 -69.08 7.86
N CYS X 381 -39.63 -69.67 7.82
CA CYS X 381 -39.97 -70.71 8.78
C CYS X 381 -39.05 -71.91 8.59
N PHE X 382 -38.36 -72.32 9.65
CA PHE X 382 -37.35 -73.37 9.61
C PHE X 382 -37.86 -74.65 10.24
N PRO X 383 -37.35 -75.81 9.80
CA PRO X 383 -37.88 -77.08 10.29
C PRO X 383 -37.67 -77.23 11.79
N LEU X 384 -38.30 -78.28 12.34
CA LEU X 384 -38.39 -78.43 13.78
C LEU X 384 -37.02 -78.50 14.46
N SER X 385 -36.02 -79.06 13.78
CA SER X 385 -34.70 -79.21 14.37
C SER X 385 -33.63 -78.97 13.31
N GLY X 386 -33.20 -77.72 13.18
CA GLY X 386 -32.05 -77.35 12.38
C GLY X 386 -32.03 -77.96 10.99
N VAL X 387 -31.08 -78.87 10.76
CA VAL X 387 -30.94 -79.50 9.46
C VAL X 387 -32.12 -80.45 9.22
N GLN X 388 -32.33 -80.77 7.94
CA GLN X 388 -33.35 -81.73 7.57
C GLN X 388 -32.79 -83.15 7.72
N ILE X 389 -33.53 -84.01 8.42
CA ILE X 389 -33.09 -85.38 8.65
C ILE X 389 -33.48 -86.20 7.44
N GLY X 390 -32.49 -86.58 6.63
CA GLY X 390 -32.73 -87.39 5.45
C GLY X 390 -31.83 -88.60 5.38
N ASN X 391 -31.20 -88.80 4.22
CA ASN X 391 -30.28 -89.92 4.07
C ASN X 391 -29.05 -89.73 4.93
N ARG X 392 -28.58 -90.83 5.53
CA ARG X 392 -27.40 -90.78 6.37
C ARG X 392 -26.14 -90.69 5.51
N SER X 393 -25.03 -90.34 6.15
CA SER X 393 -23.75 -90.20 5.47
C SER X 393 -22.68 -90.97 6.23
N HIS X 394 -21.64 -91.36 5.51
CA HIS X 394 -20.56 -92.18 6.04
C HIS X 394 -19.34 -91.31 6.27
N GLU X 395 -18.76 -91.41 7.47
CA GLU X 395 -17.49 -90.74 7.74
C GLU X 395 -16.37 -91.49 7.03
N VAL X 396 -15.55 -90.75 6.29
CA VAL X 396 -14.54 -91.34 5.42
C VAL X 396 -13.21 -90.64 5.67
N GLN X 397 -12.16 -91.42 5.86
CA GLN X 397 -10.80 -90.92 5.98
C GLN X 397 -9.99 -91.36 4.76
N ARG X 398 -8.77 -90.82 4.67
CA ARG X 398 -7.85 -91.10 3.56
C ARG X 398 -6.75 -91.99 4.08
N ASN X 399 -6.71 -93.24 3.60
CA ASN X 399 -5.75 -94.21 4.16
C ASN X 399 -4.36 -94.03 3.55
N GLN X 400 -4.20 -94.33 2.26
CA GLN X 400 -2.96 -93.99 1.56
C GLN X 400 -3.19 -93.11 0.34
N GLN X 401 -4.03 -93.55 -0.60
CA GLN X 401 -4.30 -92.80 -1.84
C GLN X 401 -5.78 -92.56 -2.10
N GLN X 402 -6.67 -93.44 -1.63
CA GLN X 402 -8.09 -93.35 -1.90
C GLN X 402 -8.86 -93.19 -0.61
N TRP X 403 -10.09 -92.68 -0.72
CA TRP X 403 -10.93 -92.41 0.43
C TRP X 403 -11.75 -93.65 0.78
N GLN X 404 -11.51 -94.18 1.97
CA GLN X 404 -12.18 -95.40 2.43
C GLN X 404 -13.03 -95.09 3.66
N ASN X 405 -14.09 -95.87 3.83
CA ASN X 405 -15.03 -95.64 4.92
C ASN X 405 -14.38 -95.93 6.27
N VAL X 406 -14.92 -95.28 7.30
CA VAL X 406 -14.48 -95.48 8.68
C VAL X 406 -15.45 -96.43 9.36
N ALA X 407 -14.91 -97.46 10.01
CA ALA X 407 -15.75 -98.47 10.63
C ALA X 407 -16.59 -97.87 11.75
N ASN X 408 -17.85 -98.32 11.82
CA ASN X 408 -18.77 -97.90 12.87
C ASN X 408 -18.97 -96.38 12.90
N SER X 409 -19.21 -95.81 11.72
CA SER X 409 -19.50 -94.39 11.61
C SER X 409 -20.65 -94.12 10.63
N ASP X 410 -21.53 -95.09 10.41
CA ASP X 410 -22.59 -94.96 9.41
C ASP X 410 -23.89 -94.49 10.06
N ASN X 411 -23.79 -93.35 10.75
CA ASN X 411 -24.96 -92.74 11.37
C ASN X 411 -24.98 -91.23 11.25
N ASN X 412 -24.03 -90.63 10.55
CA ASN X 412 -24.01 -89.18 10.38
C ASN X 412 -25.22 -88.72 9.58
N TYR X 413 -25.86 -87.65 10.05
CA TYR X 413 -27.02 -87.06 9.39
C TYR X 413 -26.64 -85.77 8.66
N ILE X 414 -25.46 -85.76 8.04
CA ILE X 414 -24.96 -84.57 7.37
C ILE X 414 -25.86 -84.21 6.20
N GLY X 415 -26.30 -82.95 6.17
CA GLY X 415 -26.87 -82.36 4.98
C GLY X 415 -25.83 -81.50 4.29
N LYS X 416 -26.16 -81.09 3.06
CA LYS X 416 -25.29 -80.21 2.30
C LYS X 416 -26.11 -79.08 1.72
N GLY X 417 -25.51 -77.90 1.70
CA GLY X 417 -26.22 -76.69 1.35
C GLY X 417 -26.87 -76.06 2.58
N ASN X 418 -27.57 -74.95 2.32
CA ASN X 418 -28.22 -74.21 3.38
C ASN X 418 -29.46 -74.94 3.87
N LEU X 419 -30.03 -74.43 4.97
CA LEU X 419 -31.18 -75.08 5.56
C LEU X 419 -32.39 -74.97 4.65
N PRO X 420 -33.26 -75.98 4.61
CA PRO X 420 -34.51 -75.88 3.86
C PRO X 420 -35.55 -75.07 4.64
N ALA X 421 -35.90 -73.91 4.10
CA ALA X 421 -36.83 -73.01 4.76
C ALA X 421 -38.00 -72.67 3.86
N MET X 422 -39.05 -72.11 4.44
CA MET X 422 -40.25 -71.73 3.73
C MET X 422 -40.63 -70.29 4.07
N GLU X 423 -41.02 -69.53 3.06
CA GLU X 423 -41.42 -68.13 3.23
C GLU X 423 -42.90 -68.01 3.52
N ILE X 424 -43.25 -67.00 4.31
CA ILE X 424 -44.66 -66.75 4.63
C ILE X 424 -45.09 -65.31 4.41
N ASN X 425 -44.18 -64.32 4.46
CA ASN X 425 -44.53 -62.90 4.36
C ASN X 425 -45.52 -62.49 5.46
N LEU X 426 -44.99 -62.53 6.68
CA LEU X 426 -45.80 -62.30 7.88
C LEU X 426 -46.57 -60.99 7.81
N ALA X 427 -45.88 -59.90 7.44
CA ALA X 427 -46.51 -58.58 7.51
C ALA X 427 -47.67 -58.46 6.54
N ALA X 428 -47.45 -58.82 5.28
CA ALA X 428 -48.53 -58.73 4.29
C ALA X 428 -49.65 -59.69 4.63
N ASN X 429 -49.32 -60.88 5.12
CA ASN X 429 -50.36 -61.84 5.48
C ASN X 429 -51.23 -61.31 6.62
N LEU X 430 -50.60 -60.73 7.64
CA LEU X 430 -51.35 -60.16 8.75
C LEU X 430 -52.22 -58.99 8.29
N TRP X 431 -51.67 -58.11 7.45
CA TRP X 431 -52.44 -56.97 6.96
C TRP X 431 -53.65 -57.44 6.17
N ARG X 432 -53.47 -58.44 5.29
CA ARG X 432 -54.59 -58.93 4.51
C ARG X 432 -55.63 -59.61 5.40
N SER X 433 -55.18 -60.36 6.40
CA SER X 433 -56.13 -60.99 7.32
C SER X 433 -56.97 -59.93 8.05
N PHE X 434 -56.31 -58.87 8.53
CA PHE X 434 -57.04 -57.79 9.19
C PHE X 434 -58.04 -57.14 8.24
N LEU X 435 -57.58 -56.80 7.03
CA LEU X 435 -58.45 -56.13 6.07
C LEU X 435 -59.65 -56.99 5.70
N TYR X 436 -59.41 -58.28 5.44
CA TYR X 436 -60.50 -59.20 5.17
C TYR X 436 -61.49 -59.22 6.32
N SER X 437 -61.02 -59.62 7.51
CA SER X 437 -61.92 -59.83 8.63
C SER X 437 -62.67 -58.56 9.03
N ASN X 438 -62.15 -57.39 8.67
CA ASN X 438 -62.78 -56.15 9.12
C ASN X 438 -63.57 -55.42 8.04
N VAL X 439 -63.38 -55.74 6.76
CA VAL X 439 -64.08 -55.04 5.67
C VAL X 439 -64.87 -56.01 4.81
N ALA X 440 -64.26 -57.14 4.42
CA ALA X 440 -64.92 -58.03 3.48
C ALA X 440 -66.17 -58.65 4.07
N LEU X 441 -66.08 -59.10 5.32
CA LEU X 441 -67.23 -59.70 5.98
C LEU X 441 -68.38 -58.71 6.20
N TYR X 442 -68.09 -57.42 6.24
CA TYR X 442 -69.11 -56.39 6.43
C TYR X 442 -69.53 -55.73 5.12
N LEU X 443 -68.90 -56.12 4.01
CA LEU X 443 -69.38 -55.71 2.71
C LEU X 443 -70.89 -55.95 2.58
N PRO X 444 -71.59 -55.10 1.82
CA PRO X 444 -73.05 -55.23 1.74
C PRO X 444 -73.47 -56.58 1.17
N ASP X 445 -74.67 -57.01 1.58
CA ASP X 445 -75.13 -58.37 1.30
C ASP X 445 -75.24 -58.67 -0.19
N ASN X 446 -75.47 -57.67 -1.04
CA ASN X 446 -75.59 -57.92 -2.46
C ASN X 446 -74.24 -58.13 -3.15
N LEU X 447 -73.14 -57.91 -2.44
CA LEU X 447 -71.80 -58.20 -2.95
C LEU X 447 -71.22 -59.49 -2.38
N LYS X 448 -72.06 -60.32 -1.75
CA LYS X 448 -71.64 -61.60 -1.19
C LYS X 448 -72.36 -62.73 -1.90
N PHE X 449 -71.71 -63.89 -1.94
CA PHE X 449 -72.25 -65.05 -2.63
C PHE X 449 -72.47 -66.19 -1.65
N THR X 450 -73.55 -66.94 -1.87
CA THR X 450 -73.79 -68.13 -1.08
C THR X 450 -72.93 -69.28 -1.61
N PRO X 451 -72.13 -69.93 -0.77
CA PRO X 451 -71.26 -70.99 -1.25
C PRO X 451 -72.06 -72.20 -1.73
N HIS X 452 -71.43 -73.00 -2.58
CA HIS X 452 -72.10 -74.17 -3.13
C HIS X 452 -72.35 -75.21 -2.05
N ASN X 453 -73.46 -75.94 -2.21
CA ASN X 453 -73.78 -77.12 -1.40
C ASN X 453 -73.96 -76.77 0.08
N ILE X 454 -74.59 -75.62 0.33
CA ILE X 454 -74.95 -75.23 1.70
C ILE X 454 -76.37 -74.69 1.65
N GLN X 455 -77.04 -74.74 2.81
CA GLN X 455 -78.41 -74.27 2.94
C GLN X 455 -78.46 -73.12 3.93
N LEU X 456 -79.22 -72.08 3.58
CA LEU X 456 -79.41 -70.91 4.42
C LEU X 456 -80.89 -70.63 4.58
N PRO X 457 -81.30 -70.03 5.70
CA PRO X 457 -82.71 -69.73 5.89
C PRO X 457 -83.19 -68.72 4.87
N PRO X 458 -84.46 -68.80 4.47
CA PRO X 458 -84.99 -67.80 3.52
C PRO X 458 -84.95 -66.38 4.06
N ASN X 459 -85.05 -66.21 5.37
CA ASN X 459 -85.04 -64.88 5.97
C ASN X 459 -83.67 -64.24 5.77
N THR X 460 -83.64 -63.05 5.19
CA THR X 460 -82.41 -62.33 4.94
C THR X 460 -81.95 -61.51 6.13
N ASN X 461 -82.71 -61.49 7.22
CA ASN X 461 -82.34 -60.78 8.42
C ASN X 461 -81.83 -61.68 9.54
N THR X 462 -82.00 -63.00 9.41
CA THR X 462 -81.57 -63.90 10.47
C THR X 462 -80.06 -63.97 10.54
N TYR X 463 -79.56 -64.43 11.68
CA TYR X 463 -78.12 -64.52 11.90
C TYR X 463 -77.48 -65.55 10.98
N GLU X 464 -78.15 -66.67 10.74
CA GLU X 464 -77.57 -67.73 9.94
C GLU X 464 -77.33 -67.29 8.50
N TYR X 465 -78.26 -66.50 7.95
CA TYR X 465 -78.11 -66.04 6.57
C TYR X 465 -76.86 -65.19 6.41
N MET X 466 -76.64 -64.24 7.32
CA MET X 466 -75.45 -63.39 7.21
C MET X 466 -74.19 -64.15 7.58
N ASN X 467 -74.31 -65.18 8.43
CA ASN X 467 -73.14 -65.96 8.81
C ASN X 467 -72.67 -66.84 7.65
N GLY X 468 -73.59 -67.47 6.94
CA GLY X 468 -73.23 -68.41 5.89
C GLY X 468 -72.78 -67.79 4.59
N ARG X 469 -72.89 -66.47 4.44
CA ARG X 469 -72.51 -65.80 3.21
C ARG X 469 -71.06 -65.35 3.26
N ILE X 470 -70.43 -65.31 2.09
CA ILE X 470 -69.02 -64.98 1.95
C ILE X 470 -68.91 -63.85 0.93
N PRO X 471 -68.12 -62.81 1.19
CA PRO X 471 -67.96 -61.74 0.20
C PRO X 471 -67.26 -62.23 -1.05
N VAL X 472 -67.60 -61.61 -2.18
CA VAL X 472 -66.99 -61.91 -3.46
C VAL X 472 -65.60 -61.29 -3.50
N SER X 473 -64.60 -62.09 -3.88
CA SER X 473 -63.23 -61.61 -3.92
C SER X 473 -63.05 -60.61 -5.07
N GLY X 474 -62.03 -59.76 -4.91
CA GLY X 474 -61.68 -58.77 -5.90
C GLY X 474 -62.20 -57.38 -5.61
N LEU X 475 -63.16 -57.25 -4.70
CA LEU X 475 -63.72 -55.93 -4.39
C LEU X 475 -62.86 -55.19 -3.38
N ILE X 476 -62.62 -55.80 -2.23
CA ILE X 476 -61.75 -55.25 -1.19
C ILE X 476 -60.55 -56.18 -1.04
N ASP X 477 -59.36 -55.62 -1.03
CA ASP X 477 -58.14 -56.42 -1.04
C ASP X 477 -56.97 -55.56 -0.61
N THR X 478 -55.79 -56.18 -0.53
CA THR X 478 -54.59 -55.51 -0.06
C THR X 478 -54.04 -54.49 -1.04
N TYR X 479 -54.56 -54.44 -2.27
CA TYR X 479 -54.06 -53.52 -3.28
C TYR X 479 -55.02 -52.40 -3.65
N VAL X 480 -56.29 -52.50 -3.26
CA VAL X 480 -57.27 -51.51 -3.67
C VAL X 480 -56.97 -50.18 -2.99
N ASN X 481 -57.01 -49.10 -3.77
CA ASN X 481 -56.77 -47.74 -3.27
C ASN X 481 -55.45 -47.67 -2.52
N ILE X 482 -54.43 -48.35 -3.04
CA ILE X 482 -53.16 -48.47 -2.35
C ILE X 482 -52.45 -47.12 -2.33
N GLY X 483 -51.92 -46.76 -1.18
CA GLY X 483 -51.19 -45.51 -1.03
C GLY X 483 -52.01 -44.33 -0.58
N THR X 484 -53.33 -44.48 -0.43
CA THR X 484 -54.18 -43.38 0.01
C THR X 484 -55.21 -43.91 0.99
N ARG X 485 -55.72 -43.01 1.83
CA ARG X 485 -56.82 -43.33 2.73
C ARG X 485 -58.14 -43.04 2.02
N TRP X 486 -58.94 -44.08 1.85
CA TRP X 486 -60.16 -43.96 1.04
C TRP X 486 -61.09 -45.11 1.39
N SER X 487 -62.24 -44.79 1.95
CA SER X 487 -63.23 -45.82 2.25
C SER X 487 -63.80 -46.36 0.95
N PRO X 488 -64.10 -47.66 0.88
CA PRO X 488 -64.71 -48.21 -0.34
C PRO X 488 -66.05 -47.53 -0.62
N ASP X 489 -66.32 -47.33 -1.91
CA ASP X 489 -67.55 -46.63 -2.29
C ASP X 489 -68.78 -47.42 -1.87
N VAL X 490 -68.74 -48.75 -2.01
CA VAL X 490 -69.88 -49.57 -1.66
C VAL X 490 -70.14 -49.55 -0.15
N MET X 491 -69.12 -49.27 0.65
CA MET X 491 -69.25 -49.29 2.10
C MET X 491 -69.43 -47.90 2.70
N ASP X 492 -69.63 -46.87 1.87
CA ASP X 492 -69.95 -45.55 2.41
C ASP X 492 -71.29 -45.57 3.12
N ASN X 493 -72.32 -46.11 2.48
CA ASN X 493 -73.66 -46.19 3.04
C ASN X 493 -73.90 -47.51 3.76
N VAL X 494 -72.97 -47.86 4.65
CA VAL X 494 -73.08 -49.06 5.48
C VAL X 494 -72.76 -48.67 6.91
N ASN X 495 -73.65 -49.04 7.83
CA ASN X 495 -73.51 -48.68 9.24
C ASN X 495 -72.17 -49.14 9.79
N PRO X 496 -71.25 -48.22 10.07
CA PRO X 496 -69.92 -48.63 10.54
C PRO X 496 -69.93 -49.05 12.00
N PHE X 497 -70.90 -48.54 12.75
CA PHE X 497 -71.02 -48.87 14.16
C PHE X 497 -71.58 -50.27 14.38
N ASN X 498 -72.09 -50.90 13.34
CA ASN X 498 -72.49 -52.31 13.38
C ASN X 498 -71.29 -53.20 13.05
N HIS X 499 -70.25 -53.05 13.87
CA HIS X 499 -68.97 -53.70 13.66
C HIS X 499 -68.57 -54.46 14.92
N HIS X 500 -67.87 -55.57 14.72
CA HIS X 500 -67.50 -56.41 15.87
C HIS X 500 -66.47 -55.71 16.76
N ARG X 501 -65.64 -54.84 16.20
CA ARG X 501 -64.69 -54.08 17.00
C ARG X 501 -65.25 -52.74 17.46
N ASN X 502 -66.57 -52.61 17.50
CA ASN X 502 -67.19 -51.47 18.17
C ASN X 502 -66.88 -51.58 19.66
N SER X 503 -66.02 -50.71 20.16
CA SER X 503 -65.54 -50.85 21.53
C SER X 503 -66.66 -50.69 22.54
N GLY X 504 -67.57 -49.75 22.31
CA GLY X 504 -68.67 -49.55 23.24
C GLY X 504 -69.59 -50.75 23.33
N LEU X 505 -69.97 -51.30 22.17
CA LEU X 505 -70.84 -52.47 22.18
C LEU X 505 -70.13 -53.68 22.76
N ARG X 506 -68.82 -53.82 22.47
CA ARG X 506 -68.06 -54.92 23.04
C ARG X 506 -68.03 -54.83 24.56
N TYR X 507 -67.78 -53.62 25.09
CA TYR X 507 -67.75 -53.44 26.54
C TYR X 507 -69.13 -53.70 27.14
N ARG X 508 -70.18 -53.21 26.50
CA ARG X 508 -71.52 -53.42 27.04
C ARG X 508 -71.89 -54.90 27.05
N SER X 509 -71.51 -55.63 25.99
CA SER X 509 -71.81 -57.06 25.94
C SER X 509 -71.00 -57.84 26.97
N GLN X 510 -69.73 -57.49 27.14
CA GLN X 510 -68.91 -58.17 28.13
C GLN X 510 -69.30 -57.80 29.56
N LEU X 511 -69.96 -56.66 29.75
CA LEU X 511 -70.25 -56.21 31.10
C LEU X 511 -71.31 -57.07 31.79
N LEU X 512 -72.19 -57.72 31.01
CA LEU X 512 -73.09 -58.72 31.55
C LEU X 512 -72.63 -60.14 31.23
N GLY X 513 -71.37 -60.31 30.84
CA GLY X 513 -70.79 -61.63 30.66
C GLY X 513 -71.04 -62.22 29.30
N ASN X 514 -70.57 -63.45 29.14
CA ASN X 514 -70.77 -64.23 27.93
C ASN X 514 -71.82 -65.31 28.18
N GLY X 515 -72.13 -66.07 27.14
CA GLY X 515 -73.03 -67.19 27.31
C GLY X 515 -74.42 -66.89 26.80
N ARG X 516 -75.14 -67.96 26.46
CA ARG X 516 -76.51 -67.83 26.00
C ARG X 516 -77.39 -67.20 27.06
N PHE X 517 -77.28 -67.65 28.29
CA PHE X 517 -78.11 -67.18 29.40
C PHE X 517 -77.26 -66.40 30.39
N CYS X 518 -77.83 -65.32 30.93
CA CYS X 518 -77.13 -64.50 31.90
C CYS X 518 -78.17 -63.69 32.68
N ASP X 519 -77.79 -63.31 33.89
CA ASP X 519 -78.63 -62.49 34.76
C ASP X 519 -78.10 -61.07 34.78
N PHE X 520 -78.98 -60.11 34.54
CA PHE X 520 -78.61 -58.70 34.47
C PHE X 520 -79.10 -57.97 35.72
N HIS X 521 -78.22 -57.18 36.32
CA HIS X 521 -78.53 -56.35 37.47
C HIS X 521 -78.18 -54.92 37.05
N ILE X 522 -79.14 -54.23 36.45
CA ILE X 522 -78.87 -52.96 35.79
C ILE X 522 -79.59 -51.84 36.51
N GLN X 523 -79.08 -50.62 36.30
CA GLN X 523 -79.68 -49.40 36.82
C GLN X 523 -79.82 -48.42 35.67
N VAL X 524 -81.05 -48.08 35.32
CA VAL X 524 -81.35 -47.20 34.19
C VAL X 524 -81.84 -45.86 34.75
N PRO X 525 -81.36 -44.73 34.24
CA PRO X 525 -81.78 -43.43 34.78
C PRO X 525 -83.00 -42.87 34.08
N GLN X 526 -83.49 -41.72 34.55
CA GLN X 526 -84.61 -41.03 33.92
C GLN X 526 -84.04 -39.98 32.97
N LYS X 527 -84.43 -40.07 31.69
CA LYS X 527 -83.91 -39.19 30.66
C LYS X 527 -84.83 -38.04 30.30
N PHE X 528 -86.02 -37.97 30.89
CA PHE X 528 -86.94 -36.90 30.56
C PHE X 528 -86.40 -35.56 31.08
N PHE X 529 -86.56 -34.51 30.27
CA PHE X 529 -85.97 -33.22 30.62
C PHE X 529 -86.70 -32.56 31.78
N ALA X 530 -88.01 -32.71 31.87
CA ALA X 530 -88.78 -32.06 32.93
C ALA X 530 -88.71 -32.80 34.25
N ILE X 531 -88.10 -33.98 34.27
CA ILE X 531 -88.04 -34.79 35.48
C ILE X 531 -86.61 -35.11 35.92
N ARG X 532 -85.62 -35.05 35.03
CA ARG X 532 -84.27 -35.49 35.37
C ARG X 532 -83.66 -34.65 36.49
N ASN X 533 -83.82 -33.32 36.42
CA ASN X 533 -83.21 -32.43 37.39
C ASN X 533 -84.21 -31.81 38.35
N LEU X 534 -85.45 -32.30 38.37
CA LEU X 534 -86.47 -31.69 39.21
C LEU X 534 -86.19 -31.95 40.69
N LEU X 535 -86.11 -30.87 41.46
CA LEU X 535 -85.93 -30.96 42.91
C LEU X 535 -87.31 -31.14 43.54
N LEU X 536 -87.61 -32.36 43.97
CA LEU X 536 -88.96 -32.74 44.38
C LEU X 536 -89.19 -32.31 45.83
N LEU X 537 -90.18 -31.43 46.03
CA LEU X 537 -90.49 -30.93 47.35
C LEU X 537 -91.22 -32.00 48.17
N PRO X 538 -91.25 -31.84 49.49
CA PRO X 538 -91.87 -32.87 50.34
C PRO X 538 -93.33 -33.14 49.95
N GLY X 539 -93.72 -34.40 50.06
CA GLY X 539 -95.03 -34.84 49.66
C GLY X 539 -94.96 -36.23 49.03
N THR X 540 -96.10 -36.89 48.85
CA THR X 540 -96.14 -38.22 48.26
C THR X 540 -96.58 -38.12 46.81
N TYR X 541 -95.96 -38.94 45.96
CA TYR X 541 -96.21 -38.92 44.53
C TYR X 541 -96.41 -40.33 44.02
N THR X 542 -97.03 -40.43 42.84
CA THR X 542 -97.35 -41.71 42.22
C THR X 542 -96.44 -41.96 41.00
N TYR X 543 -95.16 -41.62 41.15
CA TYR X 543 -94.19 -41.84 40.09
C TYR X 543 -94.19 -43.29 39.63
N GLU X 544 -94.38 -43.49 38.32
CA GLU X 544 -94.35 -44.82 37.76
C GLU X 544 -94.01 -44.70 36.28
N TRP X 545 -93.56 -45.81 35.70
CA TRP X 545 -93.11 -45.81 34.33
C TRP X 545 -93.46 -47.14 33.69
N SER X 546 -93.08 -47.29 32.42
CA SER X 546 -93.26 -48.52 31.67
C SER X 546 -91.95 -48.89 31.00
N PHE X 547 -91.60 -50.17 31.04
CA PHE X 547 -90.35 -50.67 30.50
C PHE X 547 -90.61 -51.61 29.33
N ARG X 548 -89.93 -51.36 28.21
CA ARG X 548 -90.11 -52.16 27.02
C ARG X 548 -89.53 -53.56 27.21
N LYS X 549 -90.11 -54.53 26.50
CA LYS X 549 -89.59 -55.88 26.47
C LYS X 549 -89.34 -56.38 25.04
N ASP X 550 -89.47 -55.51 24.05
CA ASP X 550 -89.16 -55.86 22.68
C ASP X 550 -87.65 -56.09 22.56
N VAL X 551 -87.27 -57.32 22.21
CA VAL X 551 -85.86 -57.70 22.23
C VAL X 551 -85.04 -56.87 21.26
N ASN X 552 -85.64 -56.51 20.12
CA ASN X 552 -84.91 -55.74 19.11
C ASN X 552 -84.51 -54.37 19.65
N MET X 553 -85.39 -53.72 20.40
CA MET X 553 -85.11 -52.40 20.92
C MET X 553 -84.34 -52.42 22.24
N ILE X 554 -84.55 -53.44 23.07
CA ILE X 554 -83.83 -53.52 24.33
C ILE X 554 -82.36 -53.83 24.10
N LEU X 555 -82.07 -54.80 23.23
CA LEU X 555 -80.72 -55.29 23.03
C LEU X 555 -80.15 -54.78 21.71
N GLN X 556 -78.83 -54.87 21.59
CA GLN X 556 -78.12 -54.40 20.42
C GLN X 556 -77.05 -55.42 20.06
N SER X 557 -76.87 -55.66 18.76
CA SER X 557 -75.89 -56.60 18.26
C SER X 557 -75.04 -55.95 17.18
N THR X 558 -73.81 -56.44 17.05
CA THR X 558 -72.94 -55.92 15.99
C THR X 558 -73.52 -56.19 14.62
N LEU X 559 -74.23 -57.30 14.47
CA LEU X 559 -74.93 -57.60 13.24
C LEU X 559 -76.36 -57.08 13.33
N GLY X 560 -76.92 -56.74 12.18
CA GLY X 560 -78.29 -56.24 12.14
C GLY X 560 -79.32 -57.35 12.19
N ASN X 561 -78.97 -58.47 12.80
CA ASN X 561 -79.86 -59.61 12.84
C ASN X 561 -81.07 -59.34 13.73
N ASP X 562 -82.23 -59.80 13.28
CA ASP X 562 -83.43 -59.72 14.10
C ASP X 562 -83.30 -60.71 15.26
N LEU X 563 -83.50 -60.22 16.47
CA LEU X 563 -83.45 -61.07 17.65
C LEU X 563 -84.80 -61.66 18.02
N ARG X 564 -85.87 -61.26 17.32
CA ARG X 564 -87.16 -61.89 17.55
C ARG X 564 -87.20 -63.29 16.95
N VAL X 565 -86.68 -63.45 15.73
CA VAL X 565 -86.62 -64.77 15.11
C VAL X 565 -85.65 -65.66 15.86
N ASP X 566 -84.53 -65.09 16.32
CA ASP X 566 -83.62 -65.84 17.17
C ASP X 566 -84.25 -66.06 18.55
N GLY X 567 -83.79 -67.09 19.24
CA GLY X 567 -84.34 -67.42 20.54
C GLY X 567 -83.87 -66.48 21.64
N ALA X 568 -84.04 -65.17 21.42
CA ALA X 568 -83.60 -64.16 22.37
C ALA X 568 -84.81 -63.54 23.05
N THR X 569 -84.77 -63.49 24.39
CA THR X 569 -85.86 -62.92 25.16
C THR X 569 -85.32 -62.42 26.49
N VAL X 570 -86.09 -61.55 27.13
CA VAL X 570 -85.75 -60.98 28.42
C VAL X 570 -86.90 -61.23 29.38
N ASN X 571 -86.57 -61.64 30.60
CA ASN X 571 -87.56 -61.93 31.63
C ASN X 571 -87.24 -61.04 32.84
N ILE X 572 -88.01 -59.96 32.99
CA ILE X 572 -87.80 -59.02 34.09
C ILE X 572 -88.44 -59.58 35.35
N THR X 573 -87.65 -59.68 36.41
CA THR X 573 -88.12 -60.27 37.66
C THR X 573 -88.65 -59.22 38.63
N SER X 574 -87.83 -58.20 38.94
CA SER X 574 -88.23 -57.17 39.88
C SER X 574 -87.67 -55.83 39.42
N VAL X 575 -88.45 -54.78 39.60
CA VAL X 575 -88.06 -53.42 39.25
C VAL X 575 -88.21 -52.54 40.49
N ASN X 576 -87.11 -51.93 40.91
CA ASN X 576 -87.09 -51.02 42.04
C ASN X 576 -86.33 -49.76 41.66
N LEU X 577 -86.59 -48.68 42.39
CA LEU X 577 -85.85 -47.44 42.23
C LEU X 577 -85.19 -47.06 43.54
N TYR X 578 -84.01 -46.45 43.46
CA TYR X 578 -83.23 -46.08 44.63
C TYR X 578 -83.05 -44.57 44.64
N ALA X 579 -83.79 -43.89 45.51
CA ALA X 579 -83.62 -42.45 45.68
C ALA X 579 -82.43 -42.16 46.59
N SER X 580 -81.93 -40.95 46.49
CA SER X 580 -80.83 -40.49 47.35
C SER X 580 -81.22 -39.12 47.91
N PHE X 581 -81.41 -39.06 49.22
CA PHE X 581 -81.83 -37.84 49.90
C PHE X 581 -80.64 -37.18 50.58
N PHE X 582 -80.44 -35.91 50.29
CA PHE X 582 -79.41 -35.16 50.98
C PHE X 582 -79.82 -34.98 52.44
N PRO X 583 -79.00 -35.40 53.40
CA PRO X 583 -79.39 -35.29 54.82
C PRO X 583 -79.15 -33.89 55.37
N MET X 584 -79.93 -32.93 54.89
CA MET X 584 -79.83 -31.56 55.36
C MET X 584 -80.69 -31.36 56.60
N SER X 585 -80.24 -30.43 57.45
CA SER X 585 -80.96 -30.17 58.70
C SER X 585 -82.37 -29.69 58.41
N HIS X 586 -83.32 -30.14 59.22
CA HIS X 586 -84.71 -29.76 58.99
C HIS X 586 -84.93 -28.27 59.21
N ASN X 587 -84.09 -27.63 60.03
CA ASN X 587 -84.21 -26.20 60.26
C ASN X 587 -84.07 -25.43 58.95
N THR X 588 -83.08 -25.78 58.13
CA THR X 588 -82.95 -25.16 56.82
C THR X 588 -83.83 -25.82 55.77
N ALA X 589 -84.21 -27.07 55.97
CA ALA X 589 -85.08 -27.74 55.00
C ALA X 589 -86.46 -27.11 54.97
N SER X 590 -87.00 -26.77 56.14
CA SER X 590 -88.32 -26.14 56.20
C SER X 590 -88.32 -24.79 55.49
N THR X 591 -87.31 -23.97 55.73
CA THR X 591 -87.25 -22.67 55.06
C THR X 591 -86.99 -22.83 53.56
N LEU X 592 -86.18 -23.81 53.17
CA LEU X 592 -85.96 -24.05 51.75
C LEU X 592 -87.26 -24.45 51.06
N GLU X 593 -88.04 -25.31 51.70
CA GLU X 593 -89.34 -25.69 51.16
C GLU X 593 -90.26 -24.47 51.08
N ALA X 594 -90.26 -23.62 52.12
CA ALA X 594 -91.13 -22.45 52.12
C ALA X 594 -90.80 -21.52 50.96
N MET X 595 -89.51 -21.25 50.74
CA MET X 595 -89.11 -20.40 49.62
C MET X 595 -89.29 -21.08 48.26
N LEU X 596 -89.25 -22.40 48.19
CA LEU X 596 -89.43 -23.09 46.93
C LEU X 596 -90.89 -23.41 46.61
N ARG X 597 -91.81 -23.18 47.54
CA ARG X 597 -93.23 -23.37 47.29
C ARG X 597 -93.92 -22.09 46.83
N ASN X 598 -93.16 -21.12 46.36
CA ASN X 598 -93.70 -19.85 45.90
C ASN X 598 -93.75 -19.81 44.39
N ASP X 599 -94.65 -18.99 43.86
CA ASP X 599 -94.79 -18.86 42.41
C ASP X 599 -93.51 -18.32 41.77
N THR X 600 -92.84 -17.39 42.46
CA THR X 600 -91.66 -16.77 41.88
C THR X 600 -90.51 -17.76 41.71
N ASN X 601 -90.37 -18.70 42.65
CA ASN X 601 -89.24 -19.62 42.67
C ASN X 601 -89.54 -20.94 41.98
N ASP X 602 -90.43 -20.94 40.99
CA ASP X 602 -90.69 -22.16 40.23
C ASP X 602 -89.46 -22.55 39.42
N GLN X 603 -89.13 -23.84 39.47
CA GLN X 603 -87.97 -24.35 38.73
C GLN X 603 -88.32 -24.53 37.26
N SER X 604 -87.39 -24.16 36.39
CA SER X 604 -87.58 -24.21 34.96
C SER X 604 -86.55 -25.12 34.32
N PHE X 605 -87.00 -25.93 33.36
CA PHE X 605 -86.14 -26.90 32.69
C PHE X 605 -86.39 -26.84 31.20
N ASN X 606 -85.38 -27.24 30.43
CA ASN X 606 -85.51 -27.30 28.98
C ASN X 606 -84.76 -28.53 28.44
N ASP X 607 -85.27 -29.05 27.34
CA ASP X 607 -84.60 -30.17 26.67
C ASP X 607 -83.29 -29.69 26.05
N TYR X 608 -82.32 -30.58 25.93
CA TYR X 608 -81.09 -30.17 25.31
C TYR X 608 -81.34 -29.96 23.83
N LEU X 609 -81.50 -31.00 23.05
CA LEU X 609 -81.80 -30.78 21.67
C LEU X 609 -83.21 -30.33 21.67
N SER X 610 -83.41 -29.11 22.10
CA SER X 610 -84.74 -28.59 22.10
C SER X 610 -85.08 -28.63 20.69
N ALA X 611 -85.97 -29.53 20.31
CA ALA X 611 -86.26 -29.65 18.92
C ALA X 611 -87.52 -30.40 18.69
N ALA X 612 -87.89 -30.50 17.44
CA ALA X 612 -89.07 -31.20 17.10
C ALA X 612 -88.71 -32.02 15.92
N ASN X 613 -88.47 -33.30 16.12
CA ASN X 613 -88.00 -34.14 15.04
C ASN X 613 -89.09 -34.63 14.14
N MET X 614 -88.89 -34.51 12.84
CA MET X 614 -89.87 -34.97 11.90
C MET X 614 -89.15 -35.80 10.89
N LEU X 615 -89.68 -36.95 10.54
CA LEU X 615 -89.03 -37.85 9.62
C LEU X 615 -89.85 -37.93 8.34
N TYR X 616 -89.22 -37.69 7.19
CA TYR X 616 -89.91 -37.75 5.91
C TYR X 616 -89.31 -38.83 5.04
N PRO X 617 -90.08 -39.83 4.60
CA PRO X 617 -89.57 -40.96 3.83
C PRO X 617 -89.03 -40.52 2.48
N ILE X 618 -88.03 -41.26 2.00
CA ILE X 618 -87.33 -40.95 0.77
C ILE X 618 -87.36 -42.18 -0.12
N PRO X 619 -88.00 -42.13 -1.29
CA PRO X 619 -87.80 -43.20 -2.26
C PRO X 619 -86.36 -43.21 -2.73
N PRO X 620 -85.84 -44.36 -3.16
CA PRO X 620 -84.39 -44.49 -3.30
C PRO X 620 -83.80 -43.74 -4.48
N ASN X 621 -84.23 -42.48 -4.67
CA ASN X 621 -83.71 -41.58 -5.69
C ASN X 621 -84.11 -40.15 -5.35
N ALA X 622 -83.40 -39.20 -5.98
CA ALA X 622 -83.88 -37.84 -6.21
C ALA X 622 -84.02 -36.98 -4.97
N THR X 623 -85.10 -36.19 -4.92
CA THR X 623 -85.27 -35.11 -3.94
C THR X 623 -86.60 -35.24 -3.19
N GLN X 624 -86.95 -34.23 -2.40
CA GLN X 624 -88.20 -34.24 -1.64
C GLN X 624 -88.50 -32.83 -1.15
N LEU X 625 -89.77 -32.59 -0.78
CA LEU X 625 -90.23 -31.26 -0.38
C LEU X 625 -91.20 -31.30 0.80
N PRO X 626 -90.79 -30.82 1.98
CA PRO X 626 -91.66 -30.89 3.18
C PRO X 626 -92.50 -29.66 3.52
N ILE X 627 -93.31 -29.82 4.55
CA ILE X 627 -93.82 -28.82 5.53
C ILE X 627 -94.85 -27.83 4.99
N PRO X 628 -96.01 -27.70 5.67
CA PRO X 628 -96.96 -26.61 5.41
C PRO X 628 -96.72 -25.37 6.28
N SER X 629 -97.72 -24.53 6.50
CA SER X 629 -97.59 -23.27 7.32
C SER X 629 -97.42 -23.42 8.83
N ARG X 630 -97.33 -22.30 9.57
CA ARG X 630 -97.11 -22.31 11.04
C ARG X 630 -96.94 -20.92 11.64
N ASN X 631 -96.03 -20.74 12.60
CA ASN X 631 -95.81 -19.41 13.22
C ASN X 631 -94.39 -18.95 13.12
N TRP X 632 -93.46 -19.72 13.63
CA TRP X 632 -92.03 -19.42 13.48
C TRP X 632 -91.51 -18.36 14.39
N ALA X 633 -91.89 -18.40 15.64
CA ALA X 633 -91.35 -17.50 16.63
C ALA X 633 -90.31 -18.24 17.47
N ALA X 634 -89.23 -17.53 17.82
CA ALA X 634 -88.14 -18.10 18.61
C ALA X 634 -87.50 -19.30 17.93
N PHE X 635 -87.62 -19.37 16.60
CA PHE X 635 -86.99 -20.44 15.85
C PHE X 635 -85.47 -20.32 15.94
N ARG X 636 -84.80 -21.46 16.08
CA ARG X 636 -83.36 -21.48 16.28
C ARG X 636 -82.56 -21.97 15.09
N GLY X 637 -83.09 -22.86 14.29
CA GLY X 637 -82.38 -23.35 13.13
C GLY X 637 -82.85 -24.76 12.78
N TRP X 638 -82.13 -25.35 11.83
CA TRP X 638 -82.42 -26.69 11.35
C TRP X 638 -81.25 -27.63 11.64
N SER X 639 -81.54 -28.92 11.61
CA SER X 639 -80.51 -29.95 11.68
C SER X 639 -81.00 -31.15 10.87
N LEU X 640 -80.29 -31.47 9.80
CA LEU X 640 -80.74 -32.44 8.82
C LEU X 640 -79.73 -33.58 8.71
N THR X 641 -80.23 -34.81 8.59
CA THR X 641 -79.41 -36.00 8.42
C THR X 641 -80.31 -37.13 7.95
N ARG X 642 -79.81 -37.94 7.03
CA ARG X 642 -80.59 -39.03 6.45
C ARG X 642 -80.38 -40.31 7.26
N LEU X 643 -81.48 -41.00 7.55
CA LEU X 643 -81.46 -42.31 8.19
C LEU X 643 -82.01 -43.35 7.23
N LYS X 644 -81.88 -44.62 7.61
CA LYS X 644 -82.43 -45.72 6.85
C LYS X 644 -83.78 -46.13 7.41
N GLN X 645 -84.71 -46.46 6.51
CA GLN X 645 -86.04 -46.87 6.95
C GLN X 645 -86.00 -48.14 7.76
N ARG X 646 -85.15 -49.09 7.37
CA ARG X 646 -85.03 -50.35 8.11
C ARG X 646 -84.54 -50.12 9.52
N GLU X 647 -83.56 -49.22 9.69
CA GLU X 647 -82.97 -49.00 11.01
C GLU X 647 -83.88 -48.18 11.92
N THR X 648 -84.61 -47.23 11.38
CA THR X 648 -85.42 -46.34 12.21
C THR X 648 -86.67 -47.07 12.68
N PRO X 649 -86.91 -47.18 13.99
CA PRO X 649 -88.12 -47.85 14.47
C PRO X 649 -89.30 -46.90 14.60
N ALA X 650 -90.43 -47.41 15.06
CA ALA X 650 -91.61 -46.61 15.37
C ALA X 650 -91.80 -46.63 16.88
N LEU X 651 -91.61 -45.48 17.53
CA LEU X 651 -91.69 -45.38 18.97
C LEU X 651 -93.09 -45.09 19.49
N GLY X 652 -94.05 -44.85 18.60
CA GLY X 652 -95.38 -44.49 19.03
C GLY X 652 -96.27 -45.64 19.47
N SER X 653 -95.77 -46.87 19.40
CA SER X 653 -96.57 -48.04 19.73
C SER X 653 -95.84 -48.90 20.75
N PRO X 654 -96.58 -49.64 21.58
CA PRO X 654 -95.91 -50.55 22.53
C PRO X 654 -95.04 -51.59 21.86
N PHE X 655 -95.35 -51.98 20.62
CA PHE X 655 -94.57 -52.98 19.91
C PHE X 655 -94.55 -52.61 18.44
N ASP X 656 -93.42 -52.86 17.79
CA ASP X 656 -93.24 -52.55 16.38
C ASP X 656 -93.05 -53.83 15.59
N PRO X 657 -94.11 -54.41 15.00
CA PRO X 657 -93.95 -55.67 14.27
C PRO X 657 -93.11 -55.54 13.00
N TYR X 658 -92.90 -54.33 12.50
CA TYR X 658 -92.20 -54.11 11.24
C TYR X 658 -90.75 -53.67 11.44
N PHE X 659 -90.22 -53.79 12.65
CA PHE X 659 -88.86 -53.31 12.90
C PHE X 659 -87.83 -54.33 12.44
N THR X 660 -87.82 -55.52 13.05
CA THR X 660 -87.02 -56.66 12.59
C THR X 660 -85.55 -56.28 12.37
N TYR X 661 -84.99 -55.53 13.32
CA TYR X 661 -83.62 -55.09 13.20
C TYR X 661 -83.04 -54.90 14.60
N SER X 662 -81.74 -55.10 14.73
CA SER X 662 -81.05 -54.93 16.00
C SER X 662 -79.67 -54.37 15.74
N GLY X 663 -79.43 -53.13 16.16
CA GLY X 663 -78.16 -52.50 15.93
C GLY X 663 -78.19 -51.06 16.42
N THR X 664 -77.16 -50.32 16.05
CA THR X 664 -77.05 -48.92 16.43
C THR X 664 -78.08 -48.13 15.65
N ILE X 665 -79.25 -47.92 16.26
CA ILE X 665 -80.33 -47.22 15.59
C ILE X 665 -80.10 -45.72 15.69
N PRO X 666 -79.83 -45.05 14.56
CA PRO X 666 -79.42 -43.63 14.61
C PRO X 666 -80.46 -42.71 15.22
N TYR X 667 -81.75 -42.94 14.97
CA TYR X 667 -82.77 -41.96 15.31
C TYR X 667 -82.74 -41.63 16.79
N LEU X 668 -82.67 -42.64 17.65
CA LEU X 668 -82.67 -42.43 19.09
C LEU X 668 -81.34 -42.80 19.74
N ASP X 669 -80.28 -42.97 18.99
CA ASP X 669 -79.02 -43.25 19.63
C ASP X 669 -78.04 -42.18 19.31
N GLY X 670 -78.32 -41.43 18.26
CA GLY X 670 -77.38 -40.38 17.88
C GLY X 670 -76.17 -40.93 17.18
N THR X 671 -76.39 -41.85 16.25
CA THR X 671 -75.32 -42.57 15.56
C THR X 671 -75.56 -42.45 14.06
N PHE X 672 -75.05 -41.37 13.47
CA PHE X 672 -75.35 -41.01 12.10
C PHE X 672 -74.17 -41.30 11.20
N TYR X 673 -74.44 -41.84 10.00
CA TYR X 673 -73.39 -42.12 9.04
C TYR X 673 -73.77 -41.79 7.61
N LEU X 674 -74.95 -41.24 7.36
CA LEU X 674 -75.41 -40.93 6.01
C LEU X 674 -75.49 -39.43 5.75
N SER X 675 -74.98 -38.60 6.66
CA SER X 675 -75.04 -37.16 6.48
C SER X 675 -74.16 -36.67 5.34
N HIS X 676 -73.26 -37.51 4.82
CA HIS X 676 -72.39 -37.12 3.72
C HIS X 676 -73.05 -37.29 2.36
N THR X 677 -74.28 -37.82 2.30
CA THR X 677 -74.96 -38.05 1.04
C THR X 677 -75.81 -36.88 0.59
N PHE X 678 -75.83 -35.79 1.35
CA PHE X 678 -76.61 -34.61 0.97
C PHE X 678 -75.85 -33.81 -0.07
N ARG X 679 -76.61 -33.21 -0.99
CA ARG X 679 -76.02 -32.45 -2.09
C ARG X 679 -76.41 -30.98 -2.06
N LYS X 680 -77.67 -30.67 -1.83
CA LYS X 680 -78.13 -29.28 -1.87
C LYS X 680 -79.38 -29.13 -1.02
N VAL X 681 -79.49 -27.98 -0.35
CA VAL X 681 -80.67 -27.62 0.42
C VAL X 681 -81.14 -26.26 -0.04
N ALA X 682 -82.46 -26.12 -0.24
CA ALA X 682 -83.06 -24.87 -0.69
C ALA X 682 -84.25 -24.55 0.21
N ILE X 683 -84.06 -23.62 1.13
CA ILE X 683 -85.09 -23.24 2.09
C ILE X 683 -85.71 -21.93 1.63
N GLN X 684 -87.04 -21.88 1.64
CA GLN X 684 -87.75 -20.65 1.32
C GLN X 684 -88.92 -20.48 2.28
N PHE X 685 -89.12 -19.25 2.73
CA PHE X 685 -90.18 -18.90 3.66
C PHE X 685 -91.32 -18.19 2.95
N ASP X 686 -92.53 -18.42 3.46
CA ASP X 686 -93.76 -17.79 2.96
C ASP X 686 -94.00 -18.13 1.50
N SER X 687 -93.37 -19.18 1.00
CA SER X 687 -93.46 -19.61 -0.41
C SER X 687 -93.13 -18.47 -1.37
N SER X 688 -92.39 -17.47 -0.92
CA SER X 688 -92.08 -16.33 -1.76
C SER X 688 -90.60 -16.00 -1.85
N VAL X 689 -89.86 -16.13 -0.75
CA VAL X 689 -88.46 -15.72 -0.69
C VAL X 689 -87.63 -16.86 -0.10
N THR X 690 -86.44 -17.08 -0.66
CA THR X 690 -85.52 -18.08 -0.14
C THR X 690 -84.91 -17.61 1.18
N TRP X 691 -84.57 -18.56 2.04
CA TRP X 691 -83.95 -18.20 3.32
C TRP X 691 -82.60 -17.50 3.20
N PRO X 692 -81.65 -17.92 2.36
CA PRO X 692 -80.49 -17.05 2.14
C PRO X 692 -80.90 -15.65 1.74
N GLY X 693 -81.94 -15.52 0.91
CA GLY X 693 -82.57 -14.26 0.62
C GLY X 693 -81.64 -13.22 0.05
N ASN X 694 -81.34 -12.19 0.84
CA ASN X 694 -80.30 -11.25 0.48
C ASN X 694 -78.99 -11.98 0.26
N ASP X 695 -78.24 -11.56 -0.77
CA ASP X 695 -77.09 -12.33 -1.21
C ASP X 695 -76.07 -12.49 -0.11
N ARG X 696 -75.94 -13.71 0.41
CA ARG X 696 -74.98 -14.03 1.46
C ARG X 696 -73.98 -15.08 1.03
N LEU X 697 -74.43 -16.21 0.54
CA LEU X 697 -73.57 -17.31 0.13
C LEU X 697 -73.12 -17.12 -1.32
N LEU X 698 -72.03 -17.81 -1.67
CA LEU X 698 -71.56 -17.76 -3.05
C LEU X 698 -72.61 -18.32 -4.00
N THR X 699 -73.23 -19.44 -3.65
CA THR X 699 -74.45 -19.85 -4.31
C THR X 699 -75.58 -18.97 -3.82
N PRO X 700 -76.33 -18.31 -4.72
CA PRO X 700 -77.23 -17.23 -4.27
C PRO X 700 -78.33 -17.69 -3.33
N ASN X 701 -79.12 -18.68 -3.73
CA ASN X 701 -80.28 -19.09 -2.94
C ASN X 701 -80.36 -20.60 -2.82
N GLU X 702 -79.21 -21.27 -2.67
CA GLU X 702 -79.17 -22.69 -2.37
C GLU X 702 -78.09 -22.95 -1.33
N PHE X 703 -78.43 -23.73 -0.31
CA PHE X 703 -77.45 -24.21 0.66
C PHE X 703 -76.72 -25.41 0.05
N GLU X 704 -75.88 -25.11 -0.93
CA GLU X 704 -75.13 -26.15 -1.63
C GLU X 704 -74.17 -26.82 -0.66
N ILE X 705 -74.06 -28.15 -0.76
CA ILE X 705 -73.24 -28.90 0.17
C ILE X 705 -72.10 -29.58 -0.57
N LYS X 706 -72.44 -30.48 -1.49
CA LYS X 706 -71.46 -31.18 -2.30
C LYS X 706 -71.64 -30.79 -3.77
N ILE X 707 -70.53 -30.57 -4.45
CA ILE X 707 -70.52 -30.30 -5.89
C ILE X 707 -69.36 -31.05 -6.52
N SER X 708 -69.63 -31.76 -7.62
CA SER X 708 -68.67 -32.66 -8.23
C SER X 708 -68.07 -32.11 -9.51
N VAL X 709 -68.32 -30.85 -9.85
CA VAL X 709 -67.75 -30.28 -11.07
C VAL X 709 -66.79 -29.14 -10.76
N ASP X 710 -67.27 -28.08 -10.13
CA ASP X 710 -66.44 -26.98 -9.64
C ASP X 710 -65.52 -26.43 -10.72
N GLY X 711 -66.13 -25.87 -11.76
CA GLY X 711 -65.36 -25.20 -12.79
C GLY X 711 -64.87 -23.81 -12.39
N GLU X 712 -65.34 -23.29 -11.25
CA GLU X 712 -64.96 -21.96 -10.79
C GLU X 712 -64.38 -21.99 -9.38
N GLY X 713 -63.90 -23.14 -8.93
CA GLY X 713 -63.38 -23.26 -7.59
C GLY X 713 -64.42 -23.77 -6.62
N TYR X 714 -64.70 -23.00 -5.57
CA TYR X 714 -65.76 -23.30 -4.61
C TYR X 714 -65.54 -24.60 -3.86
N ASN X 715 -64.38 -25.23 -4.03
CA ASN X 715 -64.01 -26.39 -3.23
C ASN X 715 -63.20 -25.91 -2.03
N VAL X 716 -63.62 -26.34 -0.84
CA VAL X 716 -62.97 -25.92 0.38
C VAL X 716 -62.25 -27.13 0.95
N ALA X 717 -61.26 -26.87 1.81
CA ALA X 717 -60.37 -27.91 2.35
C ALA X 717 -59.75 -28.61 1.14
N GLN X 718 -59.70 -29.94 1.12
CA GLN X 718 -59.26 -30.70 -0.05
C GLN X 718 -60.22 -31.85 -0.30
N SER X 719 -61.52 -31.55 -0.27
CA SER X 719 -62.57 -32.55 -0.37
C SER X 719 -63.64 -32.05 -1.33
N ASN X 720 -64.77 -32.75 -1.35
CA ASN X 720 -65.87 -32.49 -2.27
C ASN X 720 -66.83 -31.43 -1.75
N MET X 721 -66.70 -30.99 -0.51
CA MET X 721 -67.63 -30.06 0.09
C MET X 721 -67.24 -28.62 -0.23
N THR X 722 -68.24 -27.74 -0.28
CA THR X 722 -68.09 -26.42 -0.85
C THR X 722 -67.80 -25.36 0.22
N LYS X 723 -67.32 -24.20 -0.26
CA LYS X 723 -66.81 -23.16 0.64
C LYS X 723 -67.90 -22.56 1.51
N ASP X 724 -69.05 -22.24 0.92
CA ASP X 724 -70.11 -21.62 1.70
C ASP X 724 -70.67 -22.57 2.74
N TRP X 725 -70.78 -23.85 2.39
CA TRP X 725 -71.23 -24.84 3.38
C TRP X 725 -70.21 -25.00 4.49
N PHE X 726 -68.91 -24.98 4.16
CA PHE X 726 -67.90 -25.01 5.22
C PHE X 726 -68.03 -23.81 6.14
N LEU X 727 -68.25 -22.63 5.56
CA LEU X 727 -68.41 -21.43 6.38
C LEU X 727 -69.62 -21.56 7.30
N VAL X 728 -70.75 -22.01 6.75
CA VAL X 728 -71.97 -22.13 7.53
C VAL X 728 -71.79 -23.12 8.66
N GLN X 729 -71.20 -24.28 8.37
CA GLN X 729 -71.00 -25.30 9.39
C GLN X 729 -70.03 -24.84 10.46
N MET X 730 -68.92 -24.22 10.05
CA MET X 730 -67.95 -23.74 11.03
C MET X 730 -68.57 -22.67 11.93
N LEU X 731 -69.33 -21.75 11.36
CA LEU X 731 -70.00 -20.75 12.18
C LEU X 731 -71.00 -21.39 13.14
N ALA X 732 -71.89 -22.23 12.62
CA ALA X 732 -72.92 -22.85 13.45
C ALA X 732 -72.33 -23.71 14.55
N ASN X 733 -71.13 -24.25 14.35
CA ASN X 733 -70.57 -25.16 15.33
C ASN X 733 -69.65 -24.46 16.33
N TYR X 734 -68.82 -23.53 15.88
CA TYR X 734 -67.79 -22.98 16.75
C TYR X 734 -67.72 -21.46 16.77
N ASN X 735 -68.56 -20.77 16.00
CA ASN X 735 -68.48 -19.32 15.84
C ASN X 735 -67.12 -18.87 15.33
N ILE X 736 -66.48 -19.67 14.47
CA ILE X 736 -65.21 -19.31 13.85
C ILE X 736 -65.35 -19.50 12.34
N GLY X 737 -65.74 -18.44 11.64
CA GLY X 737 -65.73 -18.46 10.20
C GLY X 737 -65.25 -17.16 9.57
N TYR X 738 -65.14 -16.11 10.38
CA TYR X 738 -64.88 -14.77 9.87
C TYR X 738 -63.46 -14.27 10.12
N GLN X 739 -62.71 -14.90 11.04
CA GLN X 739 -61.34 -14.52 11.35
C GLN X 739 -60.50 -15.80 11.26
N GLY X 740 -60.04 -16.12 10.06
CA GLY X 740 -59.32 -17.36 9.86
C GLY X 740 -60.23 -18.56 9.97
N TYR X 741 -59.61 -19.73 9.84
CA TYR X 741 -60.30 -21.02 9.96
C TYR X 741 -59.54 -21.93 10.90
N HIS X 742 -58.96 -21.37 11.96
CA HIS X 742 -58.10 -22.11 12.85
C HIS X 742 -58.84 -23.30 13.49
N LEU X 743 -58.07 -24.24 14.01
CA LEU X 743 -58.67 -25.38 14.69
C LEU X 743 -59.35 -24.93 15.98
N PRO X 744 -60.56 -25.40 16.24
CA PRO X 744 -61.28 -25.00 17.45
C PRO X 744 -60.66 -25.63 18.69
N PRO X 745 -60.92 -25.07 19.87
CA PRO X 745 -60.35 -25.63 21.09
C PRO X 745 -60.92 -27.00 21.41
N ASP X 746 -60.15 -27.74 22.22
CA ASP X 746 -60.50 -29.13 22.54
C ASP X 746 -61.82 -29.21 23.29
N TYR X 747 -62.07 -28.29 24.21
CA TYR X 747 -63.31 -28.34 24.98
C TYR X 747 -64.53 -28.08 24.11
N LYS X 748 -64.38 -27.37 23.00
CA LYS X 748 -65.46 -27.21 22.04
C LYS X 748 -65.52 -28.33 21.02
N ASP X 749 -64.43 -29.09 20.84
CA ASP X 749 -64.39 -30.16 19.86
C ASP X 749 -64.96 -31.43 20.49
N ARG X 750 -66.29 -31.52 20.50
CA ARG X 750 -66.99 -32.63 21.11
C ARG X 750 -67.25 -33.73 20.08
N THR X 751 -67.91 -34.81 20.52
CA THR X 751 -68.09 -35.97 19.66
C THR X 751 -69.07 -35.70 18.52
N PHE X 752 -70.12 -34.93 18.77
CA PHE X 752 -71.11 -34.62 17.75
C PHE X 752 -70.72 -33.41 16.91
N SER X 753 -69.55 -32.82 17.16
CA SER X 753 -69.13 -31.63 16.46
C SER X 753 -68.67 -31.96 15.03
N PHE X 754 -68.45 -30.90 14.24
CA PHE X 754 -68.19 -31.07 12.82
C PHE X 754 -66.77 -31.57 12.57
N LEU X 755 -65.76 -30.79 12.95
CA LEU X 755 -64.38 -31.14 12.62
C LEU X 755 -63.88 -32.35 13.39
N HIS X 756 -64.59 -32.78 14.43
CA HIS X 756 -64.21 -34.01 15.12
C HIS X 756 -64.45 -35.24 14.26
N ASN X 757 -65.26 -35.12 13.21
CA ASN X 757 -65.56 -36.25 12.35
C ASN X 757 -65.48 -35.94 10.87
N PHE X 758 -65.05 -34.74 10.48
CA PHE X 758 -64.91 -34.39 9.07
C PHE X 758 -63.64 -35.02 8.54
N ILE X 759 -63.77 -36.02 7.70
CA ILE X 759 -62.65 -36.81 7.21
C ILE X 759 -62.54 -36.64 5.70
N PRO X 760 -61.68 -35.75 5.22
CA PRO X 760 -61.50 -35.61 3.78
C PRO X 760 -60.69 -36.76 3.21
N MET X 761 -61.10 -37.22 2.03
CA MET X 761 -60.46 -38.35 1.36
C MET X 761 -60.31 -38.03 -0.12
N CYS X 762 -59.31 -38.66 -0.73
CA CYS X 762 -59.06 -38.44 -2.15
C CYS X 762 -58.35 -39.65 -2.73
N ARG X 763 -58.79 -40.09 -3.90
CA ARG X 763 -58.17 -41.18 -4.63
C ARG X 763 -58.14 -40.85 -6.11
N GLN X 764 -57.45 -41.69 -6.88
CA GLN X 764 -57.27 -41.44 -8.31
C GLN X 764 -57.49 -42.75 -9.07
N VAL X 765 -58.59 -42.81 -9.81
CA VAL X 765 -58.93 -43.96 -10.64
C VAL X 765 -58.02 -43.96 -11.87
N PRO X 766 -57.91 -45.09 -12.59
CA PRO X 766 -56.96 -45.13 -13.72
C PRO X 766 -57.45 -44.47 -14.99
N ASN X 767 -58.48 -43.60 -14.89
CA ASN X 767 -58.94 -42.79 -16.00
C ASN X 767 -59.42 -43.65 -17.17
N PRO X 768 -60.60 -44.27 -17.06
CA PRO X 768 -61.05 -45.17 -18.13
C PRO X 768 -61.39 -44.44 -19.43
N ALA X 769 -60.44 -43.65 -19.92
CA ALA X 769 -60.57 -43.00 -21.22
C ALA X 769 -59.29 -43.05 -22.04
N THR X 770 -58.15 -43.38 -21.46
CA THR X 770 -56.89 -43.41 -22.18
C THR X 770 -56.82 -44.63 -23.09
N GLU X 771 -55.92 -44.56 -24.06
CA GLU X 771 -55.72 -45.67 -24.98
C GLU X 771 -54.98 -46.81 -24.31
N GLY X 772 -55.38 -48.03 -24.62
CA GLY X 772 -54.76 -49.21 -24.05
C GLY X 772 -55.27 -49.62 -22.69
N TYR X 773 -56.24 -48.89 -22.13
CA TYR X 773 -56.82 -49.25 -20.85
C TYR X 773 -58.00 -50.18 -21.07
N PHE X 774 -57.92 -51.38 -20.50
CA PHE X 774 -59.01 -52.34 -20.54
C PHE X 774 -59.64 -52.44 -19.17
N GLY X 775 -60.93 -52.15 -19.09
CA GLY X 775 -61.63 -52.25 -17.82
C GLY X 775 -61.98 -53.69 -17.49
N LEU X 776 -61.26 -54.28 -16.55
CA LEU X 776 -61.50 -55.66 -16.17
C LEU X 776 -62.80 -55.78 -15.39
N GLY X 777 -63.32 -57.00 -15.35
CA GLY X 777 -64.48 -57.29 -14.54
C GLY X 777 -64.11 -57.42 -13.07
N ILE X 778 -64.69 -58.40 -12.39
CA ILE X 778 -64.32 -58.70 -11.02
C ILE X 778 -63.65 -60.07 -10.91
N VAL X 779 -64.17 -61.07 -11.64
CA VAL X 779 -63.57 -62.40 -11.61
C VAL X 779 -62.21 -62.39 -12.30
N ASN X 780 -61.97 -61.45 -13.21
CA ASN X 780 -60.75 -61.45 -14.00
C ASN X 780 -59.57 -60.77 -13.31
N HIS X 781 -59.78 -60.16 -12.14
CA HIS X 781 -58.65 -59.67 -11.36
C HIS X 781 -57.76 -60.83 -10.97
N ARG X 782 -56.45 -60.64 -11.14
CA ARG X 782 -55.45 -61.66 -10.82
C ARG X 782 -54.40 -61.02 -9.95
N THR X 783 -54.25 -61.51 -8.72
CA THR X 783 -53.19 -61.07 -7.82
C THR X 783 -52.86 -62.20 -6.86
N THR X 784 -51.57 -62.44 -6.69
CA THR X 784 -51.02 -63.51 -5.87
C THR X 784 -51.70 -64.85 -6.18
N PRO X 785 -51.64 -65.31 -7.44
CA PRO X 785 -52.15 -66.66 -7.74
C PRO X 785 -51.29 -67.70 -7.08
N ALA X 786 -51.90 -68.86 -6.80
CA ALA X 786 -51.29 -69.93 -6.02
C ALA X 786 -50.97 -69.48 -4.60
N TYR X 787 -51.59 -68.38 -4.16
CA TYR X 787 -51.42 -67.88 -2.81
C TYR X 787 -52.74 -67.63 -2.10
N TRP X 788 -53.82 -67.38 -2.82
CA TRP X 788 -55.19 -67.42 -2.32
C TRP X 788 -56.12 -67.46 -3.52
N PHE X 789 -57.39 -67.77 -3.27
CA PHE X 789 -58.32 -68.22 -4.30
C PHE X 789 -59.45 -67.22 -4.49
N ARG X 790 -60.00 -67.20 -5.71
CA ARG X 790 -61.23 -66.48 -5.97
C ARG X 790 -62.30 -66.89 -4.95
N PHE X 791 -63.25 -65.99 -4.68
CA PHE X 791 -64.18 -66.17 -3.57
C PHE X 791 -63.40 -66.33 -2.27
N CYS X 792 -62.78 -65.22 -1.87
CA CYS X 792 -61.61 -65.19 -0.99
C CYS X 792 -61.86 -65.89 0.33
N ARG X 793 -60.75 -66.07 1.07
CA ARG X 793 -60.53 -66.83 2.28
C ARG X 793 -60.41 -68.33 1.94
N ALA X 794 -60.66 -68.73 0.70
CA ALA X 794 -60.53 -70.11 0.28
C ALA X 794 -59.06 -70.51 0.25
N PRO X 795 -58.76 -71.82 0.20
CA PRO X 795 -57.36 -72.25 0.13
C PRO X 795 -56.56 -71.64 -1.01
N ARG X 796 -55.25 -71.86 -0.98
CA ARG X 796 -54.29 -71.14 -1.81
C ARG X 796 -54.11 -71.72 -3.22
N GLU X 797 -55.09 -72.45 -3.73
CA GLU X 797 -54.93 -73.01 -5.08
C GLU X 797 -54.78 -71.91 -6.13
N GLY X 798 -53.94 -72.18 -7.11
CA GLY X 798 -53.69 -71.23 -8.18
C GLY X 798 -52.39 -71.57 -8.90
N HIS X 799 -51.81 -70.55 -9.54
CA HIS X 799 -50.74 -70.75 -10.50
C HIS X 799 -49.83 -69.51 -10.53
N PRO X 800 -48.59 -69.60 -10.02
CA PRO X 800 -47.77 -68.39 -9.86
C PRO X 800 -47.44 -67.74 -11.19
N TYR X 801 -48.04 -66.58 -11.48
CA TYR X 801 -47.88 -65.95 -12.78
C TYR X 801 -48.08 -64.48 -12.60
N PRO X 802 -47.60 -63.64 -13.51
CA PRO X 802 -47.72 -62.19 -13.41
C PRO X 802 -49.17 -61.73 -13.28
N GLN X 803 -49.38 -60.52 -12.77
CA GLN X 803 -50.69 -60.12 -12.27
C GLN X 803 -51.18 -58.85 -12.94
N LEU X 804 -52.48 -58.62 -12.82
CA LEU X 804 -53.15 -57.42 -13.30
C LEU X 804 -54.31 -57.13 -12.35
N ALA X 805 -54.08 -56.21 -11.41
CA ALA X 805 -55.10 -55.82 -10.45
C ALA X 805 -55.54 -54.38 -10.65
N LEU X 806 -54.58 -53.45 -10.61
CA LEU X 806 -54.82 -52.05 -10.86
C LEU X 806 -53.58 -51.52 -11.57
N PRO X 807 -53.76 -50.78 -12.66
CA PRO X 807 -52.62 -50.20 -13.35
C PRO X 807 -51.82 -49.32 -12.40
N PRO X 808 -50.50 -49.37 -12.48
CA PRO X 808 -49.67 -48.70 -11.47
C PRO X 808 -49.80 -47.19 -11.57
N HIS X 809 -49.30 -46.52 -10.54
CA HIS X 809 -49.28 -45.07 -10.46
C HIS X 809 -47.94 -44.59 -9.93
N TRP X 810 -46.87 -45.26 -10.32
CA TRP X 810 -45.54 -44.90 -9.84
C TRP X 810 -44.54 -44.61 -10.94
N ASP X 811 -44.56 -45.39 -12.01
CA ASP X 811 -43.53 -45.33 -13.04
C ASP X 811 -44.22 -45.28 -14.39
N PRO X 812 -43.51 -44.89 -15.47
CA PRO X 812 -44.11 -45.01 -16.80
C PRO X 812 -44.56 -46.42 -17.13
N ARG X 813 -45.22 -46.58 -18.28
CA ARG X 813 -45.95 -47.81 -18.62
C ARG X 813 -47.09 -48.03 -17.63
N HIS X 814 -47.84 -46.96 -17.37
CA HIS X 814 -48.94 -46.97 -16.41
C HIS X 814 -50.08 -46.11 -16.93
N ALA X 815 -51.28 -46.38 -16.42
CA ALA X 815 -52.46 -45.64 -16.85
C ALA X 815 -52.47 -44.25 -16.25
N LEU X 816 -53.20 -43.35 -16.90
CA LEU X 816 -53.28 -41.96 -16.48
C LEU X 816 -54.24 -41.80 -15.30
N ARG X 817 -54.24 -40.60 -14.73
CA ARG X 817 -54.99 -40.30 -13.52
C ARG X 817 -56.38 -39.75 -13.84
N ASP X 818 -57.22 -39.76 -12.81
CA ASP X 818 -58.51 -39.07 -12.81
C ASP X 818 -58.96 -38.89 -11.37
N PRO X 819 -58.42 -37.90 -10.66
CA PRO X 819 -58.70 -37.77 -9.23
C PRO X 819 -60.18 -37.54 -8.95
N GLU X 820 -60.65 -38.15 -7.87
CA GLU X 820 -62.00 -37.92 -7.35
C GLU X 820 -61.90 -37.71 -5.85
N ARG X 821 -62.59 -36.68 -5.36
CA ARG X 821 -62.53 -36.30 -3.96
C ARG X 821 -63.89 -36.48 -3.32
N LYS X 822 -63.90 -36.94 -2.06
CA LYS X 822 -65.12 -37.01 -1.29
C LYS X 822 -64.77 -37.00 0.18
N PHE X 823 -65.69 -36.48 0.99
CA PHE X 823 -65.52 -36.45 2.43
C PHE X 823 -66.49 -37.43 3.08
N LEU X 824 -66.22 -37.76 4.33
CA LEU X 824 -67.01 -38.74 5.08
C LEU X 824 -67.21 -38.21 6.49
N CYS X 825 -68.39 -37.67 6.77
CA CYS X 825 -68.72 -37.08 8.06
C CYS X 825 -69.71 -38.00 8.76
N ASP X 826 -69.36 -38.43 9.96
CA ASP X 826 -70.13 -39.41 10.71
C ASP X 826 -70.55 -38.84 12.06
N ARG X 827 -71.76 -39.20 12.49
CA ARG X 827 -72.30 -38.85 13.81
C ARG X 827 -72.50 -37.35 13.99
N THR X 828 -72.60 -36.59 12.90
CA THR X 828 -72.81 -35.15 12.97
C THR X 828 -74.07 -34.75 12.22
N LEU X 829 -74.84 -33.85 12.82
CA LEU X 829 -76.00 -33.25 12.16
C LEU X 829 -75.57 -32.00 11.43
N TRP X 830 -76.08 -31.82 10.21
CA TRP X 830 -75.82 -30.60 9.46
C TRP X 830 -76.59 -29.45 10.08
N ARG X 831 -75.88 -28.44 10.59
CA ARG X 831 -76.50 -27.35 11.32
C ARG X 831 -76.68 -26.14 10.41
N ILE X 832 -77.90 -25.62 10.34
CA ILE X 832 -78.21 -24.39 9.63
C ILE X 832 -78.88 -23.43 10.59
N PRO X 833 -78.13 -22.56 11.27
CA PRO X 833 -78.72 -21.73 12.33
C PRO X 833 -79.62 -20.64 11.77
N PHE X 834 -80.56 -20.20 12.60
CA PHE X 834 -81.56 -19.26 12.15
C PHE X 834 -81.05 -17.82 12.13
N SER X 835 -79.88 -17.55 12.72
CA SER X 835 -79.35 -16.20 12.78
C SER X 835 -78.91 -15.74 11.40
N SER X 836 -78.92 -14.41 11.21
CA SER X 836 -78.55 -13.85 9.92
C SER X 836 -77.09 -14.08 9.56
N ASN X 837 -76.19 -13.99 10.54
CA ASN X 837 -74.77 -14.18 10.30
C ASN X 837 -74.31 -15.61 10.59
N PHE X 838 -75.25 -16.53 10.82
CA PHE X 838 -74.98 -17.95 11.05
C PHE X 838 -74.20 -18.19 12.34
N MET X 839 -73.93 -17.16 13.12
CA MET X 839 -73.28 -17.30 14.41
C MET X 839 -74.29 -17.67 15.48
N SER X 840 -73.80 -18.03 16.66
CA SER X 840 -74.65 -18.32 17.80
C SER X 840 -74.25 -17.39 18.94
N MET X 841 -74.78 -16.18 18.90
CA MET X 841 -74.58 -15.18 19.96
C MET X 841 -75.75 -15.17 20.94
N GLY X 842 -76.09 -16.35 21.47
CA GLY X 842 -77.21 -16.47 22.38
C GLY X 842 -78.23 -17.49 21.93
N SER X 843 -78.98 -18.06 22.88
CA SER X 843 -79.94 -19.10 22.55
C SER X 843 -81.05 -18.55 21.66
N LEU X 844 -81.57 -17.38 21.99
CA LEU X 844 -82.62 -16.73 21.20
C LEU X 844 -81.96 -15.89 20.13
N THR X 845 -81.99 -16.36 18.89
CA THR X 845 -81.37 -15.65 17.79
C THR X 845 -82.12 -14.35 17.51
N ASP X 846 -81.42 -13.41 16.87
CA ASP X 846 -82.01 -12.11 16.57
C ASP X 846 -83.21 -12.23 15.64
N LEU X 847 -83.11 -13.04 14.60
CA LEU X 847 -84.28 -13.28 13.75
C LEU X 847 -85.33 -14.12 14.46
N GLY X 848 -85.00 -14.77 15.58
CA GLY X 848 -86.02 -15.33 16.44
C GLY X 848 -86.73 -14.27 17.26
N GLN X 849 -86.01 -13.24 17.68
CA GLN X 849 -86.66 -12.10 18.34
C GLN X 849 -87.58 -11.37 17.38
N ASN X 850 -87.16 -11.20 16.13
CA ASN X 850 -88.10 -10.85 15.08
C ASN X 850 -89.09 -12.00 14.91
N LEU X 851 -90.34 -11.65 14.59
CA LEU X 851 -91.48 -12.55 14.48
C LEU X 851 -91.97 -13.04 15.84
N LEU X 852 -91.34 -12.61 16.94
CA LEU X 852 -91.77 -13.06 18.26
C LEU X 852 -93.09 -12.43 18.66
N TYR X 853 -93.29 -11.15 18.30
CA TYR X 853 -94.52 -10.44 18.61
C TYR X 853 -95.23 -9.97 17.34
N ALA X 854 -94.88 -10.57 16.20
CA ALA X 854 -95.50 -10.22 14.92
C ALA X 854 -96.66 -11.12 14.55
N ASN X 855 -96.92 -12.18 15.32
CA ASN X 855 -98.05 -13.10 15.15
C ASN X 855 -98.41 -13.35 13.69
N ALA X 856 -97.38 -13.61 12.89
CA ALA X 856 -97.55 -13.94 11.48
C ALA X 856 -97.45 -15.45 11.29
N ALA X 857 -97.72 -15.90 10.06
CA ALA X 857 -97.81 -17.32 9.77
C ALA X 857 -96.70 -17.80 8.84
N HIS X 858 -96.58 -17.24 7.64
CA HIS X 858 -95.62 -17.69 6.64
C HIS X 858 -95.81 -19.18 6.31
N ALA X 859 -94.94 -19.71 5.46
CA ALA X 859 -94.91 -21.13 5.17
C ALA X 859 -93.48 -21.52 4.84
N LEU X 860 -93.14 -22.78 5.14
CA LEU X 860 -91.80 -23.29 4.90
C LEU X 860 -91.84 -24.30 3.77
N ASP X 861 -90.93 -24.14 2.81
CA ASP X 861 -90.84 -25.01 1.65
C ASP X 861 -89.37 -25.37 1.44
N MET X 862 -89.00 -26.59 1.83
CA MET X 862 -87.63 -27.07 1.70
C MET X 862 -87.55 -28.07 0.56
N THR X 863 -86.45 -28.03 -0.18
CA THR X 863 -86.16 -29.01 -1.22
C THR X 863 -84.76 -29.57 -0.98
N PHE X 864 -84.66 -30.89 -0.93
CA PHE X 864 -83.40 -31.57 -0.67
C PHE X 864 -82.99 -32.38 -1.89
N GLU X 865 -81.76 -32.15 -2.36
CA GLU X 865 -81.13 -32.97 -3.38
C GLU X 865 -80.06 -33.81 -2.72
N MET X 866 -80.06 -35.11 -3.00
CA MET X 866 -79.30 -36.08 -2.22
C MET X 866 -78.67 -37.09 -3.13
N ASP X 867 -77.59 -37.70 -2.65
CA ASP X 867 -76.99 -38.81 -3.38
C ASP X 867 -77.90 -40.03 -3.28
N PRO X 868 -78.32 -40.61 -4.40
CA PRO X 868 -79.29 -41.71 -4.34
C PRO X 868 -78.64 -43.01 -3.92
N ILE X 869 -79.32 -43.73 -3.02
CA ILE X 869 -78.89 -45.05 -2.59
C ILE X 869 -80.07 -46.01 -2.73
N ASN X 870 -79.74 -47.29 -2.92
CA ASN X 870 -80.74 -48.26 -3.36
C ASN X 870 -81.80 -48.50 -2.30
N GLU X 871 -81.38 -48.78 -1.06
CA GLU X 871 -82.33 -49.11 -0.01
C GLU X 871 -83.17 -47.89 0.35
N PRO X 872 -84.48 -48.07 0.53
CA PRO X 872 -85.34 -46.93 0.89
C PRO X 872 -84.92 -46.32 2.22
N THR X 873 -84.93 -44.99 2.26
CA THR X 873 -84.44 -44.24 3.40
C THR X 873 -85.45 -43.16 3.76
N LEU X 874 -85.13 -42.41 4.82
CA LEU X 874 -85.99 -41.35 5.30
C LEU X 874 -85.15 -40.14 5.70
N LEU X 875 -85.76 -38.97 5.62
CA LEU X 875 -85.13 -37.72 6.04
C LEU X 875 -85.44 -37.46 7.50
N TYR X 876 -84.45 -36.97 8.23
CA TYR X 876 -84.61 -36.71 9.66
C TYR X 876 -84.25 -35.26 9.96
N VAL X 877 -84.80 -34.34 9.18
CA VAL X 877 -84.64 -32.92 9.50
C VAL X 877 -85.36 -32.63 10.82
N LEU X 878 -84.67 -31.95 11.72
CA LEU X 878 -85.23 -31.60 13.02
C LEU X 878 -85.11 -30.09 13.21
N PHE X 879 -86.22 -29.46 13.54
CA PHE X 879 -86.28 -28.01 13.68
C PHE X 879 -85.92 -27.64 15.11
N GLU X 880 -84.82 -26.90 15.27
CA GLU X 880 -84.40 -26.49 16.60
C GLU X 880 -85.37 -25.44 17.14
N VAL X 881 -86.03 -25.79 18.25
CA VAL X 881 -87.10 -24.97 18.79
C VAL X 881 -86.76 -24.60 20.23
N PHE X 882 -87.68 -23.91 20.90
CA PHE X 882 -87.57 -23.63 22.33
C PHE X 882 -88.60 -24.52 23.04
N ASP X 883 -88.10 -25.59 23.66
CA ASP X 883 -88.95 -26.53 24.40
C ASP X 883 -88.56 -26.41 25.88
N VAL X 884 -89.39 -25.70 26.64
CA VAL X 884 -89.12 -25.43 28.04
C VAL X 884 -90.32 -25.85 28.87
N ALA X 885 -90.08 -26.04 30.16
CA ALA X 885 -91.14 -26.40 31.09
C ALA X 885 -90.73 -25.95 32.49
N ARG X 886 -91.63 -25.22 33.17
CA ARG X 886 -91.39 -24.79 34.54
C ARG X 886 -92.36 -25.51 35.46
N VAL X 887 -91.82 -26.05 36.56
CA VAL X 887 -92.58 -26.86 37.49
C VAL X 887 -92.94 -26.01 38.69
N HIS X 888 -94.23 -25.94 39.00
CA HIS X 888 -94.74 -25.20 40.15
C HIS X 888 -95.32 -26.16 41.15
N GLN X 889 -94.83 -26.11 42.39
CA GLN X 889 -95.27 -27.00 43.46
C GLN X 889 -95.86 -26.14 44.58
N PRO X 890 -97.16 -25.87 44.54
CA PRO X 890 -97.75 -24.95 45.50
C PRO X 890 -97.67 -25.41 46.95
N HIS X 891 -98.24 -26.58 47.26
CA HIS X 891 -98.33 -26.99 48.67
C HIS X 891 -98.55 -28.49 48.79
N ARG X 892 -97.59 -29.18 49.39
CA ARG X 892 -97.77 -30.49 50.03
C ARG X 892 -98.56 -31.46 49.16
N GLY X 893 -97.96 -31.83 48.04
CA GLY X 893 -98.51 -32.82 47.16
C GLY X 893 -99.17 -32.32 45.90
N VAL X 894 -99.00 -31.04 45.56
CA VAL X 894 -99.51 -30.49 44.31
C VAL X 894 -98.30 -30.18 43.43
N ILE X 895 -98.24 -30.83 42.27
CA ILE X 895 -97.20 -30.57 41.29
C ILE X 895 -97.86 -30.28 39.96
N GLU X 896 -97.61 -29.09 39.42
CA GLU X 896 -98.18 -28.66 38.15
C GLU X 896 -97.04 -28.19 37.25
N VAL X 897 -96.95 -28.77 36.06
CA VAL X 897 -95.92 -28.44 35.09
C VAL X 897 -96.60 -27.90 33.85
N VAL X 898 -96.17 -26.72 33.39
CA VAL X 898 -96.67 -26.12 32.16
C VAL X 898 -95.56 -26.18 31.13
N TYR X 899 -95.88 -26.70 29.96
CA TYR X 899 -94.92 -26.89 28.88
C TYR X 899 -95.14 -25.84 27.80
N LEU X 900 -94.10 -25.61 27.00
CA LEU X 900 -94.19 -24.63 25.92
C LEU X 900 -93.14 -24.97 24.87
N ARG X 901 -93.59 -25.38 23.69
CA ARG X 901 -92.76 -25.49 22.50
C ARG X 901 -93.18 -24.36 21.58
N THR X 902 -92.29 -23.39 21.37
CA THR X 902 -92.78 -22.10 20.88
C THR X 902 -93.03 -22.07 19.37
N PRO X 903 -92.13 -22.55 18.49
CA PRO X 903 -92.46 -22.54 17.06
C PRO X 903 -93.52 -23.57 16.72
N PHE X 904 -93.29 -24.81 17.16
CA PHE X 904 -94.24 -25.89 16.99
C PHE X 904 -95.11 -25.97 18.24
N SER X 905 -96.35 -25.52 18.14
CA SER X 905 -97.21 -25.37 19.30
C SER X 905 -97.36 -26.70 20.04
N ALA X 906 -97.23 -26.66 21.36
CA ALA X 906 -97.34 -27.84 22.20
C ALA X 906 -97.59 -27.38 23.63
N GLY X 907 -98.01 -28.34 24.46
CA GLY X 907 -98.27 -28.06 25.87
C GLY X 907 -99.40 -27.09 26.10
N TYR Y 6 -44.73 48.90 -1.80
CA TYR Y 6 -45.05 47.81 -2.71
C TYR Y 6 -44.11 46.62 -2.51
N ALA Y 7 -43.38 46.64 -1.38
CA ALA Y 7 -42.42 45.58 -1.12
C ALA Y 7 -43.10 44.22 -0.96
N ALA Y 8 -44.37 44.21 -0.57
CA ALA Y 8 -45.10 42.95 -0.46
C ALA Y 8 -45.36 42.31 -1.81
N LEU Y 9 -45.36 43.09 -2.89
CA LEU Y 9 -45.56 42.52 -4.23
C LEU Y 9 -44.35 41.70 -4.66
N ALA Y 10 -43.15 42.12 -4.26
CA ALA Y 10 -41.95 41.42 -4.67
C ALA Y 10 -41.90 40.01 -4.08
N PRO Y 11 -41.36 39.05 -4.82
CA PRO Y 11 -41.17 37.71 -4.24
C PRO Y 11 -40.24 37.79 -3.03
N ARG Y 12 -40.58 37.01 -2.01
CA ARG Y 12 -39.87 37.08 -0.74
C ARG Y 12 -38.76 36.03 -0.69
N GLN Y 13 -37.55 36.47 -0.39
CA GLN Y 13 -36.45 35.57 -0.08
C GLN Y 13 -36.69 34.83 1.22
N GLY Y 14 -37.69 35.25 1.99
CA GLY Y 14 -37.99 34.70 3.30
C GLY Y 14 -38.77 35.70 4.12
N SER Y 15 -38.29 36.00 5.32
CA SER Y 15 -38.89 37.09 6.09
C SER Y 15 -38.73 38.42 5.37
N ARG Y 16 -37.57 38.66 4.77
CA ARG Y 16 -37.31 39.90 4.06
C ARG Y 16 -37.49 39.68 2.56
N PRO Y 17 -38.27 40.52 1.88
CA PRO Y 17 -38.36 40.40 0.42
C PRO Y 17 -37.05 40.81 -0.25
N MET Y 18 -36.77 40.19 -1.39
CA MET Y 18 -35.57 40.51 -2.16
C MET Y 18 -35.86 41.60 -3.19
N LEU Y 19 -34.84 42.38 -3.50
CA LEU Y 19 -34.97 43.47 -4.45
C LEU Y 19 -33.87 43.40 -5.51
N GLY Y 24 -31.66 49.25 -11.87
CA GLY Y 24 -31.98 48.67 -13.15
C GLY Y 24 -33.41 48.94 -13.59
N ILE Y 25 -33.71 50.22 -13.80
CA ILE Y 25 -35.05 50.64 -14.21
C ILE Y 25 -35.07 51.26 -15.60
N GLY Y 26 -33.91 51.55 -16.19
CA GLY Y 26 -33.83 52.09 -17.52
C GLY Y 26 -33.09 51.12 -18.44
N THR Y 27 -33.12 51.44 -19.74
CA THR Y 27 -32.43 50.65 -20.75
C THR Y 27 -31.54 51.57 -21.58
N HIS Y 28 -30.37 51.05 -21.95
CA HIS Y 28 -29.40 51.76 -22.78
C HIS Y 28 -28.89 50.76 -23.81
N GLU Y 29 -29.58 50.72 -24.96
CA GLU Y 29 -29.19 49.80 -26.03
C GLU Y 29 -29.58 50.44 -27.36
N MET Y 30 -28.61 51.11 -27.99
CA MET Y 30 -28.82 51.74 -29.28
C MET Y 30 -27.45 51.99 -29.89
N HIS Y 31 -27.24 51.48 -31.10
CA HIS Y 31 -25.92 51.51 -31.73
C HIS Y 31 -26.06 51.00 -33.15
N GLY Y 32 -25.28 51.58 -34.05
CA GLY Y 32 -25.36 51.28 -35.46
C GLY Y 32 -24.37 50.26 -35.99
N GLY Y 33 -23.71 49.51 -35.11
CA GLY Y 33 -22.73 48.53 -35.56
C GLY Y 33 -22.30 47.55 -34.49
N TYR Z 4 30.86 75.23 7.96
CA TYR Z 4 31.20 73.82 7.92
C TYR Z 4 32.66 73.59 8.28
N ASN Z 5 32.93 72.57 9.09
CA ASN Z 5 34.29 72.20 9.46
C ASN Z 5 34.75 71.07 8.54
N TYR Z 6 35.67 71.38 7.64
CA TYR Z 6 36.20 70.40 6.69
C TYR Z 6 37.35 69.63 7.33
N ALA Z 7 37.01 68.86 8.35
CA ALA Z 7 37.96 67.98 9.02
C ALA Z 7 37.35 66.59 9.13
N ALA Z 8 36.02 66.51 9.15
CA ALA Z 8 35.34 65.23 9.18
C ALA Z 8 35.43 64.50 7.84
N LEU Z 9 35.71 65.22 6.76
CA LEU Z 9 35.87 64.61 5.44
C LEU Z 9 37.32 64.22 5.17
N ALA Z 10 37.92 63.48 6.09
CA ALA Z 10 39.31 63.08 5.95
C ALA Z 10 39.57 61.85 6.79
N PRO Z 11 40.41 60.92 6.34
CA PRO Z 11 40.77 59.79 7.20
C PRO Z 11 41.48 60.27 8.46
N ARG Z 12 41.21 59.59 9.56
CA ARG Z 12 41.69 60.00 10.87
C ARG Z 12 42.66 58.94 11.40
N GLN Z 13 43.95 59.22 11.30
CA GLN Z 13 44.99 58.36 11.89
C GLN Z 13 45.13 58.74 13.35
N GLY Z 14 44.18 58.27 14.15
CA GLY Z 14 44.10 58.66 15.54
C GLY Z 14 43.06 59.74 15.74
N SER Z 15 43.23 60.58 16.77
CA SER Z 15 42.30 61.68 16.99
C SER Z 15 42.47 62.77 15.95
N ARG Z 16 43.71 63.06 15.57
CA ARG Z 16 43.99 64.13 14.62
C ARG Z 16 43.71 63.66 13.20
N PRO Z 17 42.87 64.36 12.43
CA PRO Z 17 42.67 63.98 11.03
C PRO Z 17 43.91 64.23 10.20
N MET Z 18 44.07 63.45 9.14
CA MET Z 18 45.21 63.54 8.25
C MET Z 18 44.91 64.59 7.18
N LEU Z 19 45.65 65.69 7.19
CA LEU Z 19 45.48 66.75 6.20
C LEU Z 19 46.75 66.94 5.39
N SER Z 23 49.21 74.00 1.34
CA SER Z 23 50.22 74.29 0.33
C SER Z 23 50.23 73.23 -0.77
N GLY Z 24 49.45 72.17 -0.56
CA GLY Z 24 49.35 71.10 -1.52
C GLY Z 24 48.41 71.35 -2.68
N ILE Z 25 47.75 72.50 -2.70
CA ILE Z 25 46.82 72.86 -3.75
C ILE Z 25 47.54 73.67 -4.81
N GLY Z 26 47.22 73.42 -6.07
CA GLY Z 26 47.82 74.14 -7.18
C GLY Z 26 48.93 73.36 -7.84
N THR Z 27 49.09 73.58 -9.15
CA THR Z 27 50.12 72.94 -9.94
C THR Z 27 50.81 73.96 -10.81
N HIS Z 28 52.11 73.73 -11.08
CA HIS Z 28 52.88 74.65 -11.91
C HIS Z 28 53.79 73.91 -12.88
N GLU Z 29 53.45 72.69 -13.28
CA GLU Z 29 54.29 71.91 -14.17
C GLU Z 29 54.02 72.34 -15.62
N MET Z 30 55.01 72.99 -16.23
CA MET Z 30 54.89 73.44 -17.61
C MET Z 30 56.26 73.80 -18.14
N HIS Z 31 56.66 73.18 -19.26
CA HIS Z 31 57.92 73.47 -19.94
C HIS Z 31 57.81 73.06 -21.39
N GLY Z 32 58.70 73.60 -22.20
CA GLY Z 32 58.76 73.24 -23.61
C GLY Z 32 59.66 72.07 -23.89
N GLY Z 33 59.54 71.02 -23.09
CA GLY Z 33 60.37 69.84 -23.25
C GLY Z 33 60.09 68.76 -22.22
N TYR AA 4 -76.69 5.34 23.46
CA TYR AA 4 -76.31 3.94 23.54
C TYR AA 4 -75.34 3.70 24.70
N ASN AA 5 -74.97 2.44 24.92
CA ASN AA 5 -74.08 2.08 26.00
C ASN AA 5 -73.04 1.06 25.51
N TYR AA 6 -73.14 0.62 24.26
CA TYR AA 6 -72.46 -0.55 23.71
C TYR AA 6 -72.94 -1.86 24.34
N ALA AA 7 -73.90 -1.82 25.26
CA ALA AA 7 -74.54 -3.03 25.72
C ALA AA 7 -75.54 -3.58 24.71
N ALA AA 8 -75.95 -2.77 23.73
CA ALA AA 8 -76.81 -3.24 22.66
C ALA AA 8 -76.07 -4.13 21.67
N LEU AA 9 -74.74 -4.20 21.74
CA LEU AA 9 -73.94 -5.01 20.85
C LEU AA 9 -73.53 -6.35 21.46
N ALA AA 10 -73.92 -6.61 22.70
CA ALA AA 10 -73.49 -7.81 23.39
C ALA AA 10 -74.68 -8.70 23.73
N PRO AA 11 -74.48 -10.02 23.80
CA PRO AA 11 -75.57 -10.90 24.22
C PRO AA 11 -76.03 -10.56 25.63
N ARG AA 12 -77.34 -10.65 25.85
CA ARG AA 12 -77.96 -10.28 27.11
C ARG AA 12 -78.37 -11.57 27.83
N GLN AA 13 -77.58 -11.97 28.83
CA GLN AA 13 -77.91 -13.13 29.65
C GLN AA 13 -79.00 -12.70 30.63
N GLY AA 14 -80.23 -12.68 30.14
CA GLY AA 14 -81.33 -12.15 30.92
C GLY AA 14 -81.46 -10.66 30.72
N SER AA 15 -80.90 -9.89 31.65
CA SER AA 15 -80.87 -8.43 31.55
C SER AA 15 -79.46 -7.89 31.46
N ARG AA 16 -78.55 -8.34 32.31
CA ARG AA 16 -77.18 -7.83 32.29
C ARG AA 16 -76.46 -8.34 31.05
N PRO AA 17 -75.74 -7.49 30.33
CA PRO AA 17 -75.01 -7.95 29.15
C PRO AA 17 -73.84 -8.85 29.55
N MET AA 18 -73.46 -9.73 28.63
CA MET AA 18 -72.32 -10.62 28.83
C MET AA 18 -71.03 -9.94 28.39
N LEU AA 19 -70.74 -8.81 29.03
CA LEU AA 19 -69.54 -8.05 28.72
C LEU AA 19 -68.29 -8.80 29.17
N SER AA 20 -67.19 -8.54 28.47
CA SER AA 20 -65.92 -9.15 28.78
C SER AA 20 -65.13 -8.25 29.73
N GLN AA 21 -63.88 -8.64 30.03
CA GLN AA 21 -63.07 -7.85 30.93
C GLN AA 21 -62.60 -6.56 30.28
N TRP AA 22 -62.45 -5.52 31.10
CA TRP AA 22 -61.98 -4.23 30.59
C TRP AA 22 -60.55 -4.33 30.08
N SER AA 23 -59.70 -5.08 30.77
CA SER AA 23 -58.31 -5.23 30.40
C SER AA 23 -58.07 -6.42 29.46
N GLY AA 24 -59.14 -7.08 29.02
CA GLY AA 24 -58.97 -8.23 28.13
C GLY AA 24 -58.40 -7.85 26.78
N ILE AA 25 -58.63 -6.62 26.33
CA ILE AA 25 -58.10 -6.19 25.05
C ILE AA 25 -56.59 -6.15 25.10
N GLY AA 26 -55.96 -6.45 23.97
CA GLY AA 26 -54.52 -6.49 23.88
C GLY AA 26 -53.99 -7.90 24.02
N THR AA 27 -52.80 -8.14 23.46
CA THR AA 27 -52.19 -9.45 23.51
C THR AA 27 -50.68 -9.31 23.48
N HIS AA 28 -50.01 -10.33 24.00
CA HIS AA 28 -48.55 -10.39 23.96
C HIS AA 28 -48.16 -11.86 23.88
N GLU AA 29 -47.76 -12.30 22.70
CA GLU AA 29 -47.33 -13.69 22.47
C GLU AA 29 -46.11 -13.63 21.55
N MET AA 30 -44.92 -13.74 22.15
CA MET AA 30 -43.68 -13.58 21.40
C MET AA 30 -42.54 -14.22 22.19
N HIS AA 31 -41.96 -15.29 21.63
CA HIS AA 31 -40.79 -15.94 22.20
C HIS AA 31 -40.08 -16.68 21.08
N GLY AA 32 -38.75 -16.62 21.10
CA GLY AA 32 -37.95 -17.30 20.09
C GLY AA 32 -37.49 -18.67 20.54
N GLY AA 33 -38.42 -19.56 20.85
CA GLY AA 33 -38.08 -20.91 21.27
C GLY AA 33 -39.05 -21.50 22.28
N TYR BA 4 63.97 62.05 33.21
CA TYR BA 4 65.14 61.70 32.41
C TYR BA 4 65.20 62.51 31.12
N ASN BA 5 66.41 62.92 30.75
CA ASN BA 5 66.63 63.65 29.50
C ASN BA 5 66.97 62.63 28.43
N TYR BA 6 65.95 62.17 27.70
CA TYR BA 6 66.15 61.14 26.69
C TYR BA 6 66.86 61.67 25.46
N ALA BA 7 66.92 62.99 25.28
CA ALA BA 7 67.61 63.55 24.13
C ALA BA 7 69.11 63.29 24.17
N ALA BA 8 69.65 62.93 25.35
CA ALA BA 8 71.06 62.61 25.45
C ALA BA 8 71.41 61.30 24.76
N LEU BA 9 70.42 60.47 24.45
CA LEU BA 9 70.65 59.18 23.80
C LEU BA 9 70.64 59.29 22.27
N ALA BA 10 70.37 60.45 21.73
CA ALA BA 10 70.30 60.57 20.28
C ALA BA 10 71.57 61.20 19.73
N PRO BA 11 71.95 60.86 18.50
CA PRO BA 11 73.10 61.52 17.87
C PRO BA 11 72.88 63.01 17.75
N ARG BA 12 73.95 63.77 17.86
CA ARG BA 12 73.90 65.23 17.87
C ARG BA 12 74.53 65.76 16.59
N GLN BA 13 73.71 66.39 15.75
CA GLN BA 13 74.21 67.12 14.58
C GLN BA 13 74.61 68.52 15.01
N GLY BA 14 75.69 68.57 15.79
CA GLY BA 14 76.11 69.81 16.41
C GLY BA 14 75.67 69.88 17.86
N SER BA 15 75.24 71.05 18.31
CA SER BA 15 74.74 71.18 19.68
C SER BA 15 73.35 70.55 19.82
N ARG BA 16 72.48 70.78 18.84
CA ARG BA 16 71.13 70.23 18.91
C ARG BA 16 71.15 68.74 18.55
N PRO BA 17 70.30 67.93 19.20
CA PRO BA 17 70.24 66.52 18.85
C PRO BA 17 69.57 66.30 17.50
N MET BA 18 69.88 65.15 16.90
CA MET BA 18 69.29 64.76 15.61
C MET BA 18 68.02 63.96 15.90
N LEU BA 19 66.88 64.66 15.88
CA LEU BA 19 65.59 64.05 16.12
C LEU BA 19 64.70 64.22 14.89
N SER BA 20 63.82 63.25 14.68
CA SER BA 20 62.89 63.25 13.55
C SER BA 20 63.61 63.38 12.22
N GLY BA 24 57.66 59.49 14.07
CA GLY BA 24 57.35 58.27 13.35
C GLY BA 24 57.16 57.08 14.26
N ILE BA 25 56.21 57.18 15.17
CA ILE BA 25 55.90 56.11 16.13
C ILE BA 25 54.57 55.50 15.71
N GLY BA 26 54.56 54.19 15.50
CA GLY BA 26 53.35 53.49 15.08
C GLY BA 26 53.35 53.15 13.62
N THR BA 27 52.69 52.05 13.26
CA THR BA 27 52.59 51.61 11.88
C THR BA 27 51.16 51.16 11.59
N HIS BA 28 50.79 51.24 10.31
CA HIS BA 28 49.43 50.86 9.91
C HIS BA 28 49.41 50.08 8.59
N GLU BA 29 50.51 49.45 8.22
CA GLU BA 29 50.59 48.75 6.95
C GLU BA 29 49.87 47.40 7.07
N MET BA 30 48.70 47.30 6.46
CA MET BA 30 47.94 46.06 6.46
C MET BA 30 46.89 46.10 5.36
N HIS BA 31 46.95 45.14 4.44
CA HIS BA 31 45.98 44.98 3.38
C HIS BA 31 45.99 43.54 2.91
N GLY BA 32 44.94 43.15 2.21
CA GLY BA 32 44.82 41.80 1.68
C GLY BA 32 44.95 41.75 0.17
N ASN CA 5 -78.98 -14.38 57.91
CA ASN CA 5 -77.67 -14.63 57.31
C ASN CA 5 -77.51 -16.11 56.95
N TYR CA 6 -77.10 -16.35 55.71
CA TYR CA 6 -76.89 -17.72 55.22
C TYR CA 6 -75.42 -18.10 55.17
N ALA CA 7 -74.54 -17.29 55.76
CA ALA CA 7 -73.12 -17.61 55.76
C ALA CA 7 -72.79 -18.82 56.60
N ALA CA 8 -73.69 -19.21 57.52
CA ALA CA 8 -73.44 -20.40 58.32
C ALA CA 8 -73.44 -21.66 57.46
N LEU CA 9 -74.34 -21.73 56.47
CA LEU CA 9 -74.40 -22.90 55.61
C LEU CA 9 -73.24 -22.94 54.63
N ALA CA 10 -72.74 -21.78 54.20
CA ALA CA 10 -71.67 -21.75 53.23
C ALA CA 10 -70.39 -22.33 53.82
N PRO CA 11 -69.65 -23.15 53.07
CA PRO CA 11 -68.38 -23.67 53.58
C PRO CA 11 -67.41 -22.54 53.85
N ARG CA 12 -66.65 -22.68 54.94
CA ARG CA 12 -65.75 -21.63 55.39
C ARG CA 12 -64.37 -21.87 54.77
N GLN CA 13 -64.05 -21.11 53.73
CA GLN CA 13 -62.71 -21.17 53.15
C GLN CA 13 -61.65 -20.74 54.16
N GLY CA 14 -62.07 -20.02 55.20
CA GLY CA 14 -61.18 -19.63 56.27
C GLY CA 14 -61.86 -19.54 57.62
N THR CA 27 -76.99 -21.46 32.86
CA THR CA 27 -77.58 -22.74 32.47
C THR CA 27 -78.17 -22.67 31.07
N HIS CA 28 -77.47 -21.96 30.19
CA HIS CA 28 -77.90 -21.81 28.79
C HIS CA 28 -77.28 -22.88 27.91
N GLU CA 29 -77.43 -24.15 28.32
CA GLU CA 29 -76.90 -25.29 27.58
C GLU CA 29 -78.07 -25.94 26.84
N MET CA 30 -78.30 -25.50 25.60
CA MET CA 30 -79.44 -25.99 24.83
C MET CA 30 -79.11 -25.78 23.35
N HIS CA 31 -78.73 -26.85 22.67
CA HIS CA 31 -78.44 -26.84 21.24
C HIS CA 31 -78.60 -28.25 20.68
N GLY CA 32 -78.66 -28.33 19.36
CA GLY CA 32 -78.79 -29.60 18.68
C GLY CA 32 -77.79 -29.79 17.55
N LEU DA 15 72.96 75.72 6.03
CA LEU DA 15 72.87 74.27 5.86
C LEU DA 15 74.25 73.70 5.54
N GLY DA 16 74.48 72.45 5.93
CA GLY DA 16 75.77 71.82 5.71
C GLY DA 16 75.68 70.38 5.22
N CYS DA 17 76.81 69.68 5.21
CA CYS DA 17 76.86 68.31 4.77
C CYS DA 17 77.76 67.50 5.70
N ASN DA 18 77.50 66.20 5.78
CA ASN DA 18 78.29 65.28 6.58
C ASN DA 18 78.58 63.99 5.83
N LYS DA 19 78.81 64.08 4.52
CA LYS DA 19 79.04 62.91 3.68
C LYS DA 19 80.48 62.47 3.85
N MET DA 20 80.68 61.28 4.41
CA MET DA 20 82.02 60.76 4.63
C MET DA 20 81.92 59.26 4.89
N TYR DA 21 83.04 58.57 4.69
CA TYR DA 21 83.04 57.11 4.78
C TYR DA 21 82.73 56.66 6.20
N GLY DA 22 81.81 55.70 6.33
CA GLY DA 22 81.43 55.19 7.63
C GLY DA 22 80.21 55.88 8.20
N LEU EA 15 -51.26 -14.86 50.44
CA LEU EA 15 -51.91 -16.03 49.86
C LEU EA 15 -51.36 -17.31 50.47
N GLY EA 16 -52.23 -18.31 50.64
CA GLY EA 16 -51.84 -19.57 51.24
C GLY EA 16 -52.32 -20.74 50.39
N CYS EA 17 -52.03 -21.94 50.90
CA CYS EA 17 -52.40 -23.18 50.23
C CYS EA 17 -53.16 -24.08 51.20
N ASN EA 18 -54.11 -24.84 50.66
CA ASN EA 18 -54.97 -25.72 51.44
C ASN EA 18 -54.98 -27.12 50.85
N LYS EA 19 -53.81 -27.60 50.43
CA LYS EA 19 -53.72 -28.88 49.75
C LYS EA 19 -53.57 -29.99 50.78
N MET EA 20 -54.51 -30.94 50.76
CA MET EA 20 -54.54 -32.01 51.75
C MET EA 20 -55.35 -33.16 51.18
N TYR EA 21 -55.02 -34.38 51.63
CA TYR EA 21 -55.79 -35.55 51.26
C TYR EA 21 -57.21 -35.46 51.81
N GLY EA 22 -58.17 -35.97 51.05
CA GLY EA 22 -59.56 -35.94 51.44
C GLY EA 22 -60.30 -34.72 50.91
N PRO FA 4 -18.97 10.78 32.52
CA PRO FA 4 -18.32 10.19 31.35
C PRO FA 4 -16.82 10.05 31.52
N SER FA 5 -16.20 11.00 32.23
CA SER FA 5 -14.77 10.93 32.49
C SER FA 5 -14.46 9.80 33.46
N MET FA 6 -13.35 9.11 33.22
CA MET FA 6 -12.93 7.99 34.05
C MET FA 6 -12.01 8.40 35.18
N LEU FA 7 -11.71 9.70 35.29
CA LEU FA 7 -10.81 10.18 36.35
C LEU FA 7 -11.30 9.86 37.75
N PRO FA 8 -12.59 10.04 38.10
CA PRO FA 8 -13.02 9.63 39.46
C PRO FA 8 -12.79 8.16 39.75
N GLN FA 9 -13.07 7.29 38.78
CA GLN FA 9 -12.83 5.86 38.99
C GLN FA 9 -11.34 5.57 39.13
N TRP FA 10 -10.50 6.22 38.32
CA TRP FA 10 -9.07 6.01 38.44
C TRP FA 10 -8.57 6.47 39.80
N SER FA 11 -9.06 7.60 40.29
CA SER FA 11 -8.64 8.10 41.59
C SER FA 11 -9.12 7.19 42.71
N TYR FA 12 -10.34 6.66 42.59
CA TYR FA 12 -10.85 5.75 43.61
C TYR FA 12 -10.06 4.46 43.64
N MET FA 13 -9.66 3.96 42.48
CA MET FA 13 -8.91 2.71 42.38
C MET FA 13 -7.41 2.92 42.42
N HIS FA 14 -6.95 4.14 42.71
CA HIS FA 14 -5.54 4.45 42.87
C HIS FA 14 -4.75 4.12 41.60
N ILE FA 15 -5.31 4.51 40.45
CA ILE FA 15 -4.62 4.39 39.18
C ILE FA 15 -3.93 5.70 38.79
N ALA FA 16 -4.59 6.83 39.05
CA ALA FA 16 -3.99 8.13 38.76
C ALA FA 16 -4.26 9.16 39.84
N GLY FA 17 -4.88 8.78 40.97
CA GLY FA 17 -5.34 9.75 41.93
C GLY FA 17 -4.30 10.42 42.79
N GLN FA 18 -3.68 9.67 43.70
CA GLN FA 18 -2.86 10.29 44.73
C GLN FA 18 -1.95 9.24 45.36
N ASP FA 19 -0.83 9.72 45.90
CA ASP FA 19 0.15 8.83 46.52
C ASP FA 19 -0.39 8.29 47.85
N ALA FA 20 0.11 7.09 48.20
CA ALA FA 20 -0.28 6.47 49.47
C ALA FA 20 0.19 7.30 50.65
N SER FA 21 1.24 8.09 50.49
CA SER FA 21 1.70 8.97 51.55
C SER FA 21 0.75 10.12 51.81
N GLU FA 22 -0.24 10.33 50.93
CA GLU FA 22 -1.13 11.48 51.06
C GLU FA 22 -2.61 11.17 50.90
N TYR FA 23 -3.00 9.92 50.61
CA TYR FA 23 -4.41 9.58 50.75
C TYR FA 23 -4.69 8.72 51.97
N LEU FA 24 -3.68 8.08 52.55
CA LEU FA 24 -3.86 7.38 53.80
C LEU FA 24 -4.01 8.36 54.94
N SER FA 25 -4.60 7.90 56.04
CA SER FA 25 -4.73 8.73 57.22
C SER FA 25 -3.34 9.00 57.80
N PRO FA 26 -3.07 10.21 58.29
CA PRO FA 26 -1.73 10.51 58.83
C PRO FA 26 -1.33 9.62 59.98
N GLY FA 27 -2.28 9.21 60.82
CA GLY FA 27 -1.96 8.28 61.88
C GLY FA 27 -1.48 6.95 61.36
N LEU FA 28 -2.14 6.42 60.34
CA LEU FA 28 -1.71 5.17 59.73
C LEU FA 28 -0.34 5.33 59.05
N VAL FA 29 -0.11 6.49 58.42
CA VAL FA 29 1.19 6.72 57.81
C VAL FA 29 2.30 6.71 58.86
N GLN FA 30 2.05 7.39 59.99
CA GLN FA 30 3.03 7.41 61.06
C GLN FA 30 3.26 6.01 61.64
N PHE FA 31 2.18 5.26 61.82
CA PHE FA 31 2.30 3.89 62.31
C PHE FA 31 3.13 3.04 61.35
N ALA FA 32 2.86 3.15 60.05
CA ALA FA 32 3.59 2.36 59.06
C ALA FA 32 5.07 2.72 59.03
N GLN FA 33 5.39 4.02 59.08
CA GLN FA 33 6.80 4.39 59.06
C GLN FA 33 7.50 4.05 60.36
N ALA FA 34 6.76 3.97 61.48
CA ALA FA 34 7.36 3.56 62.73
C ALA FA 34 7.62 2.06 62.77
N THR FA 35 6.71 1.27 62.20
CA THR FA 35 6.84 -0.18 62.23
C THR FA 35 7.41 -0.76 60.94
N GLU FA 36 7.95 0.07 60.05
CA GLU FA 36 8.58 -0.43 58.84
C GLU FA 36 9.76 -1.35 59.15
N SER FA 37 10.38 -1.19 60.32
CA SER FA 37 11.55 -1.98 60.66
C SER FA 37 11.20 -3.44 60.87
N TYR FA 38 10.03 -3.72 61.46
CA TYR FA 38 9.69 -5.08 61.82
C TYR FA 38 8.33 -5.57 61.35
N PHE FA 39 7.47 -4.70 60.82
CA PHE FA 39 6.17 -5.17 60.34
C PHE FA 39 5.88 -4.78 58.91
N ASN FA 40 6.27 -3.57 58.48
CA ASN FA 40 6.34 -3.19 57.07
C ASN FA 40 4.98 -3.33 56.37
N ILE FA 41 4.03 -2.50 56.82
CA ILE FA 41 2.73 -2.38 56.16
C ILE FA 41 2.82 -1.71 54.81
N GLY FA 42 3.98 -1.16 54.46
CA GLY FA 42 4.07 -0.22 53.35
C GLY FA 42 3.64 -0.77 52.01
N ASN FA 43 3.89 -2.05 51.74
CA ASN FA 43 3.61 -2.59 50.41
C ASN FA 43 2.15 -2.97 50.20
N LYS FA 44 1.29 -2.74 51.19
CA LYS FA 44 -0.11 -3.09 51.06
C LYS FA 44 -0.94 -2.04 50.32
N PHE FA 45 -0.33 -0.94 49.89
CA PHE FA 45 -1.06 0.15 49.27
C PHE FA 45 -0.43 0.49 47.92
N ARG FA 46 -1.24 1.12 47.06
CA ARG FA 46 -0.88 1.40 45.68
C ARG FA 46 -0.77 2.91 45.47
N ASN FA 47 0.18 3.31 44.62
CA ASN FA 47 0.36 4.69 44.22
C ASN FA 47 0.44 4.80 42.71
N PRO FA 48 -0.01 5.92 42.14
CA PRO FA 48 -0.28 5.97 40.69
C PRO FA 48 0.93 5.87 39.78
N THR FA 49 1.91 6.75 39.96
CA THR FA 49 3.06 6.89 39.07
C THR FA 49 2.56 7.18 37.64
N VAL FA 50 2.03 8.39 37.50
CA VAL FA 50 1.47 8.88 36.24
C VAL FA 50 2.57 9.57 35.44
N ALA FA 51 2.57 9.37 34.12
CA ALA FA 51 3.50 9.99 33.20
C ALA FA 51 3.00 11.36 32.76
N PRO FA 52 3.90 12.24 32.31
CA PRO FA 52 3.46 13.55 31.81
C PRO FA 52 2.62 13.40 30.55
N THR FA 53 1.71 14.35 30.36
CA THR FA 53 0.71 14.25 29.31
C THR FA 53 0.89 15.26 28.18
N HIS FA 54 1.69 16.31 28.38
CA HIS FA 54 1.90 17.29 27.32
C HIS FA 54 3.26 17.95 27.51
N ASP FA 55 3.71 18.64 26.46
CA ASP FA 55 5.00 19.34 26.42
C ASP FA 55 6.18 18.38 26.57
N VAL FA 56 5.98 17.09 26.28
CA VAL FA 56 7.03 16.10 26.37
C VAL FA 56 7.33 15.45 25.02
N THR FA 57 6.30 15.21 24.20
CA THR FA 57 6.45 14.50 22.95
C THR FA 57 6.00 15.36 21.78
N THR FA 58 6.61 15.12 20.62
CA THR FA 58 6.45 16.02 19.48
C THR FA 58 5.02 16.02 18.94
N GLU FA 59 4.47 14.82 18.70
CA GLU FA 59 3.18 14.65 18.02
C GLU FA 59 3.09 15.47 16.72
N ARG FA 60 4.24 15.72 16.09
CA ARG FA 60 4.29 16.51 14.87
C ARG FA 60 5.16 15.82 13.82
N SER FA 61 5.06 14.50 13.72
CA SER FA 61 5.70 13.71 12.67
C SER FA 61 7.22 13.91 12.65
N GLN FA 62 7.84 13.46 13.73
CA GLN FA 62 9.29 13.48 13.88
C GLN FA 62 9.84 12.05 13.88
N ARG FA 63 10.90 11.84 13.11
CA ARG FA 63 11.52 10.53 13.05
C ARG FA 63 12.36 10.27 14.30
N LEU FA 64 12.60 8.98 14.56
CA LEU FA 64 13.46 8.55 15.66
C LEU FA 64 14.86 8.18 15.18
N GLN FA 65 14.94 7.29 14.19
CA GLN FA 65 16.21 6.94 13.56
C GLN FA 65 16.30 7.64 12.22
N LEU FA 66 17.46 8.23 11.95
CA LEU FA 66 17.67 8.95 10.70
C LEU FA 66 19.00 8.51 10.09
N ARG FA 67 19.00 8.26 8.79
CA ARG FA 67 20.15 7.72 8.08
C ARG FA 67 20.74 8.80 7.17
N PHE FA 68 22.06 8.94 7.22
CA PHE FA 68 22.78 9.90 6.38
C PHE FA 68 23.71 9.13 5.45
N VAL FA 69 23.53 9.32 4.14
CA VAL FA 69 24.47 8.79 3.16
C VAL FA 69 25.63 9.76 3.04
N PRO FA 70 26.82 9.31 2.69
CA PRO FA 70 27.96 10.24 2.56
C PRO FA 70 27.82 11.10 1.33
N VAL FA 71 28.02 12.41 1.50
CA VAL FA 71 27.95 13.32 0.37
C VAL FA 71 29.09 13.06 -0.61
N ASP FA 72 30.26 12.68 -0.08
CA ASP FA 72 31.36 12.22 -0.92
C ASP FA 72 32.27 11.33 -0.08
N ARG FA 73 33.03 10.48 -0.77
CA ARG FA 73 33.93 9.57 -0.08
C ARG FA 73 35.05 9.19 -1.04
N GLU FA 74 36.21 8.91 -0.47
CA GLU FA 74 37.37 8.45 -1.23
C GLU FA 74 37.97 7.23 -0.55
N ASP FA 75 38.52 6.33 -1.35
CA ASP FA 75 39.08 5.08 -0.87
C ASP FA 75 40.51 4.87 -1.39
N THR FA 76 41.48 5.36 -0.62
CA THR FA 76 42.88 5.11 -0.93
C THR FA 76 43.23 3.69 -0.49
N GLN FA 77 44.50 3.33 -0.60
CA GLN FA 77 44.94 1.99 -0.26
C GLN FA 77 45.22 1.83 1.23
N TYR FA 78 45.15 2.90 2.00
CA TYR FA 78 45.43 2.84 3.43
C TYR FA 78 44.27 3.32 4.29
N SER FA 79 43.45 4.25 3.81
CA SER FA 79 42.39 4.83 4.62
C SER FA 79 41.13 4.97 3.78
N TYR FA 80 40.00 5.11 4.48
CA TYR FA 80 38.69 5.27 3.85
C TYR FA 80 38.03 6.48 4.48
N LYS FA 81 38.04 7.61 3.77
CA LYS FA 81 37.53 8.87 4.28
C LYS FA 81 36.15 9.15 3.72
N THR FA 82 35.19 9.40 4.60
CA THR FA 82 33.83 9.72 4.23
C THR FA 82 33.40 11.00 4.92
N ARG FA 83 32.83 11.93 4.15
CA ARG FA 83 32.30 13.17 4.69
C ARG FA 83 30.79 13.10 4.75
N PHE FA 84 30.23 13.35 5.93
CA PHE FA 84 28.79 13.30 6.15
C PHE FA 84 28.27 14.70 6.46
N GLN FA 85 27.19 15.08 5.79
CA GLN FA 85 26.52 16.36 6.03
C GLN FA 85 25.26 16.07 6.86
N LEU FA 86 25.45 15.97 8.17
CA LEU FA 86 24.33 15.75 9.08
C LEU FA 86 23.75 17.09 9.49
N ALA FA 87 22.43 17.19 9.44
CA ALA FA 87 21.71 18.40 9.82
C ALA FA 87 20.76 18.08 10.96
N VAL FA 88 20.82 18.85 12.03
CA VAL FA 88 19.96 18.62 13.20
C VAL FA 88 18.68 19.41 12.94
N GLY FA 89 17.81 18.84 12.11
CA GLY FA 89 16.46 19.33 11.87
C GLY FA 89 16.31 20.83 11.88
N ASP FA 90 15.29 21.31 12.56
CA ASP FA 90 15.25 22.71 13.00
C ASP FA 90 14.89 22.83 14.48
N ASN FA 91 13.99 21.99 14.98
CA ASN FA 91 13.62 22.00 16.39
C ASN FA 91 14.14 20.81 17.16
N ARG FA 92 14.43 19.70 16.48
CA ARG FA 92 14.89 18.51 17.16
C ARG FA 92 16.33 18.66 17.63
N VAL FA 93 16.68 17.91 18.66
CA VAL FA 93 17.99 17.98 19.31
C VAL FA 93 18.44 16.56 19.62
N LEU FA 94 19.70 16.27 19.31
CA LEU FA 94 20.28 14.97 19.65
C LEU FA 94 21.62 15.17 20.33
N ASP FA 95 21.98 14.22 21.19
CA ASP FA 95 23.33 14.12 21.70
C ASP FA 95 24.05 13.01 20.95
N MET FA 96 25.34 13.20 20.69
CA MET FA 96 26.05 12.29 19.81
C MET FA 96 26.56 11.05 20.53
N ALA FA 97 25.96 10.67 21.66
CA ALA FA 97 26.16 9.32 22.15
C ALA FA 97 25.58 8.31 21.16
N SER FA 98 24.55 8.73 20.42
CA SER FA 98 24.08 8.05 19.22
C SER FA 98 24.99 8.43 18.05
N THR FA 99 24.52 8.21 16.83
CA THR FA 99 25.29 8.48 15.61
C THR FA 99 26.53 7.60 15.53
N TYR FA 100 26.29 6.29 15.52
CA TYR FA 100 27.33 5.33 15.24
C TYR FA 100 27.53 5.21 13.74
N PHE FA 101 28.76 4.91 13.33
CA PHE FA 101 29.05 4.69 11.92
C PHE FA 101 28.72 3.25 11.56
N ASP FA 102 27.85 3.06 10.57
CA ASP FA 102 27.43 1.75 10.13
C ASP FA 102 28.21 1.37 8.88
N ILE FA 103 29.06 0.36 8.99
CA ILE FA 103 29.99 -0.03 7.94
C ILE FA 103 29.59 -1.41 7.44
N ARG FA 104 29.38 -1.52 6.13
CA ARG FA 104 29.09 -2.78 5.48
C ARG FA 104 30.21 -3.13 4.53
N GLY FA 105 30.50 -4.42 4.39
CA GLY FA 105 31.52 -4.84 3.45
C GLY FA 105 31.81 -6.32 3.61
N THR FA 106 32.78 -6.77 2.82
CA THR FA 106 33.27 -8.14 2.86
C THR FA 106 34.76 -8.10 3.14
N LEU FA 107 35.19 -8.85 4.16
CA LEU FA 107 36.60 -8.89 4.53
C LEU FA 107 37.12 -10.31 4.41
N ASP FA 108 38.33 -10.43 3.88
CA ASP FA 108 39.02 -11.70 3.80
C ASP FA 108 39.93 -11.84 5.03
N ARG FA 109 39.81 -12.96 5.72
CA ARG FA 109 40.60 -13.20 6.92
C ARG FA 109 41.86 -14.03 6.62
N GLY FA 110 42.08 -14.37 5.36
CA GLY FA 110 43.33 -14.99 4.94
C GLY FA 110 43.40 -16.47 5.28
N ALA FA 111 44.44 -17.10 4.74
CA ALA FA 111 44.69 -18.52 4.99
C ALA FA 111 45.16 -18.79 6.41
N SER FA 112 45.47 -17.75 7.18
CA SER FA 112 45.97 -17.88 8.54
C SER FA 112 44.86 -17.93 9.58
N PHE FA 113 43.63 -18.20 9.19
CA PHE FA 113 42.50 -18.13 10.10
C PHE FA 113 41.94 -19.54 10.30
N LYS FA 114 42.31 -20.17 11.40
CA LYS FA 114 41.68 -21.40 11.86
C LYS FA 114 41.09 -21.16 13.24
N PRO FA 115 39.79 -20.91 13.36
CA PRO FA 115 39.21 -20.58 14.66
C PRO FA 115 39.33 -21.71 15.67
N TYR FA 116 38.80 -22.86 15.35
CA TYR FA 116 38.78 -23.92 16.33
C TYR FA 116 40.06 -24.62 16.57
N SER FA 117 40.13 -25.27 17.70
CA SER FA 117 41.32 -26.07 18.02
C SER FA 117 41.16 -27.48 17.44
N GLY FA 118 42.27 -28.20 17.39
CA GLY FA 118 42.19 -29.53 16.84
C GLY FA 118 41.91 -29.50 15.35
N THR FA 119 41.39 -30.62 14.84
CA THR FA 119 41.06 -30.75 13.44
C THR FA 119 39.60 -31.11 13.28
N ALA FA 120 38.99 -30.63 12.20
CA ALA FA 120 37.61 -30.95 11.88
C ALA FA 120 37.49 -32.20 11.01
N TYR FA 121 38.61 -32.76 10.57
CA TYR FA 121 38.62 -33.94 9.71
C TYR FA 121 39.38 -35.05 10.41
N ASN FA 122 38.73 -36.20 10.57
CA ASN FA 122 39.34 -37.41 11.10
C ASN FA 122 40.05 -37.18 12.43
N SER FA 123 39.35 -36.48 13.34
CA SER FA 123 39.92 -36.21 14.66
C SER FA 123 40.15 -37.50 15.44
N PHE FA 124 39.25 -38.47 15.30
CA PHE FA 124 39.36 -39.70 16.06
C PHE FA 124 40.50 -40.59 15.59
N ALA FA 125 40.98 -40.41 14.37
CA ALA FA 125 42.03 -41.27 13.86
C ALA FA 125 43.31 -41.08 14.66
N PRO FA 126 44.06 -42.14 14.92
CA PRO FA 126 45.37 -41.97 15.55
C PRO FA 126 46.27 -41.10 14.69
N LYS FA 127 47.08 -40.27 15.36
CA LYS FA 127 47.82 -39.23 14.65
C LYS FA 127 48.82 -39.81 13.67
N SER FA 128 49.51 -40.88 14.05
CA SER FA 128 50.48 -41.52 13.18
C SER FA 128 49.87 -42.63 12.33
N ALA FA 129 48.58 -42.91 12.49
CA ALA FA 129 47.94 -43.96 11.72
C ALA FA 129 47.74 -43.51 10.28
N PRO FA 130 48.12 -44.32 9.30
CA PRO FA 130 47.87 -43.96 7.90
C PRO FA 130 46.55 -44.50 7.39
N ASN FA 131 45.91 -43.78 6.49
CA ASN FA 131 44.70 -44.25 5.86
C ASN FA 131 45.03 -45.30 4.80
N ASN FA 132 44.00 -45.71 4.07
CA ASN FA 132 44.17 -46.75 3.06
C ASN FA 132 45.14 -46.26 1.98
N THR FA 133 46.32 -46.88 1.92
CA THR FA 133 47.36 -46.39 1.04
C THR FA 133 48.11 -47.56 0.43
N GLN FA 134 48.76 -47.28 -0.71
CA GLN FA 134 49.67 -48.22 -1.36
C GLN FA 134 51.08 -47.66 -1.21
N PHE FA 135 51.96 -48.46 -0.61
CA PHE FA 135 53.32 -48.03 -0.33
C PHE FA 135 54.30 -48.89 -1.14
N ARG FA 136 55.28 -48.23 -1.74
CA ARG FA 136 56.26 -48.91 -2.57
C ARG FA 136 57.27 -49.66 -1.71
N GLN FA 137 58.03 -50.55 -2.35
CA GLN FA 137 59.06 -51.32 -1.68
C GLN FA 137 60.42 -50.67 -1.88
N ALA FA 138 61.45 -51.28 -1.29
CA ALA FA 138 62.80 -50.73 -1.39
C ALA FA 138 63.31 -50.75 -2.82
N ASN FA 139 63.05 -51.83 -3.55
CA ASN FA 139 63.55 -51.94 -4.92
C ASN FA 139 62.86 -50.94 -5.84
N ASN FA 140 61.59 -50.63 -5.56
CA ASN FA 140 60.77 -49.69 -6.34
C ASN FA 140 60.43 -50.26 -7.71
N GLY FA 141 60.92 -51.45 -8.02
CA GLY FA 141 60.51 -52.14 -9.22
C GLY FA 141 59.33 -53.05 -8.94
N HIS FA 142 59.20 -53.47 -7.68
CA HIS FA 142 58.08 -54.29 -7.26
C HIS FA 142 56.79 -53.46 -7.28
N PRO FA 143 55.65 -54.10 -7.47
CA PRO FA 143 54.39 -53.37 -7.39
C PRO FA 143 54.09 -52.92 -5.97
N ALA FA 144 53.35 -51.82 -5.86
CA ALA FA 144 53.04 -51.26 -4.55
C ALA FA 144 52.15 -52.19 -3.76
N GLN FA 145 52.41 -52.29 -2.46
CA GLN FA 145 51.61 -53.09 -1.55
C GLN FA 145 50.64 -52.21 -0.77
N THR FA 146 49.54 -52.82 -0.34
CA THR FA 146 48.49 -52.10 0.36
C THR FA 146 48.57 -52.35 1.86
N ILE FA 147 48.08 -51.38 2.62
CA ILE FA 147 48.01 -51.45 4.07
C ILE FA 147 46.58 -51.51 4.56
N ALA FA 148 45.60 -51.45 3.65
CA ALA FA 148 44.21 -51.24 3.98
C ALA FA 148 43.63 -52.40 4.79
N GLN FA 149 42.39 -52.23 5.20
CA GLN FA 149 41.64 -53.23 5.97
C GLN FA 149 40.25 -53.35 5.38
N ALA FA 150 39.98 -54.47 4.71
CA ALA FA 150 38.68 -54.66 4.07
C ALA FA 150 37.57 -54.66 5.11
N SER FA 151 36.62 -53.74 4.95
CA SER FA 151 35.55 -53.54 5.94
C SER FA 151 34.25 -54.19 5.52
N TYR FA 152 33.71 -53.79 4.37
CA TYR FA 152 32.40 -54.28 3.94
C TYR FA 152 32.52 -55.74 3.51
N VAL FA 153 31.60 -56.57 4.00
CA VAL FA 153 31.58 -57.99 3.67
C VAL FA 153 30.52 -58.24 2.62
N ALA FA 154 30.84 -59.10 1.65
CA ALA FA 154 29.92 -59.47 0.59
C ALA FA 154 30.44 -60.75 -0.04
N THR FA 155 29.85 -61.14 -1.16
CA THR FA 155 30.32 -62.27 -1.95
C THR FA 155 30.99 -61.74 -3.21
N ILE FA 156 32.21 -62.17 -3.45
CA ILE FA 156 32.96 -61.77 -4.63
C ILE FA 156 32.72 -62.82 -5.72
N GLY FA 157 32.01 -62.42 -6.77
CA GLY FA 157 31.68 -63.36 -7.82
C GLY FA 157 31.08 -62.66 -9.01
N GLY FA 158 30.81 -63.46 -10.05
CA GLY FA 158 30.30 -62.94 -11.29
C GLY FA 158 31.40 -62.38 -12.18
N ALA FA 159 31.00 -61.98 -13.37
CA ALA FA 159 31.94 -61.34 -14.29
C ALA FA 159 32.40 -60.00 -13.71
N ASN FA 160 33.62 -59.61 -14.06
CA ASN FA 160 34.29 -58.42 -13.50
C ASN FA 160 34.05 -58.31 -12.00
N ASN FA 161 34.58 -59.30 -11.29
CA ASN FA 161 34.28 -59.57 -9.89
C ASN FA 161 34.12 -58.29 -9.07
N ASP FA 162 32.99 -58.21 -8.36
CA ASP FA 162 32.66 -57.04 -7.55
C ASP FA 162 32.11 -57.54 -6.22
N LEU FA 163 31.53 -56.63 -5.45
CA LEU FA 163 30.95 -56.95 -4.16
C LEU FA 163 29.43 -56.96 -4.24
N GLN FA 164 28.84 -57.97 -3.61
CA GLN FA 164 27.38 -58.08 -3.51
C GLN FA 164 26.86 -56.93 -2.65
N MET FA 165 26.25 -55.94 -3.27
CA MET FA 165 25.69 -54.83 -2.51
C MET FA 165 24.31 -55.19 -1.97
N GLY FA 166 23.48 -55.78 -2.80
CA GLY FA 166 22.15 -56.15 -2.39
C GLY FA 166 21.44 -56.91 -3.49
N VAL FA 167 20.12 -56.98 -3.37
CA VAL FA 167 19.28 -57.66 -4.35
C VAL FA 167 18.21 -56.69 -4.83
N ASP FA 168 17.98 -56.65 -6.14
CA ASP FA 168 16.93 -55.82 -6.70
C ASP FA 168 15.57 -56.41 -6.36
N GLU FA 169 14.51 -55.75 -6.86
CA GLU FA 169 13.17 -56.30 -6.71
C GLU FA 169 13.09 -57.70 -7.29
N ARG FA 170 13.60 -57.88 -8.51
CA ARG FA 170 13.84 -59.20 -9.03
C ARG FA 170 15.08 -59.80 -8.38
N GLN FA 171 15.03 -61.11 -8.12
CA GLN FA 171 16.07 -61.78 -7.34
C GLN FA 171 17.33 -61.96 -8.19
N LEU FA 172 18.11 -60.88 -8.29
CA LEU FA 172 19.42 -60.91 -8.93
C LEU FA 172 20.37 -60.09 -8.06
N PRO FA 173 21.64 -60.50 -7.95
CA PRO FA 173 22.61 -59.69 -7.20
C PRO FA 173 22.84 -58.34 -7.85
N VAL FA 174 23.12 -57.35 -7.00
CA VAL FA 174 23.47 -56.00 -7.46
C VAL FA 174 24.91 -55.74 -7.04
N TYR FA 175 25.77 -55.46 -8.01
CA TYR FA 175 27.17 -55.24 -7.74
C TYR FA 175 27.45 -53.77 -7.45
N ALA FA 176 28.63 -53.52 -6.88
CA ALA FA 176 28.98 -52.20 -6.41
C ALA FA 176 29.33 -51.27 -7.56
N ASN FA 177 28.74 -50.07 -7.56
CA ASN FA 177 29.18 -49.01 -8.44
C ASN FA 177 30.62 -48.65 -8.14
N THR FA 178 31.43 -48.54 -9.18
CA THR FA 178 32.87 -48.35 -8.98
C THR FA 178 33.20 -46.98 -8.40
N THR FA 179 32.35 -45.98 -8.64
CA THR FA 179 32.69 -44.62 -8.23
C THR FA 179 32.71 -44.48 -6.71
N TYR FA 180 31.64 -44.92 -6.04
CA TYR FA 180 31.54 -44.71 -4.60
C TYR FA 180 31.00 -45.91 -3.82
N GLN FA 181 30.41 -46.90 -4.47
CA GLN FA 181 29.57 -47.85 -3.75
C GLN FA 181 30.30 -48.68 -2.69
N PRO FA 182 31.53 -49.17 -2.90
CA PRO FA 182 32.22 -49.81 -1.78
C PRO FA 182 32.51 -48.76 -0.72
N GLU FA 183 31.75 -48.82 0.36
CA GLU FA 183 31.53 -47.66 1.20
C GLU FA 183 32.51 -47.65 2.36
N PRO FA 184 33.29 -46.58 2.55
CA PRO FA 184 34.24 -46.54 3.68
C PRO FA 184 33.57 -46.57 5.04
N GLN FA 185 32.28 -46.24 5.15
CA GLN FA 185 31.66 -46.19 6.46
C GLN FA 185 30.98 -47.50 6.82
N LEU FA 186 30.24 -48.08 5.90
CA LEU FA 186 29.39 -49.23 6.18
C LEU FA 186 30.23 -50.49 6.42
N GLY FA 187 29.57 -51.50 7.00
CA GLY FA 187 30.21 -52.78 7.23
C GLY FA 187 29.59 -53.60 8.34
N ILE FA 188 30.45 -54.31 9.09
CA ILE FA 188 30.00 -55.23 10.13
C ILE FA 188 29.34 -54.47 11.27
N GLU FA 189 28.19 -54.95 11.70
CA GLU FA 189 27.51 -54.46 12.90
C GLU FA 189 27.61 -55.56 13.95
N GLY FA 190 28.53 -55.39 14.90
CA GLY FA 190 28.76 -56.39 15.93
C GLY FA 190 30.17 -56.91 15.92
N TRP FA 191 30.68 -57.31 17.08
CA TRP FA 191 32.05 -57.80 17.19
C TRP FA 191 32.17 -59.29 16.91
N THR FA 192 31.06 -60.02 16.79
CA THR FA 192 31.12 -61.45 16.59
C THR FA 192 31.75 -61.80 15.24
N ALA FA 193 31.37 -61.06 14.20
CA ALA FA 193 31.93 -61.33 12.87
C ALA FA 193 33.37 -60.90 12.80
N GLY FA 194 34.25 -61.82 12.40
CA GLY FA 194 35.67 -61.58 12.31
C GLY FA 194 36.46 -62.06 13.51
N SER FA 195 35.80 -62.26 14.66
CA SER FA 195 36.47 -62.76 15.85
C SER FA 195 35.95 -64.14 16.24
N MET FA 196 34.65 -64.29 16.44
CA MET FA 196 34.07 -65.59 16.78
C MET FA 196 33.58 -66.33 15.55
N ALA FA 197 32.84 -65.65 14.68
CA ALA FA 197 32.45 -66.21 13.39
C ALA FA 197 33.62 -66.03 12.42
N VAL FA 198 33.36 -66.28 11.14
CA VAL FA 198 34.39 -66.16 10.11
C VAL FA 198 33.86 -65.25 9.01
N ILE FA 199 34.76 -64.51 8.38
CA ILE FA 199 34.44 -63.64 7.26
C ILE FA 199 35.09 -64.25 6.02
N ASP FA 200 34.26 -64.76 5.11
CA ASP FA 200 34.78 -65.43 3.93
C ASP FA 200 35.37 -64.46 2.92
N GLN FA 201 34.66 -63.36 2.66
CA GLN FA 201 35.09 -62.38 1.67
C GLN FA 201 34.67 -60.98 2.11
N ALA FA 202 35.59 -60.04 2.01
CA ALA FA 202 35.34 -58.65 2.37
C ALA FA 202 35.88 -57.74 1.29
N GLY FA 203 35.66 -56.43 1.45
CA GLY FA 203 36.11 -55.47 0.47
C GLY FA 203 36.35 -54.11 1.09
N GLY FA 204 36.89 -53.22 0.28
CA GLY FA 204 37.20 -51.87 0.74
C GLY FA 204 37.70 -51.02 -0.40
N ARG FA 205 38.10 -49.80 -0.05
CA ARG FA 205 38.58 -48.81 -1.00
C ARG FA 205 39.96 -48.34 -0.58
N VAL FA 206 40.86 -48.17 -1.55
CA VAL FA 206 42.26 -47.87 -1.28
C VAL FA 206 42.70 -46.70 -2.15
N LEU FA 207 43.54 -45.83 -1.59
CA LEU FA 207 44.21 -44.80 -2.38
C LEU FA 207 45.32 -45.41 -3.22
N ARG FA 208 45.41 -44.99 -4.47
CA ARG FA 208 46.44 -45.45 -5.39
C ARG FA 208 47.35 -44.27 -5.76
N ASN FA 209 48.66 -44.48 -5.66
CA ASN FA 209 49.67 -43.46 -5.90
C ASN FA 209 49.32 -42.26 -5.03
N PRO FA 210 49.49 -42.35 -3.71
CA PRO FA 210 49.11 -41.24 -2.84
C PRO FA 210 50.26 -40.29 -2.57
N THR FA 211 49.97 -39.17 -1.90
CA THR FA 211 51.00 -38.28 -1.39
C THR FA 211 51.44 -38.68 0.02
N GLN FA 212 50.91 -39.78 0.54
CA GLN FA 212 51.25 -40.29 1.87
C GLN FA 212 50.95 -39.26 2.95
N THR FA 213 49.68 -38.91 3.05
CA THR FA 213 49.18 -38.06 4.12
C THR FA 213 48.64 -38.94 5.24
N PRO FA 214 49.03 -38.70 6.49
CA PRO FA 214 48.49 -39.49 7.60
C PRO FA 214 46.99 -39.29 7.72
N CYS FA 215 46.32 -40.29 8.29
CA CYS FA 215 44.86 -40.30 8.33
C CYS FA 215 44.30 -39.16 9.16
N TYR FA 216 45.12 -38.48 9.97
CA TYR FA 216 44.59 -37.43 10.83
C TYR FA 216 43.99 -36.28 10.02
N GLY FA 217 44.75 -35.74 9.07
CA GLY FA 217 44.19 -34.67 8.26
C GLY FA 217 43.23 -35.19 7.21
N SER FA 218 43.78 -35.87 6.20
CA SER FA 218 43.05 -36.75 5.30
C SER FA 218 41.68 -36.21 4.90
N TYR FA 219 41.70 -35.09 4.17
CA TYR FA 219 40.49 -34.58 3.55
C TYR FA 219 40.63 -34.61 2.04
N ALA FA 220 39.50 -34.79 1.35
CA ALA FA 220 39.48 -34.81 -0.11
C ALA FA 220 38.11 -34.33 -0.57
N LYS FA 221 38.12 -33.32 -1.44
CA LYS FA 221 36.86 -32.75 -1.91
C LYS FA 221 36.11 -33.78 -2.76
N PRO FA 222 34.81 -33.98 -2.52
CA PRO FA 222 34.06 -34.93 -3.35
C PRO FA 222 33.99 -34.47 -4.79
N THR FA 223 33.98 -35.45 -5.70
CA THR FA 223 33.96 -35.17 -7.13
C THR FA 223 32.68 -35.62 -7.82
N ASN FA 224 31.74 -36.22 -7.07
CA ASN FA 224 30.44 -36.59 -7.62
C ASN FA 224 29.42 -36.49 -6.50
N GLU FA 225 28.15 -36.48 -6.88
CA GLU FA 225 27.08 -36.30 -5.89
C GLU FA 225 26.77 -37.62 -5.20
N HIS FA 226 27.81 -38.33 -4.81
CA HIS FA 226 27.66 -39.51 -3.97
C HIS FA 226 28.75 -39.65 -2.92
N GLY FA 227 29.66 -38.69 -2.81
CA GLY FA 227 30.77 -38.78 -1.88
C GLY FA 227 32.02 -39.41 -2.42
N GLY FA 228 31.98 -39.97 -3.62
CA GLY FA 228 33.18 -40.53 -4.22
C GLY FA 228 34.25 -39.50 -4.44
N ILE FA 229 35.46 -39.75 -3.94
CA ILE FA 229 36.60 -38.88 -4.14
C ILE FA 229 37.56 -39.56 -5.11
N THR FA 230 37.72 -38.98 -6.29
CA THR FA 230 38.62 -39.52 -7.30
C THR FA 230 38.96 -38.41 -8.28
N LYS FA 231 40.21 -38.37 -8.70
CA LYS FA 231 40.66 -37.32 -9.61
C LYS FA 231 39.90 -37.38 -10.92
N ALA FA 232 39.64 -36.21 -11.50
CA ALA FA 232 38.94 -36.14 -12.76
C ALA FA 232 39.76 -36.81 -13.86
N ASN FA 233 39.06 -37.50 -14.77
CA ASN FA 233 39.69 -38.24 -15.86
C ASN FA 233 40.68 -39.27 -15.34
N THR FA 234 40.34 -39.89 -14.20
CA THR FA 234 41.13 -40.96 -13.63
C THR FA 234 40.22 -42.14 -13.34
N GLN FA 235 40.63 -43.33 -13.79
CA GLN FA 235 39.83 -44.53 -13.62
C GLN FA 235 40.11 -45.21 -12.29
N VAL FA 236 39.23 -46.12 -11.92
CA VAL FA 236 39.34 -46.88 -10.68
C VAL FA 236 39.55 -48.35 -11.03
N GLU FA 237 40.66 -48.91 -10.56
CA GLU FA 237 40.99 -50.31 -10.79
C GLU FA 237 41.00 -51.05 -9.46
N LYS FA 238 40.63 -52.32 -9.51
CA LYS FA 238 40.48 -53.15 -8.32
C LYS FA 238 41.57 -54.20 -8.25
N LYS FA 239 41.91 -54.59 -7.02
CA LYS FA 239 42.95 -55.57 -6.77
C LYS FA 239 42.44 -56.62 -5.81
N TYR FA 240 42.96 -57.84 -5.95
CA TYR FA 240 42.50 -58.99 -5.19
C TYR FA 240 43.64 -59.54 -4.33
N TYR FA 241 43.31 -59.91 -3.10
CA TYR FA 241 44.31 -60.39 -2.15
C TYR FA 241 43.77 -61.59 -1.39
N ARG FA 242 44.67 -62.44 -0.93
CA ARG FA 242 44.33 -63.57 -0.09
C ARG FA 242 45.50 -63.90 0.82
N THR FA 243 45.19 -64.51 1.97
CA THR FA 243 46.21 -64.79 2.97
C THR FA 243 46.85 -66.17 2.80
N GLY FA 244 46.33 -67.00 1.92
CA GLY FA 244 46.88 -68.33 1.71
C GLY FA 244 46.85 -68.71 0.25
N ASP FA 245 47.88 -69.45 -0.16
CA ASP FA 245 47.98 -69.87 -1.55
C ASP FA 245 46.91 -70.92 -1.87
N ASN FA 246 46.57 -71.00 -3.16
CA ASN FA 246 45.57 -71.94 -3.68
C ASN FA 246 44.21 -71.73 -3.00
N GLY FA 247 43.66 -70.54 -3.20
CA GLY FA 247 42.36 -70.23 -2.63
C GLY FA 247 41.70 -69.08 -3.34
N ASN FA 248 40.40 -68.95 -3.11
CA ASN FA 248 39.63 -67.85 -3.70
C ASN FA 248 40.03 -66.54 -3.02
N PRO FA 249 40.03 -65.43 -3.76
CA PRO FA 249 40.30 -64.13 -3.11
C PRO FA 249 39.30 -63.83 -2.01
N GLU FA 250 39.79 -63.22 -0.94
CA GLU FA 250 38.95 -62.87 0.19
C GLU FA 250 38.81 -61.36 0.41
N THR FA 251 39.63 -60.55 -0.25
CA THR FA 251 39.54 -59.09 -0.15
C THR FA 251 39.63 -58.47 -1.52
N VAL FA 252 38.70 -57.56 -1.82
CA VAL FA 252 38.71 -56.80 -3.06
C VAL FA 252 38.83 -55.32 -2.70
N PHE FA 253 39.83 -54.66 -3.25
CA PHE FA 253 40.09 -53.26 -2.95
C PHE FA 253 40.01 -52.45 -4.23
N TYR FA 254 39.14 -51.43 -4.23
CA TYR FA 254 38.96 -50.56 -5.40
C TYR FA 254 39.95 -49.41 -5.28
N THR FA 255 41.18 -49.66 -5.74
CA THR FA 255 42.21 -48.64 -5.68
C THR FA 255 41.85 -47.47 -6.58
N GLU FA 256 41.94 -46.25 -6.03
CA GLU FA 256 41.61 -45.04 -6.77
C GLU FA 256 42.61 -43.96 -6.43
N GLU FA 257 42.71 -42.98 -7.32
CA GLU FA 257 43.62 -41.85 -7.15
C GLU FA 257 42.81 -40.63 -6.72
N ALA FA 258 43.20 -40.03 -5.60
CA ALA FA 258 42.50 -38.88 -5.05
C ALA FA 258 43.50 -37.79 -4.69
N ASP FA 259 43.07 -36.54 -4.86
CA ASP FA 259 43.90 -35.37 -4.53
C ASP FA 259 43.72 -35.02 -3.06
N VAL FA 260 44.24 -35.90 -2.21
CA VAL FA 260 44.09 -35.74 -0.77
C VAL FA 260 44.91 -34.55 -0.31
N LEU FA 261 44.27 -33.63 0.41
CA LEU FA 261 44.91 -32.45 0.96
C LEU FA 261 44.78 -32.43 2.47
N THR FA 262 45.60 -31.61 3.11
CA THR FA 262 45.65 -31.48 4.57
C THR FA 262 45.20 -30.07 4.92
N PRO FA 263 43.89 -29.84 5.00
CA PRO FA 263 43.41 -28.48 5.32
C PRO FA 263 43.64 -28.08 6.76
N ASP FA 264 43.78 -28.97 7.72
CA ASP FA 264 44.03 -28.50 9.08
C ASP FA 264 45.17 -29.21 9.81
N THR FA 265 46.07 -29.87 9.10
CA THR FA 265 47.18 -30.56 9.73
C THR FA 265 48.49 -30.09 9.13
N HIS FA 266 49.53 -30.09 9.96
CA HIS FA 266 50.90 -29.87 9.53
C HIS FA 266 51.74 -31.06 9.98
N LEU FA 267 52.63 -31.51 9.10
CA LEU FA 267 53.36 -32.74 9.33
C LEU FA 267 54.49 -32.50 10.33
N VAL FA 268 54.28 -32.91 11.57
CA VAL FA 268 55.35 -33.00 12.56
C VAL FA 268 55.94 -34.40 12.45
N HIS FA 269 57.27 -34.49 12.47
CA HIS FA 269 57.99 -35.73 12.16
C HIS FA 269 57.60 -36.24 10.77
N ALA FA 270 57.97 -35.44 9.78
CA ALA FA 270 57.75 -35.79 8.38
C ALA FA 270 59.04 -36.34 7.79
N VAL FA 271 58.95 -37.54 7.23
CA VAL FA 271 60.12 -38.18 6.61
C VAL FA 271 60.44 -37.44 5.32
N PRO FA 272 61.68 -37.50 4.83
CA PRO FA 272 62.03 -36.76 3.61
C PRO FA 272 61.23 -37.26 2.41
N ALA FA 273 61.02 -36.34 1.46
CA ALA FA 273 60.20 -36.64 0.29
C ALA FA 273 60.81 -37.73 -0.58
N ALA FA 274 62.10 -38.03 -0.40
CA ALA FA 274 62.71 -39.12 -1.17
C ALA FA 274 62.07 -40.45 -0.85
N ASP FA 275 61.80 -40.72 0.42
CA ASP FA 275 61.20 -41.98 0.85
C ASP FA 275 59.89 -41.75 1.59
N ARG FA 276 59.22 -40.62 1.31
CA ARG FA 276 57.90 -40.39 1.91
C ARG FA 276 56.89 -41.44 1.47
N ALA FA 277 57.04 -41.98 0.27
CA ALA FA 277 56.02 -42.86 -0.29
C ALA FA 277 56.28 -44.34 -0.01
N LYS FA 278 57.54 -44.78 0.01
CA LYS FA 278 57.80 -46.22 -0.02
C LYS FA 278 57.58 -46.87 1.34
N VAL FA 279 58.39 -46.51 2.34
CA VAL FA 279 58.30 -47.10 3.67
C VAL FA 279 58.53 -45.96 4.66
N GLU FA 280 58.16 -46.22 5.92
CA GLU FA 280 58.12 -45.23 7.00
C GLU FA 280 57.51 -43.90 6.53
N GLY FA 281 56.63 -43.97 5.53
CA GLY FA 281 55.80 -42.83 5.18
C GLY FA 281 54.43 -43.05 5.79
N LEU FA 282 54.24 -44.25 6.34
CA LEU FA 282 53.05 -44.61 7.08
C LEU FA 282 53.14 -44.25 8.55
N SER FA 283 54.31 -43.78 9.01
CA SER FA 283 54.53 -43.43 10.41
C SER FA 283 54.63 -41.92 10.62
N GLN FA 284 54.16 -41.14 9.67
CA GLN FA 284 54.21 -39.69 9.81
C GLN FA 284 53.18 -39.22 10.83
N HIS FA 285 53.61 -38.34 11.73
CA HIS FA 285 52.76 -37.80 12.78
C HIS FA 285 52.10 -36.51 12.29
N ALA FA 286 51.01 -36.13 12.96
CA ALA FA 286 50.26 -34.94 12.58
C ALA FA 286 49.77 -34.20 13.81
N ALA FA 287 49.83 -32.87 13.75
CA ALA FA 287 49.29 -31.98 14.77
C ALA FA 287 48.58 -30.83 14.07
N PRO FA 288 47.41 -30.40 14.56
CA PRO FA 288 46.47 -29.71 13.66
C PRO FA 288 46.92 -28.39 13.07
N ASN FA 289 46.83 -27.26 13.79
CA ASN FA 289 47.35 -25.99 13.26
C ASN FA 289 47.73 -24.93 14.28
N ARG FA 290 47.58 -25.19 15.59
CA ARG FA 290 47.71 -24.11 16.57
C ARG FA 290 46.78 -22.94 16.24
N PRO FA 291 45.47 -23.06 16.55
CA PRO FA 291 44.46 -22.11 16.04
C PRO FA 291 44.79 -20.63 16.20
N ASN FA 292 44.12 -19.79 15.41
CA ASN FA 292 44.48 -18.39 15.27
C ASN FA 292 43.41 -17.42 15.75
N PHE FA 293 42.15 -17.62 15.37
CA PHE FA 293 41.04 -16.77 15.80
C PHE FA 293 41.26 -15.31 15.36
N ILE FA 294 41.21 -15.10 14.05
CA ILE FA 294 41.28 -13.75 13.51
C ILE FA 294 39.90 -13.11 13.59
N GLY FA 295 39.84 -11.90 14.11
CA GLY FA 295 38.56 -11.21 14.25
C GLY FA 295 38.76 -9.74 14.54
N PHE FA 296 37.65 -9.03 14.63
CA PHE FA 296 37.68 -7.61 14.92
C PHE FA 296 38.16 -7.36 16.35
N ARG FA 297 38.72 -6.19 16.58
CA ARG FA 297 39.29 -5.87 17.88
C ARG FA 297 38.19 -5.51 18.89
N ASP FA 298 38.60 -5.42 20.14
CA ASP FA 298 37.68 -5.05 21.21
C ASP FA 298 37.15 -3.64 20.97
N CYS FA 299 35.84 -3.47 21.09
CA CYS FA 299 35.16 -2.18 20.98
C CYS FA 299 35.49 -1.46 19.68
N PHE FA 300 35.88 -2.20 18.65
CA PHE FA 300 36.28 -1.64 17.36
C PHE FA 300 37.40 -0.63 17.53
N VAL FA 301 38.31 -0.90 18.46
CA VAL FA 301 39.47 -0.03 18.68
C VAL FA 301 40.40 -0.13 17.48
N GLY FA 302 40.92 1.02 17.04
CA GLY FA 302 41.84 1.08 15.93
C GLY FA 302 41.19 1.17 14.57
N LEU FA 303 39.86 1.09 14.49
CA LEU FA 303 39.20 1.13 13.19
C LEU FA 303 39.12 2.54 12.63
N MET FA 304 38.93 3.55 13.48
CA MET FA 304 38.91 4.94 13.06
C MET FA 304 40.19 5.65 13.46
N TYR FA 305 40.63 6.56 12.61
CA TYR FA 305 41.81 7.38 12.88
C TYR FA 305 41.41 8.41 13.95
N TYR FA 306 41.90 8.23 15.17
CA TYR FA 306 41.65 9.19 16.25
C TYR FA 306 42.81 10.15 16.46
N ASN FA 307 43.99 9.64 16.79
CA ASN FA 307 45.10 10.49 17.18
C ASN FA 307 46.19 10.58 16.12
N SER FA 308 45.94 10.05 14.93
CA SER FA 308 46.91 10.17 13.85
C SER FA 308 47.00 11.61 13.39
N GLY FA 309 48.23 12.08 13.15
CA GLY FA 309 48.40 13.44 12.67
C GLY FA 309 47.85 13.63 11.26
N GLY FA 310 48.06 12.64 10.39
CA GLY FA 310 47.63 12.76 9.01
C GLY FA 310 46.13 12.74 8.82
N ASN FA 311 45.50 11.60 9.10
CA ASN FA 311 44.07 11.43 8.92
C ASN FA 311 43.37 11.87 10.20
N LEU FA 312 42.77 13.05 10.17
CA LEU FA 312 42.16 13.66 11.35
C LEU FA 312 40.72 14.00 11.01
N GLY FA 313 39.79 13.48 11.81
CA GLY FA 313 38.38 13.73 11.56
C GLY FA 313 37.96 15.13 11.96
N VAL FA 314 36.94 15.64 11.27
CA VAL FA 314 36.49 17.01 11.44
C VAL FA 314 34.99 17.02 11.69
N LEU FA 315 34.56 17.79 12.69
CA LEU FA 315 33.15 18.12 12.90
C LEU FA 315 33.07 19.64 12.91
N ALA FA 316 32.65 20.21 11.78
CA ALA FA 316 32.66 21.65 11.61
C ALA FA 316 31.29 22.15 11.17
N GLY FA 317 30.93 23.33 11.64
CA GLY FA 317 29.68 23.95 11.25
C GLY FA 317 29.79 24.62 9.89
N GLN FA 318 28.72 25.35 9.55
CA GLN FA 318 28.65 26.06 8.28
C GLN FA 318 29.11 27.51 8.37
N SER FA 319 29.54 27.96 9.55
CA SER FA 319 29.86 29.37 9.72
C SER FA 319 31.27 29.71 9.25
N SER FA 320 32.28 29.12 9.90
CA SER FA 320 33.66 29.54 9.72
C SER FA 320 34.54 28.46 9.11
N GLN FA 321 33.99 27.29 8.78
CA GLN FA 321 34.77 26.20 8.19
C GLN FA 321 35.95 25.84 9.11
N LEU FA 322 35.69 25.87 10.42
CA LEU FA 322 36.72 25.66 11.42
C LEU FA 322 36.44 24.36 12.17
N ASN FA 323 37.45 23.50 12.24
CA ASN FA 323 37.29 22.21 12.90
C ASN FA 323 37.06 22.39 14.39
N ALA FA 324 36.10 21.63 14.92
CA ALA FA 324 35.84 21.58 16.35
C ALA FA 324 36.46 20.38 17.02
N VAL FA 325 37.27 19.60 16.30
CA VAL FA 325 37.96 18.44 16.85
C VAL FA 325 39.45 18.62 16.60
N VAL FA 326 40.22 18.72 17.67
CA VAL FA 326 41.67 18.88 17.59
C VAL FA 326 42.34 17.80 18.41
N ASP FA 327 43.42 17.24 17.87
CA ASP FA 327 44.21 16.23 18.56
C ASP FA 327 45.69 16.60 18.43
N LEU FA 328 46.47 16.21 19.45
CA LEU FA 328 47.87 16.60 19.52
C LEU FA 328 48.80 15.40 19.69
N GLN FA 329 48.29 14.19 19.46
CA GLN FA 329 49.08 12.96 19.45
C GLN FA 329 49.62 12.61 20.84
N ASP FA 330 49.38 13.47 21.81
CA ASP FA 330 49.67 13.16 23.21
C ASP FA 330 48.47 12.56 23.92
N ARG FA 331 47.32 12.53 23.26
CA ARG FA 331 46.10 11.92 23.79
C ARG FA 331 46.02 10.48 23.33
N ASN FA 332 45.43 9.63 24.18
CA ASN FA 332 45.12 8.24 23.83
C ASN FA 332 43.65 8.03 24.14
N THR FA 333 42.80 8.40 23.20
CA THR FA 333 41.36 8.30 23.40
C THR FA 333 40.85 6.87 23.31
N GLU FA 334 41.56 5.98 22.62
CA GLU FA 334 41.19 4.57 22.64
C GLU FA 334 41.32 4.00 24.04
N LEU FA 335 42.47 4.22 24.68
CA LEU FA 335 42.65 3.81 26.06
C LEU FA 335 41.71 4.56 26.99
N SER FA 336 41.44 5.83 26.69
CA SER FA 336 40.49 6.59 27.52
C SER FA 336 39.11 5.95 27.49
N TYR FA 337 38.64 5.58 26.30
CA TYR FA 337 37.33 4.94 26.19
C TYR FA 337 37.33 3.57 26.84
N GLN FA 338 38.41 2.82 26.69
CA GLN FA 338 38.51 1.52 27.35
C GLN FA 338 38.38 1.66 28.86
N MET FA 339 39.14 2.59 29.44
CA MET FA 339 39.06 2.80 30.89
C MET FA 339 37.70 3.33 31.29
N LEU FA 340 37.10 4.20 30.48
CA LEU FA 340 35.78 4.73 30.78
C LEU FA 340 34.75 3.62 30.88
N LEU FA 341 34.73 2.71 29.89
CA LEU FA 341 33.80 1.59 29.95
C LEU FA 341 34.12 0.67 31.13
N ALA FA 342 35.40 0.37 31.34
CA ALA FA 342 35.76 -0.54 32.43
C ALA FA 342 35.36 0.01 33.78
N ASN FA 343 35.32 1.34 33.92
CA ASN FA 343 34.94 1.94 35.20
C ASN FA 343 33.44 2.19 35.31
N THR FA 344 32.75 2.41 34.19
CA THR FA 344 31.33 2.74 34.25
C THR FA 344 30.42 1.52 34.15
N THR FA 345 30.92 0.38 33.66
CA THR FA 345 30.09 -0.80 33.50
C THR FA 345 30.88 -2.04 33.92
N ASP FA 346 30.14 -3.11 34.15
CA ASP FA 346 30.73 -4.43 34.38
C ASP FA 346 30.91 -5.10 33.03
N ARG FA 347 32.13 -5.06 32.51
CA ARG FA 347 32.40 -5.53 31.16
C ARG FA 347 32.81 -7.00 31.12
N SER FA 348 32.36 -7.80 32.09
CA SER FA 348 32.42 -9.24 31.98
C SER FA 348 31.28 -9.80 31.15
N ARG FA 349 30.33 -8.97 30.76
CA ARG FA 349 29.20 -9.36 29.92
C ARG FA 349 29.31 -8.65 28.58
N TYR FA 350 29.30 -9.42 27.50
CA TYR FA 350 29.57 -8.90 26.17
C TYR FA 350 28.38 -8.12 25.62
N PHE FA 351 28.68 -7.20 24.69
CA PHE FA 351 27.65 -6.41 24.02
C PHE FA 351 27.97 -6.41 22.53
N SER FA 352 27.23 -7.21 21.76
CA SER FA 352 27.58 -7.47 20.37
C SER FA 352 27.53 -6.22 19.50
N MET FA 353 26.80 -5.18 19.91
CA MET FA 353 26.68 -4.01 19.03
C MET FA 353 28.01 -3.29 18.90
N TRP FA 354 28.69 -3.02 20.02
CA TRP FA 354 30.03 -2.45 20.01
C TRP FA 354 31.08 -3.51 20.34
N ASN FA 355 30.78 -4.78 20.05
CA ASN FA 355 31.67 -5.89 20.37
C ASN FA 355 31.81 -6.00 21.89
N GLN FA 356 32.51 -5.05 22.50
CA GLN FA 356 32.53 -4.88 23.94
C GLN FA 356 32.93 -6.17 24.65
N ALA FA 357 33.94 -6.84 24.11
CA ALA FA 357 34.46 -8.07 24.69
C ALA FA 357 35.91 -7.84 25.11
N MET FA 358 36.13 -7.76 26.42
CA MET FA 358 37.49 -7.63 26.93
C MET FA 358 38.37 -8.78 26.47
N ASP FA 359 39.56 -8.44 25.98
CA ASP FA 359 40.60 -9.44 25.85
C ASP FA 359 40.92 -10.00 27.23
N SER FA 360 40.76 -11.31 27.38
CA SER FA 360 40.83 -11.90 28.71
C SER FA 360 41.72 -13.13 28.66
N TYR FA 361 42.42 -13.37 29.75
CA TYR FA 361 43.28 -14.53 29.91
C TYR FA 361 42.71 -15.44 30.98
N ASP FA 362 42.82 -16.74 30.76
CA ASP FA 362 42.42 -17.69 31.78
C ASP FA 362 43.46 -17.68 32.90
N PRO FA 363 43.07 -17.46 34.15
CA PRO FA 363 44.06 -17.46 35.23
C PRO FA 363 44.80 -18.79 35.36
N GLU FA 364 44.13 -19.91 35.09
CA GLU FA 364 44.78 -21.21 35.19
C GLU FA 364 45.90 -21.38 34.18
N VAL FA 365 45.81 -20.76 33.01
CA VAL FA 365 46.88 -20.86 32.04
C VAL FA 365 47.91 -19.75 32.20
N ARG FA 366 47.50 -18.57 32.71
CA ARG FA 366 48.47 -17.52 32.98
C ARG FA 366 49.41 -17.92 34.12
N VAL FA 367 48.85 -18.37 35.23
CA VAL FA 367 49.63 -18.90 36.34
C VAL FA 367 49.19 -20.35 36.55
N ILE FA 368 50.16 -21.26 36.50
CA ILE FA 368 49.88 -22.69 36.52
C ILE FA 368 49.97 -23.19 37.97
N ASP FA 369 48.85 -23.66 38.50
CA ASP FA 369 48.79 -24.24 39.84
C ASP FA 369 48.79 -25.76 39.73
N ASN FA 370 49.97 -26.36 39.87
CA ASN FA 370 50.11 -27.80 39.79
C ASN FA 370 49.57 -28.44 41.08
N VAL FA 371 48.24 -28.42 41.18
CA VAL FA 371 47.57 -29.13 42.25
C VAL FA 371 47.73 -30.63 42.08
N GLY FA 372 48.09 -31.08 40.87
CA GLY FA 372 48.25 -32.47 40.58
C GLY FA 372 47.06 -33.05 39.84
N VAL FA 373 46.95 -34.36 39.89
CA VAL FA 373 45.86 -35.09 39.25
C VAL FA 373 45.27 -36.07 40.26
N GLU FA 374 43.94 -36.16 40.27
CA GLU FA 374 43.23 -37.07 41.15
C GLU FA 374 43.11 -38.44 40.48
N ASP FA 375 44.26 -39.11 40.39
CA ASP FA 375 44.36 -40.42 39.74
C ASP FA 375 44.73 -41.46 40.80
N GLU FA 376 43.72 -42.02 41.46
CA GLU FA 376 43.98 -43.05 42.45
C GLU FA 376 43.76 -44.45 41.90
N MET FA 377 42.83 -44.64 40.98
CA MET FA 377 42.62 -45.96 40.43
C MET FA 377 43.03 -45.99 38.96
N PRO FA 378 43.32 -47.17 38.43
CA PRO FA 378 43.56 -47.29 36.98
C PRO FA 378 42.27 -47.17 36.17
N ASN FA 379 42.36 -47.37 34.85
CA ASN FA 379 41.23 -47.10 33.96
C ASN FA 379 40.80 -48.31 33.13
N TYR FA 380 41.74 -49.12 32.66
CA TYR FA 380 41.46 -50.46 32.15
C TYR FA 380 40.51 -50.42 30.93
N CYS FA 381 41.06 -49.94 29.81
CA CYS FA 381 40.41 -50.18 28.52
C CYS FA 381 40.18 -51.67 28.32
N PHE FA 382 38.94 -52.04 28.02
CA PHE FA 382 38.56 -53.44 27.86
C PHE FA 382 38.14 -53.73 26.43
N PRO FA 383 38.42 -54.94 25.92
CA PRO FA 383 38.08 -55.25 24.54
C PRO FA 383 36.58 -55.33 24.34
N LEU FA 384 36.14 -55.10 23.09
CA LEU FA 384 34.73 -55.21 22.76
C LEU FA 384 34.20 -56.60 23.07
N SER FA 385 34.94 -57.63 22.68
CA SER FA 385 34.61 -58.99 23.10
C SER FA 385 34.77 -59.09 24.61
N GLY FA 386 33.83 -59.80 25.24
CA GLY FA 386 33.86 -59.89 26.70
C GLY FA 386 35.07 -60.62 27.23
N VAL FA 387 35.53 -61.66 26.54
CA VAL FA 387 36.48 -62.58 27.12
C VAL FA 387 37.72 -62.78 26.24
N GLN FA 388 37.99 -61.82 25.35
CA GLN FA 388 39.20 -61.85 24.52
C GLN FA 388 39.27 -63.13 23.69
N ILE FA 389 38.36 -63.20 22.70
CA ILE FA 389 38.21 -64.34 21.81
C ILE FA 389 39.57 -64.85 21.36
N GLY FA 390 39.81 -66.15 21.56
CA GLY FA 390 41.07 -66.76 21.20
C GLY FA 390 40.93 -68.23 20.86
N ASN FA 391 41.83 -69.05 21.39
CA ASN FA 391 41.80 -70.47 21.14
C ASN FA 391 40.57 -71.11 21.79
N ARG FA 392 40.01 -72.10 21.12
CA ARG FA 392 38.82 -72.80 21.61
C ARG FA 392 39.19 -73.74 22.75
N SER FA 393 38.15 -74.23 23.43
CA SER FA 393 38.30 -75.22 24.49
C SER FA 393 37.21 -76.27 24.34
N HIS FA 394 37.51 -77.48 24.79
CA HIS FA 394 36.62 -78.62 24.62
C HIS FA 394 35.92 -78.93 25.93
N GLU FA 395 34.60 -79.08 25.88
CA GLU FA 395 33.84 -79.48 27.04
C GLU FA 395 34.14 -80.93 27.41
N VAL FA 396 34.30 -81.19 28.70
CA VAL FA 396 34.70 -82.50 29.21
C VAL FA 396 33.80 -82.86 30.38
N GLN FA 397 33.35 -84.11 30.42
CA GLN FA 397 32.53 -84.61 31.51
C GLN FA 397 33.15 -85.86 32.10
N ARG FA 398 32.93 -86.05 33.40
CA ARG FA 398 33.44 -87.21 34.12
C ARG FA 398 32.57 -88.43 33.88
N ASN FA 399 32.82 -89.16 32.79
CA ASN FA 399 32.05 -90.37 32.47
C ASN FA 399 32.73 -91.61 33.03
N GLN FA 400 33.95 -91.90 32.60
CA GLN FA 400 34.73 -92.99 33.14
C GLN FA 400 35.60 -92.47 34.29
N GLN FA 401 36.55 -93.29 34.74
CA GLN FA 401 37.48 -92.84 35.76
C GLN FA 401 38.35 -91.70 35.25
N GLN FA 402 38.55 -91.62 33.93
CA GLN FA 402 39.33 -90.57 33.30
C GLN FA 402 38.40 -89.56 32.62
N TRP FA 403 38.96 -88.41 32.27
CA TRP FA 403 38.21 -87.32 31.67
C TRP FA 403 38.26 -87.43 30.15
N GLN FA 404 37.10 -87.62 29.53
CA GLN FA 404 36.98 -87.68 28.09
C GLN FA 404 36.11 -86.53 27.59
N ASN FA 405 36.41 -86.07 26.38
CA ASN FA 405 35.73 -84.91 25.82
C ASN FA 405 34.25 -85.18 25.61
N VAL FA 406 33.43 -84.17 25.90
CA VAL FA 406 32.01 -84.22 25.58
C VAL FA 406 31.85 -84.15 24.07
N ALA FA 407 31.09 -85.07 23.51
CA ALA FA 407 30.97 -85.16 22.06
C ALA FA 407 30.26 -83.94 21.49
N ASN FA 408 30.81 -83.45 20.37
CA ASN FA 408 30.14 -82.45 19.53
C ASN FA 408 29.97 -81.12 20.25
N SER FA 409 30.97 -80.72 21.05
CA SER FA 409 30.97 -79.40 21.69
C SER FA 409 32.43 -78.90 21.72
N ASP FA 410 32.83 -78.18 20.67
CA ASP FA 410 34.21 -77.71 20.56
C ASP FA 410 34.29 -76.22 20.20
N ASN FA 411 33.28 -75.42 20.53
CA ASN FA 411 33.28 -74.00 20.19
C ASN FA 411 33.30 -73.10 21.42
N ASN FA 412 33.77 -73.61 22.55
CA ASN FA 412 33.83 -72.82 23.77
C ASN FA 412 34.99 -71.84 23.71
N TYR FA 413 34.74 -70.59 24.11
CA TYR FA 413 35.75 -69.55 24.15
C TYR FA 413 35.96 -69.18 25.62
N ILE FA 414 36.92 -69.85 26.26
CA ILE FA 414 37.20 -69.68 27.68
C ILE FA 414 38.67 -69.32 27.83
N GLY FA 415 38.93 -68.21 28.52
CA GLY FA 415 40.28 -67.86 28.89
C GLY FA 415 40.41 -67.62 30.39
N LYS FA 416 41.15 -68.47 31.08
CA LYS FA 416 41.24 -68.37 32.53
C LYS FA 416 42.04 -67.13 32.93
N GLY FA 417 41.75 -66.64 34.12
CA GLY FA 417 42.35 -65.41 34.61
C GLY FA 417 41.43 -64.23 34.51
N ASN FA 418 42.01 -63.05 34.71
CA ASN FA 418 41.26 -61.81 34.64
C ASN FA 418 41.15 -61.32 33.20
N LEU FA 419 40.19 -60.43 32.97
CA LEU FA 419 39.98 -59.87 31.64
C LEU FA 419 41.18 -59.04 31.24
N PRO FA 420 41.79 -59.28 30.08
CA PRO FA 420 42.92 -58.45 29.65
C PRO FA 420 42.49 -57.01 29.44
N ALA FA 421 43.38 -56.09 29.79
CA ALA FA 421 43.08 -54.66 29.71
C ALA FA 421 44.38 -53.88 29.70
N MET FA 422 44.25 -52.63 29.38
CA MET FA 422 45.41 -51.85 29.29
C MET FA 422 45.03 -50.58 29.97
N GLU FA 423 45.91 -50.00 30.76
CA GLU FA 423 45.57 -48.82 31.50
C GLU FA 423 45.90 -47.57 30.79
N ILE FA 424 45.25 -46.47 31.15
CA ILE FA 424 45.56 -45.17 30.61
C ILE FA 424 45.46 -44.38 31.85
N ASN FA 425 46.29 -43.37 32.07
CA ASN FA 425 46.08 -42.53 33.23
C ASN FA 425 45.23 -41.46 32.68
N LEU FA 426 43.95 -41.56 32.88
CA LEU FA 426 43.07 -40.62 32.23
C LEU FA 426 43.29 -39.23 32.76
N ALA FA 427 43.30 -39.05 34.08
CA ALA FA 427 43.39 -37.71 34.63
C ALA FA 427 44.73 -37.06 34.29
N ALA FA 428 45.83 -37.80 34.44
CA ALA FA 428 47.13 -37.25 34.09
C ALA FA 428 47.24 -36.99 32.59
N ASN FA 429 46.65 -37.86 31.77
CA ASN FA 429 46.65 -37.61 30.33
C ASN FA 429 45.95 -36.30 30.00
N LEU FA 430 44.78 -36.07 30.59
CA LEU FA 430 44.05 -34.84 30.36
C LEU FA 430 44.83 -33.63 30.85
N TRP FA 431 45.44 -33.75 32.04
CA TRP FA 431 46.19 -32.63 32.59
C TRP FA 431 47.39 -32.27 31.72
N ARG FA 432 48.13 -33.27 31.26
CA ARG FA 432 49.29 -32.98 30.43
C ARG FA 432 48.88 -32.45 29.07
N SER FA 433 47.77 -32.95 28.52
CA SER FA 433 47.27 -32.40 27.27
C SER FA 433 46.90 -30.93 27.42
N PHE FA 434 46.20 -30.59 28.51
CA PHE FA 434 45.88 -29.20 28.79
C PHE FA 434 47.15 -28.36 28.90
N LEU FA 435 48.10 -28.82 29.72
CA LEU FA 435 49.32 -28.07 29.95
C LEU FA 435 50.06 -27.82 28.64
N TYR FA 436 50.27 -28.87 27.86
CA TYR FA 436 50.96 -28.71 26.58
C TYR FA 436 50.21 -27.74 25.68
N SER FA 437 48.96 -28.05 25.34
CA SER FA 437 48.22 -27.30 24.33
C SER FA 437 47.94 -25.87 24.76
N ASN FA 438 48.05 -25.53 26.05
CA ASN FA 438 47.74 -24.18 26.48
C ASN FA 438 48.95 -23.37 26.93
N VAL FA 439 50.06 -24.00 27.30
CA VAL FA 439 51.25 -23.30 27.77
C VAL FA 439 52.46 -23.59 26.90
N ALA FA 440 52.69 -24.87 26.58
CA ALA FA 440 53.90 -25.23 25.86
C ALA FA 440 53.90 -24.64 24.46
N LEU FA 441 52.76 -24.67 23.78
CA LEU FA 441 52.69 -24.11 22.43
C LEU FA 441 52.95 -22.60 22.44
N TYR FA 442 52.44 -21.90 23.45
CA TYR FA 442 52.60 -20.45 23.55
C TYR FA 442 53.90 -20.08 24.26
N LEU FA 443 55.01 -20.65 23.82
CA LEU FA 443 56.31 -20.35 24.37
C LEU FA 443 57.05 -19.36 23.49
N PRO FA 444 58.04 -18.66 24.02
CA PRO FA 444 58.86 -17.79 23.17
C PRO FA 444 59.54 -18.57 22.06
N ASP FA 445 59.69 -17.92 20.91
CA ASP FA 445 60.15 -18.60 19.71
C ASP FA 445 61.56 -19.17 19.84
N ASN FA 446 62.36 -18.64 20.77
CA ASN FA 446 63.71 -19.16 20.93
C ASN FA 446 63.77 -20.39 21.83
N LEU FA 447 62.64 -20.82 22.40
CA LEU FA 447 62.55 -22.04 23.17
C LEU FA 447 61.88 -23.18 22.38
N LYS FA 448 61.75 -23.02 21.08
CA LYS FA 448 61.11 -24.03 20.24
C LYS FA 448 62.04 -24.42 19.10
N PHE FA 449 61.90 -25.66 18.65
CA PHE FA 449 62.73 -26.21 17.58
C PHE FA 449 61.89 -26.40 16.33
N THR FA 450 62.53 -26.26 15.18
CA THR FA 450 61.89 -26.64 13.93
C THR FA 450 62.04 -28.14 13.71
N PRO FA 451 60.97 -28.84 13.36
CA PRO FA 451 61.07 -30.30 13.16
C PRO FA 451 61.93 -30.63 11.96
N HIS FA 452 62.54 -31.81 12.02
CA HIS FA 452 63.46 -32.24 10.98
C HIS FA 452 62.72 -32.55 9.69
N ASN FA 453 63.40 -32.31 8.56
CA ASN FA 453 62.88 -32.60 7.23
C ASN FA 453 61.58 -31.85 6.94
N ILE FA 454 61.51 -30.59 7.39
CA ILE FA 454 60.40 -29.70 7.06
C ILE FA 454 61.00 -28.35 6.67
N GLN FA 455 60.21 -27.57 5.92
CA GLN FA 455 60.62 -26.26 5.45
C GLN FA 455 59.67 -25.20 5.98
N LEU FA 456 60.22 -24.12 6.50
CA LEU FA 456 59.44 -23.03 7.06
C LEU FA 456 59.85 -21.72 6.41
N PRO FA 457 58.93 -20.77 6.29
CA PRO FA 457 59.27 -19.49 5.69
C PRO FA 457 60.30 -18.75 6.54
N PRO FA 458 61.18 -17.97 5.91
CA PRO FA 458 62.17 -17.22 6.70
C PRO FA 458 61.59 -16.11 7.54
N ASN FA 459 60.36 -15.67 7.26
CA ASN FA 459 59.74 -14.60 8.01
C ASN FA 459 59.20 -15.16 9.33
N THR FA 460 59.77 -14.68 10.44
CA THR FA 460 59.40 -15.20 11.75
C THR FA 460 57.94 -14.91 12.08
N ASN FA 461 57.40 -13.80 11.58
CA ASN FA 461 56.04 -13.40 11.88
C ASN FA 461 55.00 -14.21 11.12
N THR FA 462 55.40 -15.06 10.17
CA THR FA 462 54.43 -15.80 9.37
C THR FA 462 53.71 -16.85 10.21
N TYR FA 463 52.41 -16.99 9.96
CA TYR FA 463 51.63 -18.01 10.63
C TYR FA 463 52.15 -19.40 10.33
N GLU FA 464 52.60 -19.62 9.08
CA GLU FA 464 53.15 -20.92 8.73
C GLU FA 464 54.38 -21.24 9.58
N TYR FA 465 55.26 -20.26 9.79
CA TYR FA 465 56.42 -20.47 10.64
C TYR FA 465 56.00 -20.73 12.09
N MET FA 466 55.09 -19.90 12.61
CA MET FA 466 54.66 -20.07 14.00
C MET FA 466 53.99 -21.42 14.22
N ASN FA 467 53.30 -21.93 13.22
CA ASN FA 467 52.71 -23.27 13.32
C ASN FA 467 53.77 -24.35 13.20
N GLY FA 468 54.74 -24.16 12.30
CA GLY FA 468 55.74 -25.18 12.09
C GLY FA 468 56.64 -25.40 13.28
N ARG FA 469 57.01 -24.33 13.98
CA ARG FA 469 57.88 -24.49 15.14
C ARG FA 469 57.18 -25.28 16.24
N ILE FA 470 57.95 -26.15 16.89
CA ILE FA 470 57.40 -27.09 17.86
C ILE FA 470 58.07 -26.85 19.22
N PRO FA 471 57.30 -26.82 20.31
CA PRO FA 471 57.93 -26.62 21.63
C PRO FA 471 58.88 -27.76 21.98
N VAL FA 472 59.96 -27.42 22.67
CA VAL FA 472 60.96 -28.40 23.07
C VAL FA 472 60.54 -28.96 24.43
N SER FA 473 60.92 -30.20 24.67
CA SER FA 473 60.49 -30.90 25.88
C SER FA 473 61.25 -30.39 27.10
N GLY FA 474 60.63 -30.57 28.27
CA GLY FA 474 61.28 -30.29 29.52
C GLY FA 474 60.89 -28.96 30.17
N LEU FA 475 60.71 -27.92 29.36
CA LEU FA 475 60.36 -26.62 29.91
C LEU FA 475 59.01 -26.65 30.60
N ILE FA 476 58.02 -27.27 29.97
CA ILE FA 476 56.68 -27.38 30.52
C ILE FA 476 56.28 -28.84 30.51
N ASP FA 477 55.82 -29.33 31.66
CA ASP FA 477 55.43 -30.73 31.80
C ASP FA 477 54.50 -30.85 32.99
N THR FA 478 54.03 -32.07 33.25
CA THR FA 478 53.11 -32.31 34.36
C THR FA 478 53.77 -32.18 35.72
N TYR FA 479 55.09 -32.06 35.78
CA TYR FA 479 55.81 -32.04 37.05
C TYR FA 479 56.48 -30.71 37.36
N VAL FA 480 56.51 -29.77 36.42
CA VAL FA 480 57.26 -28.53 36.64
C VAL FA 480 56.56 -27.68 37.70
N ASN FA 481 57.34 -27.26 38.70
CA ASN FA 481 56.84 -26.41 39.79
C ASN FA 481 55.59 -27.02 40.44
N ILE FA 482 55.65 -28.32 40.71
CA ILE FA 482 54.48 -29.03 41.22
C ILE FA 482 54.23 -28.62 42.66
N GLY FA 483 52.97 -28.34 42.99
CA GLY FA 483 52.56 -28.01 44.33
C GLY FA 483 52.18 -26.56 44.54
N THR FA 484 52.56 -25.66 43.63
CA THR FA 484 52.29 -24.24 43.79
C THR FA 484 51.81 -23.64 42.48
N ARG FA 485 51.15 -22.49 42.60
CA ARG FA 485 50.81 -21.66 41.45
C ARG FA 485 51.99 -20.76 41.13
N TRP FA 486 52.59 -20.95 39.96
CA TRP FA 486 53.80 -20.22 39.62
C TRP FA 486 53.90 -20.14 38.10
N SER FA 487 53.81 -18.95 37.54
CA SER FA 487 53.95 -18.79 36.11
C SER FA 487 55.38 -18.90 35.72
N PRO FA 488 55.64 -19.60 34.63
CA PRO FA 488 57.04 -19.82 34.26
C PRO FA 488 57.76 -18.51 34.01
N ASP FA 489 59.06 -18.52 34.32
CA ASP FA 489 59.87 -17.30 34.15
C ASP FA 489 59.92 -16.87 32.68
N VAL FA 490 60.07 -17.84 31.78
CA VAL FA 490 60.04 -17.52 30.36
C VAL FA 490 58.65 -17.09 29.90
N MET FA 491 57.61 -17.54 30.59
CA MET FA 491 56.24 -17.20 30.23
C MET FA 491 55.76 -15.90 30.84
N ASP FA 492 56.52 -15.26 31.71
CA ASP FA 492 56.01 -14.04 32.26
C ASP FA 492 55.99 -12.96 31.23
N ASN FA 493 57.14 -12.73 30.61
CA ASN FA 493 57.23 -11.66 29.63
C ASN FA 493 56.71 -12.12 28.26
N VAL FA 494 55.52 -12.70 28.26
CA VAL FA 494 54.84 -13.11 27.04
C VAL FA 494 53.38 -12.69 27.17
N ASN FA 495 52.84 -12.06 26.10
CA ASN FA 495 51.49 -11.55 26.10
C ASN FA 495 50.50 -12.66 26.46
N PRO FA 496 49.89 -12.61 27.64
CA PRO FA 496 48.96 -13.69 28.02
C PRO FA 496 47.61 -13.58 27.34
N PHE FA 497 47.32 -12.47 26.68
CA PHE FA 497 46.05 -12.28 26.00
C PHE FA 497 46.09 -12.72 24.55
N ASN FA 498 47.27 -13.02 24.01
CA ASN FA 498 47.39 -13.63 22.70
C ASN FA 498 47.27 -15.16 22.83
N HIS FA 499 46.09 -15.58 23.25
CA HIS FA 499 45.83 -16.97 23.60
C HIS FA 499 44.50 -17.40 22.97
N HIS FA 500 44.43 -18.68 22.61
CA HIS FA 500 43.19 -19.20 22.04
C HIS FA 500 42.09 -19.38 23.08
N ARG FA 501 42.43 -19.28 24.36
CA ARG FA 501 41.43 -19.30 25.43
C ARG FA 501 40.94 -17.91 25.79
N ASN FA 502 41.30 -16.90 25.01
CA ASN FA 502 40.78 -15.55 25.18
C ASN FA 502 39.31 -15.55 24.84
N SER FA 503 38.46 -15.52 25.88
CA SER FA 503 37.02 -15.64 25.66
C SER FA 503 36.47 -14.46 24.88
N GLY FA 504 36.94 -13.25 25.19
CA GLY FA 504 36.49 -12.07 24.47
C GLY FA 504 36.87 -12.12 23.00
N LEU FA 505 38.11 -12.51 22.72
CA LEU FA 505 38.55 -12.61 21.33
C LEU FA 505 37.80 -13.72 20.60
N ARG FA 506 37.52 -14.82 21.29
CA ARG FA 506 36.72 -15.90 20.71
C ARG FA 506 35.34 -15.40 20.33
N TYR FA 507 34.70 -14.67 21.24
CA TYR FA 507 33.37 -14.13 20.96
C TYR FA 507 33.41 -13.15 19.79
N ARG FA 508 34.42 -12.30 19.75
CA ARG FA 508 34.52 -11.32 18.67
C ARG FA 508 34.79 -11.99 17.33
N SER FA 509 35.55 -13.08 17.33
CA SER FA 509 35.83 -13.78 16.09
C SER FA 509 34.63 -14.59 15.63
N GLN FA 510 33.81 -15.09 16.55
CA GLN FA 510 32.61 -15.82 16.19
C GLN FA 510 31.43 -14.91 15.88
N LEU FA 511 31.51 -13.62 16.25
CA LEU FA 511 30.42 -12.70 15.93
C LEU FA 511 30.25 -12.54 14.42
N LEU FA 512 31.37 -12.45 13.69
CA LEU FA 512 31.32 -12.33 12.24
C LEU FA 512 31.46 -13.68 11.54
N GLY FA 513 31.30 -14.77 12.29
CA GLY FA 513 31.23 -16.09 11.68
C GLY FA 513 32.58 -16.73 11.44
N ASN FA 514 32.53 -18.00 11.09
CA ASN FA 514 33.73 -18.74 10.70
C ASN FA 514 33.99 -18.49 9.21
N GLY FA 515 34.98 -19.18 8.65
CA GLY FA 515 35.19 -19.02 7.23
C GLY FA 515 36.17 -17.92 6.92
N ARG FA 516 37.00 -18.15 5.90
CA ARG FA 516 38.03 -17.18 5.52
C ARG FA 516 37.40 -15.88 5.02
N PHE FA 517 36.35 -15.98 4.21
CA PHE FA 517 35.55 -14.81 3.85
C PHE FA 517 34.32 -14.72 4.74
N CYS FA 518 33.83 -13.50 4.91
CA CYS FA 518 32.66 -13.20 5.72
C CYS FA 518 32.22 -11.78 5.40
N ASP FA 519 30.92 -11.53 5.56
CA ASP FA 519 30.34 -10.22 5.34
C ASP FA 519 30.04 -9.62 6.71
N PHE FA 520 30.66 -8.48 7.01
CA PHE FA 520 30.53 -7.85 8.32
C PHE FA 520 29.62 -6.63 8.21
N HIS FA 521 28.66 -6.54 9.12
CA HIS FA 521 27.77 -5.38 9.25
C HIS FA 521 27.95 -4.87 10.67
N ILE FA 522 28.87 -3.94 10.85
CA ILE FA 522 29.25 -3.47 12.18
C ILE FA 522 28.80 -2.03 12.36
N GLN FA 523 28.61 -1.64 13.61
CA GLN FA 523 28.29 -0.28 13.99
C GLN FA 523 29.39 0.22 14.91
N VAL FA 524 30.17 1.18 14.43
CA VAL FA 524 31.35 1.67 15.14
C VAL FA 524 31.01 3.00 15.80
N PRO FA 525 31.18 3.13 17.11
CA PRO FA 525 30.89 4.41 17.77
C PRO FA 525 32.13 5.29 17.84
N GLN FA 526 31.87 6.60 17.92
CA GLN FA 526 32.95 7.56 18.10
C GLN FA 526 33.36 7.62 19.57
N LYS FA 527 34.67 7.73 19.80
CA LYS FA 527 35.22 7.69 21.14
C LYS FA 527 35.87 8.99 21.58
N PHE FA 528 35.81 10.04 20.76
CA PHE FA 528 36.36 11.33 21.17
C PHE FA 528 35.59 11.88 22.35
N PHE FA 529 36.31 12.45 23.32
CA PHE FA 529 35.67 12.89 24.56
C PHE FA 529 34.78 14.11 24.34
N ALA FA 530 35.18 15.02 23.47
CA ALA FA 530 34.44 16.25 23.26
C ALA FA 530 33.28 16.10 22.28
N ILE FA 531 33.09 14.92 21.69
CA ILE FA 531 32.07 14.73 20.67
C ILE FA 531 31.15 13.59 21.06
N ARG FA 532 31.66 12.65 21.86
CA ARG FA 532 30.88 11.47 22.20
C ARG FA 532 29.63 11.82 22.99
N ASN FA 533 29.74 12.74 23.94
CA ASN FA 533 28.60 13.12 24.78
C ASN FA 533 28.04 14.49 24.42
N LEU FA 534 28.55 15.12 23.36
CA LEU FA 534 28.08 16.45 23.01
C LEU FA 534 26.63 16.41 22.56
N LEU FA 535 25.82 17.32 23.10
CA LEU FA 535 24.42 17.46 22.70
C LEU FA 535 24.37 18.50 21.58
N LEU FA 536 24.13 18.03 20.36
CA LEU FA 536 24.17 18.89 19.18
C LEU FA 536 22.86 19.63 19.03
N LEU FA 537 22.97 20.94 18.90
CA LEU FA 537 21.84 21.85 18.75
C LEU FA 537 21.46 21.98 17.28
N PRO FA 538 20.27 22.50 16.99
CA PRO FA 538 19.82 22.57 15.59
C PRO FA 538 20.79 23.32 14.70
N GLY FA 539 20.84 22.89 13.45
CA GLY FA 539 21.74 23.41 12.44
C GLY FA 539 22.17 22.29 11.51
N THR FA 540 23.23 22.55 10.75
CA THR FA 540 23.82 21.54 9.89
C THR FA 540 25.32 21.52 10.10
N TYR FA 541 25.91 20.34 10.02
CA TYR FA 541 27.34 20.17 10.29
C TYR FA 541 27.93 19.16 9.32
N THR FA 542 29.23 19.30 9.07
CA THR FA 542 29.98 18.31 8.33
C THR FA 542 30.70 17.39 9.32
N TYR FA 543 30.56 16.09 9.12
CA TYR FA 543 31.08 15.09 10.06
C TYR FA 543 32.01 14.14 9.34
N GLU FA 544 32.93 14.69 8.56
CA GLU FA 544 33.92 13.88 7.87
C GLU FA 544 34.77 13.11 8.87
N TRP FA 545 34.95 11.81 8.61
CA TRP FA 545 35.84 10.98 9.40
C TRP FA 545 36.51 9.97 8.48
N SER FA 546 37.72 9.55 8.86
CA SER FA 546 38.51 8.63 8.07
C SER FA 546 38.63 7.30 8.81
N PHE FA 547 38.29 6.22 8.13
CA PHE FA 547 38.33 4.88 8.71
C PHE FA 547 39.61 4.18 8.28
N ARG FA 548 40.29 3.56 9.23
CA ARG FA 548 41.53 2.87 8.93
C ARG FA 548 41.24 1.63 8.08
N LYS FA 549 42.24 1.24 7.29
CA LYS FA 549 42.13 0.05 6.45
C LYS FA 549 43.32 -0.88 6.60
N ASP FA 550 44.32 -0.53 7.40
CA ASP FA 550 45.44 -1.42 7.65
C ASP FA 550 44.96 -2.64 8.43
N VAL FA 551 45.17 -3.82 7.84
CA VAL FA 551 44.56 -5.04 8.38
C VAL FA 551 45.09 -5.35 9.77
N ASN FA 552 46.37 -5.06 10.03
CA ASN FA 552 46.94 -5.36 11.34
C ASN FA 552 46.24 -4.57 12.43
N MET FA 553 45.95 -3.28 12.19
CA MET FA 553 45.23 -2.49 13.18
C MET FA 553 43.76 -2.87 13.22
N ILE FA 554 43.14 -3.09 12.06
CA ILE FA 554 41.71 -3.38 12.02
C ILE FA 554 41.39 -4.70 12.70
N LEU FA 555 42.12 -5.76 12.34
CA LEU FA 555 41.81 -7.10 12.82
C LEU FA 555 42.77 -7.51 13.93
N GLN FA 556 42.43 -8.61 14.60
CA GLN FA 556 43.18 -9.11 15.73
C GLN FA 556 43.21 -10.63 15.69
N SER FA 557 44.36 -11.20 16.01
CA SER FA 557 44.53 -12.65 16.01
C SER FA 557 45.20 -13.09 17.31
N THR FA 558 44.89 -14.31 17.75
CA THR FA 558 45.50 -14.83 18.96
C THR FA 558 46.99 -15.08 18.80
N LEU FA 559 47.49 -15.10 17.57
CA LEU FA 559 48.92 -15.22 17.30
C LEU FA 559 49.43 -13.88 16.82
N GLY FA 560 50.57 -13.45 17.35
CA GLY FA 560 51.14 -12.18 16.94
C GLY FA 560 51.74 -12.24 15.56
N ASN FA 561 50.94 -12.64 14.57
CA ASN FA 561 51.42 -12.83 13.21
C ASN FA 561 51.00 -11.66 12.33
N ASP FA 562 51.86 -11.33 11.37
CA ASP FA 562 51.56 -10.27 10.43
C ASP FA 562 50.46 -10.73 9.48
N LEU FA 563 49.35 -9.99 9.46
CA LEU FA 563 48.25 -10.30 8.57
C LEU FA 563 48.47 -9.79 7.15
N ARG FA 564 49.35 -8.81 6.96
CA ARG FA 564 49.63 -8.31 5.62
C ARG FA 564 50.19 -9.42 4.74
N VAL FA 565 51.22 -10.12 5.22
CA VAL FA 565 51.79 -11.23 4.46
C VAL FA 565 50.83 -12.42 4.44
N ASP FA 566 50.07 -12.61 5.51
CA ASP FA 566 49.10 -13.71 5.56
C ASP FA 566 48.03 -13.56 4.49
N GLY FA 567 47.72 -12.32 4.10
CA GLY FA 567 46.83 -12.08 2.99
C GLY FA 567 45.44 -11.63 3.34
N ALA FA 568 45.15 -11.34 4.61
CA ALA FA 568 43.84 -10.85 4.98
C ALA FA 568 43.61 -9.47 4.39
N THR FA 569 42.42 -9.25 3.83
CA THR FA 569 42.05 -7.97 3.25
C THR FA 569 40.66 -7.60 3.72
N VAL FA 570 40.40 -6.29 3.77
CA VAL FA 570 39.10 -5.75 4.13
C VAL FA 570 38.65 -4.83 3.00
N ASN FA 571 37.38 -4.98 2.60
CA ASN FA 571 36.82 -4.18 1.53
C ASN FA 571 35.53 -3.54 2.04
N ILE FA 572 35.56 -2.23 2.25
CA ILE FA 572 34.41 -1.53 2.79
C ILE FA 572 33.46 -1.17 1.66
N THR FA 573 32.20 -1.60 1.78
CA THR FA 573 31.22 -1.37 0.73
C THR FA 573 30.47 -0.06 0.92
N SER FA 574 29.91 0.16 2.10
CA SER FA 574 29.14 1.37 2.37
C SER FA 574 29.34 1.80 3.81
N VAL FA 575 29.36 3.11 4.02
CA VAL FA 575 29.48 3.69 5.36
C VAL FA 575 28.41 4.75 5.53
N ASN FA 576 27.55 4.57 6.53
CA ASN FA 576 26.54 5.55 6.91
C ASN FA 576 26.54 5.67 8.42
N LEU FA 577 26.00 6.78 8.91
CA LEU FA 577 25.78 6.95 10.35
C LEU FA 577 24.28 7.11 10.60
N TYR FA 578 23.83 6.56 11.71
CA TYR FA 578 22.42 6.59 12.08
C TYR FA 578 22.25 7.50 13.29
N ALA FA 579 21.70 8.68 13.07
CA ALA FA 579 21.41 9.60 14.16
C ALA FA 579 20.08 9.24 14.80
N SER FA 580 20.05 9.26 16.14
CA SER FA 580 18.84 8.99 16.89
C SER FA 580 18.39 10.28 17.57
N PHE FA 581 17.15 10.68 17.30
CA PHE FA 581 16.57 11.90 17.86
C PHE FA 581 15.50 11.53 18.86
N PHE FA 582 15.58 12.10 20.05
CA PHE FA 582 14.51 11.94 21.03
C PHE FA 582 13.32 12.79 20.60
N PRO FA 583 12.14 12.21 20.38
CA PRO FA 583 11.01 13.03 19.97
C PRO FA 583 10.47 13.85 21.15
N MET FA 584 10.78 15.13 21.16
CA MET FA 584 10.36 16.03 22.22
C MET FA 584 9.68 17.22 21.58
N SER FA 585 8.57 17.64 22.18
CA SER FA 585 7.73 18.66 21.56
C SER FA 585 8.56 19.91 21.27
N HIS FA 586 8.37 20.47 20.07
CA HIS FA 586 9.15 21.64 19.68
C HIS FA 586 8.97 22.79 20.65
N ASN FA 587 7.82 22.86 21.34
CA ASN FA 587 7.62 23.82 22.42
C ASN FA 587 8.82 23.83 23.36
N THR FA 588 9.10 22.70 23.99
CA THR FA 588 10.20 22.61 24.93
C THR FA 588 11.56 22.44 24.27
N ALA FA 589 11.60 21.89 23.05
CA ALA FA 589 12.87 21.72 22.35
C ALA FA 589 13.47 23.06 21.94
N SER FA 590 12.65 23.97 21.44
CA SER FA 590 13.13 25.30 21.10
C SER FA 590 13.60 26.05 22.35
N THR FA 591 12.87 25.90 23.45
CA THR FA 591 13.31 26.51 24.70
C THR FA 591 14.65 25.95 25.15
N LEU FA 592 14.82 24.64 25.08
CA LEU FA 592 16.08 24.02 25.49
C LEU FA 592 17.23 24.48 24.61
N GLU FA 593 17.02 24.54 23.29
CA GLU FA 593 18.11 24.95 22.41
C GLU FA 593 18.42 26.43 22.57
N ALA FA 594 17.41 27.25 22.86
CA ALA FA 594 17.67 28.66 23.14
C ALA FA 594 18.47 28.83 24.43
N MET FA 595 18.14 28.04 25.44
CA MET FA 595 18.82 28.17 26.73
C MET FA 595 20.23 27.59 26.68
N LEU FA 596 20.47 26.60 25.81
CA LEU FA 596 21.79 26.06 25.59
C LEU FA 596 22.59 26.83 24.55
N ARG FA 597 21.96 27.73 23.80
CA ARG FA 597 22.67 28.62 22.90
C ARG FA 597 23.22 29.83 23.63
N ASN FA 598 22.90 30.00 24.92
CA ASN FA 598 23.47 31.07 25.71
C ASN FA 598 24.93 30.76 26.00
N ASP FA 599 25.62 31.73 26.60
CA ASP FA 599 27.05 31.64 26.81
C ASP FA 599 27.40 31.09 28.19
N THR FA 600 26.46 31.17 29.15
CA THR FA 600 26.69 30.59 30.47
C THR FA 600 26.37 29.11 30.54
N ASN FA 601 25.51 28.62 29.65
CA ASN FA 601 25.10 27.22 29.64
C ASN FA 601 25.94 26.37 28.69
N ASP FA 602 27.20 26.73 28.51
CA ASP FA 602 28.09 25.95 27.66
C ASP FA 602 28.31 24.56 28.25
N GLN FA 603 28.47 23.58 27.37
CA GLN FA 603 28.67 22.20 27.78
C GLN FA 603 30.16 21.94 27.94
N SER FA 604 30.54 21.38 29.08
CA SER FA 604 31.93 21.08 29.39
C SER FA 604 32.14 19.58 29.37
N PHE FA 605 33.19 19.13 28.68
CA PHE FA 605 33.52 17.72 28.58
C PHE FA 605 34.97 17.51 28.91
N ASN FA 606 35.26 16.38 29.54
CA ASN FA 606 36.60 16.04 29.98
C ASN FA 606 36.96 14.63 29.52
N ASP FA 607 38.19 14.48 29.07
CA ASP FA 607 38.70 13.15 28.74
C ASP FA 607 38.85 12.34 30.02
N TYR FA 608 38.43 11.08 29.96
CA TYR FA 608 38.49 10.25 31.15
C TYR FA 608 39.93 9.99 31.56
N LEU FA 609 40.72 9.38 30.69
CA LEU FA 609 42.16 9.25 30.90
C LEU FA 609 42.79 10.56 30.48
N SER FA 610 42.59 11.55 31.35
CA SER FA 610 43.10 12.85 31.06
C SER FA 610 44.50 12.76 31.31
N ALA FA 611 45.29 12.73 30.27
CA ALA FA 611 46.70 12.74 30.49
C ALA FA 611 47.45 13.04 29.24
N ALA FA 612 48.77 12.95 29.33
CA ALA FA 612 49.58 13.25 28.21
C ALA FA 612 50.50 12.11 27.97
N ASN FA 613 50.06 11.15 27.21
CA ASN FA 613 50.82 9.98 27.00
C ASN FA 613 52.13 10.27 26.35
N MET FA 614 53.21 9.78 26.93
CA MET FA 614 54.51 9.96 26.35
C MET FA 614 55.31 8.69 26.39
N LEU FA 615 55.66 8.11 25.25
CA LEU FA 615 56.35 6.82 25.24
C LEU FA 615 57.81 7.00 24.97
N TYR FA 616 58.66 6.55 25.88
CA TYR FA 616 60.09 6.70 25.75
C TYR FA 616 60.71 5.35 25.49
N PRO FA 617 61.53 5.22 24.46
CA PRO FA 617 62.10 3.92 24.08
C PRO FA 617 63.13 3.43 25.08
N ILE FA 618 63.22 2.11 25.21
CA ILE FA 618 64.08 1.46 26.17
C ILE FA 618 64.96 0.45 25.44
N PRO FA 619 66.28 0.63 25.41
CA PRO FA 619 67.15 -0.45 24.95
C PRO FA 619 67.04 -1.63 25.89
N PRO FA 620 67.27 -2.85 25.41
CA PRO FA 620 66.86 -4.03 26.18
C PRO FA 620 67.71 -4.30 27.41
N ASN FA 621 67.99 -3.25 28.19
CA ASN FA 621 68.71 -3.34 29.46
C ASN FA 621 68.50 -2.06 30.24
N ALA FA 622 68.78 -2.15 31.55
CA ALA FA 622 69.14 -1.02 32.39
C ALA FA 622 68.00 -0.02 32.65
N THR FA 623 68.34 1.27 32.64
CA THR FA 623 67.47 2.34 33.12
C THR FA 623 67.29 3.44 32.07
N GLN FA 624 66.64 4.54 32.45
CA GLN FA 624 66.42 5.65 31.52
C GLN FA 624 66.02 6.89 32.32
N LEU FA 625 66.16 8.07 31.68
CA LEU FA 625 65.91 9.34 32.35
C LEU FA 625 65.19 10.35 31.45
N PRO FA 626 63.96 10.86 31.81
CA PRO FA 626 63.34 11.90 30.93
C PRO FA 626 62.77 13.31 31.45
N ILE FA 627 61.97 14.06 30.67
CA ILE FA 627 61.31 15.41 31.00
C ILE FA 627 62.11 16.73 31.31
N PRO FA 628 61.65 17.92 30.78
CA PRO FA 628 62.31 19.24 30.98
C PRO FA 628 61.59 20.25 31.88
N SER FA 629 61.74 21.57 31.67
CA SER FA 629 61.10 22.54 32.65
C SER FA 629 59.80 23.27 32.31
N ARG FA 630 58.87 23.34 33.25
CA ARG FA 630 57.59 23.95 32.98
C ARG FA 630 56.96 24.54 34.21
N ASN FA 631 55.63 24.58 34.29
CA ASN FA 631 54.96 25.11 35.47
C ASN FA 631 54.52 24.05 36.45
N TRP FA 632 53.71 23.10 36.03
CA TRP FA 632 53.29 22.00 36.91
C TRP FA 632 52.10 22.35 37.75
N ALA FA 633 51.29 23.30 37.34
CA ALA FA 633 50.04 23.61 38.03
C ALA FA 633 48.96 22.64 37.59
N ALA FA 634 48.11 22.24 38.54
CA ALA FA 634 47.02 21.29 38.34
C ALA FA 634 47.51 19.88 38.01
N PHE FA 635 48.82 19.65 38.03
CA PHE FA 635 49.34 18.30 37.88
C PHE FA 635 48.83 17.42 39.02
N ARG FA 636 48.43 16.20 38.68
CA ARG FA 636 47.75 15.35 39.66
C ARG FA 636 48.37 13.97 39.83
N GLY FA 637 49.43 13.63 39.13
CA GLY FA 637 50.14 12.39 39.40
C GLY FA 637 50.69 11.78 38.13
N TRP FA 638 51.41 10.69 38.30
CA TRP FA 638 52.02 9.92 37.22
C TRP FA 638 51.32 8.58 37.06
N SER FA 639 51.54 7.96 35.91
CA SER FA 639 51.14 6.59 35.65
C SER FA 639 52.13 6.00 34.66
N LEU FA 640 52.68 4.83 35.00
CA LEU FA 640 53.81 4.29 34.28
C LEU FA 640 53.58 2.80 33.98
N THR FA 641 54.03 2.38 32.80
CA THR FA 641 53.93 0.98 32.40
C THR FA 641 54.97 0.73 31.31
N ARG FA 642 55.26 -0.55 31.08
CA ARG FA 642 56.24 -0.97 30.09
C ARG FA 642 55.51 -1.68 28.96
N LEU FA 643 55.70 -1.20 27.74
CA LEU FA 643 55.16 -1.83 26.54
C LEU FA 643 56.30 -2.42 25.71
N LYS FA 644 55.92 -3.17 24.68
CA LYS FA 644 56.87 -3.75 23.75
C LYS FA 644 56.83 -2.98 22.43
N GLN FA 645 58.01 -2.70 21.88
CA GLN FA 645 58.09 -1.93 20.65
C GLN FA 645 57.41 -2.65 19.50
N ARG FA 646 57.56 -3.98 19.45
CA ARG FA 646 56.94 -4.75 18.37
C ARG FA 646 55.42 -4.62 18.40
N GLU FA 647 54.82 -4.67 19.59
CA GLU FA 647 53.38 -4.59 19.70
C GLU FA 647 52.85 -3.17 19.53
N THR FA 648 53.59 -2.17 19.99
CA THR FA 648 53.11 -0.80 19.94
C THR FA 648 53.30 -0.22 18.55
N PRO FA 649 52.24 0.23 17.87
CA PRO FA 649 52.41 0.83 16.55
C PRO FA 649 52.96 2.25 16.64
N ALA FA 650 53.45 2.73 15.50
CA ALA FA 650 53.97 4.09 15.44
C ALA FA 650 52.83 5.10 15.61
N LEU FA 651 53.07 6.11 16.44
CA LEU FA 651 52.06 7.11 16.74
C LEU FA 651 51.94 8.11 15.61
N GLY FA 652 50.69 8.49 15.31
CA GLY FA 652 50.44 9.54 14.33
C GLY FA 652 50.92 9.22 12.93
N SER FA 653 50.66 8.00 12.47
CA SER FA 653 51.08 7.58 11.14
C SER FA 653 49.86 7.06 10.39
N PRO FA 654 49.63 7.53 9.16
CA PRO FA 654 48.54 6.95 8.35
C PRO FA 654 48.72 5.46 8.11
N PHE FA 655 49.97 4.99 8.02
CA PHE FA 655 50.26 3.59 7.82
C PHE FA 655 51.64 3.30 8.39
N ASP FA 656 51.74 2.25 9.20
CA ASP FA 656 52.99 1.87 9.81
C ASP FA 656 53.57 0.66 9.07
N PRO FA 657 54.64 0.82 8.29
CA PRO FA 657 55.18 -0.32 7.57
C PRO FA 657 55.94 -1.30 8.45
N TYR FA 658 56.39 -0.87 9.63
CA TYR FA 658 57.15 -1.72 10.53
C TYR FA 658 56.29 -2.30 11.66
N PHE FA 659 54.97 -2.29 11.51
CA PHE FA 659 54.12 -2.83 12.56
C PHE FA 659 54.22 -4.35 12.61
N THR FA 660 53.76 -5.01 11.54
CA THR FA 660 53.94 -6.46 11.36
C THR FA 660 53.51 -7.24 12.59
N TYR FA 661 52.37 -6.87 13.17
CA TYR FA 661 51.89 -7.55 14.36
C TYR FA 661 50.37 -7.42 14.44
N SER FA 662 49.73 -8.46 14.97
CA SER FA 662 48.30 -8.45 15.24
C SER FA 662 48.04 -9.15 16.56
N GLY FA 663 47.18 -8.55 17.37
CA GLY FA 663 46.90 -9.05 18.69
C GLY FA 663 46.66 -7.88 19.62
N THR FA 664 46.55 -8.19 20.91
CA THR FA 664 46.32 -7.15 21.91
C THR FA 664 47.54 -6.23 21.96
N ILE FA 665 47.42 -5.04 21.39
CA ILE FA 665 48.48 -4.04 21.43
C ILE FA 665 48.28 -3.19 22.68
N PRO FA 666 49.20 -3.23 23.65
CA PRO FA 666 48.92 -2.63 24.96
C PRO FA 666 48.68 -1.13 24.93
N TYR FA 667 49.29 -0.39 24.00
CA TYR FA 667 49.28 1.06 24.09
C TYR FA 667 47.86 1.63 24.03
N LEU FA 668 47.05 1.13 23.10
CA LEU FA 668 45.72 1.69 22.88
C LEU FA 668 44.61 0.65 23.00
N ASP FA 669 44.88 -0.46 23.69
CA ASP FA 669 43.86 -1.46 23.99
C ASP FA 669 43.61 -1.60 25.49
N GLY FA 670 44.46 -1.04 26.33
CA GLY FA 670 44.34 -1.23 27.76
C GLY FA 670 44.62 -2.65 28.19
N THR FA 671 45.66 -3.27 27.63
CA THR FA 671 46.00 -4.66 27.87
C THR FA 671 47.49 -4.73 28.21
N PHE FA 672 47.81 -4.55 29.48
CA PHE FA 672 49.19 -4.46 29.95
C PHE FA 672 49.57 -5.71 30.73
N TYR FA 673 50.80 -6.18 30.52
CA TYR FA 673 51.30 -7.34 31.24
C TYR FA 673 52.72 -7.19 31.77
N LEU FA 674 53.44 -6.13 31.43
CA LEU FA 674 54.83 -5.96 31.83
C LEU FA 674 54.97 -5.03 33.04
N SER FA 675 53.87 -4.72 33.73
CA SER FA 675 53.94 -3.85 34.90
C SER FA 675 54.76 -4.45 36.04
N HIS FA 676 55.01 -5.76 36.00
CA HIS FA 676 55.77 -6.42 37.06
C HIS FA 676 57.27 -6.31 36.88
N THR FA 677 57.74 -5.72 35.79
CA THR FA 677 59.17 -5.64 35.50
C THR FA 677 59.84 -4.39 36.06
N PHE FA 678 59.09 -3.55 36.78
CA PHE FA 678 59.64 -2.32 37.33
C PHE FA 678 60.26 -2.60 38.69
N ARG FA 679 61.48 -2.08 38.90
CA ARG FA 679 62.19 -2.28 40.15
C ARG FA 679 62.08 -1.07 41.08
N LYS FA 680 62.36 0.13 40.57
CA LYS FA 680 62.25 1.33 41.39
C LYS FA 680 62.04 2.54 40.49
N VAL FA 681 61.50 3.60 41.09
CA VAL FA 681 61.28 4.88 40.42
C VAL FA 681 61.82 5.98 41.32
N ALA FA 682 62.58 6.90 40.73
CA ALA FA 682 63.17 8.01 41.47
C ALA FA 682 62.75 9.31 40.80
N ILE FA 683 61.80 10.01 41.41
CA ILE FA 683 61.33 11.30 40.92
C ILE FA 683 62.13 12.40 41.58
N GLN FA 684 62.48 13.43 40.81
CA GLN FA 684 63.35 14.49 41.31
C GLN FA 684 62.93 15.82 40.69
N PHE FA 685 62.44 16.73 41.52
CA PHE FA 685 62.08 18.08 41.10
C PHE FA 685 63.26 19.03 41.31
N ASP FA 686 63.36 20.01 40.43
CA ASP FA 686 64.38 21.05 40.45
C ASP FA 686 65.80 20.48 40.34
N SER FA 687 65.94 19.23 39.93
CA SER FA 687 67.22 18.57 39.65
C SER FA 687 68.11 18.47 40.88
N SER FA 688 67.61 18.74 42.08
CA SER FA 688 68.45 18.66 43.26
C SER FA 688 67.79 17.89 44.40
N VAL FA 689 66.45 17.89 44.44
CA VAL FA 689 65.71 17.33 45.56
C VAL FA 689 64.71 16.31 45.02
N THR FA 690 64.65 15.14 45.66
CA THR FA 690 63.67 14.13 45.30
C THR FA 690 62.28 14.58 45.71
N TRP FA 691 61.30 14.28 44.85
CA TRP FA 691 59.92 14.67 45.13
C TRP FA 691 59.22 13.84 46.21
N PRO FA 692 59.34 12.47 46.22
CA PRO FA 692 58.35 11.65 46.94
C PRO FA 692 58.01 12.12 48.33
N GLY FA 693 58.87 12.93 48.92
CA GLY FA 693 58.55 13.60 50.16
C GLY FA 693 59.80 13.84 50.98
N ASN FA 694 59.63 14.69 51.98
CA ASN FA 694 60.65 14.94 52.99
C ASN FA 694 60.60 13.87 54.07
N ASP FA 695 61.21 12.73 53.76
CA ASP FA 695 61.23 11.55 54.62
C ASP FA 695 59.82 11.03 54.88
N ARG FA 696 59.16 10.62 53.78
CA ARG FA 696 57.80 10.10 53.84
C ARG FA 696 57.73 8.58 53.70
N LEU FA 697 58.55 8.01 52.82
CA LEU FA 697 58.51 6.58 52.54
C LEU FA 697 59.55 5.85 53.39
N LEU FA 698 59.53 4.52 53.29
CA LEU FA 698 60.53 3.72 54.00
C LEU FA 698 61.94 4.04 53.49
N THR FA 699 62.09 4.14 52.17
CA THR FA 699 63.31 4.65 51.55
C THR FA 699 63.00 6.01 50.97
N PRO FA 700 63.46 7.11 51.60
CA PRO FA 700 62.97 8.44 51.22
C PRO FA 700 63.34 8.86 49.80
N ASN FA 701 64.32 8.23 49.17
CA ASN FA 701 64.82 8.72 47.90
C ASN FA 701 64.15 8.07 46.70
N GLU FA 702 63.80 6.78 46.78
CA GLU FA 702 63.31 6.05 45.62
C GLU FA 702 61.99 5.37 45.95
N PHE FA 703 61.16 5.21 44.91
CA PHE FA 703 59.94 4.41 45.01
C PHE FA 703 60.26 2.94 44.71
N GLU FA 704 60.95 2.31 45.67
CA GLU FA 704 61.32 0.91 45.49
C GLU FA 704 60.08 0.05 45.36
N ILE FA 705 60.03 -0.73 44.29
CA ILE FA 705 58.89 -1.59 43.98
C ILE FA 705 59.18 -3.05 44.31
N LYS FA 706 60.32 -3.55 43.88
CA LYS FA 706 60.72 -4.93 44.13
C LYS FA 706 62.10 -4.95 44.77
N ILE FA 707 62.22 -5.69 45.87
CA ILE FA 707 63.52 -6.00 46.46
C ILE FA 707 63.70 -7.51 46.44
N SER FA 708 64.76 -7.97 45.78
CA SER FA 708 65.07 -9.40 45.77
C SER FA 708 65.86 -9.80 47.00
N VAL FA 709 66.98 -9.12 47.25
CA VAL FA 709 67.81 -9.37 48.42
C VAL FA 709 67.31 -8.45 49.53
N ASP FA 710 66.35 -8.94 50.30
CA ASP FA 710 65.75 -8.19 51.40
C ASP FA 710 66.27 -8.75 52.72
N GLY FA 711 67.00 -7.92 53.46
CA GLY FA 711 67.49 -8.34 54.76
C GLY FA 711 66.72 -7.73 55.90
N GLU FA 712 66.37 -6.45 55.77
CA GLU FA 712 65.57 -5.79 56.80
C GLU FA 712 64.10 -6.16 56.71
N GLY FA 713 63.60 -6.51 55.52
CA GLY FA 713 62.27 -7.05 55.40
C GLY FA 713 61.15 -6.06 55.11
N TYR FA 714 61.27 -5.27 54.05
CA TYR FA 714 60.16 -4.44 53.61
C TYR FA 714 59.24 -5.12 52.61
N ASN FA 715 59.46 -6.39 52.31
CA ASN FA 715 58.56 -7.11 51.41
C ASN FA 715 57.17 -7.19 52.03
N VAL FA 716 56.16 -6.87 51.23
CA VAL FA 716 54.80 -6.72 51.72
C VAL FA 716 53.99 -7.93 51.26
N ALA FA 717 52.88 -8.18 51.96
CA ALA FA 717 52.02 -9.34 51.72
C ALA FA 717 52.91 -10.57 51.77
N GLN FA 718 52.83 -11.48 50.80
CA GLN FA 718 53.77 -12.58 50.69
C GLN FA 718 54.31 -12.63 49.26
N SER FA 719 54.64 -11.46 48.72
CA SER FA 719 55.15 -11.34 47.36
C SER FA 719 56.45 -10.55 47.35
N ASN FA 720 56.91 -10.19 46.16
CA ASN FA 720 58.19 -9.50 45.99
C ASN FA 720 58.10 -7.99 46.20
N MET FA 721 56.90 -7.44 46.33
CA MET FA 721 56.75 -5.99 46.35
C MET FA 721 57.02 -5.44 47.74
N THR FA 722 57.49 -4.19 47.78
CA THR FA 722 57.85 -3.53 49.03
C THR FA 722 56.62 -2.90 49.69
N LYS FA 723 56.76 -2.63 50.99
CA LYS FA 723 55.64 -2.05 51.74
C LYS FA 723 55.32 -0.64 51.26
N ASP FA 724 56.35 0.19 51.05
CA ASP FA 724 56.10 1.58 50.68
C ASP FA 724 55.46 1.72 49.31
N TRP FA 725 55.58 0.71 48.45
CA TRP FA 725 54.88 0.72 47.17
C TRP FA 725 53.47 0.15 47.31
N PHE FA 726 53.28 -0.84 48.17
CA PHE FA 726 51.93 -1.34 48.43
C PHE FA 726 51.07 -0.28 49.07
N LEU FA 727 51.63 0.50 50.01
CA LEU FA 727 50.89 1.56 50.65
C LEU FA 727 50.48 2.63 49.64
N VAL FA 728 51.40 3.01 48.75
CA VAL FA 728 51.09 4.01 47.74
C VAL FA 728 50.03 3.47 46.78
N GLN FA 729 50.19 2.22 46.34
CA GLN FA 729 49.23 1.65 45.38
C GLN FA 729 47.84 1.55 45.97
N MET FA 730 47.74 1.12 47.22
CA MET FA 730 46.44 1.05 47.87
C MET FA 730 45.85 2.45 48.08
N LEU FA 731 46.69 3.40 48.48
CA LEU FA 731 46.21 4.77 48.69
C LEU FA 731 45.78 5.41 47.39
N ALA FA 732 46.56 5.21 46.32
CA ALA FA 732 46.23 5.81 45.03
C ALA FA 732 44.93 5.24 44.47
N ASN FA 733 44.71 3.94 44.64
CA ASN FA 733 43.56 3.29 44.02
C ASN FA 733 42.31 3.33 44.90
N TYR FA 734 42.44 3.01 46.19
CA TYR FA 734 41.28 2.85 47.04
C TYR FA 734 41.29 3.69 48.32
N ASN FA 735 42.40 4.34 48.67
CA ASN FA 735 42.53 5.11 49.90
C ASN FA 735 42.28 4.22 51.13
N ILE FA 736 43.16 3.25 51.31
CA ILE FA 736 43.02 2.27 52.38
C ILE FA 736 44.12 2.39 53.42
N GLY FA 737 45.36 2.56 52.99
CA GLY FA 737 46.54 2.40 53.82
C GLY FA 737 46.53 2.93 55.24
N TYR FA 738 46.09 4.17 55.43
CA TYR FA 738 46.26 4.81 56.74
C TYR FA 738 45.37 4.17 57.81
N GLN FA 739 44.14 3.81 57.45
CA GLN FA 739 43.18 3.30 58.42
C GLN FA 739 43.03 1.78 58.36
N GLY FA 740 44.11 1.08 58.07
CA GLY FA 740 44.09 -0.36 57.95
C GLY FA 740 44.43 -0.82 56.55
N TYR FA 741 44.23 -2.11 56.31
CA TYR FA 741 44.50 -2.70 55.00
C TYR FA 741 43.37 -3.64 54.60
N HIS FA 742 42.13 -3.22 54.82
CA HIS FA 742 40.99 -4.07 54.51
C HIS FA 742 40.81 -4.20 53.01
N LEU FA 743 40.08 -5.23 52.62
CA LEU FA 743 39.77 -5.44 51.21
C LEU FA 743 38.77 -4.38 50.74
N PRO FA 744 39.00 -3.74 49.60
CA PRO FA 744 38.08 -2.70 49.13
C PRO FA 744 36.76 -3.31 48.69
N PRO FA 745 35.69 -2.51 48.66
CA PRO FA 745 34.40 -3.02 48.20
C PRO FA 745 34.44 -3.38 46.72
N ASP FA 746 33.47 -4.21 46.32
CA ASP FA 746 33.47 -4.76 44.96
C ASP FA 746 33.35 -3.65 43.91
N TYR FA 747 32.48 -2.67 44.15
CA TYR FA 747 32.28 -1.61 43.15
C TYR FA 747 33.52 -0.77 42.95
N LYS FA 748 34.40 -0.69 43.95
CA LYS FA 748 35.65 0.06 43.81
C LYS FA 748 36.75 -0.73 43.12
N ASP FA 749 36.67 -2.05 43.13
CA ASP FA 749 37.69 -2.91 42.56
C ASP FA 749 37.22 -3.35 41.17
N ARG FA 750 37.82 -2.78 40.14
CA ARG FA 750 37.40 -3.00 38.75
C ARG FA 750 38.54 -3.64 37.96
N THR FA 751 38.34 -3.75 36.65
CA THR FA 751 39.32 -4.43 35.80
C THR FA 751 40.65 -3.68 35.78
N PHE FA 752 40.60 -2.37 35.64
CA PHE FA 752 41.81 -1.54 35.65
C PHE FA 752 42.20 -1.13 37.06
N SER FA 753 42.30 -2.10 37.96
CA SER FA 753 42.61 -1.85 39.36
C SER FA 753 43.90 -2.56 39.74
N PHE FA 754 44.24 -2.52 41.02
CA PHE FA 754 45.47 -3.09 41.53
C PHE FA 754 45.25 -4.48 42.14
N LEU FA 755 44.36 -4.58 43.12
CA LEU FA 755 44.11 -5.87 43.77
C LEU FA 755 43.32 -6.82 42.88
N HIS FA 756 42.63 -6.32 41.86
CA HIS FA 756 41.94 -7.18 40.91
C HIS FA 756 42.91 -8.03 40.11
N ASN FA 757 44.18 -7.64 40.05
CA ASN FA 757 45.17 -8.32 39.24
C ASN FA 757 46.43 -8.70 40.00
N PHE FA 758 46.63 -8.19 41.22
CA PHE FA 758 47.81 -8.54 42.00
C PHE FA 758 47.73 -10.00 42.44
N ILE FA 759 48.55 -10.84 41.82
CA ILE FA 759 48.61 -12.26 42.11
C ILE FA 759 50.00 -12.59 42.65
N PRO FA 760 50.15 -12.77 43.95
CA PRO FA 760 51.44 -13.20 44.49
C PRO FA 760 51.73 -14.65 44.14
N MET FA 761 53.02 -14.97 44.01
CA MET FA 761 53.45 -16.31 43.68
C MET FA 761 54.72 -16.62 44.46
N CYS FA 762 54.94 -17.91 44.70
CA CYS FA 762 56.09 -18.35 45.46
C CYS FA 762 56.41 -19.81 45.12
N ARG FA 763 57.70 -20.14 45.10
CA ARG FA 763 58.14 -21.50 44.85
C ARG FA 763 59.52 -21.68 45.46
N GLN FA 764 59.95 -22.93 45.53
CA GLN FA 764 61.24 -23.29 46.10
C GLN FA 764 62.12 -23.95 45.06
N VAL FA 765 63.43 -23.72 45.19
CA VAL FA 765 64.44 -24.23 44.27
C VAL FA 765 65.30 -25.20 45.07
N PRO FA 766 65.89 -26.23 44.45
CA PRO FA 766 66.64 -27.22 45.24
C PRO FA 766 67.99 -26.73 45.77
N ASN FA 767 68.22 -25.41 45.78
CA ASN FA 767 69.38 -24.82 46.44
C ASN FA 767 70.69 -25.38 45.88
N PRO FA 768 71.09 -24.95 44.68
CA PRO FA 768 72.23 -25.59 44.00
C PRO FA 768 73.55 -25.52 44.75
N ALA FA 769 73.57 -24.86 45.91
CA ALA FA 769 74.78 -24.80 46.72
C ALA FA 769 75.02 -26.07 47.53
N THR FA 770 74.04 -26.95 47.63
CA THR FA 770 74.18 -28.15 48.44
C THR FA 770 75.04 -29.19 47.72
N GLU FA 771 75.52 -30.16 48.50
CA GLU FA 771 76.31 -31.25 47.97
C GLU FA 771 75.41 -32.38 47.49
N GLY FA 772 75.85 -33.07 46.45
CA GLY FA 772 75.05 -34.09 45.83
C GLY FA 772 74.02 -33.59 44.85
N TYR FA 773 74.02 -32.29 44.55
CA TYR FA 773 73.08 -31.70 43.62
C TYR FA 773 73.72 -31.60 42.24
N PHE FA 774 72.98 -32.02 41.22
CA PHE FA 774 73.45 -31.98 39.84
C PHE FA 774 72.42 -31.24 39.01
N GLY FA 775 72.75 -30.04 38.57
CA GLY FA 775 71.85 -29.31 37.69
C GLY FA 775 71.90 -29.87 36.29
N LEU FA 776 70.86 -30.62 35.93
CA LEU FA 776 70.86 -31.33 34.65
C LEU FA 776 70.41 -30.40 33.53
N GLY FA 777 70.94 -30.66 32.33
CA GLY FA 777 70.49 -29.94 31.17
C GLY FA 777 69.06 -30.31 30.81
N ILE FA 778 68.47 -29.51 29.93
CA ILE FA 778 67.09 -29.75 29.53
C ILE FA 778 66.96 -31.07 28.77
N VAL FA 779 68.04 -31.55 28.17
CA VAL FA 779 67.99 -32.82 27.44
C VAL FA 779 67.84 -34.00 28.39
N ASN FA 780 68.51 -33.95 29.53
CA ASN FA 780 68.64 -35.10 30.42
C ASN FA 780 67.58 -35.16 31.50
N HIS FA 781 66.38 -34.61 31.25
CA HIS FA 781 65.28 -34.71 32.19
C HIS FA 781 64.48 -35.96 31.89
N ARG FA 782 64.33 -36.84 32.88
CA ARG FA 782 63.62 -38.10 32.71
C ARG FA 782 62.38 -38.11 33.58
N THR FA 783 61.23 -38.32 32.95
CA THR FA 783 59.96 -38.53 33.65
C THR FA 783 59.03 -39.26 32.71
N THR FA 784 58.46 -40.36 33.20
CA THR FA 784 57.60 -41.23 32.41
C THR FA 784 58.21 -41.58 31.03
N PRO FA 785 59.40 -42.18 31.00
CA PRO FA 785 59.92 -42.67 29.71
C PRO FA 785 59.11 -43.87 29.24
N ALA FA 786 59.11 -44.06 27.93
CA ALA FA 786 58.29 -45.03 27.20
C ALA FA 786 56.82 -44.66 27.19
N TYR FA 787 56.44 -43.55 27.80
CA TYR FA 787 55.09 -43.04 27.72
C TYR FA 787 55.00 -41.70 27.01
N TRP FA 788 56.10 -40.97 26.88
CA TRP FA 788 56.25 -39.92 25.88
C TRP FA 788 57.74 -39.64 25.72
N PHE FA 789 58.09 -38.89 24.68
CA PHE FA 789 59.47 -38.69 24.29
C PHE FA 789 59.85 -37.22 24.46
N ARG FA 790 61.16 -36.95 24.35
CA ARG FA 790 61.63 -35.59 24.14
C ARG FA 790 61.00 -34.99 22.89
N PHE FA 791 61.23 -33.70 22.70
CA PHE FA 791 60.69 -32.99 21.54
C PHE FA 791 59.17 -33.14 21.55
N CYS FA 792 58.55 -32.60 22.61
CA CYS FA 792 57.22 -33.00 23.06
C CYS FA 792 56.20 -33.00 21.94
N ARG FA 793 55.14 -33.79 22.11
CA ARG FA 793 54.18 -34.24 21.11
C ARG FA 793 54.77 -35.39 20.27
N ALA FA 794 56.06 -35.71 20.43
CA ALA FA 794 56.61 -36.92 19.84
C ALA FA 794 55.98 -38.14 20.49
N PRO FA 795 55.46 -39.11 19.71
CA PRO FA 795 54.42 -40.01 20.21
C PRO FA 795 54.68 -40.70 21.54
N ARG FA 796 55.57 -41.69 21.61
CA ARG FA 796 55.80 -42.36 22.89
C ARG FA 796 57.20 -42.93 23.09
N GLU FA 797 58.11 -42.81 22.14
CA GLU FA 797 59.31 -43.63 22.16
C GLU FA 797 60.09 -43.43 23.45
N GLY FA 798 60.52 -44.54 24.04
CA GLY FA 798 61.19 -44.49 25.32
C GLY FA 798 61.34 -45.88 25.91
N HIS FA 799 61.69 -45.89 27.19
CA HIS FA 799 62.11 -47.10 27.87
C HIS FA 799 61.84 -46.97 29.36
N PRO FA 800 60.96 -47.80 29.93
CA PRO FA 800 60.59 -47.61 31.34
C PRO FA 800 61.80 -47.70 32.25
N TYR FA 801 61.86 -46.77 33.21
CA TYR FA 801 63.05 -46.63 34.03
C TYR FA 801 62.80 -45.66 35.18
N PRO FA 802 63.50 -45.80 36.30
CA PRO FA 802 63.41 -44.79 37.36
C PRO FA 802 63.88 -43.43 36.87
N GLN FA 803 63.34 -42.38 37.48
CA GLN FA 803 63.52 -41.03 36.99
C GLN FA 803 64.37 -40.20 37.94
N LEU FA 804 64.85 -39.07 37.43
CA LEU FA 804 65.72 -38.19 38.20
C LEU FA 804 65.37 -36.71 38.10
N ALA FA 805 64.54 -36.30 37.14
CA ALA FA 805 64.15 -34.90 37.05
C ALA FA 805 63.22 -34.54 38.20
N LEU FA 806 63.15 -33.23 38.48
CA LEU FA 806 62.35 -32.69 39.58
C LEU FA 806 62.78 -33.32 40.90
N PRO FA 807 63.93 -32.93 41.45
CA PRO FA 807 64.35 -33.45 42.76
C PRO FA 807 63.28 -33.15 43.80
N PRO FA 808 63.03 -34.09 44.71
CA PRO FA 808 61.88 -33.94 45.62
C PRO FA 808 62.13 -32.86 46.65
N HIS FA 809 61.19 -31.92 46.73
CA HIS FA 809 61.25 -30.87 47.75
C HIS FA 809 60.56 -31.27 49.04
N TRP FA 810 59.86 -32.39 49.05
CA TRP FA 810 59.16 -32.88 50.23
C TRP FA 810 59.35 -34.38 50.34
N ASP FA 811 59.45 -34.86 51.59
CA ASP FA 811 59.64 -36.22 52.12
C ASP FA 811 60.87 -36.23 53.03
N PRO FA 812 61.18 -37.34 53.70
CA PRO FA 812 62.50 -37.45 54.34
C PRO FA 812 63.66 -37.37 53.37
N ARG FA 813 63.45 -37.74 52.10
CA ARG FA 813 64.49 -37.71 51.08
C ARG FA 813 64.54 -36.38 50.33
N HIS FA 814 64.11 -35.31 50.99
CA HIS FA 814 64.08 -33.99 50.38
C HIS FA 814 65.48 -33.55 49.94
N ALA FA 815 65.52 -32.55 49.07
CA ALA FA 815 66.76 -31.97 48.59
C ALA FA 815 66.72 -30.46 48.86
N LEU FA 816 67.05 -30.09 50.10
CA LEU FA 816 67.22 -28.70 50.52
C LEU FA 816 66.05 -27.80 50.11
N ARG FA 817 66.31 -26.50 50.01
CA ARG FA 817 65.25 -25.52 49.83
C ARG FA 817 65.86 -24.16 49.54
N ASP FA 818 65.20 -23.39 48.67
CA ASP FA 818 65.62 -22.03 48.35
C ASP FA 818 64.43 -21.22 47.83
N PRO FA 819 63.79 -20.41 48.67
CA PRO FA 819 62.59 -19.69 48.23
C PRO FA 819 62.91 -18.63 47.18
N GLU FA 820 61.90 -18.32 46.38
CA GLU FA 820 61.94 -17.15 45.50
C GLU FA 820 60.52 -16.71 45.25
N ARG FA 821 60.20 -15.48 45.66
CA ARG FA 821 58.86 -14.95 45.56
C ARG FA 821 58.79 -13.93 44.43
N LYS FA 822 57.60 -13.80 43.86
CA LYS FA 822 57.36 -12.80 42.82
C LYS FA 822 55.86 -12.55 42.73
N PHE FA 823 55.51 -11.44 42.08
CA PHE FA 823 54.13 -11.08 41.86
C PHE FA 823 53.91 -10.81 40.38
N LEU FA 824 52.67 -11.03 39.93
CA LEU FA 824 52.30 -10.89 38.53
C LEU FA 824 51.05 -10.03 38.45
N CYS FA 825 51.22 -8.76 38.12
CA CYS FA 825 50.13 -7.81 38.01
C CYS FA 825 49.92 -7.45 36.55
N ASP FA 826 48.69 -7.62 36.06
CA ASP FA 826 48.38 -7.46 34.66
C ASP FA 826 47.30 -6.40 34.48
N ARG FA 827 47.31 -5.74 33.32
CA ARG FA 827 46.31 -4.75 32.96
C ARG FA 827 46.20 -3.64 34.02
N THR FA 828 47.33 -3.17 34.52
CA THR FA 828 47.33 -2.17 35.58
C THR FA 828 48.40 -1.14 35.32
N LEU FA 829 48.02 0.13 35.39
CA LEU FA 829 48.96 1.24 35.32
C LEU FA 829 49.41 1.58 36.74
N TRP FA 830 50.71 1.47 36.99
CA TRP FA 830 51.23 1.89 38.29
C TRP FA 830 50.93 3.36 38.52
N ARG FA 831 50.39 3.68 39.69
CA ARG FA 831 49.92 5.02 39.99
C ARG FA 831 50.78 5.66 41.06
N ILE FA 832 51.20 6.90 40.81
CA ILE FA 832 51.90 7.72 41.80
C ILE FA 832 51.19 9.06 41.85
N PRO FA 833 50.15 9.21 42.66
CA PRO FA 833 49.39 10.47 42.66
C PRO FA 833 50.22 11.62 43.23
N PHE FA 834 49.99 12.79 42.66
CA PHE FA 834 50.68 14.02 43.08
C PHE FA 834 49.98 14.66 44.27
N SER FA 835 49.80 13.88 45.33
CA SER FA 835 49.15 14.36 46.55
C SER FA 835 50.14 14.28 47.71
N SER FA 836 49.94 15.14 48.70
CA SER FA 836 50.82 15.14 49.86
C SER FA 836 50.71 13.84 50.64
N ASN FA 837 49.50 13.32 50.80
CA ASN FA 837 49.26 12.08 51.52
C ASN FA 837 48.98 10.91 50.59
N PHE FA 838 49.18 11.06 49.29
CA PHE FA 838 48.97 10.02 48.29
C PHE FA 838 47.51 9.62 48.16
N MET FA 839 46.63 10.28 48.92
CA MET FA 839 45.22 9.95 48.87
C MET FA 839 44.55 10.64 47.68
N SER FA 840 43.38 10.15 47.31
CA SER FA 840 42.58 10.71 46.23
C SER FA 840 41.37 11.39 46.87
N MET FA 841 41.55 12.66 47.24
CA MET FA 841 40.52 13.44 47.90
C MET FA 841 40.10 14.65 47.06
N GLY FA 842 40.26 14.57 45.75
CA GLY FA 842 39.88 15.65 44.86
C GLY FA 842 40.64 15.62 43.55
N SER FA 843 39.97 15.95 42.45
CA SER FA 843 40.63 15.92 41.15
C SER FA 843 41.75 16.95 41.08
N LEU FA 844 41.51 18.16 41.57
CA LEU FA 844 42.56 19.16 41.70
C LEU FA 844 43.28 18.86 43.01
N THR FA 845 44.43 18.21 42.91
CA THR FA 845 45.05 17.55 44.05
C THR FA 845 45.51 18.57 45.11
N ASP FA 846 45.94 18.04 46.25
CA ASP FA 846 46.51 18.87 47.31
C ASP FA 846 47.68 19.67 46.80
N LEU FA 847 48.65 18.99 46.16
CA LEU FA 847 49.72 19.67 45.46
C LEU FA 847 49.24 20.04 44.06
N GLY FA 848 50.12 20.69 43.29
CA GLY FA 848 49.70 21.21 42.01
C GLY FA 848 48.67 22.31 42.09
N GLN FA 849 48.38 22.80 43.29
CA GLN FA 849 47.45 23.89 43.52
C GLN FA 849 48.00 24.95 44.46
N ASN FA 850 48.95 24.62 45.32
CA ASN FA 850 49.57 25.59 46.21
C ASN FA 850 50.62 26.40 45.45
N LEU FA 851 51.16 27.42 46.12
CA LEU FA 851 52.05 28.36 45.45
C LEU FA 851 53.37 27.70 45.06
N LEU FA 852 53.79 26.66 45.79
CA LEU FA 852 55.10 26.06 45.54
C LEU FA 852 55.18 25.44 44.15
N TYR FA 853 54.12 24.76 43.72
CA TYR FA 853 54.13 24.03 42.47
C TYR FA 853 53.18 24.60 41.42
N ALA FA 854 52.47 25.69 41.72
CA ALA FA 854 51.58 26.32 40.76
C ALA FA 854 51.95 27.78 40.49
N ASN FA 855 53.13 28.23 40.90
CA ASN FA 855 53.54 29.60 40.64
C ASN FA 855 55.00 29.74 40.21
N ALA FA 856 55.75 28.65 40.11
CA ALA FA 856 57.16 28.71 39.76
C ALA FA 856 57.48 27.61 38.76
N ALA FA 857 58.72 27.64 38.27
CA ALA FA 857 59.15 26.67 37.27
C ALA FA 857 59.91 25.51 37.92
N HIS FA 858 59.68 24.31 37.39
CA HIS FA 858 60.33 23.11 37.89
C HIS FA 858 60.53 22.13 36.75
N ALA FA 859 61.49 21.22 36.91
CA ALA FA 859 61.79 20.21 35.92
C ALA FA 859 61.92 18.85 36.58
N LEU FA 860 61.42 17.82 35.90
CA LEU FA 860 61.53 16.45 36.38
C LEU FA 860 62.83 15.79 35.91
N ASP FA 861 63.33 14.88 36.72
CA ASP FA 861 64.48 14.04 36.39
C ASP FA 861 64.18 12.60 36.78
N MET FA 862 63.00 12.11 36.38
CA MET FA 862 62.57 10.78 36.76
C MET FA 862 63.53 9.72 36.23
N THR FA 863 63.89 8.78 37.08
CA THR FA 863 64.84 7.72 36.76
C THR FA 863 64.20 6.37 37.04
N PHE FA 864 64.17 5.52 36.03
CA PHE FA 864 63.51 4.21 36.12
C PHE FA 864 64.54 3.09 36.11
N GLU FA 865 64.45 2.20 37.09
CA GLU FA 865 65.21 0.96 37.12
C GLU FA 865 64.22 -0.19 36.99
N MET FA 866 64.52 -1.10 36.07
CA MET FA 866 63.55 -2.14 35.72
C MET FA 866 64.27 -3.39 35.28
N ASP FA 867 63.53 -4.50 35.30
CA ASP FA 867 64.09 -5.79 34.91
C ASP FA 867 64.41 -5.79 33.41
N PRO FA 868 65.47 -6.49 33.01
CA PRO FA 868 65.86 -6.46 31.60
C PRO FA 868 65.04 -7.41 30.75
N ILE FA 869 64.80 -6.99 29.51
CA ILE FA 869 64.08 -7.77 28.51
C ILE FA 869 64.89 -7.76 27.23
N ASN FA 870 65.04 -8.94 26.61
CA ASN FA 870 65.92 -9.06 25.45
C ASN FA 870 65.42 -8.23 24.27
N GLU FA 871 64.13 -8.29 23.98
CA GLU FA 871 63.65 -7.54 22.83
C GLU FA 871 63.38 -6.09 23.23
N PRO FA 872 63.50 -5.16 22.28
CA PRO FA 872 63.35 -3.73 22.63
C PRO FA 872 61.96 -3.42 23.17
N THR FA 873 61.92 -2.65 24.24
CA THR FA 873 60.69 -2.22 24.88
C THR FA 873 60.65 -0.69 24.91
N LEU FA 874 59.56 -0.14 25.42
CA LEU FA 874 59.41 1.30 25.49
C LEU FA 874 58.50 1.66 26.66
N LEU FA 875 58.88 2.74 27.35
CA LEU FA 875 58.16 3.20 28.52
C LEU FA 875 56.87 3.89 28.13
N TYR FA 876 55.88 3.84 29.02
CA TYR FA 876 54.57 4.45 28.79
C TYR FA 876 54.21 5.38 29.94
N VAL FA 877 55.14 6.26 30.30
CA VAL FA 877 54.85 7.28 31.31
C VAL FA 877 53.80 8.23 30.74
N LEU FA 878 52.61 8.25 31.34
CA LEU FA 878 51.56 9.19 30.98
C LEU FA 878 51.26 10.06 32.20
N PHE FA 879 51.62 11.34 32.09
CA PHE FA 879 51.42 12.29 33.17
C PHE FA 879 49.96 12.69 33.22
N GLU FA 880 49.28 12.36 34.33
CA GLU FA 880 47.87 12.71 34.45
C GLU FA 880 47.71 14.22 34.49
N VAL FA 881 46.85 14.74 33.62
CA VAL FA 881 46.65 16.17 33.46
C VAL FA 881 45.16 16.47 33.53
N PHE FA 882 44.79 17.72 33.30
CA PHE FA 882 43.39 18.14 33.22
C PHE FA 882 43.09 18.47 31.76
N ASP FA 883 42.51 17.50 31.05
CA ASP FA 883 42.13 17.67 29.65
C ASP FA 883 40.63 17.96 29.59
N VAL FA 884 40.28 19.21 29.32
CA VAL FA 884 38.90 19.67 29.35
C VAL FA 884 38.58 20.34 28.02
N ALA FA 885 37.29 20.26 27.63
CA ALA FA 885 36.79 20.94 26.44
C ALA FA 885 35.49 21.63 26.78
N ARG FA 886 35.26 22.78 26.16
CA ARG FA 886 34.04 23.56 26.37
C ARG FA 886 33.44 23.86 25.00
N VAL FA 887 32.19 23.45 24.79
CA VAL FA 887 31.53 23.55 23.50
C VAL FA 887 30.47 24.63 23.56
N HIS FA 888 30.54 25.57 22.63
CA HIS FA 888 29.61 26.69 22.56
C HIS FA 888 28.96 26.71 21.18
N GLN FA 889 27.63 26.81 21.15
CA GLN FA 889 26.86 26.79 19.90
C GLN FA 889 25.98 28.04 19.86
N PRO FA 890 26.49 29.15 19.32
CA PRO FA 890 25.75 30.41 19.43
C PRO FA 890 24.54 30.52 18.53
N HIS FA 891 24.64 30.14 17.25
CA HIS FA 891 23.58 30.46 16.30
C HIS FA 891 23.49 29.40 15.21
N ARG FA 892 22.58 28.44 15.38
CA ARG FA 892 22.07 27.56 14.33
C ARG FA 892 23.12 27.06 13.36
N GLY FA 893 24.09 26.29 13.85
CA GLY FA 893 25.11 25.72 13.00
C GLY FA 893 26.50 26.25 13.27
N VAL FA 894 26.63 27.26 14.13
CA VAL FA 894 27.93 27.73 14.58
C VAL FA 894 28.32 26.87 15.76
N ILE FA 895 29.48 26.24 15.69
CA ILE FA 895 30.00 25.45 16.80
C ILE FA 895 31.43 25.90 17.08
N GLU FA 896 31.66 26.39 18.29
CA GLU FA 896 32.98 26.84 18.72
C GLU FA 896 33.33 26.10 20.00
N VAL FA 897 34.53 25.55 20.04
CA VAL FA 897 34.97 24.72 21.15
C VAL FA 897 36.30 25.23 21.66
N VAL FA 898 36.47 25.23 22.98
CA VAL FA 898 37.70 25.65 23.62
C VAL FA 898 38.34 24.44 24.28
N TYR FA 899 39.60 24.18 23.97
CA TYR FA 899 40.37 23.11 24.57
C TYR FA 899 41.42 23.68 25.50
N LEU FA 900 41.57 23.08 26.67
CA LEU FA 900 42.58 23.51 27.62
C LEU FA 900 43.09 22.29 28.36
N ARG FA 901 44.37 22.00 28.18
CA ARG FA 901 45.07 20.96 28.92
C ARG FA 901 46.06 21.66 29.83
N THR FA 902 45.78 21.66 31.13
CA THR FA 902 46.49 22.58 32.02
C THR FA 902 47.96 22.22 32.19
N PRO FA 903 48.32 21.11 32.86
CA PRO FA 903 49.74 20.94 33.23
C PRO FA 903 50.67 20.87 32.04
N PHE FA 904 50.20 20.38 30.90
CA PHE FA 904 50.96 20.36 29.65
C PHE FA 904 50.16 21.16 28.63
N SER FA 905 50.57 22.41 28.40
CA SER FA 905 49.80 23.32 27.58
C SER FA 905 49.67 22.80 26.15
N ALA FA 906 48.49 23.01 25.57
CA ALA FA 906 48.21 22.61 24.20
C ALA FA 906 47.68 23.78 23.38
N GLY FA 907 48.04 25.00 23.76
CA GLY FA 907 47.57 26.17 23.05
C GLY FA 907 46.08 26.40 23.25
N ASN FA 908 45.50 27.10 22.28
CA ASN FA 908 44.07 27.38 22.31
C ASN FA 908 43.32 26.57 21.26
N PRO GA 4 29.87 53.40 18.34
CA PRO GA 4 29.44 53.84 19.68
C PRO GA 4 29.46 52.70 20.69
N SER GA 5 28.97 51.53 20.28
CA SER GA 5 28.93 50.36 21.15
C SER GA 5 30.15 49.47 21.01
N MET GA 6 31.10 49.83 20.15
CA MET GA 6 32.34 49.07 20.00
C MET GA 6 33.58 49.91 20.19
N LEU GA 7 33.43 51.20 20.51
CA LEU GA 7 34.59 52.04 20.75
C LEU GA 7 35.49 51.54 21.88
N PRO GA 8 34.99 51.07 23.02
CA PRO GA 8 35.92 50.55 24.05
C PRO GA 8 36.83 49.45 23.53
N GLN GA 9 36.25 48.39 22.95
CA GLN GA 9 37.05 47.27 22.44
C GLN GA 9 37.99 47.73 21.32
N TRP GA 10 37.48 48.53 20.38
CA TRP GA 10 38.29 48.94 19.25
C TRP GA 10 39.46 49.82 19.70
N SER GA 11 39.23 50.72 20.65
CA SER GA 11 40.31 51.57 21.14
C SER GA 11 41.27 50.79 22.03
N TYR GA 12 40.80 49.72 22.67
CA TYR GA 12 41.70 48.87 23.42
C TYR GA 12 42.66 48.16 22.48
N MET GA 13 42.14 47.54 21.44
CA MET GA 13 43.00 46.90 20.46
C MET GA 13 43.55 47.89 19.43
N HIS GA 14 43.27 49.19 19.61
CA HIS GA 14 43.69 50.21 18.67
C HIS GA 14 43.11 49.96 17.28
N ILE GA 15 41.96 49.29 17.24
CA ILE GA 15 41.27 49.04 15.97
C ILE GA 15 40.82 50.37 15.38
N ALA GA 16 40.16 51.19 16.21
CA ALA GA 16 39.74 52.54 15.82
C ALA GA 16 39.77 53.38 17.12
N GLY GA 17 40.91 54.03 17.35
CA GLY GA 17 41.11 54.73 18.60
C GLY GA 17 42.03 55.92 18.53
N GLN GA 18 42.95 56.02 19.48
CA GLN GA 18 43.89 57.13 19.58
C GLN GA 18 45.23 56.73 18.99
N ASP GA 19 45.95 57.73 18.48
CA ASP GA 19 47.22 57.49 17.81
C ASP GA 19 48.29 57.06 18.81
N ALA GA 20 49.28 56.31 18.30
CA ALA GA 20 50.35 55.80 19.15
C ALA GA 20 51.16 56.92 19.78
N SER GA 21 51.31 58.05 19.08
CA SER GA 21 52.02 59.18 19.64
C SER GA 21 51.27 59.85 20.79
N GLU GA 22 50.02 59.48 21.02
CA GLU GA 22 49.22 60.14 22.05
C GLU GA 22 48.49 59.20 22.99
N TYR GA 23 48.67 57.88 22.86
CA TYR GA 23 48.25 57.00 23.94
C TYR GA 23 49.41 56.35 24.67
N LEU GA 24 50.61 56.35 24.09
CA LEU GA 24 51.78 55.91 24.82
C LEU GA 24 52.19 56.95 25.86
N SER GA 25 52.98 56.51 26.83
CA SER GA 25 53.48 57.44 27.83
C SER GA 25 54.39 58.47 27.16
N PRO GA 26 54.38 59.72 27.63
CA PRO GA 26 55.28 60.72 27.04
C PRO GA 26 56.74 60.34 27.15
N GLY GA 27 57.14 59.67 28.24
CA GLY GA 27 58.49 59.18 28.34
C GLY GA 27 58.84 58.19 27.24
N LEU GA 28 57.92 57.27 26.95
CA LEU GA 28 58.16 56.31 25.87
C LEU GA 28 58.18 56.99 24.52
N VAL GA 29 57.33 57.99 24.32
CA VAL GA 29 57.34 58.73 23.06
C VAL GA 29 58.67 59.43 22.86
N GLN GA 30 59.18 60.08 23.90
CA GLN GA 30 60.47 60.74 23.82
C GLN GA 30 61.59 59.73 23.60
N PHE GA 31 61.53 58.57 24.27
CA PHE GA 31 62.54 57.55 24.10
C PHE GA 31 62.56 57.04 22.67
N ALA GA 32 61.39 56.79 22.09
CA ALA GA 32 61.32 56.34 20.71
C ALA GA 32 61.82 57.41 19.75
N GLN GA 33 61.47 58.67 20.00
CA GLN GA 33 61.93 59.75 19.13
C GLN GA 33 63.43 59.97 19.23
N ALA GA 34 64.03 59.65 20.37
CA ALA GA 34 65.48 59.82 20.55
C ALA GA 34 66.26 58.64 19.98
N THR GA 35 65.96 57.43 20.44
CA THR GA 35 66.67 56.22 20.01
C THR GA 35 66.02 55.58 18.81
N GLU GA 36 65.78 56.36 17.76
CA GLU GA 36 65.19 55.85 16.54
C GLU GA 36 66.20 55.65 15.41
N SER GA 37 67.37 56.26 15.50
CA SER GA 37 68.38 56.10 14.47
C SER GA 37 69.09 54.75 14.54
N TYR GA 38 69.03 54.09 15.69
CA TYR GA 38 69.70 52.79 15.84
C TYR GA 38 68.85 51.71 16.50
N PHE GA 39 67.74 52.02 17.14
CA PHE GA 39 66.91 50.99 17.75
C PHE GA 39 65.52 50.93 17.14
N ASN GA 40 64.81 52.06 17.07
CA ASN GA 40 63.56 52.20 16.33
C ASN GA 40 62.50 51.19 16.81
N ILE GA 41 62.06 51.41 18.06
CA ILE GA 41 60.94 50.64 18.61
C ILE GA 41 59.60 51.12 18.11
N GLY GA 42 59.57 52.06 17.17
CA GLY GA 42 58.33 52.70 16.77
C GLY GA 42 57.38 51.83 15.96
N ASN GA 43 57.83 50.66 15.51
CA ASN GA 43 56.98 49.77 14.72
C ASN GA 43 56.33 48.69 15.57
N LYS GA 44 56.40 48.79 16.89
CA LYS GA 44 55.76 47.86 17.80
C LYS GA 44 54.38 48.32 18.24
N PHE GA 45 53.88 49.42 17.68
CA PHE GA 45 52.59 49.98 18.07
C PHE GA 45 51.78 50.29 16.82
N ARG GA 46 50.46 50.36 17.00
CA ARG GA 46 49.53 50.47 15.88
C ARG GA 46 48.85 51.83 15.87
N ASN GA 47 48.46 52.26 14.68
CA ASN GA 47 47.70 53.48 14.46
C ASN GA 47 46.35 53.15 13.83
N PRO GA 48 45.25 53.72 14.33
CA PRO GA 48 43.91 53.32 13.85
C PRO GA 48 43.69 53.51 12.35
N THR GA 49 43.87 54.73 11.84
CA THR GA 49 43.59 55.08 10.45
C THR GA 49 42.12 54.77 10.10
N VAL GA 50 41.23 55.51 10.77
CA VAL GA 50 39.80 55.32 10.59
C VAL GA 50 39.32 56.10 9.37
N ALA GA 51 38.27 55.56 8.68
CA ALA GA 51 37.68 56.22 7.53
C ALA GA 51 36.58 57.18 7.96
N PRO GA 52 36.36 58.24 7.19
CA PRO GA 52 35.26 59.17 7.52
C PRO GA 52 33.91 58.50 7.34
N THR GA 53 33.11 58.52 8.41
CA THR GA 53 31.85 57.79 8.41
C THR GA 53 30.76 58.51 7.61
N HIS GA 54 30.70 59.84 7.70
CA HIS GA 54 29.58 60.59 7.16
C HIS GA 54 30.07 61.68 6.21
N ASP GA 55 29.14 62.13 5.35
CA ASP GA 55 29.36 63.23 4.42
C ASP GA 55 30.46 62.92 3.41
N VAL GA 56 30.61 61.65 3.04
CA VAL GA 56 31.53 61.26 1.97
C VAL GA 56 30.86 60.42 0.89
N THR GA 57 29.76 59.74 1.16
CA THR GA 57 29.08 58.91 0.17
C THR GA 57 27.60 59.26 0.17
N THR GA 58 26.98 59.14 -1.01
CA THR GA 58 25.62 59.65 -1.19
C THR GA 58 24.58 58.77 -0.51
N GLU GA 59 24.71 57.44 -0.62
CA GLU GA 59 23.71 56.50 -0.13
C GLU GA 59 22.31 56.82 -0.66
N ARG GA 60 22.24 57.33 -1.88
CA ARG GA 60 20.96 57.78 -2.45
C ARG GA 60 20.82 57.33 -3.90
N SER GA 61 21.18 56.08 -4.18
CA SER GA 61 20.94 55.44 -5.47
C SER GA 61 21.55 56.23 -6.63
N GLN GA 62 22.88 56.29 -6.61
CA GLN GA 62 23.65 57.00 -7.62
C GLN GA 62 24.59 56.03 -8.32
N ARG GA 63 24.65 56.12 -9.65
CA ARG GA 63 25.47 55.21 -10.44
C ARG GA 63 26.89 55.72 -10.57
N LEU GA 64 27.86 54.81 -10.41
CA LEU GA 64 29.27 55.20 -10.50
C LEU GA 64 29.64 55.60 -11.92
N GLN GA 65 29.29 54.76 -12.90
CA GLN GA 65 29.71 54.95 -14.27
C GLN GA 65 28.50 55.08 -15.17
N LEU GA 66 28.54 56.04 -16.09
CA LEU GA 66 27.44 56.31 -17.01
C LEU GA 66 27.90 56.12 -18.44
N ARG GA 67 27.07 55.48 -19.24
CA ARG GA 67 27.33 55.26 -20.66
C ARG GA 67 26.34 56.11 -21.46
N PHE GA 68 26.86 57.00 -22.29
CA PHE GA 68 26.04 57.94 -23.05
C PHE GA 68 26.00 57.53 -24.52
N VAL GA 69 24.79 57.48 -25.07
CA VAL GA 69 24.59 57.14 -26.47
C VAL GA 69 24.54 58.43 -27.27
N PRO GA 70 25.21 58.51 -28.42
CA PRO GA 70 25.22 59.78 -29.17
C PRO GA 70 23.82 60.22 -29.58
N VAL GA 71 23.57 61.52 -29.46
CA VAL GA 71 22.27 62.07 -29.84
C VAL GA 71 22.08 62.01 -31.35
N ASP GA 72 23.08 62.44 -32.11
CA ASP GA 72 23.01 62.37 -33.56
C ASP GA 72 24.42 62.20 -34.12
N ARG GA 73 24.73 60.98 -34.54
CA ARG GA 73 25.98 60.67 -35.20
C ARG GA 73 25.89 60.97 -36.69
N GLU GA 74 27.04 61.15 -37.32
CA GLU GA 74 27.09 61.32 -38.76
C GLU GA 74 28.49 60.98 -39.24
N ASP GA 75 28.58 60.35 -40.41
CA ASP GA 75 29.86 59.92 -40.97
C ASP GA 75 30.00 60.40 -42.41
N THR GA 76 31.23 60.74 -42.78
CA THR GA 76 31.60 61.05 -44.15
C THR GA 76 32.85 60.27 -44.49
N GLN GA 77 33.35 60.46 -45.71
CA GLN GA 77 34.57 59.78 -46.11
C GLN GA 77 35.81 60.32 -45.40
N TYR GA 78 35.69 61.43 -44.69
CA TYR GA 78 36.81 62.07 -44.01
C TYR GA 78 36.82 61.86 -42.50
N SER GA 79 35.66 61.97 -41.84
CA SER GA 79 35.62 61.99 -40.39
C SER GA 79 34.33 61.35 -39.89
N TYR GA 80 34.35 60.97 -38.62
CA TYR GA 80 33.19 60.43 -37.92
C TYR GA 80 32.86 61.38 -36.78
N LYS GA 81 31.78 62.14 -36.94
CA LYS GA 81 31.38 63.15 -35.96
C LYS GA 81 30.19 62.65 -35.15
N THR GA 82 30.32 62.74 -33.83
CA THR GA 82 29.26 62.33 -32.91
C THR GA 82 29.01 63.45 -31.91
N ARG GA 83 27.73 63.71 -31.64
CA ARG GA 83 27.32 64.73 -30.69
C ARG GA 83 26.59 64.06 -29.53
N PHE GA 84 27.09 64.26 -28.32
CA PHE GA 84 26.47 63.72 -27.12
C PHE GA 84 25.91 64.85 -26.27
N GLN GA 85 25.12 64.47 -25.28
CA GLN GA 85 24.70 65.38 -24.22
C GLN GA 85 24.91 64.66 -22.89
N LEU GA 86 25.88 65.12 -22.11
CA LEU GA 86 26.21 64.51 -20.84
C LEU GA 86 25.57 65.33 -19.72
N ALA GA 87 24.71 64.69 -18.94
CA ALA GA 87 24.02 65.32 -17.83
C ALA GA 87 24.80 65.08 -16.56
N VAL GA 88 25.18 66.15 -15.88
CA VAL GA 88 25.97 66.06 -14.67
C VAL GA 88 25.07 66.02 -13.43
N GLY GA 89 23.77 65.80 -13.63
CA GLY GA 89 22.86 65.67 -12.51
C GLY GA 89 22.62 67.00 -11.81
N ASP GA 90 22.23 66.89 -10.55
CA ASP GA 90 21.93 68.05 -9.73
C ASP GA 90 22.85 68.22 -8.54
N ASN GA 91 23.15 67.14 -7.83
CA ASN GA 91 24.00 67.18 -6.63
C ASN GA 91 25.14 66.20 -6.75
N ARG GA 92 25.81 66.22 -7.91
CA ARG GA 92 27.00 65.42 -8.14
C ARG GA 92 27.92 66.20 -9.06
N VAL GA 93 29.22 65.97 -8.92
CA VAL GA 93 30.23 66.71 -9.67
C VAL GA 93 31.07 65.72 -10.46
N LEU GA 94 31.43 66.10 -11.68
CA LEU GA 94 32.17 65.26 -12.60
C LEU GA 94 33.42 65.99 -13.06
N ASP GA 95 34.56 65.31 -13.02
CA ASP GA 95 35.79 65.81 -13.60
C ASP GA 95 36.05 65.07 -14.90
N MET GA 96 36.25 65.81 -15.99
CA MET GA 96 36.28 65.21 -17.31
C MET GA 96 37.57 64.46 -17.60
N ALA GA 97 38.48 64.37 -16.64
CA ALA GA 97 39.59 63.43 -16.78
C ALA GA 97 39.08 61.99 -16.78
N SER GA 98 37.95 61.74 -16.12
CA SER GA 98 37.36 60.41 -16.12
C SER GA 98 36.70 60.07 -17.45
N THR GA 99 36.21 61.08 -18.17
CA THR GA 99 35.52 60.83 -19.42
C THR GA 99 36.48 60.31 -20.49
N TYR GA 100 36.04 59.31 -21.23
CA TYR GA 100 36.79 58.77 -22.34
C TYR GA 100 35.82 58.21 -23.37
N PHE GA 101 36.16 58.37 -24.64
CA PHE GA 101 35.32 57.83 -25.70
C PHE GA 101 35.62 56.34 -25.90
N ASP GA 102 34.66 55.65 -26.49
CA ASP GA 102 34.69 54.18 -26.60
C ASP GA 102 34.49 53.76 -28.05
N ILE GA 103 35.29 54.33 -28.96
CA ILE GA 103 35.22 53.97 -30.36
C ILE GA 103 35.34 52.46 -30.52
N ARG GA 104 34.41 51.87 -31.28
CA ARG GA 104 34.35 50.43 -31.47
C ARG GA 104 33.95 50.14 -32.91
N GLY GA 105 34.69 49.25 -33.55
CA GLY GA 105 34.40 48.91 -34.93
C GLY GA 105 35.37 47.89 -35.46
N THR GA 106 35.43 47.78 -36.79
CA THR GA 106 36.32 46.87 -37.48
C THR GA 106 37.16 47.65 -38.47
N LEU GA 107 38.43 47.26 -38.61
CA LEU GA 107 39.34 47.93 -39.53
C LEU GA 107 40.09 46.89 -40.36
N ASP GA 108 40.40 47.27 -41.59
CA ASP GA 108 41.24 46.47 -42.48
C ASP GA 108 42.65 47.03 -42.42
N ARG GA 109 43.60 46.23 -41.96
CA ARG GA 109 44.97 46.72 -41.81
C ARG GA 109 45.80 46.46 -43.06
N GLY GA 110 45.24 46.79 -44.23
CA GLY GA 110 45.95 46.71 -45.48
C GLY GA 110 46.38 45.33 -45.92
N ALA GA 111 46.71 45.17 -47.19
CA ALA GA 111 47.38 43.98 -47.68
C ALA GA 111 48.88 44.02 -47.40
N SER GA 112 49.32 45.00 -46.62
CA SER GA 112 50.72 45.22 -46.30
C SER GA 112 51.04 44.93 -44.84
N PHE GA 113 50.26 44.07 -44.19
CA PHE GA 113 50.39 43.83 -42.76
C PHE GA 113 51.19 42.55 -42.52
N LYS GA 114 52.48 42.70 -42.24
CA LYS GA 114 53.32 41.57 -41.86
C LYS GA 114 53.69 41.71 -40.39
N PRO GA 115 53.03 40.99 -39.48
CA PRO GA 115 53.30 41.18 -38.05
C PRO GA 115 54.45 40.32 -37.53
N TYR GA 116 55.25 39.78 -38.44
CA TYR GA 116 56.36 38.92 -38.02
C TYR GA 116 57.44 38.93 -39.08
N SER GA 117 58.68 38.79 -38.62
CA SER GA 117 59.81 38.67 -39.52
C SER GA 117 60.02 37.21 -39.90
N GLY GA 118 60.65 36.99 -41.05
CA GLY GA 118 60.77 35.63 -41.51
C GLY GA 118 59.45 35.15 -42.12
N THR GA 119 59.40 33.85 -42.39
CA THR GA 119 58.22 33.23 -42.97
C THR GA 119 57.58 32.31 -41.94
N ALA GA 120 56.38 31.83 -42.27
CA ALA GA 120 55.60 31.01 -41.36
C ALA GA 120 55.26 29.64 -41.91
N TYR GA 121 55.72 29.31 -43.12
CA TYR GA 121 55.33 28.06 -43.77
C TYR GA 121 56.50 27.10 -43.95
N ASN GA 122 57.65 27.56 -44.38
CA ASN GA 122 58.81 26.66 -44.40
C ASN GA 122 60.07 27.29 -43.81
N SER GA 123 60.08 27.53 -42.53
CA SER GA 123 61.18 28.19 -41.84
C SER GA 123 62.51 27.50 -42.12
N PHE GA 124 62.52 26.16 -42.11
CA PHE GA 124 63.75 25.41 -42.19
C PHE GA 124 64.14 25.05 -43.62
N ALA GA 125 63.27 25.27 -44.58
CA ALA GA 125 63.60 24.95 -45.96
C ALA GA 125 64.76 25.82 -46.45
N PRO GA 126 65.75 25.23 -47.11
CA PRO GA 126 66.77 26.05 -47.77
C PRO GA 126 66.13 27.01 -48.76
N LYS GA 127 66.67 28.22 -48.80
CA LYS GA 127 66.04 29.31 -49.53
C LYS GA 127 66.08 29.14 -51.04
N SER GA 128 66.84 28.17 -51.55
CA SER GA 128 66.90 27.90 -52.97
C SER GA 128 66.55 26.44 -53.28
N ALA GA 129 65.77 25.81 -52.40
CA ALA GA 129 65.43 24.41 -52.53
C ALA GA 129 64.08 24.26 -53.21
N PRO GA 130 63.98 23.64 -54.38
CA PRO GA 130 62.67 23.39 -54.97
C PRO GA 130 61.86 22.42 -54.15
N ASN GA 131 60.54 22.62 -54.17
CA ASN GA 131 59.63 21.83 -53.35
C ASN GA 131 59.03 20.67 -54.14
N ASN GA 132 59.90 19.75 -54.57
CA ASN GA 132 59.48 18.48 -55.15
C ASN GA 132 58.57 18.68 -56.36
N THR GA 133 59.14 19.31 -57.39
CA THR GA 133 58.38 19.69 -58.58
C THR GA 133 58.95 19.00 -59.82
N GLN GA 134 58.44 19.40 -60.98
CA GLN GA 134 58.90 18.90 -62.27
C GLN GA 134 59.46 20.06 -63.08
N PHE GA 135 60.57 19.82 -63.77
CA PHE GA 135 61.19 20.82 -64.61
C PHE GA 135 61.26 20.33 -66.05
N ARG GA 136 60.89 21.20 -66.99
CA ARG GA 136 60.94 20.86 -68.40
C ARG GA 136 62.37 20.93 -68.93
N GLN GA 137 62.63 20.15 -69.96
CA GLN GA 137 63.93 20.18 -70.61
C GLN GA 137 64.03 21.36 -71.58
N ALA GA 138 65.23 21.54 -72.13
CA ALA GA 138 65.46 22.65 -73.05
C ALA GA 138 64.69 22.47 -74.35
N ASN GA 139 64.45 21.23 -74.78
CA ASN GA 139 63.76 21.00 -76.04
C ASN GA 139 62.27 21.30 -75.92
N ASN GA 140 61.69 21.08 -74.74
CA ASN GA 140 60.28 21.29 -74.41
C ASN GA 140 59.35 20.29 -75.09
N GLY GA 141 59.86 19.41 -75.94
CA GLY GA 141 59.05 18.36 -76.53
C GLY GA 141 59.15 17.08 -75.73
N HIS GA 142 60.21 16.96 -74.93
CA HIS GA 142 60.42 15.81 -74.09
C HIS GA 142 59.49 15.84 -72.88
N PRO GA 143 59.20 14.69 -72.28
CA PRO GA 143 58.42 14.69 -71.04
C PRO GA 143 59.16 15.44 -69.94
N ALA GA 144 58.39 16.08 -69.06
CA ALA GA 144 58.98 16.90 -68.01
C ALA GA 144 59.68 16.03 -66.98
N GLN GA 145 60.98 16.25 -66.80
CA GLN GA 145 61.72 15.54 -65.78
C GLN GA 145 61.36 16.06 -64.40
N THR GA 146 61.55 15.21 -63.39
CA THR GA 146 61.11 15.52 -62.04
C THR GA 146 62.29 15.41 -61.07
N ILE GA 147 62.52 16.48 -60.33
CA ILE GA 147 63.36 16.43 -59.15
C ILE GA 147 62.46 16.15 -57.95
N ALA GA 148 62.77 15.10 -57.20
CA ALA GA 148 61.84 14.60 -56.21
C ALA GA 148 62.59 13.79 -55.17
N GLN GA 149 61.85 13.30 -54.19
CA GLN GA 149 62.42 12.42 -53.17
C GLN GA 149 61.30 11.54 -52.63
N ALA GA 150 61.39 10.24 -52.90
CA ALA GA 150 60.46 9.30 -52.29
C ALA GA 150 60.83 9.10 -50.83
N SER GA 151 59.89 9.40 -49.94
CA SER GA 151 60.14 9.37 -48.51
C SER GA 151 59.43 8.20 -47.83
N TYR GA 152 58.14 8.02 -48.07
CA TYR GA 152 57.44 6.90 -47.46
C TYR GA 152 57.88 5.61 -48.13
N VAL GA 153 58.34 4.65 -47.31
CA VAL GA 153 58.86 3.38 -47.81
C VAL GA 153 57.79 2.31 -47.62
N ALA GA 154 57.52 1.57 -48.68
CA ALA GA 154 56.51 0.52 -48.68
C ALA GA 154 56.76 -0.36 -49.91
N THR GA 155 55.82 -1.26 -50.17
CA THR GA 155 55.88 -2.14 -51.32
C THR GA 155 54.85 -1.70 -52.35
N ILE GA 156 55.27 -1.60 -53.60
CA ILE GA 156 54.38 -1.18 -54.69
C ILE GA 156 53.68 -2.43 -55.21
N GLY GA 157 52.43 -2.61 -54.79
CA GLY GA 157 51.65 -3.77 -55.21
C GLY GA 157 50.25 -3.40 -55.67
N GLY GA 158 49.44 -4.42 -55.94
CA GLY GA 158 48.08 -4.21 -56.40
C GLY GA 158 47.98 -4.12 -57.91
N ALA GA 159 46.73 -4.12 -58.39
CA ALA GA 159 46.50 -4.04 -59.83
C ALA GA 159 46.97 -2.71 -60.39
N ASN GA 160 46.72 -1.62 -59.67
CA ASN GA 160 47.09 -0.29 -60.12
C ASN GA 160 48.45 0.18 -59.60
N ASN GA 161 49.17 -0.67 -58.87
CA ASN GA 161 50.53 -0.39 -58.41
C ASN GA 161 50.58 0.87 -57.54
N ASP GA 162 49.91 0.79 -56.41
CA ASP GA 162 49.94 1.86 -55.41
C ASP GA 162 50.84 1.47 -54.25
N LEU GA 163 51.17 2.47 -53.43
CA LEU GA 163 51.93 2.23 -52.22
C LEU GA 163 51.08 1.49 -51.19
N GLN GA 164 51.70 0.55 -50.49
CA GLN GA 164 51.01 -0.21 -49.44
C GLN GA 164 51.06 0.60 -48.15
N MET GA 165 49.91 1.10 -47.72
CA MET GA 165 49.81 1.95 -46.54
C MET GA 165 49.61 1.16 -45.26
N GLY GA 166 49.53 -0.15 -45.34
CA GLY GA 166 49.33 -0.99 -44.17
C GLY GA 166 48.53 -2.21 -44.53
N VAL GA 167 47.83 -2.75 -43.53
CA VAL GA 167 46.98 -3.92 -43.72
C VAL GA 167 45.63 -3.65 -43.06
N ASP GA 168 44.62 -4.36 -43.53
CA ASP GA 168 43.28 -4.27 -42.97
C ASP GA 168 43.16 -5.24 -41.79
N GLU GA 169 41.92 -5.47 -41.35
CA GLU GA 169 41.70 -6.39 -40.24
C GLU GA 169 42.10 -7.82 -40.59
N ARG GA 170 41.93 -8.22 -41.84
CA ARG GA 170 42.20 -9.60 -42.27
C ARG GA 170 43.44 -9.68 -43.15
N GLN GA 171 44.39 -8.77 -42.95
CA GLN GA 171 45.70 -8.77 -43.60
C GLN GA 171 45.55 -8.74 -45.12
N LEU GA 172 45.01 -7.62 -45.59
CA LEU GA 172 45.04 -7.25 -46.99
C LEU GA 172 45.74 -5.91 -47.12
N PRO GA 173 46.69 -5.77 -48.06
CA PRO GA 173 47.39 -4.49 -48.19
C PRO GA 173 46.48 -3.36 -48.61
N VAL GA 174 46.23 -2.42 -47.71
CA VAL GA 174 45.43 -1.24 -48.04
C VAL GA 174 46.32 -0.21 -48.70
N TYR GA 175 45.88 0.30 -49.84
CA TYR GA 175 46.72 1.14 -50.69
C TYR GA 175 46.42 2.62 -50.47
N ALA GA 176 47.14 3.45 -51.21
CA ALA GA 176 47.12 4.88 -50.98
C ALA GA 176 45.81 5.51 -51.45
N ASN GA 177 45.21 6.31 -50.59
CA ASN GA 177 44.19 7.25 -51.03
C ASN GA 177 44.88 8.36 -51.82
N THR GA 178 44.62 8.42 -53.12
CA THR GA 178 45.40 9.26 -54.01
C THR GA 178 45.30 10.74 -53.65
N THR GA 179 44.25 11.16 -52.95
CA THR GA 179 44.09 12.57 -52.62
C THR GA 179 45.17 13.04 -51.66
N TYR GA 180 45.35 12.33 -50.55
CA TYR GA 180 46.25 12.80 -49.50
C TYR GA 180 47.15 11.73 -48.88
N GLN GA 181 46.87 10.45 -49.07
CA GLN GA 181 47.40 9.43 -48.16
C GLN GA 181 48.92 9.36 -48.15
N PRO GA 182 49.64 9.37 -49.29
CA PRO GA 182 51.11 9.44 -49.20
C PRO GA 182 51.55 10.79 -48.66
N GLU GA 183 51.41 10.98 -47.35
CA GLU GA 183 51.61 12.29 -46.75
C GLU GA 183 53.06 12.72 -46.89
N PRO GA 184 53.33 13.94 -47.36
CA PRO GA 184 54.71 14.40 -47.52
C PRO GA 184 55.47 14.54 -46.21
N GLN GA 185 54.77 14.59 -45.08
CA GLN GA 185 55.41 14.80 -43.79
C GLN GA 185 55.79 13.51 -43.08
N LEU GA 186 55.51 12.36 -43.68
CA LEU GA 186 55.86 11.06 -43.12
C LEU GA 186 57.11 10.52 -43.81
N GLY GA 187 57.81 9.63 -43.10
CA GLY GA 187 59.01 9.02 -43.63
C GLY GA 187 59.46 7.87 -42.76
N ILE GA 188 60.52 7.21 -43.20
CA ILE GA 188 61.10 6.11 -42.44
C ILE GA 188 61.90 6.68 -41.27
N GLU GA 189 61.66 6.13 -40.07
CA GLU GA 189 62.19 6.70 -38.85
C GLU GA 189 63.46 5.95 -38.45
N GLY GA 190 64.60 6.64 -38.51
CA GLY GA 190 65.90 6.03 -38.23
C GLY GA 190 66.82 6.24 -39.41
N TRP GA 191 68.06 6.64 -39.11
CA TRP GA 191 69.03 6.90 -40.17
C TRP GA 191 69.58 5.62 -40.79
N THR GA 192 69.48 4.49 -40.09
CA THR GA 192 70.01 3.24 -40.62
C THR GA 192 69.31 2.84 -41.91
N ALA GA 193 68.00 2.99 -41.96
CA ALA GA 193 67.23 2.62 -43.15
C ALA GA 193 67.59 3.57 -44.30
N GLY GA 194 68.34 3.07 -45.26
CA GLY GA 194 68.80 3.87 -46.37
C GLY GA 194 70.30 3.80 -46.51
N SER GA 195 71.00 3.62 -45.39
CA SER GA 195 72.44 3.45 -45.37
C SER GA 195 72.85 2.07 -44.89
N MET GA 196 72.40 1.66 -43.70
CA MET GA 196 72.66 0.30 -43.24
C MET GA 196 71.89 -0.71 -44.10
N ALA GA 197 70.60 -0.50 -44.28
CA ALA GA 197 69.77 -1.37 -45.09
C ALA GA 197 69.63 -0.78 -46.50
N VAL GA 198 68.82 -1.42 -47.33
CA VAL GA 198 68.56 -0.97 -48.69
C VAL GA 198 67.07 -0.64 -48.80
N ILE GA 199 66.77 0.57 -49.26
CA ILE GA 199 65.39 0.99 -49.47
C ILE GA 199 64.89 0.27 -50.72
N ASP GA 200 64.08 -0.77 -50.51
CA ASP GA 200 63.61 -1.56 -51.65
C ASP GA 200 62.69 -0.75 -52.55
N GLN GA 201 61.68 -0.11 -51.97
CA GLN GA 201 60.74 0.71 -52.72
C GLN GA 201 60.22 1.81 -51.81
N ALA GA 202 59.99 2.98 -52.40
CA ALA GA 202 59.53 4.13 -51.64
C ALA GA 202 58.61 4.97 -52.52
N GLY GA 203 57.87 5.88 -51.87
CA GLY GA 203 56.92 6.70 -52.58
C GLY GA 203 56.92 8.12 -52.07
N GLY GA 204 56.19 8.97 -52.79
CA GLY GA 204 56.11 10.37 -52.43
C GLY GA 204 55.06 11.09 -53.22
N ARG GA 205 55.17 12.42 -53.25
CA ARG GA 205 54.23 13.26 -53.97
C ARG GA 205 55.00 14.35 -54.70
N VAL GA 206 54.56 14.68 -55.91
CA VAL GA 206 55.25 15.62 -56.78
C VAL GA 206 54.26 16.61 -57.34
N LEU GA 207 54.68 17.87 -57.46
CA LEU GA 207 53.90 18.87 -58.17
C LEU GA 207 54.23 18.85 -59.66
N ARG GA 208 53.20 18.91 -60.49
CA ARG GA 208 53.36 18.94 -61.94
C ARG GA 208 52.76 20.21 -62.50
N ASN GA 209 53.39 20.72 -63.56
CA ASN GA 209 53.03 22.00 -64.17
C ASN GA 209 52.92 23.11 -63.11
N PRO GA 210 53.97 23.35 -62.34
CA PRO GA 210 53.86 24.31 -61.23
C PRO GA 210 54.26 25.73 -61.63
N THR GA 211 54.11 26.66 -60.69
CA THR GA 211 54.68 27.99 -60.86
C THR GA 211 56.19 27.98 -60.68
N GLN GA 212 56.75 26.88 -60.18
CA GLN GA 212 58.18 26.73 -59.91
C GLN GA 212 58.67 27.78 -58.92
N THR GA 213 58.12 27.70 -57.72
CA THR GA 213 58.55 28.53 -56.62
C THR GA 213 59.40 27.72 -55.64
N PRO GA 214 60.39 28.36 -55.01
CA PRO GA 214 61.19 27.64 -54.00
C PRO GA 214 60.34 27.25 -52.79
N CYS GA 215 60.84 26.25 -52.07
CA CYS GA 215 60.08 25.69 -50.96
C CYS GA 215 59.91 26.67 -49.81
N TYR GA 216 60.72 27.74 -49.76
CA TYR GA 216 60.75 28.59 -48.57
C TYR GA 216 59.38 29.18 -48.24
N GLY GA 217 58.64 29.60 -49.25
CA GLY GA 217 57.27 30.03 -49.02
C GLY GA 217 56.31 28.89 -49.31
N SER GA 218 55.62 28.98 -50.45
CA SER GA 218 54.87 27.86 -51.02
C SER GA 218 53.79 27.35 -50.07
N TYR GA 219 52.82 28.21 -49.81
CA TYR GA 219 51.59 27.78 -49.15
C TYR GA 219 50.64 27.19 -50.19
N ALA GA 220 49.72 26.35 -49.70
CA ALA GA 220 48.69 25.77 -50.57
C ALA GA 220 47.43 25.57 -49.74
N LYS GA 221 46.34 26.20 -50.18
CA LYS GA 221 45.08 26.08 -49.46
C LYS GA 221 44.57 24.65 -49.54
N PRO GA 222 44.17 24.04 -48.42
CA PRO GA 222 43.65 22.68 -48.47
C PRO GA 222 42.39 22.60 -49.32
N THR GA 223 42.25 21.48 -50.03
CA THR GA 223 41.10 21.25 -50.89
C THR GA 223 40.21 20.11 -50.44
N ASN GA 224 40.62 19.31 -49.45
CA ASN GA 224 39.79 18.26 -48.90
C ASN GA 224 39.98 18.21 -47.39
N GLU GA 225 39.11 17.46 -46.72
CA GLU GA 225 39.14 17.40 -45.26
C GLU GA 225 40.45 16.80 -44.76
N HIS GA 226 40.93 15.75 -45.42
CA HIS GA 226 42.13 15.07 -44.94
C HIS GA 226 43.40 15.89 -45.13
N GLY GA 227 43.37 16.89 -46.00
CA GLY GA 227 44.51 17.78 -46.12
C GLY GA 227 45.18 17.81 -47.47
N GLY GA 228 44.53 17.26 -48.49
CA GLY GA 228 45.09 17.33 -49.82
C GLY GA 228 45.11 18.75 -50.35
N ILE GA 229 46.13 19.04 -51.16
CA ILE GA 229 46.27 20.35 -51.79
C ILE GA 229 46.10 20.29 -53.30
N THR GA 230 45.63 19.14 -53.81
CA THR GA 230 45.43 19.00 -55.25
C THR GA 230 44.33 19.96 -55.72
N LYS GA 231 44.57 20.58 -56.87
CA LYS GA 231 43.65 21.57 -57.39
C LYS GA 231 42.31 20.92 -57.74
N ALA GA 232 41.23 21.69 -57.54
CA ALA GA 232 39.90 21.19 -57.84
C ALA GA 232 39.75 20.95 -59.34
N ASN GA 233 38.95 19.94 -59.68
CA ASN GA 233 38.72 19.52 -61.07
C ASN GA 233 40.01 19.09 -61.76
N THR GA 234 40.99 18.64 -60.97
CA THR GA 234 42.26 18.15 -61.49
C THR GA 234 42.57 16.80 -60.87
N GLN GA 235 42.91 15.83 -61.70
CA GLN GA 235 43.20 14.48 -61.23
C GLN GA 235 44.70 14.32 -60.97
N VAL GA 236 45.03 13.29 -60.20
CA VAL GA 236 46.40 12.97 -59.84
C VAL GA 236 46.79 11.66 -60.53
N GLU GA 237 47.95 11.66 -61.18
CA GLU GA 237 48.46 10.48 -61.86
C GLU GA 237 49.83 10.13 -61.32
N LYS GA 238 50.20 8.86 -61.45
CA LYS GA 238 51.42 8.32 -60.89
C LYS GA 238 52.52 8.25 -61.95
N LYS GA 239 53.76 8.37 -61.50
CA LYS GA 239 54.93 8.19 -62.35
C LYS GA 239 55.93 7.29 -61.63
N TYR GA 240 56.53 6.37 -62.36
CA TYR GA 240 57.41 5.36 -61.81
C TYR GA 240 58.83 5.56 -62.31
N TYR GA 241 59.80 5.39 -61.41
CA TYR GA 241 61.21 5.60 -61.75
C TYR GA 241 62.06 4.51 -61.15
N ARG GA 242 63.23 4.30 -61.75
CA ARG GA 242 64.21 3.35 -61.23
C ARG GA 242 65.60 3.85 -61.60
N THR GA 243 66.55 3.63 -60.68
CA THR GA 243 67.91 4.11 -60.91
C THR GA 243 68.65 3.26 -61.93
N GLY GA 244 68.24 2.00 -62.10
CA GLY GA 244 68.88 1.13 -63.06
C GLY GA 244 67.85 0.37 -63.87
N ASP GA 245 68.18 0.15 -65.14
CA ASP GA 245 67.26 -0.55 -66.04
C ASP GA 245 67.16 -2.02 -65.67
N ASN GA 246 66.18 -2.69 -66.28
CA ASN GA 246 65.93 -4.12 -66.09
C ASN GA 246 65.67 -4.43 -64.62
N GLY GA 247 64.56 -3.88 -64.13
CA GLY GA 247 64.14 -4.15 -62.76
C GLY GA 247 62.82 -3.47 -62.48
N ASN GA 248 62.24 -3.84 -61.34
CA ASN GA 248 61.00 -3.24 -60.90
C ASN GA 248 61.23 -1.79 -60.51
N PRO GA 249 60.22 -0.93 -60.67
CA PRO GA 249 60.37 0.47 -60.26
C PRO GA 249 60.58 0.57 -58.75
N GLU GA 250 61.39 1.55 -58.35
CA GLU GA 250 61.73 1.74 -56.95
C GLU GA 250 61.04 2.94 -56.32
N THR GA 251 60.51 3.87 -57.12
CA THR GA 251 59.85 5.07 -56.60
C THR GA 251 58.52 5.27 -57.30
N VAL GA 252 57.50 5.61 -56.52
CA VAL GA 252 56.17 5.94 -57.02
C VAL GA 252 55.86 7.37 -56.59
N PHE GA 253 55.45 8.20 -57.53
CA PHE GA 253 55.20 9.61 -57.26
C PHE GA 253 53.81 9.98 -57.77
N TYR GA 254 52.93 10.34 -56.84
CA TYR GA 254 51.57 10.78 -57.18
C TYR GA 254 51.64 12.24 -57.61
N THR GA 255 52.04 12.45 -58.86
CA THR GA 255 52.19 13.79 -59.39
C THR GA 255 50.84 14.47 -59.48
N GLU GA 256 50.71 15.63 -58.85
CA GLU GA 256 49.45 16.36 -58.80
C GLU GA 256 49.71 17.84 -59.08
N GLU GA 257 48.67 18.54 -59.51
CA GLU GA 257 48.74 19.95 -59.82
C GLU GA 257 48.08 20.74 -58.69
N ALA GA 258 48.78 21.76 -58.20
CA ALA GA 258 48.30 22.56 -57.08
C ALA GA 258 48.48 24.04 -57.39
N ASP GA 259 47.62 24.86 -56.79
CA ASP GA 259 47.69 26.32 -56.92
C ASP GA 259 48.62 26.96 -55.87
N VAL GA 260 49.82 26.41 -55.76
CA VAL GA 260 50.76 26.82 -54.72
C VAL GA 260 51.04 28.31 -54.83
N LEU GA 261 50.93 29.00 -53.70
CA LEU GA 261 51.12 30.44 -53.62
C LEU GA 261 52.01 30.76 -52.43
N THR GA 262 52.79 31.84 -52.56
CA THR GA 262 53.78 32.24 -51.56
C THR GA 262 53.42 33.61 -51.03
N PRO GA 263 52.60 33.71 -50.00
CA PRO GA 263 52.27 35.01 -49.43
C PRO GA 263 53.44 35.66 -48.71
N ASP GA 264 54.05 34.91 -47.79
CA ASP GA 264 55.01 35.50 -46.85
C ASP GA 264 56.33 35.88 -47.49
N THR GA 265 56.64 35.35 -48.68
CA THR GA 265 57.96 35.53 -49.26
C THR GA 265 57.84 36.11 -50.67
N HIS GA 266 58.83 36.92 -51.04
CA HIS GA 266 59.00 37.41 -52.40
C HIS GA 266 60.25 36.79 -53.00
N LEU GA 267 60.49 37.09 -54.28
CA LEU GA 267 61.59 36.49 -55.02
C LEU GA 267 62.71 37.51 -55.21
N VAL GA 268 63.90 37.16 -54.75
CA VAL GA 268 65.12 37.91 -55.03
C VAL GA 268 66.03 37.02 -55.87
N HIS GA 269 66.58 37.58 -56.95
CA HIS GA 269 67.24 36.81 -58.00
C HIS GA 269 66.29 35.75 -58.57
N ALA GA 270 65.24 36.26 -59.20
CA ALA GA 270 64.28 35.42 -59.89
C ALA GA 270 64.70 35.25 -61.34
N VAL GA 271 64.61 34.02 -61.85
CA VAL GA 271 64.97 33.73 -63.23
C VAL GA 271 63.90 34.31 -64.13
N PRO GA 272 64.21 34.60 -65.41
CA PRO GA 272 63.19 35.15 -66.31
C PRO GA 272 62.01 34.21 -66.44
N ALA GA 273 60.82 34.81 -66.62
CA ALA GA 273 59.59 34.03 -66.73
C ALA GA 273 59.60 33.12 -67.95
N ALA GA 274 60.40 33.45 -68.97
CA ALA GA 274 60.48 32.58 -70.14
C ALA GA 274 61.06 31.22 -69.80
N ASP GA 275 62.10 31.19 -68.96
CA ASP GA 275 62.78 29.95 -68.59
C ASP GA 275 62.54 29.57 -67.14
N ARG GA 276 61.51 30.15 -66.52
CA ARG GA 276 61.15 29.75 -65.16
C ARG GA 276 60.68 28.29 -65.12
N ALA GA 277 59.90 27.88 -66.12
CA ALA GA 277 59.36 26.52 -66.13
C ALA GA 277 60.46 25.48 -66.29
N LYS GA 278 61.43 25.74 -67.14
CA LYS GA 278 62.52 24.80 -67.39
C LYS GA 278 63.47 24.81 -66.20
N VAL GA 279 64.63 24.16 -66.33
CA VAL GA 279 65.52 23.98 -65.18
C VAL GA 279 66.37 25.25 -65.08
N GLU GA 280 65.72 26.29 -64.57
CA GLU GA 280 66.37 27.48 -64.03
C GLU GA 280 65.75 27.96 -62.72
N GLY GA 281 64.46 27.72 -62.48
CA GLY GA 281 63.77 28.10 -61.27
C GLY GA 281 64.01 27.20 -60.09
N LEU GA 282 64.68 26.07 -60.31
CA LEU GA 282 65.12 25.25 -59.19
C LEU GA 282 66.12 25.98 -58.32
N SER GA 283 66.84 26.95 -58.88
CA SER GA 283 67.80 27.76 -58.16
C SER GA 283 67.23 29.11 -57.74
N GLN GA 284 65.93 29.33 -57.94
CA GLN GA 284 65.33 30.59 -57.54
C GLN GA 284 65.43 30.76 -56.02
N HIS GA 285 65.85 31.96 -55.62
CA HIS GA 285 66.12 32.26 -54.22
C HIS GA 285 65.00 33.11 -53.66
N ALA GA 286 64.48 32.70 -52.51
CA ALA GA 286 63.35 33.39 -51.89
C ALA GA 286 63.80 34.10 -50.62
N ALA GA 287 63.12 35.20 -50.32
CA ALA GA 287 63.38 35.97 -49.12
C ALA GA 287 62.06 36.30 -48.46
N PRO GA 288 61.99 36.29 -47.13
CA PRO GA 288 60.74 36.65 -46.46
C PRO GA 288 60.41 38.11 -46.63
N ASN GA 289 59.11 38.41 -46.62
CA ASN GA 289 58.65 39.78 -46.69
C ASN GA 289 59.03 40.54 -45.41
N ARG GA 290 59.40 41.80 -45.58
CA ARG GA 290 59.83 42.60 -44.44
C ARG GA 290 58.64 42.82 -43.49
N PRO GA 291 58.86 42.69 -42.18
CA PRO GA 291 57.77 42.94 -41.24
C PRO GA 291 57.31 44.38 -41.30
N ASN GA 292 56.01 44.58 -41.09
CA ASN GA 292 55.41 45.90 -41.21
C ASN GA 292 54.79 46.39 -39.90
N PHE GA 293 54.08 45.51 -39.18
CA PHE GA 293 53.55 45.83 -37.86
C PHE GA 293 52.61 47.03 -37.88
N ILE GA 294 51.52 46.93 -38.62
CA ILE GA 294 50.54 48.02 -38.66
C ILE GA 294 49.69 47.97 -37.39
N GLY GA 295 49.55 49.12 -36.75
CA GLY GA 295 48.76 49.19 -35.53
C GLY GA 295 48.36 50.62 -35.23
N PHE GA 296 47.59 50.77 -34.16
CA PHE GA 296 47.14 52.10 -33.75
C PHE GA 296 48.31 52.96 -33.30
N ARG GA 297 48.13 54.27 -33.43
CA ARG GA 297 49.19 55.20 -33.08
C ARG GA 297 49.35 55.30 -31.56
N ASP GA 298 50.50 55.84 -31.15
CA ASP GA 298 50.79 55.98 -29.72
C ASP GA 298 49.77 56.89 -29.06
N CYS GA 299 49.26 56.46 -27.91
CA CYS GA 299 48.24 57.21 -27.15
C CYS GA 299 47.04 57.60 -28.02
N PHE GA 300 46.81 56.85 -29.09
CA PHE GA 300 45.76 57.15 -30.06
C PHE GA 300 45.92 58.57 -30.61
N VAL GA 301 47.17 59.00 -30.79
CA VAL GA 301 47.42 60.35 -31.27
C VAL GA 301 47.06 60.43 -32.76
N GLY GA 302 46.37 61.50 -33.13
CA GLY GA 302 45.90 61.68 -34.49
C GLY GA 302 44.50 61.17 -34.74
N LEU GA 303 43.98 60.29 -33.89
CA LEU GA 303 42.62 59.79 -34.05
C LEU GA 303 41.60 60.90 -33.82
N MET GA 304 41.83 61.74 -32.81
CA MET GA 304 40.94 62.84 -32.51
C MET GA 304 41.34 64.07 -33.30
N TYR GA 305 40.34 64.81 -33.78
CA TYR GA 305 40.60 66.07 -34.47
C TYR GA 305 40.96 67.14 -33.45
N TYR GA 306 42.24 67.46 -33.37
CA TYR GA 306 42.74 68.53 -32.52
C TYR GA 306 43.38 69.61 -33.38
N ASN GA 307 43.27 70.85 -32.92
CA ASN GA 307 43.99 71.98 -33.52
C ASN GA 307 43.58 72.21 -34.97
N SER GA 308 42.35 71.87 -35.31
CA SER GA 308 41.83 72.05 -36.66
C SER GA 308 40.87 73.25 -36.70
N GLY GA 309 40.47 73.60 -37.91
CA GLY GA 309 39.57 74.73 -38.10
C GLY GA 309 38.15 74.31 -38.40
N GLY GA 310 37.99 73.28 -39.22
CA GLY GA 310 36.66 72.82 -39.58
C GLY GA 310 36.07 71.85 -38.58
N ASN GA 311 36.82 70.79 -38.26
CA ASN GA 311 36.37 69.78 -37.31
C ASN GA 311 36.87 70.16 -35.92
N LEU GA 312 36.16 71.09 -35.31
CA LEU GA 312 36.48 71.58 -33.97
C LEU GA 312 35.47 71.00 -32.99
N GLY GA 313 35.94 70.16 -32.06
CA GLY GA 313 35.06 69.63 -31.04
C GLY GA 313 34.54 70.74 -30.15
N VAL GA 314 33.31 70.58 -29.67
CA VAL GA 314 32.62 71.61 -28.91
C VAL GA 314 32.18 71.03 -27.58
N LEU GA 315 32.41 71.78 -26.51
CA LEU GA 315 31.83 71.50 -25.19
C LEU GA 315 31.12 72.76 -24.74
N ALA GA 316 29.79 72.70 -24.66
CA ALA GA 316 29.00 73.88 -24.39
C ALA GA 316 27.76 73.51 -23.60
N GLY GA 317 27.23 74.49 -22.88
CA GLY GA 317 25.97 74.28 -22.19
C GLY GA 317 24.83 74.09 -23.16
N GLN GA 318 23.90 73.20 -22.80
CA GLN GA 318 22.78 72.89 -23.68
C GLN GA 318 21.89 74.11 -23.90
N SER GA 319 21.80 74.99 -22.90
CA SER GA 319 20.92 76.16 -22.99
C SER GA 319 21.57 77.35 -23.69
N SER GA 320 22.86 77.28 -23.99
CA SER GA 320 23.56 78.38 -24.64
C SER GA 320 24.20 78.01 -25.95
N GLN GA 321 24.80 76.83 -26.05
CA GLN GA 321 25.47 76.36 -27.28
C GLN GA 321 26.61 77.30 -27.68
N LEU GA 322 27.22 77.96 -26.69
CA LEU GA 322 28.42 78.75 -26.91
C LEU GA 322 29.64 77.88 -26.62
N ASN GA 323 30.41 77.57 -27.66
CA ASN GA 323 31.52 76.64 -27.52
C ASN GA 323 32.55 77.17 -26.52
N ALA GA 324 32.91 76.33 -25.56
CA ALA GA 324 33.94 76.65 -24.59
C ALA GA 324 35.31 76.16 -25.00
N VAL GA 325 35.43 75.53 -26.16
CA VAL GA 325 36.69 75.02 -26.68
C VAL GA 325 37.10 75.92 -27.82
N VAL GA 326 38.03 76.83 -27.57
CA VAL GA 326 38.54 77.76 -28.57
C VAL GA 326 39.97 77.35 -28.88
N ASP GA 327 40.21 76.88 -30.10
CA ASP GA 327 41.51 76.41 -30.51
C ASP GA 327 41.98 77.22 -31.72
N LEU GA 328 43.29 77.48 -31.77
CA LEU GA 328 43.85 78.48 -32.66
C LEU GA 328 44.90 77.92 -33.62
N GLN GA 329 44.92 76.60 -33.82
CA GLN GA 329 45.72 75.93 -34.85
C GLN GA 329 47.22 76.19 -34.73
N ASP GA 330 47.65 76.86 -33.66
CA ASP GA 330 49.06 76.98 -33.32
C ASP GA 330 49.45 76.15 -32.12
N ARG GA 331 48.51 75.82 -31.26
CA ARG GA 331 48.75 74.89 -30.17
C ARG GA 331 49.00 73.50 -30.72
N ASN GA 332 49.75 72.69 -29.97
CA ASN GA 332 49.99 71.29 -30.30
C ASN GA 332 49.56 70.47 -29.10
N THR GA 333 48.27 70.15 -29.02
CA THR GA 333 47.77 69.38 -27.89
C THR GA 333 48.34 67.97 -27.89
N GLU GA 334 48.61 67.42 -29.07
CA GLU GA 334 49.15 66.07 -29.15
C GLU GA 334 50.54 65.99 -28.52
N LEU GA 335 51.44 66.87 -28.95
CA LEU GA 335 52.78 66.91 -28.36
C LEU GA 335 52.73 67.32 -26.89
N SER GA 336 51.81 68.23 -26.54
CA SER GA 336 51.67 68.62 -25.15
C SER GA 336 51.31 67.42 -24.27
N TYR GA 337 50.35 66.60 -24.73
CA TYR GA 337 49.98 65.42 -23.97
C TYR GA 337 51.11 64.41 -23.94
N GLN GA 338 51.85 64.27 -25.05
CA GLN GA 338 52.98 63.35 -25.07
C GLN GA 338 54.01 63.72 -24.02
N MET GA 339 54.40 64.99 -23.97
CA MET GA 339 55.41 65.38 -22.97
C MET GA 339 54.82 65.43 -21.57
N LEU GA 340 53.51 65.65 -21.44
CA LEU GA 340 52.88 65.56 -20.14
C LEU GA 340 52.98 64.14 -19.59
N LEU GA 341 52.71 63.14 -20.43
CA LEU GA 341 52.93 61.75 -20.02
C LEU GA 341 54.41 61.49 -19.77
N ALA GA 342 55.29 62.11 -20.55
CA ALA GA 342 56.72 61.94 -20.34
C ALA GA 342 57.12 62.36 -18.94
N ASN GA 343 56.92 63.63 -18.61
CA ASN GA 343 57.32 64.14 -17.29
C ASN GA 343 56.19 64.06 -16.27
N THR GA 344 55.51 62.91 -16.20
CA THR GA 344 54.62 62.62 -15.08
C THR GA 344 54.73 61.19 -14.56
N THR GA 345 55.11 60.22 -15.39
CA THR GA 345 55.09 58.82 -15.01
C THR GA 345 56.28 58.12 -15.67
N ASP GA 346 56.45 56.84 -15.33
CA ASP GA 346 57.45 56.03 -15.99
C ASP GA 346 57.00 55.69 -17.40
N ARG GA 347 57.89 55.90 -18.38
CA ARG GA 347 57.57 55.65 -19.77
C ARG GA 347 57.97 54.25 -20.23
N SER GA 348 58.50 53.42 -19.34
CA SER GA 348 58.93 52.07 -19.68
C SER GA 348 57.82 51.04 -19.47
N ARG GA 349 56.68 51.44 -18.93
CA ARG GA 349 55.56 50.54 -18.68
C ARG GA 349 54.48 50.77 -19.72
N TYR GA 350 53.96 49.70 -20.30
CA TYR GA 350 52.94 49.76 -21.34
C TYR GA 350 51.56 49.62 -20.71
N PHE GA 351 50.71 50.61 -20.93
CA PHE GA 351 49.37 50.64 -20.38
C PHE GA 351 48.38 50.61 -21.54
N SER GA 352 47.57 49.55 -21.61
CA SER GA 352 46.83 49.25 -22.82
C SER GA 352 45.54 50.05 -22.96
N MET GA 353 45.05 50.67 -21.87
CA MET GA 353 43.81 51.45 -21.96
C MET GA 353 43.96 52.60 -22.94
N TRP GA 354 45.02 53.39 -22.81
CA TRP GA 354 45.26 54.52 -23.69
C TRP GA 354 46.30 54.22 -24.75
N ASN GA 355 46.63 52.95 -24.98
CA ASN GA 355 47.69 52.55 -25.90
C ASN GA 355 49.00 53.26 -25.56
N GLN GA 356 49.35 53.24 -24.28
CA GLN GA 356 50.55 53.90 -23.80
C GLN GA 356 51.79 53.03 -24.06
N ALA GA 357 51.97 52.70 -25.34
CA ALA GA 357 53.15 51.97 -25.82
C ALA GA 357 53.95 52.96 -26.66
N MET GA 358 55.02 53.50 -26.07
CA MET GA 358 55.74 54.61 -26.67
C MET GA 358 56.77 54.10 -27.67
N ASP GA 359 56.92 54.85 -28.76
CA ASP GA 359 57.90 54.50 -29.78
C ASP GA 359 59.30 54.51 -29.20
N SER GA 360 60.01 53.40 -29.34
CA SER GA 360 61.35 53.26 -28.77
C SER GA 360 62.19 52.37 -29.69
N TYR GA 361 63.21 52.95 -30.30
CA TYR GA 361 64.12 52.17 -31.12
C TYR GA 361 65.03 51.32 -30.24
N ASP GA 362 65.70 50.36 -30.87
CA ASP GA 362 66.71 49.58 -30.18
C ASP GA 362 68.01 50.36 -30.15
N PRO GA 363 68.59 50.64 -28.97
CA PRO GA 363 69.88 51.34 -28.93
C PRO GA 363 70.97 50.60 -29.66
N GLU GA 364 70.96 49.28 -29.64
CA GLU GA 364 71.95 48.51 -30.39
C GLU GA 364 71.81 48.75 -31.88
N VAL GA 365 70.58 48.80 -32.38
CA VAL GA 365 70.37 49.01 -33.81
C VAL GA 365 70.75 50.44 -34.21
N ARG GA 366 70.29 51.42 -33.44
CA ARG GA 366 70.59 52.81 -33.79
C ARG GA 366 72.07 53.11 -33.68
N VAL GA 367 72.74 52.57 -32.66
CA VAL GA 367 74.14 52.81 -32.40
C VAL GA 367 74.82 51.44 -32.44
N ILE GA 368 75.31 51.05 -33.61
CA ILE GA 368 75.86 49.70 -33.79
C ILE GA 368 77.25 49.67 -33.18
N ASP GA 369 77.40 48.97 -32.06
CA ASP GA 369 78.69 48.77 -31.41
C ASP GA 369 79.33 47.47 -31.94
N ASN GA 370 80.14 47.62 -32.98
CA ASN GA 370 80.77 46.46 -33.60
C ASN GA 370 81.87 45.93 -32.68
N VAL GA 371 81.45 45.38 -31.53
CA VAL GA 371 82.39 44.88 -30.54
C VAL GA 371 83.11 43.62 -31.01
N GLY GA 372 82.61 42.97 -32.05
CA GLY GA 372 83.29 41.82 -32.63
C GLY GA 372 82.41 40.58 -32.63
N VAL GA 373 82.90 39.58 -33.35
CA VAL GA 373 82.17 38.32 -33.48
C VAL GA 373 82.18 37.55 -32.17
N GLU GA 374 83.32 37.55 -31.47
CA GLU GA 374 83.54 36.73 -30.27
C GLU GA 374 83.41 35.24 -30.60
N ASP GA 375 84.17 34.81 -31.60
CA ASP GA 375 84.26 33.41 -31.98
C ASP GA 375 85.71 32.96 -31.87
N GLU GA 376 85.95 31.89 -31.15
CA GLU GA 376 87.29 31.33 -31.03
C GLU GA 376 87.34 29.83 -31.24
N MET GA 377 86.25 29.11 -30.94
CA MET GA 377 86.38 27.69 -31.20
C MET GA 377 85.69 27.30 -32.50
N PRO GA 378 86.16 26.25 -33.16
CA PRO GA 378 85.42 25.70 -34.30
C PRO GA 378 84.09 25.13 -33.84
N ASN GA 379 83.12 25.14 -34.76
CA ASN GA 379 81.75 24.77 -34.44
C ASN GA 379 81.41 23.32 -34.82
N TYR GA 380 81.58 22.95 -36.09
CA TYR GA 380 81.46 21.57 -36.55
C TYR GA 380 80.03 21.04 -36.55
N CYS GA 381 79.61 20.50 -37.69
CA CYS GA 381 78.36 19.78 -37.83
C CYS GA 381 78.65 18.36 -38.30
N PHE GA 382 78.01 17.39 -37.68
CA PHE GA 382 78.35 15.98 -37.91
C PHE GA 382 77.15 15.22 -38.47
N PRO GA 383 77.39 14.17 -39.26
CA PRO GA 383 76.26 13.41 -39.82
C PRO GA 383 75.47 12.70 -38.73
N LEU GA 384 74.20 12.44 -39.01
CA LEU GA 384 73.34 11.76 -38.05
C LEU GA 384 73.88 10.41 -37.63
N SER GA 385 74.67 9.76 -38.48
CA SER GA 385 75.19 8.43 -38.21
C SER GA 385 76.51 8.46 -37.45
N GLY GA 386 76.98 9.64 -37.06
CA GLY GA 386 78.28 9.70 -36.43
C GLY GA 386 79.37 9.49 -37.46
N VAL GA 387 79.95 8.30 -37.47
CA VAL GA 387 80.96 7.97 -38.46
C VAL GA 387 80.37 8.10 -39.87
N GLN GA 388 81.24 8.33 -40.84
CA GLN GA 388 80.82 8.39 -42.23
C GLN GA 388 80.68 6.97 -42.78
N ILE GA 389 79.50 6.67 -43.33
CA ILE GA 389 79.22 5.33 -43.84
C ILE GA 389 79.56 5.34 -45.34
N GLY GA 390 80.76 4.87 -45.67
CA GLY GA 390 81.17 4.79 -47.06
C GLY GA 390 81.47 3.37 -47.49
N ASN GA 391 82.74 3.10 -47.82
CA ASN GA 391 83.14 1.76 -48.24
C ASN GA 391 83.08 0.80 -47.05
N ARG GA 392 82.70 -0.44 -47.36
CA ARG GA 392 82.65 -1.50 -46.36
C ARG GA 392 84.04 -2.10 -46.17
N SER GA 393 84.15 -2.99 -45.18
CA SER GA 393 85.42 -3.62 -44.85
C SER GA 393 85.16 -5.02 -44.34
N HIS GA 394 86.20 -5.85 -44.38
CA HIS GA 394 86.13 -7.25 -43.98
C HIS GA 394 86.97 -7.46 -42.74
N GLU GA 395 86.43 -8.20 -41.77
CA GLU GA 395 87.21 -8.59 -40.60
C GLU GA 395 88.33 -9.53 -41.05
N VAL GA 396 89.52 -9.33 -40.48
CA VAL GA 396 90.72 -10.00 -40.94
C VAL GA 396 91.44 -10.60 -39.74
N GLN GA 397 91.88 -11.85 -39.87
CA GLN GA 397 92.69 -12.51 -38.87
C GLN GA 397 93.87 -13.20 -39.52
N ARG GA 398 94.95 -13.35 -38.77
CA ARG GA 398 96.16 -13.99 -39.26
C ARG GA 398 96.11 -15.47 -38.92
N ASN GA 399 96.17 -16.33 -39.95
CA ASN GA 399 96.01 -17.76 -39.73
C ASN GA 399 97.35 -18.47 -39.52
N GLN GA 400 98.21 -18.45 -40.54
CA GLN GA 400 99.54 -19.05 -40.41
C GLN GA 400 100.64 -18.00 -40.38
N GLN GA 401 100.77 -17.22 -41.45
CA GLN GA 401 101.65 -16.05 -41.47
C GLN GA 401 101.04 -14.84 -42.18
N GLN GA 402 100.09 -15.03 -43.09
CA GLN GA 402 99.44 -13.95 -43.79
C GLN GA 402 98.06 -13.71 -43.18
N TRP GA 403 97.28 -12.85 -43.82
CA TRP GA 403 96.00 -12.41 -43.29
C TRP GA 403 94.86 -12.93 -44.14
N GLN GA 404 93.89 -13.58 -43.49
CA GLN GA 404 92.73 -14.15 -44.17
C GLN GA 404 91.47 -13.47 -43.69
N ASN GA 405 90.54 -13.25 -44.62
CA ASN GA 405 89.26 -12.65 -44.27
C ASN GA 405 88.42 -13.60 -43.45
N VAL GA 406 87.77 -13.07 -42.42
CA VAL GA 406 86.87 -13.85 -41.59
C VAL GA 406 85.56 -14.07 -42.33
N ALA GA 407 85.04 -15.30 -42.25
CA ALA GA 407 83.83 -15.63 -42.98
C ALA GA 407 82.61 -14.90 -42.41
N ASN GA 408 81.69 -14.55 -43.31
CA ASN GA 408 80.44 -13.89 -42.94
C ASN GA 408 80.67 -12.57 -42.21
N SER GA 409 81.77 -11.89 -42.50
CA SER GA 409 82.09 -10.61 -41.88
C SER GA 409 82.46 -9.63 -42.99
N ASP GA 410 81.44 -8.97 -43.56
CA ASP GA 410 81.66 -7.96 -44.58
C ASP GA 410 80.85 -6.69 -44.34
N ASN GA 411 79.98 -6.67 -43.33
CA ASN GA 411 79.19 -5.50 -43.00
C ASN GA 411 79.91 -4.54 -42.06
N ASN GA 412 81.23 -4.63 -41.97
CA ASN GA 412 82.00 -3.74 -41.11
C ASN GA 412 82.14 -2.38 -41.77
N TYR GA 413 81.67 -1.33 -41.09
CA TYR GA 413 81.77 0.04 -41.58
C TYR GA 413 82.82 0.75 -40.74
N ILE GA 414 84.01 0.94 -41.33
CA ILE GA 414 85.16 1.50 -40.63
C ILE GA 414 85.59 2.77 -41.34
N GLY GA 415 85.79 3.84 -40.58
CA GLY GA 415 86.27 5.09 -41.14
C GLY GA 415 87.57 5.54 -40.52
N LYS GA 416 88.64 5.58 -41.32
CA LYS GA 416 89.93 6.00 -40.82
C LYS GA 416 90.02 7.52 -40.77
N GLY GA 417 90.67 8.04 -39.74
CA GLY GA 417 90.78 9.46 -39.53
C GLY GA 417 89.69 10.01 -38.65
N ASN GA 418 89.70 11.33 -38.51
CA ASN GA 418 88.72 12.01 -37.67
C ASN GA 418 87.35 12.01 -38.34
N LEU GA 419 86.33 12.31 -37.54
CA LEU GA 419 84.98 12.37 -38.07
C LEU GA 419 84.84 13.51 -39.09
N PRO GA 420 84.17 13.27 -40.22
CA PRO GA 420 83.93 14.36 -41.15
C PRO GA 420 82.96 15.37 -40.57
N ALA GA 421 83.19 16.64 -40.89
CA ALA GA 421 82.40 17.72 -40.33
C ALA GA 421 82.58 18.97 -41.18
N MET GA 422 81.82 20.02 -40.86
CA MET GA 422 81.92 21.30 -41.53
C MET GA 422 81.73 22.42 -40.52
N GLU GA 423 82.53 23.47 -40.64
CA GLU GA 423 82.39 24.61 -39.74
C GLU GA 423 81.39 25.60 -40.29
N ILE GA 424 80.74 26.32 -39.38
CA ILE GA 424 79.64 27.22 -39.73
C ILE GA 424 79.92 28.62 -39.20
N ASN GA 425 80.70 28.72 -38.12
CA ASN GA 425 80.98 29.98 -37.43
C ASN GA 425 79.66 30.63 -36.97
N LEU GA 426 79.04 29.96 -36.00
CA LEU GA 426 77.75 30.38 -35.48
C LEU GA 426 77.72 31.84 -35.07
N ALA GA 427 78.76 32.28 -34.35
CA ALA GA 427 78.77 33.66 -33.86
C ALA GA 427 78.78 34.67 -35.00
N ALA GA 428 79.63 34.43 -36.01
CA ALA GA 428 79.68 35.34 -37.16
C ALA GA 428 78.36 35.30 -37.93
N ASN GA 429 77.78 34.12 -38.11
CA ASN GA 429 76.51 34.03 -38.83
C ASN GA 429 75.43 34.81 -38.10
N LEU GA 430 75.32 34.63 -36.78
CA LEU GA 430 74.29 35.33 -36.02
C LEU GA 430 74.52 36.84 -36.05
N TRP GA 431 75.78 37.28 -35.88
CA TRP GA 431 76.06 38.70 -35.87
C TRP GA 431 75.74 39.32 -37.22
N ARG GA 432 76.14 38.66 -38.32
CA ARG GA 432 75.85 39.22 -39.64
C ARG GA 432 74.36 39.22 -39.92
N SER GA 433 73.65 38.16 -39.50
CA SER GA 433 72.20 38.12 -39.70
C SER GA 433 71.54 39.29 -38.98
N PHE GA 434 71.87 39.49 -37.71
CA PHE GA 434 71.32 40.62 -36.95
C PHE GA 434 71.65 41.95 -37.63
N LEU GA 435 72.92 42.16 -37.96
CA LEU GA 435 73.35 43.44 -38.51
C LEU GA 435 72.66 43.73 -39.84
N TYR GA 436 72.63 42.74 -40.74
CA TYR GA 436 71.96 42.96 -42.02
C TYR GA 436 70.47 43.20 -41.83
N SER GA 437 69.79 42.31 -41.11
CA SER GA 437 68.34 42.40 -40.96
C SER GA 437 67.90 43.64 -40.20
N ASN GA 438 68.79 44.31 -39.46
CA ASN GA 438 68.38 45.45 -38.68
C ASN GA 438 69.01 46.78 -39.08
N VAL GA 439 70.03 46.78 -39.94
CA VAL GA 439 70.65 48.04 -40.34
C VAL GA 439 70.67 48.16 -41.86
N ALA GA 440 70.69 47.02 -42.56
CA ALA GA 440 70.85 47.05 -44.01
C ALA GA 440 69.52 47.17 -44.74
N LEU GA 441 68.49 46.45 -44.28
CA LEU GA 441 67.18 46.55 -44.91
C LEU GA 441 66.56 47.94 -44.73
N TYR GA 442 66.96 48.68 -43.70
CA TYR GA 442 66.43 50.01 -43.42
C TYR GA 442 67.32 51.11 -43.99
N LEU GA 443 68.11 50.79 -45.01
CA LEU GA 443 68.94 51.79 -45.65
C LEU GA 443 68.08 52.75 -46.47
N PRO GA 444 68.58 53.96 -46.74
CA PRO GA 444 67.84 54.87 -47.63
C PRO GA 444 67.67 54.26 -49.01
N ASP GA 445 66.57 54.66 -49.66
CA ASP GA 445 66.17 54.04 -50.93
C ASP GA 445 67.18 54.27 -52.04
N ASN GA 446 68.08 55.24 -51.92
CA ASN GA 446 69.05 55.50 -52.96
C ASN GA 446 70.29 54.62 -52.86
N LEU GA 447 70.42 53.81 -51.81
CA LEU GA 447 71.52 52.86 -51.66
C LEU GA 447 71.09 51.42 -51.85
N LYS GA 448 69.91 51.20 -52.43
CA LYS GA 448 69.39 49.86 -52.65
C LYS GA 448 69.08 49.67 -54.13
N PHE GA 449 69.37 48.47 -54.61
CA PHE GA 449 69.15 48.11 -56.01
C PHE GA 449 67.91 47.24 -56.13
N THR GA 450 67.23 47.37 -57.26
CA THR GA 450 66.16 46.42 -57.51
C THR GA 450 66.72 45.18 -58.19
N PRO GA 451 66.34 43.98 -57.75
CA PRO GA 451 66.87 42.77 -58.39
C PRO GA 451 66.40 42.66 -59.84
N HIS GA 452 67.21 41.99 -60.65
CA HIS GA 452 66.89 41.82 -62.05
C HIS GA 452 65.74 40.83 -62.23
N ASN GA 453 65.06 40.96 -63.37
CA ASN GA 453 63.97 40.07 -63.77
C ASN GA 453 62.80 40.08 -62.79
N ILE GA 454 62.58 41.23 -62.12
CA ILE GA 454 61.40 41.44 -61.30
C ILE GA 454 60.91 42.86 -61.58
N GLN GA 455 59.62 43.09 -61.33
CA GLN GA 455 58.99 44.36 -61.58
C GLN GA 455 58.46 44.96 -60.28
N LEU GA 456 58.73 46.25 -60.09
CA LEU GA 456 58.26 46.99 -58.94
C LEU GA 456 57.53 48.23 -59.40
N PRO GA 457 56.49 48.66 -58.66
CA PRO GA 457 55.70 49.79 -59.11
C PRO GA 457 56.52 51.07 -59.10
N PRO GA 458 56.21 52.01 -59.99
CA PRO GA 458 56.87 53.32 -59.92
C PRO GA 458 56.59 54.07 -58.62
N ASN GA 459 55.51 53.73 -57.93
CA ASN GA 459 55.16 54.38 -56.67
C ASN GA 459 56.12 53.91 -55.58
N THR GA 460 57.07 54.77 -55.22
CA THR GA 460 58.08 54.41 -54.24
C THR GA 460 57.47 54.12 -52.87
N ASN GA 461 56.38 54.81 -52.53
CA ASN GA 461 55.77 54.64 -51.21
C ASN GA 461 55.12 53.28 -51.02
N THR GA 462 54.96 52.49 -52.07
CA THR GA 462 54.24 51.23 -51.95
C THR GA 462 55.03 50.21 -51.15
N TYR GA 463 54.30 49.44 -50.35
CA TYR GA 463 54.92 48.39 -49.54
C TYR GA 463 55.62 47.35 -50.39
N GLU GA 464 54.99 46.95 -51.51
CA GLU GA 464 55.61 45.93 -52.35
C GLU GA 464 56.89 46.45 -53.00
N TYR GA 465 56.93 47.74 -53.34
CA TYR GA 465 58.18 48.34 -53.79
C TYR GA 465 59.25 48.29 -52.69
N MET GA 466 58.90 48.76 -51.49
CA MET GA 466 59.87 48.78 -50.40
C MET GA 466 60.37 47.37 -50.08
N ASN GA 467 59.51 46.37 -50.27
CA ASN GA 467 59.90 44.99 -50.04
C ASN GA 467 60.80 44.46 -51.15
N GLY GA 468 60.46 44.78 -52.40
CA GLY GA 468 61.23 44.29 -53.52
C GLY GA 468 62.63 44.85 -53.58
N ARG GA 469 62.80 46.12 -53.22
CA ARG GA 469 64.14 46.71 -53.27
C ARG GA 469 65.07 46.02 -52.27
N ILE GA 470 66.29 45.75 -52.72
CA ILE GA 470 67.26 44.96 -51.97
C ILE GA 470 68.48 45.84 -51.70
N PRO GA 471 69.04 45.86 -50.50
CA PRO GA 471 70.21 46.70 -50.23
C PRO GA 471 71.44 46.24 -51.00
N VAL GA 472 72.31 47.20 -51.29
CA VAL GA 472 73.56 46.94 -51.98
C VAL GA 472 74.60 46.47 -50.97
N SER GA 473 75.30 45.39 -51.28
CA SER GA 473 76.30 44.84 -50.39
C SER GA 473 77.49 45.78 -50.26
N GLY GA 474 78.15 45.70 -49.11
CA GLY GA 474 79.35 46.47 -48.85
C GLY GA 474 79.12 47.77 -48.10
N LEU GA 475 77.89 48.29 -48.12
CA LEU GA 475 77.61 49.54 -47.41
C LEU GA 475 77.73 49.33 -45.90
N ILE GA 476 77.07 48.32 -45.37
CA ILE GA 476 77.04 48.04 -43.94
C ILE GA 476 77.11 46.53 -43.75
N ASP GA 477 78.27 46.03 -43.35
CA ASP GA 477 78.48 44.60 -43.17
C ASP GA 477 79.10 44.37 -41.80
N THR GA 478 79.55 43.14 -41.55
CA THR GA 478 80.11 42.76 -40.26
C THR GA 478 81.47 43.38 -40.00
N TYR GA 479 82.08 44.04 -40.98
CA TYR GA 479 83.44 44.53 -40.82
C TYR GA 479 83.53 46.05 -40.81
N VAL GA 480 82.42 46.76 -41.02
CA VAL GA 480 82.45 48.22 -41.12
C VAL GA 480 82.44 48.82 -39.71
N ASN GA 481 83.32 49.81 -39.50
CA ASN GA 481 83.42 50.49 -38.21
C ASN GA 481 83.64 49.49 -37.08
N ILE GA 482 84.51 48.51 -37.32
CA ILE GA 482 84.73 47.44 -36.36
C ILE GA 482 85.53 47.98 -35.18
N GLY GA 483 85.04 47.72 -33.97
CA GLY GA 483 85.71 48.12 -32.75
C GLY GA 483 85.12 49.35 -32.08
N THR GA 484 84.19 50.05 -32.72
CA THR GA 484 83.59 51.25 -32.16
C THR GA 484 82.06 51.10 -32.17
N ARG GA 485 81.40 52.14 -31.68
CA ARG GA 485 79.95 52.24 -31.67
C ARG GA 485 79.48 53.40 -32.55
N TRP GA 486 80.10 53.51 -33.73
CA TRP GA 486 79.78 54.57 -34.67
C TRP GA 486 78.59 54.15 -35.53
N SER GA 487 77.50 54.91 -35.44
CA SER GA 487 76.34 54.63 -36.27
C SER GA 487 76.65 54.95 -37.73
N PRO GA 488 76.05 54.21 -38.67
CA PRO GA 488 76.35 54.44 -40.08
C PRO GA 488 76.05 55.87 -40.50
N ASP GA 489 76.90 56.41 -41.37
CA ASP GA 489 76.76 57.81 -41.78
C ASP GA 489 75.44 58.03 -42.51
N VAL GA 490 75.08 57.10 -43.41
CA VAL GA 490 73.84 57.24 -44.18
C VAL GA 490 72.60 56.93 -43.36
N MET GA 491 72.75 56.31 -42.20
CA MET GA 491 71.61 55.98 -41.33
C MET GA 491 71.31 57.08 -40.33
N ASP GA 492 72.04 58.20 -40.37
CA ASP GA 492 71.75 59.30 -39.46
C ASP GA 492 70.39 59.93 -39.75
N ASN GA 493 70.13 60.27 -41.01
CA ASN GA 493 68.90 60.93 -41.40
C ASN GA 493 67.83 59.93 -41.81
N VAL GA 494 67.60 58.94 -40.94
CA VAL GA 494 66.61 57.89 -41.17
C VAL GA 494 65.89 57.63 -39.85
N ASN GA 495 64.56 57.55 -39.91
CA ASN GA 495 63.73 57.27 -38.74
C ASN GA 495 64.21 56.04 -38.00
N PRO GA 496 64.77 56.20 -36.80
CA PRO GA 496 65.12 55.01 -36.00
C PRO GA 496 63.92 54.31 -35.42
N PHE GA 497 62.79 55.01 -35.27
CA PHE GA 497 61.57 54.43 -34.73
C PHE GA 497 60.73 53.76 -35.80
N ASN GA 498 61.05 53.98 -37.08
CA ASN GA 498 60.41 53.24 -38.17
C ASN GA 498 61.19 51.94 -38.38
N HIS GA 499 61.05 51.06 -37.40
CA HIS GA 499 61.84 49.84 -37.32
C HIS GA 499 60.99 48.76 -36.68
N HIS GA 500 61.22 47.51 -37.10
CA HIS GA 500 60.44 46.41 -36.54
C HIS GA 500 60.86 46.06 -35.12
N ARG GA 501 61.96 46.60 -34.64
CA ARG GA 501 62.37 46.43 -33.25
C ARG GA 501 61.79 47.48 -32.32
N ASN GA 502 60.88 48.31 -32.83
CA ASN GA 502 60.17 49.30 -32.02
C ASN GA 502 59.22 48.54 -31.10
N SER GA 503 59.61 48.38 -29.84
CA SER GA 503 58.82 47.59 -28.90
C SER GA 503 57.44 48.18 -28.71
N GLY GA 504 57.33 49.51 -28.69
CA GLY GA 504 56.03 50.13 -28.55
C GLY GA 504 55.12 49.81 -29.72
N LEU GA 505 55.64 49.91 -30.94
CA LEU GA 505 54.81 49.60 -32.11
C LEU GA 505 54.45 48.12 -32.15
N ARG GA 506 55.38 47.24 -31.77
CA ARG GA 506 55.06 45.81 -31.69
C ARG GA 506 53.94 45.56 -30.70
N TYR GA 507 54.01 46.18 -29.52
CA TYR GA 507 52.96 46.03 -28.53
C TYR GA 507 51.63 46.54 -29.06
N ARG GA 508 51.63 47.71 -29.70
CA ARG GA 508 50.39 48.29 -30.18
C ARG GA 508 49.77 47.47 -31.29
N SER GA 509 50.58 46.90 -32.17
CA SER GA 509 50.05 46.07 -33.24
C SER GA 509 49.55 44.74 -32.72
N GLN GA 510 50.33 44.07 -31.87
CA GLN GA 510 49.91 42.80 -31.30
C GLN GA 510 48.74 42.95 -30.35
N LEU GA 511 48.48 44.17 -29.86
CA LEU GA 511 47.32 44.39 -29.01
C LEU GA 511 46.03 44.30 -29.80
N LEU GA 512 46.05 44.76 -31.06
CA LEU GA 512 44.97 44.45 -31.98
C LEU GA 512 45.02 43.01 -32.47
N GLY GA 513 46.21 42.45 -32.61
CA GLY GA 513 46.38 41.05 -32.94
C GLY GA 513 46.91 40.87 -34.35
N ASN GA 514 47.15 39.60 -34.68
CA ASN GA 514 47.64 39.22 -36.00
C ASN GA 514 46.45 39.10 -36.96
N GLY GA 515 46.59 39.70 -38.13
CA GLY GA 515 45.52 39.62 -39.10
C GLY GA 515 45.33 40.84 -39.97
N ARG GA 516 45.15 40.63 -41.27
CA ARG GA 516 44.78 41.72 -42.15
C ARG GA 516 43.45 42.34 -41.72
N PHE GA 517 42.50 41.49 -41.37
CA PHE GA 517 41.20 41.92 -40.85
C PHE GA 517 41.16 41.70 -39.34
N CYS GA 518 40.71 42.72 -38.61
CA CYS GA 518 40.64 42.63 -37.16
C CYS GA 518 39.63 43.63 -36.63
N ASP GA 519 39.14 43.36 -35.43
CA ASP GA 519 38.19 44.22 -34.74
C ASP GA 519 38.88 44.94 -33.60
N PHE GA 520 38.56 46.23 -33.43
CA PHE GA 520 39.17 47.04 -32.39
C PHE GA 520 38.10 47.60 -31.46
N HIS GA 521 38.40 47.60 -30.16
CA HIS GA 521 37.55 48.22 -29.14
C HIS GA 521 38.47 49.09 -28.29
N ILE GA 522 38.60 50.35 -28.66
CA ILE GA 522 39.59 51.25 -28.08
C ILE GA 522 38.88 52.24 -27.16
N GLN GA 523 39.69 52.96 -26.37
CA GLN GA 523 39.20 53.98 -25.45
C GLN GA 523 40.10 55.21 -25.59
N VAL GA 524 39.63 56.20 -26.35
CA VAL GA 524 40.42 57.40 -26.63
C VAL GA 524 40.17 58.41 -25.51
N PRO GA 525 41.20 58.91 -24.86
CA PRO GA 525 41.01 59.92 -23.82
C PRO GA 525 41.02 61.33 -24.39
N GLN GA 526 40.56 62.27 -23.57
CA GLN GA 526 40.58 63.67 -23.95
C GLN GA 526 41.95 64.28 -23.67
N LYS GA 527 42.45 65.06 -24.62
CA LYS GA 527 43.79 65.62 -24.53
C LYS GA 527 43.83 67.15 -24.48
N PHE GA 528 42.72 67.83 -24.74
CA PHE GA 528 42.72 69.29 -24.68
C PHE GA 528 43.01 69.75 -23.26
N PHE GA 529 43.88 70.76 -23.13
CA PHE GA 529 44.34 71.15 -21.81
C PHE GA 529 43.24 71.79 -20.98
N ALA GA 530 42.36 72.57 -21.62
CA ALA GA 530 41.31 73.27 -20.88
C ALA GA 530 40.10 72.40 -20.60
N ILE GA 531 40.05 71.18 -21.12
CA ILE GA 531 38.89 70.32 -20.99
C ILE GA 531 39.24 69.08 -20.16
N ARG GA 532 40.47 68.58 -20.32
CA ARG GA 532 40.83 67.28 -19.75
C ARG GA 532 40.70 67.28 -18.24
N ASN GA 533 41.27 68.28 -17.56
CA ASN GA 533 41.27 68.31 -16.11
C ASN GA 533 40.12 69.11 -15.53
N LEU GA 534 39.20 69.57 -16.38
CA LEU GA 534 38.10 70.41 -15.90
C LEU GA 534 37.17 69.61 -15.00
N LEU GA 535 36.78 70.22 -13.89
CA LEU GA 535 35.82 69.63 -12.96
C LEU GA 535 34.46 70.23 -13.28
N LEU GA 536 33.62 69.44 -13.95
CA LEU GA 536 32.39 69.96 -14.53
C LEU GA 536 31.28 70.00 -13.49
N LEU GA 537 30.66 71.16 -13.35
CA LEU GA 537 29.60 71.37 -12.37
C LEU GA 537 28.27 70.83 -12.91
N PRO GA 538 27.27 70.64 -12.03
CA PRO GA 538 25.99 70.09 -12.49
C PRO GA 538 25.36 70.91 -13.60
N GLY GA 539 24.74 70.21 -14.53
CA GLY GA 539 24.09 70.84 -15.66
C GLY GA 539 23.95 69.85 -16.80
N THR GA 540 23.58 70.39 -17.96
CA THR GA 540 23.47 69.61 -19.19
C THR GA 540 24.35 70.25 -20.24
N TYR GA 541 25.29 69.49 -20.79
CA TYR GA 541 26.28 70.01 -21.72
C TYR GA 541 26.33 69.14 -22.96
N THR GA 542 26.54 69.78 -24.11
CA THR GA 542 26.79 69.06 -25.35
C THR GA 542 28.29 68.87 -25.53
N TYR GA 543 28.67 67.68 -25.98
CA TYR GA 543 30.08 67.28 -26.06
C TYR GA 543 30.38 66.68 -27.43
N GLU GA 544 29.97 67.38 -28.48
CA GLU GA 544 30.23 66.92 -29.83
C GLU GA 544 31.72 66.92 -30.13
N TRP GA 545 32.23 65.80 -30.63
CA TRP GA 545 33.62 65.69 -31.06
C TRP GA 545 33.70 64.80 -32.27
N SER GA 546 34.59 65.14 -33.19
CA SER GA 546 34.74 64.43 -34.45
C SER GA 546 36.06 63.68 -34.47
N PHE GA 547 36.00 62.39 -34.78
CA PHE GA 547 37.18 61.52 -34.81
C PHE GA 547 37.65 61.35 -36.25
N ARG GA 548 38.95 61.47 -36.46
CA ARG GA 548 39.52 61.34 -37.79
C ARG GA 548 39.36 59.91 -38.30
N LYS GA 549 39.30 59.79 -39.63
CA LYS GA 549 39.17 58.48 -40.28
C LYS GA 549 40.32 58.21 -41.26
N ASP GA 550 41.23 59.15 -41.45
CA ASP GA 550 42.37 58.92 -42.33
C ASP GA 550 43.26 57.83 -41.76
N VAL GA 551 43.55 56.83 -42.59
CA VAL GA 551 44.28 55.66 -42.11
C VAL GA 551 45.74 56.01 -41.81
N ASN GA 552 46.34 56.86 -42.65
CA ASN GA 552 47.71 57.29 -42.39
C ASN GA 552 47.83 58.00 -41.06
N MET GA 553 46.89 58.90 -40.77
CA MET GA 553 46.89 59.58 -39.47
C MET GA 553 46.64 58.61 -38.33
N ILE GA 554 45.67 57.71 -38.50
CA ILE GA 554 45.28 56.82 -37.41
C ILE GA 554 46.33 55.74 -37.17
N LEU GA 555 46.59 54.92 -38.19
CA LEU GA 555 47.42 53.74 -38.03
C LEU GA 555 48.89 54.07 -38.23
N GLN GA 556 49.75 53.18 -37.77
CA GLN GA 556 51.19 53.34 -37.85
C GLN GA 556 51.82 52.02 -38.31
N SER GA 557 52.82 52.12 -39.17
CA SER GA 557 53.55 50.96 -39.67
C SER GA 557 55.04 51.20 -39.53
N THR GA 558 55.79 50.11 -39.38
CA THR GA 558 57.25 50.25 -39.29
C THR GA 558 57.82 50.85 -40.55
N LEU GA 559 57.32 50.43 -41.71
CA LEU GA 559 57.72 51.06 -42.96
C LEU GA 559 56.86 52.28 -43.22
N GLY GA 560 57.46 53.31 -43.82
CA GLY GA 560 56.73 54.53 -44.12
C GLY GA 560 55.88 54.42 -45.36
N ASN GA 561 55.20 53.30 -45.53
CA ASN GA 561 54.39 53.05 -46.72
C ASN GA 561 53.03 53.70 -46.58
N ASP GA 562 52.52 54.22 -47.70
CA ASP GA 562 51.18 54.78 -47.72
C ASP GA 562 50.15 53.69 -47.49
N LEU GA 563 49.23 53.93 -46.56
CA LEU GA 563 48.20 52.95 -46.25
C LEU GA 563 46.91 53.19 -47.04
N ARG GA 564 46.77 54.36 -47.69
CA ARG GA 564 45.63 54.57 -48.57
C ARG GA 564 45.69 53.64 -49.77
N VAL GA 565 46.87 53.49 -50.38
CA VAL GA 565 47.02 52.65 -51.56
C VAL GA 565 47.21 51.18 -51.22
N ASP GA 566 47.44 50.85 -49.95
CA ASP GA 566 47.62 49.46 -49.53
C ASP GA 566 46.31 48.80 -49.13
N GLY GA 567 45.17 49.45 -49.41
CA GLY GA 567 43.88 48.87 -49.09
C GLY GA 567 43.60 48.75 -47.61
N ALA GA 568 43.99 49.75 -46.82
CA ALA GA 568 43.73 49.77 -45.40
C ALA GA 568 42.61 50.76 -45.11
N THR GA 569 41.59 50.31 -44.39
CA THR GA 569 40.45 51.15 -44.04
C THR GA 569 40.03 50.86 -42.60
N VAL GA 570 39.40 51.86 -42.00
CA VAL GA 570 38.80 51.73 -40.66
C VAL GA 570 37.31 52.00 -40.77
N ASN GA 571 36.51 51.14 -40.15
CA ASN GA 571 35.05 51.25 -40.19
C ASN GA 571 34.56 51.38 -38.76
N ILE GA 572 34.08 52.57 -38.41
CA ILE GA 572 33.62 52.85 -37.05
C ILE GA 572 32.13 52.58 -36.98
N THR GA 573 31.73 51.70 -36.06
CA THR GA 573 30.33 51.32 -35.93
C THR GA 573 29.61 52.17 -34.88
N SER GA 574 30.11 52.13 -33.64
CA SER GA 574 29.49 52.86 -32.54
C SER GA 574 30.56 53.60 -31.76
N VAL GA 575 30.18 54.77 -31.24
CA VAL GA 575 31.04 55.57 -30.38
C VAL GA 575 30.24 56.02 -29.17
N ASN GA 576 30.73 55.72 -27.99
CA ASN GA 576 30.14 56.17 -26.74
C ASN GA 576 31.23 56.74 -25.85
N LEU GA 577 30.82 57.52 -24.85
CA LEU GA 577 31.76 58.00 -23.84
C LEU GA 577 31.26 57.58 -22.47
N TYR GA 578 32.21 57.22 -21.60
CA TYR GA 578 31.91 56.80 -20.24
C TYR GA 578 32.45 57.83 -19.27
N ALA GA 579 31.58 58.29 -18.36
CA ALA GA 579 31.97 59.22 -17.32
C ALA GA 579 31.70 58.58 -15.97
N SER GA 580 32.69 58.60 -15.09
CA SER GA 580 32.56 58.02 -13.76
C SER GA 580 32.39 59.15 -12.75
N PHE GA 581 31.32 59.08 -11.98
CA PHE GA 581 31.00 60.11 -10.99
C PHE GA 581 31.36 59.60 -9.61
N PHE GA 582 32.16 60.37 -8.88
CA PHE GA 582 32.47 60.02 -7.51
C PHE GA 582 31.24 60.19 -6.64
N PRO GA 583 30.78 59.15 -5.96
CA PRO GA 583 29.58 59.30 -5.13
C PRO GA 583 29.87 59.99 -3.81
N MET GA 584 29.49 61.26 -3.70
CA MET GA 584 29.61 62.00 -2.46
C MET GA 584 28.23 62.40 -1.99
N SER GA 585 28.06 62.54 -0.68
CA SER GA 585 26.77 62.92 -0.13
C SER GA 585 26.31 64.24 -0.73
N HIS GA 586 25.03 64.31 -1.08
CA HIS GA 586 24.52 65.47 -1.78
C HIS GA 586 24.73 66.76 -0.98
N ASN GA 587 24.80 66.68 0.35
CA ASN GA 587 25.10 67.85 1.14
C ASN GA 587 26.45 68.46 0.74
N THR GA 588 27.52 67.68 0.88
CA THR GA 588 28.84 68.20 0.55
C THR GA 588 28.99 68.42 -0.95
N ALA GA 589 28.25 67.68 -1.78
CA ALA GA 589 28.30 67.92 -3.21
C ALA GA 589 27.74 69.30 -3.55
N SER GA 590 26.59 69.65 -2.99
CA SER GA 590 26.02 70.96 -3.22
C SER GA 590 26.88 72.06 -2.60
N THR GA 591 27.48 71.76 -1.45
CA THR GA 591 28.39 72.73 -0.83
C THR GA 591 29.57 73.04 -1.75
N LEU GA 592 30.22 71.98 -2.26
CA LEU GA 592 31.34 72.17 -3.18
C LEU GA 592 30.91 72.86 -4.47
N GLU GA 593 29.73 72.51 -4.98
CA GLU GA 593 29.24 73.14 -6.19
C GLU GA 593 29.03 74.64 -5.99
N ALA GA 594 28.29 75.02 -4.94
CA ALA GA 594 28.04 76.43 -4.69
C ALA GA 594 29.32 77.17 -4.36
N MET GA 595 30.31 76.49 -3.78
CA MET GA 595 31.58 77.12 -3.48
C MET GA 595 32.43 77.32 -4.73
N LEU GA 596 32.30 76.42 -5.71
CA LEU GA 596 33.03 76.54 -6.96
C LEU GA 596 32.34 77.44 -7.97
N ARG GA 597 31.05 77.74 -7.78
CA ARG GA 597 30.38 78.70 -8.65
C ARG GA 597 30.84 80.12 -8.43
N ASN GA 598 31.58 80.37 -7.34
CA ASN GA 598 32.05 81.72 -7.05
C ASN GA 598 33.10 82.16 -8.06
N ASP GA 599 33.17 83.48 -8.28
CA ASP GA 599 34.09 84.02 -9.27
C ASP GA 599 35.54 83.78 -8.86
N THR GA 600 35.85 83.95 -7.57
CA THR GA 600 37.23 83.79 -7.12
C THR GA 600 37.71 82.34 -7.19
N ASN GA 601 36.78 81.38 -7.18
CA ASN GA 601 37.12 79.96 -7.19
C ASN GA 601 37.16 79.39 -8.61
N ASP GA 602 37.46 80.20 -9.61
CA ASP GA 602 37.54 79.72 -10.97
C ASP GA 602 38.74 78.79 -11.14
N GLN GA 603 38.61 77.87 -12.10
CA GLN GA 603 39.64 76.87 -12.37
C GLN GA 603 40.53 77.35 -13.51
N SER GA 604 41.83 77.32 -13.29
CA SER GA 604 42.81 77.75 -14.28
C SER GA 604 43.64 76.55 -14.72
N PHE GA 605 43.81 76.40 -16.04
CA PHE GA 605 44.53 75.28 -16.61
C PHE GA 605 45.61 75.79 -17.54
N ASN GA 606 46.66 74.99 -17.70
CA ASN GA 606 47.80 75.35 -18.53
C ASN GA 606 48.22 74.16 -19.38
N ASP GA 607 48.43 74.41 -20.67
CA ASP GA 607 49.00 73.38 -21.54
C ASP GA 607 50.44 73.12 -21.15
N TYR GA 608 50.82 71.85 -21.10
CA TYR GA 608 52.20 71.52 -20.73
C TYR GA 608 53.17 72.08 -21.76
N LEU GA 609 52.87 71.92 -23.05
CA LEU GA 609 53.58 72.64 -24.10
C LEU GA 609 52.79 73.90 -24.46
N SER GA 610 52.91 74.89 -23.58
CA SER GA 610 52.35 76.21 -23.85
C SER GA 610 53.30 76.93 -24.78
N ALA GA 611 53.06 76.80 -26.09
CA ALA GA 611 53.97 77.35 -27.07
C ALA GA 611 53.21 77.70 -28.34
N ALA GA 612 53.82 78.57 -29.14
CA ALA GA 612 53.28 78.97 -30.44
C ALA GA 612 54.07 78.22 -31.51
N ASN GA 613 53.57 77.04 -31.88
CA ASN GA 613 54.27 76.19 -32.82
C ASN GA 613 54.25 76.80 -34.21
N MET GA 614 55.42 76.88 -34.84
CA MET GA 614 55.56 77.41 -36.19
C MET GA 614 56.40 76.45 -37.02
N LEU GA 615 55.97 76.22 -38.25
CA LEU GA 615 56.66 75.32 -39.17
C LEU GA 615 57.21 76.13 -40.34
N TYR GA 616 58.49 75.97 -40.62
CA TYR GA 616 59.16 76.71 -41.68
C TYR GA 616 59.76 75.74 -42.69
N PRO GA 617 59.42 75.84 -43.97
CA PRO GA 617 59.98 74.90 -44.95
C PRO GA 617 61.43 75.22 -45.25
N ILE GA 618 62.25 74.17 -45.30
CA ILE GA 618 63.67 74.29 -45.57
C ILE GA 618 63.95 73.60 -46.90
N PRO GA 619 64.28 74.34 -47.96
CA PRO GA 619 64.89 73.71 -49.13
C PRO GA 619 66.23 73.11 -48.74
N PRO GA 620 66.66 72.05 -49.41
CA PRO GA 620 67.79 71.26 -48.89
C PRO GA 620 69.13 72.00 -48.90
N ASN GA 621 69.21 73.14 -48.23
CA ASN GA 621 70.47 73.86 -48.10
C ASN GA 621 70.34 75.00 -47.10
N ALA GA 622 71.37 75.15 -46.26
CA ALA GA 622 71.79 76.42 -45.65
C ALA GA 622 70.76 76.95 -44.65
N THR GA 623 70.39 78.24 -44.72
CA THR GA 623 69.89 79.02 -43.61
C THR GA 623 68.37 79.22 -43.66
N GLN GA 624 67.86 80.10 -42.80
CA GLN GA 624 66.43 80.34 -42.65
C GLN GA 624 66.19 81.85 -42.55
N LEU GA 625 64.98 82.22 -42.14
CA LEU GA 625 64.50 83.59 -42.20
C LEU GA 625 63.71 83.95 -40.96
N PRO GA 626 63.63 85.26 -40.60
CA PRO GA 626 63.03 85.67 -39.33
C PRO GA 626 61.53 85.95 -39.33
N ILE GA 627 61.02 86.43 -38.20
CA ILE GA 627 59.60 86.75 -37.99
C ILE GA 627 59.42 88.24 -37.81
N PRO GA 628 58.19 88.78 -37.91
CA PRO GA 628 57.97 90.21 -37.66
C PRO GA 628 57.88 90.56 -36.18
N SER GA 629 57.55 91.82 -35.89
CA SER GA 629 57.54 92.31 -34.52
C SER GA 629 56.32 91.83 -33.75
N ARG GA 630 56.48 91.70 -32.43
CA ARG GA 630 55.41 91.27 -31.54
C ARG GA 630 55.64 91.92 -30.17
N ASN GA 631 54.95 91.41 -29.15
CA ASN GA 631 54.98 92.04 -27.83
C ASN GA 631 56.17 91.56 -27.00
N TRP GA 632 56.43 90.26 -27.00
CA TRP GA 632 57.56 89.66 -26.27
C TRP GA 632 57.45 89.89 -24.77
N ALA GA 633 56.24 89.98 -24.25
CA ALA GA 633 56.03 90.10 -22.81
C ALA GA 633 55.77 88.73 -22.22
N ALA GA 634 56.40 88.47 -21.07
CA ALA GA 634 56.31 87.17 -20.38
C ALA GA 634 56.81 86.03 -21.27
N PHE GA 635 57.72 86.34 -22.19
CA PHE GA 635 58.31 85.31 -23.04
C PHE GA 635 59.14 84.34 -22.21
N ARG GA 636 59.14 83.08 -22.63
CA ARG GA 636 59.77 82.01 -21.85
C ARG GA 636 61.02 81.44 -22.50
N GLY GA 637 61.06 81.32 -23.81
CA GLY GA 637 62.23 80.79 -24.49
C GLY GA 637 61.84 80.11 -25.78
N TRP GA 638 62.85 79.55 -26.44
CA TRP GA 638 62.70 78.86 -27.71
C TRP GA 638 62.90 77.37 -27.54
N SER GA 639 62.50 76.62 -28.57
CA SER GA 639 62.81 75.20 -28.65
C SER GA 639 62.78 74.82 -30.13
N LEU GA 640 63.95 74.74 -30.74
CA LEU GA 640 64.09 74.52 -32.17
C LEU GA 640 64.38 73.05 -32.46
N THR GA 641 63.79 72.54 -33.54
CA THR GA 641 63.98 71.16 -33.95
C THR GA 641 63.68 71.04 -35.43
N ARG GA 642 64.29 70.06 -36.08
CA ARG GA 642 64.14 69.83 -37.51
C ARG GA 642 63.29 68.59 -37.76
N LEU GA 643 62.34 68.71 -38.69
CA LEU GA 643 61.48 67.60 -39.10
C LEU GA 643 61.62 67.39 -40.60
N LYS GA 644 60.78 66.51 -41.13
CA LYS GA 644 60.73 66.23 -42.56
C LYS GA 644 59.35 66.53 -43.10
N GLN GA 645 59.30 67.20 -44.26
CA GLN GA 645 58.01 67.52 -44.87
C GLN GA 645 57.23 66.27 -45.21
N ARG GA 646 57.91 65.18 -45.58
CA ARG GA 646 57.22 63.93 -45.87
C ARG GA 646 56.51 63.39 -44.64
N GLU GA 647 57.13 63.49 -43.47
CA GLU GA 647 56.57 62.97 -42.23
C GLU GA 647 55.77 63.99 -41.45
N THR GA 648 55.68 65.23 -41.92
CA THR GA 648 54.89 66.25 -41.25
C THR GA 648 53.64 66.55 -42.05
N PRO GA 649 52.45 66.16 -41.59
CA PRO GA 649 51.24 66.35 -42.38
C PRO GA 649 50.67 67.75 -42.23
N ALA GA 650 49.76 68.09 -43.15
CA ALA GA 650 49.02 69.34 -43.09
C ALA GA 650 47.75 69.10 -42.27
N LEU GA 651 47.87 69.29 -40.96
CA LEU GA 651 46.76 69.01 -40.04
C LEU GA 651 45.71 70.11 -40.02
N GLY GA 652 45.93 71.22 -40.73
CA GLY GA 652 44.96 72.28 -40.78
C GLY GA 652 43.78 72.04 -41.69
N SER GA 653 43.69 70.86 -42.30
CA SER GA 653 42.61 70.48 -43.18
C SER GA 653 41.99 69.17 -42.70
N PRO GA 654 40.71 68.94 -43.01
CA PRO GA 654 40.09 67.67 -42.59
C PRO GA 654 40.79 66.44 -43.13
N PHE GA 655 41.37 66.53 -44.31
CA PHE GA 655 42.05 65.40 -44.94
C PHE GA 655 43.23 65.92 -45.74
N ASP GA 656 44.32 65.15 -45.74
CA ASP GA 656 45.55 65.51 -46.45
C ASP GA 656 45.83 64.45 -47.49
N PRO GA 657 45.37 64.63 -48.73
CA PRO GA 657 45.65 63.63 -49.78
C PRO GA 657 47.13 63.51 -50.11
N TYR GA 658 47.92 64.52 -49.78
CA TYR GA 658 49.34 64.55 -50.12
C TYR GA 658 50.23 64.10 -48.97
N PHE GA 659 49.66 63.50 -47.93
CA PHE GA 659 50.46 62.99 -46.83
C PHE GA 659 51.26 61.77 -47.28
N THR GA 660 50.56 60.69 -47.65
CA THR GA 660 51.17 59.50 -48.22
C THR GA 660 52.33 58.98 -47.36
N TYR GA 661 52.07 58.85 -46.06
CA TYR GA 661 53.09 58.36 -45.14
C TYR GA 661 52.42 57.80 -43.89
N SER GA 662 52.93 56.69 -43.41
CA SER GA 662 52.46 56.07 -42.18
C SER GA 662 53.66 55.71 -41.32
N GLY GA 663 53.66 56.17 -40.08
CA GLY GA 663 54.78 55.94 -39.19
C GLY GA 663 54.82 57.04 -38.14
N THR GA 664 55.91 57.03 -37.37
CA THR GA 664 56.11 58.02 -36.32
C THR GA 664 56.26 59.39 -36.96
N ILE GA 665 55.25 60.24 -36.76
CA ILE GA 665 55.28 61.60 -37.30
C ILE GA 665 55.77 62.53 -36.20
N PRO GA 666 56.95 63.13 -36.35
CA PRO GA 666 57.55 63.90 -35.24
C PRO GA 666 56.73 65.08 -34.77
N TYR GA 667 56.03 65.77 -35.68
CA TYR GA 667 55.40 67.03 -35.32
C TYR GA 667 54.39 66.88 -34.19
N LEU GA 668 53.77 65.70 -34.08
CA LEU GA 668 52.80 65.48 -33.03
C LEU GA 668 52.96 64.12 -32.36
N ASP GA 669 54.12 63.46 -32.52
CA ASP GA 669 54.40 62.22 -31.83
C ASP GA 669 55.55 62.32 -30.83
N GLY GA 670 56.24 63.46 -30.77
CA GLY GA 670 57.37 63.61 -29.87
C GLY GA 670 58.52 62.71 -30.23
N THR GA 671 58.85 62.65 -31.52
CA THR GA 671 59.88 61.75 -32.04
C THR GA 671 60.85 62.56 -32.90
N PHE GA 672 61.83 63.20 -32.27
CA PHE GA 672 62.68 64.19 -32.93
C PHE GA 672 64.09 63.62 -33.09
N TYR GA 673 64.31 62.91 -34.18
CA TYR GA 673 65.59 62.27 -34.45
C TYR GA 673 66.55 63.15 -35.26
N LEU GA 674 66.11 64.30 -35.74
CA LEU GA 674 66.93 65.16 -36.58
C LEU GA 674 67.51 66.35 -35.83
N SER GA 675 67.47 66.33 -34.50
CA SER GA 675 67.98 67.46 -33.72
C SER GA 675 69.49 67.62 -33.85
N HIS GA 676 70.20 66.57 -34.27
CA HIS GA 676 71.65 66.64 -34.35
C HIS GA 676 72.15 67.34 -35.61
N THR GA 677 71.27 67.71 -36.52
CA THR GA 677 71.67 68.31 -37.79
C THR GA 677 71.88 69.81 -37.71
N PHE GA 678 71.60 70.44 -36.57
CA PHE GA 678 71.74 71.88 -36.43
C PHE GA 678 73.20 72.24 -36.18
N ARG GA 679 73.72 73.16 -36.98
CA ARG GA 679 75.11 73.58 -36.82
C ARG GA 679 75.25 74.75 -35.85
N LYS GA 680 74.52 75.84 -36.09
CA LYS GA 680 74.53 76.96 -35.16
C LYS GA 680 73.30 77.82 -35.40
N VAL GA 681 72.95 78.60 -34.38
CA VAL GA 681 71.78 79.46 -34.39
C VAL GA 681 72.16 80.83 -33.85
N ALA GA 682 71.69 81.88 -34.52
CA ALA GA 682 71.92 83.26 -34.12
C ALA GA 682 70.58 83.95 -33.93
N ILE GA 683 70.43 84.63 -32.80
CA ILE GA 683 69.19 85.32 -32.45
C ILE GA 683 69.48 86.80 -32.33
N GLN GA 684 68.68 87.61 -33.03
CA GLN GA 684 68.86 89.06 -33.05
C GLN GA 684 67.53 89.76 -32.80
N PHE GA 685 67.56 90.83 -32.01
CA PHE GA 685 66.40 91.62 -31.69
C PHE GA 685 66.52 92.99 -32.33
N ASP GA 686 65.47 93.41 -33.03
CA ASP GA 686 65.42 94.73 -33.68
C ASP GA 686 66.54 94.92 -34.70
N SER GA 687 67.03 93.80 -35.25
CA SER GA 687 68.06 93.81 -36.28
C SER GA 687 69.39 94.40 -35.79
N SER GA 688 69.48 94.73 -34.50
CA SER GA 688 70.70 95.29 -33.95
C SER GA 688 71.13 94.67 -32.61
N VAL GA 689 70.23 94.02 -31.88
CA VAL GA 689 70.52 93.52 -30.54
C VAL GA 689 70.67 92.01 -30.61
N THR GA 690 71.87 91.51 -30.37
CA THR GA 690 72.08 90.08 -30.21
C THR GA 690 71.68 89.68 -28.80
N TRP GA 691 70.65 88.85 -28.67
CA TRP GA 691 70.06 88.63 -27.36
C TRP GA 691 71.03 88.09 -26.31
N PRO GA 692 71.82 87.03 -26.58
CA PRO GA 692 72.78 86.59 -25.55
C PRO GA 692 73.74 87.72 -25.20
N GLY GA 693 74.50 88.18 -26.19
CA GLY GA 693 75.34 89.35 -26.06
C GLY GA 693 76.21 89.37 -24.82
N ASN GA 694 76.60 90.58 -24.39
CA ASN GA 694 77.31 90.78 -23.13
C ASN GA 694 78.54 89.90 -22.99
N ASP GA 695 79.06 89.39 -24.11
CA ASP GA 695 80.17 88.45 -24.12
C ASP GA 695 79.87 87.23 -23.25
N ARG GA 696 78.61 86.80 -23.23
CA ARG GA 696 78.19 85.75 -22.32
C ARG GA 696 78.89 84.43 -22.61
N LEU GA 697 78.95 84.04 -23.88
CA LEU GA 697 79.44 82.73 -24.28
C LEU GA 697 80.83 82.85 -24.90
N LEU GA 698 81.38 81.70 -25.29
CA LEU GA 698 82.67 81.69 -25.98
C LEU GA 698 82.58 82.42 -27.31
N THR GA 699 81.49 82.22 -28.04
CA THR GA 699 81.20 82.96 -29.26
C THR GA 699 79.94 83.78 -29.01
N PRO GA 700 80.07 85.06 -28.63
CA PRO GA 700 78.87 85.81 -28.20
C PRO GA 700 77.83 86.00 -29.29
N ASN GA 701 78.23 86.07 -30.55
CA ASN GA 701 77.30 86.49 -31.60
C ASN GA 701 76.28 85.42 -31.92
N GLU GA 702 76.66 84.14 -31.81
CA GLU GA 702 75.77 83.04 -32.17
C GLU GA 702 75.77 81.97 -31.09
N PHE GA 703 74.65 81.25 -31.01
CA PHE GA 703 74.55 80.05 -30.16
C PHE GA 703 75.10 78.86 -30.94
N GLU GA 704 76.41 78.89 -31.15
CA GLU GA 704 77.06 77.87 -31.96
C GLU GA 704 76.92 76.51 -31.29
N ILE GA 705 76.57 75.50 -32.08
CA ILE GA 705 76.22 74.17 -31.57
C ILE GA 705 77.28 73.13 -31.95
N LYS GA 706 77.50 72.93 -33.24
CA LYS GA 706 78.46 71.94 -33.73
C LYS GA 706 79.59 72.64 -34.45
N ILE GA 707 80.81 72.21 -34.19
CA ILE GA 707 82.00 72.75 -34.86
C ILE GA 707 82.67 71.61 -35.59
N SER GA 708 82.89 71.80 -36.88
CA SER GA 708 83.58 70.81 -37.71
C SER GA 708 85.04 71.17 -37.96
N VAL GA 709 85.56 72.18 -37.27
CA VAL GA 709 86.92 72.64 -37.51
C VAL GA 709 87.76 72.51 -36.23
N ASP GA 710 87.35 73.24 -35.19
CA ASP GA 710 88.01 73.19 -33.88
C ASP GA 710 89.49 73.54 -33.97
N GLY GA 711 89.76 74.77 -34.40
CA GLY GA 711 91.12 75.28 -34.32
C GLY GA 711 91.62 75.32 -32.89
N GLU GA 712 90.80 75.87 -32.00
CA GLU GA 712 91.01 75.73 -30.56
C GLU GA 712 90.23 74.52 -30.08
N GLY GA 713 90.10 74.34 -28.77
CA GLY GA 713 89.37 73.19 -28.28
C GLY GA 713 87.88 73.29 -28.55
N TYR GA 714 87.20 74.15 -27.79
CA TYR GA 714 85.77 74.43 -27.94
C TYR GA 714 84.96 73.17 -28.26
N ASN GA 715 85.23 72.10 -27.50
CA ASN GA 715 84.49 70.86 -27.61
C ASN GA 715 84.10 70.36 -26.24
N VAL GA 716 83.04 69.56 -26.20
CA VAL GA 716 82.51 69.04 -24.95
C VAL GA 716 82.53 67.52 -25.00
N ALA GA 717 82.86 66.91 -23.86
CA ALA GA 717 82.99 65.45 -23.73
C ALA GA 717 83.96 64.99 -24.81
N GLN GA 718 83.64 63.97 -25.59
CA GLN GA 718 84.44 63.56 -26.73
C GLN GA 718 83.59 63.56 -27.99
N SER GA 719 82.77 64.60 -28.15
CA SER GA 719 81.82 64.64 -29.25
C SER GA 719 81.92 65.93 -30.05
N ASN GA 720 81.00 66.11 -31.01
CA ASN GA 720 81.04 67.27 -31.89
C ASN GA 720 80.52 68.54 -31.20
N MET GA 721 79.67 68.39 -30.20
CA MET GA 721 79.03 69.55 -29.58
C MET GA 721 80.06 70.41 -28.88
N THR GA 722 79.75 71.70 -28.76
CA THR GA 722 80.68 72.67 -28.18
C THR GA 722 80.35 72.95 -26.71
N LYS GA 723 81.32 73.57 -26.04
CA LYS GA 723 81.21 73.80 -24.60
C LYS GA 723 80.05 74.73 -24.26
N ASP GA 724 79.90 75.82 -25.01
CA ASP GA 724 78.85 76.79 -24.70
C ASP GA 724 77.47 76.18 -24.90
N TRP GA 725 77.28 75.43 -25.98
CA TRP GA 725 75.98 74.80 -26.21
C TRP GA 725 75.69 73.73 -25.16
N PHE GA 726 76.70 72.96 -24.77
CA PHE GA 726 76.50 72.00 -23.70
C PHE GA 726 76.11 72.70 -22.41
N LEU GA 727 76.77 73.81 -22.08
CA LEU GA 727 76.43 74.55 -20.87
C LEU GA 727 75.00 75.05 -20.92
N VAL GA 728 74.59 75.60 -22.07
CA VAL GA 728 73.23 76.12 -22.20
C VAL GA 728 72.21 74.99 -22.04
N GLN GA 729 72.46 73.85 -22.69
CA GLN GA 729 71.51 72.74 -22.60
C GLN GA 729 71.43 72.18 -21.20
N MET GA 730 72.59 72.00 -20.53
CA MET GA 730 72.57 71.50 -19.16
C MET GA 730 71.84 72.46 -18.23
N LEU GA 731 72.09 73.77 -18.36
CA LEU GA 731 71.38 74.72 -17.53
C LEU GA 731 69.88 74.66 -17.78
N ALA GA 732 69.47 74.72 -19.05
CA ALA GA 732 68.05 74.72 -19.36
C ALA GA 732 67.35 73.46 -18.87
N ASN GA 733 68.02 72.31 -18.96
CA ASN GA 733 67.35 71.06 -18.62
C ASN GA 733 67.39 70.76 -17.12
N TYR GA 734 68.54 70.91 -16.47
CA TYR GA 734 68.67 70.46 -15.10
C TYR GA 734 69.28 71.48 -14.13
N ASN GA 735 69.40 72.75 -14.53
CA ASN GA 735 70.03 73.79 -13.71
C ASN GA 735 71.46 73.42 -13.30
N ILE GA 736 72.17 72.70 -14.16
CA ILE GA 736 73.53 72.27 -13.89
C ILE GA 736 74.48 72.94 -14.86
N GLY GA 737 75.63 73.41 -14.36
CA GLY GA 737 76.63 74.01 -15.20
C GLY GA 737 77.38 75.15 -14.54
N TYR GA 738 76.80 75.73 -13.50
CA TYR GA 738 77.48 76.75 -12.71
C TYR GA 738 78.10 76.21 -11.43
N GLN GA 739 77.81 74.95 -11.08
CA GLN GA 739 78.34 74.34 -9.88
C GLN GA 739 79.07 73.03 -10.17
N GLY GA 740 79.57 72.85 -11.39
CA GLY GA 740 80.28 71.63 -11.74
C GLY GA 740 79.41 70.64 -12.48
N TYR GA 741 79.81 70.29 -13.71
CA TYR GA 741 79.07 69.33 -14.51
C TYR GA 741 79.03 67.98 -13.82
N HIS GA 742 77.85 67.53 -13.42
CA HIS GA 742 77.68 66.22 -12.80
C HIS GA 742 76.47 65.55 -13.44
N LEU GA 743 76.23 64.30 -13.07
CA LEU GA 743 75.13 63.57 -13.67
C LEU GA 743 73.83 63.93 -12.97
N PRO GA 744 72.84 64.46 -13.68
CA PRO GA 744 71.59 64.85 -13.05
C PRO GA 744 70.82 63.64 -12.54
N PRO GA 745 69.93 63.83 -11.58
CA PRO GA 745 69.23 62.69 -10.98
C PRO GA 745 68.30 61.99 -11.95
N ASP GA 746 67.99 60.74 -11.61
CA ASP GA 746 67.17 59.90 -12.47
C ASP GA 746 65.76 60.48 -12.64
N TYR GA 747 65.18 61.02 -11.57
CA TYR GA 747 63.84 61.58 -11.68
C TYR GA 747 63.81 62.83 -12.53
N LYS GA 748 64.94 63.51 -12.72
CA LYS GA 748 65.02 64.65 -13.61
C LYS GA 748 65.45 64.27 -15.02
N ASP GA 749 66.05 63.09 -15.20
CA ASP GA 749 66.36 62.57 -16.53
C ASP GA 749 65.18 61.73 -17.01
N ARG GA 750 64.45 62.25 -17.99
CA ARG GA 750 63.27 61.57 -18.49
C ARG GA 750 63.32 61.37 -20.00
N THR GA 751 62.20 60.98 -20.60
CA THR GA 751 62.21 60.59 -22.01
C THR GA 751 62.63 61.74 -22.91
N PHE GA 752 62.12 62.94 -22.65
CA PHE GA 752 62.42 64.11 -23.48
C PHE GA 752 63.57 64.94 -22.92
N SER GA 753 64.35 64.38 -22.00
CA SER GA 753 65.49 65.09 -21.42
C SER GA 753 66.60 65.19 -22.45
N PHE GA 754 67.71 65.82 -22.06
CA PHE GA 754 68.86 66.00 -22.93
C PHE GA 754 69.91 64.91 -22.76
N LEU GA 755 70.35 64.66 -21.53
CA LEU GA 755 71.37 63.65 -21.29
C LEU GA 755 70.82 62.24 -21.41
N HIS GA 756 69.50 62.06 -21.42
CA HIS GA 756 68.91 60.76 -21.63
C HIS GA 756 69.02 60.29 -23.08
N ASN GA 757 69.33 61.20 -24.01
CA ASN GA 757 69.39 60.87 -25.42
C ASN GA 757 70.67 61.31 -26.11
N PHE GA 758 71.58 61.97 -25.39
CA PHE GA 758 72.83 62.45 -25.97
C PHE GA 758 73.83 61.30 -26.04
N ILE GA 759 74.17 60.88 -27.24
CA ILE GA 759 75.05 59.74 -27.47
C ILE GA 759 76.29 60.21 -28.22
N PRO GA 760 77.41 60.40 -27.53
CA PRO GA 760 78.65 60.74 -28.23
C PRO GA 760 79.20 59.54 -28.99
N MET GA 761 79.99 59.83 -30.02
CA MET GA 761 80.54 58.80 -30.88
C MET GA 761 81.94 59.22 -31.33
N CYS GA 762 82.74 58.23 -31.72
CA CYS GA 762 84.06 58.50 -32.29
C CYS GA 762 84.54 57.26 -33.03
N ARG GA 763 84.68 57.36 -34.35
CA ARG GA 763 85.27 56.31 -35.16
C ARG GA 763 86.58 56.80 -35.73
N GLN GA 764 87.28 55.89 -36.41
CA GLN GA 764 88.57 56.18 -37.01
C GLN GA 764 88.59 55.63 -38.43
N VAL GA 765 89.12 56.40 -39.36
CA VAL GA 765 89.16 55.99 -40.76
C VAL GA 765 90.60 56.09 -41.26
N PRO GA 766 91.02 55.27 -42.22
CA PRO GA 766 92.37 55.41 -42.76
C PRO GA 766 92.55 56.77 -43.42
N ASN GA 767 93.75 57.31 -43.29
CA ASN GA 767 94.04 58.64 -43.78
C ASN GA 767 94.07 58.63 -45.31
N PRO GA 768 93.19 59.37 -45.99
CA PRO GA 768 93.20 59.36 -47.46
C PRO GA 768 94.47 59.93 -48.06
N ALA GA 769 95.21 60.75 -47.32
CA ALA GA 769 96.44 61.34 -47.83
C ALA GA 769 97.64 60.42 -47.71
N THR GA 770 97.47 59.24 -47.12
CA THR GA 770 98.56 58.28 -47.00
C THR GA 770 99.01 57.81 -48.38
N GLU GA 771 100.32 57.71 -48.55
CA GLU GA 771 100.86 57.14 -49.78
C GLU GA 771 100.52 55.66 -49.86
N GLY GA 772 100.09 55.20 -51.02
CA GLY GA 772 99.68 53.83 -51.20
C GLY GA 772 98.27 53.52 -50.77
N TYR GA 773 97.53 54.49 -50.25
CA TYR GA 773 96.14 54.28 -49.89
C TYR GA 773 95.26 54.41 -51.13
N PHE GA 774 94.39 53.43 -51.34
CA PHE GA 774 93.48 53.43 -52.47
C PHE GA 774 92.05 53.44 -51.97
N GLY GA 775 91.27 54.43 -52.41
CA GLY GA 775 89.88 54.53 -52.04
C GLY GA 775 89.02 53.58 -52.84
N LEU GA 776 89.10 52.29 -52.52
CA LEU GA 776 88.39 51.27 -53.28
C LEU GA 776 86.89 51.53 -53.27
N GLY GA 777 86.26 51.32 -54.43
CA GLY GA 777 84.84 51.54 -54.57
C GLY GA 777 84.04 50.52 -53.80
N ILE GA 778 82.72 50.71 -53.84
CA ILE GA 778 81.82 49.83 -53.10
C ILE GA 778 81.79 48.43 -53.71
N VAL GA 779 82.09 48.31 -55.01
CA VAL GA 779 82.02 47.02 -55.68
C VAL GA 779 83.31 46.22 -55.56
N ASN GA 780 84.44 46.87 -55.27
CA ASN GA 780 85.74 46.22 -55.20
C ASN GA 780 86.10 45.72 -53.81
N HIS GA 781 85.19 45.86 -52.85
CA HIS GA 781 85.46 45.46 -51.47
C HIS GA 781 85.43 43.94 -51.37
N ARG GA 782 86.53 43.34 -50.93
CA ARG GA 782 86.63 41.90 -50.73
C ARG GA 782 86.84 41.57 -49.26
N THR GA 783 85.80 41.05 -48.63
CA THR GA 783 85.92 40.36 -47.36
C THR GA 783 85.11 39.08 -47.43
N THR GA 784 85.61 38.03 -46.77
CA THR GA 784 85.03 36.70 -46.80
C THR GA 784 84.58 36.30 -48.20
N PRO GA 785 85.45 36.36 -49.21
CA PRO GA 785 85.00 36.01 -50.56
C PRO GA 785 84.81 34.51 -50.69
N ALA GA 786 83.78 34.13 -51.44
CA ALA GA 786 83.29 32.77 -51.68
C ALA GA 786 82.49 32.23 -50.50
N TYR GA 787 82.21 33.04 -49.48
CA TYR GA 787 81.40 32.59 -48.36
C TYR GA 787 80.10 33.36 -48.24
N TRP GA 788 79.99 34.49 -48.94
CA TRP GA 788 78.74 35.18 -49.22
C TRP GA 788 78.99 36.07 -50.43
N PHE GA 789 77.97 36.25 -51.24
CA PHE GA 789 78.10 36.92 -52.53
C PHE GA 789 77.69 38.39 -52.41
N ARG GA 790 78.33 39.22 -53.24
CA ARG GA 790 77.92 40.61 -53.39
C ARG GA 790 76.45 40.69 -53.77
N PHE GA 791 75.89 41.89 -53.66
CA PHE GA 791 74.43 42.09 -53.71
C PHE GA 791 73.78 41.26 -52.61
N CYS GA 792 74.08 41.68 -51.37
CA CYS GA 792 73.86 40.88 -50.16
C CYS GA 792 72.46 40.30 -50.08
N ARG GA 793 72.31 39.25 -49.27
CA ARG GA 793 71.24 38.26 -49.26
C ARG GA 793 71.44 37.25 -50.38
N ALA GA 794 72.41 37.46 -51.28
CA ALA GA 794 72.75 36.45 -52.25
C ALA GA 794 73.42 35.26 -51.55
N PRO GA 795 73.22 34.03 -52.04
CA PRO GA 795 73.70 32.86 -51.29
C PRO GA 795 75.20 32.85 -51.06
N ARG GA 796 75.98 32.72 -52.13
CA ARG GA 796 77.44 32.83 -52.09
C ARG GA 796 78.03 32.66 -53.48
N GLU GA 797 79.13 33.36 -53.75
CA GLU GA 797 79.88 33.22 -54.99
C GLU GA 797 81.31 33.62 -54.73
N GLY GA 798 82.21 33.18 -55.60
CA GLY GA 798 83.57 33.67 -55.57
C GLY GA 798 84.62 32.65 -55.19
N HIS GA 799 85.80 33.13 -54.81
CA HIS GA 799 86.94 32.28 -54.58
C HIS GA 799 87.47 32.57 -53.18
N PRO GA 800 87.82 31.54 -52.39
CA PRO GA 800 88.48 31.80 -51.10
C PRO GA 800 89.83 32.47 -51.32
N TYR GA 801 89.93 33.74 -50.96
CA TYR GA 801 91.07 34.57 -51.31
C TYR GA 801 91.38 35.52 -50.16
N PRO GA 802 92.61 36.00 -50.06
CA PRO GA 802 92.92 37.06 -49.10
C PRO GA 802 92.07 38.30 -49.36
N GLN GA 803 92.07 39.19 -48.37
CA GLN GA 803 91.17 40.33 -48.36
C GLN GA 803 91.94 41.64 -48.45
N LEU GA 804 91.24 42.66 -48.93
CA LEU GA 804 91.83 44.01 -49.00
C LEU GA 804 90.92 45.12 -48.52
N ALA GA 805 89.61 44.87 -48.35
CA ALA GA 805 88.74 45.87 -47.78
C ALA GA 805 89.00 46.01 -46.28
N LEU GA 806 88.63 47.17 -45.73
CA LEU GA 806 88.89 47.51 -44.33
C LEU GA 806 90.38 47.44 -44.05
N PRO GA 807 91.15 48.44 -44.47
CA PRO GA 807 92.58 48.47 -44.13
C PRO GA 807 92.77 48.42 -42.63
N PRO GA 808 93.80 47.71 -42.16
CA PRO GA 808 93.95 47.52 -40.72
C PRO GA 808 94.25 48.82 -40.00
N HIS GA 809 93.78 48.91 -38.76
CA HIS GA 809 93.98 50.08 -37.94
C HIS GA 809 94.91 49.84 -36.76
N TRP GA 810 94.88 48.64 -36.19
CA TRP GA 810 95.80 48.24 -35.13
C TRP GA 810 96.72 47.17 -35.71
N ASP GA 811 97.98 47.52 -35.89
CA ASP GA 811 98.98 46.62 -36.48
C ASP GA 811 100.34 47.31 -36.50
N PRO GA 812 101.43 46.57 -36.69
CA PRO GA 812 102.66 47.24 -37.17
C PRO GA 812 102.46 47.96 -38.49
N ARG GA 813 101.50 47.52 -39.30
CA ARG GA 813 101.12 48.20 -40.54
C ARG GA 813 99.71 48.75 -40.33
N HIS GA 814 99.62 50.05 -40.06
CA HIS GA 814 98.37 50.68 -39.62
C HIS GA 814 97.76 51.61 -40.65
N ALA GA 815 98.47 51.95 -41.73
CA ALA GA 815 97.98 52.86 -42.77
C ALA GA 815 97.61 54.22 -42.20
N LEU GA 816 98.44 54.74 -41.29
CA LEU GA 816 98.30 56.08 -40.74
C LEU GA 816 96.95 56.28 -40.06
N ARG GA 817 96.54 57.53 -39.86
CA ARG GA 817 95.42 57.77 -38.97
C ARG GA 817 94.65 59.02 -39.38
N ASP GA 818 93.33 58.99 -39.14
CA ASP GA 818 92.46 60.15 -39.26
C ASP GA 818 91.20 59.95 -38.42
N PRO GA 819 91.12 60.54 -37.23
CA PRO GA 819 89.97 60.31 -36.36
C PRO GA 819 88.74 61.11 -36.78
N GLU GA 820 87.59 60.72 -36.25
CA GLU GA 820 86.32 61.38 -36.53
C GLU GA 820 85.44 61.32 -35.30
N ARG GA 821 84.66 62.37 -35.08
CA ARG GA 821 83.77 62.44 -33.93
C ARG GA 821 82.39 62.94 -34.37
N LYS GA 822 81.38 62.52 -33.62
CA LYS GA 822 80.01 62.97 -33.86
C LYS GA 822 79.20 62.74 -32.59
N PHE GA 823 78.00 63.31 -32.55
CA PHE GA 823 77.06 63.07 -31.47
C PHE GA 823 75.68 62.90 -32.06
N LEU GA 824 74.80 62.27 -31.30
CA LEU GA 824 73.50 61.87 -31.82
C LEU GA 824 72.44 62.01 -30.73
N CYS GA 825 71.60 63.03 -30.86
CA CYS GA 825 70.42 63.17 -30.03
C CYS GA 825 69.20 62.69 -30.82
N ASP GA 826 68.25 62.07 -30.12
CA ASP GA 826 67.15 61.40 -30.80
C ASP GA 826 65.76 61.78 -30.31
N ARG GA 827 65.64 62.48 -29.19
CA ARG GA 827 64.32 62.91 -28.74
C ARG GA 827 64.33 64.31 -28.11
N THR GA 828 65.42 65.04 -28.27
CA THR GA 828 65.63 66.29 -27.53
C THR GA 828 65.23 67.49 -28.37
N LEU GA 829 64.45 68.38 -27.78
CA LEU GA 829 64.21 69.70 -28.33
C LEU GA 829 65.33 70.63 -27.88
N TRP GA 830 65.99 71.28 -28.82
CA TRP GA 830 67.06 72.22 -28.48
C TRP GA 830 66.45 73.42 -27.81
N ARG GA 831 66.56 73.49 -26.48
CA ARG GA 831 65.92 74.51 -25.69
C ARG GA 831 66.88 75.66 -25.42
N ILE GA 832 66.42 76.88 -25.68
CA ILE GA 832 67.19 78.09 -25.39
C ILE GA 832 66.34 78.97 -24.47
N PRO GA 833 66.46 78.81 -23.14
CA PRO GA 833 65.57 79.54 -22.24
C PRO GA 833 65.83 81.04 -22.27
N PHE GA 834 64.76 81.80 -22.09
CA PHE GA 834 64.82 83.26 -22.13
C PHE GA 834 65.16 83.81 -20.75
N SER GA 835 66.34 83.42 -20.25
CA SER GA 835 66.82 83.83 -18.94
C SER GA 835 68.21 84.43 -19.07
N SER GA 836 68.52 85.34 -18.15
CA SER GA 836 69.82 86.00 -18.19
C SER GA 836 70.96 85.01 -17.97
N ASN GA 837 70.79 84.10 -17.02
CA ASN GA 837 71.80 83.09 -16.72
C ASN GA 837 71.42 81.71 -17.26
N PHE GA 838 70.43 81.63 -18.13
CA PHE GA 838 69.95 80.40 -18.75
C PHE GA 838 69.43 79.39 -17.72
N MET GA 839 69.17 79.83 -16.49
CA MET GA 839 68.67 78.96 -15.45
C MET GA 839 67.19 78.65 -15.70
N SER GA 840 66.57 77.93 -14.77
CA SER GA 840 65.14 77.64 -14.81
C SER GA 840 64.46 78.18 -13.56
N MET GA 841 64.83 79.40 -13.17
CA MET GA 841 64.21 80.04 -12.01
C MET GA 841 62.78 80.43 -12.35
N GLY GA 842 61.82 79.93 -11.57
CA GLY GA 842 60.43 80.25 -11.76
C GLY GA 842 59.86 79.79 -13.10
N SER GA 843 58.57 80.03 -13.31
CA SER GA 843 57.93 79.71 -14.59
C SER GA 843 58.00 80.89 -15.55
N LEU GA 844 57.74 82.10 -15.06
CA LEU GA 844 57.88 83.31 -15.85
C LEU GA 844 59.30 83.82 -15.65
N THR GA 845 60.12 83.73 -16.68
CA THR GA 845 61.55 83.96 -16.56
C THR GA 845 61.85 85.41 -16.18
N ASP GA 846 63.12 85.67 -15.86
CA ASP GA 846 63.55 87.02 -15.50
C ASP GA 846 63.24 88.01 -16.61
N LEU GA 847 63.66 87.69 -17.83
CA LEU GA 847 63.25 88.49 -18.97
C LEU GA 847 61.79 88.19 -19.30
N GLY GA 848 61.00 89.24 -19.49
CA GLY GA 848 59.56 89.12 -19.53
C GLY GA 848 58.97 90.02 -18.48
N GLN GA 849 59.61 90.08 -17.32
CA GLN GA 849 59.38 91.15 -16.37
C GLN GA 849 60.28 92.35 -16.64
N ASN GA 850 61.31 92.18 -17.45
CA ASN GA 850 62.22 93.27 -17.74
C ASN GA 850 61.49 94.40 -18.43
N LEU GA 851 61.88 95.64 -18.10
CA LEU GA 851 61.19 96.80 -18.64
C LEU GA 851 61.35 96.88 -20.15
N LEU GA 852 62.52 96.53 -20.67
CA LEU GA 852 62.77 96.60 -22.11
C LEU GA 852 61.84 95.67 -22.88
N TYR GA 853 61.63 94.46 -22.38
CA TYR GA 853 60.79 93.47 -23.04
C TYR GA 853 59.35 93.51 -22.55
N ALA GA 854 59.01 94.43 -21.65
CA ALA GA 854 57.64 94.61 -21.20
C ALA GA 854 56.97 95.84 -21.81
N ASN GA 855 57.61 97.01 -21.72
CA ASN GA 855 57.00 98.21 -22.26
C ASN GA 855 57.09 98.27 -23.78
N ALA GA 856 58.24 97.90 -24.34
CA ALA GA 856 58.51 98.09 -25.75
C ALA GA 856 58.22 96.81 -26.54
N ALA GA 857 58.08 96.98 -27.85
CA ALA GA 857 57.89 95.88 -28.78
C ALA GA 857 59.13 95.71 -29.64
N HIS GA 858 59.51 94.46 -29.88
CA HIS GA 858 60.75 94.16 -30.59
C HIS GA 858 60.47 93.21 -31.74
N ALA GA 859 61.34 93.25 -32.74
CA ALA GA 859 61.28 92.37 -33.90
C ALA GA 859 62.39 91.34 -33.80
N LEU GA 860 62.05 90.07 -33.99
CA LEU GA 860 63.01 88.98 -33.86
C LEU GA 860 63.63 88.68 -35.22
N ASP GA 861 64.95 88.51 -35.24
CA ASP GA 861 65.70 88.28 -36.46
C ASP GA 861 66.57 87.04 -36.32
N MET GA 862 65.96 85.95 -35.84
CA MET GA 862 66.70 84.73 -35.55
C MET GA 862 66.81 83.86 -36.80
N THR GA 863 68.04 83.43 -37.11
CA THR GA 863 68.35 82.66 -38.31
C THR GA 863 69.23 81.48 -37.95
N PHE GA 864 69.03 80.36 -38.62
CA PHE GA 864 69.74 79.12 -38.33
C PHE GA 864 70.71 78.78 -39.47
N GLU GA 865 71.45 77.69 -39.26
CA GLU GA 865 72.08 76.95 -40.34
C GLU GA 865 72.25 75.51 -39.87
N MET GA 866 72.21 74.58 -40.82
CA MET GA 866 72.15 73.16 -40.47
C MET GA 866 72.90 72.35 -41.51
N ASP GA 867 73.16 71.10 -41.16
CA ASP GA 867 73.81 70.18 -42.08
C ASP GA 867 72.85 69.88 -43.23
N PRO GA 868 73.24 70.13 -44.48
CA PRO GA 868 72.31 69.88 -45.59
C PRO GA 868 71.99 68.40 -45.74
N ILE GA 869 70.73 68.12 -46.08
CA ILE GA 869 70.27 66.78 -46.39
C ILE GA 869 69.39 66.87 -47.63
N ASN GA 870 69.58 65.92 -48.55
CA ASN GA 870 68.94 66.01 -49.86
C ASN GA 870 67.51 65.52 -49.82
N GLU GA 871 66.71 66.07 -48.90
CA GLU GA 871 65.29 65.82 -48.82
C GLU GA 871 64.58 67.12 -48.42
N PRO GA 872 63.32 67.29 -48.81
CA PRO GA 872 62.59 68.50 -48.39
C PRO GA 872 62.18 68.40 -46.93
N THR GA 873 62.78 69.24 -46.10
CA THR GA 873 62.56 69.22 -44.66
C THR GA 873 61.94 70.54 -44.22
N LEU GA 874 61.27 70.50 -43.08
CA LEU GA 874 60.67 71.69 -42.48
C LEU GA 874 61.14 71.83 -41.04
N LEU GA 875 61.11 73.06 -40.56
CA LEU GA 875 61.68 73.43 -39.28
C LEU GA 875 60.58 73.65 -38.25
N TYR GA 876 60.88 73.32 -37.00
CA TYR GA 876 59.86 73.26 -35.95
C TYR GA 876 60.25 74.13 -34.75
N VAL GA 877 60.61 75.37 -35.01
CA VAL GA 877 60.85 76.31 -33.92
C VAL GA 877 59.53 76.60 -33.22
N LEU GA 878 59.53 76.50 -31.89
CA LEU GA 878 58.35 76.79 -31.09
C LEU GA 878 58.73 77.75 -29.98
N PHE GA 879 57.96 78.83 -29.85
CA PHE GA 879 58.24 79.86 -28.85
C PHE GA 879 57.49 79.52 -27.57
N GLU GA 880 58.24 79.23 -26.51
CA GLU GA 880 57.62 78.92 -25.23
C GLU GA 880 56.89 80.14 -24.69
N VAL GA 881 55.60 79.98 -24.39
CA VAL GA 881 54.74 81.07 -24.00
C VAL GA 881 53.90 80.63 -22.79
N PHE GA 882 52.99 81.49 -22.38
CA PHE GA 882 52.06 81.21 -21.28
C PHE GA 882 50.66 81.05 -21.90
N ASP GA 883 50.21 79.81 -22.02
CA ASP GA 883 48.92 79.50 -22.61
C ASP GA 883 48.04 78.99 -21.46
N VAL GA 884 47.32 79.92 -20.83
CA VAL GA 884 46.51 79.64 -19.65
C VAL GA 884 45.05 79.87 -20.00
N ALA GA 885 44.19 78.95 -19.57
CA ALA GA 885 42.75 79.05 -19.75
C ALA GA 885 42.07 79.06 -18.38
N ARG GA 886 41.21 80.03 -18.15
CA ARG GA 886 40.47 80.16 -16.91
C ARG GA 886 39.02 79.82 -17.16
N VAL GA 887 38.51 78.83 -16.41
CA VAL GA 887 37.16 78.33 -16.59
C VAL GA 887 36.25 78.92 -15.53
N HIS GA 888 35.17 79.56 -15.95
CA HIS GA 888 34.19 80.14 -15.05
C HIS GA 888 32.82 79.54 -15.34
N GLN GA 889 32.15 79.07 -14.30
CA GLN GA 889 30.83 78.46 -14.40
C GLN GA 889 29.90 79.20 -13.46
N PRO GA 890 29.31 80.31 -13.91
CA PRO GA 890 28.53 81.14 -12.97
C PRO GA 890 27.23 80.48 -12.53
N HIS GA 891 26.48 79.90 -13.46
CA HIS GA 891 25.18 79.32 -13.17
C HIS GA 891 25.18 77.84 -13.55
N ARG GA 892 24.01 77.22 -13.45
CA ARG GA 892 23.86 75.80 -13.75
C ARG GA 892 23.81 75.60 -15.26
N GLY GA 893 24.68 74.73 -15.78
CA GLY GA 893 24.72 74.46 -17.20
C GLY GA 893 25.36 75.54 -18.04
N VAL GA 894 26.19 76.38 -17.44
CA VAL GA 894 26.85 77.48 -18.16
C VAL GA 894 28.36 77.36 -17.96
N ILE GA 895 29.10 77.42 -19.06
CA ILE GA 895 30.56 77.42 -19.03
C ILE GA 895 31.06 78.65 -19.77
N GLU GA 896 31.93 79.42 -19.14
CA GLU GA 896 32.63 80.51 -19.79
C GLU GA 896 34.12 80.35 -19.52
N VAL GA 897 34.90 80.18 -20.59
CA VAL GA 897 36.33 79.96 -20.49
C VAL GA 897 37.03 81.12 -21.18
N VAL GA 898 37.99 81.73 -20.49
CA VAL GA 898 38.76 82.84 -21.02
C VAL GA 898 40.16 82.34 -21.31
N TYR GA 899 40.51 82.27 -22.58
CA TYR GA 899 41.85 81.87 -23.00
C TYR GA 899 42.74 83.10 -23.13
N LEU GA 900 44.02 82.93 -22.79
CA LEU GA 900 44.98 84.01 -22.91
C LEU GA 900 46.36 83.42 -23.13
N ARG GA 901 46.93 83.68 -24.30
CA ARG GA 901 48.31 83.32 -24.61
C ARG GA 901 49.09 84.63 -24.69
N THR GA 902 49.90 84.91 -23.66
CA THR GA 902 50.37 86.28 -23.47
C THR GA 902 51.35 86.73 -24.54
N PRO GA 903 52.51 86.09 -24.74
CA PRO GA 903 53.44 86.61 -25.75
C PRO GA 903 52.89 86.60 -27.16
N PHE GA 904 52.02 85.64 -27.49
CA PHE GA 904 51.41 85.54 -28.82
C PHE GA 904 49.90 85.48 -28.62
N SER GA 905 49.27 86.65 -28.54
CA SER GA 905 47.83 86.73 -28.32
C SER GA 905 47.08 86.38 -29.60
N ALA GA 906 45.85 85.90 -29.42
CA ALA GA 906 44.99 85.53 -30.54
C ALA GA 906 43.58 86.04 -30.32
N GLY GA 907 43.46 87.29 -29.90
CA GLY GA 907 42.16 87.89 -29.68
C GLY GA 907 42.02 89.20 -30.42
N ASN GA 908 40.79 89.51 -30.81
CA ASN GA 908 40.50 90.73 -31.53
C ASN GA 908 39.04 91.17 -31.33
N PRO HA 4 50.73 98.18 -22.06
CA PRO HA 4 51.73 98.29 -20.99
C PRO HA 4 51.18 97.82 -19.64
N SER HA 5 52.08 97.44 -18.74
CA SER HA 5 51.70 96.98 -17.40
C SER HA 5 50.71 95.82 -17.47
N MET HA 6 51.20 94.70 -18.00
CA MET HA 6 50.42 93.47 -18.14
C MET HA 6 50.16 92.76 -16.81
N LEU HA 7 50.56 93.37 -15.70
CA LEU HA 7 50.42 92.73 -14.40
C LEU HA 7 48.97 92.42 -14.02
N PRO HA 8 47.99 93.31 -14.22
CA PRO HA 8 46.60 92.92 -13.89
C PRO HA 8 46.12 91.70 -14.64
N GLN HA 9 46.43 91.59 -15.93
CA GLN HA 9 45.99 90.43 -16.70
C GLN HA 9 46.74 89.17 -16.28
N TRP HA 10 48.04 89.31 -15.98
CA TRP HA 10 48.79 88.17 -15.47
C TRP HA 10 48.22 87.67 -14.15
N SER HA 11 47.86 88.60 -13.26
CA SER HA 11 47.27 88.20 -11.99
C SER HA 11 45.90 87.56 -12.16
N TYR HA 12 45.10 88.10 -13.08
CA TYR HA 12 43.79 87.51 -13.33
C TYR HA 12 43.91 86.10 -13.90
N MET HA 13 44.87 85.89 -14.81
CA MET HA 13 45.07 84.59 -15.42
C MET HA 13 46.05 83.72 -14.63
N HIS HA 14 46.53 84.20 -13.49
CA HIS HA 14 47.45 83.46 -12.61
C HIS HA 14 48.76 83.13 -13.29
N ILE HA 15 49.13 83.88 -14.34
CA ILE HA 15 50.43 83.70 -14.97
C ILE HA 15 51.53 84.12 -14.02
N ALA HA 16 51.40 85.31 -13.43
CA ALA HA 16 52.33 85.77 -12.40
C ALA HA 16 51.53 86.63 -11.43
N GLY HA 17 51.01 85.99 -10.39
CA GLY HA 17 50.14 86.66 -9.45
C GLY HA 17 50.27 86.17 -8.03
N GLN HA 18 49.13 85.88 -7.41
CA GLN HA 18 49.03 85.43 -6.04
C GLN HA 18 48.78 83.93 -6.01
N ASP HA 19 49.39 83.23 -5.06
CA ASP HA 19 49.44 81.78 -5.08
C ASP HA 19 48.06 81.17 -4.84
N ALA HA 20 47.92 79.90 -5.25
CA ALA HA 20 46.63 79.21 -5.20
C ALA HA 20 46.17 78.96 -3.77
N SER HA 21 47.10 78.72 -2.84
CA SER HA 21 46.71 78.47 -1.47
C SER HA 21 46.10 79.68 -0.80
N GLU HA 22 46.20 80.86 -1.41
CA GLU HA 22 45.70 82.08 -0.79
C GLU HA 22 44.77 82.92 -1.65
N TYR HA 23 44.72 82.72 -2.98
CA TYR HA 23 43.72 83.47 -3.75
C TYR HA 23 42.38 82.75 -3.81
N LEU HA 24 42.31 81.50 -3.40
CA LEU HA 24 41.05 80.79 -3.35
C LEU HA 24 40.31 81.12 -2.06
N SER HA 25 39.04 80.71 -2.00
CA SER HA 25 38.28 80.88 -0.78
C SER HA 25 38.87 80.01 0.32
N PRO HA 26 38.90 80.49 1.56
CA PRO HA 26 39.40 79.64 2.65
C PRO HA 26 38.60 78.36 2.81
N GLY HA 27 37.29 78.42 2.58
CA GLY HA 27 36.49 77.20 2.61
C GLY HA 27 36.92 76.20 1.54
N LEU HA 28 37.20 76.69 0.33
CA LEU HA 28 37.66 75.81 -0.72
C LEU HA 28 39.04 75.22 -0.40
N VAL HA 29 39.93 76.03 0.17
CA VAL HA 29 41.24 75.51 0.55
C VAL HA 29 41.09 74.43 1.62
N GLN HA 30 40.23 74.67 2.62
CA GLN HA 30 40.02 73.66 3.65
C GLN HA 30 39.42 72.39 3.08
N PHE HA 31 38.44 72.52 2.18
CA PHE HA 31 37.84 71.35 1.55
C PHE HA 31 38.87 70.56 0.76
N ALA HA 32 39.69 71.24 -0.03
CA ALA HA 32 40.70 70.55 -0.84
C ALA HA 32 41.72 69.86 0.05
N GLN HA 33 42.12 70.51 1.14
CA GLN HA 33 43.06 69.86 2.06
C GLN HA 33 42.44 68.67 2.76
N ALA HA 34 41.15 68.73 3.07
CA ALA HA 34 40.50 67.61 3.75
C ALA HA 34 40.31 66.43 2.82
N THR HA 35 39.86 66.67 1.59
CA THR HA 35 39.54 65.60 0.66
C THR HA 35 40.68 65.25 -0.29
N GLU HA 36 41.89 65.77 -0.02
CA GLU HA 36 43.03 65.53 -0.91
C GLU HA 36 43.34 64.05 -1.04
N SER HA 37 43.08 63.26 0.00
CA SER HA 37 43.46 61.86 -0.01
C SER HA 37 42.65 61.03 -0.99
N TYR HA 38 41.45 61.47 -1.36
CA TYR HA 38 40.63 60.67 -2.26
C TYR HA 38 39.90 61.45 -3.35
N PHE HA 39 40.02 62.77 -3.43
CA PHE HA 39 39.37 63.49 -4.52
C PHE HA 39 40.34 64.41 -5.24
N ASN HA 40 41.26 65.04 -4.50
CA ASN HA 40 42.41 65.74 -5.05
C ASN HA 40 42.00 66.85 -6.03
N ILE HA 41 41.33 67.85 -5.47
CA ILE HA 41 41.00 69.06 -6.22
C ILE HA 41 42.24 69.88 -6.55
N GLY HA 42 43.35 69.65 -5.86
CA GLY HA 42 44.49 70.54 -5.90
C GLY HA 42 45.07 70.80 -7.29
N ASN HA 43 44.91 69.86 -8.21
CA ASN HA 43 45.51 70.00 -9.53
C ASN HA 43 44.70 70.86 -10.48
N LYS HA 44 43.54 71.37 -10.06
CA LYS HA 44 42.67 72.16 -10.91
C LYS HA 44 43.00 73.65 -10.89
N PHE HA 45 44.00 74.08 -10.12
CA PHE HA 45 44.31 75.49 -9.98
C PHE HA 45 45.79 75.72 -10.25
N ARG HA 46 46.12 76.95 -10.64
CA ARG HA 46 47.45 77.32 -11.09
C ARG HA 46 48.21 78.08 -10.01
N ASN HA 47 49.53 77.90 -10.01
CA ASN HA 47 50.43 78.67 -9.16
C ASN HA 47 51.33 79.54 -10.02
N PRO HA 48 51.53 80.80 -9.65
CA PRO HA 48 52.34 81.71 -10.48
C PRO HA 48 53.75 81.20 -10.76
N THR HA 49 54.51 80.87 -9.71
CA THR HA 49 55.89 80.43 -9.82
C THR HA 49 56.72 81.48 -10.57
N VAL HA 50 56.83 82.63 -9.93
CA VAL HA 50 57.48 83.82 -10.50
C VAL HA 50 58.97 83.77 -10.19
N ALA HA 51 59.80 84.21 -11.16
CA ALA HA 51 61.24 84.28 -11.02
C ALA HA 51 61.67 85.62 -10.44
N PRO HA 52 62.78 85.65 -9.69
CA PRO HA 52 63.32 86.92 -9.20
C PRO HA 52 63.69 87.84 -10.36
N THR HA 53 63.46 89.14 -10.17
CA THR HA 53 63.67 90.11 -11.24
C THR HA 53 64.83 91.05 -11.01
N HIS HA 54 65.35 91.14 -9.78
CA HIS HA 54 66.44 92.08 -9.49
C HIS HA 54 67.44 91.43 -8.55
N ASP HA 55 68.67 91.94 -8.58
CA ASP HA 55 69.76 91.49 -7.72
C ASP HA 55 70.07 90.01 -7.90
N VAL HA 56 69.86 89.49 -9.12
CA VAL HA 56 70.20 88.13 -9.47
C VAL HA 56 71.12 88.08 -10.69
N THR HA 57 70.80 88.86 -11.71
CA THR HA 57 71.61 88.91 -12.92
C THR HA 57 72.58 90.09 -12.86
N THR HA 58 73.63 90.00 -13.67
CA THR HA 58 74.70 91.01 -13.68
C THR HA 58 74.36 92.18 -14.59
N GLU HA 59 74.10 91.90 -15.86
CA GLU HA 59 73.80 92.92 -16.87
C GLU HA 59 74.94 93.96 -16.93
N ARG HA 60 76.17 93.45 -16.98
CA ARG HA 60 77.32 94.33 -17.13
C ARG HA 60 78.39 93.71 -18.03
N SER HA 61 77.97 92.91 -19.02
CA SER HA 61 78.86 92.43 -20.09
C SER HA 61 80.03 91.63 -19.53
N GLN HA 62 79.70 90.49 -18.94
CA GLN HA 62 80.69 89.57 -18.40
C GLN HA 62 80.44 88.17 -18.94
N ARG HA 63 81.52 87.38 -18.98
CA ARG HA 63 81.48 86.06 -19.61
C ARG HA 63 81.06 84.99 -18.62
N LEU HA 64 80.28 84.02 -19.10
CA LEU HA 64 79.83 82.93 -18.25
C LEU HA 64 80.99 82.03 -17.86
N GLN HA 65 81.80 81.62 -18.84
CA GLN HA 65 82.93 80.74 -18.59
C GLN HA 65 84.16 81.27 -19.30
N LEU HA 66 85.28 81.29 -18.57
CA LEU HA 66 86.52 81.86 -19.06
C LEU HA 66 87.52 80.76 -19.40
N ARG HA 67 88.42 81.08 -20.33
CA ARG HA 67 89.51 80.19 -20.73
C ARG HA 67 90.82 80.80 -20.27
N PHE HA 68 91.57 80.07 -19.45
CA PHE HA 68 92.86 80.52 -18.95
C PHE HA 68 93.97 79.73 -19.63
N VAL HA 69 94.80 80.43 -20.39
CA VAL HA 69 95.95 79.82 -21.04
C VAL HA 69 97.07 79.66 -20.02
N PRO HA 70 97.92 78.64 -20.13
CA PRO HA 70 99.03 78.50 -19.18
C PRO HA 70 100.03 79.64 -19.31
N VAL HA 71 100.63 79.99 -18.17
CA VAL HA 71 101.64 81.03 -18.16
C VAL HA 71 103.01 80.45 -18.51
N ASP HA 72 103.45 79.47 -17.74
CA ASP HA 72 104.70 78.75 -18.01
C ASP HA 72 104.42 77.26 -17.96
N ARG HA 73 104.84 76.54 -18.99
CA ARG HA 73 104.61 75.10 -19.08
C ARG HA 73 105.91 74.40 -19.44
N GLU HA 74 106.03 73.15 -18.96
CA GLU HA 74 107.18 72.31 -19.27
C GLU HA 74 106.70 70.91 -19.56
N ASP HA 75 107.45 70.20 -20.41
CA ASP HA 75 107.13 68.83 -20.80
C ASP HA 75 108.33 67.91 -20.56
N THR HA 76 108.43 67.41 -19.33
CA THR HA 76 109.50 66.51 -18.98
C THR HA 76 109.24 65.12 -19.57
N GLN HA 77 110.14 64.19 -19.30
CA GLN HA 77 109.99 62.84 -19.83
C GLN HA 77 108.90 62.05 -19.11
N TYR HA 78 108.47 62.51 -17.94
CA TYR HA 78 107.47 61.78 -17.16
C TYR HA 78 106.21 62.56 -16.86
N SER HA 79 106.22 63.89 -16.98
CA SER HA 79 105.08 64.68 -16.57
C SER HA 79 104.97 65.93 -17.43
N TYR HA 80 103.76 66.50 -17.44
CA TYR HA 80 103.47 67.74 -18.15
C TYR HA 80 102.92 68.72 -17.11
N LYS HA 81 103.72 69.71 -16.74
CA LYS HA 81 103.35 70.69 -15.73
C LYS HA 81 103.15 72.05 -16.37
N THR HA 82 101.98 72.64 -16.15
CA THR HA 82 101.63 73.95 -16.68
C THR HA 82 101.17 74.85 -15.55
N ARG HA 83 101.63 76.09 -15.56
CA ARG HA 83 101.29 77.07 -14.54
C ARG HA 83 100.22 78.01 -15.08
N PHE HA 84 99.06 78.01 -14.42
CA PHE HA 84 97.98 78.92 -14.77
C PHE HA 84 97.90 80.07 -13.77
N GLN HA 85 97.29 81.16 -14.22
CA GLN HA 85 97.03 82.32 -13.37
C GLN HA 85 95.56 82.67 -13.54
N LEU HA 86 94.70 82.03 -12.75
CA LEU HA 86 93.28 82.32 -12.81
C LEU HA 86 92.98 83.54 -11.94
N ALA HA 87 92.40 84.56 -12.54
CA ALA HA 87 92.07 85.81 -11.86
C ALA HA 87 90.55 85.91 -11.75
N VAL HA 88 90.06 86.05 -10.53
CA VAL HA 88 88.62 86.09 -10.29
C VAL HA 88 88.07 87.49 -10.47
N GLY HA 89 88.93 88.51 -10.51
CA GLY HA 89 88.48 89.87 -10.69
C GLY HA 89 88.12 90.54 -9.38
N ASP HA 90 87.32 91.60 -9.49
CA ASP HA 90 86.91 92.37 -8.33
C ASP HA 90 85.62 91.81 -7.72
N ASN HA 91 84.56 91.73 -8.51
CA ASN HA 91 83.33 91.09 -8.11
C ASN HA 91 83.37 89.62 -8.53
N ARG HA 92 82.20 88.96 -8.50
CA ARG HA 92 81.94 87.58 -8.95
C ARG HA 92 82.65 86.57 -8.07
N VAL HA 93 82.08 85.37 -7.96
CA VAL HA 93 82.67 84.28 -7.19
C VAL HA 93 82.46 82.99 -7.98
N LEU HA 94 83.43 82.08 -7.88
CA LEU HA 94 83.33 80.78 -8.52
C LEU HA 94 83.72 79.70 -7.53
N ASP HA 95 83.21 78.49 -7.76
CA ASP HA 95 83.62 77.31 -7.01
C ASP HA 95 84.38 76.37 -7.95
N MET HA 96 85.39 75.72 -7.41
CA MET HA 96 86.26 74.87 -8.21
C MET HA 96 85.63 73.52 -8.53
N ALA HA 97 84.32 73.35 -8.31
CA ALA HA 97 83.63 72.22 -8.89
C ALA HA 97 83.66 72.30 -10.41
N SER HA 98 83.62 73.52 -10.95
CA SER HA 98 83.99 73.80 -12.33
C SER HA 98 85.51 73.85 -12.42
N THR HA 99 86.05 74.46 -13.48
CA THR HA 99 87.48 74.60 -13.70
C THR HA 99 88.13 73.23 -13.98
N TYR HA 100 87.54 72.51 -14.92
CA TYR HA 100 88.14 71.27 -15.39
C TYR HA 100 89.31 71.59 -16.31
N PHE HA 101 90.29 70.70 -16.33
CA PHE HA 101 91.42 70.85 -17.23
C PHE HA 101 91.08 70.24 -18.59
N ASP HA 102 91.25 71.01 -19.65
CA ASP HA 102 90.98 70.56 -21.01
C ASP HA 102 92.30 70.21 -21.67
N ILE HA 103 92.48 68.93 -22.01
CA ILE HA 103 93.74 68.43 -22.54
C ILE HA 103 93.51 67.96 -23.97
N ARG HA 104 94.37 68.41 -24.88
CA ARG HA 104 94.34 68.02 -26.28
C ARG HA 104 95.68 67.42 -26.68
N GLY HA 105 95.63 66.33 -27.44
CA GLY HA 105 96.86 65.69 -27.87
C GLY HA 105 96.57 64.45 -28.66
N THR HA 106 97.65 63.74 -29.00
CA THR HA 106 97.60 62.49 -29.74
C THR HA 106 98.23 61.40 -28.90
N LEU HA 107 97.58 60.24 -28.85
CA LEU HA 107 98.16 59.06 -28.20
C LEU HA 107 98.16 57.90 -29.16
N ASP HA 108 99.30 57.23 -29.29
CA ASP HA 108 99.41 55.99 -30.04
C ASP HA 108 99.37 54.85 -29.03
N ARG HA 109 98.23 54.17 -28.94
CA ARG HA 109 98.00 53.21 -27.88
C ARG HA 109 98.61 51.83 -28.15
N GLY HA 110 99.55 51.75 -29.08
CA GLY HA 110 100.40 50.58 -29.21
C GLY HA 110 99.79 49.49 -30.08
N ALA HA 111 100.67 48.63 -30.60
CA ALA HA 111 100.24 47.51 -31.41
C ALA HA 111 99.47 46.47 -30.61
N SER HA 112 99.55 46.52 -29.28
CA SER HA 112 98.80 45.61 -28.43
C SER HA 112 97.30 45.88 -28.48
N PHE HA 113 96.87 47.01 -29.03
CA PHE HA 113 95.47 47.36 -29.05
C PHE HA 113 94.69 46.46 -29.99
N LYS HA 114 93.55 45.95 -29.51
CA LYS HA 114 92.60 45.23 -30.35
C LYS HA 114 91.20 45.43 -29.79
N PRO HA 115 90.38 46.27 -30.43
CA PRO HA 115 89.08 46.63 -29.87
C PRO HA 115 87.94 45.68 -30.20
N TYR HA 116 88.21 44.47 -30.68
CA TYR HA 116 87.13 43.57 -31.03
C TYR HA 116 87.58 42.13 -30.94
N SER HA 117 86.71 41.28 -30.41
CA SER HA 117 86.95 39.85 -30.40
C SER HA 117 86.66 39.25 -31.77
N GLY HA 118 87.11 38.02 -31.97
CA GLY HA 118 86.95 37.43 -33.28
C GLY HA 118 87.87 38.11 -34.29
N THR HA 119 87.48 38.02 -35.55
CA THR HA 119 88.22 38.66 -36.62
C THR HA 119 87.27 39.47 -37.49
N ALA HA 120 87.84 40.23 -38.42
CA ALA HA 120 87.06 41.12 -39.27
C ALA HA 120 87.35 40.92 -40.76
N TYR HA 121 88.11 39.90 -41.13
CA TYR HA 121 88.50 39.68 -42.52
C TYR HA 121 87.89 38.42 -43.11
N ASN HA 122 88.03 37.28 -42.45
CA ASN HA 122 87.43 36.02 -42.87
C ASN HA 122 86.70 35.36 -41.72
N SER HA 123 85.85 36.13 -41.03
CA SER HA 123 85.05 35.57 -39.95
C SER HA 123 84.15 34.45 -40.43
N PHE HA 124 83.86 34.37 -41.73
CA PHE HA 124 83.06 33.30 -42.29
C PHE HA 124 83.88 32.10 -42.71
N ALA HA 125 85.13 32.30 -43.09
CA ALA HA 125 85.96 31.21 -43.57
C ALA HA 125 86.29 30.25 -42.44
N PRO HA 126 86.43 28.96 -42.75
CA PRO HA 126 86.88 28.01 -41.73
C PRO HA 126 88.27 28.36 -41.25
N LYS HA 127 88.52 28.09 -39.97
CA LYS HA 127 89.79 28.45 -39.36
C LYS HA 127 90.94 27.67 -39.99
N SER HA 128 90.74 26.38 -40.27
CA SER HA 128 91.77 25.55 -40.85
C SER HA 128 91.78 25.57 -42.38
N ALA HA 129 90.77 26.16 -43.01
CA ALA HA 129 90.72 26.18 -44.46
C ALA HA 129 91.83 27.06 -45.02
N PRO HA 130 92.47 26.66 -46.11
CA PRO HA 130 93.45 27.53 -46.77
C PRO HA 130 92.76 28.60 -47.60
N ASN HA 131 93.55 29.58 -48.02
CA ASN HA 131 93.07 30.69 -48.83
C ASN HA 131 93.57 30.59 -50.27
N ASN HA 132 93.56 29.37 -50.81
CA ASN HA 132 93.99 29.09 -52.17
C ASN HA 132 95.47 29.48 -52.38
N THR HA 133 96.32 28.75 -51.68
CA THR HA 133 97.75 28.82 -51.93
C THR HA 133 98.14 27.76 -52.98
N GLN HA 134 99.42 27.74 -53.31
CA GLN HA 134 99.97 26.77 -54.26
C GLN HA 134 101.02 25.95 -53.52
N PHE HA 135 100.60 24.85 -52.92
CA PHE HA 135 101.49 24.03 -52.11
C PHE HA 135 102.48 23.29 -52.99
N ARG HA 136 103.59 22.87 -52.38
CA ARG HA 136 104.70 22.24 -53.07
C ARG HA 136 104.75 20.75 -52.73
N GLN HA 137 105.15 19.95 -53.72
CA GLN HA 137 105.31 18.52 -53.48
C GLN HA 137 106.53 18.25 -52.61
N ALA HA 138 106.59 17.04 -52.05
CA ALA HA 138 107.70 16.67 -51.19
C ALA HA 138 109.02 16.60 -51.95
N ASN HA 139 108.98 16.46 -53.27
CA ASN HA 139 110.21 16.39 -54.06
C ASN HA 139 110.96 17.72 -54.04
N ASN HA 140 110.26 18.84 -53.89
CA ASN HA 140 110.81 20.18 -53.87
C ASN HA 140 111.45 20.58 -55.20
N GLY HA 141 111.32 19.75 -56.22
CA GLY HA 141 111.80 20.08 -57.56
C GLY HA 141 110.67 20.06 -58.56
N HIS HA 142 109.62 19.30 -58.24
CA HIS HA 142 108.45 19.24 -59.09
C HIS HA 142 107.69 20.56 -59.03
N PRO HA 143 106.95 20.92 -60.08
CA PRO HA 143 106.13 22.13 -60.04
C PRO HA 143 105.06 22.03 -58.97
N ALA HA 144 104.74 23.18 -58.38
CA ALA HA 144 103.78 23.22 -57.28
C ALA HA 144 102.37 22.94 -57.78
N GLN HA 145 101.51 22.56 -56.84
CA GLN HA 145 100.12 22.25 -57.14
C GLN HA 145 99.21 23.21 -56.38
N THR HA 146 98.02 23.45 -56.94
CA THR HA 146 97.09 24.42 -56.41
C THR HA 146 95.93 23.73 -55.72
N ILE HA 147 95.35 24.43 -54.74
CA ILE HA 147 94.11 24.03 -54.11
C ILE HA 147 92.98 24.97 -54.53
N ALA HA 148 93.13 25.58 -55.70
CA ALA HA 148 92.18 26.58 -56.16
C ALA HA 148 90.84 25.94 -56.52
N GLN HA 149 89.83 26.78 -56.64
CA GLN HA 149 88.47 26.37 -57.01
C GLN HA 149 87.88 27.46 -57.90
N ALA HA 150 87.98 27.26 -59.22
CA ALA HA 150 87.50 28.23 -60.18
C ALA HA 150 86.00 28.47 -59.99
N SER HA 151 85.63 29.74 -59.84
CA SER HA 151 84.24 30.10 -59.59
C SER HA 151 83.61 30.93 -60.70
N TYR HA 152 84.39 31.75 -61.39
CA TYR HA 152 83.84 32.60 -62.44
C TYR HA 152 83.63 31.75 -63.69
N VAL HA 153 82.40 31.29 -63.89
CA VAL HA 153 82.08 30.40 -64.99
C VAL HA 153 82.05 31.21 -66.28
N ALA HA 154 83.02 30.98 -67.16
CA ALA HA 154 83.08 31.70 -68.42
C ALA HA 154 83.91 30.88 -69.41
N THR HA 155 83.73 31.18 -70.69
CA THR HA 155 84.48 30.49 -71.73
C THR HA 155 85.94 30.95 -71.74
N ILE HA 156 86.83 30.04 -72.12
CA ILE HA 156 88.26 30.32 -72.20
C ILE HA 156 88.65 30.21 -73.67
N GLY HA 157 89.04 31.34 -74.27
CA GLY HA 157 89.39 31.35 -75.67
C GLY HA 157 90.17 32.60 -76.04
N GLY HA 158 90.36 32.77 -77.34
CA GLY HA 158 91.10 33.90 -77.84
C GLY HA 158 92.60 33.74 -77.65
N ALA HA 159 93.33 34.81 -77.95
CA ALA HA 159 94.76 34.81 -77.77
C ALA HA 159 95.11 34.67 -76.29
N ASN HA 160 96.13 33.88 -76.00
CA ASN HA 160 96.67 33.60 -74.67
C ASN HA 160 95.70 32.82 -73.79
N ASN HA 161 94.50 32.47 -74.29
CA ASN HA 161 93.53 31.65 -73.57
C ASN HA 161 93.17 32.26 -72.21
N ASP HA 162 92.57 33.45 -72.28
CA ASP HA 162 92.11 34.16 -71.09
C ASP HA 162 90.62 33.96 -70.88
N LEU HA 163 90.16 34.30 -69.68
CA LEU HA 163 88.75 34.22 -69.37
C LEU HA 163 87.96 35.27 -70.14
N GLN HA 164 86.75 34.89 -70.54
CA GLN HA 164 85.87 35.80 -71.27
C GLN HA 164 85.01 36.57 -70.26
N MET HA 165 85.34 37.85 -70.08
CA MET HA 165 84.60 38.66 -69.11
C MET HA 165 83.21 39.01 -69.63
N GLY HA 166 83.10 39.36 -70.91
CA GLY HA 166 81.82 39.75 -71.46
C GLY HA 166 81.96 40.04 -72.94
N VAL HA 167 81.04 40.84 -73.44
CA VAL HA 167 81.01 41.22 -74.84
C VAL HA 167 81.04 42.74 -74.93
N ASP HA 168 81.89 43.26 -75.82
CA ASP HA 168 81.95 44.69 -76.05
C ASP HA 168 80.68 45.16 -76.75
N GLU HA 169 80.50 46.48 -76.82
CA GLU HA 169 79.31 47.05 -77.44
C GLU HA 169 79.23 46.70 -78.93
N ARG HA 170 80.32 46.26 -79.54
CA ARG HA 170 80.30 45.74 -80.91
C ARG HA 170 80.40 44.22 -80.95
N GLN HA 171 79.94 43.56 -79.89
CA GLN HA 171 79.86 42.10 -79.75
C GLN HA 171 81.22 41.42 -79.67
N LEU HA 172 82.32 42.16 -79.74
CA LEU HA 172 83.63 41.55 -79.58
C LEU HA 172 83.83 41.13 -78.13
N PRO HA 173 84.37 39.93 -77.88
CA PRO HA 173 84.57 39.50 -76.49
C PRO HA 173 85.70 40.28 -75.82
N VAL HA 174 85.49 40.61 -74.55
CA VAL HA 174 86.48 41.30 -73.74
C VAL HA 174 87.03 40.33 -72.70
N TYR HA 175 88.35 40.27 -72.60
CA TYR HA 175 89.03 39.33 -71.72
C TYR HA 175 89.53 40.04 -70.47
N ALA HA 176 89.77 39.25 -69.43
CA ALA HA 176 90.23 39.78 -68.16
C ALA HA 176 91.63 40.37 -68.29
N ASN HA 177 91.85 41.53 -67.68
CA ASN HA 177 93.21 42.02 -67.54
C ASN HA 177 93.88 41.35 -66.34
N THR HA 178 95.20 41.20 -66.42
CA THR HA 178 95.92 40.36 -65.48
C THR HA 178 95.97 40.92 -64.08
N THR HA 179 95.56 42.17 -63.86
CA THR HA 179 95.69 42.79 -62.55
C THR HA 179 94.66 42.25 -61.55
N TYR HA 180 93.37 42.47 -61.84
CA TYR HA 180 92.32 42.14 -60.89
C TYR HA 180 91.09 41.46 -61.49
N GLN HA 181 90.94 41.45 -62.81
CA GLN HA 181 89.62 41.20 -63.39
C GLN HA 181 89.01 39.84 -63.04
N PRO HA 182 89.73 38.71 -63.04
CA PRO HA 182 89.10 37.46 -62.58
C PRO HA 182 88.78 37.54 -61.11
N GLU HA 183 87.72 38.28 -60.80
CA GLU HA 183 87.49 38.76 -59.45
C GLU HA 183 87.04 37.62 -58.53
N PRO HA 184 87.56 37.56 -57.31
CA PRO HA 184 87.22 36.45 -56.40
C PRO HA 184 85.88 36.58 -55.70
N GLN HA 185 84.99 37.50 -56.10
CA GLN HA 185 83.65 37.56 -55.54
C GLN HA 185 82.60 36.96 -56.45
N LEU HA 186 82.75 37.13 -57.75
CA LEU HA 186 81.70 36.76 -58.69
C LEU HA 186 81.77 35.27 -59.00
N GLY HA 187 80.75 34.79 -59.71
CA GLY HA 187 80.66 33.38 -60.05
C GLY HA 187 79.36 33.08 -60.75
N ILE HA 188 78.74 31.96 -60.42
CA ILE HA 188 77.44 31.58 -60.97
C ILE HA 188 76.43 31.57 -59.84
N GLU HA 189 75.22 32.07 -60.13
CA GLU HA 189 74.18 32.22 -59.14
C GLU HA 189 73.24 31.02 -59.19
N GLY HA 190 73.09 30.34 -58.07
CA GLY HA 190 72.22 29.19 -57.99
C GLY HA 190 73.02 27.90 -57.92
N TRP HA 191 72.40 26.87 -57.35
CA TRP HA 191 73.05 25.57 -57.19
C TRP HA 191 72.91 24.69 -58.42
N THR HA 192 72.08 25.06 -59.38
CA THR HA 192 71.89 24.22 -60.57
C THR HA 192 73.19 24.08 -61.36
N ALA HA 193 73.93 25.16 -61.53
CA ALA HA 193 75.21 25.09 -62.22
C ALA HA 193 76.21 24.33 -61.38
N GLY HA 194 76.90 23.38 -62.00
CA GLY HA 194 77.82 22.50 -61.31
C GLY HA 194 77.21 21.22 -60.81
N SER HA 195 75.89 21.13 -60.74
CA SER HA 195 75.18 19.92 -60.33
C SER HA 195 74.32 19.34 -61.45
N MET HA 196 73.44 20.15 -62.04
CA MET HA 196 72.64 19.73 -63.18
C MET HA 196 73.24 20.24 -64.48
N ALA HA 197 73.42 21.55 -64.60
CA ALA HA 197 74.08 22.14 -65.77
C ALA HA 197 75.58 22.08 -65.54
N VAL HA 198 76.28 21.25 -66.33
CA VAL HA 198 77.71 21.09 -66.16
C VAL HA 198 78.43 22.36 -66.55
N ILE HA 199 79.50 22.68 -65.83
CA ILE HA 199 80.29 23.88 -66.08
C ILE HA 199 81.36 23.53 -67.11
N ASP HA 200 81.25 24.10 -68.31
CA ASP HA 200 82.22 23.81 -69.36
C ASP HA 200 83.60 24.33 -68.98
N GLN HA 201 83.69 25.57 -68.55
CA GLN HA 201 84.96 26.18 -68.19
C GLN HA 201 84.73 27.23 -67.10
N ALA HA 202 85.79 27.50 -66.35
CA ALA HA 202 85.75 28.51 -65.29
C ALA HA 202 87.18 28.98 -65.03
N GLY HA 203 87.31 29.94 -64.12
CA GLY HA 203 88.61 30.49 -63.81
C GLY HA 203 88.66 31.11 -62.43
N GLY HA 204 89.85 31.54 -62.05
CA GLY HA 204 90.04 32.15 -60.76
C GLY HA 204 91.46 32.66 -60.59
N ARG HA 205 91.79 33.02 -59.36
CA ARG HA 205 93.11 33.52 -59.01
C ARG HA 205 93.73 32.61 -57.94
N VAL HA 206 95.05 32.47 -57.99
CA VAL HA 206 95.78 31.60 -57.07
C VAL HA 206 97.06 32.29 -56.64
N LEU HA 207 97.39 32.16 -55.35
CA LEU HA 207 98.66 32.63 -54.84
C LEU HA 207 99.80 31.71 -55.30
N ARG HA 208 100.96 32.30 -55.56
CA ARG HA 208 102.15 31.52 -55.88
C ARG HA 208 103.29 31.94 -54.96
N ASN HA 209 104.12 30.97 -54.58
CA ASN HA 209 105.20 31.18 -53.62
C ASN HA 209 104.71 31.89 -52.36
N PRO HA 210 103.71 31.35 -51.66
CA PRO HA 210 103.14 32.08 -50.53
C PRO HA 210 103.83 31.77 -49.21
N THR HA 211 103.34 32.37 -48.13
CA THR HA 211 103.79 32.07 -46.78
C THR HA 211 102.96 30.94 -46.16
N GLN HA 212 101.96 30.45 -46.88
CA GLN HA 212 101.06 29.39 -46.41
C GLN HA 212 100.29 29.83 -45.16
N THR HA 213 99.53 30.90 -45.34
CA THR HA 213 98.68 31.49 -44.32
C THR HA 213 97.26 30.93 -44.42
N PRO HA 214 96.65 30.52 -43.31
CA PRO HA 214 95.26 30.04 -43.37
C PRO HA 214 94.32 31.15 -43.79
N CYS HA 215 93.15 30.74 -44.31
CA CYS HA 215 92.21 31.69 -44.85
C CYS HA 215 91.64 32.64 -43.80
N TYR HA 216 91.76 32.30 -42.52
CA TYR HA 216 91.06 33.05 -41.49
C TYR HA 216 91.54 34.50 -41.41
N GLY HA 217 92.86 34.71 -41.34
CA GLY HA 217 93.35 36.07 -41.36
C GLY HA 217 93.33 36.68 -42.75
N SER HA 218 94.22 36.19 -43.62
CA SER HA 218 94.20 36.43 -45.06
C SER HA 218 93.84 37.87 -45.43
N TYR HA 219 94.71 38.80 -45.04
CA TYR HA 219 94.60 40.17 -45.47
C TYR HA 219 95.81 40.56 -46.31
N ALA HA 220 95.58 41.32 -47.37
CA ALA HA 220 96.65 41.88 -48.18
C ALA HA 220 96.24 43.26 -48.66
N LYS HA 221 97.13 44.23 -48.51
CA LYS HA 221 96.81 45.61 -48.88
C LYS HA 221 96.60 45.74 -50.38
N PRO HA 222 95.65 46.56 -50.82
CA PRO HA 222 95.47 46.77 -52.26
C PRO HA 222 96.70 47.41 -52.90
N THR HA 223 96.94 47.06 -54.15
CA THR HA 223 98.04 47.62 -54.93
C THR HA 223 97.58 48.51 -56.05
N ASN HA 224 96.42 48.24 -56.66
CA ASN HA 224 95.87 49.05 -57.72
C ASN HA 224 94.49 49.55 -57.29
N GLU HA 225 94.05 50.64 -57.93
CA GLU HA 225 92.76 51.23 -57.60
C GLU HA 225 91.68 50.47 -58.35
N HIS HA 226 91.63 49.15 -58.14
CA HIS HA 226 90.59 48.33 -58.74
C HIS HA 226 90.16 47.16 -57.86
N GLY HA 227 90.72 47.03 -56.67
CA GLY HA 227 90.39 45.90 -55.81
C GLY HA 227 91.23 44.66 -56.01
N GLY HA 228 92.41 44.79 -56.60
CA GLY HA 228 93.32 43.67 -56.81
C GLY HA 228 94.54 43.77 -55.91
N ILE HA 229 95.00 42.62 -55.44
CA ILE HA 229 96.19 42.54 -54.59
C ILE HA 229 97.28 41.78 -55.35
N THR HA 230 98.47 42.34 -55.36
CA THR HA 230 99.64 41.71 -55.99
C THR HA 230 100.88 42.49 -55.56
N LYS HA 231 101.97 41.76 -55.38
CA LYS HA 231 103.23 42.40 -55.01
C LYS HA 231 103.73 43.27 -56.14
N ALA HA 232 104.32 44.40 -55.79
CA ALA HA 232 104.84 45.33 -56.78
C ALA HA 232 106.01 44.71 -57.53
N ASN HA 233 106.11 45.03 -58.81
CA ASN HA 233 107.19 44.54 -59.68
C ASN HA 233 107.22 43.02 -59.75
N THR HA 234 106.05 42.38 -59.67
CA THR HA 234 105.92 40.93 -59.82
C THR HA 234 104.94 40.66 -60.94
N GLN HA 235 105.39 39.92 -61.95
CA GLN HA 235 104.55 39.63 -63.10
C GLN HA 235 103.65 38.44 -62.81
N VAL HA 236 102.35 38.61 -63.02
CA VAL HA 236 101.37 37.57 -62.81
C VAL HA 236 101.22 36.74 -64.08
N GLU HA 237 101.28 35.43 -63.93
CA GLU HA 237 101.11 34.48 -65.02
C GLU HA 237 99.96 33.53 -64.70
N LYS HA 238 99.47 32.84 -65.73
CA LYS HA 238 98.30 32.00 -65.62
C LYS HA 238 98.68 30.54 -65.88
N LYS HA 239 97.96 29.64 -65.21
CA LYS HA 239 98.16 28.21 -65.36
C LYS HA 239 96.84 27.55 -65.74
N TYR HA 240 96.93 26.50 -66.54
CA TYR HA 240 95.77 25.81 -67.09
C TYR HA 240 95.70 24.40 -66.53
N TYR HA 241 94.49 23.96 -66.18
CA TYR HA 241 94.28 22.65 -65.59
C TYR HA 241 93.06 21.98 -66.22
N ARG HA 242 93.05 20.66 -66.17
CA ARG HA 242 91.91 19.88 -66.62
C ARG HA 242 91.86 18.58 -65.82
N THR HA 243 90.68 17.97 -65.78
CA THR HA 243 90.47 16.77 -64.99
C THR HA 243 90.67 15.48 -65.78
N GLY HA 244 90.64 15.54 -67.09
CA GLY HA 244 90.80 14.34 -67.90
C GLY HA 244 91.77 14.58 -69.04
N ASP HA 245 92.51 13.52 -69.38
CA ASP HA 245 93.50 13.62 -70.44
C ASP HA 245 92.86 13.87 -71.79
N ASN HA 246 93.59 14.56 -72.67
CA ASN HA 246 93.15 14.84 -74.04
C ASN HA 246 91.82 15.59 -74.05
N GLY HA 247 91.85 16.80 -73.49
CA GLY HA 247 90.65 17.61 -73.43
C GLY HA 247 90.97 19.09 -73.35
N ASN HA 248 89.98 19.89 -73.71
CA ASN HA 248 90.08 21.33 -73.58
C ASN HA 248 90.09 21.70 -72.09
N PRO HA 249 91.09 22.47 -71.64
CA PRO HA 249 91.21 22.75 -70.20
C PRO HA 249 89.96 23.41 -69.64
N GLU HA 250 89.63 23.04 -68.40
CA GLU HA 250 88.42 23.48 -67.74
C GLU HA 250 88.62 24.65 -66.79
N THR HA 251 89.83 24.85 -66.28
CA THR HA 251 90.09 25.90 -65.30
C THR HA 251 91.33 26.69 -65.70
N VAL HA 252 91.30 28.00 -65.45
CA VAL HA 252 92.44 28.88 -65.64
C VAL HA 252 92.66 29.64 -64.35
N PHE HA 253 93.88 29.59 -63.83
CA PHE HA 253 94.21 30.23 -62.56
C PHE HA 253 95.38 31.18 -62.75
N TYR HA 254 95.22 32.42 -62.31
CA TYR HA 254 96.24 33.45 -62.45
C TYR HA 254 97.11 33.44 -61.20
N THR HA 255 98.35 32.99 -61.36
CA THR HA 255 99.26 32.85 -60.23
C THR HA 255 99.96 34.18 -59.95
N GLU HA 256 99.66 34.76 -58.79
CA GLU HA 256 100.28 36.02 -58.39
C GLU HA 256 100.81 36.00 -56.98
N GLU HA 257 101.79 36.85 -56.71
CA GLU HA 257 102.42 36.94 -55.40
C GLU HA 257 101.83 38.12 -54.65
N ALA HA 258 101.34 37.88 -53.44
CA ALA HA 258 100.76 38.91 -52.60
C ALA HA 258 101.39 38.86 -51.22
N ASP HA 259 101.64 40.04 -50.65
CA ASP HA 259 102.19 40.13 -49.29
C ASP HA 259 101.11 39.87 -48.24
N VAL HA 260 100.57 38.65 -48.30
CA VAL HA 260 99.47 38.28 -47.41
C VAL HA 260 99.96 38.25 -45.97
N LEU HA 261 99.25 38.95 -45.10
CA LEU HA 261 99.64 39.12 -43.71
C LEU HA 261 98.41 39.03 -42.83
N THR HA 262 98.63 38.64 -41.57
CA THR HA 262 97.55 38.48 -40.59
C THR HA 262 97.63 39.60 -39.57
N PRO HA 263 96.92 40.71 -39.78
CA PRO HA 263 96.90 41.77 -38.76
C PRO HA 263 95.85 41.55 -37.69
N ASP HA 264 95.06 40.49 -37.79
CA ASP HA 264 93.90 40.30 -36.96
C ASP HA 264 93.77 38.89 -36.39
N THR HA 265 94.62 37.96 -36.80
CA THR HA 265 94.61 36.59 -36.28
C THR HA 265 96.04 36.14 -36.01
N HIS HA 266 96.16 35.06 -35.24
CA HIS HA 266 97.45 34.44 -34.95
C HIS HA 266 97.32 32.92 -35.10
N LEU HA 267 98.45 32.27 -35.37
CA LEU HA 267 98.46 30.84 -35.61
C LEU HA 267 98.40 30.05 -34.31
N VAL HA 268 97.63 28.96 -34.34
CA VAL HA 268 97.65 27.94 -33.30
C VAL HA 268 97.73 26.59 -33.98
N HIS HA 269 98.59 25.71 -33.47
CA HIS HA 269 98.95 24.47 -34.15
C HIS HA 269 99.53 24.78 -35.54
N ALA HA 270 100.68 25.44 -35.52
CA ALA HA 270 101.40 25.79 -36.74
C ALA HA 270 102.51 24.78 -36.97
N VAL HA 271 102.60 24.28 -38.20
CA VAL HA 271 103.65 23.34 -38.58
C VAL HA 271 104.98 24.07 -38.62
N PRO HA 272 106.11 23.39 -38.42
CA PRO HA 272 107.40 24.07 -38.49
C PRO HA 272 107.66 24.65 -39.86
N ALA HA 273 108.43 25.75 -39.90
CA ALA HA 273 108.66 26.48 -41.13
C ALA HA 273 109.39 25.66 -42.18
N ALA HA 274 110.07 24.59 -41.78
CA ALA HA 274 110.78 23.75 -42.74
C ALA HA 274 109.82 23.11 -43.74
N ASP HA 275 108.71 22.57 -43.26
CA ASP HA 275 107.71 21.93 -44.12
C ASP HA 275 106.39 22.70 -44.12
N ARG HA 276 106.40 23.96 -43.70
CA ARG HA 276 105.18 24.75 -43.69
C ARG HA 276 104.65 24.98 -45.10
N ALA HA 277 105.54 25.30 -46.05
CA ALA HA 277 105.09 25.67 -47.38
C ALA HA 277 104.66 24.48 -48.23
N LYS HA 278 105.28 23.31 -48.03
CA LYS HA 278 105.09 22.22 -49.00
C LYS HA 278 103.78 21.46 -48.75
N VAL HA 279 103.67 20.78 -47.62
CA VAL HA 279 102.54 19.91 -47.33
C VAL HA 279 102.15 20.13 -45.88
N GLU HA 280 100.88 19.84 -45.58
CA GLU HA 280 100.27 19.95 -44.24
C GLU HA 280 100.46 21.35 -43.63
N GLY HA 281 100.86 22.32 -44.44
CA GLY HA 281 100.72 23.71 -44.06
C GLY HA 281 99.34 24.25 -44.32
N LEU HA 282 98.54 23.54 -45.10
CA LEU HA 282 97.15 23.87 -45.31
C LEU HA 282 96.28 23.53 -44.11
N SER HA 283 96.76 22.67 -43.21
CA SER HA 283 96.03 22.28 -42.02
C SER HA 283 96.19 23.26 -40.87
N GLN HA 284 97.01 24.29 -41.04
CA GLN HA 284 97.15 25.32 -40.02
C GLN HA 284 95.81 26.04 -39.83
N HIS HA 285 95.42 26.24 -38.58
CA HIS HA 285 94.20 26.96 -38.25
C HIS HA 285 94.53 28.11 -37.32
N ALA HA 286 94.03 29.30 -37.66
CA ALA HA 286 94.34 30.51 -36.91
C ALA HA 286 93.26 30.78 -35.87
N ALA HA 287 93.56 31.73 -34.98
CA ALA HA 287 92.66 32.14 -33.92
C ALA HA 287 92.74 33.65 -33.75
N PRO HA 288 91.68 34.27 -33.24
CA PRO HA 288 91.71 35.72 -33.00
C PRO HA 288 92.74 36.10 -31.95
N ASN HA 289 93.12 37.36 -31.96
CA ASN HA 289 94.20 37.72 -31.08
C ASN HA 289 93.81 38.22 -29.71
N ARG HA 290 92.64 37.86 -29.23
CA ARG HA 290 92.20 38.26 -27.91
C ARG HA 290 92.13 39.74 -27.87
N PRO HA 291 90.93 40.28 -27.77
CA PRO HA 291 90.75 41.74 -27.78
C PRO HA 291 91.26 42.41 -26.52
N ASN HA 292 91.85 43.60 -26.70
CA ASN HA 292 92.57 44.29 -25.63
C ASN HA 292 91.80 45.46 -25.06
N PHE HA 293 91.13 46.26 -25.89
CA PHE HA 293 90.31 47.37 -25.44
C PHE HA 293 91.09 48.37 -24.60
N ILE HA 294 92.08 49.03 -25.21
CA ILE HA 294 92.88 50.03 -24.52
C ILE HA 294 92.16 51.37 -24.58
N GLY HA 295 92.02 52.03 -23.44
CA GLY HA 295 91.40 53.34 -23.38
C GLY HA 295 91.77 54.04 -22.09
N PHE HA 296 91.26 55.26 -21.94
CA PHE HA 296 91.52 56.03 -20.75
C PHE HA 296 90.87 55.38 -19.54
N ARG HA 297 91.45 55.62 -18.36
CA ARG HA 297 91.04 54.92 -17.16
C ARG HA 297 89.78 55.57 -16.57
N ASP HA 298 89.16 54.88 -15.63
CA ASP HA 298 87.85 55.30 -15.11
C ASP HA 298 87.95 56.65 -14.42
N CYS HA 299 87.03 57.54 -14.75
CA CYS HA 299 86.98 58.89 -14.18
C CYS HA 299 88.32 59.62 -14.35
N PHE HA 300 89.06 59.26 -15.39
CA PHE HA 300 90.38 59.83 -15.68
C PHE HA 300 91.32 59.68 -14.49
N VAL HA 301 91.15 58.59 -13.74
CA VAL HA 301 91.96 58.38 -12.55
C VAL HA 301 93.39 58.04 -12.97
N GLY HA 302 94.36 58.61 -12.25
CA GLY HA 302 95.76 58.41 -12.56
C GLY HA 302 96.35 59.43 -13.52
N LEU HA 303 95.53 60.28 -14.12
CA LEU HA 303 96.04 61.31 -15.03
C LEU HA 303 96.56 62.53 -14.30
N MET HA 304 96.23 62.68 -13.01
CA MET HA 304 96.68 63.81 -12.21
C MET HA 304 97.62 63.33 -11.12
N TYR HA 305 98.68 64.10 -10.88
CA TYR HA 305 99.67 63.75 -9.87
C TYR HA 305 99.08 64.05 -8.49
N TYR HA 306 98.44 63.05 -7.91
CA TYR HA 306 97.79 63.18 -6.61
C TYR HA 306 98.57 62.43 -5.55
N ASN HA 307 98.67 63.04 -4.36
CA ASN HA 307 99.26 62.41 -3.19
C ASN HA 307 100.70 61.96 -3.46
N SER HA 308 101.44 62.76 -4.21
CA SER HA 308 102.83 62.49 -4.52
C SER HA 308 103.67 63.69 -4.11
N GLY HA 309 104.76 63.43 -3.37
CA GLY HA 309 105.61 64.51 -2.92
C GLY HA 309 106.47 65.12 -4.01
N GLY HA 310 106.68 64.39 -5.12
CA GLY HA 310 107.50 64.92 -6.19
C GLY HA 310 106.89 66.13 -6.86
N ASN HA 311 105.58 66.09 -7.12
CA ASN HA 311 104.88 67.17 -7.81
C ASN HA 311 103.67 67.57 -6.97
N LEU HA 312 103.56 68.87 -6.69
CA LEU HA 312 102.46 69.42 -5.91
C LEU HA 312 101.76 70.51 -6.72
N GLY HA 313 100.43 70.43 -6.77
CA GLY HA 313 99.62 71.40 -7.48
C GLY HA 313 99.30 72.64 -6.66
N VAL HA 314 100.26 73.56 -6.56
CA VAL HA 314 100.08 74.73 -5.71
C VAL HA 314 98.85 75.52 -6.15
N LEU HA 315 98.07 75.97 -5.17
CA LEU HA 315 96.98 76.92 -5.36
C LEU HA 315 97.27 78.07 -4.40
N ALA HA 316 97.96 79.09 -4.86
CA ALA HA 316 98.47 80.14 -4.00
C ALA HA 316 98.13 81.51 -4.59
N GLY HA 317 98.03 82.50 -3.71
CA GLY HA 317 97.82 83.85 -4.16
C GLY HA 317 99.00 84.40 -4.93
N GLN HA 318 98.73 85.45 -5.71
CA GLN HA 318 99.78 86.05 -6.52
C GLN HA 318 100.90 86.60 -5.65
N SER HA 319 100.56 87.26 -4.55
CA SER HA 319 101.56 87.86 -3.67
C SER HA 319 102.09 86.88 -2.64
N SER HA 320 101.22 86.04 -2.06
CA SER HA 320 101.66 85.15 -1.00
C SER HA 320 102.61 84.08 -1.53
N GLN HA 321 102.25 83.44 -2.63
CA GLN HA 321 103.04 82.35 -3.21
C GLN HA 321 103.29 81.24 -2.19
N LEU HA 322 102.27 80.98 -1.35
CA LEU HA 322 102.33 79.96 -0.33
C LEU HA 322 101.28 78.89 -0.62
N ASN HA 323 101.72 77.64 -0.70
CA ASN HA 323 100.83 76.56 -1.10
C ASN HA 323 99.67 76.40 -0.14
N ALA HA 324 98.46 76.31 -0.68
CA ALA HA 324 97.28 75.95 0.07
C ALA HA 324 96.91 74.49 -0.09
N VAL HA 325 97.73 73.72 -0.82
CA VAL HA 325 97.50 72.31 -1.08
C VAL HA 325 98.69 71.53 -0.56
N VAL HA 326 98.44 70.61 0.37
CA VAL HA 326 99.48 69.74 0.90
C VAL HA 326 99.03 68.29 0.73
N ASP HA 327 99.93 67.46 0.22
CA ASP HA 327 99.71 66.02 0.13
C ASP HA 327 100.75 65.32 1.00
N LEU HA 328 100.28 64.46 1.90
CA LEU HA 328 101.14 63.87 2.92
C LEU HA 328 101.40 62.39 2.68
N GLN HA 329 101.19 61.91 1.45
CA GLN HA 329 101.55 60.59 0.97
C GLN HA 329 100.75 59.47 1.63
N ASP HA 330 99.85 59.77 2.56
CA ASP HA 330 99.00 58.76 3.19
C ASP HA 330 97.56 58.81 2.70
N ARG HA 331 97.10 59.97 2.25
CA ARG HA 331 95.75 60.12 1.73
C ARG HA 331 95.64 59.47 0.35
N ASN HA 332 94.50 58.85 0.08
CA ASN HA 332 94.21 58.26 -1.22
C ASN HA 332 93.01 59.00 -1.81
N THR HA 333 93.28 60.15 -2.42
CA THR HA 333 92.21 60.98 -2.95
C THR HA 333 91.56 60.38 -4.18
N GLU HA 334 92.26 59.54 -4.94
CA GLU HA 334 91.65 58.92 -6.10
C GLU HA 334 90.53 57.97 -5.68
N LEU HA 335 90.82 57.06 -4.75
CA LEU HA 335 89.79 56.18 -4.21
C LEU HA 335 88.73 56.97 -3.45
N SER HA 336 89.15 58.04 -2.76
CA SER HA 336 88.19 58.89 -2.08
C SER HA 336 87.16 59.46 -3.05
N TYR HA 337 87.63 60.03 -4.16
CA TYR HA 337 86.72 60.58 -5.16
C TYR HA 337 85.88 59.49 -5.80
N GLN HA 338 86.49 58.32 -6.05
CA GLN HA 338 85.73 57.21 -6.62
C GLN HA 338 84.53 56.85 -5.75
N MET HA 339 84.77 56.62 -4.46
CA MET HA 339 83.66 56.25 -3.58
C MET HA 339 82.69 57.40 -3.36
N LEU HA 340 83.18 58.64 -3.28
CA LEU HA 340 82.28 59.78 -3.15
C LEU HA 340 81.32 59.85 -4.33
N LEU HA 341 81.86 59.75 -5.55
CA LEU HA 341 81.02 59.78 -6.74
C LEU HA 341 80.05 58.62 -6.76
N ALA HA 342 80.52 57.42 -6.38
CA ALA HA 342 79.65 56.24 -6.39
C ALA HA 342 78.49 56.40 -5.42
N ASN HA 343 78.75 56.93 -4.22
CA ASN HA 343 77.66 57.08 -3.25
C ASN HA 343 76.74 58.24 -3.62
N THR HA 344 77.26 59.33 -4.18
CA THR HA 344 76.39 60.46 -4.49
C THR HA 344 75.51 60.18 -5.70
N THR HA 345 76.04 59.57 -6.75
CA THR HA 345 75.30 59.39 -7.98
C THR HA 345 75.14 57.92 -8.33
N ASP HA 346 74.07 57.61 -9.06
CA ASP HA 346 73.90 56.29 -9.65
C ASP HA 346 74.96 56.10 -10.73
N ARG HA 347 75.91 55.20 -10.48
CA ARG HA 347 77.05 55.02 -11.38
C ARG HA 347 76.74 54.03 -12.50
N SER HA 348 75.54 53.47 -12.55
CA SER HA 348 75.16 52.58 -13.64
C SER HA 348 75.08 53.29 -14.98
N ARG HA 349 75.03 54.62 -15.00
CA ARG HA 349 74.99 55.38 -16.23
C ARG HA 349 76.37 55.90 -16.58
N TYR HA 350 76.66 55.96 -17.88
CA TYR HA 350 77.98 56.33 -18.37
C TYR HA 350 77.99 57.80 -18.78
N PHE HA 351 78.74 58.61 -18.04
CA PHE HA 351 78.93 60.02 -18.34
C PHE HA 351 80.19 60.21 -19.17
N SER HA 352 80.12 61.13 -20.13
CA SER HA 352 81.16 61.28 -21.15
C SER HA 352 82.20 62.34 -20.83
N MET HA 353 81.83 63.41 -20.13
CA MET HA 353 82.82 64.45 -19.78
C MET HA 353 83.99 63.87 -18.99
N TRP HA 354 83.68 63.15 -17.93
CA TRP HA 354 84.70 62.69 -16.98
C TRP HA 354 85.11 61.26 -17.24
N ASN HA 355 84.71 60.69 -18.38
CA ASN HA 355 84.87 59.26 -18.64
C ASN HA 355 84.29 58.46 -17.47
N GLN HA 356 83.13 58.88 -16.99
CA GLN HA 356 82.51 58.27 -15.82
C GLN HA 356 81.85 56.96 -16.22
N ALA HA 357 82.70 56.04 -16.66
CA ALA HA 357 82.30 54.69 -17.03
C ALA HA 357 82.96 53.73 -16.07
N MET HA 358 82.22 53.28 -15.06
CA MET HA 358 82.76 52.49 -13.98
C MET HA 358 83.11 51.08 -14.48
N ASP HA 359 84.24 50.57 -13.99
CA ASP HA 359 84.63 49.20 -14.30
C ASP HA 359 83.61 48.22 -13.73
N SER HA 360 83.36 47.16 -14.49
CA SER HA 360 82.37 46.18 -14.10
C SER HA 360 82.79 44.81 -14.64
N TYR HA 361 81.95 43.81 -14.42
CA TYR HA 361 82.18 42.48 -14.95
C TYR HA 361 80.83 41.81 -15.18
N ASP HA 362 80.84 40.79 -16.03
CA ASP HA 362 79.61 40.06 -16.30
C ASP HA 362 79.28 39.18 -15.10
N PRO HA 363 78.08 39.30 -14.52
CA PRO HA 363 77.73 38.44 -13.38
C PRO HA 363 77.74 36.96 -13.70
N GLU HA 364 77.38 36.57 -14.93
CA GLU HA 364 77.39 35.17 -15.32
C GLU HA 364 78.73 34.69 -15.84
N VAL HA 365 79.74 35.57 -15.88
CA VAL HA 365 81.10 35.19 -16.21
C VAL HA 365 81.97 35.14 -14.96
N ARG HA 366 81.77 36.05 -14.02
CA ARG HA 366 82.48 35.97 -12.75
C ARG HA 366 82.15 34.66 -12.03
N VAL HA 367 80.87 34.33 -11.97
CA VAL HA 367 80.41 33.03 -11.52
C VAL HA 367 79.57 32.42 -12.64
N ILE HA 368 79.88 31.18 -13.00
CA ILE HA 368 79.22 30.51 -14.11
C ILE HA 368 78.06 29.68 -13.57
N ASP HA 369 76.85 30.02 -14.00
CA ASP HA 369 75.65 29.27 -13.63
C ASP HA 369 75.39 28.19 -14.68
N ASN HA 370 76.11 27.09 -14.53
CA ASN HA 370 76.09 26.03 -15.54
C ASN HA 370 74.77 25.30 -15.55
N VAL HA 371 73.71 26.00 -15.92
CA VAL HA 371 72.38 25.39 -16.04
C VAL HA 371 72.29 24.47 -17.25
N GLY HA 372 73.28 24.53 -18.14
CA GLY HA 372 73.26 23.69 -19.32
C GLY HA 372 72.65 24.40 -20.51
N VAL HA 373 72.14 23.60 -21.43
CA VAL HA 373 71.52 24.12 -22.64
C VAL HA 373 70.17 23.45 -22.83
N GLU HA 374 69.27 24.17 -23.51
CA GLU HA 374 67.95 23.65 -23.83
C GLU HA 374 67.98 23.07 -25.24
N ASP HA 375 68.69 21.96 -25.38
CA ASP HA 375 68.85 21.28 -26.66
C ASP HA 375 68.12 19.95 -26.62
N GLU HA 376 66.81 20.00 -26.89
CA GLU HA 376 65.97 18.81 -26.98
C GLU HA 376 65.71 18.40 -28.41
N MET HA 377 65.80 19.33 -29.35
CA MET HA 377 65.62 18.91 -30.73
C MET HA 377 66.95 18.94 -31.47
N PRO HA 378 67.11 18.06 -32.46
CA PRO HA 378 68.25 18.20 -33.38
C PRO HA 378 68.06 19.40 -34.29
N ASN HA 379 69.18 19.92 -34.81
CA ASN HA 379 69.13 21.11 -35.63
C ASN HA 379 69.11 20.82 -37.12
N TYR HA 380 69.73 19.72 -37.56
CA TYR HA 380 69.48 19.13 -38.87
C TYR HA 380 69.77 20.11 -40.01
N CYS HA 381 71.06 20.41 -40.15
CA CYS HA 381 71.52 21.16 -41.32
C CYS HA 381 71.18 20.40 -42.60
N PHE HA 382 70.72 21.15 -43.62
CA PHE HA 382 70.18 20.53 -44.83
C PHE HA 382 70.90 21.03 -46.07
N PRO HA 383 70.96 20.23 -47.14
CA PRO HA 383 71.74 20.61 -48.32
C PRO HA 383 71.20 21.86 -49.00
N LEU HA 384 72.11 22.59 -49.65
CA LEU HA 384 71.73 23.78 -50.39
C LEU HA 384 70.74 23.46 -51.50
N SER HA 385 71.00 22.41 -52.26
CA SER HA 385 70.08 22.01 -53.30
C SER HA 385 68.81 21.45 -52.68
N GLY HA 386 67.86 21.06 -53.53
CA GLY HA 386 66.64 20.49 -53.03
C GLY HA 386 66.87 19.13 -52.40
N VAL HA 387 67.17 18.13 -53.22
CA VAL HA 387 67.39 16.79 -52.70
C VAL HA 387 68.64 16.15 -53.29
N GLN HA 388 69.77 16.33 -52.60
CA GLN HA 388 70.99 15.54 -52.78
C GLN HA 388 71.28 15.22 -54.25
N ILE HA 389 71.58 16.24 -55.06
CA ILE HA 389 71.79 16.02 -56.48
C ILE HA 389 72.92 15.02 -56.68
N GLY HA 390 72.60 13.87 -57.23
CA GLY HA 390 73.57 12.81 -57.45
C GLY HA 390 73.30 12.01 -58.71
N ASN HA 391 73.29 10.68 -58.59
CA ASN HA 391 73.01 9.83 -59.73
C ASN HA 391 71.58 10.03 -60.22
N ARG HA 392 71.42 9.98 -61.54
CA ARG HA 392 70.12 10.22 -62.15
C ARG HA 392 69.28 8.95 -62.12
N SER HA 393 68.10 8.99 -62.74
CA SER HA 393 67.21 7.85 -62.79
C SER HA 393 66.36 7.94 -64.04
N HIS HA 394 65.76 6.82 -64.42
CA HIS HA 394 64.98 6.71 -65.64
C HIS HA 394 63.50 6.49 -65.31
N GLU HA 395 62.63 7.09 -66.11
CA GLU HA 395 61.19 6.92 -65.95
C GLU HA 395 60.75 5.65 -66.67
N VAL HA 396 59.84 4.91 -66.04
CA VAL HA 396 59.35 3.65 -66.57
C VAL HA 396 57.83 3.65 -66.56
N GLN HA 397 57.26 2.76 -67.36
CA GLN HA 397 55.81 2.63 -67.46
C GLN HA 397 55.47 1.19 -67.81
N ARG HA 398 54.20 0.84 -67.62
CA ARG HA 398 53.72 -0.53 -67.81
C ARG HA 398 53.04 -0.66 -69.17
N ASN HA 399 53.71 -1.34 -70.10
CA ASN HA 399 53.08 -1.75 -71.35
C ASN HA 399 52.47 -3.14 -71.24
N GLN HA 400 53.15 -4.02 -70.51
CA GLN HA 400 52.66 -5.35 -70.18
C GLN HA 400 53.24 -5.72 -68.81
N GLN HA 401 53.26 -7.02 -68.50
CA GLN HA 401 53.72 -7.46 -67.18
C GLN HA 401 55.11 -6.93 -66.85
N GLN HA 402 55.95 -6.71 -67.85
CA GLN HA 402 57.30 -6.19 -67.64
C GLN HA 402 57.31 -4.68 -67.81
N TRP HA 403 58.20 -4.03 -67.05
CA TRP HA 403 58.37 -2.58 -67.11
C TRP HA 403 59.41 -2.20 -68.15
N GLN HA 404 59.15 -1.09 -68.86
CA GLN HA 404 60.06 -0.59 -69.86
C GLN HA 404 60.34 0.89 -69.61
N ASN HA 405 61.50 1.34 -70.07
CA ASN HA 405 61.88 2.73 -69.90
C ASN HA 405 61.04 3.63 -70.80
N VAL HA 406 60.87 4.88 -70.37
CA VAL HA 406 60.17 5.89 -71.14
C VAL HA 406 61.17 6.62 -72.02
N ALA HA 407 60.78 6.90 -73.26
CA ALA HA 407 61.70 7.47 -74.23
C ALA HA 407 62.18 8.86 -73.80
N ASN HA 408 63.47 9.11 -74.04
CA ASN HA 408 64.14 10.40 -73.80
C ASN HA 408 63.67 11.07 -72.51
N SER HA 409 63.66 10.28 -71.43
CA SER HA 409 63.39 10.79 -70.09
C SER HA 409 64.46 10.19 -69.16
N ASP HA 410 65.60 10.88 -69.06
CA ASP HA 410 66.73 10.35 -68.29
C ASP HA 410 67.43 11.40 -67.45
N ASN HA 411 66.88 12.61 -67.34
CA ASN HA 411 67.45 13.67 -66.53
C ASN HA 411 66.77 13.79 -65.17
N ASN HA 412 66.17 12.71 -64.69
CA ASN HA 412 65.50 12.71 -63.40
C ASN HA 412 66.52 12.69 -62.27
N TYR HA 413 66.12 13.22 -61.11
CA TYR HA 413 67.02 13.36 -59.96
C TYR HA 413 66.32 12.91 -58.68
N ILE HA 414 65.69 11.74 -58.71
CA ILE HA 414 65.00 11.22 -57.54
C ILE HA 414 65.99 10.55 -56.61
N GLY HA 415 65.92 10.89 -55.33
CA GLY HA 415 66.65 10.19 -54.30
C GLY HA 415 65.70 9.54 -53.31
N LYS HA 416 66.06 8.38 -52.78
CA LYS HA 416 65.18 7.67 -51.86
C LYS HA 416 65.60 7.88 -50.41
N GLY HA 417 64.64 7.80 -49.51
CA GLY HA 417 64.89 7.97 -48.09
C GLY HA 417 64.77 9.42 -47.67
N ASN HA 418 65.09 9.64 -46.39
CA ASN HA 418 65.05 10.98 -45.82
C ASN HA 418 66.16 11.85 -46.40
N LEU HA 419 66.00 13.16 -46.26
CA LEU HA 419 67.02 14.09 -46.72
C LEU HA 419 68.35 13.81 -46.02
N PRO HA 420 69.46 13.87 -46.73
CA PRO HA 420 70.76 13.88 -46.06
C PRO HA 420 70.87 15.11 -45.17
N ALA HA 421 71.43 14.92 -43.98
CA ALA HA 421 71.47 16.00 -43.00
C ALA HA 421 72.63 15.75 -42.05
N MET HA 422 72.99 16.80 -41.31
CA MET HA 422 74.10 16.74 -40.36
C MET HA 422 73.75 17.56 -39.13
N GLU HA 423 73.76 16.92 -37.96
CA GLU HA 423 73.43 17.61 -36.71
C GLU HA 423 74.58 18.52 -36.29
N ILE HA 424 74.22 19.58 -35.55
CA ILE HA 424 75.23 20.51 -35.04
C ILE HA 424 75.07 20.84 -33.56
N ASN HA 425 73.91 20.62 -32.98
CA ASN HA 425 73.66 21.03 -31.59
C ASN HA 425 74.04 22.46 -31.42
N LEU HA 426 73.16 23.36 -31.81
CA LEU HA 426 73.44 24.79 -31.75
C LEU HA 426 73.56 25.28 -30.31
N ALA HA 427 72.64 24.86 -29.44
CA ALA HA 427 72.60 25.39 -28.08
C ALA HA 427 73.88 25.06 -27.32
N ALA HA 428 74.25 23.78 -27.31
CA ALA HA 428 75.44 23.33 -26.62
C ALA HA 428 76.69 23.95 -27.23
N ASN HA 429 76.72 24.04 -28.56
CA ASN HA 429 77.88 24.61 -29.24
C ASN HA 429 78.07 26.07 -28.85
N LEU HA 430 76.98 26.85 -28.87
CA LEU HA 430 77.06 28.26 -28.53
C LEU HA 430 77.45 28.45 -27.07
N TRP HA 431 76.87 27.65 -26.18
CA TRP HA 431 77.21 27.79 -24.76
C TRP HA 431 78.66 27.43 -24.50
N ARG HA 432 79.17 26.39 -25.15
CA ARG HA 432 80.58 26.05 -24.97
C ARG HA 432 81.48 27.13 -25.53
N SER HA 433 81.11 27.72 -26.67
CA SER HA 433 81.91 28.82 -27.21
C SER HA 433 81.94 30.00 -26.25
N PHE HA 434 80.79 30.36 -25.68
CA PHE HA 434 80.73 31.45 -24.71
C PHE HA 434 81.60 31.13 -23.50
N LEU HA 435 81.45 29.92 -22.95
CA LEU HA 435 82.21 29.55 -21.76
C LEU HA 435 83.70 29.55 -22.01
N TYR HA 436 84.13 29.00 -23.16
CA TYR HA 436 85.54 29.05 -23.53
C TYR HA 436 86.01 30.49 -23.59
N SER HA 437 85.40 31.29 -24.45
CA SER HA 437 85.85 32.66 -24.69
C SER HA 437 85.84 33.50 -23.42
N ASN HA 438 85.04 33.15 -22.42
CA ASN HA 438 84.94 34.01 -21.25
C ASN HA 438 85.65 33.46 -20.00
N VAL HA 439 86.07 32.20 -20.00
CA VAL HA 439 86.76 31.63 -18.84
C VAL HA 439 88.13 31.07 -19.22
N ALA HA 440 88.20 30.29 -20.30
CA ALA HA 440 89.44 29.58 -20.61
C ALA HA 440 90.54 30.56 -20.98
N LEU HA 441 90.24 31.51 -21.86
CA LEU HA 441 91.27 32.46 -22.29
C LEU HA 441 91.76 33.34 -21.16
N TYR HA 442 90.97 33.51 -20.10
CA TYR HA 442 91.35 34.32 -18.96
C TYR HA 442 91.85 33.49 -17.79
N LEU HA 443 91.87 32.17 -17.92
CA LEU HA 443 92.53 31.31 -16.95
C LEU HA 443 93.95 31.80 -16.67
N PRO HA 444 94.47 31.53 -15.47
CA PRO HA 444 95.82 32.01 -15.13
C PRO HA 444 96.87 31.40 -16.04
N ASP HA 445 98.01 32.10 -16.15
CA ASP HA 445 99.02 31.74 -17.16
C ASP HA 445 99.60 30.36 -16.90
N ASN HA 446 99.84 30.01 -15.63
CA ASN HA 446 100.45 28.73 -15.33
C ASN HA 446 99.58 27.55 -15.71
N LEU HA 447 98.27 27.74 -15.85
CA LEU HA 447 97.40 26.67 -16.33
C LEU HA 447 97.45 26.50 -17.84
N LYS HA 448 97.94 27.51 -18.56
CA LYS HA 448 97.98 27.45 -20.01
C LYS HA 448 99.26 26.78 -20.48
N PHE HA 449 99.32 26.54 -21.80
CA PHE HA 449 100.47 25.90 -22.42
C PHE HA 449 100.80 26.63 -23.72
N THR HA 450 102.07 26.58 -24.10
CA THR HA 450 102.48 27.21 -25.35
C THR HA 450 102.36 26.22 -26.51
N PRO HA 451 101.94 26.68 -27.69
CA PRO HA 451 101.72 25.76 -28.80
C PRO HA 451 103.03 25.29 -29.42
N HIS HA 452 102.92 24.22 -30.20
CA HIS HA 452 104.07 23.63 -30.86
C HIS HA 452 104.56 24.53 -31.99
N ASN HA 453 105.88 24.55 -32.17
CA ASN HA 453 106.51 25.22 -33.31
C ASN HA 453 106.20 26.71 -33.35
N ILE HA 454 105.92 27.31 -32.20
CA ILE HA 454 105.65 28.73 -32.09
C ILE HA 454 106.54 29.31 -31.00
N GLN HA 455 107.32 30.34 -31.34
CA GLN HA 455 108.25 30.96 -30.42
C GLN HA 455 107.59 32.17 -29.78
N LEU HA 456 107.44 32.14 -28.46
CA LEU HA 456 106.88 33.26 -27.73
C LEU HA 456 107.99 34.02 -27.01
N PRO HA 457 107.84 35.34 -26.86
CA PRO HA 457 108.90 36.12 -26.23
C PRO HA 457 109.04 35.74 -24.77
N PRO HA 458 110.25 35.82 -24.23
CA PRO HA 458 110.44 35.53 -22.80
C PRO HA 458 109.66 36.48 -21.90
N ASN HA 459 109.42 37.71 -22.34
CA ASN HA 459 108.71 38.70 -21.53
C ASN HA 459 107.26 38.28 -21.38
N THR HA 460 106.90 37.81 -20.17
CA THR HA 460 105.55 37.33 -19.92
C THR HA 460 104.53 38.46 -20.04
N ASN HA 461 104.90 39.67 -19.61
CA ASN HA 461 103.96 40.78 -19.61
C ASN HA 461 103.55 41.21 -21.00
N THR HA 462 104.27 40.78 -22.04
CA THR HA 462 103.99 41.25 -23.39
C THR HA 462 102.64 40.73 -23.88
N TYR HA 463 101.96 41.54 -24.65
CA TYR HA 463 100.68 41.13 -25.18
C TYR HA 463 100.84 39.91 -25.95
N GLU HA 464 101.69 39.98 -26.93
CA GLU HA 464 101.82 38.85 -27.84
C GLU HA 464 102.11 37.56 -27.09
N TYR HA 465 102.85 37.62 -25.98
CA TYR HA 465 103.00 36.42 -25.15
C TYR HA 465 101.68 35.99 -24.54
N MET HA 466 100.96 36.94 -23.90
CA MET HA 466 99.68 36.58 -23.31
C MET HA 466 98.66 36.15 -24.36
N ASN HA 467 98.90 36.48 -25.63
CA ASN HA 467 98.01 36.14 -26.72
C ASN HA 467 98.32 34.76 -27.29
N GLY HA 468 99.59 34.42 -27.45
CA GLY HA 468 99.97 33.16 -28.04
C GLY HA 468 99.86 31.95 -27.13
N ARG HA 469 99.34 32.12 -25.91
CA ARG HA 469 99.25 31.04 -24.95
C ARG HA 469 97.82 30.48 -24.95
N ILE HA 470 97.70 29.18 -25.16
CA ILE HA 470 96.41 28.52 -25.31
C ILE HA 470 96.06 27.79 -24.02
N PRO HA 471 94.82 27.86 -23.56
CA PRO HA 471 94.43 27.10 -22.37
C PRO HA 471 94.45 25.60 -22.64
N VAL HA 472 94.68 24.84 -21.58
CA VAL HA 472 94.62 23.38 -21.65
C VAL HA 472 93.17 22.95 -21.61
N SER HA 473 92.90 21.69 -21.95
CA SER HA 473 91.55 21.16 -22.01
C SER HA 473 91.27 20.32 -20.78
N GLY HA 474 90.27 20.71 -19.99
CA GLY HA 474 89.87 19.93 -18.84
C GLY HA 474 89.59 20.76 -17.60
N LEU HA 475 90.33 21.85 -17.42
CA LEU HA 475 90.10 22.72 -16.26
C LEU HA 475 88.73 23.37 -16.31
N ILE HA 476 88.33 23.88 -17.48
CA ILE HA 476 87.03 24.51 -17.64
C ILE HA 476 86.40 23.99 -18.94
N ASP HA 477 85.13 23.67 -18.88
CA ASP HA 477 84.39 23.08 -20.00
C ASP HA 477 82.93 23.06 -19.65
N THR HA 478 82.10 22.68 -20.62
CA THR HA 478 80.65 22.64 -20.40
C THR HA 478 80.19 21.33 -19.74
N TYR HA 479 80.90 20.88 -18.72
CA TYR HA 479 80.37 19.88 -17.80
C TYR HA 479 80.74 20.14 -16.34
N VAL HA 480 81.80 20.90 -16.05
CA VAL HA 480 82.27 21.05 -14.69
C VAL HA 480 81.31 21.92 -13.90
N ASN HA 481 81.01 21.51 -12.67
CA ASN HA 481 80.11 22.23 -11.77
C ASN HA 481 78.75 22.46 -12.42
N ILE HA 482 78.28 21.47 -13.16
CA ILE HA 482 76.99 21.59 -13.85
C ILE HA 482 75.86 21.56 -12.82
N GLY HA 483 74.77 22.24 -13.15
CA GLY HA 483 73.62 22.29 -12.26
C GLY HA 483 73.75 23.26 -11.11
N THR HA 484 74.84 24.01 -11.02
CA THR HA 484 75.03 24.97 -9.93
C THR HA 484 75.88 26.12 -10.44
N ARG HA 485 75.81 27.23 -9.71
CA ARG HA 485 76.64 28.41 -9.99
C ARG HA 485 77.84 28.37 -9.07
N TRP HA 486 79.04 28.31 -9.66
CA TRP HA 486 80.26 28.13 -8.88
C TRP HA 486 81.43 28.63 -9.72
N SER HA 487 82.05 29.72 -9.31
CA SER HA 487 83.22 30.22 -10.00
C SER HA 487 84.37 29.23 -9.86
N PRO HA 488 85.12 28.98 -10.93
CA PRO HA 488 86.26 28.06 -10.83
C PRO HA 488 87.26 28.51 -9.78
N ASP HA 489 87.82 27.54 -9.05
CA ASP HA 489 88.73 27.87 -7.97
C ASP HA 489 89.98 28.56 -8.49
N VAL HA 490 90.47 28.15 -9.65
CA VAL HA 490 91.67 28.78 -10.22
C VAL HA 490 91.39 30.21 -10.62
N MET HA 491 90.15 30.54 -10.96
CA MET HA 491 89.79 31.88 -11.43
C MET HA 491 89.37 32.82 -10.31
N ASP HA 492 89.38 32.36 -9.06
CA ASP HA 492 88.93 33.22 -7.96
C ASP HA 492 89.90 34.37 -7.72
N ASN HA 493 91.19 34.08 -7.65
CA ASN HA 493 92.20 35.12 -7.43
C ASN HA 493 92.72 35.67 -8.76
N VAL HA 494 91.79 36.04 -9.64
CA VAL HA 494 92.10 36.62 -10.93
C VAL HA 494 91.15 37.79 -11.15
N ASN HA 495 91.67 38.91 -11.63
CA ASN HA 495 90.90 40.12 -11.86
C ASN HA 495 89.69 39.84 -12.75
N PRO HA 496 88.47 39.94 -12.21
CA PRO HA 496 87.27 39.83 -13.06
C PRO HA 496 86.98 41.08 -13.87
N PHE HA 497 87.66 42.18 -13.56
CA PHE HA 497 87.46 43.44 -14.29
C PHE HA 497 88.42 43.61 -15.46
N ASN HA 498 89.52 42.85 -15.46
CA ASN HA 498 90.40 42.79 -16.62
C ASN HA 498 89.84 41.79 -17.63
N HIS HA 499 88.66 42.12 -18.14
CA HIS HA 499 87.88 41.23 -18.98
C HIS HA 499 87.39 42.01 -20.20
N HIS HA 500 87.28 41.32 -21.33
CA HIS HA 500 86.77 41.97 -22.54
C HIS HA 500 85.29 42.29 -22.45
N ARG HA 501 84.58 41.73 -21.47
CA ARG HA 501 83.18 42.04 -21.24
C ARG HA 501 82.99 43.16 -20.23
N ASN HA 502 84.07 43.81 -19.80
CA ASN HA 502 83.97 44.96 -18.91
C ASN HA 502 83.30 46.09 -19.66
N SER HA 503 82.04 46.36 -19.33
CA SER HA 503 81.26 47.34 -20.09
C SER HA 503 81.86 48.73 -19.96
N GLY HA 504 82.30 49.10 -18.77
CA GLY HA 504 82.90 50.42 -18.59
C GLY HA 504 84.17 50.60 -19.40
N LEU HA 505 85.05 49.60 -19.37
CA LEU HA 505 86.28 49.68 -20.15
C LEU HA 505 85.99 49.69 -21.64
N ARG HA 506 85.00 48.90 -22.08
CA ARG HA 506 84.62 48.92 -23.49
C ARG HA 506 84.12 50.29 -23.91
N TYR HA 507 83.25 50.89 -23.09
CA TYR HA 507 82.73 52.22 -23.42
C TYR HA 507 83.85 53.26 -23.45
N ARG HA 508 84.76 53.20 -22.47
CA ARG HA 508 85.86 54.16 -22.44
C ARG HA 508 86.79 53.98 -23.63
N SER HA 509 87.04 52.74 -24.05
CA SER HA 509 87.89 52.50 -25.20
C SER HA 509 87.24 52.97 -26.49
N GLN HA 510 85.94 52.73 -26.65
CA GLN HA 510 85.25 53.19 -27.85
C GLN HA 510 84.98 54.68 -27.84
N LEU HA 511 85.09 55.33 -26.67
CA LEU HA 511 84.80 56.75 -26.58
C LEU HA 511 85.81 57.57 -27.39
N LEU HA 512 87.08 57.19 -27.36
CA LEU HA 512 88.10 57.86 -28.16
C LEU HA 512 88.44 57.13 -29.44
N GLY HA 513 87.65 56.12 -29.81
CA GLY HA 513 87.80 55.46 -31.09
C GLY HA 513 88.69 54.23 -31.04
N ASN HA 514 88.62 53.46 -32.12
CA ASN HA 514 89.44 52.28 -32.29
C ASN HA 514 90.76 52.66 -32.96
N GLY HA 515 91.49 51.68 -33.45
CA GLY HA 515 92.71 52.01 -34.15
C GLY HA 515 93.87 52.28 -33.22
N ARG HA 516 95.08 52.06 -33.75
CA ARG HA 516 96.29 52.23 -32.94
C ARG HA 516 96.45 53.68 -32.50
N PHE HA 517 96.21 54.62 -33.39
CA PHE HA 517 96.36 56.04 -33.12
C PHE HA 517 95.00 56.69 -32.94
N CYS HA 518 95.00 57.86 -32.30
CA CYS HA 518 93.80 58.68 -32.16
C CYS HA 518 94.17 59.99 -31.48
N ASP HA 519 93.37 61.02 -31.77
CA ASP HA 519 93.47 62.31 -31.09
C ASP HA 519 92.40 62.36 -30.00
N PHE HA 520 92.83 62.68 -28.78
CA PHE HA 520 91.93 62.71 -27.63
C PHE HA 520 91.70 64.16 -27.20
N HIS HA 521 90.44 64.51 -26.99
CA HIS HA 521 90.04 65.80 -26.45
C HIS HA 521 89.25 65.50 -25.18
N ILE HA 522 89.87 65.69 -24.02
CA ILE HA 522 89.33 65.25 -22.76
C ILE HA 522 89.29 66.41 -21.78
N GLN HA 523 88.41 66.27 -20.78
CA GLN HA 523 88.28 67.25 -19.71
C GLN HA 523 88.38 66.50 -18.38
N VAL HA 524 89.47 66.72 -17.65
CA VAL HA 524 89.68 66.04 -16.37
C VAL HA 524 89.27 66.97 -15.24
N PRO HA 525 88.57 66.47 -14.23
CA PRO HA 525 88.14 67.34 -13.12
C PRO HA 525 89.19 67.46 -12.03
N GLN HA 526 88.87 68.21 -10.98
CA GLN HA 526 89.75 68.35 -9.82
C GLN HA 526 89.20 67.47 -8.70
N LYS HA 527 90.04 66.60 -8.16
CA LYS HA 527 89.60 65.60 -7.20
C LYS HA 527 90.08 65.86 -5.78
N PHE HA 528 90.98 66.81 -5.57
CA PHE HA 528 91.44 67.09 -4.21
C PHE HA 528 90.28 67.57 -3.35
N PHE HA 529 90.23 67.08 -2.11
CA PHE HA 529 89.08 67.36 -1.26
C PHE HA 529 89.01 68.81 -0.83
N ALA HA 530 90.16 69.46 -0.60
CA ALA HA 530 90.18 70.84 -0.14
C ALA HA 530 90.05 71.85 -1.27
N ILE HA 531 90.00 71.40 -2.53
CA ILE HA 531 89.92 72.29 -3.68
C ILE HA 531 88.62 72.09 -4.46
N ARG HA 532 88.17 70.85 -4.60
CA ARG HA 532 87.07 70.53 -5.51
C ARG HA 532 85.83 71.34 -5.19
N ASN HA 533 85.45 71.42 -3.92
CA ASN HA 533 84.24 72.12 -3.52
C ASN HA 533 84.50 73.55 -3.04
N LEU HA 534 85.75 74.02 -3.12
CA LEU HA 534 86.09 75.33 -2.59
C LEU HA 534 85.47 76.44 -3.42
N LEU HA 535 84.82 77.38 -2.75
CA LEU HA 535 84.27 78.58 -3.37
C LEU HA 535 85.33 79.67 -3.30
N LEU HA 536 85.87 80.06 -4.45
CA LEU HA 536 87.03 80.96 -4.50
C LEU HA 536 86.55 82.40 -4.53
N LEU HA 537 86.91 83.16 -3.49
CA LEU HA 537 86.58 84.57 -3.43
C LEU HA 537 87.47 85.36 -4.40
N PRO HA 538 87.08 86.60 -4.73
CA PRO HA 538 87.84 87.36 -5.73
C PRO HA 538 89.31 87.51 -5.38
N GLY HA 539 90.14 87.43 -6.41
CA GLY HA 539 91.57 87.56 -6.24
C GLY HA 539 92.30 86.92 -7.42
N THR HA 540 93.62 86.97 -7.34
CA THR HA 540 94.49 86.38 -8.36
C THR HA 540 95.26 85.22 -7.73
N TYR HA 541 95.19 84.05 -8.36
CA TYR HA 541 95.78 82.83 -7.82
C TYR HA 541 96.59 82.11 -8.89
N THR HA 542 97.62 81.41 -8.45
CA THR HA 542 98.40 80.52 -9.30
C THR HA 542 97.92 79.09 -9.07
N TYR HA 543 97.63 78.38 -10.16
CA TYR HA 543 96.98 77.08 -10.07
C TYR HA 543 97.67 76.07 -10.98
N GLU HA 544 98.99 75.97 -10.88
CA GLU HA 544 99.71 75.00 -11.67
C GLU HA 544 99.38 73.58 -11.22
N TRP HA 545 99.52 72.63 -12.14
CA TRP HA 545 99.31 71.23 -11.82
C TRP HA 545 100.16 70.39 -12.75
N SER HA 546 100.50 69.19 -12.29
CA SER HA 546 101.30 68.25 -13.05
C SER HA 546 100.42 67.11 -13.53
N PHE HA 547 100.46 66.84 -14.83
CA PHE HA 547 99.68 65.77 -15.43
C PHE HA 547 100.58 64.59 -15.72
N ARG HA 548 100.18 63.41 -15.26
CA ARG HA 548 100.98 62.21 -15.45
C ARG HA 548 101.07 61.87 -16.94
N LYS HA 549 102.25 61.37 -17.34
CA LYS HA 549 102.46 60.92 -18.71
C LYS HA 549 102.76 59.43 -18.78
N ASP HA 550 102.76 58.73 -17.66
CA ASP HA 550 102.99 57.30 -17.66
C ASP HA 550 101.84 56.58 -18.35
N VAL HA 551 102.16 55.76 -19.35
CA VAL HA 551 101.11 55.12 -20.14
C VAL HA 551 100.38 54.07 -19.32
N ASN HA 552 101.09 53.33 -18.48
CA ASN HA 552 100.45 52.29 -17.68
C ASN HA 552 99.43 52.90 -16.72
N MET HA 553 99.77 54.01 -16.08
CA MET HA 553 98.83 54.66 -15.17
C MET HA 553 97.70 55.33 -15.95
N ILE HA 554 98.03 55.97 -17.07
CA ILE HA 554 97.03 56.73 -17.82
C ILE HA 554 95.99 55.78 -18.42
N LEU HA 555 96.43 54.72 -19.09
CA LEU HA 555 95.56 53.86 -19.86
C LEU HA 555 95.26 52.56 -19.12
N GLN HA 556 94.24 51.86 -19.62
CA GLN HA 556 93.81 50.59 -19.04
C GLN HA 556 93.44 49.64 -20.16
N SER HA 557 93.82 48.37 -20.01
CA SER HA 557 93.57 47.35 -21.01
C SER HA 557 92.93 46.14 -20.35
N THR HA 558 92.21 45.36 -21.15
CA THR HA 558 91.59 44.14 -20.63
C THR HA 558 92.63 43.12 -20.21
N LEU HA 559 93.76 43.06 -20.90
CA LEU HA 559 94.87 42.20 -20.51
C LEU HA 559 95.88 43.02 -19.71
N GLY HA 560 96.36 42.43 -18.62
CA GLY HA 560 97.33 43.11 -17.79
C GLY HA 560 98.70 43.14 -18.42
N ASN HA 561 98.81 43.77 -19.58
CA ASN HA 561 100.05 43.80 -20.35
C ASN HA 561 100.71 45.17 -20.23
N ASP HA 562 102.04 45.17 -20.13
CA ASP HA 562 102.78 46.42 -20.09
C ASP HA 562 102.63 47.16 -21.41
N LEU HA 563 102.30 48.44 -21.34
CA LEU HA 563 102.15 49.25 -22.54
C LEU HA 563 103.43 49.97 -22.94
N ARG HA 564 104.40 50.09 -22.04
CA ARG HA 564 105.69 50.66 -22.41
C ARG HA 564 106.38 49.82 -23.47
N VAL HA 565 106.38 48.50 -23.28
CA VAL HA 565 107.01 47.61 -24.24
C VAL HA 565 106.18 47.41 -25.50
N ASP HA 566 104.87 47.62 -25.42
CA ASP HA 566 103.98 47.46 -26.56
C ASP HA 566 103.91 48.71 -27.43
N GLY HA 567 104.84 49.63 -27.27
CA GLY HA 567 104.87 50.83 -28.10
C GLY HA 567 103.69 51.75 -27.94
N ALA HA 568 103.22 51.95 -26.70
CA ALA HA 568 102.12 52.85 -26.41
C ALA HA 568 102.68 54.14 -25.81
N THR HA 569 102.32 55.27 -26.41
CA THR HA 569 102.79 56.57 -25.96
C THR HA 569 101.66 57.57 -26.01
N VAL HA 570 101.80 58.64 -25.23
CA VAL HA 570 100.84 59.74 -25.18
C VAL HA 570 101.59 61.04 -25.41
N ASN HA 571 101.04 61.89 -26.25
CA ASN HA 571 101.63 63.19 -26.56
C ASN HA 571 100.60 64.27 -26.28
N ILE HA 572 100.97 65.24 -25.46
CA ILE HA 572 100.06 66.30 -25.03
C ILE HA 572 100.50 67.61 -25.68
N THR HA 573 99.56 68.29 -26.35
CA THR HA 573 99.85 69.51 -27.07
C THR HA 573 99.50 70.77 -26.30
N SER HA 574 98.29 70.85 -25.73
CA SER HA 574 97.87 72.05 -25.03
C SER HA 574 96.98 71.66 -23.86
N VAL HA 575 97.08 72.41 -22.77
CA VAL HA 575 96.26 72.20 -21.58
C VAL HA 575 95.69 73.55 -21.15
N ASN HA 576 94.37 73.61 -21.00
CA ASN HA 576 93.68 74.79 -20.52
C ASN HA 576 92.61 74.37 -19.53
N LEU HA 577 92.24 75.29 -18.64
CA LEU HA 577 91.13 75.07 -17.72
C LEU HA 577 90.04 76.09 -18.00
N TYR HA 578 88.79 75.66 -17.87
CA TYR HA 578 87.63 76.47 -18.20
C TYR HA 578 86.86 76.75 -16.91
N ALA HA 579 86.99 77.96 -16.39
CA ALA HA 579 86.31 78.37 -15.17
C ALA HA 579 84.93 78.90 -15.50
N SER HA 580 83.91 78.33 -14.87
CA SER HA 580 82.53 78.75 -15.08
C SER HA 580 82.10 79.65 -13.94
N PHE HA 581 81.64 80.85 -14.27
CA PHE HA 581 81.24 81.85 -13.29
C PHE HA 581 79.73 82.05 -13.37
N PHE HA 582 79.06 81.96 -12.23
CA PHE HA 582 77.64 82.27 -12.17
C PHE HA 582 77.45 83.77 -12.30
N PRO HA 583 76.70 84.25 -13.29
CA PRO HA 583 76.49 85.70 -13.40
C PRO HA 583 75.53 86.22 -12.36
N MET HA 584 76.04 86.89 -11.35
CA MET HA 584 75.24 87.46 -10.28
C MET HA 584 75.46 88.96 -10.23
N SER HA 585 74.43 89.68 -9.77
CA SER HA 585 74.51 91.12 -9.66
C SER HA 585 75.68 91.50 -8.76
N HIS HA 586 76.42 92.55 -9.16
CA HIS HA 586 77.62 92.92 -8.44
C HIS HA 586 77.33 93.25 -6.98
N ASN HA 587 76.13 93.77 -6.69
CA ASN HA 587 75.77 94.06 -5.31
C ASN HA 587 75.74 92.78 -4.47
N THR HA 588 75.02 91.76 -4.94
CA THR HA 588 74.95 90.52 -4.16
C THR HA 588 76.27 89.78 -4.18
N ALA HA 589 77.06 89.92 -5.25
CA ALA HA 589 78.38 89.30 -5.27
C ALA HA 589 79.29 89.93 -4.21
N SER HA 590 79.27 91.25 -4.09
CA SER HA 590 80.06 91.92 -3.07
C SER HA 590 79.55 91.56 -1.67
N THR HA 591 78.23 91.45 -1.51
CA THR HA 591 77.69 91.07 -0.20
C THR HA 591 78.13 89.66 0.19
N LEU HA 592 78.06 88.72 -0.75
CA LEU HA 592 78.49 87.36 -0.48
C LEU HA 592 79.98 87.30 -0.18
N GLU HA 593 80.78 88.06 -0.94
CA GLU HA 593 82.21 88.11 -0.68
C GLU HA 593 82.50 88.66 0.71
N ALA HA 594 81.80 89.73 1.10
CA ALA HA 594 82.00 90.32 2.42
C ALA HA 594 81.62 89.33 3.52
N MET HA 595 80.52 88.61 3.34
CA MET HA 595 80.14 87.63 4.36
C MET HA 595 81.13 86.48 4.44
N LEU HA 596 81.64 86.03 3.28
CA LEU HA 596 82.54 84.88 3.26
C LEU HA 596 83.97 85.24 3.64
N ARG HA 597 84.34 86.51 3.63
CA ARG HA 597 85.64 86.92 4.12
C ARG HA 597 85.71 86.96 5.64
N ASN HA 598 84.58 86.77 6.33
CA ASN HA 598 84.56 86.80 7.77
C ASN HA 598 85.25 85.57 8.35
N ASP HA 599 85.76 85.73 9.58
CA ASP HA 599 86.47 84.63 10.23
C ASP HA 599 85.54 83.46 10.52
N THR HA 600 84.31 83.74 10.95
CA THR HA 600 83.39 82.68 11.34
C THR HA 600 82.74 81.98 10.15
N ASN HA 601 82.86 82.54 8.94
CA ASN HA 601 82.25 81.95 7.76
C ASN HA 601 83.27 81.16 6.92
N ASP HA 602 84.27 80.58 7.56
CA ASP HA 602 85.26 79.79 6.85
C ASP HA 602 84.62 78.51 6.30
N GLN HA 603 85.07 78.12 5.11
CA GLN HA 603 84.59 76.91 4.46
C GLN HA 603 85.43 75.73 4.92
N SER HA 604 84.75 74.69 5.41
CA SER HA 604 85.41 73.49 5.91
C SER HA 604 85.02 72.30 5.06
N PHE HA 605 86.01 71.50 4.67
CA PHE HA 605 85.79 70.32 3.84
C PHE HA 605 86.42 69.12 4.50
N ASN HA 606 85.80 67.96 4.31
CA ASN HA 606 86.34 66.70 4.80
C ASN HA 606 86.49 65.73 3.63
N ASP HA 607 87.60 65.00 3.63
CA ASP HA 607 87.80 63.96 2.62
C ASP HA 607 86.77 62.85 2.83
N TYR HA 608 86.18 62.38 1.73
CA TYR HA 608 85.17 61.33 1.84
C TYR HA 608 85.79 60.02 2.32
N LEU HA 609 87.06 59.78 2.02
CA LEU HA 609 87.78 58.64 2.54
C LEU HA 609 88.88 59.15 3.46
N SER HA 610 88.50 60.05 4.37
CA SER HA 610 89.44 60.50 5.39
C SER HA 610 90.01 59.28 6.08
N ALA HA 611 91.30 59.02 5.85
CA ALA HA 611 91.93 57.78 6.28
C ALA HA 611 93.43 57.91 6.09
N ALA HA 612 94.16 57.00 6.73
CA ALA HA 612 95.61 56.90 6.61
C ALA HA 612 95.92 55.56 5.97
N ASN HA 613 96.06 55.55 4.65
CA ASN HA 613 96.32 54.32 3.93
C ASN HA 613 97.77 53.88 4.15
N MET HA 614 97.95 52.64 4.58
CA MET HA 614 99.27 52.06 4.80
C MET HA 614 99.39 50.75 4.03
N LEU HA 615 100.45 50.63 3.25
CA LEU HA 615 100.69 49.46 2.42
C LEU HA 615 101.63 48.50 3.13
N TYR HA 616 101.18 47.27 3.35
CA TYR HA 616 101.98 46.24 4.00
C TYR HA 616 102.23 45.10 3.02
N PRO HA 617 103.48 44.80 2.67
CA PRO HA 617 103.75 43.77 1.68
C PRO HA 617 103.66 42.38 2.30
N ILE HA 618 102.96 41.48 1.63
CA ILE HA 618 102.80 40.10 2.07
C ILE HA 618 103.68 39.22 1.18
N PRO HA 619 104.73 38.59 1.72
CA PRO HA 619 105.35 37.49 1.00
C PRO HA 619 104.33 36.37 0.81
N PRO HA 620 104.48 35.57 -0.24
CA PRO HA 620 103.45 34.56 -0.54
C PRO HA 620 103.17 33.67 0.65
N ASN HA 621 101.88 33.38 0.85
CA ASN HA 621 101.35 32.48 1.88
C ASN HA 621 102.01 32.71 3.25
N ALA HA 622 101.81 33.92 3.77
CA ALA HA 622 102.36 34.29 5.08
C ALA HA 622 101.43 35.29 5.76
N THR HA 623 101.81 35.71 6.96
CA THR HA 623 101.13 36.72 7.76
C THR HA 623 102.13 37.82 8.14
N GLN HA 624 101.64 38.86 8.82
CA GLN HA 624 102.45 40.06 9.02
C GLN HA 624 102.22 40.62 10.43
N LEU HA 625 102.69 41.85 10.65
CA LEU HA 625 102.87 42.45 11.98
C LEU HA 625 102.34 43.88 12.05
N PRO HA 626 102.05 44.41 13.27
CA PRO HA 626 101.29 45.67 13.38
C PRO HA 626 102.08 46.97 13.44
N ILE HA 627 101.32 48.06 13.63
CA ILE HA 627 101.79 49.44 13.69
C ILE HA 627 102.24 49.79 15.12
N PRO HA 628 103.19 50.72 15.31
CA PRO HA 628 103.53 51.15 16.68
C PRO HA 628 102.53 52.14 17.28
N SER HA 629 102.89 52.68 18.45
CA SER HA 629 101.95 53.44 19.28
C SER HA 629 101.58 54.78 18.64
N ARG HA 630 100.42 55.30 19.06
CA ARG HA 630 99.91 56.59 18.60
C ARG HA 630 98.83 57.04 19.58
N ASN HA 631 98.22 58.19 19.30
CA ASN HA 631 97.25 58.77 20.22
C ASN HA 631 95.91 58.05 20.18
N TRP HA 632 95.46 57.67 18.99
CA TRP HA 632 94.16 56.99 18.80
C TRP HA 632 92.99 57.83 19.30
N ALA HA 633 93.06 59.14 19.07
CA ALA HA 633 91.97 60.05 19.42
C ALA HA 633 91.08 60.28 18.21
N ALA HA 634 89.77 60.23 18.45
CA ALA HA 634 88.76 60.43 17.39
C ALA HA 634 88.93 59.42 16.26
N PHE HA 635 89.25 58.17 16.62
CA PHE HA 635 89.33 57.10 15.65
C PHE HA 635 87.92 56.72 15.17
N ARG HA 636 87.87 56.09 13.99
CA ARG HA 636 86.61 55.69 13.42
C ARG HA 636 86.51 54.20 13.09
N GLY HA 637 87.61 53.54 12.83
CA GLY HA 637 87.59 52.11 12.53
C GLY HA 637 88.67 51.75 11.55
N TRP HA 638 88.60 50.51 11.07
CA TRP HA 638 89.57 49.97 10.14
C TRP HA 638 88.86 49.51 8.87
N SER HA 639 89.60 49.53 7.76
CA SER HA 639 89.13 48.98 6.50
C SER HA 639 90.30 48.25 5.84
N LEU HA 640 90.09 46.99 5.49
CA LEU HA 640 91.17 46.12 5.05
C LEU HA 640 90.76 45.34 3.81
N THR HA 641 91.73 45.11 2.93
CA THR HA 641 91.55 44.33 1.71
C THR HA 641 92.93 44.09 1.09
N ARG HA 642 93.07 42.95 0.41
CA ARG HA 642 94.32 42.59 -0.24
C ARG HA 642 94.37 43.14 -1.66
N LEU HA 643 95.57 43.49 -2.10
CA LEU HA 643 95.88 43.83 -3.48
C LEU HA 643 96.92 42.87 -4.00
N LYS HA 644 97.43 43.15 -5.20
CA LYS HA 644 98.52 42.39 -5.78
C LYS HA 644 99.66 43.35 -6.13
N GLN HA 645 100.89 43.00 -5.74
CA GLN HA 645 102.01 43.90 -5.95
C GLN HA 645 102.24 44.19 -7.42
N ARG HA 646 101.88 43.24 -8.30
CA ARG HA 646 101.96 43.51 -9.73
C ARG HA 646 101.01 44.62 -10.16
N GLU HA 647 99.91 44.80 -9.42
CA GLU HA 647 98.90 45.79 -9.78
C GLU HA 647 99.07 47.11 -9.03
N THR HA 648 99.65 47.08 -7.83
CA THR HA 648 99.79 48.30 -7.04
C THR HA 648 100.99 49.10 -7.51
N PRO HA 649 100.82 50.32 -7.97
CA PRO HA 649 101.95 51.14 -8.40
C PRO HA 649 102.65 51.77 -7.19
N ALA HA 650 103.64 52.60 -7.49
CA ALA HA 650 104.41 53.32 -6.48
C ALA HA 650 104.20 54.82 -6.71
N LEU HA 651 103.18 55.38 -6.08
CA LEU HA 651 102.85 56.79 -6.26
C LEU HA 651 103.86 57.73 -5.62
N GLY HA 652 104.78 57.21 -4.80
CA GLY HA 652 105.75 58.05 -4.13
C GLY HA 652 106.86 58.59 -5.02
N SER HA 653 106.86 58.23 -6.30
CA SER HA 653 107.87 58.69 -7.24
C SER HA 653 107.19 59.24 -8.48
N PRO HA 654 107.84 60.18 -9.17
CA PRO HA 654 107.24 60.73 -10.41
C PRO HA 654 106.98 59.68 -11.46
N PHE HA 655 107.81 58.65 -11.56
CA PHE HA 655 107.64 57.60 -12.55
C PHE HA 655 108.09 56.29 -11.93
N ASP HA 656 107.35 55.22 -12.24
CA ASP HA 656 107.61 53.88 -11.70
C ASP HA 656 107.97 52.94 -12.84
N PRO HA 657 109.25 52.77 -13.14
CA PRO HA 657 109.64 51.87 -14.24
C PRO HA 657 109.28 50.42 -13.99
N TYR HA 658 109.11 50.01 -12.74
CA TYR HA 658 108.84 48.63 -12.39
C TYR HA 658 107.35 48.33 -12.24
N PHE HA 659 106.48 49.26 -12.62
CA PHE HA 659 105.05 49.00 -12.58
C PHE HA 659 104.67 47.93 -13.59
N THR HA 660 105.10 48.09 -14.85
CA THR HA 660 104.97 47.12 -15.94
C THR HA 660 103.63 46.38 -15.89
N TYR HA 661 102.55 47.13 -15.73
CA TYR HA 661 101.22 46.54 -15.70
C TYR HA 661 100.21 47.60 -16.09
N SER HA 662 99.27 47.23 -16.97
CA SER HA 662 98.20 48.12 -17.39
C SER HA 662 96.87 47.40 -17.22
N GLY HA 663 95.92 48.06 -16.57
CA GLY HA 663 94.65 47.45 -16.26
C GLY HA 663 94.09 48.07 -14.99
N THR HA 664 92.94 47.56 -14.58
CA THR HA 664 92.29 48.06 -13.38
C THR HA 664 93.20 47.87 -12.17
N ILE HA 665 93.60 48.97 -11.55
CA ILE HA 665 94.51 48.95 -10.40
C ILE HA 665 93.70 49.28 -9.15
N PRO HA 666 93.50 48.32 -8.26
CA PRO HA 666 92.57 48.52 -7.14
C PRO HA 666 92.94 49.65 -6.20
N TYR HA 667 94.24 49.88 -5.96
CA TYR HA 667 94.63 50.83 -4.92
C TYR HA 667 94.06 52.21 -5.15
N LEU HA 668 93.93 52.63 -6.41
CA LEU HA 668 93.36 53.93 -6.74
C LEU HA 668 92.22 53.82 -7.74
N ASP HA 669 91.66 52.62 -7.93
CA ASP HA 669 90.49 52.45 -8.77
C ASP HA 669 89.27 51.97 -7.99
N GLY HA 670 89.43 51.50 -6.76
CA GLY HA 670 88.31 50.98 -5.99
C GLY HA 670 87.75 49.69 -6.57
N THR HA 671 88.65 48.77 -6.93
CA THR HA 671 88.29 47.51 -7.58
C THR HA 671 88.95 46.37 -6.81
N PHE HA 672 88.30 45.92 -5.73
CA PHE HA 672 88.92 45.03 -4.76
C PHE HA 672 88.29 43.64 -4.85
N TYR HA 673 88.90 42.77 -5.65
CA TYR HA 673 88.40 41.42 -5.88
C TYR HA 673 88.97 40.38 -4.93
N LEU HA 674 89.97 40.72 -4.13
CA LEU HA 674 90.64 39.76 -3.27
C LEU HA 674 90.18 39.84 -1.82
N SER HA 675 89.10 40.56 -1.54
CA SER HA 675 88.63 40.72 -0.17
C SER HA 675 88.11 39.43 0.45
N HIS HA 676 87.87 38.39 -0.35
CA HIS HA 676 87.31 37.14 0.15
C HIS HA 676 88.37 36.16 0.65
N THR HA 677 89.65 36.54 0.60
CA THR HA 677 90.74 35.65 0.99
C THR HA 677 91.24 35.92 2.40
N PHE HA 678 90.33 36.30 3.30
CA PHE HA 678 90.65 36.54 4.70
C PHE HA 678 90.03 35.44 5.55
N ARG HA 679 90.73 35.06 6.63
CA ARG HA 679 90.25 34.03 7.52
C ARG HA 679 89.90 34.57 8.90
N LYS HA 680 90.84 35.25 9.56
CA LYS HA 680 90.56 35.85 10.86
C LYS HA 680 91.43 37.09 11.05
N VAL HA 681 90.92 38.03 11.84
CA VAL HA 681 91.64 39.24 12.21
C VAL HA 681 91.61 39.36 13.73
N ALA HA 682 92.78 39.52 14.33
CA ALA HA 682 92.91 39.69 15.77
C ALA HA 682 93.51 41.07 16.05
N ILE HA 683 92.82 41.86 16.87
CA ILE HA 683 93.23 43.22 17.17
C ILE HA 683 93.53 43.30 18.67
N GLN HA 684 94.71 43.82 19.01
CA GLN HA 684 95.14 43.94 20.39
C GLN HA 684 95.69 45.33 20.65
N PHE HA 685 95.29 45.92 21.77
CA PHE HA 685 95.77 47.23 22.18
C PHE HA 685 96.75 47.07 23.33
N ASP HA 686 97.89 47.75 23.25
CA ASP HA 686 98.94 47.71 24.27
C ASP HA 686 99.47 46.30 24.49
N SER HA 687 99.25 45.40 23.53
CA SER HA 687 99.71 44.02 23.58
C SER HA 687 99.17 43.25 24.78
N SER HA 688 98.08 43.73 25.40
CA SER HA 688 97.54 43.05 26.56
C SER HA 688 96.03 42.86 26.46
N VAL HA 689 95.35 43.73 25.73
CA VAL HA 689 93.89 43.71 25.66
C VAL HA 689 93.46 43.71 24.20
N THR HA 690 92.51 42.83 23.86
CA THR HA 690 91.90 42.85 22.55
C THR HA 690 90.88 43.98 22.48
N TRP HA 691 90.73 44.56 21.28
CA TRP HA 691 89.83 45.70 21.14
C TRP HA 691 88.38 45.36 21.46
N PRO HA 692 87.78 44.28 20.92
CA PRO HA 692 86.46 43.90 21.42
C PRO HA 692 86.46 43.57 22.90
N GLY HA 693 87.60 43.09 23.42
CA GLY HA 693 87.78 42.91 24.85
C GLY HA 693 86.77 41.97 25.46
N ASN HA 694 85.83 42.54 26.20
CA ASN HA 694 84.73 41.77 26.75
C ASN HA 694 84.02 40.97 25.67
N ASP HA 695 83.31 39.92 26.10
CA ASP HA 695 82.81 38.90 25.19
C ASP HA 695 81.65 39.43 24.36
N ARG HA 696 81.95 40.00 23.20
CA ARG HA 696 80.93 40.55 22.31
C ARG HA 696 80.68 39.71 21.06
N LEU HA 697 81.43 38.64 20.86
CA LEU HA 697 81.30 37.83 19.65
C LEU HA 697 81.30 36.36 20.00
N LEU HA 698 80.84 35.54 19.05
CA LEU HA 698 80.89 34.09 19.23
C LEU HA 698 82.32 33.59 19.34
N THR HA 699 83.27 34.34 18.78
CA THR HA 699 84.70 34.09 18.95
C THR HA 699 85.31 35.38 19.49
N PRO HA 700 85.28 35.60 20.80
CA PRO HA 700 85.65 36.92 21.34
C PRO HA 700 87.08 37.35 21.01
N ASN HA 701 88.01 36.40 20.89
CA ASN HA 701 89.41 36.78 20.76
C ASN HA 701 89.73 37.34 19.38
N GLU HA 702 89.18 36.75 18.32
CA GLU HA 702 89.53 37.14 16.96
C GLU HA 702 88.28 37.46 16.15
N PHE HA 703 88.44 38.35 15.18
CA PHE HA 703 87.40 38.65 14.19
C PHE HA 703 87.46 37.59 13.10
N GLU HA 704 86.87 36.43 13.39
CA GLU HA 704 86.80 35.38 12.40
C GLU HA 704 85.98 35.85 11.21
N ILE HA 705 86.46 35.53 10.00
CA ILE HA 705 85.80 35.91 8.76
C ILE HA 705 85.31 34.69 8.00
N LYS HA 706 86.20 33.74 7.75
CA LYS HA 706 85.86 32.46 7.12
C LYS HA 706 86.22 31.34 8.08
N ILE HA 707 85.30 30.40 8.26
CA ILE HA 707 85.55 29.20 9.05
C ILE HA 707 85.38 28.00 8.12
N SER HA 708 86.40 27.15 8.08
CA SER HA 708 86.46 26.05 7.13
C SER HA 708 85.98 24.73 7.71
N VAL HA 709 86.37 24.40 8.95
CA VAL HA 709 85.96 23.13 9.54
C VAL HA 709 84.46 23.09 9.74
N ASP HA 710 83.87 24.17 10.26
CA ASP HA 710 82.43 24.28 10.47
C ASP HA 710 81.93 23.16 11.38
N GLY HA 711 82.46 23.13 12.61
CA GLY HA 711 82.09 22.11 13.55
C GLY HA 711 80.75 22.36 14.22
N GLU HA 712 80.65 23.45 14.96
CA GLU HA 712 79.45 23.76 15.73
C GLU HA 712 78.47 24.66 14.97
N GLY HA 713 78.77 25.01 13.73
CA GLY HA 713 77.94 25.93 12.98
C GLY HA 713 78.68 27.24 12.72
N TYR HA 714 78.16 28.33 13.27
CA TYR HA 714 78.78 29.64 13.14
C TYR HA 714 79.00 30.02 11.68
N ASN HA 715 78.05 29.65 10.83
CA ASN HA 715 78.08 30.02 9.42
C ASN HA 715 76.76 30.66 9.03
N VAL HA 716 76.84 31.77 8.34
CA VAL HA 716 75.67 32.62 8.10
C VAL HA 716 75.24 32.43 6.65
N ALA HA 717 73.97 32.74 6.38
CA ALA HA 717 73.36 32.58 5.06
C ALA HA 717 73.56 31.12 4.67
N GLN HA 718 74.03 30.82 3.47
CA GLN HA 718 74.36 29.46 3.05
C GLN HA 718 75.73 29.44 2.41
N SER HA 719 76.70 30.08 3.08
CA SER HA 719 78.03 30.26 2.52
C SER HA 719 79.13 29.98 3.53
N ASN HA 720 80.36 30.33 3.18
CA ASN HA 720 81.52 30.06 4.02
C ASN HA 720 81.63 31.04 5.19
N MET HA 721 81.14 32.27 5.02
CA MET HA 721 81.40 33.33 5.98
C MET HA 721 80.64 33.07 7.29
N THR HA 722 81.22 33.56 8.38
CA THR HA 722 80.73 33.29 9.74
C THR HA 722 79.78 34.38 10.24
N LYS HA 723 79.02 34.00 11.27
CA LYS HA 723 77.86 34.79 11.69
C LYS HA 723 78.27 36.10 12.36
N ASP HA 724 79.28 36.06 13.24
CA ASP HA 724 79.67 37.29 13.92
C ASP HA 724 80.25 38.30 12.93
N TRP HA 725 81.01 37.82 11.94
CA TRP HA 725 81.51 38.72 10.91
C TRP HA 725 80.37 39.25 10.05
N PHE HA 726 79.36 38.43 9.77
CA PHE HA 726 78.20 38.91 9.03
C PHE HA 726 77.51 40.03 9.78
N LEU HA 727 77.31 39.84 11.09
CA LEU HA 727 76.68 40.87 11.90
C LEU HA 727 77.52 42.15 11.95
N VAL HA 728 78.84 41.99 12.09
CA VAL HA 728 79.72 43.16 12.13
C VAL HA 728 79.62 43.93 10.83
N GLN HA 729 79.66 43.22 9.69
CA GLN HA 729 79.59 43.88 8.39
C GLN HA 729 78.25 44.58 8.21
N MET HA 730 77.16 43.91 8.59
CA MET HA 730 75.84 44.52 8.42
C MET HA 730 75.70 45.77 9.28
N LEU HA 731 76.19 45.72 10.53
CA LEU HA 731 76.13 46.92 11.36
C LEU HA 731 77.01 48.03 10.79
N ALA HA 732 78.20 47.69 10.31
CA ALA HA 732 79.10 48.71 9.77
C ALA HA 732 78.52 49.38 8.54
N ASN HA 733 77.86 48.61 7.67
CA ASN HA 733 77.39 49.15 6.40
C ASN HA 733 75.99 49.75 6.51
N TYR HA 734 75.01 48.95 6.91
CA TYR HA 734 73.61 49.34 6.83
C TYR HA 734 72.92 49.48 8.18
N ASN HA 735 73.59 49.12 9.28
CA ASN HA 735 73.01 49.19 10.62
C ASN HA 735 71.74 48.32 10.70
N ILE HA 736 71.93 47.01 10.54
CA ILE HA 736 70.84 46.07 10.38
C ILE HA 736 70.81 45.03 11.50
N GLY HA 737 71.97 44.52 11.90
CA GLY HA 737 72.06 43.28 12.66
C GLY HA 737 71.34 43.17 13.99
N TYR HA 738 70.66 44.22 14.44
CA TYR HA 738 69.98 44.18 15.73
C TYR HA 738 68.46 44.10 15.64
N GLN HA 739 67.87 44.59 14.56
CA GLN HA 739 66.42 44.61 14.40
C GLN HA 739 65.98 43.61 13.34
N GLY HA 740 66.72 42.53 13.20
CA GLY HA 740 66.48 41.55 12.17
C GLY HA 740 67.59 41.56 11.13
N TYR HA 741 67.30 40.92 9.99
CA TYR HA 741 68.26 40.83 8.89
C TYR HA 741 67.58 41.09 7.57
N HIS HA 742 66.72 42.09 7.51
CA HIS HA 742 66.01 42.40 6.28
C HIS HA 742 66.95 42.99 5.25
N LEU HA 743 66.53 42.93 3.99
CA LEU HA 743 67.32 43.51 2.91
C LEU HA 743 67.36 45.02 3.05
N PRO HA 744 68.52 45.66 2.94
CA PRO HA 744 68.61 47.11 3.12
C PRO HA 744 67.93 47.83 1.98
N PRO HA 745 67.52 49.09 2.18
CA PRO HA 745 66.88 49.85 1.11
C PRO HA 745 67.83 50.05 -0.06
N ASP HA 746 67.23 50.31 -1.23
CA ASP HA 746 68.02 50.38 -2.46
C ASP HA 746 69.04 51.51 -2.42
N TYR HA 747 68.65 52.67 -1.89
CA TYR HA 747 69.57 53.80 -1.87
C TYR HA 747 70.76 53.56 -0.96
N LYS HA 748 70.57 52.80 0.12
CA LYS HA 748 71.67 52.52 1.03
C LYS HA 748 72.64 51.50 0.44
N ASP HA 749 72.15 50.59 -0.39
CA ASP HA 749 72.99 49.54 -0.99
C ASP HA 749 73.54 50.04 -2.31
N ARG HA 750 74.85 50.27 -2.37
CA ARG HA 750 75.47 50.81 -3.57
C ARG HA 750 76.68 49.98 -3.98
N THR HA 751 77.47 50.49 -4.93
CA THR HA 751 78.55 49.70 -5.51
C THR HA 751 79.57 49.27 -4.45
N PHE HA 752 79.99 50.19 -3.59
CA PHE HA 752 80.93 49.87 -2.53
C PHE HA 752 80.21 49.47 -1.24
N SER HA 753 79.29 48.52 -1.35
CA SER HA 753 78.52 48.04 -0.22
C SER HA 753 78.67 46.54 -0.09
N PHE HA 754 78.20 46.01 1.05
CA PHE HA 754 78.46 44.62 1.40
C PHE HA 754 77.58 43.66 0.61
N LEU HA 755 76.26 43.73 0.80
CA LEU HA 755 75.38 42.78 0.13
C LEU HA 755 75.23 43.04 -1.36
N HIS HA 756 75.71 44.18 -1.86
CA HIS HA 756 75.67 44.41 -3.29
C HIS HA 756 76.67 43.52 -4.05
N ASN HA 757 77.66 42.98 -3.35
CA ASN HA 757 78.66 42.12 -3.96
C ASN HA 757 78.76 40.74 -3.32
N PHE HA 758 78.07 40.50 -2.21
CA PHE HA 758 78.14 39.21 -1.52
C PHE HA 758 77.44 38.15 -2.37
N ILE HA 759 78.20 37.17 -2.84
CA ILE HA 759 77.69 36.11 -3.70
C ILE HA 759 78.01 34.77 -3.05
N PRO HA 760 77.04 34.18 -2.33
CA PRO HA 760 77.26 32.82 -1.81
C PRO HA 760 77.31 31.80 -2.94
N MET HA 761 78.06 30.73 -2.69
CA MET HA 761 78.23 29.67 -3.67
C MET HA 761 78.12 28.32 -2.97
N CYS HA 762 77.80 27.30 -3.76
CA CYS HA 762 77.73 25.94 -3.24
C CYS HA 762 77.85 24.95 -4.39
N ARG HA 763 78.57 23.85 -4.15
CA ARG HA 763 78.74 22.81 -5.14
C ARG HA 763 78.97 21.49 -4.43
N GLN HA 764 78.82 20.40 -5.18
CA GLN HA 764 79.07 19.06 -4.66
C GLN HA 764 80.08 18.36 -5.55
N VAL HA 765 81.10 17.76 -4.93
CA VAL HA 765 82.11 17.01 -5.65
C VAL HA 765 82.00 15.55 -5.25
N PRO HA 766 82.37 14.60 -6.10
CA PRO HA 766 82.35 13.19 -5.69
C PRO HA 766 83.27 12.97 -4.51
N ASN HA 767 82.83 12.12 -3.59
CA ASN HA 767 83.59 11.88 -2.37
C ASN HA 767 84.84 11.06 -2.70
N PRO HA 768 86.04 11.58 -2.44
CA PRO HA 768 87.25 10.81 -2.73
C PRO HA 768 87.38 9.52 -1.93
N ALA HA 769 86.69 9.42 -0.81
CA ALA HA 769 86.78 8.22 0.03
C ALA HA 769 85.85 7.11 -0.42
N THR HA 770 85.06 7.33 -1.47
CA THR HA 770 84.15 6.30 -1.95
C THR HA 770 84.94 5.12 -2.51
N GLU HA 771 84.47 3.91 -2.22
CA GLU HA 771 85.09 2.70 -2.73
C GLU HA 771 84.86 2.61 -4.23
N GLY HA 772 85.94 2.72 -5.01
CA GLY HA 772 85.85 2.70 -6.46
C GLY HA 772 85.99 4.05 -7.12
N TYR HA 773 86.24 5.11 -6.36
CA TYR HA 773 86.43 6.44 -6.93
C TYR HA 773 87.86 6.55 -7.46
N PHE HA 774 88.00 6.88 -8.73
CA PHE HA 774 89.31 7.05 -9.37
C PHE HA 774 89.48 8.51 -9.74
N GLY HA 775 90.21 9.26 -8.92
CA GLY HA 775 90.52 10.63 -9.23
C GLY HA 775 91.42 10.72 -10.44
N LEU HA 776 90.86 11.17 -11.56
CA LEU HA 776 91.56 11.18 -12.84
C LEU HA 776 92.17 12.55 -13.12
N GLY HA 777 93.31 12.54 -13.78
CA GLY HA 777 93.99 13.77 -14.13
C GLY HA 777 93.32 14.48 -15.29
N ILE HA 778 93.91 15.62 -15.65
CA ILE HA 778 93.36 16.44 -16.72
C ILE HA 778 93.51 15.74 -18.07
N VAL HA 779 94.62 15.04 -18.28
CA VAL HA 779 94.88 14.41 -19.57
C VAL HA 779 93.85 13.33 -19.87
N ASN HA 780 93.53 12.51 -18.88
CA ASN HA 780 92.61 11.39 -19.06
C ASN HA 780 91.16 11.79 -18.86
N HIS HA 781 90.88 13.06 -18.56
CA HIS HA 781 89.53 13.51 -18.22
C HIS HA 781 88.82 13.81 -19.53
N ARG HA 782 88.24 12.77 -20.13
CA ARG HA 782 87.71 12.83 -21.49
C ARG HA 782 86.20 12.98 -21.49
N THR HA 783 85.69 13.65 -22.52
CA THR HA 783 84.26 13.71 -22.81
C THR HA 783 84.08 14.22 -24.22
N THR HA 784 82.96 13.82 -24.84
CA THR HA 784 82.62 14.14 -26.22
C THR HA 784 83.81 13.98 -27.17
N PRO HA 785 84.38 12.78 -27.27
CA PRO HA 785 85.45 12.57 -28.25
C PRO HA 785 84.90 12.56 -29.66
N ALA HA 786 85.79 12.84 -30.61
CA ALA HA 786 85.50 12.97 -32.03
C ALA HA 786 84.65 14.19 -32.35
N TYR HA 787 84.49 15.10 -31.40
CA TYR HA 787 83.83 16.38 -31.63
C TYR HA 787 84.66 17.57 -31.19
N TRP HA 788 85.64 17.36 -30.31
CA TRP HA 788 86.70 18.32 -30.02
C TRP HA 788 87.83 17.57 -29.34
N PHE HA 789 89.01 18.18 -29.38
CA PHE HA 789 90.25 17.52 -28.96
C PHE HA 789 90.85 18.26 -27.77
N ARG HA 790 91.74 17.56 -27.07
CA ARG HA 790 92.60 18.16 -26.04
C ARG HA 790 93.27 19.42 -26.60
N PHE HA 791 93.69 20.32 -25.72
CA PHE HA 791 94.23 21.61 -26.15
C PHE HA 791 93.19 22.37 -26.96
N CYS HA 792 92.13 22.79 -26.25
CA CYS HA 792 90.84 23.15 -26.80
C CYS HA 792 90.88 24.16 -27.94
N ARG HA 793 89.76 24.27 -28.66
CA ARG HA 793 89.62 25.02 -29.92
C ARG HA 793 90.63 24.53 -30.96
N ALA HA 794 90.96 23.26 -30.90
CA ALA HA 794 91.80 22.60 -31.89
C ALA HA 794 91.02 21.48 -32.56
N PRO HA 795 90.91 21.50 -33.90
CA PRO HA 795 89.96 20.64 -34.63
C PRO HA 795 88.89 19.88 -33.86
N ARG HA 796 88.69 18.61 -34.22
CA ARG HA 796 87.64 17.81 -33.62
C ARG HA 796 88.09 16.38 -33.36
N GLU HA 797 89.38 16.10 -33.50
CA GLU HA 797 89.85 14.73 -33.65
C GLU HA 797 89.47 13.89 -32.43
N GLY HA 798 89.16 12.62 -32.71
CA GLY HA 798 88.77 11.72 -31.65
C GLY HA 798 88.03 10.52 -32.20
N HIS HA 799 87.28 9.88 -31.32
CA HIS HA 799 86.69 8.57 -31.58
C HIS HA 799 85.43 8.44 -30.71
N PRO HA 800 84.24 8.38 -31.30
CA PRO HA 800 83.01 8.53 -30.49
C PRO HA 800 82.79 7.37 -29.53
N TYR HA 801 83.02 7.64 -28.25
CA TYR HA 801 83.13 6.59 -27.24
C TYR HA 801 82.40 7.03 -26.00
N PRO HA 802 81.97 6.09 -25.15
CA PRO HA 802 81.39 6.47 -23.86
C PRO HA 802 82.36 7.28 -23.02
N GLN HA 803 81.81 8.05 -22.10
CA GLN HA 803 82.57 9.09 -21.40
C GLN HA 803 82.79 8.71 -19.94
N LEU HA 804 83.69 9.46 -19.32
CA LEU HA 804 84.10 9.26 -17.95
C LEU HA 804 84.15 10.55 -17.13
N ALA HA 805 84.13 11.71 -17.77
CA ALA HA 805 84.19 12.97 -17.04
C ALA HA 805 82.91 13.21 -16.25
N LEU HA 806 83.05 13.99 -15.17
CA LEU HA 806 81.93 14.38 -14.33
C LEU HA 806 81.14 13.17 -13.86
N PRO HA 807 81.65 12.41 -12.89
CA PRO HA 807 80.87 11.29 -12.36
C PRO HA 807 79.51 11.76 -11.88
N PRO HA 808 78.45 11.02 -12.14
CA PRO HA 808 77.10 11.52 -11.89
C PRO HA 808 76.88 11.83 -10.43
N HIS HA 809 76.15 12.92 -10.17
CA HIS HA 809 75.81 13.31 -8.82
C HIS HA 809 74.37 12.99 -8.46
N TRP HA 810 73.53 12.71 -9.45
CA TRP HA 810 72.15 12.28 -9.27
C TRP HA 810 71.93 11.03 -10.12
N ASP HA 811 70.69 10.49 -10.08
CA ASP HA 811 70.31 9.21 -10.67
C ASP HA 811 70.87 8.15 -9.72
N PRO HA 812 70.19 6.99 -9.53
CA PRO HA 812 70.69 5.98 -8.58
C PRO HA 812 72.19 5.68 -8.63
N ARG HA 813 72.87 5.97 -9.73
CA ARG HA 813 74.32 5.96 -9.76
C ARG HA 813 74.81 7.37 -9.47
N HIS HA 814 75.44 7.56 -8.31
CA HIS HA 814 75.67 8.89 -7.77
C HIS HA 814 77.07 9.13 -7.21
N ALA HA 815 77.89 8.10 -7.03
CA ALA HA 815 79.28 8.25 -6.59
C ALA HA 815 79.39 9.02 -5.27
N LEU HA 816 78.43 8.78 -4.38
CA LEU HA 816 78.36 9.36 -3.02
C LEU HA 816 78.38 10.89 -3.18
N ARG HA 817 79.00 11.63 -2.24
CA ARG HA 817 78.75 13.05 -2.10
C ARG HA 817 79.76 13.68 -1.15
N ASP HA 818 80.14 14.92 -1.45
CA ASP HA 818 80.93 15.76 -0.55
C ASP HA 818 80.69 17.24 -0.85
N PRO HA 819 80.02 17.98 0.03
CA PRO HA 819 79.73 19.38 -0.26
C PRO HA 819 80.93 20.28 0.01
N GLU HA 820 80.83 21.50 -0.51
CA GLU HA 820 81.77 22.56 -0.16
C GLU HA 820 81.20 23.92 -0.54
N ARG HA 821 81.31 24.89 0.37
CA ARG HA 821 80.69 26.20 0.20
C ARG HA 821 81.76 27.29 0.20
N LYS HA 822 81.44 28.39 -0.47
CA LYS HA 822 82.33 29.54 -0.52
C LYS HA 822 81.51 30.77 -0.87
N PHE HA 823 82.10 31.93 -0.62
CA PHE HA 823 81.47 33.21 -0.95
C PHE HA 823 82.47 34.08 -1.70
N LEU HA 824 81.95 35.07 -2.41
CA LEU HA 824 82.76 35.91 -3.27
C LEU HA 824 82.19 37.33 -3.27
N CYS HA 825 82.98 38.28 -2.75
CA CYS HA 825 82.66 39.70 -2.81
C CYS HA 825 83.75 40.40 -3.60
N ASP HA 826 83.36 41.24 -4.56
CA ASP HA 826 84.28 41.74 -5.56
C ASP HA 826 84.59 43.22 -5.47
N ARG HA 827 83.89 43.97 -4.62
CA ARG HA 827 84.23 45.38 -4.43
C ARG HA 827 84.16 45.80 -2.96
N THR HA 828 83.90 44.87 -2.04
CA THR HA 828 83.66 45.22 -0.65
C THR HA 828 84.96 45.51 0.07
N LEU HA 829 84.99 46.61 0.82
CA LEU HA 829 86.02 46.87 1.82
C LEU HA 829 85.51 46.37 3.15
N TRP HA 830 86.25 45.43 3.75
CA TRP HA 830 85.86 44.94 5.07
C TRP HA 830 85.93 46.07 6.08
N ARG HA 831 84.84 46.30 6.80
CA ARG HA 831 84.73 47.43 7.71
C ARG HA 831 84.60 46.93 9.15
N ILE HA 832 85.47 47.43 10.02
CA ILE HA 832 85.39 47.15 11.45
C ILE HA 832 85.30 48.49 12.17
N PRO HA 833 84.09 49.02 12.36
CA PRO HA 833 83.97 50.36 12.95
C PRO HA 833 84.47 50.39 14.39
N PHE HA 834 85.07 51.52 14.75
CA PHE HA 834 85.59 51.72 16.11
C PHE HA 834 84.45 52.16 17.02
N SER HA 835 83.36 51.39 17.05
CA SER HA 835 82.20 51.69 17.86
C SER HA 835 81.93 50.54 18.82
N SER HA 836 81.35 50.88 19.97
CA SER HA 836 81.08 49.86 20.98
C SER HA 836 80.08 48.83 20.47
N ASN HA 837 79.03 49.28 19.78
CA ASN HA 837 78.00 48.39 19.26
C ASN HA 837 78.10 48.16 17.76
N PHE HA 838 79.20 48.61 17.14
CA PHE HA 838 79.47 48.52 15.70
C PHE HA 838 78.50 49.36 14.87
N MET HA 839 77.54 50.03 15.49
CA MET HA 839 76.56 50.82 14.77
C MET HA 839 77.17 52.15 14.32
N SER HA 840 76.56 52.74 13.30
CA SER HA 840 77.00 54.03 12.78
C SER HA 840 76.08 55.10 13.32
N MET HA 841 76.38 55.56 14.55
CA MET HA 841 75.59 56.55 15.23
C MET HA 841 76.13 57.97 15.07
N GLY HA 842 77.13 58.14 14.22
CA GLY HA 842 77.69 59.46 13.97
C GLY HA 842 79.08 59.36 13.39
N SER HA 843 79.52 60.47 12.80
CA SER HA 843 80.87 60.53 12.24
C SER HA 843 81.92 60.34 13.33
N LEU HA 844 81.73 60.99 14.48
CA LEU HA 844 82.58 60.79 15.64
C LEU HA 844 81.97 59.68 16.48
N THR HA 845 82.66 58.54 16.55
CA THR HA 845 82.08 57.33 17.10
C THR HA 845 81.91 57.44 18.61
N ASP HA 846 81.20 56.45 19.17
CA ASP HA 846 81.07 56.36 20.62
C ASP HA 846 82.44 56.27 21.28
N LEU HA 847 83.28 55.36 20.81
CA LEU HA 847 84.68 55.37 21.17
C LEU HA 847 85.41 56.46 20.38
N GLY HA 848 86.63 56.77 20.80
CA GLY HA 848 87.35 57.90 20.26
C GLY HA 848 87.06 59.17 21.03
N GLN HA 849 85.80 59.34 21.44
CA GLN HA 849 85.46 60.37 22.41
C GLN HA 849 85.77 59.94 23.84
N ASN HA 850 85.99 58.65 24.05
CA ASN HA 850 86.27 58.14 25.38
C ASN HA 850 87.60 58.70 25.90
N LEU HA 851 87.63 58.96 27.21
CA LEU HA 851 88.84 59.49 27.83
C LEU HA 851 90.01 58.54 27.72
N LEU HA 852 89.76 57.23 27.78
CA LEU HA 852 90.83 56.24 27.71
C LEU HA 852 91.58 56.33 26.39
N TYR HA 853 90.87 56.47 25.28
CA TYR HA 853 91.50 56.61 23.97
C TYR HA 853 91.78 58.06 23.61
N ALA HA 854 91.37 59.01 24.45
CA ALA HA 854 91.63 60.43 24.20
C ALA HA 854 92.93 60.89 24.84
N ASN HA 855 93.08 60.70 26.15
CA ASN HA 855 94.23 61.23 26.88
C ASN HA 855 95.32 60.21 27.14
N ALA HA 856 95.19 58.98 26.64
CA ALA HA 856 96.19 57.95 26.86
C ALA HA 856 96.66 57.39 25.53
N ALA HA 857 97.97 57.35 25.33
CA ALA HA 857 98.56 56.78 24.13
C ALA HA 857 98.49 55.26 24.20
N HIS HA 858 98.20 54.63 23.07
CA HIS HA 858 98.06 53.19 22.98
C HIS HA 858 98.84 52.67 21.78
N ALA HA 859 99.26 51.41 21.87
CA ALA HA 859 99.95 50.73 20.78
C ALA HA 859 99.05 49.64 20.23
N LEU HA 860 98.88 49.62 18.92
CA LEU HA 860 97.96 48.69 18.25
C LEU HA 860 98.72 47.44 17.83
N ASP HA 861 98.10 46.28 18.02
CA ASP HA 861 98.70 45.01 17.62
C ASP HA 861 97.61 44.19 16.91
N MET HA 862 97.60 44.25 15.59
CA MET HA 862 96.65 43.51 14.78
C MET HA 862 97.38 42.56 13.86
N THR HA 863 96.87 41.33 13.74
CA THR HA 863 97.43 40.30 12.88
C THR HA 863 96.33 39.71 12.02
N PHE HA 864 96.69 39.35 10.78
CA PHE HA 864 95.74 38.81 9.82
C PHE HA 864 96.19 37.42 9.40
N GLU HA 865 95.25 36.48 9.38
CA GLU HA 865 95.45 35.16 8.78
C GLU HA 865 94.59 35.08 7.53
N MET HA 866 95.21 34.73 6.41
CA MET HA 866 94.61 34.87 5.11
C MET HA 866 94.89 33.65 4.25
N ASP HA 867 94.05 33.47 3.23
CA ASP HA 867 94.20 32.32 2.34
C ASP HA 867 95.48 32.43 1.52
N PRO HA 868 96.20 31.33 1.35
CA PRO HA 868 97.46 31.38 0.59
C PRO HA 868 97.20 31.50 -0.90
N ILE HA 869 97.85 32.48 -1.53
CA ILE HA 869 97.85 32.62 -2.98
C ILE HA 869 99.29 32.88 -3.43
N ASN HA 870 99.67 32.28 -4.56
CA ASN HA 870 101.06 32.26 -4.97
C ASN HA 870 101.57 33.65 -5.33
N GLU HA 871 100.73 34.47 -5.97
CA GLU HA 871 101.18 35.77 -6.43
C GLU HA 871 101.61 36.64 -5.26
N PRO HA 872 102.70 37.40 -5.38
CA PRO HA 872 103.12 38.27 -4.28
C PRO HA 872 102.15 39.43 -4.09
N THR HA 873 101.44 39.42 -2.97
CA THR HA 873 100.38 40.38 -2.70
C THR HA 873 100.79 41.32 -1.58
N LEU HA 874 100.01 42.38 -1.40
CA LEU HA 874 100.23 43.32 -0.31
C LEU HA 874 98.89 43.73 0.28
N LEU HA 875 98.79 43.64 1.60
CA LEU HA 875 97.60 44.07 2.33
C LEU HA 875 97.74 45.54 2.69
N TYR HA 876 96.63 46.26 2.66
CA TYR HA 876 96.58 47.61 3.21
C TYR HA 876 95.44 47.70 4.21
N VAL HA 877 95.69 48.35 5.33
CA VAL HA 877 94.64 48.79 6.23
C VAL HA 877 94.61 50.31 6.17
N LEU HA 878 93.45 50.86 5.87
CA LEU HA 878 93.25 52.30 5.90
C LEU HA 878 92.53 52.63 7.19
N PHE HA 879 93.24 53.30 8.11
CA PHE HA 879 92.66 53.65 9.40
C PHE HA 879 91.71 54.81 9.19
N GLU HA 880 90.42 54.57 9.41
CA GLU HA 880 89.42 55.61 9.19
C GLU HA 880 89.62 56.72 10.21
N VAL HA 881 89.96 57.91 9.73
CA VAL HA 881 90.32 59.04 10.57
C VAL HA 881 89.45 60.24 10.16
N PHE HA 882 89.72 61.38 10.79
CA PHE HA 882 89.07 62.64 10.46
C PHE HA 882 90.08 63.51 9.74
N ASP HA 883 89.90 63.68 8.43
CA ASP HA 883 90.75 64.54 7.61
C ASP HA 883 89.89 65.73 7.18
N VAL HA 884 90.03 66.83 7.91
CA VAL HA 884 89.21 68.02 7.71
C VAL HA 884 90.13 69.20 7.42
N ALA HA 885 89.78 69.97 6.39
CA ALA HA 885 90.49 71.18 6.04
C ALA HA 885 89.54 72.36 6.11
N ARG HA 886 89.95 73.41 6.82
CA ARG HA 886 89.18 74.64 6.97
C ARG HA 886 89.86 75.73 6.17
N VAL HA 887 89.14 76.31 5.21
CA VAL HA 887 89.69 77.30 4.30
C VAL HA 887 89.26 78.67 4.78
N HIS HA 888 90.24 79.55 5.00
CA HIS HA 888 89.99 80.93 5.42
C HIS HA 888 90.62 81.86 4.41
N GLN HA 889 89.83 82.80 3.88
CA GLN HA 889 90.30 83.79 2.92
C GLN HA 889 90.13 85.17 3.54
N PRO HA 890 91.17 85.74 4.15
CA PRO HA 890 91.02 87.03 4.85
C PRO HA 890 90.64 88.18 3.93
N HIS HA 891 91.43 88.43 2.88
CA HIS HA 891 91.11 89.54 1.99
C HIS HA 891 91.86 89.52 0.66
N ARG HA 892 91.11 89.56 -0.44
CA ARG HA 892 91.59 89.94 -1.77
C ARG HA 892 92.76 89.06 -2.23
N GLY HA 893 92.42 87.79 -2.45
CA GLY HA 893 93.30 86.91 -3.19
C GLY HA 893 94.39 86.21 -2.39
N VAL HA 894 94.37 86.32 -1.07
CA VAL HA 894 95.26 85.56 -0.21
C VAL HA 894 94.44 84.49 0.49
N ILE HA 895 94.91 83.25 0.42
CA ILE HA 895 94.16 82.09 0.91
C ILE HA 895 95.08 81.28 1.82
N GLU HA 896 94.57 80.92 2.99
CA GLU HA 896 95.29 80.07 3.93
C GLU HA 896 94.36 78.95 4.38
N VAL HA 897 94.86 77.72 4.35
CA VAL HA 897 94.07 76.54 4.69
C VAL HA 897 94.80 75.78 5.80
N VAL HA 898 94.06 75.38 6.82
CA VAL HA 898 94.61 74.57 7.90
C VAL HA 898 94.12 73.14 7.73
N TYR HA 899 95.06 72.21 7.60
CA TYR HA 899 94.75 70.79 7.49
C TYR HA 899 94.99 70.13 8.83
N LEU HA 900 94.14 69.17 9.18
CA LEU HA 900 94.28 68.52 10.48
C LEU HA 900 93.69 67.12 10.41
N ARG HA 901 94.38 66.17 11.02
CA ARG HA 901 93.98 64.76 11.02
C ARG HA 901 94.17 64.23 12.43
N THR HA 902 93.06 64.04 13.16
CA THR HA 902 93.15 63.83 14.60
C THR HA 902 93.90 62.56 15.01
N PRO HA 903 93.61 61.37 14.48
CA PRO HA 903 94.34 60.19 14.97
C PRO HA 903 95.76 60.11 14.43
N PHE HA 904 95.96 60.38 13.14
CA PHE HA 904 97.28 60.32 12.52
C PHE HA 904 97.61 61.73 12.04
N SER HA 905 98.18 62.53 12.92
CA SER HA 905 98.46 63.92 12.61
C SER HA 905 99.61 64.04 11.61
N ALA HA 906 99.61 65.16 10.89
CA ALA HA 906 100.67 65.47 9.94
C ALA HA 906 101.78 66.31 10.57
N GLY HA 907 101.72 66.58 11.86
CA GLY HA 907 102.73 67.36 12.54
C GLY HA 907 102.61 67.32 14.05
N PHE IA 30 -123.04 22.50 23.72
CA PHE IA 30 -123.95 21.44 24.19
C PHE IA 30 -123.19 20.39 24.99
N ASP IA 31 -122.91 20.70 26.24
CA ASP IA 31 -122.24 19.77 27.15
C ASP IA 31 -123.30 18.97 27.91
N GLU IA 32 -122.83 18.18 28.88
CA GLU IA 32 -123.64 17.33 29.76
C GLU IA 32 -124.26 16.15 29.00
N ILE IA 33 -124.12 16.11 27.68
CA ILE IA 33 -124.62 14.98 26.88
C ILE IA 33 -123.53 13.92 26.91
N HIS IA 34 -123.64 13.00 27.85
CA HIS IA 34 -122.63 11.97 28.07
C HIS IA 34 -123.03 10.70 27.34
N VAL IA 35 -122.17 10.23 26.44
CA VAL IA 35 -122.36 8.95 25.75
C VAL IA 35 -121.31 7.98 26.27
N PRO IA 36 -121.70 6.89 26.92
CA PRO IA 36 -120.71 5.96 27.46
C PRO IA 36 -120.01 5.23 26.33
N PRO IA 37 -118.74 4.85 26.52
CA PRO IA 37 -118.04 4.07 25.50
C PRO IA 37 -118.58 2.65 25.41
N ARG IA 38 -118.35 2.04 24.26
CA ARG IA 38 -118.79 0.67 23.99
C ARG IA 38 -117.55 -0.21 23.86
N TYR IA 39 -117.08 -0.73 24.99
CA TYR IA 39 -115.92 -1.61 24.97
C TYR IA 39 -116.27 -2.98 24.39
N ALA IA 40 -115.25 -3.71 24.00
CA ALA IA 40 -115.39 -5.06 23.48
C ALA IA 40 -115.01 -6.07 24.55
N ALA IA 41 -115.71 -7.21 24.55
CA ALA IA 41 -115.44 -8.24 25.55
C ALA IA 41 -114.05 -8.82 25.34
N ALA IA 42 -113.52 -9.42 26.41
CA ALA IA 42 -112.16 -9.97 26.37
C ALA IA 42 -112.06 -11.07 25.34
N SER IA 43 -110.96 -11.05 24.56
CA SER IA 43 -110.74 -12.07 23.55
C SER IA 43 -110.47 -13.44 24.17
N ALA IA 44 -110.00 -13.49 25.42
CA ALA IA 44 -109.80 -14.73 26.16
C ALA IA 44 -110.50 -14.58 27.50
N GLY IA 45 -111.80 -14.87 27.52
CA GLY IA 45 -112.61 -14.74 28.71
C GLY IA 45 -112.85 -16.07 29.39
N ARG IA 46 -113.83 -16.06 30.32
CA ARG IA 46 -114.13 -17.28 31.06
C ARG IA 46 -114.68 -18.37 30.15
N ASN IA 47 -115.46 -17.98 29.14
CA ASN IA 47 -116.06 -18.93 28.21
C ASN IA 47 -115.25 -19.14 26.95
N SER IA 48 -114.05 -18.57 26.88
CA SER IA 48 -113.24 -18.70 25.66
C SER IA 48 -112.63 -20.09 25.57
N ILE IA 49 -112.61 -20.62 24.35
CA ILE IA 49 -111.95 -21.87 24.02
C ILE IA 49 -110.85 -21.56 23.02
N ARG IA 50 -109.60 -21.77 23.43
CA ARG IA 50 -108.45 -21.33 22.67
C ARG IA 50 -107.75 -22.52 22.02
N TYR IA 51 -107.58 -22.47 20.71
CA TYR IA 51 -106.77 -23.41 19.96
C TYR IA 51 -105.68 -22.63 19.23
N SER IA 52 -104.45 -23.12 19.32
CA SER IA 52 -103.32 -22.42 18.71
C SER IA 52 -103.47 -22.38 17.20
N MET IA 53 -102.95 -21.31 16.60
CA MET IA 53 -102.95 -21.10 15.15
C MET IA 53 -104.35 -20.99 14.58
N LEU IA 54 -105.33 -20.59 15.40
CA LEU IA 54 -106.69 -20.35 14.96
C LEU IA 54 -107.30 -19.31 15.89
N PRO IA 55 -108.25 -18.51 15.42
CA PRO IA 55 -108.92 -17.57 16.31
C PRO IA 55 -109.66 -18.30 17.40
N PRO IA 56 -109.68 -17.76 18.62
CA PRO IA 56 -110.34 -18.45 19.72
C PRO IA 56 -111.85 -18.53 19.53
N LEU IA 57 -112.43 -19.60 20.05
CA LEU IA 57 -113.87 -19.80 20.04
C LEU IA 57 -114.43 -19.50 21.43
N TYR IA 58 -115.71 -19.17 21.47
CA TYR IA 58 -116.36 -18.76 22.72
C TYR IA 58 -117.57 -19.65 23.00
N ASP IA 59 -117.91 -19.74 24.27
CA ASP IA 59 -119.08 -20.48 24.75
C ASP IA 59 -118.93 -21.97 24.43
N THR IA 60 -119.78 -22.50 23.57
CA THR IA 60 -119.79 -23.93 23.28
C THR IA 60 -119.03 -24.21 21.99
N THR IA 61 -118.79 -25.49 21.72
CA THR IA 61 -118.20 -25.98 20.49
C THR IA 61 -118.45 -27.48 20.38
N LYS IA 62 -117.86 -28.15 19.40
CA LYS IA 62 -118.05 -29.59 19.26
C LYS IA 62 -116.71 -30.25 19.02
N ILE IA 63 -116.47 -31.34 19.76
CA ILE IA 63 -115.24 -32.13 19.63
C ILE IA 63 -115.65 -33.53 19.20
N TYR IA 64 -115.08 -33.99 18.08
CA TYR IA 64 -115.45 -35.27 17.49
C TYR IA 64 -114.31 -36.26 17.68
N LEU IA 65 -114.61 -37.37 18.36
CA LEU IA 65 -113.64 -38.45 18.55
C LEU IA 65 -113.93 -39.57 17.55
N ILE IA 66 -113.76 -39.23 16.27
CA ILE IA 66 -114.05 -40.18 15.21
C ILE IA 66 -112.96 -41.25 15.18
N ASP IA 67 -113.37 -42.51 15.09
CA ASP IA 67 -112.41 -43.60 15.02
C ASP IA 67 -111.73 -43.69 13.66
N ASN IA 68 -112.35 -43.15 12.60
CA ASN IA 68 -111.71 -43.15 11.29
C ASN IA 68 -110.43 -42.35 11.29
N LYS IA 69 -110.34 -41.32 12.14
CA LYS IA 69 -109.10 -40.57 12.28
C LYS IA 69 -108.01 -41.41 12.93
N SER IA 70 -108.37 -42.43 13.69
CA SER IA 70 -107.37 -43.31 14.29
C SER IA 70 -106.60 -44.11 13.24
N SER IA 71 -107.18 -44.29 12.05
CA SER IA 71 -106.49 -44.98 10.97
C SER IA 71 -105.46 -44.10 10.27
N ASP IA 72 -105.43 -42.80 10.57
CA ASP IA 72 -104.41 -41.91 10.03
C ASP IA 72 -103.18 -41.82 10.92
N ILE IA 73 -103.24 -42.38 12.13
CA ILE IA 73 -102.13 -42.36 13.06
C ILE IA 73 -101.76 -43.79 13.44
N GLN IA 74 -101.89 -44.71 12.48
CA GLN IA 74 -101.65 -46.13 12.72
C GLN IA 74 -100.36 -46.40 13.48
N THR IA 75 -99.38 -45.48 13.37
CA THR IA 75 -98.13 -45.66 14.12
C THR IA 75 -98.39 -45.75 15.62
N LEU IA 76 -99.47 -45.15 16.11
CA LEU IA 76 -99.81 -45.17 17.52
C LEU IA 76 -100.78 -46.30 17.88
N ASN IA 77 -101.28 -47.06 16.91
CA ASN IA 77 -102.36 -48.01 17.15
C ASN IA 77 -102.03 -49.38 16.56
N TYR IA 78 -100.75 -49.78 16.60
CA TYR IA 78 -100.39 -51.10 16.11
C TYR IA 78 -101.03 -52.21 16.93
N GLN IA 79 -101.03 -52.05 18.25
CA GLN IA 79 -101.58 -53.06 19.15
C GLN IA 79 -102.97 -52.72 19.65
N ASN IA 80 -103.62 -51.71 19.07
CA ASN IA 80 -104.91 -51.25 19.53
C ASN IA 80 -106.00 -51.76 18.60
N ASP IA 81 -107.03 -52.38 19.17
CA ASP IA 81 -108.15 -52.90 18.42
C ASP IA 81 -109.14 -51.76 18.15
N HIS IA 82 -110.33 -52.11 17.66
CA HIS IA 82 -111.36 -51.12 17.37
C HIS IA 82 -112.10 -50.65 18.61
N SER IA 83 -111.61 -50.98 19.80
CA SER IA 83 -112.24 -50.55 21.04
C SER IA 83 -111.29 -49.86 22.01
N ASP IA 84 -109.97 -49.93 21.79
CA ASP IA 84 -108.98 -49.33 22.67
C ASP IA 84 -107.98 -48.52 21.86
N TYR IA 85 -108.49 -47.70 20.95
CA TYR IA 85 -107.67 -47.01 19.97
C TYR IA 85 -107.23 -45.64 20.49
N LEU IA 86 -106.46 -44.93 19.66
CA LEU IA 86 -106.05 -43.57 19.92
C LEU IA 86 -106.48 -42.69 18.75
N THR IA 87 -107.06 -41.52 19.06
CA THR IA 87 -107.52 -40.60 18.05
C THR IA 87 -106.94 -39.21 18.31
N THR IA 88 -107.22 -38.30 17.39
CA THR IA 88 -106.79 -36.91 17.48
C THR IA 88 -108.01 -36.01 17.38
N ILE IA 89 -108.12 -35.05 18.30
CA ILE IA 89 -109.22 -34.09 18.23
C ILE IA 89 -109.01 -33.13 17.08
N VAL IA 90 -107.77 -32.67 16.89
CA VAL IA 90 -107.48 -31.57 15.96
C VAL IA 90 -107.77 -32.04 14.54
N GLN IA 91 -108.77 -31.42 13.90
CA GLN IA 91 -109.19 -31.78 12.54
C GLN IA 91 -109.04 -30.54 11.65
N ASN IA 92 -107.85 -30.38 11.07
CA ASN IA 92 -107.57 -29.34 10.09
C ASN IA 92 -106.71 -29.92 8.99
N SER IA 93 -107.04 -29.58 7.74
CA SER IA 93 -106.31 -30.12 6.60
C SER IA 93 -104.93 -29.51 6.44
N ASP IA 94 -104.60 -28.45 7.19
CA ASP IA 94 -103.30 -27.80 7.02
C ASP IA 94 -102.16 -28.70 7.46
N PHE IA 95 -102.38 -29.56 8.44
CA PHE IA 95 -101.36 -30.47 8.94
C PHE IA 95 -101.78 -31.91 8.70
N THR IA 96 -100.78 -32.80 8.62
CA THR IA 96 -101.06 -34.22 8.66
C THR IA 96 -101.64 -34.58 10.03
N PRO IA 97 -102.48 -35.61 10.11
CA PRO IA 97 -103.12 -35.92 11.40
C PRO IA 97 -102.12 -36.22 12.51
N LEU IA 98 -101.00 -36.88 12.20
CA LEU IA 98 -100.02 -37.18 13.22
C LEU IA 98 -99.43 -35.90 13.81
N GLU IA 99 -99.13 -34.92 12.97
CA GLU IA 99 -98.61 -33.65 13.46
C GLU IA 99 -99.69 -32.83 14.16
N ALA IA 100 -100.92 -32.87 13.66
CA ALA IA 100 -102.02 -32.15 14.31
C ALA IA 100 -102.31 -32.74 15.67
N SER IA 101 -101.95 -34.00 15.89
CA SER IA 101 -102.09 -34.60 17.22
C SER IA 101 -101.23 -33.90 18.26
N ASN IA 102 -100.17 -33.20 17.83
CA ASN IA 102 -99.32 -32.49 18.79
C ASN IA 102 -100.08 -31.36 19.47
N HIS IA 103 -100.87 -30.62 18.72
CA HIS IA 103 -101.56 -29.46 19.27
C HIS IA 103 -102.65 -29.89 20.25
N SER IA 104 -102.97 -29.00 21.18
CA SER IA 104 -103.94 -29.28 22.22
C SER IA 104 -104.94 -28.14 22.31
N ILE IA 105 -106.18 -28.49 22.66
CA ILE IA 105 -107.24 -27.51 22.84
C ILE IA 105 -107.28 -27.14 24.32
N GLU IA 106 -107.05 -25.87 24.62
CA GLU IA 106 -106.93 -25.38 25.99
C GLU IA 106 -108.17 -24.56 26.32
N LEU IA 107 -109.12 -25.19 26.99
CA LEU IA 107 -110.25 -24.46 27.55
C LEU IA 107 -109.75 -23.56 28.68
N ASP IA 108 -110.45 -22.44 28.87
CA ASP IA 108 -109.97 -21.43 29.80
C ASP IA 108 -109.90 -21.96 31.22
N GLU IA 109 -108.85 -21.56 31.93
CA GLU IA 109 -108.60 -22.04 33.29
C GLU IA 109 -109.42 -21.30 34.34
N ARG IA 110 -110.15 -20.25 33.96
CA ARG IA 110 -110.96 -19.50 34.90
C ARG IA 110 -112.33 -20.14 35.14
N SER IA 111 -112.67 -21.19 34.42
CA SER IA 111 -113.96 -21.84 34.58
C SER IA 111 -113.76 -23.36 34.61
N ARG IA 112 -114.66 -24.04 35.31
CA ARG IA 112 -114.69 -25.50 35.34
C ARG IA 112 -115.55 -25.97 34.19
N TRP IA 113 -114.91 -26.42 33.12
CA TRP IA 113 -115.61 -26.74 31.89
C TRP IA 113 -116.29 -28.10 31.99
N GLY IA 114 -117.61 -28.12 31.79
CA GLY IA 114 -118.34 -29.36 31.67
C GLY IA 114 -118.47 -29.77 30.21
N GLY IA 115 -119.18 -30.87 29.99
CA GLY IA 115 -119.37 -31.35 28.63
C GLY IA 115 -120.48 -32.36 28.47
N ASN IA 116 -121.32 -32.14 27.46
CA ASN IA 116 -122.34 -33.13 27.11
C ASN IA 116 -121.75 -34.12 26.13
N LEU IA 117 -121.80 -35.41 26.49
CA LEU IA 117 -121.17 -36.46 25.73
C LEU IA 117 -122.22 -37.26 24.97
N LYS IA 118 -122.11 -37.28 23.65
CA LYS IA 118 -122.99 -38.06 22.79
C LYS IA 118 -122.21 -39.21 22.18
N THR IA 119 -122.85 -40.37 22.07
CA THR IA 119 -122.16 -41.59 21.68
C THR IA 119 -122.94 -42.31 20.59
N ILE IA 120 -122.21 -42.78 19.58
CA ILE IA 120 -122.73 -43.69 18.56
C ILE IA 120 -121.95 -44.99 18.66
N LEU IA 121 -122.64 -46.09 18.92
CA LEU IA 121 -122.00 -47.37 19.15
C LEU IA 121 -122.77 -48.48 18.45
N TYR IA 122 -122.05 -49.42 17.84
CA TYR IA 122 -122.67 -50.57 17.19
C TYR IA 122 -121.64 -51.69 17.19
N THR IA 123 -121.75 -52.61 18.14
CA THR IA 123 -120.82 -53.73 18.24
C THR IA 123 -121.41 -54.97 17.60
N ASN IA 124 -120.57 -55.69 16.84
CA ASN IA 124 -121.00 -56.91 16.17
C ASN IA 124 -120.61 -58.13 17.02
N LEU IA 125 -121.22 -58.19 18.19
CA LEU IA 125 -120.94 -59.27 19.14
C LEU IA 125 -121.74 -60.52 18.78
N PRO IA 126 -121.09 -61.64 18.50
CA PRO IA 126 -121.84 -62.90 18.31
C PRO IA 126 -122.45 -63.39 19.60
N ASN IA 127 -123.49 -64.21 19.46
CA ASN IA 127 -124.26 -64.66 20.63
C ASN IA 127 -123.43 -65.54 21.56
N ILE IA 128 -122.76 -66.55 21.00
CA ILE IA 128 -122.04 -67.54 21.79
C ILE IA 128 -120.54 -67.28 21.59
N THR IA 129 -119.87 -66.85 22.66
CA THR IA 129 -118.45 -66.51 22.59
C THR IA 129 -117.73 -67.06 23.81
N GLN IA 130 -116.42 -67.26 23.66
CA GLN IA 130 -115.57 -67.53 24.80
C GLN IA 130 -115.31 -66.27 25.60
N HIS IA 131 -115.31 -65.10 24.95
CA HIS IA 131 -115.07 -63.84 25.64
C HIS IA 131 -116.14 -63.57 26.69
N MET IA 132 -117.40 -63.82 26.35
CA MET IA 132 -118.52 -63.56 27.25
C MET IA 132 -118.85 -64.75 28.14
N PHE IA 133 -118.03 -65.80 28.11
CA PHE IA 133 -118.30 -67.04 28.86
C PHE IA 133 -119.64 -67.64 28.46
N SER IA 134 -119.98 -67.51 27.18
CA SER IA 134 -121.26 -67.95 26.66
C SER IA 134 -121.20 -69.35 26.04
N ASN IA 135 -120.03 -69.99 26.03
CA ASN IA 135 -119.89 -71.31 25.46
C ASN IA 135 -119.34 -72.35 26.41
N SER IA 136 -118.91 -71.94 27.61
CA SER IA 136 -118.40 -72.91 28.58
C SER IA 136 -119.52 -73.78 29.12
N PHE IA 137 -119.15 -74.97 29.59
CA PHE IA 137 -120.14 -75.92 30.08
C PHE IA 137 -119.41 -76.95 30.93
N ARG IA 138 -120.14 -77.57 31.85
CA ARG IA 138 -119.54 -78.57 32.73
C ARG IA 138 -120.56 -79.66 33.01
N VAL IA 139 -120.13 -80.91 32.80
CA VAL IA 139 -120.97 -82.09 33.05
C VAL IA 139 -120.20 -83.02 33.96
N LYS IA 140 -120.84 -83.45 35.05
CA LYS IA 140 -120.27 -84.45 35.94
C LYS IA 140 -120.69 -85.83 35.45
N MET IA 141 -119.72 -86.68 35.17
CA MET IA 141 -119.96 -88.03 34.63
C MET IA 141 -120.83 -87.98 33.38
N GLU IA 153 -114.76 -87.99 36.23
CA GLU IA 153 -115.93 -87.12 36.19
C GLU IA 153 -115.53 -85.66 36.03
N TRP IA 154 -116.52 -84.77 36.07
CA TRP IA 154 -116.31 -83.33 35.91
C TRP IA 154 -115.63 -83.01 34.58
N PHE IA 155 -116.31 -83.35 33.49
CA PHE IA 155 -115.79 -83.09 32.15
C PHE IA 155 -116.30 -81.76 31.65
N PRO IA 156 -115.44 -80.78 31.39
CA PRO IA 156 -115.91 -79.52 30.80
C PRO IA 156 -116.27 -79.69 29.34
N LEU IA 157 -117.14 -78.80 28.87
CA LEU IA 157 -117.58 -78.81 27.48
C LEU IA 157 -117.40 -77.42 26.87
N ARG IA 158 -117.32 -77.39 25.54
CA ARG IA 158 -117.21 -76.14 24.80
C ARG IA 158 -118.12 -76.19 23.59
N LEU IA 159 -118.76 -75.07 23.30
CA LEU IA 159 -119.63 -74.95 22.14
C LEU IA 159 -118.94 -74.13 21.05
N PRO IA 160 -119.19 -74.44 19.78
CA PRO IA 160 -118.63 -73.62 18.71
C PRO IA 160 -119.16 -72.19 18.79
N GLU IA 161 -118.27 -71.24 18.49
CA GLU IA 161 -118.64 -69.84 18.56
C GLU IA 161 -119.48 -69.43 17.36
N GLY IA 162 -120.24 -68.35 17.53
CA GLY IA 162 -121.09 -67.84 16.47
C GLY IA 162 -122.45 -67.40 16.94
N ASN IA 163 -123.19 -66.70 16.07
CA ASN IA 163 -124.52 -66.22 16.40
C ASN IA 163 -125.54 -67.32 16.13
N PHE IA 164 -126.20 -67.81 17.17
CA PHE IA 164 -127.16 -68.90 17.06
C PHE IA 164 -128.43 -68.55 17.82
N SER IA 165 -129.52 -69.18 17.42
CA SER IA 165 -130.80 -69.01 18.10
C SER IA 165 -130.85 -69.90 19.33
N GLU IA 166 -131.94 -69.79 20.09
CA GLU IA 166 -132.07 -70.57 21.33
C GLU IA 166 -132.11 -72.06 21.03
N THR IA 167 -132.92 -72.47 20.05
CA THR IA 167 -133.00 -73.89 19.71
C THR IA 167 -131.67 -74.38 19.13
N MET IA 168 -130.98 -73.54 18.37
CA MET IA 168 -129.68 -73.93 17.84
C MET IA 168 -128.66 -74.14 18.95
N VAL IA 169 -128.67 -73.26 19.96
CA VAL IA 169 -127.74 -73.42 21.07
C VAL IA 169 -128.07 -74.67 21.88
N ILE IA 170 -129.37 -74.95 22.06
CA ILE IA 170 -129.75 -76.17 22.77
C ILE IA 170 -129.28 -77.40 22.00
N ASP IA 171 -129.45 -77.39 20.69
CA ASP IA 171 -129.00 -78.51 19.86
C ASP IA 171 -127.49 -78.66 19.93
N LEU IA 172 -126.75 -77.54 19.91
CA LEU IA 172 -125.30 -77.61 20.02
C LEU IA 172 -124.88 -78.16 21.38
N MET IA 173 -125.60 -77.78 22.44
CA MET IA 173 -125.29 -78.32 23.77
C MET IA 173 -125.48 -79.84 23.78
N ASN IA 174 -126.61 -80.31 23.24
CA ASN IA 174 -126.85 -81.75 23.19
C ASN IA 174 -125.81 -82.46 22.34
N ASN IA 175 -125.44 -81.86 21.20
CA ASN IA 175 -124.43 -82.45 20.33
C ASN IA 175 -123.08 -82.53 21.03
N ALA IA 176 -122.71 -81.49 21.77
CA ALA IA 176 -121.46 -81.51 22.52
C ALA IA 176 -121.48 -82.59 23.60
N ILE IA 177 -122.60 -82.74 24.28
CA ILE IA 177 -122.72 -83.79 25.30
C ILE IA 177 -122.54 -85.17 24.66
N VAL IA 178 -123.21 -85.40 23.53
CA VAL IA 178 -123.11 -86.67 22.84
C VAL IA 178 -121.68 -86.91 22.34
N GLU IA 179 -121.04 -85.86 21.82
CA GLU IA 179 -119.68 -86.01 21.32
C GLU IA 179 -118.71 -86.34 22.44
N LEU IA 180 -118.87 -85.69 23.61
CA LEU IA 180 -118.03 -86.04 24.74
C LEU IA 180 -118.30 -87.46 25.22
N TYR IA 181 -119.55 -87.91 25.12
CA TYR IA 181 -119.81 -89.32 25.42
C TYR IA 181 -119.09 -90.24 24.45
N LEU IA 182 -119.09 -89.89 23.16
CA LEU IA 182 -118.38 -90.71 22.18
C LEU IA 182 -116.88 -90.64 22.35
N ALA IA 183 -116.36 -89.59 22.98
CA ALA IA 183 -114.92 -89.42 23.20
C ALA IA 183 -114.60 -89.88 24.62
N LEU IA 184 -114.18 -91.14 24.73
CA LEU IA 184 -113.67 -91.74 25.97
C LEU IA 184 -114.79 -91.98 26.98
N GLY IA 185 -115.99 -91.47 26.69
CA GLY IA 185 -117.11 -91.70 27.59
C GLY IA 185 -117.77 -93.05 27.39
N ARG IA 186 -117.63 -93.63 26.19
CA ARG IA 186 -118.17 -94.96 25.91
C ARG IA 186 -117.11 -96.03 25.77
N GLN IA 187 -115.85 -95.66 25.55
CA GLN IA 187 -114.79 -96.65 25.40
C GLN IA 187 -114.55 -97.41 26.69
N GLU IA 188 -114.76 -96.77 27.84
CA GLU IA 188 -114.51 -97.42 29.12
C GLU IA 188 -115.54 -98.50 29.43
N GLY IA 189 -116.67 -98.52 28.73
CA GLY IA 189 -117.65 -99.56 28.92
C GLY IA 189 -119.03 -99.06 29.36
N VAL IA 190 -119.36 -97.83 29.00
CA VAL IA 190 -120.65 -97.26 29.35
C VAL IA 190 -121.62 -97.51 28.19
N LYS IA 191 -122.74 -98.16 28.49
CA LYS IA 191 -123.73 -98.45 27.46
C LYS IA 191 -124.39 -97.16 26.99
N GLU IA 192 -124.72 -97.10 25.70
CA GLU IA 192 -124.99 -95.82 25.05
C GLU IA 192 -126.23 -95.12 25.60
N GLU IA 193 -127.22 -95.87 26.09
CA GLU IA 193 -128.41 -95.23 26.63
C GLU IA 193 -128.20 -94.73 28.06
N ASP IA 194 -127.07 -95.04 28.69
CA ASP IA 194 -126.78 -94.59 30.05
C ASP IA 194 -126.37 -93.13 30.12
N ILE IA 195 -126.49 -92.37 29.02
CA ILE IA 195 -126.21 -90.94 29.09
C ILE IA 195 -127.24 -90.27 29.98
N GLY IA 196 -126.77 -89.45 30.92
CA GLY IA 196 -127.65 -88.93 31.95
C GLY IA 196 -127.94 -87.45 31.88
N VAL IA 197 -127.68 -86.84 30.74
CA VAL IA 197 -127.88 -85.40 30.56
C VAL IA 197 -128.71 -85.18 29.31
N LYS IA 198 -129.77 -84.39 29.44
CA LYS IA 198 -130.61 -84.05 28.29
C LYS IA 198 -131.30 -82.73 28.56
N ILE IA 199 -131.48 -81.95 27.49
CA ILE IA 199 -132.14 -80.64 27.56
C ILE IA 199 -133.34 -80.71 26.61
N ASP IA 200 -134.51 -81.04 27.15
CA ASP IA 200 -135.71 -81.23 26.35
C ASP IA 200 -136.74 -80.19 26.73
N THR IA 201 -137.04 -79.28 25.80
CA THR IA 201 -138.04 -78.24 26.03
C THR IA 201 -139.43 -78.87 25.95
N ARG IA 202 -139.74 -79.68 26.96
CA ARG IA 202 -141.01 -80.39 27.01
C ARG IA 202 -141.51 -80.42 28.46
N ASN IA 203 -142.81 -80.65 28.59
CA ASN IA 203 -143.46 -80.87 29.88
C ASN IA 203 -143.95 -82.31 29.90
N PHE IA 204 -143.24 -83.17 30.65
CA PHE IA 204 -143.59 -84.58 30.68
C PHE IA 204 -144.75 -84.83 31.65
N SER IA 205 -145.82 -84.05 31.51
CA SER IA 205 -147.01 -84.23 32.34
C SER IA 205 -148.32 -84.13 31.58
N LEU IA 206 -148.31 -83.72 30.31
CA LEU IA 206 -149.54 -83.57 29.55
C LEU IA 206 -150.19 -84.92 29.34
N GLY IA 207 -151.50 -84.99 29.58
CA GLY IA 207 -152.23 -86.23 29.44
C GLY IA 207 -151.81 -87.33 30.40
N TYR IA 208 -151.44 -86.96 31.63
CA TYR IA 208 -151.01 -87.91 32.65
C TYR IA 208 -152.21 -88.19 33.54
N ASP IA 209 -152.85 -89.33 33.34
CA ASP IA 209 -154.04 -89.68 34.12
C ASP IA 209 -153.62 -90.20 35.48
N PRO IA 210 -154.03 -89.55 36.58
CA PRO IA 210 -153.60 -90.02 37.91
C PRO IA 210 -154.10 -91.41 38.26
N GLN IA 211 -155.29 -91.79 37.82
CA GLN IA 211 -155.84 -93.10 38.18
C GLN IA 211 -154.98 -94.23 37.63
N THR IA 212 -154.56 -94.12 36.37
CA THR IA 212 -153.68 -95.13 35.79
C THR IA 212 -152.21 -94.89 36.07
N GLN IA 213 -151.87 -93.75 36.67
CA GLN IA 213 -150.50 -93.40 37.04
C GLN IA 213 -149.56 -93.39 35.84
N LEU IA 214 -150.10 -93.20 34.65
CA LEU IA 214 -149.30 -93.18 33.43
C LEU IA 214 -149.89 -92.15 32.47
N VAL IA 215 -149.07 -91.68 31.54
CA VAL IA 215 -149.52 -90.78 30.50
C VAL IA 215 -150.21 -91.59 29.41
N THR IA 216 -151.47 -91.26 29.12
CA THR IA 216 -152.28 -92.10 28.25
C THR IA 216 -151.74 -92.23 26.82
N PRO IA 217 -151.30 -91.17 26.13
CA PRO IA 217 -150.71 -91.39 24.80
C PRO IA 217 -149.37 -92.11 24.90
N GLY IA 218 -149.03 -92.78 23.81
CA GLY IA 218 -147.77 -93.49 23.72
C GLY IA 218 -146.59 -92.64 23.31
N VAL IA 219 -146.79 -91.33 23.20
CA VAL IA 219 -145.72 -90.40 22.85
C VAL IA 219 -145.84 -89.18 23.75
N TYR IA 220 -144.72 -88.73 24.31
CA TYR IA 220 -144.73 -87.49 25.08
C TYR IA 220 -145.13 -86.33 24.19
N THR IA 221 -145.94 -85.42 24.73
CA THR IA 221 -146.42 -84.28 23.96
C THR IA 221 -145.23 -83.43 23.51
N ASN IA 222 -145.16 -83.17 22.21
CA ASN IA 222 -144.03 -82.47 21.61
C ASN IA 222 -144.28 -80.96 21.52
N GLU IA 223 -144.60 -80.35 22.65
CA GLU IA 223 -144.81 -78.91 22.72
C GLU IA 223 -143.55 -78.23 23.28
N ALA IA 224 -143.62 -76.91 23.38
CA ALA IA 224 -142.44 -76.11 23.75
C ALA IA 224 -142.36 -75.88 25.26
N MET IA 225 -143.38 -75.25 25.83
CA MET IA 225 -143.38 -74.88 27.24
C MET IA 225 -142.12 -74.10 27.60
N HIS IA 226 -141.22 -74.72 28.35
CA HIS IA 226 -139.97 -74.09 28.74
C HIS IA 226 -138.85 -75.13 28.73
N ALA IA 227 -137.65 -74.67 28.39
CA ALA IA 227 -136.48 -75.55 28.42
C ALA IA 227 -136.19 -75.99 29.84
N ASP IA 228 -135.67 -77.21 29.98
CA ASP IA 228 -135.41 -77.78 31.30
C ASP IA 228 -134.08 -78.51 31.26
N ILE IA 229 -133.83 -79.30 32.31
CA ILE IA 229 -132.63 -80.10 32.43
C ILE IA 229 -133.06 -81.50 32.86
N VAL IA 230 -132.75 -82.50 32.05
CA VAL IA 230 -133.13 -83.88 32.33
C VAL IA 230 -131.90 -84.60 32.88
N LEU IA 231 -132.01 -85.12 34.10
CA LEU IA 231 -130.90 -85.72 34.80
C LEU IA 231 -131.27 -87.11 35.27
N LEU IA 232 -130.43 -88.08 34.99
CA LEU IA 232 -130.39 -89.47 35.41
C LEU IA 232 -129.57 -89.57 36.70
N PRO IA 233 -129.85 -90.54 37.57
CA PRO IA 233 -129.03 -90.69 38.78
C PRO IA 233 -127.56 -90.83 38.44
N GLY IA 234 -126.71 -90.17 39.22
CA GLY IA 234 -125.30 -90.10 38.90
C GLY IA 234 -124.95 -88.83 38.14
N CYS IA 235 -124.90 -88.94 36.82
CA CYS IA 235 -124.45 -87.82 35.97
C CYS IA 235 -125.32 -86.59 36.18
N ALA IA 236 -124.67 -85.42 36.19
CA ALA IA 236 -125.35 -84.15 36.36
C ALA IA 236 -124.48 -83.05 35.78
N ILE IA 237 -125.10 -81.89 35.52
CA ILE IA 237 -124.41 -80.75 34.96
C ILE IA 237 -124.39 -79.63 35.99
N ASP IA 238 -123.24 -78.98 36.13
CA ASP IA 238 -123.04 -77.95 37.15
C ASP IA 238 -122.13 -76.88 36.56
N PHE IA 239 -122.74 -75.82 36.03
CA PHE IA 239 -122.00 -74.72 35.41
C PHE IA 239 -122.17 -73.46 36.25
N THR IA 240 -121.06 -72.85 36.63
CA THR IA 240 -121.06 -71.64 37.43
C THR IA 240 -120.41 -70.46 36.73
N HIS IA 241 -119.37 -70.70 35.94
CA HIS IA 241 -118.66 -69.64 35.23
C HIS IA 241 -119.23 -69.37 33.85
N SER IA 242 -120.27 -70.08 33.44
CA SER IA 242 -120.91 -69.88 32.16
C SER IA 242 -122.25 -69.17 32.32
N ARG IA 243 -122.77 -68.66 31.22
CA ARG IA 243 -124.03 -67.93 31.21
C ARG IA 243 -125.09 -68.63 30.37
N LEU IA 244 -124.95 -69.94 30.15
CA LEU IA 244 -125.90 -70.67 29.33
C LEU IA 244 -127.26 -70.77 30.01
N ASN IA 245 -127.28 -70.65 31.34
CA ASN IA 245 -128.54 -70.65 32.07
C ASN IA 245 -129.42 -69.47 31.67
N ASN IA 246 -128.80 -68.33 31.35
CA ASN IA 246 -129.58 -67.17 30.94
C ASN IA 246 -130.36 -67.43 29.67
N LEU IA 247 -129.76 -68.17 28.72
CA LEU IA 247 -130.46 -68.39 27.46
C LEU IA 247 -131.41 -69.58 27.52
N LEU IA 248 -131.01 -70.68 28.19
CA LEU IA 248 -131.92 -71.81 28.26
C LEU IA 248 -133.09 -71.52 29.19
N GLY IA 249 -132.85 -70.71 30.22
CA GLY IA 249 -133.85 -70.24 31.15
C GLY IA 249 -133.80 -71.01 32.46
N ILE IA 250 -133.00 -70.50 33.39
CA ILE IA 250 -132.98 -70.92 34.79
C ILE IA 250 -132.07 -69.95 35.53
N ARG IA 251 -132.41 -69.61 36.77
CA ARG IA 251 -131.59 -68.72 37.56
C ARG IA 251 -131.68 -69.12 39.01
N LYS IA 252 -130.62 -68.83 39.77
CA LYS IA 252 -130.63 -69.10 41.20
C LYS IA 252 -131.60 -68.17 41.91
N ARG IA 253 -132.38 -68.74 42.84
CA ARG IA 253 -133.23 -67.91 43.68
C ARG IA 253 -132.39 -67.06 44.62
N PHE IA 254 -131.27 -67.59 45.09
CA PHE IA 254 -130.34 -66.88 45.96
C PHE IA 254 -128.95 -66.91 45.34
N PRO IA 255 -128.68 -66.02 44.39
CA PRO IA 255 -127.33 -65.99 43.80
C PRO IA 255 -126.31 -65.39 44.74
N TYR IA 256 -125.09 -65.20 44.25
CA TYR IA 256 -123.94 -64.65 44.96
C TYR IA 256 -123.32 -65.62 45.95
N GLN IA 257 -123.91 -66.80 46.16
CA GLN IA 257 -123.43 -67.66 47.25
C GLN IA 257 -122.20 -68.48 46.83
N GLU IA 258 -122.40 -69.43 45.93
CA GLU IA 258 -121.26 -70.19 45.43
C GLU IA 258 -121.28 -70.37 43.91
N GLY IA 259 -122.45 -70.53 43.33
CA GLY IA 259 -122.56 -70.88 41.92
C GLY IA 259 -123.81 -71.70 41.69
N PHE IA 260 -123.99 -72.10 40.44
CA PHE IA 260 -125.20 -72.79 39.99
C PHE IA 260 -124.85 -74.26 39.76
N VAL IA 261 -125.11 -75.08 40.78
CA VAL IA 261 -124.61 -76.45 40.83
C VAL IA 261 -125.79 -77.41 40.98
N ILE IA 262 -126.92 -77.07 40.35
CA ILE IA 262 -128.08 -77.96 40.43
C ILE IA 262 -127.73 -79.31 39.82
N SER IA 263 -128.09 -80.38 40.52
CA SER IA 263 -127.67 -81.72 40.14
C SER IA 263 -128.77 -82.71 40.51
N TYR IA 264 -128.44 -84.00 40.44
CA TYR IA 264 -129.37 -85.03 40.88
C TYR IA 264 -129.49 -85.00 42.39
N GLU IA 265 -130.58 -85.59 42.89
CA GLU IA 265 -130.93 -85.64 44.31
C GLU IA 265 -131.40 -84.25 44.77
N ASP IA 266 -131.29 -83.27 43.89
CA ASP IA 266 -131.84 -81.94 44.11
C ASP IA 266 -133.23 -81.81 43.50
N LEU IA 267 -133.46 -82.45 42.35
CA LEU IA 267 -134.72 -82.38 41.63
C LEU IA 267 -135.74 -83.38 42.13
N LYS IA 268 -135.64 -83.80 43.38
CA LYS IA 268 -136.55 -84.80 43.93
C LYS IA 268 -138.00 -84.34 43.85
N GLY IA 269 -138.88 -85.26 43.45
CA GLY IA 269 -140.29 -84.97 43.34
C GLY IA 269 -140.78 -84.67 41.93
N GLY IA 270 -139.90 -84.75 40.93
CA GLY IA 270 -140.30 -84.44 39.58
C GLY IA 270 -139.94 -85.51 38.57
N ASN IA 271 -139.80 -86.75 39.04
CA ASN IA 271 -139.41 -87.85 38.16
C ASN IA 271 -140.42 -88.01 37.02
N ILE IA 272 -139.90 -88.23 35.81
CA ILE IA 272 -140.73 -88.31 34.62
C ILE IA 272 -141.65 -89.52 34.72
N PRO IA 273 -142.96 -89.34 34.63
CA PRO IA 273 -143.86 -90.50 34.61
C PRO IA 273 -143.64 -91.33 33.37
N ALA IA 274 -143.82 -92.65 33.52
CA ALA IA 274 -143.64 -93.55 32.40
C ALA IA 274 -144.82 -93.45 31.44
N LEU IA 275 -144.70 -94.15 30.31
CA LEU IA 275 -145.70 -94.11 29.25
C LEU IA 275 -146.15 -95.52 28.93
N MET IA 276 -147.39 -95.65 28.48
CA MET IA 276 -148.01 -96.94 28.26
C MET IA 276 -147.84 -97.40 26.82
N ASP IA 277 -147.97 -98.71 26.61
CA ASP IA 277 -147.83 -99.32 25.30
C ASP IA 277 -149.13 -99.16 24.52
N VAL IA 278 -149.10 -98.33 23.47
CA VAL IA 278 -150.26 -98.17 22.61
C VAL IA 278 -150.57 -99.49 21.89
N GLU IA 279 -149.54 -100.15 21.37
CA GLU IA 279 -149.76 -101.41 20.64
C GLU IA 279 -150.30 -102.49 21.57
N GLU IA 280 -149.72 -102.63 22.77
CA GLU IA 280 -150.20 -103.64 23.69
C GLU IA 280 -151.60 -103.30 24.21
N PHE IA 281 -151.91 -102.02 24.39
CA PHE IA 281 -153.25 -101.63 24.77
C PHE IA 281 -154.26 -102.01 23.69
N ASN IA 282 -153.98 -101.66 22.44
CA ASN IA 282 -154.86 -102.02 21.35
C ASN IA 282 -154.93 -103.53 21.14
N LYS IA 283 -153.92 -104.28 21.59
CA LYS IA 283 -153.90 -105.72 21.42
C LYS IA 283 -154.66 -106.48 22.50
N SER IA 284 -154.50 -106.08 23.78
CA SER IA 284 -155.03 -106.90 24.87
C SER IA 284 -155.68 -106.09 26.00
N LYS IA 285 -155.93 -104.80 25.81
CA LYS IA 285 -156.56 -103.95 26.85
C LYS IA 285 -155.78 -104.02 28.16
N THR IA 286 -154.45 -103.98 28.06
CA THR IA 286 -153.56 -103.99 29.20
C THR IA 286 -152.75 -102.72 29.25
N VAL IA 287 -152.46 -102.25 30.46
CA VAL IA 287 -151.72 -101.01 30.69
C VAL IA 287 -150.44 -101.34 31.45
N ARG IA 288 -149.31 -100.96 30.89
CA ARG IA 288 -148.02 -101.07 31.58
C ARG IA 288 -147.04 -100.12 30.91
N ALA IA 289 -145.94 -99.86 31.61
CA ALA IA 289 -144.96 -98.87 31.18
C ALA IA 289 -144.07 -99.39 30.07
N LEU IA 290 -143.49 -98.46 29.31
CA LEU IA 290 -142.45 -98.79 28.34
C LEU IA 290 -141.15 -99.13 29.06
N ARG IA 291 -140.91 -100.41 29.31
CA ARG IA 291 -139.67 -100.83 29.93
C ARG IA 291 -138.53 -100.95 28.93
N GLU IA 292 -138.79 -100.79 27.63
CA GLU IA 292 -137.79 -101.01 26.61
C GLU IA 292 -138.09 -100.18 25.39
N ASP IA 293 -137.09 -99.41 24.93
CA ASP IA 293 -137.19 -98.72 23.66
C ASP IA 293 -137.20 -99.75 22.53
N PRO IA 294 -138.03 -99.56 21.49
CA PRO IA 294 -137.98 -100.47 20.34
C PRO IA 294 -136.59 -100.68 19.76
N LYS IA 295 -135.68 -99.71 19.90
CA LYS IA 295 -134.32 -99.91 19.42
C LYS IA 295 -133.43 -100.61 20.45
N GLY IA 296 -133.90 -100.79 21.68
CA GLY IA 296 -133.10 -101.48 22.68
C GLY IA 296 -132.48 -100.59 23.73
N ARG IA 297 -133.23 -99.61 24.22
CA ARG IA 297 -132.77 -98.69 25.25
C ARG IA 297 -133.73 -98.74 26.44
N SER IA 298 -133.21 -99.09 27.61
CA SER IA 298 -134.03 -99.12 28.80
C SER IA 298 -134.44 -97.71 29.22
N TYR IA 299 -135.67 -97.59 29.71
CA TYR IA 299 -136.19 -96.32 30.19
C TYR IA 299 -136.01 -96.13 31.69
N HIS IA 300 -135.34 -97.06 32.36
CA HIS IA 300 -135.07 -96.98 33.80
C HIS IA 300 -136.36 -96.79 34.59
N VAL IA 301 -137.38 -97.56 34.21
CA VAL IA 301 -138.69 -97.42 34.85
C VAL IA 301 -138.62 -97.86 36.31
N GLY IA 302 -137.98 -98.99 36.59
CA GLY IA 302 -137.91 -99.52 37.93
C GLY IA 302 -136.82 -98.96 38.81
N GLU IA 303 -135.94 -98.11 38.27
CA GLU IA 303 -134.83 -97.56 39.03
C GLU IA 303 -135.31 -96.39 39.89
N ASP IA 304 -134.36 -95.62 40.41
CA ASP IA 304 -134.62 -94.45 41.26
C ASP IA 304 -135.49 -94.81 42.46
N PRO IA 305 -134.95 -95.50 43.46
CA PRO IA 305 -135.74 -95.84 44.65
C PRO IA 305 -136.28 -94.58 45.33
N GLU IA 306 -137.19 -94.82 46.28
CA GLU IA 306 -137.97 -93.82 47.02
C GLU IA 306 -138.99 -93.13 46.11
N ALA IA 307 -139.02 -93.45 44.82
CA ALA IA 307 -140.03 -92.97 43.90
C ALA IA 307 -140.79 -94.17 43.35
N ARG IA 308 -142.07 -93.99 43.06
CA ARG IA 308 -142.91 -95.10 42.64
C ARG IA 308 -142.44 -95.65 41.30
N GLU IA 309 -142.70 -96.95 41.10
CA GLU IA 309 -142.19 -97.67 39.93
C GLU IA 309 -142.80 -97.21 38.62
N ASN IA 310 -143.85 -96.39 38.66
CA ASN IA 310 -144.45 -95.88 37.43
C ASN IA 310 -143.73 -94.64 36.91
N GLU IA 311 -142.67 -94.21 37.56
CA GLU IA 311 -141.87 -93.07 37.11
C GLU IA 311 -140.46 -93.53 36.76
N THR IA 312 -139.89 -92.94 35.71
CA THR IA 312 -138.54 -93.27 35.29
C THR IA 312 -137.53 -92.65 36.24
N ALA IA 313 -136.25 -92.92 35.97
CA ALA IA 313 -135.18 -92.39 36.80
C ALA IA 313 -134.79 -90.95 36.46
N TYR IA 314 -135.24 -90.43 35.32
CA TYR IA 314 -134.91 -89.07 34.94
C TYR IA 314 -135.65 -88.08 35.85
N ARG IA 315 -135.06 -86.91 36.03
CA ARG IA 315 -135.53 -85.97 37.04
C ARG IA 315 -136.29 -84.77 36.50
N SER IA 316 -135.91 -84.22 35.33
CA SER IA 316 -136.75 -83.25 34.62
C SER IA 316 -137.04 -82.02 35.50
N TRP IA 317 -136.01 -81.19 35.66
CA TRP IA 317 -136.12 -79.95 36.44
C TRP IA 317 -137.47 -79.26 36.27
N TYR IA 318 -137.92 -79.10 35.03
CA TYR IA 318 -139.31 -78.72 34.80
C TYR IA 318 -140.18 -79.96 34.92
N LEU IA 319 -141.30 -79.84 35.64
CA LEU IA 319 -142.08 -80.88 36.29
C LEU IA 319 -141.44 -81.25 37.63
N ALA IA 320 -140.28 -80.70 37.96
CA ALA IA 320 -139.77 -80.70 39.31
C ALA IA 320 -139.84 -79.34 39.97
N TYR IA 321 -139.68 -78.27 39.20
CA TYR IA 321 -140.04 -76.94 39.67
C TYR IA 321 -141.52 -76.86 39.99
N ASN IA 322 -142.36 -77.40 39.11
CA ASN IA 322 -143.79 -77.53 39.34
C ASN IA 322 -144.11 -78.94 39.82
N TYR IA 323 -145.33 -79.09 40.35
CA TYR IA 323 -145.82 -80.38 40.83
C TYR IA 323 -144.87 -80.99 41.87
N GLY IA 324 -144.34 -80.14 42.74
CA GLY IA 324 -143.42 -80.57 43.78
C GLY IA 324 -143.47 -79.64 44.97
N ASP IA 325 -142.68 -79.98 45.99
CA ASP IA 325 -142.64 -79.17 47.20
C ASP IA 325 -141.94 -77.85 46.92
N PRO IA 326 -142.60 -76.71 47.15
CA PRO IA 326 -141.96 -75.42 46.84
C PRO IA 326 -140.94 -74.98 47.89
N GLU IA 327 -141.19 -75.30 49.15
CA GLU IA 327 -140.28 -74.87 50.21
C GLU IA 327 -139.06 -75.78 50.36
N LYS IA 328 -139.07 -76.96 49.75
CA LYS IA 328 -137.96 -77.90 49.90
C LYS IA 328 -137.37 -78.38 48.59
N GLY IA 329 -138.09 -78.29 47.47
CA GLY IA 329 -137.58 -78.75 46.19
C GLY IA 329 -136.72 -77.72 45.52
N VAL IA 330 -136.51 -77.93 44.21
CA VAL IA 330 -135.72 -76.99 43.42
C VAL IA 330 -136.40 -75.64 43.27
N ARG IA 331 -137.68 -75.55 43.62
CA ARG IA 331 -138.39 -74.28 43.55
C ARG IA 331 -137.76 -73.22 44.45
N ALA IA 332 -137.35 -73.62 45.66
CA ALA IA 332 -136.74 -72.69 46.60
C ALA IA 332 -135.30 -72.33 46.24
N THR IA 333 -134.72 -73.00 45.24
CA THR IA 333 -133.34 -72.74 44.84
C THR IA 333 -133.22 -72.07 43.47
N THR IA 334 -134.08 -72.43 42.52
CA THR IA 334 -134.05 -71.86 41.19
C THR IA 334 -135.45 -71.36 40.81
N LEU IA 335 -135.48 -70.41 39.88
CA LEU IA 335 -136.73 -69.85 39.38
C LEU IA 335 -136.69 -69.79 37.86
N LEU IA 336 -137.86 -69.87 37.25
CA LEU IA 336 -137.97 -69.75 35.81
C LEU IA 336 -137.64 -68.34 35.34
N THR IA 337 -137.03 -68.25 34.16
CA THR IA 337 -136.74 -66.98 33.53
C THR IA 337 -136.92 -67.13 32.02
N THR IA 338 -137.49 -66.11 31.40
CA THR IA 338 -137.65 -66.13 29.95
C THR IA 338 -136.29 -66.24 29.28
N GLY IA 339 -136.19 -67.15 28.30
CA GLY IA 339 -134.92 -67.39 27.65
C GLY IA 339 -134.36 -66.20 26.91
N ASP IA 340 -133.30 -65.60 27.47
CA ASP IA 340 -132.62 -64.47 26.86
C ASP IA 340 -131.37 -65.02 26.17
N VAL IA 341 -131.45 -65.18 24.84
CA VAL IA 341 -130.38 -65.84 24.09
C VAL IA 341 -129.07 -65.07 24.20
N THR IA 342 -129.12 -63.79 24.53
CA THR IA 342 -127.92 -62.97 24.69
C THR IA 342 -127.11 -63.33 25.93
N CYS IA 343 -127.47 -64.41 26.63
CA CYS IA 343 -126.78 -64.84 27.84
C CYS IA 343 -126.80 -63.77 28.92
N GLY IA 344 -127.89 -62.99 28.96
CA GLY IA 344 -127.99 -61.89 29.91
C GLY IA 344 -127.46 -60.61 29.31
N VAL IA 345 -128.33 -59.60 29.19
CA VAL IA 345 -127.91 -58.34 28.60
C VAL IA 345 -126.97 -57.61 29.56
N GLU IA 346 -125.84 -57.16 29.04
CA GLU IA 346 -124.80 -56.51 29.82
C GLU IA 346 -124.75 -55.03 29.46
N GLN IA 347 -123.76 -54.34 30.01
CA GLN IA 347 -123.54 -52.93 29.75
C GLN IA 347 -122.07 -52.69 29.43
N ILE IA 348 -121.81 -51.63 28.68
CA ILE IA 348 -120.45 -51.24 28.30
C ILE IA 348 -120.08 -49.99 29.07
N TYR IA 349 -118.98 -50.05 29.81
CA TYR IA 349 -118.47 -48.91 30.57
C TYR IA 349 -117.63 -48.06 29.63
N TRP IA 350 -118.24 -47.01 29.08
CA TRP IA 350 -117.48 -46.04 28.30
C TRP IA 350 -116.44 -45.39 29.19
N SER IA 351 -115.19 -45.47 28.76
CA SER IA 351 -114.07 -44.93 29.52
C SER IA 351 -113.21 -44.08 28.60
N LEU IA 352 -112.70 -42.98 29.15
CA LEU IA 352 -111.92 -42.02 28.35
C LEU IA 352 -110.99 -41.30 29.31
N PRO IA 353 -109.69 -41.61 29.28
CA PRO IA 353 -108.78 -41.06 30.29
C PRO IA 353 -108.46 -39.57 30.15
N ASP IA 354 -108.57 -38.97 28.96
CA ASP IA 354 -107.92 -37.68 28.79
C ASP IA 354 -108.81 -36.48 29.12
N MET IA 355 -109.89 -36.26 28.36
CA MET IA 355 -110.62 -35.01 28.58
C MET IA 355 -111.44 -35.06 29.86
N ALA IA 356 -112.13 -36.18 30.09
CA ALA IA 356 -113.06 -36.25 31.20
C ALA IA 356 -112.30 -36.33 32.52
N LEU IA 357 -112.66 -35.45 33.46
CA LEU IA 357 -112.11 -35.54 34.79
C LEU IA 357 -112.58 -36.82 35.46
N ASP IA 358 -111.74 -37.37 36.32
CA ASP IA 358 -112.07 -38.62 36.99
C ASP IA 358 -113.32 -38.44 37.82
N PRO IA 359 -114.37 -39.21 37.60
CA PRO IA 359 -115.57 -39.10 38.43
C PRO IA 359 -115.29 -39.51 39.87
N VAL IA 360 -116.32 -39.38 40.70
CA VAL IA 360 -116.13 -39.49 42.14
C VAL IA 360 -115.67 -40.90 42.50
N THR IA 361 -114.64 -40.97 43.34
CA THR IA 361 -114.10 -42.23 43.89
C THR IA 361 -113.64 -43.20 42.80
N PHE IA 362 -113.06 -42.66 41.72
CA PHE IA 362 -112.35 -43.46 40.73
C PHE IA 362 -110.91 -42.99 40.63
N LYS IA 363 -110.01 -43.96 40.41
CA LYS IA 363 -108.59 -43.69 40.22
C LYS IA 363 -108.12 -44.40 38.96
N ALA IA 364 -107.14 -43.79 38.29
CA ALA IA 364 -106.57 -44.36 37.09
C ALA IA 364 -105.59 -45.46 37.47
N SER IA 365 -105.93 -46.70 37.16
CA SER IA 365 -105.11 -47.85 37.50
C SER IA 365 -104.25 -48.26 36.31
N LEU IA 366 -103.46 -49.32 36.52
CA LEU IA 366 -102.51 -49.76 35.49
C LEU IA 366 -103.19 -50.52 34.36
N LYS IA 367 -104.23 -51.29 34.68
CA LYS IA 367 -104.89 -52.11 33.67
C LYS IA 367 -105.37 -51.23 32.52
N THR IA 368 -105.09 -51.65 31.29
CA THR IA 368 -105.54 -50.92 30.12
C THR IA 368 -107.06 -50.91 30.02
N SER IA 369 -107.74 -51.81 30.72
CA SER IA 369 -109.19 -51.84 30.76
C SER IA 369 -109.78 -51.15 31.97
N ASN IA 370 -109.06 -51.12 33.09
CA ASN IA 370 -109.59 -50.53 34.33
C ASN IA 370 -109.30 -49.03 34.40
N TYR IA 371 -109.67 -48.32 33.33
CA TYR IA 371 -109.62 -46.87 33.31
C TYR IA 371 -110.86 -46.29 33.98
N PRO IA 372 -110.81 -45.04 34.42
CA PRO IA 372 -112.01 -44.41 34.99
C PRO IA 372 -113.14 -44.36 33.96
N VAL IA 373 -114.36 -44.58 34.44
CA VAL IA 373 -115.52 -44.71 33.57
C VAL IA 373 -116.18 -43.35 33.42
N VAL IA 374 -116.32 -42.89 32.18
CA VAL IA 374 -116.97 -41.61 31.91
C VAL IA 374 -118.47 -41.77 31.73
N GLY IA 375 -118.91 -42.91 31.22
CA GLY IA 375 -120.32 -43.15 31.00
C GLY IA 375 -120.58 -44.63 30.78
N THR IA 376 -121.86 -44.99 30.79
CA THR IA 376 -122.27 -46.37 30.58
C THR IA 376 -123.54 -46.39 29.74
N GLU IA 377 -123.74 -47.52 29.07
CA GLU IA 377 -124.96 -47.74 28.29
C GLU IA 377 -125.16 -49.24 28.16
N LEU IA 378 -126.38 -49.62 27.76
CA LEU IA 378 -126.70 -51.01 27.55
C LEU IA 378 -125.92 -51.57 26.34
N LEU IA 379 -125.50 -52.81 26.47
CA LEU IA 379 -124.86 -53.49 25.35
C LEU IA 379 -125.87 -53.68 24.22
N PRO IA 380 -125.58 -53.25 22.99
CA PRO IA 380 -126.54 -53.42 21.90
C PRO IA 380 -126.74 -54.87 21.51
N LEU IA 381 -127.31 -55.65 22.43
CA LEU IA 381 -127.72 -57.04 22.19
C LEU IA 381 -129.19 -57.13 22.60
N VAL IA 382 -130.08 -56.76 21.69
CA VAL IA 382 -131.52 -56.73 21.96
C VAL IA 382 -132.13 -58.02 21.42
N PRO IA 383 -132.59 -58.93 22.26
CA PRO IA 383 -133.22 -60.17 21.77
C PRO IA 383 -134.64 -59.91 21.30
N ARG IA 384 -134.84 -59.96 19.99
CA ARG IA 384 -136.17 -59.80 19.41
C ARG IA 384 -136.81 -61.16 19.19
N SER IA 385 -138.07 -61.28 19.58
CA SER IA 385 -138.77 -62.56 19.56
C SER IA 385 -139.59 -62.69 18.28
N PHE IA 386 -139.48 -63.85 17.64
CA PHE IA 386 -140.27 -64.20 16.47
C PHE IA 386 -141.24 -65.33 16.82
N TYR IA 387 -142.44 -65.27 16.24
CA TYR IA 387 -143.48 -66.25 16.50
C TYR IA 387 -143.72 -67.08 15.25
N ASN IA 388 -143.64 -68.40 15.40
CA ASN IA 388 -143.90 -69.34 14.31
C ASN IA 388 -144.81 -70.44 14.86
N ALA IA 389 -146.06 -70.48 14.39
CA ALA IA 389 -147.01 -71.45 14.90
C ALA IA 389 -146.56 -72.88 14.61
N GLN IA 390 -146.08 -73.13 13.39
CA GLN IA 390 -145.58 -74.45 13.01
C GLN IA 390 -144.08 -74.56 13.23
N ALA IA 391 -143.64 -74.25 14.45
CA ALA IA 391 -142.23 -74.34 14.78
C ALA IA 391 -141.73 -75.78 14.70
N VAL IA 392 -142.53 -76.74 15.17
CA VAL IA 392 -142.16 -78.15 15.09
C VAL IA 392 -142.05 -78.59 13.64
N TYR IA 393 -143.00 -78.16 12.79
CA TYR IA 393 -142.94 -78.51 11.37
C TYR IA 393 -141.70 -77.91 10.72
N SER IA 394 -141.37 -76.66 11.04
CA SER IA 394 -140.17 -76.04 10.49
C SER IA 394 -138.92 -76.77 10.97
N GLN IA 395 -138.92 -77.21 12.24
CA GLN IA 395 -137.79 -77.98 12.75
C GLN IA 395 -137.64 -79.31 12.01
N TRP IA 396 -138.76 -79.98 11.73
CA TRP IA 396 -138.70 -81.22 10.96
C TRP IA 396 -138.18 -80.97 9.55
N ILE IA 397 -138.62 -79.88 8.92
CA ILE IA 397 -138.12 -79.55 7.58
C ILE IA 397 -136.63 -79.29 7.62
N GLN IA 398 -136.16 -78.57 8.65
CA GLN IA 398 -134.74 -78.31 8.79
C GLN IA 398 -133.95 -79.59 8.99
N GLU IA 399 -134.49 -80.52 9.79
CA GLU IA 399 -133.83 -81.80 9.99
C GLU IA 399 -133.75 -82.58 8.69
N LYS IA 400 -134.82 -82.56 7.90
CA LYS IA 400 -134.81 -83.24 6.61
C LYS IA 400 -133.78 -82.61 5.67
N THR IA 401 -133.72 -81.28 5.62
CA THR IA 401 -132.81 -80.60 4.70
C THR IA 401 -131.36 -80.68 5.15
N ASN IA 402 -131.11 -80.94 6.44
CA ASN IA 402 -129.73 -81.08 6.90
C ASN IA 402 -129.02 -82.27 6.28
N GLN IA 403 -129.76 -83.28 5.83
CA GLN IA 403 -129.24 -84.50 5.22
C GLN IA 403 -128.37 -85.31 6.18
N THR IA 404 -128.30 -84.91 7.45
CA THR IA 404 -127.56 -85.64 8.47
C THR IA 404 -128.39 -85.68 9.74
N HIS IA 405 -128.15 -86.69 10.57
CA HIS IA 405 -128.83 -86.86 11.83
C HIS IA 405 -127.91 -86.58 13.02
N VAL IA 406 -126.97 -85.66 12.84
CA VAL IA 406 -126.02 -85.36 13.92
C VAL IA 406 -126.73 -84.66 15.08
N PHE IA 407 -127.69 -83.79 14.78
CA PHE IA 407 -128.41 -83.09 15.84
C PHE IA 407 -129.52 -83.93 16.44
N ASN IA 408 -129.93 -85.02 15.78
CA ASN IA 408 -130.96 -85.93 16.29
C ASN IA 408 -130.43 -87.35 16.08
N ARG IA 409 -129.68 -87.84 17.08
CA ARG IA 409 -129.07 -89.16 16.99
C ARG IA 409 -129.93 -90.27 17.60
N PHE IA 410 -131.01 -89.92 18.28
CA PHE IA 410 -131.95 -90.89 18.85
C PHE IA 410 -133.38 -90.48 18.51
N PRO IA 411 -133.75 -90.57 17.23
CA PRO IA 411 -135.11 -90.15 16.83
C PRO IA 411 -136.21 -91.05 17.38
N GLU IA 412 -135.88 -92.26 17.83
CA GLU IA 412 -136.87 -93.20 18.33
C GLU IA 412 -137.05 -93.18 19.83
N ASN IA 413 -136.02 -92.78 20.58
CA ASN IA 413 -136.14 -92.71 22.03
C ASN IA 413 -137.05 -91.57 22.43
N GLN IA 414 -138.04 -91.87 23.27
CA GLN IA 414 -139.03 -90.85 23.63
C GLN IA 414 -138.45 -89.79 24.54
N ILE IA 415 -137.31 -90.05 25.17
CA ILE IA 415 -136.72 -89.12 26.12
C ILE IA 415 -135.47 -88.51 25.52
N LEU IA 416 -134.73 -89.29 24.72
CA LEU IA 416 -133.52 -88.83 24.08
C LEU IA 416 -133.77 -88.20 22.71
N VAL IA 417 -135.03 -88.05 22.31
CA VAL IA 417 -135.34 -87.43 21.03
C VAL IA 417 -134.90 -85.97 21.04
N ARG IA 418 -134.64 -85.43 19.86
CA ARG IA 418 -134.24 -84.03 19.75
C ARG IA 418 -135.36 -83.14 20.28
N PRO IA 419 -135.06 -82.21 21.18
CA PRO IA 419 -136.11 -81.38 21.79
C PRO IA 419 -136.84 -80.55 20.73
N PRO IA 420 -138.15 -80.38 20.88
CA PRO IA 420 -138.89 -79.57 19.91
C PRO IA 420 -138.46 -78.11 19.96
N ALA IA 421 -138.49 -77.48 18.79
CA ALA IA 421 -138.15 -76.06 18.72
C ALA IA 421 -139.23 -75.23 19.39
N PRO IA 422 -138.87 -74.26 20.23
CA PRO IA 422 -139.89 -73.44 20.88
C PRO IA 422 -140.67 -72.62 19.87
N THR IA 423 -141.96 -72.42 20.17
CA THR IA 423 -142.80 -71.59 19.32
C THR IA 423 -142.47 -70.12 19.43
N ILE IA 424 -141.64 -69.72 20.38
CA ILE IA 424 -141.22 -68.34 20.55
C ILE IA 424 -139.71 -68.32 20.32
N THR IA 425 -139.30 -68.06 19.09
CA THR IA 425 -137.89 -67.92 18.75
C THR IA 425 -137.45 -66.49 19.00
N SER IA 426 -136.35 -66.33 19.73
CA SER IA 426 -135.90 -65.02 20.20
C SER IA 426 -134.43 -64.80 19.84
N ILE IA 427 -134.11 -65.03 18.56
CA ILE IA 427 -132.74 -64.82 18.09
C ILE IA 427 -132.29 -63.40 18.39
N SER IA 428 -131.01 -63.24 18.73
CA SER IA 428 -130.47 -61.94 19.07
C SER IA 428 -130.22 -61.12 17.80
N GLU IA 429 -129.92 -59.84 18.00
CA GLU IA 429 -129.65 -58.93 16.90
C GLU IA 429 -128.72 -57.84 17.38
N ASN IA 430 -128.04 -57.21 16.42
CA ASN IA 430 -127.13 -56.12 16.70
C ASN IA 430 -127.66 -54.86 16.03
N LYS IA 431 -127.80 -53.80 16.82
CA LYS IA 431 -128.32 -52.53 16.32
C LYS IA 431 -127.48 -51.38 16.83
N PRO IA 432 -127.31 -50.32 16.04
CA PRO IA 432 -126.62 -49.13 16.54
C PRO IA 432 -127.42 -48.46 17.64
N SER IA 433 -126.70 -47.87 18.60
CA SER IA 433 -127.30 -47.22 19.74
C SER IA 433 -126.73 -45.81 19.87
N LEU IA 434 -127.62 -44.82 20.00
CA LEU IA 434 -127.24 -43.44 20.26
C LEU IA 434 -127.79 -43.04 21.62
N THR IA 435 -126.89 -42.65 22.53
CA THR IA 435 -127.28 -42.30 23.88
C THR IA 435 -126.66 -40.98 24.28
N ASP IA 436 -127.35 -40.26 25.16
CA ASP IA 436 -126.86 -39.02 25.75
C ASP IA 436 -126.52 -39.28 27.21
N HIS IA 437 -125.26 -39.04 27.57
CA HIS IA 437 -124.76 -39.37 28.90
C HIS IA 437 -124.75 -38.17 29.84
N GLY IA 438 -125.42 -37.07 29.45
CA GLY IA 438 -125.49 -35.93 30.33
C GLY IA 438 -124.19 -35.13 30.37
N ILE IA 439 -124.11 -34.25 31.35
CA ILE IA 439 -122.97 -33.35 31.51
C ILE IA 439 -121.85 -34.09 32.21
N VAL IA 440 -120.66 -34.03 31.62
CA VAL IA 440 -119.46 -34.66 32.16
C VAL IA 440 -118.42 -33.58 32.37
N PRO IA 441 -117.77 -33.51 33.53
CA PRO IA 441 -116.68 -32.54 33.71
C PRO IA 441 -115.52 -32.84 32.79
N LEU IA 442 -114.86 -31.79 32.33
CA LEU IA 442 -113.72 -31.86 31.43
C LEU IA 442 -112.50 -31.24 32.10
N ARG IA 443 -111.39 -31.24 31.37
CA ARG IA 443 -110.18 -30.58 31.82
C ARG IA 443 -110.04 -29.24 31.10
N ASN IA 444 -108.90 -28.57 31.30
CA ASN IA 444 -108.61 -27.30 30.66
C ASN IA 444 -107.46 -27.39 29.68
N ARG IA 445 -106.87 -28.57 29.50
CA ARG IA 445 -105.73 -28.78 28.61
C ARG IA 445 -105.94 -30.03 27.77
N LEU IA 446 -107.12 -30.14 27.15
CA LEU IA 446 -107.44 -31.30 26.33
C LEU IA 446 -106.39 -31.49 25.25
N GLY IA 447 -105.67 -32.61 25.32
CA GLY IA 447 -104.59 -32.87 24.40
C GLY IA 447 -105.07 -33.36 23.05
N GLY IA 448 -104.11 -33.54 22.15
CA GLY IA 448 -104.42 -34.01 20.81
C GLY IA 448 -104.67 -35.50 20.76
N VAL IA 449 -103.66 -36.28 21.13
CA VAL IA 449 -103.80 -37.74 21.17
C VAL IA 449 -104.68 -38.10 22.37
N GLN IA 450 -105.73 -38.87 22.11
CA GLN IA 450 -106.64 -39.30 23.16
C GLN IA 450 -106.92 -40.79 23.05
N ARG IA 451 -107.04 -41.44 24.20
CA ARG IA 451 -107.38 -42.85 24.27
C ARG IA 451 -108.88 -43.00 24.47
N VAL IA 452 -109.50 -43.87 23.69
CA VAL IA 452 -110.92 -44.19 23.81
C VAL IA 452 -111.04 -45.68 24.05
N THR IA 453 -111.52 -46.07 25.23
CA THR IA 453 -111.60 -47.46 25.62
C THR IA 453 -113.02 -47.82 26.01
N LEU IA 454 -113.50 -48.93 25.47
CA LEU IA 454 -114.77 -49.52 25.85
C LEU IA 454 -114.50 -50.87 26.49
N THR IA 455 -115.07 -51.10 27.67
CA THR IA 455 -114.77 -52.30 28.45
C THR IA 455 -116.05 -53.00 28.87
N ASP IA 456 -115.93 -54.29 29.14
CA ASP IA 456 -117.04 -55.09 29.59
C ASP IA 456 -117.43 -54.69 31.01
N ALA IA 457 -118.54 -55.26 31.49
CA ALA IA 457 -118.98 -55.01 32.86
C ALA IA 457 -117.96 -55.47 33.89
N ARG IA 458 -117.05 -56.37 33.52
CA ARG IA 458 -115.99 -56.83 34.39
C ARG IA 458 -114.64 -56.19 34.05
N ARG IA 459 -114.66 -55.09 33.29
CA ARG IA 459 -113.45 -54.38 32.87
C ARG IA 459 -112.49 -55.33 32.15
N ARG IA 460 -112.96 -55.88 31.03
CA ARG IA 460 -112.20 -56.87 30.30
C ARG IA 460 -111.83 -56.42 28.89
N SER IA 461 -112.12 -55.18 28.51
CA SER IA 461 -111.73 -54.62 27.21
C SER IA 461 -112.29 -55.46 26.05
N CYS IA 462 -113.62 -55.43 25.95
CA CYS IA 462 -114.33 -56.17 24.91
C CYS IA 462 -113.81 -55.78 23.54
N PRO IA 463 -113.36 -56.72 22.72
CA PRO IA 463 -112.74 -56.39 21.43
C PRO IA 463 -113.68 -56.42 20.23
N TYR IA 464 -114.97 -56.70 20.44
CA TYR IA 464 -115.93 -56.78 19.35
C TYR IA 464 -116.58 -55.44 19.03
N VAL IA 465 -116.17 -54.36 19.70
CA VAL IA 465 -116.76 -53.06 19.47
C VAL IA 465 -116.36 -52.56 18.08
N TYR IA 466 -117.34 -52.07 17.32
CA TYR IA 466 -117.12 -51.53 15.99
C TYR IA 466 -117.74 -50.14 15.91
N LYS IA 467 -117.00 -49.20 15.32
CA LYS IA 467 -117.48 -47.85 15.05
C LYS IA 467 -118.02 -47.19 16.33
N SER IA 468 -117.11 -47.01 17.27
CA SER IA 468 -117.41 -46.31 18.52
C SER IA 468 -117.07 -44.83 18.33
N LEU IA 469 -118.10 -43.99 18.31
CA LEU IA 469 -117.95 -42.56 18.02
C LEU IA 469 -118.50 -41.74 19.18
N GLY IA 470 -117.74 -40.77 19.62
CA GLY IA 470 -118.14 -39.92 20.73
C GLY IA 470 -118.08 -38.46 20.37
N ILE IA 471 -119.12 -37.72 20.74
CA ILE IA 471 -119.23 -36.28 20.49
C ILE IA 471 -119.36 -35.57 21.83
N VAL IA 472 -118.50 -34.57 22.05
CA VAL IA 472 -118.45 -33.85 23.32
C VAL IA 472 -118.71 -32.37 23.04
N THR IA 473 -119.66 -31.80 23.78
CA THR IA 473 -119.99 -30.38 23.66
C THR IA 473 -119.60 -29.65 24.93
N PRO IA 474 -118.48 -28.92 24.94
CA PRO IA 474 -118.06 -28.23 26.16
C PRO IA 474 -119.05 -27.16 26.59
N GLN IA 475 -119.13 -26.95 27.91
CA GLN IA 475 -119.97 -25.92 28.48
C GLN IA 475 -119.27 -25.35 29.71
N VAL IA 476 -119.71 -24.16 30.11
CA VAL IA 476 -119.12 -23.46 31.26
C VAL IA 476 -119.93 -23.79 32.51
N LEU IA 477 -119.25 -24.29 33.53
CA LEU IA 477 -119.87 -24.60 34.81
C LEU IA 477 -119.07 -23.94 35.93
N SER IA 478 -119.76 -23.23 36.81
CA SER IA 478 -119.15 -22.58 37.98
C SER IA 478 -118.04 -21.64 37.50
N SER IA 479 -117.00 -21.46 38.31
CA SER IA 479 -115.91 -20.56 37.97
C SER IA 479 -114.67 -20.98 38.74
N ARG IA 480 -113.54 -20.36 38.38
CA ARG IA 480 -112.24 -20.59 39.02
C ARG IA 480 -111.72 -22.00 38.77
N THR IA 481 -110.45 -22.23 39.11
CA THR IA 481 -109.78 -23.51 38.91
C THR IA 481 -109.91 -24.02 37.48
#